data_6TZ5
#
_entry.id   6TZ5
#
_cell.length_a   1.00
_cell.length_b   1.00
_cell.length_c   1.00
_cell.angle_alpha   90.00
_cell.angle_beta   90.00
_cell.angle_gamma   90.00
#
_symmetry.space_group_name_H-M   'P 1'
#
loop_
_entity.id
_entity.type
_entity.pdbx_description
1 polymer 'Charged multivesicular body protein 1b'
2 polymer 'IST1 homolog'
#
loop_
_entity_poly.entity_id
_entity_poly.type
_entity_poly.pdbx_seq_one_letter_code
_entity_poly.pdbx_strand_id
1 'polypeptide(L)'
;MSNMEKHLFNLKFAAKELSRSAKKCDKEEKAEKAKIEKAIQKGNMEVARIHAENAIRQKNQAVNFLRMSARVDAVAARVQ
TAVTMGKVTKSMAGVVKSMDATLKTMNLEKISALMDKFEHQFETLDVQTQQMEDTMSSTTTLTTPQNQVDMLLQEMADEA
GLDLNMELPQGQTGSVGTSVASAEQDELSQRLARLRDQV
;
AA,AB,CB,EB,GB,IB,KB,MB,OB,QB,SA,UA,WA,YA,CA,EA,GA,IA,KA,MA,OA,QA,B,D,F,H,J,L,N,P,R,T,W,Y
2 'polypeptide(L)'
;MLGSGFKAERLRVNLRLVINRLKLLEKKKTELAQKARKEIADYLAAGKDERARIRVEHIIREDYLVEAMEILELYCDLLL
ARFGLIQSMKELDSGLAESVSTLIWAAPRLQSEVAELKIVADQLCAKYSKEYGKLCRTNQIGTVNDRLMHKLSVEAPPKI
LVERYLIEIAKNYNVPYEPDSVVMAEAPP
;
BB,DB,FB,HB,JB,LB,NB,PB,TA,VA,XA,ZA,BA,A,DA,FA,HA,JA,LA,NA,PA,RA,C,E,G,I,K,M,O,Q,S,V,X,Z
#
# COMPACT_ATOMS: atom_id res chain seq x y z
N ASN A 3 13.03 -1.22 -62.71
CA ASN A 3 11.86 -0.75 -63.45
C ASN A 3 11.33 -1.84 -64.37
N MET A 4 12.21 -2.38 -65.21
CA MET A 4 11.79 -3.41 -66.16
C MET A 4 11.32 -4.67 -65.45
N GLU A 5 11.86 -4.95 -64.26
CA GLU A 5 11.43 -6.13 -63.52
C GLU A 5 9.94 -6.05 -63.17
N LYS A 6 9.46 -4.85 -62.85
CA LYS A 6 8.04 -4.67 -62.57
C LYS A 6 7.20 -4.99 -63.80
N HIS A 7 7.63 -4.50 -64.97
CA HIS A 7 6.89 -4.77 -66.20
C HIS A 7 6.90 -6.27 -66.51
N LEU A 8 8.03 -6.93 -66.29
CA LEU A 8 8.08 -8.38 -66.47
C LEU A 8 7.09 -9.08 -65.55
N PHE A 9 7.06 -8.67 -64.28
CA PHE A 9 6.12 -9.25 -63.34
C PHE A 9 4.69 -9.09 -63.81
N ASN A 10 4.34 -7.87 -64.27
CA ASN A 10 2.97 -7.63 -64.74
C ASN A 10 2.67 -8.48 -65.96
N LEU A 11 3.64 -8.64 -66.86
CA LEU A 11 3.42 -9.46 -68.05
C LEU A 11 3.15 -10.92 -67.68
N LYS A 12 3.97 -11.48 -66.80
CA LYS A 12 3.77 -12.86 -66.39
C LYS A 12 2.45 -13.03 -65.66
N PHE A 13 2.08 -12.05 -64.84
CA PHE A 13 0.80 -12.10 -64.16
C PHE A 13 -0.36 -12.10 -65.16
N ALA A 14 -0.28 -11.26 -66.19
CA ALA A 14 -1.32 -11.23 -67.20
C ALA A 14 -1.41 -12.55 -67.94
N ALA A 15 -0.26 -13.15 -68.26
CA ALA A 15 -0.27 -14.45 -68.93
C ALA A 15 -0.95 -15.51 -68.07
N LYS A 16 -0.60 -15.55 -66.78
CA LYS A 16 -1.22 -16.52 -65.88
C LYS A 16 -2.72 -16.27 -65.77
N GLU A 17 -3.12 -15.00 -65.73
CA GLU A 17 -4.55 -14.68 -65.67
C GLU A 17 -5.27 -15.18 -66.91
N LEU A 18 -4.66 -14.98 -68.08
CA LEU A 18 -5.28 -15.47 -69.31
C LEU A 18 -5.41 -16.99 -69.30
N SER A 19 -4.39 -17.69 -68.81
CA SER A 19 -4.47 -19.15 -68.74
C SER A 19 -5.60 -19.59 -67.80
N ARG A 20 -5.67 -18.97 -66.62
CA ARG A 20 -6.75 -19.28 -65.68
C ARG A 20 -8.10 -19.04 -66.32
N SER A 21 -8.25 -17.93 -67.04
CA SER A 21 -9.53 -17.61 -67.66
C SER A 21 -9.88 -18.63 -68.73
N ALA A 22 -8.89 -19.09 -69.50
CA ALA A 22 -9.17 -20.12 -70.49
C ALA A 22 -9.64 -21.40 -69.83
N LYS A 23 -8.99 -21.81 -68.74
CA LYS A 23 -9.43 -22.99 -68.01
C LYS A 23 -10.86 -22.84 -67.53
N LYS A 24 -11.16 -21.69 -66.92
CA LYS A 24 -12.50 -21.43 -66.40
C LYS A 24 -13.54 -21.47 -67.51
N CYS A 25 -13.20 -20.90 -68.67
CA CYS A 25 -14.16 -20.88 -69.77
C CYS A 25 -14.41 -22.27 -70.33
N ASP A 26 -13.36 -23.10 -70.39
CA ASP A 26 -13.56 -24.50 -70.78
C ASP A 26 -14.50 -25.20 -69.82
N LYS A 27 -14.29 -25.00 -68.51
CA LYS A 27 -15.17 -25.59 -67.51
C LYS A 27 -16.62 -25.12 -67.72
N GLU A 28 -16.81 -23.82 -67.96
CA GLU A 28 -18.16 -23.30 -68.16
C GLU A 28 -18.80 -23.90 -69.41
N GLU A 29 -18.02 -24.13 -70.45
CA GLU A 29 -18.55 -24.80 -71.64
C GLU A 29 -19.02 -26.20 -71.28
N LYS A 30 -18.20 -26.93 -70.53
CA LYS A 30 -18.59 -28.28 -70.13
C LYS A 30 -19.91 -28.26 -69.35
N ALA A 31 -20.12 -27.23 -68.55
CA ALA A 31 -21.37 -27.13 -67.78
C ALA A 31 -22.55 -26.78 -68.69
N GLU A 32 -22.36 -25.80 -69.58
CA GLU A 32 -23.43 -25.40 -70.47
C GLU A 32 -23.84 -26.54 -71.40
N LYS A 33 -22.94 -27.47 -71.69
CA LYS A 33 -23.34 -28.64 -72.47
C LYS A 33 -24.35 -29.50 -71.71
N ALA A 34 -24.11 -29.70 -70.42
CA ALA A 34 -25.10 -30.39 -69.58
C ALA A 34 -26.43 -29.65 -69.62
N LYS A 35 -26.39 -28.33 -69.50
CA LYS A 35 -27.64 -27.56 -69.46
C LYS A 35 -28.39 -27.67 -70.77
N ILE A 36 -27.69 -27.61 -71.90
CA ILE A 36 -28.34 -27.71 -73.20
C ILE A 36 -28.93 -29.12 -73.39
N GLU A 37 -28.24 -30.14 -72.90
CA GLU A 37 -28.81 -31.49 -72.94
C GLU A 37 -30.11 -31.55 -72.17
N LYS A 38 -30.11 -31.00 -70.95
CA LYS A 38 -31.33 -30.98 -70.16
C LYS A 38 -32.45 -30.26 -70.91
N ALA A 39 -32.14 -29.08 -71.45
CA ALA A 39 -33.18 -28.28 -72.10
C ALA A 39 -33.72 -28.95 -73.36
N ILE A 40 -32.85 -29.65 -74.10
CA ILE A 40 -33.34 -30.37 -75.27
C ILE A 40 -34.15 -31.58 -74.86
N GLN A 41 -33.91 -32.12 -73.67
CA GLN A 41 -34.79 -33.15 -73.14
C GLN A 41 -36.16 -32.59 -72.79
N LYS A 42 -36.19 -31.45 -72.09
CA LYS A 42 -37.46 -30.83 -71.73
C LYS A 42 -38.24 -30.31 -72.93
N GLY A 43 -37.60 -30.20 -74.09
CA GLY A 43 -38.25 -29.70 -75.28
C GLY A 43 -38.09 -28.21 -75.53
N ASN A 44 -37.45 -27.48 -74.62
CA ASN A 44 -37.24 -26.04 -74.79
C ASN A 44 -36.27 -25.80 -75.93
N MET A 45 -36.78 -25.27 -77.04
CA MET A 45 -35.92 -24.93 -78.17
C MET A 45 -35.17 -23.63 -77.92
N GLU A 46 -35.83 -22.64 -77.32
CA GLU A 46 -35.19 -21.34 -77.13
C GLU A 46 -34.10 -21.41 -76.06
N VAL A 47 -34.36 -22.11 -74.96
CA VAL A 47 -33.33 -22.27 -73.94
C VAL A 47 -32.17 -23.10 -74.47
N ALA A 48 -32.47 -24.09 -75.31
CA ALA A 48 -31.41 -24.85 -75.96
C ALA A 48 -30.55 -23.95 -76.84
N ARG A 49 -31.20 -23.05 -77.59
CA ARG A 49 -30.45 -22.09 -78.40
C ARG A 49 -29.56 -21.22 -77.52
N ILE A 50 -30.11 -20.72 -76.42
CA ILE A 50 -29.34 -19.85 -75.53
C ILE A 50 -28.11 -20.59 -75.00
N HIS A 51 -28.32 -21.81 -74.50
CA HIS A 51 -27.21 -22.55 -73.92
C HIS A 51 -26.21 -22.99 -74.98
N ALA A 52 -26.66 -23.24 -76.20
CA ALA A 52 -25.73 -23.54 -77.28
C ALA A 52 -24.87 -22.34 -77.62
N GLU A 53 -25.50 -21.16 -77.70
CA GLU A 53 -24.74 -19.93 -77.90
C GLU A 53 -23.70 -19.76 -76.82
N ASN A 54 -24.10 -19.95 -75.55
CA ASN A 54 -23.17 -19.81 -74.45
C ASN A 54 -22.02 -20.80 -74.56
N ALA A 55 -22.32 -22.05 -74.90
CA ALA A 55 -21.28 -23.07 -74.98
C ALA A 55 -20.30 -22.76 -76.10
N ILE A 56 -20.80 -22.44 -77.29
CA ILE A 56 -19.93 -22.12 -78.41
C ILE A 56 -19.08 -20.89 -78.08
N ARG A 57 -19.68 -19.87 -77.48
CA ARG A 57 -18.94 -18.67 -77.12
C ARG A 57 -17.83 -19.00 -76.12
N GLN A 58 -18.15 -19.81 -75.11
CA GLN A 58 -17.14 -20.17 -74.12
C GLN A 58 -16.01 -20.97 -74.74
N LYS A 59 -16.33 -21.90 -75.64
CA LYS A 59 -15.30 -22.67 -76.32
C LYS A 59 -14.38 -21.75 -77.11
N ASN A 60 -14.96 -20.88 -77.94
CA ASN A 60 -14.14 -20.01 -78.78
C ASN A 60 -13.30 -19.06 -77.94
N GLN A 61 -13.90 -18.46 -76.90
CA GLN A 61 -13.15 -17.52 -76.08
C GLN A 61 -12.09 -18.23 -75.25
N ALA A 62 -12.31 -19.49 -74.89
CA ALA A 62 -11.26 -20.25 -74.21
C ALA A 62 -10.09 -20.50 -75.14
N VAL A 63 -10.36 -20.89 -76.39
CA VAL A 63 -9.29 -21.06 -77.35
C VAL A 63 -8.53 -19.75 -77.54
N ASN A 64 -9.27 -18.65 -77.65
CA ASN A 64 -8.63 -17.35 -77.84
C ASN A 64 -7.77 -16.97 -76.64
N PHE A 65 -8.29 -17.18 -75.43
CA PHE A 65 -7.51 -16.90 -74.23
C PHE A 65 -6.26 -17.76 -74.17
N LEU A 66 -6.36 -19.01 -74.60
CA LEU A 66 -5.19 -19.89 -74.58
C LEU A 66 -4.12 -19.40 -75.53
N ARG A 67 -4.51 -19.07 -76.78
CA ARG A 67 -3.54 -18.54 -77.73
C ARG A 67 -2.94 -17.24 -77.22
N MET A 68 -3.78 -16.36 -76.66
CA MET A 68 -3.31 -15.09 -76.14
C MET A 68 -2.30 -15.28 -75.01
N SER A 69 -2.59 -16.21 -74.10
CA SER A 69 -1.68 -16.51 -73.01
C SER A 69 -0.37 -17.08 -73.54
N ALA A 70 -0.43 -17.90 -74.60
CA ALA A 70 0.80 -18.39 -75.20
C ALA A 70 1.65 -17.24 -75.74
N ARG A 71 1.01 -16.30 -76.42
CA ARG A 71 1.75 -15.15 -76.96
C ARG A 71 2.39 -14.34 -75.83
N VAL A 72 1.61 -14.04 -74.78
CA VAL A 72 2.15 -13.27 -73.68
C VAL A 72 3.24 -14.04 -72.96
N ASP A 73 3.14 -15.37 -72.91
CA ASP A 73 4.18 -16.18 -72.30
C ASP A 73 5.47 -16.06 -73.10
N ALA A 74 5.39 -16.14 -74.42
CA ALA A 74 6.58 -15.95 -75.25
C ALA A 74 7.21 -14.59 -75.00
N VAL A 75 6.38 -13.54 -75.00
CA VAL A 75 6.90 -12.20 -74.80
C VAL A 75 7.55 -12.06 -73.43
N ALA A 76 6.93 -12.65 -72.40
CA ALA A 76 7.46 -12.53 -71.05
C ALA A 76 8.75 -13.32 -70.89
N ALA A 77 8.85 -14.48 -71.54
CA ALA A 77 10.11 -15.21 -71.53
C ALA A 77 11.21 -14.41 -72.18
N ARG A 78 10.90 -13.77 -73.31
CA ARG A 78 11.88 -12.93 -73.99
C ARG A 78 12.33 -11.78 -73.08
N VAL A 79 11.37 -11.14 -72.41
CA VAL A 79 11.70 -10.01 -71.55
C VAL A 79 12.51 -10.45 -70.35
N GLN A 80 12.21 -11.63 -69.81
CA GLN A 80 12.98 -12.16 -68.68
C GLN A 80 14.40 -12.47 -69.09
N THR A 81 14.58 -13.07 -70.27
CA THR A 81 15.90 -13.26 -70.83
C THR A 81 16.64 -11.93 -70.94
N ALA A 82 15.94 -10.91 -71.45
CA ALA A 82 16.57 -9.60 -71.61
C ALA A 82 16.98 -9.02 -70.27
N VAL A 83 16.15 -9.19 -69.25
CA VAL A 83 16.47 -8.65 -67.93
C VAL A 83 17.70 -9.34 -67.36
N THR A 84 17.72 -10.67 -67.41
CA THR A 84 18.87 -11.40 -66.88
C THR A 84 20.14 -11.04 -67.63
N MET A 85 20.06 -10.94 -68.96
CA MET A 85 21.23 -10.58 -69.75
C MET A 85 21.66 -9.14 -69.48
N GLY A 86 20.71 -8.25 -69.16
CA GLY A 86 21.09 -6.90 -68.80
C GLY A 86 21.84 -6.87 -67.49
N LYS A 87 21.39 -7.63 -66.50
CA LYS A 87 22.13 -7.76 -65.26
C LYS A 87 23.53 -8.30 -65.53
N VAL A 88 23.64 -9.33 -66.36
CA VAL A 88 24.94 -9.92 -66.66
C VAL A 88 25.84 -8.90 -67.34
N THR A 89 25.29 -8.15 -68.30
CA THR A 89 26.08 -7.17 -69.03
C THR A 89 26.54 -6.05 -68.11
N LYS A 90 25.66 -5.59 -67.22
CA LYS A 90 26.06 -4.57 -66.25
C LYS A 90 27.18 -5.08 -65.35
N SER A 91 27.06 -6.32 -64.87
CA SER A 91 28.10 -6.88 -64.00
C SER A 91 29.41 -7.00 -64.75
N MET A 92 29.37 -7.40 -66.01
CA MET A 92 30.61 -7.56 -66.77
C MET A 92 31.21 -6.20 -67.13
N ALA A 93 30.39 -5.18 -67.31
CA ALA A 93 30.92 -3.83 -67.50
C ALA A 93 31.62 -3.34 -66.23
N GLY A 94 30.99 -3.54 -65.07
CA GLY A 94 31.65 -3.19 -63.82
C GLY A 94 32.95 -3.94 -63.63
N VAL A 95 32.96 -5.23 -63.96
CA VAL A 95 34.18 -6.02 -63.85
C VAL A 95 35.25 -5.49 -64.79
N VAL A 96 34.84 -5.11 -66.01
CA VAL A 96 35.80 -4.57 -66.96
C VAL A 96 36.41 -3.29 -66.43
N LYS A 97 35.58 -2.41 -65.85
CA LYS A 97 36.11 -1.16 -65.31
C LYS A 97 37.09 -1.43 -64.18
N SER A 98 36.71 -2.29 -63.23
CA SER A 98 37.58 -2.57 -62.09
C SER A 98 38.89 -3.21 -62.56
N MET A 99 38.80 -4.18 -63.46
CA MET A 99 40.01 -4.84 -63.96
C MET A 99 40.87 -3.87 -64.76
N ASP A 100 40.25 -2.92 -65.47
CA ASP A 100 41.03 -1.92 -66.18
C ASP A 100 41.83 -1.08 -65.20
N ALA A 101 41.16 -0.55 -64.17
CA ALA A 101 41.86 0.23 -63.15
C ALA A 101 43.00 -0.58 -62.55
N THR A 102 42.72 -1.83 -62.17
CA THR A 102 43.73 -2.65 -61.50
C THR A 102 44.92 -2.92 -62.43
N LEU A 103 44.65 -3.50 -63.61
CA LEU A 103 45.71 -3.82 -64.55
C LEU A 103 46.46 -2.57 -64.99
N LYS A 104 45.86 -1.38 -64.87
CA LYS A 104 46.61 -0.16 -65.07
C LYS A 104 47.56 0.08 -63.90
N THR A 105 47.06 -0.09 -62.68
CA THR A 105 47.92 0.08 -61.51
C THR A 105 48.91 -1.07 -61.39
N MET A 106 48.41 -2.30 -61.40
CA MET A 106 49.23 -3.50 -61.26
C MET A 106 49.32 -4.17 -62.63
N ASN A 107 50.29 -3.73 -63.44
CA ASN A 107 50.47 -4.26 -64.77
C ASN A 107 51.48 -5.40 -64.75
N LEU A 108 51.75 -5.96 -65.93
CA LEU A 108 52.62 -7.13 -66.01
C LEU A 108 54.06 -6.78 -65.67
N GLU A 109 54.53 -5.60 -66.09
CA GLU A 109 55.88 -5.16 -65.72
C GLU A 109 56.02 -5.09 -64.21
N LYS A 110 55.12 -4.35 -63.56
CA LYS A 110 55.20 -4.19 -62.12
C LYS A 110 55.05 -5.53 -61.40
N ILE A 111 54.15 -6.39 -61.89
CA ILE A 111 53.93 -7.68 -61.25
C ILE A 111 55.19 -8.55 -61.36
N SER A 112 55.78 -8.60 -62.55
CA SER A 112 57.00 -9.38 -62.73
C SER A 112 58.13 -8.86 -61.85
N ALA A 113 58.30 -7.54 -61.78
CA ALA A 113 59.34 -6.98 -60.94
C ALA A 113 59.08 -7.28 -59.47
N LEU A 114 57.83 -7.15 -59.04
CA LEU A 114 57.46 -7.44 -57.67
C LEU A 114 57.74 -8.89 -57.32
N MET A 115 57.51 -9.80 -58.27
CA MET A 115 57.72 -11.21 -57.99
C MET A 115 59.20 -11.56 -57.97
N ASP A 116 59.99 -10.97 -58.88
CA ASP A 116 61.43 -11.12 -58.79
C ASP A 116 61.94 -10.62 -57.44
N LYS A 117 61.39 -9.51 -56.98
CA LYS A 117 61.78 -8.97 -55.68
C LYS A 117 61.39 -9.90 -54.54
N PHE A 118 60.18 -10.45 -54.60
CA PHE A 118 59.75 -11.43 -53.61
C PHE A 118 60.72 -12.61 -53.55
N GLU A 119 61.02 -13.18 -54.71
CA GLU A 119 61.93 -14.32 -54.78
C GLU A 119 63.29 -13.98 -54.19
N HIS A 120 63.85 -12.83 -54.59
CA HIS A 120 65.18 -12.47 -54.11
C HIS A 120 65.18 -12.18 -52.62
N GLN A 121 64.13 -11.51 -52.12
CA GLN A 121 64.05 -11.22 -50.70
C GLN A 121 63.98 -12.51 -49.89
N PHE A 122 63.20 -13.49 -50.35
CA PHE A 122 63.08 -14.72 -49.59
C PHE A 122 64.28 -15.64 -49.78
N GLU A 123 65.03 -15.48 -50.88
CA GLU A 123 66.33 -16.14 -50.97
C GLU A 123 67.31 -15.56 -49.95
N THR A 124 67.35 -14.22 -49.87
CA THR A 124 68.16 -13.58 -48.84
C THR A 124 67.74 -14.05 -47.46
N LEU A 125 66.43 -14.24 -47.26
CA LEU A 125 65.95 -14.75 -45.98
C LEU A 125 66.36 -16.20 -45.76
N ASP A 126 66.49 -16.96 -46.85
CA ASP A 126 66.98 -18.36 -46.79
C ASP A 126 68.43 -18.34 -46.29
N VAL A 127 69.23 -17.39 -46.77
CA VAL A 127 70.62 -17.26 -46.37
C VAL A 127 70.71 -16.83 -44.92
N GLN A 128 69.90 -15.84 -44.54
CA GLN A 128 69.86 -15.38 -43.16
C GLN A 128 69.48 -16.52 -42.22
N THR A 129 68.49 -17.32 -42.61
CA THR A 129 68.05 -18.43 -41.76
C THR A 129 69.17 -19.45 -41.59
N GLN A 130 69.86 -19.78 -42.68
CA GLN A 130 70.96 -20.74 -42.60
C GLN A 130 72.04 -20.25 -41.66
N GLN A 131 72.47 -18.99 -41.84
CA GLN A 131 73.55 -18.45 -41.00
C GLN A 131 73.09 -18.35 -39.55
N MET A 132 71.89 -17.84 -39.33
CA MET A 132 71.33 -17.73 -38.00
C MET A 132 71.28 -19.09 -37.32
N GLU A 133 70.97 -20.14 -38.08
CA GLU A 133 70.87 -21.46 -37.50
C GLU A 133 72.25 -22.03 -37.19
N ASP A 134 73.20 -21.81 -38.08
CA ASP A 134 74.59 -22.18 -37.78
C ASP A 134 75.03 -21.56 -36.45
N THR A 135 74.75 -20.27 -36.26
CA THR A 135 75.17 -19.60 -35.04
C THR A 135 74.40 -20.11 -33.83
N MET A 136 73.08 -20.25 -33.96
CA MET A 136 72.28 -20.79 -32.87
C MET A 136 72.83 -22.13 -32.40
N SER A 137 73.22 -22.98 -33.35
CA SER A 137 73.76 -24.28 -32.99
C SER A 137 75.14 -24.14 -32.34
N SER A 138 75.98 -23.27 -32.89
CA SER A 138 77.32 -23.08 -32.32
C SER A 138 77.24 -22.52 -30.90
N THR A 139 76.17 -21.79 -30.57
CA THR A 139 76.05 -21.24 -29.22
C THR A 139 75.91 -22.35 -28.19
N THR A 140 75.08 -23.35 -28.47
CA THR A 140 74.77 -24.43 -27.53
C THR A 140 75.33 -25.72 -28.10
N THR A 141 76.61 -25.98 -27.81
CA THR A 141 77.27 -27.21 -28.21
C THR A 141 77.74 -28.06 -27.04
N LEU A 142 77.88 -27.50 -25.86
CA LEU A 142 78.28 -28.24 -24.68
C LEU A 142 77.11 -28.88 -23.96
N THR A 143 75.88 -28.41 -24.22
CA THR A 143 74.69 -29.08 -23.71
C THR A 143 74.23 -30.21 -24.60
N THR A 144 74.59 -30.17 -25.88
CA THR A 144 74.21 -31.19 -26.86
C THR A 144 75.47 -31.71 -27.54
N PRO A 145 76.19 -32.61 -26.88
CA PRO A 145 77.37 -33.21 -27.53
C PRO A 145 76.95 -34.18 -28.62
N GLN A 146 77.65 -34.09 -29.77
CA GLN A 146 77.35 -34.98 -30.88
C GLN A 146 77.52 -36.45 -30.49
N ASN A 147 78.54 -36.75 -29.69
CA ASN A 147 78.79 -38.13 -29.30
C ASN A 147 77.62 -38.70 -28.50
N GLN A 148 77.08 -37.91 -27.57
CA GLN A 148 75.95 -38.40 -26.77
C GLN A 148 74.73 -38.65 -27.62
N VAL A 149 74.45 -37.75 -28.58
CA VAL A 149 73.30 -37.94 -29.45
C VAL A 149 73.48 -39.19 -30.31
N ASP A 150 74.67 -39.38 -30.87
CA ASP A 150 74.94 -40.58 -31.64
C ASP A 150 74.73 -41.83 -30.80
N MET A 151 75.25 -41.83 -29.56
CA MET A 151 75.10 -43.00 -28.71
C MET A 151 73.64 -43.26 -28.38
N LEU A 152 72.87 -42.21 -28.07
CA LEU A 152 71.46 -42.39 -27.78
C LEU A 152 70.73 -42.99 -28.98
N LEU A 153 71.02 -42.49 -30.18
CA LEU A 153 70.37 -43.02 -31.36
C LEU A 153 70.74 -44.49 -31.58
N GLN A 154 72.01 -44.82 -31.38
CA GLN A 154 72.43 -46.21 -31.55
C GLN A 154 71.74 -47.12 -30.55
N GLU A 155 71.65 -46.69 -29.29
CA GLU A 155 70.99 -47.52 -28.28
C GLU A 155 69.51 -47.68 -28.59
N MET A 156 68.84 -46.60 -28.98
CA MET A 156 67.41 -46.69 -29.27
C MET A 156 67.16 -47.59 -30.49
N ALA A 157 68.02 -47.49 -31.50
CA ALA A 157 67.90 -48.37 -32.65
C ALA A 157 68.09 -49.83 -32.25
N ASP A 158 69.20 -50.13 -31.59
CA ASP A 158 69.49 -51.50 -31.19
C ASP A 158 68.37 -52.07 -30.33
N GLU A 159 67.79 -51.24 -29.45
CA GLU A 159 66.64 -51.69 -28.65
C GLU A 159 65.45 -51.97 -29.54
N ALA A 160 65.15 -51.07 -30.48
CA ALA A 160 64.07 -51.31 -31.43
C ALA A 160 64.42 -52.40 -32.45
N GLY A 161 65.66 -52.86 -32.47
CA GLY A 161 66.09 -53.86 -33.43
C GLY A 161 66.26 -53.38 -34.84
N LEU A 162 65.80 -52.18 -35.17
CA LEU A 162 65.85 -51.67 -36.53
C LEU A 162 67.24 -51.13 -36.82
N ASP A 163 67.39 -50.46 -37.96
CA ASP A 163 68.64 -49.81 -38.34
C ASP A 163 68.32 -48.44 -38.91
N LEU A 164 69.34 -47.58 -38.94
CA LEU A 164 69.18 -46.19 -39.35
C LEU A 164 69.94 -45.97 -40.65
N ASN A 165 69.22 -45.46 -41.66
CA ASN A 165 69.81 -45.16 -42.95
C ASN A 165 69.48 -43.73 -43.36
N GLU A 187 89.39 -40.94 -30.39
CA GLU A 187 89.38 -41.89 -31.49
C GLU A 187 90.18 -41.34 -32.68
N LEU A 188 89.48 -40.76 -33.65
CA LEU A 188 90.16 -40.15 -34.78
C LEU A 188 91.02 -38.98 -34.35
N SER A 189 90.59 -38.25 -33.32
CA SER A 189 91.32 -37.08 -32.87
C SER A 189 92.74 -37.43 -32.47
N GLN A 190 92.94 -38.61 -31.89
CA GLN A 190 94.28 -39.02 -31.48
C GLN A 190 95.17 -39.27 -32.69
N ARG A 191 94.63 -39.93 -33.72
CA ARG A 191 95.40 -40.14 -34.94
C ARG A 191 95.73 -38.81 -35.60
N LEU A 192 94.78 -37.87 -35.59
CA LEU A 192 95.03 -36.57 -36.18
C LEU A 192 96.09 -35.80 -35.40
N ALA A 193 96.09 -35.95 -34.06
CA ALA A 193 97.11 -35.29 -33.26
C ALA A 193 98.49 -35.89 -33.52
N ARG A 194 98.57 -37.23 -33.59
CA ARG A 194 99.83 -37.87 -33.92
C ARG A 194 100.33 -37.41 -35.29
N LEU A 195 99.41 -37.25 -36.24
CA LEU A 195 99.79 -36.74 -37.56
C LEU A 195 100.26 -35.30 -37.47
N ARG A 196 99.63 -34.50 -36.59
CA ARG A 196 100.02 -33.11 -36.42
C ARG A 196 101.43 -33.01 -35.84
N ASP A 197 101.78 -33.91 -34.92
CA ASP A 197 103.13 -33.92 -34.39
C ASP A 197 104.15 -34.15 -35.49
N GLN A 198 103.79 -34.93 -36.51
CA GLN A 198 104.67 -35.18 -37.65
C GLN A 198 106.00 -35.77 -37.20
N ASN B 3 -63.67 2.14 3.61
CA ASN B 3 -64.03 2.34 5.00
C ASN B 3 -65.14 1.38 5.42
N MET B 4 -66.22 1.37 4.64
CA MET B 4 -67.36 0.49 4.97
C MET B 4 -66.99 -0.97 4.89
N GLU B 5 -66.03 -1.32 4.03
CA GLU B 5 -65.60 -2.71 3.93
C GLU B 5 -65.02 -3.21 5.24
N LYS B 6 -64.29 -2.34 5.95
CA LYS B 6 -63.75 -2.72 7.26
C LYS B 6 -64.88 -3.00 8.25
N HIS B 7 -65.90 -2.15 8.26
CA HIS B 7 -67.03 -2.36 9.16
C HIS B 7 -67.77 -3.65 8.82
N LEU B 8 -67.92 -3.94 7.53
CA LEU B 8 -68.52 -5.21 7.12
C LEU B 8 -67.71 -6.39 7.61
N PHE B 9 -66.38 -6.31 7.46
CA PHE B 9 -65.52 -7.38 7.94
C PHE B 9 -65.70 -7.58 9.45
N ASN B 10 -65.72 -6.50 10.21
CA ASN B 10 -65.88 -6.62 11.66
C ASN B 10 -67.24 -7.21 12.00
N LEU B 11 -68.29 -6.84 11.26
CA LEU B 11 -69.61 -7.39 11.53
C LEU B 11 -69.64 -8.89 11.29
N LYS B 12 -69.10 -9.33 10.15
CA LYS B 12 -69.09 -10.76 9.86
C LYS B 12 -68.23 -11.52 10.87
N PHE B 13 -67.12 -10.93 11.29
CA PHE B 13 -66.29 -11.56 12.30
C PHE B 13 -67.06 -11.72 13.62
N ALA B 14 -67.79 -10.68 14.01
CA ALA B 14 -68.58 -10.78 15.25
C ALA B 14 -69.66 -11.85 15.13
N ALA B 15 -70.30 -11.94 13.96
CA ALA B 15 -71.31 -12.98 13.78
C ALA B 15 -70.69 -14.37 13.91
N LYS B 16 -69.55 -14.59 13.26
CA LYS B 16 -68.89 -15.88 13.36
C LYS B 16 -68.48 -16.18 14.79
N GLU B 17 -68.00 -15.17 15.51
CA GLU B 17 -67.64 -15.35 16.91
C GLU B 17 -68.84 -15.77 17.74
N LEU B 18 -69.99 -15.13 17.52
CA LEU B 18 -71.20 -15.49 18.25
C LEU B 18 -71.60 -16.93 17.95
N SER B 19 -71.51 -17.34 16.68
CA SER B 19 -71.85 -18.73 16.33
C SER B 19 -70.91 -19.71 17.03
N ARG B 20 -69.60 -19.44 16.99
CA ARG B 20 -68.65 -20.29 17.68
C ARG B 20 -68.97 -20.38 19.17
N SER B 21 -69.30 -19.25 19.78
CA SER B 21 -69.60 -19.24 21.21
C SER B 21 -70.85 -20.05 21.51
N ALA B 22 -71.86 -19.97 20.65
CA ALA B 22 -73.06 -20.78 20.84
C ALA B 22 -72.73 -22.26 20.78
N LYS B 23 -71.92 -22.66 19.79
CA LYS B 23 -71.52 -24.06 19.70
C LYS B 23 -70.78 -24.50 20.97
N LYS B 24 -69.83 -23.68 21.41
CA LYS B 24 -69.06 -24.02 22.60
C LYS B 24 -69.95 -24.14 23.83
N CYS B 25 -70.94 -23.25 23.96
CA CYS B 25 -71.83 -23.29 25.11
C CYS B 25 -72.72 -24.53 25.08
N ASP B 26 -73.18 -24.93 23.89
CA ASP B 26 -73.92 -26.17 23.78
C ASP B 26 -73.06 -27.36 24.23
N LYS B 27 -71.81 -27.40 23.78
CA LYS B 27 -70.90 -28.46 24.21
C LYS B 27 -70.74 -28.46 25.73
N GLU B 28 -70.56 -27.28 26.32
CA GLU B 28 -70.38 -27.21 27.77
C GLU B 28 -71.63 -27.68 28.50
N GLU B 29 -72.82 -27.38 27.96
CA GLU B 29 -74.05 -27.91 28.54
C GLU B 29 -74.05 -29.44 28.51
N LYS B 30 -73.66 -30.00 27.37
CA LYS B 30 -73.62 -31.46 27.26
C LYS B 30 -72.68 -32.06 28.30
N ALA B 31 -71.59 -31.36 28.60
CA ALA B 31 -70.64 -31.86 29.60
C ALA B 31 -71.22 -31.73 31.02
N GLU B 32 -71.80 -30.57 31.32
CA GLU B 32 -72.36 -30.36 32.65
C GLU B 32 -73.50 -31.32 32.94
N LYS B 33 -74.19 -31.81 31.90
CA LYS B 33 -75.20 -32.83 32.13
C LYS B 33 -74.58 -34.13 32.65
N ALA B 34 -73.45 -34.53 32.07
CA ALA B 34 -72.72 -35.68 32.60
C ALA B 34 -72.34 -35.44 34.05
N LYS B 35 -71.83 -34.23 34.35
CA LYS B 35 -71.38 -33.96 35.71
C LYS B 35 -72.54 -34.01 36.71
N ILE B 36 -73.69 -33.46 36.33
CA ILE B 36 -74.85 -33.48 37.23
C ILE B 36 -75.33 -34.91 37.42
N GLU B 37 -75.28 -35.74 36.37
CA GLU B 37 -75.63 -37.15 36.54
C GLU B 37 -74.71 -37.82 37.55
N LYS B 38 -73.41 -37.59 37.41
CA LYS B 38 -72.46 -38.16 38.36
C LYS B 38 -72.79 -37.70 39.78
N ALA B 39 -73.00 -36.39 39.96
CA ALA B 39 -73.22 -35.86 41.30
C ALA B 39 -74.52 -36.37 41.91
N ILE B 40 -75.57 -36.55 41.10
CA ILE B 40 -76.81 -37.10 41.63
C ILE B 40 -76.64 -38.57 41.94
N GLN B 41 -75.70 -39.26 41.28
CA GLN B 41 -75.37 -40.62 41.69
C GLN B 41 -74.66 -40.63 43.05
N LYS B 42 -73.66 -39.77 43.22
CA LYS B 42 -72.94 -39.70 44.49
C LYS B 42 -73.81 -39.21 45.63
N GLY B 43 -74.97 -38.63 45.35
CA GLY B 43 -75.85 -38.12 46.38
C GLY B 43 -75.68 -36.65 46.71
N ASN B 44 -74.70 -35.98 46.09
CA ASN B 44 -74.48 -34.56 46.35
C ASN B 44 -75.64 -33.75 45.78
N MET B 45 -76.45 -33.18 46.66
CA MET B 45 -77.55 -32.32 46.23
C MET B 45 -77.05 -30.94 45.83
N GLU B 46 -76.10 -30.39 46.59
CA GLU B 46 -75.64 -29.03 46.31
C GLU B 46 -74.82 -28.98 45.01
N VAL B 47 -73.94 -29.97 44.80
CA VAL B 47 -73.18 -29.99 43.56
C VAL B 47 -74.11 -30.24 42.38
N ALA B 48 -75.15 -31.05 42.58
CA ALA B 48 -76.14 -31.25 41.53
C ALA B 48 -76.85 -29.94 41.19
N ARG B 49 -77.19 -29.16 42.23
CA ARG B 49 -77.79 -27.85 42.00
C ARG B 49 -76.85 -26.96 41.20
N ILE B 50 -75.58 -26.94 41.58
CA ILE B 50 -74.60 -26.09 40.89
C ILE B 50 -74.51 -26.48 39.42
N HIS B 51 -74.36 -27.77 39.15
CA HIS B 51 -74.19 -28.22 37.78
C HIS B 51 -75.48 -28.05 36.97
N ALA B 52 -76.64 -28.15 37.62
CA ALA B 52 -77.89 -27.87 36.93
C ALA B 52 -77.99 -26.40 36.55
N GLU B 53 -77.63 -25.52 37.47
CA GLU B 53 -77.58 -24.09 37.16
C GLU B 53 -76.67 -23.84 35.98
N ASN B 54 -75.47 -24.43 36.00
CA ASN B 54 -74.53 -24.24 34.91
C ASN B 54 -75.10 -24.74 33.59
N ALA B 55 -75.74 -25.91 33.60
CA ALA B 55 -76.28 -26.49 32.37
C ALA B 55 -77.39 -25.62 31.81
N ILE B 56 -78.34 -25.22 32.65
CA ILE B 56 -79.44 -24.37 32.19
C ILE B 56 -78.91 -23.06 31.66
N ARG B 57 -77.95 -22.46 32.37
CA ARG B 57 -77.37 -21.20 31.93
C ARG B 57 -76.71 -21.36 30.56
N GLN B 58 -75.93 -22.43 30.39
CA GLN B 58 -75.25 -22.64 29.12
C GLN B 58 -76.25 -22.85 28.00
N LYS B 59 -77.31 -23.62 28.26
CA LYS B 59 -78.35 -23.81 27.24
C LYS B 59 -78.97 -22.49 26.83
N ASN B 60 -79.41 -21.70 27.80
CA ASN B 60 -80.08 -20.44 27.49
C ASN B 60 -79.14 -19.48 26.78
N GLN B 61 -77.89 -19.38 27.24
CA GLN B 61 -76.96 -18.44 26.61
C GLN B 61 -76.54 -18.93 25.23
N ALA B 62 -76.54 -20.24 25.00
CA ALA B 62 -76.28 -20.75 23.65
C ALA B 62 -77.41 -20.37 22.71
N VAL B 63 -78.66 -20.53 23.16
CA VAL B 63 -79.79 -20.11 22.33
C VAL B 63 -79.70 -18.62 22.05
N ASN B 64 -79.36 -17.83 23.06
CA ASN B 64 -79.27 -16.38 22.88
C ASN B 64 -78.16 -16.03 21.89
N PHE B 65 -76.99 -16.67 22.03
CA PHE B 65 -75.90 -16.42 21.09
C PHE B 65 -76.29 -16.80 19.68
N LEU B 66 -77.05 -17.89 19.52
CA LEU B 66 -77.47 -18.31 18.19
C LEU B 66 -78.40 -17.29 17.56
N ARG B 67 -79.41 -16.83 18.31
CA ARG B 67 -80.31 -15.81 17.79
C ARG B 67 -79.54 -14.53 17.47
N MET B 68 -78.62 -14.15 18.35
CA MET B 68 -77.84 -12.94 18.15
C MET B 68 -76.99 -13.03 16.89
N SER B 69 -76.35 -14.19 16.68
CA SER B 69 -75.56 -14.40 15.49
C SER B 69 -76.42 -14.38 14.25
N ALA B 70 -77.64 -14.90 14.32
CA ALA B 70 -78.55 -14.81 13.18
C ALA B 70 -78.85 -13.35 12.84
N ARG B 71 -79.13 -12.54 13.86
CA ARG B 71 -79.41 -11.13 13.63
C ARG B 71 -78.22 -10.43 12.98
N VAL B 72 -77.02 -10.65 13.54
CA VAL B 72 -75.83 -10.02 13.00
C VAL B 72 -75.55 -10.52 11.59
N ASP B 73 -75.87 -11.78 11.31
CA ASP B 73 -75.69 -12.32 9.96
C ASP B 73 -76.61 -11.60 8.97
N ALA B 74 -77.88 -11.39 9.36
CA ALA B 74 -78.78 -10.64 8.51
C ALA B 74 -78.24 -9.24 8.24
N VAL B 75 -77.82 -8.56 9.29
CA VAL B 75 -77.32 -7.19 9.14
C VAL B 75 -76.08 -7.17 8.24
N ALA B 76 -75.19 -8.15 8.41
CA ALA B 76 -73.96 -8.17 7.62
C ALA B 76 -74.25 -8.50 6.17
N ALA B 77 -75.21 -9.39 5.90
CA ALA B 77 -75.60 -9.64 4.53
C ALA B 77 -76.16 -8.39 3.89
N ARG B 78 -76.99 -7.65 4.63
CA ARG B 78 -77.54 -6.41 4.10
C ARG B 78 -76.42 -5.41 3.80
N VAL B 79 -75.44 -5.30 4.70
CA VAL B 79 -74.36 -4.34 4.51
C VAL B 79 -73.47 -4.75 3.34
N GLN B 80 -73.27 -6.06 3.16
CA GLN B 80 -72.46 -6.54 2.03
C GLN B 80 -73.17 -6.25 0.72
N THR B 81 -74.49 -6.48 0.67
CA THR B 81 -75.28 -6.08 -0.48
C THR B 81 -75.11 -4.59 -0.76
N ALA B 82 -75.18 -3.78 0.29
CA ALA B 82 -75.05 -2.33 0.11
C ALA B 82 -73.68 -1.97 -0.44
N VAL B 83 -72.63 -2.63 0.05
CA VAL B 83 -71.28 -2.33 -0.42
C VAL B 83 -71.14 -2.69 -1.89
N THR B 84 -71.57 -3.89 -2.26
CA THR B 84 -71.47 -4.30 -3.67
C THR B 84 -72.27 -3.37 -4.56
N MET B 85 -73.48 -3.01 -4.14
CA MET B 85 -74.30 -2.11 -4.94
C MET B 85 -73.70 -0.71 -5.01
N GLY B 86 -73.00 -0.28 -3.97
CA GLY B 86 -72.32 0.99 -4.02
C GLY B 86 -71.18 0.99 -5.02
N LYS B 87 -70.40 -0.10 -5.04
CA LYS B 87 -69.38 -0.24 -6.08
C LYS B 87 -70.01 -0.21 -7.47
N VAL B 88 -71.12 -0.93 -7.65
CA VAL B 88 -71.77 -0.97 -8.95
C VAL B 88 -72.26 0.42 -9.35
N THR B 89 -72.87 1.15 -8.40
CA THR B 89 -73.39 2.47 -8.68
C THR B 89 -72.26 3.44 -9.02
N LYS B 90 -71.15 3.36 -8.30
CA LYS B 90 -70.01 4.20 -8.61
C LYS B 90 -69.47 3.90 -10.01
N SER B 91 -69.35 2.62 -10.35
CA SER B 91 -68.87 2.26 -11.67
C SER B 91 -69.81 2.76 -12.76
N MET B 92 -71.11 2.66 -12.53
CA MET B 92 -72.07 3.11 -13.54
C MET B 92 -72.10 4.62 -13.64
N ALA B 93 -71.84 5.33 -12.54
CA ALA B 93 -71.72 6.78 -12.62
C ALA B 93 -70.49 7.17 -13.43
N GLY B 94 -69.35 6.52 -13.18
CA GLY B 94 -68.18 6.77 -14.00
C GLY B 94 -68.42 6.48 -15.46
N VAL B 95 -69.10 5.37 -15.75
CA VAL B 95 -69.42 5.03 -17.14
C VAL B 95 -70.32 6.08 -17.74
N VAL B 96 -71.30 6.58 -16.98
CA VAL B 96 -72.19 7.61 -17.50
C VAL B 96 -71.41 8.87 -17.83
N LYS B 97 -70.48 9.26 -16.96
CA LYS B 97 -69.68 10.46 -17.22
C LYS B 97 -68.84 10.28 -18.48
N SER B 98 -68.14 9.15 -18.60
CA SER B 98 -67.29 8.93 -19.75
C SER B 98 -68.11 8.87 -21.04
N MET B 99 -69.23 8.15 -21.02
CA MET B 99 -70.07 8.07 -22.20
C MET B 99 -70.69 9.43 -22.54
N ASP B 100 -70.99 10.25 -21.54
CA ASP B 100 -71.48 11.59 -21.82
C ASP B 100 -70.44 12.41 -22.55
N ALA B 101 -69.21 12.44 -22.02
CA ALA B 101 -68.14 13.15 -22.71
C ALA B 101 -67.98 12.65 -24.14
N THR B 102 -67.94 11.33 -24.32
CA THR B 102 -67.70 10.76 -25.64
C THR B 102 -68.84 11.11 -26.60
N LEU B 103 -70.08 10.76 -26.23
CA LEU B 103 -71.23 11.05 -27.07
C LEU B 103 -71.41 12.53 -27.33
N LYS B 104 -70.84 13.39 -26.46
CA LYS B 104 -70.80 14.81 -26.77
C LYS B 104 -69.78 15.08 -27.87
N THR B 105 -68.59 14.48 -27.75
CA THR B 105 -67.57 14.65 -28.78
C THR B 105 -67.95 13.90 -30.05
N MET B 106 -68.24 12.61 -29.92
CA MET B 106 -68.58 11.75 -31.05
C MET B 106 -70.09 11.48 -30.99
N ASN B 107 -70.86 12.39 -31.58
CA ASN B 107 -72.30 12.26 -31.57
C ASN B 107 -72.78 11.56 -32.84
N LEU B 108 -74.09 11.41 -32.97
CA LEU B 108 -74.65 10.64 -34.07
C LEU B 108 -74.44 11.37 -35.40
N GLU B 109 -74.56 12.69 -35.41
CA GLU B 109 -74.30 13.45 -36.62
C GLU B 109 -72.88 13.22 -37.11
N LYS B 110 -71.91 13.45 -36.23
CA LYS B 110 -70.51 13.30 -36.60
C LYS B 110 -70.21 11.87 -37.00
N ILE B 111 -70.77 10.89 -36.28
CA ILE B 111 -70.51 9.49 -36.59
C ILE B 111 -71.07 9.15 -37.97
N SER B 112 -72.29 9.57 -38.26
CA SER B 112 -72.88 9.29 -39.56
C SER B 112 -72.08 9.93 -40.67
N ALA B 113 -71.66 11.18 -40.48
CA ALA B 113 -70.86 11.86 -41.50
C ALA B 113 -69.52 11.15 -41.69
N LEU B 114 -68.88 10.77 -40.59
CA LEU B 114 -67.61 10.07 -40.66
C LEU B 114 -67.75 8.75 -41.41
N MET B 115 -68.87 8.07 -41.23
CA MET B 115 -69.05 6.78 -41.88
C MET B 115 -69.37 6.94 -43.36
N ASP B 116 -70.17 7.95 -43.71
CA ASP B 116 -70.36 8.27 -45.11
C ASP B 116 -69.02 8.60 -45.77
N LYS B 117 -68.17 9.33 -45.05
CA LYS B 117 -66.85 9.66 -45.59
C LYS B 117 -65.99 8.41 -45.76
N PHE B 118 -66.02 7.51 -44.77
CA PHE B 118 -65.30 6.25 -44.88
C PHE B 118 -65.73 5.48 -46.12
N GLU B 119 -67.05 5.33 -46.29
CA GLU B 119 -67.58 4.59 -47.43
C GLU B 119 -67.15 5.23 -48.74
N HIS B 120 -67.26 6.56 -48.84
CA HIS B 120 -66.92 7.23 -50.09
C HIS B 120 -65.43 7.14 -50.37
N GLN B 121 -64.60 7.30 -49.33
CA GLN B 121 -63.16 7.21 -49.51
C GLN B 121 -62.76 5.82 -50.00
N PHE B 122 -63.35 4.78 -49.43
CA PHE B 122 -62.98 3.44 -49.86
C PHE B 122 -63.61 3.04 -51.18
N GLU B 123 -64.72 3.67 -51.57
CA GLU B 123 -65.20 3.52 -52.94
C GLU B 123 -64.22 4.16 -53.93
N THR B 124 -63.77 5.37 -53.62
CA THR B 124 -62.72 6.00 -54.43
C THR B 124 -61.49 5.11 -54.51
N LEU B 125 -61.16 4.45 -53.39
CA LEU B 125 -60.03 3.54 -53.38
C LEU B 125 -60.29 2.29 -54.23
N ASP B 126 -61.57 1.90 -54.30
CA ASP B 126 -62.00 0.76 -55.16
C ASP B 126 -61.74 1.15 -56.62
N VAL B 127 -62.04 2.40 -56.99
CA VAL B 127 -61.85 2.89 -58.35
C VAL B 127 -60.36 2.99 -58.65
N GLN B 128 -59.59 3.52 -57.71
CA GLN B 128 -58.15 3.62 -57.88
C GLN B 128 -57.54 2.23 -58.06
N THR B 129 -57.98 1.26 -57.26
CA THR B 129 -57.44 -0.09 -57.38
C THR B 129 -57.75 -0.69 -58.75
N GLN B 130 -58.99 -0.52 -59.22
CA GLN B 130 -59.36 -1.05 -60.53
C GLN B 130 -58.49 -0.46 -61.62
N GLN B 131 -58.36 0.88 -61.63
CA GLN B 131 -57.58 1.54 -62.68
C GLN B 131 -56.11 1.15 -62.57
N MET B 132 -55.57 1.17 -61.36
CA MET B 132 -54.19 0.78 -61.13
C MET B 132 -53.94 -0.64 -61.63
N GLU B 133 -54.92 -1.53 -61.45
CA GLU B 133 -54.74 -2.90 -61.87
C GLU B 133 -54.81 -3.03 -63.38
N ASP B 134 -55.74 -2.30 -64.00
CA ASP B 134 -55.78 -2.25 -65.46
C ASP B 134 -54.42 -1.84 -66.01
N THR B 135 -53.83 -0.80 -65.43
CA THR B 135 -52.54 -0.33 -65.94
C THR B 135 -51.43 -1.32 -65.64
N MET B 136 -51.39 -1.86 -64.43
CA MET B 136 -50.38 -2.87 -64.09
C MET B 136 -50.42 -4.02 -65.08
N SER B 137 -51.62 -4.45 -65.46
CA SER B 137 -51.75 -5.55 -66.42
C SER B 137 -51.31 -5.10 -67.81
N SER B 138 -51.70 -3.89 -68.23
CA SER B 138 -51.31 -3.41 -69.54
C SER B 138 -49.80 -3.25 -69.66
N THR B 139 -49.12 -3.02 -68.55
CA THR B 139 -47.67 -2.86 -68.59
C THR B 139 -46.98 -4.15 -69.02
N THR B 140 -47.42 -5.28 -68.47
CA THR B 140 -46.80 -6.58 -68.70
C THR B 140 -47.79 -7.46 -69.45
N THR B 141 -47.79 -7.34 -70.78
CA THR B 141 -48.65 -8.14 -71.64
C THR B 141 -47.86 -9.04 -72.58
N LEU B 142 -46.59 -8.73 -72.84
CA LEU B 142 -45.76 -9.56 -73.70
C LEU B 142 -45.08 -10.70 -72.96
N THR B 143 -44.99 -10.62 -71.64
CA THR B 143 -44.52 -11.73 -70.83
C THR B 143 -45.62 -12.72 -70.50
N THR B 144 -46.88 -12.28 -70.53
CA THR B 144 -48.05 -13.11 -70.21
C THR B 144 -49.03 -13.02 -71.38
N PRO B 145 -48.79 -13.75 -72.46
CA PRO B 145 -49.76 -13.76 -73.56
C PRO B 145 -51.01 -14.54 -73.19
N GLN B 146 -52.16 -13.97 -73.53
CA GLN B 146 -53.43 -14.63 -73.23
C GLN B 146 -53.50 -16.00 -73.89
N ASN B 147 -53.01 -16.11 -75.12
CA ASN B 147 -53.07 -17.38 -75.84
C ASN B 147 -52.30 -18.47 -75.09
N GLN B 148 -51.12 -18.15 -74.59
CA GLN B 148 -50.32 -19.15 -73.88
C GLN B 148 -51.01 -19.59 -72.60
N VAL B 149 -51.61 -18.65 -71.87
CA VAL B 149 -52.31 -19.01 -70.64
C VAL B 149 -53.51 -19.90 -70.95
N ASP B 150 -54.28 -19.54 -71.98
CA ASP B 150 -55.40 -20.38 -72.39
C ASP B 150 -54.94 -21.78 -72.73
N MET B 151 -53.85 -21.89 -73.50
CA MET B 151 -53.36 -23.20 -73.90
C MET B 151 -52.90 -24.00 -72.69
N LEU B 152 -52.19 -23.35 -71.76
CA LEU B 152 -51.74 -24.07 -70.56
C LEU B 152 -52.93 -24.59 -69.77
N LEU B 153 -53.96 -23.75 -69.61
CA LEU B 153 -55.14 -24.20 -68.87
C LEU B 153 -55.82 -25.37 -69.57
N GLN B 154 -55.94 -25.29 -70.90
CA GLN B 154 -56.57 -26.38 -71.63
C GLN B 154 -55.78 -27.68 -71.47
N GLU B 155 -54.45 -27.60 -71.57
CA GLU B 155 -53.64 -28.80 -71.44
C GLU B 155 -53.74 -29.38 -70.03
N MET B 156 -53.69 -28.52 -69.01
CA MET B 156 -53.78 -29.01 -67.64
C MET B 156 -55.14 -29.63 -67.37
N ALA B 157 -56.21 -29.03 -67.90
CA ALA B 157 -57.53 -29.62 -67.75
C ALA B 157 -57.61 -30.98 -68.43
N ASP B 158 -57.24 -31.03 -69.71
CA ASP B 158 -57.31 -32.29 -70.45
C ASP B 158 -56.48 -33.38 -69.77
N GLU B 159 -55.32 -33.01 -69.22
CA GLU B 159 -54.53 -33.98 -68.48
C GLU B 159 -55.27 -34.43 -67.22
N ALA B 160 -55.84 -33.50 -66.47
CA ALA B 160 -56.63 -33.86 -65.31
C ALA B 160 -57.96 -34.50 -65.68
N GLY B 161 -58.32 -34.51 -66.97
CA GLY B 161 -59.58 -35.07 -67.41
C GLY B 161 -60.80 -34.25 -67.10
N LEU B 162 -60.69 -33.23 -66.26
CA LEU B 162 -61.83 -32.44 -65.84
C LEU B 162 -62.16 -31.40 -66.92
N ASP B 163 -63.07 -30.49 -66.61
CA ASP B 163 -63.43 -29.39 -67.48
C ASP B 163 -63.51 -28.11 -66.67
N LEU B 164 -63.46 -26.99 -67.37
CA LEU B 164 -63.41 -25.67 -66.74
C LEU B 164 -64.70 -24.91 -67.07
N ASN B 165 -65.39 -24.46 -66.02
CA ASN B 165 -66.61 -23.69 -66.18
C ASN B 165 -66.54 -22.40 -65.37
N GLU B 187 -56.57 -16.19 -86.22
CA GLU B 187 -57.88 -16.81 -86.22
C GLU B 187 -58.96 -15.77 -86.52
N LEU B 188 -59.61 -15.25 -85.47
CA LEU B 188 -60.61 -14.21 -85.66
C LEU B 188 -59.99 -12.94 -86.24
N SER B 189 -58.73 -12.66 -85.88
CA SER B 189 -58.09 -11.44 -86.34
C SER B 189 -58.03 -11.39 -87.86
N GLN B 190 -57.86 -12.54 -88.51
CA GLN B 190 -57.80 -12.55 -89.97
C GLN B 190 -59.16 -12.21 -90.58
N ARG B 191 -60.24 -12.76 -90.02
CA ARG B 191 -61.56 -12.41 -90.50
C ARG B 191 -61.85 -10.93 -90.28
N LEU B 192 -61.42 -10.40 -89.13
CA LEU B 192 -61.64 -8.98 -88.86
C LEU B 192 -60.84 -8.12 -89.82
N ALA B 193 -59.63 -8.55 -90.18
CA ALA B 193 -58.83 -7.79 -91.15
C ALA B 193 -59.47 -7.83 -92.53
N ARG B 194 -59.94 -9.01 -92.95
CA ARG B 194 -60.64 -9.10 -94.23
C ARG B 194 -61.86 -8.21 -94.24
N LEU B 195 -62.58 -8.15 -93.12
CA LEU B 195 -63.72 -7.25 -93.01
C LEU B 195 -63.30 -5.79 -93.06
N ARG B 196 -62.14 -5.48 -92.47
CA ARG B 196 -61.63 -4.12 -92.49
C ARG B 196 -61.28 -3.68 -93.90
N ASP B 197 -60.72 -4.60 -94.69
CA ASP B 197 -60.44 -4.29 -96.09
C ASP B 197 -61.70 -3.91 -96.84
N GLN B 198 -62.84 -4.50 -96.48
CA GLN B 198 -64.12 -4.18 -97.10
C GLN B 198 -64.07 -4.38 -98.60
N PHE C 6 -30.12 20.80 -89.45
CA PHE C 6 -30.43 19.40 -89.74
C PHE C 6 -29.21 18.52 -89.51
N LYS C 7 -29.42 17.44 -88.76
CA LYS C 7 -28.36 16.45 -88.43
C LYS C 7 -28.77 15.10 -89.03
N ALA C 8 -27.84 14.43 -89.74
CA ALA C 8 -28.18 13.17 -90.39
C ALA C 8 -28.22 12.01 -89.41
N GLU C 9 -27.14 11.83 -88.64
CA GLU C 9 -27.09 10.71 -87.70
C GLU C 9 -28.22 10.78 -86.68
N ARG C 10 -28.60 11.99 -86.28
CA ARG C 10 -29.76 12.14 -85.40
C ARG C 10 -31.00 11.56 -86.05
N LEU C 11 -31.22 11.88 -87.33
CA LEU C 11 -32.38 11.34 -88.05
C LEU C 11 -32.30 9.82 -88.14
N ARG C 12 -31.12 9.28 -88.41
CA ARG C 12 -30.95 7.84 -88.49
C ARG C 12 -31.33 7.16 -87.17
N VAL C 13 -30.78 7.67 -86.07
CA VAL C 13 -31.05 7.09 -84.76
C VAL C 13 -32.53 7.20 -84.42
N ASN C 14 -33.13 8.35 -84.69
CA ASN C 14 -34.55 8.52 -84.40
C ASN C 14 -35.41 7.59 -85.25
N LEU C 15 -35.00 7.34 -86.49
CA LEU C 15 -35.76 6.40 -87.33
C LEU C 15 -35.69 4.99 -86.76
N ARG C 16 -34.50 4.55 -86.35
CA ARG C 16 -34.38 3.23 -85.75
C ARG C 16 -35.23 3.13 -84.48
N LEU C 17 -35.19 4.18 -83.65
CA LEU C 17 -35.98 4.18 -82.43
C LEU C 17 -37.47 4.13 -82.74
N VAL C 18 -37.91 4.89 -83.75
CA VAL C 18 -39.32 4.87 -84.14
C VAL C 18 -39.72 3.47 -84.59
N ILE C 19 -38.86 2.80 -85.35
CA ILE C 19 -39.16 1.45 -85.81
C ILE C 19 -39.36 0.53 -84.62
N ASN C 20 -38.41 0.53 -83.69
CA ASN C 20 -38.53 -0.33 -82.52
C ASN C 20 -39.78 -0.03 -81.71
N ARG C 21 -40.06 1.26 -81.48
CA ARG C 21 -41.23 1.66 -80.72
C ARG C 21 -42.51 1.19 -81.40
N LEU C 22 -42.57 1.32 -82.73
CA LEU C 22 -43.77 0.88 -83.45
C LEU C 22 -43.95 -0.62 -83.33
N LYS C 23 -42.86 -1.38 -83.40
CA LYS C 23 -42.95 -2.82 -83.21
C LYS C 23 -43.56 -3.14 -81.84
N LEU C 24 -42.98 -2.59 -80.78
CA LEU C 24 -43.49 -2.84 -79.44
C LEU C 24 -44.97 -2.46 -79.34
N LEU C 25 -45.32 -1.29 -79.86
CA LEU C 25 -46.67 -0.78 -79.73
C LEU C 25 -47.66 -1.67 -80.46
N GLU C 26 -47.35 -2.08 -81.68
CA GLU C 26 -48.29 -2.93 -82.42
C GLU C 26 -48.44 -4.28 -81.75
N LYS C 27 -47.36 -4.85 -81.23
CA LYS C 27 -47.46 -6.09 -80.47
C LYS C 27 -48.45 -5.94 -79.31
N LYS C 28 -48.18 -5.00 -78.41
CA LYS C 28 -49.00 -4.90 -77.21
C LYS C 28 -50.43 -4.45 -77.56
N LYS C 29 -50.60 -3.73 -78.66
CA LYS C 29 -51.94 -3.33 -79.06
C LYS C 29 -52.73 -4.51 -79.59
N THR C 30 -52.07 -5.42 -80.32
CA THR C 30 -52.73 -6.65 -80.72
C THR C 30 -53.19 -7.45 -79.49
N GLU C 31 -52.32 -7.56 -78.49
CA GLU C 31 -52.70 -8.28 -77.28
C GLU C 31 -53.90 -7.63 -76.59
N LEU C 32 -53.81 -6.31 -76.35
CA LEU C 32 -54.91 -5.60 -75.73
C LEU C 32 -56.19 -5.72 -76.56
N ALA C 33 -56.06 -5.79 -77.88
CA ALA C 33 -57.23 -5.93 -78.74
C ALA C 33 -57.89 -7.29 -78.53
N GLN C 34 -57.09 -8.35 -78.41
CA GLN C 34 -57.65 -9.64 -78.06
C GLN C 34 -58.45 -9.56 -76.77
N LYS C 35 -57.85 -8.98 -75.73
CA LYS C 35 -58.50 -8.93 -74.43
C LYS C 35 -59.80 -8.11 -74.49
N ALA C 36 -59.75 -6.96 -75.18
CA ALA C 36 -60.95 -6.12 -75.25
C ALA C 36 -62.01 -6.73 -76.15
N ARG C 37 -61.62 -7.55 -77.12
CA ARG C 37 -62.60 -8.30 -77.89
C ARG C 37 -63.31 -9.31 -77.00
N LYS C 38 -62.56 -9.99 -76.13
CA LYS C 38 -63.22 -10.84 -75.14
C LYS C 38 -64.18 -10.04 -74.28
N GLU C 39 -63.78 -8.83 -73.88
CA GLU C 39 -64.67 -7.98 -73.10
C GLU C 39 -65.96 -7.65 -73.87
N ILE C 40 -65.83 -7.37 -75.17
CA ILE C 40 -67.02 -7.06 -75.96
C ILE C 40 -67.91 -8.29 -76.07
N ALA C 41 -67.31 -9.47 -76.19
CA ALA C 41 -68.11 -10.70 -76.19
C ALA C 41 -68.90 -10.82 -74.90
N ASP C 42 -68.24 -10.57 -73.77
CA ASP C 42 -68.94 -10.60 -72.48
C ASP C 42 -70.07 -9.58 -72.46
N TYR C 43 -69.83 -8.38 -72.99
CA TYR C 43 -70.87 -7.36 -73.04
C TYR C 43 -72.07 -7.84 -73.86
N LEU C 44 -71.81 -8.50 -74.98
CA LEU C 44 -72.88 -8.99 -75.83
C LEU C 44 -73.63 -10.15 -75.17
N ALA C 45 -72.95 -10.91 -74.30
CA ALA C 45 -73.63 -11.97 -73.56
C ALA C 45 -74.85 -11.43 -72.84
N ALA C 46 -74.72 -10.24 -72.24
CA ALA C 46 -75.86 -9.57 -71.63
C ALA C 46 -76.69 -8.87 -72.70
N GLY C 47 -77.76 -8.21 -72.27
CA GLY C 47 -78.60 -7.48 -73.20
C GLY C 47 -78.04 -6.16 -73.67
N LYS C 48 -76.92 -5.72 -73.09
CA LYS C 48 -76.30 -4.46 -73.46
C LYS C 48 -75.76 -4.56 -74.88
N ASP C 49 -76.36 -3.81 -75.80
CA ASP C 49 -75.98 -3.82 -77.21
C ASP C 49 -75.43 -2.49 -77.68
N GLU C 50 -76.11 -1.39 -77.37
CA GLU C 50 -75.66 -0.08 -77.83
C GLU C 50 -74.33 0.33 -77.22
N ARG C 51 -73.91 -0.35 -76.15
CA ARG C 51 -72.61 -0.11 -75.51
C ARG C 51 -71.50 -0.92 -76.17
N ALA C 52 -71.81 -2.16 -76.57
CA ALA C 52 -70.84 -2.95 -77.29
C ALA C 52 -70.43 -2.29 -78.60
N ARG C 53 -71.32 -1.49 -79.18
CA ARG C 53 -70.97 -0.76 -80.38
C ARG C 53 -69.88 0.28 -80.10
N ILE C 54 -69.96 0.95 -78.96
CA ILE C 54 -68.92 1.89 -78.59
C ILE C 54 -67.61 1.16 -78.33
N ARG C 55 -67.69 0.04 -77.63
CA ARG C 55 -66.47 -0.73 -77.36
C ARG C 55 -65.82 -1.19 -78.66
N VAL C 56 -66.61 -1.66 -79.61
CA VAL C 56 -66.04 -2.14 -80.86
C VAL C 56 -65.56 -0.97 -81.71
N GLU C 57 -66.15 0.22 -81.53
CA GLU C 57 -65.55 1.42 -82.13
C GLU C 57 -64.14 1.62 -81.62
N HIS C 58 -63.97 1.56 -80.29
CA HIS C 58 -62.63 1.57 -79.72
C HIS C 58 -61.74 0.54 -80.42
N ILE C 59 -62.23 -0.68 -80.56
CA ILE C 59 -61.40 -1.77 -81.10
C ILE C 59 -60.96 -1.46 -82.52
N ILE C 60 -61.90 -1.05 -83.37
CA ILE C 60 -61.57 -0.86 -84.78
C ILE C 60 -60.71 0.39 -84.95
N ARG C 61 -60.89 1.39 -84.09
CA ARG C 61 -59.94 2.50 -84.08
C ARG C 61 -58.54 2.00 -83.79
N GLU C 62 -58.39 1.16 -82.77
CA GLU C 62 -57.08 0.63 -82.43
C GLU C 62 -56.51 -0.22 -83.57
N ASP C 63 -57.37 -0.93 -84.30
CA ASP C 63 -56.88 -1.76 -85.40
C ASP C 63 -56.42 -0.91 -86.57
N TYR C 64 -57.21 0.11 -86.94
CA TYR C 64 -56.73 1.10 -87.90
C TYR C 64 -55.38 1.65 -87.47
N LEU C 65 -55.24 1.94 -86.18
CA LEU C 65 -53.99 2.51 -85.68
C LEU C 65 -52.83 1.54 -85.86
N VAL C 66 -53.07 0.26 -85.58
CA VAL C 66 -52.00 -0.74 -85.74
C VAL C 66 -51.60 -0.86 -87.19
N GLU C 67 -52.57 -0.87 -88.10
CA GLU C 67 -52.24 -0.93 -89.52
C GLU C 67 -51.45 0.30 -89.96
N ALA C 68 -51.85 1.48 -89.48
CA ALA C 68 -51.12 2.70 -89.81
C ALA C 68 -49.70 2.65 -89.27
N MET C 69 -49.52 2.09 -88.08
CA MET C 69 -48.19 1.96 -87.52
C MET C 69 -47.34 0.98 -88.33
N GLU C 70 -47.95 -0.09 -88.85
CA GLU C 70 -47.24 -0.97 -89.75
C GLU C 70 -46.76 -0.23 -90.99
N ILE C 71 -47.66 0.56 -91.59
CA ILE C 71 -47.28 1.32 -92.79
C ILE C 71 -46.15 2.31 -92.46
N LEU C 72 -46.23 2.95 -91.30
CA LEU C 72 -45.22 3.94 -90.93
C LEU C 72 -43.88 3.27 -90.67
N GLU C 73 -43.90 2.10 -90.02
CA GLU C 73 -42.67 1.34 -89.84
C GLU C 73 -42.06 0.99 -91.20
N LEU C 74 -42.91 0.55 -92.14
CA LEU C 74 -42.43 0.28 -93.49
C LEU C 74 -41.74 1.50 -94.09
N TYR C 75 -42.37 2.67 -93.99
CA TYR C 75 -41.81 3.86 -94.60
C TYR C 75 -40.52 4.30 -93.91
N CYS C 76 -40.48 4.22 -92.58
CA CYS C 76 -39.25 4.55 -91.87
C CYS C 76 -38.11 3.65 -92.29
N ASP C 77 -38.38 2.34 -92.40
CA ASP C 77 -37.34 1.42 -92.85
C ASP C 77 -36.94 1.72 -94.29
N LEU C 78 -37.89 2.17 -95.12
CA LEU C 78 -37.53 2.54 -96.49
C LEU C 78 -36.56 3.69 -96.49
N LEU C 79 -36.86 4.74 -95.74
CA LEU C 79 -35.94 5.87 -95.62
C LEU C 79 -34.59 5.41 -95.09
N LEU C 80 -34.60 4.52 -94.10
CA LEU C 80 -33.35 4.05 -93.50
C LEU C 80 -32.54 3.20 -94.46
N ALA C 81 -33.18 2.55 -95.44
CA ALA C 81 -32.47 1.78 -96.44
C ALA C 81 -31.90 2.66 -97.54
N ARG C 82 -32.48 3.83 -97.76
CA ARG C 82 -32.03 4.78 -98.77
C ARG C 82 -31.56 6.07 -98.12
N PHE C 83 -30.81 5.92 -97.02
CA PHE C 83 -30.36 7.09 -96.26
C PHE C 83 -29.27 7.85 -97.01
N GLY C 84 -28.35 7.13 -97.64
CA GLY C 84 -27.34 7.80 -98.43
C GLY C 84 -27.94 8.65 -99.53
N LEU C 85 -29.02 8.16 -100.15
CA LEU C 85 -29.71 8.95 -101.15
C LEU C 85 -30.33 10.20 -100.56
N ILE C 86 -30.58 10.21 -99.25
CA ILE C 86 -31.01 11.42 -98.57
C ILE C 86 -29.83 12.37 -98.39
N GLN C 87 -28.69 11.84 -97.94
CA GLN C 87 -27.54 12.69 -97.65
C GLN C 87 -26.96 13.30 -98.93
N SER C 88 -26.96 12.55 -100.02
CA SER C 88 -26.31 13.00 -101.25
C SER C 88 -27.08 14.15 -101.88
N MET C 89 -28.32 13.90 -102.29
CA MET C 89 -29.12 14.93 -102.93
C MET C 89 -29.49 16.02 -101.92
N LYS C 90 -29.99 17.13 -102.46
CA LYS C 90 -30.54 18.21 -101.65
C LYS C 90 -32.06 18.28 -101.71
N GLU C 91 -32.65 17.85 -102.82
CA GLU C 91 -34.09 17.73 -102.95
C GLU C 91 -34.45 16.25 -103.04
N LEU C 92 -35.53 15.85 -102.37
CA LEU C 92 -35.90 14.45 -102.34
C LEU C 92 -36.35 13.99 -103.73
N ASP C 93 -36.01 12.75 -104.06
CA ASP C 93 -36.43 12.16 -105.32
C ASP C 93 -37.84 11.60 -105.20
N SER C 94 -38.32 10.98 -106.28
CA SER C 94 -39.67 10.44 -106.28
C SER C 94 -39.78 9.22 -105.36
N GLY C 95 -38.73 8.39 -105.32
CA GLY C 95 -38.76 7.19 -104.50
C GLY C 95 -38.94 7.46 -103.02
N LEU C 96 -38.64 8.69 -102.57
CA LEU C 96 -38.74 9.05 -101.16
C LEU C 96 -39.80 10.10 -100.90
N ALA C 97 -40.56 10.53 -101.93
CA ALA C 97 -41.58 11.53 -101.72
C ALA C 97 -42.66 11.04 -100.78
N GLU C 98 -43.16 9.82 -101.01
CA GLU C 98 -44.25 9.30 -100.19
C GLU C 98 -43.82 9.14 -98.74
N SER C 99 -42.66 8.53 -98.52
CA SER C 99 -42.20 8.32 -97.15
C SER C 99 -42.09 9.63 -96.39
N VAL C 100 -41.40 10.61 -96.98
CA VAL C 100 -41.21 11.89 -96.30
C VAL C 100 -42.55 12.57 -96.05
N SER C 101 -43.40 12.60 -97.08
CA SER C 101 -44.69 13.27 -96.95
C SER C 101 -45.51 12.66 -95.82
N THR C 102 -45.62 11.33 -95.79
CA THR C 102 -46.43 10.69 -94.77
C THR C 102 -45.81 10.84 -93.39
N LEU C 103 -44.48 10.74 -93.30
CA LEU C 103 -43.85 10.86 -91.99
C LEU C 103 -43.92 12.28 -91.45
N ILE C 104 -44.08 13.28 -92.33
CA ILE C 104 -44.29 14.64 -91.86
C ILE C 104 -45.75 14.87 -91.52
N TRP C 105 -46.68 14.24 -92.25
CA TRP C 105 -48.09 14.47 -92.03
C TRP C 105 -48.60 13.74 -90.80
N ALA C 106 -48.11 12.52 -90.55
CA ALA C 106 -48.61 11.70 -89.47
C ALA C 106 -47.93 11.98 -88.14
N ALA C 107 -46.81 12.69 -88.15
CA ALA C 107 -46.10 12.97 -86.90
C ALA C 107 -47.00 13.63 -85.86
N PRO C 108 -47.68 14.74 -86.15
CA PRO C 108 -48.57 15.32 -85.13
C PRO C 108 -49.71 14.41 -84.75
N ARG C 109 -50.11 13.49 -85.64
CA ARG C 109 -51.18 12.56 -85.30
C ARG C 109 -50.73 11.58 -84.22
N LEU C 110 -49.59 10.91 -84.45
CA LEU C 110 -49.07 9.92 -83.53
C LEU C 110 -47.96 10.48 -82.64
N GLN C 111 -47.95 11.80 -82.41
CA GLN C 111 -46.91 12.39 -81.59
C GLN C 111 -46.98 11.90 -80.15
N SER C 112 -48.18 11.59 -79.66
CA SER C 112 -48.31 11.14 -78.27
C SER C 112 -47.82 9.71 -78.12
N GLU C 113 -48.19 8.83 -79.04
CA GLU C 113 -47.75 7.43 -78.96
C GLU C 113 -46.25 7.33 -79.15
N VAL C 114 -45.74 7.84 -80.28
CA VAL C 114 -44.33 7.78 -80.61
C VAL C 114 -43.79 9.21 -80.55
N ALA C 115 -42.88 9.45 -79.60
CA ALA C 115 -42.30 10.78 -79.44
C ALA C 115 -41.23 11.04 -80.49
N GLU C 116 -40.35 10.08 -80.74
CA GLU C 116 -39.27 10.25 -81.69
C GLU C 116 -39.76 10.62 -83.08
N LEU C 117 -41.02 10.30 -83.39
CA LEU C 117 -41.57 10.64 -84.70
C LEU C 117 -41.57 12.13 -84.93
N LYS C 118 -41.78 12.92 -83.88
CA LYS C 118 -41.73 14.37 -84.02
C LYS C 118 -40.32 14.84 -84.38
N ILE C 119 -39.30 14.22 -83.80
CA ILE C 119 -37.92 14.56 -84.16
C ILE C 119 -37.63 14.17 -85.61
N VAL C 120 -38.16 13.03 -86.04
CA VAL C 120 -38.00 12.64 -87.44
C VAL C 120 -38.64 13.68 -88.35
N ALA C 121 -39.85 14.11 -88.01
CA ALA C 121 -40.52 15.15 -88.78
C ALA C 121 -39.71 16.43 -88.81
N ASP C 122 -39.09 16.79 -87.68
CA ASP C 122 -38.23 17.96 -87.64
C ASP C 122 -37.08 17.83 -88.63
N GLN C 123 -36.31 16.75 -88.51
CA GLN C 123 -35.17 16.58 -89.41
C GLN C 123 -35.59 16.55 -90.87
N LEU C 124 -36.81 16.07 -91.16
CA LEU C 124 -37.28 16.04 -92.54
C LEU C 124 -37.88 17.37 -92.99
N CYS C 125 -38.23 18.26 -92.06
CA CYS C 125 -38.67 19.59 -92.42
C CYS C 125 -37.53 20.60 -92.42
N ALA C 126 -36.53 20.39 -91.57
CA ALA C 126 -35.37 21.27 -91.52
C ALA C 126 -34.37 21.01 -92.64
N LYS C 127 -34.53 19.91 -93.37
CA LYS C 127 -33.62 19.60 -94.46
C LYS C 127 -34.07 20.16 -95.79
N TYR C 128 -35.36 20.46 -95.94
CA TYR C 128 -35.92 20.90 -97.21
C TYR C 128 -36.46 22.32 -97.08
N SER C 129 -36.39 23.06 -98.19
CA SER C 129 -36.90 24.41 -98.27
C SER C 129 -37.95 24.59 -99.35
N LYS C 130 -37.94 23.75 -100.39
CA LYS C 130 -38.94 23.83 -101.46
C LYS C 130 -40.28 23.38 -100.90
N GLU C 131 -41.17 24.34 -100.63
CA GLU C 131 -42.47 24.04 -100.05
C GLU C 131 -42.33 23.36 -98.69
N TYR C 132 -41.30 23.71 -97.94
CA TYR C 132 -41.00 23.12 -96.64
C TYR C 132 -41.07 24.19 -95.56
N GLY C 133 -40.79 23.77 -94.33
CA GLY C 133 -41.06 24.60 -93.18
C GLY C 133 -42.47 24.35 -92.66
N LYS C 134 -42.62 24.43 -91.34
CA LYS C 134 -43.89 24.06 -90.71
C LYS C 134 -45.09 24.48 -91.55
N LEU C 135 -45.18 25.77 -91.88
CA LEU C 135 -46.30 26.26 -92.68
C LEU C 135 -46.31 25.60 -94.06
N CYS C 136 -45.22 25.76 -94.83
CA CYS C 136 -45.14 25.16 -96.15
C CYS C 136 -45.11 23.63 -96.09
N ARG C 137 -44.64 23.07 -94.97
CA ARG C 137 -44.66 21.62 -94.81
C ARG C 137 -46.09 21.11 -94.69
N THR C 138 -46.96 21.90 -94.04
CA THR C 138 -48.37 21.55 -93.99
C THR C 138 -49.07 21.89 -95.31
N ASN C 139 -48.57 22.89 -96.04
CA ASN C 139 -49.18 23.25 -97.32
C ASN C 139 -48.87 22.21 -98.39
N GLN C 140 -47.65 21.66 -98.39
CA GLN C 140 -47.23 20.67 -99.37
C GLN C 140 -47.46 19.24 -98.88
N ILE C 141 -48.46 19.03 -98.03
CA ILE C 141 -48.76 17.70 -97.51
C ILE C 141 -49.85 17.00 -98.32
N GLY C 142 -50.12 17.48 -99.53
CA GLY C 142 -51.16 16.90 -100.36
C GLY C 142 -50.66 15.79 -101.26
N THR C 143 -49.65 15.05 -100.80
CA THR C 143 -49.12 13.93 -101.57
C THR C 143 -48.86 12.71 -100.69
N VAL C 144 -49.54 12.60 -99.55
CA VAL C 144 -49.32 11.49 -98.63
C VAL C 144 -50.17 10.30 -99.05
N ASN C 145 -49.82 9.13 -98.53
CA ASN C 145 -50.57 7.92 -98.80
C ASN C 145 -52.00 8.05 -98.31
N ASP C 146 -52.96 7.95 -99.24
CA ASP C 146 -54.35 8.11 -98.88
C ASP C 146 -54.81 7.02 -97.91
N ARG C 147 -54.29 5.80 -98.09
CA ARG C 147 -54.67 4.71 -97.19
C ARG C 147 -54.31 5.03 -95.75
N LEU C 148 -53.07 5.49 -95.52
CA LEU C 148 -52.67 5.86 -94.18
C LEU C 148 -53.52 7.01 -93.64
N MET C 149 -53.87 7.96 -94.51
CA MET C 149 -54.77 9.03 -94.11
C MET C 149 -56.09 8.46 -93.62
N HIS C 150 -56.59 7.42 -94.27
CA HIS C 150 -57.85 6.81 -93.86
C HIS C 150 -57.69 6.06 -92.54
N LYS C 151 -56.57 5.35 -92.37
CA LYS C 151 -56.36 4.60 -91.13
C LYS C 151 -56.29 5.55 -89.94
N LEU C 152 -55.67 6.72 -90.11
CA LEU C 152 -55.54 7.71 -89.05
C LEU C 152 -56.61 8.78 -89.15
N SER C 153 -57.66 8.54 -89.93
CA SER C 153 -58.75 9.50 -90.06
C SER C 153 -59.59 9.47 -88.79
N VAL C 154 -59.79 10.64 -88.18
CA VAL C 154 -60.54 10.76 -86.93
C VAL C 154 -62.00 11.00 -87.33
N GLU C 155 -62.74 9.91 -87.49
CA GLU C 155 -64.13 10.01 -87.92
C GLU C 155 -64.90 8.81 -87.38
N ALA C 156 -66.19 9.01 -87.18
CA ALA C 156 -67.06 7.93 -86.74
C ALA C 156 -67.09 6.83 -87.80
N PRO C 157 -66.59 5.64 -87.51
CA PRO C 157 -66.58 4.58 -88.53
C PRO C 157 -67.96 4.28 -89.04
N PRO C 158 -68.09 3.66 -90.21
CA PRO C 158 -69.43 3.35 -90.74
C PRO C 158 -70.16 2.35 -89.86
N LYS C 159 -71.46 2.56 -89.71
CA LYS C 159 -72.25 1.73 -88.81
C LYS C 159 -72.29 0.29 -89.27
N ILE C 160 -72.41 0.07 -90.59
CA ILE C 160 -72.46 -1.29 -91.11
C ILE C 160 -71.19 -2.05 -90.76
N LEU C 161 -70.06 -1.34 -90.81
CA LEU C 161 -68.74 -1.94 -90.47
C LEU C 161 -68.77 -2.39 -89.00
N VAL C 162 -69.34 -1.55 -88.13
CA VAL C 162 -69.45 -1.87 -86.68
C VAL C 162 -70.32 -3.12 -86.51
N GLU C 163 -71.42 -3.20 -87.28
CA GLU C 163 -72.34 -4.37 -87.20
C GLU C 163 -71.59 -5.63 -87.63
N ARG C 164 -70.79 -5.52 -88.70
CA ARG C 164 -70.00 -6.68 -89.21
C ARG C 164 -69.00 -7.10 -88.13
N TYR C 165 -68.37 -6.13 -87.46
CA TYR C 165 -67.39 -6.43 -86.39
C TYR C 165 -68.09 -7.16 -85.24
N LEU C 166 -69.30 -6.71 -84.90
CA LEU C 166 -70.05 -7.35 -83.82
C LEU C 166 -70.52 -8.74 -84.22
N ILE C 167 -70.99 -8.89 -85.47
CA ILE C 167 -71.43 -10.19 -85.95
C ILE C 167 -70.29 -11.20 -85.86
N GLU C 168 -69.10 -10.81 -86.31
CA GLU C 168 -67.97 -11.73 -86.29
C GLU C 168 -67.58 -12.09 -84.86
N ILE C 169 -67.50 -11.09 -83.98
CA ILE C 169 -67.10 -11.37 -82.61
C ILE C 169 -68.11 -12.29 -81.94
N ALA C 170 -69.41 -12.03 -82.14
CA ALA C 170 -70.44 -12.89 -81.57
C ALA C 170 -70.31 -14.31 -82.11
N LYS C 171 -70.24 -14.45 -83.44
CA LYS C 171 -70.12 -15.76 -84.05
C LYS C 171 -68.90 -16.53 -83.53
N ASN C 172 -67.83 -15.81 -83.18
CA ASN C 172 -66.63 -16.48 -82.70
C ASN C 172 -66.76 -16.87 -81.24
N TYR C 173 -67.35 -16.01 -80.41
CA TYR C 173 -67.43 -16.25 -78.98
C TYR C 173 -68.71 -16.97 -78.57
N ASN C 174 -69.44 -17.55 -79.52
CA ASN C 174 -70.62 -18.37 -79.22
C ASN C 174 -71.66 -17.56 -78.44
N VAL C 175 -71.92 -16.34 -78.90
CA VAL C 175 -72.92 -15.48 -78.29
C VAL C 175 -73.94 -15.08 -79.35
N PRO C 176 -75.23 -15.09 -79.05
CA PRO C 176 -76.20 -14.60 -80.04
C PRO C 176 -76.18 -13.10 -80.15
N TYR C 177 -76.52 -12.60 -81.34
CA TYR C 177 -76.57 -11.17 -81.58
C TYR C 177 -77.45 -10.90 -82.78
N GLU C 178 -78.39 -9.97 -82.64
CA GLU C 178 -79.32 -9.60 -83.72
C GLU C 178 -78.91 -8.25 -84.28
N PRO C 179 -78.26 -8.20 -85.44
CA PRO C 179 -77.80 -6.91 -85.97
C PRO C 179 -78.96 -5.95 -86.23
N ASP C 180 -78.65 -4.67 -86.17
CA ASP C 180 -79.63 -3.63 -86.50
C ASP C 180 -79.93 -3.71 -87.99
N SER C 181 -81.13 -4.17 -88.33
CA SER C 181 -81.45 -4.36 -89.74
C SER C 181 -81.38 -3.05 -90.51
N VAL C 182 -81.74 -1.93 -89.86
CA VAL C 182 -81.77 -0.64 -90.55
C VAL C 182 -80.43 -0.36 -91.21
N VAL C 183 -79.33 -0.70 -90.54
CA VAL C 183 -77.99 -0.46 -91.04
C VAL C 183 -77.44 -1.75 -91.66
N MET C 184 -77.86 -2.90 -91.13
CA MET C 184 -77.37 -4.17 -91.64
C MET C 184 -77.82 -4.45 -93.07
N ALA C 185 -78.92 -3.84 -93.51
CA ALA C 185 -79.45 -4.06 -94.84
C ALA C 185 -79.18 -2.91 -95.80
N GLU C 186 -79.09 -1.68 -95.30
CA GLU C 186 -78.85 -0.51 -96.15
C GLU C 186 -77.37 -0.45 -96.53
N ASN D 3 -48.94 5.46 -39.41
CA ASN D 3 -50.09 5.90 -38.64
C ASN D 3 -51.28 4.97 -38.88
N MET D 4 -51.62 4.76 -40.15
CA MET D 4 -52.76 3.91 -40.48
C MET D 4 -52.54 2.47 -40.06
N GLU D 5 -51.28 2.02 -40.03
CA GLU D 5 -50.99 0.65 -39.60
C GLU D 5 -51.44 0.43 -38.16
N LYS D 6 -51.26 1.44 -37.31
CA LYS D 6 -51.72 1.33 -35.92
C LYS D 6 -53.23 1.17 -35.85
N HIS D 7 -53.96 1.96 -36.64
CA HIS D 7 -55.41 1.86 -36.66
C HIS D 7 -55.85 0.50 -37.17
N LEU D 8 -55.17 -0.03 -38.19
CA LEU D 8 -55.48 -1.37 -38.67
C LEU D 8 -55.26 -2.41 -37.57
N PHE D 9 -54.14 -2.29 -36.85
CA PHE D 9 -53.86 -3.21 -35.75
C PHE D 9 -54.97 -3.16 -34.71
N ASN D 10 -55.39 -1.95 -34.33
CA ASN D 10 -56.45 -1.82 -33.34
C ASN D 10 -57.75 -2.42 -33.85
N LEU D 11 -58.06 -2.23 -35.13
CA LEU D 11 -59.28 -2.78 -35.69
C LEU D 11 -59.27 -4.31 -35.64
N LYS D 12 -58.16 -4.92 -36.07
CA LYS D 12 -58.08 -6.37 -36.05
C LYS D 12 -58.13 -6.90 -34.62
N PHE D 13 -57.50 -6.19 -33.69
CA PHE D 13 -57.56 -6.59 -32.29
C PHE D 13 -58.99 -6.54 -31.77
N ALA D 14 -59.74 -5.49 -32.11
CA ALA D 14 -61.13 -5.41 -31.69
C ALA D 14 -61.97 -6.53 -32.29
N ALA D 15 -61.73 -6.87 -33.55
CA ALA D 15 -62.46 -7.97 -34.16
C ALA D 15 -62.18 -9.28 -33.44
N LYS D 16 -60.90 -9.55 -33.16
CA LYS D 16 -60.57 -10.78 -32.44
C LYS D 16 -61.19 -10.79 -31.05
N GLU D 17 -61.21 -9.64 -30.38
CA GLU D 17 -61.83 -9.56 -29.07
C GLU D 17 -63.32 -9.88 -29.15
N LEU D 18 -64.01 -9.35 -30.17
CA LEU D 18 -65.42 -9.64 -30.33
C LEU D 18 -65.65 -11.13 -30.57
N SER D 19 -64.80 -11.75 -31.39
CA SER D 19 -64.94 -13.18 -31.64
C SER D 19 -64.76 -13.98 -30.35
N ARG D 20 -63.70 -13.66 -29.59
CA ARG D 20 -63.48 -14.33 -28.32
C ARG D 20 -64.68 -14.17 -27.39
N SER D 21 -65.23 -12.96 -27.33
CA SER D 21 -66.37 -12.71 -26.46
C SER D 21 -67.59 -13.51 -26.90
N ALA D 22 -67.81 -13.63 -28.20
CA ALA D 22 -68.92 -14.45 -28.70
C ALA D 22 -68.74 -15.91 -28.28
N LYS D 23 -67.52 -16.44 -28.44
CA LYS D 23 -67.26 -17.81 -28.02
C LYS D 23 -67.53 -17.99 -26.52
N LYS D 24 -67.03 -17.06 -25.71
CA LYS D 24 -67.22 -17.13 -24.27
C LYS D 24 -68.70 -17.08 -23.91
N CYS D 25 -69.47 -16.24 -24.59
CA CYS D 25 -70.89 -16.11 -24.28
C CYS D 25 -71.65 -17.38 -24.67
N ASP D 26 -71.28 -17.99 -25.79
CA ASP D 26 -71.87 -19.28 -26.15
C ASP D 26 -71.60 -20.32 -25.06
N LYS D 27 -70.35 -20.37 -24.59
CA LYS D 27 -70.01 -21.29 -23.51
C LYS D 27 -70.86 -21.03 -22.26
N GLU D 28 -71.00 -19.76 -21.90
CA GLU D 28 -71.79 -19.42 -20.72
C GLU D 28 -73.24 -19.81 -20.89
N GLU D 29 -73.78 -19.68 -22.11
CA GLU D 29 -75.14 -20.14 -22.36
C GLU D 29 -75.23 -21.65 -22.14
N LYS D 30 -74.26 -22.39 -22.66
CA LYS D 30 -74.27 -23.85 -22.47
C LYS D 30 -74.26 -24.20 -20.98
N ALA D 31 -73.56 -23.42 -20.17
CA ALA D 31 -73.52 -23.67 -18.73
C ALA D 31 -74.85 -23.32 -18.06
N GLU D 32 -75.40 -22.16 -18.41
CA GLU D 32 -76.66 -21.74 -17.81
C GLU D 32 -77.79 -22.69 -18.16
N LYS D 33 -77.70 -23.40 -19.29
CA LYS D 33 -78.69 -24.40 -19.60
C LYS D 33 -78.65 -25.56 -18.60
N ALA D 34 -77.44 -26.00 -18.24
CA ALA D 34 -77.31 -27.00 -17.18
C ALA D 34 -77.93 -26.49 -15.88
N LYS D 35 -77.64 -25.22 -15.54
CA LYS D 35 -78.14 -24.69 -14.28
C LYS D 35 -79.67 -24.61 -14.27
N ILE D 36 -80.27 -24.21 -15.38
CA ILE D 36 -81.73 -24.12 -15.45
C ILE D 36 -82.34 -25.52 -15.38
N GLU D 37 -81.69 -26.51 -15.99
CA GLU D 37 -82.18 -27.88 -15.86
C GLU D 37 -82.17 -28.32 -14.39
N LYS D 38 -81.06 -28.06 -13.70
CA LYS D 38 -81.00 -28.40 -12.28
C LYS D 38 -82.11 -27.71 -11.51
N ALA D 39 -82.29 -26.41 -11.74
CA ALA D 39 -83.26 -25.65 -10.95
C ALA D 39 -84.69 -26.10 -11.25
N ILE D 40 -84.99 -26.48 -12.50
CA ILE D 40 -86.31 -26.99 -12.81
C ILE D 40 -86.50 -28.38 -12.21
N GLN D 41 -85.42 -29.11 -11.99
CA GLN D 41 -85.54 -30.37 -11.25
C GLN D 41 -85.85 -30.11 -9.78
N LYS D 42 -85.14 -29.18 -9.16
CA LYS D 42 -85.38 -28.85 -7.75
C LYS D 42 -86.75 -28.21 -7.53
N GLY D 43 -87.41 -27.74 -8.58
CA GLY D 43 -88.70 -27.09 -8.45
C GLY D 43 -88.66 -25.58 -8.35
N ASN D 44 -87.47 -24.99 -8.29
CA ASN D 44 -87.35 -23.53 -8.20
C ASN D 44 -87.82 -22.90 -9.51
N MET D 45 -88.96 -22.21 -9.46
CA MET D 45 -89.46 -21.51 -10.64
C MET D 45 -88.71 -20.20 -10.85
N GLU D 46 -88.42 -19.47 -9.77
CA GLU D 46 -87.78 -18.17 -9.90
C GLU D 46 -86.33 -18.31 -10.35
N VAL D 47 -85.60 -19.27 -9.79
CA VAL D 47 -84.23 -19.48 -10.22
C VAL D 47 -84.20 -19.99 -11.66
N ALA D 48 -85.19 -20.80 -12.04
CA ALA D 48 -85.29 -21.23 -13.43
C ALA D 48 -85.52 -20.04 -14.35
N ARG D 49 -86.38 -19.10 -13.93
CA ARG D 49 -86.59 -17.89 -14.71
C ARG D 49 -85.29 -17.10 -14.85
N ILE D 50 -84.56 -16.94 -13.75
CA ILE D 50 -83.31 -16.19 -13.78
C ILE D 50 -82.33 -16.83 -14.75
N HIS D 51 -82.15 -18.14 -14.64
CA HIS D 51 -81.18 -18.82 -15.49
C HIS D 51 -81.63 -18.85 -16.95
N ALA D 52 -82.94 -18.90 -17.20
CA ALA D 52 -83.44 -18.81 -18.57
C ALA D 52 -83.15 -17.43 -19.16
N GLU D 53 -83.40 -16.38 -18.37
CA GLU D 53 -83.06 -15.04 -18.83
C GLU D 53 -81.57 -14.95 -19.16
N ASN D 54 -80.72 -15.48 -18.27
CA ASN D 54 -79.28 -15.43 -18.52
C ASN D 54 -78.92 -16.19 -19.80
N ALA D 55 -79.51 -17.37 -20.00
CA ALA D 55 -79.18 -18.17 -21.16
C ALA D 55 -79.60 -17.49 -22.46
N ILE D 56 -80.84 -16.98 -22.49
CA ILE D 56 -81.32 -16.29 -23.68
C ILE D 56 -80.48 -15.05 -23.97
N ARG D 57 -80.15 -14.29 -22.92
CA ARG D 57 -79.32 -13.11 -23.09
C ARG D 57 -77.95 -13.47 -23.66
N GLN D 58 -77.33 -14.52 -23.12
CA GLN D 58 -76.02 -14.93 -23.60
C GLN D 58 -76.09 -15.38 -25.03
N LYS D 59 -77.12 -16.13 -25.40
CA LYS D 59 -77.29 -16.57 -26.79
C LYS D 59 -77.38 -15.37 -27.72
N ASN D 60 -78.30 -14.44 -27.40
CA ASN D 60 -78.51 -13.28 -28.27
C ASN D 60 -77.26 -12.43 -28.37
N GLN D 61 -76.58 -12.19 -27.24
CA GLN D 61 -75.41 -11.33 -27.27
C GLN D 61 -74.24 -12.04 -27.94
N ALA D 62 -74.19 -13.37 -27.91
CA ALA D 62 -73.17 -14.08 -28.65
C ALA D 62 -73.40 -13.94 -30.15
N VAL D 63 -74.66 -14.08 -30.59
CA VAL D 63 -74.96 -13.87 -32.00
C VAL D 63 -74.60 -12.45 -32.41
N ASN D 64 -74.93 -11.47 -31.57
CA ASN D 64 -74.62 -10.09 -31.88
C ASN D 64 -73.12 -9.86 -31.97
N PHE D 65 -72.36 -10.40 -31.02
CA PHE D 65 -70.92 -10.27 -31.05
C PHE D 65 -70.34 -10.92 -32.30
N LEU D 66 -70.91 -12.05 -32.72
CA LEU D 66 -70.40 -12.72 -33.92
C LEU D 66 -70.63 -11.87 -35.16
N ARG D 67 -71.85 -11.35 -35.32
CA ARG D 67 -72.13 -10.47 -36.46
C ARG D 67 -71.24 -9.23 -36.42
N MET D 68 -71.07 -8.65 -35.24
CA MET D 68 -70.25 -7.46 -35.08
C MET D 68 -68.79 -7.75 -35.46
N SER D 69 -68.27 -8.88 -35.01
CA SER D 69 -66.91 -9.26 -35.36
C SER D 69 -66.77 -9.50 -36.85
N ALA D 70 -67.80 -10.06 -37.50
CA ALA D 70 -67.76 -10.22 -38.94
C ALA D 70 -67.66 -8.86 -39.64
N ARG D 71 -68.46 -7.90 -39.19
CA ARG D 71 -68.42 -6.56 -39.78
C ARG D 71 -67.04 -5.94 -39.61
N VAL D 72 -66.49 -6.00 -38.39
CA VAL D 72 -65.19 -5.42 -38.14
C VAL D 72 -64.11 -6.14 -38.93
N ASP D 73 -64.28 -7.45 -39.14
CA ASP D 73 -63.32 -8.20 -39.95
C ASP D 73 -63.35 -7.72 -41.39
N ALA D 74 -64.54 -7.51 -41.94
CA ALA D 74 -64.63 -6.97 -43.30
C ALA D 74 -63.94 -5.62 -43.39
N VAL D 75 -64.23 -4.73 -42.43
CA VAL D 75 -63.64 -3.40 -42.46
C VAL D 75 -62.13 -3.48 -42.35
N ALA D 76 -61.63 -4.35 -41.47
CA ALA D 76 -60.19 -4.46 -41.27
C ALA D 76 -59.50 -5.05 -42.49
N ALA D 77 -60.13 -6.02 -43.16
CA ALA D 77 -59.59 -6.54 -44.40
C ALA D 77 -59.50 -5.44 -45.45
N ARG D 78 -60.55 -4.63 -45.55
CA ARG D 78 -60.53 -3.52 -46.50
C ARG D 78 -59.41 -2.55 -46.18
N VAL D 79 -59.22 -2.22 -44.89
CA VAL D 79 -58.20 -1.26 -44.50
C VAL D 79 -56.81 -1.84 -44.74
N GLN D 80 -56.64 -3.15 -44.53
CA GLN D 80 -55.35 -3.78 -44.77
C GLN D 80 -55.02 -3.77 -46.27
N THR D 81 -56.02 -4.06 -47.10
CA THR D 81 -55.85 -3.91 -48.54
C THR D 81 -55.43 -2.49 -48.88
N ALA D 82 -56.09 -1.50 -48.29
CA ALA D 82 -55.77 -0.11 -48.58
C ALA D 82 -54.33 0.22 -48.17
N VAL D 83 -53.90 -0.30 -47.02
CA VAL D 83 -52.54 -0.02 -46.55
C VAL D 83 -51.52 -0.62 -47.51
N THR D 84 -51.71 -1.89 -47.87
CA THR D 84 -50.77 -2.54 -48.78
C THR D 84 -50.74 -1.83 -50.12
N MET D 85 -51.90 -1.45 -50.65
CA MET D 85 -51.94 -0.75 -51.92
C MET D 85 -51.34 0.64 -51.81
N GLY D 86 -51.44 1.27 -50.65
CA GLY D 86 -50.78 2.56 -50.47
C GLY D 86 -49.27 2.43 -50.49
N LYS D 87 -48.75 1.39 -49.83
CA LYS D 87 -47.31 1.12 -49.93
C LYS D 87 -46.91 0.88 -51.37
N VAL D 88 -47.69 0.08 -52.10
CA VAL D 88 -47.37 -0.23 -53.49
C VAL D 88 -47.37 1.05 -54.33
N THR D 89 -48.39 1.90 -54.13
CA THR D 89 -48.50 3.12 -54.90
C THR D 89 -47.35 4.07 -54.59
N LYS D 90 -46.97 4.18 -53.32
CA LYS D 90 -45.83 5.01 -52.96
C LYS D 90 -44.56 4.50 -53.62
N SER D 91 -44.34 3.18 -53.59
CA SER D 91 -43.15 2.61 -54.21
C SER D 91 -43.14 2.86 -55.71
N MET D 92 -44.31 2.74 -56.36
CA MET D 92 -44.34 2.95 -57.79
C MET D 92 -44.19 4.43 -58.15
N ALA D 93 -44.64 5.33 -57.28
CA ALA D 93 -44.38 6.75 -57.49
C ALA D 93 -42.89 7.05 -57.38
N GLY D 94 -42.23 6.50 -56.36
CA GLY D 94 -40.80 6.67 -56.25
C GLY D 94 -40.06 6.11 -57.46
N VAL D 95 -40.49 4.94 -57.93
CA VAL D 95 -39.87 4.33 -59.11
C VAL D 95 -40.09 5.21 -60.32
N VAL D 96 -41.29 5.79 -60.46
CA VAL D 96 -41.56 6.66 -61.59
C VAL D 96 -40.66 7.89 -61.55
N LYS D 97 -40.47 8.48 -60.37
CA LYS D 97 -39.60 9.64 -60.25
C LYS D 97 -38.16 9.29 -60.63
N SER D 98 -37.64 8.18 -60.07
CA SER D 98 -36.27 7.80 -60.36
C SER D 98 -36.08 7.49 -61.84
N MET D 99 -37.01 6.73 -62.42
CA MET D 99 -36.91 6.40 -63.84
C MET D 99 -37.05 7.63 -64.70
N ASP D 100 -37.86 8.62 -64.28
CA ASP D 100 -37.96 9.85 -65.04
C ASP D 100 -36.62 10.58 -65.05
N ALA D 101 -36.02 10.75 -63.88
CA ALA D 101 -34.71 11.38 -63.82
C ALA D 101 -33.71 10.64 -64.71
N THR D 102 -33.66 9.32 -64.59
CA THR D 102 -32.68 8.54 -65.34
C THR D 102 -32.92 8.66 -66.84
N LEU D 103 -34.13 8.32 -67.30
CA LEU D 103 -34.45 8.39 -68.72
C LEU D 103 -34.30 9.80 -69.27
N LYS D 104 -34.36 10.82 -68.40
CA LYS D 104 -34.02 12.16 -68.85
C LYS D 104 -32.51 12.29 -69.06
N THR D 105 -31.73 11.78 -68.10
CA THR D 105 -30.28 11.81 -68.24
C THR D 105 -29.81 10.82 -69.32
N MET D 106 -30.21 9.56 -69.20
CA MET D 106 -29.83 8.50 -70.12
C MET D 106 -31.04 8.18 -70.99
N ASN D 107 -31.18 8.92 -72.08
CA ASN D 107 -32.31 8.73 -72.98
C ASN D 107 -31.91 7.79 -74.11
N LEU D 108 -32.85 7.55 -75.03
CA LEU D 108 -32.62 6.58 -76.09
C LEU D 108 -31.57 7.07 -77.08
N GLU D 109 -31.55 8.36 -77.37
CA GLU D 109 -30.52 8.91 -78.25
C GLU D 109 -29.14 8.67 -77.65
N LYS D 110 -28.94 9.10 -76.41
CA LYS D 110 -27.64 8.94 -75.76
C LYS D 110 -27.26 7.48 -75.62
N ILE D 111 -28.23 6.62 -75.30
CA ILE D 111 -27.94 5.21 -75.13
C ILE D 111 -27.51 4.59 -76.46
N SER D 112 -28.24 4.89 -77.53
CA SER D 112 -27.88 4.37 -78.84
C SER D 112 -26.50 4.85 -79.26
N ALA D 113 -26.20 6.13 -79.06
CA ALA D 113 -24.88 6.64 -79.42
C ALA D 113 -23.79 5.98 -78.59
N LEU D 114 -24.04 5.83 -77.28
CA LEU D 114 -23.08 5.19 -76.41
C LEU D 114 -22.81 3.76 -76.84
N MET D 115 -23.84 3.06 -77.30
CA MET D 115 -23.66 1.67 -77.70
C MET D 115 -22.95 1.55 -79.04
N ASP D 116 -23.26 2.45 -79.98
CA ASP D 116 -22.48 2.50 -81.20
C ASP D 116 -21.01 2.77 -80.89
N LYS D 117 -20.75 3.65 -79.94
CA LYS D 117 -19.38 3.95 -79.54
C LYS D 117 -18.71 2.74 -78.90
N PHE D 118 -19.44 2.02 -78.04
CA PHE D 118 -18.90 0.80 -77.44
C PHE D 118 -18.51 -0.19 -78.52
N GLU D 119 -19.43 -0.44 -79.47
CA GLU D 119 -19.17 -1.39 -80.54
C GLU D 119 -17.94 -0.98 -81.35
N HIS D 120 -17.87 0.30 -81.72
CA HIS D 120 -16.75 0.76 -82.55
C HIS D 120 -15.43 0.71 -81.79
N GLN D 121 -15.45 1.08 -80.51
CA GLN D 121 -14.24 1.02 -79.70
C GLN D 121 -13.73 -0.40 -79.58
N PHE D 122 -14.63 -1.36 -79.37
CA PHE D 122 -14.18 -2.74 -79.21
C PHE D 122 -13.84 -3.39 -80.54
N GLU D 123 -14.39 -2.89 -81.65
CA GLU D 123 -13.90 -3.30 -82.96
C GLU D 123 -12.47 -2.81 -83.17
N THR D 124 -12.22 -1.54 -82.86
CA THR D 124 -10.86 -1.02 -82.91
C THR D 124 -9.94 -1.85 -82.01
N LEU D 125 -10.45 -2.28 -80.87
CA LEU D 125 -9.65 -3.12 -79.98
C LEU D 125 -9.42 -4.51 -80.58
N ASP D 126 -10.38 -4.96 -81.38
CA ASP D 126 -10.25 -6.26 -82.11
C ASP D 126 -9.08 -6.13 -83.10
N VAL D 127 -8.99 -4.99 -83.79
CA VAL D 127 -7.93 -4.73 -84.76
C VAL D 127 -6.59 -4.62 -84.04
N GLN D 128 -6.56 -3.88 -82.94
CA GLN D 128 -5.34 -3.75 -82.15
C GLN D 128 -4.86 -5.11 -81.67
N THR D 129 -5.79 -5.95 -81.20
CA THR D 129 -5.40 -7.27 -80.71
C THR D 129 -4.81 -8.11 -81.83
N GLN D 130 -5.45 -8.09 -83.00
CA GLN D 130 -4.94 -8.87 -84.13
C GLN D 130 -3.52 -8.42 -84.50
N GLN D 131 -3.32 -7.12 -84.65
CA GLN D 131 -2.01 -6.61 -85.03
C GLN D 131 -0.98 -6.91 -83.95
N MET D 132 -1.33 -6.64 -82.70
CA MET D 132 -0.45 -6.92 -81.58
C MET D 132 -0.05 -8.39 -81.55
N GLU D 133 -0.99 -9.28 -81.89
CA GLU D 133 -0.69 -10.70 -81.86
C GLU D 133 0.21 -11.09 -83.02
N ASP D 134 -0.05 -10.55 -84.20
CA ASP D 134 0.85 -10.76 -85.33
C ASP D 134 2.27 -10.38 -84.94
N THR D 135 2.44 -9.22 -84.30
CA THR D 135 3.78 -8.78 -83.93
C THR D 135 4.38 -9.66 -82.84
N MET D 136 3.59 -9.97 -81.80
CA MET D 136 4.07 -10.85 -80.73
C MET D 136 4.58 -12.16 -81.31
N SER D 137 3.87 -12.70 -82.30
CA SER D 137 4.30 -13.96 -82.91
C SER D 137 5.57 -13.75 -83.75
N SER D 138 5.62 -12.66 -84.51
CA SER D 138 6.80 -12.40 -85.33
C SER D 138 8.04 -12.19 -84.48
N THR D 139 7.88 -11.72 -83.24
CA THR D 139 9.03 -11.50 -82.37
C THR D 139 9.72 -12.83 -82.03
N THR D 140 8.95 -13.85 -81.71
CA THR D 140 9.47 -15.14 -81.28
C THR D 140 9.11 -16.18 -82.32
N THR D 141 9.97 -16.31 -83.34
CA THR D 141 9.81 -17.29 -84.39
C THR D 141 10.94 -18.29 -84.45
N LEU D 142 12.11 -17.99 -83.87
CA LEU D 142 13.23 -18.91 -83.85
C LEU D 142 13.18 -19.87 -82.67
N THR D 143 12.41 -19.55 -81.64
CA THR D 143 12.17 -20.47 -80.55
C THR D 143 11.04 -21.45 -80.84
N THR D 144 10.13 -21.07 -81.74
CA THR D 144 8.97 -21.88 -82.11
C THR D 144 8.97 -22.06 -83.63
N PRO D 145 9.79 -22.95 -84.17
CA PRO D 145 9.75 -23.20 -85.60
C PRO D 145 8.50 -23.96 -86.00
N GLN D 146 7.87 -23.52 -87.10
CA GLN D 146 6.66 -24.18 -87.58
C GLN D 146 6.92 -25.65 -87.89
N ASN D 147 8.08 -25.96 -88.47
CA ASN D 147 8.38 -27.34 -88.83
C ASN D 147 8.41 -28.24 -87.60
N GLN D 148 9.03 -27.77 -86.51
CA GLN D 148 9.10 -28.58 -85.30
C GLN D 148 7.72 -28.82 -84.71
N VAL D 149 6.87 -27.81 -84.71
CA VAL D 149 5.52 -27.96 -84.18
C VAL D 149 4.74 -28.96 -85.03
N ASP D 150 4.83 -28.83 -86.36
CA ASP D 150 4.16 -29.78 -87.24
C ASP D 150 4.63 -31.19 -86.97
N MET D 151 5.94 -31.39 -86.84
CA MET D 151 6.47 -32.72 -86.59
C MET D 151 5.99 -33.27 -85.26
N LEU D 152 5.99 -32.44 -84.21
CA LEU D 152 5.52 -32.90 -82.91
C LEU D 152 4.05 -33.32 -82.99
N LEU D 153 3.23 -32.53 -83.67
CA LEU D 153 1.82 -32.90 -83.80
C LEU D 153 1.65 -34.19 -84.57
N GLN D 154 2.42 -34.37 -85.65
CA GLN D 154 2.33 -35.60 -86.42
C GLN D 154 2.73 -36.80 -85.58
N GLU D 155 3.81 -36.68 -84.81
CA GLU D 155 4.25 -37.80 -83.99
C GLU D 155 3.22 -38.11 -82.91
N MET D 156 2.68 -37.09 -82.25
CA MET D 156 1.71 -37.34 -81.20
C MET D 156 0.44 -37.97 -81.77
N ALA D 157 0.01 -37.53 -82.95
CA ALA D 157 -1.14 -38.13 -83.59
C ALA D 157 -0.87 -39.60 -83.91
N ASP D 158 0.23 -39.87 -84.64
CA ASP D 158 0.55 -41.23 -85.02
C ASP D 158 0.66 -42.14 -83.81
N GLU D 159 1.22 -41.63 -82.71
CA GLU D 159 1.28 -42.41 -81.48
C GLU D 159 -0.12 -42.67 -80.94
N ALA D 160 -0.97 -41.64 -80.90
CA ALA D 160 -2.35 -41.82 -80.48
C ALA D 160 -3.17 -42.59 -81.50
N GLY D 161 -2.63 -42.84 -82.69
CA GLY D 161 -3.34 -43.54 -83.74
C GLY D 161 -4.42 -42.73 -84.42
N LEU D 162 -4.79 -41.58 -83.89
CA LEU D 162 -5.88 -40.78 -84.45
C LEU D 162 -5.36 -39.97 -85.64
N ASP D 163 -6.19 -39.06 -86.14
CA ASP D 163 -5.82 -38.16 -87.22
C ASP D 163 -6.30 -36.76 -86.86
N LEU D 164 -5.73 -35.77 -87.55
CA LEU D 164 -5.99 -34.36 -87.27
C LEU D 164 -6.71 -33.74 -88.45
N ASN D 165 -7.87 -33.15 -88.19
CA ASN D 165 -8.64 -32.47 -89.23
C ASN D 165 -9.00 -31.06 -88.80
N GLU D 187 12.44 -28.18 -99.05
CA GLU D 187 11.37 -28.85 -99.78
C GLU D 187 10.81 -27.93 -100.87
N LEU D 188 9.70 -27.28 -100.59
CA LEU D 188 9.14 -26.33 -101.55
C LEU D 188 10.07 -25.15 -101.80
N SER D 189 10.82 -24.76 -100.76
CA SER D 189 11.70 -23.60 -100.91
C SER D 189 12.72 -23.82 -102.02
N GLN D 190 13.19 -25.06 -102.20
CA GLN D 190 14.16 -25.33 -103.25
C GLN D 190 13.53 -25.17 -104.63
N ARG D 191 12.32 -25.66 -104.82
CA ARG D 191 11.63 -25.47 -106.09
C ARG D 191 11.38 -24.00 -106.35
N LEU D 192 11.01 -23.24 -105.31
CA LEU D 192 10.79 -21.82 -105.49
C LEU D 192 12.08 -21.09 -105.84
N ALA D 193 13.21 -21.52 -105.26
CA ALA D 193 14.48 -20.90 -105.59
C ALA D 193 14.89 -21.22 -107.03
N ARG D 194 14.70 -22.48 -107.45
CA ARG D 194 14.98 -22.83 -108.84
C ARG D 194 14.11 -22.02 -109.78
N LEU D 195 12.85 -21.79 -109.41
CA LEU D 195 11.98 -20.94 -110.22
C LEU D 195 12.45 -19.50 -110.22
N ARG D 196 12.97 -19.03 -109.09
CA ARG D 196 13.49 -17.67 -109.01
C ARG D 196 14.70 -17.48 -109.91
N ASP D 197 15.55 -18.50 -110.00
CA ASP D 197 16.69 -18.42 -110.91
C ASP D 197 16.22 -18.24 -112.35
N GLN D 198 15.09 -18.82 -112.70
CA GLN D 198 14.53 -18.68 -114.04
C GLN D 198 15.51 -19.14 -115.11
N PHE E 6 37.60 8.92 -90.68
CA PHE E 6 37.44 7.47 -90.84
C PHE E 6 38.16 6.71 -89.74
N LYS E 7 37.43 5.77 -89.13
CA LYS E 7 37.95 4.91 -88.04
C LYS E 7 37.92 3.46 -88.53
N ALA E 8 39.02 2.72 -88.36
CA ALA E 8 39.09 1.34 -88.85
C ALA E 8 38.35 0.38 -87.94
N GLU E 9 38.66 0.39 -86.64
CA GLU E 9 38.01 -0.54 -85.72
C GLU E 9 36.51 -0.35 -85.69
N ARG E 10 36.05 0.90 -85.85
CA ARG E 10 34.62 1.14 -85.96
C ARG E 10 34.03 0.39 -87.14
N LEU E 11 34.71 0.47 -88.29
CA LEU E 11 34.25 -0.25 -89.48
C LEU E 11 34.24 -1.75 -89.25
N ARG E 12 35.28 -2.27 -88.61
CA ARG E 12 35.35 -3.70 -88.31
C ARG E 12 34.16 -4.14 -87.46
N VAL E 13 33.92 -3.42 -86.37
CA VAL E 13 32.83 -3.77 -85.46
C VAL E 13 31.49 -3.68 -86.17
N ASN E 14 31.29 -2.62 -86.95
CA ASN E 14 30.03 -2.48 -87.67
C ASN E 14 29.84 -3.58 -88.70
N LEU E 15 30.93 -4.04 -89.33
CA LEU E 15 30.82 -5.14 -90.28
C LEU E 15 30.39 -6.41 -89.58
N ARG E 16 31.02 -6.72 -88.44
CA ARG E 16 30.62 -7.91 -87.70
C ARG E 16 29.15 -7.82 -87.27
N LEU E 17 28.73 -6.65 -86.80
CA LEU E 17 27.34 -6.46 -86.40
C LEU E 17 26.40 -6.64 -87.58
N VAL E 18 26.76 -6.11 -88.73
CA VAL E 18 25.93 -6.26 -89.93
C VAL E 18 25.80 -7.73 -90.29
N ILE E 19 26.90 -8.47 -90.20
CA ILE E 19 26.86 -9.91 -90.50
C ILE E 19 25.88 -10.61 -89.59
N ASN E 20 26.00 -10.39 -88.28
CA ASN E 20 25.10 -11.05 -87.33
C ASN E 20 23.65 -10.66 -87.59
N ARG E 21 23.41 -9.37 -87.81
CA ARG E 21 22.04 -8.90 -88.06
C ARG E 21 21.46 -9.53 -89.32
N LEU E 22 22.27 -9.65 -90.37
CA LEU E 22 21.79 -10.28 -91.60
C LEU E 22 21.45 -11.73 -91.38
N LYS E 23 22.28 -12.44 -90.60
CA LYS E 23 21.96 -13.83 -90.28
C LYS E 23 20.60 -13.94 -89.59
N LEU E 24 20.41 -13.17 -88.51
CA LEU E 24 19.14 -13.21 -87.80
C LEU E 24 17.98 -12.89 -88.73
N LEU E 25 18.14 -11.84 -89.55
CA LEU E 25 17.05 -11.39 -90.41
C LEU E 25 16.69 -12.45 -91.44
N GLU E 26 17.68 -13.05 -92.08
CA GLU E 26 17.37 -14.05 -93.10
C GLU E 26 16.72 -15.28 -92.46
N LYS E 27 17.18 -15.69 -91.28
CA LYS E 27 16.51 -16.78 -90.57
C LYS E 27 15.02 -16.48 -90.37
N LYS E 28 14.73 -15.38 -89.67
CA LYS E 28 13.34 -15.10 -89.33
C LYS E 28 12.51 -14.81 -90.57
N LYS E 29 13.13 -14.29 -91.63
CA LYS E 29 12.39 -14.03 -92.86
C LYS E 29 12.04 -15.33 -93.56
N THR E 30 12.95 -16.32 -93.53
CA THR E 30 12.59 -17.65 -94.04
C THR E 30 11.40 -18.22 -93.30
N GLU E 31 11.42 -18.11 -91.96
CA GLU E 31 10.30 -18.62 -91.18
C GLU E 31 8.99 -17.92 -91.55
N LEU E 32 9.01 -16.59 -91.53
CA LEU E 32 7.82 -15.83 -91.90
C LEU E 32 7.37 -16.15 -93.31
N ALA E 33 8.31 -16.46 -94.21
CA ALA E 33 7.95 -16.80 -95.57
C ALA E 33 7.20 -18.13 -95.61
N GLN E 34 7.67 -19.11 -94.83
CA GLN E 34 6.91 -20.36 -94.71
C GLN E 34 5.47 -20.07 -94.28
N LYS E 35 5.32 -19.29 -93.20
CA LYS E 35 3.98 -19.04 -92.66
C LYS E 35 3.10 -18.32 -93.68
N ALA E 36 3.65 -17.31 -94.35
CA ALA E 36 2.85 -16.55 -95.31
C ALA E 36 2.57 -17.36 -96.56
N ARG E 37 3.43 -18.31 -96.91
CA ARG E 37 3.11 -19.25 -97.99
C ARG E 37 1.92 -20.11 -97.61
N LYS E 38 1.89 -20.59 -96.37
CA LYS E 38 0.70 -21.29 -95.90
C LYS E 38 -0.54 -20.39 -96.01
N GLU E 39 -0.39 -19.11 -95.66
CA GLU E 39 -1.51 -18.18 -95.78
C GLU E 39 -1.97 -18.06 -97.24
N ILE E 40 -1.03 -18.00 -98.18
CA ILE E 40 -1.41 -17.90 -99.59
C ILE E 40 -2.11 -19.17 -100.03
N ALA E 41 -1.67 -20.33 -99.54
CA ALA E 41 -2.37 -21.57 -99.85
C ALA E 41 -3.81 -21.51 -99.37
N ASP E 42 -4.01 -21.02 -98.14
CA ASP E 42 -5.37 -20.85 -97.63
C ASP E 42 -6.17 -19.90 -98.51
N TYR E 43 -5.55 -18.81 -98.95
CA TYR E 43 -6.24 -17.87 -99.83
C TYR E 43 -6.66 -18.54 -101.12
N LEU E 44 -5.80 -19.38 -101.68
CA LEU E 44 -6.14 -20.07 -102.93
C LEU E 44 -7.21 -21.13 -102.71
N ALA E 45 -7.30 -21.69 -101.51
CA ALA E 45 -8.37 -22.63 -101.22
C ALA E 45 -9.73 -22.03 -101.55
N ALA E 46 -9.93 -20.76 -101.22
CA ALA E 46 -11.13 -20.04 -101.60
C ALA E 46 -11.03 -19.58 -103.05
N GLY E 47 -12.06 -18.91 -103.53
CA GLY E 47 -12.07 -18.40 -104.89
C GLY E 47 -11.24 -17.15 -105.09
N LYS E 48 -10.72 -16.57 -104.02
CA LYS E 48 -9.91 -15.35 -104.11
C LYS E 48 -8.59 -15.68 -104.81
N ASP E 49 -8.40 -15.14 -106.01
CA ASP E 49 -7.22 -15.39 -106.82
C ASP E 49 -6.39 -14.12 -107.03
N GLU E 50 -7.03 -13.02 -107.44
CA GLU E 50 -6.30 -11.79 -107.71
C GLU E 50 -5.63 -11.22 -106.45
N ARG E 51 -6.04 -11.68 -105.28
CA ARG E 51 -5.44 -11.27 -104.01
C ARG E 51 -4.23 -12.12 -103.66
N ALA E 52 -4.31 -13.43 -103.94
CA ALA E 52 -3.16 -14.29 -103.72
C ALA E 52 -1.97 -13.85 -104.55
N ARG E 53 -2.21 -13.21 -105.70
CA ARG E 53 -1.11 -12.69 -106.50
C ARG E 53 -0.39 -11.57 -105.75
N ILE E 54 -1.13 -10.71 -105.06
CA ILE E 54 -0.50 -9.65 -104.27
C ILE E 54 0.29 -10.27 -103.12
N ARG E 55 -0.31 -11.26 -102.45
CA ARG E 55 0.39 -11.89 -101.34
C ARG E 55 1.69 -12.55 -101.82
N VAL E 56 1.65 -13.22 -102.97
CA VAL E 56 2.86 -13.88 -103.45
C VAL E 56 3.85 -12.86 -103.98
N GLU E 57 3.38 -11.69 -104.41
CA GLU E 57 4.31 -10.60 -104.69
C GLU E 57 5.08 -10.22 -103.43
N HIS E 58 4.36 -10.05 -102.32
CA HIS E 58 5.02 -9.87 -101.03
C HIS E 58 6.07 -10.95 -100.80
N ILE E 59 5.69 -12.21 -101.02
CA ILE E 59 6.58 -13.33 -100.72
C ILE E 59 7.85 -13.26 -101.55
N ILE E 60 7.70 -13.05 -102.86
CA ILE E 60 8.88 -13.10 -103.73
C ILE E 60 9.74 -11.87 -103.53
N ARG E 61 9.14 -10.74 -103.15
CA ARG E 61 9.93 -9.59 -102.72
C ARG E 61 10.79 -9.97 -101.52
N GLU E 62 10.18 -10.60 -100.51
CA GLU E 62 10.93 -11.00 -99.34
C GLU E 62 12.02 -12.00 -99.68
N ASP E 63 11.78 -12.88 -100.66
CA ASP E 63 12.79 -13.87 -101.03
C ASP E 63 13.96 -13.21 -101.75
N TYR E 64 13.67 -12.32 -102.71
CA TYR E 64 14.71 -11.49 -103.28
C TYR E 64 15.52 -10.81 -102.19
N LEU E 65 14.83 -10.28 -101.19
CA LEU E 65 15.52 -9.58 -100.10
C LEU E 65 16.44 -10.51 -99.33
N VAL E 66 15.99 -11.73 -99.05
CA VAL E 66 16.82 -12.68 -98.32
C VAL E 66 18.06 -13.04 -99.13
N GLU E 67 17.89 -13.25 -100.43
CA GLU E 67 19.04 -13.55 -101.28
C GLU E 67 20.02 -12.38 -101.31
N ALA E 68 19.49 -11.15 -101.40
CA ALA E 68 20.36 -9.98 -101.39
C ALA E 68 21.09 -9.86 -100.06
N MET E 69 20.43 -10.19 -98.96
CA MET E 69 21.09 -10.16 -97.66
C MET E 69 22.17 -11.21 -97.57
N GLU E 70 21.96 -12.38 -98.17
CA GLU E 70 23.01 -13.39 -98.23
C GLU E 70 24.22 -12.85 -98.98
N ILE E 71 23.99 -12.23 -100.14
CA ILE E 71 25.09 -11.68 -100.91
C ILE E 71 25.82 -10.60 -100.11
N LEU E 72 25.07 -9.76 -99.40
CA LEU E 72 25.69 -8.67 -98.64
C LEU E 72 26.49 -9.21 -97.47
N GLU E 73 25.98 -10.24 -96.80
CA GLU E 73 26.75 -10.91 -95.76
C GLU E 73 28.05 -11.46 -96.32
N LEU E 74 27.98 -12.09 -97.49
CA LEU E 74 29.18 -12.58 -98.16
C LEU E 74 30.18 -11.45 -98.36
N TYR E 75 29.73 -10.32 -98.89
CA TYR E 75 30.64 -9.22 -99.19
C TYR E 75 31.22 -8.61 -97.92
N CYS E 76 30.40 -8.45 -96.88
CA CYS E 76 30.90 -7.93 -95.61
C CYS E 76 31.98 -8.85 -95.05
N ASP E 77 31.73 -10.16 -95.08
CA ASP E 77 32.74 -11.09 -94.61
C ASP E 77 33.99 -11.04 -95.47
N LEU E 78 33.84 -10.79 -96.77
CA LEU E 78 35.01 -10.65 -97.64
C LEU E 78 35.85 -9.47 -97.21
N LEU E 79 35.21 -8.31 -97.01
CA LEU E 79 35.94 -7.15 -96.52
C LEU E 79 36.60 -7.44 -95.18
N LEU E 80 35.88 -8.13 -94.29
CA LEU E 80 36.42 -8.43 -92.97
C LEU E 80 37.59 -9.40 -93.02
N ALA E 81 37.66 -10.23 -94.06
CA ALA E 81 38.80 -11.14 -94.23
C ALA E 81 40.01 -10.44 -94.82
N ARG E 82 39.79 -9.36 -95.56
CA ARG E 82 40.86 -8.58 -96.20
C ARG E 82 40.90 -7.18 -95.61
N PHE E 83 40.76 -7.08 -94.29
CA PHE E 83 40.71 -5.78 -93.62
C PHE E 83 42.07 -5.11 -93.61
N GLY E 84 43.13 -5.88 -93.36
CA GLY E 84 44.47 -5.32 -93.43
C GLY E 84 44.77 -4.71 -94.78
N LEU E 85 44.30 -5.34 -95.85
CA LEU E 85 44.48 -4.78 -97.19
C LEU E 85 43.72 -3.48 -97.34
N ILE E 86 42.69 -3.26 -96.52
CA ILE E 86 42.02 -1.97 -96.49
C ILE E 86 42.89 -0.95 -95.76
N GLN E 87 43.42 -1.33 -94.60
CA GLN E 87 44.18 -0.37 -93.80
C GLN E 87 45.49 0.01 -94.48
N SER E 88 46.13 -0.92 -95.17
CA SER E 88 47.45 -0.65 -95.75
C SER E 88 47.36 0.32 -96.91
N MET E 89 46.65 -0.06 -97.96
CA MET E 89 46.52 0.80 -99.13
C MET E 89 45.67 2.03 -98.80
N LYS E 90 45.72 3.01 -99.70
CA LYS E 90 44.87 4.18 -99.63
C LYS E 90 43.75 4.16 -100.67
N GLU E 91 43.97 3.53 -101.81
CA GLU E 91 42.94 3.30 -102.81
C GLU E 91 42.62 1.81 -102.87
N LEU E 92 41.33 1.49 -102.98
CA LEU E 92 40.92 0.10 -102.96
C LEU E 92 41.42 -0.62 -104.21
N ASP E 93 41.80 -1.89 -104.04
CA ASP E 93 42.25 -2.70 -105.14
C ASP E 93 41.05 -3.30 -105.86
N SER E 94 41.32 -4.13 -106.87
CA SER E 94 40.24 -4.74 -107.65
C SER E 94 39.48 -5.77 -106.83
N GLY E 95 40.19 -6.53 -105.99
CA GLY E 95 39.55 -7.55 -105.20
C GLY E 95 38.49 -7.04 -104.25
N LEU E 96 38.53 -5.74 -103.92
CA LEU E 96 37.58 -5.15 -103.00
C LEU E 96 36.67 -4.11 -103.66
N ALA E 97 36.79 -3.91 -104.98
CA ALA E 97 35.95 -2.94 -105.65
C ALA E 97 34.48 -3.31 -105.56
N GLU E 98 34.16 -4.57 -105.86
CA GLU E 98 32.77 -5.00 -105.86
C GLU E 98 32.15 -4.87 -104.47
N SER E 99 32.85 -5.37 -103.44
CA SER E 99 32.31 -5.32 -102.09
C SER E 99 32.01 -3.89 -101.68
N VAL E 100 32.99 -2.99 -101.83
CA VAL E 100 32.81 -1.60 -101.42
C VAL E 100 31.68 -0.96 -102.21
N SER E 101 31.68 -1.16 -103.52
CA SER E 101 30.66 -0.55 -104.37
C SER E 101 29.26 -0.98 -103.95
N THR E 102 29.06 -2.28 -103.78
CA THR E 102 27.73 -2.78 -103.42
C THR E 102 27.34 -2.35 -102.02
N LEU E 103 28.29 -2.37 -101.07
CA LEU E 103 27.95 -1.98 -99.72
C LEU E 103 27.66 -0.49 -99.60
N ILE E 104 28.17 0.31 -100.52
CA ILE E 104 27.82 1.72 -100.53
C ILE E 104 26.49 1.95 -101.26
N TRP E 105 26.21 1.15 -102.29
CA TRP E 105 24.99 1.35 -103.07
C TRP E 105 23.77 0.81 -102.36
N ALA E 106 23.89 -0.30 -101.65
CA ALA E 106 22.76 -0.95 -101.03
C ALA E 106 22.45 -0.39 -99.64
N ALA E 107 23.37 0.35 -99.04
CA ALA E 107 23.13 0.88 -97.70
C ALA E 107 21.84 1.66 -97.61
N PRO E 108 21.58 2.67 -98.46
CA PRO E 108 20.30 3.38 -98.36
C PRO E 108 19.10 2.50 -98.65
N ARG E 109 19.29 1.42 -99.42
CA ARG E 109 18.20 0.51 -99.70
C ARG E 109 17.78 -0.24 -98.44
N LEU E 110 18.73 -0.88 -97.77
CA LEU E 110 18.48 -1.67 -96.57
C LEU E 110 18.79 -0.90 -95.29
N GLN E 111 18.75 0.43 -95.34
CA GLN E 111 19.07 1.22 -94.16
C GLN E 111 18.07 0.98 -93.04
N SER E 112 16.81 0.71 -93.38
CA SER E 112 15.79 0.51 -92.36
C SER E 112 15.95 -0.85 -91.69
N GLU E 113 16.19 -1.90 -92.47
CA GLU E 113 16.37 -3.23 -91.90
C GLU E 113 17.64 -3.29 -91.06
N VAL E 114 18.78 -2.97 -91.65
CA VAL E 114 20.07 -3.01 -91.00
C VAL E 114 20.55 -1.58 -90.83
N ALA E 115 20.66 -1.13 -89.58
CA ALA E 115 21.11 0.24 -89.32
C ALA E 115 22.62 0.37 -89.47
N GLU E 116 23.37 -0.59 -88.92
CA GLU E 116 24.83 -0.52 -88.96
C GLU E 116 25.36 -0.43 -90.38
N LEU E 117 24.57 -0.87 -91.36
CA LEU E 117 25.01 -0.80 -92.76
C LEU E 117 25.28 0.64 -93.19
N LYS E 118 24.51 1.59 -92.65
CA LYS E 118 24.74 2.98 -92.98
C LYS E 118 26.09 3.45 -92.44
N ILE E 119 26.46 2.99 -91.23
CA ILE E 119 27.76 3.33 -90.67
C ILE E 119 28.87 2.72 -91.51
N VAL E 120 28.67 1.48 -91.97
CA VAL E 120 29.65 0.86 -92.85
C VAL E 120 29.83 1.69 -94.12
N ALA E 121 28.71 2.12 -94.71
CA ALA E 121 28.77 2.97 -95.90
C ALA E 121 29.51 4.26 -95.60
N ASP E 122 29.30 4.83 -94.43
CA ASP E 122 30.01 6.04 -94.04
C ASP E 122 31.51 5.80 -94.02
N GLN E 123 31.95 4.80 -93.27
CA GLN E 123 33.38 4.52 -93.17
C GLN E 123 33.98 4.21 -94.53
N LEU E 124 33.20 3.64 -95.44
CA LEU E 124 33.72 3.34 -96.78
C LEU E 124 33.66 4.53 -97.71
N CYS E 125 32.86 5.54 -97.40
CA CYS E 125 32.85 6.78 -98.17
C CYS E 125 33.80 7.82 -97.62
N ALA E 126 34.01 7.82 -96.29
CA ALA E 126 34.93 8.75 -95.67
C ALA E 126 36.39 8.35 -95.81
N LYS E 127 36.66 7.13 -96.28
CA LYS E 127 38.03 6.66 -96.45
C LYS E 127 38.58 6.97 -97.85
N TYR E 128 37.71 7.17 -98.83
CA TYR E 128 38.12 7.35 -100.22
C TYR E 128 37.74 8.74 -100.70
N SER E 129 38.56 9.27 -101.60
CA SER E 129 38.32 10.56 -102.23
C SER E 129 38.22 10.50 -103.74
N LYS E 130 38.82 9.49 -104.38
CA LYS E 130 38.75 9.32 -105.82
C LYS E 130 37.33 8.92 -106.19
N GLU E 131 36.56 9.86 -106.72
CA GLU E 131 35.15 9.62 -107.06
C GLU E 131 34.35 9.18 -105.85
N TYR E 132 34.69 9.72 -104.69
CA TYR E 132 34.04 9.37 -103.42
C TYR E 132 33.37 10.61 -102.83
N GLY E 133 32.78 10.45 -101.67
CA GLY E 133 31.90 11.45 -101.11
C GLY E 133 30.48 11.22 -101.59
N LYS E 134 29.52 11.53 -100.72
CA LYS E 134 28.11 11.21 -101.00
C LYS E 134 27.75 11.42 -102.47
N LEU E 135 28.01 12.61 -102.98
CA LEU E 135 27.71 12.90 -104.39
C LEU E 135 28.52 12.01 -105.31
N CYS E 136 29.85 12.09 -105.21
CA CYS E 136 30.70 11.26 -106.05
C CYS E 136 30.58 9.78 -105.72
N ARG E 137 30.19 9.44 -104.50
CA ARG E 137 29.95 8.04 -104.15
C ARG E 137 28.74 7.50 -104.88
N THR E 138 27.72 8.34 -105.09
CA THR E 138 26.59 7.94 -105.91
C THR E 138 26.92 8.01 -107.39
N ASN E 139 27.85 8.89 -107.78
CA ASN E 139 28.22 8.98 -109.19
C ASN E 139 29.07 7.78 -109.63
N GLN E 140 29.95 7.31 -108.76
CA GLN E 140 30.82 6.18 -109.05
C GLN E 140 30.23 4.85 -108.60
N ILE E 141 28.91 4.73 -108.56
CA ILE E 141 28.25 3.52 -108.14
C ILE E 141 27.87 2.64 -109.33
N GLY E 142 28.48 2.87 -110.49
CA GLY E 142 28.17 2.10 -111.68
C GLY E 142 29.04 0.88 -111.85
N THR E 143 29.46 0.28 -110.73
CA THR E 143 30.28 -0.93 -110.77
C THR E 143 29.81 -1.96 -109.75
N VAL E 144 28.56 -1.90 -109.32
CA VAL E 144 28.05 -2.81 -108.30
C VAL E 144 27.58 -4.10 -108.96
N ASN E 145 27.43 -5.14 -108.15
CA ASN E 145 26.93 -6.43 -108.63
C ASN E 145 25.54 -6.27 -109.21
N ASP E 146 25.39 -6.58 -110.49
CA ASP E 146 24.10 -6.44 -111.15
C ASP E 146 23.05 -7.36 -110.53
N ARG E 147 23.46 -8.57 -110.13
CA ARG E 147 22.51 -9.49 -109.53
C ARG E 147 21.90 -8.89 -108.26
N LEU E 148 22.73 -8.35 -107.38
CA LEU E 148 22.20 -7.72 -106.17
C LEU E 148 21.30 -6.54 -106.52
N MET E 149 21.67 -5.78 -107.55
CA MET E 149 20.79 -4.70 -108.00
C MET E 149 19.43 -5.24 -108.38
N HIS E 150 19.39 -6.41 -109.02
CA HIS E 150 18.11 -6.99 -109.42
C HIS E 150 17.34 -7.49 -108.21
N LYS E 151 18.03 -8.10 -107.24
CA LYS E 151 17.34 -8.59 -106.05
C LYS E 151 16.71 -7.45 -105.27
N LEU E 152 17.39 -6.31 -105.20
CA LEU E 152 16.88 -5.14 -104.49
C LEU E 152 16.20 -4.15 -105.44
N SER E 153 15.88 -4.58 -106.66
CA SER E 153 15.20 -3.71 -107.60
C SER E 153 13.74 -3.56 -107.18
N VAL E 154 13.30 -2.32 -107.05
CA VAL E 154 11.93 -2.02 -106.62
C VAL E 154 11.09 -1.91 -107.89
N GLU E 155 10.55 -3.05 -108.32
CA GLU E 155 9.77 -3.10 -109.54
C GLU E 155 8.74 -4.22 -109.44
N ALA E 156 7.63 -4.06 -110.15
CA ALA E 156 6.61 -5.08 -110.19
C ALA E 156 7.17 -6.34 -110.81
N PRO E 157 7.28 -7.46 -110.09
CA PRO E 157 7.87 -8.67 -110.66
C PRO E 157 7.10 -9.12 -111.89
N PRO E 158 7.71 -9.95 -112.74
CA PRO E 158 6.99 -10.41 -113.94
C PRO E 158 5.80 -11.27 -113.58
N LYS E 159 4.71 -11.09 -114.34
CA LYS E 159 3.47 -11.79 -114.03
C LYS E 159 3.64 -13.30 -114.16
N ILE E 160 4.37 -13.76 -115.18
CA ILE E 160 4.55 -15.19 -115.38
C ILE E 160 5.24 -15.81 -114.18
N LEU E 161 6.20 -15.06 -113.61
CA LEU E 161 6.94 -15.54 -112.41
C LEU E 161 5.95 -15.71 -111.26
N VAL E 162 5.01 -14.77 -111.11
CA VAL E 162 3.98 -14.82 -110.04
C VAL E 162 3.11 -16.07 -110.26
N GLU E 163 2.75 -16.34 -111.52
CA GLU E 163 1.91 -17.51 -111.86
C GLU E 163 2.67 -18.79 -111.49
N ARG E 164 3.97 -18.83 -111.79
CA ARG E 164 4.81 -20.02 -111.48
C ARG E 164 4.86 -20.20 -109.96
N TYR E 165 4.99 -19.10 -109.22
CA TYR E 165 5.03 -19.15 -107.73
C TYR E 165 3.69 -19.70 -107.21
N LEU E 166 2.58 -19.26 -107.79
CA LEU E 166 1.27 -19.73 -107.37
C LEU E 166 1.06 -21.19 -107.74
N ILE E 167 1.49 -21.57 -108.94
CA ILE E 167 1.36 -22.97 -109.37
C ILE E 167 2.09 -23.88 -108.40
N GLU E 168 3.33 -23.52 -108.04
CA GLU E 168 4.10 -24.37 -107.15
C GLU E 168 3.46 -24.45 -105.77
N ILE E 169 3.04 -23.31 -105.23
CA ILE E 169 2.45 -23.31 -103.89
C ILE E 169 1.18 -24.15 -103.88
N ALA E 170 0.34 -24.00 -104.91
CA ALA E 170 -0.88 -24.80 -104.99
C ALA E 170 -0.55 -26.29 -105.10
N LYS E 171 0.34 -26.65 -106.01
CA LYS E 171 0.72 -28.05 -106.17
C LYS E 171 1.27 -28.64 -104.88
N ASN E 172 1.92 -27.82 -104.05
CA ASN E 172 2.47 -28.35 -102.81
C ASN E 172 1.41 -28.47 -101.72
N TYR E 173 0.50 -27.51 -101.63
CA TYR E 173 -0.50 -27.49 -100.57
C TYR E 173 -1.80 -28.19 -100.97
N ASN E 174 -1.79 -28.96 -102.04
CA ASN E 174 -2.95 -29.77 -102.43
C ASN E 174 -4.19 -28.89 -102.67
N VAL E 175 -3.99 -27.79 -103.38
CA VAL E 175 -5.09 -26.88 -103.71
C VAL E 175 -5.14 -26.72 -105.23
N PRO E 176 -6.33 -26.75 -105.83
CA PRO E 176 -6.42 -26.50 -107.27
C PRO E 176 -6.21 -25.03 -107.59
N TYR E 177 -5.67 -24.77 -108.78
CA TYR E 177 -5.45 -23.41 -109.23
C TYR E 177 -5.33 -23.40 -110.75
N GLU E 178 -6.07 -22.51 -111.40
CA GLU E 178 -6.06 -22.38 -112.86
C GLU E 178 -5.28 -21.13 -113.25
N PRO E 179 -4.04 -21.26 -113.71
CA PRO E 179 -3.25 -20.06 -114.02
C PRO E 179 -3.90 -19.23 -115.11
N ASP E 180 -3.60 -17.94 -115.10
CA ASP E 180 -4.06 -17.03 -116.14
C ASP E 180 -3.35 -17.38 -117.43
N SER E 181 -4.08 -17.95 -118.38
CA SER E 181 -3.45 -18.42 -119.61
C SER E 181 -2.79 -17.26 -120.36
N VAL E 182 -3.39 -16.06 -120.30
CA VAL E 182 -2.87 -14.91 -121.04
C VAL E 182 -1.41 -14.69 -120.72
N VAL E 183 -1.03 -14.85 -119.46
CA VAL E 183 0.35 -14.64 -119.02
C VAL E 183 1.06 -15.99 -118.92
N MET E 184 0.32 -17.04 -118.60
CA MET E 184 0.92 -18.36 -118.45
C MET E 184 1.45 -18.91 -119.76
N ALA E 185 0.94 -18.44 -120.90
CA ALA E 185 1.38 -18.92 -122.20
C ALA E 185 2.29 -17.94 -122.94
N GLU E 186 2.14 -16.64 -122.71
CA GLU E 186 2.94 -15.64 -123.39
C GLU E 186 4.32 -15.57 -122.73
N ASN F 3 -30.09 -17.60 57.56
CA ASN F 3 -29.06 -17.76 58.57
C ASN F 3 -29.37 -18.95 59.47
N MET F 4 -30.58 -18.97 60.02
CA MET F 4 -30.96 -20.05 60.94
C MET F 4 -31.03 -21.39 60.22
N GLU F 5 -31.31 -21.39 58.92
CA GLU F 5 -31.36 -22.65 58.17
C GLU F 5 -29.98 -23.32 58.18
N LYS F 6 -28.91 -22.53 58.09
CA LYS F 6 -27.57 -23.10 58.15
C LYS F 6 -27.31 -23.76 59.50
N HIS F 7 -27.72 -23.10 60.58
CA HIS F 7 -27.54 -23.68 61.91
C HIS F 7 -28.35 -24.95 62.07
N LEU F 8 -29.56 -24.98 61.53
CA LEU F 8 -30.37 -26.20 61.55
C LEU F 8 -29.66 -27.32 60.80
N PHE F 9 -29.12 -27.00 59.62
CA PHE F 9 -28.40 -28.01 58.85
C PHE F 9 -27.23 -28.56 59.64
N ASN F 10 -26.45 -27.68 60.28
CA ASN F 10 -25.31 -28.14 61.07
C ASN F 10 -25.76 -29.01 62.24
N LEU F 11 -26.87 -28.64 62.88
CA LEU F 11 -27.37 -29.43 64.00
C LEU F 11 -27.76 -30.83 63.54
N LYS F 12 -28.52 -30.92 62.45
CA LYS F 12 -28.93 -32.23 61.95
C LYS F 12 -27.74 -33.06 61.51
N PHE F 13 -26.74 -32.40 60.91
CA PHE F 13 -25.52 -33.11 60.52
C PHE F 13 -24.80 -33.67 61.74
N ALA F 14 -24.71 -32.87 62.81
CA ALA F 14 -24.06 -33.35 64.02
C ALA F 14 -24.82 -34.53 64.63
N ALA F 15 -26.15 -34.47 64.62
CA ALA F 15 -26.94 -35.58 65.13
C ALA F 15 -26.68 -36.85 64.34
N LYS F 16 -26.69 -36.74 63.01
CA LYS F 16 -26.42 -37.91 62.18
C LYS F 16 -25.01 -38.45 62.43
N GLU F 17 -24.05 -37.55 62.60
CA GLU F 17 -22.68 -37.98 62.89
C GLU F 17 -22.62 -38.75 64.20
N LEU F 18 -23.32 -38.26 65.23
CA LEU F 18 -23.34 -38.96 66.51
C LEU F 18 -23.97 -40.34 66.37
N SER F 19 -25.05 -40.44 65.59
CA SER F 19 -25.68 -41.75 65.40
C SER F 19 -24.72 -42.71 64.68
N ARG F 20 -24.08 -42.24 63.61
CA ARG F 20 -23.11 -43.06 62.91
C ARG F 20 -22.00 -43.53 63.86
N SER F 21 -21.50 -42.61 64.70
CA SER F 21 -20.43 -42.96 65.62
C SER F 21 -20.89 -44.01 66.63
N ALA F 22 -22.13 -43.90 67.11
CA ALA F 22 -22.65 -44.90 68.03
C ALA F 22 -22.71 -46.26 67.36
N LYS F 23 -23.21 -46.31 66.12
CA LYS F 23 -23.24 -47.58 65.39
C LYS F 23 -21.84 -48.17 65.24
N LYS F 24 -20.88 -47.33 64.84
CA LYS F 24 -19.52 -47.79 64.65
C LYS F 24 -18.92 -48.32 65.96
N CYS F 25 -19.20 -47.64 67.07
CA CYS F 25 -18.66 -48.07 68.35
C CYS F 25 -19.28 -49.39 68.80
N ASP F 26 -20.58 -49.59 68.54
CA ASP F 26 -21.19 -50.88 68.82
C ASP F 26 -20.51 -51.99 68.02
N LYS F 27 -20.26 -51.73 66.73
CA LYS F 27 -19.57 -52.70 65.90
C LYS F 27 -18.19 -53.02 66.46
N GLU F 28 -17.45 -51.98 66.87
CA GLU F 28 -16.11 -52.20 67.41
C GLU F 28 -16.17 -53.01 68.69
N GLU F 29 -17.20 -52.79 69.52
CA GLU F 29 -17.37 -53.62 70.71
C GLU F 29 -17.57 -55.07 70.33
N LYS F 30 -18.43 -55.31 69.34
CA LYS F 30 -18.67 -56.69 68.90
C LYS F 30 -17.37 -57.35 68.43
N ALA F 31 -16.48 -56.57 67.81
CA ALA F 31 -15.21 -57.13 67.36
C ALA F 31 -14.27 -57.40 68.54
N GLU F 32 -14.17 -56.44 69.45
CA GLU F 32 -13.29 -56.61 70.60
C GLU F 32 -13.72 -57.78 71.47
N LYS F 33 -15.00 -58.13 71.46
CA LYS F 33 -15.43 -59.32 72.19
C LYS F 33 -14.83 -60.58 71.58
N ALA F 34 -14.81 -60.68 70.25
CA ALA F 34 -14.11 -61.78 69.60
C ALA F 34 -12.65 -61.81 70.00
N LYS F 35 -12.00 -60.65 70.01
CA LYS F 35 -10.58 -60.61 70.32
C LYS F 35 -10.31 -61.05 71.75
N ILE F 36 -11.15 -60.62 72.69
CA ILE F 36 -10.96 -61.02 74.08
C ILE F 36 -11.21 -62.51 74.26
N GLU F 37 -12.17 -63.06 73.51
CA GLU F 37 -12.37 -64.51 73.55
C GLU F 37 -11.12 -65.24 73.07
N LYS F 38 -10.56 -64.80 71.95
CA LYS F 38 -9.33 -65.41 71.46
C LYS F 38 -8.22 -65.31 72.50
N ALA F 39 -8.03 -64.14 73.09
CA ALA F 39 -6.93 -63.95 74.02
C ALA F 39 -7.12 -64.76 75.29
N ILE F 40 -8.35 -64.93 75.76
CA ILE F 40 -8.58 -65.76 76.92
C ILE F 40 -8.39 -67.23 76.58
N GLN F 41 -8.57 -67.59 75.31
CA GLN F 41 -8.22 -68.94 74.89
C GLN F 41 -6.71 -69.14 74.91
N LYS F 42 -5.96 -68.19 74.35
CA LYS F 42 -4.49 -68.30 74.34
C LYS F 42 -3.89 -68.21 75.73
N GLY F 43 -4.65 -67.77 76.73
CA GLY F 43 -4.14 -67.64 78.07
C GLY F 43 -3.61 -66.27 78.43
N ASN F 44 -3.57 -65.33 77.49
CA ASN F 44 -3.08 -63.99 77.75
C ASN F 44 -4.05 -63.27 78.68
N MET F 45 -3.63 -63.03 79.92
CA MET F 45 -4.46 -62.29 80.86
C MET F 45 -4.40 -60.79 80.58
N GLU F 46 -3.20 -60.27 80.26
CA GLU F 46 -3.06 -58.84 80.05
C GLU F 46 -3.74 -58.37 78.77
N VAL F 47 -3.61 -59.14 77.69
CA VAL F 47 -4.30 -58.77 76.46
C VAL F 47 -5.80 -58.91 76.63
N ALA F 48 -6.25 -59.90 77.43
CA ALA F 48 -7.66 -60.00 77.73
C ALA F 48 -8.15 -58.79 78.50
N ARG F 49 -7.35 -58.31 79.45
CA ARG F 49 -7.70 -57.09 80.18
C ARG F 49 -7.81 -55.90 79.22
N ILE F 50 -6.84 -55.77 78.31
CA ILE F 50 -6.84 -54.65 77.37
C ILE F 50 -8.10 -54.69 76.51
N HIS F 51 -8.41 -55.86 75.96
CA HIS F 51 -9.55 -55.97 75.06
C HIS F 51 -10.87 -55.81 75.82
N ALA F 52 -10.91 -56.24 77.09
CA ALA F 52 -12.09 -56.01 77.90
C ALA F 52 -12.30 -54.52 78.16
N GLU F 53 -11.22 -53.81 78.50
CA GLU F 53 -11.31 -52.37 78.67
C GLU F 53 -11.83 -51.72 77.38
N ASN F 54 -11.28 -52.12 76.24
CA ASN F 54 -11.72 -51.55 74.97
C ASN F 54 -13.20 -51.83 74.73
N ALA F 55 -13.64 -53.06 74.99
CA ALA F 55 -15.03 -53.42 74.74
C ALA F 55 -15.98 -52.64 75.64
N ILE F 56 -15.68 -52.58 76.94
CA ILE F 56 -16.52 -51.84 77.86
C ILE F 56 -16.57 -50.37 77.48
N ARG F 57 -15.40 -49.80 77.15
CA ARG F 57 -15.36 -48.40 76.74
C ARG F 57 -16.21 -48.15 75.51
N GLN F 58 -16.09 -49.02 74.51
CA GLN F 58 -16.87 -48.85 73.28
C GLN F 58 -18.36 -48.96 73.57
N LYS F 59 -18.76 -49.92 74.41
CA LYS F 59 -20.16 -50.05 74.76
C LYS F 59 -20.68 -48.77 75.42
N ASN F 60 -19.97 -48.29 76.45
CA ASN F 60 -20.43 -47.12 77.18
C ASN F 60 -20.46 -45.88 76.27
N GLN F 61 -19.43 -45.70 75.45
CA GLN F 61 -19.38 -44.52 74.59
C GLN F 61 -20.42 -44.62 73.48
N ALA F 62 -20.77 -45.83 73.05
CA ALA F 62 -21.85 -45.99 72.08
C ALA F 62 -23.19 -45.60 72.70
N VAL F 63 -23.44 -46.03 73.93
CA VAL F 63 -24.67 -45.63 74.60
C VAL F 63 -24.71 -44.11 74.77
N ASN F 64 -23.57 -43.52 75.15
CA ASN F 64 -23.52 -42.07 75.32
C ASN F 64 -23.77 -41.35 74.00
N PHE F 65 -23.13 -41.81 72.92
CA PHE F 65 -23.35 -41.20 71.62
C PHE F 65 -24.81 -41.32 71.20
N LEU F 66 -25.45 -42.45 71.51
CA LEU F 66 -26.85 -42.62 71.14
C LEU F 66 -27.74 -41.64 71.88
N ARG F 67 -27.56 -41.53 73.20
CA ARG F 67 -28.33 -40.56 73.98
C ARG F 67 -28.08 -39.14 73.49
N MET F 68 -26.81 -38.82 73.21
CA MET F 68 -26.45 -37.49 72.73
C MET F 68 -27.12 -37.19 71.41
N SER F 69 -27.11 -38.15 70.49
CA SER F 69 -27.76 -37.97 69.20
C SER F 69 -29.25 -37.81 69.37
N ALA F 70 -29.86 -38.52 70.32
CA ALA F 70 -31.28 -38.31 70.59
C ALA F 70 -31.56 -36.88 71.03
N ARG F 71 -30.73 -36.37 71.94
CA ARG F 71 -30.91 -35.00 72.41
C ARG F 71 -30.78 -34.01 71.26
N VAL F 72 -29.73 -34.16 70.45
CA VAL F 72 -29.53 -33.24 69.33
C VAL F 72 -30.65 -33.38 68.32
N ASP F 73 -31.21 -34.58 68.16
CA ASP F 73 -32.34 -34.77 67.26
C ASP F 73 -33.55 -34.00 67.75
N ALA F 74 -33.82 -34.08 69.06
CA ALA F 74 -34.94 -33.32 69.61
C ALA F 74 -34.74 -31.82 69.37
N VAL F 75 -33.53 -31.33 69.66
CA VAL F 75 -33.26 -29.90 69.49
C VAL F 75 -33.42 -29.50 68.03
N ALA F 76 -32.92 -30.34 67.12
CA ALA F 76 -32.99 -30.00 65.70
C ALA F 76 -34.41 -30.04 65.18
N ALA F 77 -35.22 -30.98 65.67
CA ALA F 77 -36.64 -30.99 65.30
C ALA F 77 -37.32 -29.72 65.78
N ARG F 78 -37.02 -29.31 67.01
CA ARG F 78 -37.60 -28.07 67.53
C ARG F 78 -37.18 -26.88 66.67
N VAL F 79 -35.91 -26.82 66.30
CA VAL F 79 -35.42 -25.68 65.51
C VAL F 79 -36.03 -25.69 64.11
N GLN F 80 -36.22 -26.88 63.54
CA GLN F 80 -36.85 -26.97 62.22
C GLN F 80 -38.30 -26.52 62.28
N THR F 81 -39.02 -26.93 63.33
CA THR F 81 -40.36 -26.41 63.55
C THR F 81 -40.35 -24.89 63.64
N ALA F 82 -39.39 -24.35 64.39
CA ALA F 82 -39.31 -22.89 64.54
C ALA F 82 -39.05 -22.21 63.20
N VAL F 83 -38.18 -22.79 62.38
CA VAL F 83 -37.87 -22.20 61.08
C VAL F 83 -39.11 -22.18 60.19
N THR F 84 -39.78 -23.34 60.10
CA THR F 84 -40.98 -23.41 59.26
C THR F 84 -42.05 -22.44 59.74
N MET F 85 -42.25 -22.37 61.07
CA MET F 85 -43.25 -21.45 61.61
C MET F 85 -42.84 -20.00 61.40
N GLY F 86 -41.53 -19.71 61.39
CA GLY F 86 -41.10 -18.36 61.09
C GLY F 86 -41.38 -17.98 59.66
N LYS F 87 -41.15 -18.90 58.73
CA LYS F 87 -41.54 -18.65 57.34
C LYS F 87 -43.03 -18.41 57.24
N VAL F 88 -43.83 -19.23 57.92
CA VAL F 88 -45.28 -19.09 57.87
C VAL F 88 -45.71 -17.75 58.43
N THR F 89 -45.11 -17.35 59.56
CA THR F 89 -45.46 -16.08 60.20
C THR F 89 -45.08 -14.90 59.31
N LYS F 90 -43.91 -14.96 58.69
CA LYS F 90 -43.50 -13.91 57.77
C LYS F 90 -44.47 -13.81 56.60
N SER F 91 -44.86 -14.95 56.03
CA SER F 91 -45.79 -14.93 54.91
C SER F 91 -47.14 -14.36 55.32
N MET F 92 -47.60 -14.71 56.52
CA MET F 92 -48.90 -14.20 56.97
C MET F 92 -48.83 -12.72 57.32
N ALA F 93 -47.67 -12.24 57.79
CA ALA F 93 -47.51 -10.81 57.99
C ALA F 93 -47.54 -10.06 56.66
N GLY F 94 -46.84 -10.57 55.65
CA GLY F 94 -46.92 -9.97 54.34
C GLY F 94 -48.33 -9.96 53.79
N VAL F 95 -49.05 -11.08 53.97
CA VAL F 95 -50.43 -11.16 53.51
C VAL F 95 -51.29 -10.14 54.26
N VAL F 96 -51.06 -9.98 55.55
CA VAL F 96 -51.83 -9.01 56.33
C VAL F 96 -51.58 -7.61 55.81
N LYS F 97 -50.32 -7.28 55.52
CA LYS F 97 -50.01 -5.95 55.00
C LYS F 97 -50.69 -5.71 53.67
N SER F 98 -50.57 -6.66 52.74
CA SER F 98 -51.17 -6.50 51.42
C SER F 98 -52.68 -6.39 51.51
N MET F 99 -53.31 -7.26 52.29
CA MET F 99 -54.76 -7.21 52.46
C MET F 99 -55.19 -5.92 53.14
N ASP F 100 -54.39 -5.39 54.06
CA ASP F 100 -54.72 -4.13 54.68
C ASP F 100 -54.73 -3.01 53.65
N ALA F 101 -53.67 -2.92 52.86
CA ALA F 101 -53.63 -1.91 51.79
C ALA F 101 -54.84 -2.05 50.87
N THR F 102 -55.12 -3.28 50.43
CA THR F 102 -56.21 -3.50 49.48
C THR F 102 -57.56 -3.13 50.09
N LEU F 103 -57.90 -3.73 51.23
CA LEU F 103 -59.18 -3.45 51.88
C LEU F 103 -59.30 -2.00 52.27
N LYS F 104 -58.18 -1.28 52.41
CA LYS F 104 -58.27 0.17 52.57
C LYS F 104 -58.66 0.83 51.25
N THR F 105 -58.04 0.41 50.16
CA THR F 105 -58.38 0.95 48.85
C THR F 105 -59.74 0.44 48.40
N MET F 106 -59.94 -0.87 48.39
CA MET F 106 -61.19 -1.50 47.95
C MET F 106 -61.90 -2.01 49.20
N ASN F 107 -62.70 -1.12 49.80
CA ASN F 107 -63.43 -1.47 51.01
C ASN F 107 -64.83 -1.94 50.65
N LEU F 108 -65.62 -2.26 51.68
CA LEU F 108 -66.94 -2.84 51.44
C LEU F 108 -67.89 -1.82 50.83
N GLU F 109 -67.80 -0.56 51.25
CA GLU F 109 -68.63 0.48 50.64
C GLU F 109 -68.36 0.60 49.15
N LYS F 110 -67.09 0.76 48.79
CA LYS F 110 -66.72 0.91 47.39
C LYS F 110 -67.07 -0.34 46.60
N ILE F 111 -66.86 -1.52 47.18
CA ILE F 111 -67.15 -2.76 46.48
C ILE F 111 -68.66 -2.87 46.22
N SER F 112 -69.47 -2.60 47.24
CA SER F 112 -70.91 -2.67 47.07
C SER F 112 -71.40 -1.68 46.01
N ALA F 113 -70.87 -0.45 46.05
CA ALA F 113 -71.27 0.55 45.06
C ALA F 113 -70.85 0.11 43.66
N LEU F 114 -69.62 -0.40 43.53
CA LEU F 114 -69.12 -0.87 42.25
C LEU F 114 -69.99 -1.99 41.70
N MET F 115 -70.47 -2.86 42.57
CA MET F 115 -71.28 -3.98 42.12
C MET F 115 -72.68 -3.55 41.75
N ASP F 116 -73.27 -2.63 42.51
CA ASP F 116 -74.54 -2.04 42.09
C ASP F 116 -74.38 -1.37 40.73
N LYS F 117 -73.26 -0.70 40.50
CA LYS F 117 -73.01 -0.07 39.22
C LYS F 117 -72.88 -1.09 38.11
N PHE F 118 -72.15 -2.18 38.37
CA PHE F 118 -72.02 -3.26 37.39
C PHE F 118 -73.40 -3.80 37.01
N GLU F 119 -74.21 -4.12 38.02
CA GLU F 119 -75.55 -4.65 37.76
C GLU F 119 -76.38 -3.68 36.94
N HIS F 120 -76.37 -2.40 37.31
CA HIS F 120 -77.20 -1.43 36.59
C HIS F 120 -76.69 -1.21 35.17
N GLN F 121 -75.37 -1.17 34.99
CA GLN F 121 -74.82 -1.00 33.65
C GLN F 121 -75.19 -2.16 32.75
N PHE F 122 -75.13 -3.38 33.28
CA PHE F 122 -75.45 -4.53 32.43
C PHE F 122 -76.95 -4.71 32.25
N GLU F 123 -77.76 -4.19 33.17
CA GLU F 123 -79.20 -4.11 32.90
C GLU F 123 -79.48 -3.13 31.77
N THR F 124 -78.86 -1.95 31.81
CA THR F 124 -78.96 -1.02 30.71
C THR F 124 -78.51 -1.67 29.41
N LEU F 125 -77.46 -2.49 29.48
CA LEU F 125 -76.99 -3.20 28.30
C LEU F 125 -77.99 -4.25 27.84
N ASP F 126 -78.73 -4.82 28.79
CA ASP F 126 -79.82 -5.79 28.49
C ASP F 126 -80.90 -5.06 27.67
N VAL F 127 -81.23 -3.82 28.06
CA VAL F 127 -82.23 -3.01 27.39
C VAL F 127 -81.74 -2.63 26.00
N GLN F 128 -80.49 -2.19 25.92
CA GLN F 128 -79.90 -1.85 24.63
C GLN F 128 -79.91 -3.04 23.69
N THR F 129 -79.56 -4.22 24.20
CA THR F 129 -79.55 -5.42 23.37
C THR F 129 -80.94 -5.74 22.85
N GLN F 130 -81.94 -5.67 23.72
CA GLN F 130 -83.31 -5.96 23.30
C GLN F 130 -83.75 -5.00 22.20
N GLN F 131 -83.54 -3.70 22.40
CA GLN F 131 -83.96 -2.72 21.42
C GLN F 131 -83.19 -2.87 20.11
N MET F 132 -81.88 -3.03 20.22
CA MET F 132 -81.03 -3.26 19.06
C MET F 132 -81.50 -4.48 18.28
N GLU F 133 -81.92 -5.52 18.98
CA GLU F 133 -82.36 -6.74 18.29
C GLU F 133 -83.71 -6.53 17.62
N ASP F 134 -84.63 -5.85 18.31
CA ASP F 134 -85.89 -5.48 17.67
C ASP F 134 -85.63 -4.75 16.35
N THR F 135 -84.72 -3.78 16.37
CA THR F 135 -84.46 -3.01 15.16
C THR F 135 -83.76 -3.87 14.10
N MET F 136 -82.75 -4.65 14.50
CA MET F 136 -82.08 -5.54 13.55
C MET F 136 -83.09 -6.44 12.85
N SER F 137 -84.06 -6.95 13.60
CA SER F 137 -85.07 -7.81 12.99
C SER F 137 -86.00 -7.03 12.08
N SER F 138 -86.40 -5.83 12.51
CA SER F 138 -87.29 -5.01 11.68
C SER F 138 -86.62 -4.59 10.38
N THR F 139 -85.28 -4.52 10.37
CA THR F 139 -84.59 -4.12 9.16
C THR F 139 -84.76 -5.17 8.06
N THR F 140 -84.63 -6.44 8.41
CA THR F 140 -84.67 -7.55 7.46
C THR F 140 -85.91 -8.38 7.75
N THR F 141 -87.03 -7.98 7.16
CA THR F 141 -88.29 -8.71 7.29
C THR F 141 -88.82 -9.24 5.96
N LEU F 142 -88.36 -8.69 4.84
CA LEU F 142 -88.79 -9.17 3.53
C LEU F 142 -87.94 -10.32 3.02
N THR F 143 -86.76 -10.53 3.60
CA THR F 143 -85.95 -11.70 3.29
C THR F 143 -86.33 -12.89 4.15
N THR F 144 -86.94 -12.65 5.31
CA THR F 144 -87.35 -13.70 6.25
C THR F 144 -88.83 -13.52 6.57
N PRO F 145 -89.72 -13.94 5.68
CA PRO F 145 -91.16 -13.86 5.99
C PRO F 145 -91.55 -14.89 7.05
N GLN F 146 -92.36 -14.44 8.00
CA GLN F 146 -92.81 -15.34 9.06
C GLN F 146 -93.56 -16.52 8.49
N ASN F 147 -94.38 -16.29 7.46
CA ASN F 147 -95.17 -17.37 6.88
C ASN F 147 -94.28 -18.46 6.31
N GLN F 148 -93.22 -18.07 5.61
CA GLN F 148 -92.33 -19.07 5.02
C GLN F 148 -91.61 -19.88 6.10
N VAL F 149 -91.19 -19.23 7.17
CA VAL F 149 -90.52 -19.95 8.26
C VAL F 149 -91.49 -20.92 8.92
N ASP F 150 -92.72 -20.47 9.18
CA ASP F 150 -93.73 -21.37 9.74
C ASP F 150 -93.96 -22.57 8.85
N MET F 151 -94.09 -22.34 7.55
CA MET F 151 -94.33 -23.44 6.62
C MET F 151 -93.15 -24.40 6.60
N LEU F 152 -91.92 -23.88 6.58
CA LEU F 152 -90.77 -24.75 6.58
C LEU F 152 -90.73 -25.61 7.84
N LEU F 153 -91.02 -25.01 9.00
CA LEU F 153 -91.03 -25.78 10.23
C LEU F 153 -92.10 -26.84 10.21
N GLN F 154 -93.29 -26.50 9.71
CA GLN F 154 -94.36 -27.49 9.63
C GLN F 154 -93.98 -28.65 8.73
N GLU F 155 -93.38 -28.35 7.57
CA GLU F 155 -93.00 -29.41 6.65
C GLU F 155 -91.91 -30.29 7.26
N MET F 156 -90.91 -29.68 7.89
CA MET F 156 -89.83 -30.46 8.48
C MET F 156 -90.36 -31.34 9.62
N ALA F 157 -91.28 -30.81 10.42
CA ALA F 157 -91.88 -31.61 11.48
C ALA F 157 -92.66 -32.78 10.90
N ASP F 158 -93.59 -32.50 9.97
CA ASP F 158 -94.39 -33.56 9.38
C ASP F 158 -93.52 -34.62 8.74
N GLU F 159 -92.43 -34.21 8.10
CA GLU F 159 -91.50 -35.20 7.53
C GLU F 159 -90.85 -36.03 8.63
N ALA F 160 -90.38 -35.38 9.70
CA ALA F 160 -89.83 -36.09 10.83
C ALA F 160 -90.89 -36.84 11.63
N GLY F 161 -92.16 -36.61 11.33
CA GLY F 161 -93.25 -37.26 12.06
C GLY F 161 -93.50 -36.72 13.44
N LEU F 162 -92.60 -35.90 13.99
CA LEU F 162 -92.73 -35.40 15.34
C LEU F 162 -93.70 -34.23 15.38
N ASP F 163 -93.77 -33.56 16.53
CA ASP F 163 -94.58 -32.36 16.69
C ASP F 163 -93.77 -31.32 17.45
N LEU F 164 -94.22 -30.07 17.35
CA LEU F 164 -93.51 -28.94 17.91
C LEU F 164 -94.34 -28.33 19.04
N ASN F 165 -93.74 -28.23 20.23
CA ASN F 165 -94.41 -27.64 21.38
C ASN F 165 -93.52 -26.57 22.00
N GLU F 187 -105.70 -14.48 5.32
CA GLU F 187 -106.43 -15.28 6.29
C GLU F 187 -107.10 -14.38 7.33
N LEU F 188 -106.46 -14.21 8.49
CA LEU F 188 -107.02 -13.32 9.50
C LEU F 188 -107.05 -11.87 9.01
N SER F 189 -106.08 -11.49 8.18
CA SER F 189 -106.02 -10.11 7.71
C SER F 189 -107.28 -9.72 6.97
N GLN F 190 -107.88 -10.66 6.24
CA GLN F 190 -109.11 -10.34 5.51
C GLN F 190 -110.27 -10.08 6.46
N ARG F 191 -110.39 -10.91 7.51
CA ARG F 191 -111.44 -10.67 8.50
C ARG F 191 -111.22 -9.34 9.20
N LEU F 192 -109.96 -9.01 9.50
CA LEU F 192 -109.68 -7.74 10.15
C LEU F 192 -109.99 -6.56 9.23
N ALA F 193 -109.75 -6.71 7.93
CA ALA F 193 -110.08 -5.65 6.99
C ALA F 193 -111.60 -5.49 6.87
N ARG F 194 -112.33 -6.59 6.80
CA ARG F 194 -113.79 -6.51 6.77
C ARG F 194 -114.31 -5.85 8.04
N LEU F 195 -113.69 -6.13 9.18
CA LEU F 195 -114.07 -5.48 10.42
C LEU F 195 -113.74 -3.99 10.38
N ARG F 196 -112.61 -3.65 9.76
CA ARG F 196 -112.21 -2.24 9.64
C ARG F 196 -113.20 -1.47 8.78
N ASP F 197 -113.72 -2.09 7.72
CA ASP F 197 -114.72 -1.43 6.91
C ASP F 197 -115.97 -1.11 7.73
N GLN F 198 -116.29 -1.93 8.72
CA GLN F 198 -117.42 -1.68 9.59
C GLN F 198 -118.72 -1.54 8.82
N PHE G 6 -90.97 25.95 -9.77
CA PHE G 6 -91.51 24.62 -9.98
C PHE G 6 -90.81 23.91 -11.13
N LYS G 7 -90.40 22.66 -10.86
CA LYS G 7 -89.70 21.80 -11.85
C LYS G 7 -90.57 20.57 -12.11
N ALA G 8 -90.80 20.22 -13.38
CA ALA G 8 -91.68 19.10 -13.70
C ALA G 8 -90.98 17.76 -13.50
N GLU G 9 -89.80 17.59 -14.10
CA GLU G 9 -89.11 16.31 -13.98
C GLU G 9 -88.78 15.98 -12.53
N ARG G 10 -88.49 16.99 -11.72
CA ARG G 10 -88.30 16.78 -10.29
C ARG G 10 -89.55 16.17 -9.68
N LEU G 11 -90.72 16.72 -10.00
CA LEU G 11 -91.98 16.18 -9.49
C LEU G 11 -92.19 14.74 -9.96
N ARG G 12 -91.90 14.46 -11.22
CA ARG G 12 -92.05 13.12 -11.76
C ARG G 12 -91.19 12.13 -10.97
N VAL G 13 -89.90 12.46 -10.81
CA VAL G 13 -88.99 11.56 -10.12
C VAL G 13 -89.42 11.37 -8.68
N ASN G 14 -89.82 12.44 -8.01
CA ASN G 14 -90.26 12.32 -6.62
C ASN G 14 -91.53 11.48 -6.50
N LEU G 15 -92.42 11.58 -7.49
CA LEU G 15 -93.62 10.74 -7.47
C LEU G 15 -93.27 9.27 -7.60
N ARG G 16 -92.38 8.94 -8.54
CA ARG G 16 -91.95 7.55 -8.67
C ARG G 16 -91.30 7.05 -7.40
N LEU G 17 -90.45 7.88 -6.79
CA LEU G 17 -89.79 7.49 -5.54
C LEU G 17 -90.81 7.27 -4.43
N VAL G 18 -91.82 8.16 -4.34
CA VAL G 18 -92.85 8.01 -3.33
C VAL G 18 -93.60 6.70 -3.53
N ILE G 19 -93.90 6.36 -4.78
CA ILE G 19 -94.60 5.12 -5.06
C ILE G 19 -93.78 3.93 -4.56
N ASN G 20 -92.51 3.88 -4.94
CA ASN G 20 -91.67 2.76 -4.50
C ASN G 20 -91.57 2.69 -2.98
N ARG G 21 -91.36 3.85 -2.34
CA ARG G 21 -91.25 3.88 -0.89
C ARG G 21 -92.52 3.39 -0.23
N LEU G 22 -93.68 3.78 -0.75
CA LEU G 22 -94.95 3.35 -0.18
C LEU G 22 -95.11 1.84 -0.33
N LYS G 23 -94.71 1.29 -1.48
CA LYS G 23 -94.76 -0.16 -1.66
C LYS G 23 -93.94 -0.87 -0.58
N LEU G 24 -92.66 -0.47 -0.45
CA LEU G 24 -91.80 -1.09 0.55
C LEU G 24 -92.40 -0.97 1.94
N LEU G 25 -92.90 0.22 2.28
CA LEU G 25 -93.40 0.47 3.62
C LEU G 25 -94.62 -0.39 3.91
N GLU G 26 -95.57 -0.46 2.98
CA GLU G 26 -96.77 -1.25 3.23
C GLU G 26 -96.43 -2.74 3.35
N LYS G 27 -95.50 -3.23 2.52
CA LYS G 27 -95.05 -4.61 2.66
C LYS G 27 -94.54 -4.87 4.08
N LYS G 28 -93.51 -4.12 4.50
CA LYS G 28 -92.89 -4.41 5.77
C LYS G 28 -93.84 -4.12 6.94
N LYS G 29 -94.79 -3.21 6.75
CA LYS G 29 -95.76 -2.94 7.80
C LYS G 29 -96.75 -4.09 7.94
N THR G 30 -97.15 -4.70 6.82
CA THR G 30 -97.96 -5.90 6.90
C THR G 30 -97.24 -7.00 7.66
N GLU G 31 -95.96 -7.20 7.37
CA GLU G 31 -95.19 -8.22 8.07
C GLU G 31 -95.13 -7.93 9.57
N LEU G 32 -94.72 -6.71 9.93
CA LEU G 32 -94.67 -6.32 11.33
C LEU G 32 -96.02 -6.44 12.01
N ALA G 33 -97.10 -6.21 11.26
CA ALA G 33 -98.43 -6.34 11.82
C ALA G 33 -98.74 -7.79 12.15
N GLN G 34 -98.36 -8.71 11.27
CA GLN G 34 -98.50 -10.13 11.60
C GLN G 34 -97.78 -10.44 12.90
N LYS G 35 -96.51 -10.02 13.00
CA LYS G 35 -95.73 -10.36 14.19
C LYS G 35 -96.33 -9.76 15.45
N ALA G 36 -96.76 -8.51 15.38
CA ALA G 36 -97.32 -7.85 16.56
C ALA G 36 -98.69 -8.41 16.91
N ARG G 37 -99.43 -8.92 15.92
CA ARG G 37 -100.67 -9.62 16.22
C ARG G 37 -100.38 -10.90 17.00
N LYS G 38 -99.34 -11.63 16.60
CA LYS G 38 -98.91 -12.78 17.40
C LYS G 38 -98.57 -12.34 18.83
N GLU G 39 -97.89 -11.20 18.96
CA GLU G 39 -97.56 -10.70 20.29
C GLU G 39 -98.82 -10.41 21.10
N ILE G 40 -99.84 -9.83 20.47
CA ILE G 40 -101.08 -9.54 21.18
C ILE G 40 -101.77 -10.84 21.59
N ALA G 41 -101.70 -11.86 20.74
CA ALA G 41 -102.24 -13.15 21.12
C ALA G 41 -101.55 -13.69 22.36
N ASP G 42 -100.22 -13.59 22.39
CA ASP G 42 -99.47 -14.01 23.58
C ASP G 42 -99.91 -13.20 24.79
N TYR G 43 -100.10 -11.89 24.63
CA TYR G 43 -100.54 -11.06 25.74
C TYR G 43 -101.90 -11.53 26.27
N LEU G 44 -102.81 -11.88 25.36
CA LEU G 44 -104.12 -12.33 25.78
C LEU G 44 -104.06 -13.71 26.43
N ALA G 45 -103.08 -14.53 26.06
CA ALA G 45 -102.91 -15.81 26.73
C ALA G 45 -102.84 -15.64 28.24
N ALA G 46 -102.11 -14.61 28.70
CA ALA G 46 -102.08 -14.26 30.11
C ALA G 46 -103.34 -13.49 30.49
N GLY G 47 -103.43 -13.11 31.77
CA GLY G 47 -104.56 -12.33 32.22
C GLY G 47 -104.52 -10.87 31.85
N LYS G 48 -103.42 -10.41 31.27
CA LYS G 48 -103.28 -9.01 30.88
C LYS G 48 -104.24 -8.71 29.74
N ASP G 49 -105.25 -7.88 29.99
CA ASP G 49 -106.27 -7.52 29.02
C ASP G 49 -106.24 -6.05 28.65
N GLU G 50 -106.18 -5.16 29.65
CA GLU G 50 -106.20 -3.72 29.38
C GLU G 50 -104.97 -3.27 28.61
N ARG G 51 -103.91 -4.09 28.58
CA ARG G 51 -102.69 -3.81 27.84
C ARG G 51 -102.80 -4.26 26.38
N ALA G 52 -103.43 -5.41 26.17
CA ALA G 52 -103.65 -5.88 24.80
C ALA G 52 -104.50 -4.89 24.02
N ARG G 53 -105.35 -4.13 24.70
CA ARG G 53 -106.13 -3.09 24.01
C ARG G 53 -105.22 -2.00 23.47
N ILE G 54 -104.20 -1.62 24.24
CA ILE G 54 -103.25 -0.62 23.76
C ILE G 54 -102.46 -1.18 22.58
N ARG G 55 -102.02 -2.44 22.70
CA ARG G 55 -101.26 -3.05 21.60
C ARG G 55 -102.11 -3.10 20.33
N VAL G 56 -103.39 -3.47 20.45
CA VAL G 56 -104.22 -3.57 19.26
C VAL G 56 -104.57 -2.17 18.74
N GLU G 57 -104.57 -1.16 19.61
CA GLU G 57 -104.67 0.21 19.12
C GLU G 57 -103.48 0.52 18.21
N HIS G 58 -102.28 0.18 18.66
CA HIS G 58 -101.10 0.28 17.79
C HIS G 58 -101.37 -0.42 16.45
N ILE G 59 -101.90 -1.65 16.50
CA ILE G 59 -102.06 -2.44 15.29
C ILE G 59 -103.03 -1.77 14.33
N ILE G 60 -104.19 -1.33 14.83
CA ILE G 60 -105.19 -0.79 13.94
C ILE G 60 -104.78 0.59 13.44
N ARG G 61 -104.01 1.34 14.23
CA ARG G 61 -103.39 2.55 13.70
C ARG G 61 -102.50 2.22 12.52
N GLU G 62 -101.64 1.20 12.67
CA GLU G 62 -100.76 0.82 11.57
C GLU G 62 -101.55 0.35 10.35
N ASP G 63 -102.68 -0.31 10.57
CA ASP G 63 -103.49 -0.80 9.45
C ASP G 63 -104.16 0.36 8.71
N TYR G 64 -104.76 1.29 9.46
CA TYR G 64 -105.23 2.53 8.86
C TYR G 64 -104.12 3.18 8.03
N LEU G 65 -102.90 3.19 8.58
CA LEU G 65 -101.78 3.82 7.89
C LEU G 65 -101.47 3.10 6.58
N VAL G 66 -101.50 1.77 6.59
CA VAL G 66 -101.21 1.02 5.38
C VAL G 66 -102.28 1.28 4.33
N GLU G 67 -103.54 1.33 4.74
CA GLU G 67 -104.61 1.63 3.78
C GLU G 67 -104.44 3.03 3.21
N ALA G 68 -104.10 4.00 4.06
CA ALA G 68 -103.88 5.36 3.58
C ALA G 68 -102.71 5.41 2.61
N MET G 69 -101.65 4.63 2.87
CA MET G 69 -100.52 4.59 1.95
C MET G 69 -100.91 3.96 0.63
N GLU G 70 -101.79 2.95 0.65
CA GLU G 70 -102.30 2.41 -0.60
C GLU G 70 -103.04 3.47 -1.40
N ILE G 71 -103.92 4.22 -0.73
CA ILE G 71 -104.66 5.28 -1.42
C ILE G 71 -103.71 6.32 -1.99
N LEU G 72 -102.68 6.69 -1.22
CA LEU G 72 -101.74 7.71 -1.68
C LEU G 72 -100.92 7.21 -2.85
N GLU G 73 -100.51 5.94 -2.83
CA GLU G 73 -99.83 5.36 -3.98
C GLU G 73 -100.72 5.41 -5.21
N LEU G 74 -102.01 5.08 -5.03
CA LEU G 74 -102.97 5.17 -6.12
C LEU G 74 -102.98 6.59 -6.70
N TYR G 75 -103.07 7.59 -5.83
CA TYR G 75 -103.19 8.98 -6.31
C TYR G 75 -101.90 9.43 -6.98
N CYS G 76 -100.75 9.07 -6.42
CA CYS G 76 -99.48 9.42 -7.05
C CYS G 76 -99.38 8.82 -8.44
N ASP G 77 -99.76 7.54 -8.57
CA ASP G 77 -99.73 6.91 -9.89
C ASP G 77 -100.73 7.59 -10.83
N LEU G 78 -101.87 8.05 -10.30
CA LEU G 78 -102.83 8.76 -11.14
C LEU G 78 -102.20 10.03 -11.69
N LEU G 79 -101.58 10.82 -10.83
CA LEU G 79 -100.89 12.02 -11.29
C LEU G 79 -99.81 11.67 -12.31
N LEU G 80 -99.07 10.59 -12.06
CA LEU G 80 -97.99 10.20 -12.95
C LEU G 80 -98.51 9.72 -14.30
N ALA G 81 -99.74 9.21 -14.35
CA ALA G 81 -100.34 8.80 -15.61
C ALA G 81 -100.88 9.98 -16.40
N ARG G 82 -101.23 11.06 -15.73
CA ARG G 82 -101.77 12.27 -16.35
C ARG G 82 -100.81 13.44 -16.13
N PHE G 83 -99.52 13.18 -16.30
CA PHE G 83 -98.51 14.20 -16.05
C PHE G 83 -98.51 15.27 -17.14
N GLY G 84 -98.67 14.85 -18.39
CA GLY G 84 -98.77 15.83 -19.45
C GLY G 84 -99.92 16.79 -19.24
N LEU G 85 -101.05 16.30 -18.73
CA LEU G 85 -102.16 17.17 -18.42
C LEU G 85 -101.82 18.15 -17.31
N ILE G 86 -100.82 17.82 -16.49
CA ILE G 86 -100.30 18.78 -15.51
C ILE G 86 -99.46 19.83 -16.22
N GLN G 87 -98.56 19.41 -17.10
CA GLN G 87 -97.65 20.34 -17.74
C GLN G 87 -98.37 21.29 -18.68
N SER G 88 -99.41 20.81 -19.36
CA SER G 88 -100.07 21.61 -20.38
C SER G 88 -100.87 22.75 -19.74
N MET G 89 -101.86 22.40 -18.93
CA MET G 89 -102.70 23.41 -18.31
C MET G 89 -101.89 24.18 -17.25
N LYS G 90 -102.47 25.29 -16.80
CA LYS G 90 -101.93 26.06 -15.70
C LYS G 90 -102.73 25.92 -14.42
N GLU G 91 -104.03 25.66 -14.53
CA GLU G 91 -104.88 25.35 -13.39
C GLU G 91 -105.31 23.89 -13.50
N LEU G 92 -105.32 23.19 -12.37
CA LEU G 92 -105.64 21.78 -12.36
C LEU G 92 -107.11 21.57 -12.74
N ASP G 93 -107.37 20.50 -13.48
CA ASP G 93 -108.73 20.15 -13.86
C ASP G 93 -109.39 19.36 -12.74
N SER G 94 -110.63 18.93 -12.97
CA SER G 94 -111.37 18.20 -11.96
C SER G 94 -110.78 16.81 -11.73
N GLY G 95 -110.33 16.15 -12.81
CA GLY G 95 -109.76 14.82 -12.69
C GLY G 95 -108.55 14.73 -11.78
N LEU G 96 -107.88 15.85 -11.54
CA LEU G 96 -106.68 15.88 -10.71
C LEU G 96 -106.86 16.68 -9.43
N ALA G 97 -108.07 17.18 -9.16
CA ALA G 97 -108.29 17.96 -7.95
C ALA G 97 -108.08 17.10 -6.71
N GLU G 98 -108.68 15.91 -6.68
CA GLU G 98 -108.58 15.05 -5.51
C GLU G 98 -107.14 14.65 -5.23
N SER G 99 -106.42 14.19 -6.27
CA SER G 99 -105.05 13.75 -6.07
C SER G 99 -104.19 14.88 -5.50
N VAL G 100 -104.24 16.05 -6.12
CA VAL G 100 -103.42 17.17 -5.67
C VAL G 100 -103.80 17.56 -4.25
N SER G 101 -105.10 17.69 -3.99
CA SER G 101 -105.56 18.10 -2.66
C SER G 101 -105.06 17.14 -1.59
N THR G 102 -105.25 15.84 -1.80
CA THR G 102 -104.86 14.86 -0.79
C THR G 102 -103.34 14.80 -0.64
N LEU G 103 -102.61 14.88 -1.75
CA LEU G 103 -101.16 14.82 -1.67
C LEU G 103 -100.57 16.06 -1.01
N ILE G 104 -101.28 17.18 -1.04
CA ILE G 104 -100.82 18.36 -0.31
C ILE G 104 -101.24 18.28 1.16
N TRP G 105 -102.40 17.69 1.45
CA TRP G 105 -102.89 17.66 2.81
C TRP G 105 -102.19 16.59 3.64
N ALA G 106 -101.87 15.45 3.04
CA ALA G 106 -101.28 14.33 3.77
C ALA G 106 -99.76 14.43 3.88
N ALA G 107 -99.13 15.28 3.09
CA ALA G 107 -97.67 15.38 3.14
C ALA G 107 -97.15 15.66 4.53
N PRO G 108 -97.61 16.68 5.25
CA PRO G 108 -97.11 16.87 6.62
C PRO G 108 -97.47 15.74 7.55
N ARG G 109 -98.54 15.00 7.27
CA ARG G 109 -98.90 13.85 8.10
C ARG G 109 -97.85 12.74 7.97
N LEU G 110 -97.56 12.33 6.75
CA LEU G 110 -96.62 11.24 6.48
C LEU G 110 -95.24 11.76 6.09
N GLN G 111 -94.89 12.98 6.51
CA GLN G 111 -93.59 13.53 6.15
C GLN G 111 -92.45 12.73 6.75
N SER G 112 -92.66 12.14 7.94
CA SER G 112 -91.59 11.38 8.57
C SER G 112 -91.38 10.05 7.88
N GLU G 113 -92.46 9.34 7.57
CA GLU G 113 -92.34 8.06 6.89
C GLU G 113 -91.76 8.22 5.49
N VAL G 114 -92.40 9.04 4.66
CA VAL G 114 -92.00 9.28 3.29
C VAL G 114 -91.50 10.71 3.20
N ALA G 115 -90.21 10.88 2.92
CA ALA G 115 -89.63 12.22 2.83
C ALA G 115 -89.97 12.87 1.49
N GLU G 116 -89.85 12.12 0.40
CA GLU G 116 -90.10 12.67 -0.94
C GLU G 116 -91.49 13.26 -1.05
N LEU G 117 -92.43 12.82 -0.22
CA LEU G 117 -93.78 13.34 -0.27
C LEU G 117 -93.82 14.85 -0.01
N LYS G 118 -92.92 15.34 0.84
CA LYS G 118 -92.85 16.78 1.08
C LYS G 118 -92.41 17.53 -0.17
N ILE G 119 -91.46 16.95 -0.92
CA ILE G 119 -91.04 17.56 -2.18
C ILE G 119 -92.18 17.56 -3.19
N VAL G 120 -92.95 16.48 -3.22
CA VAL G 120 -94.12 16.43 -4.10
C VAL G 120 -95.10 17.53 -3.73
N ALA G 121 -95.36 17.69 -2.42
CA ALA G 121 -96.25 18.76 -1.96
C ALA G 121 -95.71 20.12 -2.36
N ASP G 122 -94.39 20.30 -2.29
CA ASP G 122 -93.79 21.57 -2.70
C ASP G 122 -94.08 21.84 -4.18
N GLN G 123 -93.72 20.89 -5.04
CA GLN G 123 -93.94 21.09 -6.47
C GLN G 123 -95.40 21.32 -6.79
N LEU G 124 -96.31 20.74 -6.01
CA LEU G 124 -97.73 20.94 -6.25
C LEU G 124 -98.27 22.22 -5.64
N CYS G 125 -97.54 22.82 -4.70
CA CYS G 125 -97.92 24.12 -4.15
C CYS G 125 -97.23 25.26 -4.88
N ALA G 126 -96.03 25.03 -5.39
CA ALA G 126 -95.29 26.05 -6.14
C ALA G 126 -95.79 26.20 -7.58
N LYS G 127 -96.62 25.27 -8.06
CA LYS G 127 -97.14 25.35 -9.41
C LYS G 127 -98.45 26.12 -9.50
N TYR G 128 -99.18 26.25 -8.41
CA TYR G 128 -100.50 26.85 -8.40
C TYR G 128 -100.50 28.11 -7.54
N SER G 129 -101.32 29.07 -7.95
CA SER G 129 -101.50 30.32 -7.22
C SER G 129 -102.93 30.57 -6.78
N LYS G 130 -103.92 29.99 -7.47
CA LYS G 130 -105.31 30.15 -7.10
C LYS G 130 -105.56 29.38 -5.80
N GLU G 131 -105.66 30.11 -4.69
CA GLU G 131 -105.84 29.51 -3.38
C GLU G 131 -104.70 28.56 -3.03
N TYR G 132 -103.49 28.90 -3.48
CA TYR G 132 -102.30 28.08 -3.28
C TYR G 132 -101.28 28.87 -2.46
N GLY G 133 -100.13 28.24 -2.23
CA GLY G 133 -99.18 28.74 -1.26
C GLY G 133 -99.48 28.17 0.11
N LYS G 134 -98.41 27.94 0.89
CA LYS G 134 -98.55 27.24 2.17
C LYS G 134 -99.82 27.64 2.90
N LEU G 135 -100.00 28.95 3.14
CA LEU G 135 -101.20 29.42 3.83
C LEU G 135 -102.46 29.10 3.04
N CYS G 136 -102.54 29.58 1.80
CA CYS G 136 -103.71 29.30 0.97
C CYS G 136 -103.82 27.83 0.60
N ARG G 137 -102.69 27.11 0.58
CA ARG G 137 -102.74 25.68 0.33
C ARG G 137 -103.40 24.94 1.48
N THR G 138 -103.18 25.42 2.71
CA THR G 138 -103.90 24.87 3.86
C THR G 138 -105.34 25.37 3.91
N ASN G 139 -105.59 26.57 3.39
CA ASN G 139 -106.95 27.11 3.41
C ASN G 139 -107.84 26.39 2.39
N GLN G 140 -107.29 26.05 1.23
CA GLN G 140 -108.03 25.37 0.18
C GLN G 140 -107.90 23.85 0.24
N ILE G 141 -107.70 23.30 1.44
CA ILE G 141 -107.55 21.86 1.61
C ILE G 141 -108.87 21.20 2.00
N GLY G 142 -110.00 21.88 1.78
CA GLY G 142 -111.29 21.35 2.14
C GLY G 142 -111.94 20.56 1.03
N THR G 143 -111.13 19.89 0.20
CA THR G 143 -111.65 19.07 -0.88
C THR G 143 -110.92 17.74 -0.98
N VAL G 144 -110.30 17.28 0.09
CA VAL G 144 -109.52 16.05 0.07
C VAL G 144 -110.45 14.86 0.31
N ASN G 145 -109.95 13.68 -0.03
CA ASN G 145 -110.71 12.45 0.18
C ASN G 145 -110.99 12.25 1.66
N ASP G 146 -112.27 12.21 2.03
CA ASP G 146 -112.65 12.07 3.42
C ASP G 146 -112.17 10.74 3.99
N ARG G 147 -112.21 9.68 3.18
CA ARG G 147 -111.75 8.37 3.66
C ARG G 147 -110.29 8.43 4.10
N LEU G 148 -109.43 9.00 3.25
CA LEU G 148 -108.02 9.12 3.63
C LEU G 148 -107.86 9.98 4.88
N MET G 149 -108.67 11.03 5.00
CA MET G 149 -108.64 11.84 6.22
C MET G 149 -108.95 10.98 7.44
N HIS G 150 -109.89 10.04 7.30
CA HIS G 150 -110.23 9.17 8.42
C HIS G 150 -109.11 8.18 8.71
N LYS G 151 -108.49 7.63 7.66
CA LYS G 151 -107.41 6.68 7.88
C LYS G 151 -106.24 7.34 8.61
N LEU G 152 -105.93 8.59 8.27
CA LEU G 152 -104.86 9.33 8.91
C LEU G 152 -105.35 10.23 10.03
N SER G 153 -106.57 10.02 10.50
CA SER G 153 -107.11 10.80 11.60
C SER G 153 -106.45 10.35 12.90
N VAL G 154 -105.89 11.31 13.63
CA VAL G 154 -105.18 11.03 14.88
C VAL G 154 -106.21 11.13 16.00
N GLU G 155 -106.87 10.02 16.28
CA GLU G 155 -107.92 9.98 17.29
C GLU G 155 -107.98 8.59 17.91
N ALA G 156 -108.43 8.54 19.15
CA ALA G 156 -108.61 7.27 19.84
C ALA G 156 -109.66 6.44 19.11
N PRO G 157 -109.30 5.30 18.52
CA PRO G 157 -110.30 4.51 17.78
C PRO G 157 -111.45 4.12 18.66
N PRO G 158 -112.60 3.75 18.08
CA PRO G 158 -113.75 3.38 18.89
C PRO G 158 -113.48 2.10 19.68
N LYS G 159 -113.99 2.08 20.92
CA LYS G 159 -113.70 0.95 21.81
C LYS G 159 -114.29 -0.34 21.26
N ILE G 160 -115.50 -0.28 20.70
CA ILE G 160 -116.13 -1.48 20.18
C ILE G 160 -115.29 -2.10 19.08
N LEU G 161 -114.68 -1.23 18.26
CA LEU G 161 -113.80 -1.68 17.15
C LEU G 161 -112.61 -2.44 17.74
N VAL G 162 -112.05 -1.91 18.84
CA VAL G 162 -110.89 -2.55 19.53
C VAL G 162 -111.33 -3.92 20.05
N GLU G 163 -112.54 -4.01 20.61
CA GLU G 163 -113.07 -5.29 21.15
C GLU G 163 -113.21 -6.30 20.00
N ARG G 164 -113.72 -5.83 18.85
CA ARG G 164 -113.89 -6.71 17.66
C ARG G 164 -112.52 -7.21 17.20
N TYR G 165 -111.52 -6.32 17.21
CA TYR G 165 -110.14 -6.69 16.80
C TYR G 165 -109.59 -7.75 17.76
N LEU G 166 -109.85 -7.58 19.06
CA LEU G 166 -109.37 -8.55 20.04
C LEU G 166 -110.12 -9.87 19.92
N ILE G 167 -111.43 -9.81 19.70
CA ILE G 167 -112.22 -11.03 19.54
C ILE G 167 -111.69 -11.85 18.38
N GLU G 168 -111.44 -11.19 17.24
CA GLU G 168 -110.96 -11.91 16.06
C GLU G 168 -109.58 -12.51 16.31
N ILE G 169 -108.67 -11.73 16.89
CA ILE G 169 -107.33 -12.23 17.12
C ILE G 169 -107.36 -13.43 18.07
N ALA G 170 -108.15 -13.33 19.14
CA ALA G 170 -108.28 -14.44 20.07
C ALA G 170 -108.85 -15.67 19.37
N LYS G 171 -109.96 -15.50 18.66
CA LYS G 171 -110.59 -16.62 17.95
C LYS G 171 -109.62 -17.28 16.98
N ASN G 172 -108.70 -16.50 16.39
CA ASN G 172 -107.77 -17.07 15.44
C ASN G 172 -106.61 -17.79 16.13
N TYR G 173 -106.10 -17.23 17.23
CA TYR G 173 -104.94 -17.78 17.91
C TYR G 173 -105.32 -18.77 19.01
N ASN G 174 -106.56 -19.23 19.05
CA ASN G 174 -106.98 -20.27 20.00
C ASN G 174 -106.75 -19.83 21.44
N VAL G 175 -107.14 -18.59 21.74
CA VAL G 175 -107.01 -18.04 23.09
C VAL G 175 -108.38 -17.58 23.56
N PRO G 176 -108.78 -17.86 24.79
CA PRO G 176 -110.05 -17.32 25.28
C PRO G 176 -109.95 -15.83 25.58
N TYR G 177 -111.09 -15.15 25.43
CA TYR G 177 -111.15 -13.72 25.72
C TYR G 177 -112.60 -13.35 25.98
N GLU G 178 -112.85 -12.62 27.06
CA GLU G 178 -114.18 -12.18 27.45
C GLU G 178 -114.31 -10.69 27.17
N PRO G 179 -114.98 -10.27 26.08
CA PRO G 179 -115.05 -8.85 25.76
C PRO G 179 -115.73 -8.06 26.86
N ASP G 180 -115.39 -6.77 26.93
CA ASP G 180 -116.04 -5.86 27.86
C ASP G 180 -117.47 -5.65 27.41
N SER G 181 -118.42 -6.20 28.16
CA SER G 181 -119.81 -6.14 27.73
C SER G 181 -120.29 -4.69 27.63
N VAL G 182 -119.79 -3.81 28.51
CA VAL G 182 -120.23 -2.41 28.53
C VAL G 182 -120.10 -1.80 27.14
N VAL G 183 -119.00 -2.10 26.44
CA VAL G 183 -118.75 -1.56 25.11
C VAL G 183 -119.16 -2.56 24.06
N MET G 184 -119.04 -3.86 24.37
CA MET G 184 -119.38 -4.89 23.41
C MET G 184 -120.86 -4.92 23.08
N ALA G 185 -121.72 -4.40 23.95
CA ALA G 185 -123.15 -4.40 23.72
C ALA G 185 -123.70 -3.04 23.33
N GLU G 186 -123.09 -1.95 23.78
CA GLU G 186 -123.57 -0.62 23.46
C GLU G 186 -123.13 -0.24 22.04
N ASN H 3 41.52 48.02 -57.00
CA ASN H 3 40.55 48.44 -58.00
C ASN H 3 40.23 47.30 -58.95
N MET H 4 41.28 46.69 -59.52
CA MET H 4 41.08 45.61 -60.48
C MET H 4 40.44 44.39 -59.82
N GLU H 5 40.68 44.19 -58.53
CA GLU H 5 40.08 43.06 -57.83
C GLU H 5 38.56 43.16 -57.85
N LYS H 6 38.03 44.38 -57.72
CA LYS H 6 36.58 44.57 -57.79
C LYS H 6 36.04 44.18 -59.16
N HIS H 7 36.74 44.60 -60.22
CA HIS H 7 36.31 44.25 -61.56
C HIS H 7 36.36 42.73 -61.78
N LEU H 8 37.40 42.08 -61.26
CA LEU H 8 37.48 40.63 -61.34
C LEU H 8 36.30 39.98 -60.63
N PHE H 9 35.97 40.48 -59.44
CA PHE H 9 34.84 39.94 -58.69
C PHE H 9 33.56 40.08 -59.50
N ASN H 10 33.33 41.26 -60.09
CA ASN H 10 32.12 41.47 -60.88
C ASN H 10 32.09 40.54 -62.08
N LEU H 11 33.24 40.32 -62.73
CA LEU H 11 33.30 39.43 -63.89
C LEU H 11 32.93 38.01 -63.50
N LYS H 12 33.52 37.51 -62.41
CA LYS H 12 33.22 36.15 -61.98
C LYS H 12 31.76 36.02 -61.56
N PHE H 13 31.22 37.06 -60.92
CA PHE H 13 29.81 37.05 -60.55
C PHE H 13 28.92 36.97 -61.79
N ALA H 14 29.25 37.75 -62.82
CA ALA H 14 28.46 37.71 -64.04
C ALA H 14 28.53 36.34 -64.71
N ALA H 15 29.72 35.72 -64.70
CA ALA H 15 29.85 34.39 -65.27
C ALA H 15 28.98 33.39 -64.54
N LYS H 16 29.02 33.42 -63.20
CA LYS H 16 28.19 32.51 -62.42
C LYS H 16 26.72 32.77 -62.66
N GLU H 17 26.33 34.03 -62.80
CA GLU H 17 24.94 34.36 -63.09
C GLU H 17 24.52 33.78 -64.44
N LEU H 18 25.37 33.90 -65.44
CA LEU H 18 25.05 33.33 -66.75
C LEU H 18 24.90 31.82 -66.68
N SER H 19 25.78 31.16 -65.93
CA SER H 19 25.66 29.70 -65.77
C SER H 19 24.35 29.32 -65.11
N ARG H 20 24.02 30.01 -64.01
CA ARG H 20 22.75 29.76 -63.33
C ARG H 20 21.57 29.96 -64.27
N SER H 21 21.61 31.02 -65.08
CA SER H 21 20.51 31.29 -66.00
C SER H 21 20.40 30.21 -67.06
N ALA H 22 21.54 29.70 -67.55
CA ALA H 22 21.49 28.61 -68.51
C ALA H 22 20.85 27.37 -67.90
N LYS H 23 21.23 27.03 -66.66
CA LYS H 23 20.63 25.90 -65.99
C LYS H 23 19.12 26.08 -65.86
N LYS H 24 18.71 27.27 -65.41
CA LYS H 24 17.28 27.55 -65.23
C LYS H 24 16.53 27.44 -66.54
N CYS H 25 17.13 27.93 -67.63
CA CYS H 25 16.45 27.89 -68.92
C CYS H 25 16.33 26.46 -69.43
N ASP H 26 17.35 25.63 -69.19
CA ASP H 26 17.23 24.22 -69.54
C ASP H 26 16.08 23.57 -68.77
N LYS H 27 15.99 23.85 -67.48
CA LYS H 27 14.88 23.33 -66.67
C LYS H 27 13.54 23.77 -67.23
N GLU H 28 13.42 25.06 -67.59
CA GLU H 28 12.17 25.56 -68.13
C GLU H 28 11.82 24.89 -69.45
N GLU H 29 12.83 24.59 -70.27
CA GLU H 29 12.57 23.85 -71.50
C GLU H 29 12.02 22.47 -71.18
N LYS H 30 12.62 21.79 -70.21
CA LYS H 30 12.13 20.47 -69.83
C LYS H 30 10.69 20.53 -69.38
N ALA H 31 10.29 21.62 -68.71
CA ALA H 31 8.91 21.75 -68.27
C ALA H 31 7.97 22.04 -69.45
N GLU H 32 8.37 22.96 -70.32
CA GLU H 32 7.55 23.30 -71.47
C GLU H 32 7.34 22.11 -72.38
N LYS H 33 8.27 21.16 -72.40
CA LYS H 33 8.06 19.94 -73.18
C LYS H 33 6.90 19.14 -72.63
N ALA H 34 6.81 19.02 -71.30
CA ALA H 34 5.66 18.38 -70.68
C ALA H 34 4.37 19.11 -71.08
N LYS H 35 4.40 20.44 -71.03
CA LYS H 35 3.19 21.20 -71.32
C LYS H 35 2.76 21.01 -72.77
N ILE H 36 3.71 21.01 -73.70
CA ILE H 36 3.36 20.81 -75.10
C ILE H 36 2.82 19.40 -75.34
N GLU H 37 3.38 18.41 -74.64
CA GLU H 37 2.82 17.06 -74.73
C GLU H 37 1.36 17.04 -74.27
N LYS H 38 1.09 17.66 -73.13
CA LYS H 38 -0.28 17.73 -72.65
C LYS H 38 -1.19 18.41 -73.68
N ALA H 39 -0.75 19.55 -74.20
CA ALA H 39 -1.60 20.30 -75.12
C ALA H 39 -1.83 19.56 -76.42
N ILE H 40 -0.84 18.81 -76.91
CA ILE H 40 -1.05 18.02 -78.12
C ILE H 40 -1.95 16.83 -77.83
N GLN H 41 -2.00 16.38 -76.57
CA GLN H 41 -2.98 15.37 -76.21
C GLN H 41 -4.39 15.95 -76.22
N LYS H 42 -4.57 17.13 -75.61
CA LYS H 42 -5.89 17.77 -75.59
C LYS H 42 -6.35 18.22 -76.97
N GLY H 43 -5.45 18.26 -77.96
CA GLY H 43 -5.81 18.68 -79.29
C GLY H 43 -5.58 20.15 -79.59
N ASN H 44 -5.16 20.94 -78.60
CA ASN H 44 -4.91 22.35 -78.80
C ASN H 44 -3.70 22.53 -79.71
N MET H 45 -3.92 22.99 -80.94
CA MET H 45 -2.82 23.26 -81.85
C MET H 45 -2.13 24.57 -81.51
N GLU H 46 -2.90 25.60 -81.15
CA GLU H 46 -2.31 26.91 -80.90
C GLU H 46 -1.50 26.91 -79.60
N VAL H 47 -2.01 26.27 -78.55
CA VAL H 47 -1.25 26.19 -77.31
C VAL H 47 -0.02 25.33 -77.51
N ALA H 48 -0.12 24.28 -78.34
CA ALA H 48 1.06 23.50 -78.67
C ALA H 48 2.10 24.34 -79.39
N ARG H 49 1.66 25.18 -80.31
CA ARG H 49 2.59 26.10 -80.99
C ARG H 49 3.26 27.03 -79.99
N ILE H 50 2.48 27.59 -79.07
CA ILE H 50 3.03 28.52 -78.08
C ILE H 50 4.09 27.81 -77.24
N HIS H 51 3.76 26.62 -76.73
CA HIS H 51 4.69 25.92 -75.86
C HIS H 51 5.91 25.43 -76.62
N ALA H 52 5.75 25.10 -77.91
CA ALA H 52 6.90 24.73 -78.72
C ALA H 52 7.82 25.92 -78.92
N GLU H 53 7.26 27.08 -79.22
CA GLU H 53 8.06 28.30 -79.32
C GLU H 53 8.82 28.54 -78.02
N ASN H 54 8.12 28.43 -76.89
CA ASN H 54 8.78 28.64 -75.61
C ASN H 54 9.92 27.65 -75.39
N ALA H 55 9.69 26.38 -75.72
CA ALA H 55 10.70 25.35 -75.49
C ALA H 55 11.92 25.59 -76.36
N ILE H 56 11.70 25.85 -77.65
CA ILE H 56 12.82 26.10 -78.56
C ILE H 56 13.59 27.34 -78.12
N ARG H 57 12.87 28.39 -77.74
CA ARG H 57 13.52 29.61 -77.28
C ARG H 57 14.37 29.35 -76.05
N GLN H 58 13.82 28.61 -75.09
CA GLN H 58 14.57 28.33 -73.86
C GLN H 58 15.81 27.49 -74.16
N LYS H 59 15.68 26.50 -75.05
CA LYS H 59 16.84 25.70 -75.43
C LYS H 59 17.93 26.57 -76.04
N ASN H 60 17.56 27.37 -77.04
CA ASN H 60 18.57 28.19 -77.72
C ASN H 60 19.20 29.20 -76.77
N GLN H 61 18.39 29.85 -75.93
CA GLN H 61 18.94 30.84 -75.01
C GLN H 61 19.76 30.20 -73.92
N ALA H 62 19.45 28.96 -73.55
CA ALA H 62 20.30 28.24 -72.60
C ALA H 62 21.66 27.93 -73.21
N VAL H 63 21.67 27.48 -74.46
CA VAL H 63 22.95 27.24 -75.13
C VAL H 63 23.74 28.54 -75.22
N ASN H 64 23.06 29.64 -75.57
CA ASN H 64 23.74 30.93 -75.68
C ASN H 64 24.30 31.37 -74.34
N PHE H 65 23.52 31.24 -73.28
CA PHE H 65 24.01 31.60 -71.95
C PHE H 65 25.20 30.74 -71.55
N LEU H 66 25.19 29.47 -71.92
CA LEU H 66 26.30 28.60 -71.57
C LEU H 66 27.57 29.03 -72.29
N ARG H 67 27.48 29.27 -73.59
CA ARG H 67 28.65 29.75 -74.33
C ARG H 67 29.14 31.09 -73.78
N MET H 68 28.21 31.98 -73.48
CA MET H 68 28.55 33.30 -72.95
C MET H 68 29.26 33.17 -71.61
N SER H 69 28.76 32.30 -70.74
CA SER H 69 29.41 32.08 -69.45
C SER H 69 30.79 31.47 -69.62
N ALA H 70 30.97 30.60 -70.61
CA ALA H 70 32.30 30.07 -70.88
C ALA H 70 33.25 31.19 -71.28
N ARG H 71 32.81 32.08 -72.15
CA ARG H 71 33.65 33.20 -72.57
C ARG H 71 34.03 34.07 -71.37
N VAL H 72 33.03 34.43 -70.56
CA VAL H 72 33.31 35.28 -69.41
C VAL H 72 34.21 34.55 -68.41
N ASP H 73 34.07 33.24 -68.31
CA ASP H 73 34.94 32.47 -67.42
C ASP H 73 36.38 32.54 -67.90
N ALA H 74 36.60 32.38 -69.20
CA ALA H 74 37.95 32.52 -69.75
C ALA H 74 38.52 33.90 -69.44
N VAL H 75 37.73 34.94 -69.69
CA VAL H 75 38.22 36.30 -69.46
C VAL H 75 38.53 36.52 -67.99
N ALA H 76 37.68 35.99 -67.10
CA ALA H 76 37.89 36.19 -65.67
C ALA H 76 39.10 35.42 -65.17
N ALA H 77 39.33 34.22 -65.70
CA ALA H 77 40.54 33.49 -65.36
C ALA H 77 41.77 34.26 -65.80
N ARG H 78 41.73 34.82 -67.00
CA ARG H 78 42.85 35.62 -67.47
C ARG H 78 43.09 36.83 -66.57
N VAL H 79 42.02 37.50 -66.16
CA VAL H 79 42.15 38.69 -65.33
C VAL H 79 42.66 38.33 -63.95
N GLN H 80 42.22 37.18 -63.42
CA GLN H 80 42.71 36.73 -62.11
C GLN H 80 44.20 36.39 -62.17
N THR H 81 44.62 35.72 -63.24
CA THR H 81 46.05 35.51 -63.46
C THR H 81 46.79 36.83 -63.48
N ALA H 82 46.25 37.81 -64.21
CA ALA H 82 46.91 39.11 -64.29
C ALA H 82 47.01 39.77 -62.92
N VAL H 83 45.96 39.68 -62.11
CA VAL H 83 45.98 40.30 -60.79
C VAL H 83 47.03 39.64 -59.91
N THR H 84 47.05 38.31 -59.87
CA THR H 84 48.03 37.61 -59.06
C THR H 84 49.44 37.93 -59.51
N MET H 85 49.67 37.94 -60.83
CA MET H 85 51.01 38.26 -61.34
C MET H 85 51.38 39.71 -61.07
N GLY H 86 50.40 40.61 -61.04
CA GLY H 86 50.69 41.98 -60.68
C GLY H 86 51.12 42.12 -59.23
N LYS H 87 50.43 41.40 -58.34
CA LYS H 87 50.88 41.36 -56.95
C LYS H 87 52.30 40.80 -56.85
N VAL H 88 52.58 39.73 -57.58
CA VAL H 88 53.91 39.12 -57.53
C VAL H 88 54.95 40.09 -58.05
N THR H 89 54.65 40.78 -59.15
CA THR H 89 55.60 41.73 -59.73
C THR H 89 55.85 42.90 -58.80
N LYS H 90 54.79 43.41 -58.16
CA LYS H 90 54.97 44.48 -57.19
C LYS H 90 55.84 44.04 -56.03
N SER H 91 55.60 42.84 -55.51
CA SER H 91 56.40 42.34 -54.40
C SER H 91 57.85 42.17 -54.81
N MET H 92 58.10 41.69 -56.04
CA MET H 92 59.47 41.49 -56.47
C MET H 92 60.16 42.82 -56.76
N ALA H 93 59.41 43.83 -57.18
CA ALA H 93 59.99 45.16 -57.32
C ALA H 93 60.38 45.73 -55.97
N GLY H 94 59.50 45.61 -54.98
CA GLY H 94 59.86 46.03 -53.64
C GLY H 94 61.08 45.30 -53.10
N VAL H 95 61.14 43.99 -53.34
CA VAL H 95 62.29 43.21 -52.90
C VAL H 95 63.55 43.69 -53.60
N VAL H 96 63.45 43.99 -54.90
CA VAL H 96 64.61 44.47 -55.64
C VAL H 96 65.10 45.79 -55.06
N LYS H 97 64.17 46.69 -54.75
CA LYS H 97 64.56 47.98 -54.17
C LYS H 97 65.26 47.79 -52.83
N SER H 98 64.66 46.99 -51.95
CA SER H 98 65.23 46.78 -50.63
C SER H 98 66.61 46.11 -50.73
N MET H 99 66.72 45.08 -51.56
CA MET H 99 68.00 44.40 -51.73
C MET H 99 69.03 45.32 -52.36
N ASP H 100 68.61 46.22 -53.25
CA ASP H 100 69.55 47.18 -53.83
C ASP H 100 70.11 48.08 -52.75
N ALA H 101 69.22 48.68 -51.94
CA ALA H 101 69.68 49.51 -50.84
C ALA H 101 70.64 48.75 -49.93
N THR H 102 70.26 47.52 -49.55
CA THR H 102 71.08 46.75 -48.62
C THR H 102 72.44 46.42 -49.23
N LEU H 103 72.45 45.77 -50.40
CA LEU H 103 73.70 45.41 -51.05
C LEU H 103 74.55 46.62 -51.39
N LYS H 104 73.95 47.81 -51.47
CA LYS H 104 74.75 49.02 -51.57
C LYS H 104 75.39 49.34 -50.24
N THR H 105 74.63 49.24 -49.16
CA THR H 105 75.19 49.48 -47.83
C THR H 105 76.11 48.34 -47.41
N MET H 106 75.61 47.11 -47.46
CA MET H 106 76.37 45.93 -47.07
C MET H 106 76.76 45.18 -48.33
N ASN H 107 77.89 45.57 -48.91
CA ASN H 107 78.36 44.95 -50.14
C ASN H 107 79.34 43.82 -49.82
N LEU H 108 79.87 43.19 -50.86
CA LEU H 108 80.72 42.03 -50.67
C LEU H 108 82.05 42.40 -50.02
N GLU H 109 82.61 43.55 -50.39
CA GLU H 109 83.84 44.00 -49.75
C GLU H 109 83.63 44.18 -48.25
N LYS H 110 82.62 44.94 -47.88
CA LYS H 110 82.37 45.20 -46.46
C LYS H 110 82.04 43.91 -45.73
N ILE H 111 81.27 43.03 -46.36
CA ILE H 111 80.89 41.78 -45.70
C ILE H 111 82.13 40.91 -45.47
N SER H 112 82.98 40.79 -46.48
CA SER H 112 84.19 39.99 -46.33
C SER H 112 85.09 40.56 -45.25
N ALA H 113 85.26 41.88 -45.23
CA ALA H 113 86.09 42.51 -44.19
C ALA H 113 85.49 42.29 -42.82
N LEU H 114 84.17 42.45 -42.69
CA LEU H 114 83.49 42.25 -41.43
C LEU H 114 83.67 40.82 -40.93
N MET H 115 83.66 39.86 -41.85
CA MET H 115 83.79 38.47 -41.45
C MET H 115 85.22 38.11 -41.07
N ASP H 116 86.19 38.65 -41.81
CA ASP H 116 87.58 38.51 -41.38
C ASP H 116 87.77 39.09 -39.98
N LYS H 117 87.13 40.24 -39.72
CA LYS H 117 87.22 40.86 -38.40
C LYS H 117 86.57 39.99 -37.34
N PHE H 118 85.40 39.43 -37.63
CA PHE H 118 84.74 38.52 -36.70
C PHE H 118 85.65 37.35 -36.36
N GLU H 119 86.22 36.71 -37.39
CA GLU H 119 87.09 35.56 -37.17
C GLU H 119 88.29 35.95 -36.31
N HIS H 120 88.94 37.07 -36.63
CA HIS H 120 90.13 37.47 -35.89
C HIS H 120 89.78 37.85 -34.45
N GLN H 121 88.67 38.55 -34.26
CA GLN H 121 88.25 38.92 -32.91
C GLN H 121 87.99 37.69 -32.06
N PHE H 122 87.31 36.69 -32.62
CA PHE H 122 87.02 35.50 -31.84
C PHE H 122 88.21 34.58 -31.69
N GLU H 123 89.19 34.66 -32.58
CA GLU H 123 90.47 34.00 -32.33
C GLU H 123 91.20 34.66 -31.16
N THR H 124 91.25 35.99 -31.15
CA THR H 124 91.79 36.70 -30.01
C THR H 124 91.05 36.31 -28.74
N LEU H 125 89.74 36.13 -28.83
CA LEU H 125 88.96 35.70 -27.67
C LEU H 125 89.30 34.26 -27.27
N ASP H 126 89.67 33.45 -28.25
CA ASP H 126 90.11 32.05 -28.00
C ASP H 126 91.40 32.11 -27.17
N VAL H 127 92.31 33.02 -27.52
CA VAL H 127 93.59 33.19 -26.81
C VAL H 127 93.33 33.70 -25.40
N GLN H 128 92.46 34.71 -25.29
CA GLN H 128 92.11 35.26 -23.99
C GLN H 128 91.52 34.17 -23.09
N THR H 129 90.63 33.35 -23.64
CA THR H 129 90.00 32.30 -22.86
C THR H 129 91.04 31.29 -22.38
N GLN H 130 91.96 30.89 -23.25
CA GLN H 130 92.99 29.94 -22.86
C GLN H 130 93.84 30.49 -21.72
N GLN H 131 94.31 31.74 -21.88
CA GLN H 131 95.16 32.33 -20.86
C GLN H 131 94.40 32.52 -19.55
N MET H 132 93.17 33.05 -19.65
CA MET H 132 92.32 33.23 -18.48
C MET H 132 92.10 31.92 -17.76
N GLU H 133 91.96 30.82 -18.51
CA GLU H 133 91.72 29.54 -17.89
C GLU H 133 92.97 29.01 -17.22
N ASP H 134 94.13 29.16 -17.88
CA ASP H 134 95.38 28.82 -17.25
C ASP H 134 95.52 29.52 -15.90
N THR H 135 95.22 30.82 -15.87
CA THR H 135 95.35 31.56 -14.62
C THR H 135 94.31 31.14 -13.59
N MET H 136 93.06 30.98 -14.01
CA MET H 136 92.02 30.51 -13.10
C MET H 136 92.43 29.21 -12.44
N SER H 137 93.03 28.30 -13.21
CA SER H 137 93.45 27.02 -12.66
C SER H 137 94.65 27.20 -11.72
N SER H 138 95.61 28.05 -12.11
CA SER H 138 96.77 28.28 -11.26
C SER H 138 96.38 28.91 -9.93
N THR H 139 95.27 29.66 -9.91
CA THR H 139 94.84 30.30 -8.67
C THR H 139 94.46 29.26 -7.62
N THR H 140 93.71 28.23 -8.03
CA THR H 140 93.18 27.22 -7.12
C THR H 140 93.84 25.89 -7.46
N THR H 141 95.00 25.64 -6.87
CA THR H 141 95.74 24.40 -7.04
C THR H 141 95.90 23.63 -5.74
N LEU H 142 95.76 24.27 -4.59
CA LEU H 142 95.88 23.59 -3.30
C LEU H 142 94.56 23.00 -2.84
N THR H 143 93.44 23.45 -3.40
CA THR H 143 92.15 22.82 -3.14
C THR H 143 91.90 21.62 -4.04
N THR H 144 92.55 21.59 -5.21
CA THR H 144 92.39 20.51 -6.18
C THR H 144 93.77 19.94 -6.52
N PRO H 145 94.31 19.09 -5.66
CA PRO H 145 95.59 18.46 -5.98
C PRO H 145 95.44 17.42 -7.08
N GLN H 146 96.37 17.44 -8.03
CA GLN H 146 96.33 16.48 -9.13
C GLN H 146 96.38 15.05 -8.61
N ASN H 147 97.19 14.79 -7.59
CA ASN H 147 97.33 13.44 -7.06
C ASN H 147 96.00 12.93 -6.53
N GLN H 148 95.26 13.76 -5.80
CA GLN H 148 93.98 13.33 -5.24
C GLN H 148 92.98 13.02 -6.35
N VAL H 149 92.95 13.85 -7.40
CA VAL H 149 92.03 13.61 -8.49
C VAL H 149 92.38 12.30 -9.20
N ASP H 150 93.68 12.08 -9.46
CA ASP H 150 94.10 10.83 -10.08
C ASP H 150 93.68 9.64 -9.24
N MET H 151 93.90 9.72 -7.92
CA MET H 151 93.54 8.61 -7.05
C MET H 151 92.04 8.37 -7.05
N LEU H 152 91.25 9.43 -7.00
CA LEU H 152 89.79 9.26 -7.02
C LEU H 152 89.35 8.59 -8.32
N LEU H 153 89.93 9.02 -9.45
CA LEU H 153 89.55 8.41 -10.71
C LEU H 153 89.95 6.93 -10.75
N GLN H 154 91.14 6.61 -10.24
CA GLN H 154 91.57 5.22 -10.23
C GLN H 154 90.65 4.37 -9.36
N GLU H 155 90.27 4.88 -8.18
CA GLU H 155 89.39 4.12 -7.31
C GLU H 155 88.02 3.93 -7.94
N MET H 156 87.46 4.99 -8.54
CA MET H 156 86.15 4.88 -9.14
C MET H 156 86.18 3.90 -10.32
N ALA H 157 87.25 3.93 -11.12
CA ALA H 157 87.38 2.99 -12.21
C ALA H 157 87.46 1.55 -11.69
N ASP H 158 88.39 1.29 -10.77
CA ASP H 158 88.56 -0.05 -10.23
C ASP H 158 87.26 -0.56 -9.62
N GLU H 159 86.50 0.32 -8.95
CA GLU H 159 85.21 -0.09 -8.42
C GLU H 159 84.24 -0.43 -9.54
N ALA H 160 84.18 0.41 -10.57
CA ALA H 160 83.35 0.11 -11.73
C ALA H 160 83.90 -1.03 -12.56
N GLY H 161 85.12 -1.49 -12.28
CA GLY H 161 85.74 -2.55 -13.04
C GLY H 161 86.24 -2.16 -14.41
N LEU H 162 85.88 -0.98 -14.90
CA LEU H 162 86.25 -0.56 -16.25
C LEU H 162 87.68 -0.02 -16.23
N ASP H 163 88.10 0.57 -17.36
CA ASP H 163 89.40 1.19 -17.47
C ASP H 163 89.23 2.53 -18.18
N LEU H 164 90.24 3.38 -18.04
CA LEU H 164 90.21 4.74 -18.55
C LEU H 164 91.23 4.90 -19.66
N ASN H 165 90.78 5.33 -20.83
CA ASN H 165 91.66 5.56 -21.97
C ASN H 165 91.45 6.95 -22.53
N GLU H 187 107.86 10.60 -5.49
CA GLU H 187 108.09 9.58 -6.51
C GLU H 187 109.15 10.05 -7.51
N LEU H 188 108.69 10.58 -8.66
CA LEU H 188 109.63 11.11 -9.64
C LEU H 188 110.38 12.32 -9.09
N SER H 189 109.73 13.10 -8.23
CA SER H 189 110.35 14.30 -7.70
C SER H 189 111.64 13.97 -6.96
N GLN H 190 111.68 12.84 -6.28
CA GLN H 190 112.89 12.46 -5.55
C GLN H 190 114.03 12.13 -6.50
N ARG H 191 113.74 11.41 -7.59
CA ARG H 191 114.77 11.13 -8.57
C ARG H 191 115.26 12.41 -9.23
N LEU H 192 114.35 13.35 -9.50
CA LEU H 192 114.74 14.62 -10.09
C LEU H 192 115.60 15.43 -9.12
N ALA H 193 115.29 15.38 -7.83
CA ALA H 193 116.10 16.08 -6.85
C ALA H 193 117.49 15.47 -6.74
N ARG H 194 117.57 14.13 -6.71
CA ARG H 194 118.87 13.46 -6.70
C ARG H 194 119.67 13.84 -7.95
N LEU H 195 119.00 13.94 -9.09
CA LEU H 195 119.68 14.37 -10.32
C LEU H 195 120.14 15.82 -10.21
N ARG H 196 119.32 16.66 -9.55
CA ARG H 196 119.69 18.06 -9.38
C ARG H 196 120.92 18.21 -8.50
N ASP H 197 121.04 17.36 -7.46
CA ASP H 197 122.23 17.38 -6.64
C ASP H 197 123.48 17.09 -7.46
N GLN H 198 123.36 16.25 -8.48
CA GLN H 198 124.47 15.94 -9.36
C GLN H 198 125.66 15.37 -8.59
N PHE I 6 115.25 52.28 11.41
CA PHE I 6 115.05 50.84 11.56
C PHE I 6 114.08 50.54 12.69
N LYS I 7 113.10 49.68 12.38
CA LYS I 7 112.04 49.24 13.34
C LYS I 7 112.19 47.72 13.53
N ALA I 8 112.19 47.26 14.79
CA ALA I 8 112.38 45.84 15.06
C ALA I 8 111.11 45.04 14.81
N GLU I 9 110.00 45.45 15.41
CA GLU I 9 108.75 44.70 15.25
C GLU I 9 108.33 44.64 13.78
N ARG I 10 108.59 45.71 13.02
CA ARG I 10 108.34 45.66 11.58
C ARG I 10 109.12 44.54 10.93
N LEU I 11 110.41 44.41 11.27
CA LEU I 11 111.22 43.34 10.72
C LEU I 11 110.69 41.97 11.12
N ARG I 12 110.28 41.83 12.39
CA ARG I 12 109.73 40.57 12.86
C ARG I 12 108.49 40.17 12.05
N VAL I 13 107.55 41.11 11.91
CA VAL I 13 106.31 40.83 11.20
C VAL I 13 106.60 40.50 9.74
N ASN I 14 107.51 41.26 9.11
CA ASN I 14 107.83 40.99 7.72
C ASN I 14 108.51 39.64 7.56
N LEU I 15 109.32 39.22 8.53
CA LEU I 15 109.93 37.91 8.46
C LEU I 15 108.89 36.81 8.53
N ARG I 16 107.94 36.93 9.46
CA ARG I 16 106.87 35.93 9.55
C ARG I 16 106.07 35.88 8.26
N LEU I 17 105.76 37.05 7.69
CA LEU I 17 105.01 37.09 6.44
C LEU I 17 105.80 36.45 5.31
N VAL I 18 107.11 36.71 5.25
CA VAL I 18 107.94 36.10 4.21
C VAL I 18 107.94 34.59 4.36
N ILE I 19 108.01 34.10 5.59
CA ILE I 19 107.98 32.65 5.82
C ILE I 19 106.69 32.05 5.27
N ASN I 20 105.55 32.64 5.66
CA ASN I 20 104.26 32.12 5.19
C ASN I 20 104.18 32.16 3.67
N ARG I 21 104.58 33.28 3.07
CA ARG I 21 104.51 33.44 1.63
C ARG I 21 105.38 32.39 0.93
N LEU I 22 106.57 32.14 1.46
CA LEU I 22 107.45 31.15 0.85
C LEU I 22 106.84 29.75 0.95
N LYS I 23 106.20 29.44 2.07
CA LYS I 23 105.51 28.15 2.19
C LYS I 23 104.46 28.01 1.10
N LEU I 24 103.55 28.99 0.99
CA LEU I 24 102.51 28.92 -0.02
C LEU I 24 103.11 28.79 -1.41
N LEU I 25 104.14 29.58 -1.70
CA LEU I 25 104.71 29.60 -3.04
C LEU I 25 105.35 28.26 -3.38
N GLU I 26 106.11 27.67 -2.46
CA GLU I 26 106.75 26.39 -2.77
C GLU I 26 105.71 25.30 -2.94
N LYS I 27 104.66 25.31 -2.12
CA LYS I 27 103.57 24.34 -2.32
C LYS I 27 103.02 24.44 -3.73
N LYS I 28 102.52 25.62 -4.10
CA LYS I 28 101.84 25.74 -5.39
C LYS I 28 102.82 25.54 -6.54
N LYS I 29 104.10 25.85 -6.34
CA LYS I 29 105.09 25.64 -7.39
C LYS I 29 105.37 24.16 -7.58
N THR I 30 105.39 23.38 -6.49
CA THR I 30 105.49 21.93 -6.63
C THR I 30 104.32 21.38 -7.43
N GLU I 31 103.11 21.85 -7.13
CA GLU I 31 101.94 21.38 -7.87
C GLU I 31 102.05 21.73 -9.36
N LEU I 32 102.32 23.00 -9.66
CA LEU I 32 102.48 23.42 -11.04
C LEU I 32 103.60 22.66 -11.73
N ALA I 33 104.65 22.29 -10.99
CA ALA I 33 105.74 21.53 -11.58
C ALA I 33 105.28 20.14 -11.96
N GLN I 34 104.48 19.49 -11.12
CA GLN I 34 103.88 18.21 -11.50
C GLN I 34 103.11 18.36 -12.81
N LYS I 35 102.24 19.35 -12.88
CA LYS I 35 101.40 19.50 -14.07
C LYS I 35 102.24 19.78 -15.32
N ALA I 36 103.25 20.64 -15.21
CA ALA I 36 104.06 20.97 -16.36
C ALA I 36 104.98 19.81 -16.75
N ARG I 37 105.35 18.97 -15.79
CA ARG I 37 106.06 17.74 -16.12
C ARG I 37 105.19 16.82 -16.95
N LYS I 38 103.91 16.69 -16.57
CA LYS I 38 102.98 15.96 -17.42
C LYS I 38 102.91 16.56 -18.82
N GLU I 39 102.91 17.89 -18.90
CA GLU I 39 102.89 18.55 -20.20
C GLU I 39 104.14 18.20 -21.01
N ILE I 40 105.30 18.16 -20.37
CA ILE I 40 106.53 17.82 -21.08
C ILE I 40 106.47 16.37 -21.55
N ALA I 41 105.89 15.48 -20.75
CA ALA I 41 105.72 14.11 -21.18
C ALA I 41 104.86 14.05 -22.43
N ASP I 42 103.76 14.80 -22.45
CA ASP I 42 102.92 14.87 -23.64
C ASP I 42 103.71 15.40 -24.84
N TYR I 43 104.53 16.42 -24.61
CA TYR I 43 105.35 16.96 -25.70
C TYR I 43 106.28 15.90 -26.25
N LEU I 44 106.89 15.10 -25.38
CA LEU I 44 107.81 14.06 -25.82
C LEU I 44 107.07 12.93 -26.53
N ALA I 45 105.80 12.71 -26.19
CA ALA I 45 105.02 11.71 -26.91
C ALA I 45 105.06 11.96 -28.41
N ALA I 46 104.95 13.22 -28.82
CA ALA I 46 105.12 13.60 -30.22
C ALA I 46 106.60 13.66 -30.56
N GLY I 47 106.88 13.99 -31.82
CA GLY I 47 108.26 14.11 -32.27
C GLY I 47 108.95 15.38 -31.84
N LYS I 48 108.22 16.31 -31.23
CA LYS I 48 108.81 17.57 -30.77
C LYS I 48 109.77 17.30 -29.62
N ASP I 49 111.06 17.52 -29.87
CA ASP I 49 112.11 17.28 -28.88
C ASP I 49 112.82 18.55 -28.45
N GLU I 50 113.24 19.38 -29.42
CA GLU I 50 113.97 20.61 -29.08
C GLU I 50 113.11 21.59 -28.29
N ARG I 51 111.80 21.40 -28.29
CA ARG I 51 110.87 22.24 -27.52
C ARG I 51 110.72 21.73 -26.08
N ALA I 52 110.69 20.41 -25.92
CA ALA I 52 110.63 19.83 -24.59
C ALA I 52 111.85 20.23 -23.77
N ARG I 53 112.97 20.49 -24.42
CA ARG I 53 114.16 20.96 -23.70
C ARG I 53 113.92 22.34 -23.11
N ILE I 54 113.24 23.23 -23.85
CA ILE I 54 112.91 24.54 -23.30
C ILE I 54 111.93 24.39 -22.14
N ARG I 55 110.92 23.54 -22.31
CA ARG I 55 109.96 23.35 -21.23
C ARG I 55 110.64 22.82 -19.97
N VAL I 56 111.55 21.87 -20.13
CA VAL I 56 112.22 21.32 -18.95
C VAL I 56 113.22 22.32 -18.38
N GLU I 57 113.73 23.23 -19.21
CA GLU I 57 114.50 24.35 -18.66
C GLU I 57 113.62 25.17 -17.71
N HIS I 58 112.42 25.51 -18.17
CA HIS I 58 111.44 26.14 -17.28
C HIS I 58 111.30 25.36 -15.98
N ILE I 59 111.14 24.03 -16.09
CA ILE I 59 110.87 23.21 -14.91
C ILE I 59 112.04 23.27 -13.94
N ILE I 60 113.26 23.08 -14.44
CA ILE I 60 114.40 23.01 -13.53
C ILE I 60 114.72 24.39 -12.97
N ARG I 61 114.44 25.45 -13.72
CA ARG I 61 114.51 26.79 -13.14
C ARG I 61 113.55 26.90 -11.96
N GLU I 62 112.31 26.46 -12.14
CA GLU I 62 111.34 26.52 -11.04
C GLU I 62 111.77 25.67 -9.86
N ASP I 63 112.43 24.55 -10.11
CA ASP I 63 112.87 23.67 -9.03
C ASP I 63 114.02 24.30 -8.25
N TYR I 64 115.01 24.84 -8.97
CA TYR I 64 116.03 25.65 -8.32
C TYR I 64 115.40 26.73 -7.46
N LEU I 65 114.35 27.38 -7.98
CA LEU I 65 113.69 28.45 -7.25
C LEU I 65 113.05 27.94 -5.98
N VAL I 66 112.40 26.78 -6.05
CA VAL I 66 111.75 26.21 -4.87
C VAL I 66 112.80 25.86 -3.80
N GLU I 67 113.92 25.28 -4.23
CA GLU I 67 114.98 24.97 -3.27
C GLU I 67 115.53 26.24 -2.64
N ALA I 68 115.73 27.29 -3.44
CA ALA I 68 116.22 28.56 -2.90
C ALA I 68 115.23 29.15 -1.92
N MET I 69 113.93 29.01 -2.21
CA MET I 69 112.92 29.51 -1.29
C MET I 69 112.93 28.72 0.01
N GLU I 70 113.17 27.41 -0.06
CA GLU I 70 113.33 26.62 1.16
C GLU I 70 114.50 27.13 1.99
N ILE I 71 115.64 27.38 1.34
CA ILE I 71 116.81 27.88 2.07
C ILE I 71 116.50 29.24 2.69
N LEU I 72 115.79 30.10 1.95
CA LEU I 72 115.50 31.43 2.45
C LEU I 72 114.52 31.38 3.62
N GLU I 73 113.53 30.49 3.55
CA GLU I 73 112.64 30.27 4.68
C GLU I 73 113.42 29.81 5.90
N LEU I 74 114.36 28.89 5.70
CA LEU I 74 115.23 28.45 6.79
C LEU I 74 115.95 29.65 7.42
N TYR I 75 116.55 30.50 6.59
CA TYR I 75 117.34 31.61 7.12
C TYR I 75 116.44 32.63 7.82
N CYS I 76 115.27 32.92 7.27
CA CYS I 76 114.35 33.84 7.93
C CYS I 76 113.93 33.30 9.29
N ASP I 77 113.62 32.00 9.36
CA ASP I 77 113.28 31.42 10.65
C ASP I 77 114.45 31.46 11.61
N LEU I 78 115.67 31.32 11.09
CA LEU I 78 116.85 31.42 11.95
C LEU I 78 116.95 32.80 12.57
N LEU I 79 116.81 33.83 11.73
CA LEU I 79 116.82 35.20 12.26
C LEU I 79 115.71 35.39 13.27
N LEU I 80 114.52 34.85 12.98
CA LEU I 80 113.37 35.02 13.87
C LEU I 80 113.57 34.28 15.19
N ALA I 81 114.38 33.22 15.21
CA ALA I 81 114.68 32.51 16.44
C ALA I 81 115.73 33.22 17.28
N ARG I 82 116.58 34.02 16.64
CA ARG I 82 117.64 34.76 17.31
C ARG I 82 117.41 36.26 17.15
N PHE I 83 116.16 36.68 17.32
CA PHE I 83 115.80 38.08 17.12
C PHE I 83 116.33 38.95 18.25
N GLY I 84 116.24 38.47 19.49
CA GLY I 84 116.81 39.21 20.59
C GLY I 84 118.29 39.48 20.41
N LEU I 85 119.02 38.51 19.86
CA LEU I 85 120.43 38.72 19.58
C LEU I 85 120.64 39.78 18.51
N ILE I 86 119.62 40.03 17.69
CA ILE I 86 119.66 41.15 16.76
C ILE I 86 119.46 42.46 17.50
N GLN I 87 118.45 42.50 18.39
CA GLN I 87 118.12 43.74 19.07
C GLN I 87 119.22 44.16 20.04
N SER I 88 119.85 43.20 20.70
CA SER I 88 120.83 43.52 21.74
C SER I 88 122.09 44.12 21.14
N MET I 89 122.79 43.36 20.31
CA MET I 89 124.02 43.83 19.71
C MET I 89 123.73 44.94 18.70
N LYS I 90 124.79 45.64 18.30
CA LYS I 90 124.72 46.62 17.23
C LYS I 90 125.36 46.15 15.94
N GLU I 91 126.35 45.27 16.02
CA GLU I 91 126.93 44.61 14.86
C GLU I 91 126.58 43.13 14.90
N LEU I 92 126.25 42.58 13.74
CA LEU I 92 125.82 41.18 13.68
C LEU I 92 126.97 40.25 14.02
N ASP I 93 126.65 39.17 14.72
CA ASP I 93 127.64 38.17 15.07
C ASP I 93 127.84 37.20 13.91
N SER I 94 128.69 36.19 14.12
CA SER I 94 128.97 35.23 13.06
C SER I 94 127.77 34.34 12.79
N GLY I 95 127.03 33.96 13.84
CA GLY I 95 125.88 33.10 13.67
C GLY I 95 124.80 33.67 12.78
N LEU I 96 124.78 34.98 12.58
CA LEU I 96 123.77 35.65 11.77
C LEU I 96 124.34 36.29 10.52
N ALA I 97 125.65 36.14 10.27
CA ALA I 97 126.25 36.74 9.08
C ALA I 97 125.63 36.16 7.81
N GLU I 98 125.56 34.83 7.73
CA GLU I 98 125.05 34.19 6.52
C GLU I 98 123.61 34.58 6.25
N SER I 99 122.76 34.49 7.26
CA SER I 99 121.34 34.82 7.07
C SER I 99 121.18 36.24 6.54
N VAL I 100 121.80 37.21 7.22
CA VAL I 100 121.65 38.60 6.82
C VAL I 100 122.20 38.81 5.42
N SER I 101 123.38 38.27 5.14
CA SER I 101 124.00 38.46 3.83
C SER I 101 123.11 37.92 2.73
N THR I 102 122.61 36.69 2.88
CA THR I 102 121.80 36.09 1.84
C THR I 102 120.46 36.80 1.71
N LEU I 103 119.86 37.20 2.82
CA LEU I 103 118.56 37.88 2.75
C LEU I 103 118.69 39.27 2.15
N ILE I 104 119.87 39.87 2.22
CA ILE I 104 120.07 41.15 1.55
C ILE I 104 120.41 40.94 0.07
N TRP I 105 121.12 39.86 -0.25
CA TRP I 105 121.54 39.64 -1.63
C TRP I 105 120.41 39.10 -2.49
N ALA I 106 119.54 38.26 -1.94
CA ALA I 106 118.49 37.62 -2.70
C ALA I 106 117.23 38.47 -2.79
N ALA I 107 117.11 39.49 -1.96
CA ALA I 107 115.89 40.31 -1.98
C ALA I 107 115.60 40.86 -3.36
N PRO I 108 116.52 41.54 -4.05
CA PRO I 108 116.20 42.02 -5.40
C PRO I 108 115.94 40.90 -6.39
N ARG I 109 116.49 39.71 -6.14
CA ARG I 109 116.24 38.58 -7.02
C ARG I 109 114.78 38.14 -6.94
N LEU I 110 114.30 37.87 -5.72
CA LEU I 110 112.94 37.40 -5.49
C LEU I 110 112.01 38.53 -5.07
N GLN I 111 112.31 39.78 -5.43
CA GLN I 111 111.47 40.89 -5.03
C GLN I 111 110.09 40.80 -5.65
N SER I 112 109.99 40.23 -6.86
CA SER I 112 108.69 40.14 -7.52
C SER I 112 107.82 39.06 -6.88
N GLU I 113 108.40 37.90 -6.60
CA GLU I 113 107.64 36.81 -5.99
C GLU I 113 107.21 37.20 -4.57
N VAL I 114 108.16 37.54 -3.72
CA VAL I 114 107.92 37.89 -2.33
C VAL I 114 108.22 39.38 -2.17
N ALA I 115 107.17 40.16 -1.88
CA ALA I 115 107.34 41.61 -1.72
C ALA I 115 107.95 41.94 -0.37
N GLU I 116 107.45 41.32 0.70
CA GLU I 116 107.94 41.61 2.05
C GLU I 116 109.44 41.41 2.18
N LEU I 117 110.03 40.60 1.31
CA LEU I 117 111.47 40.36 1.37
C LEU I 117 112.25 41.66 1.18
N LYS I 118 111.73 42.57 0.35
CA LYS I 118 112.39 43.85 0.18
C LYS I 118 112.38 44.66 1.46
N ILE I 119 111.27 44.61 2.20
CA ILE I 119 111.20 45.31 3.49
C ILE I 119 112.17 44.68 4.47
N VAL I 120 112.29 43.36 4.46
CA VAL I 120 113.26 42.70 5.32
C VAL I 120 114.67 43.18 4.99
N ALA I 121 114.99 43.24 3.69
CA ALA I 121 116.30 43.73 3.27
C ALA I 121 116.51 45.17 3.73
N ASP I 122 115.47 45.99 3.67
CA ASP I 122 115.57 47.36 4.14
C ASP I 122 115.94 47.39 5.62
N GLN I 123 115.15 46.72 6.46
CA GLN I 123 115.42 46.73 7.89
C GLN I 123 116.80 46.16 8.21
N LEU I 124 117.31 45.24 7.39
CA LEU I 124 118.63 44.70 7.63
C LEU I 124 119.75 45.56 7.06
N CYS I 125 119.44 46.48 6.15
CA CYS I 125 120.41 47.43 5.65
C CYS I 125 120.38 48.73 6.44
N ALA I 126 119.22 49.12 6.95
CA ALA I 126 119.10 50.33 7.75
C ALA I 126 119.57 50.15 9.18
N LYS I 127 119.82 48.92 9.62
CA LYS I 127 120.30 48.67 10.97
C LYS I 127 121.81 48.66 11.08
N TYR I 128 122.52 48.46 9.97
CA TYR I 128 123.97 48.32 9.98
C TYR I 128 124.61 49.44 9.18
N SER I 129 125.80 49.85 9.61
CA SER I 129 126.58 50.86 8.93
C SER I 129 127.95 50.38 8.49
N LYS I 130 128.50 49.35 9.14
CA LYS I 130 129.80 48.80 8.77
C LYS I 130 129.64 48.07 7.44
N GLU I 131 130.11 48.69 6.35
CA GLU I 131 129.98 48.14 5.02
C GLU I 131 128.52 47.91 4.65
N TYR I 132 127.64 48.79 5.12
CA TYR I 132 126.21 48.69 4.89
C TYR I 132 125.72 49.91 4.12
N GLY I 133 124.42 49.96 3.88
CA GLY I 133 123.86 50.91 2.94
C GLY I 133 123.85 50.32 1.54
N LYS I 134 122.82 50.69 0.77
CA LYS I 134 122.59 50.07 -0.54
C LYS I 134 123.91 49.81 -1.27
N LEU I 135 124.72 50.86 -1.45
CA LEU I 135 126.00 50.69 -2.13
C LEU I 135 126.91 49.74 -1.38
N CYS I 136 127.22 50.07 -0.11
CA CYS I 136 128.09 49.20 0.68
C CYS I 136 127.43 47.87 0.99
N ARG I 137 126.09 47.81 1.00
CA ARG I 137 125.41 46.54 1.19
C ARG I 137 125.63 45.62 0.00
N THR I 138 125.69 46.19 -1.20
CA THR I 138 126.05 45.40 -2.38
C THR I 138 127.54 45.11 -2.43
N ASN I 139 128.36 46.00 -1.86
CA ASN I 139 129.81 45.79 -1.87
C ASN I 139 130.20 44.67 -0.90
N GLN I 140 129.55 44.61 0.26
CA GLN I 140 129.83 43.61 1.27
C GLN I 140 128.96 42.36 1.14
N ILE I 141 128.52 42.04 -0.07
CA ILE I 141 127.67 40.88 -0.31
C ILE I 141 128.49 39.66 -0.73
N GLY I 142 129.80 39.68 -0.49
CA GLY I 142 130.66 38.58 -0.89
C GLY I 142 130.80 37.52 0.18
N THR I 143 129.76 37.32 0.99
CA THR I 143 129.78 36.31 2.03
C THR I 143 128.48 35.52 2.09
N VAL I 144 127.72 35.48 1.00
CA VAL I 144 126.43 34.80 0.98
C VAL I 144 126.64 33.33 0.68
N ASN I 145 125.61 32.53 0.97
CA ASN I 145 125.65 31.10 0.70
C ASN I 145 125.81 30.86 -0.79
N ASP I 146 126.91 30.19 -1.17
CA ASP I 146 127.18 29.94 -2.58
C ASP I 146 126.09 29.04 -3.19
N ARG I 147 125.59 28.08 -2.42
CA ARG I 147 124.55 27.20 -2.94
C ARG I 147 123.32 28.00 -3.37
N LEU I 148 122.85 28.89 -2.50
CA LEU I 148 121.70 29.72 -2.85
C LEU I 148 122.01 30.59 -4.06
N MET I 149 123.24 31.10 -4.15
CA MET I 149 123.63 31.86 -5.33
C MET I 149 123.48 31.02 -6.59
N HIS I 150 123.82 29.73 -6.50
CA HIS I 150 123.69 28.86 -7.65
C HIS I 150 122.23 28.57 -7.98
N LYS I 151 121.41 28.37 -6.95
CA LYS I 151 119.99 28.10 -7.19
C LYS I 151 119.31 29.28 -7.88
N LEU I 152 119.68 30.50 -7.49
CA LEU I 152 119.13 31.71 -8.07
C LEU I 152 120.02 32.28 -9.17
N SER I 153 120.97 31.50 -9.66
CA SER I 153 121.84 31.96 -10.74
C SER I 153 121.07 31.96 -12.05
N VAL I 154 121.08 33.10 -12.73
CA VAL I 154 120.33 33.26 -13.98
C VAL I 154 121.30 32.88 -15.10
N GLU I 155 121.29 31.60 -15.45
CA GLU I 155 122.20 31.08 -16.47
C GLU I 155 121.56 29.88 -17.14
N ALA I 156 121.94 29.66 -18.39
CA ALA I 156 121.46 28.50 -19.13
C ALA I 156 121.94 27.22 -18.44
N PRO I 157 121.06 26.39 -17.91
CA PRO I 157 121.51 25.18 -17.21
C PRO I 157 122.33 24.29 -18.11
N PRO I 158 123.13 23.38 -17.55
CA PRO I 158 123.95 22.51 -18.39
C PRO I 158 123.08 21.58 -19.23
N LYS I 159 123.51 21.35 -20.48
CA LYS I 159 122.71 20.56 -21.41
C LYS I 159 122.56 19.13 -20.93
N ILE I 160 123.64 18.55 -20.39
CA ILE I 160 123.57 17.17 -19.91
C ILE I 160 122.52 17.03 -18.83
N LEU I 161 122.42 18.04 -17.97
CA LEU I 161 121.43 18.04 -16.87
C LEU I 161 120.02 18.01 -17.49
N VAL I 162 119.81 18.80 -18.55
CA VAL I 162 118.49 18.86 -19.25
C VAL I 162 118.19 17.47 -19.83
N GLU I 163 119.20 16.82 -20.41
CA GLU I 163 119.02 15.46 -21.00
C GLU I 163 118.63 14.47 -19.89
N ARG I 164 119.28 14.57 -18.74
CA ARG I 164 118.98 13.68 -17.59
C ARG I 164 117.53 13.92 -17.14
N TYR I 165 117.12 15.19 -17.10
CA TYR I 165 115.74 15.55 -16.69
C TYR I 165 114.74 14.95 -17.68
N LEU I 166 115.06 15.01 -18.98
CA LEU I 166 114.18 14.45 -20.00
C LEU I 166 114.16 12.94 -19.94
N ILE I 167 115.32 12.32 -19.74
CA ILE I 167 115.39 10.87 -19.63
C ILE I 167 114.50 10.38 -18.49
N GLU I 168 114.61 11.03 -17.33
CA GLU I 168 113.82 10.59 -16.18
C GLU I 168 112.33 10.78 -16.43
N ILE I 169 111.94 11.94 -16.98
CA ILE I 169 110.52 12.19 -17.21
C ILE I 169 109.96 11.18 -18.20
N ALA I 170 110.71 10.90 -19.27
CA ALA I 170 110.27 9.91 -20.25
C ALA I 170 110.14 8.53 -19.61
N LYS I 171 111.18 8.10 -18.90
CA LYS I 171 111.14 6.79 -18.25
C LYS I 171 109.96 6.67 -17.29
N ASN I 172 109.56 7.78 -16.68
CA ASN I 172 108.45 7.72 -15.73
C ASN I 172 107.10 7.71 -16.44
N TYR I 173 106.96 8.48 -17.50
CA TYR I 173 105.68 8.62 -18.20
C TYR I 173 105.52 7.63 -19.34
N ASN I 174 106.36 6.60 -19.41
CA ASN I 174 106.23 5.53 -20.40
C ASN I 174 106.26 6.09 -21.83
N VAL I 175 107.21 6.98 -22.08
CA VAL I 175 107.40 7.57 -23.40
C VAL I 175 108.83 7.30 -23.86
N PRO I 176 109.05 6.91 -25.12
CA PRO I 176 110.42 6.76 -25.61
C PRO I 176 111.09 8.10 -25.83
N TYR I 177 112.41 8.12 -25.67
CA TYR I 177 113.18 9.33 -25.89
C TYR I 177 114.63 8.94 -26.15
N GLU I 178 115.21 9.49 -27.22
CA GLU I 178 116.60 9.21 -27.59
C GLU I 178 117.45 10.43 -27.25
N PRO I 179 118.22 10.40 -26.16
CA PRO I 179 119.00 11.58 -25.77
C PRO I 179 120.00 11.97 -26.85
N ASP I 180 120.35 13.25 -26.87
CA ASP I 180 121.37 13.75 -27.76
C ASP I 180 122.72 13.20 -27.32
N SER I 181 123.27 12.27 -28.10
CA SER I 181 124.50 11.61 -27.69
C SER I 181 125.64 12.62 -27.54
N VAL I 182 125.66 13.68 -28.37
CA VAL I 182 126.75 14.66 -28.33
C VAL I 182 126.93 15.20 -26.92
N VAL I 183 125.82 15.45 -26.22
CA VAL I 183 125.85 16.00 -24.87
C VAL I 183 125.69 14.87 -23.86
N MET I 184 124.94 13.83 -24.24
CA MET I 184 124.70 12.73 -23.31
C MET I 184 125.97 11.94 -23.00
N ALA I 185 126.98 12.00 -23.86
CA ALA I 185 128.22 11.27 -23.64
C ALA I 185 129.37 12.15 -23.21
N GLU I 186 129.39 13.42 -23.60
CA GLU I 186 130.47 14.33 -23.24
C GLU I 186 130.27 14.81 -21.80
N ASN J 3 -9.94 1.81 -62.73
CA ASN J 3 -11.29 2.31 -62.96
C ASN J 3 -12.11 1.30 -63.74
N MET J 4 -11.58 0.85 -64.88
CA MET J 4 -12.30 -0.10 -65.72
C MET J 4 -12.52 -1.44 -65.02
N GLU J 5 -11.61 -1.80 -64.11
CA GLU J 5 -11.76 -3.05 -63.38
C GLU J 5 -13.04 -3.04 -62.54
N LYS J 6 -13.37 -1.89 -61.97
CA LYS J 6 -14.61 -1.77 -61.21
C LYS J 6 -15.83 -1.99 -62.09
N HIS J 7 -15.82 -1.39 -63.28
CA HIS J 7 -16.93 -1.57 -64.21
C HIS J 7 -17.05 -3.02 -64.65
N LEU J 8 -15.91 -3.68 -64.89
CA LEU J 8 -15.94 -5.11 -65.21
C LEU J 8 -16.55 -5.91 -64.09
N PHE J 9 -16.16 -5.62 -62.84
CA PHE J 9 -16.72 -6.31 -61.70
C PHE J 9 -18.22 -6.12 -61.63
N ASN J 10 -18.69 -4.90 -61.82
CA ASN J 10 -20.13 -4.64 -61.78
C ASN J 10 -20.86 -5.39 -62.89
N LEU J 11 -20.25 -5.44 -64.09
CA LEU J 11 -20.87 -6.15 -65.19
C LEU J 11 -21.01 -7.63 -64.89
N LYS J 12 -19.94 -8.25 -64.40
CA LYS J 12 -20.00 -9.67 -64.09
C LYS J 12 -20.99 -9.95 -62.96
N PHE J 13 -21.05 -9.04 -61.98
CA PHE J 13 -22.03 -9.19 -60.91
C PHE J 13 -23.45 -9.13 -61.45
N ALA J 14 -23.71 -8.20 -62.36
CA ALA J 14 -25.05 -8.10 -62.94
C ALA J 14 -25.39 -9.36 -63.73
N ALA J 15 -24.43 -9.90 -64.47
CA ALA J 15 -24.68 -11.13 -65.22
C ALA J 15 -25.04 -12.27 -64.28
N LYS J 16 -24.26 -12.43 -63.20
CA LYS J 16 -24.55 -13.49 -62.24
C LYS J 16 -25.92 -13.28 -61.60
N GLU J 17 -26.27 -12.03 -61.30
CA GLU J 17 -27.58 -11.75 -60.74
C GLU J 17 -28.69 -12.15 -61.70
N LEU J 18 -28.52 -11.84 -62.98
CA LEU J 18 -29.52 -12.24 -63.96
C LEU J 18 -29.66 -13.75 -64.05
N SER J 19 -28.54 -14.47 -64.00
CA SER J 19 -28.60 -15.92 -64.04
C SER J 19 -29.34 -16.48 -62.83
N ARG J 20 -29.00 -15.96 -61.64
CA ARG J 20 -29.69 -16.38 -60.42
C ARG J 20 -31.18 -16.12 -60.54
N SER J 21 -31.56 -14.95 -61.05
CA SER J 21 -32.97 -14.61 -61.17
C SER J 21 -33.67 -15.54 -62.14
N ALA J 22 -33.02 -15.90 -63.24
CA ALA J 22 -33.62 -16.85 -64.17
C ALA J 22 -33.86 -18.19 -63.50
N LYS J 23 -32.87 -18.68 -62.75
CA LYS J 23 -33.04 -19.94 -62.04
C LYS J 23 -34.22 -19.86 -61.07
N LYS J 24 -34.28 -18.77 -60.30
CA LYS J 24 -35.36 -18.61 -59.32
C LYS J 24 -36.71 -18.57 -60.02
N CYS J 25 -36.80 -17.89 -61.16
CA CYS J 25 -38.07 -17.79 -61.86
C CYS J 25 -38.50 -19.13 -62.43
N ASP J 26 -37.55 -19.93 -62.91
CA ASP J 26 -37.88 -21.28 -63.35
C ASP J 26 -38.44 -22.10 -62.19
N LYS J 27 -37.80 -22.00 -61.02
CA LYS J 27 -38.30 -22.70 -59.84
C LYS J 27 -39.71 -22.26 -59.50
N GLU J 28 -39.97 -20.94 -59.53
CA GLU J 28 -41.29 -20.44 -59.22
C GLU J 28 -42.33 -20.93 -60.21
N GLU J 29 -41.95 -21.05 -61.49
CA GLU J 29 -42.87 -21.62 -62.47
C GLU J 29 -43.20 -23.06 -62.11
N LYS J 30 -42.18 -23.84 -61.75
CA LYS J 30 -42.42 -25.22 -61.37
C LYS J 30 -43.39 -25.31 -60.19
N ALA J 31 -43.30 -24.36 -59.26
CA ALA J 31 -44.22 -24.36 -58.12
C ALA J 31 -45.63 -23.96 -58.53
N GLU J 32 -45.74 -22.90 -59.33
CA GLU J 32 -47.06 -22.45 -59.77
C GLU J 32 -47.78 -23.50 -60.60
N LYS J 33 -47.03 -24.39 -61.26
CA LYS J 33 -47.68 -25.49 -61.97
C LYS J 33 -48.38 -26.43 -60.99
N ALA J 34 -47.71 -26.75 -59.88
CA ALA J 34 -48.37 -27.53 -58.83
C ALA J 34 -49.62 -26.83 -58.35
N LYS J 35 -49.53 -25.52 -58.12
CA LYS J 35 -50.68 -24.79 -57.58
C LYS J 35 -51.84 -24.80 -58.56
N ILE J 36 -51.57 -24.61 -59.85
CA ILE J 36 -52.63 -24.62 -60.85
C ILE J 36 -53.25 -26.01 -60.96
N GLU J 37 -52.44 -27.06 -60.83
CA GLU J 37 -53.01 -28.41 -60.82
C GLU J 37 -53.96 -28.58 -59.64
N LYS J 38 -53.54 -28.14 -58.45
CA LYS J 38 -54.42 -28.22 -57.29
C LYS J 38 -55.72 -27.46 -57.54
N ALA J 39 -55.62 -26.23 -58.05
CA ALA J 39 -56.79 -25.40 -58.22
C ALA J 39 -57.73 -25.97 -59.28
N ILE J 40 -57.19 -26.57 -60.34
CA ILE J 40 -58.06 -27.19 -61.34
C ILE J 40 -58.69 -28.46 -60.78
N GLN J 41 -58.06 -29.09 -59.79
CA GLN J 41 -58.71 -30.19 -59.10
C GLN J 41 -59.87 -29.69 -58.25
N LYS J 42 -59.65 -28.63 -57.48
CA LYS J 42 -60.71 -28.07 -56.65
C LYS J 42 -61.85 -27.47 -57.46
N GLY J 43 -61.65 -27.24 -58.75
CA GLY J 43 -62.67 -26.64 -59.60
C GLY J 43 -62.58 -25.14 -59.74
N ASN J 44 -61.66 -24.48 -59.04
CA ASN J 44 -61.52 -23.03 -59.14
C ASN J 44 -61.00 -22.66 -60.51
N MET J 45 -61.85 -22.04 -61.33
CA MET J 45 -61.42 -21.57 -62.65
C MET J 45 -60.62 -20.29 -62.55
N GLU J 46 -61.03 -19.37 -61.68
CA GLU J 46 -60.35 -18.08 -61.59
C GLU J 46 -58.96 -18.22 -60.97
N VAL J 47 -58.84 -19.04 -59.91
CA VAL J 47 -57.52 -19.25 -59.32
C VAL J 47 -56.62 -20.00 -60.29
N ALA J 48 -57.19 -20.92 -61.08
CA ALA J 48 -56.42 -21.59 -62.12
C ALA J 48 -55.93 -20.59 -63.15
N ARG J 49 -56.78 -19.65 -63.55
CA ARG J 49 -56.34 -18.59 -64.46
C ARG J 49 -55.20 -17.79 -63.88
N ILE J 50 -55.33 -17.41 -62.60
CA ILE J 50 -54.29 -16.60 -61.95
C ILE J 50 -52.97 -17.35 -61.95
N HIS J 51 -53.00 -18.62 -61.53
CA HIS J 51 -51.77 -19.39 -61.42
C HIS J 51 -51.20 -19.70 -62.80
N ALA J 52 -52.04 -19.85 -63.81
CA ALA J 52 -51.54 -20.04 -65.17
C ALA J 52 -50.84 -18.78 -65.66
N GLU J 53 -51.44 -17.62 -65.42
CA GLU J 53 -50.79 -16.36 -65.77
C GLU J 53 -49.43 -16.26 -65.07
N ASN J 54 -49.39 -16.57 -63.77
CA ASN J 54 -48.13 -16.51 -63.04
C ASN J 54 -47.09 -17.46 -63.64
N ALA J 55 -47.50 -18.68 -63.97
CA ALA J 55 -46.57 -19.66 -64.50
C ALA J 55 -46.02 -19.23 -65.85
N ILE J 56 -46.90 -18.81 -66.76
CA ILE J 56 -46.46 -18.37 -68.07
C ILE J 56 -45.54 -17.16 -67.95
N ARG J 57 -45.90 -16.22 -67.08
CA ARG J 57 -45.06 -15.04 -66.88
C ARG J 57 -43.68 -15.43 -66.36
N GLN J 58 -43.63 -16.34 -65.39
CA GLN J 58 -42.36 -16.74 -64.83
C GLN J 58 -41.51 -17.47 -65.88
N LYS J 59 -42.14 -18.31 -66.69
CA LYS J 59 -41.41 -18.99 -67.76
C LYS J 59 -40.80 -17.99 -68.73
N ASN J 60 -41.62 -17.06 -69.22
CA ASN J 60 -41.14 -16.10 -70.21
C ASN J 60 -40.05 -15.21 -69.62
N GLN J 61 -40.25 -14.73 -68.39
CA GLN J 61 -39.25 -13.85 -67.79
C GLN J 61 -37.99 -14.59 -67.43
N ALA J 62 -38.08 -15.90 -67.15
CA ALA J 62 -36.87 -16.68 -66.94
C ALA J 62 -36.08 -16.83 -68.23
N VAL J 63 -36.77 -17.10 -69.34
CA VAL J 63 -36.09 -17.16 -70.63
C VAL J 63 -35.44 -15.82 -70.94
N ASN J 64 -36.16 -14.72 -70.69
CA ASN J 64 -35.61 -13.40 -70.97
C ASN J 64 -34.39 -13.12 -70.09
N PHE J 65 -34.47 -13.45 -68.81
CA PHE J 65 -33.32 -13.26 -67.92
C PHE J 65 -32.13 -14.09 -68.38
N LEU J 66 -32.38 -15.29 -68.88
CA LEU J 66 -31.28 -16.15 -69.33
C LEU J 66 -30.60 -15.54 -70.55
N ARG J 67 -31.39 -15.12 -71.54
CA ARG J 67 -30.81 -14.47 -72.71
C ARG J 67 -30.05 -13.20 -72.33
N MET J 68 -30.64 -12.41 -71.43
CA MET J 68 -30.02 -11.17 -70.99
C MET J 68 -28.68 -11.45 -70.30
N SER J 69 -28.65 -12.46 -69.43
CA SER J 69 -27.42 -12.83 -68.76
C SER J 69 -26.38 -13.33 -69.74
N ALA J 70 -26.80 -14.04 -70.79
CA ALA J 70 -25.86 -14.45 -71.81
C ALA J 70 -25.23 -13.24 -72.50
N ARG J 71 -26.06 -12.25 -72.84
CA ARG J 71 -25.54 -11.05 -73.48
C ARG J 71 -24.55 -10.33 -72.58
N VAL J 72 -24.92 -10.14 -71.30
CA VAL J 72 -24.02 -9.45 -70.37
C VAL J 72 -22.75 -10.27 -70.15
N ASP J 73 -22.85 -11.60 -70.20
CA ASP J 73 -21.67 -12.43 -70.07
C ASP J 73 -20.72 -12.21 -71.24
N ALA J 74 -21.26 -12.16 -72.45
CA ALA J 74 -20.43 -11.88 -73.62
C ALA J 74 -19.74 -10.53 -73.47
N VAL J 75 -20.51 -9.50 -73.09
CA VAL J 75 -19.93 -8.17 -72.95
C VAL J 75 -18.85 -8.15 -71.88
N ALA J 76 -19.09 -8.84 -70.76
CA ALA J 76 -18.13 -8.83 -69.66
C ALA J 76 -16.87 -9.60 -70.04
N ALA J 77 -17.00 -10.70 -70.79
CA ALA J 77 -15.83 -11.41 -71.27
C ALA J 77 -15.01 -10.51 -72.19
N ARG J 78 -15.69 -9.78 -73.08
CA ARG J 78 -14.99 -8.86 -73.96
C ARG J 78 -14.25 -7.79 -73.16
N VAL J 79 -14.91 -7.24 -72.14
CA VAL J 79 -14.30 -6.17 -71.36
C VAL J 79 -13.13 -6.71 -70.54
N GLN J 80 -13.23 -7.95 -70.05
CA GLN J 80 -12.14 -8.55 -69.31
C GLN J 80 -10.93 -8.78 -70.21
N THR J 81 -11.18 -9.28 -71.43
CA THR J 81 -10.12 -9.38 -72.42
C THR J 81 -9.47 -8.02 -72.65
N ALA J 82 -10.28 -6.97 -72.80
CA ALA J 82 -9.75 -5.64 -73.03
C ALA J 82 -8.88 -5.19 -71.87
N VAL J 83 -9.32 -5.46 -70.64
CA VAL J 83 -8.56 -5.04 -69.47
C VAL J 83 -7.21 -5.74 -69.42
N THR J 84 -7.23 -7.07 -69.60
CA THR J 84 -5.98 -7.82 -69.57
C THR J 84 -5.04 -7.36 -70.67
N MET J 85 -5.57 -7.13 -71.88
CA MET J 85 -4.73 -6.68 -72.98
C MET J 85 -4.22 -5.26 -72.74
N GLY J 86 -4.99 -4.44 -72.05
CA GLY J 86 -4.50 -3.11 -71.71
C GLY J 86 -3.35 -3.17 -70.73
N LYS J 87 -3.45 -4.04 -69.72
CA LYS J 87 -2.32 -4.26 -68.82
C LYS J 87 -1.10 -4.73 -69.61
N VAL J 88 -1.30 -5.69 -70.52
CA VAL J 88 -0.19 -6.22 -71.31
C VAL J 88 0.44 -5.11 -72.15
N THR J 89 -0.40 -4.29 -72.79
CA THR J 89 0.10 -3.23 -73.65
C THR J 89 0.86 -2.19 -72.84
N LYS J 90 0.35 -1.84 -71.66
CA LYS J 90 1.07 -0.90 -70.80
C LYS J 90 2.42 -1.46 -70.39
N SER J 91 2.45 -2.74 -70.01
CA SER J 91 3.72 -3.35 -69.61
C SER J 91 4.71 -3.37 -70.77
N MET J 92 4.22 -3.66 -71.98
CA MET J 92 5.12 -3.71 -73.12
C MET J 92 5.58 -2.33 -73.53
N ALA J 93 4.75 -1.30 -73.32
CA ALA J 93 5.20 0.07 -73.55
C ALA J 93 6.29 0.46 -72.57
N GLY J 94 6.11 0.14 -71.29
CA GLY J 94 7.15 0.39 -70.31
C GLY J 94 8.44 -0.34 -70.65
N VAL J 95 8.32 -1.60 -71.08
CA VAL J 95 9.49 -2.37 -71.47
C VAL J 95 10.17 -1.73 -72.67
N VAL J 96 9.39 -1.25 -73.62
CA VAL J 96 9.96 -0.60 -74.80
C VAL J 96 10.73 0.64 -74.39
N LYS J 97 10.16 1.44 -73.49
CA LYS J 97 10.84 2.66 -73.03
C LYS J 97 12.15 2.32 -72.34
N SER J 98 12.11 1.36 -71.40
CA SER J 98 13.32 0.99 -70.67
C SER J 98 14.39 0.44 -71.61
N MET J 99 13.99 -0.46 -72.51
CA MET J 99 14.94 -1.04 -73.45
C MET J 99 15.48 0.02 -74.40
N ASP J 100 14.67 1.01 -74.77
CA ASP J 100 15.17 2.10 -75.61
C ASP J 100 16.26 2.86 -74.88
N ALA J 101 15.98 3.28 -73.64
CA ALA J 101 17.00 3.98 -72.86
C ALA J 101 18.27 3.14 -72.76
N THR J 102 18.13 1.86 -72.42
CA THR J 102 19.30 1.01 -72.23
C THR J 102 20.09 0.85 -73.52
N LEU J 103 19.43 0.37 -74.58
CA LEU J 103 20.10 0.18 -75.86
C LEU J 103 20.67 1.47 -76.42
N LYS J 104 20.16 2.62 -75.98
CA LYS J 104 20.81 3.89 -76.32
C LYS J 104 22.09 4.04 -75.53
N THR J 105 22.06 3.75 -74.23
CA THR J 105 23.26 3.82 -73.41
C THR J 105 24.22 2.69 -73.75
N MET J 106 23.73 1.45 -73.70
CA MET J 106 24.54 0.27 -73.97
C MET J 106 24.15 -0.27 -75.34
N ASN J 107 24.78 0.27 -76.38
CA ASN J 107 24.48 -0.14 -77.74
C ASN J 107 25.44 -1.25 -78.17
N LEU J 108 25.28 -1.70 -79.42
CA LEU J 108 26.06 -2.83 -79.91
C LEU J 108 27.53 -2.47 -80.05
N GLU J 109 27.84 -1.24 -80.48
CA GLU J 109 29.23 -0.82 -80.56
C GLU J 109 29.90 -0.88 -79.19
N LYS J 110 29.28 -0.23 -78.20
CA LYS J 110 29.85 -0.20 -76.86
C LYS J 110 29.94 -1.59 -76.27
N ILE J 111 28.92 -2.42 -76.50
CA ILE J 111 28.93 -3.77 -75.95
C ILE J 111 30.05 -4.60 -76.56
N SER J 112 30.21 -4.53 -77.88
CA SER J 112 31.28 -5.26 -78.54
C SER J 112 32.64 -4.80 -78.06
N ALA J 113 32.84 -3.49 -77.94
CA ALA J 113 34.12 -2.97 -77.45
C ALA J 113 34.37 -3.43 -76.01
N LEU J 114 33.34 -3.35 -75.17
CA LEU J 114 33.47 -3.78 -73.78
C LEU J 114 33.84 -5.25 -73.69
N MET J 115 33.29 -6.07 -74.59
CA MET J 115 33.58 -7.49 -74.54
C MET J 115 34.97 -7.81 -75.06
N ASP J 116 35.39 -7.12 -76.12
CA ASP J 116 36.79 -7.25 -76.55
C ASP J 116 37.72 -6.86 -75.41
N LYS J 117 37.37 -5.80 -74.67
CA LYS J 117 38.20 -5.37 -73.55
C LYS J 117 38.21 -6.42 -72.44
N PHE J 118 37.05 -7.00 -72.13
CA PHE J 118 36.99 -8.07 -71.15
C PHE J 118 37.89 -9.22 -71.53
N GLU J 119 37.78 -9.68 -72.79
CA GLU J 119 38.59 -10.79 -73.26
C GLU J 119 40.08 -10.47 -73.16
N HIS J 120 40.47 -9.27 -73.60
CA HIS J 120 41.89 -8.92 -73.58
C HIS J 120 42.41 -8.78 -72.16
N GLN J 121 41.60 -8.17 -71.27
CA GLN J 121 42.01 -8.03 -69.88
C GLN J 121 42.21 -9.38 -69.23
N PHE J 122 41.31 -10.32 -69.48
CA PHE J 122 41.45 -11.63 -68.84
C PHE J 122 42.52 -12.49 -69.52
N GLU J 123 42.84 -12.23 -70.78
CA GLU J 123 44.01 -12.84 -71.37
C GLU J 123 45.30 -12.32 -70.71
N THR J 124 45.38 -11.00 -70.52
CA THR J 124 46.49 -10.44 -69.77
C THR J 124 46.56 -11.05 -68.38
N LEU J 125 45.40 -11.29 -67.76
CA LEU J 125 45.38 -11.92 -66.45
C LEU J 125 45.84 -13.37 -66.52
N ASP J 126 45.58 -14.02 -67.66
CA ASP J 126 46.04 -15.41 -67.90
C ASP J 126 47.58 -15.40 -67.92
N VAL J 127 48.17 -14.39 -68.56
CA VAL J 127 49.63 -14.26 -68.66
C VAL J 127 50.21 -13.96 -67.28
N GLN J 128 49.58 -13.03 -66.56
CA GLN J 128 50.03 -12.71 -65.21
C GLN J 128 49.98 -13.94 -64.32
N THR J 129 48.90 -14.72 -64.41
CA THR J 129 48.78 -15.92 -63.58
C THR J 129 49.89 -16.91 -63.90
N GLN J 130 50.15 -17.14 -65.18
CA GLN J 130 51.19 -18.08 -65.57
C GLN J 130 52.55 -17.64 -65.01
N GLN J 131 52.89 -16.37 -65.21
CA GLN J 131 54.18 -15.88 -64.74
C GLN J 131 54.27 -15.91 -63.22
N MET J 132 53.22 -15.45 -62.56
CA MET J 132 53.16 -15.48 -61.10
C MET J 132 53.32 -16.91 -60.59
N GLU J 133 52.76 -17.88 -61.30
CA GLU J 133 52.86 -19.26 -60.84
C GLU J 133 54.26 -19.81 -61.07
N ASP J 134 54.86 -19.49 -62.22
CA ASP J 134 56.25 -19.85 -62.43
C ASP J 134 57.12 -19.34 -61.29
N THR J 135 56.93 -18.08 -60.90
CA THR J 135 57.76 -17.52 -59.84
C THR J 135 57.44 -18.16 -58.49
N MET J 136 56.15 -18.31 -58.17
CA MET J 136 55.78 -18.97 -56.92
C MET J 136 56.43 -20.34 -56.80
N SER J 137 56.48 -21.08 -57.90
CA SER J 137 57.10 -22.40 -57.87
C SER J 137 58.62 -22.28 -57.73
N SER J 138 59.22 -21.34 -58.44
CA SER J 138 60.67 -21.18 -58.35
C SER J 138 61.11 -20.75 -56.95
N THR J 139 60.21 -20.09 -56.21
CA THR J 139 60.56 -19.66 -54.85
C THR J 139 60.78 -20.87 -53.94
N THR J 140 59.90 -21.85 -54.02
CA THR J 140 59.92 -23.01 -53.14
C THR J 140 60.24 -24.24 -53.98
N THR J 141 61.53 -24.50 -54.16
CA THR J 141 62.00 -25.67 -54.89
C THR J 141 62.83 -26.61 -54.04
N LEU J 142 63.38 -26.15 -52.92
CA LEU J 142 64.15 -27.00 -52.02
C LEU J 142 63.29 -27.72 -51.01
N THR J 143 62.06 -27.27 -50.79
CA THR J 143 61.11 -27.99 -49.96
C THR J 143 60.36 -29.06 -50.75
N THR J 144 60.26 -28.89 -52.07
CA THR J 144 59.56 -29.82 -52.95
C THR J 144 60.51 -30.26 -54.06
N PRO J 145 61.41 -31.19 -53.79
CA PRO J 145 62.29 -31.70 -54.85
C PRO J 145 61.51 -32.58 -55.83
N GLN J 146 61.77 -32.38 -57.12
CA GLN J 146 61.09 -33.16 -58.14
C GLN J 146 61.37 -34.64 -57.96
N ASN J 147 62.61 -35.00 -57.60
CA ASN J 147 62.96 -36.40 -57.44
C ASN J 147 62.14 -37.07 -56.35
N GLN J 148 61.95 -36.38 -55.23
CA GLN J 148 61.17 -36.96 -54.13
C GLN J 148 59.72 -37.16 -54.53
N VAL J 149 59.14 -36.20 -55.26
CA VAL J 149 57.76 -36.34 -55.69
C VAL J 149 57.63 -37.49 -56.67
N ASP J 150 58.55 -37.61 -57.63
CA ASP J 150 58.53 -38.72 -58.55
C ASP J 150 58.61 -40.06 -57.80
N MET J 151 59.52 -40.15 -56.83
CA MET J 151 59.66 -41.39 -56.09
C MET J 151 58.40 -41.71 -55.30
N LEU J 152 57.80 -40.71 -54.67
CA LEU J 152 56.57 -40.96 -53.92
C LEU J 152 55.47 -41.46 -54.85
N LEU J 153 55.33 -40.85 -56.02
CA LEU J 153 54.31 -41.30 -56.95
C LEU J 153 54.57 -42.71 -57.42
N GLN J 154 55.83 -43.04 -57.71
CA GLN J 154 56.16 -44.40 -58.14
C GLN J 154 55.84 -45.41 -57.05
N GLU J 155 56.19 -45.09 -55.80
CA GLU J 155 55.90 -46.02 -54.71
C GLU J 155 54.41 -46.20 -54.50
N MET J 156 53.65 -45.10 -54.53
CA MET J 156 52.21 -45.20 -54.33
C MET J 156 51.55 -45.98 -55.46
N ALA J 157 52.02 -45.78 -56.70
CA ALA J 157 51.50 -46.56 -57.82
C ALA J 157 51.80 -48.03 -57.64
N ASP J 158 53.07 -48.37 -57.43
CA ASP J 158 53.46 -49.77 -57.28
C ASP J 158 52.70 -50.43 -56.15
N GLU J 159 52.47 -49.71 -55.06
CA GLU J 159 51.67 -50.26 -53.96
C GLU J 159 50.23 -50.49 -54.41
N ALA J 160 49.64 -49.52 -55.11
CA ALA J 160 48.30 -49.68 -55.64
C ALA J 160 48.26 -50.66 -56.81
N GLY J 161 49.42 -51.09 -57.31
CA GLY J 161 49.48 -52.00 -58.43
C GLY J 161 49.16 -51.39 -59.77
N LEU J 162 48.63 -50.17 -59.80
CA LEU J 162 48.22 -49.53 -61.05
C LEU J 162 49.43 -48.93 -61.75
N ASP J 163 49.19 -48.17 -62.80
CA ASP J 163 50.23 -47.45 -63.52
C ASP J 163 49.75 -46.04 -63.82
N LEU J 164 50.70 -45.16 -64.12
CA LEU J 164 50.43 -43.75 -64.31
C LEU J 164 50.68 -43.38 -65.76
N ASN J 165 49.68 -42.80 -66.41
CA ASN J 165 49.79 -42.37 -67.80
C ASN J 165 49.35 -40.92 -67.94
N GLU J 187 72.53 -38.85 -62.35
CA GLU J 187 72.14 -39.69 -63.47
C GLU J 187 72.48 -39.02 -64.80
N LEU J 188 71.49 -38.37 -65.42
CA LEU J 188 71.75 -37.64 -66.65
C LEU J 188 72.71 -36.49 -66.43
N SER J 189 72.66 -35.87 -65.25
CA SER J 189 73.52 -34.72 -64.97
C SER J 189 74.99 -35.08 -65.12
N GLN J 190 75.36 -36.31 -64.75
CA GLN J 190 76.75 -36.71 -64.87
C GLN J 190 77.17 -36.83 -66.33
N ARG J 191 76.32 -37.41 -67.17
CA ARG J 191 76.62 -37.49 -68.59
C ARG J 191 76.72 -36.10 -69.20
N LEU J 192 75.83 -35.19 -68.78
CA LEU J 192 75.88 -33.83 -69.30
C LEU J 192 77.15 -33.12 -68.85
N ALA J 193 77.60 -33.37 -67.62
CA ALA J 193 78.84 -32.77 -67.15
C ALA J 193 80.04 -33.32 -67.92
N ARG J 194 80.07 -34.63 -68.14
CA ARG J 194 81.15 -35.22 -68.94
C ARG J 194 81.15 -34.63 -70.35
N LEU J 195 79.96 -34.40 -70.91
CA LEU J 195 79.87 -33.75 -72.22
C LEU J 195 80.35 -32.31 -72.16
N ARG J 196 80.07 -31.63 -71.06
CA ARG J 196 80.51 -30.25 -70.90
C ARG J 196 82.03 -30.16 -70.83
N ASP J 197 82.66 -31.13 -70.17
CA ASP J 197 84.12 -31.16 -70.14
C ASP J 197 84.70 -31.27 -71.54
N GLN J 198 84.01 -31.96 -72.44
CA GLN J 198 84.44 -32.08 -73.83
C GLN J 198 85.84 -32.68 -73.92
N PHE K 6 89.34 0.32 -46.16
CA PHE K 6 89.21 -1.14 -46.15
C PHE K 6 89.00 -1.65 -44.74
N LYS K 7 87.98 -2.51 -44.59
CA LYS K 7 87.62 -3.15 -43.29
C LYS K 7 87.79 -4.66 -43.44
N ALA K 8 88.47 -5.30 -42.47
CA ALA K 8 88.74 -6.73 -42.57
C ALA K 8 87.51 -7.55 -42.21
N GLU K 9 86.92 -7.30 -41.04
CA GLU K 9 85.77 -8.08 -40.61
C GLU K 9 84.61 -7.96 -41.59
N ARG K 10 84.45 -6.78 -42.20
CA ARG K 10 83.44 -6.63 -43.25
C ARG K 10 83.70 -7.61 -44.38
N LEU K 11 84.95 -7.71 -44.82
CA LEU K 11 85.30 -8.64 -45.89
C LEU K 11 85.03 -10.08 -45.46
N ARG K 12 85.38 -10.43 -44.23
CA ARG K 12 85.14 -11.77 -43.73
C ARG K 12 83.64 -12.11 -43.78
N VAL K 13 82.82 -11.23 -43.23
CA VAL K 13 81.38 -11.47 -43.19
C VAL K 13 80.81 -11.57 -44.60
N ASN K 14 81.24 -10.68 -45.50
CA ASN K 14 80.74 -10.72 -46.86
C ASN K 14 81.18 -12.00 -47.57
N LEU K 15 82.37 -12.50 -47.27
CA LEU K 15 82.81 -13.76 -47.87
C LEU K 15 81.94 -14.92 -47.41
N ARG K 16 81.67 -14.99 -46.10
CA ARG K 16 80.79 -16.04 -45.60
C ARG K 16 79.40 -15.95 -46.23
N LEU K 17 78.87 -14.73 -46.34
CA LEU K 17 77.56 -14.55 -46.97
C LEU K 17 77.58 -14.97 -48.42
N VAL K 18 78.64 -14.63 -49.15
CA VAL K 18 78.75 -15.03 -50.55
C VAL K 18 78.77 -16.55 -50.66
N ILE K 19 79.50 -17.21 -49.75
CA ILE K 19 79.55 -18.68 -49.77
C ILE K 19 78.15 -19.26 -49.61
N ASN K 20 77.44 -18.81 -48.57
CA ASN K 20 76.10 -19.32 -48.33
C ASN K 20 75.17 -19.07 -49.53
N ARG K 21 75.22 -17.84 -50.07
CA ARG K 21 74.37 -17.50 -51.20
C ARG K 21 74.69 -18.37 -52.41
N LEU K 22 75.96 -18.63 -52.66
CA LEU K 22 76.33 -19.48 -53.78
C LEU K 22 75.82 -20.90 -53.60
N LYS K 23 75.90 -21.41 -52.36
CA LYS K 23 75.36 -22.74 -52.09
C LYS K 23 73.86 -22.78 -52.43
N LEU K 24 73.09 -21.85 -51.88
CA LEU K 24 71.65 -21.83 -52.14
C LEU K 24 71.38 -21.72 -53.64
N LEU K 25 72.11 -20.84 -54.32
CA LEU K 25 71.86 -20.60 -55.74
C LEU K 25 72.15 -21.84 -56.57
N GLU K 26 73.28 -22.51 -56.32
CA GLU K 26 73.61 -23.69 -57.11
C GLU K 26 72.61 -24.80 -56.84
N LYS K 27 72.18 -24.97 -55.60
CA LYS K 27 71.13 -25.96 -55.32
C LYS K 27 69.90 -25.70 -56.16
N LYS K 28 69.31 -24.50 -56.01
CA LYS K 28 68.05 -24.24 -56.69
C LYS K 28 68.22 -24.21 -58.19
N LYS K 29 69.41 -23.86 -58.68
CA LYS K 29 69.66 -23.86 -60.12
C LYS K 29 69.73 -25.28 -60.65
N THR K 30 70.32 -26.20 -59.89
CA THR K 30 70.29 -27.61 -60.28
C THR K 30 68.85 -28.10 -60.38
N GLU K 31 68.02 -27.75 -59.40
CA GLU K 31 66.62 -28.19 -59.44
C GLU K 31 65.90 -27.61 -60.66
N LEU K 32 66.02 -26.30 -60.87
CA LEU K 32 65.39 -25.67 -62.03
C LEU K 32 65.93 -26.26 -63.33
N ALA K 33 67.20 -26.68 -63.35
CA ALA K 33 67.76 -27.28 -64.55
C ALA K 33 67.11 -28.62 -64.83
N GLN K 34 66.89 -29.43 -63.79
CA GLN K 34 66.14 -30.67 -63.97
C GLN K 34 64.79 -30.38 -64.61
N LYS K 35 64.05 -29.44 -64.03
CA LYS K 35 62.70 -29.17 -64.53
C LYS K 35 62.73 -28.67 -65.98
N ALA K 36 63.66 -27.77 -66.30
CA ALA K 36 63.72 -27.23 -67.65
C ALA K 36 64.23 -28.27 -68.64
N ARG K 37 65.04 -29.22 -68.18
CA ARG K 37 65.41 -30.34 -69.04
C ARG K 37 64.19 -31.18 -69.38
N LYS K 38 63.33 -31.44 -68.39
CA LYS K 38 62.07 -32.10 -68.69
C LYS K 38 61.27 -31.30 -69.71
N GLU K 39 61.25 -29.97 -69.56
CA GLU K 39 60.55 -29.14 -70.53
C GLU K 39 61.13 -29.30 -71.93
N ILE K 40 62.45 -29.35 -72.05
CA ILE K 40 63.08 -29.53 -73.37
C ILE K 40 62.72 -30.89 -73.93
N ALA K 41 62.65 -31.91 -73.09
CA ALA K 41 62.22 -33.22 -73.57
C ALA K 41 60.82 -33.15 -74.14
N ASP K 42 59.91 -32.47 -73.43
CA ASP K 42 58.56 -32.28 -73.94
C ASP K 42 58.57 -31.54 -75.28
N TYR K 43 59.42 -30.51 -75.39
CA TYR K 43 59.52 -29.77 -76.64
C TYR K 43 59.97 -30.69 -77.77
N LEU K 44 60.93 -31.58 -77.51
CA LEU K 44 61.41 -32.48 -78.53
C LEU K 44 60.37 -33.53 -78.89
N ALA K 45 59.50 -33.87 -77.95
CA ALA K 45 58.41 -34.81 -78.25
C ALA K 45 57.64 -34.33 -79.48
N ALA K 46 57.36 -33.03 -79.56
CA ALA K 46 56.74 -32.46 -80.74
C ALA K 46 57.79 -32.26 -81.84
N GLY K 47 57.34 -31.74 -82.98
CA GLY K 47 58.25 -31.47 -84.08
C GLY K 47 59.11 -30.24 -83.91
N LYS K 48 58.87 -29.45 -82.87
CA LYS K 48 59.64 -28.24 -82.62
C LYS K 48 61.07 -28.63 -82.25
N ASP K 49 62.02 -28.30 -83.12
CA ASP K 49 63.43 -28.62 -82.92
C ASP K 49 64.31 -27.38 -82.77
N GLU K 50 64.14 -26.39 -83.65
CA GLU K 50 64.98 -25.20 -83.60
C GLU K 50 64.74 -24.39 -82.33
N ARG K 51 63.63 -24.64 -81.63
CA ARG K 51 63.31 -23.99 -80.36
C ARG K 51 63.95 -24.71 -79.17
N ALA K 52 63.97 -26.04 -79.22
CA ALA K 52 64.64 -26.80 -78.18
C ALA K 52 66.12 -26.45 -78.12
N ARG K 53 66.71 -26.04 -79.24
CA ARG K 53 68.10 -25.61 -79.22
C ARG K 53 68.28 -24.34 -78.38
N ILE K 54 67.34 -23.41 -78.49
CA ILE K 54 67.39 -22.21 -77.66
C ILE K 54 67.21 -22.56 -76.20
N ARG K 55 66.26 -23.44 -75.91
CA ARG K 55 66.03 -23.85 -74.52
C ARG K 55 67.28 -24.51 -73.94
N VAL K 56 67.93 -25.38 -74.71
CA VAL K 56 69.11 -26.05 -74.19
C VAL K 56 70.28 -25.09 -74.12
N GLU K 57 70.30 -24.04 -74.94
CA GLU K 57 71.27 -22.97 -74.74
C GLU K 57 71.08 -22.35 -73.37
N HIS K 58 69.84 -22.01 -73.02
CA HIS K 58 69.53 -21.57 -71.66
C HIS K 58 70.11 -22.55 -70.64
N ILE K 59 69.87 -23.84 -70.84
CA ILE K 59 70.27 -24.84 -69.85
C ILE K 59 71.77 -24.86 -69.68
N ILE K 60 72.51 -24.90 -70.79
CA ILE K 60 73.96 -25.04 -70.68
C ILE K 60 74.58 -23.74 -70.17
N ARG K 61 73.98 -22.60 -70.47
CA ARG K 61 74.40 -21.36 -69.83
C ARG K 61 74.26 -21.47 -68.32
N GLU K 62 73.10 -21.95 -67.86
CA GLU K 62 72.89 -22.10 -66.42
C GLU K 62 73.88 -23.09 -65.81
N ASP K 63 74.25 -24.13 -66.56
CA ASP K 63 75.18 -25.12 -66.02
C ASP K 63 76.59 -24.54 -65.93
N TYR K 64 77.04 -23.86 -66.98
CA TYR K 64 78.28 -23.08 -66.88
C TYR K 64 78.25 -22.18 -65.66
N LEU K 65 77.12 -21.53 -65.42
CA LEU K 65 77.00 -20.61 -64.29
C LEU K 65 77.15 -21.34 -62.96
N VAL K 66 76.52 -22.51 -62.85
CA VAL K 66 76.63 -23.27 -61.61
C VAL K 66 78.07 -23.72 -61.36
N GLU K 67 78.76 -24.17 -62.41
CA GLU K 67 80.16 -24.55 -62.25
C GLU K 67 81.01 -23.35 -61.84
N ALA K 68 80.76 -22.19 -62.46
CA ALA K 68 81.51 -20.99 -62.08
C ALA K 68 81.23 -20.61 -60.65
N MET K 69 79.99 -20.77 -60.19
CA MET K 69 79.67 -20.48 -58.80
C MET K 69 80.37 -21.44 -57.85
N GLU K 70 80.49 -22.71 -58.25
CA GLU K 70 81.26 -23.66 -57.45
C GLU K 70 82.70 -23.20 -57.32
N ILE K 71 83.32 -22.81 -58.44
CA ILE K 71 84.70 -22.34 -58.41
C ILE K 71 84.83 -21.11 -57.53
N LEU K 72 83.86 -20.19 -57.62
CA LEU K 72 83.94 -18.97 -56.84
C LEU K 72 83.77 -19.24 -55.35
N GLU K 73 82.87 -20.17 -55.01
CA GLU K 73 82.74 -20.60 -53.62
C GLU K 73 84.05 -21.18 -53.12
N LEU K 74 84.69 -22.01 -53.93
CA LEU K 74 86.00 -22.55 -53.58
C LEU K 74 86.99 -21.42 -53.27
N TYR K 75 87.06 -20.43 -54.15
CA TYR K 75 88.04 -19.36 -53.98
C TYR K 75 87.72 -18.50 -52.76
N CYS K 76 86.44 -18.20 -52.53
CA CYS K 76 86.06 -17.45 -51.34
C CYS K 76 86.45 -18.20 -50.08
N ASP K 77 86.19 -19.51 -50.04
CA ASP K 77 86.59 -20.28 -48.87
C ASP K 77 88.10 -20.32 -48.73
N LEU K 78 88.84 -20.32 -49.85
CA LEU K 78 90.28 -20.28 -49.77
C LEU K 78 90.76 -19.00 -49.12
N LEU K 79 90.22 -17.86 -49.57
CA LEU K 79 90.56 -16.59 -48.92
C LEU K 79 90.18 -16.60 -47.45
N LEU K 80 89.02 -17.17 -47.12
CA LEU K 80 88.56 -17.20 -45.74
C LEU K 80 89.42 -18.11 -44.87
N ALA K 81 90.07 -19.10 -45.46
CA ALA K 81 90.98 -19.97 -44.72
C ALA K 81 92.34 -19.33 -44.50
N ARG K 82 92.73 -18.40 -45.36
CA ARG K 82 94.00 -17.70 -45.29
C ARG K 82 93.77 -16.21 -45.06
N PHE K 83 92.83 -15.90 -44.17
CA PHE K 83 92.47 -14.50 -43.93
C PHE K 83 93.56 -13.77 -43.15
N GLY K 84 94.15 -14.44 -42.17
CA GLY K 84 95.25 -13.82 -41.45
C GLY K 84 96.40 -13.45 -42.38
N LEU K 85 96.67 -14.30 -43.38
CA LEU K 85 97.71 -13.96 -44.35
C LEU K 85 97.33 -12.75 -45.17
N ILE K 86 96.03 -12.44 -45.25
CA ILE K 86 95.59 -11.20 -45.87
C ILE K 86 95.88 -10.02 -44.94
N GLN K 87 95.52 -10.17 -43.66
CA GLN K 87 95.66 -9.06 -42.73
C GLN K 87 97.12 -8.72 -42.47
N SER K 88 97.98 -9.73 -42.43
CA SER K 88 99.38 -9.51 -42.06
C SER K 88 100.12 -8.76 -43.14
N MET K 89 100.22 -9.35 -44.33
CA MET K 89 100.94 -8.72 -45.42
C MET K 89 100.18 -7.50 -45.93
N LYS K 90 100.87 -6.69 -46.74
CA LYS K 90 100.25 -5.57 -47.43
C LYS K 90 100.06 -5.82 -48.91
N GLU K 91 100.90 -6.64 -49.52
CA GLU K 91 100.73 -7.09 -50.89
C GLU K 91 100.41 -8.58 -50.89
N LEU K 92 99.47 -8.97 -51.75
CA LEU K 92 99.05 -10.36 -51.77
C LEU K 92 100.16 -11.26 -52.27
N ASP K 93 100.25 -12.46 -51.68
CA ASP K 93 101.23 -13.44 -52.08
C ASP K 93 100.72 -14.22 -53.30
N SER K 94 101.52 -15.19 -53.75
CA SER K 94 101.14 -15.97 -54.91
C SER K 94 99.95 -16.89 -54.62
N GLY K 95 99.91 -17.46 -53.41
CA GLY K 95 98.82 -18.35 -53.05
C GLY K 95 97.45 -17.72 -53.11
N LEU K 96 97.37 -16.40 -53.05
CA LEU K 96 96.10 -15.68 -53.07
C LEU K 96 95.91 -14.84 -54.31
N ALA K 97 96.85 -14.87 -55.26
CA ALA K 97 96.72 -14.06 -56.47
C ALA K 97 95.50 -14.49 -57.27
N GLU K 98 95.34 -15.80 -57.49
CA GLU K 98 94.25 -16.29 -58.31
C GLU K 98 92.90 -15.95 -57.69
N SER K 99 92.74 -16.22 -56.39
CA SER K 99 91.46 -15.96 -55.73
C SER K 99 91.09 -14.49 -55.85
N VAL K 100 92.01 -13.59 -55.49
CA VAL K 100 91.71 -12.16 -55.52
C VAL K 100 91.39 -11.72 -56.95
N SER K 101 92.23 -12.15 -57.91
CA SER K 101 92.03 -11.74 -59.30
C SER K 101 90.65 -12.17 -59.79
N THR K 102 90.29 -13.43 -59.59
CA THR K 102 89.01 -13.91 -60.08
C THR K 102 87.85 -13.26 -59.36
N LEU K 103 87.96 -13.08 -58.04
CA LEU K 103 86.87 -12.47 -57.29
C LEU K 103 86.69 -11.00 -57.65
N ILE K 104 87.73 -10.34 -58.15
CA ILE K 104 87.58 -8.97 -58.62
C ILE K 104 87.04 -8.95 -60.04
N TRP K 105 87.42 -9.93 -60.87
CA TRP K 105 87.01 -9.93 -62.27
C TRP K 105 85.56 -10.39 -62.44
N ALA K 106 85.14 -11.36 -61.63
CA ALA K 106 83.80 -11.94 -61.78
C ALA K 106 82.73 -11.16 -61.04
N ALA K 107 83.11 -10.28 -60.12
CA ALA K 107 82.11 -9.53 -59.36
C ALA K 107 81.13 -8.80 -60.25
N PRO K 108 81.54 -7.98 -61.21
CA PRO K 108 80.55 -7.33 -62.08
C PRO K 108 79.75 -8.31 -62.92
N ARG K 109 80.31 -9.49 -63.20
CA ARG K 109 79.57 -10.49 -63.96
C ARG K 109 78.40 -11.02 -63.16
N LEU K 110 78.65 -11.49 -61.93
CA LEU K 110 77.63 -12.07 -61.07
C LEU K 110 77.12 -11.07 -60.04
N GLN K 111 77.22 -9.77 -60.32
CA GLN K 111 76.77 -8.77 -59.35
C GLN K 111 75.27 -8.85 -59.13
N SER K 112 74.51 -9.24 -60.15
CA SER K 112 73.06 -9.31 -59.99
C SER K 112 72.65 -10.52 -59.16
N GLU K 113 73.24 -11.68 -59.42
CA GLU K 113 72.91 -12.88 -58.66
C GLU K 113 73.35 -12.73 -57.21
N VAL K 114 74.63 -12.47 -56.98
CA VAL K 114 75.19 -12.33 -55.64
C VAL K 114 75.57 -10.86 -55.45
N ALA K 115 74.89 -10.19 -54.52
CA ALA K 115 75.17 -8.78 -54.26
C ALA K 115 76.43 -8.61 -53.43
N GLU K 116 76.58 -9.40 -52.38
CA GLU K 116 77.73 -9.29 -51.49
C GLU K 116 79.05 -9.42 -52.23
N LEU K 117 79.04 -10.06 -53.40
CA LEU K 117 80.27 -10.22 -54.16
C LEU K 117 80.86 -8.86 -54.56
N LYS K 118 80.00 -7.88 -54.81
CA LYS K 118 80.50 -6.55 -55.13
C LYS K 118 81.22 -5.93 -53.93
N ILE K 119 80.70 -6.15 -52.73
CA ILE K 119 81.36 -5.65 -51.53
C ILE K 119 82.70 -6.35 -51.34
N VAL K 120 82.75 -7.66 -51.62
CA VAL K 120 84.02 -8.37 -51.54
C VAL K 120 85.02 -7.77 -52.52
N ALA K 121 84.58 -7.51 -53.75
CA ALA K 121 85.45 -6.89 -54.74
C ALA K 121 85.92 -5.52 -54.26
N ASP K 122 85.05 -4.76 -53.61
CA ASP K 122 85.45 -3.47 -53.07
C ASP K 122 86.56 -3.63 -52.05
N GLN K 123 86.34 -4.47 -51.03
CA GLN K 123 87.35 -4.65 -50.00
C GLN K 123 88.66 -5.17 -50.58
N LEU K 124 88.60 -5.93 -51.67
CA LEU K 124 89.83 -6.43 -52.29
C LEU K 124 90.47 -5.43 -53.24
N CYS K 125 89.74 -4.41 -53.68
CA CYS K 125 90.32 -3.35 -54.47
C CYS K 125 90.77 -2.17 -53.61
N ALA K 126 90.09 -1.93 -52.49
CA ALA K 126 90.46 -0.86 -51.58
C ALA K 126 91.64 -1.21 -50.69
N LYS K 127 92.06 -2.48 -50.66
CA LYS K 127 93.18 -2.89 -49.84
C LYS K 127 94.51 -2.82 -50.58
N TYR K 128 94.48 -2.84 -51.91
CA TYR K 128 95.70 -2.89 -52.71
C TYR K 128 95.82 -1.63 -53.55
N SER K 129 97.07 -1.22 -53.79
CA SER K 129 97.39 -0.08 -54.63
C SER K 129 98.27 -0.42 -55.81
N LYS K 130 99.06 -1.48 -55.73
CA LYS K 130 99.91 -1.90 -56.84
C LYS K 130 99.02 -2.45 -57.95
N GLU K 131 98.84 -1.65 -59.01
CA GLU K 131 97.98 -2.01 -60.13
C GLU K 131 96.54 -2.27 -59.66
N TYR K 132 96.10 -1.52 -58.66
CA TYR K 132 94.78 -1.66 -58.07
C TYR K 132 93.98 -0.37 -58.26
N GLY K 133 92.77 -0.36 -57.74
CA GLY K 133 91.82 0.68 -58.06
C GLY K 133 91.02 0.30 -59.29
N LYS K 134 89.75 0.72 -59.31
CA LYS K 134 88.82 0.28 -60.35
C LYS K 134 89.51 0.20 -61.72
N LEU K 135 90.13 1.31 -62.15
CA LEU K 135 90.81 1.32 -63.44
C LEU K 135 91.96 0.33 -63.46
N CYS K 136 92.91 0.48 -62.54
CA CYS K 136 94.05 -0.44 -62.50
C CYS K 136 93.63 -1.84 -62.07
N ARG K 137 92.52 -1.97 -61.35
CA ARG K 137 92.01 -3.30 -61.01
C ARG K 137 91.51 -4.01 -62.25
N THR K 138 90.92 -3.27 -63.20
CA THR K 138 90.55 -3.87 -64.47
C THR K 138 91.74 -4.06 -65.38
N ASN K 139 92.78 -3.22 -65.23
CA ASN K 139 93.97 -3.35 -66.05
C ASN K 139 94.79 -4.57 -65.64
N GLN K 140 94.89 -4.84 -64.33
CA GLN K 140 95.65 -5.96 -63.82
C GLN K 140 94.81 -7.21 -63.63
N ILE K 141 93.77 -7.38 -64.44
CA ILE K 141 92.88 -8.54 -64.34
C ILE K 141 93.30 -9.64 -65.33
N GLY K 142 94.52 -9.57 -65.84
CA GLY K 142 94.98 -10.56 -66.81
C GLY K 142 95.67 -11.75 -66.18
N THR K 143 95.23 -12.13 -64.96
CA THR K 143 95.79 -13.28 -64.27
C THR K 143 94.70 -14.13 -63.62
N VAL K 144 93.47 -14.06 -64.12
CA VAL K 144 92.36 -14.79 -63.54
C VAL K 144 92.33 -16.21 -64.12
N ASN K 145 91.61 -17.09 -63.43
CA ASN K 145 91.44 -18.46 -63.89
C ASN K 145 90.75 -18.47 -65.25
N ASP K 146 91.43 -19.03 -66.26
CA ASP K 146 90.87 -19.06 -67.60
C ASP K 146 89.61 -19.90 -67.65
N ARG K 147 89.57 -21.00 -66.89
CA ARG K 147 88.39 -21.85 -66.88
C ARG K 147 87.15 -21.07 -66.44
N LEU K 148 87.27 -20.34 -65.33
CA LEU K 148 86.14 -19.54 -64.86
C LEU K 148 85.77 -18.47 -65.90
N MET K 149 86.76 -17.90 -66.56
CA MET K 149 86.46 -16.95 -67.64
C MET K 149 85.62 -17.62 -68.72
N HIS K 150 85.91 -18.88 -69.02
CA HIS K 150 85.14 -19.59 -70.04
C HIS K 150 83.74 -19.90 -69.54
N LYS K 151 83.60 -20.30 -68.28
CA LYS K 151 82.28 -20.61 -67.74
C LYS K 151 81.38 -19.38 -67.76
N LEU K 152 81.93 -18.21 -67.45
CA LEU K 152 81.19 -16.97 -67.45
C LEU K 152 81.35 -16.19 -68.76
N SER K 153 81.86 -16.84 -69.80
CA SER K 153 82.00 -16.18 -71.09
C SER K 153 80.63 -16.04 -71.74
N VAL K 154 80.30 -14.81 -72.14
CA VAL K 154 79.01 -14.51 -72.73
C VAL K 154 79.17 -14.67 -74.24
N GLU K 155 78.94 -15.89 -74.72
CA GLU K 155 79.12 -16.20 -76.12
C GLU K 155 78.18 -17.32 -76.51
N ALA K 156 77.80 -17.35 -77.79
CA ALA K 156 76.96 -18.41 -78.31
C ALA K 156 77.70 -19.73 -78.21
N PRO K 157 77.23 -20.69 -77.41
CA PRO K 157 77.95 -21.96 -77.26
C PRO K 157 78.10 -22.66 -78.59
N PRO K 158 79.05 -23.59 -78.71
CA PRO K 158 79.24 -24.30 -79.97
C PRO K 158 78.03 -25.13 -80.34
N LYS K 159 77.70 -25.15 -81.63
CA LYS K 159 76.50 -25.84 -82.07
C LYS K 159 76.58 -27.34 -81.82
N ILE K 160 77.77 -27.92 -82.04
CA ILE K 160 77.92 -29.36 -81.83
C ILE K 160 77.64 -29.73 -80.38
N LEU K 161 78.06 -28.85 -79.47
CA LEU K 161 77.83 -29.07 -78.02
C LEU K 161 76.32 -29.08 -77.76
N VAL K 162 75.59 -28.17 -78.41
CA VAL K 162 74.10 -28.09 -78.25
C VAL K 162 73.49 -29.39 -78.77
N GLU K 163 73.99 -29.90 -79.90
CA GLU K 163 73.47 -31.15 -80.50
C GLU K 163 73.71 -32.31 -79.53
N ARG K 164 74.91 -32.34 -78.91
CA ARG K 164 75.26 -33.41 -77.94
C ARG K 164 74.30 -33.32 -76.74
N TYR K 165 74.02 -32.10 -76.29
CA TYR K 165 73.11 -31.89 -75.13
C TYR K 165 71.71 -32.39 -75.50
N LEU K 166 71.26 -32.12 -76.74
CA LEU K 166 69.95 -32.57 -77.17
C LEU K 166 69.92 -34.08 -77.34
N ILE K 167 70.98 -34.66 -77.90
CA ILE K 167 71.05 -36.11 -78.07
C ILE K 167 70.92 -36.79 -76.73
N GLU K 168 71.66 -36.32 -75.73
CA GLU K 168 71.63 -36.95 -74.42
C GLU K 168 70.25 -36.82 -73.78
N ILE K 169 69.66 -35.63 -73.84
CA ILE K 169 68.35 -35.42 -73.21
C ILE K 169 67.30 -36.31 -73.89
N ALA K 170 67.33 -36.38 -75.21
CA ALA K 170 66.40 -37.24 -75.93
C ALA K 170 66.60 -38.70 -75.54
N LYS K 171 67.84 -39.18 -75.59
CA LYS K 171 68.12 -40.57 -75.24
C LYS K 171 67.67 -40.88 -73.82
N ASN K 172 67.71 -39.91 -72.92
CA ASN K 172 67.29 -40.17 -71.55
C ASN K 172 65.78 -40.16 -71.39
N TYR K 173 65.10 -39.23 -72.07
CA TYR K 173 63.66 -39.09 -71.92
C TYR K 173 62.87 -39.90 -72.93
N ASN K 174 63.49 -40.86 -73.61
CA ASN K 174 62.79 -41.78 -74.51
C ASN K 174 62.07 -41.02 -75.61
N VAL K 175 62.75 -40.05 -76.21
CA VAL K 175 62.19 -39.26 -77.30
C VAL K 175 63.12 -39.39 -78.51
N PRO K 176 62.61 -39.57 -79.72
CA PRO K 176 63.48 -39.58 -80.89
C PRO K 176 63.95 -38.18 -81.24
N TYR K 177 65.15 -38.12 -81.83
CA TYR K 177 65.71 -36.84 -82.26
C TYR K 177 66.76 -37.10 -83.32
N GLU K 178 66.68 -36.37 -84.44
CA GLU K 178 67.63 -36.51 -85.53
C GLU K 178 68.57 -35.31 -85.55
N PRO K 179 69.80 -35.46 -85.06
CA PRO K 179 70.70 -34.29 -85.00
C PRO K 179 70.97 -33.70 -86.37
N ASP K 180 71.29 -32.41 -86.39
CA ASP K 180 71.67 -31.73 -87.61
C ASP K 180 73.01 -32.27 -88.06
N SER K 181 73.02 -33.03 -89.15
CA SER K 181 74.24 -33.68 -89.58
C SER K 181 75.32 -32.64 -89.93
N VAL K 182 74.90 -31.48 -90.47
CA VAL K 182 75.87 -30.45 -90.88
C VAL K 182 76.80 -30.12 -89.73
N VAL K 183 76.28 -30.02 -88.51
CA VAL K 183 77.07 -29.68 -87.34
C VAL K 183 77.45 -30.95 -86.59
N MET K 184 76.59 -31.96 -86.65
CA MET K 184 76.85 -33.21 -85.93
C MET K 184 78.06 -33.95 -86.48
N ALA K 185 78.43 -33.71 -87.74
CA ALA K 185 79.56 -34.39 -88.35
C ALA K 185 80.79 -33.52 -88.48
N GLU K 186 80.64 -32.21 -88.63
CA GLU K 186 81.77 -31.30 -88.79
C GLU K 186 82.40 -31.05 -87.41
N ASN L 3 -42.27 46.44 33.72
CA ASN L 3 -41.97 46.47 35.14
C ASN L 3 -42.79 45.42 35.89
N MET L 4 -44.11 45.45 35.69
CA MET L 4 -44.99 44.51 36.38
C MET L 4 -44.73 43.07 35.96
N GLU L 5 -44.26 42.87 34.72
CA GLU L 5 -43.95 41.51 34.27
C GLU L 5 -42.85 40.88 35.12
N LYS L 6 -41.86 41.69 35.53
CA LYS L 6 -40.80 41.18 36.39
C LYS L 6 -41.36 40.75 37.74
N HIS L 7 -42.26 41.55 38.31
CA HIS L 7 -42.86 41.19 39.59
C HIS L 7 -43.70 39.92 39.45
N LEU L 8 -44.43 39.78 38.34
CA LEU L 8 -45.17 38.54 38.10
C LEU L 8 -44.24 37.35 38.03
N PHE L 9 -43.13 37.50 37.31
CA PHE L 9 -42.16 36.41 37.22
C PHE L 9 -41.64 36.02 38.60
N ASN L 10 -41.30 37.01 39.42
CA ASN L 10 -40.80 36.71 40.76
C ASN L 10 -41.87 36.02 41.60
N LEU L 11 -43.12 36.44 41.46
CA LEU L 11 -44.20 35.82 42.22
C LEU L 11 -44.36 34.36 41.83
N LYS L 12 -44.39 34.07 40.54
CA LYS L 12 -44.54 32.69 40.09
C LYS L 12 -43.35 31.84 40.50
N PHE L 13 -42.15 32.43 40.46
CA PHE L 13 -40.96 31.72 40.90
C PHE L 13 -41.06 31.37 42.39
N ALA L 14 -41.53 32.32 43.21
CA ALA L 14 -41.67 32.06 44.64
C ALA L 14 -42.71 30.96 44.89
N ALA L 15 -43.80 30.98 44.13
CA ALA L 15 -44.81 29.94 44.29
C ALA L 15 -44.23 28.57 43.96
N LYS L 16 -43.50 28.47 42.85
CA LYS L 16 -42.90 27.19 42.47
C LYS L 16 -41.88 26.75 43.53
N GLU L 17 -41.12 27.69 44.08
CA GLU L 17 -40.16 27.36 45.13
C GLU L 17 -40.87 26.80 46.35
N LEU L 18 -42.00 27.42 46.74
CA LEU L 18 -42.75 26.91 47.88
C LEU L 18 -43.28 25.51 47.63
N SER L 19 -43.76 25.26 46.40
CA SER L 19 -44.25 23.91 46.08
C SER L 19 -43.12 22.89 46.16
N ARG L 20 -41.97 23.22 45.57
CA ARG L 20 -40.82 22.32 45.66
C ARG L 20 -40.43 22.04 47.09
N SER L 21 -40.43 23.09 47.93
CA SER L 21 -40.06 22.91 49.33
C SER L 21 -41.06 22.02 50.06
N ALA L 22 -42.35 22.18 49.76
CA ALA L 22 -43.34 21.30 50.37
C ALA L 22 -43.11 19.84 49.99
N LYS L 23 -42.84 19.60 48.70
CA LYS L 23 -42.54 18.24 48.25
C LYS L 23 -41.33 17.69 48.99
N LYS L 24 -40.26 18.47 49.06
CA LYS L 24 -39.04 18.04 49.74
C LYS L 24 -39.30 17.73 51.21
N CYS L 25 -40.10 18.56 51.87
CA CYS L 25 -40.37 18.35 53.29
C CYS L 25 -41.20 17.09 53.50
N ASP L 26 -42.16 16.81 52.61
CA ASP L 26 -42.90 15.56 52.69
C ASP L 26 -41.95 14.37 52.56
N LYS L 27 -41.04 14.44 51.60
CA LYS L 27 -40.05 13.37 51.44
C LYS L 27 -39.22 13.18 52.71
N GLU L 28 -38.77 14.29 53.30
CA GLU L 28 -37.96 14.21 54.51
C GLU L 28 -38.76 13.60 55.66
N GLU L 29 -40.05 13.91 55.74
CA GLU L 29 -40.90 13.27 56.75
C GLU L 29 -40.94 11.76 56.54
N LYS L 30 -41.13 11.35 55.28
CA LYS L 30 -41.16 9.92 54.98
C LYS L 30 -39.87 9.23 55.41
N ALA L 31 -38.74 9.94 55.27
CA ALA L 31 -37.45 9.36 55.68
C ALA L 31 -37.33 9.30 57.21
N GLU L 32 -37.70 10.39 57.88
CA GLU L 32 -37.60 10.42 59.33
C GLU L 32 -38.51 9.39 59.97
N LYS L 33 -39.59 9.00 59.30
CA LYS L 33 -40.42 7.92 59.84
C LYS L 33 -39.65 6.60 59.86
N ALA L 34 -38.91 6.30 58.78
CA ALA L 34 -38.03 5.13 58.79
C ALA L 34 -37.03 5.22 59.94
N LYS L 35 -36.44 6.39 60.12
CA LYS L 35 -35.42 6.52 61.16
C LYS L 35 -36.00 6.31 62.55
N ILE L 36 -37.19 6.86 62.80
CA ILE L 36 -37.82 6.68 64.11
C ILE L 36 -38.20 5.22 64.33
N GLU L 37 -38.63 4.53 63.27
CA GLU L 37 -38.90 3.10 63.41
C GLU L 37 -37.64 2.35 63.81
N LYS L 38 -36.53 2.63 63.12
CA LYS L 38 -35.27 2.00 63.48
C LYS L 38 -34.91 2.28 64.94
N ALA L 39 -35.00 3.55 65.35
CA ALA L 39 -34.58 3.91 66.70
C ALA L 39 -35.48 3.28 67.76
N ILE L 40 -36.77 3.15 67.48
CA ILE L 40 -37.66 2.50 68.44
C ILE L 40 -37.40 1.00 68.47
N GLN L 41 -36.87 0.44 67.38
CA GLN L 41 -36.42 -0.94 67.42
C GLN L 41 -35.19 -1.10 68.30
N LYS L 42 -34.19 -0.21 68.11
CA LYS L 42 -32.98 -0.28 68.92
C LYS L 42 -33.22 0.05 70.38
N GLY L 43 -34.37 0.61 70.73
CA GLY L 43 -34.69 0.96 72.10
C GLY L 43 -34.36 2.39 72.48
N ASN L 44 -33.75 3.17 71.59
CA ASN L 44 -33.41 4.55 71.89
C ASN L 44 -34.69 5.38 72.01
N MET L 45 -35.01 5.81 73.22
CA MET L 45 -36.17 6.66 73.44
C MET L 45 -35.89 8.10 73.03
N GLU L 46 -34.68 8.60 73.34
CA GLU L 46 -34.37 9.99 73.05
C GLU L 46 -34.22 10.23 71.55
N VAL L 47 -33.55 9.31 70.85
CA VAL L 47 -33.43 9.47 69.40
C VAL L 47 -34.79 9.31 68.74
N ALA L 48 -35.64 8.45 69.29
CA ALA L 48 -37.00 8.34 68.77
C ALA L 48 -37.76 9.65 68.96
N ARG L 49 -37.60 10.29 70.12
CA ARG L 49 -38.21 11.59 70.34
C ARG L 49 -37.70 12.61 69.33
N ILE L 50 -36.39 12.64 69.10
CA ILE L 50 -35.82 13.59 68.16
C ILE L 50 -36.40 13.39 66.77
N HIS L 51 -36.41 12.13 66.31
CA HIS L 51 -36.89 11.86 64.96
C HIS L 51 -38.39 12.08 64.84
N ALA L 52 -39.15 11.85 65.92
CA ALA L 52 -40.57 12.17 65.90
C ALA L 52 -40.80 13.67 65.79
N GLU L 53 -40.05 14.46 66.56
CA GLU L 53 -40.13 15.90 66.44
C GLU L 53 -39.82 16.34 65.00
N ASN L 54 -38.75 15.78 64.42
CA ASN L 54 -38.40 16.14 63.05
C ASN L 54 -39.52 15.78 62.09
N ALA L 55 -40.10 14.59 62.24
CA ALA L 55 -41.14 14.15 61.32
C ALA L 55 -42.38 15.02 61.42
N ILE L 56 -42.84 15.29 62.64
CA ILE L 56 -44.01 16.14 62.84
C ILE L 56 -43.75 17.54 62.29
N ARG L 57 -42.56 18.08 62.56
CA ARG L 57 -42.23 19.40 62.06
C ARG L 57 -42.25 19.43 60.54
N GLN L 58 -41.66 18.41 59.90
CA GLN L 58 -41.62 18.38 58.45
C GLN L 58 -43.02 18.27 57.87
N LYS L 59 -43.87 17.44 58.49
CA LYS L 59 -45.25 17.32 58.03
C LYS L 59 -45.97 18.66 58.10
N ASN L 60 -45.91 19.31 59.26
CA ASN L 60 -46.63 20.57 59.44
C ASN L 60 -46.08 21.65 58.50
N GLN L 61 -44.77 21.74 58.37
CA GLN L 61 -44.19 22.78 57.51
C GLN L 61 -44.45 22.47 56.04
N ALA L 62 -44.57 21.20 55.67
CA ALA L 62 -44.96 20.87 54.30
C ALA L 62 -46.39 21.30 54.02
N VAL L 63 -47.30 21.05 54.96
CA VAL L 63 -48.67 21.52 54.78
C VAL L 63 -48.70 23.04 54.67
N ASN L 64 -47.93 23.71 55.52
CA ASN L 64 -47.89 25.18 55.49
C ASN L 64 -47.34 25.68 54.17
N PHE L 65 -46.25 25.08 53.69
CA PHE L 65 -45.69 25.48 52.40
C PHE L 65 -46.68 25.24 51.27
N LEU L 66 -47.45 24.16 51.35
CA LEU L 66 -48.42 23.89 50.29
C LEU L 66 -49.52 24.94 50.28
N ARG L 67 -50.08 25.25 51.45
CA ARG L 67 -51.10 26.31 51.52
C ARG L 67 -50.54 27.64 51.05
N MET L 68 -49.31 27.96 51.47
CA MET L 68 -48.68 29.21 51.09
C MET L 68 -48.49 29.29 49.58
N SER L 69 -48.03 28.19 48.97
CA SER L 69 -47.86 28.16 47.53
C SER L 69 -49.19 28.30 46.82
N ALA L 70 -50.25 27.72 47.37
CA ALA L 70 -51.58 27.92 46.77
C ALA L 70 -51.97 29.39 46.79
N ARG L 71 -51.75 30.06 47.92
CA ARG L 71 -52.08 31.48 48.01
C ARG L 71 -51.29 32.29 46.99
N VAL L 72 -49.97 32.05 46.92
CA VAL L 72 -49.14 32.80 45.98
C VAL L 72 -49.53 32.47 44.55
N ASP L 73 -49.97 31.24 44.29
CA ASP L 73 -50.43 30.88 42.94
C ASP L 73 -51.68 31.67 42.58
N ALA L 74 -52.62 31.78 43.51
CA ALA L 74 -53.81 32.58 43.25
C ALA L 74 -53.42 34.03 42.95
N VAL L 75 -52.55 34.61 43.77
CA VAL L 75 -52.15 35.99 43.58
C VAL L 75 -51.45 36.17 42.23
N ALA L 76 -50.59 35.22 41.87
CA ALA L 76 -49.85 35.33 40.61
C ALA L 76 -50.76 35.17 39.41
N ALA L 77 -51.76 34.29 39.50
CA ALA L 77 -52.74 34.17 38.43
C ALA L 77 -53.50 35.48 38.27
N ARG L 78 -53.90 36.08 39.38
CA ARG L 78 -54.59 37.37 39.31
C ARG L 78 -53.71 38.43 38.67
N VAL L 79 -52.43 38.48 39.05
CA VAL L 79 -51.53 39.49 38.50
C VAL L 79 -51.28 39.25 37.02
N GLN L 80 -51.19 37.98 36.61
CA GLN L 80 -51.00 37.67 35.20
C GLN L 80 -52.22 38.08 34.38
N THR L 81 -53.42 37.81 34.91
CA THR L 81 -54.62 38.32 34.28
C THR L 81 -54.58 39.83 34.14
N ALA L 82 -54.16 40.52 35.21
CA ALA L 82 -54.09 41.98 35.17
C ALA L 82 -53.11 42.45 34.11
N VAL L 83 -51.96 41.78 34.00
CA VAL L 83 -50.96 42.18 33.01
C VAL L 83 -51.49 42.02 31.60
N THR L 84 -52.08 40.85 31.31
CA THR L 84 -52.63 40.61 29.98
C THR L 84 -53.73 41.61 29.65
N MET L 85 -54.62 41.87 30.62
CA MET L 85 -55.68 42.82 30.38
C MET L 85 -55.15 44.24 30.23
N GLY L 86 -54.05 44.57 30.90
CA GLY L 86 -53.44 45.87 30.69
C GLY L 86 -52.87 46.03 29.30
N LYS L 87 -52.21 44.98 28.80
CA LYS L 87 -51.76 45.00 27.41
C LYS L 87 -52.95 45.18 26.46
N VAL L 88 -54.03 44.44 26.71
CA VAL L 88 -55.21 44.53 25.84
C VAL L 88 -55.80 45.92 25.89
N THR L 89 -55.89 46.51 27.08
CA THR L 89 -56.47 47.85 27.22
C THR L 89 -55.59 48.89 26.55
N LYS L 90 -54.27 48.77 26.68
CA LYS L 90 -53.38 49.68 25.99
C LYS L 90 -53.53 49.57 24.48
N SER L 91 -53.61 48.35 23.97
CA SER L 91 -53.77 48.17 22.53
C SER L 91 -55.10 48.75 22.05
N MET L 92 -56.16 48.58 22.83
CA MET L 92 -57.45 49.10 22.42
C MET L 92 -57.51 50.61 22.53
N ALA L 93 -56.77 51.20 23.47
CA ALA L 93 -56.66 52.65 23.52
C ALA L 93 -55.92 53.19 22.30
N GLY L 94 -54.81 52.55 21.93
CA GLY L 94 -54.11 52.94 20.72
C GLY L 94 -54.99 52.82 19.49
N VAL L 95 -55.76 51.72 19.41
CA VAL L 95 -56.67 51.53 18.28
C VAL L 95 -57.73 52.62 18.28
N VAL L 96 -58.24 52.99 19.44
CA VAL L 96 -59.26 54.03 19.52
C VAL L 96 -58.68 55.35 19.03
N LYS L 97 -57.45 55.67 19.44
CA LYS L 97 -56.83 56.91 18.99
C LYS L 97 -56.66 56.93 17.48
N SER L 98 -56.11 55.85 16.93
CA SER L 98 -55.87 55.80 15.49
C SER L 98 -57.18 55.87 14.72
N MET L 99 -58.18 55.10 15.14
CA MET L 99 -59.47 55.14 14.47
C MET L 99 -60.14 56.49 14.61
N ASP L 100 -59.94 57.18 15.73
CA ASP L 100 -60.50 58.52 15.87
C ASP L 100 -59.88 59.46 14.85
N ALA L 101 -58.54 59.47 14.77
CA ALA L 101 -57.88 60.30 13.78
C ALA L 101 -58.38 59.98 12.38
N THR L 102 -58.45 58.70 12.04
CA THR L 102 -58.85 58.31 10.68
C THR L 102 -60.29 58.71 10.40
N LEU L 103 -61.23 58.28 11.23
CA LEU L 103 -62.64 58.61 11.03
C LEU L 103 -62.89 60.11 11.07
N LYS L 104 -61.97 60.88 11.68
CA LYS L 104 -62.05 62.33 11.56
C LYS L 104 -61.62 62.77 10.18
N THR L 105 -60.52 62.20 9.67
CA THR L 105 -60.06 62.53 8.33
C THR L 105 -60.99 61.92 7.28
N MET L 106 -61.21 60.61 7.36
CA MET L 106 -62.05 59.88 6.40
C MET L 106 -63.36 59.55 7.10
N ASN L 107 -64.30 60.49 7.04
CA ASN L 107 -65.60 60.32 7.68
C ASN L 107 -66.60 59.74 6.68
N LEU L 108 -67.84 59.55 7.14
CA LEU L 108 -68.85 58.91 6.30
C LEU L 108 -69.25 59.79 5.14
N GLU L 109 -69.33 61.10 5.35
CA GLU L 109 -69.63 62.01 4.24
C GLU L 109 -68.58 61.89 3.16
N LYS L 110 -67.30 62.05 3.53
CA LYS L 110 -66.23 62.00 2.55
C LYS L 110 -66.16 60.64 1.88
N ILE L 111 -66.37 59.57 2.65
CA ILE L 111 -66.30 58.22 2.09
C ILE L 111 -67.42 58.01 1.07
N SER L 112 -68.64 58.42 1.43
CA SER L 112 -69.76 58.28 0.49
C SER L 112 -69.53 59.09 -0.78
N ALA L 113 -69.05 60.32 -0.64
CA ALA L 113 -68.77 61.14 -1.82
C ALA L 113 -67.68 60.51 -2.67
N LEU L 114 -66.61 60.03 -2.02
CA LEU L 114 -65.52 59.38 -2.74
C LEU L 114 -66.01 58.17 -3.51
N MET L 115 -66.94 57.42 -2.93
CA MET L 115 -67.42 56.22 -3.59
C MET L 115 -68.37 56.54 -4.72
N ASP L 116 -69.23 57.55 -4.55
CA ASP L 116 -70.02 58.03 -5.68
C ASP L 116 -69.11 58.47 -6.81
N LYS L 117 -68.01 59.15 -6.48
CA LYS L 117 -67.06 59.60 -7.49
C LYS L 117 -66.39 58.40 -8.18
N PHE L 118 -65.99 57.40 -7.41
CA PHE L 118 -65.41 56.19 -7.99
C PHE L 118 -66.38 55.56 -8.97
N GLU L 119 -67.64 55.37 -8.56
CA GLU L 119 -68.64 54.76 -9.42
C GLU L 119 -68.83 55.56 -10.70
N HIS L 120 -68.95 56.89 -10.57
CA HIS L 120 -69.19 57.72 -11.75
C HIS L 120 -67.99 57.72 -12.68
N GLN L 121 -66.78 57.79 -12.10
CA GLN L 121 -65.58 57.77 -12.93
C GLN L 121 -65.46 56.47 -13.71
N PHE L 122 -65.76 55.35 -13.07
CA PHE L 122 -65.64 54.08 -13.77
C PHE L 122 -66.81 53.82 -14.71
N GLU L 123 -67.95 54.45 -14.48
CA GLU L 123 -69.00 54.44 -15.50
C GLU L 123 -68.56 55.23 -16.74
N THR L 124 -68.00 56.41 -16.52
CA THR L 124 -67.42 57.17 -17.63
C THR L 124 -66.36 56.34 -18.35
N LEU L 125 -65.58 55.58 -17.60
CA LEU L 125 -64.59 54.71 -18.21
C LEU L 125 -65.23 53.57 -18.99
N ASP L 126 -66.40 53.13 -18.53
CA ASP L 126 -67.19 52.09 -19.24
C ASP L 126 -67.61 52.66 -20.60
N VAL L 127 -68.04 53.92 -20.64
CA VAL L 127 -68.45 54.58 -21.87
C VAL L 127 -67.26 54.78 -22.80
N GLN L 128 -66.14 55.23 -22.24
CA GLN L 128 -64.93 55.39 -23.02
C GLN L 128 -64.49 54.07 -23.63
N THR L 129 -64.54 52.99 -22.85
CA THR L 129 -64.14 51.69 -23.35
C THR L 129 -65.03 51.25 -24.50
N GLN L 130 -66.35 51.41 -24.35
CA GLN L 130 -67.28 51.03 -25.41
C GLN L 130 -66.99 51.79 -26.69
N GLN L 131 -66.86 53.11 -26.58
CA GLN L 131 -66.60 53.92 -27.77
C GLN L 131 -65.26 53.58 -28.40
N MET L 132 -64.23 53.48 -27.56
CA MET L 132 -62.90 53.12 -28.03
C MET L 132 -62.93 51.78 -28.75
N GLU L 133 -63.73 50.84 -28.26
CA GLU L 133 -63.79 49.53 -28.88
C GLU L 133 -64.54 49.58 -30.20
N ASP L 134 -65.64 50.34 -30.25
CA ASP L 134 -66.31 50.56 -31.52
C ASP L 134 -65.35 51.09 -32.56
N THR L 135 -64.54 52.07 -32.19
CA THR L 135 -63.61 52.65 -33.15
C THR L 135 -62.50 51.68 -33.52
N MET L 136 -61.92 51.00 -32.53
CA MET L 136 -60.89 49.99 -32.80
C MET L 136 -61.39 48.97 -33.80
N SER L 137 -62.64 48.54 -33.65
CA SER L 137 -63.20 47.56 -34.58
C SER L 137 -63.44 48.18 -35.96
N SER L 138 -63.94 49.42 -36.00
CA SER L 138 -64.18 50.07 -37.28
C SER L 138 -62.89 50.30 -38.04
N THR L 139 -61.77 50.42 -37.33
CA THR L 139 -60.49 50.64 -38.00
C THR L 139 -60.09 49.44 -38.84
N THR L 140 -60.26 48.24 -38.30
CA THR L 140 -59.83 47.01 -38.95
C THR L 140 -61.08 46.18 -39.27
N THR L 141 -61.67 46.46 -40.43
CA THR L 141 -62.82 45.72 -40.92
C THR L 141 -62.57 44.98 -42.21
N LEU L 142 -61.53 45.36 -42.97
CA LEU L 142 -61.20 44.67 -44.21
C LEU L 142 -60.29 43.48 -44.00
N THR L 143 -59.62 43.41 -42.84
CA THR L 143 -58.85 42.23 -42.48
C THR L 143 -59.70 41.16 -41.82
N THR L 144 -60.83 41.56 -41.22
CA THR L 144 -61.75 40.66 -40.53
C THR L 144 -63.14 40.84 -41.11
N PRO L 145 -63.43 40.25 -42.27
CA PRO L 145 -64.79 40.34 -42.80
C PRO L 145 -65.76 39.47 -42.02
N GLN L 146 -66.93 40.03 -41.74
CA GLN L 146 -67.94 39.29 -40.98
C GLN L 146 -68.33 38.01 -41.69
N ASN L 147 -68.43 38.05 -43.03
CA ASN L 147 -68.84 36.87 -43.79
C ASN L 147 -67.84 35.74 -43.60
N GLN L 148 -66.55 36.05 -43.65
CA GLN L 148 -65.54 35.00 -43.51
C GLN L 148 -65.59 34.39 -42.11
N VAL L 149 -65.77 35.21 -41.08
CA VAL L 149 -65.86 34.69 -39.72
C VAL L 149 -67.08 33.79 -39.57
N ASP L 150 -68.23 34.23 -40.09
CA ASP L 150 -69.42 33.40 -40.05
C ASP L 150 -69.20 32.07 -40.74
N MET L 151 -68.57 32.10 -41.92
CA MET L 151 -68.33 30.87 -42.66
C MET L 151 -67.39 29.95 -41.88
N LEU L 152 -66.33 30.50 -41.31
CA LEU L 152 -65.41 29.67 -40.54
C LEU L 152 -66.12 29.03 -39.36
N LEU L 153 -66.96 29.79 -38.66
CA LEU L 153 -67.68 29.21 -37.53
C LEU L 153 -68.63 28.11 -37.98
N GLN L 154 -69.33 28.33 -39.11
CA GLN L 154 -70.24 27.32 -39.60
C GLN L 154 -69.49 26.04 -39.98
N GLU L 155 -68.35 26.19 -40.65
CA GLU L 155 -67.58 25.01 -41.04
C GLU L 155 -67.05 24.27 -39.81
N MET L 156 -66.53 25.00 -38.84
CA MET L 156 -66.01 24.35 -37.64
C MET L 156 -67.12 23.65 -36.86
N ALA L 157 -68.30 24.26 -36.78
CA ALA L 157 -69.42 23.61 -36.14
C ALA L 157 -69.81 22.33 -36.87
N ASP L 158 -70.06 22.45 -38.17
CA ASP L 158 -70.48 21.28 -38.96
C ASP L 158 -69.45 20.16 -38.86
N GLU L 159 -68.17 20.50 -38.84
CA GLU L 159 -67.14 19.49 -38.66
C GLU L 159 -67.25 18.85 -37.27
N ALA L 160 -67.40 19.67 -36.24
CA ALA L 160 -67.60 19.15 -34.89
C ALA L 160 -68.97 18.50 -34.70
N GLY L 161 -69.86 18.63 -35.69
CA GLY L 161 -71.19 18.08 -35.60
C GLY L 161 -72.14 18.81 -34.66
N LEU L 162 -71.63 19.73 -33.85
CA LEU L 162 -72.45 20.42 -32.87
C LEU L 162 -73.21 21.56 -33.54
N ASP L 163 -73.87 22.40 -32.74
CA ASP L 163 -74.57 23.57 -33.23
C ASP L 163 -74.25 24.74 -32.31
N LEU L 164 -74.49 25.94 -32.81
CA LEU L 164 -74.15 27.18 -32.12
C LEU L 164 -75.43 27.92 -31.74
N ASN L 165 -75.57 28.21 -30.44
CA ASN L 165 -76.72 28.94 -29.94
C ASN L 165 -76.26 30.14 -29.11
N GLU L 187 -76.60 39.15 -51.27
CA GLU L 187 -77.79 38.49 -50.75
C GLU L 187 -78.87 39.51 -50.41
N LEU L 188 -78.97 39.88 -49.12
CA LEU L 188 -79.93 40.90 -48.72
C LEU L 188 -79.61 42.24 -49.35
N SER L 189 -78.32 42.53 -49.55
CA SER L 189 -77.93 43.82 -50.11
C SER L 189 -78.56 44.06 -51.47
N GLN L 190 -78.72 43.00 -52.27
CA GLN L 190 -79.32 43.16 -53.58
C GLN L 190 -80.80 43.51 -53.47
N ARG L 191 -81.52 42.86 -52.56
CA ARG L 191 -82.92 43.21 -52.35
C ARG L 191 -83.05 44.64 -51.85
N LEU L 192 -82.14 45.05 -50.96
CA LEU L 192 -82.18 46.42 -50.45
C LEU L 192 -81.89 47.42 -51.55
N ALA L 193 -80.98 47.09 -52.46
CA ALA L 193 -80.68 47.98 -53.58
C ALA L 193 -81.87 48.08 -54.52
N ARG L 194 -82.50 46.94 -54.83
CA ARG L 194 -83.70 46.98 -55.66
C ARG L 194 -84.79 47.82 -55.01
N LEU L 195 -84.92 47.72 -53.69
CA LEU L 195 -85.89 48.55 -52.97
C LEU L 195 -85.49 50.02 -53.04
N ARG L 196 -84.20 50.30 -52.99
CA ARG L 196 -83.72 51.68 -53.06
C ARG L 196 -84.03 52.29 -54.42
N ASP L 197 -83.91 51.49 -55.48
CA ASP L 197 -84.27 51.98 -56.81
C ASP L 197 -85.74 52.40 -56.86
N GLN L 198 -86.59 51.71 -56.10
CA GLN L 198 -88.01 52.06 -56.04
C GLN L 198 -88.65 52.04 -57.42
N PHE M 6 -53.75 77.28 -61.42
CA PHE M 6 -54.17 75.92 -61.70
C PHE M 6 -52.99 75.06 -62.16
N LYS M 7 -52.86 73.90 -61.53
CA LYS M 7 -51.78 72.91 -61.83
C LYS M 7 -52.45 71.63 -62.36
N ALA M 8 -51.96 71.09 -63.47
CA ALA M 8 -52.58 69.90 -64.06
C ALA M 8 -52.18 68.64 -63.32
N GLU M 9 -50.88 68.41 -63.13
CA GLU M 9 -50.44 67.18 -62.47
C GLU M 9 -50.98 67.09 -61.06
N ARG M 10 -51.12 68.23 -60.37
CA ARG M 10 -51.76 68.23 -59.06
C ARG M 10 -53.18 67.68 -59.15
N LEU M 11 -53.94 68.14 -60.14
CA LEU M 11 -55.30 67.65 -60.34
C LEU M 11 -55.31 66.16 -60.62
N ARG M 12 -54.39 65.70 -61.47
CA ARG M 12 -54.29 64.27 -61.80
C ARG M 12 -54.06 63.45 -60.53
N VAL M 13 -53.06 63.84 -59.74
CA VAL M 13 -52.72 63.09 -58.54
C VAL M 13 -53.88 63.09 -57.56
N ASN M 14 -54.52 64.26 -57.39
CA ASN M 14 -55.65 64.32 -56.47
C ASN M 14 -56.82 63.48 -56.96
N LEU M 15 -57.03 63.39 -58.27
CA LEU M 15 -58.09 62.54 -58.79
C LEU M 15 -57.80 61.06 -58.49
N ARG M 16 -56.56 60.62 -58.72
CA ARG M 16 -56.21 59.24 -58.40
C ARG M 16 -56.40 58.96 -56.91
N LEU M 17 -55.98 59.91 -56.07
CA LEU M 17 -56.14 59.73 -54.63
C LEU M 17 -57.61 59.66 -54.24
N VAL M 18 -58.43 60.51 -54.85
CA VAL M 18 -59.87 60.49 -54.56
C VAL M 18 -60.46 59.14 -54.95
N ILE M 19 -60.03 58.61 -56.09
CA ILE M 19 -60.53 57.30 -56.53
C ILE M 19 -60.20 56.24 -55.49
N ASN M 20 -58.93 56.17 -55.10
CA ASN M 20 -58.52 55.16 -54.12
C ASN M 20 -59.29 55.32 -52.81
N ARG M 21 -59.40 56.56 -52.33
CA ARG M 21 -60.10 56.83 -51.07
C ARG M 21 -61.56 56.39 -51.16
N LEU M 22 -62.21 56.68 -52.29
CA LEU M 22 -63.61 56.28 -52.45
C LEU M 22 -63.75 54.76 -52.45
N LYS M 23 -62.81 54.06 -53.09
CA LYS M 23 -62.84 52.60 -53.05
C LYS M 23 -62.77 52.10 -51.62
N LEU M 24 -61.77 52.55 -50.87
CA LEU M 24 -61.63 52.12 -49.48
C LEU M 24 -62.88 52.43 -48.68
N LEU M 25 -63.42 53.64 -48.85
CA LEU M 25 -64.56 54.08 -48.06
C LEU M 25 -65.79 53.23 -48.37
N GLU M 26 -66.07 52.98 -49.64
CA GLU M 26 -67.25 52.19 -49.97
C GLU M 26 -67.11 50.77 -49.48
N LYS M 27 -65.91 50.19 -49.58
CA LYS M 27 -65.70 48.86 -49.01
C LYS M 27 -66.07 48.84 -47.53
N LYS M 28 -65.39 49.67 -46.74
CA LYS M 28 -65.59 49.60 -45.29
C LYS M 28 -67.00 50.01 -44.90
N LYS M 29 -67.64 50.87 -45.72
CA LYS M 29 -69.02 51.26 -45.41
C LYS M 29 -69.98 50.11 -45.69
N THR M 30 -69.73 49.33 -46.73
CA THR M 30 -70.52 48.12 -46.95
C THR M 30 -70.40 47.18 -45.75
N GLU M 31 -69.17 46.98 -45.27
CA GLU M 31 -68.97 46.11 -44.12
C GLU M 31 -69.73 46.62 -42.88
N LEU M 32 -69.52 47.90 -42.56
CA LEU M 32 -70.22 48.50 -41.42
C LEU M 32 -71.73 48.43 -41.60
N ALA M 33 -72.21 48.51 -42.84
CA ALA M 33 -73.64 48.43 -43.08
C ALA M 33 -74.16 47.04 -42.78
N GLN M 34 -73.41 46.01 -43.16
CA GLN M 34 -73.77 44.65 -42.76
C GLN M 34 -73.90 44.55 -41.24
N LYS M 35 -72.89 45.03 -40.53
CA LYS M 35 -72.90 44.89 -39.07
C LYS M 35 -74.07 45.66 -38.45
N ALA M 36 -74.32 46.88 -38.92
CA ALA M 36 -75.39 47.68 -38.35
C ALA M 36 -76.76 47.14 -38.75
N ARG M 37 -76.86 46.47 -39.89
CA ARG M 37 -78.10 45.77 -40.23
C ARG M 37 -78.36 44.64 -39.23
N LYS M 38 -77.31 43.89 -38.89
CA LYS M 38 -77.45 42.90 -37.83
C LYS M 38 -77.93 43.56 -36.54
N GLU M 39 -77.36 44.72 -36.21
CA GLU M 39 -77.80 45.43 -35.01
C GLU M 39 -79.28 45.80 -35.08
N ILE M 40 -79.75 46.25 -36.25
CA ILE M 40 -81.16 46.60 -36.38
C ILE M 40 -82.02 45.36 -36.23
N ALA M 41 -81.56 44.22 -36.75
CA ALA M 41 -82.30 42.97 -36.55
C ALA M 41 -82.43 42.67 -35.06
N ASP M 42 -81.32 42.81 -34.32
CA ASP M 42 -81.38 42.60 -32.88
C ASP M 42 -82.36 43.57 -32.22
N TYR M 43 -82.36 44.83 -32.66
CA TYR M 43 -83.29 45.81 -32.11
C TYR M 43 -84.73 45.38 -32.36
N LEU M 44 -85.01 44.86 -33.55
CA LEU M 44 -86.38 44.43 -33.87
C LEU M 44 -86.76 43.18 -33.09
N ALA M 45 -85.78 42.35 -32.73
CA ALA M 45 -86.07 41.19 -31.91
C ALA M 45 -86.83 41.59 -30.65
N ALA M 46 -86.42 42.70 -30.03
CA ALA M 46 -87.15 43.25 -28.90
C ALA M 46 -88.36 44.04 -29.40
N GLY M 47 -89.11 44.60 -28.45
CA GLY M 47 -90.27 45.40 -28.80
C GLY M 47 -89.94 46.79 -29.30
N LYS M 48 -88.69 47.20 -29.24
CA LYS M 48 -88.27 48.53 -29.69
C LYS M 48 -88.43 48.61 -31.20
N ASP M 49 -89.37 49.44 -31.66
CA ASP M 49 -89.66 49.61 -33.08
C ASP M 49 -89.35 51.02 -33.57
N GLU M 50 -89.81 52.04 -32.86
CA GLU M 50 -89.59 53.42 -33.30
C GLU M 50 -88.11 53.79 -33.30
N ARG M 51 -87.27 53.01 -32.63
CA ARG M 51 -85.82 53.22 -32.62
C ARG M 51 -85.14 52.55 -33.80
N ALA M 52 -85.61 51.35 -34.17
CA ALA M 52 -85.08 50.68 -35.35
C ALA M 52 -85.29 51.51 -36.60
N ARG M 53 -86.34 52.34 -36.61
CA ARG M 53 -86.56 53.22 -37.76
C ARG M 53 -85.44 54.26 -37.86
N ILE M 54 -84.98 54.79 -36.72
CA ILE M 54 -83.87 55.72 -36.74
C ILE M 54 -82.60 55.01 -37.20
N ARG M 55 -82.37 53.81 -36.67
CA ARG M 55 -81.18 53.06 -37.08
C ARG M 55 -81.18 52.79 -38.59
N VAL M 56 -82.33 52.41 -39.13
CA VAL M 56 -82.39 52.10 -40.55
C VAL M 56 -82.33 53.39 -41.37
N GLU M 57 -82.74 54.52 -40.80
CA GLU M 57 -82.46 55.80 -41.46
C GLU M 57 -80.96 56.00 -41.61
N HIS M 58 -80.21 55.78 -40.52
CA HIS M 58 -78.76 55.77 -40.61
C HIS M 58 -78.29 54.89 -41.75
N ILE M 59 -78.83 53.67 -41.81
CA ILE M 59 -78.35 52.68 -42.79
C ILE M 59 -78.59 53.17 -44.21
N ILE M 60 -79.81 53.63 -44.50
CA ILE M 60 -80.13 54.01 -45.86
C ILE M 60 -79.43 55.30 -46.25
N ARG M 61 -79.17 56.19 -45.28
CA ARG M 61 -78.31 57.33 -45.55
C ARG M 61 -76.92 56.85 -45.99
N GLU M 62 -76.35 55.90 -45.25
CA GLU M 62 -75.04 55.38 -45.61
C GLU M 62 -75.06 54.71 -46.98
N ASP M 63 -76.16 54.05 -47.33
CA ASP M 63 -76.25 53.38 -48.62
C ASP M 63 -76.34 54.38 -49.77
N TYR M 64 -77.20 55.40 -49.61
CA TYR M 64 -77.19 56.52 -50.55
C TYR M 64 -75.78 57.07 -50.71
N LEU M 65 -75.06 57.20 -49.59
CA LEU M 65 -73.71 57.75 -49.65
C LEU M 65 -72.77 56.86 -50.43
N VAL M 66 -72.88 55.54 -50.25
CA VAL M 66 -72.01 54.62 -50.97
C VAL M 66 -72.31 54.69 -52.47
N GLU M 67 -73.59 54.75 -52.84
CA GLU M 67 -73.93 54.87 -54.26
C GLU M 67 -73.40 56.18 -54.84
N ALA M 68 -73.53 57.27 -54.08
CA ALA M 68 -73.00 58.55 -54.56
C ALA M 68 -71.49 58.49 -54.72
N MET M 69 -70.80 57.81 -53.81
CA MET M 69 -69.36 57.66 -53.94
C MET M 69 -68.99 56.82 -55.16
N GLU M 70 -69.79 55.80 -55.47
CA GLU M 70 -69.57 55.05 -56.70
C GLU M 70 -69.69 55.96 -57.92
N ILE M 71 -70.74 56.77 -57.96
CA ILE M 71 -70.92 57.68 -59.09
C ILE M 71 -69.76 58.66 -59.19
N LEU M 72 -69.31 59.16 -58.03
CA LEU M 72 -68.22 60.14 -58.05
C LEU M 72 -66.90 59.50 -58.49
N GLU M 73 -66.65 58.26 -58.06
CA GLU M 73 -65.49 57.53 -58.55
C GLU M 73 -65.56 57.37 -60.06
N LEU M 74 -66.75 57.02 -60.57
CA LEU M 74 -66.94 56.92 -62.01
C LEU M 74 -66.56 58.23 -62.69
N TYR M 75 -67.06 59.36 -62.17
CA TYR M 75 -66.81 60.64 -62.83
C TYR M 75 -65.34 61.05 -62.75
N CYS M 76 -64.71 60.80 -61.60
CA CYS M 76 -63.28 61.09 -61.48
C CYS M 76 -62.48 60.29 -62.47
N ASP M 77 -62.79 59.00 -62.60
CA ASP M 77 -62.09 58.19 -63.58
C ASP M 77 -62.36 58.67 -65.00
N LEU M 78 -63.57 59.16 -65.26
CA LEU M 78 -63.87 59.71 -66.59
C LEU M 78 -62.98 60.90 -66.88
N LEU M 79 -62.89 61.83 -65.94
CA LEU M 79 -61.99 62.97 -66.12
C LEU M 79 -60.55 62.51 -66.30
N LEU M 80 -60.13 61.50 -65.54
CA LEU M 80 -58.76 61.01 -65.62
C LEU M 80 -58.49 60.32 -66.94
N ALA M 81 -59.52 59.77 -67.60
CA ALA M 81 -59.34 59.15 -68.90
C ALA M 81 -59.30 60.18 -70.02
N ARG M 82 -59.90 61.34 -69.81
CA ARG M 82 -59.94 62.42 -70.79
C ARG M 82 -59.19 63.64 -70.26
N PHE M 83 -58.04 63.40 -69.64
CA PHE M 83 -57.28 64.48 -69.04
C PHE M 83 -56.62 65.37 -70.08
N GLY M 84 -56.09 64.77 -71.15
CA GLY M 84 -55.53 65.56 -72.22
C GLY M 84 -56.55 66.51 -72.82
N LEU M 85 -57.81 66.07 -72.94
CA LEU M 85 -58.86 66.94 -73.42
C LEU M 85 -59.12 68.09 -72.47
N ILE M 86 -58.76 67.92 -71.19
CA ILE M 86 -58.81 69.03 -70.25
C ILE M 86 -57.65 69.99 -70.51
N GLN M 87 -56.44 69.46 -70.68
CA GLN M 87 -55.28 70.32 -70.83
C GLN M 87 -55.32 71.10 -72.14
N SER M 88 -55.83 70.47 -73.21
CA SER M 88 -55.78 71.10 -74.54
C SER M 88 -56.74 72.28 -74.61
N MET M 89 -58.03 72.03 -74.45
CA MET M 89 -59.01 73.10 -74.52
C MET M 89 -58.88 74.04 -73.33
N LYS M 90 -59.54 75.20 -73.44
CA LYS M 90 -59.65 76.14 -72.35
C LYS M 90 -61.03 76.16 -71.71
N GLU M 91 -62.06 75.85 -72.48
CA GLU M 91 -63.42 75.68 -71.97
C GLU M 91 -63.80 74.21 -72.08
N LEU M 92 -64.47 73.71 -71.05
CA LEU M 92 -64.82 72.29 -71.02
C LEU M 92 -65.85 71.98 -72.10
N ASP M 93 -65.72 70.81 -72.70
CA ASP M 93 -66.66 70.35 -73.71
C ASP M 93 -67.88 69.73 -73.03
N SER M 94 -68.81 69.22 -73.85
CA SER M 94 -70.03 68.62 -73.32
C SER M 94 -69.73 67.31 -72.61
N GLY M 95 -68.80 66.52 -73.14
CA GLY M 95 -68.48 65.23 -72.55
C GLY M 95 -67.97 65.32 -71.12
N LEU M 96 -67.47 66.49 -70.71
CA LEU M 96 -66.92 66.67 -69.37
C LEU M 96 -67.74 67.65 -68.54
N ALA M 97 -68.86 68.16 -69.06
CA ALA M 97 -69.66 69.10 -68.28
C ALA M 97 -70.22 68.45 -67.03
N GLU M 98 -70.79 67.25 -67.17
CA GLU M 98 -71.40 66.60 -66.02
C GLU M 98 -70.38 66.29 -64.94
N SER M 99 -69.25 65.70 -65.34
CA SER M 99 -68.22 65.34 -64.36
C SER M 99 -67.76 66.56 -63.58
N VAL M 100 -67.38 67.63 -64.28
CA VAL M 100 -66.89 68.83 -63.62
C VAL M 100 -67.96 69.42 -62.72
N SER M 101 -69.18 69.53 -63.24
CA SER M 101 -70.26 70.14 -62.45
C SER M 101 -70.50 69.36 -61.17
N THR M 102 -70.61 68.04 -61.26
CA THR M 102 -70.89 67.24 -60.07
C THR M 102 -69.71 67.26 -59.10
N LEU M 103 -68.49 67.19 -59.62
CA LEU M 103 -67.33 67.19 -58.74
C LEU M 103 -67.13 68.53 -58.06
N ILE M 104 -67.65 69.62 -58.64
CA ILE M 104 -67.60 70.90 -57.96
C ILE M 104 -68.75 71.04 -56.97
N TRP M 105 -69.91 70.45 -57.29
CA TRP M 105 -71.07 70.61 -56.43
C TRP M 105 -70.99 69.72 -55.20
N ALA M 106 -70.47 68.50 -55.36
CA ALA M 106 -70.43 67.53 -54.27
C ALA M 106 -69.23 67.69 -53.36
N ALA M 107 -68.22 68.43 -53.79
CA ALA M 107 -67.02 68.59 -52.96
C ALA M 107 -67.33 69.08 -51.56
N PRO M 108 -68.06 70.20 -51.37
CA PRO M 108 -68.38 70.62 -50.01
C PRO M 108 -69.24 69.61 -49.26
N ARG M 109 -70.03 68.80 -49.98
CA ARG M 109 -70.84 67.79 -49.33
C ARG M 109 -69.97 66.71 -48.70
N LEU M 110 -69.08 66.12 -49.48
CA LEU M 110 -68.20 65.05 -49.03
C LEU M 110 -66.81 65.54 -48.66
N GLN M 111 -66.68 66.82 -48.30
CA GLN M 111 -65.36 67.36 -47.97
C GLN M 111 -64.79 66.70 -46.73
N SER M 112 -65.64 66.28 -45.79
CA SER M 112 -65.14 65.67 -44.56
C SER M 112 -64.66 64.25 -44.82
N GLU M 113 -65.43 63.47 -45.57
CA GLU M 113 -65.03 62.09 -45.88
C GLU M 113 -63.77 62.07 -46.73
N VAL M 114 -63.81 62.73 -47.89
CA VAL M 114 -62.71 62.76 -48.83
C VAL M 114 -62.16 64.19 -48.85
N ALA M 115 -60.92 64.35 -48.39
CA ALA M 115 -60.31 65.68 -48.34
C ALA M 115 -59.83 66.11 -49.72
N GLU M 116 -59.17 65.21 -50.44
CA GLU M 116 -58.61 65.54 -51.75
C GLU M 116 -59.69 66.05 -52.71
N LEU M 117 -60.95 65.73 -52.47
CA LEU M 117 -62.02 66.19 -53.33
C LEU M 117 -62.11 67.70 -53.35
N LYS M 118 -61.79 68.35 -52.23
CA LYS M 118 -61.78 69.81 -52.20
C LYS M 118 -60.69 70.37 -53.10
N ILE M 119 -59.52 69.73 -53.12
CA ILE M 119 -58.45 70.16 -54.00
C ILE M 119 -58.85 69.96 -55.46
N VAL M 120 -59.53 68.86 -55.75
CA VAL M 120 -60.02 68.65 -57.11
C VAL M 120 -60.99 69.75 -57.51
N ALA M 121 -61.91 70.10 -56.60
CA ALA M 121 -62.84 71.19 -56.86
C ALA M 121 -62.10 72.50 -57.08
N ASP M 122 -61.03 72.74 -56.33
CA ASP M 122 -60.23 73.94 -56.52
C ASP M 122 -59.64 73.98 -57.93
N GLN M 123 -58.93 72.91 -58.31
CA GLN M 123 -58.31 72.89 -59.64
C GLN M 123 -59.35 73.02 -60.74
N LEU M 124 -60.57 72.53 -60.51
CA LEU M 124 -61.61 72.65 -61.53
C LEU M 124 -62.32 73.99 -61.50
N CYS M 125 -62.21 74.76 -60.41
CA CYS M 125 -62.74 76.11 -60.36
C CYS M 125 -61.70 77.15 -60.75
N ALA M 126 -60.43 76.88 -60.47
CA ALA M 126 -59.35 77.80 -60.83
C ALA M 126 -58.97 77.71 -62.30
N LYS M 127 -59.45 76.69 -63.02
CA LYS M 127 -59.14 76.54 -64.43
C LYS M 127 -60.13 77.25 -65.34
N TYR M 128 -61.34 77.52 -64.85
CA TYR M 128 -62.40 78.08 -65.67
C TYR M 128 -62.81 79.45 -65.14
N SER M 129 -63.22 80.31 -66.07
CA SER M 129 -63.70 81.65 -65.74
C SER M 129 -65.11 81.91 -66.21
N LYS M 130 -65.59 81.21 -67.24
CA LYS M 130 -66.96 81.37 -67.72
C LYS M 130 -67.92 80.81 -66.68
N GLU M 131 -68.57 81.69 -65.93
CA GLU M 131 -69.48 81.28 -64.86
C GLU M 131 -68.76 80.44 -63.80
N TYR M 132 -67.49 80.75 -63.55
CA TYR M 132 -66.66 80.01 -62.62
C TYR M 132 -66.20 80.94 -61.49
N GLY M 133 -65.40 80.40 -60.60
CA GLY M 133 -65.12 81.07 -59.34
C GLY M 133 -66.14 80.70 -58.29
N LYS M 134 -65.69 80.63 -57.04
CA LYS M 134 -66.55 80.13 -55.95
C LYS M 134 -67.99 80.59 -56.10
N LEU M 135 -68.20 81.91 -56.21
CA LEU M 135 -69.54 82.45 -56.37
C LEU M 135 -70.18 81.95 -57.66
N CYS M 136 -69.55 82.25 -58.80
CA CYS M 136 -70.09 81.81 -60.07
C CYS M 136 -70.05 80.30 -60.23
N ARG M 137 -69.15 79.62 -59.52
CA ARG M 137 -69.12 78.16 -59.55
C ARG M 137 -70.35 77.59 -58.85
N THR M 138 -70.82 78.25 -57.80
CA THR M 138 -72.07 77.85 -57.16
C THR M 138 -73.28 78.32 -57.98
N ASN M 139 -73.14 79.42 -58.73
CA ASN M 139 -74.25 79.90 -59.53
C ASN M 139 -74.48 79.02 -60.75
N GLN M 140 -73.40 78.52 -61.36
CA GLN M 140 -73.48 77.67 -62.54
C GLN M 140 -73.50 76.18 -62.19
N ILE M 141 -74.01 75.82 -61.02
CA ILE M 141 -74.06 74.43 -60.58
C ILE M 141 -75.42 73.80 -60.90
N GLY M 142 -76.19 74.40 -61.79
CA GLY M 142 -77.51 73.89 -62.13
C GLY M 142 -77.49 72.91 -63.29
N THR M 143 -76.39 72.16 -63.42
CA THR M 143 -76.28 71.16 -64.48
C THR M 143 -75.67 69.86 -63.97
N VAL M 144 -75.78 69.59 -62.67
CA VAL M 144 -75.19 68.39 -62.09
C VAL M 144 -76.16 67.23 -62.23
N ASN M 145 -75.63 66.01 -62.07
CA ASN M 145 -76.44 64.81 -62.13
C ASN M 145 -77.51 64.84 -61.04
N ASP M 146 -78.77 64.81 -61.44
CA ASP M 146 -79.87 64.86 -60.47
C ASP M 146 -79.85 63.64 -59.56
N ARG M 147 -79.49 62.47 -60.09
CA ARG M 147 -79.46 61.27 -59.26
C ARG M 147 -78.47 61.45 -58.10
N LEU M 148 -77.27 61.92 -58.40
CA LEU M 148 -76.29 62.14 -57.33
C LEU M 148 -76.78 63.18 -56.35
N MET M 149 -77.47 64.22 -56.84
CA MET M 149 -78.07 65.20 -55.95
C MET M 149 -79.04 64.53 -54.99
N HIS M 150 -79.80 63.54 -55.48
CA HIS M 150 -80.75 62.85 -54.62
C HIS M 150 -80.03 61.95 -53.62
N LYS M 151 -78.97 61.27 -54.06
CA LYS M 151 -78.23 60.39 -53.15
C LYS M 151 -77.62 61.19 -52.01
N LEU M 152 -77.12 62.38 -52.30
CA LEU M 152 -76.51 63.25 -51.29
C LEU M 152 -77.49 64.29 -50.76
N SER M 153 -78.79 64.11 -51.02
CA SER M 153 -79.79 65.03 -50.52
C SER M 153 -79.98 64.81 -49.02
N VAL M 154 -79.86 65.89 -48.25
CA VAL M 154 -79.96 65.83 -46.79
C VAL M 154 -81.44 66.06 -46.46
N GLU M 155 -82.20 64.98 -46.41
CA GLU M 155 -83.63 65.07 -46.16
C GLU M 155 -84.10 63.79 -45.48
N ALA M 156 -85.17 63.91 -44.71
CA ALA M 156 -85.75 62.75 -44.05
C ALA M 156 -86.28 61.79 -45.11
N PRO M 157 -85.73 60.58 -45.23
CA PRO M 157 -86.19 59.65 -46.28
C PRO M 157 -87.66 59.36 -46.13
N PRO M 158 -88.32 58.88 -47.19
CA PRO M 158 -89.75 58.59 -47.10
C PRO M 158 -90.03 57.46 -46.12
N LYS M 159 -91.13 57.61 -45.37
CA LYS M 159 -91.44 56.64 -44.32
C LYS M 159 -91.71 55.27 -44.90
N ILE M 160 -92.40 55.20 -46.04
CA ILE M 160 -92.71 53.91 -46.64
C ILE M 160 -91.44 53.16 -46.99
N LEU M 161 -90.44 53.92 -47.46
CA LEU M 161 -89.12 53.33 -47.83
C LEU M 161 -88.50 52.71 -46.57
N VAL M 162 -88.60 53.42 -45.44
CA VAL M 162 -88.04 52.93 -44.14
C VAL M 162 -88.77 51.63 -43.76
N GLU M 163 -90.09 51.60 -43.95
CA GLU M 163 -90.90 50.39 -43.61
C GLU M 163 -90.45 49.22 -44.49
N ARG M 164 -90.21 49.49 -45.78
CA ARG M 164 -89.76 48.43 -46.73
C ARG M 164 -88.39 47.92 -46.28
N TYR M 165 -87.51 48.83 -45.85
CA TYR M 165 -86.16 48.45 -45.38
C TYR M 165 -86.28 47.56 -44.13
N LEU M 166 -87.20 47.92 -43.23
CA LEU M 166 -87.40 47.12 -42.02
C LEU M 166 -88.03 45.78 -42.34
N ILE M 167 -89.01 45.76 -43.24
CA ILE M 167 -89.64 44.51 -43.64
C ILE M 167 -88.60 43.55 -44.18
N GLU M 168 -87.74 44.03 -45.08
CA GLU M 168 -86.73 43.16 -45.68
C GLU M 168 -85.76 42.65 -44.64
N ILE M 169 -85.27 43.53 -43.77
CA ILE M 169 -84.30 43.11 -42.76
C ILE M 169 -84.91 42.08 -41.83
N ALA M 170 -86.15 42.31 -41.40
CA ALA M 170 -86.84 41.34 -40.55
C ALA M 170 -87.00 40.00 -41.25
N LYS M 171 -87.53 40.03 -42.48
CA LYS M 171 -87.72 38.80 -43.23
C LYS M 171 -86.42 38.04 -43.42
N ASN M 172 -85.29 38.74 -43.50
CA ASN M 172 -84.01 38.06 -43.69
C ASN M 172 -83.47 37.49 -42.38
N TYR M 173 -83.62 38.23 -41.28
CA TYR M 173 -83.05 37.83 -40.00
C TYR M 173 -84.02 37.01 -39.15
N ASN M 174 -85.11 36.52 -39.74
CA ASN M 174 -86.04 35.63 -39.04
C ASN M 174 -86.61 36.29 -37.79
N VAL M 175 -87.03 37.55 -37.93
CA VAL M 175 -87.63 38.30 -36.84
C VAL M 175 -89.01 38.77 -37.28
N PRO M 176 -90.04 38.68 -36.44
CA PRO M 176 -91.34 39.23 -36.81
C PRO M 176 -91.33 40.75 -36.73
N TYR M 177 -92.16 41.37 -37.57
CA TYR M 177 -92.28 42.82 -37.58
C TYR M 177 -93.61 43.19 -38.22
N GLU M 178 -94.37 44.07 -37.55
CA GLU M 178 -95.67 44.51 -38.05
C GLU M 178 -95.54 45.94 -38.56
N PRO M 179 -95.48 46.16 -39.88
CA PRO M 179 -95.27 47.51 -40.39
C PRO M 179 -96.41 48.44 -39.99
N ASP M 180 -96.09 49.73 -39.91
CA ASP M 180 -97.09 50.75 -39.63
C ASP M 180 -98.03 50.85 -40.83
N SER M 181 -99.26 50.38 -40.65
CA SER M 181 -100.18 50.34 -41.77
C SER M 181 -100.45 51.74 -42.33
N VAL M 182 -100.46 52.76 -41.46
CA VAL M 182 -100.76 54.13 -41.89
C VAL M 182 -99.86 54.52 -43.05
N VAL M 183 -98.58 54.16 -42.98
CA VAL M 183 -97.60 54.50 -44.01
C VAL M 183 -97.42 53.32 -44.97
N MET M 184 -97.57 52.11 -44.44
CA MET M 184 -97.39 50.92 -45.27
C MET M 184 -98.45 50.80 -46.36
N ALA M 185 -99.61 51.42 -46.19
CA ALA M 185 -100.68 51.34 -47.17
C ALA M 185 -100.86 52.60 -47.99
N GLU M 186 -100.53 53.77 -47.44
CA GLU M 186 -100.68 55.02 -48.15
C GLU M 186 -99.51 55.20 -49.14
N ASN N 3 19.21 51.01 -62.50
CA ASN N 3 17.96 51.50 -63.08
C ASN N 3 17.32 50.44 -63.96
N MET N 4 18.10 49.92 -64.91
CA MET N 4 17.58 48.92 -65.83
C MET N 4 17.20 47.63 -65.12
N GLU N 5 17.86 47.32 -64.01
CA GLU N 5 17.52 46.12 -63.26
C GLU N 5 16.09 46.18 -62.74
N LYS N 6 15.65 47.37 -62.32
CA LYS N 6 14.26 47.53 -61.88
C LYS N 6 13.29 47.25 -63.01
N HIS N 7 13.59 47.78 -64.20
CA HIS N 7 12.71 47.54 -65.36
C HIS N 7 12.68 46.06 -65.71
N LEU N 8 13.83 45.39 -65.64
CA LEU N 8 13.85 43.95 -65.88
C LEU N 8 12.99 43.21 -64.87
N PHE N 9 13.10 43.59 -63.60
CA PHE N 9 12.28 42.96 -62.57
C PHE N 9 10.80 43.15 -62.86
N ASN N 10 10.41 44.37 -63.23
CA ASN N 10 8.99 44.62 -63.54
C ASN N 10 8.54 43.81 -64.74
N LEU N 11 9.41 43.68 -65.75
CA LEU N 11 9.05 42.89 -66.94
C LEU N 11 8.82 41.43 -66.59
N LYS N 12 9.74 40.84 -65.83
CA LYS N 12 9.59 39.45 -65.44
C LYS N 12 8.37 39.25 -64.55
N PHE N 13 8.09 40.21 -63.67
CA PHE N 13 6.90 40.13 -62.84
C PHE N 13 5.64 40.15 -63.70
N ALA N 14 5.60 41.03 -64.71
CA ALA N 14 4.44 41.08 -65.59
C ALA N 14 4.26 39.79 -66.37
N ALA N 15 5.37 39.20 -66.82
CA ALA N 15 5.29 37.92 -67.53
C ALA N 15 4.71 36.83 -66.63
N LYS N 16 5.20 36.74 -65.40
CA LYS N 16 4.70 35.75 -64.46
C LYS N 16 3.22 35.99 -64.17
N GLU N 17 2.82 37.25 -64.03
CA GLU N 17 1.43 37.57 -63.81
C GLU N 17 0.56 37.11 -64.97
N LEU N 18 1.02 37.33 -66.20
CA LEU N 18 0.26 36.89 -67.37
C LEU N 18 0.13 35.37 -67.39
N SER N 19 1.21 34.66 -67.04
CA SER N 19 1.14 33.20 -67.00
C SER N 19 0.13 32.73 -65.96
N ARG N 20 0.20 33.30 -64.76
CA ARG N 20 -0.76 32.96 -63.71
C ARG N 20 -2.19 33.22 -64.18
N SER N 21 -2.41 34.35 -64.83
CA SER N 21 -3.76 34.68 -65.30
C SER N 21 -4.23 33.70 -66.35
N ALA N 22 -3.35 33.27 -67.24
CA ALA N 22 -3.72 32.26 -68.23
C ALA N 22 -4.13 30.96 -67.56
N LYS N 23 -3.34 30.52 -66.57
CA LYS N 23 -3.70 29.30 -65.83
C LYS N 23 -5.07 29.45 -65.17
N LYS N 24 -5.29 30.57 -64.50
CA LYS N 24 -6.56 30.81 -63.82
C LYS N 24 -7.72 30.80 -64.80
N CYS N 25 -7.53 31.41 -65.97
CA CYS N 25 -8.61 31.46 -66.96
C CYS N 25 -8.91 30.08 -67.53
N ASP N 26 -7.88 29.26 -67.73
CA ASP N 26 -8.12 27.87 -68.14
C ASP N 26 -8.94 27.14 -67.09
N LYS N 27 -8.58 27.30 -65.82
CA LYS N 27 -9.35 26.68 -64.74
C LYS N 27 -10.81 27.15 -64.77
N GLU N 28 -11.02 28.45 -64.94
CA GLU N 28 -12.39 28.98 -64.96
C GLU N 28 -13.16 28.41 -66.15
N GLU N 29 -12.51 28.22 -67.29
CA GLU N 29 -13.17 27.58 -68.42
C GLU N 29 -13.60 26.17 -68.06
N LYS N 30 -12.70 25.42 -67.43
CA LYS N 30 -13.04 24.06 -67.02
C LYS N 30 -14.25 24.04 -66.10
N ALA N 31 -14.38 25.05 -65.25
CA ALA N 31 -15.53 25.12 -64.34
C ALA N 31 -16.81 25.49 -65.10
N GLU N 32 -16.72 26.50 -65.96
CA GLU N 32 -17.89 26.92 -66.72
C GLU N 32 -18.41 25.81 -67.62
N LYS N 33 -17.55 24.89 -68.05
CA LYS N 33 -18.03 23.74 -68.81
C LYS N 33 -18.94 22.86 -67.97
N ALA N 34 -18.55 22.62 -66.71
CA ALA N 34 -19.44 21.90 -65.79
C ALA N 34 -20.77 22.63 -65.66
N LYS N 35 -20.71 23.95 -65.50
CA LYS N 35 -21.94 24.71 -65.28
C LYS N 35 -22.85 24.64 -66.51
N ILE N 36 -22.29 24.74 -67.71
CA ILE N 36 -23.09 24.68 -68.92
C ILE N 36 -23.68 23.28 -69.09
N GLU N 37 -22.94 22.24 -68.71
CA GLU N 37 -23.50 20.89 -68.74
C GLU N 37 -24.71 20.80 -67.82
N LYS N 38 -24.57 21.31 -66.59
CA LYS N 38 -25.69 21.30 -65.66
C LYS N 38 -26.89 22.04 -66.25
N ALA N 39 -26.65 23.24 -66.79
CA ALA N 39 -27.76 24.06 -67.29
C ALA N 39 -28.43 23.41 -68.49
N ILE N 40 -27.67 22.75 -69.36
CA ILE N 40 -28.29 22.06 -70.49
C ILE N 40 -29.04 20.84 -70.02
N GLN N 41 -28.67 20.26 -68.87
CA GLN N 41 -29.47 19.20 -68.28
C GLN N 41 -30.80 19.76 -67.76
N LYS N 42 -30.74 20.87 -67.03
CA LYS N 42 -31.97 21.47 -66.49
C LYS N 42 -32.87 22.02 -67.58
N GLY N 43 -32.38 22.18 -68.81
CA GLY N 43 -33.17 22.71 -69.89
C GLY N 43 -33.03 24.20 -70.12
N ASN N 44 -32.29 24.91 -69.26
CA ASN N 44 -32.12 26.36 -69.41
C ASN N 44 -31.28 26.63 -70.65
N MET N 45 -31.92 27.20 -71.68
CA MET N 45 -31.19 27.58 -72.88
C MET N 45 -30.41 28.87 -72.69
N GLU N 46 -31.01 29.85 -71.99
CA GLU N 46 -30.35 31.14 -71.82
C GLU N 46 -29.14 31.03 -70.89
N VAL N 47 -29.27 30.30 -69.80
CA VAL N 47 -28.13 30.12 -68.90
C VAL N 47 -27.04 29.31 -69.60
N ALA N 48 -27.43 28.35 -70.44
CA ALA N 48 -26.44 27.61 -71.21
C ALA N 48 -25.71 28.54 -72.17
N ARG N 49 -26.44 29.46 -72.81
CA ARG N 49 -25.79 30.45 -73.67
C ARG N 49 -24.80 31.30 -72.88
N ILE N 50 -25.22 31.76 -71.69
CA ILE N 50 -24.35 32.60 -70.87
C ILE N 50 -23.07 31.86 -70.52
N HIS N 51 -23.21 30.62 -70.03
CA HIS N 51 -22.05 29.86 -69.60
C HIS N 51 -21.18 29.46 -70.78
N ALA N 52 -21.77 29.25 -71.96
CA ALA N 52 -20.97 28.98 -73.15
C ALA N 52 -20.16 30.20 -73.54
N GLU N 53 -20.78 31.38 -73.51
CA GLU N 53 -20.06 32.62 -73.77
C GLU N 53 -18.89 32.76 -72.80
N ASN N 54 -19.16 32.53 -71.51
CA ASN N 54 -18.10 32.64 -70.51
C ASN N 54 -16.97 31.65 -70.79
N ALA N 55 -17.31 30.42 -71.14
CA ALA N 55 -16.28 29.40 -71.37
C ALA N 55 -15.44 29.75 -72.58
N ILE N 56 -16.08 30.11 -73.69
CA ILE N 56 -15.34 30.47 -74.90
C ILE N 56 -14.45 31.68 -74.63
N ARG N 57 -14.99 32.68 -73.93
CA ARG N 57 -14.20 33.87 -73.62
C ARG N 57 -12.99 33.52 -72.77
N GLN N 58 -13.19 32.68 -71.76
CA GLN N 58 -12.07 32.29 -70.90
C GLN N 58 -11.02 31.52 -71.68
N LYS N 59 -11.45 30.62 -72.55
CA LYS N 59 -10.50 29.88 -73.38
C LYS N 59 -9.67 30.82 -74.24
N ASN N 60 -10.34 31.71 -74.97
CA ASN N 60 -9.64 32.61 -75.88
C ASN N 60 -8.71 33.54 -75.11
N GLN N 61 -9.17 34.10 -73.98
CA GLN N 61 -8.34 35.02 -73.23
C GLN N 61 -7.19 34.29 -72.55
N ALA N 62 -7.36 33.01 -72.21
CA ALA N 62 -6.24 32.24 -71.67
C ALA N 62 -5.18 32.02 -72.74
N VAL N 63 -5.60 31.68 -73.97
CA VAL N 63 -4.64 31.53 -75.05
C VAL N 63 -3.92 32.86 -75.29
N ASN N 64 -4.67 33.97 -75.27
CA ASN N 64 -4.05 35.27 -75.50
C ASN N 64 -3.06 35.61 -74.39
N PHE N 65 -3.44 35.36 -73.13
CA PHE N 65 -2.52 35.61 -72.02
C PHE N 65 -1.28 34.76 -72.14
N LEU N 66 -1.42 33.51 -72.61
CA LEU N 66 -0.26 32.64 -72.74
C LEU N 66 0.70 33.17 -73.80
N ARG N 67 0.17 33.53 -74.97
CA ARG N 67 1.01 34.09 -76.02
C ARG N 67 1.68 35.38 -75.55
N MET N 68 0.90 36.24 -74.86
CA MET N 68 1.43 37.50 -74.36
C MET N 68 2.55 37.27 -73.36
N SER N 69 2.37 36.32 -72.46
CA SER N 69 3.41 35.99 -71.49
C SER N 69 4.65 35.44 -72.18
N ALA N 70 4.47 34.65 -73.25
CA ALA N 70 5.62 34.18 -74.01
C ALA N 70 6.40 35.35 -74.60
N ARG N 71 5.68 36.31 -75.19
CA ARG N 71 6.36 37.48 -75.76
C ARG N 71 7.12 38.26 -74.69
N VAL N 72 6.47 38.51 -73.55
CA VAL N 72 7.13 39.26 -72.49
C VAL N 72 8.30 38.48 -71.93
N ASP N 73 8.21 37.15 -71.91
CA ASP N 73 9.32 36.32 -71.46
C ASP N 73 10.51 36.46 -72.39
N ALA N 74 10.26 36.43 -73.70
CA ALA N 74 11.35 36.65 -74.66
C ALA N 74 12.00 38.00 -74.44
N VAL N 75 11.18 39.05 -74.30
CA VAL N 75 11.73 40.40 -74.12
C VAL N 75 12.53 40.49 -72.83
N ALA N 76 12.03 39.86 -71.77
CA ALA N 76 12.72 39.94 -70.48
C ALA N 76 14.02 39.15 -70.50
N ALA N 77 14.04 38.01 -71.18
CA ALA N 77 15.29 37.28 -71.35
C ALA N 77 16.31 38.11 -72.10
N ARG N 78 15.87 38.79 -73.17
CA ARG N 78 16.77 39.65 -73.92
C ARG N 78 17.31 40.78 -73.05
N VAL N 79 16.44 41.39 -72.24
CA VAL N 79 16.86 42.50 -71.39
C VAL N 79 17.81 42.02 -70.30
N GLN N 80 17.58 40.82 -69.77
CA GLN N 80 18.47 40.27 -68.75
C GLN N 80 19.84 39.97 -69.35
N THR N 81 19.87 39.41 -70.56
CA THR N 81 21.13 39.24 -71.27
C THR N 81 21.83 40.58 -71.42
N ALA N 82 21.10 41.61 -71.81
CA ALA N 82 21.69 42.93 -72.00
C ALA N 82 22.27 43.47 -70.70
N VAL N 83 21.55 43.26 -69.59
CA VAL N 83 22.02 43.76 -68.30
C VAL N 83 23.32 43.06 -67.91
N THR N 84 23.33 41.73 -68.00
CA THR N 84 24.53 40.99 -67.63
C THR N 84 25.71 41.38 -68.52
N MET N 85 25.47 41.52 -69.82
CA MET N 85 26.54 41.91 -70.73
C MET N 85 27.00 43.34 -70.47
N GLY N 86 26.10 44.21 -70.01
CA GLY N 86 26.51 45.55 -69.65
C GLY N 86 27.41 45.55 -68.43
N LYS N 87 27.07 44.76 -67.43
CA LYS N 87 27.96 44.59 -66.28
C LYS N 87 29.32 44.07 -66.74
N VAL N 88 29.33 43.06 -67.61
CA VAL N 88 30.58 42.48 -68.07
C VAL N 88 31.41 43.53 -68.83
N THR N 89 30.75 44.31 -69.69
CA THR N 89 31.44 45.32 -70.47
C THR N 89 32.01 46.41 -69.58
N LYS N 90 31.24 46.83 -68.57
CA LYS N 90 31.75 47.83 -67.63
C LYS N 90 32.96 47.30 -66.88
N SER N 91 32.89 46.04 -66.42
CA SER N 91 34.03 45.46 -65.71
C SER N 91 35.25 45.37 -66.60
N MET N 92 35.06 45.00 -67.88
CA MET N 92 36.19 44.88 -68.77
C MET N 92 36.76 46.24 -69.16
N ALA N 93 35.91 47.28 -69.20
CA ALA N 93 36.42 48.63 -69.41
C ALA N 93 37.26 49.09 -68.22
N GLY N 94 36.77 48.84 -67.00
CA GLY N 94 37.57 49.16 -65.82
C GLY N 94 38.89 48.41 -65.81
N VAL N 95 38.86 47.13 -66.17
CA VAL N 95 40.08 46.34 -66.24
C VAL N 95 41.03 46.90 -67.28
N VAL N 96 40.49 47.32 -68.43
CA VAL N 96 41.34 47.89 -69.47
C VAL N 96 42.00 49.16 -68.97
N LYS N 97 41.25 50.01 -68.28
CA LYS N 97 41.82 51.26 -67.75
C LYS N 97 42.93 50.96 -66.75
N SER N 98 42.67 50.06 -65.80
CA SER N 98 43.67 49.75 -64.78
C SER N 98 44.90 49.13 -65.41
N MET N 99 44.72 48.18 -66.33
CA MET N 99 45.85 47.55 -66.99
C MET N 99 46.62 48.54 -67.85
N ASP N 100 45.93 49.51 -68.45
CA ASP N 100 46.62 50.55 -69.22
C ASP N 100 47.53 51.36 -68.31
N ALA N 101 46.97 51.85 -67.19
CA ALA N 101 47.79 52.60 -66.24
C ALA N 101 48.99 51.78 -65.80
N THR N 102 48.76 50.51 -65.43
CA THR N 102 49.85 49.68 -64.91
C THR N 102 50.91 49.44 -65.97
N LEU N 103 50.51 48.90 -67.13
CA LEU N 103 51.45 48.62 -68.20
C LEU N 103 52.14 49.88 -68.70
N LYS N 104 51.57 51.06 -68.46
CA LYS N 104 52.29 52.29 -68.71
C LYS N 104 53.37 52.50 -67.66
N THR N 105 53.01 52.29 -66.39
CA THR N 105 54.00 52.42 -65.32
C THR N 105 54.99 51.27 -65.36
N MET N 106 54.50 50.04 -65.34
CA MET N 106 55.34 48.83 -65.34
C MET N 106 55.27 48.22 -66.74
N ASN N 107 56.12 48.68 -67.63
CA ASN N 107 56.15 48.20 -69.00
C ASN N 107 57.16 47.06 -69.13
N LEU N 108 57.29 46.54 -70.35
CA LEU N 108 58.15 45.38 -70.57
C LEU N 108 59.62 45.73 -70.39
N GLU N 109 60.03 46.92 -70.81
CA GLU N 109 61.41 47.35 -70.60
C GLU N 109 61.74 47.38 -69.10
N LYS N 110 60.92 48.09 -68.33
CA LYS N 110 61.17 48.21 -66.90
C LYS N 110 61.09 46.84 -66.22
N ILE N 111 60.15 46.00 -66.63
CA ILE N 111 60.01 44.69 -66.01
C ILE N 111 61.23 43.83 -66.29
N SER N 112 61.70 43.82 -67.55
CA SER N 112 62.88 43.05 -67.90
C SER N 112 64.10 43.54 -67.13
N ALA N 113 64.28 44.86 -67.05
CA ALA N 113 65.41 45.40 -66.31
C ALA N 113 65.32 45.05 -64.83
N LEU N 114 64.13 45.16 -64.26
CA LEU N 114 63.92 44.84 -62.86
C LEU N 114 64.25 43.38 -62.59
N MET N 115 63.91 42.49 -63.54
CA MET N 115 64.16 41.07 -63.33
C MET N 115 65.63 40.73 -63.50
N ASP N 116 66.30 41.35 -64.47
CA ASP N 116 67.74 41.20 -64.55
C ASP N 116 68.41 41.67 -63.26
N LYS N 117 67.91 42.76 -62.69
CA LYS N 117 68.45 43.26 -61.43
C LYS N 117 68.19 42.29 -60.30
N PHE N 118 66.99 41.73 -60.23
CA PHE N 118 66.68 40.73 -59.21
C PHE N 118 67.65 39.55 -59.31
N GLU N 119 67.82 39.01 -60.52
CA GLU N 119 68.70 37.87 -60.73
C GLU N 119 70.13 38.22 -60.31
N HIS N 120 70.64 39.37 -60.71
CA HIS N 120 72.01 39.73 -60.39
C HIS N 120 72.19 39.97 -58.90
N GLN N 121 71.21 40.61 -58.26
CA GLN N 121 71.28 40.85 -56.83
C GLN N 121 71.32 39.54 -56.06
N PHE N 122 70.49 38.58 -56.45
CA PHE N 122 70.46 37.33 -55.73
C PHE N 122 71.63 36.42 -56.08
N GLU N 123 72.25 36.61 -57.25
CA GLU N 123 73.53 35.96 -57.51
C GLU N 123 74.62 36.52 -56.61
N THR N 124 74.67 37.85 -56.49
CA THR N 124 75.58 38.46 -55.53
C THR N 124 75.33 37.94 -54.13
N LEU N 125 74.06 37.74 -53.78
CA LEU N 125 73.72 37.19 -52.47
C LEU N 125 74.16 35.74 -52.35
N ASP N 126 74.16 35.02 -53.47
CA ASP N 126 74.66 33.62 -53.51
C ASP N 126 76.15 33.63 -53.18
N VAL N 127 76.90 34.60 -53.73
CA VAL N 127 78.34 34.72 -53.49
C VAL N 127 78.59 35.11 -52.03
N GLN N 128 77.82 36.08 -51.54
CA GLN N 128 77.93 36.49 -50.15
C GLN N 128 77.67 35.32 -49.22
N THR N 129 76.64 34.53 -49.51
CA THR N 129 76.31 33.39 -48.65
C THR N 129 77.45 32.38 -48.64
N GLN N 130 78.00 32.07 -49.82
CA GLN N 130 79.10 31.11 -49.90
C GLN N 130 80.29 31.59 -49.07
N GLN N 131 80.69 32.84 -49.25
CA GLN N 131 81.84 33.37 -48.53
C GLN N 131 81.58 33.43 -47.04
N MET N 132 80.41 33.93 -46.66
CA MET N 132 80.01 33.99 -45.26
C MET N 132 80.04 32.60 -44.64
N GLU N 133 79.63 31.58 -45.39
CA GLU N 133 79.60 30.23 -44.84
C GLU N 133 81.01 29.67 -44.70
N ASP N 134 81.87 29.92 -45.70
CA ASP N 134 83.27 29.55 -45.57
C ASP N 134 83.86 30.13 -44.29
N THR N 135 83.60 31.42 -44.04
CA THR N 135 84.16 32.04 -42.85
C THR N 135 83.54 31.49 -41.56
N MET N 136 82.21 31.35 -41.54
CA MET N 136 81.55 30.78 -40.38
C MET N 136 82.14 29.42 -40.03
N SER N 137 82.43 28.61 -41.04
CA SER N 137 83.02 27.30 -40.79
C SER N 137 84.45 27.42 -40.31
N SER N 138 85.23 28.32 -40.91
CA SER N 138 86.61 28.49 -40.50
C SER N 138 86.71 29.00 -39.06
N THR N 139 85.68 29.71 -38.59
CA THR N 139 85.71 30.22 -37.23
C THR N 139 85.69 29.08 -36.21
N THR N 140 84.85 28.08 -36.44
CA THR N 140 84.65 26.99 -35.49
C THR N 140 85.14 25.70 -36.17
N THR N 141 86.44 25.44 -36.03
CA THR N 141 87.05 24.23 -36.55
C THR N 141 87.65 23.34 -35.48
N LEU N 142 87.93 23.88 -34.29
CA LEU N 142 88.46 23.09 -33.19
C LEU N 142 87.38 22.42 -32.36
N THR N 143 86.14 22.89 -32.46
CA THR N 143 85.01 22.22 -31.83
C THR N 143 84.45 21.10 -32.70
N THR N 144 84.67 21.19 -34.02
CA THR N 144 84.17 20.21 -34.98
C THR N 144 85.34 19.70 -35.81
N PRO N 145 86.15 18.79 -35.28
CA PRO N 145 87.24 18.21 -36.08
C PRO N 145 86.70 17.27 -37.15
N GLN N 146 87.25 17.40 -38.35
CA GLN N 146 86.82 16.54 -39.45
C GLN N 146 87.03 15.07 -39.12
N ASN N 147 88.14 14.76 -38.47
CA ASN N 147 88.44 13.36 -38.14
C ASN N 147 87.37 12.76 -37.25
N GLN N 148 86.94 13.51 -36.23
CA GLN N 148 85.92 13.01 -35.32
C GLN N 148 84.60 12.78 -36.03
N VAL N 149 84.21 13.69 -36.92
CA VAL N 149 82.97 13.52 -37.66
C VAL N 149 83.05 12.31 -38.57
N ASP N 150 84.18 12.13 -39.27
CA ASP N 150 84.35 10.96 -40.10
C ASP N 150 84.24 9.68 -39.28
N MET N 151 84.89 9.65 -38.12
CA MET N 151 84.85 8.46 -37.29
C MET N 151 83.43 8.18 -36.80
N LEU N 152 82.72 9.22 -36.38
CA LEU N 152 81.34 9.01 -35.92
C LEU N 152 80.48 8.46 -37.05
N LEU N 153 80.63 9.00 -38.26
CA LEU N 153 79.84 8.49 -39.37
C LEU N 153 80.19 7.05 -39.68
N GLN N 154 81.48 6.70 -39.64
CA GLN N 154 81.88 5.32 -39.91
C GLN N 154 81.30 4.38 -38.86
N GLU N 155 81.35 4.77 -37.59
CA GLU N 155 80.83 3.91 -36.54
C GLU N 155 79.32 3.75 -36.67
N MET N 156 78.60 4.84 -36.93
CA MET N 156 77.15 4.75 -37.08
C MET N 156 76.76 3.90 -38.28
N ALA N 157 77.50 4.02 -39.38
CA ALA N 157 77.24 3.18 -40.55
C ALA N 157 77.47 1.71 -40.21
N ASP N 158 78.67 1.40 -39.69
CA ASP N 158 78.99 0.01 -39.37
C ASP N 158 77.98 -0.58 -38.40
N GLU N 159 77.51 0.21 -37.43
CA GLU N 159 76.48 -0.27 -36.53
C GLU N 159 75.18 -0.53 -37.28
N ALA N 160 74.77 0.39 -38.15
CA ALA N 160 73.59 0.18 -38.97
C ALA N 160 73.81 -0.86 -40.05
N GLY N 161 75.04 -1.32 -40.25
CA GLY N 161 75.36 -2.30 -41.27
C GLY N 161 75.36 -1.77 -42.68
N LEU N 162 74.87 -0.55 -42.91
CA LEU N 162 74.77 0.00 -44.25
C LEU N 162 76.11 0.56 -44.68
N ASP N 163 76.13 1.25 -45.82
CA ASP N 163 77.31 1.93 -46.32
C ASP N 163 76.93 3.32 -46.79
N LEU N 164 77.93 4.17 -46.93
CA LEU N 164 77.74 5.57 -47.27
C LEU N 164 78.33 5.85 -48.64
N ASN N 165 77.50 6.38 -49.54
CA ASN N 165 77.94 6.73 -50.89
C ASN N 165 77.57 8.16 -51.21
N GLU N 187 98.85 10.62 -40.55
CA GLU N 187 98.71 9.71 -41.68
C GLU N 187 99.37 10.30 -42.93
N LEU N 188 98.55 10.91 -43.80
CA LEU N 188 99.10 11.55 -44.98
C LEU N 188 100.00 12.72 -44.62
N SER N 189 99.68 13.41 -43.52
CA SER N 189 100.47 14.58 -43.12
C SER N 189 101.92 14.21 -42.90
N GLN N 190 102.19 13.01 -42.39
CA GLN N 190 103.57 12.60 -42.15
C GLN N 190 104.31 12.40 -43.46
N ARG N 191 103.66 11.76 -44.45
CA ARG N 191 104.29 11.60 -45.75
C ARG N 191 104.53 12.96 -46.40
N LEU N 192 103.58 13.88 -46.26
CA LEU N 192 103.77 15.21 -46.83
C LEU N 192 104.91 15.96 -46.14
N ALA N 193 105.07 15.77 -44.83
CA ALA N 193 106.18 16.41 -44.14
C ALA N 193 107.51 15.81 -44.57
N ARG N 194 107.59 14.49 -44.69
CA ARG N 194 108.80 13.86 -45.19
C ARG N 194 109.14 14.35 -46.59
N LEU N 195 108.12 14.55 -47.42
CA LEU N 195 108.34 15.10 -48.75
C LEU N 195 108.81 16.55 -48.67
N ARG N 196 108.29 17.30 -47.70
CA ARG N 196 108.69 18.70 -47.53
C ARG N 196 110.16 18.78 -47.12
N ASP N 197 110.61 17.85 -46.28
CA ASP N 197 112.02 17.84 -45.91
C ASP N 197 112.91 17.64 -47.13
N GLN N 198 112.43 16.89 -48.12
CA GLN N 198 113.17 16.69 -49.36
C GLN N 198 114.55 16.09 -49.08
N PHE O 6 111.96 50.78 -23.37
CA PHE O 6 111.82 49.33 -23.30
C PHE O 6 111.28 48.90 -21.94
N LYS O 7 110.24 48.05 -21.98
CA LYS O 7 109.59 47.50 -20.76
C LYS O 7 109.77 45.98 -20.77
N ALA O 8 110.20 45.41 -19.64
CA ALA O 8 110.46 43.97 -19.58
C ALA O 8 109.17 43.16 -19.47
N GLU O 9 108.33 43.50 -18.48
CA GLU O 9 107.10 42.74 -18.27
C GLU O 9 106.21 42.80 -19.51
N ARG O 10 106.20 43.93 -20.21
CA ARG O 10 105.46 44.02 -21.46
C ARG O 10 105.96 42.98 -22.45
N LEU O 11 107.29 42.85 -22.58
CA LEU O 11 107.86 41.85 -23.48
C LEU O 11 107.48 40.44 -23.05
N ARG O 12 107.54 40.17 -21.74
CA ARG O 12 107.16 38.85 -21.23
C ARG O 12 105.72 38.52 -21.59
N VAL O 13 104.80 39.43 -21.32
CA VAL O 13 103.38 39.19 -21.59
C VAL O 13 103.16 39.00 -23.08
N ASN O 14 103.79 39.83 -23.91
CA ASN O 14 103.63 39.70 -25.35
C ASN O 14 104.20 38.39 -25.86
N LEU O 15 105.28 37.91 -25.26
CA LEU O 15 105.83 36.61 -25.66
C LEU O 15 104.86 35.48 -25.34
N ARG O 16 104.29 35.50 -24.13
CA ARG O 16 103.31 34.48 -23.78
C ARG O 16 102.11 34.52 -24.72
N LEU O 17 101.64 35.74 -25.03
CA LEU O 17 100.51 35.87 -25.94
C LEU O 17 100.85 35.35 -27.33
N VAL O 18 102.06 35.65 -27.82
CA VAL O 18 102.49 35.16 -29.12
C VAL O 18 102.51 33.64 -29.13
N ILE O 19 103.00 33.03 -28.05
CA ILE O 19 103.04 31.58 -27.96
C ILE O 19 101.64 31.01 -28.08
N ASN O 20 100.71 31.52 -27.28
CA ASN O 20 99.33 31.01 -27.32
C ASN O 20 98.73 31.19 -28.71
N ARG O 21 98.90 32.38 -29.30
CA ARG O 21 98.35 32.65 -30.62
C ARG O 21 98.91 31.71 -31.66
N LEU O 22 100.22 31.44 -31.60
CA LEU O 22 100.82 30.52 -32.56
C LEU O 22 100.27 29.11 -32.39
N LYS O 23 100.05 28.67 -31.15
CA LYS O 23 99.43 27.37 -30.92
C LYS O 23 98.07 27.30 -31.60
N LEU O 24 97.20 28.27 -31.29
CA LEU O 24 95.86 28.27 -31.89
C LEU O 24 95.95 28.28 -33.42
N LEU O 25 96.83 29.12 -33.96
CA LEU O 25 96.91 29.26 -35.41
C LEU O 25 97.37 27.98 -36.07
N GLU O 26 98.40 27.33 -35.53
CA GLU O 26 98.89 26.10 -36.14
C GLU O 26 97.84 25.00 -36.06
N LYS O 27 97.13 24.91 -34.93
CA LYS O 27 96.04 23.94 -34.84
C LYS O 27 95.03 24.15 -35.96
N LYS O 28 94.44 25.34 -36.03
CA LYS O 28 93.37 25.57 -36.99
C LYS O 28 93.88 25.50 -38.42
N LYS O 29 95.16 25.83 -38.63
CA LYS O 29 95.74 25.73 -39.97
C LYS O 29 95.91 24.27 -40.39
N THR O 30 96.31 23.41 -39.45
CA THR O 30 96.34 21.98 -39.75
C THR O 30 94.96 21.48 -40.16
N GLU O 31 93.93 21.89 -39.41
CA GLU O 31 92.57 21.45 -39.74
C GLU O 31 92.16 21.95 -41.14
N LEU O 32 92.34 23.24 -41.40
CA LEU O 32 92.01 23.79 -42.70
C LEU O 32 92.82 23.12 -43.81
N ALA O 33 94.06 22.71 -43.50
CA ALA O 33 94.87 22.04 -44.50
C ALA O 33 94.30 20.67 -44.84
N GLN O 34 93.83 19.93 -43.82
CA GLN O 34 93.12 18.69 -44.11
C GLN O 34 91.96 18.93 -45.05
N LYS O 35 91.11 19.91 -44.73
CA LYS O 35 89.92 20.14 -45.54
C LYS O 35 90.29 20.55 -46.97
N ALA O 36 91.28 21.43 -47.12
CA ALA O 36 91.65 21.87 -48.45
C ALA O 36 92.37 20.78 -49.23
N ARG O 37 93.04 19.86 -48.54
CA ARG O 37 93.58 18.69 -49.22
C ARG O 37 92.46 17.82 -49.79
N LYS O 38 91.40 17.63 -49.00
CA LYS O 38 90.23 16.96 -49.54
C LYS O 38 89.69 17.69 -50.77
N GLU O 39 89.66 19.02 -50.72
CA GLU O 39 89.21 19.79 -51.86
C GLU O 39 90.10 19.54 -53.09
N ILE O 40 91.42 19.48 -52.89
CA ILE O 40 92.32 19.23 -54.00
C ILE O 40 92.09 17.83 -54.56
N ALA O 41 91.82 16.86 -53.69
CA ALA O 41 91.49 15.53 -54.17
C ALA O 41 90.25 15.56 -55.05
N ASP O 42 89.22 16.28 -54.62
CA ASP O 42 88.03 16.44 -55.44
C ASP O 42 88.36 17.09 -56.78
N TYR O 43 89.22 18.11 -56.76
CA TYR O 43 89.62 18.77 -57.99
C TYR O 43 90.31 17.78 -58.94
N LEU O 44 91.17 16.92 -58.39
CA LEU O 44 91.87 15.95 -59.23
C LEU O 44 90.92 14.87 -59.75
N ALA O 45 89.84 14.59 -59.01
CA ALA O 45 88.84 13.64 -59.51
C ALA O 45 88.37 14.03 -60.90
N ALA O 46 88.15 15.32 -61.13
CA ALA O 46 87.83 15.83 -62.45
C ALA O 46 89.10 15.95 -63.29
N GLY O 47 88.94 16.40 -64.54
CA GLY O 47 90.08 16.60 -65.40
C GLY O 47 90.89 17.84 -65.12
N LYS O 48 90.42 18.69 -64.22
CA LYS O 48 91.14 19.92 -63.87
C LYS O 48 92.44 19.56 -63.15
N ASP O 49 93.57 19.84 -63.79
CA ASP O 49 94.89 19.53 -63.26
C ASP O 49 95.72 20.78 -62.98
N GLU O 50 95.78 21.70 -63.94
CA GLU O 50 96.59 22.90 -63.77
C GLU O 50 96.08 23.79 -62.65
N ARG O 51 94.83 23.58 -62.20
CA ARG O 51 94.24 24.31 -61.09
C ARG O 51 94.58 23.67 -59.75
N ALA O 52 94.59 22.35 -59.70
CA ALA O 52 95.00 21.65 -58.49
C ALA O 52 96.42 22.00 -58.11
N ARG O 53 97.26 22.35 -59.08
CA ARG O 53 98.62 22.77 -58.76
C ARG O 53 98.61 24.09 -58.00
N ILE O 54 97.73 25.01 -58.38
CA ILE O 54 97.61 26.27 -57.63
C ILE O 54 97.09 26.00 -56.22
N ARG O 55 96.08 25.14 -56.12
CA ARG O 55 95.53 24.83 -54.80
C ARG O 55 96.61 24.20 -53.90
N VAL O 56 97.41 23.29 -54.45
CA VAL O 56 98.43 22.64 -53.63
C VAL O 56 99.57 23.62 -53.35
N GLU O 57 99.78 24.61 -54.21
CA GLU O 57 100.69 25.70 -53.86
C GLU O 57 100.20 26.41 -52.60
N HIS O 58 98.92 26.76 -52.57
CA HIS O 58 98.31 27.28 -51.35
C HIS O 58 98.62 26.38 -50.16
N ILE O 59 98.42 25.07 -50.33
CA ILE O 59 98.56 24.14 -49.22
C ILE O 59 99.99 24.13 -48.70
N ILE O 60 100.96 24.03 -49.60
CA ILE O 60 102.34 23.90 -49.15
C ILE O 60 102.86 25.21 -48.60
N ARG O 61 102.35 26.34 -49.11
CA ARG O 61 102.62 27.62 -48.46
C ARG O 61 102.13 27.60 -47.02
N GLU O 62 100.90 27.15 -46.81
CA GLU O 62 100.37 27.09 -45.45
C GLU O 62 101.17 26.15 -44.57
N ASP O 63 101.69 25.06 -45.14
CA ASP O 63 102.46 24.11 -44.35
C ASP O 63 103.82 24.69 -43.97
N TYR O 64 104.50 25.32 -44.92
CA TYR O 64 105.70 26.09 -44.58
C TYR O 64 105.40 27.07 -43.46
N LEU O 65 104.25 27.73 -43.54
CA LEU O 65 103.89 28.73 -42.53
C LEU O 65 103.71 28.08 -41.16
N VAL O 66 103.07 26.91 -41.11
CA VAL O 66 102.87 26.23 -39.84
C VAL O 66 104.20 25.82 -39.25
N GLU O 67 105.12 25.30 -40.07
CA GLU O 67 106.43 24.92 -39.58
C GLU O 67 107.19 26.15 -39.05
N ALA O 68 107.10 27.26 -39.77
CA ALA O 68 107.75 28.49 -39.32
C ALA O 68 107.16 28.97 -38.00
N MET O 69 105.85 28.83 -37.84
CA MET O 69 105.22 29.21 -36.58
C MET O 69 105.65 28.30 -35.45
N GLU O 70 105.85 27.01 -35.72
CA GLU O 70 106.41 26.13 -34.71
C GLU O 70 107.80 26.59 -34.28
N ILE O 71 108.66 26.91 -35.25
CA ILE O 71 110.00 27.38 -34.92
C ILE O 71 109.94 28.67 -34.12
N LEU O 72 109.03 29.58 -34.49
CA LEU O 72 108.94 30.85 -33.78
C LEU O 72 108.42 30.66 -32.36
N GLU O 73 107.46 29.77 -32.18
CA GLU O 73 107.00 29.42 -30.84
C GLU O 73 108.15 28.88 -30.01
N LEU O 74 108.95 28.00 -30.61
CA LEU O 74 110.14 27.49 -29.93
C LEU O 74 111.04 28.62 -29.47
N TYR O 75 111.33 29.57 -30.37
CA TYR O 75 112.26 30.65 -30.04
C TYR O 75 111.68 31.58 -28.98
N CYS O 76 110.38 31.89 -29.07
CA CYS O 76 109.75 32.71 -28.06
C CYS O 76 109.83 32.05 -26.69
N ASP O 77 109.54 30.75 -26.63
CA ASP O 77 109.66 30.05 -25.36
C ASP O 77 111.10 30.02 -24.87
N LEU O 78 112.06 29.95 -25.78
CA LEU O 78 113.47 29.99 -25.38
C LEU O 78 113.78 31.32 -24.71
N LEU O 79 113.38 32.42 -25.34
CA LEU O 79 113.58 33.73 -24.73
C LEU O 79 112.87 33.81 -23.37
N LEU O 80 111.66 33.26 -23.29
CA LEU O 80 110.89 33.32 -22.06
C LEU O 80 111.52 32.47 -20.95
N ALA O 81 112.26 31.44 -21.31
CA ALA O 81 112.97 30.63 -20.32
C ALA O 81 114.25 31.29 -19.84
N ARG O 82 114.85 32.15 -20.65
CA ARG O 82 116.08 32.86 -20.32
C ARG O 82 115.82 34.36 -20.25
N PHE O 83 114.70 34.74 -19.62
CA PHE O 83 114.31 36.13 -19.55
C PHE O 83 115.20 36.92 -18.60
N GLY O 84 115.54 36.32 -17.46
CA GLY O 84 116.46 36.97 -16.55
C GLY O 84 117.79 37.29 -17.20
N LEU O 85 118.27 36.39 -18.06
CA LEU O 85 119.50 36.65 -18.78
C LEU O 85 119.34 37.82 -19.75
N ILE O 86 118.10 38.12 -20.14
CA ILE O 86 117.84 39.32 -20.92
C ILE O 86 117.91 40.55 -20.03
N GLN O 87 117.27 40.49 -18.86
CA GLN O 87 117.20 41.66 -17.99
C GLN O 87 118.57 42.01 -17.42
N SER O 88 119.39 41.00 -17.11
CA SER O 88 120.66 41.25 -16.45
C SER O 88 121.65 41.94 -17.38
N MET O 89 122.01 41.26 -18.47
CA MET O 89 122.96 41.82 -19.40
C MET O 89 122.36 43.02 -20.14
N LYS O 90 123.22 43.77 -20.82
CA LYS O 90 122.80 44.84 -21.70
C LYS O 90 122.95 44.50 -23.17
N GLU O 91 123.90 43.64 -23.51
CA GLU O 91 124.06 43.11 -24.86
C GLU O 91 123.72 41.62 -24.85
N LEU O 92 123.00 41.17 -25.87
CA LEU O 92 122.57 39.79 -25.91
C LEU O 92 123.76 38.86 -26.06
N ASP O 93 123.69 37.70 -25.41
CA ASP O 93 124.73 36.70 -25.52
C ASP O 93 124.50 35.84 -26.76
N SER O 94 125.37 34.85 -26.94
CA SER O 94 125.27 33.99 -28.12
C SER O 94 124.03 33.10 -28.05
N GLY O 95 123.70 32.60 -26.85
CA GLY O 95 122.55 31.73 -26.69
C GLY O 95 121.23 32.35 -27.12
N LEU O 96 121.16 33.68 -27.16
CA LEU O 96 119.93 34.39 -27.51
C LEU O 96 120.05 35.16 -28.81
N ALA O 97 121.19 35.06 -29.51
CA ALA O 97 121.35 35.79 -30.77
C ALA O 97 120.34 35.31 -31.81
N GLU O 98 120.23 33.99 -31.98
CA GLU O 98 119.34 33.45 -33.00
C GLU O 98 117.88 33.83 -32.72
N SER O 99 117.43 33.63 -31.49
CA SER O 99 116.04 33.94 -31.16
C SER O 99 115.71 35.40 -31.45
N VAL O 100 116.54 36.31 -30.94
CA VAL O 100 116.28 37.74 -31.14
C VAL O 100 116.30 38.08 -32.62
N SER O 101 117.33 37.60 -33.32
CA SER O 101 117.46 37.92 -34.75
C SER O 101 116.24 37.46 -35.53
N THR O 102 115.82 36.21 -35.32
CA THR O 102 114.68 35.69 -36.07
C THR O 102 113.39 36.39 -35.68
N LEU O 103 113.21 36.67 -34.39
CA LEU O 103 111.98 37.31 -33.96
C LEU O 103 111.90 38.75 -34.43
N ILE O 104 113.04 39.38 -34.71
CA ILE O 104 113.01 40.72 -35.29
C ILE O 104 112.82 40.65 -36.80
N TRP O 105 113.37 39.62 -37.45
CA TRP O 105 113.29 39.53 -38.90
C TRP O 105 111.92 39.06 -39.38
N ALA O 106 111.30 38.13 -38.64
CA ALA O 106 110.04 37.55 -39.05
C ALA O 106 108.83 38.36 -38.63
N ALA O 107 109.00 39.31 -37.71
CA ALA O 107 107.87 40.11 -37.24
C ALA O 107 107.12 40.77 -38.37
N PRO O 108 107.76 41.54 -39.27
CA PRO O 108 107.00 42.13 -40.38
C PRO O 108 106.41 41.09 -41.32
N ARG O 109 107.00 39.89 -41.38
CA ARG O 109 106.44 38.85 -42.24
C ARG O 109 105.10 38.36 -41.69
N LEU O 110 105.07 37.98 -40.42
CA LEU O 110 103.86 37.46 -39.78
C LEU O 110 103.14 38.52 -38.96
N GLN O 111 103.32 39.79 -39.29
CA GLN O 111 102.67 40.85 -38.53
C GLN O 111 101.15 40.78 -38.64
N SER O 112 100.65 40.33 -39.78
CA SER O 112 99.20 40.27 -39.96
C SER O 112 98.59 39.12 -39.18
N GLU O 113 99.22 37.94 -39.22
CA GLU O 113 98.71 36.79 -38.48
C GLU O 113 98.79 37.04 -36.98
N VAL O 114 99.99 37.31 -36.48
CA VAL O 114 100.23 37.54 -35.06
C VAL O 114 100.58 39.02 -34.88
N ALA O 115 99.71 39.74 -34.17
CA ALA O 115 99.94 41.17 -33.95
C ALA O 115 100.97 41.39 -32.86
N GLU O 116 100.87 40.66 -31.75
CA GLU O 116 101.78 40.83 -30.62
C GLU O 116 103.24 40.66 -31.03
N LEU O 117 103.49 39.94 -32.13
CA LEU O 117 104.86 39.75 -32.58
C LEU O 117 105.54 41.06 -32.91
N LYS O 118 104.78 42.04 -33.42
CA LYS O 118 105.36 43.35 -33.69
C LYS O 118 105.79 44.04 -32.41
N ILE O 119 104.99 43.90 -31.34
CA ILE O 119 105.37 44.46 -30.05
C ILE O 119 106.62 43.78 -29.51
N VAL O 120 106.72 42.47 -29.70
CA VAL O 120 107.92 41.75 -29.28
C VAL O 120 109.13 42.29 -30.03
N ALA O 121 108.99 42.47 -31.35
CA ALA O 121 110.07 43.03 -32.15
C ALA O 121 110.44 44.43 -31.66
N ASP O 122 109.45 45.24 -31.28
CA ASP O 122 109.73 46.56 -30.74
C ASP O 122 110.59 46.46 -29.48
N GLN O 123 110.12 45.69 -28.49
CA GLN O 123 110.86 45.57 -27.24
C GLN O 123 112.26 45.02 -27.47
N LEU O 124 112.45 44.19 -28.50
CA LEU O 124 113.77 43.65 -28.78
C LEU O 124 114.63 44.60 -29.61
N CYS O 125 114.03 45.58 -30.27
CA CYS O 125 114.79 46.61 -30.98
C CYS O 125 115.04 47.83 -30.11
N ALA O 126 114.13 48.13 -29.19
CA ALA O 126 114.30 49.27 -28.30
C ALA O 126 115.24 48.97 -27.13
N LYS O 127 115.61 47.70 -26.93
CA LYS O 127 116.52 47.34 -25.85
C LYS O 127 117.98 47.37 -26.27
N TYR O 128 118.26 47.28 -27.56
CA TYR O 128 119.62 47.17 -28.06
C TYR O 128 119.96 48.39 -28.92
N SER O 129 121.23 48.77 -28.89
CA SER O 129 121.74 49.86 -29.70
C SER O 129 122.88 49.45 -30.63
N LYS O 130 123.62 48.40 -30.30
CA LYS O 130 124.69 47.91 -31.15
C LYS O 130 124.09 47.29 -32.40
N GLU O 131 124.16 48.02 -33.51
CA GLU O 131 123.57 47.59 -34.78
C GLU O 131 122.06 47.36 -34.64
N TYR O 132 121.41 48.17 -33.82
CA TYR O 132 119.99 48.06 -33.55
C TYR O 132 119.28 49.34 -33.99
N GLY O 133 117.97 49.37 -33.77
CA GLY O 133 117.13 50.39 -34.36
C GLY O 133 116.63 49.93 -35.72
N LYS O 134 115.41 50.34 -36.06
CA LYS O 134 114.75 49.85 -37.26
C LYS O 134 115.73 49.69 -38.42
N LEU O 135 116.44 50.76 -38.76
CA LEU O 135 117.40 50.70 -39.86
C LEU O 135 118.51 49.70 -39.56
N CYS O 136 119.24 49.91 -38.45
CA CYS O 136 120.31 49.00 -38.09
C CYS O 136 119.79 47.62 -37.69
N ARG O 137 118.53 47.54 -37.24
CA ARG O 137 117.95 46.24 -36.94
C ARG O 137 117.75 45.44 -38.22
N THR O 138 117.40 46.12 -39.31
CA THR O 138 117.31 45.44 -40.60
C THR O 138 118.70 45.20 -41.19
N ASN O 139 119.67 46.05 -40.86
CA ASN O 139 121.02 45.87 -41.38
C ASN O 139 121.72 44.68 -40.71
N GLN O 140 121.49 44.50 -39.41
CA GLN O 140 122.11 43.41 -38.65
C GLN O 140 121.23 42.17 -38.60
N ILE O 141 120.40 41.95 -39.61
CA ILE O 141 119.51 40.80 -39.64
C ILE O 141 120.12 39.64 -40.44
N GLY O 142 121.43 39.67 -40.66
CA GLY O 142 122.10 38.63 -41.44
C GLY O 142 122.59 37.48 -40.58
N THR O 143 121.89 37.18 -39.49
CA THR O 143 122.25 36.08 -38.62
C THR O 143 121.03 35.26 -38.19
N VAL O 144 119.96 35.30 -38.95
CA VAL O 144 118.73 34.60 -38.59
C VAL O 144 118.81 33.16 -39.09
N ASN O 145 117.94 32.32 -38.53
CA ASN O 145 117.86 30.92 -38.93
C ASN O 145 117.51 30.82 -40.41
N ASP O 146 118.40 30.20 -41.19
CA ASP O 146 118.17 30.09 -42.63
C ASP O 146 116.94 29.24 -42.91
N ARG O 147 116.71 28.19 -42.12
CA ARG O 147 115.55 27.34 -42.33
C ARG O 147 114.26 28.14 -42.23
N LEU O 148 114.13 28.95 -41.17
CA LEU O 148 112.93 29.78 -41.03
C LEU O 148 112.81 30.77 -42.18
N MET O 149 113.95 31.31 -42.64
CA MET O 149 113.91 32.18 -43.81
C MET O 149 113.34 31.45 -45.01
N HIS O 150 113.67 30.17 -45.16
CA HIS O 150 113.15 29.39 -46.29
C HIS O 150 111.66 29.12 -46.12
N LYS O 151 111.23 28.80 -44.89
CA LYS O 151 109.82 28.51 -44.65
C LYS O 151 108.96 29.74 -44.95
N LEU O 152 109.45 30.93 -44.61
CA LEU O 152 108.74 32.18 -44.85
C LEU O 152 109.21 32.87 -46.12
N SER O 153 109.93 32.15 -46.99
CA SER O 153 110.38 32.72 -48.25
C SER O 153 109.20 32.82 -49.21
N VAL O 154 108.98 34.02 -49.74
CA VAL O 154 107.86 34.28 -50.63
C VAL O 154 108.38 34.03 -52.06
N GLU O 155 108.24 32.78 -52.49
CA GLU O 155 108.74 32.38 -53.81
C GLU O 155 107.90 31.23 -54.33
N ALA O 156 107.83 31.13 -55.65
CA ALA O 156 107.11 30.04 -56.28
C ALA O 156 107.79 28.72 -55.93
N PRO O 157 107.14 27.82 -55.20
CA PRO O 157 107.78 26.56 -54.81
C PRO O 157 108.24 25.78 -56.02
N PRO O 158 109.17 24.84 -55.86
CA PRO O 158 109.65 24.06 -57.00
C PRO O 158 108.54 23.20 -57.58
N LYS O 159 108.51 23.10 -58.92
CA LYS O 159 107.44 22.38 -59.59
C LYS O 159 107.45 20.90 -59.22
N ILE O 160 108.64 20.31 -59.13
CA ILE O 160 108.73 18.87 -58.80
C ILE O 160 108.12 18.61 -57.44
N LEU O 161 108.32 19.55 -56.50
CA LEU O 161 107.76 19.42 -55.14
C LEU O 161 106.23 19.42 -55.23
N VAL O 162 105.68 20.28 -56.09
CA VAL O 162 104.20 20.37 -56.28
C VAL O 162 103.70 19.04 -56.85
N GLU O 163 104.44 18.46 -57.80
CA GLU O 163 104.06 17.17 -58.43
C GLU O 163 104.07 16.08 -57.35
N ARG O 164 105.08 16.09 -56.48
CA ARG O 164 105.18 15.08 -55.38
C ARG O 164 103.98 15.25 -54.45
N TYR O 165 103.62 16.50 -54.14
CA TYR O 165 102.46 16.79 -53.26
C TYR O 165 101.18 16.24 -53.90
N LEU O 166 101.03 16.44 -55.22
CA LEU O 166 99.85 15.96 -55.92
C LEU O 166 99.83 14.44 -55.99
N ILE O 167 101.00 13.84 -56.27
CA ILE O 167 101.09 12.38 -56.32
C ILE O 167 100.63 11.78 -55.00
N GLU O 168 101.13 12.31 -53.89
CA GLU O 168 100.79 11.76 -52.58
C GLU O 168 99.31 11.93 -52.29
N ILE O 169 98.76 13.13 -52.57
CA ILE O 169 97.35 13.37 -52.27
C ILE O 169 96.47 12.44 -53.11
N ALA O 170 96.81 12.27 -54.39
CA ALA O 170 96.05 11.37 -55.25
C ALA O 170 96.13 9.94 -54.74
N LYS O 171 97.35 9.46 -54.47
CA LYS O 171 97.53 8.10 -53.97
C LYS O 171 96.75 7.87 -52.68
N ASN O 172 96.59 8.91 -51.86
CA ASN O 172 95.87 8.72 -50.60
C ASN O 172 94.37 8.75 -50.81
N TYR O 173 93.87 9.62 -51.68
CA TYR O 173 92.43 9.78 -51.88
C TYR O 173 91.88 8.90 -52.99
N ASN O 174 92.64 7.91 -53.44
CA ASN O 174 92.15 6.93 -54.42
C ASN O 174 91.71 7.62 -55.71
N VAL O 175 92.52 8.55 -56.19
CA VAL O 175 92.25 9.26 -57.44
C VAL O 175 93.43 9.07 -58.38
N PRO O 176 93.20 8.79 -59.66
CA PRO O 176 94.32 8.72 -60.60
C PRO O 176 94.89 10.10 -60.91
N TYR O 177 96.18 10.13 -61.22
CA TYR O 177 96.85 11.38 -61.58
C TYR O 177 98.12 11.04 -62.35
N GLU O 178 98.31 11.70 -63.49
CA GLU O 178 99.47 11.50 -64.33
C GLU O 178 100.40 12.69 -64.20
N PRO O 179 101.49 12.58 -63.44
CA PRO O 179 102.37 13.75 -63.24
C PRO O 179 102.95 14.25 -64.55
N ASP O 180 103.28 15.54 -64.57
CA ASP O 180 103.94 16.14 -65.71
C ASP O 180 105.35 15.58 -65.81
N SER O 181 105.59 14.75 -66.81
CA SER O 181 106.88 14.08 -66.91
C SER O 181 108.02 15.10 -67.07
N VAL O 182 107.76 16.22 -67.75
CA VAL O 182 108.81 17.22 -67.99
C VAL O 182 109.46 17.63 -66.68
N VAL O 183 108.66 17.79 -65.63
CA VAL O 183 109.16 18.22 -64.33
C VAL O 183 109.34 17.00 -63.43
N MET O 184 108.51 15.99 -63.63
CA MET O 184 108.58 14.79 -62.79
C MET O 184 109.87 14.01 -63.00
N ALA O 185 110.53 14.18 -64.15
CA ALA O 185 111.76 13.46 -64.44
C ALA O 185 113.00 14.32 -64.34
N GLU O 186 112.89 15.62 -64.59
CA GLU O 186 114.05 16.51 -64.54
C GLU O 186 114.35 16.85 -63.08
N ASN P 3 42.52 -57.36 -34.10
CA ASN P 3 42.28 -57.13 -35.52
C ASN P 3 42.47 -58.42 -36.31
N MET P 4 43.62 -59.06 -36.12
CA MET P 4 43.93 -60.28 -36.86
C MET P 4 42.96 -61.41 -36.49
N GLU P 5 42.44 -61.41 -35.27
CA GLU P 5 41.50 -62.44 -34.87
C GLU P 5 40.24 -62.39 -35.73
N LYS P 6 39.79 -61.18 -36.09
CA LYS P 6 38.63 -61.06 -36.97
C LYS P 6 38.91 -61.66 -38.34
N HIS P 7 40.10 -61.39 -38.89
CA HIS P 7 40.46 -61.96 -40.18
C HIS P 7 40.53 -63.48 -40.11
N LEU P 8 41.08 -64.02 -39.02
CA LEU P 8 41.10 -65.46 -38.84
C LEU P 8 39.69 -66.03 -38.80
N PHE P 9 38.80 -65.37 -38.06
CA PHE P 9 37.41 -65.82 -38.01
C PHE P 9 36.79 -65.84 -39.39
N ASN P 10 37.00 -64.78 -40.17
CA ASN P 10 36.43 -64.73 -41.52
C ASN P 10 37.01 -65.83 -42.39
N LEU P 11 38.31 -66.11 -42.25
CA LEU P 11 38.93 -67.16 -43.05
C LEU P 11 38.33 -68.52 -42.73
N LYS P 12 38.20 -68.83 -41.44
CA LYS P 12 37.64 -70.12 -41.06
C LYS P 12 36.19 -70.22 -41.49
N PHE P 13 35.44 -69.12 -41.41
CA PHE P 13 34.06 -69.13 -41.87
C PHE P 13 33.99 -69.41 -43.37
N ALA P 14 34.88 -68.79 -44.15
CA ALA P 14 34.88 -69.04 -45.59
C ALA P 14 35.23 -70.49 -45.89
N ALA P 15 36.19 -71.05 -45.16
CA ALA P 15 36.53 -72.46 -45.36
C ALA P 15 35.34 -73.36 -45.09
N LYS P 16 34.65 -73.13 -43.96
CA LYS P 16 33.48 -73.93 -43.64
C LYS P 16 32.39 -73.77 -44.70
N GLU P 17 32.22 -72.55 -45.21
CA GLU P 17 31.23 -72.31 -46.26
C GLU P 17 31.58 -73.11 -47.51
N LEU P 18 32.86 -73.12 -47.89
CA LEU P 18 33.28 -73.88 -49.06
C LEU P 18 33.01 -75.37 -48.86
N SER P 19 33.30 -75.89 -47.66
CA SER P 19 33.04 -77.30 -47.40
C SER P 19 31.56 -77.62 -47.51
N ARG P 20 30.71 -76.78 -46.90
CA ARG P 20 29.27 -76.97 -46.99
C ARG P 20 28.82 -76.96 -48.45
N SER P 21 29.35 -76.02 -49.24
CA SER P 21 28.95 -75.92 -50.64
C SER P 21 29.37 -77.17 -51.41
N ALA P 22 30.57 -77.69 -51.12
CA ALA P 22 31.00 -78.93 -51.78
C ALA P 22 30.05 -80.08 -51.45
N LYS P 23 29.68 -80.21 -50.18
CA LYS P 23 28.74 -81.26 -49.78
C LYS P 23 27.41 -81.10 -50.53
N LYS P 24 26.89 -79.87 -50.56
CA LYS P 24 25.62 -79.62 -51.24
C LYS P 24 25.71 -79.94 -52.71
N CYS P 25 26.82 -79.61 -53.35
CA CYS P 25 26.97 -79.87 -54.78
C CYS P 25 27.06 -81.37 -55.06
N ASP P 26 27.74 -82.12 -54.18
CA ASP P 26 27.74 -83.57 -54.33
C ASP P 26 26.33 -84.13 -54.23
N LYS P 27 25.56 -83.65 -53.26
CA LYS P 27 24.17 -84.09 -53.14
C LYS P 27 23.38 -83.78 -54.40
N GLU P 28 23.55 -82.57 -54.95
CA GLU P 28 22.82 -82.19 -56.15
C GLU P 28 23.22 -83.06 -57.32
N GLU P 29 24.50 -83.44 -57.41
CA GLU P 29 24.91 -84.38 -58.46
C GLU P 29 24.20 -85.71 -58.30
N LYS P 30 24.14 -86.21 -57.07
CA LYS P 30 23.44 -87.48 -56.83
C LYS P 30 21.99 -87.40 -57.27
N ALA P 31 21.36 -86.24 -57.08
CA ALA P 31 19.96 -86.07 -57.51
C ALA P 31 19.84 -85.99 -59.03
N GLU P 32 20.71 -85.21 -59.66
CA GLU P 32 20.66 -85.07 -61.11
C GLU P 32 20.93 -86.39 -61.81
N LYS P 33 21.66 -87.31 -61.17
CA LYS P 33 21.84 -88.63 -61.76
C LYS P 33 20.52 -89.39 -61.81
N ALA P 34 19.72 -89.31 -60.75
CA ALA P 34 18.37 -89.88 -60.79
C ALA P 34 17.56 -89.26 -61.92
N LYS P 35 17.64 -87.93 -62.06
CA LYS P 35 16.83 -87.27 -63.08
C LYS P 35 17.25 -87.68 -64.48
N ILE P 36 18.55 -87.81 -64.73
CA ILE P 36 19.03 -88.22 -66.05
C ILE P 36 18.62 -89.66 -66.33
N GLU P 37 18.64 -90.52 -65.30
CA GLU P 37 18.15 -91.88 -65.50
C GLU P 37 16.68 -91.88 -65.91
N LYS P 38 15.86 -91.10 -65.21
CA LYS P 38 14.46 -91.01 -65.57
C LYS P 38 14.30 -90.53 -67.01
N ALA P 39 15.02 -89.46 -67.38
CA ALA P 39 14.86 -88.88 -68.70
C ALA P 39 15.33 -89.82 -69.80
N ILE P 40 16.39 -90.60 -69.55
CA ILE P 40 16.83 -91.57 -70.54
C ILE P 40 15.85 -92.73 -70.62
N GLN P 41 15.09 -92.99 -69.55
CA GLN P 41 14.02 -93.97 -69.64
C GLN P 41 12.88 -93.43 -70.52
N LYS P 42 12.46 -92.18 -70.29
CA LYS P 42 11.39 -91.59 -71.08
C LYS P 42 11.78 -91.38 -72.54
N GLY P 43 13.07 -91.45 -72.87
CA GLY P 43 13.53 -91.25 -74.23
C GLY P 43 13.97 -89.85 -74.55
N ASN P 44 13.82 -88.91 -73.62
CA ASN P 44 14.23 -87.52 -73.85
C ASN P 44 15.75 -87.45 -73.95
N MET P 45 16.25 -87.17 -75.16
CA MET P 45 17.68 -87.02 -75.35
C MET P 45 18.16 -85.64 -74.88
N GLU P 46 17.37 -84.60 -75.15
CA GLU P 46 17.79 -83.25 -74.80
C GLU P 46 17.77 -83.03 -73.29
N VAL P 47 16.72 -83.51 -72.62
CA VAL P 47 16.67 -83.39 -71.16
C VAL P 47 17.77 -84.23 -70.53
N ALA P 48 18.08 -85.39 -71.12
CA ALA P 48 19.20 -86.18 -70.63
C ALA P 48 20.51 -85.42 -70.77
N ARG P 49 20.70 -84.74 -71.90
CA ARG P 49 21.89 -83.91 -72.08
C ARG P 49 21.96 -82.83 -71.01
N ILE P 50 20.83 -82.15 -70.77
CA ILE P 50 20.80 -81.07 -69.78
C ILE P 50 21.19 -81.60 -68.41
N HIS P 51 20.57 -82.71 -68.00
CA HIS P 51 20.83 -83.24 -66.67
C HIS P 51 22.24 -83.81 -66.56
N ALA P 52 22.78 -84.34 -67.66
CA ALA P 52 24.18 -84.79 -67.64
C ALA P 52 25.13 -83.61 -67.47
N GLU P 53 24.88 -82.52 -68.20
CA GLU P 53 25.67 -81.32 -68.01
C GLU P 53 25.62 -80.85 -66.57
N ASN P 54 24.41 -80.81 -66.00
CA ASN P 54 24.26 -80.38 -64.60
C ASN P 54 25.04 -81.29 -63.67
N ALA P 55 24.95 -82.61 -63.87
CA ALA P 55 25.62 -83.55 -62.98
C ALA P 55 27.13 -83.41 -63.07
N ILE P 56 27.67 -83.36 -64.28
CA ILE P 56 29.11 -83.21 -64.45
C ILE P 56 29.59 -81.89 -63.85
N ARG P 57 28.84 -80.82 -64.08
CA ARG P 57 29.20 -79.53 -63.52
C ARG P 57 29.21 -79.57 -62.00
N GLN P 58 28.19 -80.17 -61.40
CA GLN P 58 28.12 -80.25 -59.96
C GLN P 58 29.27 -81.08 -59.40
N LYS P 59 29.60 -82.20 -60.06
CA LYS P 59 30.73 -83.01 -59.62
C LYS P 59 32.03 -82.21 -59.64
N ASN P 60 32.31 -81.57 -60.78
CA ASN P 60 33.57 -80.84 -60.91
C ASN P 60 33.63 -79.67 -59.93
N GLN P 61 32.53 -78.93 -59.77
CA GLN P 61 32.55 -77.79 -58.86
C GLN P 61 32.60 -78.24 -57.41
N ALA P 62 32.07 -79.42 -57.09
CA ALA P 62 32.21 -79.95 -55.74
C ALA P 62 33.67 -80.30 -55.46
N VAL P 63 34.33 -80.94 -56.42
CA VAL P 63 35.76 -81.24 -56.24
C VAL P 63 36.54 -79.94 -56.07
N ASN P 64 36.23 -78.94 -56.88
CA ASN P 64 36.93 -77.66 -56.79
C ASN P 64 36.70 -76.99 -55.44
N PHE P 65 35.44 -76.99 -54.98
CA PHE P 65 35.14 -76.42 -53.66
C PHE P 65 35.87 -77.16 -52.56
N LEU P 66 36.00 -78.48 -52.69
CA LEU P 66 36.68 -79.25 -51.65
C LEU P 66 38.16 -78.89 -51.61
N ARG P 67 38.81 -78.85 -52.77
CA ARG P 67 40.22 -78.45 -52.81
C ARG P 67 40.41 -77.04 -52.28
N MET P 68 39.51 -76.12 -52.68
CA MET P 68 39.59 -74.75 -52.24
C MET P 68 39.44 -74.64 -50.73
N SER P 69 38.49 -75.38 -50.15
CA SER P 69 38.30 -75.39 -48.71
C SER P 69 39.53 -75.96 -48.01
N ALA P 70 40.16 -76.98 -48.60
CA ALA P 70 41.40 -77.49 -48.01
C ALA P 70 42.48 -76.43 -47.97
N ARG P 71 42.64 -75.69 -49.06
CA ARG P 71 43.64 -74.62 -49.10
C ARG P 71 43.35 -73.56 -48.04
N VAL P 72 42.08 -73.11 -47.97
CA VAL P 72 41.73 -72.09 -46.99
C VAL P 72 41.89 -72.63 -45.58
N ASP P 73 41.65 -73.92 -45.37
CA ASP P 73 41.85 -74.52 -44.06
C ASP P 73 43.32 -74.48 -43.67
N ALA P 74 44.20 -74.82 -44.60
CA ALA P 74 45.63 -74.73 -44.32
C ALA P 74 46.02 -73.30 -43.95
N VAL P 75 45.57 -72.33 -44.75
CA VAL P 75 45.92 -70.94 -44.49
C VAL P 75 45.39 -70.49 -43.13
N ALA P 76 44.16 -70.89 -42.80
CA ALA P 76 43.56 -70.48 -41.54
C ALA P 76 44.26 -71.13 -40.35
N ALA P 77 44.67 -72.39 -40.49
CA ALA P 77 45.46 -73.02 -39.43
C ALA P 77 46.76 -72.29 -39.22
N ARG P 78 47.42 -71.91 -40.32
CA ARG P 78 48.67 -71.16 -40.20
C ARG P 78 48.44 -69.82 -39.51
N VAL P 79 47.35 -69.13 -39.86
CA VAL P 79 47.08 -67.82 -39.27
C VAL P 79 46.72 -67.96 -37.80
N GLN P 80 46.01 -69.03 -37.43
CA GLN P 80 45.67 -69.26 -36.04
C GLN P 80 46.92 -69.55 -35.22
N THR P 81 47.82 -70.36 -35.77
CA THR P 81 49.12 -70.56 -35.14
C THR P 81 49.84 -69.23 -34.93
N ALA P 82 49.83 -68.39 -35.96
CA ALA P 82 50.51 -67.09 -35.86
C ALA P 82 49.88 -66.23 -34.78
N VAL P 83 48.56 -66.24 -34.68
CA VAL P 83 47.88 -65.43 -33.67
C VAL P 83 48.24 -65.91 -32.27
N THR P 84 48.15 -67.22 -32.04
CA THR P 84 48.50 -67.75 -30.72
C THR P 84 49.95 -67.46 -30.36
N MET P 85 50.85 -67.64 -31.33
CA MET P 85 52.26 -67.36 -31.06
C MET P 85 52.51 -65.88 -30.85
N GLY P 86 51.72 -65.01 -31.49
CA GLY P 86 51.85 -63.59 -31.22
C GLY P 86 51.43 -63.23 -29.82
N LYS P 87 50.32 -63.82 -29.36
CA LYS P 87 49.93 -63.64 -27.96
C LYS P 87 51.03 -64.12 -27.02
N VAL P 88 51.60 -65.29 -27.31
CA VAL P 88 52.65 -65.84 -26.46
C VAL P 88 53.86 -64.92 -26.45
N THR P 89 54.25 -64.41 -27.62
CA THR P 89 55.42 -63.54 -27.72
C THR P 89 55.19 -62.23 -26.98
N LYS P 90 53.98 -61.67 -27.11
CA LYS P 90 53.66 -60.46 -26.37
C LYS P 90 53.73 -60.69 -24.87
N SER P 91 53.17 -61.82 -24.41
CA SER P 91 53.21 -62.11 -22.98
C SER P 91 54.64 -62.29 -22.49
N MET P 92 55.47 -62.94 -23.29
CA MET P 92 56.85 -63.16 -22.87
C MET P 92 57.66 -61.87 -22.92
N ALA P 93 57.33 -60.95 -23.84
CA ALA P 93 57.96 -59.64 -23.82
C ALA P 93 57.58 -58.86 -22.57
N GLY P 94 56.29 -58.86 -22.22
CA GLY P 94 55.88 -58.23 -20.98
C GLY P 94 56.57 -58.83 -19.77
N VAL P 95 56.67 -60.16 -19.73
CA VAL P 95 57.35 -60.84 -18.64
C VAL P 95 58.82 -60.42 -18.59
N VAL P 96 59.46 -60.32 -19.76
CA VAL P 96 60.86 -59.92 -19.79
C VAL P 96 61.02 -58.52 -19.24
N LYS P 97 60.13 -57.61 -19.63
CA LYS P 97 60.21 -56.24 -19.12
C LYS P 97 60.05 -56.20 -17.60
N SER P 98 59.02 -56.87 -17.10
CA SER P 98 58.77 -56.86 -15.65
C SER P 98 59.93 -57.49 -14.89
N MET P 99 60.43 -58.64 -15.37
CA MET P 99 61.55 -59.29 -14.71
C MET P 99 62.81 -58.45 -14.79
N ASP P 100 63.00 -57.71 -15.89
CA ASP P 100 64.14 -56.81 -15.98
C ASP P 100 64.07 -55.74 -14.91
N ALA P 101 62.92 -55.06 -14.82
CA ALA P 101 62.75 -54.05 -13.79
C ALA P 101 63.02 -54.64 -12.40
N THR P 102 62.42 -55.80 -12.11
CA THR P 102 62.55 -56.39 -10.79
C THR P 102 64.01 -56.77 -10.49
N LEU P 103 64.61 -57.59 -11.37
CA LEU P 103 65.98 -58.01 -11.17
C LEU P 103 66.95 -56.84 -11.14
N LYS P 104 66.57 -55.69 -11.72
CA LYS P 104 67.36 -54.49 -11.54
C LYS P 104 67.19 -53.95 -10.12
N THR P 105 65.94 -53.90 -9.64
CA THR P 105 65.71 -53.44 -8.28
C THR P 105 66.18 -54.48 -7.26
N MET P 106 65.73 -55.72 -7.40
CA MET P 106 66.07 -56.81 -6.49
C MET P 106 67.05 -57.73 -7.21
N ASN P 107 68.34 -57.39 -7.12
CA ASN P 107 69.37 -58.17 -7.78
C ASN P 107 69.94 -59.21 -6.81
N LEU P 108 70.91 -59.98 -7.30
CA LEU P 108 71.45 -61.07 -6.50
C LEU P 108 72.23 -60.56 -5.29
N GLU P 109 72.96 -59.46 -5.46
CA GLU P 109 73.66 -58.87 -4.33
C GLU P 109 72.69 -58.49 -3.23
N LYS P 110 71.68 -57.70 -3.58
CA LYS P 110 70.70 -57.24 -2.60
C LYS P 110 69.95 -58.42 -1.99
N ILE P 111 69.61 -59.42 -2.80
CA ILE P 111 68.86 -60.56 -2.29
C ILE P 111 69.72 -61.34 -1.29
N SER P 112 70.98 -61.59 -1.64
CA SER P 112 71.87 -62.31 -0.73
C SER P 112 72.05 -61.55 0.57
N ALA P 113 72.26 -60.23 0.49
CA ALA P 113 72.42 -59.44 1.70
C ALA P 113 71.15 -59.46 2.54
N LEU P 114 70.00 -59.33 1.89
CA LEU P 114 68.72 -59.36 2.60
C LEU P 114 68.52 -60.69 3.30
N MET P 115 68.96 -61.78 2.68
CA MET P 115 68.77 -63.09 3.29
C MET P 115 69.74 -63.33 4.43
N ASP P 116 70.99 -62.88 4.28
CA ASP P 116 71.89 -62.92 5.42
C ASP P 116 71.32 -62.12 6.59
N LYS P 117 70.72 -60.96 6.29
CA LYS P 117 70.11 -60.16 7.33
C LYS P 117 68.93 -60.87 7.98
N PHE P 118 68.08 -61.50 7.17
CA PHE P 118 66.98 -62.28 7.70
C PHE P 118 67.48 -63.36 8.66
N GLU P 119 68.47 -64.13 8.22
CA GLU P 119 69.02 -65.19 9.05
C GLU P 119 69.57 -64.65 10.35
N HIS P 120 70.35 -63.56 10.28
CA HIS P 120 70.96 -63.03 11.49
C HIS P 120 69.91 -62.44 12.42
N GLN P 121 68.91 -61.77 11.87
CA GLN P 121 67.85 -61.20 12.70
C GLN P 121 67.09 -62.30 13.43
N PHE P 122 66.79 -63.40 12.74
CA PHE P 122 66.04 -64.46 13.40
C PHE P 122 66.90 -65.31 14.31
N GLU P 123 68.21 -65.33 14.10
CA GLU P 123 69.11 -65.90 15.10
C GLU P 123 69.11 -65.06 16.37
N THR P 124 69.22 -63.74 16.21
CA THR P 124 69.09 -62.84 17.36
C THR P 124 67.76 -63.06 18.06
N LEU P 125 66.70 -63.29 17.28
CA LEU P 125 65.40 -63.57 17.87
C LEU P 125 65.37 -64.91 18.59
N ASP P 126 66.18 -65.86 18.10
CA ASP P 126 66.33 -67.18 18.76
C ASP P 126 66.95 -66.97 20.14
N VAL P 127 67.96 -66.08 20.22
CA VAL P 127 68.64 -65.77 21.47
C VAL P 127 67.70 -65.05 22.42
N GLN P 128 66.96 -64.06 21.89
CA GLN P 128 65.98 -63.35 22.70
C GLN P 128 64.94 -64.29 23.25
N THR P 129 64.45 -65.22 22.43
CA THR P 129 63.43 -66.17 22.88
C THR P 129 63.98 -67.05 24.00
N GLN P 130 65.20 -67.56 23.84
CA GLN P 130 65.80 -68.39 24.87
C GLN P 130 65.92 -67.65 26.19
N GLN P 131 66.46 -66.44 26.14
CA GLN P 131 66.65 -65.67 27.37
C GLN P 131 65.31 -65.30 27.99
N MET P 132 64.37 -64.83 27.17
CA MET P 132 63.03 -64.50 27.63
C MET P 132 62.38 -65.70 28.29
N GLU P 133 62.61 -66.90 27.75
CA GLU P 133 61.99 -68.09 28.32
C GLU P 133 62.65 -68.47 29.64
N ASP P 134 63.97 -68.37 29.70
CA ASP P 134 64.67 -68.58 30.97
C ASP P 134 64.08 -67.68 32.04
N THR P 135 63.88 -66.39 31.72
CA THR P 135 63.36 -65.46 32.72
C THR P 135 61.90 -65.77 33.05
N MET P 136 61.07 -66.03 32.04
CA MET P 136 59.68 -66.38 32.29
C MET P 136 59.59 -67.57 33.25
N SER P 137 60.46 -68.56 33.07
CA SER P 137 60.44 -69.72 33.95
C SER P 137 60.94 -69.37 35.34
N SER P 138 62.00 -68.56 35.43
CA SER P 138 62.52 -68.17 36.73
C SER P 138 61.50 -67.35 37.52
N THR P 139 60.60 -66.65 36.83
CA THR P 139 59.61 -65.84 37.52
C THR P 139 58.65 -66.72 38.31
N THR P 140 58.19 -67.82 37.72
CA THR P 140 57.19 -68.69 38.32
C THR P 140 57.85 -70.05 38.59
N THR P 141 58.49 -70.15 39.76
CA THR P 141 59.12 -71.39 40.19
C THR P 141 58.50 -71.95 41.47
N LEU P 142 57.80 -71.14 42.25
CA LEU P 142 57.15 -71.61 43.47
C LEU P 142 55.76 -72.17 43.22
N THR P 143 55.16 -71.85 42.07
CA THR P 143 53.91 -72.47 41.68
C THR P 143 54.12 -73.79 40.96
N THR P 144 55.31 -74.00 40.36
CA THR P 144 55.65 -75.20 39.62
C THR P 144 56.94 -75.77 40.19
N PRO P 145 56.88 -76.47 41.32
CA PRO P 145 58.09 -77.10 41.85
C PRO P 145 58.50 -78.30 41.01
N GLN P 146 59.80 -78.40 40.73
CA GLN P 146 60.31 -79.51 39.94
C GLN P 146 59.99 -80.84 40.60
N ASN P 147 60.10 -80.91 41.93
CA ASN P 147 59.85 -82.16 42.63
C ASN P 147 58.41 -82.64 42.41
N GLN P 148 57.44 -81.73 42.49
CA GLN P 148 56.05 -82.11 42.31
C GLN P 148 55.80 -82.62 40.90
N VAL P 149 56.39 -81.96 39.90
CA VAL P 149 56.21 -82.40 38.52
C VAL P 149 56.83 -83.77 38.32
N ASP P 150 58.03 -83.99 38.84
CA ASP P 150 58.65 -85.31 38.75
C ASP P 150 57.77 -86.37 39.39
N MET P 151 57.24 -86.08 40.58
CA MET P 151 56.40 -87.06 41.26
C MET P 151 55.13 -87.35 40.47
N LEU P 152 54.50 -86.31 39.92
CA LEU P 152 53.30 -86.53 39.13
C LEU P 152 53.60 -87.40 37.92
N LEU P 153 54.71 -87.13 37.24
CA LEU P 153 55.06 -87.95 36.08
C LEU P 153 55.33 -89.39 36.48
N GLN P 154 56.03 -89.59 37.60
CA GLN P 154 56.30 -90.95 38.04
C GLN P 154 55.01 -91.68 38.38
N GLU P 155 54.08 -91.02 39.08
CA GLU P 155 52.83 -91.67 39.42
C GLU P 155 52.01 -92.00 38.17
N MET P 156 51.94 -91.06 37.22
CA MET P 156 51.16 -91.31 36.01
C MET P 156 51.78 -92.44 35.20
N ALA P 157 53.11 -92.50 35.13
CA ALA P 157 53.77 -93.60 34.44
C ALA P 157 53.47 -94.92 35.12
N ASP P 158 53.72 -95.01 36.43
CA ASP P 158 53.48 -96.26 37.15
C ASP P 158 52.04 -96.70 37.02
N GLU P 159 51.10 -95.77 37.03
CA GLU P 159 49.70 -96.12 36.82
C GLU P 159 49.48 -96.66 35.41
N ALA P 160 50.05 -96.00 34.40
CA ALA P 160 49.97 -96.49 33.03
C ALA P 160 50.82 -97.72 32.81
N GLY P 161 51.66 -98.10 33.78
CA GLY P 161 52.53 -99.25 33.65
C GLY P 161 53.72 -99.05 32.75
N LEU P 162 53.76 -97.97 31.97
CA LEU P 162 54.83 -97.74 31.01
C LEU P 162 56.04 -97.17 31.73
N ASP P 163 57.03 -96.75 30.95
CA ASP P 163 58.22 -96.10 31.48
C ASP P 163 58.55 -94.89 30.61
N LEU P 164 59.36 -93.99 31.16
CA LEU P 164 59.68 -92.73 30.52
C LEU P 164 61.17 -92.72 30.16
N ASN P 165 61.45 -92.47 28.88
CA ASN P 165 62.82 -92.40 28.39
C ASN P 165 63.03 -91.11 27.60
N GLU P 187 67.62 -84.40 50.11
CA GLU P 187 68.32 -85.55 49.55
C GLU P 187 69.77 -85.20 49.25
N LEU P 188 70.05 -84.88 47.98
CA LEU P 188 71.39 -84.46 47.61
C LEU P 188 71.79 -83.17 48.29
N SER P 189 70.82 -82.28 48.52
CA SER P 189 71.12 -80.99 49.13
C SER P 189 71.77 -81.16 50.50
N GLN P 190 71.37 -82.19 51.25
CA GLN P 190 71.95 -82.40 52.57
C GLN P 190 73.42 -82.84 52.45
N ARG P 191 73.72 -83.73 51.51
CA ARG P 191 75.10 -84.12 51.30
C ARG P 191 75.94 -82.92 50.85
N LEU P 192 75.38 -82.08 49.99
CA LEU P 192 76.11 -80.90 49.54
C LEU P 192 76.33 -79.93 50.68
N ALA P 193 75.38 -79.79 51.59
CA ALA P 193 75.56 -78.93 52.74
C ALA P 193 76.63 -79.47 53.68
N ARG P 194 76.60 -80.78 53.93
CA ARG P 194 77.64 -81.40 54.75
C ARG P 194 79.01 -81.19 54.12
N LEU P 195 79.09 -81.29 52.79
CA LEU P 195 80.35 -81.02 52.10
C LEU P 195 80.74 -79.56 52.23
N ARG P 196 79.76 -78.66 52.20
CA ARG P 196 80.05 -77.24 52.34
C ARG P 196 80.60 -76.92 53.72
N ASP P 197 80.09 -77.59 54.75
CA ASP P 197 80.63 -77.41 56.10
C ASP P 197 82.11 -77.78 56.14
N GLN P 198 82.52 -78.77 55.35
CA GLN P 198 83.91 -79.17 55.28
C GLN P 198 84.44 -79.57 56.66
N PHE Q 6 66.92 -40.42 62.09
CA PHE Q 6 66.59 -41.82 62.31
C PHE Q 6 65.14 -41.98 62.74
N LYS Q 7 64.43 -42.91 62.07
CA LYS Q 7 63.01 -43.22 62.35
C LYS Q 7 62.94 -44.69 62.80
N ALA Q 8 62.23 -44.96 63.90
CA ALA Q 8 62.16 -46.32 64.44
C ALA Q 8 61.19 -47.19 63.65
N GLU Q 9 59.95 -46.71 63.48
CA GLU Q 9 58.96 -47.52 62.76
C GLU Q 9 59.40 -47.81 61.34
N ARG Q 10 60.10 -46.87 60.71
CA ARG Q 10 60.67 -47.14 59.39
C ARG Q 10 61.62 -48.33 59.43
N LEU Q 11 62.50 -48.36 60.44
CA LEU Q 11 63.41 -49.48 60.59
C LEU Q 11 62.67 -50.79 60.82
N ARG Q 12 61.64 -50.75 61.66
CA ARG Q 12 60.84 -51.94 61.92
C ARG Q 12 60.24 -52.49 60.64
N VAL Q 13 59.57 -51.62 59.88
CA VAL Q 13 58.91 -52.05 58.65
C VAL Q 13 59.94 -52.58 57.65
N ASN Q 14 61.08 -51.90 57.52
CA ASN Q 14 62.10 -52.36 56.59
C ASN Q 14 62.67 -53.71 57.03
N LEU Q 15 62.79 -53.94 58.33
CA LEU Q 15 63.27 -55.23 58.81
C LEU Q 15 62.30 -56.34 58.45
N ARG Q 16 61.00 -56.11 58.68
CA ARG Q 16 60.01 -57.11 58.30
C ARG Q 16 60.04 -57.39 56.81
N LEU Q 17 60.16 -56.32 56.00
CA LEU Q 17 60.22 -56.49 54.55
C LEU Q 17 61.47 -57.28 54.15
N VAL Q 18 62.60 -57.00 54.78
CA VAL Q 18 63.82 -57.72 54.48
C VAL Q 18 63.66 -59.20 54.80
N ILE Q 19 63.01 -59.49 55.93
CA ILE Q 19 62.79 -60.88 56.31
C ILE Q 19 61.97 -61.59 55.24
N ASN Q 20 60.85 -61.00 54.85
CA ASN Q 20 59.99 -61.63 53.84
C ASN Q 20 60.75 -61.81 52.53
N ARG Q 21 61.49 -60.78 52.10
CA ARG Q 21 62.22 -60.86 50.84
C ARG Q 21 63.27 -61.96 50.90
N LEU Q 22 63.96 -62.10 52.03
CA LEU Q 22 64.97 -63.14 52.16
C LEU Q 22 64.33 -64.52 52.10
N LYS Q 23 63.16 -64.68 52.71
CA LYS Q 23 62.46 -65.96 52.62
C LYS Q 23 62.16 -66.31 51.16
N LEU Q 24 61.52 -65.37 50.44
CA LEU Q 24 61.20 -65.63 49.04
C LEU Q 24 62.45 -65.96 48.24
N LEU Q 25 63.52 -65.18 48.45
CA LEU Q 25 64.74 -65.35 47.67
C LEU Q 25 65.37 -66.71 47.92
N GLU Q 26 65.47 -67.11 49.19
CA GLU Q 26 66.10 -68.40 49.48
C GLU Q 26 65.26 -69.55 48.92
N LYS Q 27 63.94 -69.45 49.01
CA LYS Q 27 63.08 -70.46 48.39
C LYS Q 27 63.40 -70.61 46.91
N LYS Q 28 63.25 -69.51 46.16
CA LYS Q 28 63.40 -69.62 44.72
C LYS Q 28 64.83 -69.94 44.32
N LYS Q 29 65.81 -69.57 45.16
CA LYS Q 29 67.19 -69.91 44.86
C LYS Q 29 67.45 -71.39 45.07
N THR Q 30 66.83 -71.99 46.09
CA THR Q 30 66.91 -73.43 46.24
C THR Q 30 66.34 -74.14 45.02
N GLU Q 31 65.19 -73.68 44.54
CA GLU Q 31 64.59 -74.29 43.36
C GLU Q 31 65.51 -74.17 42.14
N LEU Q 32 65.98 -72.95 41.86
CA LEU Q 32 66.89 -72.74 40.74
C LEU Q 32 68.16 -73.56 40.90
N ALA Q 33 68.60 -73.78 42.14
CA ALA Q 33 69.79 -74.58 42.37
C ALA Q 33 69.55 -76.03 42.00
N GLN Q 34 68.38 -76.56 42.35
CA GLN Q 34 68.02 -77.91 41.88
C GLN Q 34 68.09 -77.99 40.37
N LYS Q 35 67.46 -77.03 39.68
CA LYS Q 35 67.42 -77.09 38.22
C LYS Q 35 68.82 -76.99 37.62
N ALA Q 36 69.65 -76.09 38.14
CA ALA Q 36 70.98 -75.92 37.58
C ALA Q 36 71.90 -77.08 37.94
N ARG Q 37 71.63 -77.76 39.06
CA ARG Q 37 72.34 -79.00 39.35
C ARG Q 37 72.01 -80.07 38.31
N LYS Q 38 70.73 -80.18 37.94
CA LYS Q 38 70.37 -81.06 36.85
C LYS Q 38 71.11 -80.67 35.57
N GLU Q 39 71.23 -79.37 35.30
CA GLU Q 39 71.96 -78.92 34.13
C GLU Q 39 73.43 -79.35 34.19
N ILE Q 40 74.04 -79.25 35.37
CA ILE Q 40 75.44 -79.66 35.51
C ILE Q 40 75.57 -81.16 35.30
N ALA Q 41 74.60 -81.94 35.77
CA ALA Q 41 74.60 -83.37 35.51
C ALA Q 41 74.57 -83.64 34.02
N ASP Q 42 73.70 -82.94 33.30
CA ASP Q 42 73.67 -83.08 31.84
C ASP Q 42 75.00 -82.71 31.21
N TYR Q 43 75.63 -81.64 31.70
CA TYR Q 43 76.93 -81.24 31.19
C TYR Q 43 77.96 -82.34 31.40
N LEU Q 44 77.93 -82.98 32.57
CA LEU Q 44 78.89 -84.06 32.84
C LEU Q 44 78.60 -85.30 32.02
N ALA Q 45 77.34 -85.51 31.64
CA ALA Q 45 77.02 -86.62 30.76
C ALA Q 45 77.90 -86.61 29.52
N ALA Q 46 78.10 -85.43 28.94
CA ALA Q 46 79.02 -85.26 27.82
C ALA Q 46 80.45 -85.21 28.34
N GLY Q 47 81.40 -85.07 27.41
CA GLY Q 47 82.80 -84.97 27.78
C GLY Q 47 83.22 -83.62 28.33
N LYS Q 48 82.33 -82.64 28.31
CA LYS Q 48 82.63 -81.31 28.82
C LYS Q 48 82.79 -81.37 30.33
N ASP Q 49 84.02 -81.15 30.81
CA ASP Q 49 84.34 -81.20 32.23
C ASP Q 49 84.77 -79.85 32.79
N GLU Q 50 85.70 -79.16 32.11
CA GLU Q 50 86.20 -77.89 32.61
C GLU Q 50 85.10 -76.83 32.66
N ARG Q 51 83.99 -77.04 31.95
CA ARG Q 51 82.85 -76.14 31.96
C ARG Q 51 81.90 -76.43 33.13
N ALA Q 52 81.71 -77.71 33.43
CA ALA Q 52 80.90 -78.08 34.59
C ALA Q 52 81.49 -77.51 35.88
N ARG Q 53 82.81 -77.33 35.92
CA ARG Q 53 83.43 -76.71 37.09
C ARG Q 53 82.98 -75.27 37.24
N ILE Q 54 82.87 -74.53 36.14
CA ILE Q 54 82.37 -73.17 36.21
C ILE Q 54 80.91 -73.15 36.65
N ARG Q 55 80.11 -74.06 36.09
CA ARG Q 55 78.70 -74.12 36.47
C ARG Q 55 78.55 -74.42 37.96
N VAL Q 56 79.34 -75.35 38.48
CA VAL Q 56 79.23 -75.71 39.89
C VAL Q 56 79.80 -74.59 40.76
N GLU Q 57 80.74 -73.80 40.23
CA GLU Q 57 81.14 -72.59 40.94
C GLU Q 57 79.95 -71.66 41.12
N HIS Q 58 79.20 -71.43 40.03
CA HIS Q 58 77.94 -70.71 40.13
C HIS Q 58 77.07 -71.29 41.25
N ILE Q 59 76.92 -72.62 41.25
CA ILE Q 59 76.01 -73.27 42.19
C ILE Q 59 76.45 -73.03 43.63
N ILE Q 60 77.73 -73.23 43.91
CA ILE Q 60 78.19 -73.14 45.29
C ILE Q 60 78.22 -71.69 45.74
N ARG Q 61 78.45 -70.76 44.82
CA ARG Q 61 78.27 -69.35 45.14
C ARG Q 61 76.84 -69.08 45.57
N GLU Q 62 75.87 -69.58 44.80
CA GLU Q 62 74.47 -69.39 45.16
C GLU Q 62 74.14 -70.03 46.49
N ASP Q 63 74.76 -71.17 46.80
CA ASP Q 63 74.47 -71.85 48.07
C ASP Q 63 75.06 -71.08 49.25
N TYR Q 64 76.30 -70.62 49.13
CA TYR Q 64 76.85 -69.69 50.11
C TYR Q 64 75.90 -68.51 50.31
N LEU Q 65 75.36 -67.98 49.21
CA LEU Q 65 74.47 -66.83 49.30
C LEU Q 65 73.20 -67.17 50.07
N VAL Q 66 72.63 -68.36 49.82
CA VAL Q 66 71.41 -68.75 50.52
C VAL Q 66 71.69 -68.89 52.01
N GLU Q 67 72.82 -69.50 52.36
CA GLU Q 67 73.17 -69.62 53.78
C GLU Q 67 73.35 -68.26 54.43
N ALA Q 68 74.02 -67.34 53.72
CA ALA Q 68 74.20 -66.00 54.25
C ALA Q 68 72.87 -65.29 54.43
N MET Q 69 71.94 -65.50 53.49
CA MET Q 69 70.61 -64.91 53.64
C MET Q 69 69.87 -65.49 54.82
N GLU Q 70 70.05 -66.79 55.09
CA GLU Q 70 69.46 -67.38 56.28
C GLU Q 70 70.00 -66.71 57.54
N ILE Q 71 71.32 -66.54 57.60
CA ILE Q 71 71.94 -65.89 58.76
C ILE Q 71 71.42 -64.46 58.90
N LEU Q 72 71.28 -63.74 57.79
CA LEU Q 72 70.83 -62.36 57.85
C LEU Q 72 69.38 -62.27 58.29
N GLU Q 73 68.53 -63.19 57.80
CA GLU Q 73 67.16 -63.26 58.27
C GLU Q 73 67.12 -63.50 59.77
N LEU Q 74 67.97 -64.42 60.26
CA LEU Q 74 68.07 -64.65 61.70
C LEU Q 74 68.40 -63.36 62.44
N TYR Q 75 69.40 -62.62 61.96
CA TYR Q 75 69.82 -61.42 62.68
C TYR Q 75 68.76 -60.33 62.62
N CYS Q 76 68.09 -60.17 61.47
CA CYS Q 76 67.02 -59.19 61.37
C CYS Q 76 65.90 -59.53 62.34
N ASP Q 77 65.52 -60.80 62.42
CA ASP Q 77 64.49 -61.20 63.37
C ASP Q 77 64.95 -60.98 64.81
N LEU Q 78 66.25 -61.16 65.08
CA LEU Q 78 66.77 -60.89 66.41
C LEU Q 78 66.60 -59.43 66.78
N LEU Q 79 67.00 -58.54 65.86
CA LEU Q 79 66.80 -57.11 66.10
C LEU Q 79 65.31 -56.80 66.29
N LEU Q 80 64.46 -57.42 65.48
CA LEU Q 80 63.02 -57.16 65.56
C LEU Q 80 62.42 -57.68 66.86
N ALA Q 81 63.03 -58.70 67.48
CA ALA Q 81 62.56 -59.20 68.76
C ALA Q 81 63.03 -58.34 69.92
N ARG Q 82 64.13 -57.62 69.76
CA ARG Q 82 64.69 -56.75 70.77
C ARG Q 82 64.67 -55.31 70.31
N PHE Q 83 63.55 -54.90 69.69
CA PHE Q 83 63.45 -53.56 69.13
C PHE Q 83 63.31 -52.50 70.23
N GLY Q 84 62.54 -52.81 71.27
CA GLY Q 84 62.45 -51.88 72.38
C GLY Q 84 63.80 -51.60 73.00
N LEU Q 85 64.66 -52.62 73.10
CA LEU Q 85 66.00 -52.41 73.61
C LEU Q 85 66.81 -51.51 72.69
N ILE Q 86 66.43 -51.42 71.42
CA ILE Q 86 67.03 -50.46 70.52
C ILE Q 86 66.53 -49.05 70.82
N GLN Q 87 65.22 -48.92 70.99
CA GLN Q 87 64.63 -47.59 71.19
C GLN Q 87 65.04 -46.99 72.54
N SER Q 88 65.16 -47.83 73.57
CA SER Q 88 65.42 -47.32 74.92
C SER Q 88 66.84 -46.79 75.03
N MET Q 89 67.83 -47.64 74.84
CA MET Q 89 69.22 -47.22 74.94
C MET Q 89 69.59 -46.29 73.80
N LYS Q 90 70.74 -45.63 73.95
CA LYS Q 90 71.32 -44.82 72.89
C LYS Q 90 72.53 -45.47 72.24
N GLU Q 91 73.27 -46.29 72.98
CA GLU Q 91 74.35 -47.10 72.45
C GLU Q 91 73.94 -48.56 72.50
N LEU Q 92 74.28 -49.30 71.44
CA LEU Q 92 73.87 -50.69 71.35
C LEU Q 92 74.59 -51.52 72.40
N ASP Q 93 73.88 -52.50 72.96
CA ASP Q 93 74.46 -53.41 73.94
C ASP Q 93 75.21 -54.53 73.22
N SER Q 94 75.74 -55.46 74.00
CA SER Q 94 76.50 -56.57 73.43
C SER Q 94 75.60 -57.53 72.68
N GLY Q 95 74.39 -57.76 73.19
CA GLY Q 95 73.46 -58.69 72.54
C GLY Q 95 73.08 -58.30 71.13
N LEU Q 96 73.24 -57.02 70.77
CA LEU Q 96 72.89 -56.53 69.45
C LEU Q 96 74.09 -56.06 68.65
N ALA Q 97 75.30 -56.20 69.17
CA ALA Q 97 76.49 -55.77 68.43
C ALA Q 97 76.65 -56.55 67.14
N GLU Q 98 76.54 -57.88 67.23
CA GLU Q 98 76.75 -58.72 66.04
C GLU Q 98 75.72 -58.42 64.97
N SER Q 99 74.44 -58.37 65.35
CA SER Q 99 73.39 -58.13 64.38
C SER Q 99 73.61 -56.81 63.64
N VAL Q 100 73.82 -55.73 64.40
CA VAL Q 100 73.99 -54.41 63.79
C VAL Q 100 75.23 -54.41 62.90
N SER Q 101 76.34 -54.94 63.41
CA SER Q 101 77.58 -54.94 62.65
C SER Q 101 77.41 -55.66 61.32
N THR Q 102 76.85 -56.87 61.35
CA THR Q 102 76.69 -57.65 60.13
C THR Q 102 75.70 -57.01 59.19
N LEU Q 103 74.59 -56.46 59.71
CA LEU Q 103 73.60 -55.84 58.85
C LEU Q 103 74.11 -54.56 58.22
N ILE Q 104 75.10 -53.92 58.84
CA ILE Q 104 75.71 -52.75 58.21
C ILE Q 104 76.78 -53.16 57.22
N TRP Q 105 77.49 -54.26 57.49
CA TRP Q 105 78.59 -54.69 56.63
C TRP Q 105 78.08 -55.37 55.36
N ALA Q 106 77.01 -56.16 55.48
CA ALA Q 106 76.51 -56.93 54.35
C ALA Q 106 75.56 -56.15 53.46
N ALA Q 107 75.05 -55.02 53.94
CA ALA Q 107 74.10 -54.25 53.13
C ALA Q 107 74.63 -53.93 51.75
N PRO Q 108 75.82 -53.32 51.60
CA PRO Q 108 76.32 -53.06 50.24
C PRO Q 108 76.58 -54.33 49.45
N ARG Q 109 76.84 -55.45 50.13
CA ARG Q 109 77.05 -56.71 49.42
C ARG Q 109 75.75 -57.19 48.76
N LEU Q 110 74.68 -57.28 49.53
CA LEU Q 110 73.38 -57.75 49.04
C LEU Q 110 72.43 -56.60 48.71
N GLN Q 111 72.96 -55.42 48.41
CA GLN Q 111 72.10 -54.28 48.11
C GLN Q 111 71.28 -54.51 46.85
N SER Q 112 71.83 -55.26 45.89
CA SER Q 112 71.10 -55.49 44.64
C SER Q 112 69.96 -56.48 44.85
N GLU Q 113 70.23 -57.57 45.56
CA GLU Q 113 69.19 -58.56 45.81
C GLU Q 113 68.09 -58.00 46.68
N VAL Q 114 68.44 -57.49 47.86
CA VAL Q 114 67.49 -56.94 48.82
C VAL Q 114 67.74 -55.44 48.89
N ALA Q 115 66.74 -54.66 48.45
CA ALA Q 115 66.89 -53.20 48.47
C ALA Q 115 66.68 -52.64 49.87
N GLU Q 116 65.64 -53.12 50.56
CA GLU Q 116 65.32 -52.61 51.89
C GLU Q 116 66.49 -52.74 52.86
N LEU Q 117 67.41 -53.66 52.59
CA LEU Q 117 68.57 -53.83 53.46
C LEU Q 117 69.40 -52.56 53.54
N LYS Q 118 69.47 -51.79 52.45
CA LYS Q 118 70.20 -50.53 52.48
C LYS Q 118 69.52 -49.54 53.42
N ILE Q 119 68.19 -49.51 53.42
CA ILE Q 119 67.47 -48.63 54.33
C ILE Q 119 67.71 -49.06 55.78
N VAL Q 120 67.74 -50.37 56.02
CA VAL Q 120 68.04 -50.86 57.36
C VAL Q 120 69.43 -50.40 57.79
N ALA Q 121 70.41 -50.53 56.89
CA ALA Q 121 71.76 -50.06 57.18
C ALA Q 121 71.77 -48.57 57.47
N ASP Q 122 70.97 -47.80 56.73
CA ASP Q 122 70.88 -46.36 56.99
C ASP Q 122 70.38 -46.10 58.41
N GLN Q 123 69.23 -46.67 58.75
CA GLN Q 123 68.67 -46.43 60.08
C GLN Q 123 69.62 -46.90 61.17
N LEU Q 124 70.43 -47.91 60.91
CA LEU Q 124 71.38 -48.37 61.92
C LEU Q 124 72.67 -47.57 61.93
N CYS Q 125 72.96 -46.82 60.88
CA CYS Q 125 74.10 -45.91 60.87
C CYS Q 125 73.73 -44.51 61.32
N ALA Q 126 72.49 -44.09 61.05
CA ALA Q 126 72.01 -42.77 61.46
C ALA Q 126 71.63 -42.71 62.92
N LYS Q 127 71.53 -43.86 63.61
CA LYS Q 127 71.16 -43.89 65.01
C LYS Q 127 72.37 -43.82 65.94
N TYR Q 128 73.55 -44.18 65.45
CA TYR Q 128 74.75 -44.26 66.27
C TYR Q 128 75.79 -43.26 65.79
N SER Q 129 76.57 -42.75 66.75
CA SER Q 129 77.66 -41.83 66.47
C SER Q 129 79.02 -42.34 66.93
N LYS Q 130 79.06 -43.22 67.92
CA LYS Q 130 80.32 -43.79 68.40
C LYS Q 130 80.87 -44.72 67.32
N GLU Q 131 81.89 -44.26 66.60
CA GLU Q 131 82.48 -45.01 65.50
C GLU Q 131 81.44 -45.34 64.43
N TYR Q 132 80.51 -44.43 64.21
CA TYR Q 132 79.42 -44.60 63.25
C TYR Q 132 79.51 -43.53 62.17
N GLY Q 133 78.56 -43.56 61.26
CA GLY Q 133 78.67 -42.78 60.04
C GLY Q 133 79.38 -43.57 58.96
N LYS Q 134 78.96 -43.35 57.71
CA LYS Q 134 79.46 -44.17 56.60
C LYS Q 134 80.95 -44.50 56.75
N LEU Q 135 81.78 -43.47 56.90
CA LEU Q 135 83.22 -43.69 57.07
C LEU Q 135 83.51 -44.49 58.33
N CYS Q 136 83.09 -43.97 59.49
CA CYS Q 136 83.33 -44.67 60.74
C CYS Q 136 82.53 -45.97 60.83
N ARG Q 137 81.41 -46.07 60.11
CA ARG Q 137 80.66 -47.31 60.07
C ARG Q 137 81.45 -48.39 59.35
N THR Q 138 82.19 -48.01 58.31
CA THR Q 138 83.08 -48.96 57.65
C THR Q 138 84.35 -49.21 58.47
N ASN Q 139 84.78 -48.22 59.26
CA ASN Q 139 85.97 -48.38 60.08
C ASN Q 139 85.71 -49.32 61.26
N GLN Q 140 84.52 -49.23 61.86
CA GLN Q 140 84.15 -50.06 63.00
C GLN Q 140 83.42 -51.33 62.59
N ILE Q 141 83.69 -51.85 61.40
CA ILE Q 141 83.04 -53.06 60.90
C ILE Q 141 83.89 -54.30 61.17
N GLY Q 142 84.86 -54.20 62.08
CA GLY Q 142 85.73 -55.32 62.39
C GLY Q 142 85.21 -56.20 63.51
N THR Q 143 83.89 -56.31 63.62
CA THR Q 143 83.27 -57.15 64.64
C THR Q 143 82.10 -57.95 64.08
N VAL Q 144 82.07 -58.20 62.78
CA VAL Q 144 80.97 -58.90 62.15
C VAL Q 144 81.22 -60.41 62.23
N ASN Q 145 80.16 -61.18 62.03
CA ASN Q 145 80.25 -62.63 62.03
C ASN Q 145 81.19 -63.10 60.92
N ASP Q 146 82.27 -63.77 61.31
CA ASP Q 146 83.25 -64.23 60.34
C ASP Q 146 82.64 -65.24 59.37
N ARG Q 147 81.74 -66.09 59.86
CA ARG Q 147 81.10 -67.07 58.98
C ARG Q 147 80.36 -66.39 57.84
N LEU Q 148 79.54 -65.38 58.17
CA LEU Q 148 78.82 -64.65 57.13
C LEU Q 148 79.79 -63.96 56.18
N MET Q 149 80.89 -63.44 56.71
CA MET Q 149 81.92 -62.86 55.84
C MET Q 149 82.43 -63.89 54.85
N HIS Q 150 82.58 -65.14 55.30
CA HIS Q 150 83.06 -66.18 54.40
C HIS Q 150 82.01 -66.55 53.37
N LYS Q 151 80.74 -66.62 53.79
CA LYS Q 151 79.67 -66.97 52.85
C LYS Q 151 79.55 -65.93 51.75
N LEU Q 152 79.71 -64.65 52.09
CA LEU Q 152 79.64 -63.56 51.13
C LEU Q 152 81.01 -63.14 50.64
N SER Q 153 82.04 -63.95 50.88
CA SER Q 153 83.38 -63.64 50.39
C SER Q 153 83.45 -63.87 48.89
N VAL Q 154 83.89 -62.84 48.17
CA VAL Q 154 83.96 -62.89 46.71
C VAL Q 154 85.36 -63.41 46.37
N GLU Q 155 85.48 -64.73 46.27
CA GLU Q 155 86.77 -65.36 46.00
C GLU Q 155 86.53 -66.68 45.27
N ALA Q 156 87.52 -67.07 44.48
CA ALA Q 156 87.45 -68.34 43.78
C ALA Q 156 87.42 -69.49 44.79
N PRO Q 157 86.33 -70.25 44.87
CA PRO Q 157 86.25 -71.33 45.87
C PRO Q 157 87.39 -72.32 45.69
N PRO Q 158 87.69 -73.10 46.73
CA PRO Q 158 88.79 -74.07 46.62
C PRO Q 158 88.47 -75.14 45.57
N LYS Q 159 89.50 -75.54 44.82
CA LYS Q 159 89.29 -76.48 43.73
C LYS Q 159 88.83 -77.83 44.25
N ILE Q 160 89.38 -78.28 45.38
CA ILE Q 160 89.00 -79.58 45.93
C ILE Q 160 87.51 -79.60 46.27
N LEU Q 161 87.02 -78.47 46.76
CA LEU Q 161 85.59 -78.33 47.12
C LEU Q 161 84.75 -78.50 45.86
N VAL Q 162 85.21 -77.89 44.75
CA VAL Q 162 84.49 -77.98 43.44
C VAL Q 162 84.47 -79.45 42.99
N GLU Q 163 85.60 -80.15 43.17
CA GLU Q 163 85.70 -81.59 42.78
C GLU Q 163 84.71 -82.41 43.61
N ARG Q 164 84.63 -82.11 44.91
CA ARG Q 164 83.70 -82.83 45.82
C ARG Q 164 82.25 -82.57 45.36
N TYR Q 165 81.96 -81.32 44.98
CA TYR Q 165 80.60 -80.94 44.51
C TYR Q 165 80.28 -81.73 43.23
N LEU Q 166 81.26 -81.85 42.33
CA LEU Q 166 81.05 -82.58 41.09
C LEU Q 166 80.90 -84.07 41.34
N ILE Q 167 81.73 -84.62 42.23
CA ILE Q 167 81.65 -86.03 42.58
C ILE Q 167 80.26 -86.36 43.10
N GLU Q 168 79.74 -85.55 44.02
CA GLU Q 168 78.44 -85.82 44.59
C GLU Q 168 77.34 -85.73 43.54
N ILE Q 169 77.38 -84.69 42.71
CA ILE Q 169 76.33 -84.52 41.70
C ILE Q 169 76.36 -85.68 40.72
N ALA Q 170 77.55 -86.09 40.29
CA ALA Q 170 77.66 -87.23 39.38
C ALA Q 170 77.12 -88.49 40.04
N LYS Q 171 77.58 -88.79 41.25
CA LYS Q 171 77.12 -89.98 41.96
C LYS Q 171 75.61 -89.99 42.12
N ASN Q 172 74.99 -88.81 42.25
CA ASN Q 172 73.55 -88.77 42.42
C ASN Q 172 72.81 -88.93 41.11
N TYR Q 173 73.32 -88.33 40.03
CA TYR Q 173 72.64 -88.34 38.74
C TYR Q 173 73.08 -89.50 37.85
N ASN Q 174 73.76 -90.49 38.41
CA ASN Q 174 74.12 -91.70 37.67
C ASN Q 174 74.96 -91.36 36.44
N VAL Q 175 75.95 -90.50 36.62
CA VAL Q 175 76.85 -90.11 35.55
C VAL Q 175 78.29 -90.41 35.99
N PRO Q 176 79.13 -90.97 35.14
CA PRO Q 176 80.53 -91.16 35.52
C PRO Q 176 81.29 -89.84 35.50
N TYR Q 177 82.31 -89.76 36.35
CA TYR Q 177 83.15 -88.57 36.43
C TYR Q 177 84.47 -88.94 37.06
N GLU Q 178 85.57 -88.55 36.42
CA GLU Q 178 86.92 -88.83 36.92
C GLU Q 178 87.51 -87.55 37.50
N PRO Q 179 87.56 -87.39 38.82
CA PRO Q 179 88.07 -86.14 39.39
C PRO Q 179 89.51 -85.89 39.00
N ASP Q 180 89.89 -84.61 39.00
CA ASP Q 180 91.27 -84.22 38.75
C ASP Q 180 92.12 -84.66 39.93
N SER Q 181 92.95 -85.67 39.72
CA SER Q 181 93.71 -86.22 40.83
C SER Q 181 94.63 -85.17 41.44
N VAL Q 182 95.17 -84.26 40.61
CA VAL Q 182 96.11 -83.24 41.10
C VAL Q 182 95.52 -82.49 42.28
N VAL Q 183 94.23 -82.16 42.21
CA VAL Q 183 93.55 -81.42 43.26
C VAL Q 183 92.79 -82.39 44.17
N MET Q 184 92.32 -83.49 43.60
CA MET Q 184 91.55 -84.46 44.37
C MET Q 184 92.39 -85.15 45.45
N ALA Q 185 93.72 -85.18 45.28
CA ALA Q 185 94.59 -85.83 46.25
C ALA Q 185 95.36 -84.86 47.12
N GLU Q 186 95.67 -83.66 46.62
CA GLU Q 186 96.43 -82.68 47.39
C GLU Q 186 95.50 -82.00 48.39
N ASN R 3 -3.61 53.91 -59.76
CA ASN R 3 -4.96 54.42 -59.82
C ASN R 3 -5.88 53.43 -60.53
N MET R 4 -5.48 53.02 -61.74
CA MET R 4 -6.29 52.10 -62.52
C MET R 4 -6.42 50.74 -61.84
N GLU R 5 -5.41 50.35 -61.05
CA GLU R 5 -5.49 49.07 -60.36
C GLU R 5 -6.65 49.05 -59.37
N LYS R 6 -6.92 50.18 -58.73
CA LYS R 6 -8.06 50.26 -57.82
C LYS R 6 -9.38 50.08 -58.57
N HIS R 7 -9.50 50.72 -59.73
CA HIS R 7 -10.71 50.56 -60.53
C HIS R 7 -10.89 49.12 -61.00
N LEU R 8 -9.78 48.48 -61.38
CA LEU R 8 -9.84 47.06 -61.76
C LEU R 8 -10.33 46.21 -60.58
N PHE R 9 -9.78 46.47 -59.39
CA PHE R 9 -10.21 45.74 -58.21
C PHE R 9 -11.70 45.91 -57.97
N ASN R 10 -12.19 47.15 -58.06
CA ASN R 10 -13.61 47.39 -57.84
C ASN R 10 -14.46 46.69 -58.89
N LEU R 11 -14.00 46.67 -60.14
CA LEU R 11 -14.74 46.00 -61.19
C LEU R 11 -14.85 44.50 -60.93
N LYS R 12 -13.72 43.87 -60.58
CA LYS R 12 -13.74 42.44 -60.31
C LYS R 12 -14.60 42.13 -59.08
N PHE R 13 -14.54 43.00 -58.07
CA PHE R 13 -15.39 42.81 -56.90
C PHE R 13 -16.86 42.88 -57.26
N ALA R 14 -17.23 43.85 -58.11
CA ALA R 14 -18.62 43.95 -58.53
C ALA R 14 -19.06 42.73 -59.32
N ALA R 15 -18.19 42.21 -60.18
CA ALA R 15 -18.52 41.00 -60.94
C ALA R 15 -18.76 39.83 -60.00
N LYS R 16 -17.87 39.64 -59.02
CA LYS R 16 -18.04 38.55 -58.07
C LYS R 16 -19.32 38.73 -57.26
N GLU R 17 -19.64 39.96 -56.89
CA GLU R 17 -20.87 40.23 -56.17
C GLU R 17 -22.10 39.85 -57.00
N LEU R 18 -22.07 40.19 -58.29
CA LEU R 18 -23.19 39.84 -59.16
C LEU R 18 -23.33 38.33 -59.28
N SER R 19 -22.21 37.61 -59.39
CA SER R 19 -22.28 36.15 -59.46
C SER R 19 -22.87 35.57 -58.19
N ARG R 20 -22.39 36.04 -57.03
CA ARG R 20 -22.93 35.57 -55.76
C ARG R 20 -24.44 35.83 -55.68
N SER R 21 -24.87 37.02 -56.12
CA SER R 21 -26.28 37.35 -56.05
C SER R 21 -27.10 36.47 -56.97
N ALA R 22 -26.57 36.13 -58.15
CA ALA R 22 -27.27 35.22 -59.04
C ALA R 22 -27.43 33.85 -58.40
N LYS R 23 -26.36 33.34 -57.78
CA LYS R 23 -26.45 32.06 -57.09
C LYS R 23 -27.52 32.10 -55.99
N LYS R 24 -27.48 33.16 -55.18
CA LYS R 24 -28.44 33.30 -54.08
C LYS R 24 -29.86 33.36 -54.61
N CYS R 25 -30.09 34.06 -55.72
CA CYS R 25 -31.43 34.19 -56.26
C CYS R 25 -31.92 32.85 -56.82
N ASP R 26 -31.03 32.09 -57.44
CA ASP R 26 -31.40 30.74 -57.87
C ASP R 26 -31.83 29.88 -56.68
N LYS R 27 -31.05 29.95 -55.60
CA LYS R 27 -31.42 29.20 -54.39
C LYS R 27 -32.79 29.63 -53.87
N GLU R 28 -33.04 30.94 -53.83
CA GLU R 28 -34.32 31.43 -53.34
C GLU R 28 -35.46 30.96 -54.23
N GLU R 29 -35.24 30.90 -55.54
CA GLU R 29 -36.26 30.34 -56.43
C GLU R 29 -36.55 28.89 -56.08
N LYS R 30 -35.49 28.11 -55.86
CA LYS R 30 -35.68 26.71 -55.50
C LYS R 30 -36.51 26.58 -54.23
N ALA R 31 -36.32 27.51 -53.29
CA ALA R 31 -37.09 27.47 -52.04
C ALA R 31 -38.55 27.88 -52.27
N GLU R 32 -38.76 28.95 -53.02
CA GLU R 32 -40.11 29.42 -53.29
C GLU R 32 -40.92 28.39 -54.06
N LYS R 33 -40.26 27.52 -54.84
CA LYS R 33 -40.98 26.45 -55.50
C LYS R 33 -41.56 25.46 -54.48
N ALA R 34 -40.77 25.12 -53.46
CA ALA R 34 -41.30 24.30 -52.37
C ALA R 34 -42.49 24.98 -51.72
N LYS R 35 -42.37 26.29 -51.46
CA LYS R 35 -43.45 26.99 -50.77
C LYS R 35 -44.72 27.01 -51.61
N ILE R 36 -44.59 27.23 -52.92
CA ILE R 36 -45.77 27.26 -53.78
C ILE R 36 -46.40 25.87 -53.86
N GLU R 37 -45.59 24.82 -53.87
CA GLU R 37 -46.14 23.46 -53.83
C GLU R 37 -46.95 23.26 -52.55
N LYS R 38 -46.40 23.65 -51.41
CA LYS R 38 -47.14 23.54 -50.17
C LYS R 38 -48.45 24.30 -50.24
N ALA R 39 -48.40 25.55 -50.71
CA ALA R 39 -49.60 26.38 -50.71
C ALA R 39 -50.66 25.85 -51.68
N ILE R 40 -50.24 25.27 -52.80
CA ILE R 40 -51.22 24.67 -53.72
C ILE R 40 -51.77 23.39 -53.14
N GLN R 41 -51.03 22.74 -52.25
CA GLN R 41 -51.60 21.60 -51.52
C GLN R 41 -52.66 22.07 -50.53
N LYS R 42 -52.35 23.11 -49.75
CA LYS R 42 -53.31 23.64 -48.79
C LYS R 42 -54.53 24.26 -49.44
N GLY R 43 -54.48 24.54 -50.74
CA GLY R 43 -55.59 25.15 -51.44
C GLY R 43 -55.52 26.66 -51.55
N ASN R 44 -54.53 27.30 -50.93
CA ASN R 44 -54.40 28.76 -51.00
C ASN R 44 -54.04 29.17 -52.42
N MET R 45 -54.98 29.81 -53.10
CA MET R 45 -54.72 30.32 -54.45
C MET R 45 -53.90 31.61 -54.41
N GLU R 46 -54.21 32.50 -53.46
CA GLU R 46 -53.53 33.79 -53.41
C GLU R 46 -52.08 33.62 -52.96
N VAL R 47 -51.82 32.79 -51.96
CA VAL R 47 -50.45 32.55 -51.53
C VAL R 47 -49.68 31.84 -52.63
N ALA R 48 -50.34 30.95 -53.36
CA ALA R 48 -49.69 30.31 -54.50
C ALA R 48 -49.32 31.34 -55.56
N ARG R 49 -50.20 32.30 -55.82
CA ARG R 49 -49.88 33.37 -56.75
C ARG R 49 -48.68 34.18 -56.27
N ILE R 50 -48.66 34.52 -54.99
CA ILE R 50 -47.55 35.29 -54.43
C ILE R 50 -46.24 34.55 -54.60
N HIS R 51 -46.23 33.27 -54.22
CA HIS R 51 -44.99 32.51 -54.29
C HIS R 51 -44.57 32.24 -55.73
N ALA R 52 -45.53 32.11 -56.64
CA ALA R 52 -45.19 31.98 -58.06
C ALA R 52 -44.56 33.25 -58.59
N GLU R 53 -45.13 34.41 -58.24
CA GLU R 53 -44.52 35.68 -58.61
C GLU R 53 -43.08 35.77 -58.08
N ASN R 54 -42.89 35.41 -56.81
CA ASN R 54 -41.56 35.46 -56.22
C ASN R 54 -40.60 34.53 -56.97
N ALA R 55 -41.05 33.31 -57.29
CA ALA R 55 -40.18 32.35 -57.96
C ALA R 55 -39.79 32.82 -59.35
N ILE R 56 -40.76 33.28 -60.13
CA ILE R 56 -40.48 33.76 -61.47
C ILE R 56 -39.55 34.97 -61.42
N ARG R 57 -39.81 35.89 -60.49
CA ARG R 57 -38.96 37.05 -60.34
C ARG R 57 -37.53 36.65 -60.01
N GLN R 58 -37.37 35.72 -59.06
CA GLN R 58 -36.03 35.29 -58.69
C GLN R 58 -35.31 34.62 -59.84
N LYS R 59 -36.03 33.78 -60.60
CA LYS R 59 -35.42 33.15 -61.76
C LYS R 59 -34.93 34.19 -62.77
N ASN R 60 -35.81 35.13 -63.14
CA ASN R 60 -35.45 36.12 -64.13
C ASN R 60 -34.30 37.00 -63.65
N GLN R 61 -34.35 37.43 -62.38
CA GLN R 61 -33.30 38.31 -61.89
C GLN R 61 -31.99 37.55 -61.70
N ALA R 62 -32.05 36.24 -61.45
CA ALA R 62 -30.83 35.45 -61.40
C ALA R 62 -30.19 35.36 -62.78
N VAL R 63 -31.01 35.11 -63.81
CA VAL R 63 -30.48 35.09 -65.17
C VAL R 63 -29.87 36.45 -65.52
N ASN R 64 -30.55 37.53 -65.14
CA ASN R 64 -30.04 38.87 -65.44
C ASN R 64 -28.73 39.13 -64.71
N PHE R 65 -28.65 38.76 -63.44
CA PHE R 65 -27.41 38.92 -62.69
C PHE R 65 -26.29 38.12 -63.31
N LEU R 66 -26.60 36.91 -63.80
CA LEU R 66 -25.56 36.09 -64.41
C LEU R 66 -25.02 36.74 -65.67
N ARG R 67 -25.92 37.19 -66.55
CA ARG R 67 -25.48 37.86 -67.77
C ARG R 67 -24.69 39.12 -67.43
N MET R 68 -25.16 39.89 -66.45
CA MET R 68 -24.49 41.11 -66.04
C MET R 68 -23.09 40.82 -65.52
N SER R 69 -22.95 39.79 -64.69
CA SER R 69 -21.65 39.39 -64.18
C SER R 69 -20.73 38.94 -65.30
N ALA R 70 -21.28 38.25 -66.32
CA ALA R 70 -20.45 37.88 -67.46
C ALA R 70 -19.91 39.12 -68.17
N ARG R 71 -20.78 40.12 -68.38
CA ARG R 71 -20.34 41.34 -69.04
C ARG R 71 -19.24 42.03 -68.23
N VAL R 72 -19.47 42.18 -66.91
CA VAL R 72 -18.47 42.83 -66.08
C VAL R 72 -17.19 42.03 -66.03
N ASP R 73 -17.28 40.70 -66.10
CA ASP R 73 -16.09 39.87 -66.13
C ASP R 73 -15.29 40.12 -67.40
N ALA R 74 -15.97 40.21 -68.54
CA ALA R 74 -15.27 40.53 -69.79
C ALA R 74 -14.57 41.88 -69.68
N VAL R 75 -15.29 42.89 -69.18
CA VAL R 75 -14.71 44.23 -69.07
C VAL R 75 -13.51 44.21 -68.13
N ALA R 76 -13.61 43.49 -67.02
CA ALA R 76 -12.53 43.46 -66.04
C ALA R 76 -11.32 42.71 -66.58
N ALA R 77 -11.54 41.64 -67.34
CA ALA R 77 -10.43 40.96 -67.98
C ALA R 77 -9.73 41.89 -68.96
N ARG R 78 -10.50 42.63 -69.75
CA ARG R 78 -9.90 43.59 -70.67
C ARG R 78 -9.09 44.64 -69.93
N VAL R 79 -9.63 45.15 -68.82
CA VAL R 79 -8.92 46.20 -68.07
C VAL R 79 -7.66 45.64 -67.42
N GLN R 80 -7.71 44.39 -66.96
CA GLN R 80 -6.54 43.77 -66.37
C GLN R 80 -5.45 43.56 -67.41
N THR R 81 -5.85 43.11 -68.60
CA THR R 81 -4.90 43.05 -69.72
C THR R 81 -4.28 44.41 -69.98
N ALA R 82 -5.10 45.45 -70.00
CA ALA R 82 -4.60 46.80 -70.26
C ALA R 82 -3.61 47.22 -69.18
N VAL R 83 -3.90 46.91 -67.92
CA VAL R 83 -3.01 47.30 -66.83
C VAL R 83 -1.67 46.59 -66.96
N THR R 84 -1.69 45.27 -67.18
CA THR R 84 -0.45 44.53 -67.31
C THR R 84 0.36 45.03 -68.52
N MET R 85 -0.32 45.28 -69.64
CA MET R 85 0.39 45.78 -70.81
C MET R 85 0.92 47.18 -70.59
N GLY R 86 0.23 47.99 -69.78
CA GLY R 86 0.76 49.30 -69.46
C GLY R 86 2.02 49.23 -68.63
N LYS R 87 2.03 48.32 -67.64
CA LYS R 87 3.27 48.08 -66.89
C LYS R 87 4.39 47.64 -67.82
N VAL R 88 4.09 46.71 -68.74
CA VAL R 88 5.10 46.21 -69.66
C VAL R 88 5.61 47.34 -70.54
N THR R 89 4.71 48.18 -71.05
CA THR R 89 5.11 49.27 -71.93
C THR R 89 5.96 50.29 -71.18
N LYS R 90 5.59 50.60 -69.94
CA LYS R 90 6.39 51.51 -69.14
C LYS R 90 7.78 50.94 -68.90
N SER R 91 7.86 49.66 -68.57
CA SER R 91 9.17 49.04 -68.35
C SER R 91 10.01 49.06 -69.61
N MET R 92 9.39 48.81 -70.76
CA MET R 92 10.16 48.80 -72.01
C MET R 92 10.57 50.19 -72.42
N ALA R 93 9.77 51.21 -72.08
CA ALA R 93 10.18 52.59 -72.32
C ALA R 93 11.38 52.95 -71.45
N GLY R 94 11.34 52.59 -70.17
CA GLY R 94 12.49 52.81 -69.31
C GLY R 94 13.73 52.10 -69.83
N VAL R 95 13.56 50.85 -70.28
CA VAL R 95 14.69 50.10 -70.83
C VAL R 95 15.23 50.79 -72.07
N VAL R 96 14.34 51.29 -72.92
CA VAL R 96 14.77 51.98 -74.13
C VAL R 96 15.58 53.22 -73.78
N LYS R 97 15.11 53.98 -72.79
CA LYS R 97 15.84 55.17 -72.38
C LYS R 97 17.22 54.82 -71.85
N SER R 98 17.30 53.84 -70.95
CA SER R 98 18.58 53.46 -70.37
C SER R 98 19.53 52.93 -71.44
N MET R 99 19.03 52.05 -72.32
CA MET R 99 19.87 51.52 -73.39
C MET R 99 20.30 52.61 -74.35
N ASP R 100 19.44 53.61 -74.59
CA ASP R 100 19.85 54.72 -75.44
C ASP R 100 21.02 55.47 -74.83
N ALA R 101 20.88 55.85 -73.56
CA ALA R 101 21.98 56.52 -72.88
C ALA R 101 23.26 55.69 -72.95
N THR R 102 23.16 54.40 -72.65
CA THR R 102 24.34 53.55 -72.61
C THR R 102 24.97 53.43 -73.99
N LEU R 103 24.20 52.99 -74.99
CA LEU R 103 24.72 52.84 -76.34
C LEU R 103 25.22 54.15 -76.92
N LYS R 104 24.76 55.28 -76.38
CA LYS R 104 25.35 56.56 -76.75
C LYS R 104 26.73 56.69 -76.12
N THR R 105 26.84 56.35 -74.83
CA THR R 105 28.13 56.42 -74.15
C THR R 105 29.05 55.30 -74.63
N MET R 106 28.57 54.06 -74.57
CA MET R 106 29.35 52.88 -74.96
C MET R 106 28.79 52.39 -76.30
N ASN R 107 29.31 52.96 -77.39
CA ASN R 107 28.85 52.59 -78.72
C ASN R 107 29.75 51.50 -79.30
N LEU R 108 29.45 51.09 -80.53
CA LEU R 108 30.17 49.98 -81.14
C LEU R 108 31.61 50.35 -81.44
N GLU R 109 31.87 51.59 -81.87
CA GLU R 109 33.23 52.02 -82.09
C GLU R 109 34.05 51.92 -80.81
N LYS R 110 33.56 52.54 -79.74
CA LYS R 110 34.28 52.53 -78.48
C LYS R 110 34.44 51.12 -77.94
N ILE R 111 33.41 50.29 -78.08
CA ILE R 111 33.47 48.93 -77.58
C ILE R 111 34.52 48.12 -78.34
N SER R 112 34.52 48.24 -79.67
CA SER R 112 35.51 47.53 -80.48
C SER R 112 36.92 47.98 -80.13
N ALA R 113 37.13 49.29 -79.99
CA ALA R 113 38.45 49.79 -79.64
C ALA R 113 38.87 49.30 -78.26
N LEU R 114 37.94 49.34 -77.30
CA LEU R 114 38.23 48.87 -75.95
C LEU R 114 38.61 47.40 -75.95
N MET R 115 37.97 46.61 -76.80
CA MET R 115 38.26 45.18 -76.83
C MET R 115 39.58 44.89 -77.52
N ASP R 116 39.88 45.61 -78.60
CA ASP R 116 41.20 45.50 -79.19
C ASP R 116 42.28 45.86 -78.16
N LYS R 117 42.02 46.90 -77.35
CA LYS R 117 42.96 47.30 -76.32
C LYS R 117 43.10 46.21 -75.26
N PHE R 118 41.99 45.62 -74.83
CA PHE R 118 42.03 44.52 -73.87
C PHE R 118 42.90 43.37 -74.40
N GLU R 119 42.64 42.96 -75.64
CA GLU R 119 43.40 41.87 -76.24
C GLU R 119 44.87 42.20 -76.30
N HIS R 120 45.22 43.41 -76.76
CA HIS R 120 46.63 43.76 -76.89
C HIS R 120 47.31 43.87 -75.53
N GLN R 121 46.61 44.43 -74.54
CA GLN R 121 47.18 44.54 -73.21
C GLN R 121 47.45 43.17 -72.62
N PHE R 122 46.53 42.22 -72.79
CA PHE R 122 46.75 40.91 -72.22
C PHE R 122 47.72 40.07 -73.04
N GLU R 123 47.90 40.38 -74.32
CA GLU R 123 49.00 39.79 -75.07
C GLU R 123 50.35 40.28 -74.54
N THR R 124 50.45 41.60 -74.33
CA THR R 124 51.64 42.15 -73.69
C THR R 124 51.87 41.50 -72.34
N LEU R 125 50.79 41.24 -71.60
CA LEU R 125 50.92 40.56 -70.31
C LEU R 125 51.37 39.11 -70.48
N ASP R 126 50.98 38.49 -71.60
CA ASP R 126 51.42 37.12 -71.94
C ASP R 126 52.94 37.12 -72.14
N VAL R 127 53.46 38.16 -72.81
CA VAL R 127 54.88 38.30 -73.07
C VAL R 127 55.63 38.56 -71.76
N GLN R 128 55.09 39.46 -70.95
CA GLN R 128 55.68 39.75 -69.64
C GLN R 128 55.74 38.49 -68.79
N THR R 129 54.66 37.71 -68.78
CA THR R 129 54.63 36.48 -67.98
C THR R 129 55.69 35.50 -68.46
N GLN R 130 55.81 35.32 -69.77
CA GLN R 130 56.81 34.41 -70.31
C GLN R 130 58.21 34.83 -69.90
N GLN R 131 58.54 36.11 -70.10
CA GLN R 131 59.88 36.59 -69.76
C GLN R 131 60.14 36.50 -68.27
N MET R 132 59.16 36.94 -67.47
CA MET R 132 59.27 36.86 -66.02
C MET R 132 59.50 35.43 -65.57
N GLU R 133 58.86 34.47 -66.24
CA GLU R 133 59.01 33.07 -65.85
C GLU R 133 60.37 32.54 -66.25
N ASP R 134 60.83 32.89 -67.44
CA ASP R 134 62.19 32.55 -67.83
C ASP R 134 63.19 33.02 -66.79
N THR R 135 63.04 34.27 -66.34
CA THR R 135 63.99 34.80 -65.36
C THR R 135 63.83 34.12 -64.00
N MET R 136 62.60 33.95 -63.55
CA MET R 136 62.36 33.26 -62.28
C MET R 136 63.03 31.89 -62.28
N SER R 137 62.95 31.18 -63.41
CA SER R 137 63.57 29.86 -63.49
C SER R 137 65.09 29.97 -63.52
N SER R 138 65.61 30.94 -64.27
CA SER R 138 67.07 31.11 -64.33
C SER R 138 67.65 31.50 -62.99
N THR R 139 66.85 32.13 -62.12
CA THR R 139 67.36 32.51 -60.80
C THR R 139 67.67 31.29 -59.96
N THR R 140 66.80 30.29 -59.97
CA THR R 140 66.92 29.11 -59.13
C THR R 140 67.14 27.91 -60.05
N THR R 141 68.40 27.66 -60.39
CA THR R 141 68.79 26.52 -61.19
C THR R 141 69.71 25.55 -60.48
N LEU R 142 70.38 25.99 -59.41
CA LEU R 142 71.26 25.11 -58.64
C LEU R 142 70.52 24.34 -57.56
N THR R 143 69.31 24.80 -57.18
CA THR R 143 68.48 24.04 -56.28
C THR R 143 67.64 23.00 -57.01
N THR R 144 67.39 23.21 -58.30
CA THR R 144 66.59 22.30 -59.13
C THR R 144 67.40 21.90 -60.35
N PRO R 145 68.33 20.96 -60.21
CA PRO R 145 69.07 20.49 -61.39
C PRO R 145 68.20 19.64 -62.28
N GLN R 146 68.30 19.89 -63.59
CA GLN R 146 67.51 19.14 -64.56
C GLN R 146 67.81 17.64 -64.46
N ASN R 147 69.08 17.29 -64.25
CA ASN R 147 69.46 15.88 -64.19
C ASN R 147 68.76 15.17 -63.03
N GLN R 148 68.71 15.82 -61.87
CA GLN R 148 68.06 15.20 -60.71
C GLN R 148 66.57 15.01 -60.94
N VAL R 149 65.91 15.99 -61.56
CA VAL R 149 64.48 15.86 -61.84
C VAL R 149 64.24 14.74 -62.84
N ASP R 150 65.05 14.66 -63.89
CA ASP R 150 64.92 13.57 -64.85
C ASP R 150 65.09 12.22 -64.17
N MET R 151 66.10 12.10 -63.31
CA MET R 151 66.33 10.83 -62.62
C MET R 151 65.17 10.49 -61.70
N LEU R 152 64.64 11.46 -60.96
CA LEU R 152 63.51 11.19 -60.09
C LEU R 152 62.31 10.71 -60.90
N LEU R 153 62.04 11.36 -62.03
CA LEU R 153 60.91 10.93 -62.84
C LEU R 153 61.13 9.53 -63.39
N GLN R 154 62.34 9.22 -63.83
CA GLN R 154 62.61 7.89 -64.34
C GLN R 154 62.42 6.84 -63.26
N GLU R 155 62.92 7.11 -62.04
CA GLU R 155 62.76 6.15 -60.96
C GLU R 155 61.31 5.96 -60.59
N MET R 156 60.55 7.05 -60.50
CA MET R 156 59.14 6.94 -60.13
C MET R 156 58.36 6.19 -61.21
N ALA R 157 58.67 6.43 -62.48
CA ALA R 157 58.02 5.69 -63.55
C ALA R 157 58.35 4.21 -63.46
N ASP R 158 59.64 3.87 -63.41
CA ASP R 158 60.04 2.47 -63.36
C ASP R 158 59.42 1.77 -62.16
N GLU R 159 59.31 2.46 -61.01
CA GLU R 159 58.65 1.87 -59.87
C GLU R 159 57.17 1.65 -60.15
N ALA R 160 56.49 2.64 -60.74
CA ALA R 160 55.11 2.48 -61.12
C ALA R 160 54.93 1.54 -62.31
N GLY R 161 56.02 1.14 -62.95
CA GLY R 161 55.96 0.26 -64.10
C GLY R 161 55.49 0.91 -65.37
N LEU R 162 54.95 2.13 -65.31
CA LEU R 162 54.40 2.80 -66.47
C LEU R 162 55.52 3.43 -67.29
N ASP R 163 55.15 4.24 -68.28
CA ASP R 163 56.11 4.97 -69.10
C ASP R 163 55.58 6.39 -69.28
N LEU R 164 56.50 7.28 -69.67
CA LEU R 164 56.20 8.70 -69.78
C LEU R 164 56.29 9.11 -71.25
N ASN R 165 55.22 9.70 -71.75
CA ASN R 165 55.17 10.18 -73.13
C ASN R 165 54.72 11.64 -73.18
N GLU R 187 78.38 13.63 -70.25
CA GLU R 187 77.86 12.82 -71.34
C GLU R 187 78.05 13.53 -72.68
N LEU R 188 77.00 14.20 -73.15
CA LEU R 188 77.11 14.96 -74.39
C LEU R 188 78.09 16.11 -74.25
N SER R 189 78.18 16.70 -73.04
CA SER R 189 79.06 17.84 -72.83
C SER R 189 80.50 17.49 -73.16
N GLN R 190 80.91 16.25 -72.88
CA GLN R 190 82.29 15.86 -73.17
C GLN R 190 82.53 15.78 -74.67
N ARG R 191 81.58 15.23 -75.43
CA ARG R 191 81.72 15.20 -76.87
C ARG R 191 81.75 16.62 -77.45
N LEU R 192 80.92 17.50 -76.89
CA LEU R 192 80.90 18.88 -77.37
C LEU R 192 82.21 19.59 -77.04
N ALA R 193 82.81 19.29 -75.89
CA ALA R 193 84.09 19.89 -75.55
C ALA R 193 85.20 19.36 -76.47
N ARG R 194 85.21 18.06 -76.74
CA ARG R 194 86.18 17.51 -77.68
C ARG R 194 86.01 18.13 -79.05
N LEU R 195 84.77 18.39 -79.47
CA LEU R 195 84.53 19.06 -80.73
C LEU R 195 85.01 20.50 -80.69
N ARG R 196 84.86 21.16 -79.53
CA ARG R 196 85.32 22.54 -79.38
C ARG R 196 86.83 22.63 -79.48
N ASP R 197 87.54 21.64 -78.94
CA ASP R 197 88.99 21.61 -79.07
C ASP R 197 89.40 21.55 -80.54
N GLN R 198 88.61 20.88 -81.38
CA GLN R 198 88.88 20.81 -82.81
C GLN R 198 90.25 20.22 -83.08
N PHE S 6 96.93 52.34 -54.90
CA PHE S 6 96.80 50.89 -54.92
C PHE S 6 96.77 50.33 -53.51
N LYS S 7 95.77 49.46 -53.26
CA LYS S 7 95.56 48.78 -51.95
C LYS S 7 95.72 47.28 -52.17
N ALA S 8 96.50 46.61 -51.31
CA ALA S 8 96.76 45.19 -51.48
C ALA S 8 95.58 44.34 -51.01
N GLU S 9 95.13 44.56 -49.76
CA GLU S 9 94.04 43.76 -49.23
C GLU S 9 92.78 43.91 -50.06
N ARG S 10 92.55 45.10 -50.61
CA ARG S 10 91.43 45.28 -51.52
C ARG S 10 91.55 44.34 -52.72
N LEU S 11 92.74 44.26 -53.30
CA LEU S 11 92.97 43.36 -54.43
C LEU S 11 92.75 41.91 -54.03
N ARG S 12 93.24 41.53 -52.86
CA ARG S 12 93.05 40.17 -52.36
C ARG S 12 91.57 39.82 -52.25
N VAL S 13 90.80 40.69 -51.60
CA VAL S 13 89.38 40.44 -51.39
C VAL S 13 88.65 40.38 -52.73
N ASN S 14 88.98 41.30 -53.63
CA ASN S 14 88.32 41.29 -54.93
C ASN S 14 88.67 40.05 -55.73
N LEU S 15 89.90 39.54 -55.58
CA LEU S 15 90.26 38.30 -56.27
C LEU S 15 89.46 37.12 -55.74
N ARG S 16 89.33 37.02 -54.41
CA ARG S 16 88.51 35.94 -53.85
C ARG S 16 87.07 36.04 -54.31
N LEU S 17 86.53 37.27 -54.33
CA LEU S 17 85.16 37.46 -54.79
C LEU S 17 85.00 37.08 -56.24
N VAL S 18 85.97 37.45 -57.08
CA VAL S 18 85.92 37.09 -58.50
C VAL S 18 85.93 35.58 -58.66
N ILE S 19 86.76 34.89 -57.86
CA ILE S 19 86.81 33.43 -57.94
C ILE S 19 85.44 32.84 -57.63
N ASN S 20 84.85 33.26 -56.51
CA ASN S 20 83.54 32.73 -56.12
C ASN S 20 82.49 33.01 -57.19
N ARG S 21 82.47 34.25 -57.70
CA ARG S 21 81.51 34.64 -58.71
C ARG S 21 81.67 33.79 -59.97
N LEU S 22 82.91 33.55 -60.39
CA LEU S 22 83.15 32.74 -61.57
C LEU S 22 82.67 31.31 -61.37
N LYS S 23 82.88 30.76 -60.17
CA LYS S 23 82.37 29.43 -59.87
C LYS S 23 80.85 29.38 -60.04
N LEU S 24 80.15 30.29 -59.37
CA LEU S 24 78.69 30.32 -59.47
C LEU S 24 78.25 30.47 -60.92
N LEU S 25 78.89 31.38 -61.66
CA LEU S 25 78.47 31.66 -63.02
C LEU S 25 78.67 30.45 -63.92
N GLU S 26 79.82 29.77 -63.82
CA GLU S 26 80.06 28.62 -64.69
C GLU S 26 79.10 27.50 -64.35
N LYS S 27 78.82 27.28 -63.06
CA LYS S 27 77.81 26.28 -62.69
C LYS S 27 76.48 26.57 -63.38
N LYS S 28 75.92 27.76 -63.12
CA LYS S 28 74.58 28.04 -63.63
C LYS S 28 74.58 28.11 -65.16
N LYS S 29 75.71 28.48 -65.77
CA LYS S 29 75.78 28.53 -67.22
C LYS S 29 75.80 27.13 -67.80
N THR S 30 76.47 26.18 -67.15
CA THR S 30 76.40 24.79 -67.57
C THR S 30 74.95 24.29 -67.52
N GLU S 31 74.25 24.60 -66.44
CA GLU S 31 72.85 24.18 -66.33
C GLU S 31 72.00 24.78 -67.45
N LEU S 32 72.08 26.09 -67.62
CA LEU S 32 71.33 26.75 -68.69
C LEU S 32 71.70 26.21 -70.05
N ALA S 33 72.97 25.80 -70.23
CA ALA S 33 73.39 25.23 -71.51
C ALA S 33 72.73 23.90 -71.75
N GLN S 34 72.62 23.06 -70.72
CA GLN S 34 71.85 21.82 -70.85
C GLN S 34 70.43 22.12 -71.31
N LYS S 35 69.76 23.05 -70.63
CA LYS S 35 68.36 23.33 -70.96
C LYS S 35 68.22 23.87 -72.39
N ALA S 36 69.12 24.78 -72.78
CA ALA S 36 69.00 25.36 -74.11
C ALA S 36 69.41 24.36 -75.19
N ARG S 37 70.27 23.40 -74.86
CA ARG S 37 70.53 22.30 -75.79
C ARG S 37 69.28 21.47 -76.01
N LYS S 38 68.55 21.18 -74.94
CA LYS S 38 67.25 20.53 -75.10
C LYS S 38 66.34 21.35 -76.00
N GLU S 39 66.34 22.67 -75.82
CA GLU S 39 65.53 23.53 -76.67
C GLU S 39 65.94 23.42 -78.14
N ILE S 40 67.25 23.37 -78.40
CA ILE S 40 67.72 23.24 -79.78
C ILE S 40 67.29 21.90 -80.36
N ALA S 41 67.33 20.84 -79.54
CA ALA S 41 66.84 19.56 -80.00
C ALA S 41 65.38 19.64 -80.40
N ASP S 42 64.56 20.29 -79.57
CA ASP S 42 63.17 20.49 -79.92
C ASP S 42 63.03 21.27 -81.23
N TYR S 43 63.85 22.31 -81.40
CA TYR S 43 63.81 23.08 -82.64
C TYR S 43 64.12 22.21 -83.84
N LEU S 44 65.10 21.32 -83.71
CA LEU S 44 65.46 20.45 -84.82
C LEU S 44 64.39 19.41 -85.08
N ALA S 45 63.62 19.02 -84.05
CA ALA S 45 62.52 18.10 -84.27
C ALA S 45 61.60 18.60 -85.37
N ALA S 46 61.32 19.91 -85.38
CA ALA S 46 60.56 20.52 -86.46
C ALA S 46 61.48 20.75 -87.66
N GLY S 47 60.90 21.31 -88.74
CA GLY S 47 61.68 21.61 -89.92
C GLY S 47 62.55 22.84 -89.82
N LYS S 48 62.43 23.60 -88.73
CA LYS S 48 63.23 24.80 -88.53
C LYS S 48 64.69 24.41 -88.34
N ASP S 49 65.53 24.77 -89.31
CA ASP S 49 66.96 24.45 -89.28
C ASP S 49 67.83 25.69 -89.19
N GLU S 50 67.58 26.69 -90.03
CA GLU S 50 68.42 27.90 -90.03
C GLU S 50 68.32 28.66 -88.71
N ARG S 51 67.29 28.38 -87.90
CA ARG S 51 67.13 29.00 -86.59
C ARG S 51 67.91 28.25 -85.51
N ALA S 52 67.92 26.92 -85.60
CA ALA S 52 68.71 26.13 -84.67
C ALA S 52 70.18 26.48 -84.76
N ARG S 53 70.64 26.93 -85.93
CA ARG S 53 72.03 27.37 -86.06
C ARG S 53 72.30 28.60 -85.21
N ILE S 54 71.35 29.54 -85.18
CA ILE S 54 71.50 30.71 -84.32
C ILE S 54 71.49 30.31 -82.85
N ARG S 55 70.57 29.41 -82.49
CA ARG S 55 70.52 28.97 -81.10
C ARG S 55 71.81 28.29 -80.69
N VAL S 56 72.38 27.45 -81.55
CA VAL S 56 73.61 26.77 -81.20
C VAL S 56 74.79 27.74 -81.24
N GLU S 57 74.69 28.80 -82.02
CA GLU S 57 75.69 29.87 -81.90
C GLU S 57 75.66 30.46 -80.49
N HIS S 58 74.46 30.77 -79.99
CA HIS S 58 74.31 31.16 -78.59
C HIS S 58 75.01 30.17 -77.68
N ILE S 59 74.75 28.87 -77.89
CA ILE S 59 75.26 27.85 -76.98
C ILE S 59 76.77 27.83 -76.98
N ILE S 60 77.39 27.83 -78.17
CA ILE S 60 78.83 27.69 -78.23
C ILE S 60 79.51 28.98 -77.77
N ARG S 61 78.87 30.13 -77.96
CA ARG S 61 79.36 31.35 -77.34
C ARG S 61 79.40 31.19 -75.82
N GLU S 62 78.30 30.69 -75.24
CA GLU S 62 78.26 30.50 -73.80
C GLU S 62 79.31 29.49 -73.33
N ASP S 63 79.59 28.47 -74.15
CA ASP S 63 80.59 27.47 -73.76
C ASP S 63 82.00 28.04 -73.81
N TYR S 64 82.32 28.78 -74.88
CA TYR S 64 83.57 29.54 -74.90
C TYR S 64 83.68 30.40 -73.66
N LEU S 65 82.58 31.05 -73.28
CA LEU S 65 82.59 31.94 -72.12
C LEU S 65 82.89 31.16 -70.84
N VAL S 66 82.29 29.99 -70.68
CA VAL S 66 82.53 29.18 -69.48
C VAL S 66 83.99 28.74 -69.42
N GLU S 67 84.55 28.33 -70.56
CA GLU S 67 85.96 27.95 -70.57
C GLU S 67 86.86 29.13 -70.23
N ALA S 68 86.54 30.31 -70.78
CA ALA S 68 87.32 31.50 -70.46
C ALA S 68 87.21 31.84 -68.98
N MET S 69 86.04 31.66 -68.39
CA MET S 69 85.88 31.91 -66.97
C MET S 69 86.68 30.92 -66.13
N GLU S 70 86.76 29.66 -66.59
CA GLU S 70 87.62 28.69 -65.91
C GLU S 70 89.07 29.15 -65.93
N ILE S 71 89.55 29.59 -67.11
CA ILE S 71 90.92 30.05 -67.23
C ILE S 71 91.15 31.26 -66.32
N LEU S 72 90.19 32.17 -66.27
CA LEU S 72 90.35 33.37 -65.46
C LEU S 72 90.35 33.05 -63.98
N GLU S 73 89.50 32.11 -63.56
CA GLU S 73 89.53 31.64 -62.18
C GLU S 73 90.89 31.04 -61.85
N LEU S 74 91.44 30.25 -62.77
CA LEU S 74 92.78 29.70 -62.59
C LEU S 74 93.79 30.81 -62.36
N TYR S 75 93.76 31.85 -63.21
CA TYR S 75 94.76 32.91 -63.11
C TYR S 75 94.58 33.73 -61.84
N CYS S 76 93.33 34.02 -61.46
CA CYS S 76 93.09 34.74 -60.21
C CYS S 76 93.62 33.94 -59.03
N ASP S 77 93.37 32.64 -58.99
CA ASP S 77 93.90 31.82 -57.91
C ASP S 77 95.42 31.79 -57.94
N LEU S 78 96.02 31.83 -59.14
CA LEU S 78 97.47 31.87 -59.23
C LEU S 78 98.01 33.13 -58.59
N LEU S 79 97.43 34.28 -58.94
CA LEU S 79 97.83 35.54 -58.30
C LEU S 79 97.64 35.48 -56.80
N LEU S 80 96.52 34.90 -56.35
CA LEU S 80 96.22 34.82 -54.94
C LEU S 80 97.18 33.89 -54.20
N ALA S 81 97.76 32.91 -54.89
CA ALA S 81 98.74 32.02 -54.27
C ALA S 81 100.12 32.67 -54.21
N ARG S 82 100.42 33.62 -55.08
CA ARG S 82 101.68 34.33 -55.13
C ARG S 82 101.48 35.80 -54.83
N PHE S 83 100.65 36.09 -53.83
CA PHE S 83 100.32 37.48 -53.50
C PHE S 83 101.49 38.18 -52.83
N GLY S 84 102.19 37.50 -51.95
CA GLY S 84 103.37 38.09 -51.34
C GLY S 84 104.40 38.50 -52.38
N LEU S 85 104.55 37.68 -53.43
CA LEU S 85 105.46 38.05 -54.51
C LEU S 85 104.99 39.29 -55.24
N ILE S 86 103.70 39.59 -55.16
CA ILE S 86 103.19 40.85 -55.69
C ILE S 86 103.57 42.00 -54.77
N GLN S 87 103.38 41.81 -53.46
CA GLN S 87 103.61 42.90 -52.51
C GLN S 87 105.10 43.23 -52.41
N SER S 88 105.97 42.22 -52.50
CA SER S 88 107.40 42.44 -52.28
C SER S 88 108.01 43.22 -53.43
N MET S 89 107.97 42.67 -54.64
CA MET S 89 108.55 43.34 -55.79
C MET S 89 107.73 44.57 -56.16
N LYS S 90 108.33 45.40 -57.02
CA LYS S 90 107.64 46.54 -57.60
C LYS S 90 107.27 46.33 -59.06
N GLU S 91 108.04 45.54 -59.78
CA GLU S 91 107.71 45.13 -61.15
C GLU S 91 107.39 43.64 -61.15
N LEU S 92 106.37 43.27 -61.90
CA LEU S 92 105.93 41.88 -61.93
C LEU S 92 106.99 40.99 -62.57
N ASP S 93 107.14 39.79 -62.04
CA ASP S 93 108.07 38.82 -62.59
C ASP S 93 107.43 38.09 -63.75
N SER S 94 108.16 37.12 -64.32
CA SER S 94 107.66 36.37 -65.46
C SER S 94 106.51 35.45 -65.05
N GLY S 95 106.60 34.85 -63.86
CA GLY S 95 105.57 33.94 -63.41
C GLY S 95 104.20 34.56 -63.29
N LEU S 96 104.13 35.89 -63.18
CA LEU S 96 102.86 36.59 -63.03
C LEU S 96 102.53 37.48 -64.22
N ALA S 97 103.35 37.48 -65.27
CA ALA S 97 103.08 38.31 -66.43
C ALA S 97 101.78 37.91 -67.10
N GLU S 98 101.60 36.61 -67.34
CA GLU S 98 100.40 36.15 -68.04
C GLU S 98 99.14 36.46 -67.26
N SER S 99 99.14 36.14 -65.96
CA SER S 99 97.96 36.38 -65.15
C SER S 99 97.55 37.85 -65.18
N VAL S 100 98.51 38.75 -64.90
CA VAL S 100 98.22 40.17 -64.85
C VAL S 100 97.73 40.65 -66.22
N SER S 101 98.44 40.25 -67.28
CA SER S 101 98.09 40.70 -68.62
C SER S 101 96.67 40.29 -68.97
N THR S 102 96.34 39.02 -68.76
CA THR S 102 95.00 38.54 -69.12
C THR S 102 93.93 39.16 -68.25
N LEU S 103 94.20 39.32 -66.95
CA LEU S 103 93.20 39.90 -66.06
C LEU S 103 92.98 41.38 -66.33
N ILE S 104 93.96 42.05 -66.93
CA ILE S 104 93.74 43.43 -67.34
C ILE S 104 93.05 43.50 -68.70
N TRP S 105 93.33 42.55 -69.59
CA TRP S 105 92.76 42.59 -70.93
C TRP S 105 91.31 42.13 -70.95
N ALA S 106 90.97 41.13 -70.14
CA ALA S 106 89.64 40.55 -70.14
C ALA S 106 88.65 41.30 -69.26
N ALA S 107 89.14 42.16 -68.37
CA ALA S 107 88.24 42.88 -67.46
C ALA S 107 87.15 43.62 -68.21
N PRO S 108 87.46 44.48 -69.19
CA PRO S 108 86.36 45.16 -69.92
C PRO S 108 85.48 44.20 -70.68
N ARG S 109 86.01 43.03 -71.07
CA ARG S 109 85.18 42.04 -71.77
C ARG S 109 84.10 41.49 -70.85
N LEU S 110 84.50 40.98 -69.68
CA LEU S 110 83.58 40.38 -68.73
C LEU S 110 83.20 41.34 -67.61
N GLN S 111 83.26 42.65 -67.86
CA GLN S 111 82.92 43.61 -66.82
C GLN S 111 81.46 43.52 -66.42
N SER S 112 80.58 43.16 -67.35
CA SER S 112 79.16 43.08 -67.04
C SER S 112 78.85 41.85 -66.20
N GLU S 113 79.42 40.70 -66.56
CA GLU S 113 79.18 39.47 -65.81
C GLU S 113 79.78 39.58 -64.41
N VAL S 114 81.07 39.85 -64.32
CA VAL S 114 81.79 39.94 -63.06
C VAL S 114 82.19 41.40 -62.87
N ALA S 115 81.63 42.04 -61.84
CA ALA S 115 81.93 43.44 -61.58
C ALA S 115 83.27 43.59 -60.89
N GLU S 116 83.55 42.76 -59.89
CA GLU S 116 84.79 42.87 -59.14
C GLU S 116 86.02 42.76 -60.02
N LEU S 117 85.88 42.15 -61.21
CA LEU S 117 87.00 42.02 -62.12
C LEU S 117 87.54 43.38 -62.53
N LYS S 118 86.67 44.39 -62.65
CA LYS S 118 87.12 45.72 -62.99
C LYS S 118 87.97 46.31 -61.87
N ILE S 119 87.60 46.05 -60.61
CA ILE S 119 88.40 46.51 -59.49
C ILE S 119 89.75 45.80 -59.47
N VAL S 120 89.76 44.51 -59.79
CA VAL S 120 91.03 43.80 -59.89
C VAL S 120 91.91 44.44 -60.95
N ALA S 121 91.33 44.73 -62.12
CA ALA S 121 92.08 45.39 -63.18
C ALA S 121 92.61 46.74 -62.72
N ASP S 122 91.82 47.48 -61.96
CA ASP S 122 92.28 48.75 -61.42
C ASP S 122 93.50 48.57 -60.54
N GLN S 123 93.40 47.69 -59.54
CA GLN S 123 94.52 47.48 -58.63
C GLN S 123 95.76 46.99 -59.37
N LEU S 124 95.57 46.27 -60.48
CA LEU S 124 96.72 45.79 -61.24
C LEU S 124 97.25 46.82 -62.22
N CYS S 125 96.47 47.84 -62.54
CA CYS S 125 96.95 48.94 -63.37
C CYS S 125 97.49 50.09 -62.54
N ALA S 126 96.95 50.30 -61.34
CA ALA S 126 97.42 51.34 -60.44
C ALA S 126 98.71 50.96 -59.71
N LYS S 127 99.11 49.70 -59.77
CA LYS S 127 100.33 49.25 -59.09
C LYS S 127 101.56 49.36 -59.98
N TYR S 128 101.38 49.39 -61.29
CA TYR S 128 102.49 49.37 -62.24
C TYR S 128 102.53 50.65 -63.05
N SER S 129 103.74 51.07 -63.41
CA SER S 129 103.94 52.25 -64.24
C SER S 129 104.69 51.95 -65.54
N LYS S 130 105.48 50.88 -65.58
CA LYS S 130 106.20 50.49 -66.79
C LYS S 130 105.20 49.99 -67.81
N GLU S 131 104.89 50.82 -68.81
CA GLU S 131 103.90 50.47 -69.83
C GLU S 131 102.53 50.21 -69.22
N TYR S 132 102.21 50.92 -68.14
CA TYR S 132 100.95 50.75 -67.41
C TYR S 132 100.15 52.04 -67.46
N GLY S 133 99.01 52.04 -66.80
CA GLY S 133 98.02 53.09 -66.98
C GLY S 133 97.08 52.74 -68.12
N LYS S 134 95.82 53.15 -67.98
CA LYS S 134 94.78 52.75 -68.93
C LYS S 134 95.30 52.71 -70.37
N LEU S 135 95.86 53.83 -70.82
CA LEU S 135 96.39 53.89 -72.19
C LEU S 135 97.53 52.89 -72.37
N CYS S 136 98.59 53.03 -71.56
CA CYS S 136 99.72 52.11 -71.68
C CYS S 136 99.35 50.70 -71.26
N ARG S 137 98.33 50.54 -70.42
CA ARG S 137 97.86 49.20 -70.06
C ARG S 137 97.23 48.51 -71.25
N THR S 138 96.53 49.28 -72.10
CA THR S 138 96.01 48.72 -73.34
C THR S 138 97.11 48.57 -74.39
N ASN S 139 98.14 49.41 -74.34
CA ASN S 139 99.24 49.30 -75.30
C ASN S 139 100.10 48.09 -75.02
N GLN S 140 100.34 47.78 -73.74
CA GLN S 140 101.17 46.65 -73.35
C GLN S 140 100.35 45.38 -73.11
N ILE S 141 99.22 45.22 -73.79
CA ILE S 141 98.36 44.07 -73.63
C ILE S 141 98.65 43.00 -74.68
N GLY S 142 99.81 43.08 -75.34
CA GLY S 142 100.16 42.14 -76.38
C GLY S 142 100.91 40.92 -75.88
N THR S 143 100.62 40.51 -74.63
CA THR S 143 101.25 39.34 -74.05
C THR S 143 100.24 38.46 -73.31
N VAL S 144 98.97 38.54 -73.65
CA VAL S 144 97.94 37.78 -72.96
C VAL S 144 97.83 36.39 -73.58
N ASN S 145 97.19 35.48 -72.85
CA ASN S 145 96.98 34.13 -73.33
C ASN S 145 96.13 34.15 -74.60
N ASP S 146 96.70 33.64 -75.69
CA ASP S 146 95.98 33.64 -76.96
C ASP S 146 94.72 32.79 -76.89
N ARG S 147 94.78 31.68 -76.16
CA ARG S 147 93.61 30.82 -76.05
C ARG S 147 92.43 31.58 -75.44
N LEU S 148 92.68 32.28 -74.33
CA LEU S 148 91.60 33.06 -73.71
C LEU S 148 91.11 34.15 -74.66
N MET S 149 92.02 34.76 -75.42
CA MET S 149 91.61 35.73 -76.42
C MET S 149 90.64 35.10 -77.41
N HIS S 150 90.89 33.84 -77.79
CA HIS S 150 90.01 33.17 -78.73
C HIS S 150 88.67 32.83 -78.09
N LYS S 151 88.68 32.40 -76.82
CA LYS S 151 87.43 32.07 -76.15
C LYS S 151 86.53 33.29 -76.03
N LEU S 152 87.13 34.45 -75.75
CA LEU S 152 86.39 35.69 -75.62
C LEU S 152 86.39 36.51 -76.91
N SER S 153 86.77 35.89 -78.03
CA SER S 153 86.77 36.58 -79.31
C SER S 153 85.33 36.75 -79.79
N VAL S 154 84.96 37.99 -80.10
CA VAL S 154 83.60 38.29 -80.53
C VAL S 154 83.60 38.18 -82.06
N GLU S 155 83.31 36.98 -82.55
CA GLU S 155 83.33 36.71 -83.98
C GLU S 155 82.34 35.60 -84.29
N ALA S 156 81.83 35.62 -85.50
CA ALA S 156 80.92 34.57 -85.96
C ALA S 156 81.67 33.24 -85.99
N PRO S 157 81.29 32.26 -85.16
CA PRO S 157 82.03 30.99 -85.14
C PRO S 157 82.03 30.33 -86.50
N PRO S 158 82.95 29.41 -86.76
CA PRO S 158 83.00 28.75 -88.06
C PRO S 158 81.75 27.91 -88.31
N LYS S 159 81.27 27.93 -89.55
CA LYS S 159 80.03 27.25 -89.87
C LYS S 159 80.15 25.75 -89.68
N ILE S 160 81.30 25.17 -90.06
CA ILE S 160 81.48 23.73 -89.92
C ILE S 160 81.36 23.31 -88.45
N LEU S 161 81.89 24.17 -87.56
CA LEU S 161 81.84 23.90 -86.10
C LEU S 161 80.36 23.88 -85.67
N VAL S 162 79.56 24.81 -86.20
CA VAL S 162 78.10 24.88 -85.86
C VAL S 162 77.43 23.59 -86.36
N GLU S 163 77.80 23.13 -87.56
CA GLU S 163 77.21 21.88 -88.12
C GLU S 163 77.58 20.69 -87.22
N ARG S 164 78.83 20.65 -86.75
CA ARG S 164 79.29 19.55 -85.86
C ARG S 164 78.48 19.60 -84.55
N TYR S 165 78.25 20.81 -84.03
CA TYR S 165 77.47 20.99 -82.78
C TYR S 165 76.04 20.49 -83.00
N LEU S 166 75.46 20.79 -84.15
CA LEU S 166 74.10 20.35 -84.46
C LEU S 166 74.05 18.84 -84.66
N ILE S 167 75.04 18.29 -85.36
CA ILE S 167 75.09 16.85 -85.59
C ILE S 167 75.12 16.11 -84.26
N GLU S 168 75.98 16.56 -83.34
CA GLU S 168 76.09 15.88 -82.05
C GLU S 168 74.80 16.00 -81.25
N ILE S 169 74.20 17.19 -81.21
CA ILE S 169 72.98 17.37 -80.43
C ILE S 169 71.86 16.50 -81.00
N ALA S 170 71.73 16.47 -82.33
CA ALA S 170 70.72 15.62 -82.96
C ALA S 170 70.96 14.15 -82.63
N LYS S 171 72.19 13.69 -82.85
CA LYS S 171 72.52 12.29 -82.57
C LYS S 171 72.23 11.92 -81.13
N ASN S 172 72.37 12.88 -80.20
CA ASN S 172 72.12 12.57 -78.80
C ASN S 172 70.64 12.57 -78.47
N TYR S 173 69.88 13.51 -79.04
CA TYR S 173 68.46 13.65 -78.71
C TYR S 173 67.55 12.86 -79.66
N ASN S 174 68.11 11.93 -80.43
CA ASN S 174 67.31 11.03 -81.27
C ASN S 174 66.45 11.82 -82.25
N VAL S 175 67.06 12.81 -82.90
CA VAL S 175 66.38 13.63 -83.90
C VAL S 175 67.17 13.55 -85.20
N PRO S 176 66.51 13.39 -86.35
CA PRO S 176 67.24 13.43 -87.62
C PRO S 176 67.67 14.85 -87.98
N TYR S 177 68.79 14.93 -88.69
CA TYR S 177 69.30 16.22 -89.14
C TYR S 177 70.23 15.99 -90.33
N GLU S 178 70.02 16.75 -91.40
CA GLU S 178 70.83 16.66 -92.61
C GLU S 178 71.76 17.86 -92.69
N PRO S 179 73.05 17.71 -92.37
CA PRO S 179 73.94 18.87 -92.37
C PRO S 179 74.04 19.50 -93.74
N ASP S 180 74.36 20.79 -93.76
CA ASP S 180 74.60 21.51 -94.99
C ASP S 180 75.88 21.00 -95.62
N SER S 181 75.76 20.26 -96.72
CA SER S 181 76.92 19.64 -97.31
C SER S 181 77.95 20.69 -97.75
N VAL S 182 77.48 21.87 -98.19
CA VAL S 182 78.39 22.91 -98.68
C VAL S 182 79.45 23.22 -97.65
N VAL S 183 79.07 23.27 -96.37
CA VAL S 183 79.99 23.59 -95.28
C VAL S 183 80.45 22.30 -94.62
N MET S 184 79.59 21.28 -94.61
CA MET S 184 79.94 20.02 -93.97
C MET S 184 81.08 19.29 -94.68
N ALA S 185 81.29 19.57 -95.96
CA ALA S 185 82.34 18.91 -96.72
C ALA S 185 83.56 19.79 -96.97
N GLU S 186 83.38 21.11 -97.06
CA GLU S 186 84.49 22.02 -97.32
C GLU S 186 85.29 22.24 -96.03
N ASN T 3 -31.50 4.27 -54.62
CA ASN T 3 -32.84 4.77 -54.33
C ASN T 3 -33.89 3.82 -54.87
N MET T 4 -33.78 3.48 -56.17
CA MET T 4 -34.76 2.60 -56.79
C MET T 4 -34.73 1.20 -56.18
N GLU T 5 -33.57 0.77 -55.68
CA GLU T 5 -33.49 -0.55 -55.06
C GLU T 5 -34.39 -0.64 -53.84
N LYS T 6 -34.50 0.45 -53.08
CA LYS T 6 -35.40 0.47 -51.93
C LYS T 6 -36.85 0.31 -52.36
N HIS T 7 -37.24 1.01 -53.43
CA HIS T 7 -38.61 0.89 -53.93
C HIS T 7 -38.88 -0.52 -54.44
N LEU T 8 -37.90 -1.13 -55.11
CA LEU T 8 -38.06 -2.52 -55.54
C LEU T 8 -38.24 -3.45 -54.34
N PHE T 9 -37.44 -3.25 -53.30
CA PHE T 9 -37.58 -4.06 -52.10
C PHE T 9 -38.97 -3.92 -51.50
N ASN T 10 -39.47 -2.68 -51.41
CA ASN T 10 -40.81 -2.47 -50.85
C ASN T 10 -41.87 -3.13 -51.71
N LEU T 11 -41.71 -3.06 -53.04
CA LEU T 11 -42.69 -3.68 -53.93
C LEU T 11 -42.73 -5.19 -53.74
N LYS T 12 -41.56 -5.82 -53.70
CA LYS T 12 -41.52 -7.27 -53.52
C LYS T 12 -42.06 -7.66 -52.16
N PHE T 13 -41.78 -6.85 -51.13
CA PHE T 13 -42.33 -7.12 -49.81
C PHE T 13 -43.85 -7.05 -49.82
N ALA T 14 -44.41 -6.04 -50.50
CA ALA T 14 -45.85 -5.92 -50.58
C ALA T 14 -46.46 -7.11 -51.32
N ALA T 15 -45.81 -7.56 -52.39
CA ALA T 15 -46.31 -8.72 -53.12
C ALA T 15 -46.34 -9.96 -52.23
N LYS T 16 -45.24 -10.19 -51.49
CA LYS T 16 -45.20 -11.34 -50.60
C LYS T 16 -46.25 -11.24 -49.51
N GLU T 17 -46.47 -10.02 -49.00
CA GLU T 17 -47.51 -9.81 -47.99
C GLU T 17 -48.88 -10.15 -48.55
N LEU T 18 -49.16 -9.73 -49.78
CA LEU T 18 -50.45 -10.05 -50.40
C LEU T 18 -50.62 -11.56 -50.56
N SER T 19 -49.56 -12.25 -50.97
CA SER T 19 -49.63 -13.70 -51.12
C SER T 19 -49.92 -14.37 -49.79
N ARG T 20 -49.19 -13.96 -48.75
CA ARG T 20 -49.43 -14.51 -47.41
C ARG T 20 -50.86 -14.27 -46.98
N SER T 21 -51.37 -13.07 -47.22
CA SER T 21 -52.75 -12.75 -46.82
C SER T 21 -53.75 -13.61 -47.57
N ALA T 22 -53.51 -13.85 -48.86
CA ALA T 22 -54.40 -14.72 -49.62
C ALA T 22 -54.42 -16.13 -49.04
N LYS T 23 -53.23 -16.66 -48.72
CA LYS T 23 -53.16 -17.98 -48.10
C LYS T 23 -53.94 -18.02 -46.79
N LYS T 24 -53.71 -17.01 -45.95
CA LYS T 24 -54.39 -16.96 -44.66
C LYS T 24 -55.91 -16.88 -44.83
N CYS T 25 -56.37 -16.11 -45.81
CA CYS T 25 -57.81 -15.98 -46.02
C CYS T 25 -58.42 -17.27 -46.52
N ASP T 26 -57.70 -18.00 -47.39
CA ASP T 26 -58.16 -19.31 -47.81
C ASP T 26 -58.30 -20.24 -46.60
N LYS T 27 -57.30 -20.24 -45.72
CA LYS T 27 -57.37 -21.06 -44.51
C LYS T 27 -58.58 -20.68 -43.67
N GLU T 28 -58.81 -19.38 -43.50
CA GLU T 28 -59.94 -18.93 -42.69
C GLU T 28 -61.27 -19.35 -43.32
N GLU T 29 -61.35 -19.34 -44.65
CA GLU T 29 -62.55 -19.85 -45.32
C GLU T 29 -62.76 -21.33 -44.99
N LYS T 30 -61.68 -22.11 -45.08
CA LYS T 30 -61.78 -23.53 -44.77
C LYS T 30 -62.29 -23.75 -43.35
N ALA T 31 -61.89 -22.88 -42.42
CA ALA T 31 -62.36 -23.00 -41.03
C ALA T 31 -63.83 -22.60 -40.90
N GLU T 32 -64.20 -21.48 -41.51
CA GLU T 32 -65.58 -21.02 -41.43
C GLU T 32 -66.54 -22.01 -42.06
N LYS T 33 -66.08 -22.81 -43.01
CA LYS T 33 -66.94 -23.85 -43.55
C LYS T 33 -67.27 -24.91 -42.49
N ALA T 34 -66.27 -25.31 -41.71
CA ALA T 34 -66.53 -26.20 -40.58
C ALA T 34 -67.53 -25.57 -39.62
N LYS T 35 -67.36 -24.28 -39.33
CA LYS T 35 -68.25 -23.64 -38.36
C LYS T 35 -69.68 -23.57 -38.87
N ILE T 36 -69.85 -23.28 -40.17
CA ILE T 36 -71.20 -23.21 -40.74
C ILE T 36 -71.84 -24.60 -40.76
N GLU T 37 -71.04 -25.64 -41.02
CA GLU T 37 -71.57 -26.99 -40.93
C GLU T 37 -72.07 -27.29 -39.52
N LYS T 38 -71.27 -26.96 -38.51
CA LYS T 38 -71.69 -27.17 -37.14
C LYS T 38 -73.00 -26.41 -36.86
N ALA T 39 -73.05 -25.14 -37.24
CA ALA T 39 -74.21 -24.33 -36.92
C ALA T 39 -75.46 -24.82 -37.65
N ILE T 40 -75.33 -25.31 -38.88
CA ILE T 40 -76.49 -25.85 -39.57
C ILE T 40 -76.89 -27.19 -38.96
N GLN T 41 -75.97 -27.89 -38.31
CA GLN T 41 -76.36 -29.06 -37.54
C GLN T 41 -77.16 -28.68 -36.30
N LYS T 42 -76.68 -27.68 -35.56
CA LYS T 42 -77.38 -27.23 -34.36
C LYS T 42 -78.72 -26.57 -34.68
N GLY T 43 -78.98 -26.22 -35.94
CA GLY T 43 -80.22 -25.57 -36.32
C GLY T 43 -80.17 -24.06 -36.35
N ASN T 44 -79.06 -23.45 -35.94
CA ASN T 44 -78.95 -22.00 -35.95
C ASN T 44 -78.92 -21.49 -37.38
N MET T 45 -80.00 -20.81 -37.79
CA MET T 45 -80.05 -20.23 -39.13
C MET T 45 -79.25 -18.93 -39.19
N GLU T 46 -79.32 -18.11 -38.15
CA GLU T 46 -78.64 -16.82 -38.17
C GLU T 46 -77.14 -16.98 -38.09
N VAL T 47 -76.66 -17.88 -37.23
CA VAL T 47 -75.22 -18.12 -37.13
C VAL T 47 -74.72 -18.76 -38.42
N ALA T 48 -75.53 -19.62 -39.04
CA ALA T 48 -75.17 -20.17 -40.33
C ALA T 48 -75.04 -19.08 -41.39
N ARG T 49 -75.97 -18.11 -41.37
CA ARG T 49 -75.87 -16.98 -42.28
C ARG T 49 -74.59 -16.20 -42.05
N ILE T 50 -74.27 -15.93 -40.78
CA ILE T 50 -73.07 -15.17 -40.45
C ILE T 50 -71.83 -15.89 -40.97
N HIS T 51 -71.73 -17.19 -40.68
CA HIS T 51 -70.54 -17.93 -41.08
C HIS T 51 -70.47 -18.11 -42.59
N ALA T 52 -71.62 -18.19 -43.27
CA ALA T 52 -71.61 -18.23 -44.72
C ALA T 52 -71.12 -16.92 -45.31
N GLU T 53 -71.58 -15.79 -44.77
CA GLU T 53 -71.07 -14.50 -45.19
C GLU T 53 -69.57 -14.43 -45.00
N ASN T 54 -69.08 -14.86 -43.83
CA ASN T 54 -67.65 -14.83 -43.57
C ASN T 54 -66.89 -15.69 -44.58
N ALA T 55 -67.40 -16.89 -44.86
CA ALA T 55 -66.71 -17.81 -45.76
C ALA T 55 -66.66 -17.24 -47.17
N ILE T 56 -67.79 -16.76 -47.67
CA ILE T 56 -67.82 -16.18 -49.02
C ILE T 56 -66.90 -14.98 -49.10
N ARG T 57 -66.93 -14.12 -48.08
CA ARG T 57 -66.06 -12.95 -48.07
C ARG T 57 -64.60 -13.35 -48.10
N GLN T 58 -64.23 -14.34 -47.28
CA GLN T 58 -62.83 -14.77 -47.24
C GLN T 58 -62.40 -15.36 -48.57
N LYS T 59 -63.28 -16.16 -49.20
CA LYS T 59 -62.97 -16.71 -50.50
C LYS T 59 -62.72 -15.62 -51.53
N ASN T 60 -63.66 -14.67 -51.63
CA ASN T 60 -63.53 -13.60 -52.62
C ASN T 60 -62.30 -12.75 -52.36
N GLN T 61 -62.06 -12.39 -51.10
CA GLN T 61 -60.91 -11.54 -50.79
C GLN T 61 -59.59 -12.29 -50.97
N ALA T 62 -59.61 -13.60 -50.79
CA ALA T 62 -58.40 -14.39 -51.08
C ALA T 62 -58.11 -14.39 -52.57
N VAL T 63 -59.14 -14.58 -53.40
CA VAL T 63 -58.94 -14.50 -54.84
C VAL T 63 -58.42 -13.13 -55.23
N ASN T 64 -59.00 -12.08 -54.64
CA ASN T 64 -58.57 -10.72 -54.96
C ASN T 64 -57.12 -10.49 -54.55
N PHE T 65 -56.75 -10.94 -53.34
CA PHE T 65 -55.38 -10.80 -52.89
C PHE T 65 -54.43 -11.56 -53.81
N LEU T 66 -54.84 -12.72 -54.29
CA LEU T 66 -53.98 -13.50 -55.17
C LEU T 66 -53.74 -12.77 -56.48
N ARG T 67 -54.82 -12.28 -57.10
CA ARG T 67 -54.67 -11.52 -58.34
C ARG T 67 -53.82 -10.28 -58.13
N MET T 68 -54.05 -9.58 -57.01
CA MET T 68 -53.30 -8.38 -56.69
C MET T 68 -51.82 -8.68 -56.52
N SER T 69 -51.50 -9.76 -55.81
CA SER T 69 -50.11 -10.16 -55.64
C SER T 69 -49.48 -10.54 -56.97
N ALA T 70 -50.25 -11.17 -57.87
CA ALA T 70 -49.70 -11.46 -59.20
C ALA T 70 -49.35 -10.18 -59.94
N ARG T 71 -50.24 -9.19 -59.87
CA ARG T 71 -49.95 -7.91 -60.54
C ARG T 71 -48.70 -7.26 -59.96
N VAL T 72 -48.62 -7.19 -58.63
CA VAL T 72 -47.46 -6.58 -58.01
C VAL T 72 -46.19 -7.37 -58.30
N ASP T 73 -46.31 -8.69 -58.44
CA ASP T 73 -45.15 -9.50 -58.80
C ASP T 73 -44.67 -9.17 -60.20
N ALA T 74 -45.60 -9.02 -61.14
CA ALA T 74 -45.20 -8.61 -62.49
C ALA T 74 -44.50 -7.27 -62.46
N VAL T 75 -45.08 -6.30 -61.74
CA VAL T 75 -44.48 -4.96 -61.70
C VAL T 75 -43.09 -5.01 -61.07
N ALA T 76 -42.95 -5.81 -60.00
CA ALA T 76 -41.66 -5.88 -59.30
C ALA T 76 -40.61 -6.58 -60.16
N ALA T 77 -41.01 -7.61 -60.90
CA ALA T 77 -40.08 -8.24 -61.82
C ALA T 77 -39.61 -7.25 -62.88
N ARG T 78 -40.55 -6.46 -63.42
CA ARG T 78 -40.18 -5.45 -64.40
C ARG T 78 -39.21 -4.43 -63.80
N VAL T 79 -39.47 -3.99 -62.57
CA VAL T 79 -38.62 -2.99 -61.94
C VAL T 79 -37.23 -3.57 -61.63
N GLN T 80 -37.18 -4.84 -61.25
CA GLN T 80 -35.90 -5.49 -60.98
C GLN T 80 -35.09 -5.61 -62.26
N THR T 81 -35.75 -5.99 -63.37
CA THR T 81 -35.09 -5.98 -64.67
C THR T 81 -34.54 -4.60 -64.98
N ALA T 82 -35.35 -3.56 -64.74
CA ALA T 82 -34.91 -2.20 -65.02
C ALA T 82 -33.70 -1.82 -64.18
N VAL T 83 -33.69 -2.23 -62.90
CA VAL T 83 -32.57 -1.89 -62.03
C VAL T 83 -31.29 -2.57 -62.52
N THR T 84 -31.38 -3.87 -62.80
CA THR T 84 -30.21 -4.59 -63.27
C THR T 84 -29.69 -4.01 -64.58
N MET T 85 -30.60 -3.70 -65.50
CA MET T 85 -30.19 -3.12 -66.77
C MET T 85 -29.62 -1.72 -66.60
N GLY T 86 -30.10 -0.97 -65.60
CA GLY T 86 -29.51 0.33 -65.32
C GLY T 86 -28.09 0.20 -64.81
N LYS T 87 -27.85 -0.75 -63.92
CA LYS T 87 -26.48 -1.03 -63.50
C LYS T 87 -25.61 -1.40 -64.68
N VAL T 88 -26.12 -2.27 -65.56
CA VAL T 88 -25.34 -2.70 -66.73
C VAL T 88 -25.04 -1.51 -67.63
N THR T 89 -26.03 -0.66 -67.87
CA THR T 89 -25.85 0.49 -68.74
C THR T 89 -24.86 1.47 -68.14
N LYS T 90 -24.92 1.71 -66.84
CA LYS T 90 -23.95 2.58 -66.18
C LYS T 90 -22.54 2.01 -66.31
N SER T 91 -22.39 0.70 -66.09
CA SER T 91 -21.07 0.09 -66.20
C SER T 91 -20.54 0.20 -67.63
N MET T 92 -21.41 0.01 -68.62
CA MET T 92 -20.95 0.08 -70.01
C MET T 92 -20.65 1.52 -70.41
N ALA T 93 -21.35 2.49 -69.83
CA ALA T 93 -20.99 3.89 -70.08
C ALA T 93 -19.63 4.22 -69.49
N GLY T 94 -19.37 3.77 -68.26
CA GLY T 94 -18.05 3.96 -67.69
C GLY T 94 -16.96 3.29 -68.51
N VAL T 95 -17.24 2.08 -68.98
CA VAL T 95 -16.27 1.37 -69.82
C VAL T 95 -16.04 2.13 -71.12
N VAL T 96 -17.11 2.68 -71.71
CA VAL T 96 -16.95 3.45 -72.94
C VAL T 96 -16.08 4.67 -72.70
N LYS T 97 -16.30 5.38 -71.58
CA LYS T 97 -15.49 6.55 -71.28
C LYS T 97 -14.02 6.18 -71.11
N SER T 98 -13.76 5.14 -70.31
CA SER T 98 -12.38 4.74 -70.07
C SER T 98 -11.70 4.30 -71.37
N MET T 99 -12.39 3.47 -72.16
CA MET T 99 -11.82 3.01 -73.42
C MET T 99 -11.63 4.16 -74.40
N ASP T 100 -12.51 5.16 -74.36
CA ASP T 100 -12.32 6.33 -75.21
C ASP T 100 -11.04 7.05 -74.84
N ALA T 101 -10.86 7.35 -73.55
CA ALA T 101 -9.64 8.00 -73.10
C ALA T 101 -8.41 7.19 -73.52
N THR T 102 -8.45 5.88 -73.27
CA THR T 102 -7.28 5.04 -73.57
C THR T 102 -6.99 5.01 -75.07
N LEU T 103 -7.97 4.62 -75.87
CA LEU T 103 -7.79 4.55 -77.32
C LEU T 103 -7.43 5.91 -77.92
N LYS T 104 -7.75 7.01 -77.23
CA LYS T 104 -7.25 8.30 -77.65
C LYS T 104 -5.77 8.42 -77.33
N THR T 105 -5.37 8.01 -76.13
CA THR T 105 -3.95 8.04 -75.77
C THR T 105 -3.17 6.97 -76.52
N MET T 106 -3.62 5.72 -76.42
CA MET T 106 -2.96 4.58 -77.06
C MET T 106 -3.81 4.17 -78.26
N ASN T 107 -3.56 4.80 -79.40
CA ASN T 107 -4.31 4.52 -80.60
C ASN T 107 -3.58 3.47 -81.44
N LEU T 108 -4.16 3.14 -82.60
CA LEU T 108 -3.60 2.08 -83.43
C LEU T 108 -2.26 2.48 -84.02
N GLU T 109 -2.11 3.74 -84.42
CA GLU T 109 -0.83 4.21 -84.93
C GLU T 109 0.27 4.04 -83.88
N LYS T 110 0.03 4.58 -82.69
CA LYS T 110 1.02 4.51 -81.63
C LYS T 110 1.29 3.06 -81.23
N ILE T 111 0.25 2.23 -81.18
CA ILE T 111 0.44 0.84 -80.79
C ILE T 111 1.28 0.11 -81.83
N SER T 112 0.98 0.30 -83.11
CA SER T 112 1.75 -0.34 -84.16
C SER T 112 3.21 0.10 -84.13
N ALA T 113 3.44 1.40 -83.96
CA ALA T 113 4.81 1.89 -83.89
C ALA T 113 5.53 1.33 -82.68
N LEU T 114 4.85 1.29 -81.53
CA LEU T 114 5.44 0.75 -80.31
C LEU T 114 5.82 -0.71 -80.49
N MET T 115 4.99 -1.47 -81.22
CA MET T 115 5.26 -2.88 -81.40
C MET T 115 6.39 -3.11 -82.40
N ASP T 116 6.43 -2.32 -83.47
CA ASP T 116 7.58 -2.38 -84.36
C ASP T 116 8.86 -2.06 -83.58
N LYS T 117 8.79 -1.09 -82.68
CA LYS T 117 9.95 -0.75 -81.86
C LYS T 117 10.34 -1.89 -80.93
N PHE T 118 9.35 -2.52 -80.30
CA PHE T 118 9.62 -3.68 -79.45
C PHE T 118 10.33 -4.77 -80.24
N GLU T 119 9.79 -5.11 -81.40
CA GLU T 119 10.38 -6.15 -82.23
C GLU T 119 11.81 -5.80 -82.61
N HIS T 120 12.04 -4.57 -83.05
CA HIS T 120 13.39 -4.19 -83.49
C HIS T 120 14.37 -4.16 -82.31
N GLN T 121 13.91 -3.67 -81.16
CA GLN T 121 14.78 -3.63 -79.98
C GLN T 121 15.18 -5.03 -79.56
N PHE T 122 14.23 -5.98 -79.58
CA PHE T 122 14.58 -7.32 -79.16
C PHE T 122 15.33 -8.10 -80.23
N GLU T 123 15.21 -7.71 -81.50
CA GLU T 123 16.11 -8.24 -82.51
C GLU T 123 17.53 -7.76 -82.27
N THR T 124 17.69 -6.46 -82.01
CA THR T 124 19.00 -5.94 -81.63
C THR T 124 19.54 -6.67 -80.41
N LEU T 125 18.66 -6.98 -79.47
CA LEU T 125 19.08 -7.74 -78.29
C LEU T 125 19.47 -9.17 -78.64
N ASP T 126 18.83 -9.72 -79.68
CA ASP T 126 19.17 -11.07 -80.20
C ASP T 126 20.61 -11.03 -80.74
N VAL T 127 20.96 -9.94 -81.45
CA VAL T 127 22.29 -9.77 -82.02
C VAL T 127 23.32 -9.59 -80.90
N GLN T 128 22.98 -8.74 -79.92
CA GLN T 128 23.86 -8.53 -78.78
C GLN T 128 24.11 -9.83 -78.05
N THR T 129 23.06 -10.63 -77.84
CA THR T 129 23.22 -11.90 -77.13
C THR T 129 24.14 -12.84 -77.90
N GLN T 130 23.94 -12.94 -79.22
CA GLN T 130 24.79 -13.81 -80.03
C GLN T 130 26.25 -13.39 -79.93
N GLN T 131 26.53 -12.10 -80.11
CA GLN T 131 27.91 -11.62 -80.08
C GLN T 131 28.51 -11.80 -78.68
N MET T 132 27.75 -11.42 -77.65
CA MET T 132 28.18 -11.59 -76.28
C MET T 132 28.51 -13.04 -75.98
N GLU T 133 27.73 -13.97 -76.54
CA GLU T 133 27.96 -15.38 -76.28
C GLU T 133 29.19 -15.88 -77.01
N ASP T 134 29.36 -15.44 -78.26
CA ASP T 134 30.60 -15.75 -78.99
C ASP T 134 31.81 -15.33 -78.17
N THR T 135 31.78 -14.11 -77.62
CA THR T 135 32.92 -13.62 -76.86
C THR T 135 33.09 -14.38 -75.54
N MET T 136 31.98 -14.61 -74.82
CA MET T 136 32.05 -15.38 -73.59
C MET T 136 32.69 -16.73 -73.83
N SER T 137 32.35 -17.38 -74.94
CA SER T 137 32.94 -18.68 -75.25
C SER T 137 34.40 -18.54 -75.62
N SER T 138 34.75 -17.53 -76.41
CA SER T 138 36.14 -17.33 -76.80
C SER T 138 37.03 -17.03 -75.60
N THR T 139 36.46 -16.45 -74.54
CA THR T 139 37.25 -16.14 -73.35
C THR T 139 37.75 -17.41 -72.68
N THR T 140 36.89 -18.42 -72.55
CA THR T 140 37.20 -19.66 -71.83
C THR T 140 37.21 -20.79 -72.85
N THR T 141 38.35 -21.00 -73.49
CA THR T 141 38.53 -22.08 -74.44
C THR T 141 39.60 -23.08 -74.02
N LEU T 142 40.50 -22.71 -73.11
CA LEU T 142 41.52 -23.61 -72.62
C LEU T 142 41.05 -24.45 -71.44
N THR T 143 39.98 -24.04 -70.77
CA THR T 143 39.36 -24.87 -69.74
C THR T 143 38.38 -25.87 -70.32
N THR T 144 37.84 -25.59 -71.51
CA THR T 144 36.86 -26.46 -72.17
C THR T 144 37.38 -26.76 -73.58
N PRO T 145 38.30 -27.70 -73.72
CA PRO T 145 38.76 -28.08 -75.06
C PRO T 145 37.69 -28.89 -75.79
N GLN T 146 37.50 -28.56 -77.07
CA GLN T 146 36.50 -29.27 -77.86
C GLN T 146 36.81 -30.76 -77.94
N ASN T 147 38.10 -31.11 -78.05
CA ASN T 147 38.47 -32.52 -78.16
C ASN T 147 38.05 -33.30 -76.91
N GLN T 148 38.27 -32.73 -75.73
CA GLN T 148 37.91 -33.42 -74.50
C GLN T 148 36.41 -33.62 -74.40
N VAL T 149 35.64 -32.60 -74.78
CA VAL T 149 34.18 -32.73 -74.73
C VAL T 149 33.71 -33.80 -75.71
N ASP T 150 34.25 -33.80 -76.92
CA ASP T 150 33.90 -34.83 -77.89
C ASP T 150 34.22 -36.22 -77.35
N MET T 151 35.40 -36.38 -76.76
CA MET T 151 35.79 -37.69 -76.22
C MET T 151 34.86 -38.11 -75.09
N LEU T 152 34.52 -37.18 -74.19
CA LEU T 152 33.63 -37.53 -73.10
C LEU T 152 32.27 -37.97 -73.63
N LEU T 153 31.75 -37.26 -74.63
CA LEU T 153 30.46 -37.63 -75.19
C LEU T 153 30.53 -39.01 -75.85
N GLN T 154 31.62 -39.27 -76.59
CA GLN T 154 31.76 -40.57 -77.22
C GLN T 154 31.82 -41.69 -76.19
N GLU T 155 32.58 -41.48 -75.11
CA GLU T 155 32.69 -42.52 -74.08
C GLU T 155 31.35 -42.74 -73.39
N MET T 156 30.64 -41.66 -73.06
CA MET T 156 29.35 -41.81 -72.40
C MET T 156 28.34 -42.51 -73.31
N ALA T 157 28.36 -42.17 -74.60
CA ALA T 157 27.48 -42.86 -75.54
C ALA T 157 27.81 -44.35 -75.61
N ASP T 158 29.08 -44.67 -75.89
CA ASP T 158 29.48 -46.06 -76.00
C ASP T 158 29.14 -46.85 -74.74
N GLU T 159 29.31 -46.23 -73.57
CA GLU T 159 28.93 -46.89 -72.33
C GLU T 159 27.43 -47.11 -72.29
N ALA T 160 26.64 -46.10 -72.63
CA ALA T 160 25.19 -46.25 -72.69
C ALA T 160 24.75 -47.11 -73.86
N GLY T 161 25.66 -47.47 -74.77
CA GLY T 161 25.33 -48.27 -75.93
C GLY T 161 24.57 -47.54 -77.02
N LEU T 162 24.07 -46.35 -76.75
CA LEU T 162 23.26 -45.61 -77.72
C LEU T 162 24.17 -44.92 -78.72
N ASP T 163 23.59 -44.06 -79.56
CA ASP T 163 24.32 -43.27 -80.52
C ASP T 163 23.78 -41.85 -80.49
N LEU T 164 24.58 -40.92 -81.02
CA LEU T 164 24.27 -39.50 -80.98
C LEU T 164 24.02 -39.00 -82.40
N ASN T 165 22.85 -38.39 -82.60
CA ASN T 165 22.49 -37.83 -83.90
C ASN T 165 22.05 -36.39 -83.74
N GLU T 187 45.76 -34.28 -86.25
CA GLU T 187 44.99 -35.03 -87.23
C GLU T 187 44.87 -34.23 -88.53
N LEU T 188 43.73 -33.55 -88.70
CA LEU T 188 43.56 -32.71 -89.89
C LEU T 188 44.55 -31.56 -89.90
N SER T 189 44.92 -31.05 -88.72
CA SER T 189 45.82 -29.92 -88.65
C SER T 189 47.15 -30.22 -89.32
N GLN T 190 47.62 -31.47 -89.21
CA GLN T 190 48.89 -31.83 -89.85
C GLN T 190 48.77 -31.80 -91.36
N ARG T 191 47.67 -32.33 -91.91
CA ARG T 191 47.47 -32.27 -93.35
C ARG T 191 47.36 -30.82 -93.82
N LEU T 192 46.68 -29.97 -93.04
CA LEU T 192 46.57 -28.57 -93.41
C LEU T 192 47.92 -27.87 -93.36
N ALA T 193 48.76 -28.23 -92.39
CA ALA T 193 50.10 -27.64 -92.33
C ALA T 193 50.96 -28.10 -93.50
N ARG T 194 50.90 -29.38 -93.85
CA ARG T 194 51.63 -29.86 -95.02
C ARG T 194 51.15 -29.15 -96.27
N LEU T 195 49.84 -28.89 -96.38
CA LEU T 195 49.32 -28.15 -97.51
C LEU T 195 49.80 -26.70 -97.48
N ARG T 196 49.92 -26.12 -96.29
CA ARG T 196 50.40 -24.75 -96.16
C ARG T 196 51.85 -24.63 -96.60
N ASP T 197 52.67 -25.65 -96.30
CA ASP T 197 54.05 -25.65 -96.77
C ASP T 197 54.11 -25.61 -98.29
N GLN T 198 53.15 -26.24 -98.96
CA GLN T 198 53.07 -26.21 -100.42
C GLN T 198 54.35 -26.77 -101.04
N PHE U 6 67.44 3.65 -73.21
CA PHE U 6 67.31 2.21 -73.29
C PHE U 6 67.59 1.55 -71.94
N LYS U 7 66.68 0.67 -71.54
CA LYS U 7 66.78 -0.09 -70.26
C LYS U 7 66.88 -1.58 -70.60
N ALA U 8 67.84 -2.29 -69.99
CA ALA U 8 68.04 -3.70 -70.30
C ALA U 8 67.01 -4.59 -69.62
N GLU U 9 66.86 -4.44 -68.30
CA GLU U 9 65.91 -5.29 -67.57
C GLU U 9 64.50 -5.11 -68.08
N ARG U 10 64.15 -3.88 -68.49
CA ARG U 10 62.84 -3.66 -69.11
C ARG U 10 62.69 -4.53 -70.35
N LEU U 11 63.71 -4.56 -71.20
CA LEU U 11 63.66 -5.38 -72.40
C LEU U 11 63.54 -6.85 -72.05
N ARG U 12 64.29 -7.31 -71.04
CA ARG U 12 64.22 -8.70 -70.61
C ARG U 12 62.80 -9.07 -70.19
N VAL U 13 62.21 -8.25 -69.32
CA VAL U 13 60.88 -8.53 -68.80
C VAL U 13 59.86 -8.52 -69.93
N ASN U 14 59.97 -7.54 -70.84
CA ASN U 14 59.02 -7.47 -71.95
C ASN U 14 59.18 -8.66 -72.88
N LEU U 15 60.41 -9.17 -73.06
CA LEU U 15 60.60 -10.36 -73.89
C LEU U 15 59.93 -11.57 -73.26
N ARG U 16 60.11 -11.76 -71.94
CA ARG U 16 59.46 -12.88 -71.27
C ARG U 16 57.94 -12.76 -71.39
N LEU U 17 57.41 -11.55 -71.19
CA LEU U 17 55.97 -11.34 -71.31
C LEU U 17 55.49 -11.64 -72.72
N VAL U 18 56.24 -11.22 -73.73
CA VAL U 18 55.86 -11.48 -75.11
C VAL U 18 55.82 -12.98 -75.36
N ILE U 19 56.81 -13.71 -74.83
CA ILE U 19 56.84 -15.15 -75.00
C ILE U 19 55.58 -15.78 -74.42
N ASN U 20 55.27 -15.44 -73.17
CA ASN U 20 54.08 -16.01 -72.53
C ASN U 20 52.81 -15.67 -73.32
N ARG U 21 52.69 -14.40 -73.72
CA ARG U 21 51.50 -13.97 -74.45
C ARG U 21 51.37 -14.73 -75.77
N LEU U 22 52.49 -14.94 -76.47
CA LEU U 22 52.43 -15.67 -77.73
C LEU U 22 52.02 -17.11 -77.51
N LYS U 23 52.50 -17.73 -76.42
CA LYS U 23 52.06 -19.09 -76.10
C LYS U 23 50.56 -19.15 -75.92
N LEU U 24 50.02 -18.28 -75.05
CA LEU U 24 48.58 -18.27 -74.81
C LEU U 24 47.82 -18.03 -76.11
N LEU U 25 48.28 -17.08 -76.91
CA LEU U 25 47.56 -16.71 -78.13
C LEU U 25 47.54 -17.87 -79.12
N GLU U 26 48.68 -18.52 -79.34
CA GLU U 26 48.70 -19.62 -80.29
C GLU U 26 47.85 -20.79 -79.81
N LYS U 27 47.87 -21.08 -78.51
CA LYS U 27 46.97 -22.10 -77.98
C LYS U 27 45.51 -21.79 -78.33
N LYS U 28 45.03 -20.64 -77.87
CA LYS U 28 43.62 -20.35 -78.05
C LYS U 28 43.26 -20.17 -79.52
N LYS U 29 44.22 -19.75 -80.35
CA LYS U 29 43.95 -19.62 -81.77
C LYS U 29 43.83 -20.98 -82.43
N THR U 30 44.63 -21.95 -82.00
CA THR U 30 44.47 -23.33 -82.49
C THR U 30 43.07 -23.84 -82.13
N GLU U 31 42.63 -23.60 -80.91
CA GLU U 31 41.30 -24.05 -80.50
C GLU U 31 40.21 -23.40 -81.35
N LEU U 32 40.25 -22.07 -81.46
CA LEU U 32 39.28 -21.35 -82.27
C LEU U 32 39.33 -21.81 -83.72
N ALA U 33 40.52 -22.19 -84.22
CA ALA U 33 40.62 -22.67 -85.58
C ALA U 33 39.92 -24.00 -85.75
N GLN U 34 40.06 -24.90 -84.78
CA GLN U 34 39.27 -26.13 -84.81
C GLN U 34 37.79 -25.82 -84.92
N LYS U 35 37.30 -24.94 -84.04
CA LYS U 35 35.86 -24.67 -84.01
C LYS U 35 35.40 -24.04 -85.32
N ALA U 36 36.17 -23.10 -85.86
CA ALA U 36 35.77 -22.44 -87.10
C ALA U 36 35.90 -23.36 -88.30
N ARG U 37 36.81 -24.33 -88.24
CA ARG U 37 36.85 -25.37 -89.27
C ARG U 37 35.58 -26.21 -89.25
N LYS U 38 35.12 -26.57 -88.05
CA LYS U 38 33.82 -27.22 -87.96
C LYS U 38 32.72 -26.35 -88.57
N GLU U 39 32.77 -25.05 -88.30
CA GLU U 39 31.79 -24.15 -88.89
C GLU U 39 31.85 -24.16 -90.42
N ILE U 40 33.06 -24.19 -90.98
CA ILE U 40 33.19 -24.22 -92.44
C ILE U 40 32.65 -25.53 -92.97
N ALA U 41 32.87 -26.63 -92.26
CA ALA U 41 32.29 -27.91 -92.67
C ALA U 41 30.76 -27.81 -92.72
N ASP U 42 30.16 -27.21 -91.69
CA ASP U 42 28.72 -27.01 -91.69
C ASP U 42 28.29 -26.15 -92.87
N TYR U 43 29.05 -25.11 -93.17
CA TYR U 43 28.73 -24.25 -94.32
C TYR U 43 28.75 -25.05 -95.61
N LEU U 44 29.73 -25.94 -95.76
CA LEU U 44 29.83 -26.74 -96.98
C LEU U 44 28.72 -27.77 -97.05
N ALA U 45 28.22 -28.22 -95.90
CA ALA U 45 27.08 -29.15 -95.91
C ALA U 45 25.93 -28.59 -96.75
N ALA U 46 25.67 -27.29 -96.61
CA ALA U 46 24.68 -26.62 -97.44
C ALA U 46 25.28 -26.30 -98.81
N GLY U 47 24.49 -25.69 -99.68
CA GLY U 47 24.97 -25.30 -100.99
C GLY U 47 25.84 -24.08 -101.01
N LYS U 48 25.98 -23.39 -99.89
CA LYS U 48 26.80 -22.19 -99.80
C LYS U 48 28.26 -22.57 -99.98
N ASP U 49 28.86 -22.14 -101.08
CA ASP U 49 30.26 -22.44 -101.41
C ASP U 49 31.13 -21.21 -101.45
N GLU U 50 30.70 -20.15 -102.14
CA GLU U 50 31.51 -18.95 -102.26
C GLU U 50 31.72 -18.26 -100.91
N ARG U 51 30.92 -18.61 -99.91
CA ARG U 51 31.06 -18.07 -98.55
C ARG U 51 32.06 -18.88 -97.73
N ALA U 52 32.05 -20.20 -97.90
CA ALA U 52 33.04 -21.04 -97.23
C ALA U 52 34.45 -20.66 -97.63
N ARG U 53 34.62 -20.13 -98.85
CA ARG U 53 35.94 -19.67 -99.28
C ARG U 53 36.40 -18.49 -98.44
N ILE U 54 35.48 -17.56 -98.12
CA ILE U 54 35.83 -16.45 -97.26
C ILE U 54 36.17 -16.94 -95.86
N ARG U 55 35.35 -17.86 -95.34
CA ARG U 55 35.62 -18.40 -94.01
C ARG U 55 36.99 -19.08 -93.95
N VAL U 56 37.32 -19.86 -94.98
CA VAL U 56 38.60 -20.55 -94.96
C VAL U 56 39.74 -19.56 -95.20
N GLU U 57 39.48 -18.44 -95.88
CA GLU U 57 40.48 -17.38 -95.92
C GLU U 57 40.77 -16.88 -94.51
N HIS U 58 39.72 -16.61 -93.74
CA HIS U 58 39.90 -16.31 -92.31
C HIS U 58 40.80 -17.35 -91.65
N ILE U 59 40.49 -18.63 -91.87
CA ILE U 59 41.19 -19.71 -91.18
C ILE U 59 42.67 -19.71 -91.53
N ILE U 60 42.98 -19.63 -92.82
CA ILE U 60 44.37 -19.74 -93.23
C ILE U 60 45.15 -18.48 -92.85
N ARG U 61 44.48 -17.33 -92.82
CA ARG U 61 45.10 -16.14 -92.25
C ARG U 61 45.49 -16.39 -90.79
N GLU U 62 44.56 -16.94 -90.00
CA GLU U 62 44.85 -17.22 -88.61
C GLU U 62 45.98 -18.24 -88.47
N ASP U 63 46.06 -19.20 -89.38
CA ASP U 63 47.11 -20.21 -89.31
C ASP U 63 48.48 -19.62 -89.64
N TYR U 64 48.54 -18.83 -90.71
CA TYR U 64 49.75 -18.04 -90.97
C TYR U 64 50.15 -17.25 -89.73
N LEU U 65 49.17 -16.65 -89.07
CA LEU U 65 49.46 -15.83 -87.89
C LEU U 65 50.04 -16.68 -86.77
N VAL U 66 49.49 -17.88 -86.55
CA VAL U 66 50.00 -18.74 -85.50
C VAL U 66 51.43 -19.16 -85.80
N GLU U 67 51.72 -19.50 -87.06
CA GLU U 67 53.08 -19.87 -87.42
C GLU U 67 54.03 -18.69 -87.22
N ALA U 68 53.61 -17.49 -87.60
CA ALA U 68 54.44 -16.31 -87.41
C ALA U 68 54.69 -16.06 -85.92
N MET U 69 53.67 -16.29 -85.09
CA MET U 69 53.84 -16.13 -83.65
C MET U 69 54.81 -17.16 -83.09
N GLU U 70 54.79 -18.39 -83.62
CA GLU U 70 55.77 -19.39 -83.22
C GLU U 70 57.18 -18.91 -83.56
N ILE U 71 57.37 -18.41 -84.78
CA ILE U 71 58.69 -17.91 -85.19
C ILE U 71 59.12 -16.76 -84.28
N LEU U 72 58.19 -15.86 -83.96
CA LEU U 72 58.54 -14.71 -83.13
C LEU U 72 58.89 -15.12 -81.71
N GLU U 73 58.15 -16.10 -81.17
CA GLU U 73 58.50 -16.65 -79.87
C GLU U 73 59.90 -17.25 -79.90
N LEU U 74 60.22 -17.98 -80.96
CA LEU U 74 61.56 -18.52 -81.13
C LEU U 74 62.61 -17.40 -81.07
N TYR U 75 62.38 -16.33 -81.83
CA TYR U 75 63.37 -15.26 -81.90
C TYR U 75 63.50 -14.53 -80.57
N CYS U 76 62.38 -14.28 -79.89
CA CYS U 76 62.43 -13.64 -78.58
C CYS U 76 63.22 -14.50 -77.60
N ASP U 77 62.98 -15.80 -77.59
CA ASP U 77 63.74 -16.68 -76.72
C ASP U 77 65.21 -16.69 -77.10
N LEU U 78 65.52 -16.57 -78.40
CA LEU U 78 66.91 -16.50 -78.82
C LEU U 78 67.59 -15.28 -78.24
N LEU U 79 66.95 -14.12 -78.38
CA LEU U 79 67.49 -12.90 -77.78
C LEU U 79 67.64 -13.06 -76.27
N LEU U 80 66.66 -13.67 -75.62
CA LEU U 80 66.70 -13.84 -74.18
C LEU U 80 67.80 -14.80 -73.74
N ALA U 81 68.20 -15.73 -74.60
CA ALA U 81 69.30 -16.63 -74.30
C ALA U 81 70.65 -15.99 -74.50
N ARG U 82 70.74 -14.98 -75.36
CA ARG U 82 71.96 -14.26 -75.66
C ARG U 82 71.84 -12.80 -75.23
N PHE U 83 71.26 -12.58 -74.04
CA PHE U 83 71.02 -11.23 -73.57
C PHE U 83 72.31 -10.54 -73.15
N GLY U 84 73.21 -11.28 -72.49
CA GLY U 84 74.49 -10.71 -72.13
C GLY U 84 75.25 -10.23 -73.36
N LEU U 85 75.16 -10.97 -74.47
CA LEU U 85 75.79 -10.53 -75.70
C LEU U 85 75.17 -9.25 -76.22
N ILE U 86 73.92 -8.97 -75.83
CA ILE U 86 73.32 -7.69 -76.15
C ILE U 86 73.91 -6.59 -75.26
N GLN U 87 74.01 -6.86 -73.95
CA GLN U 87 74.47 -5.83 -73.03
C GLN U 87 75.94 -5.49 -73.26
N SER U 88 76.75 -6.49 -73.61
CA SER U 88 78.20 -6.26 -73.71
C SER U 88 78.54 -5.39 -74.92
N MET U 89 78.21 -5.88 -76.12
CA MET U 89 78.52 -5.14 -77.33
C MET U 89 77.64 -3.90 -77.42
N LYS U 90 78.01 -3.00 -78.34
CA LYS U 90 77.21 -1.84 -78.68
C LYS U 90 76.52 -1.96 -80.02
N GLU U 91 77.09 -2.71 -80.95
CA GLU U 91 76.46 -3.03 -82.22
C GLU U 91 76.15 -4.52 -82.24
N LEU U 92 74.98 -4.86 -82.76
CA LEU U 92 74.54 -6.25 -82.77
C LEU U 92 75.42 -7.08 -83.69
N ASP U 93 75.68 -8.31 -83.29
CA ASP U 93 76.47 -9.23 -84.09
C ASP U 93 75.56 -9.91 -85.13
N SER U 94 76.15 -10.82 -85.91
CA SER U 94 75.39 -11.50 -86.94
C SER U 94 74.37 -12.46 -86.34
N GLY U 95 74.73 -13.13 -85.25
CA GLY U 95 73.84 -14.10 -84.63
C GLY U 95 72.53 -13.49 -84.14
N LEU U 96 72.48 -12.17 -83.94
CA LEU U 96 71.29 -11.50 -83.46
C LEU U 96 70.69 -10.54 -84.49
N ALA U 97 71.26 -10.48 -85.70
CA ALA U 97 70.72 -9.56 -86.70
C ALA U 97 69.29 -9.95 -87.08
N GLU U 98 69.07 -11.23 -87.35
CA GLU U 98 67.74 -11.67 -87.79
C GLU U 98 66.69 -11.41 -86.71
N SER U 99 66.99 -11.81 -85.47
CA SER U 99 66.03 -11.63 -84.39
C SER U 99 65.64 -10.17 -84.24
N VAL U 100 66.63 -9.29 -84.13
CA VAL U 100 66.35 -7.87 -83.94
C VAL U 100 65.58 -7.31 -85.12
N SER U 101 66.02 -7.63 -86.34
CA SER U 101 65.36 -7.10 -87.53
C SER U 101 63.89 -7.51 -87.56
N THR U 102 63.62 -8.80 -87.37
CA THR U 102 62.24 -9.27 -87.44
C THR U 102 61.40 -8.72 -86.30
N LEU U 103 61.96 -8.64 -85.10
CA LEU U 103 61.20 -8.12 -83.97
C LEU U 103 60.92 -6.64 -84.10
N ILE U 104 61.73 -5.92 -84.86
CA ILE U 104 61.43 -4.51 -85.11
C ILE U 104 60.45 -4.38 -86.26
N TRP U 105 60.52 -5.27 -87.26
CA TRP U 105 59.65 -5.15 -88.42
C TRP U 105 58.23 -5.63 -88.14
N ALA U 106 58.08 -6.68 -87.32
CA ALA U 106 56.79 -7.28 -87.07
C ALA U 106 56.03 -6.59 -85.93
N ALA U 107 56.71 -5.78 -85.12
CA ALA U 107 56.05 -5.13 -84.00
C ALA U 107 54.82 -4.35 -84.43
N PRO U 108 54.89 -3.43 -85.39
CA PRO U 108 53.67 -2.73 -85.80
C PRO U 108 52.62 -3.65 -86.41
N ARG U 109 53.04 -4.79 -86.97
CA ARG U 109 52.08 -5.73 -87.52
C ARG U 109 51.24 -6.37 -86.42
N LEU U 110 51.90 -6.93 -85.40
CA LEU U 110 51.23 -7.60 -84.30
C LEU U 110 51.11 -6.72 -83.06
N GLN U 111 51.12 -5.40 -83.25
CA GLN U 111 51.03 -4.50 -82.10
C GLN U 111 49.71 -4.64 -81.37
N SER U 112 48.63 -4.95 -82.10
CA SER U 112 47.32 -5.07 -81.47
C SER U 112 47.21 -6.35 -80.67
N GLU U 113 47.68 -7.47 -81.22
CA GLU U 113 47.61 -8.74 -80.51
C GLU U 113 48.52 -8.71 -79.28
N VAL U 114 49.80 -8.43 -79.49
CA VAL U 114 50.79 -8.40 -78.41
C VAL U 114 51.22 -6.96 -78.23
N ALA U 115 50.92 -6.39 -77.06
CA ALA U 115 51.27 -5.00 -76.79
C ALA U 115 52.74 -4.87 -76.43
N GLU U 116 53.24 -5.77 -75.56
CA GLU U 116 54.62 -5.70 -75.11
C GLU U 116 55.61 -5.73 -76.28
N LEU U 117 55.20 -6.27 -77.42
CA LEU U 117 56.09 -6.32 -78.57
C LEU U 117 56.51 -4.93 -79.02
N LYS U 118 55.64 -3.94 -78.87
CA LYS U 118 56.01 -2.57 -79.22
C LYS U 118 57.10 -2.06 -78.29
N ILE U 119 57.02 -2.39 -77.00
CA ILE U 119 58.06 -1.99 -76.06
C ILE U 119 59.38 -2.67 -76.41
N VAL U 120 59.31 -3.94 -76.80
CA VAL U 120 60.52 -4.64 -77.23
C VAL U 120 61.13 -3.93 -78.43
N ALA U 121 60.30 -3.57 -79.41
CA ALA U 121 60.78 -2.83 -80.57
C ALA U 121 61.41 -1.51 -80.17
N ASP U 122 60.82 -0.83 -79.19
CA ASP U 122 61.39 0.42 -78.70
C ASP U 122 62.79 0.19 -78.14
N GLN U 123 62.91 -0.74 -77.19
CA GLN U 123 64.22 -0.99 -76.58
C GLN U 123 65.24 -1.43 -77.62
N LEU U 124 64.81 -2.09 -78.69
CA LEU U 124 65.75 -2.50 -79.73
C LEU U 124 66.03 -1.41 -80.74
N CYS U 125 65.20 -0.37 -80.81
CA CYS U 125 65.49 0.78 -81.65
C CYS U 125 66.22 1.88 -80.90
N ALA U 126 65.96 2.01 -79.60
CA ALA U 126 66.63 3.00 -78.78
C ALA U 126 68.05 2.60 -78.38
N LYS U 127 68.43 1.34 -78.61
CA LYS U 127 69.76 0.88 -78.27
C LYS U 127 70.76 1.05 -79.40
N TYR U 128 70.28 1.15 -80.63
CA TYR U 128 71.14 1.21 -81.81
C TYR U 128 70.99 2.54 -82.53
N SER U 129 72.07 2.98 -83.14
CA SER U 129 72.10 4.22 -83.92
C SER U 129 72.52 4.00 -85.36
N LYS U 130 73.28 2.95 -85.66
CA LYS U 130 73.69 2.65 -87.02
C LYS U 130 72.48 2.19 -87.81
N GLU U 131 71.96 3.07 -88.66
CA GLU U 131 70.75 2.80 -89.45
C GLU U 131 69.57 2.46 -88.54
N TYR U 132 69.50 3.11 -87.38
CA TYR U 132 68.46 2.88 -86.40
C TYR U 132 67.66 4.17 -86.17
N GLY U 133 66.69 4.10 -85.27
CA GLY U 133 65.70 5.14 -85.15
C GLY U 133 64.52 4.86 -86.07
N LYS U 134 63.32 5.24 -85.61
CA LYS U 134 62.10 4.89 -86.32
C LYS U 134 62.27 4.95 -87.83
N LEU U 135 62.71 6.10 -88.34
CA LEU U 135 62.91 6.24 -89.78
C LEU U 135 63.98 5.28 -90.29
N CYS U 136 65.19 5.38 -89.75
CA CYS U 136 66.26 4.49 -90.17
C CYS U 136 66.00 3.04 -89.77
N ARG U 137 65.20 2.82 -88.72
CA ARG U 137 64.83 1.46 -88.35
C ARG U 137 63.93 0.83 -89.40
N THR U 138 63.06 1.65 -90.02
CA THR U 138 62.27 1.16 -91.13
C THR U 138 63.09 1.09 -92.41
N ASN U 139 64.11 1.93 -92.55
CA ASN U 139 64.95 1.90 -93.74
C ASN U 139 65.86 0.68 -93.75
N GLN U 140 66.38 0.29 -92.58
CA GLN U 140 67.27 -0.85 -92.46
C GLN U 140 66.54 -2.14 -92.12
N ILE U 141 65.27 -2.26 -92.53
CA ILE U 141 64.47 -3.45 -92.25
C ILE U 141 64.52 -4.44 -93.41
N GLY U 142 65.49 -4.31 -94.31
CA GLY U 142 65.59 -5.18 -95.46
C GLY U 142 66.43 -6.42 -95.21
N THR U 143 66.43 -6.90 -93.97
CA THR U 143 67.18 -8.10 -93.61
C THR U 143 66.38 -9.04 -92.72
N VAL U 144 65.05 -8.95 -92.75
CA VAL U 144 64.20 -9.76 -91.89
C VAL U 144 63.96 -11.11 -92.56
N ASN U 145 63.50 -12.06 -91.75
CA ASN U 145 63.18 -13.39 -92.25
C ASN U 145 62.07 -13.31 -93.28
N ASP U 146 62.36 -13.74 -94.51
CA ASP U 146 61.37 -13.67 -95.58
C ASP U 146 60.15 -14.54 -95.27
N ARG U 147 60.37 -15.69 -94.65
CA ARG U 147 59.26 -16.57 -94.31
C ARG U 147 58.26 -15.87 -93.41
N LEU U 148 58.75 -15.23 -92.34
CA LEU U 148 57.86 -14.50 -91.45
C LEU U 148 57.16 -13.37 -92.18
N MET U 149 57.87 -12.70 -93.09
CA MET U 149 57.24 -11.67 -93.92
C MET U 149 56.07 -12.25 -94.70
N HIS U 150 56.22 -13.48 -95.19
CA HIS U 150 55.15 -14.11 -95.95
C HIS U 150 53.98 -14.50 -95.04
N LYS U 151 54.29 -15.01 -93.84
CA LYS U 151 53.23 -15.40 -92.92
C LYS U 151 52.39 -14.20 -92.52
N LEU U 152 53.03 -13.05 -92.31
CA LEU U 152 52.35 -11.83 -91.94
C LEU U 152 52.05 -10.93 -93.14
N SER U 153 52.16 -11.47 -94.35
CA SER U 153 51.87 -10.70 -95.55
C SER U 153 50.36 -10.52 -95.68
N VAL U 154 49.93 -9.28 -95.81
CA VAL U 154 48.51 -8.95 -95.90
C VAL U 154 48.14 -8.98 -97.39
N GLU U 155 47.75 -10.14 -97.87
CA GLU U 155 47.43 -10.33 -99.28
C GLU U 155 46.41 -11.44 -99.42
N ALA U 156 45.62 -11.36 -100.48
CA ALA U 156 44.64 -12.38 -100.78
C ALA U 156 45.35 -13.70 -101.06
N PRO U 157 45.18 -14.72 -100.23
CA PRO U 157 45.89 -15.99 -100.47
C PRO U 157 45.58 -16.56 -101.83
N PRO U 158 46.42 -17.46 -102.34
CA PRO U 158 46.15 -18.04 -103.67
C PRO U 158 44.89 -18.87 -103.66
N LYS U 159 44.13 -18.78 -104.76
CA LYS U 159 42.85 -19.45 -104.83
C LYS U 159 43.01 -20.97 -104.76
N ILE U 160 44.03 -21.51 -105.43
CA ILE U 160 44.24 -22.95 -105.42
C ILE U 160 44.46 -23.45 -104.01
N LEU U 161 45.18 -22.65 -103.21
CA LEU U 161 45.46 -23.00 -101.79
C LEU U 161 44.13 -23.07 -101.03
N VAL U 162 43.22 -22.13 -101.30
CA VAL U 162 41.89 -22.10 -100.64
C VAL U 162 41.11 -23.36 -101.04
N GLU U 163 41.20 -23.75 -102.32
CA GLU U 163 40.50 -24.96 -102.81
C GLU U 163 41.05 -26.19 -102.09
N ARG U 164 42.38 -26.25 -101.93
CA ARG U 164 43.03 -27.39 -101.24
C ARG U 164 42.55 -27.43 -99.78
N TYR U 165 42.45 -26.26 -99.15
CA TYR U 165 41.98 -26.17 -97.74
C TYR U 165 40.54 -26.68 -97.65
N LEU U 166 39.70 -26.31 -98.63
CA LEU U 166 38.31 -26.75 -98.63
C LEU U 166 38.21 -28.24 -98.91
N ILE U 167 39.01 -28.73 -99.86
CA ILE U 167 39.01 -30.15 -100.18
C ILE U 167 39.34 -30.98 -98.93
N GLU U 168 40.39 -30.57 -98.21
CA GLU U 168 40.79 -31.33 -97.03
C GLU U 168 39.72 -31.28 -95.95
N ILE U 169 39.16 -30.10 -95.70
CA ILE U 169 38.14 -29.98 -94.64
C ILE U 169 36.93 -30.83 -95.00
N ALA U 170 36.49 -30.77 -96.26
CA ALA U 170 35.36 -31.59 -96.68
C ALA U 170 35.67 -33.08 -96.52
N LYS U 171 36.82 -33.52 -97.04
CA LYS U 171 37.19 -34.93 -96.94
C LYS U 171 37.25 -35.39 -95.49
N ASN U 172 37.60 -34.49 -94.56
CA ASN U 172 37.68 -34.88 -93.17
C ASN U 172 36.31 -34.92 -92.51
N TYR U 173 35.44 -33.96 -92.82
CA TYR U 173 34.14 -33.85 -92.17
C TYR U 173 33.04 -34.59 -92.92
N ASN U 174 33.40 -35.46 -93.86
CA ASN U 174 32.42 -36.32 -94.54
C ASN U 174 31.36 -35.49 -95.26
N VAL U 175 31.81 -34.45 -95.96
CA VAL U 175 30.91 -33.58 -96.72
C VAL U 175 31.38 -33.57 -98.18
N PRO U 176 30.47 -33.67 -99.14
CA PRO U 176 30.89 -33.54 -100.55
C PRO U 176 31.23 -32.10 -100.91
N TYR U 177 32.15 -31.96 -101.85
CA TYR U 177 32.55 -30.63 -102.33
C TYR U 177 33.18 -30.78 -103.71
N GLU U 178 32.73 -29.96 -104.65
CA GLU U 178 33.23 -29.97 -106.02
C GLU U 178 34.12 -28.76 -106.24
N PRO U 179 35.45 -28.92 -106.24
CA PRO U 179 36.32 -27.74 -106.36
C PRO U 179 36.11 -27.02 -107.69
N ASP U 180 36.41 -25.74 -107.69
CA ASP U 180 36.36 -24.93 -108.90
C ASP U 180 37.47 -25.39 -109.84
N SER U 181 37.09 -26.06 -110.92
CA SER U 181 38.09 -26.63 -111.81
C SER U 181 38.99 -25.55 -112.40
N VAL U 182 38.42 -24.34 -112.65
CA VAL U 182 39.20 -23.27 -113.28
C VAL U 182 40.48 -23.01 -112.50
N VAL U 183 40.40 -23.05 -111.17
CA VAL U 183 41.54 -22.78 -110.31
C VAL U 183 42.15 -24.11 -109.84
N MET U 184 41.31 -25.14 -109.70
CA MET U 184 41.79 -26.43 -109.24
C MET U 184 42.73 -27.09 -110.23
N ALA U 185 42.65 -26.73 -111.51
CA ALA U 185 43.50 -27.33 -112.54
C ALA U 185 44.62 -26.42 -113.01
N GLU U 186 44.43 -25.11 -112.97
CA GLU U 186 45.45 -24.16 -113.41
C GLU U 186 46.52 -24.02 -112.33
N ASN V 3 51.82 -54.52 10.44
CA ASN V 3 52.57 -54.56 9.19
C ASN V 3 53.12 -55.95 8.93
N MET V 4 53.83 -56.50 9.93
CA MET V 4 54.43 -57.82 9.77
C MET V 4 53.38 -58.91 9.61
N GLU V 5 52.20 -58.71 10.19
CA GLU V 5 51.14 -59.69 10.06
C GLU V 5 50.72 -59.86 8.60
N LYS V 6 50.71 -58.76 7.85
CA LYS V 6 50.39 -58.85 6.42
C LYS V 6 51.44 -59.67 5.68
N HIS V 7 52.72 -59.45 5.98
CA HIS V 7 53.77 -60.21 5.34
C HIS V 7 53.67 -61.70 5.69
N LEU V 8 53.35 -62.00 6.95
CA LEU V 8 53.14 -63.38 7.35
C LEU V 8 51.99 -64.01 6.57
N PHE V 9 50.89 -63.27 6.43
CA PHE V 9 49.75 -63.78 5.66
C PHE V 9 50.16 -64.07 4.22
N ASN V 10 50.89 -63.16 3.60
CA ASN V 10 51.33 -63.38 2.23
C ASN V 10 52.25 -64.59 2.12
N LEU V 11 53.13 -64.77 3.10
CA LEU V 11 54.05 -65.91 3.09
C LEU V 11 53.27 -67.22 3.17
N LYS V 12 52.33 -67.31 4.10
CA LYS V 12 51.55 -68.53 4.25
C LYS V 12 50.70 -68.79 3.01
N PHE V 13 50.17 -67.72 2.41
CA PHE V 13 49.41 -67.87 1.17
C PHE V 13 50.28 -68.43 0.06
N ALA V 14 51.51 -67.92 -0.07
CA ALA V 14 52.42 -68.41 -1.10
C ALA V 14 52.77 -69.88 -0.86
N ALA V 15 52.97 -70.26 0.40
CA ALA V 15 53.27 -71.65 0.70
C ALA V 15 52.10 -72.55 0.29
N LYS V 16 50.89 -72.16 0.64
CA LYS V 16 49.72 -72.95 0.27
C LYS V 16 49.57 -73.02 -1.24
N GLU V 17 49.85 -71.92 -1.93
CA GLU V 17 49.79 -71.93 -3.39
C GLU V 17 50.79 -72.91 -3.98
N LEU V 18 52.02 -72.93 -3.43
CA LEU V 18 53.03 -73.87 -3.92
C LEU V 18 52.59 -75.31 -3.69
N SER V 19 52.00 -75.59 -2.52
CA SER V 19 51.53 -76.95 -2.25
C SER V 19 50.43 -77.34 -3.23
N ARG V 20 49.46 -76.46 -3.45
CA ARG V 20 48.40 -76.73 -4.42
C ARG V 20 48.99 -77.00 -5.80
N SER V 21 49.97 -76.20 -6.21
CA SER V 21 50.57 -76.38 -7.53
C SER V 21 51.29 -77.71 -7.63
N ALA V 22 51.97 -78.12 -6.56
CA ALA V 22 52.62 -79.43 -6.57
C ALA V 22 51.61 -80.55 -6.73
N LYS V 23 50.50 -80.47 -6.00
CA LYS V 23 49.45 -81.47 -6.13
C LYS V 23 48.93 -81.52 -7.57
N LYS V 24 48.63 -80.35 -8.13
CA LYS V 24 48.11 -80.27 -9.49
C LYS V 24 49.10 -80.85 -10.49
N CYS V 25 50.39 -80.58 -10.31
CA CYS V 25 51.39 -81.08 -11.24
C CYS V 25 51.52 -82.59 -11.14
N ASP V 26 51.43 -83.14 -9.93
CA ASP V 26 51.41 -84.59 -9.78
C ASP V 26 50.22 -85.20 -10.53
N LYS V 27 49.05 -84.60 -10.38
CA LYS V 27 47.87 -85.07 -11.10
C LYS V 27 48.10 -85.02 -12.61
N GLU V 28 48.67 -83.93 -13.11
CA GLU V 28 48.91 -83.80 -14.54
C GLU V 28 49.90 -84.86 -15.02
N GLU V 29 50.89 -85.18 -14.20
CA GLU V 29 51.81 -86.26 -14.55
C GLU V 29 51.06 -87.58 -14.68
N LYS V 30 50.19 -87.86 -13.71
CA LYS V 30 49.42 -89.09 -13.77
C LYS V 30 48.59 -89.16 -15.04
N ALA V 31 48.07 -88.02 -15.50
CA ALA V 31 47.29 -88.01 -16.74
C ALA V 31 48.18 -88.21 -17.97
N GLU V 32 49.31 -87.50 -18.02
CA GLU V 32 50.20 -87.62 -19.16
C GLU V 32 50.76 -89.03 -19.28
N LYS V 33 50.84 -89.78 -18.18
CA LYS V 33 51.24 -91.19 -18.29
C LYS V 33 50.21 -92.00 -19.06
N ALA V 34 48.92 -91.77 -18.78
CA ALA V 34 47.88 -92.41 -19.58
C ALA V 34 48.03 -92.04 -21.05
N LYS V 35 48.26 -90.76 -21.32
CA LYS V 35 48.35 -90.32 -22.71
C LYS V 35 49.54 -90.96 -23.43
N ILE V 36 50.68 -91.06 -22.75
CA ILE V 36 51.86 -91.68 -23.38
C ILE V 36 51.61 -93.17 -23.60
N GLU V 37 50.91 -93.83 -22.68
CA GLU V 37 50.56 -95.23 -22.91
C GLU V 37 49.70 -95.36 -24.16
N LYS V 38 48.68 -94.52 -24.29
CA LYS V 38 47.85 -94.56 -25.49
C LYS V 38 48.69 -94.35 -26.75
N ALA V 39 49.55 -93.33 -26.74
CA ALA V 39 50.31 -93.01 -27.92
C ALA V 39 51.31 -94.11 -28.28
N ILE V 40 51.89 -94.78 -27.29
CA ILE V 40 52.78 -95.88 -27.59
C ILE V 40 52.01 -97.08 -28.08
N GLN V 41 50.73 -97.19 -27.71
CA GLN V 41 49.88 -98.21 -28.32
C GLN V 41 49.61 -97.91 -29.79
N LYS V 42 49.24 -96.65 -30.10
CA LYS V 42 48.97 -96.27 -31.47
C LYS V 42 50.21 -96.30 -32.34
N GLY V 43 51.41 -96.37 -31.76
CA GLY V 43 52.64 -96.39 -32.51
C GLY V 43 53.29 -95.04 -32.72
N ASN V 44 52.66 -93.95 -32.26
CA ASN V 44 53.23 -92.62 -32.41
C ASN V 44 54.45 -92.48 -31.53
N MET V 45 55.63 -92.42 -32.15
CA MET V 45 56.87 -92.22 -31.39
C MET V 45 57.04 -90.77 -30.97
N GLU V 46 56.69 -89.83 -31.86
CA GLU V 46 56.90 -88.42 -31.54
C GLU V 46 55.92 -87.93 -30.47
N VAL V 47 54.66 -88.34 -30.55
CA VAL V 47 53.70 -87.95 -29.52
C VAL V 47 54.07 -88.62 -28.20
N ALA V 48 54.60 -89.84 -28.25
CA ALA V 48 55.07 -90.48 -27.03
C ALA V 48 56.23 -89.70 -26.43
N ARG V 49 57.14 -89.22 -27.26
CA ARG V 49 58.24 -88.38 -26.77
C ARG V 49 57.69 -87.12 -26.12
N ILE V 50 56.73 -86.47 -26.77
CA ILE V 50 56.17 -85.23 -26.22
C ILE V 50 55.54 -85.50 -24.86
N HIS V 51 54.71 -86.53 -24.76
CA HIS V 51 54.03 -86.81 -23.51
C HIS V 51 54.99 -87.28 -22.43
N ALA V 52 56.07 -87.96 -22.82
CA ALA V 52 57.08 -88.33 -21.83
C ALA V 52 57.80 -87.11 -21.29
N GLU V 53 58.15 -86.18 -22.19
CA GLU V 53 58.74 -84.92 -21.74
C GLU V 53 57.80 -84.21 -20.77
N ASN V 54 56.52 -84.12 -21.12
CA ASN V 54 55.56 -83.47 -20.25
C ASN V 54 55.48 -84.16 -18.89
N ALA V 55 55.44 -85.49 -18.89
CA ALA V 55 55.30 -86.23 -17.63
C ALA V 55 56.53 -86.03 -16.75
N ILE V 56 57.73 -86.17 -17.32
CA ILE V 56 58.95 -85.98 -16.54
C ILE V 56 59.02 -84.56 -16.02
N ARG V 57 58.69 -83.58 -16.85
CA ARG V 57 58.70 -82.19 -16.41
C ARG V 57 57.75 -81.96 -15.26
N GLN V 58 56.53 -82.50 -15.37
CA GLN V 58 55.55 -82.32 -14.30
C GLN V 58 56.01 -82.97 -13.01
N LYS V 59 56.59 -84.17 -13.12
CA LYS V 59 57.11 -84.84 -11.93
C LYS V 59 58.19 -83.99 -11.25
N ASN V 60 59.18 -83.55 -12.02
CA ASN V 60 60.27 -82.79 -11.43
C ASN V 60 59.79 -81.47 -10.85
N GLN V 61 58.90 -80.77 -11.57
CA GLN V 61 58.43 -79.48 -11.07
C GLN V 61 57.50 -79.67 -9.88
N ALA V 62 56.80 -80.79 -9.78
CA ALA V 62 56.01 -81.07 -8.58
C ALA V 62 56.91 -81.30 -7.38
N VAL V 63 58.00 -82.07 -7.56
CA VAL V 63 58.94 -82.25 -6.46
C VAL V 63 59.54 -80.91 -6.05
N ASN V 64 59.89 -80.08 -7.04
CA ASN V 64 60.46 -78.77 -6.72
C ASN V 64 59.48 -77.89 -5.98
N PHE V 65 58.22 -77.86 -6.43
CA PHE V 65 57.19 -77.08 -5.74
C PHE V 65 57.00 -77.58 -4.32
N LEU V 66 57.07 -78.90 -4.12
CA LEU V 66 56.88 -79.44 -2.77
C LEU V 66 58.00 -79.00 -1.85
N ARG V 67 59.26 -79.13 -2.30
CA ARG V 67 60.38 -78.69 -1.50
C ARG V 67 60.30 -77.19 -1.22
N MET V 68 59.94 -76.42 -2.25
CA MET V 68 59.82 -74.97 -2.10
C MET V 68 58.75 -74.60 -1.08
N SER V 69 57.60 -75.29 -1.13
CA SER V 69 56.54 -75.04 -0.17
C SER V 69 56.98 -75.43 1.23
N ALA V 70 57.77 -76.49 1.37
CA ALA V 70 58.29 -76.84 2.68
C ALA V 70 59.17 -75.72 3.23
N ARG V 71 60.06 -75.19 2.38
CA ARG V 71 60.92 -74.09 2.82
C ARG V 71 60.11 -72.88 3.25
N VAL V 72 59.13 -72.49 2.43
CA VAL V 72 58.31 -71.33 2.76
C VAL V 72 57.49 -71.59 4.02
N ASP V 73 57.08 -72.84 4.22
CA ASP V 73 56.35 -73.19 5.44
C ASP V 73 57.23 -73.01 6.67
N ALA V 74 58.47 -73.46 6.60
CA ALA V 74 59.40 -73.25 7.71
C ALA V 74 59.57 -71.77 7.99
N VAL V 75 59.80 -70.98 6.93
CA VAL V 75 60.02 -69.54 7.12
C VAL V 75 58.77 -68.89 7.73
N ALA V 76 57.59 -69.29 7.25
CA ALA V 76 56.36 -68.68 7.74
C ALA V 76 56.08 -69.07 9.19
N ALA V 77 56.39 -70.32 9.56
CA ALA V 77 56.26 -70.71 10.95
C ALA V 77 57.19 -69.89 11.84
N ARG V 78 58.43 -69.68 11.38
CA ARG V 78 59.36 -68.86 12.13
C ARG V 78 58.84 -67.43 12.28
N VAL V 79 58.30 -66.87 11.21
CA VAL V 79 57.81 -65.50 11.25
C VAL V 79 56.58 -65.38 12.15
N GLN V 80 55.73 -66.40 12.14
CA GLN V 80 54.56 -66.40 13.01
C GLN V 80 54.97 -66.48 14.47
N THR V 81 55.95 -67.33 14.78
CA THR V 81 56.52 -67.35 16.12
C THR V 81 57.04 -65.97 16.50
N ALA V 82 57.77 -65.33 15.59
CA ALA V 82 58.31 -64.01 15.88
C ALA V 82 57.20 -62.99 16.15
N VAL V 83 56.13 -63.05 15.38
CA VAL V 83 55.02 -62.11 15.55
C VAL V 83 54.37 -62.31 16.92
N THR V 84 54.07 -63.56 17.26
CA THR V 84 53.43 -63.83 18.55
C THR V 84 54.35 -63.41 19.70
N MET V 85 55.64 -63.71 19.59
CA MET V 85 56.57 -63.33 20.64
C MET V 85 56.73 -61.82 20.71
N GLY V 86 56.61 -61.12 19.58
CA GLY V 86 56.65 -59.67 19.63
C GLY V 86 55.46 -59.08 20.34
N LYS V 87 54.27 -59.64 20.09
CA LYS V 87 53.09 -59.23 20.84
C LYS V 87 53.29 -59.49 22.34
N VAL V 88 53.82 -60.66 22.68
CA VAL V 88 54.04 -60.99 24.08
C VAL V 88 55.03 -60.03 24.72
N THR V 89 56.12 -59.73 24.00
CA THR V 89 57.14 -58.82 24.54
C THR V 89 56.59 -57.41 24.71
N LYS V 90 55.80 -56.94 23.76
CA LYS V 90 55.17 -55.64 23.89
C LYS V 90 54.25 -55.60 25.10
N SER V 91 53.44 -56.65 25.28
CA SER V 91 52.53 -56.69 26.43
C SER V 91 53.31 -56.70 27.73
N MET V 92 54.41 -57.44 27.79
CA MET V 92 55.17 -57.51 29.02
C MET V 92 55.93 -56.22 29.28
N ALA V 93 56.32 -55.49 28.24
CA ALA V 93 56.91 -54.17 28.43
C ALA V 93 55.87 -53.20 28.99
N GLY V 94 54.66 -53.20 28.43
CA GLY V 94 53.60 -52.38 28.98
C GLY V 94 53.31 -52.72 30.43
N VAL V 95 53.27 -54.02 30.75
CA VAL V 95 53.03 -54.44 32.12
C VAL V 95 54.16 -53.97 33.02
N VAL V 96 55.40 -54.04 32.55
CA VAL V 96 56.52 -53.59 33.35
C VAL V 96 56.40 -52.10 33.63
N LYS V 97 56.03 -51.32 32.62
CA LYS V 97 55.88 -49.87 32.82
C LYS V 97 54.79 -49.58 33.84
N SER V 98 53.63 -50.20 33.68
CA SER V 98 52.52 -49.94 34.60
C SER V 98 52.88 -50.37 36.02
N MET V 99 53.47 -51.56 36.17
CA MET V 99 53.85 -52.03 37.50
C MET V 99 54.94 -51.15 38.10
N ASP V 100 55.84 -50.61 37.27
CA ASP V 100 56.85 -49.69 37.79
C ASP V 100 56.19 -48.45 38.35
N ALA V 101 55.30 -47.82 37.59
CA ALA V 101 54.59 -46.65 38.08
C ALA V 101 53.87 -46.97 39.38
N THR V 102 53.14 -48.10 39.41
CA THR V 102 52.35 -48.44 40.59
C THR V 102 53.24 -48.68 41.80
N LEU V 103 54.19 -49.61 41.68
CA LEU V 103 55.09 -49.93 42.78
C LEU V 103 55.91 -48.72 43.21
N LYS V 104 56.06 -47.72 42.34
CA LYS V 104 56.64 -46.46 42.79
C LYS V 104 55.66 -45.69 43.64
N THR V 105 54.40 -45.62 43.21
CA THR V 105 53.38 -44.94 44.00
C THR V 105 53.02 -45.75 45.24
N MET V 106 52.66 -47.01 45.05
CA MET V 106 52.26 -47.90 46.13
C MET V 106 53.40 -48.89 46.37
N ASN V 107 54.35 -48.48 47.21
CA ASN V 107 55.51 -49.32 47.51
C ASN V 107 55.24 -50.13 48.77
N LEU V 108 56.24 -50.93 49.16
CA LEU V 108 56.06 -51.84 50.29
C LEU V 108 55.92 -51.07 51.60
N GLU V 109 56.68 -49.99 51.77
CA GLU V 109 56.54 -49.18 52.97
C GLU V 109 55.11 -48.65 53.11
N LYS V 110 54.62 -47.99 52.05
CA LYS V 110 53.28 -47.41 52.09
C LYS V 110 52.23 -48.49 52.26
N ILE V 111 52.41 -49.63 51.60
CA ILE V 111 51.43 -50.70 51.70
C ILE V 111 51.38 -51.26 53.12
N SER V 112 52.55 -51.50 53.71
CA SER V 112 52.60 -52.00 55.09
C SER V 112 51.96 -51.02 56.05
N ALA V 113 52.27 -49.73 55.90
CA ALA V 113 51.68 -48.72 56.78
C ALA V 113 50.18 -48.66 56.59
N LEU V 114 49.72 -48.70 55.35
CA LEU V 114 48.30 -48.67 55.06
C LEU V 114 47.58 -49.86 55.68
N MET V 115 48.23 -51.02 55.68
CA MET V 115 47.60 -52.21 56.23
C MET V 115 47.59 -52.19 57.75
N ASP V 116 48.67 -51.72 58.36
CA ASP V 116 48.64 -51.51 59.81
C ASP V 116 47.53 -50.54 60.18
N LYS V 117 47.33 -49.49 59.37
CA LYS V 117 46.26 -48.53 59.62
C LYS V 117 44.89 -49.18 59.47
N PHE V 118 44.72 -49.99 58.44
CA PHE V 118 43.46 -50.72 58.25
C PHE V 118 43.16 -51.59 59.48
N GLU V 119 44.14 -52.37 59.91
CA GLU V 119 43.95 -53.24 61.05
C GLU V 119 43.58 -52.45 62.30
N HIS V 120 44.30 -51.35 62.56
CA HIS V 120 44.05 -50.58 63.77
C HIS V 120 42.69 -49.89 63.70
N GLN V 121 42.32 -49.38 62.53
CA GLN V 121 41.02 -48.72 62.38
C GLN V 121 39.89 -49.71 62.62
N PHE V 122 40.01 -50.93 62.09
CA PHE V 122 38.94 -51.89 62.28
C PHE V 122 38.96 -52.52 63.66
N GLU V 123 40.10 -52.52 64.35
CA GLU V 123 40.10 -52.86 65.77
C GLU V 123 39.35 -51.80 66.58
N THR V 124 39.64 -50.53 66.31
CA THR V 124 38.88 -49.45 66.93
C THR V 124 37.40 -49.60 66.63
N LEU V 125 37.05 -50.02 65.41
CA LEU V 125 35.67 -50.25 65.06
C LEU V 125 35.07 -51.44 65.82
N ASP V 126 35.94 -52.43 66.12
CA ASP V 126 35.53 -53.60 66.94
C ASP V 126 35.14 -53.11 68.34
N VAL V 127 35.93 -52.17 68.89
CA VAL V 127 35.67 -51.62 70.21
C VAL V 127 34.40 -50.79 70.20
N GLN V 128 34.26 -49.95 69.17
CA GLN V 128 33.04 -49.14 69.02
C GLN V 128 31.82 -50.03 68.92
N THR V 129 31.90 -51.11 68.15
CA THR V 129 30.76 -52.02 68.00
C THR V 129 30.39 -52.65 69.33
N GLN V 130 31.39 -53.11 70.08
CA GLN V 130 31.13 -53.73 71.38
C GLN V 130 30.44 -52.76 72.32
N GLN V 131 30.97 -51.54 72.43
CA GLN V 131 30.40 -50.55 73.33
C GLN V 131 29.00 -50.16 72.88
N MET V 132 28.84 -49.89 71.59
CA MET V 132 27.55 -49.55 71.02
C MET V 132 26.53 -50.64 71.29
N GLU V 133 26.96 -51.90 71.23
CA GLU V 133 26.03 -53.00 71.47
C GLU V 133 25.66 -53.11 72.94
N ASP V 134 26.65 -52.94 73.82
CA ASP V 134 26.35 -52.88 75.24
C ASP V 134 25.28 -51.83 75.52
N THR V 135 25.44 -50.64 74.94
CA THR V 135 24.47 -49.58 75.20
C THR V 135 23.12 -49.89 74.56
N MET V 136 23.11 -50.36 73.31
CA MET V 136 21.86 -50.73 72.67
C MET V 136 21.09 -51.74 73.52
N SER V 137 21.79 -52.69 74.11
CA SER V 137 21.13 -53.68 74.95
C SER V 137 20.64 -53.06 76.25
N SER V 138 21.46 -52.20 76.87
CA SER V 138 21.05 -51.56 78.11
C SER V 138 19.84 -50.66 77.91
N THR V 139 19.64 -50.14 76.69
CA THR V 139 18.50 -49.28 76.44
C THR V 139 17.19 -50.05 76.58
N THR V 140 17.14 -51.24 76.02
CA THR V 140 15.92 -52.05 75.98
C THR V 140 16.16 -53.30 76.83
N THR V 141 15.89 -53.17 78.13
CA THR V 141 15.99 -54.28 79.06
C THR V 141 14.67 -54.64 79.72
N LEU V 142 13.69 -53.73 79.71
CA LEU V 142 12.38 -54.01 80.30
C LEU V 142 11.44 -54.68 79.30
N THR V 143 11.73 -54.59 78.01
CA THR V 143 10.97 -55.33 77.00
C THR V 143 11.50 -56.75 76.83
N THR V 144 12.77 -56.99 77.17
CA THR V 144 13.41 -58.30 77.05
C THR V 144 13.99 -58.69 78.40
N PRO V 145 13.17 -59.18 79.33
CA PRO V 145 13.71 -59.65 80.60
C PRO V 145 14.47 -60.96 80.44
N GLN V 146 15.63 -61.04 81.08
CA GLN V 146 16.44 -62.24 81.00
C GLN V 146 15.68 -63.45 81.51
N ASN V 147 14.90 -63.28 82.58
CA ASN V 147 14.15 -64.40 83.16
C ASN V 147 13.17 -64.98 82.16
N GLN V 148 12.45 -64.10 81.44
CA GLN V 148 11.47 -64.59 80.48
C GLN V 148 12.13 -65.34 79.34
N VAL V 149 13.27 -64.85 78.86
CA VAL V 149 13.99 -65.53 77.79
C VAL V 149 14.47 -66.89 78.26
N ASP V 150 15.05 -66.95 79.46
CA ASP V 150 15.48 -68.23 80.02
C ASP V 150 14.31 -69.21 80.11
N MET V 151 13.17 -68.74 80.61
CA MET V 151 12.02 -69.62 80.75
C MET V 151 11.54 -70.10 79.39
N LEU V 152 11.48 -69.22 78.39
CA LEU V 152 11.05 -69.64 77.07
C LEU V 152 11.98 -70.69 76.50
N LEU V 153 13.29 -70.49 76.67
CA LEU V 153 14.24 -71.48 76.15
C LEU V 153 14.07 -72.81 76.87
N GLN V 154 13.88 -72.78 78.19
CA GLN V 154 13.69 -74.02 78.93
C GLN V 154 12.44 -74.75 78.47
N GLU V 155 11.34 -74.01 78.28
CA GLU V 155 10.11 -74.65 77.84
C GLU V 155 10.25 -75.23 76.44
N MET V 156 10.87 -74.49 75.53
CA MET V 156 11.04 -74.99 74.17
C MET V 156 11.94 -76.22 74.14
N ALA V 157 12.99 -76.22 74.95
CA ALA V 157 13.85 -77.39 75.04
C ALA V 157 13.08 -78.59 75.57
N ASP V 158 12.44 -78.43 76.74
CA ASP V 158 11.70 -79.54 77.33
C ASP V 158 10.65 -80.07 76.38
N GLU V 159 10.00 -79.20 75.63
CA GLU V 159 9.03 -79.65 74.63
C GLU V 159 9.73 -80.45 73.54
N ALA V 160 10.84 -79.94 73.03
CA ALA V 160 11.63 -80.67 72.04
C ALA V 160 12.33 -81.88 72.62
N GLY V 161 12.32 -82.03 73.95
CA GLY V 161 12.97 -83.15 74.61
C GLY V 161 14.48 -83.05 74.66
N LEU V 162 15.08 -82.13 73.92
CA LEU V 162 16.54 -82.02 73.85
C LEU V 162 17.06 -81.28 75.08
N ASP V 163 18.34 -80.94 75.05
CA ASP V 163 18.97 -80.16 76.10
C ASP V 163 19.86 -79.11 75.46
N LEU V 164 20.21 -78.09 76.24
CA LEU V 164 20.96 -76.95 75.77
C LEU V 164 22.32 -76.92 76.43
N ASN V 165 23.37 -76.90 75.62
CA ASN V 165 24.74 -76.84 76.13
C ASN V 165 25.51 -75.70 75.45
N GLU V 187 15.16 -64.89 94.13
CA GLU V 187 15.96 -66.08 94.35
C GLU V 187 17.29 -65.71 94.99
N LEU V 188 18.34 -65.61 94.16
CA LEU V 188 19.65 -65.21 94.69
C LEU V 188 19.61 -63.79 95.22
N SER V 189 18.78 -62.92 94.63
CA SER V 189 18.73 -61.53 95.06
C SER V 189 18.34 -61.43 96.53
N GLN V 190 17.47 -62.32 97.00
CA GLN V 190 17.07 -62.28 98.40
C GLN V 190 18.22 -62.64 99.33
N ARG V 191 18.99 -63.68 98.97
CA ARG V 191 20.16 -64.03 99.77
C ARG V 191 21.17 -62.89 99.77
N LEU V 192 21.36 -62.25 98.62
CA LEU V 192 22.30 -61.13 98.54
C LEU V 192 21.82 -59.95 99.39
N ALA V 193 20.51 -59.72 99.43
CA ALA V 193 19.98 -58.64 100.26
C ALA V 193 20.16 -58.97 101.74
N ARG V 194 19.87 -60.20 102.13
CA ARG V 194 20.10 -60.61 103.52
C ARG V 194 21.56 -60.45 103.89
N LEU V 195 22.47 -60.78 102.96
CA LEU V 195 23.90 -60.59 103.21
C LEU V 195 24.23 -59.11 103.32
N ARG V 196 23.57 -58.27 102.52
CA ARG V 196 23.80 -56.83 102.56
C ARG V 196 23.38 -56.25 103.90
N ASP V 197 22.27 -56.75 104.46
CA ASP V 197 21.85 -56.30 105.77
C ASP V 197 22.91 -56.59 106.82
N GLN V 198 23.65 -57.69 106.66
CA GLN V 198 24.74 -58.03 107.57
C GLN V 198 24.23 -58.15 109.00
N PHE W 6 10.38 -19.57 95.26
CA PHE W 6 9.88 -20.92 95.45
C PHE W 6 8.48 -21.07 94.87
N LYS W 7 8.30 -22.14 94.07
CA LYS W 7 7.01 -22.47 93.42
C LYS W 7 6.55 -23.83 93.95
N ALA W 8 5.28 -23.93 94.37
CA ALA W 8 4.78 -25.18 94.95
C ALA W 8 4.48 -26.22 93.88
N GLU W 9 3.68 -25.85 92.88
CA GLU W 9 3.31 -26.81 91.85
C GLU W 9 4.54 -27.34 91.12
N ARG W 10 5.56 -26.50 90.92
CA ARG W 10 6.81 -26.96 90.35
C ARG W 10 7.41 -28.07 91.20
N LEU W 11 7.44 -27.88 92.52
CA LEU W 11 7.96 -28.90 93.41
C LEU W 11 7.14 -30.19 93.32
N ARG W 12 5.81 -30.05 93.28
CA ARG W 12 4.94 -31.22 93.16
C ARG W 12 5.25 -32.01 91.90
N VAL W 13 5.31 -31.33 90.76
CA VAL W 13 5.56 -32.00 89.49
C VAL W 13 6.94 -32.65 89.50
N ASN W 14 7.94 -31.95 90.02
CA ASN W 14 9.28 -32.52 90.05
C ASN W 14 9.34 -33.73 90.97
N LEU W 15 8.58 -33.72 92.07
CA LEU W 15 8.54 -34.89 92.95
C LEU W 15 7.94 -36.09 92.24
N ARG W 16 6.82 -35.89 91.53
CA ARG W 16 6.22 -36.98 90.79
C ARG W 16 7.18 -37.52 89.73
N LEU W 17 7.87 -36.61 89.03
CA LEU W 17 8.83 -37.03 88.02
C LEU W 17 9.98 -37.81 88.64
N VAL W 18 10.47 -37.36 89.80
CA VAL W 18 11.55 -38.08 90.48
C VAL W 18 11.09 -39.48 90.86
N ILE W 19 9.85 -39.60 91.35
CA ILE W 19 9.33 -40.91 91.71
C ILE W 19 9.34 -41.84 90.50
N ASN W 20 8.77 -41.38 89.39
CA ASN W 20 8.72 -42.21 88.20
C ASN W 20 10.12 -42.60 87.73
N ARG W 21 11.04 -41.62 87.71
CA ARG W 21 12.39 -41.88 87.26
C ARG W 21 13.08 -42.91 88.15
N LEU W 22 12.88 -42.80 89.47
CA LEU W 22 13.48 -43.76 90.38
C LEU W 22 12.93 -45.16 90.15
N LYS W 23 11.62 -45.27 89.90
CA LYS W 23 11.04 -46.56 89.58
C LYS W 23 11.73 -47.19 88.36
N LEU W 24 11.77 -46.43 87.26
CA LEU W 24 12.39 -46.94 86.04
C LEU W 24 13.84 -47.34 86.31
N LEU W 25 14.57 -46.50 87.03
CA LEU W 25 16.00 -46.74 87.24
C LEU W 25 16.22 -47.99 88.07
N GLU W 26 15.45 -48.17 89.15
CA GLU W 26 15.65 -49.35 89.99
C GLU W 26 15.28 -50.62 89.22
N LYS W 27 14.21 -50.57 88.42
CA LYS W 27 13.88 -51.72 87.58
C LYS W 27 15.05 -52.11 86.70
N LYS W 28 15.51 -51.18 85.85
CA LYS W 28 16.54 -51.52 84.89
C LYS W 28 17.86 -51.85 85.58
N LYS W 29 18.10 -51.28 86.77
CA LYS W 29 19.32 -51.60 87.48
C LYS W 29 19.27 -53.01 88.05
N THR W 30 18.09 -53.45 88.52
CA THR W 30 17.94 -54.83 88.92
C THR W 30 18.24 -55.77 87.76
N GLU W 31 17.70 -55.45 86.58
CA GLU W 31 17.95 -56.30 85.42
C GLU W 31 19.45 -56.35 85.08
N LEU W 32 20.08 -55.18 84.96
CA LEU W 32 21.50 -55.12 84.69
C LEU W 32 22.31 -55.84 85.75
N ALA W 33 21.84 -55.81 87.00
CA ALA W 33 22.55 -56.51 88.08
C ALA W 33 22.49 -58.01 87.88
N GLN W 34 21.32 -58.53 87.47
CA GLN W 34 21.24 -59.95 87.12
C GLN W 34 22.27 -60.30 86.06
N LYS W 35 22.29 -59.51 84.97
CA LYS W 35 23.19 -59.84 83.86
C LYS W 35 24.65 -59.77 84.29
N ALA W 36 25.01 -58.75 85.06
CA ALA W 36 26.41 -58.60 85.48
C ALA W 36 26.79 -59.64 86.53
N ARG W 37 25.82 -60.13 87.30
CA ARG W 37 26.09 -61.26 88.18
C ARG W 37 26.41 -62.51 87.38
N LYS W 38 25.65 -62.74 86.30
CA LYS W 38 26.02 -63.83 85.40
C LYS W 38 27.43 -63.64 84.86
N GLU W 39 27.78 -62.40 84.51
CA GLU W 39 29.14 -62.13 84.03
C GLU W 39 30.18 -62.47 85.09
N ILE W 40 29.91 -62.13 86.35
CA ILE W 40 30.85 -62.45 87.42
C ILE W 40 30.98 -63.95 87.60
N ALA W 41 29.87 -64.67 87.46
CA ALA W 41 29.94 -66.13 87.50
C ALA W 41 30.84 -66.67 86.41
N ASP W 42 30.70 -66.14 85.19
CA ASP W 42 31.57 -66.54 84.11
C ASP W 42 33.03 -66.23 84.44
N TYR W 43 33.28 -65.06 85.02
CA TYR W 43 34.64 -64.70 85.41
C TYR W 43 35.21 -65.69 86.41
N LEU W 44 34.39 -66.11 87.38
CA LEU W 44 34.86 -67.06 88.38
C LEU W 44 35.08 -68.44 87.78
N ALA W 45 34.33 -68.79 86.72
CA ALA W 45 34.56 -70.06 86.04
C ALA W 45 36.03 -70.22 85.67
N ALA W 46 36.65 -69.14 85.17
CA ALA W 46 38.07 -69.13 84.90
C ALA W 46 38.84 -68.93 86.20
N GLY W 47 40.18 -68.90 86.08
CA GLY W 47 41.01 -68.66 87.24
C GLY W 47 41.08 -67.23 87.71
N LYS W 48 40.50 -66.31 86.95
CA LYS W 48 40.51 -64.89 87.30
C LYS W 48 39.67 -64.68 88.55
N ASP W 49 40.32 -64.31 89.65
CA ASP W 49 39.65 -64.10 90.93
C ASP W 49 39.72 -62.66 91.41
N GLU W 50 40.92 -62.06 91.37
CA GLU W 50 41.07 -60.69 91.85
C GLU W 50 40.30 -59.69 91.00
N ARG W 51 39.87 -60.08 89.81
CA ARG W 51 39.06 -59.24 88.92
C ARG W 51 37.57 -59.37 89.25
N ALA W 52 37.13 -60.58 89.56
CA ALA W 52 35.75 -60.78 89.97
C ALA W 52 35.42 -59.97 91.21
N ARG W 53 36.42 -59.71 92.07
CA ARG W 53 36.19 -58.88 93.23
C ARG W 53 35.86 -57.44 92.82
N ILE W 54 36.54 -56.93 91.80
CA ILE W 54 36.21 -55.58 91.31
C ILE W 54 34.82 -55.58 90.69
N ARG W 55 34.49 -56.60 89.91
CA ARG W 55 33.17 -56.66 89.30
C ARG W 55 32.07 -56.71 90.37
N VAL W 56 32.28 -57.49 91.42
CA VAL W 56 31.27 -57.58 92.46
C VAL W 56 31.23 -56.32 93.30
N GLU W 57 32.35 -55.58 93.37
CA GLU W 57 32.30 -54.25 93.95
C GLU W 57 31.34 -53.36 93.17
N HIS W 58 31.48 -53.37 91.84
CA HIS W 58 30.50 -52.70 90.99
C HIS W 58 29.09 -53.12 91.36
N ILE W 59 28.87 -54.43 91.48
CA ILE W 59 27.51 -54.94 91.71
C ILE W 59 26.95 -54.42 93.03
N ILE W 60 27.74 -54.52 94.10
CA ILE W 60 27.20 -54.16 95.41
C ILE W 60 27.06 -52.65 95.52
N ARG W 61 27.90 -51.89 94.82
CA ARG W 61 27.67 -50.46 94.71
C ARG W 61 26.30 -50.19 94.08
N GLU W 62 26.02 -50.86 92.95
CA GLU W 62 24.74 -50.68 92.29
C GLU W 62 23.58 -51.09 93.19
N ASP W 63 23.77 -52.12 94.01
CA ASP W 63 22.70 -52.58 94.89
C ASP W 63 22.44 -51.58 96.01
N TYR W 64 23.51 -51.09 96.65
CA TYR W 64 23.38 -49.97 97.57
C TYR W 64 22.61 -48.83 96.92
N LEU W 65 22.94 -48.53 95.67
CA LEU W 65 22.29 -47.43 94.96
C LEU W 65 20.80 -47.68 94.78
N VAL W 66 20.44 -48.91 94.43
CA VAL W 66 19.02 -49.24 94.24
C VAL W 66 18.27 -49.11 95.55
N GLU W 67 18.86 -49.59 96.65
CA GLU W 67 18.22 -49.44 97.95
C GLU W 67 18.05 -47.97 98.33
N ALA W 68 19.08 -47.17 98.07
CA ALA W 68 19.00 -45.74 98.36
C ALA W 68 17.91 -45.08 97.52
N MET W 69 17.77 -45.50 96.26
CA MET W 69 16.72 -44.96 95.41
C MET W 69 15.34 -45.36 95.91
N GLU W 70 15.21 -46.57 96.45
CA GLU W 70 13.94 -46.97 97.06
C GLU W 70 13.62 -46.06 98.24
N ILE W 71 14.60 -45.82 99.11
CA ILE W 71 14.37 -44.94 100.26
C ILE W 71 13.99 -43.53 99.80
N LEU W 72 14.66 -43.04 98.76
CA LEU W 72 14.38 -41.69 98.28
C LEU W 72 13.01 -41.60 97.65
N GLU W 73 12.60 -42.63 96.90
CA GLU W 73 11.23 -42.68 96.39
C GLU W 73 10.23 -42.65 97.53
N LEU W 74 10.49 -43.42 98.59
CA LEU W 74 9.64 -43.40 99.77
C LEU W 74 9.51 -41.98 100.31
N TYR W 75 10.64 -41.29 100.48
CA TYR W 75 10.60 -39.96 101.07
C TYR W 75 9.91 -38.95 100.17
N CYS W 76 10.15 -39.03 98.86
CA CYS W 76 9.46 -38.14 97.92
C CYS W 76 7.95 -38.35 98.00
N ASP W 77 7.52 -39.61 98.02
CA ASP W 77 6.09 -39.88 98.15
C ASP W 77 5.55 -39.38 99.48
N LEU W 78 6.35 -39.45 100.54
CA LEU W 78 5.92 -38.93 101.83
C LEU W 78 5.67 -37.44 101.74
N LEU W 79 6.62 -36.70 101.17
CA LEU W 79 6.43 -35.26 100.98
C LEU W 79 5.19 -34.99 100.12
N LEU W 80 5.01 -35.79 99.07
CA LEU W 80 3.88 -35.59 98.17
C LEU W 80 2.55 -35.90 98.83
N ALA W 81 2.55 -36.76 99.85
CA ALA W 81 1.32 -37.05 100.60
C ALA W 81 1.01 -35.98 101.61
N ARG W 82 2.01 -35.25 102.09
CA ARG W 82 1.85 -34.18 103.06
C ARG W 82 2.26 -32.85 102.46
N PHE W 83 1.82 -32.62 101.21
CA PHE W 83 2.20 -31.40 100.49
C PHE W 83 1.49 -30.17 101.06
N GLY W 84 0.20 -30.32 101.39
CA GLY W 84 -0.51 -29.22 102.01
C GLY W 84 0.16 -28.77 103.29
N LEU W 85 0.67 -29.72 104.08
CA LEU W 85 1.39 -29.35 105.30
C LEU W 85 2.66 -28.60 104.98
N ILE W 86 3.19 -28.74 103.76
CA ILE W 86 4.30 -27.93 103.32
C ILE W 86 3.83 -26.52 102.99
N GLN W 87 2.72 -26.42 102.25
CA GLN W 87 2.25 -25.11 101.81
C GLN W 87 1.76 -24.27 102.98
N SER W 88 1.12 -24.90 103.97
CA SER W 88 0.50 -24.15 105.05
C SER W 88 1.56 -23.52 105.96
N MET W 89 2.38 -24.35 106.60
CA MET W 89 3.39 -23.85 107.50
C MET W 89 4.48 -23.12 106.72
N LYS W 90 5.31 -22.40 107.46
CA LYS W 90 6.50 -21.75 106.91
C LYS W 90 7.80 -22.45 107.31
N GLU W 91 7.81 -23.09 108.47
CA GLU W 91 8.93 -23.92 108.90
C GLU W 91 8.47 -25.37 108.92
N LEU W 92 9.34 -26.27 108.47
CA LEU W 92 8.98 -27.67 108.37
C LEU W 92 8.80 -28.27 109.76
N ASP W 93 7.82 -29.16 109.89
CA ASP W 93 7.58 -29.85 111.14
C ASP W 93 8.51 -31.05 111.28
N SER W 94 8.34 -31.80 112.36
CA SER W 94 9.21 -32.96 112.60
C SER W 94 8.92 -34.08 111.62
N GLY W 95 7.66 -34.28 111.26
CA GLY W 95 7.29 -35.34 110.35
C GLY W 95 7.93 -35.22 108.97
N LEU W 96 8.38 -34.03 108.60
CA LEU W 96 8.99 -33.80 107.30
C LEU W 96 10.46 -33.42 107.39
N ALA W 97 11.05 -33.41 108.59
CA ALA W 97 12.46 -33.05 108.72
C ALA W 97 13.34 -34.05 108.00
N GLU W 98 13.11 -35.34 108.21
CA GLU W 98 13.96 -36.36 107.60
C GLU W 98 13.88 -36.31 106.08
N SER W 99 12.66 -36.26 105.53
CA SER W 99 12.50 -36.24 104.09
C SER W 99 13.24 -35.07 103.47
N VAL W 100 13.00 -33.87 103.98
CA VAL W 100 13.62 -32.67 103.42
C VAL W 100 15.14 -32.76 103.54
N SER W 101 15.62 -33.14 104.73
CA SER W 101 17.06 -33.21 104.96
C SER W 101 17.72 -34.18 103.98
N THR W 102 17.17 -35.38 103.84
CA THR W 102 17.78 -36.37 102.96
C THR W 102 17.67 -35.95 101.50
N LEU W 103 16.53 -35.38 101.10
CA LEU W 103 16.37 -34.99 99.72
C LEU W 103 17.26 -33.80 99.35
N ILE W 104 17.67 -33.01 100.34
CA ILE W 104 18.63 -31.94 100.07
C ILE W 104 20.06 -32.49 100.09
N TRP W 105 20.33 -33.47 100.93
CA TRP W 105 21.70 -33.99 101.06
C TRP W 105 22.06 -34.91 99.91
N ALA W 106 21.11 -35.71 99.43
CA ALA W 106 21.38 -36.70 98.39
C ALA W 106 21.28 -36.15 96.99
N ALA W 107 20.68 -34.97 96.82
CA ALA W 107 20.53 -34.40 95.48
C ALA W 107 21.85 -34.29 94.75
N PRO W 108 22.90 -33.68 95.29
CA PRO W 108 24.17 -33.64 94.56
C PRO W 108 24.78 -35.01 94.35
N ARG W 109 24.46 -35.98 95.19
CA ARG W 109 24.97 -37.33 95.01
C ARG W 109 24.37 -37.97 93.77
N LEU W 110 23.04 -37.99 93.67
CA LEU W 110 22.33 -38.60 92.55
C LEU W 110 21.90 -37.58 91.51
N GLN W 111 22.60 -36.44 91.42
CA GLN W 111 22.21 -35.42 90.45
C GLN W 111 22.37 -35.91 89.03
N SER W 112 23.35 -36.79 88.77
CA SER W 112 23.56 -37.28 87.42
C SER W 112 22.49 -38.27 87.01
N GLU W 113 22.15 -39.20 87.90
CA GLU W 113 21.12 -40.18 87.58
C GLU W 113 19.76 -39.51 87.42
N VAL W 114 19.32 -38.80 88.45
CA VAL W 114 18.03 -38.14 88.47
C VAL W 114 18.28 -36.64 88.43
N ALA W 115 17.87 -36.00 87.34
CA ALA W 115 18.07 -34.56 87.19
C ALA W 115 17.06 -33.76 88.01
N GLU W 116 15.79 -34.16 87.95
CA GLU W 116 14.73 -33.44 88.65
C GLU W 116 15.00 -33.34 90.14
N LEU W 117 15.82 -34.24 90.69
CA LEU W 117 16.12 -34.20 92.11
C LEU W 117 16.81 -32.89 92.50
N LYS W 118 17.61 -32.33 91.59
CA LYS W 118 18.25 -31.05 91.88
C LYS W 118 17.22 -29.94 91.97
N ILE W 119 16.20 -29.98 91.12
CA ILE W 119 15.13 -28.99 91.19
C ILE W 119 14.35 -29.14 92.49
N VAL W 120 14.12 -30.38 92.91
CA VAL W 120 13.46 -30.62 94.19
C VAL W 120 14.28 -30.01 95.33
N ALA W 121 15.59 -30.25 95.30
CA ALA W 121 16.48 -29.68 96.31
C ALA W 121 16.41 -28.16 96.29
N ASP W 122 16.34 -27.57 95.09
CA ASP W 122 16.21 -26.13 94.98
C ASP W 122 14.94 -25.63 95.68
N GLN W 123 13.80 -26.19 95.29
CA GLN W 123 12.54 -25.75 95.88
C GLN W 123 12.53 -25.96 97.39
N LEU W 124 13.23 -26.96 97.89
CA LEU W 124 13.29 -27.20 99.33
C LEU W 124 14.32 -26.34 100.04
N CYS W 125 15.27 -25.77 99.31
CA CYS W 125 16.22 -24.83 99.89
C CYS W 125 15.76 -23.38 99.74
N ALA W 126 15.02 -23.08 98.68
CA ALA W 126 14.50 -21.74 98.46
C ALA W 126 13.27 -21.45 99.30
N LYS W 127 12.68 -22.45 99.93
CA LYS W 127 11.49 -22.26 100.76
C LYS W 127 11.83 -21.96 102.21
N TYR W 128 13.02 -22.34 102.66
CA TYR W 128 13.40 -22.21 104.06
C TYR W 128 14.58 -21.26 104.20
N SER W 129 14.61 -20.57 105.34
CA SER W 129 15.69 -19.64 105.67
C SER W 129 16.39 -19.99 106.98
N LYS W 130 15.73 -20.69 107.89
CA LYS W 130 16.34 -21.10 109.16
C LYS W 130 17.37 -22.18 108.86
N GLU W 131 18.65 -21.80 108.90
CA GLU W 131 19.75 -22.71 108.58
C GLU W 131 19.61 -23.27 107.17
N TYR W 132 19.11 -22.46 106.24
CA TYR W 132 18.88 -22.86 104.86
C TYR W 132 19.72 -21.99 103.93
N GLY W 133 19.58 -22.23 102.64
CA GLY W 133 20.49 -21.67 101.67
C GLY W 133 21.67 -22.61 101.45
N LYS W 134 22.17 -22.64 100.22
CA LYS W 134 23.20 -23.61 99.84
C LYS W 134 24.21 -23.83 100.96
N LEU W 135 24.82 -22.76 101.44
CA LEU W 135 25.80 -22.87 102.51
C LEU W 135 25.16 -23.42 103.79
N CYS W 136 24.15 -22.72 104.30
CA CYS W 136 23.47 -23.18 105.51
C CYS W 136 22.70 -24.48 105.28
N ARG W 137 22.30 -24.75 104.03
CA ARG W 137 21.65 -26.02 103.74
C ARG W 137 22.63 -27.17 103.88
N THR W 138 23.89 -26.95 103.52
CA THR W 138 24.93 -27.95 103.75
C THR W 138 25.35 -27.99 105.22
N ASN W 139 25.24 -26.86 105.92
CA ASN W 139 25.63 -26.81 107.33
C ASN W 139 24.60 -27.54 108.19
N GLN W 140 23.31 -27.40 107.86
CA GLN W 140 22.23 -28.03 108.62
C GLN W 140 21.84 -29.39 108.06
N ILE W 141 22.77 -30.10 107.43
CA ILE W 141 22.50 -31.41 106.85
C ILE W 141 22.88 -32.54 107.80
N GLY W 142 23.04 -32.24 109.09
CA GLY W 142 23.43 -33.23 110.06
C GLY W 142 22.24 -33.93 110.71
N THR W 143 21.15 -34.08 109.96
CA THR W 143 19.97 -34.76 110.48
C THR W 143 19.37 -35.71 109.44
N VAL W 144 20.15 -36.17 108.48
CA VAL W 144 19.66 -37.04 107.42
C VAL W 144 19.68 -38.48 107.90
N ASN W 145 18.94 -39.32 107.19
CA ASN W 145 18.91 -40.75 107.50
C ASN W 145 20.29 -41.36 107.35
N ASP W 146 20.81 -41.91 108.45
CA ASP W 146 22.16 -42.49 108.42
C ASP W 146 22.22 -43.67 107.47
N ARG W 147 21.16 -44.46 107.41
CA ARG W 147 21.15 -45.61 106.51
C ARG W 147 21.37 -45.18 105.06
N LEU W 148 20.61 -44.18 104.61
CA LEU W 148 20.78 -43.68 103.26
C LEU W 148 22.18 -43.12 103.05
N MET W 149 22.73 -42.46 104.06
CA MET W 149 24.10 -41.99 103.98
C MET W 149 25.05 -43.16 103.74
N HIS W 150 24.79 -44.30 104.38
CA HIS W 150 25.65 -45.46 104.18
C HIS W 150 25.47 -46.05 102.80
N LYS W 151 24.23 -46.12 102.31
CA LYS W 151 23.98 -46.68 100.98
C LYS W 151 24.69 -45.85 99.91
N LEU W 152 24.69 -44.53 100.06
CA LEU W 152 25.33 -43.63 99.11
C LEU W 152 26.74 -43.24 99.55
N SER W 153 27.30 -43.95 100.52
CA SER W 153 28.65 -43.66 100.97
C SER W 153 29.65 -44.14 99.93
N VAL W 154 30.53 -43.24 99.50
CA VAL W 154 31.52 -43.55 98.46
C VAL W 154 32.76 -44.06 99.19
N GLU W 155 32.81 -45.36 99.41
CA GLU W 155 33.92 -45.96 100.15
C GLU W 155 34.10 -47.40 99.66
N ALA W 156 35.33 -47.88 99.78
CA ALA W 156 35.63 -49.26 99.42
C ALA W 156 34.87 -50.20 100.34
N PRO W 157 33.93 -50.99 99.83
CA PRO W 157 33.15 -51.87 100.72
C PRO W 157 34.05 -52.82 101.47
N PRO W 158 33.57 -53.40 102.58
CA PRO W 158 34.40 -54.32 103.35
C PRO W 158 34.74 -55.57 102.55
N LYS W 159 35.97 -56.04 102.72
CA LYS W 159 36.44 -57.18 101.93
C LYS W 159 35.65 -58.43 102.24
N ILE W 160 35.33 -58.65 103.52
CA ILE W 160 34.58 -59.85 103.90
C ILE W 160 33.23 -59.88 103.21
N LEU W 161 32.61 -58.70 103.08
CA LEU W 161 31.30 -58.57 102.39
C LEU W 161 31.46 -59.00 100.94
N VAL W 162 32.56 -58.58 100.31
CA VAL W 162 32.84 -58.94 98.88
C VAL W 162 33.00 -60.46 98.78
N GLU W 163 33.70 -61.06 99.75
CA GLU W 163 33.92 -62.54 99.77
C GLU W 163 32.55 -63.24 99.89
N ARG W 164 31.69 -62.73 100.76
CA ARG W 164 30.33 -63.32 100.96
C ARG W 164 29.54 -63.21 99.65
N TYR W 165 29.65 -62.07 98.96
CA TYR W 165 28.95 -61.85 97.68
C TYR W 165 29.46 -62.87 96.64
N LEU W 166 30.78 -63.10 96.62
CA LEU W 166 31.35 -64.04 95.67
C LEU W 166 30.97 -65.47 96.02
N ILE W 167 30.98 -65.81 97.32
CA ILE W 167 30.60 -67.14 97.75
C ILE W 167 29.18 -67.45 97.31
N GLU W 168 28.26 -66.51 97.53
CA GLU W 168 26.86 -66.73 97.16
C GLU W 168 26.71 -66.89 95.65
N ILE W 169 27.35 -66.00 94.89
CA ILE W 169 27.21 -66.06 93.43
C ILE W 169 27.76 -67.38 92.91
N ALA W 170 28.92 -67.81 93.41
CA ALA W 170 29.50 -69.08 93.01
C ALA W 170 28.56 -70.24 93.35
N LYS W 171 28.11 -70.29 94.61
CA LYS W 171 27.22 -71.35 95.04
C LYS W 171 25.95 -71.41 94.20
N ASN W 172 25.50 -70.26 93.70
CA ASN W 172 24.28 -70.25 92.90
C ASN W 172 24.55 -70.69 91.46
N TYR W 173 25.67 -70.26 90.88
CA TYR W 173 25.97 -70.54 89.49
C TYR W 173 26.78 -71.81 89.30
N ASN W 174 26.88 -72.66 90.31
CA ASN W 174 27.53 -73.96 90.19
C ASN W 174 28.99 -73.81 89.76
N VAL W 175 29.69 -72.87 90.39
CA VAL W 175 31.10 -72.63 90.10
C VAL W 175 31.89 -72.77 91.40
N PRO W 176 33.04 -73.44 91.40
CA PRO W 176 33.86 -73.48 92.62
C PRO W 176 34.55 -72.16 92.87
N TYR W 177 34.79 -71.88 94.14
CA TYR W 177 35.48 -70.66 94.54
C TYR W 177 36.05 -70.84 95.94
N GLU W 178 37.34 -70.51 96.10
CA GLU W 178 38.03 -70.63 97.38
C GLU W 178 38.22 -69.25 97.97
N PRO W 179 37.42 -68.85 98.97
CA PRO W 179 37.54 -67.50 99.51
C PRO W 179 38.91 -67.25 100.11
N ASP W 180 39.30 -65.98 100.13
CA ASP W 180 40.54 -65.56 100.77
C ASP W 180 40.40 -65.74 102.26
N SER W 181 41.10 -66.74 102.82
CA SER W 181 40.92 -67.05 104.22
C SER W 181 41.33 -65.86 105.11
N VAL W 182 42.33 -65.08 104.67
CA VAL W 182 42.82 -63.95 105.48
C VAL W 182 41.67 -63.04 105.85
N VAL W 183 40.75 -62.79 104.91
CA VAL W 183 39.62 -61.91 105.14
C VAL W 183 38.38 -62.73 105.50
N MET W 184 38.30 -63.94 104.95
CA MET W 184 37.14 -64.79 105.20
C MET W 184 37.05 -65.24 106.66
N ALA W 185 38.16 -65.24 107.39
CA ALA W 185 38.17 -65.66 108.78
C ALA W 185 38.27 -64.51 109.77
N GLU W 186 38.91 -63.41 109.39
CA GLU W 186 39.08 -62.27 110.28
C GLU W 186 37.78 -61.47 110.32
N ASN X 3 -24.07 56.05 -49.14
CA ASN X 3 -25.37 56.52 -48.68
C ASN X 3 -26.48 55.58 -49.13
N MET X 4 -26.52 55.29 -50.43
CA MET X 4 -27.56 54.42 -50.97
C MET X 4 -27.45 53.00 -50.42
N GLU X 5 -26.24 52.56 -50.06
CA GLU X 5 -26.08 51.23 -49.50
C GLU X 5 -26.85 51.10 -48.19
N LYS X 6 -26.87 52.16 -47.38
CA LYS X 6 -27.62 52.13 -46.14
C LYS X 6 -29.12 51.98 -46.41
N HIS X 7 -29.63 52.72 -47.39
CA HIS X 7 -31.04 52.61 -47.74
C HIS X 7 -31.37 51.21 -48.25
N LEU X 8 -30.48 50.63 -49.05
CA LEU X 8 -30.68 49.26 -49.51
C LEU X 8 -30.73 48.30 -48.33
N PHE X 9 -29.81 48.46 -47.37
CA PHE X 9 -29.81 47.61 -46.19
C PHE X 9 -31.13 47.73 -45.44
N ASN X 10 -31.61 48.95 -45.24
CA ASN X 10 -32.87 49.15 -44.53
C ASN X 10 -34.02 48.52 -45.29
N LEU X 11 -34.02 48.62 -46.62
CA LEU X 11 -35.09 48.02 -47.42
C LEU X 11 -35.11 46.51 -47.26
N LYS X 12 -33.94 45.88 -47.39
CA LYS X 12 -33.89 44.43 -47.25
C LYS X 12 -34.27 44.00 -45.84
N PHE X 13 -33.87 44.77 -44.84
CA PHE X 13 -34.25 44.46 -43.46
C PHE X 13 -35.77 44.52 -43.30
N ALA X 14 -36.39 45.55 -43.88
CA ALA X 14 -37.84 45.66 -43.78
C ALA X 14 -38.54 44.50 -44.49
N ALA X 15 -38.02 44.09 -45.63
CA ALA X 15 -38.59 42.94 -46.34
C ALA X 15 -38.52 41.68 -45.49
N LYS X 16 -37.34 41.43 -44.90
CA LYS X 16 -37.19 40.26 -44.05
C LYS X 16 -38.12 40.32 -42.84
N GLU X 17 -38.28 41.52 -42.27
CA GLU X 17 -39.19 41.68 -41.14
C GLU X 17 -40.62 41.35 -41.54
N LEU X 18 -41.04 41.81 -42.72
CA LEU X 18 -42.39 41.52 -43.19
C LEU X 18 -42.57 40.02 -43.39
N SER X 19 -41.56 39.34 -43.95
CA SER X 19 -41.67 37.89 -44.13
C SER X 19 -41.78 37.18 -42.79
N ARG X 20 -40.93 37.55 -41.83
CA ARG X 20 -41.02 36.96 -40.50
C ARG X 20 -42.40 37.19 -39.89
N SER X 21 -42.94 38.39 -40.03
CA SER X 21 -44.25 38.69 -39.46
C SER X 21 -45.34 37.86 -40.12
N ALA X 22 -45.25 37.66 -41.44
CA ALA X 22 -46.22 36.81 -42.11
C ALA X 22 -46.16 35.38 -41.58
N LYS X 23 -44.95 34.84 -41.42
CA LYS X 23 -44.81 33.50 -40.86
C LYS X 23 -45.42 33.43 -39.47
N LYS X 24 -45.11 34.40 -38.62
CA LYS X 24 -45.63 34.42 -37.26
C LYS X 24 -47.16 34.49 -37.25
N CYS X 25 -47.73 35.29 -38.15
CA CYS X 25 -49.19 35.43 -38.19
C CYS X 25 -49.84 34.13 -38.66
N ASP X 26 -49.23 33.45 -39.62
CA ASP X 26 -49.75 32.14 -40.03
C ASP X 26 -49.74 31.17 -38.84
N LYS X 27 -48.64 31.15 -38.08
CA LYS X 27 -48.57 30.30 -36.91
C LYS X 27 -49.68 30.65 -35.91
N GLU X 28 -49.88 31.94 -35.67
CA GLU X 28 -50.92 32.36 -34.72
C GLU X 28 -52.30 31.94 -35.21
N GLU X 29 -52.55 32.00 -36.51
CA GLU X 29 -53.81 31.51 -37.05
C GLU X 29 -53.97 30.03 -36.76
N LYS X 30 -52.91 29.25 -36.99
CA LYS X 30 -52.99 27.81 -36.72
C LYS X 30 -53.32 27.55 -35.26
N ALA X 31 -52.82 28.40 -34.35
CA ALA X 31 -53.12 28.22 -32.93
C ALA X 31 -54.56 28.61 -32.62
N GLU X 32 -55.00 29.76 -33.15
CA GLU X 32 -56.36 30.20 -32.89
C GLU X 32 -57.39 29.23 -33.43
N LYS X 33 -57.05 28.46 -34.46
CA LYS X 33 -57.96 27.42 -34.93
C LYS X 33 -58.16 26.35 -33.87
N ALA X 34 -57.08 25.92 -33.22
CA ALA X 34 -57.20 25.00 -32.09
C ALA X 34 -58.10 25.59 -31.01
N LYS X 35 -57.88 26.86 -30.70
CA LYS X 35 -58.66 27.48 -29.62
C LYS X 35 -60.14 27.55 -29.96
N ILE X 36 -60.46 27.89 -31.21
CA ILE X 36 -61.87 27.96 -31.61
C ILE X 36 -62.50 26.57 -31.60
N GLU X 37 -61.73 25.55 -31.99
CA GLU X 37 -62.26 24.19 -31.89
C GLU X 37 -62.59 23.85 -30.44
N LYS X 38 -61.67 24.15 -29.52
CA LYS X 38 -61.93 23.90 -28.11
C LYS X 38 -63.19 24.63 -27.65
N ALA X 39 -63.30 25.92 -27.99
CA ALA X 39 -64.42 26.72 -27.52
C ALA X 39 -65.74 26.24 -28.10
N ILE X 40 -65.75 25.79 -29.35
CA ILE X 40 -66.98 25.26 -29.93
C ILE X 40 -67.32 23.92 -29.32
N GLN X 41 -66.32 23.19 -28.80
CA GLN X 41 -66.62 21.99 -28.03
C GLN X 41 -67.26 22.34 -26.69
N LYS X 42 -66.71 23.32 -25.98
CA LYS X 42 -67.27 23.73 -24.70
C LYS X 42 -68.63 24.38 -24.83
N GLY X 43 -69.03 24.77 -26.04
CA GLY X 43 -70.30 25.42 -26.26
C GLY X 43 -70.27 26.94 -26.24
N ASN X 44 -69.12 27.54 -25.95
CA ASN X 44 -69.01 28.99 -25.91
C ASN X 44 -69.15 29.55 -27.33
N MET X 45 -70.27 30.23 -27.60
CA MET X 45 -70.46 30.86 -28.89
C MET X 45 -69.68 32.15 -29.01
N GLU X 46 -69.65 32.95 -27.94
CA GLU X 46 -68.97 34.24 -28.00
C GLU X 46 -67.45 34.08 -28.09
N VAL X 47 -66.89 33.15 -27.33
CA VAL X 47 -65.45 32.92 -27.42
C VAL X 47 -65.09 32.33 -28.77
N ALA X 48 -65.98 31.49 -29.32
CA ALA X 48 -65.77 30.98 -30.66
C ALA X 48 -65.77 32.11 -31.68
N ARG X 49 -66.68 33.06 -31.54
CA ARG X 49 -66.69 34.23 -32.42
C ARG X 49 -65.39 35.01 -32.30
N ILE X 50 -64.92 35.23 -31.07
CA ILE X 50 -63.69 35.99 -30.86
C ILE X 50 -62.53 35.28 -31.54
N HIS X 51 -62.39 33.99 -31.30
CA HIS X 51 -61.26 33.25 -31.86
C HIS X 51 -61.36 33.13 -33.38
N ALA X 52 -62.58 33.06 -33.92
CA ALA X 52 -62.74 33.06 -35.36
C ALA X 52 -62.32 34.40 -35.96
N GLU X 53 -62.72 35.50 -35.33
CA GLU X 53 -62.27 36.82 -35.77
C GLU X 53 -60.75 36.89 -35.76
N ASN X 54 -60.13 36.43 -34.67
CA ASN X 54 -58.67 36.45 -34.58
C ASN X 54 -58.03 35.61 -35.68
N ALA X 55 -58.58 34.43 -35.94
CA ALA X 55 -57.99 33.55 -36.95
C ALA X 55 -58.11 34.15 -38.34
N ILE X 56 -59.28 34.65 -38.69
CA ILE X 56 -59.48 35.26 -40.01
C ILE X 56 -58.57 36.48 -40.16
N ARG X 57 -58.48 37.30 -39.11
CA ARG X 57 -57.63 38.47 -39.17
C ARG X 57 -56.17 38.08 -39.38
N GLN X 58 -55.70 37.07 -38.64
CA GLN X 58 -54.32 36.64 -38.78
C GLN X 58 -54.05 36.09 -40.17
N LYS X 59 -54.99 35.32 -40.71
CA LYS X 59 -54.83 34.80 -42.07
C LYS X 59 -54.71 35.94 -43.07
N ASN X 60 -55.65 36.88 -43.03
CA ASN X 60 -55.64 37.97 -44.00
C ASN X 60 -54.39 38.83 -43.85
N GLN X 61 -54.00 39.14 -42.62
CA GLN X 61 -52.83 39.99 -42.42
C GLN X 61 -51.55 39.25 -42.77
N ALA X 62 -51.52 37.93 -42.64
CA ALA X 62 -50.37 37.16 -43.09
C ALA X 62 -50.25 37.21 -44.61
N VAL X 63 -51.36 37.04 -45.31
CA VAL X 63 -51.33 37.16 -46.76
C VAL X 63 -50.87 38.56 -47.17
N ASN X 64 -51.38 39.58 -46.49
CA ASN X 64 -50.99 40.95 -46.81
C ASN X 64 -49.50 41.18 -46.56
N PHE X 65 -48.99 40.69 -45.41
CA PHE X 65 -47.57 40.82 -45.13
C PHE X 65 -46.73 40.10 -46.16
N LEU X 66 -47.21 38.94 -46.64
CA LEU X 66 -46.44 38.20 -47.64
C LEU X 66 -46.36 38.97 -48.95
N ARG X 67 -47.51 39.47 -49.42
CA ARG X 67 -47.50 40.27 -50.65
C ARG X 67 -46.63 41.52 -50.48
N MET X 68 -46.74 42.17 -49.33
CA MET X 68 -45.96 43.38 -49.06
C MET X 68 -44.46 43.07 -49.08
N SER X 69 -44.07 41.96 -48.45
CA SER X 69 -42.67 41.56 -48.45
C SER X 69 -42.19 41.23 -49.86
N ALA X 70 -43.06 40.63 -50.68
CA ALA X 70 -42.68 40.38 -52.06
C ALA X 70 -42.40 41.69 -52.80
N ARG X 71 -43.28 42.68 -52.61
CA ARG X 71 -43.08 43.98 -53.26
C ARG X 71 -41.77 44.61 -52.81
N VAL X 72 -41.53 44.63 -51.50
CA VAL X 72 -40.30 45.24 -50.99
C VAL X 72 -39.08 44.45 -51.46
N ASP X 73 -39.22 43.14 -51.62
CA ASP X 73 -38.11 42.34 -52.14
C ASP X 73 -37.79 42.73 -53.57
N ALA X 74 -38.81 42.90 -54.40
CA ALA X 74 -38.59 43.35 -55.77
C ALA X 74 -37.88 44.70 -55.78
N VAL X 75 -38.38 45.65 -54.97
CA VAL X 75 -37.78 46.98 -54.95
C VAL X 75 -36.33 46.91 -54.48
N ALA X 76 -36.06 46.09 -53.47
CA ALA X 76 -34.70 46.00 -52.93
C ALA X 76 -33.76 45.33 -53.92
N ALA X 77 -34.23 44.33 -54.65
CA ALA X 77 -33.42 43.72 -55.69
C ALA X 77 -33.08 44.75 -56.76
N ARG X 78 -34.08 45.56 -57.16
CA ARG X 78 -33.83 46.60 -58.14
C ARG X 78 -32.79 47.60 -57.63
N VAL X 79 -32.90 48.00 -56.37
CA VAL X 79 -31.98 48.98 -55.81
C VAL X 79 -30.58 48.40 -55.68
N GLN X 80 -30.47 47.12 -55.35
CA GLN X 80 -29.18 46.47 -55.25
C GLN X 80 -28.51 46.39 -56.62
N THR X 81 -29.30 46.03 -57.65
CA THR X 81 -28.80 46.09 -59.01
C THR X 81 -28.29 47.49 -59.35
N ALA X 82 -29.06 48.52 -58.99
CA ALA X 82 -28.66 49.89 -59.28
C ALA X 82 -27.36 50.23 -58.57
N VAL X 83 -27.21 49.80 -57.32
CA VAL X 83 -25.99 50.11 -56.57
C VAL X 83 -24.78 49.46 -57.22
N THR X 84 -24.90 48.16 -57.53
CA THR X 84 -23.78 47.46 -58.16
C THR X 84 -23.43 48.09 -59.50
N MET X 85 -24.44 48.42 -60.30
CA MET X 85 -24.18 49.04 -61.59
C MET X 85 -23.59 50.43 -61.44
N GLY X 86 -23.94 51.15 -60.37
CA GLY X 86 -23.33 52.45 -60.13
C GLY X 86 -21.86 52.31 -59.78
N LYS X 87 -21.52 51.32 -58.96
CA LYS X 87 -20.11 51.05 -58.70
C LYS X 87 -19.38 50.71 -59.99
N VAL X 88 -19.99 49.87 -60.83
CA VAL X 88 -19.36 49.48 -62.09
C VAL X 88 -19.16 50.69 -62.99
N THR X 89 -20.17 51.56 -63.07
CA THR X 89 -20.10 52.74 -63.93
C THR X 89 -19.03 53.70 -63.43
N LYS X 90 -18.95 53.89 -62.11
CA LYS X 90 -17.91 54.73 -61.55
C LYS X 90 -16.53 54.19 -61.86
N SER X 91 -16.35 52.88 -61.70
CA SER X 91 -15.06 52.28 -61.99
C SER X 91 -14.69 52.43 -63.46
N MET X 92 -15.68 52.27 -64.35
CA MET X 92 -15.39 52.39 -65.77
C MET X 92 -15.14 53.83 -66.17
N ALA X 93 -15.76 54.79 -65.48
CA ALA X 93 -15.44 56.19 -65.73
C ALA X 93 -14.01 56.50 -65.28
N GLY X 94 -13.62 56.03 -64.11
CA GLY X 94 -12.24 56.19 -63.68
C GLY X 94 -11.25 55.57 -64.65
N VAL X 95 -11.58 54.36 -65.13
CA VAL X 95 -10.71 53.69 -66.10
C VAL X 95 -10.63 54.50 -67.38
N VAL X 96 -11.76 55.06 -67.82
CA VAL X 96 -11.75 55.86 -69.04
C VAL X 96 -10.86 57.08 -68.87
N LYS X 97 -10.95 57.74 -67.72
CA LYS X 97 -10.12 58.91 -67.47
C LYS X 97 -8.63 58.54 -67.49
N SER X 98 -8.27 57.48 -66.76
CA SER X 98 -6.87 57.08 -66.69
C SER X 98 -6.35 56.67 -68.06
N MET X 99 -7.13 55.87 -68.80
CA MET X 99 -6.71 55.46 -70.13
C MET X 99 -6.63 56.64 -71.08
N ASP X 100 -7.50 57.64 -70.92
CA ASP X 100 -7.41 58.82 -71.75
C ASP X 100 -6.10 59.55 -71.50
N ALA X 101 -5.78 59.80 -70.24
CA ALA X 101 -4.51 60.44 -69.91
C ALA X 101 -3.34 59.65 -70.49
N THR X 102 -3.34 58.33 -70.29
CA THR X 102 -2.22 57.51 -70.74
C THR X 102 -2.10 57.52 -72.26
N LEU X 103 -3.18 57.16 -72.97
CA LEU X 103 -3.16 57.14 -74.42
C LEU X 103 -2.88 58.52 -75.02
N LYS X 104 -3.11 59.58 -74.25
CA LYS X 104 -2.66 60.90 -74.68
C LYS X 104 -1.15 61.02 -74.55
N THR X 105 -0.62 60.57 -73.42
CA THR X 105 0.82 60.59 -73.21
C THR X 105 1.51 59.54 -74.09
N MET X 106 1.08 58.29 -73.98
CA MET X 106 1.66 57.17 -74.72
C MET X 106 0.69 56.79 -75.83
N ASN X 107 0.79 57.47 -76.97
CA ASN X 107 -0.09 57.21 -78.09
C ASN X 107 0.55 56.20 -79.04
N LEU X 108 -0.16 55.91 -80.13
CA LEU X 108 0.30 54.88 -81.05
C LEU X 108 1.56 55.30 -81.78
N GLU X 109 1.66 56.57 -82.16
CA GLU X 109 2.87 57.06 -82.79
C GLU X 109 4.08 56.87 -81.88
N LYS X 110 3.98 57.37 -80.66
CA LYS X 110 5.09 57.26 -79.72
C LYS X 110 5.41 55.81 -79.41
N ILE X 111 4.39 54.98 -79.27
CA ILE X 111 4.61 53.57 -78.94
C ILE X 111 5.33 52.88 -80.09
N SER X 112 4.87 53.11 -81.32
CA SER X 112 5.52 52.49 -82.48
C SER X 112 6.97 52.94 -82.59
N ALA X 113 7.22 54.24 -82.42
CA ALA X 113 8.60 54.74 -82.49
C ALA X 113 9.45 54.13 -81.39
N LEU X 114 8.91 54.07 -80.18
CA LEU X 114 9.64 53.48 -79.06
C LEU X 114 9.98 52.03 -79.32
N MET X 115 9.08 51.30 -79.97
CA MET X 115 9.33 49.89 -80.23
C MET X 115 10.33 49.69 -81.35
N ASP X 116 10.25 50.52 -82.40
CA ASP X 116 11.30 50.50 -83.41
C ASP X 116 12.65 50.79 -82.78
N LYS X 117 12.69 51.74 -81.84
CA LYS X 117 13.94 52.06 -81.16
C LYS X 117 14.43 50.88 -80.32
N PHE X 118 13.52 50.23 -79.60
CA PHE X 118 13.88 49.05 -78.82
C PHE X 118 14.50 47.99 -79.72
N GLU X 119 13.83 47.68 -80.83
CA GLU X 119 14.32 46.66 -81.75
C GLU X 119 15.70 47.03 -82.28
N HIS X 120 15.88 48.29 -82.71
CA HIS X 120 17.16 48.69 -83.28
C HIS X 120 18.26 48.68 -82.23
N GLN X 121 17.96 49.14 -81.01
CA GLN X 121 18.94 49.14 -79.95
C GLN X 121 19.40 47.72 -79.62
N PHE X 122 18.46 46.78 -79.56
CA PHE X 122 18.85 45.42 -79.22
C PHE X 122 19.47 44.69 -80.40
N GLU X 123 19.20 45.11 -81.63
CA GLU X 123 19.98 44.61 -82.77
C GLU X 123 21.42 45.09 -82.67
N THR X 124 21.61 46.39 -82.39
CA THR X 124 22.95 46.91 -82.15
C THR X 124 23.63 46.14 -81.02
N LEU X 125 22.86 45.78 -79.99
CA LEU X 125 23.42 45.00 -78.89
C LEU X 125 23.77 43.59 -79.34
N ASP X 126 23.02 43.07 -80.31
CA ASP X 126 23.29 41.73 -80.91
C ASP X 126 24.66 41.80 -81.61
N VAL X 127 24.92 42.90 -82.32
CA VAL X 127 26.18 43.10 -83.04
C VAL X 127 27.32 43.25 -82.04
N GLN X 128 27.11 44.06 -81.01
CA GLN X 128 28.11 44.24 -79.97
C GLN X 128 28.45 42.91 -79.31
N THR X 129 27.43 42.11 -79.01
CA THR X 129 27.67 40.83 -78.37
C THR X 129 28.49 39.92 -79.26
N GLN X 130 28.16 39.85 -80.54
CA GLN X 130 28.90 39.01 -81.47
C GLN X 130 30.36 39.43 -81.54
N GLN X 131 30.61 40.73 -81.71
CA GLN X 131 31.98 41.21 -81.81
C GLN X 131 32.75 40.99 -80.51
N MET X 132 32.11 41.34 -79.39
CA MET X 132 32.70 41.12 -78.08
C MET X 132 33.06 39.66 -77.87
N GLU X 133 32.22 38.76 -78.36
CA GLU X 133 32.49 37.34 -78.17
C GLU X 133 33.62 36.87 -79.07
N ASP X 134 33.65 37.35 -80.31
CA ASP X 134 34.79 37.07 -81.18
C ASP X 134 36.08 37.47 -80.50
N THR X 135 36.11 38.67 -79.91
CA THR X 135 37.34 39.13 -79.27
C THR X 135 37.65 38.33 -78.01
N MET X 136 36.65 38.09 -77.17
CA MET X 136 36.86 37.28 -75.98
C MET X 136 37.47 35.93 -76.33
N SER X 137 37.00 35.31 -77.42
CA SER X 137 37.55 34.03 -77.84
C SER X 137 38.97 34.18 -78.37
N SER X 138 39.21 35.23 -79.16
CA SER X 138 40.55 35.44 -79.71
C SER X 138 41.57 35.71 -78.60
N THR X 139 41.12 36.25 -77.47
CA THR X 139 42.05 36.52 -76.37
C THR X 139 42.62 35.23 -75.80
N THR X 140 41.79 34.22 -75.61
CA THR X 140 42.18 32.97 -74.97
C THR X 140 42.06 31.86 -76.02
N THR X 141 43.13 31.68 -76.79
CA THR X 141 43.21 30.62 -77.79
C THR X 141 44.31 29.62 -77.52
N LEU X 142 45.31 29.97 -76.72
CA LEU X 142 46.39 29.05 -76.37
C LEU X 142 46.06 28.17 -75.18
N THR X 143 45.06 28.56 -74.38
CA THR X 143 44.57 27.70 -73.31
C THR X 143 43.52 26.71 -73.80
N THR X 144 42.85 27.02 -74.91
CA THR X 144 41.81 26.18 -75.49
C THR X 144 42.15 25.92 -76.95
N PRO X 145 43.06 24.99 -77.23
CA PRO X 145 43.36 24.64 -78.62
C PRO X 145 42.21 23.86 -79.24
N GLN X 146 41.87 24.23 -80.48
CA GLN X 146 40.79 23.54 -81.18
C GLN X 146 41.09 22.05 -81.33
N ASN X 147 42.35 21.71 -81.61
CA ASN X 147 42.72 20.32 -81.80
C ASN X 147 42.45 19.49 -80.54
N GLN X 148 42.80 20.03 -79.38
CA GLN X 148 42.59 19.29 -78.14
C GLN X 148 41.10 19.08 -77.87
N VAL X 149 40.28 20.11 -78.12
CA VAL X 149 38.85 19.97 -77.91
C VAL X 149 38.27 18.93 -78.86
N ASP X 150 38.67 18.97 -80.13
CA ASP X 150 38.21 17.97 -81.08
C ASP X 150 38.59 16.57 -80.62
N MET X 151 39.82 16.39 -80.18
CA MET X 151 40.28 15.08 -79.74
C MET X 151 39.49 14.61 -78.51
N LEU X 152 39.26 15.51 -77.55
CA LEU X 152 38.50 15.12 -76.38
C LEU X 152 37.09 14.70 -76.76
N LEU X 153 36.45 15.44 -77.67
CA LEU X 153 35.10 15.07 -78.09
C LEU X 153 35.10 13.73 -78.80
N GLN X 154 36.10 13.48 -79.66
CA GLN X 154 36.16 12.20 -80.35
C GLN X 154 36.35 11.05 -79.37
N GLU X 155 37.23 11.23 -78.38
CA GLU X 155 37.45 10.17 -77.40
C GLU X 155 36.21 9.92 -76.57
N MET X 156 35.54 10.98 -76.12
CA MET X 156 34.33 10.80 -75.32
C MET X 156 33.23 10.13 -76.12
N ALA X 157 33.09 10.50 -77.40
CA ALA X 157 32.10 9.84 -78.25
C ALA X 157 32.43 8.36 -78.41
N ASP X 158 33.66 8.06 -78.83
CA ASP X 158 34.03 6.67 -79.05
C ASP X 158 33.86 5.85 -77.78
N GLU X 159 34.15 6.43 -76.62
CA GLU X 159 33.92 5.72 -75.37
C GLU X 159 32.44 5.49 -75.15
N ALA X 160 31.61 6.51 -75.38
CA ALA X 160 30.17 6.35 -75.28
C ALA X 160 29.60 5.53 -76.41
N GLY X 161 30.39 5.20 -77.43
CA GLY X 161 29.93 4.44 -78.56
C GLY X 161 29.04 5.20 -79.53
N LEU X 162 28.58 6.39 -79.17
CA LEU X 162 27.67 7.15 -80.01
C LEU X 162 28.45 7.88 -81.10
N ASP X 163 27.78 8.75 -81.83
CA ASP X 163 28.39 9.58 -82.84
C ASP X 163 27.86 10.99 -82.71
N LEU X 164 28.59 11.94 -83.30
CA LEU X 164 28.29 13.36 -83.17
C LEU X 164 27.87 13.91 -84.53
N ASN X 165 26.69 14.51 -84.58
CA ASN X 165 26.18 15.11 -85.81
C ASN X 165 25.76 16.55 -85.56
N GLU X 187 49.01 18.83 -90.74
CA GLU X 187 48.13 18.11 -91.65
C GLU X 187 47.86 18.95 -92.90
N LEU X 188 46.71 19.63 -92.93
CA LEU X 188 46.41 20.51 -94.05
C LEU X 188 47.38 21.66 -94.14
N SER X 189 47.89 22.14 -92.99
CA SER X 189 48.79 23.28 -93.00
C SER X 189 50.04 22.99 -93.83
N GLN X 190 50.50 21.75 -93.81
CA GLN X 190 51.69 21.41 -94.60
C GLN X 190 51.41 21.48 -96.09
N ARG X 191 50.25 20.97 -96.52
CA ARG X 191 49.88 21.08 -97.92
C ARG X 191 49.73 22.54 -98.34
N LEU X 192 49.13 23.36 -97.45
CA LEU X 192 48.97 24.78 -97.76
C LEU X 192 50.33 25.47 -97.85
N ALA X 193 51.27 25.09 -97.00
CA ALA X 193 52.61 25.68 -97.07
C ALA X 193 53.33 25.27 -98.34
N ARG X 194 53.23 23.99 -98.73
CA ARG X 194 53.82 23.55 -99.98
C ARG X 194 53.20 24.30 -101.16
N LEU X 195 51.89 24.55 -101.10
CA LEU X 195 51.23 25.34 -102.13
C LEU X 195 51.72 26.78 -102.12
N ARG X 196 51.97 27.32 -100.93
CA ARG X 196 52.46 28.69 -100.81
C ARG X 196 53.85 28.83 -101.42
N ASP X 197 54.70 27.81 -101.25
CA ASP X 197 56.01 27.83 -101.87
C ASP X 197 55.90 27.91 -103.39
N GLN X 198 54.86 27.30 -103.96
CA GLN X 198 54.62 27.37 -105.40
C GLN X 198 55.82 26.83 -106.18
N PHE Y 6 72.04 56.43 -79.10
CA PHE Y 6 71.90 54.99 -79.22
C PHE Y 6 72.34 54.30 -77.94
N LYS Y 7 71.48 53.39 -77.45
CA LYS Y 7 71.72 52.60 -76.20
C LYS Y 7 71.79 51.12 -76.60
N ALA Y 8 72.81 50.40 -76.14
CA ALA Y 8 72.98 49.00 -76.52
C ALA Y 8 72.02 48.09 -75.74
N GLU Y 9 72.04 48.18 -74.41
CA GLU Y 9 71.19 47.31 -73.61
C GLU Y 9 69.71 47.51 -73.94
N ARG Y 10 69.32 48.73 -74.26
CA ARG Y 10 67.95 48.97 -74.72
C ARG Y 10 67.65 48.15 -75.97
N LEU Y 11 68.57 48.15 -76.93
CA LEU Y 11 68.38 47.36 -78.14
C LEU Y 11 68.29 45.87 -77.83
N ARG Y 12 69.16 45.40 -76.93
CA ARG Y 12 69.14 43.99 -76.54
C ARG Y 12 67.78 43.61 -75.96
N VAL Y 13 67.31 44.39 -75.00
CA VAL Y 13 66.04 44.08 -74.35
C VAL Y 13 64.89 44.14 -75.35
N ASN Y 14 64.89 45.14 -76.23
CA ASN Y 14 63.83 45.24 -77.22
C ASN Y 14 63.88 44.08 -78.20
N LEU Y 15 65.08 43.59 -78.53
CA LEU Y 15 65.17 42.42 -79.42
C LEU Y 15 64.57 41.19 -78.75
N ARG Y 16 64.92 40.95 -77.48
CA ARG Y 16 64.34 39.82 -76.78
C ARG Y 16 62.82 39.93 -76.71
N LEU Y 17 62.32 41.13 -76.42
CA LEU Y 17 60.87 41.34 -76.36
C LEU Y 17 60.23 41.08 -77.71
N VAL Y 18 60.86 41.55 -78.79
CA VAL Y 18 60.32 41.32 -80.13
C VAL Y 18 60.26 39.83 -80.42
N ILE Y 19 61.29 39.09 -80.03
CA ILE Y 19 61.32 37.65 -80.24
C ILE Y 19 60.13 37.00 -79.54
N ASN Y 20 59.96 37.29 -78.25
CA ASN Y 20 58.85 36.70 -77.50
C ASN Y 20 57.51 37.06 -78.12
N ARG Y 21 57.33 38.34 -78.47
CA ARG Y 21 56.07 38.79 -79.05
C ARG Y 21 55.79 38.07 -80.36
N LEU Y 22 56.82 37.90 -81.19
CA LEU Y 22 56.62 37.20 -82.46
C LEU Y 22 56.23 35.75 -82.23
N LYS Y 23 56.83 35.10 -81.24
CA LYS Y 23 56.44 33.73 -80.91
C LYS Y 23 54.96 33.67 -80.56
N LEU Y 24 54.54 34.50 -79.61
CA LEU Y 24 53.13 34.50 -79.20
C LEU Y 24 52.22 34.77 -80.39
N LEU Y 25 52.59 35.75 -81.21
CA LEU Y 25 51.72 36.15 -82.32
C LEU Y 25 51.59 35.03 -83.34
N GLU Y 26 52.70 34.38 -83.71
CA GLU Y 26 52.62 33.32 -84.69
C GLU Y 26 51.81 32.13 -84.16
N LYS Y 27 51.99 31.81 -82.88
CA LYS Y 27 51.17 30.75 -82.28
C LYS Y 27 49.68 31.06 -82.44
N LYS Y 28 49.25 32.21 -81.90
CA LYS Y 28 47.83 32.50 -81.90
C LYS Y 28 47.30 32.72 -83.32
N LYS Y 29 48.15 33.17 -84.23
CA LYS Y 29 47.73 33.35 -85.61
C LYS Y 29 47.53 32.00 -86.30
N THR Y 30 48.38 31.03 -85.99
CA THR Y 30 48.16 29.67 -86.50
C THR Y 30 46.81 29.14 -86.01
N GLU Y 31 46.52 29.34 -84.73
CA GLU Y 31 45.24 28.86 -84.18
C GLU Y 31 44.06 29.55 -84.88
N LEU Y 32 44.09 30.88 -84.94
CA LEU Y 32 43.03 31.61 -85.62
C LEU Y 32 42.91 31.20 -87.09
N ALA Y 33 44.03 30.84 -87.72
CA ALA Y 33 43.98 30.41 -89.11
C ALA Y 33 43.26 29.07 -89.24
N GLN Y 34 43.51 28.14 -88.31
CA GLN Y 34 42.73 26.91 -88.29
C GLN Y 34 41.24 27.21 -88.22
N LYS Y 35 40.86 28.06 -87.25
CA LYS Y 35 39.43 28.34 -87.06
C LYS Y 35 38.82 29.00 -88.29
N ALA Y 36 39.52 29.97 -88.89
CA ALA Y 36 38.98 30.66 -90.04
C ALA Y 36 38.97 29.77 -91.28
N ARG Y 37 39.88 28.81 -91.35
CA ARG Y 37 39.80 27.80 -92.42
C ARG Y 37 38.55 26.96 -92.27
N LYS Y 38 38.22 26.56 -91.04
CA LYS Y 38 36.94 25.90 -90.82
C LYS Y 38 35.79 26.78 -91.27
N GLU Y 39 35.86 28.08 -90.98
CA GLU Y 39 34.81 28.99 -91.41
C GLU Y 39 34.70 29.03 -92.94
N ILE Y 40 35.84 29.03 -93.64
CA ILE Y 40 35.80 29.04 -95.10
C ILE Y 40 35.19 27.74 -95.62
N ALA Y 41 35.50 26.62 -94.97
CA ALA Y 41 34.87 25.36 -95.34
C ALA Y 41 33.36 25.45 -95.22
N ASP Y 42 32.89 26.01 -94.10
CA ASP Y 42 31.45 26.21 -93.93
C ASP Y 42 30.88 27.10 -95.03
N TYR Y 43 31.60 28.17 -95.38
CA TYR Y 43 31.15 29.04 -96.44
C TYR Y 43 31.02 28.29 -97.76
N LEU Y 44 31.98 27.42 -98.06
CA LEU Y 44 31.94 26.65 -99.29
C LEU Y 44 30.82 25.61 -99.28
N ALA Y 45 30.46 25.12 -98.09
CA ALA Y 45 29.33 24.20 -98.00
C ALA Y 45 28.10 24.78 -98.67
N ALA Y 46 27.84 26.07 -98.47
CA ALA Y 46 26.77 26.75 -99.16
C ALA Y 46 27.21 27.12 -100.57
N GLY Y 47 26.31 27.76 -101.32
CA GLY Y 47 26.64 28.18 -102.67
C GLY Y 47 27.50 29.42 -102.76
N LYS Y 48 27.77 30.07 -101.62
CA LYS Y 48 28.60 31.28 -101.60
C LYS Y 48 30.04 30.91 -101.96
N ASP Y 49 30.51 31.38 -103.12
CA ASP Y 49 31.84 31.08 -103.61
C ASP Y 49 32.71 32.33 -103.71
N GLU Y 50 32.19 33.40 -104.31
CA GLU Y 50 32.99 34.61 -104.49
C GLU Y 50 33.35 35.26 -103.15
N ARG Y 51 32.67 34.88 -102.07
CA ARG Y 51 32.97 35.37 -100.72
C ARG Y 51 34.06 34.55 -100.05
N ALA Y 52 34.03 33.22 -100.26
CA ALA Y 52 35.08 32.38 -99.73
C ALA Y 52 36.44 32.77 -100.29
N ARG Y 53 36.48 33.34 -101.51
CA ARG Y 53 37.74 33.81 -102.05
C ARG Y 53 38.29 34.98 -101.25
N ILE Y 54 37.41 35.88 -100.80
CA ILE Y 54 37.86 36.97 -99.95
C ILE Y 54 38.35 36.43 -98.61
N ARG Y 55 37.61 35.49 -98.03
CA ARG Y 55 38.02 34.92 -96.75
C ARG Y 55 39.39 34.24 -96.87
N VAL Y 56 39.61 33.50 -97.96
CA VAL Y 56 40.89 32.81 -98.11
C VAL Y 56 41.99 33.80 -98.45
N GLU Y 57 41.64 34.94 -99.06
CA GLU Y 57 42.63 36.02 -99.18
C GLU Y 57 43.09 36.46 -97.80
N HIS Y 58 42.14 36.71 -96.90
CA HIS Y 58 42.48 36.97 -95.50
C HIS Y 58 43.45 35.91 -94.98
N ILE Y 59 43.10 34.64 -95.21
CA ILE Y 59 43.88 33.54 -94.63
C ILE Y 59 45.31 33.56 -95.15
N ILE Y 60 45.48 33.68 -96.46
CA ILE Y 60 46.82 33.59 -97.03
C ILE Y 60 47.62 34.83 -96.72
N ARG Y 61 46.96 35.98 -96.57
CA ARG Y 61 47.65 37.15 -96.04
C ARG Y 61 48.21 36.86 -94.64
N GLU Y 62 47.37 36.29 -93.77
CA GLU Y 62 47.82 35.96 -92.43
C GLU Y 62 48.96 34.95 -92.45
N ASP Y 63 48.94 34.01 -93.40
CA ASP Y 63 49.99 33.01 -93.48
C ASP Y 63 51.31 33.61 -93.94
N TYR Y 64 51.26 34.44 -94.99
CA TYR Y 64 52.42 35.24 -95.36
C TYR Y 64 52.96 35.99 -94.16
N LEU Y 65 52.06 36.57 -93.36
CA LEU Y 65 52.48 37.34 -92.21
C LEU Y 65 53.19 36.46 -91.18
N VAL Y 66 52.67 35.26 -90.95
CA VAL Y 66 53.30 34.37 -89.98
C VAL Y 66 54.69 33.96 -90.47
N GLU Y 67 54.82 33.66 -91.76
CA GLU Y 67 56.14 33.31 -92.29
C GLU Y 67 57.11 34.49 -92.16
N ALA Y 68 56.63 35.70 -92.45
CA ALA Y 68 57.49 36.87 -92.31
C ALA Y 68 57.90 37.07 -90.86
N MET Y 69 57.00 36.82 -89.92
CA MET Y 69 57.34 36.93 -88.51
C MET Y 69 58.36 35.88 -88.11
N GLU Y 70 58.27 34.67 -88.67
CA GLU Y 70 59.30 33.68 -88.42
C GLU Y 70 60.66 34.17 -88.90
N ILE Y 71 60.71 34.71 -90.11
CA ILE Y 71 61.97 35.21 -90.65
C ILE Y 71 62.50 36.35 -89.78
N LEU Y 72 61.62 37.23 -89.32
CA LEU Y 72 62.06 38.35 -88.50
C LEU Y 72 62.56 37.90 -87.14
N GLU Y 73 61.89 36.91 -86.55
CA GLU Y 73 62.39 36.32 -85.31
C GLU Y 73 63.78 35.72 -85.52
N LEU Y 74 63.97 35.02 -86.64
CA LEU Y 74 65.29 34.50 -86.98
C LEU Y 74 66.33 35.61 -87.02
N TYR Y 75 66.02 36.71 -87.71
CA TYR Y 75 66.99 37.78 -87.85
C TYR Y 75 67.27 38.48 -86.52
N CYS Y 76 66.24 38.70 -85.71
CA CYS Y 76 66.44 39.30 -84.40
C CYS Y 76 67.35 38.42 -83.54
N ASP Y 77 67.10 37.11 -83.55
CA ASP Y 77 67.97 36.21 -82.80
C ASP Y 77 69.39 36.22 -83.36
N LEU Y 78 69.54 36.38 -84.66
CA LEU Y 78 70.88 36.46 -85.25
C LEU Y 78 71.62 37.67 -84.71
N LEU Y 79 70.95 38.83 -84.74
CA LEU Y 79 71.57 40.03 -84.17
C LEU Y 79 71.89 39.83 -82.69
N LEU Y 80 70.99 39.19 -81.95
CA LEU Y 80 71.20 38.97 -80.53
C LEU Y 80 72.34 38.01 -80.25
N ALA Y 81 72.64 37.11 -81.19
CA ALA Y 81 73.76 36.20 -81.03
C ALA Y 81 75.09 36.86 -81.37
N ARG Y 82 75.07 37.90 -82.21
CA ARG Y 82 76.25 38.63 -82.62
C ARG Y 82 76.18 40.07 -82.13
N PHE Y 83 75.74 40.25 -80.89
CA PHE Y 83 75.56 41.59 -80.34
C PHE Y 83 76.89 42.27 -80.04
N GLY Y 84 77.85 41.51 -79.52
CA GLY Y 84 79.17 42.07 -79.31
C GLY Y 84 79.79 42.60 -80.59
N LEU Y 85 79.57 41.88 -81.70
CA LEU Y 85 80.06 42.37 -82.99
C LEU Y 85 79.37 43.66 -83.40
N ILE Y 86 78.18 43.93 -82.85
CA ILE Y 86 77.54 45.22 -83.05
C ILE Y 86 78.23 46.29 -82.21
N GLN Y 87 78.48 45.97 -80.94
CA GLN Y 87 79.04 46.97 -80.04
C GLN Y 87 80.48 47.33 -80.41
N SER Y 88 81.25 46.35 -80.89
CA SER Y 88 82.66 46.59 -81.16
C SER Y 88 82.86 47.49 -82.37
N MET Y 89 82.41 47.04 -83.53
CA MET Y 89 82.57 47.82 -84.75
C MET Y 89 81.68 49.07 -84.70
N LYS Y 90 81.94 49.98 -85.63
CA LYS Y 90 81.11 51.16 -85.83
C LYS Y 90 80.27 51.07 -87.08
N GLU Y 91 80.73 50.36 -88.10
CA GLU Y 91 79.96 50.08 -89.30
C GLU Y 91 79.64 48.59 -89.34
N LEU Y 92 78.42 48.25 -89.72
CA LEU Y 92 77.99 46.87 -89.72
C LEU Y 92 78.75 46.07 -90.77
N ASP Y 93 79.06 44.82 -90.44
CA ASP Y 93 79.75 43.93 -91.36
C ASP Y 93 78.73 43.29 -92.30
N SER Y 94 79.22 42.41 -93.17
CA SER Y 94 78.35 41.75 -94.13
C SER Y 94 77.41 40.77 -93.44
N GLY Y 95 77.89 40.06 -92.42
CA GLY Y 95 77.07 39.08 -91.73
C GLY Y 95 75.83 39.66 -91.09
N LEU Y 96 75.81 40.98 -90.85
CA LEU Y 96 74.68 41.63 -90.20
C LEU Y 96 73.96 42.62 -91.11
N ALA Y 97 74.39 42.73 -92.38
CA ALA Y 97 73.73 43.66 -93.29
C ALA Y 97 72.28 43.29 -93.51
N GLU Y 98 72.01 42.01 -93.80
CA GLU Y 98 70.65 41.58 -94.10
C GLU Y 98 69.74 41.80 -92.90
N SER Y 99 70.18 41.36 -91.71
CA SER Y 99 69.34 41.50 -90.52
C SER Y 99 68.97 42.95 -90.28
N VAL Y 100 69.97 43.84 -90.26
CA VAL Y 100 69.72 45.25 -89.99
C VAL Y 100 68.81 45.84 -91.05
N SER Y 101 69.11 45.56 -92.32
CA SER Y 101 68.32 46.13 -93.41
C SER Y 101 66.85 45.71 -93.29
N THR Y 102 66.60 44.42 -93.10
CA THR Y 102 65.23 43.94 -93.03
C THR Y 102 64.53 44.45 -91.78
N LEU Y 103 65.23 44.50 -90.65
CA LEU Y 103 64.59 44.97 -89.43
C LEU Y 103 64.31 46.46 -89.47
N ILE Y 104 65.03 47.22 -90.31
CA ILE Y 104 64.69 48.62 -90.48
C ILE Y 104 63.58 48.79 -91.50
N TRP Y 105 63.53 47.93 -92.52
CA TRP Y 105 62.54 48.09 -93.57
C TRP Y 105 61.16 47.59 -93.14
N ALA Y 106 61.11 46.52 -92.36
CA ALA Y 106 59.85 45.90 -91.97
C ALA Y 106 59.24 46.55 -90.72
N ALA Y 107 60.01 47.33 -89.98
CA ALA Y 107 59.48 47.94 -88.76
C ALA Y 107 58.20 48.74 -89.02
N PRO Y 108 58.16 49.68 -89.96
CA PRO Y 108 56.90 50.40 -90.20
C PRO Y 108 55.80 49.49 -90.71
N ARG Y 109 56.14 48.37 -91.35
CA ARG Y 109 55.12 47.44 -91.82
C ARG Y 109 54.42 46.77 -90.65
N LEU Y 110 55.19 46.18 -89.73
CA LEU Y 110 54.66 45.47 -88.58
C LEU Y 110 54.68 46.32 -87.31
N GLN Y 111 54.67 47.64 -87.45
CA GLN Y 111 54.71 48.50 -86.27
C GLN Y 111 53.48 48.33 -85.41
N SER Y 112 52.33 48.04 -86.02
CA SER Y 112 51.10 47.90 -85.24
C SER Y 112 51.09 46.59 -84.47
N GLU Y 113 51.48 45.49 -85.11
CA GLU Y 113 51.51 44.20 -84.44
C GLU Y 113 52.55 44.19 -83.32
N VAL Y 114 53.80 44.47 -83.66
CA VAL Y 114 54.90 44.47 -82.72
C VAL Y 114 55.36 45.92 -82.54
N ALA Y 115 55.18 46.45 -81.32
CA ALA Y 115 55.57 47.83 -81.05
C ALA Y 115 57.08 47.95 -80.85
N GLU Y 116 57.66 47.04 -80.09
CA GLU Y 116 59.10 47.09 -79.80
C GLU Y 116 59.94 47.10 -81.06
N LEU Y 117 59.40 46.60 -82.17
CA LEU Y 117 60.14 46.58 -83.42
C LEU Y 117 60.52 47.99 -83.87
N LYS Y 118 59.66 48.97 -83.58
CA LYS Y 118 59.99 50.35 -83.93
C LYS Y 118 61.18 50.85 -83.11
N ILE Y 119 61.25 50.47 -81.84
CA ILE Y 119 62.40 50.84 -81.02
C ILE Y 119 63.66 50.18 -81.53
N VAL Y 120 63.55 48.92 -81.97
CA VAL Y 120 64.71 48.24 -82.55
C VAL Y 120 65.17 48.99 -83.79
N ALA Y 121 64.23 49.38 -84.65
CA ALA Y 121 64.58 50.15 -85.84
C ALA Y 121 65.25 51.46 -85.46
N ASP Y 122 64.76 52.11 -84.41
CA ASP Y 122 65.39 53.35 -83.94
C ASP Y 122 66.84 53.10 -83.56
N GLN Y 123 67.08 52.15 -82.66
CA GLN Y 123 68.45 51.89 -82.22
C GLN Y 123 69.35 51.49 -83.39
N LEU Y 124 68.79 50.86 -84.42
CA LEU Y 124 69.60 50.48 -85.57
C LEU Y 124 69.76 51.61 -86.58
N CYS Y 125 68.94 52.65 -86.51
CA CYS Y 125 69.12 53.83 -87.34
C CYS Y 125 69.93 54.90 -86.64
N ALA Y 126 69.83 54.98 -85.32
CA ALA Y 126 70.59 55.95 -84.55
C ALA Y 126 72.04 55.54 -84.33
N LYS Y 127 72.39 54.29 -84.64
CA LYS Y 127 73.76 53.83 -84.48
C LYS Y 127 74.62 54.04 -85.71
N TYR Y 128 74.00 54.18 -86.88
CA TYR Y 128 74.72 54.27 -88.14
C TYR Y 128 74.48 55.63 -88.79
N SER Y 129 75.50 56.10 -89.51
CA SER Y 129 75.42 57.35 -90.24
C SER Y 129 75.67 57.19 -91.74
N LYS Y 130 76.39 56.15 -92.15
CA LYS Y 130 76.65 55.89 -93.56
C LYS Y 130 75.35 55.45 -94.22
N GLU Y 131 74.73 56.36 -94.98
CA GLU Y 131 73.45 56.10 -95.62
C GLU Y 131 72.37 55.74 -94.60
N TYR Y 132 72.44 56.35 -93.42
CA TYR Y 132 71.52 56.08 -92.33
C TYR Y 132 70.75 57.35 -91.98
N GLY Y 133 69.90 57.26 -90.97
CA GLY Y 133 68.93 58.29 -90.70
C GLY Y 133 67.65 58.04 -91.48
N LYS Y 134 66.51 58.40 -90.88
CA LYS Y 134 65.21 58.06 -91.45
C LYS Y 134 65.21 58.17 -92.97
N LEU Y 135 65.58 59.34 -93.49
CA LEU Y 135 65.62 59.53 -94.94
C LEU Y 135 66.62 58.58 -95.60
N CYS Y 136 67.89 58.67 -95.20
CA CYS Y 136 68.90 57.79 -95.77
C CYS Y 136 68.69 56.34 -95.38
N ARG Y 137 68.01 56.08 -94.26
CA ARG Y 137 67.69 54.70 -93.89
C ARG Y 137 66.67 54.12 -94.85
N THR Y 138 65.74 54.94 -95.34
CA THR Y 138 64.82 54.48 -96.37
C THR Y 138 65.49 54.46 -97.74
N ASN Y 139 66.49 55.31 -97.96
CA ASN Y 139 67.18 55.32 -99.25
C ASN Y 139 68.08 54.10 -99.40
N GLN Y 140 68.75 53.68 -98.31
CA GLN Y 140 69.64 52.53 -98.34
C GLN Y 140 68.95 51.24 -97.95
N ILE Y 141 67.65 51.12 -98.22
CA ILE Y 141 66.89 49.93 -97.88
C ILE Y 141 66.79 48.98 -99.07
N GLY Y 142 67.65 49.14 -100.07
CA GLY Y 142 67.61 48.30 -101.25
C GLY Y 142 68.49 47.06 -101.14
N THR Y 143 68.63 46.54 -99.92
CA THR Y 143 69.41 45.33 -99.70
C THR Y 143 68.73 44.37 -98.74
N VAL Y 144 67.40 44.44 -98.61
CA VAL Y 144 66.66 43.61 -97.69
C VAL Y 144 66.34 42.28 -98.36
N ASN Y 145 65.99 41.29 -97.55
CA ASN Y 145 65.60 39.98 -98.04
C ASN Y 145 64.38 40.09 -98.94
N ASP Y 146 64.53 39.70 -100.20
CA ASP Y 146 63.42 39.80 -101.15
C ASP Y 146 62.25 38.91 -100.74
N ARG Y 147 62.54 37.74 -100.17
CA ARG Y 147 61.47 36.84 -99.75
C ARG Y 147 60.59 37.52 -98.70
N LEU Y 148 61.19 38.13 -97.69
CA LEU Y 148 60.42 38.82 -96.67
C LEU Y 148 59.64 39.98 -97.28
N MET Y 149 60.23 40.68 -98.25
CA MET Y 149 59.51 41.73 -98.96
C MET Y 149 58.26 41.16 -99.61
N HIS Y 150 58.35 39.95 -100.17
CA HIS Y 150 57.19 39.35 -100.81
C HIS Y 150 56.15 38.92 -99.78
N LYS Y 151 56.59 38.37 -98.65
CA LYS Y 151 55.65 37.95 -97.61
C LYS Y 151 54.86 39.14 -97.08
N LEU Y 152 55.52 40.28 -96.91
CA LEU Y 152 54.88 41.49 -96.42
C LEU Y 152 54.44 42.42 -97.56
N SER Y 153 54.41 41.92 -98.79
CA SER Y 153 53.99 42.73 -99.92
C SER Y 153 52.47 42.90 -99.87
N VAL Y 154 52.02 44.15 -99.91
CA VAL Y 154 50.60 44.47 -99.83
C VAL Y 154 50.07 44.49 -101.26
N GLU Y 155 49.63 43.34 -101.73
CA GLU Y 155 49.14 43.19 -103.10
C GLU Y 155 48.11 42.09 -103.16
N ALA Y 156 47.21 42.21 -104.12
CA ALA Y 156 46.20 41.18 -104.33
C ALA Y 156 46.87 39.88 -104.74
N PRO Y 157 46.80 38.82 -103.93
CA PRO Y 157 47.48 37.57 -104.28
C PRO Y 157 47.01 37.04 -105.62
N PRO Y 158 47.79 36.16 -106.25
CA PRO Y 158 47.38 35.63 -107.55
C PRO Y 158 46.11 34.78 -107.43
N LYS Y 159 45.24 34.91 -108.43
CA LYS Y 159 43.94 34.23 -108.37
C LYS Y 159 44.12 32.72 -108.37
N ILE Y 160 45.05 32.21 -109.16
CA ILE Y 160 45.27 30.76 -109.23
C ILE Y 160 45.66 30.21 -107.86
N LEU Y 161 46.46 31.00 -107.13
CA LEU Y 161 46.90 30.61 -105.77
C LEU Y 161 45.67 30.50 -104.87
N VAL Y 162 44.74 31.46 -105.00
CA VAL Y 162 43.49 31.46 -104.19
C VAL Y 162 42.68 30.21 -104.53
N GLU Y 163 42.61 29.86 -105.82
CA GLU Y 163 41.85 28.66 -106.27
C GLU Y 163 42.49 27.40 -105.66
N ARG Y 164 43.82 27.34 -105.65
CA ARG Y 164 44.55 26.18 -105.08
C ARG Y 164 44.24 26.10 -103.58
N TYR Y 165 44.22 27.25 -102.90
CA TYR Y 165 43.92 27.29 -101.44
C TYR Y 165 42.50 26.78 -101.21
N LEU Y 166 41.55 27.17 -102.07
CA LEU Y 166 40.17 26.72 -101.92
C LEU Y 166 40.04 25.24 -102.23
N ILE Y 167 40.72 24.78 -103.29
CA ILE Y 167 40.69 23.37 -103.64
C ILE Y 167 41.16 22.52 -102.48
N GLU Y 168 42.28 22.90 -101.87
CA GLU Y 168 42.82 22.11 -100.77
C GLU Y 168 41.87 22.12 -99.57
N ILE Y 169 41.35 23.29 -99.22
CA ILE Y 169 40.46 23.37 -98.06
C ILE Y 169 39.22 22.53 -98.28
N ALA Y 170 38.64 22.62 -99.49
CA ALA Y 170 37.47 21.81 -99.80
C ALA Y 170 37.79 20.33 -99.72
N LYS Y 171 38.87 19.90 -100.38
CA LYS Y 171 39.25 18.51 -100.37
C LYS Y 171 39.48 18.00 -98.95
N ASN Y 172 39.93 18.86 -98.05
CA ASN Y 172 40.18 18.42 -96.68
C ASN Y 172 38.89 18.36 -95.87
N TYR Y 173 38.00 19.33 -96.05
CA TYR Y 173 36.78 19.41 -95.25
C TYR Y 173 35.60 18.68 -95.89
N ASN Y 174 35.84 17.84 -96.89
CA ASN Y 174 34.80 17.01 -97.49
C ASN Y 174 33.67 17.87 -98.05
N VAL Y 175 34.04 18.92 -98.77
CA VAL Y 175 33.05 19.81 -99.39
C VAL Y 175 33.35 19.86 -100.88
N PRO Y 176 32.33 19.80 -101.75
CA PRO Y 176 32.58 19.96 -103.18
C PRO Y 176 32.88 21.41 -103.53
N TYR Y 177 33.68 21.59 -104.58
CA TYR Y 177 34.02 22.93 -105.05
C TYR Y 177 34.48 22.84 -106.50
N GLU Y 178 33.93 23.68 -107.36
CA GLU Y 178 34.26 23.71 -108.78
C GLU Y 178 35.12 24.94 -109.05
N PRO Y 179 36.45 24.79 -109.21
CA PRO Y 179 37.30 25.97 -109.40
C PRO Y 179 36.93 26.72 -110.67
N ASP Y 180 37.23 28.02 -110.66
CA ASP Y 180 37.04 28.86 -111.83
C ASP Y 180 38.03 28.43 -112.91
N SER Y 181 37.52 27.80 -113.96
CA SER Y 181 38.42 27.26 -114.98
C SER Y 181 39.24 28.37 -115.64
N VAL Y 182 38.65 29.56 -115.77
CA VAL Y 182 39.35 30.68 -116.46
C VAL Y 182 40.71 30.91 -115.82
N VAL Y 183 40.78 30.84 -114.49
CA VAL Y 183 42.02 31.07 -113.76
C VAL Y 183 42.67 29.73 -113.41
N MET Y 184 41.86 28.70 -113.22
CA MET Y 184 42.39 27.39 -112.85
C MET Y 184 43.21 26.76 -113.96
N ALA Y 185 42.99 27.17 -115.22
CA ALA Y 185 43.71 26.61 -116.35
C ALA Y 185 44.77 27.54 -116.92
N GLU Y 186 44.58 28.85 -116.80
CA GLU Y 186 45.55 29.80 -117.34
C GLU Y 186 46.74 29.92 -116.39
N ASN Z 3 -9.63 30.69 61.37
CA ASN Z 3 -8.48 30.50 62.24
C ASN Z 3 -8.69 29.28 63.14
N MET Z 4 -9.82 29.24 63.83
CA MET Z 4 -10.10 28.13 64.74
C MET Z 4 -10.23 26.81 64.00
N GLU Z 5 -10.67 26.85 62.74
CA GLU Z 5 -10.80 25.62 61.97
C GLU Z 5 -9.44 24.96 61.79
N LYS Z 6 -8.39 25.74 61.60
CA LYS Z 6 -7.05 25.19 61.49
C LYS Z 6 -6.64 24.49 62.78
N HIS Z 7 -6.92 25.11 63.93
CA HIS Z 7 -6.58 24.49 65.20
C HIS Z 7 -7.37 23.21 65.41
N LEU Z 8 -8.64 23.19 65.02
CA LEU Z 8 -9.43 21.98 65.10
C LEU Z 8 -8.82 20.88 64.23
N PHE Z 9 -8.42 21.23 63.00
CA PHE Z 9 -7.79 20.25 62.12
C PHE Z 9 -6.53 19.68 62.76
N ASN Z 10 -5.68 20.54 63.33
CA ASN Z 10 -4.46 20.06 63.96
C ASN Z 10 -4.77 19.16 65.14
N LEU Z 11 -5.81 19.50 65.93
CA LEU Z 11 -6.17 18.67 67.07
C LEU Z 11 -6.61 17.29 66.63
N LYS Z 12 -7.49 17.23 65.62
CA LYS Z 12 -7.95 15.93 65.14
C LYS Z 12 -6.82 15.12 64.54
N PHE Z 13 -5.90 15.80 63.84
CA PHE Z 13 -4.73 15.11 63.30
C PHE Z 13 -3.88 14.52 64.40
N ALA Z 14 -3.66 15.27 65.48
CA ALA Z 14 -2.87 14.77 66.59
C ALA Z 14 -3.56 13.57 67.24
N ALA Z 15 -4.88 13.62 67.39
CA ALA Z 15 -5.60 12.49 67.96
C ALA Z 15 -5.43 11.25 67.10
N LYS Z 16 -5.60 11.40 65.79
CA LYS Z 16 -5.43 10.25 64.90
C LYS Z 16 -4.01 9.72 64.96
N GLU Z 17 -3.02 10.62 65.05
CA GLU Z 17 -1.63 10.19 65.17
C GLU Z 17 -1.42 9.38 66.44
N LEU Z 18 -2.00 9.83 67.55
CA LEU Z 18 -1.87 9.08 68.80
C LEU Z 18 -2.50 7.71 68.70
N SER Z 19 -3.66 7.63 68.05
CA SER Z 19 -4.32 6.32 67.87
C SER Z 19 -3.46 5.40 67.03
N ARG Z 20 -2.93 5.90 65.91
CA ARG Z 20 -2.05 5.10 65.08
C ARG Z 20 -0.84 4.61 65.86
N SER Z 21 -0.25 5.49 66.68
CA SER Z 21 0.92 5.12 67.45
C SER Z 21 0.59 4.05 68.48
N ALA Z 22 -0.59 4.14 69.10
CA ALA Z 22 -1.01 3.11 70.04
C ALA Z 22 -1.14 1.77 69.35
N LYS Z 23 -1.77 1.75 68.16
CA LYS Z 23 -1.89 0.51 67.41
C LYS Z 23 -0.52 -0.07 67.08
N LYS Z 24 0.38 0.79 66.59
CA LYS Z 24 1.72 0.33 66.23
C LYS Z 24 2.46 -0.23 67.45
N CYS Z 25 2.30 0.41 68.61
CA CYS Z 25 3.00 -0.05 69.80
C CYS Z 25 2.44 -1.39 70.27
N ASP Z 26 1.12 -1.59 70.16
CA ASP Z 26 0.55 -2.89 70.48
C ASP Z 26 1.12 -3.97 69.56
N LYS Z 27 1.21 -3.67 68.26
CA LYS Z 27 1.82 -4.61 67.33
C LYS Z 27 3.26 -4.95 67.72
N GLU Z 28 4.03 -3.92 68.07
CA GLU Z 28 5.42 -4.15 68.45
C GLU Z 28 5.52 -4.99 69.70
N GLU Z 29 4.60 -4.80 70.65
CA GLU Z 29 4.57 -5.67 71.82
C GLU Z 29 4.32 -7.12 71.42
N LYS Z 30 3.35 -7.32 70.53
CA LYS Z 30 3.07 -8.69 70.08
C LYS Z 30 4.29 -9.32 69.45
N ALA Z 31 5.10 -8.53 68.75
CA ALA Z 31 6.32 -9.07 68.13
C ALA Z 31 7.39 -9.37 69.19
N GLU Z 32 7.60 -8.44 70.11
CA GLU Z 32 8.61 -8.64 71.14
C GLU Z 32 8.28 -9.83 72.03
N LYS Z 33 6.99 -10.20 72.14
CA LYS Z 33 6.66 -11.41 72.88
C LYS Z 33 7.19 -12.65 72.17
N ALA Z 34 7.06 -12.70 70.84
CA ALA Z 34 7.66 -13.78 70.08
C ALA Z 34 9.17 -13.82 70.31
N LYS Z 35 9.81 -12.64 70.28
CA LYS Z 35 11.26 -12.61 70.42
C LYS Z 35 11.70 -13.09 71.81
N ILE Z 36 10.97 -12.70 72.85
CA ILE Z 36 11.33 -13.14 74.20
C ILE Z 36 11.10 -14.63 74.35
N GLU Z 37 10.06 -15.17 73.71
CA GLU Z 37 9.87 -16.62 73.73
C GLU Z 37 11.05 -17.33 73.08
N LYS Z 38 11.48 -16.85 71.91
CA LYS Z 38 12.63 -17.44 71.26
C LYS Z 38 13.86 -17.38 72.17
N ALA Z 39 14.12 -16.21 72.76
CA ALA Z 39 15.32 -16.05 73.57
C ALA Z 39 15.28 -16.90 74.83
N ILE Z 40 14.11 -17.09 75.43
CA ILE Z 40 14.02 -17.96 76.59
C ILE Z 40 14.16 -19.42 76.18
N GLN Z 41 13.84 -19.74 74.93
CA GLN Z 41 14.14 -21.08 74.42
C GLN Z 41 15.65 -21.28 74.26
N LYS Z 42 16.33 -20.31 73.66
CA LYS Z 42 17.77 -20.40 73.47
C LYS Z 42 18.54 -20.35 74.78
N GLY Z 43 17.91 -19.94 75.87
CA GLY Z 43 18.56 -19.85 77.16
C GLY Z 43 19.13 -18.49 77.49
N ASN Z 44 19.07 -17.53 76.57
CA ASN Z 44 19.58 -16.19 76.82
C ASN Z 44 18.72 -15.51 77.87
N MET Z 45 19.28 -15.30 79.07
CA MET Z 45 18.57 -14.59 80.12
C MET Z 45 18.60 -13.08 79.88
N GLU Z 46 19.74 -12.55 79.45
CA GLU Z 46 19.87 -11.11 79.27
C GLU Z 46 19.03 -10.61 78.09
N VAL Z 47 19.04 -11.35 76.98
CA VAL Z 47 18.22 -10.94 75.85
C VAL Z 47 16.75 -11.09 76.19
N ALA Z 48 16.39 -12.10 77.00
CA ALA Z 48 15.01 -12.23 77.46
C ALA Z 48 14.63 -11.03 78.31
N ARG Z 49 15.54 -10.58 79.19
CA ARG Z 49 15.27 -9.39 79.99
C ARG Z 49 15.06 -8.17 79.09
N ILE Z 50 15.91 -8.01 78.08
CA ILE Z 50 15.79 -6.87 77.17
C ILE Z 50 14.44 -6.88 76.47
N HIS Z 51 14.08 -8.03 75.92
CA HIS Z 51 12.83 -8.12 75.16
C HIS Z 51 11.62 -8.00 76.07
N ALA Z 52 11.72 -8.46 77.32
CA ALA Z 52 10.63 -8.26 78.27
C ALA Z 52 10.47 -6.78 78.61
N GLU Z 53 11.57 -6.08 78.83
CA GLU Z 53 11.50 -4.64 79.05
C GLU Z 53 10.84 -3.95 77.87
N ASN Z 54 11.25 -4.32 76.65
CA ASN Z 54 10.66 -3.71 75.45
C ASN Z 54 9.17 -3.99 75.39
N ALA Z 55 8.76 -5.23 75.66
CA ALA Z 55 7.35 -5.59 75.55
C ALA Z 55 6.51 -4.84 76.58
N ILE Z 56 6.97 -4.81 77.83
CA ILE Z 56 6.23 -4.11 78.88
C ILE Z 56 6.14 -2.63 78.55
N ARG Z 57 7.25 -2.04 78.10
CA ARG Z 57 7.26 -0.63 77.74
C ARG Z 57 6.27 -0.35 76.62
N GLN Z 58 6.27 -1.20 75.59
CA GLN Z 58 5.36 -0.98 74.47
C GLN Z 58 3.91 -1.11 74.91
N LYS Z 59 3.61 -2.09 75.77
CA LYS Z 59 2.25 -2.23 76.29
C LYS Z 59 1.82 -0.98 77.03
N ASN Z 60 2.64 -0.53 77.98
CA ASN Z 60 2.27 0.62 78.80
C ASN Z 60 2.14 1.87 77.94
N GLN Z 61 3.06 2.09 77.01
CA GLN Z 61 3.00 3.30 76.20
C GLN Z 61 1.85 3.23 75.20
N ALA Z 62 1.45 2.03 74.78
CA ALA Z 62 0.26 1.90 73.94
C ALA Z 62 -0.99 2.26 74.72
N VAL Z 63 -1.10 1.79 75.95
CA VAL Z 63 -2.25 2.17 76.78
C VAL Z 63 -2.26 3.68 76.99
N ASN Z 64 -1.08 4.26 77.26
CA ASN Z 64 -1.01 5.71 77.47
C ASN Z 64 -1.41 6.47 76.21
N PHE Z 65 -0.91 6.04 75.05
CA PHE Z 65 -1.29 6.69 73.80
C PHE Z 65 -2.78 6.58 73.55
N LEU Z 66 -3.38 5.44 73.91
CA LEU Z 66 -4.81 5.27 73.70
C LEU Z 66 -5.61 6.22 74.57
N ARG Z 67 -5.27 6.29 75.86
CA ARG Z 67 -5.95 7.23 76.74
C ARG Z 67 -5.76 8.67 76.28
N MET Z 68 -4.54 9.00 75.86
CA MET Z 68 -4.23 10.35 75.39
C MET Z 68 -5.05 10.69 74.15
N SER Z 69 -5.14 9.75 73.21
CA SER Z 69 -5.94 9.98 72.02
C SER Z 69 -7.42 10.13 72.36
N ALA Z 70 -7.91 9.39 73.35
CA ALA Z 70 -9.29 9.57 73.79
C ALA Z 70 -9.51 10.99 74.31
N ARG Z 71 -8.58 11.48 75.13
CA ARG Z 71 -8.71 12.84 75.66
C ARG Z 71 -8.71 13.87 74.54
N VAL Z 72 -7.77 13.74 73.60
CA VAL Z 72 -7.69 14.69 72.51
C VAL Z 72 -8.92 14.58 71.62
N ASP Z 73 -9.49 13.38 71.49
CA ASP Z 73 -10.72 13.22 70.72
C ASP Z 73 -11.87 13.96 71.38
N ALA Z 74 -11.99 13.84 72.70
CA ALA Z 74 -13.02 14.58 73.40
C ALA Z 74 -12.86 16.08 73.19
N VAL Z 75 -11.62 16.57 73.35
CA VAL Z 75 -11.38 18.01 73.20
C VAL Z 75 -11.69 18.45 71.78
N ALA Z 76 -11.32 17.65 70.78
CA ALA Z 76 -11.55 18.03 69.39
C ALA Z 76 -13.03 18.00 69.05
N ALA Z 77 -13.78 17.04 69.59
CA ALA Z 77 -15.22 17.03 69.39
C ALA Z 77 -15.84 18.28 69.99
N ARG Z 78 -15.40 18.67 71.19
CA ARG Z 78 -15.91 19.88 71.81
C ARG Z 78 -15.61 21.11 70.96
N VAL Z 79 -14.39 21.19 70.43
CA VAL Z 79 -13.99 22.34 69.63
C VAL Z 79 -14.75 22.37 68.31
N GLN Z 80 -15.02 21.20 67.72
CA GLN Z 80 -15.78 21.14 66.49
C GLN Z 80 -17.22 21.59 66.73
N THR Z 81 -17.82 21.14 67.84
CA THR Z 81 -19.13 21.65 68.23
C THR Z 81 -19.10 23.17 68.36
N ALA Z 82 -18.06 23.70 69.02
CA ALA Z 82 -17.97 25.14 69.20
C ALA Z 82 -17.86 25.87 67.87
N VAL Z 83 -17.10 25.31 66.93
CA VAL Z 83 -16.94 25.95 65.62
C VAL Z 83 -18.27 25.98 64.88
N THR Z 84 -18.95 24.83 64.83
CA THR Z 84 -20.24 24.78 64.14
C THR Z 84 -21.24 25.73 64.78
N MET Z 85 -21.29 25.76 66.12
CA MET Z 85 -22.21 26.65 66.79
C MET Z 85 -21.83 28.12 66.58
N GLY Z 86 -20.54 28.40 66.44
CA GLY Z 86 -20.15 29.78 66.13
C GLY Z 86 -20.60 30.20 64.76
N LYS Z 87 -20.47 29.30 63.77
CA LYS Z 87 -21.02 29.59 62.45
C LYS Z 87 -22.52 29.83 62.52
N VAL Z 88 -23.22 28.98 63.27
CA VAL Z 88 -24.68 29.12 63.40
C VAL Z 88 -25.03 30.46 64.05
N THR Z 89 -24.31 30.82 65.11
CA THR Z 89 -24.59 32.06 65.82
C THR Z 89 -24.31 33.27 64.94
N LYS Z 90 -23.21 33.22 64.18
CA LYS Z 90 -22.93 34.32 63.25
C LYS Z 90 -24.03 34.45 62.20
N SER Z 91 -24.47 33.32 61.65
CA SER Z 91 -25.53 33.37 60.64
C SER Z 91 -26.82 33.92 61.23
N MET Z 92 -27.14 33.53 62.47
CA MET Z 92 -28.37 34.02 63.07
C MET Z 92 -28.26 35.48 63.47
N ALA Z 93 -27.07 35.96 63.80
CA ALA Z 93 -26.88 37.39 64.03
C ALA Z 93 -27.07 38.17 62.73
N GLY Z 94 -26.49 37.70 61.64
CA GLY Z 94 -26.72 38.34 60.36
C GLY Z 94 -28.19 38.36 59.98
N VAL Z 95 -28.87 37.23 60.21
CA VAL Z 95 -30.30 37.17 59.91
C VAL Z 95 -31.07 38.16 60.78
N VAL Z 96 -30.69 38.27 62.05
CA VAL Z 96 -31.37 39.21 62.93
C VAL Z 96 -31.18 40.63 62.43
N LYS Z 97 -29.96 40.98 62.01
CA LYS Z 97 -29.71 42.33 61.51
C LYS Z 97 -30.55 42.60 60.26
N SER Z 98 -30.53 41.68 59.30
CA SER Z 98 -31.27 41.88 58.06
C SER Z 98 -32.77 41.98 58.33
N MET Z 99 -33.30 41.08 59.17
CA MET Z 99 -34.72 41.13 59.49
C MET Z 99 -35.08 42.39 60.26
N ASP Z 100 -34.17 42.89 61.10
CA ASP Z 100 -34.43 44.15 61.79
C ASP Z 100 -34.56 45.28 60.80
N ALA Z 101 -33.59 45.41 59.90
CA ALA Z 101 -33.68 46.44 58.87
C ALA Z 101 -34.99 46.33 58.09
N THR Z 102 -35.32 45.11 57.65
CA THR Z 102 -36.52 44.92 56.82
C THR Z 102 -37.78 45.27 57.60
N LEU Z 103 -37.98 44.62 58.75
CA LEU Z 103 -39.17 44.87 59.56
C LEU Z 103 -39.26 46.33 60.01
N LYS Z 104 -38.14 47.05 60.02
CA LYS Z 104 -38.20 48.48 60.25
C LYS Z 104 -38.74 49.18 59.01
N THR Z 105 -38.25 48.79 57.83
CA THR Z 105 -38.74 49.38 56.59
C THR Z 105 -40.16 48.89 56.28
N MET Z 106 -40.34 47.57 56.25
CA MET Z 106 -41.63 46.94 55.94
C MET Z 106 -42.21 46.41 57.25
N ASN Z 107 -42.92 47.25 57.97
CA ASN Z 107 -43.51 46.88 59.24
C ASN Z 107 -44.94 46.41 59.04
N LEU Z 108 -45.60 46.04 60.14
CA LEU Z 108 -46.95 45.48 60.04
C LEU Z 108 -47.95 46.51 59.57
N GLU Z 109 -47.82 47.75 60.02
CA GLU Z 109 -48.71 48.81 59.55
C GLU Z 109 -48.61 48.97 58.04
N LYS Z 110 -47.39 49.15 57.54
CA LYS Z 110 -47.20 49.35 56.11
C LYS Z 110 -47.63 48.12 55.32
N ILE Z 111 -47.36 46.92 55.84
CA ILE Z 111 -47.74 45.71 55.14
C ILE Z 111 -49.25 45.59 55.05
N SER Z 112 -49.94 45.83 56.16
CA SER Z 112 -51.40 45.77 56.17
C SER Z 112 -52.00 46.79 55.20
N ALA Z 113 -51.48 48.02 55.22
CA ALA Z 113 -51.99 49.04 54.31
C ALA Z 113 -51.73 48.66 52.86
N LEU Z 114 -50.53 48.14 52.58
CA LEU Z 114 -50.18 47.73 51.23
C LEU Z 114 -51.10 46.62 50.75
N MET Z 115 -51.48 45.70 51.64
CA MET Z 115 -52.34 44.60 51.25
C MET Z 115 -53.77 45.04 51.06
N ASP Z 116 -54.27 45.93 51.92
CA ASP Z 116 -55.57 46.53 51.66
C ASP Z 116 -55.58 47.23 50.31
N LYS Z 117 -54.49 47.92 49.98
CA LYS Z 117 -54.40 48.60 48.70
C LYS Z 117 -54.38 47.60 47.54
N PHE Z 118 -53.64 46.52 47.69
CA PHE Z 118 -53.62 45.47 46.67
C PHE Z 118 -55.03 44.93 46.43
N GLU Z 119 -55.72 44.59 47.51
CA GLU Z 119 -57.08 44.05 47.39
C GLU Z 119 -58.00 45.04 46.70
N HIS Z 120 -57.96 46.31 47.12
CA HIS Z 120 -58.86 47.30 46.53
C HIS Z 120 -58.53 47.56 45.07
N GLN Z 121 -57.24 47.62 44.74
CA GLN Z 121 -56.83 47.83 43.36
C GLN Z 121 -57.32 46.69 42.47
N PHE Z 122 -57.19 45.46 42.93
CA PHE Z 122 -57.61 44.35 42.10
C PHE Z 122 -59.12 44.15 42.10
N GLU Z 123 -59.82 44.65 43.12
CA GLU Z 123 -61.27 44.73 43.02
C GLU Z 123 -61.69 45.74 41.95
N THR Z 124 -61.07 46.92 41.97
CA THR Z 124 -61.30 47.89 40.90
C THR Z 124 -60.99 47.27 39.54
N LEU Z 125 -59.94 46.45 39.48
CA LEU Z 125 -59.62 45.78 38.22
C LEU Z 125 -60.67 44.75 37.85
N ASP Z 126 -61.29 44.15 38.86
CA ASP Z 126 -62.40 43.19 38.66
C ASP Z 126 -63.57 43.93 38.00
N VAL Z 127 -63.85 45.16 38.47
CA VAL Z 127 -64.93 45.98 37.93
C VAL Z 127 -64.61 46.41 36.50
N GLN Z 128 -63.37 46.86 36.30
CA GLN Z 128 -62.93 47.23 34.96
C GLN Z 128 -63.06 46.07 33.99
N THR Z 129 -62.65 44.88 34.42
CA THR Z 129 -62.72 43.71 33.55
C THR Z 129 -64.17 43.40 33.19
N GLN Z 130 -65.07 43.44 34.17
CA GLN Z 130 -66.48 43.16 33.90
C GLN Z 130 -67.04 44.15 32.89
N GLN Z 131 -66.80 45.44 33.12
CA GLN Z 131 -67.34 46.45 32.22
C GLN Z 131 -66.72 46.34 30.82
N MET Z 132 -65.41 46.18 30.78
CA MET Z 132 -64.71 46.00 29.51
C MET Z 132 -65.25 44.80 28.76
N GLU Z 133 -65.60 43.73 29.47
CA GLU Z 133 -66.11 42.54 28.81
C GLU Z 133 -67.53 42.76 28.31
N ASP Z 134 -68.36 43.42 29.10
CA ASP Z 134 -69.69 43.80 28.63
C ASP Z 134 -69.59 44.57 27.32
N THR Z 135 -68.67 45.54 27.26
CA THR Z 135 -68.56 46.35 26.04
C THR Z 135 -68.00 45.53 24.89
N MET Z 136 -66.95 44.74 25.15
CA MET Z 136 -66.38 43.88 24.10
C MET Z 136 -67.46 43.00 23.49
N SER Z 137 -68.36 42.46 24.33
CA SER Z 137 -69.42 41.62 23.81
C SER Z 137 -70.45 42.43 23.05
N SER Z 138 -70.81 43.61 23.56
CA SER Z 138 -71.77 44.45 22.87
C SER Z 138 -71.26 44.90 21.51
N THR Z 139 -69.94 44.99 21.34
CA THR Z 139 -69.39 45.42 20.07
C THR Z 139 -69.68 44.41 18.97
N THR Z 140 -69.52 43.12 19.27
CA THR Z 140 -69.67 42.05 18.29
C THR Z 140 -70.86 41.20 18.71
N THR Z 141 -72.05 41.62 18.26
CA THR Z 141 -73.28 40.89 18.51
C THR Z 141 -73.96 40.40 17.24
N LEU Z 142 -73.63 40.98 16.08
CA LEU Z 142 -74.21 40.54 14.81
C LEU Z 142 -73.43 39.40 14.18
N THR Z 143 -72.18 39.19 14.60
CA THR Z 143 -71.42 38.03 14.17
C THR Z 143 -71.70 36.80 15.02
N THR Z 144 -72.16 37.00 16.27
CA THR Z 144 -72.46 35.93 17.20
C THR Z 144 -73.90 36.10 17.70
N PRO Z 145 -74.89 35.70 16.91
CA PRO Z 145 -76.27 35.76 17.39
C PRO Z 145 -76.53 34.70 18.44
N GLN Z 146 -77.23 35.12 19.51
CA GLN Z 146 -77.56 34.19 20.58
C GLN Z 146 -78.38 33.01 20.07
N ASN Z 147 -79.31 33.28 19.15
CA ASN Z 147 -80.16 32.22 18.63
C ASN Z 147 -79.34 31.14 17.92
N GLN Z 148 -78.36 31.55 17.12
CA GLN Z 148 -77.54 30.58 16.39
C GLN Z 148 -76.72 29.73 17.36
N VAL Z 149 -76.17 30.36 18.40
CA VAL Z 149 -75.38 29.61 19.38
C VAL Z 149 -76.27 28.61 20.11
N ASP Z 150 -77.45 29.04 20.53
CA ASP Z 150 -78.39 28.13 21.18
C ASP Z 150 -78.72 26.95 20.28
N MET Z 151 -79.00 27.22 19.01
CA MET Z 151 -79.35 26.16 18.08
C MET Z 151 -78.18 25.19 17.90
N LEU Z 152 -76.97 25.73 17.75
CA LEU Z 152 -75.81 24.85 17.59
C LEU Z 152 -75.63 23.97 18.81
N LEU Z 153 -75.78 24.53 20.01
CA LEU Z 153 -75.64 23.72 21.21
C LEU Z 153 -76.71 22.65 21.29
N GLN Z 154 -77.95 23.00 20.94
CA GLN Z 154 -79.03 22.01 20.95
C GLN Z 154 -78.75 20.88 19.97
N GLU Z 155 -78.29 21.22 18.76
CA GLU Z 155 -78.02 20.19 17.77
C GLU Z 155 -76.87 19.29 18.22
N MET Z 156 -75.80 19.89 18.75
CA MET Z 156 -74.66 19.09 19.19
C MET Z 156 -75.05 18.18 20.35
N ALA Z 157 -75.87 18.68 21.28
CA ALA Z 157 -76.35 17.85 22.37
C ALA Z 157 -77.18 16.69 21.84
N ASP Z 158 -78.21 17.00 21.05
CA ASP Z 158 -79.09 15.95 20.52
C ASP Z 158 -78.29 14.91 19.74
N GLU Z 159 -77.28 15.34 18.99
CA GLU Z 159 -76.43 14.39 18.30
C GLU Z 159 -75.66 13.53 19.28
N ALA Z 160 -75.07 14.15 20.30
CA ALA Z 160 -74.39 13.39 21.34
C ALA Z 160 -75.34 12.63 22.24
N GLY Z 161 -76.65 12.85 22.10
CA GLY Z 161 -77.64 12.18 22.92
C GLY Z 161 -77.72 12.67 24.34
N LEU Z 162 -76.77 13.48 24.80
CA LEU Z 162 -76.73 13.94 26.19
C LEU Z 162 -77.70 15.11 26.37
N ASP Z 163 -77.64 15.74 27.53
CA ASP Z 163 -78.43 16.93 27.82
C ASP Z 163 -77.53 17.95 28.52
N LEU Z 164 -77.99 19.19 28.51
CA LEU Z 164 -77.22 20.32 29.03
C LEU Z 164 -77.91 20.88 30.26
N ASN Z 165 -77.18 20.95 31.36
CA ASN Z 165 -77.71 21.50 32.61
C ASN Z 165 -76.76 22.56 33.16
N GLU Z 187 -90.80 35.10 18.39
CA GLU Z 187 -91.40 34.27 19.42
C GLU Z 187 -91.96 35.14 20.55
N LEU Z 188 -91.20 35.27 21.64
CA LEU Z 188 -91.62 36.14 22.73
C LEU Z 188 -91.71 37.59 22.29
N SER Z 189 -90.84 38.00 21.37
CA SER Z 189 -90.83 39.39 20.93
C SER Z 189 -92.18 39.80 20.36
N GLN Z 190 -92.86 38.88 19.67
CA GLN Z 190 -94.17 39.22 19.11
C GLN Z 190 -95.20 39.44 20.20
N ARG Z 191 -95.21 38.58 21.23
CA ARG Z 191 -96.13 38.78 22.34
C ARG Z 191 -95.83 40.10 23.05
N LEU Z 192 -94.55 40.42 23.21
CA LEU Z 192 -94.19 41.67 23.86
C LEU Z 192 -94.61 42.88 23.03
N ALA Z 193 -94.52 42.77 21.70
CA ALA Z 193 -94.97 43.86 20.84
C ALA Z 193 -96.48 44.03 20.91
N ARG Z 194 -97.22 42.91 20.88
CA ARG Z 194 -98.67 42.99 21.03
C ARG Z 194 -99.04 43.62 22.36
N LEU Z 195 -98.29 43.29 23.42
CA LEU Z 195 -98.53 43.90 24.71
C LEU Z 195 -98.19 45.39 24.68
N ARG Z 196 -97.16 45.77 23.94
CA ARG Z 196 -96.77 47.17 23.82
C ARG Z 196 -97.85 47.97 23.11
N ASP Z 197 -98.48 47.38 22.09
CA ASP Z 197 -99.59 48.06 21.42
C ASP Z 197 -100.72 48.36 22.39
N GLN Z 198 -100.92 47.49 23.39
CA GLN Z 198 -101.95 47.71 24.40
C GLN Z 198 -103.33 47.87 23.78
N PHE AA 6 -77.94 76.04 2.98
CA PHE AA 6 -78.51 74.72 2.79
C PHE AA 6 -77.95 74.05 1.55
N LYS AA 7 -77.50 72.79 1.73
CA LYS AA 7 -76.92 71.97 0.64
C LYS AA 7 -77.81 70.74 0.44
N ALA AA 8 -78.19 70.43 -0.80
CA ALA AA 8 -79.10 69.32 -1.06
C ALA AA 8 -78.38 67.97 -0.98
N GLU AA 9 -77.28 67.82 -1.72
CA GLU AA 9 -76.57 66.55 -1.71
C GLU AA 9 -76.09 66.18 -0.33
N ARG AA 10 -75.70 67.17 0.47
CA ARG AA 10 -75.34 66.90 1.87
C ARG AA 10 -76.52 66.27 2.61
N LEU AA 11 -77.72 66.83 2.43
CA LEU AA 11 -78.90 66.26 3.07
C LEU AA 11 -79.17 64.84 2.58
N ARG AA 12 -79.03 64.61 1.28
CA ARG AA 12 -79.23 63.28 0.73
C ARG AA 12 -78.29 62.27 1.37
N VAL AA 13 -77.00 62.60 1.40
CA VAL AA 13 -76.00 61.68 1.95
C VAL AA 13 -76.26 61.44 3.43
N ASN AA 14 -76.59 62.50 4.18
CA ASN AA 14 -76.86 62.33 5.60
C ASN AA 14 -78.11 61.48 5.83
N LEU AA 15 -79.11 61.60 4.96
CA LEU AA 15 -80.29 60.76 5.10
C LEU AA 15 -79.96 59.30 4.88
N ARG AA 16 -79.18 59.00 3.84
CA ARG AA 16 -78.77 57.62 3.61
C ARG AA 16 -77.98 57.08 4.78
N LEU AA 17 -77.06 57.90 5.32
CA LEU AA 17 -76.27 57.47 6.47
C LEU AA 17 -77.15 57.22 7.68
N VAL AA 18 -78.14 58.09 7.92
CA VAL AA 18 -79.05 57.91 9.04
C VAL AA 18 -79.81 56.61 8.88
N ILE AA 19 -80.26 56.30 7.66
CA ILE AA 19 -80.99 55.06 7.42
C ILE AA 19 -80.12 53.87 7.79
N ASN AA 20 -78.89 53.83 7.27
CA ASN AA 20 -78.00 52.71 7.56
C ASN AA 20 -77.74 52.59 9.06
N ARG AA 21 -77.46 53.72 9.72
CA ARG AA 21 -77.17 53.70 11.14
C ARG AA 21 -78.36 53.19 11.93
N LEU AA 22 -79.57 53.61 11.55
CA LEU AA 22 -80.76 53.14 12.26
C LEU AA 22 -80.95 51.64 12.07
N LYS AA 23 -80.68 51.12 10.87
CA LYS AA 23 -80.75 49.69 10.66
C LYS AA 23 -79.80 48.94 11.61
N LEU AA 24 -78.52 49.34 11.61
CA LEU AA 24 -77.55 48.69 12.47
C LEU AA 24 -77.99 48.78 13.94
N LEU AA 25 -78.44 49.96 14.36
CA LEU AA 25 -78.79 50.15 15.77
C LEU AA 25 -79.97 49.29 16.17
N GLU AA 26 -81.02 49.23 15.35
CA GLU AA 26 -82.18 48.43 15.71
C GLU AA 26 -81.82 46.95 15.74
N LYS AA 27 -80.99 46.49 14.80
CA LYS AA 27 -80.54 45.10 14.85
C LYS AA 27 -79.86 44.80 16.18
N LYS AA 28 -78.79 45.55 16.50
CA LYS AA 28 -78.02 45.22 17.69
C LYS AA 28 -78.84 45.46 18.96
N LYS AA 29 -79.80 46.38 18.92
CA LYS AA 29 -80.64 46.61 20.09
C LYS AA 29 -81.61 45.45 20.30
N THR AA 30 -82.13 44.88 19.22
CA THR AA 30 -82.94 43.66 19.34
C THR AA 30 -82.13 42.55 19.99
N GLU AA 31 -80.88 42.37 19.54
CA GLU AA 31 -80.03 41.33 20.12
C GLU AA 31 -79.80 41.57 21.61
N LEU AA 32 -79.36 42.78 21.95
CA LEU AA 32 -79.14 43.13 23.35
C LEU AA 32 -80.42 42.98 24.18
N ALA AA 33 -81.57 43.23 23.56
CA ALA AA 33 -82.83 43.08 24.28
C ALA AA 33 -83.10 41.62 24.59
N GLN AA 34 -82.82 40.72 23.65
CA GLN AA 34 -82.91 39.30 23.94
C GLN AA 34 -82.05 38.94 25.15
N LYS AA 35 -80.78 39.37 25.11
CA LYS AA 35 -79.86 38.98 26.19
C LYS AA 35 -80.31 39.55 27.53
N ALA AA 36 -80.76 40.81 27.55
CA ALA AA 36 -81.18 41.41 28.81
C ALA AA 36 -82.50 40.85 29.29
N ARG AA 37 -83.34 40.37 28.38
CA ARG AA 37 -84.54 39.64 28.79
C ARG AA 37 -84.16 38.35 29.50
N LYS AA 38 -83.17 37.63 28.95
CA LYS AA 38 -82.66 36.47 29.67
C LYS AA 38 -82.15 36.86 31.06
N GLU AA 39 -81.46 38.00 31.15
CA GLU AA 39 -80.98 38.46 32.44
C GLU AA 39 -82.14 38.72 33.40
N ILE AA 40 -83.23 39.32 32.92
CA ILE AA 40 -84.38 39.58 33.77
C ILE AA 40 -85.01 38.27 34.22
N ALA AA 41 -85.04 37.27 33.33
CA ALA AA 41 -85.54 35.96 33.73
C ALA AA 41 -84.70 35.39 34.87
N ASP AA 42 -83.37 35.49 34.75
CA ASP AA 42 -82.50 35.05 35.83
C ASP AA 42 -82.78 35.81 37.11
N TYR AA 43 -83.00 37.12 37.01
CA TYR AA 43 -83.31 37.92 38.19
C TYR AA 43 -84.60 37.43 38.85
N LEU AA 44 -85.61 37.10 38.04
CA LEU AA 44 -86.87 36.63 38.60
C LEU AA 44 -86.73 35.23 39.20
N ALA AA 45 -85.79 34.43 38.70
CA ALA AA 45 -85.54 33.13 39.30
C ALA AA 45 -85.29 33.26 40.80
N ALA AA 46 -84.53 34.27 41.20
CA ALA AA 46 -84.33 34.57 42.61
C ALA AA 46 -85.53 35.34 43.15
N GLY AA 47 -85.48 35.67 44.44
CA GLY AA 47 -86.55 36.43 45.05
C GLY AA 47 -86.56 37.90 44.72
N LYS AA 48 -85.53 38.40 44.04
CA LYS AA 48 -85.44 39.80 43.67
C LYS AA 48 -86.53 40.13 42.65
N ASP AA 49 -87.50 40.95 43.06
CA ASP AA 49 -88.61 41.33 42.21
C ASP AA 49 -88.64 42.82 41.89
N GLU AA 50 -88.48 43.67 42.90
CA GLU AA 50 -88.52 45.12 42.68
C GLU AA 50 -87.38 45.60 41.79
N ARG AA 51 -86.34 44.79 41.62
CA ARG AA 51 -85.21 45.10 40.75
C ARG AA 51 -85.48 44.68 39.30
N ALA AA 52 -86.13 43.54 39.12
CA ALA AA 52 -86.52 43.11 37.79
C ALA AA 52 -87.45 44.12 37.13
N ARG AA 53 -88.22 44.86 37.93
CA ARG AA 53 -89.06 45.90 37.37
C ARG AA 53 -88.23 47.02 36.76
N ILE AA 54 -87.13 47.39 37.42
CA ILE AA 54 -86.24 48.40 36.85
C ILE AA 54 -85.59 47.87 35.57
N ARG AA 55 -85.14 46.62 35.60
CA ARG AA 55 -84.52 46.06 34.41
C ARG AA 55 -85.50 46.03 33.23
N VAL AA 56 -86.75 45.65 33.50
CA VAL AA 56 -87.72 45.60 32.42
C VAL AA 56 -88.14 46.99 31.98
N GLU AA 57 -88.03 47.98 32.88
CA GLU AA 57 -88.18 49.36 32.45
C GLU AA 57 -87.12 49.71 31.41
N HIS AA 58 -85.87 49.37 31.71
CA HIS AA 58 -84.80 49.49 30.70
C HIS AA 58 -85.22 48.84 29.39
N ILE AA 59 -85.72 47.61 29.47
CA ILE AA 59 -86.04 46.85 28.26
C ILE AA 59 -87.11 47.54 27.44
N ILE AA 60 -88.20 47.96 28.08
CA ILE AA 60 -89.31 48.53 27.34
C ILE AA 60 -88.95 49.92 26.83
N ARG AA 61 -88.10 50.64 27.54
CA ARG AA 61 -87.55 51.87 26.99
C ARG AA 61 -86.79 51.58 25.70
N GLU AA 62 -85.93 50.57 25.71
CA GLU AA 62 -85.19 50.22 24.51
C GLU AA 62 -86.11 49.79 23.38
N ASP AA 63 -87.21 49.12 23.71
CA ASP AA 63 -88.13 48.67 22.67
C ASP AA 63 -88.89 49.84 22.05
N TYR AA 64 -89.40 50.74 22.90
CA TYR AA 64 -89.93 52.01 22.39
C TYR AA 64 -88.93 52.68 21.47
N LEU AA 65 -87.66 52.68 21.86
CA LEU AA 65 -86.63 53.34 21.07
C LEU AA 65 -86.47 52.66 19.72
N VAL AA 66 -86.48 51.32 19.69
CA VAL AA 66 -86.34 50.61 18.43
C VAL AA 66 -87.52 50.90 17.51
N GLU AA 67 -88.73 50.93 18.07
CA GLU AA 67 -89.91 51.25 17.25
C GLU AA 67 -89.80 52.68 16.70
N ALA AA 68 -89.36 53.62 17.53
CA ALA AA 68 -89.20 54.99 17.08
C ALA AA 68 -88.16 55.08 15.98
N MET AA 69 -87.08 54.30 16.10
CA MET AA 69 -86.05 54.29 15.06
C MET AA 69 -86.60 53.70 13.77
N GLU AA 70 -87.46 52.69 13.85
CA GLU AA 70 -88.12 52.18 12.66
C GLU AA 70 -88.95 53.27 11.98
N ILE AA 71 -89.74 53.99 12.77
CA ILE AA 71 -90.57 55.06 12.21
C ILE AA 71 -89.68 56.13 11.57
N LEU AA 72 -88.57 56.46 12.22
CA LEU AA 72 -87.70 57.50 11.69
C LEU AA 72 -87.01 57.06 10.41
N GLU AA 73 -86.59 55.79 10.35
CA GLU AA 73 -86.06 55.24 9.11
C GLU AA 73 -87.09 55.32 8.00
N LEU AA 74 -88.34 54.98 8.31
CA LEU AA 74 -89.41 55.11 7.34
C LEU AA 74 -89.50 56.55 6.81
N TYR AA 75 -89.50 57.52 7.72
CA TYR AA 75 -89.67 58.91 7.30
C TYR AA 75 -88.46 59.40 6.50
N CYS AA 76 -87.25 59.02 6.91
CA CYS AA 76 -86.07 59.41 6.15
C CYS AA 76 -86.13 58.83 4.74
N ASP AA 77 -86.52 57.57 4.61
CA ASP AA 77 -86.65 56.98 3.29
C ASP AA 77 -87.75 57.67 2.48
N LEU AA 78 -88.81 58.12 3.15
CA LEU AA 78 -89.86 58.84 2.46
C LEU AA 78 -89.31 60.14 1.87
N LEU AA 79 -88.60 60.91 2.68
CA LEU AA 79 -87.97 62.13 2.18
C LEU AA 79 -87.01 61.81 1.04
N LEU AA 80 -86.24 60.73 1.17
CA LEU AA 80 -85.27 60.37 0.14
C LEU AA 80 -85.94 59.93 -1.15
N ALA AA 81 -87.17 59.42 -1.09
CA ALA AA 81 -87.91 59.03 -2.28
C ALA AA 81 -88.54 60.23 -2.96
N ARG AA 82 -88.82 61.30 -2.21
CA ARG AA 82 -89.42 62.52 -2.73
C ARG AA 82 -88.45 63.69 -2.60
N PHE AA 83 -87.18 63.44 -2.92
CA PHE AA 83 -86.14 64.46 -2.75
C PHE AA 83 -86.28 65.56 -3.80
N GLY AA 84 -86.58 65.18 -5.03
CA GLY AA 84 -86.81 66.19 -6.06
C GLY AA 84 -87.92 67.15 -5.68
N LEU AA 85 -88.99 66.62 -5.05
CA LEU AA 85 -90.06 67.49 -4.59
C LEU AA 85 -89.59 68.43 -3.50
N ILE AA 86 -88.50 68.09 -2.81
CA ILE AA 86 -87.88 69.01 -1.87
C ILE AA 86 -87.11 70.10 -2.63
N GLN AA 87 -86.33 69.69 -3.62
CA GLN AA 87 -85.50 70.65 -4.34
C GLN AA 87 -86.33 71.63 -5.16
N SER AA 88 -87.43 71.16 -5.73
CA SER AA 88 -88.21 71.99 -6.64
C SER AA 88 -88.93 73.10 -5.88
N MET AA 89 -89.82 72.72 -4.98
CA MET AA 89 -90.58 73.72 -4.22
C MET AA 89 -89.66 74.45 -3.24
N LYS AA 90 -90.19 75.55 -2.70
CA LYS AA 90 -89.52 76.30 -1.64
C LYS AA 90 -90.17 76.10 -0.29
N GLU AA 91 -91.48 75.84 -0.25
CA GLU AA 91 -92.19 75.49 0.97
C GLU AA 91 -92.62 74.03 0.87
N LEU AA 92 -92.49 73.30 1.97
CA LEU AA 92 -92.82 71.89 1.96
C LEU AA 92 -94.31 71.68 1.76
N ASP AA 93 -94.66 70.63 1.02
CA ASP AA 93 -96.05 70.29 0.79
C ASP AA 93 -96.58 69.46 1.96
N SER AA 94 -97.84 69.03 1.84
CA SER AA 94 -98.46 68.27 2.92
C SER AA 94 -97.85 66.88 3.03
N GLY AA 95 -97.51 66.26 1.89
CA GLY AA 95 -96.94 64.92 1.90
C GLY AA 95 -95.63 64.81 2.66
N LEU AA 96 -94.93 65.93 2.86
CA LEU AA 96 -93.65 65.93 3.55
C LEU AA 96 -93.69 66.69 4.86
N ALA AA 97 -94.85 67.18 5.29
CA ALA AA 97 -94.93 67.92 6.54
C ALA AA 97 -94.58 67.03 7.72
N GLU AA 98 -95.16 65.83 7.78
CA GLU AA 98 -94.93 64.94 8.90
C GLU AA 98 -93.47 64.54 9.00
N SER AA 99 -92.89 64.12 7.87
CA SER AA 99 -91.49 63.68 7.89
C SER AA 99 -90.57 64.79 8.40
N VAL AA 100 -90.69 65.98 7.82
CA VAL AA 100 -89.83 67.09 8.21
C VAL AA 100 -90.04 67.43 9.68
N SER AA 101 -91.31 67.54 10.09
CA SER AA 101 -91.60 67.92 11.47
C SER AA 101 -90.99 66.92 12.45
N THR AA 102 -91.20 65.63 12.22
CA THR AA 102 -90.69 64.62 13.15
C THR AA 102 -89.17 64.56 13.12
N LEU AA 103 -88.57 64.69 11.94
CA LEU AA 103 -87.12 64.63 11.86
C LEU AA 103 -86.46 65.84 12.48
N ILE AA 104 -87.17 66.96 12.56
CA ILE AA 104 -86.63 68.11 13.28
C ILE AA 104 -86.88 68.00 14.77
N TRP AA 105 -88.00 67.39 15.17
CA TRP AA 105 -88.33 67.32 16.59
C TRP AA 105 -87.53 66.23 17.30
N ALA AA 106 -87.28 65.10 16.63
CA ALA AA 106 -86.61 63.97 17.25
C ALA AA 106 -85.10 64.07 17.19
N ALA AA 107 -84.56 64.95 16.35
CA ALA AA 107 -83.10 65.05 16.23
C ALA AA 107 -82.43 65.29 17.58
N PRO AA 108 -82.80 66.29 18.38
CA PRO AA 108 -82.15 66.45 19.68
C PRO AA 108 -82.38 65.27 20.61
N ARG AA 109 -83.48 64.54 20.43
CA ARG AA 109 -83.74 63.37 21.26
C ARG AA 109 -82.72 62.27 20.99
N LEU AA 110 -82.57 61.89 19.72
CA LEU AA 110 -81.66 60.83 19.31
C LEU AA 110 -80.34 61.36 18.78
N GLN AA 111 -79.95 62.56 19.20
CA GLN AA 111 -78.70 63.14 18.70
C GLN AA 111 -77.49 62.32 19.14
N SER AA 112 -77.56 61.70 20.32
CA SER AA 112 -76.43 60.93 20.81
C SER AA 112 -76.29 59.61 20.05
N GLU AA 113 -77.41 58.91 19.84
CA GLU AA 113 -77.36 57.64 19.12
C GLU AA 113 -76.94 57.86 17.66
N VAL AA 114 -77.69 58.69 16.94
CA VAL AA 114 -77.44 58.97 15.54
C VAL AA 114 -76.96 60.42 15.44
N ALA AA 115 -75.71 60.60 15.02
CA ALA AA 115 -75.15 61.94 14.90
C ALA AA 115 -75.64 62.63 13.64
N GLU AA 116 -75.64 61.91 12.51
CA GLU AA 116 -76.04 62.50 11.24
C GLU AA 116 -77.45 63.09 11.29
N LEU AA 117 -78.28 62.62 12.23
CA LEU AA 117 -79.63 63.14 12.35
C LEU AA 117 -79.63 64.63 12.64
N LYS AA 118 -78.64 65.10 13.41
CA LYS AA 118 -78.55 66.54 13.68
C LYS AA 118 -78.26 67.32 12.41
N ILE AA 119 -77.41 66.78 11.54
CA ILE AA 119 -77.14 67.43 10.26
C ILE AA 119 -78.38 67.45 9.40
N VAL AA 120 -79.15 66.37 9.42
CA VAL AA 120 -80.41 66.34 8.67
C VAL AA 120 -81.34 67.43 9.20
N ALA AA 121 -81.45 67.54 10.52
CA ALA AA 121 -82.28 68.59 11.11
C ALA AA 121 -81.79 69.97 10.70
N ASP AA 122 -80.47 70.17 10.63
CA ASP AA 122 -79.92 71.44 10.18
C ASP AA 122 -80.38 71.75 8.76
N GLN AA 123 -80.13 70.83 7.84
CA GLN AA 123 -80.51 71.08 6.44
C GLN AA 123 -82.00 71.30 6.30
N LEU AA 124 -82.81 70.70 7.17
CA LEU AA 124 -84.26 70.90 7.09
C LEU AA 124 -84.72 72.16 7.81
N CYS AA 125 -83.88 72.73 8.68
CA CYS AA 125 -84.20 74.01 9.30
C CYS AA 125 -83.60 75.18 8.53
N ALA AA 126 -82.47 74.97 7.87
CA ALA AA 126 -81.83 76.01 7.08
C ALA AA 126 -82.48 76.20 5.72
N LYS AA 127 -83.36 75.29 5.31
CA LYS AA 127 -84.04 75.41 4.02
C LYS AA 127 -85.34 76.17 4.11
N TYR AA 128 -85.95 76.26 5.29
CA TYR AA 128 -87.26 76.87 5.46
C TYR AA 128 -87.16 78.09 6.35
N SER AA 129 -88.02 79.07 6.08
CA SER AA 129 -88.11 80.29 6.87
C SER AA 129 -89.49 80.52 7.47
N LYS AA 130 -90.55 79.96 6.88
CA LYS AA 130 -91.90 80.09 7.42
C LYS AA 130 -91.99 79.28 8.71
N GLU AA 131 -91.96 79.97 9.84
CA GLU AA 131 -91.98 79.33 11.16
C GLU AA 131 -90.81 78.39 11.33
N TYR AA 132 -89.66 78.74 10.76
CA TYR AA 132 -88.46 77.92 10.80
C TYR AA 132 -87.35 78.68 11.52
N GLY AA 133 -86.18 78.07 11.59
CA GLY AA 133 -85.12 78.54 12.46
C GLY AA 133 -85.26 77.92 13.84
N LYS AA 134 -84.11 77.67 14.48
CA LYS AA 134 -84.09 76.93 15.74
C LYS AA 134 -85.28 77.31 16.64
N LEU AA 135 -85.43 78.61 16.93
CA LEU AA 135 -86.54 79.05 17.77
C LEU AA 135 -87.88 78.73 17.12
N CYS AA 136 -88.11 79.27 15.91
CA CYS AA 136 -89.37 79.00 15.22
C CYS AA 136 -89.51 77.55 14.82
N ARG AA 137 -88.39 76.83 14.64
CA ARG AA 137 -88.46 75.41 14.35
C ARG AA 137 -88.99 74.63 15.55
N THR AA 138 -88.64 75.07 16.76
CA THR AA 138 -89.22 74.49 17.96
C THR AA 138 -90.64 74.98 18.21
N ASN AA 139 -90.95 76.19 17.76
CA ASN AA 139 -92.30 76.72 17.94
C ASN AA 139 -93.30 76.03 17.02
N GLN AA 140 -92.89 75.73 15.78
CA GLN AA 140 -93.76 75.09 14.80
C GLN AA 140 -93.61 73.56 14.81
N ILE AA 141 -93.28 72.97 15.95
CA ILE AA 141 -93.09 71.53 16.07
C ILE AA 141 -94.37 70.86 16.58
N GLY AA 142 -95.51 71.54 16.51
CA GLY AA 142 -96.75 71.00 17.00
C GLY AA 142 -97.53 70.23 15.95
N THR AA 143 -96.81 69.60 15.02
CA THR AA 143 -97.46 68.80 13.98
C THR AA 143 -96.73 67.48 13.75
N VAL AA 144 -95.99 66.99 14.73
CA VAL AA 144 -95.22 65.76 14.58
C VAL AA 144 -96.12 64.56 14.89
N ASN AA 145 -95.67 63.38 14.46
CA ASN AA 145 -96.39 62.15 14.72
C ASN AA 145 -96.49 61.91 16.22
N ASP AA 146 -97.72 61.85 16.72
CA ASP AA 146 -97.94 61.66 18.15
C ASP AA 146 -97.40 60.31 18.61
N ARG AA 147 -97.53 59.28 17.78
CA ARG AA 147 -97.02 57.97 18.16
C ARG AA 147 -95.53 58.02 18.43
N LEU AA 148 -94.76 58.62 17.52
CA LEU AA 148 -93.32 58.73 17.73
C LEU AA 148 -93.02 59.56 18.98
N MET AA 149 -93.81 60.60 19.23
CA MET AA 149 -93.65 61.37 20.45
C MET AA 149 -93.80 60.47 21.67
N HIS AA 150 -94.75 59.53 21.61
CA HIS AA 150 -94.96 58.63 22.74
C HIS AA 150 -93.82 57.63 22.87
N LYS AA 151 -93.32 57.12 21.74
CA LYS AA 151 -92.21 56.17 21.80
C LYS AA 151 -90.97 56.80 22.41
N LEU AA 152 -90.71 58.07 22.07
CA LEU AA 152 -89.56 58.79 22.60
C LEU AA 152 -89.93 59.65 23.81
N SER AA 153 -91.08 59.42 24.41
CA SER AA 153 -91.49 60.17 25.59
C SER AA 153 -90.69 59.69 26.79
N VAL AA 154 -90.05 60.63 27.48
CA VAL AA 154 -89.20 60.31 28.63
C VAL AA 154 -90.10 60.37 29.86
N GLU AA 155 -90.71 59.24 30.19
CA GLU AA 155 -91.64 59.18 31.31
C GLU AA 155 -91.62 57.76 31.89
N ALA AA 156 -91.94 57.68 33.17
CA ALA AA 156 -92.03 56.38 33.83
C ALA AA 156 -93.16 55.57 33.20
N PRO AA 157 -92.87 54.45 32.55
CA PRO AA 157 -93.93 53.68 31.90
C PRO AA 157 -94.99 53.25 32.90
N PRO AA 158 -96.19 52.91 32.43
CA PRO AA 158 -97.24 52.49 33.36
C PRO AA 158 -96.88 51.21 34.07
N LYS AA 159 -97.23 51.14 35.36
CA LYS AA 159 -96.85 49.99 36.17
C LYS AA 159 -97.50 48.71 35.67
N ILE AA 160 -98.76 48.78 35.25
CA ILE AA 160 -99.45 47.59 34.77
C ILE AA 160 -98.74 47.02 33.55
N LEU AA 161 -98.23 47.91 32.70
CA LEU AA 161 -97.48 47.49 31.48
C LEU AA 161 -96.23 46.73 31.92
N VAL AA 162 -95.55 47.22 32.95
CA VAL AA 162 -94.32 46.56 33.48
C VAL AA 162 -94.69 45.17 34.00
N GLU AA 163 -95.83 45.07 34.70
CA GLU AA 163 -96.29 43.77 35.25
C GLU AA 163 -96.56 42.79 34.10
N ARG AA 164 -97.20 43.30 33.03
CA ARG AA 164 -97.51 42.45 31.84
C ARG AA 164 -96.20 41.97 31.22
N TYR AA 165 -95.20 42.86 31.14
CA TYR AA 165 -93.88 42.52 30.56
C TYR AA 165 -93.22 41.42 31.42
N LEU AA 166 -93.33 41.55 32.75
CA LEU AA 166 -92.75 40.56 33.63
C LEU AA 166 -93.49 39.23 33.55
N ILE AA 167 -94.83 39.29 33.50
CA ILE AA 167 -95.64 38.08 33.38
C ILE AA 167 -95.23 37.31 32.14
N GLU AA 168 -95.12 38.00 31.00
CA GLU AA 168 -94.78 37.32 29.76
C GLU AA 168 -93.38 36.72 29.83
N ILE AA 169 -92.41 37.49 30.32
CA ILE AA 169 -91.04 36.98 30.38
C ILE AA 169 -90.97 35.75 31.29
N ALA AA 170 -91.63 35.81 32.45
CA ALA AA 170 -91.65 34.67 33.35
C ALA AA 170 -92.29 33.46 32.68
N LYS AA 171 -93.48 33.65 32.11
CA LYS AA 171 -94.17 32.55 31.44
C LYS AA 171 -93.33 31.94 30.34
N ASN AA 172 -92.49 32.74 29.68
CA ASN AA 172 -91.68 32.19 28.61
C ASN AA 172 -90.44 31.46 29.14
N TYR AA 173 -89.82 31.99 30.19
CA TYR AA 173 -88.59 31.41 30.71
C TYR AA 173 -88.82 30.40 31.82
N ASN AA 174 -90.05 29.93 31.99
CA ASN AA 174 -90.36 28.86 32.95
C ASN AA 174 -89.97 29.26 34.36
N VAL AA 175 -90.31 30.49 34.75
CA VAL AA 175 -90.03 30.99 36.08
C VAL AA 175 -91.35 31.44 36.73
N PRO AA 176 -91.60 31.11 37.98
CA PRO AA 176 -92.81 31.63 38.64
C PRO AA 176 -92.68 33.11 38.96
N TYR AA 177 -93.81 33.79 38.97
CA TYR AA 177 -93.85 35.21 39.30
C TYR AA 177 -95.26 35.57 39.74
N GLU AA 178 -95.37 36.26 40.88
CA GLU AA 178 -96.66 36.69 41.42
C GLU AA 178 -96.82 38.19 41.19
N PRO AA 179 -97.61 38.62 40.22
CA PRO AA 179 -97.71 40.06 39.94
C PRO AA 179 -98.27 40.82 41.14
N ASP AA 180 -97.92 42.09 41.22
CA ASP AA 180 -98.46 42.98 42.24
C ASP AA 180 -99.94 43.20 41.97
N SER AA 181 -100.79 42.62 42.80
CA SER AA 181 -102.22 42.68 42.54
C SER AA 181 -102.71 44.14 42.55
N VAL AA 182 -102.11 45.00 43.38
CA VAL AA 182 -102.55 46.39 43.49
C VAL AA 182 -102.58 47.05 42.12
N VAL AA 183 -101.58 46.76 41.30
CA VAL AA 183 -101.48 47.36 39.97
C VAL AA 183 -102.00 46.37 38.93
N MET AA 184 -101.85 45.07 39.20
CA MET AA 184 -102.29 44.06 38.25
C MET AA 184 -103.81 44.04 38.09
N ALA AA 185 -104.56 44.53 39.06
CA ALA AA 185 -106.01 44.53 39.00
C ALA AA 185 -106.60 45.90 38.73
N GLU AA 186 -105.94 46.98 39.13
CA GLU AA 186 -106.46 48.33 38.92
C GLU AA 186 -106.19 48.74 37.47
N PHE BA 6 100.59 -0.28 -13.08
CA PHE BA 6 100.44 -1.73 -12.98
C PHE BA 6 99.74 -2.11 -11.68
N LYS BA 7 98.72 -2.96 -11.81
CA LYS BA 7 97.91 -3.46 -10.66
C LYS BA 7 98.09 -4.98 -10.60
N ALA BA 8 98.38 -5.52 -9.40
CA ALA BA 8 98.63 -6.96 -9.28
C ALA BA 8 97.33 -7.76 -9.29
N GLU BA 9 96.38 -7.39 -8.41
CA GLU BA 9 95.14 -8.14 -8.33
C GLU BA 9 94.39 -8.12 -9.66
N ARG BA 10 94.47 -7.01 -10.39
CA ARG BA 10 93.89 -6.96 -11.73
C ARG BA 10 94.50 -8.04 -12.62
N LEU BA 11 95.82 -8.17 -12.59
CA LEU BA 11 96.49 -9.20 -13.38
C LEU BA 11 96.05 -10.60 -12.95
N ARG BA 12 95.95 -10.83 -11.65
CA ARG BA 12 95.51 -12.12 -11.13
C ARG BA 12 94.13 -12.47 -11.66
N VAL BA 13 93.18 -11.54 -11.51
CA VAL BA 13 91.81 -11.80 -11.95
C VAL BA 13 91.76 -12.03 -13.45
N ASN BA 14 92.49 -11.22 -14.22
CA ASN BA 14 92.48 -11.40 -15.67
C ASN BA 14 93.10 -12.74 -16.06
N LEU BA 15 94.11 -13.20 -15.32
CA LEU BA 15 94.70 -14.50 -15.62
C LEU BA 15 93.70 -15.62 -15.38
N ARG BA 16 92.98 -15.56 -14.25
CA ARG BA 16 91.97 -16.57 -13.97
C ARG BA 16 90.88 -16.55 -15.05
N LEU BA 17 90.45 -15.35 -15.46
CA LEU BA 17 89.44 -15.24 -16.50
C LEU BA 17 89.94 -15.81 -17.82
N VAL BA 18 91.20 -15.53 -18.16
CA VAL BA 18 91.78 -16.07 -19.40
C VAL BA 18 91.80 -17.59 -19.35
N ILE BA 19 92.15 -18.15 -18.20
CA ILE BA 19 92.17 -19.60 -18.06
C ILE BA 19 90.78 -20.17 -18.33
N ASN BA 20 89.77 -19.64 -17.66
CA ASN BA 20 88.41 -20.15 -17.85
C ASN BA 20 87.97 -20.00 -19.30
N ARG BA 21 88.23 -18.84 -19.90
CA ARG BA 21 87.83 -18.61 -21.28
C ARG BA 21 88.51 -19.59 -22.22
N LEU BA 22 89.79 -19.87 -22.00
CA LEU BA 22 90.51 -20.81 -22.85
C LEU BA 22 89.93 -22.21 -22.71
N LYS BA 23 89.56 -22.60 -21.49
CA LYS BA 23 88.91 -23.90 -21.30
C LYS BA 23 87.64 -24.00 -22.12
N LEU BA 24 86.75 -23.01 -21.95
CA LEU BA 24 85.48 -23.03 -22.70
C LEU BA 24 85.75 -23.08 -24.20
N LEU BA 25 86.69 -22.25 -24.67
CA LEU BA 25 86.94 -22.15 -26.10
C LEU BA 25 87.47 -23.46 -26.66
N GLU BA 26 88.43 -24.08 -25.98
CA GLU BA 26 88.97 -25.34 -26.50
C GLU BA 26 87.92 -26.43 -26.50
N LYS BA 27 87.09 -26.49 -25.47
CA LYS BA 27 85.99 -27.44 -25.47
C LYS BA 27 85.11 -27.27 -26.71
N LYS BA 28 84.55 -26.08 -26.87
CA LYS BA 28 83.59 -25.89 -27.97
C LYS BA 28 84.28 -26.00 -29.33
N LYS BA 29 85.58 -25.69 -29.40
CA LYS BA 29 86.29 -25.83 -30.65
C LYS BA 29 86.52 -27.29 -31.00
N THR BA 30 86.78 -28.13 -29.99
CA THR BA 30 86.84 -29.57 -30.24
C THR BA 30 85.52 -30.08 -30.79
N GLU BA 31 84.41 -29.65 -30.19
CA GLU BA 31 83.11 -30.09 -30.67
C GLU BA 31 82.86 -29.65 -32.11
N LEU BA 32 83.07 -28.36 -32.39
CA LEU BA 32 82.90 -27.85 -33.74
C LEU BA 32 83.83 -28.55 -34.72
N ALA BA 33 85.03 -28.96 -34.26
CA ALA BA 33 85.95 -29.66 -35.14
C ALA BA 33 85.40 -31.03 -35.49
N GLN BA 34 84.82 -31.74 -34.52
CA GLN BA 34 84.15 -33.00 -34.84
C GLN BA 34 83.10 -32.79 -35.92
N LYS BA 35 82.23 -31.79 -35.72
CA LYS BA 35 81.14 -31.59 -36.68
C LYS BA 35 81.67 -31.22 -38.07
N ALA BA 36 82.68 -30.35 -38.13
CA ALA BA 36 83.21 -29.95 -39.42
C ALA BA 36 84.01 -31.06 -40.09
N ARG BA 37 84.59 -31.97 -39.28
CA ARG BA 37 85.20 -33.16 -39.86
C ARG BA 37 84.15 -34.04 -40.52
N LYS BA 38 83.00 -34.20 -39.87
CA LYS BA 38 81.89 -34.90 -40.51
C LYS BA 38 81.51 -34.21 -41.82
N GLU BA 39 81.49 -32.87 -41.81
CA GLU BA 39 81.17 -32.14 -43.04
C GLU BA 39 82.20 -32.42 -44.14
N ILE BA 40 83.48 -32.49 -43.77
CA ILE BA 40 84.50 -32.78 -44.78
C ILE BA 40 84.34 -34.19 -45.31
N ALA BA 41 83.96 -35.13 -44.44
CA ALA BA 41 83.68 -36.48 -44.91
C ALA BA 41 82.56 -36.47 -45.94
N ASP BA 42 81.49 -35.73 -45.65
CA ASP BA 42 80.39 -35.61 -46.62
C ASP BA 42 80.89 -35.00 -47.92
N TYR BA 43 81.75 -33.98 -47.83
CA TYR BA 43 82.30 -33.36 -49.04
C TYR BA 43 83.08 -34.38 -49.86
N LEU BA 44 83.87 -35.23 -49.19
CA LEU BA 44 84.65 -36.22 -49.91
C LEU BA 44 83.77 -37.30 -50.50
N ALA BA 45 82.61 -37.57 -49.89
CA ALA BA 45 81.68 -38.53 -50.47
C ALA BA 45 81.38 -38.19 -51.92
N ALA BA 46 81.18 -36.90 -52.21
CA ALA BA 46 81.02 -36.44 -53.58
C ALA BA 46 82.37 -36.35 -54.26
N GLY BA 47 82.36 -35.93 -55.53
CA GLY BA 47 83.61 -35.78 -56.27
C GLY BA 47 84.38 -34.52 -55.93
N LYS BA 48 83.81 -33.64 -55.11
CA LYS BA 48 84.49 -32.40 -54.73
C LYS BA 48 85.69 -32.74 -53.85
N ASP BA 49 86.89 -32.48 -54.37
CA ASP BA 49 88.14 -32.77 -53.67
C ASP BA 49 88.94 -31.52 -53.34
N GLU BA 50 89.12 -30.63 -54.31
CA GLU BA 50 89.92 -29.43 -54.09
C GLU BA 50 89.27 -28.50 -53.06
N ARG BA 51 87.98 -28.69 -52.76
CA ARG BA 51 87.27 -27.93 -51.75
C ARG BA 51 87.45 -28.52 -50.35
N ALA BA 52 87.45 -29.85 -50.26
CA ALA BA 52 87.70 -30.50 -48.99
C ALA BA 52 89.07 -30.14 -48.45
N ARG BA 53 90.02 -29.83 -49.34
CA ARG BA 53 91.34 -29.40 -48.88
C ARG BA 53 91.25 -28.05 -48.16
N ILE BA 54 90.42 -27.14 -48.67
CA ILE BA 54 90.22 -25.86 -47.98
C ILE BA 54 89.54 -26.08 -46.64
N ARG BA 55 88.52 -26.94 -46.62
CA ARG BA 55 87.83 -27.21 -45.36
C ARG BA 55 88.78 -27.80 -44.33
N VAL BA 56 89.64 -28.74 -44.74
CA VAL BA 56 90.55 -29.35 -43.80
C VAL BA 56 91.66 -28.37 -43.41
N GLU BA 57 91.97 -27.41 -44.27
CA GLU BA 57 92.84 -26.32 -43.85
C GLU BA 57 92.21 -25.56 -42.69
N HIS BA 58 90.93 -25.21 -42.83
CA HIS BA 58 90.19 -24.65 -41.70
C HIS BA 58 90.36 -25.52 -40.45
N ILE BA 59 90.17 -26.83 -40.61
CA ILE BA 59 90.17 -27.73 -39.46
C ILE BA 59 91.53 -27.71 -38.77
N ILE BA 60 92.61 -27.85 -39.55
CA ILE BA 60 93.92 -27.97 -38.94
C ILE BA 60 94.37 -26.62 -38.37
N ARG BA 61 93.93 -25.52 -38.96
CA ARG BA 61 94.14 -24.22 -38.34
C ARG BA 61 93.48 -24.19 -36.96
N GLU BA 62 92.22 -24.63 -36.88
CA GLU BA 62 91.53 -24.64 -35.59
C GLU BA 62 92.23 -25.56 -34.60
N ASP BA 63 92.80 -26.67 -35.06
CA ASP BA 63 93.48 -27.59 -34.16
C ASP BA 63 94.78 -27.00 -33.64
N TYR BA 64 95.58 -26.41 -34.53
CA TYR BA 64 96.73 -25.64 -34.08
C TYR BA 64 96.31 -24.61 -33.03
N LEU BA 65 95.18 -23.95 -33.27
CA LEU BA 65 94.71 -22.93 -32.34
C LEU BA 65 94.36 -23.53 -30.98
N VAL BA 66 93.72 -24.70 -30.97
CA VAL BA 66 93.36 -25.33 -29.71
C VAL BA 66 94.63 -25.73 -28.94
N GLU BA 67 95.62 -26.27 -29.64
CA GLU BA 67 96.86 -26.63 -28.98
C GLU BA 67 97.56 -25.39 -28.42
N ALA BA 68 97.57 -24.30 -29.18
CA ALA BA 68 98.17 -23.07 -28.69
C ALA BA 68 97.42 -22.55 -27.47
N MET BA 69 96.10 -22.67 -27.46
CA MET BA 69 95.34 -22.25 -26.29
C MET BA 69 95.63 -23.12 -25.08
N GLU BA 70 95.86 -24.42 -25.30
CA GLU BA 70 96.28 -25.28 -24.19
C GLU BA 70 97.61 -24.80 -23.62
N ILE BA 71 98.58 -24.51 -24.50
CA ILE BA 71 99.88 -24.03 -24.03
C ILE BA 71 99.73 -22.72 -23.27
N LEU BA 72 98.88 -21.82 -23.77
CA LEU BA 72 98.71 -20.53 -23.13
C LEU BA 72 98.03 -20.67 -21.78
N GLU BA 73 97.04 -21.56 -21.67
CA GLU BA 73 96.43 -21.86 -20.39
C GLU BA 73 97.47 -22.38 -19.41
N LEU BA 74 98.34 -23.28 -19.88
CA LEU BA 74 99.44 -23.77 -19.05
C LEU BA 74 100.28 -22.62 -18.53
N TYR BA 75 100.68 -21.70 -19.42
CA TYR BA 75 101.57 -20.61 -19.01
C TYR BA 75 100.87 -19.65 -18.06
N CYS BA 76 99.60 -19.34 -18.32
CA CYS BA 76 98.85 -18.48 -17.40
C CYS BA 76 98.77 -19.10 -16.02
N ASP BA 77 98.47 -20.40 -15.96
CA ASP BA 77 98.43 -21.06 -14.66
C ASP BA 77 99.80 -21.07 -14.00
N LEU BA 78 100.87 -21.18 -14.79
CA LEU BA 78 102.21 -21.12 -14.23
C LEU BA 78 102.45 -19.77 -13.57
N LEU BA 79 102.14 -18.68 -14.28
CA LEU BA 79 102.27 -17.35 -13.69
C LEU BA 79 101.41 -17.23 -12.43
N LEU BA 80 100.20 -17.78 -12.47
CA LEU BA 80 99.29 -17.68 -11.34
C LEU BA 80 99.78 -18.49 -10.14
N ALA BA 81 100.56 -19.54 -10.37
CA ALA BA 81 101.14 -20.32 -9.29
C ALA BA 81 102.36 -19.65 -8.68
N ARG BA 82 103.05 -18.81 -9.45
CA ARG BA 82 104.23 -18.09 -9.00
C ARG BA 82 103.98 -16.59 -9.01
N PHE BA 83 102.79 -16.20 -8.52
CA PHE BA 83 102.40 -14.79 -8.54
C PHE BA 83 103.18 -13.99 -7.52
N GLY BA 84 103.38 -14.54 -6.33
CA GLY BA 84 104.19 -13.86 -5.33
C GLY BA 84 105.58 -13.56 -5.85
N LEU BA 85 106.16 -14.50 -6.60
CA LEU BA 85 107.48 -14.25 -7.19
C LEU BA 85 107.43 -13.13 -8.20
N ILE BA 86 106.25 -12.83 -8.75
CA ILE BA 86 106.09 -11.66 -9.60
C ILE BA 86 106.06 -10.39 -8.74
N GLN BA 87 105.28 -10.43 -7.65
CA GLN BA 87 105.12 -9.23 -6.83
C GLN BA 87 106.42 -8.86 -6.12
N SER BA 88 107.19 -9.86 -5.69
CA SER BA 88 108.37 -9.58 -4.88
C SER BA 88 109.48 -8.94 -5.72
N MET BA 89 109.96 -9.64 -6.73
CA MET BA 89 111.02 -9.11 -7.57
C MET BA 89 110.50 -7.94 -8.41
N LYS BA 90 111.45 -7.22 -9.00
CA LYS BA 90 111.13 -6.16 -9.97
C LYS BA 90 111.46 -6.56 -11.39
N GLU BA 91 112.44 -7.43 -11.59
CA GLU BA 91 112.74 -8.01 -12.90
C GLU BA 91 112.39 -9.49 -12.87
N LEU BA 92 111.80 -9.97 -13.96
CA LEU BA 92 111.37 -11.37 -14.00
C LEU BA 92 112.57 -12.30 -13.99
N ASP BA 93 112.41 -13.43 -13.31
CA ASP BA 93 113.46 -14.44 -13.27
C ASP BA 93 113.38 -15.33 -14.50
N SER BA 94 114.25 -16.34 -14.55
CA SER BA 94 114.28 -17.23 -15.70
C SER BA 94 113.04 -18.12 -15.74
N GLY BA 95 112.57 -18.57 -14.58
CA GLY BA 95 111.40 -19.44 -14.53
C GLY BA 95 110.15 -18.83 -15.11
N LEU BA 96 110.09 -17.50 -15.22
CA LEU BA 96 108.91 -16.80 -15.73
C LEU BA 96 109.19 -16.08 -17.04
N ALA BA 97 110.39 -16.20 -17.60
CA ALA BA 97 110.71 -15.52 -18.84
C ALA BA 97 109.83 -16.02 -19.98
N GLU BA 98 109.72 -17.35 -20.12
CA GLU BA 98 108.95 -17.91 -21.22
C GLU BA 98 107.48 -17.53 -21.12
N SER BA 99 106.89 -17.68 -19.94
CA SER BA 99 105.47 -17.37 -19.79
C SER BA 99 105.19 -15.92 -20.17
N VAL BA 100 105.95 -14.99 -19.60
CA VAL BA 100 105.72 -13.57 -19.86
C VAL BA 100 105.93 -13.27 -21.34
N SER BA 101 107.02 -13.78 -21.92
CA SER BA 101 107.32 -13.51 -23.32
C SER BA 101 106.19 -13.98 -24.22
N THR BA 102 105.75 -15.23 -24.03
CA THR BA 102 104.70 -15.77 -24.89
C THR BA 102 103.38 -15.07 -24.66
N LEU BA 103 103.05 -14.75 -23.42
CA LEU BA 103 101.78 -14.08 -23.16
C LEU BA 103 101.77 -12.66 -23.68
N ILE BA 104 102.93 -12.04 -23.84
CA ILE BA 104 102.98 -10.72 -24.47
C ILE BA 104 102.96 -10.84 -25.99
N TRP BA 105 103.58 -11.89 -26.53
CA TRP BA 105 103.68 -12.02 -27.98
C TRP BA 105 102.36 -12.51 -28.59
N ALA BA 106 101.66 -13.40 -27.91
CA ALA BA 106 100.45 -14.01 -28.45
C ALA BA 106 99.20 -13.17 -28.19
N ALA BA 107 99.27 -12.20 -27.29
CA ALA BA 107 98.09 -11.39 -26.99
C ALA BA 107 97.48 -10.76 -28.23
N PRO BA 108 98.23 -10.02 -29.06
CA PRO BA 108 97.62 -9.47 -30.27
C PRO BA 108 97.13 -10.53 -31.24
N ARG BA 109 97.72 -11.73 -31.19
CA ARG BA 109 97.26 -12.81 -32.06
C ARG BA 109 95.86 -13.27 -31.68
N LEU BA 110 95.67 -13.61 -30.40
CA LEU BA 110 94.41 -14.11 -29.89
C LEU BA 110 93.59 -13.02 -29.19
N GLN BA 111 93.82 -11.76 -29.54
CA GLN BA 111 93.10 -10.68 -28.89
C GLN BA 111 91.60 -10.75 -29.18
N SER BA 112 91.22 -11.24 -30.36
CA SER BA 112 89.81 -11.31 -30.72
C SER BA 112 89.11 -12.43 -29.96
N GLU BA 113 89.73 -13.60 -29.89
CA GLU BA 113 89.13 -14.73 -29.18
C GLU BA 113 89.03 -14.44 -27.69
N VAL BA 114 90.18 -14.14 -27.06
CA VAL BA 114 90.25 -13.87 -25.63
C VAL BA 114 90.57 -12.40 -25.46
N ALA BA 115 89.63 -11.65 -24.88
CA ALA BA 115 89.84 -10.22 -24.68
C ALA BA 115 90.74 -9.95 -23.48
N GLU BA 116 90.51 -10.65 -22.37
CA GLU BA 116 91.28 -10.43 -21.15
C GLU BA 116 92.78 -10.63 -21.38
N LEU BA 117 93.15 -11.38 -22.42
CA LEU BA 117 94.56 -11.59 -22.70
C LEU BA 117 95.28 -10.29 -22.99
N LYS BA 118 94.60 -9.33 -23.61
CA LYS BA 118 95.20 -8.03 -23.86
C LYS BA 118 95.48 -7.30 -22.55
N ILE BA 119 94.57 -7.41 -21.59
CA ILE BA 119 94.80 -6.79 -20.28
C ILE BA 119 95.97 -7.46 -19.58
N VAL BA 120 96.08 -8.79 -19.71
CA VAL BA 120 97.23 -9.48 -19.13
C VAL BA 120 98.52 -8.97 -19.75
N ALA BA 121 98.54 -8.83 -21.08
CA ALA BA 121 99.70 -8.30 -21.77
C ALA BA 121 100.02 -6.90 -21.28
N ASP BA 122 98.99 -6.07 -21.04
CA ASP BA 122 99.22 -4.74 -20.51
C ASP BA 122 99.92 -4.79 -19.16
N GLN BA 123 99.34 -5.52 -18.21
CA GLN BA 123 99.92 -5.61 -16.88
C GLN BA 123 101.34 -6.16 -16.93
N LEU BA 124 101.65 -7.02 -17.90
CA LEU BA 124 102.99 -7.58 -18.01
C LEU BA 124 103.95 -6.66 -18.77
N CYS BA 125 103.43 -5.70 -19.51
CA CYS BA 125 104.27 -4.70 -20.16
C CYS BA 125 104.43 -3.44 -19.32
N ALA BA 126 103.42 -3.12 -18.52
CA ALA BA 126 103.48 -1.95 -17.64
C ALA BA 126 104.28 -2.21 -16.37
N LYS BA 127 104.62 -3.46 -16.09
CA LYS BA 127 105.39 -3.80 -14.90
C LYS BA 127 106.89 -3.79 -15.14
N TYR BA 128 107.32 -3.92 -16.39
CA TYR BA 128 108.73 -4.04 -16.72
C TYR BA 128 109.17 -2.86 -17.58
N SER BA 129 110.43 -2.47 -17.41
CA SER BA 129 111.04 -1.41 -18.19
C SER BA 129 112.28 -1.85 -18.96
N LYS BA 130 112.96 -2.90 -18.51
CA LYS BA 130 114.13 -3.42 -19.22
C LYS BA 130 113.67 -4.08 -20.52
N GLU BA 131 113.88 -3.37 -21.64
CA GLU BA 131 113.44 -3.86 -22.94
C GLU BA 131 111.93 -4.07 -22.97
N TYR BA 132 111.19 -3.23 -22.27
CA TYR BA 132 109.73 -3.34 -22.15
C TYR BA 132 109.09 -2.07 -22.72
N GLY BA 133 107.77 -2.02 -22.65
CA GLY BA 133 107.02 -1.03 -23.38
C GLY BA 133 106.68 -1.53 -24.76
N LYS BA 134 105.50 -1.12 -25.25
CA LYS BA 134 104.98 -1.66 -26.51
C LYS BA 134 106.09 -1.86 -27.55
N LEU BA 135 106.84 -0.80 -27.84
CA LEU BA 135 107.93 -0.90 -28.81
C LEU BA 135 108.99 -1.89 -28.34
N CYS BA 136 109.58 -1.63 -27.17
CA CYS BA 136 110.60 -2.54 -26.65
C CYS BA 136 110.03 -3.90 -26.28
N ARG BA 137 108.73 -3.97 -25.97
CA ARG BA 137 108.10 -5.26 -25.70
C ARG BA 137 108.04 -6.10 -26.97
N THR BA 138 107.83 -5.46 -28.12
CA THR BA 138 107.89 -6.18 -29.39
C THR BA 138 109.34 -6.43 -29.81
N ASN BA 139 110.28 -5.57 -29.39
CA ASN BA 139 111.68 -5.78 -29.74
C ASN BA 139 112.28 -6.94 -28.96
N GLN BA 140 111.91 -7.09 -27.68
CA GLN BA 140 112.42 -8.15 -26.83
C GLN BA 140 111.53 -9.39 -26.83
N ILE BA 141 110.83 -9.64 -27.93
CA ILE BA 141 109.94 -10.79 -28.03
C ILE BA 141 110.64 -11.98 -28.71
N GLY BA 142 111.96 -11.95 -28.78
CA GLY BA 142 112.71 -13.02 -29.43
C GLY BA 142 113.10 -14.14 -28.50
N THR BA 143 112.27 -14.40 -27.48
CA THR BA 143 112.53 -15.48 -26.53
C THR BA 143 111.26 -16.27 -26.23
N VAL BA 144 110.27 -16.26 -27.12
CA VAL BA 144 109.02 -16.95 -26.88
C VAL BA 144 109.14 -18.40 -27.31
N ASN BA 145 108.21 -19.23 -26.83
CA ASN BA 145 108.18 -20.64 -27.20
C ASN BA 145 107.99 -20.78 -28.70
N ASP BA 146 108.97 -21.43 -29.36
CA ASP BA 146 108.91 -21.58 -30.80
C ASP BA 146 107.71 -22.44 -31.21
N ARG BA 147 107.39 -23.46 -30.41
CA ARG BA 147 106.25 -24.32 -30.73
C ARG BA 147 104.97 -23.51 -30.81
N LEU BA 148 104.71 -22.67 -29.80
CA LEU BA 148 103.52 -21.84 -29.83
C LEU BA 148 103.54 -20.89 -31.01
N MET BA 149 104.72 -20.36 -31.35
CA MET BA 149 104.83 -19.53 -32.54
C MET BA 149 104.39 -20.30 -33.78
N HIS BA 150 104.73 -21.58 -33.85
CA HIS BA 150 104.34 -22.39 -35.01
C HIS BA 150 102.84 -22.66 -35.00
N LYS BA 151 102.27 -22.94 -33.82
CA LYS BA 151 100.84 -23.21 -33.74
C LYS BA 151 100.03 -22.00 -34.19
N LEU BA 152 100.48 -20.80 -33.81
CA LEU BA 152 99.81 -19.56 -34.18
C LEU BA 152 100.43 -18.92 -35.41
N SER BA 153 101.24 -19.66 -36.16
CA SER BA 153 101.83 -19.13 -37.38
C SER BA 153 100.78 -19.06 -38.47
N VAL BA 154 100.63 -17.88 -39.06
CA VAL BA 154 99.63 -17.64 -40.09
C VAL BA 154 100.30 -17.94 -41.43
N GLU BA 155 100.22 -19.20 -41.84
CA GLU BA 155 100.87 -19.64 -43.07
C GLU BA 155 100.08 -20.81 -43.65
N ALA BA 156 100.16 -20.95 -44.98
CA ALA BA 156 99.52 -22.07 -45.65
C ALA BA 156 100.15 -23.38 -45.18
N PRO BA 157 99.41 -24.25 -44.50
CA PRO BA 157 100.00 -25.49 -44.01
C PRO BA 157 100.58 -26.32 -45.13
N PRO BA 158 101.49 -27.25 -44.83
CA PRO BA 158 102.10 -28.06 -45.89
C PRO BA 158 101.05 -28.95 -46.56
N LYS BA 159 101.18 -29.09 -47.88
CA LYS BA 159 100.19 -29.83 -48.65
C LYS BA 159 100.15 -31.29 -48.24
N ILE BA 160 101.32 -31.89 -47.99
CA ILE BA 160 101.36 -33.30 -47.61
C ILE BA 160 100.58 -33.53 -46.31
N LEU BA 161 100.69 -32.57 -45.39
CA LEU BA 161 99.97 -32.64 -44.09
C LEU BA 161 98.47 -32.65 -44.38
N VAL BA 162 98.03 -31.81 -45.31
CA VAL BA 162 96.58 -31.72 -45.68
C VAL BA 162 96.15 -33.07 -46.27
N GLU BA 163 97.00 -33.68 -47.10
CA GLU BA 163 96.68 -34.99 -47.72
C GLU BA 163 96.54 -36.05 -46.63
N ARG BA 164 97.45 -36.02 -45.64
CA ARG BA 164 97.42 -36.98 -44.51
C ARG BA 164 96.12 -36.79 -43.73
N TYR BA 165 95.73 -35.53 -43.50
CA TYR BA 165 94.48 -35.21 -42.77
C TYR BA 165 93.27 -35.76 -43.55
N LEU BA 166 93.29 -35.61 -44.88
CA LEU BA 166 92.19 -36.11 -45.69
C LEU BA 166 92.18 -37.64 -45.72
N ILE BA 167 93.36 -38.25 -45.83
CA ILE BA 167 93.45 -39.71 -45.84
C ILE BA 167 92.84 -40.27 -44.55
N GLU BA 168 93.22 -39.70 -43.41
CA GLU BA 168 92.72 -40.20 -42.14
C GLU BA 168 91.21 -40.02 -42.03
N ILE BA 169 90.71 -38.84 -42.40
CA ILE BA 169 89.27 -38.59 -42.28
C ILE BA 169 88.49 -39.54 -43.19
N ALA BA 170 88.97 -39.74 -44.41
CA ALA BA 170 88.32 -40.68 -45.33
C ALA BA 170 88.33 -42.09 -44.76
N LYS BA 171 89.50 -42.56 -44.34
CA LYS BA 171 89.62 -43.90 -43.78
C LYS BA 171 88.69 -44.09 -42.58
N ASN BA 172 88.45 -43.03 -41.82
CA ASN BA 172 87.59 -43.16 -40.64
C ASN BA 172 86.11 -43.15 -41.03
N TYR BA 173 85.73 -42.30 -41.98
CA TYR BA 173 84.33 -42.14 -42.34
C TYR BA 173 83.90 -43.06 -43.50
N ASN BA 174 84.70 -44.08 -43.82
CA ASN BA 174 84.33 -45.08 -44.81
C ASN BA 174 84.04 -44.44 -46.16
N VAL BA 175 84.92 -43.52 -46.58
CA VAL BA 175 84.79 -42.85 -47.87
C VAL BA 175 86.07 -43.08 -48.66
N PRO BA 176 85.99 -43.39 -49.96
CA PRO BA 176 87.22 -43.49 -50.75
C PRO BA 176 87.82 -42.13 -51.04
N TYR BA 177 89.14 -42.12 -51.19
CA TYR BA 177 89.85 -40.88 -51.52
C TYR BA 177 91.20 -41.23 -52.12
N GLU BA 178 91.52 -40.61 -53.25
CA GLU BA 178 92.78 -40.85 -53.95
C GLU BA 178 93.69 -39.65 -53.74
N PRO BA 179 94.70 -39.73 -52.86
CA PRO BA 179 95.54 -38.57 -52.59
C PRO BA 179 96.28 -38.11 -53.84
N ASP BA 180 96.62 -36.82 -53.86
CA ASP BA 180 97.41 -36.26 -54.94
C ASP BA 180 98.81 -36.82 -54.85
N SER BA 181 99.17 -37.68 -55.79
CA SER BA 181 100.45 -38.35 -55.72
C SER BA 181 101.61 -37.35 -55.77
N VAL BA 182 101.43 -36.25 -56.52
CA VAL BA 182 102.51 -35.25 -56.67
C VAL BA 182 103.01 -34.80 -55.31
N VAL BA 183 102.09 -34.61 -54.36
CA VAL BA 183 102.44 -34.14 -53.02
C VAL BA 183 102.51 -35.33 -52.07
N MET BA 184 101.69 -36.35 -52.33
CA MET BA 184 101.66 -37.52 -51.46
C MET BA 184 102.97 -38.31 -51.48
N ALA BA 185 103.75 -38.18 -52.55
CA ALA BA 185 105.01 -38.90 -52.68
C ALA BA 185 106.23 -38.05 -52.46
N GLU BA 186 106.17 -36.75 -52.76
CA GLU BA 186 107.31 -35.86 -52.61
C GLU BA 186 107.44 -35.47 -51.13
N ASN CA 3 30.71 -43.34 49.28
CA ASN CA 3 32.08 -43.57 48.84
C ASN CA 3 32.56 -44.96 49.23
N MET CA 4 32.43 -45.28 50.52
CA MET CA 4 32.89 -46.58 51.00
C MET CA 4 32.10 -47.72 50.40
N GLU CA 5 30.84 -47.49 50.04
CA GLU CA 5 30.03 -48.53 49.42
C GLU CA 5 30.64 -48.97 48.10
N LYS CA 6 31.19 -48.03 47.34
CA LYS CA 6 31.85 -48.38 46.08
C LYS CA 6 33.06 -49.28 46.33
N HIS CA 7 33.86 -48.94 47.34
CA HIS CA 7 35.03 -49.75 47.67
C HIS CA 7 34.60 -51.15 48.12
N LEU CA 8 33.52 -51.24 48.90
CA LEU CA 8 33.01 -52.54 49.30
C LEU CA 8 32.58 -53.35 48.09
N PHE CA 9 31.89 -52.71 47.15
CA PHE CA 9 31.46 -53.40 45.93
C PHE CA 9 32.67 -53.92 45.17
N ASN CA 10 33.71 -53.10 45.01
CA ASN CA 10 34.90 -53.54 44.30
C ASN CA 10 35.57 -54.70 45.02
N LEU CA 11 35.61 -54.66 46.35
CA LEU CA 11 36.23 -55.74 47.11
C LEU CA 11 35.49 -57.05 46.90
N LYS CA 12 34.15 -57.01 47.01
CA LYS CA 12 33.38 -58.23 46.82
C LYS CA 12 33.51 -58.74 45.39
N PHE CA 13 33.56 -57.83 44.41
CA PHE CA 13 33.75 -58.24 43.03
C PHE CA 13 35.09 -58.94 42.85
N ALA CA 14 36.14 -58.39 43.46
CA ALA CA 14 37.46 -59.02 43.36
C ALA CA 14 37.46 -60.40 44.00
N ALA CA 15 36.79 -60.53 45.14
CA ALA CA 15 36.71 -61.84 45.80
C ALA CA 15 36.02 -62.86 44.89
N LYS CA 16 34.89 -62.47 44.31
CA LYS CA 16 34.17 -63.37 43.41
C LYS CA 16 35.02 -63.72 42.19
N GLU CA 17 35.76 -62.75 41.68
CA GLU CA 17 36.64 -63.01 40.54
C GLU CA 17 37.71 -64.04 40.92
N LEU CA 18 38.30 -63.90 42.11
CA LEU CA 18 39.31 -64.85 42.54
C LEU CA 18 38.71 -66.25 42.68
N SER CA 19 37.49 -66.35 43.22
CA SER CA 19 36.85 -67.66 43.35
C SER CA 19 36.62 -68.28 41.97
N ARG CA 20 36.08 -67.49 41.04
CA ARG CA 20 35.87 -67.99 39.69
C ARG CA 20 37.17 -68.47 39.07
N SER CA 21 38.24 -67.70 39.26
CA SER CA 21 39.53 -68.08 38.69
C SER CA 21 40.05 -69.37 39.30
N ALA CA 22 39.86 -69.56 40.61
CA ALA CA 22 40.27 -70.81 41.24
C ALA CA 22 39.50 -71.99 40.65
N LYS CA 23 38.19 -71.84 40.47
CA LYS CA 23 37.39 -72.90 39.86
C LYS CA 23 37.91 -73.22 38.46
N LYS CA 24 38.14 -72.18 37.66
CA LYS CA 24 38.61 -72.38 36.30
C LYS CA 24 39.96 -73.07 36.27
N CYS CA 25 40.86 -72.72 37.20
CA CYS CA 25 42.18 -73.33 37.22
C CYS CA 25 42.10 -74.79 37.64
N ASP CA 26 41.21 -75.12 38.57
CA ASP CA 26 40.99 -76.52 38.92
C ASP CA 26 40.51 -77.30 37.70
N LYS CA 27 39.56 -76.74 36.96
CA LYS CA 27 39.09 -77.40 35.74
C LYS CA 27 40.22 -77.61 34.74
N GLU CA 28 41.06 -76.59 34.56
CA GLU CA 28 42.17 -76.71 33.62
C GLU CA 28 43.16 -77.78 34.07
N GLU CA 29 43.37 -77.90 35.37
CA GLU CA 29 44.21 -78.99 35.88
C GLU CA 29 43.61 -80.34 35.53
N LYS CA 30 42.31 -80.48 35.74
CA LYS CA 30 41.65 -81.75 35.41
C LYS CA 30 41.82 -82.08 33.93
N ALA CA 31 41.82 -81.07 33.07
CA ALA CA 31 42.01 -81.31 31.63
C ALA CA 31 43.46 -81.68 31.31
N GLU CA 32 44.41 -80.94 31.88
CA GLU CA 32 45.81 -81.22 31.63
C GLU CA 32 46.20 -82.60 32.12
N LYS CA 33 45.51 -83.14 33.13
CA LYS CA 33 45.77 -84.52 33.54
C LYS CA 33 45.42 -85.51 32.44
N ALA CA 34 44.28 -85.30 31.79
CA ALA CA 34 43.94 -86.11 30.63
C ALA CA 34 45.02 -86.01 29.56
N LYS CA 35 45.48 -84.79 29.29
CA LYS CA 35 46.46 -84.60 28.23
C LYS CA 35 47.78 -85.30 28.56
N ILE CA 36 48.21 -85.22 29.82
CA ILE CA 36 49.46 -85.87 30.21
C ILE CA 36 49.30 -87.39 30.13
N GLU CA 37 48.13 -87.91 30.48
CA GLU CA 37 47.89 -89.35 30.32
C GLU CA 37 48.03 -89.74 28.86
N LYS CA 38 47.39 -88.98 27.97
CA LYS CA 38 47.52 -89.28 26.55
C LYS CA 38 48.98 -89.26 26.10
N ALA CA 39 49.71 -88.21 26.49
CA ALA CA 39 51.09 -88.06 26.04
C ALA CA 39 51.98 -89.17 26.59
N ILE CA 40 51.75 -89.61 27.82
CA ILE CA 40 52.53 -90.71 28.36
C ILE CA 40 52.16 -92.01 27.69
N GLN CA 41 50.93 -92.12 27.15
CA GLN CA 41 50.60 -93.27 26.33
C GLN CA 41 51.36 -93.24 25.01
N LYS CA 42 51.36 -92.09 24.34
CA LYS CA 42 52.07 -91.96 23.07
C LYS CA 42 53.58 -92.09 23.22
N GLY CA 43 54.11 -92.00 24.44
CA GLY CA 43 55.53 -92.09 24.66
C GLY CA 43 56.26 -90.76 24.71
N ASN CA 44 55.58 -89.65 24.45
CA ASN CA 44 56.21 -88.33 24.48
C ASN CA 44 56.60 -87.99 25.91
N MET CA 45 57.90 -87.98 26.19
CA MET CA 45 58.37 -87.58 27.51
C MET CA 45 58.35 -86.07 27.69
N GLU CA 46 58.72 -85.33 26.65
CA GLU CA 46 58.79 -83.87 26.78
C GLU CA 46 57.39 -83.26 26.88
N VAL CA 47 56.45 -83.73 26.07
CA VAL CA 47 55.09 -83.22 26.17
C VAL CA 47 54.47 -83.61 27.50
N ALA CA 48 54.81 -84.80 28.01
CA ALA CA 48 54.35 -85.19 29.34
C ALA CA 48 54.91 -84.26 30.40
N ARG CA 49 56.19 -83.89 30.28
CA ARG CA 49 56.77 -82.92 31.21
C ARG CA 49 56.03 -81.59 31.13
N ILE CA 50 55.76 -81.12 29.93
CA ILE CA 50 55.07 -79.83 29.76
C ILE CA 50 53.71 -79.87 30.43
N HIS CA 51 52.94 -80.92 30.14
CA HIS CA 51 51.59 -81.01 30.68
C HIS CA 51 51.60 -81.23 32.18
N ALA CA 52 52.61 -81.92 32.72
CA ALA CA 52 52.74 -82.06 34.16
C ALA CA 52 53.03 -80.72 34.81
N GLU CA 53 53.94 -79.94 34.23
CA GLU CA 53 54.20 -78.60 34.72
C GLU CA 53 52.92 -77.78 34.73
N ASN CA 54 52.18 -77.82 33.62
CA ASN CA 54 50.93 -77.07 33.55
C ASN CA 54 49.95 -77.50 34.63
N ALA CA 55 49.82 -78.82 34.84
CA ALA CA 55 48.85 -79.33 35.81
C ALA CA 55 49.24 -78.91 37.22
N ILE CA 56 50.52 -79.09 37.59
CA ILE CA 56 50.97 -78.71 38.92
C ILE CA 56 50.79 -77.22 39.13
N ARG CA 57 51.15 -76.41 38.12
CA ARG CA 57 50.99 -74.97 38.23
C ARG CA 57 49.54 -74.60 38.44
N GLN CA 58 48.63 -75.21 37.67
CA GLN CA 58 47.22 -74.88 37.81
C GLN CA 58 46.70 -75.28 39.18
N LYS CA 59 47.11 -76.45 39.68
CA LYS CA 59 46.70 -76.86 41.01
C LYS CA 59 47.15 -75.86 42.06
N ASN CA 60 48.44 -75.51 42.05
CA ASN CA 60 48.97 -74.61 43.06
C ASN CA 60 48.32 -73.23 42.97
N GLN CA 61 48.16 -72.71 41.75
CA GLN CA 61 47.58 -71.38 41.60
C GLN CA 61 46.09 -71.39 41.94
N ALA CA 62 45.40 -72.52 41.74
CA ALA CA 62 44.02 -72.62 42.17
C ALA CA 62 43.92 -72.59 43.69
N VAL CA 63 44.80 -73.32 44.38
CA VAL CA 63 44.82 -73.26 45.84
C VAL CA 63 45.11 -71.84 46.30
N ASN CA 64 46.07 -71.18 45.66
CA ASN CA 64 46.42 -69.81 46.04
C ASN CA 64 45.25 -68.86 45.81
N PHE CA 65 44.58 -68.97 44.67
CA PHE CA 65 43.42 -68.14 44.40
C PHE CA 65 42.32 -68.38 45.41
N LEU CA 66 42.14 -69.64 45.83
CA LEU CA 66 41.10 -69.94 46.81
C LEU CA 66 41.41 -69.29 48.16
N ARG CA 67 42.64 -69.44 48.64
CA ARG CA 67 43.02 -68.80 49.88
C ARG CA 67 42.90 -67.29 49.79
N MET CA 68 43.33 -66.73 48.65
CA MET CA 68 43.26 -65.28 48.44
C MET CA 68 41.82 -64.79 48.47
N SER CA 69 40.93 -65.53 47.80
CA SER CA 69 39.51 -65.17 47.80
C SER CA 69 38.93 -65.27 49.20
N ALA CA 70 39.36 -66.26 49.98
CA ALA CA 70 38.89 -66.34 51.37
C ALA CA 70 39.31 -65.11 52.16
N ARG CA 71 40.56 -64.69 52.00
CA ARG CA 71 41.03 -63.49 52.70
C ARG CA 71 40.22 -62.26 52.29
N VAL CA 72 40.04 -62.08 50.99
CA VAL CA 72 39.29 -60.91 50.52
C VAL CA 72 37.84 -61.00 50.97
N ASP CA 73 37.29 -62.20 51.07
CA ASP CA 73 35.93 -62.36 51.57
C ASP CA 73 35.83 -61.92 53.02
N ALA CA 74 36.80 -62.32 53.83
CA ALA CA 74 36.81 -61.87 55.22
C ALA CA 74 36.88 -60.36 55.31
N VAL CA 75 37.78 -59.75 54.53
CA VAL CA 75 37.94 -58.29 54.57
C VAL CA 75 36.66 -57.61 54.12
N ALA CA 76 36.02 -58.15 53.07
CA ALA CA 76 34.81 -57.52 52.54
C ALA CA 76 33.65 -57.66 53.52
N ALA CA 77 33.55 -58.80 54.20
CA ALA CA 77 32.53 -58.95 55.23
C ALA CA 77 32.74 -57.94 56.35
N ARG CA 78 34.00 -57.76 56.76
CA ARG CA 78 34.30 -56.76 57.79
C ARG CA 78 33.91 -55.37 57.33
N VAL CA 79 34.23 -55.03 56.08
CA VAL CA 79 33.93 -53.69 55.57
C VAL CA 79 32.43 -53.48 55.44
N GLN CA 80 31.70 -54.53 55.05
CA GLN CA 80 30.25 -54.43 54.95
C GLN CA 80 29.62 -54.23 56.33
N THR CA 81 30.11 -54.96 57.32
CA THR CA 81 29.69 -54.71 58.70
C THR CA 81 29.95 -53.27 59.08
N ALA CA 82 31.14 -52.76 58.76
CA ALA CA 82 31.48 -51.39 59.11
C ALA CA 82 30.54 -50.40 58.43
N VAL CA 83 30.19 -50.64 57.17
CA VAL CA 83 29.31 -49.74 56.44
C VAL CA 83 27.92 -49.72 57.08
N THR CA 84 27.37 -50.91 57.34
CA THR CA 84 26.05 -50.98 57.95
C THR CA 84 26.04 -50.32 59.32
N MET CA 85 27.08 -50.57 60.13
CA MET CA 85 27.15 -49.95 61.44
C MET CA 85 27.35 -48.45 61.35
N GLY CA 86 28.03 -47.97 60.31
CA GLY CA 86 28.15 -46.54 60.13
C GLY CA 86 26.82 -45.89 59.80
N LYS CA 87 26.04 -46.54 58.93
CA LYS CA 87 24.68 -46.07 58.68
C LYS CA 87 23.86 -46.04 59.97
N VAL CA 88 23.95 -47.11 60.76
CA VAL CA 88 23.20 -47.17 62.01
C VAL CA 88 23.63 -46.07 62.96
N THR CA 89 24.94 -45.84 63.07
CA THR CA 89 25.45 -44.81 63.97
C THR CA 89 25.03 -43.42 63.52
N LYS CA 90 25.07 -43.16 62.21
CA LYS CA 90 24.60 -41.89 61.70
C LYS CA 90 23.13 -41.68 62.00
N SER CA 91 22.31 -42.71 61.80
CA SER CA 91 20.89 -42.59 62.07
C SER CA 91 20.63 -42.34 63.55
N MET CA 92 21.39 -43.01 64.42
CA MET CA 92 21.18 -42.82 65.85
C MET CA 92 21.69 -41.46 66.30
N ALA CA 93 22.72 -40.92 65.66
CA ALA CA 93 23.14 -39.56 65.95
C ALA CA 93 22.08 -38.56 65.55
N GLY CA 94 21.50 -38.73 64.35
CA GLY CA 94 20.40 -37.86 63.96
C GLY CA 94 19.23 -37.95 64.91
N VAL CA 95 18.89 -39.17 65.33
CA VAL CA 95 17.80 -39.36 66.27
C VAL CA 95 18.12 -38.67 67.60
N VAL CA 96 19.37 -38.77 68.05
CA VAL CA 96 19.76 -38.13 69.30
C VAL CA 96 19.60 -36.62 69.18
N LYS CA 97 20.03 -36.05 68.06
CA LYS CA 97 19.89 -34.61 67.87
C LYS CA 97 18.42 -34.18 67.89
N SER CA 98 17.59 -34.88 67.12
CA SER CA 98 16.17 -34.53 67.05
C SER CA 98 15.51 -34.67 68.42
N MET CA 99 15.77 -35.78 69.11
CA MET CA 99 15.19 -35.99 70.43
C MET CA 99 15.70 -34.97 71.42
N ASP CA 100 16.96 -34.54 71.30
CA ASP CA 100 17.47 -33.49 72.18
C ASP CA 100 16.70 -32.20 71.97
N ALA CA 101 16.56 -31.76 70.72
CA ALA CA 101 15.79 -30.57 70.44
C ALA CA 101 14.38 -30.68 71.00
N THR CA 102 13.71 -31.82 70.74
CA THR CA 102 12.34 -31.98 71.17
C THR CA 102 12.22 -31.96 72.69
N LEU CA 103 12.96 -32.85 73.36
CA LEU CA 103 12.92 -32.92 74.83
C LEU CA 103 13.36 -31.62 75.47
N LYS CA 104 14.11 -30.78 74.76
CA LYS CA 104 14.37 -29.44 75.24
C LYS CA 104 13.13 -28.57 75.13
N THR CA 105 12.45 -28.64 73.98
CA THR CA 105 11.22 -27.89 73.80
C THR CA 105 10.08 -28.49 74.64
N MET CA 106 9.84 -29.77 74.48
CA MET CA 106 8.76 -30.48 75.18
C MET CA 106 9.40 -31.34 76.26
N ASN CA 107 9.64 -30.76 77.43
CA ASN CA 107 10.26 -31.46 78.53
C ASN CA 107 9.19 -32.05 79.44
N LEU CA 108 9.65 -32.72 80.51
CA LEU CA 108 8.72 -33.42 81.39
C LEU CA 108 7.84 -32.45 82.16
N GLU CA 109 8.38 -31.31 82.58
CA GLU CA 109 7.57 -30.30 83.25
C GLU CA 109 6.44 -29.83 82.35
N LYS CA 110 6.79 -29.39 81.14
CA LYS CA 110 5.79 -28.88 80.22
C LYS CA 110 4.79 -29.97 79.85
N ILE CA 111 5.26 -31.19 79.66
CA ILE CA 111 4.36 -32.29 79.28
C ILE CA 111 3.37 -32.58 80.41
N SER CA 112 3.87 -32.66 81.65
CA SER CA 112 3.00 -32.90 82.78
C SER CA 112 1.97 -31.79 82.94
N ALA CA 113 2.40 -30.53 82.81
CA ALA CA 113 1.46 -29.42 82.92
C ALA CA 113 0.43 -29.46 81.81
N LEU CA 114 0.88 -29.74 80.59
CA LEU CA 114 -0.03 -29.83 79.45
C LEU CA 114 -1.07 -30.93 79.66
N MET CA 115 -0.66 -32.03 80.27
CA MET CA 115 -1.59 -33.15 80.47
C MET CA 115 -2.56 -32.86 81.60
N ASP CA 116 -2.09 -32.23 82.67
CA ASP CA 116 -3.02 -31.76 83.70
C ASP CA 116 -4.04 -30.80 83.10
N LYS CA 117 -3.58 -29.92 82.20
CA LYS CA 117 -4.49 -28.99 81.55
C LYS CA 117 -5.49 -29.72 80.67
N PHE CA 118 -5.03 -30.71 79.90
CA PHE CA 118 -5.94 -31.52 79.08
C PHE CA 118 -7.01 -32.17 79.95
N GLU CA 119 -6.59 -32.81 81.03
CA GLU CA 119 -7.54 -33.48 81.92
C GLU CA 119 -8.55 -32.49 82.48
N HIS CA 120 -8.08 -31.34 82.96
CA HIS CA 120 -8.99 -30.38 83.56
C HIS CA 120 -9.93 -29.78 82.52
N GLN CA 121 -9.43 -29.50 81.32
CA GLN CA 121 -10.28 -28.94 80.27
C GLN CA 121 -11.36 -29.93 79.89
N PHE CA 122 -11.04 -31.21 79.78
CA PHE CA 122 -12.05 -32.18 79.40
C PHE CA 122 -12.97 -32.55 80.55
N GLU CA 123 -12.54 -32.37 81.79
CA GLU CA 123 -13.47 -32.45 82.90
C GLU CA 123 -14.47 -31.31 82.86
N THR CA 124 -13.98 -30.09 82.63
CA THR CA 124 -14.88 -28.95 82.43
C THR CA 124 -15.84 -29.23 81.28
N LEU CA 125 -15.35 -29.88 80.22
CA LEU CA 125 -16.22 -30.24 79.10
C LEU CA 125 -17.23 -31.30 79.49
N ASP CA 126 -16.85 -32.17 80.43
CA ASP CA 126 -17.76 -33.20 80.98
C ASP CA 126 -18.92 -32.49 81.70
N VAL CA 127 -18.60 -31.43 82.46
CA VAL CA 127 -19.60 -30.66 83.20
C VAL CA 127 -20.50 -29.91 82.22
N GLN CA 128 -19.89 -29.27 81.22
CA GLN CA 128 -20.66 -28.58 80.20
C GLN CA 128 -21.61 -29.52 79.49
N THR CA 129 -21.13 -30.72 79.14
CA THR CA 129 -21.98 -31.68 78.45
C THR CA 129 -23.15 -32.09 79.32
N GLN CA 130 -22.90 -32.36 80.60
CA GLN CA 130 -23.98 -32.76 81.50
C GLN CA 130 -25.04 -31.66 81.60
N GLN CA 131 -24.60 -30.42 81.82
CA GLN CA 131 -25.55 -29.32 81.96
C GLN CA 131 -26.30 -29.08 80.66
N MET CA 132 -25.56 -29.05 79.55
CA MET CA 132 -26.17 -28.88 78.24
C MET CA 132 -27.21 -29.95 77.98
N GLU CA 133 -26.95 -31.18 78.41
CA GLU CA 133 -27.89 -32.26 78.18
C GLU CA 133 -29.12 -32.13 79.06
N ASP CA 134 -28.92 -31.76 80.32
CA ASP CA 134 -30.05 -31.46 81.20
C ASP CA 134 -30.96 -30.44 80.54
N THR CA 135 -30.38 -29.36 80.01
CA THR CA 135 -31.19 -28.32 79.39
C THR CA 135 -31.86 -28.80 78.11
N MET CA 136 -31.10 -29.49 77.25
CA MET CA 136 -31.67 -30.03 76.02
C MET CA 136 -32.89 -30.90 76.33
N SER CA 137 -32.80 -31.70 77.39
CA SER CA 137 -33.92 -32.56 77.75
C SER CA 137 -35.08 -31.74 78.32
N SER CA 138 -34.77 -30.75 79.15
CA SER CA 138 -35.83 -29.91 79.72
C SER CA 138 -36.56 -29.12 78.64
N THR CA 139 -35.89 -28.84 77.52
CA THR CA 139 -36.55 -28.09 76.45
C THR CA 139 -37.69 -28.89 75.84
N THR CA 140 -37.46 -30.17 75.58
CA THR CA 140 -38.43 -31.03 74.91
C THR CA 140 -38.90 -32.09 75.91
N THR CA 141 -39.93 -31.75 76.68
CA THR CA 141 -40.52 -32.66 77.64
C THR CA 141 -41.98 -32.97 77.34
N LEU CA 142 -42.66 -32.13 76.56
CA LEU CA 142 -44.06 -32.36 76.20
C LEU CA 142 -44.19 -33.24 74.96
N THR CA 143 -43.14 -33.37 74.16
CA THR CA 143 -43.13 -34.31 73.05
C THR CA 143 -42.73 -35.72 73.50
N THR CA 144 -42.00 -35.82 74.61
CA THR CA 144 -41.53 -37.10 75.14
C THR CA 144 -41.97 -37.22 76.59
N PRO CA 145 -43.23 -37.57 76.84
CA PRO CA 145 -43.67 -37.78 78.23
C PRO CA 145 -43.08 -39.05 78.80
N GLN CA 146 -42.62 -38.97 80.05
CA GLN CA 146 -42.04 -40.12 80.71
C GLN CA 146 -43.04 -41.26 80.81
N ASN CA 147 -44.31 -40.94 81.08
CA ASN CA 147 -45.33 -41.97 81.22
C ASN CA 147 -45.50 -42.77 79.94
N GLN CA 148 -45.52 -42.07 78.79
CA GLN CA 148 -45.69 -42.77 77.52
C GLN CA 148 -44.51 -43.68 77.23
N VAL CA 149 -43.29 -43.23 77.51
CA VAL CA 149 -42.11 -44.05 77.28
C VAL CA 149 -42.14 -45.28 78.18
N ASP CA 150 -42.48 -45.09 79.45
CA ASP CA 150 -42.61 -46.23 80.36
C ASP CA 150 -43.63 -47.24 79.85
N MET CA 151 -44.79 -46.74 79.41
CA MET CA 151 -45.83 -47.64 78.91
C MET CA 151 -45.37 -48.38 77.68
N LEU CA 152 -44.71 -47.68 76.75
CA LEU CA 152 -44.22 -48.35 75.55
C LEU CA 152 -43.23 -49.44 75.89
N LEU CA 153 -42.31 -49.16 76.82
CA LEU CA 153 -41.34 -50.18 77.21
C LEU CA 153 -42.03 -51.37 77.86
N GLN CA 154 -43.01 -51.11 78.73
CA GLN CA 154 -43.73 -52.20 79.37
C GLN CA 154 -44.45 -53.06 78.34
N GLU CA 155 -45.11 -52.43 77.37
CA GLU CA 155 -45.83 -53.20 76.36
C GLU CA 155 -44.87 -54.01 75.51
N MET CA 156 -43.75 -53.41 75.09
CA MET CA 156 -42.80 -54.13 74.27
C MET CA 156 -42.18 -55.30 75.03
N ALA CA 157 -41.90 -55.11 76.31
CA ALA CA 157 -41.39 -56.20 77.13
C ALA CA 157 -42.40 -57.32 77.23
N ASP CA 158 -43.62 -56.99 77.66
CA ASP CA 158 -44.66 -58.00 77.82
C ASP CA 158 -44.90 -58.76 76.52
N GLU CA 159 -44.85 -58.05 75.39
CA GLU CA 159 -44.99 -58.73 74.11
C GLU CA 159 -43.82 -59.67 73.86
N ALA CA 160 -42.60 -59.21 74.12
CA ALA CA 160 -41.42 -60.06 73.99
C ALA CA 160 -41.36 -61.12 75.09
N GLY CA 161 -42.22 -61.03 76.10
CA GLY CA 161 -42.22 -61.98 77.20
C GLY CA 161 -41.09 -61.80 78.18
N LEU CA 162 -40.09 -60.99 77.87
CA LEU CA 162 -38.92 -60.83 78.73
C LEU CA 162 -39.25 -59.86 79.85
N ASP CA 163 -38.22 -59.47 80.61
CA ASP CA 163 -38.36 -58.48 81.66
C ASP CA 163 -37.17 -57.52 81.58
N LEU CA 164 -37.34 -56.36 82.21
CA LEU CA 164 -36.37 -55.29 82.15
C LEU CA 164 -35.75 -55.08 83.52
N ASN CA 165 -34.43 -55.15 83.59
CA ASN CA 165 -33.69 -54.94 84.83
C ASN CA 165 -32.59 -53.89 84.64
N GLU CA 187 -51.61 -40.45 90.15
CA GLU CA 187 -51.22 -41.55 91.04
C GLU CA 187 -50.58 -41.01 92.32
N LEU CA 188 -49.24 -41.01 92.35
CA LEU CA 188 -48.55 -40.45 93.51
C LEU CA 188 -48.82 -38.96 93.65
N SER CA 189 -49.00 -38.26 92.54
CA SER CA 189 -49.20 -36.82 92.59
C SER CA 189 -50.43 -36.47 93.42
N GLN CA 190 -51.47 -37.31 93.37
CA GLN CA 190 -52.68 -37.03 94.15
C GLN CA 190 -52.40 -37.17 95.65
N ARG CA 191 -51.67 -38.22 96.04
CA ARG CA 191 -51.31 -38.37 97.44
C ARG CA 191 -50.44 -37.20 97.90
N LEU CA 192 -49.52 -36.76 97.05
CA LEU CA 192 -48.67 -35.63 97.42
C LEU CA 192 -49.48 -34.35 97.55
N ALA CA 193 -50.49 -34.17 96.69
CA ALA CA 193 -51.35 -32.99 96.80
C ALA CA 193 -52.18 -33.04 98.08
N ARG CA 194 -52.75 -34.20 98.40
CA ARG CA 194 -53.48 -34.34 99.64
C ARG CA 194 -52.59 -34.04 100.84
N LEU CA 195 -51.33 -34.49 100.77
CA LEU CA 195 -50.38 -34.19 101.84
C LEU CA 195 -50.08 -32.69 101.89
N ARG CA 196 -50.01 -32.05 100.72
CA ARG CA 196 -49.75 -30.61 100.67
C ARG CA 196 -50.89 -29.82 101.30
N ASP CA 197 -52.13 -30.27 101.08
CA ASP CA 197 -53.26 -29.62 101.74
C ASP CA 197 -53.14 -29.66 103.25
N GLN CA 198 -52.54 -30.73 103.78
CA GLN CA 198 -52.32 -30.86 105.22
C GLN CA 198 -53.63 -30.75 105.99
N PHE DA 6 -52.50 4.06 80.33
CA PHE DA 6 -53.10 2.73 80.39
C PHE DA 6 -53.82 2.41 79.08
N LYS DA 7 -53.52 1.22 78.55
CA LYS DA 7 -54.13 0.70 77.29
C LYS DA 7 -54.93 -0.55 77.62
N ALA DA 8 -56.17 -0.64 77.13
CA ALA DA 8 -57.02 -1.78 77.46
C ALA DA 8 -56.65 -3.01 76.64
N GLU DA 9 -56.59 -2.88 75.31
CA GLU DA 9 -56.29 -4.02 74.46
C GLU DA 9 -54.92 -4.61 74.79
N ARG DA 10 -53.96 -3.76 75.16
CA ARG DA 10 -52.66 -4.25 75.61
C ARG DA 10 -52.84 -5.18 76.82
N LEU DA 11 -53.64 -4.74 77.79
CA LEU DA 11 -53.89 -5.57 78.97
C LEU DA 11 -54.57 -6.88 78.59
N ARG DA 12 -55.54 -6.83 77.69
CA ARG DA 12 -56.22 -8.03 77.24
C ARG DA 12 -55.24 -9.03 76.63
N VAL DA 13 -54.41 -8.55 75.69
CA VAL DA 13 -53.47 -9.42 75.01
C VAL DA 13 -52.47 -9.99 76.01
N ASN DA 14 -51.97 -9.16 76.93
CA ASN DA 14 -51.01 -9.65 77.91
C ASN DA 14 -51.65 -10.68 78.84
N LEU DA 15 -52.93 -10.52 79.16
CA LEU DA 15 -53.60 -11.50 80.00
C LEU DA 15 -53.72 -12.84 79.28
N ARG DA 16 -54.11 -12.82 78.00
CA ARG DA 16 -54.18 -14.06 77.25
C ARG DA 16 -52.80 -14.72 77.15
N LEU DA 17 -51.75 -13.93 76.92
CA LEU DA 17 -50.41 -14.47 76.85
C LEU DA 17 -49.99 -15.08 78.18
N VAL DA 18 -50.32 -14.41 79.28
CA VAL DA 18 -49.98 -14.93 80.61
C VAL DA 18 -50.69 -16.26 80.83
N ILE DA 19 -51.95 -16.35 80.42
CA ILE DA 19 -52.69 -17.60 80.59
C ILE DA 19 -51.99 -18.73 79.84
N ASN DA 20 -51.66 -18.50 78.56
CA ASN DA 20 -51.01 -19.54 77.78
C ASN DA 20 -49.66 -19.93 78.40
N ARG DA 21 -48.87 -18.93 78.79
CA ARG DA 21 -47.57 -19.20 79.37
C ARG DA 21 -47.69 -20.01 80.66
N LEU DA 22 -48.68 -19.69 81.49
CA LEU DA 22 -48.87 -20.43 82.72
C LEU DA 22 -49.26 -21.88 82.44
N LYS DA 23 -50.10 -22.09 81.42
CA LYS DA 23 -50.45 -23.46 81.03
C LYS DA 23 -49.20 -24.25 80.66
N LEU DA 24 -48.40 -23.70 79.73
CA LEU DA 24 -47.18 -24.39 79.31
C LEU DA 24 -46.28 -24.66 80.51
N LEU DA 25 -46.10 -23.67 81.38
CA LEU DA 25 -45.17 -23.80 82.49
C LEU DA 25 -45.63 -24.88 83.46
N GLU DA 26 -46.92 -24.89 83.81
CA GLU DA 26 -47.39 -25.89 84.75
C GLU DA 26 -47.30 -27.29 84.16
N LYS DA 27 -47.59 -27.44 82.87
CA LYS DA 27 -47.40 -28.73 82.22
C LYS DA 27 -45.96 -29.22 82.37
N LYS DA 28 -45.01 -28.43 81.87
CA LYS DA 28 -43.63 -28.88 81.87
C LYS DA 28 -43.08 -29.02 83.29
N LYS DA 29 -43.61 -28.25 84.24
CA LYS DA 29 -43.16 -28.37 85.62
C LYS DA 29 -43.67 -29.65 86.25
N THR DA 30 -44.90 -30.06 85.91
CA THR DA 30 -45.38 -31.36 86.36
C THR DA 30 -44.49 -32.48 85.83
N GLU DA 31 -44.12 -32.39 84.55
CA GLU DA 31 -43.25 -33.42 83.97
C GLU DA 31 -41.89 -33.46 84.69
N LEU DA 32 -41.25 -32.29 84.81
CA LEU DA 32 -39.97 -32.23 85.50
C LEU DA 32 -40.10 -32.69 86.95
N ALA DA 33 -41.24 -32.47 87.58
CA ALA DA 33 -41.44 -32.93 88.94
C ALA DA 33 -41.49 -34.45 89.01
N GLN DA 34 -42.16 -35.08 88.05
CA GLN DA 34 -42.10 -36.54 87.97
C GLN DA 34 -40.66 -37.03 87.88
N LYS DA 35 -39.89 -36.45 86.97
CA LYS DA 35 -38.52 -36.92 86.76
C LYS DA 35 -37.67 -36.71 88.01
N ALA DA 36 -37.81 -35.55 88.65
CA ALA DA 36 -36.99 -35.26 89.83
C ALA DA 36 -37.45 -36.08 91.03
N ARG DA 37 -38.72 -36.47 91.08
CA ARG DA 37 -39.17 -37.41 92.10
C ARG DA 37 -38.50 -38.76 91.91
N LYS DA 38 -38.41 -39.22 90.65
CA LYS DA 38 -37.64 -40.44 90.39
C LYS DA 38 -36.20 -40.28 90.86
N GLU DA 39 -35.61 -39.10 90.62
CA GLU DA 39 -34.24 -38.85 91.08
C GLU DA 39 -34.15 -38.95 92.60
N ILE DA 40 -35.14 -38.40 93.31
CA ILE DA 40 -35.12 -38.48 94.77
C ILE DA 40 -35.26 -39.92 95.24
N ALA DA 41 -36.07 -40.70 94.54
CA ALA DA 41 -36.17 -42.12 94.86
C ALA DA 41 -34.81 -42.80 94.72
N ASP DA 42 -34.10 -42.51 93.62
CA ASP DA 42 -32.77 -43.06 93.44
C ASP DA 42 -31.84 -42.62 94.57
N TYR DA 43 -31.93 -41.35 94.97
CA TYR DA 43 -31.10 -40.85 96.07
C TYR DA 43 -31.39 -41.63 97.35
N LEU DA 44 -32.67 -41.92 97.62
CA LEU DA 44 -33.01 -42.65 98.83
C LEU DA 44 -32.58 -44.10 98.75
N ALA DA 45 -32.50 -44.65 97.54
CA ALA DA 45 -31.99 -46.02 97.40
C ALA DA 45 -30.64 -46.17 98.08
N ALA DA 46 -29.76 -45.17 97.93
CA ALA DA 46 -28.50 -45.14 98.63
C ALA DA 46 -28.71 -44.66 100.07
N GLY DA 47 -27.63 -44.60 100.83
CA GLY DA 47 -27.71 -44.12 102.20
C GLY DA 47 -27.84 -42.63 102.35
N LYS DA 48 -27.73 -41.88 101.24
CA LYS DA 48 -27.84 -40.43 101.28
C LYS DA 48 -29.27 -40.04 101.65
N ASP DA 49 -29.45 -39.45 102.83
CA ASP DA 49 -30.75 -39.05 103.32
C ASP DA 49 -30.89 -37.54 103.48
N GLU DA 50 -29.91 -36.90 104.12
CA GLU DA 50 -29.98 -35.46 104.35
C GLU DA 50 -29.96 -34.66 103.05
N ARG DA 51 -29.55 -35.28 101.95
CA ARG DA 51 -29.55 -34.66 100.63
C ARG DA 51 -30.90 -34.80 99.93
N ALA DA 52 -31.54 -35.96 100.09
CA ALA DA 52 -32.87 -36.14 99.53
C ALA DA 52 -33.85 -35.15 100.12
N ARG DA 53 -33.62 -34.69 101.36
CA ARG DA 53 -34.47 -33.66 101.94
C ARG DA 53 -34.36 -32.35 101.19
N ILE DA 54 -33.14 -31.99 100.77
CA ILE DA 54 -32.96 -30.78 99.97
C ILE DA 54 -33.65 -30.94 98.62
N ARG DA 55 -33.47 -32.10 97.99
CA ARG DA 55 -34.09 -32.34 96.70
C ARG DA 55 -35.62 -32.24 96.81
N VAL DA 56 -36.19 -32.83 97.86
CA VAL DA 56 -37.64 -32.78 98.00
C VAL DA 56 -38.10 -31.38 98.39
N GLU DA 57 -37.24 -30.60 99.04
CA GLU DA 57 -37.55 -29.19 99.22
C GLU DA 57 -37.71 -28.50 97.86
N HIS DA 58 -36.75 -28.74 96.96
CA HIS DA 58 -36.91 -28.27 95.59
C HIS DA 58 -38.26 -28.69 95.03
N ILE DA 59 -38.62 -29.97 95.20
CA ILE DA 59 -39.84 -30.50 94.59
C ILE DA 59 -41.06 -29.79 95.12
N ILE DA 60 -41.16 -29.65 96.45
CA ILE DA 60 -42.37 -29.09 97.02
C ILE DA 60 -42.44 -27.59 96.76
N ARG DA 61 -41.29 -26.92 96.66
CA ARG DA 61 -41.29 -25.54 96.18
C ARG DA 61 -41.90 -25.46 94.79
N GLU DA 62 -41.46 -26.35 93.89
CA GLU DA 62 -42.00 -26.34 92.53
C GLU DA 62 -43.50 -26.65 92.53
N ASP DA 63 -43.95 -27.50 93.44
CA ASP DA 63 -45.38 -27.85 93.48
C ASP DA 63 -46.21 -26.68 93.99
N TYR DA 64 -45.76 -26.03 95.08
CA TYR DA 64 -46.37 -24.78 95.49
C TYR DA 64 -46.45 -23.81 94.32
N LEU DA 65 -45.36 -23.72 93.54
CA LEU DA 65 -45.33 -22.79 92.42
C LEU DA 65 -46.37 -23.15 91.37
N VAL DA 66 -46.52 -24.44 91.08
CA VAL DA 66 -47.51 -24.87 90.09
C VAL DA 66 -48.92 -24.54 90.57
N GLU DA 67 -49.20 -24.78 91.85
CA GLU DA 67 -50.52 -24.44 92.39
C GLU DA 67 -50.76 -22.93 92.31
N ALA DA 68 -49.75 -22.14 92.65
CA ALA DA 68 -49.89 -20.69 92.56
C ALA DA 68 -50.14 -20.25 91.13
N MET DA 69 -49.47 -20.89 90.17
CA MET DA 69 -49.70 -20.56 88.77
C MET DA 69 -51.10 -20.93 88.34
N GLU DA 70 -51.63 -22.04 88.85
CA GLU DA 70 -53.03 -22.38 88.57
C GLU DA 70 -53.96 -21.29 89.08
N ILE DA 71 -53.74 -20.85 90.32
CA ILE DA 71 -54.58 -19.80 90.90
C ILE DA 71 -54.46 -18.52 90.07
N LEU DA 72 -53.25 -18.18 89.63
CA LEU DA 72 -53.06 -16.95 88.87
C LEU DA 72 -53.71 -17.04 87.51
N GLU DA 73 -53.63 -18.20 86.86
CA GLU DA 73 -54.34 -18.42 85.61
C GLU DA 73 -55.84 -18.24 85.81
N LEU DA 74 -56.38 -18.79 86.90
CA LEU DA 74 -57.78 -18.60 87.23
C LEU DA 74 -58.11 -17.11 87.32
N TYR DA 75 -57.30 -16.35 88.05
CA TYR DA 75 -57.61 -14.94 88.26
C TYR DA 75 -57.49 -14.14 86.96
N CYS DA 76 -56.47 -14.44 86.15
CA CYS DA 76 -56.34 -13.76 84.86
C CYS DA 76 -57.55 -14.04 83.99
N ASP DA 77 -58.00 -15.30 83.94
CA ASP DA 77 -59.19 -15.60 83.15
C ASP DA 77 -60.41 -14.91 83.72
N LEU DA 78 -60.48 -14.74 85.05
CA LEU DA 78 -61.60 -14.03 85.64
C LEU DA 78 -61.62 -12.59 85.17
N LEU DA 79 -60.47 -11.91 85.23
CA LEU DA 79 -60.39 -10.55 84.72
C LEU DA 79 -60.76 -10.50 83.24
N LEU DA 80 -60.30 -11.47 82.47
CA LEU DA 80 -60.56 -11.49 81.03
C LEU DA 80 -62.03 -11.74 80.73
N ALA DA 81 -62.75 -12.41 81.63
CA ALA DA 81 -64.19 -12.63 81.46
C ALA DA 81 -65.00 -11.40 81.84
N ARG DA 82 -64.47 -10.55 82.72
CA ARG DA 82 -65.13 -9.34 83.17
C ARG DA 82 -64.33 -8.11 82.75
N PHE DA 83 -63.86 -8.13 81.50
CA PHE DA 83 -63.01 -7.04 81.01
C PHE DA 83 -63.83 -5.78 80.76
N GLY DA 84 -65.03 -5.92 80.21
CA GLY DA 84 -65.88 -4.76 80.04
C GLY DA 84 -66.17 -4.05 81.35
N LEU DA 85 -66.35 -4.83 82.43
CA LEU DA 85 -66.54 -4.21 83.74
C LEU DA 85 -65.30 -3.47 84.19
N ILE DA 86 -64.14 -3.80 83.65
CA ILE DA 86 -62.94 -3.02 83.88
C ILE DA 86 -62.98 -1.72 83.10
N GLN DA 87 -63.35 -1.81 81.82
CA GLN DA 87 -63.32 -0.63 80.96
C GLN DA 87 -64.38 0.39 81.38
N SER DA 88 -65.55 -0.09 81.82
CA SER DA 88 -66.66 0.81 82.11
C SER DA 88 -66.39 1.64 83.36
N MET DA 89 -66.23 0.98 84.50
CA MET DA 89 -65.98 1.68 85.74
C MET DA 89 -64.59 2.31 85.74
N LYS DA 90 -64.37 3.20 86.71
CA LYS DA 90 -63.06 3.79 86.95
C LYS DA 90 -62.39 3.24 88.19
N GLU DA 91 -63.16 2.82 89.19
CA GLU DA 91 -62.65 2.13 90.35
C GLU DA 91 -63.12 0.69 90.33
N LEU DA 92 -62.23 -0.23 90.69
CA LEU DA 92 -62.56 -1.65 90.63
C LEU DA 92 -63.63 -1.99 91.64
N ASP DA 93 -64.52 -2.90 91.27
CA ASP DA 93 -65.57 -3.37 92.16
C ASP DA 93 -65.02 -4.48 93.06
N SER DA 94 -65.91 -5.02 93.90
CA SER DA 94 -65.49 -6.07 94.82
C SER DA 94 -65.17 -7.36 94.09
N GLY DA 95 -65.93 -7.68 93.04
CA GLY DA 95 -65.70 -8.92 92.31
C GLY DA 95 -64.33 -9.01 91.67
N LEU DA 96 -63.66 -7.89 91.47
CA LEU DA 96 -62.34 -7.85 90.85
C LEU DA 96 -61.24 -7.40 91.80
N ALA DA 97 -61.56 -7.15 93.07
CA ALA DA 97 -60.53 -6.70 94.01
C ALA DA 97 -59.47 -7.77 94.20
N GLU DA 98 -59.88 -9.01 94.43
CA GLU DA 98 -58.92 -10.08 94.70
C GLU DA 98 -58.00 -10.30 93.49
N SER DA 99 -58.59 -10.41 92.30
CA SER DA 99 -57.79 -10.66 91.10
C SER DA 99 -56.74 -9.58 90.91
N VAL DA 100 -57.16 -8.32 90.94
CA VAL DA 100 -56.23 -7.21 90.73
C VAL DA 100 -55.15 -7.20 91.81
N SER DA 101 -55.57 -7.35 93.07
CA SER DA 101 -54.62 -7.31 94.17
C SER DA 101 -53.55 -8.39 94.02
N THR DA 102 -53.98 -9.62 93.77
CA THR DA 102 -53.04 -10.73 93.67
C THR DA 102 -52.16 -10.58 92.44
N LEU DA 103 -52.73 -10.15 91.31
CA LEU DA 103 -51.93 -10.00 90.10
C LEU DA 103 -50.93 -8.87 90.21
N ILE DA 104 -51.19 -7.89 91.07
CA ILE DA 104 -50.20 -6.85 91.30
C ILE DA 104 -49.16 -7.30 92.32
N TRP DA 105 -49.56 -8.11 93.30
CA TRP DA 105 -48.64 -8.53 94.34
C TRP DA 105 -47.69 -9.62 93.87
N ALA DA 106 -48.18 -10.54 93.05
CA ALA DA 106 -47.39 -11.69 92.62
C ALA DA 106 -46.53 -11.39 91.40
N ALA DA 107 -46.79 -10.29 90.70
CA ALA DA 107 -46.01 -9.98 89.49
C ALA DA 107 -44.52 -9.95 89.78
N PRO DA 108 -44.01 -9.19 90.75
CA PRO DA 108 -42.57 -9.22 91.01
C PRO DA 108 -42.07 -10.58 91.47
N ARG DA 109 -42.94 -11.39 92.06
CA ARG DA 109 -42.54 -12.73 92.48
C ARG DA 109 -42.25 -13.61 91.28
N LEU DA 110 -43.20 -13.70 90.35
CA LEU DA 110 -43.08 -14.54 89.15
C LEU DA 110 -42.67 -13.75 87.93
N GLN DA 111 -41.99 -12.61 88.12
CA GLN DA 111 -41.59 -11.80 86.98
C GLN DA 111 -40.59 -12.53 86.09
N SER DA 112 -39.75 -13.38 86.68
CA SER DA 112 -38.75 -14.10 85.88
C SER DA 112 -39.40 -15.20 85.06
N GLU DA 113 -40.29 -15.97 85.66
CA GLU DA 113 -40.96 -17.04 84.93
C GLU DA 113 -41.85 -16.48 83.83
N VAL DA 114 -42.79 -15.62 84.20
CA VAL DA 114 -43.74 -15.02 83.26
C VAL DA 114 -43.40 -13.55 83.15
N ALA DA 115 -42.97 -13.13 81.96
CA ALA DA 115 -42.60 -11.73 81.74
C ALA DA 115 -43.85 -10.86 81.57
N GLU DA 116 -44.81 -11.32 80.77
CA GLU DA 116 -46.01 -10.54 80.50
C GLU DA 116 -46.75 -10.16 81.77
N LEU DA 117 -46.54 -10.91 82.86
CA LEU DA 117 -47.21 -10.60 84.11
C LEU DA 117 -46.84 -9.21 84.62
N LYS DA 118 -45.59 -8.79 84.37
CA LYS DA 118 -45.19 -7.44 84.77
C LYS DA 118 -45.96 -6.39 83.99
N ILE DA 119 -46.20 -6.63 82.71
CA ILE DA 119 -46.99 -5.69 81.91
C ILE DA 119 -48.42 -5.65 82.41
N VAL DA 120 -48.97 -6.81 82.79
CA VAL DA 120 -50.32 -6.84 83.36
C VAL DA 120 -50.35 -6.01 84.64
N ALA DA 121 -49.36 -6.18 85.50
CA ALA DA 121 -49.28 -5.39 86.73
C ALA DA 121 -49.19 -3.90 86.41
N ASP DA 122 -48.44 -3.55 85.38
CA ASP DA 122 -48.36 -2.15 84.97
C ASP DA 122 -49.73 -1.61 84.60
N GLN DA 123 -50.41 -2.27 83.66
CA GLN DA 123 -51.71 -1.80 83.22
C GLN DA 123 -52.70 -1.74 84.38
N LEU DA 124 -52.55 -2.60 85.38
CA LEU DA 124 -53.45 -2.57 86.53
C LEU DA 124 -53.04 -1.56 87.58
N CYS DA 125 -51.81 -1.08 87.55
CA CYS DA 125 -51.37 -0.01 88.43
C CYS DA 125 -51.52 1.36 87.79
N ALA DA 126 -51.39 1.44 86.46
CA ALA DA 126 -51.55 2.69 85.74
C ALA DA 126 -53.00 3.07 85.53
N LYS DA 127 -53.94 2.16 85.78
CA LYS DA 127 -55.36 2.45 85.62
C LYS DA 127 -56.00 3.01 86.88
N TYR DA 128 -55.41 2.78 88.04
CA TYR DA 128 -55.99 3.17 89.31
C TYR DA 128 -55.12 4.19 90.02
N SER DA 129 -55.76 5.08 90.76
CA SER DA 129 -55.08 6.09 91.55
C SER DA 129 -55.39 6.01 93.04
N LYS DA 130 -56.54 5.46 93.41
CA LYS DA 130 -56.91 5.31 94.82
C LYS DA 130 -56.02 4.25 95.44
N GLU DA 131 -55.02 4.69 96.22
CA GLU DA 131 -54.06 3.80 96.84
C GLU DA 131 -53.30 2.98 95.80
N TYR DA 132 -53.04 3.59 94.65
CA TYR DA 132 -52.36 2.95 93.53
C TYR DA 132 -51.06 3.68 93.23
N GLY DA 133 -50.36 3.21 92.21
CA GLY DA 133 -48.99 3.63 91.98
C GLY DA 133 -48.03 2.73 92.72
N LYS DA 134 -46.86 2.50 92.12
CA LYS DA 134 -45.91 1.53 92.66
C LYS DA 134 -45.86 1.55 94.18
N LEU DA 135 -45.62 2.74 94.76
CA LEU DA 135 -45.56 2.85 96.21
C LEU DA 135 -46.91 2.51 96.84
N CYS DA 136 -47.96 3.24 96.46
CA CYS DA 136 -49.28 2.97 97.00
C CYS DA 136 -49.82 1.61 96.56
N ARG DA 137 -49.37 1.10 95.42
CA ARG DA 137 -49.76 -0.23 94.99
C ARG DA 137 -49.20 -1.29 95.92
N THR DA 138 -47.98 -1.07 96.42
CA THR DA 138 -47.42 -1.96 97.43
C THR DA 138 -48.02 -1.71 98.80
N ASN DA 139 -48.46 -0.48 99.07
CA ASN DA 139 -49.07 -0.17 100.37
C ASN DA 139 -50.47 -0.78 100.48
N GLN DA 140 -51.24 -0.77 99.38
CA GLN DA 140 -52.60 -1.31 99.36
C GLN DA 140 -52.63 -2.77 98.92
N ILE DA 141 -51.58 -3.52 99.16
CA ILE DA 141 -51.51 -4.92 98.77
C ILE DA 141 -51.92 -5.85 99.91
N GLY DA 142 -52.60 -5.31 100.93
CA GLY DA 142 -53.00 -6.11 102.08
C GLY DA 142 -54.37 -6.73 101.92
N THR DA 143 -54.75 -7.06 100.69
CA THR DA 143 -56.04 -7.69 100.43
C THR DA 143 -55.91 -8.84 99.43
N VAL DA 144 -54.72 -9.43 99.29
CA VAL DA 144 -54.50 -10.49 98.32
C VAL DA 144 -54.89 -11.82 98.94
N ASN DA 145 -55.08 -12.82 98.08
CA ASN DA 145 -55.41 -14.17 98.52
C ASN DA 145 -54.29 -14.72 99.40
N ASP DA 146 -54.64 -15.04 100.65
CA ASP DA 146 -53.64 -15.55 101.58
C ASP DA 146 -53.08 -16.88 101.12
N ARG DA 147 -53.91 -17.73 100.52
CA ARG DA 147 -53.42 -19.02 100.04
C ARG DA 147 -52.32 -18.84 99.02
N LEU DA 148 -52.53 -17.96 98.03
CA LEU DA 148 -51.50 -17.71 97.03
C LEU DA 148 -50.24 -17.13 97.68
N MET DA 149 -50.42 -16.27 98.69
CA MET DA 149 -49.27 -15.76 99.42
C MET DA 149 -48.48 -16.90 100.05
N HIS DA 150 -49.18 -17.92 100.55
CA HIS DA 150 -48.49 -19.06 101.15
C HIS DA 150 -47.79 -19.90 100.09
N LYS DA 151 -48.44 -20.10 98.95
CA LYS DA 151 -47.82 -20.90 97.89
C LYS DA 151 -46.53 -20.25 97.40
N LEU DA 152 -46.53 -18.92 97.28
CA LEU DA 152 -45.36 -18.18 96.84
C LEU DA 152 -44.53 -17.64 98.00
N SER DA 153 -44.77 -18.14 99.21
CA SER DA 153 -44.00 -17.71 100.36
C SER DA 153 -42.61 -18.32 100.31
N VAL DA 154 -41.59 -17.46 100.40
CA VAL DA 154 -40.20 -17.91 100.30
C VAL DA 154 -39.75 -18.21 101.73
N GLU DA 155 -39.96 -19.45 102.15
CA GLU DA 155 -39.62 -19.87 103.51
C GLU DA 155 -39.28 -21.34 103.51
N ALA DA 156 -38.45 -21.74 104.46
CA ALA DA 156 -38.10 -23.14 104.62
C ALA DA 156 -39.34 -23.94 104.98
N PRO DA 157 -39.80 -24.86 104.13
CA PRO DA 157 -41.02 -25.61 104.44
C PRO DA 157 -40.89 -26.36 105.74
N PRO DA 158 -42.01 -26.75 106.35
CA PRO DA 158 -41.94 -27.48 107.63
C PRO DA 158 -41.27 -28.83 107.45
N LYS DA 159 -40.47 -29.20 108.44
CA LYS DA 159 -39.69 -30.44 108.35
C LYS DA 159 -40.60 -31.66 108.28
N ILE DA 160 -41.68 -31.66 109.07
CA ILE DA 160 -42.59 -32.81 109.07
C ILE DA 160 -43.18 -33.02 107.69
N LEU DA 161 -43.47 -31.92 107.00
CA LEU DA 161 -44.04 -31.98 105.63
C LEU DA 161 -43.02 -32.65 104.71
N VAL DA 162 -41.73 -32.31 104.87
CA VAL DA 162 -40.64 -32.89 104.05
C VAL DA 162 -40.58 -34.40 104.33
N GLU DA 163 -40.71 -34.79 105.61
CA GLU DA 163 -40.66 -36.22 105.99
C GLU DA 163 -41.83 -36.95 105.34
N ARG DA 164 -43.02 -36.33 105.35
CA ARG DA 164 -44.22 -36.95 104.73
C ARG DA 164 -43.99 -37.11 103.23
N TYR DA 165 -43.38 -36.10 102.59
CA TYR DA 165 -43.08 -36.16 101.14
C TYR DA 165 -42.10 -37.31 100.87
N LEU DA 166 -41.10 -37.47 101.72
CA LEU DA 166 -40.13 -38.55 101.55
C LEU DA 166 -40.76 -39.91 101.81
N ILE DA 167 -41.60 -40.01 102.84
CA ILE DA 167 -42.27 -41.26 103.14
C ILE DA 167 -43.10 -41.72 101.94
N GLU DA 168 -43.87 -40.79 101.37
CA GLU DA 168 -44.73 -41.15 100.23
C GLU DA 168 -43.90 -41.57 99.03
N ILE DA 169 -42.85 -40.81 98.72
CA ILE DA 169 -42.03 -41.14 97.55
C ILE DA 169 -41.37 -42.50 97.73
N ALA DA 170 -40.84 -42.78 98.93
CA ALA DA 170 -40.24 -44.07 99.20
C ALA DA 170 -41.26 -45.18 99.07
N LYS DA 171 -42.41 -45.03 99.72
CA LYS DA 171 -43.46 -46.05 99.65
C LYS DA 171 -43.89 -46.32 98.21
N ASN DA 172 -43.84 -45.30 97.35
CA ASN DA 172 -44.26 -45.50 95.97
C ASN DA 172 -43.17 -46.17 95.14
N TYR DA 173 -41.91 -45.79 95.35
CA TYR DA 173 -40.81 -46.29 94.55
C TYR DA 173 -40.16 -47.54 95.14
N ASN DA 174 -40.81 -48.19 96.11
CA ASN DA 174 -40.32 -49.45 96.65
C ASN DA 174 -38.92 -49.32 97.24
N VAL DA 175 -38.71 -48.25 98.01
CA VAL DA 175 -37.42 -48.00 98.65
C VAL DA 175 -37.66 -47.87 100.15
N PRO DA 176 -36.83 -48.47 101.00
CA PRO DA 176 -36.99 -48.25 102.44
C PRO DA 176 -36.52 -46.87 102.86
N TYR DA 177 -37.13 -46.35 103.92
CA TYR DA 177 -36.75 -45.05 104.45
C TYR DA 177 -37.22 -44.96 105.90
N GLU DA 178 -36.32 -44.54 106.78
CA GLU DA 178 -36.61 -44.40 108.20
C GLU DA 178 -36.74 -42.92 108.54
N PRO DA 179 -37.96 -42.39 108.71
CA PRO DA 179 -38.11 -40.96 108.96
C PRO DA 179 -37.43 -40.54 110.25
N ASP DA 180 -37.03 -39.28 110.30
CA ASP DA 180 -36.46 -38.69 111.51
C ASP DA 180 -37.54 -38.61 112.57
N SER DA 181 -37.43 -39.45 113.59
CA SER DA 181 -38.48 -39.51 114.59
C SER DA 181 -38.64 -38.17 115.31
N VAL DA 182 -37.53 -37.43 115.50
CA VAL DA 182 -37.59 -36.15 116.22
C VAL DA 182 -38.64 -35.24 115.61
N VAL DA 183 -38.73 -35.22 114.28
CA VAL DA 183 -39.67 -34.36 113.58
C VAL DA 183 -40.90 -35.17 113.19
N MET DA 184 -40.71 -36.46 112.93
CA MET DA 184 -41.83 -37.31 112.52
C MET DA 184 -42.86 -37.49 113.62
N ALA DA 185 -42.48 -37.31 114.88
CA ALA DA 185 -43.40 -37.47 116.00
C ALA DA 185 -43.85 -36.16 116.61
N GLU DA 186 -43.04 -35.11 116.55
CA GLU DA 186 -43.39 -33.83 117.15
C GLU DA 186 -44.35 -33.10 116.20
N ASN EA 3 66.27 -4.37 3.93
CA ASN EA 3 66.86 -4.36 2.60
C ASN EA 3 67.39 -5.74 2.22
N MET EA 4 68.21 -6.31 3.11
CA MET EA 4 68.80 -7.63 2.84
C MET EA 4 67.73 -8.72 2.78
N GLU EA 5 66.62 -8.53 3.50
CA GLU EA 5 65.55 -9.53 3.47
C GLU EA 5 64.98 -9.66 2.05
N LYS EA 6 64.87 -8.53 1.34
CA LYS EA 6 64.39 -8.57 -0.03
C LYS EA 6 65.34 -9.37 -0.92
N HIS EA 7 66.64 -9.15 -0.77
CA HIS EA 7 67.62 -9.89 -1.55
C HIS EA 7 67.56 -11.38 -1.24
N LEU EA 8 67.38 -11.72 0.04
CA LEU EA 8 67.23 -13.13 0.42
C LEU EA 8 65.99 -13.73 -0.24
N PHE EA 9 64.89 -13.00 -0.23
CA PHE EA 9 63.67 -13.48 -0.88
C PHE EA 9 63.91 -13.73 -2.36
N ASN EA 10 64.56 -12.79 -3.04
CA ASN EA 10 64.84 -12.97 -4.46
C ASN EA 10 65.74 -14.17 -4.70
N LEU EA 11 66.73 -14.37 -3.83
CA LEU EA 11 67.63 -15.51 -4.00
C LEU EA 11 66.87 -16.83 -3.87
N LYS EA 12 66.04 -16.95 -2.83
CA LYS EA 12 65.29 -18.18 -2.64
C LYS EA 12 64.30 -18.40 -3.79
N PHE EA 13 63.70 -17.32 -4.28
CA PHE EA 13 62.80 -17.44 -5.43
C PHE EA 13 63.55 -17.95 -6.65
N ALA EA 14 64.75 -17.42 -6.90
CA ALA EA 14 65.52 -17.89 -8.04
C ALA EA 14 65.91 -19.35 -7.89
N ALA EA 15 66.26 -19.77 -6.68
CA ALA EA 15 66.59 -21.18 -6.45
C ALA EA 15 65.38 -22.07 -6.76
N LYS EA 16 64.21 -21.69 -6.25
CA LYS EA 16 63.01 -22.48 -6.51
C LYS EA 16 62.69 -22.51 -8.00
N GLU EA 17 62.89 -21.38 -8.68
CA GLU EA 17 62.66 -21.35 -10.13
C GLU EA 17 63.59 -22.31 -10.85
N LEU EA 18 64.86 -22.33 -10.46
CA LEU EA 18 65.80 -23.25 -11.09
C LEU EA 18 65.39 -24.70 -10.85
N SER EA 19 64.94 -25.02 -9.64
CA SER EA 19 64.51 -26.38 -9.36
C SER EA 19 63.31 -26.76 -10.21
N ARG EA 20 62.32 -25.87 -10.30
CA ARG EA 20 61.15 -26.12 -11.14
C ARG EA 20 61.57 -26.34 -12.58
N SER EA 21 62.50 -25.52 -13.08
CA SER EA 21 62.94 -25.65 -14.46
C SER EA 21 63.66 -26.98 -14.69
N ALA EA 22 64.45 -27.42 -13.72
CA ALA EA 22 65.10 -28.72 -13.86
C ALA EA 22 64.07 -29.84 -13.93
N LYS EA 23 63.06 -29.79 -13.06
CA LYS EA 23 62.00 -30.79 -13.12
C LYS EA 23 61.32 -30.79 -14.48
N LYS EA 24 60.95 -29.61 -14.97
CA LYS EA 24 60.28 -29.49 -16.26
C LYS EA 24 61.15 -30.04 -17.38
N CYS EA 25 62.45 -29.76 -17.34
CA CYS EA 25 63.33 -30.23 -18.39
C CYS EA 25 63.47 -31.75 -18.36
N ASP EA 26 63.52 -32.33 -17.17
CA ASP EA 26 63.52 -33.80 -17.06
C ASP EA 26 62.26 -34.37 -17.69
N LYS EA 27 61.11 -33.78 -17.38
CA LYS EA 27 59.86 -34.24 -17.97
C LYS EA 27 59.91 -34.15 -19.50
N GLU EA 28 60.41 -33.03 -20.02
CA GLU EA 28 60.48 -32.86 -21.46
C GLU EA 28 61.41 -33.89 -22.10
N GLU EA 29 62.51 -34.24 -21.41
CA GLU EA 29 63.37 -35.31 -21.90
C GLU EA 29 62.61 -36.62 -21.98
N LYS EA 30 61.85 -36.94 -20.93
CA LYS EA 30 61.08 -38.17 -20.92
C LYS EA 30 60.11 -38.20 -22.10
N ALA EA 31 59.54 -37.05 -22.46
CA ALA EA 31 58.62 -37.00 -23.60
C ALA EA 31 59.35 -37.16 -24.93
N GLU EA 32 60.48 -36.44 -25.09
CA GLU EA 32 61.23 -36.53 -26.33
C GLU EA 32 61.77 -37.93 -26.56
N LYS EA 33 61.98 -38.72 -25.49
CA LYS EA 33 62.37 -40.11 -25.70
C LYS EA 33 61.25 -40.90 -26.36
N ALA EA 34 60.01 -40.69 -25.94
CA ALA EA 34 58.88 -41.31 -26.63
C ALA EA 34 58.86 -40.89 -28.09
N LYS EA 35 59.06 -39.61 -28.35
CA LYS EA 35 58.99 -39.12 -29.73
C LYS EA 35 60.08 -39.74 -30.60
N ILE EA 36 61.29 -39.85 -30.06
CA ILE EA 36 62.38 -40.44 -30.83
C ILE EA 36 62.12 -41.93 -31.08
N GLU EA 37 61.53 -42.62 -30.10
CA GLU EA 37 61.15 -44.01 -30.33
C GLU EA 37 60.15 -44.11 -31.48
N LYS EA 38 59.13 -43.27 -31.46
CA LYS EA 38 58.16 -43.27 -32.55
C LYS EA 38 58.84 -43.02 -33.89
N ALA EA 39 59.70 -42.00 -33.95
CA ALA EA 39 60.33 -41.63 -35.21
C ALA EA 39 61.27 -42.72 -35.72
N ILE EA 40 61.97 -43.41 -34.82
CA ILE EA 40 62.82 -44.51 -35.25
C ILE EA 40 61.98 -45.69 -35.69
N GLN EA 41 60.76 -45.82 -35.18
CA GLN EA 41 59.85 -46.82 -35.72
C GLN EA 41 59.40 -46.47 -37.14
N LYS EA 42 59.01 -45.21 -37.35
CA LYS EA 42 58.58 -44.78 -38.67
C LYS EA 42 59.71 -44.78 -39.70
N GLY EA 43 60.96 -44.87 -39.26
CA GLY EA 43 62.10 -44.86 -40.15
C GLY EA 43 62.73 -43.50 -40.37
N ASN EA 44 62.15 -42.43 -39.82
CA ASN EA 44 62.70 -41.09 -39.99
C ASN EA 44 64.02 -40.98 -39.25
N MET EA 45 65.12 -40.89 -40.00
CA MET EA 45 66.43 -40.71 -39.40
C MET EA 45 66.64 -39.27 -38.94
N GLU EA 46 66.21 -38.30 -39.75
CA GLU EA 46 66.44 -36.90 -39.42
C GLU EA 46 65.60 -36.46 -38.24
N VAL EA 47 64.33 -36.87 -38.18
CA VAL EA 47 63.51 -36.52 -37.03
C VAL EA 47 64.03 -37.22 -35.78
N ALA EA 48 64.54 -38.44 -35.93
CA ALA EA 48 65.16 -39.12 -34.80
C ALA EA 48 66.37 -38.35 -34.31
N ARG EA 49 67.19 -37.84 -35.23
CA ARG EA 49 68.32 -37.01 -34.84
C ARG EA 49 67.86 -35.77 -34.08
N ILE EA 50 66.82 -35.11 -34.60
CA ILE EA 50 66.33 -33.89 -33.96
C ILE EA 50 65.87 -34.19 -32.54
N HIS EA 51 65.06 -35.24 -32.38
CA HIS EA 51 64.52 -35.56 -31.07
C HIS EA 51 65.60 -36.06 -30.12
N ALA EA 52 66.63 -36.73 -30.64
CA ALA EA 52 67.76 -37.12 -29.80
C ALA EA 52 68.52 -35.91 -29.32
N GLU EA 53 68.77 -34.95 -30.21
CA GLU EA 53 69.41 -33.70 -29.79
C GLU EA 53 68.59 -33.03 -28.70
N ASN EA 54 67.28 -32.94 -28.90
CA ASN EA 54 66.42 -32.32 -27.90
C ASN EA 54 66.50 -33.05 -26.57
N ALA EA 55 66.46 -34.38 -26.60
CA ALA EA 55 66.48 -35.16 -25.36
C ALA EA 55 67.79 -34.98 -24.62
N ILE EA 56 68.92 -35.10 -25.33
CA ILE EA 56 70.22 -34.94 -24.69
C ILE EA 56 70.36 -33.53 -24.13
N ARG EA 57 69.93 -32.52 -24.89
CA ARG EA 57 70.00 -31.14 -24.42
C ARG EA 57 69.18 -30.96 -23.15
N GLN EA 58 67.96 -31.50 -23.13
CA GLN EA 58 67.11 -31.35 -21.96
C GLN EA 58 67.71 -32.06 -20.75
N LYS EA 59 68.28 -33.24 -20.96
CA LYS EA 59 68.94 -33.95 -19.86
C LYS EA 59 70.08 -33.12 -19.28
N ASN EA 60 70.97 -32.65 -20.15
CA ASN EA 60 72.13 -31.91 -19.68
C ASN EA 60 71.72 -30.61 -19.00
N GLN EA 61 70.76 -29.88 -19.58
CA GLN EA 61 70.34 -28.62 -18.99
C GLN EA 61 69.56 -28.83 -17.70
N ALA EA 62 68.88 -29.98 -17.56
CA ALA EA 62 68.23 -30.29 -16.30
C ALA EA 62 69.27 -30.55 -15.22
N VAL EA 63 70.31 -31.31 -15.54
CA VAL EA 63 71.39 -31.53 -14.57
C VAL EA 63 72.02 -30.20 -14.19
N ASN EA 64 72.26 -29.33 -15.17
CA ASN EA 64 72.87 -28.04 -14.89
C ASN EA 64 71.97 -27.18 -14.01
N PHE EA 65 70.68 -27.15 -14.31
CA PHE EA 65 69.73 -26.39 -13.49
C PHE EA 65 69.70 -26.93 -12.06
N LEU EA 66 69.80 -28.25 -11.91
CA LEU EA 66 69.76 -28.84 -10.58
C LEU EA 66 71.00 -28.42 -9.78
N ARG EA 67 72.19 -28.54 -10.38
CA ARG EA 67 73.40 -28.11 -9.69
C ARG EA 67 73.35 -26.62 -9.36
N MET EA 68 72.87 -25.82 -10.31
CA MET EA 68 72.76 -24.38 -10.11
C MET EA 68 71.82 -24.05 -8.95
N SER EA 69 70.68 -24.73 -8.91
CA SER EA 69 69.73 -24.53 -7.81
C SER EA 69 70.33 -24.95 -6.49
N ALA EA 70 71.13 -26.02 -6.47
CA ALA EA 70 71.81 -26.41 -5.24
C ALA EA 70 72.75 -25.31 -4.77
N ARG EA 71 73.53 -24.73 -5.69
CA ARG EA 71 74.43 -23.66 -5.32
C ARG EA 71 73.67 -22.46 -4.76
N VAL EA 72 72.61 -22.04 -5.45
CA VAL EA 72 71.84 -20.90 -4.99
C VAL EA 72 71.17 -21.21 -3.66
N ASP EA 73 70.78 -22.46 -3.44
CA ASP EA 73 70.19 -22.84 -2.16
C ASP EA 73 71.20 -22.70 -1.04
N ALA EA 74 72.44 -23.15 -1.27
CA ALA EA 74 73.48 -22.97 -0.27
C ALA EA 74 73.69 -21.50 0.03
N VAL EA 75 73.79 -20.67 -1.01
CA VAL EA 75 74.02 -19.24 -0.80
C VAL EA 75 72.86 -18.61 -0.04
N ALA EA 76 71.64 -19.00 -0.37
CA ALA EA 76 70.47 -18.42 0.26
C ALA EA 76 70.36 -18.86 1.72
N ALA EA 77 70.71 -20.11 2.02
CA ALA EA 77 70.75 -20.55 3.40
C ALA EA 77 71.77 -19.75 4.19
N ARG EA 78 72.95 -19.53 3.60
CA ARG EA 78 73.96 -18.73 4.26
C ARG EA 78 73.47 -17.30 4.52
N VAL EA 79 72.80 -16.71 3.53
CA VAL EA 79 72.32 -15.33 3.69
C VAL EA 79 71.20 -15.26 4.72
N GLN EA 80 70.36 -16.28 4.78
CA GLN EA 80 69.30 -16.31 5.78
C GLN EA 80 69.87 -16.43 7.17
N THR EA 81 70.88 -17.29 7.35
CA THR EA 81 71.61 -17.35 8.60
C THR EA 81 72.17 -15.98 8.97
N ALA EA 82 72.77 -15.31 8.00
CA ALA EA 82 73.36 -14.00 8.27
C ALA EA 82 72.29 -13.00 8.69
N VAL EA 83 71.12 -13.03 8.05
CA VAL EA 83 70.06 -12.10 8.39
C VAL EA 83 69.57 -12.35 9.81
N THR EA 84 69.30 -13.61 10.14
CA THR EA 84 68.83 -13.93 11.49
C THR EA 84 69.86 -13.54 12.54
N MET EA 85 71.14 -13.83 12.26
CA MET EA 85 72.18 -13.47 13.21
C MET EA 85 72.35 -11.97 13.31
N GLY EA 86 72.10 -11.23 12.24
CA GLY EA 86 72.15 -9.79 12.31
C GLY EA 86 71.04 -9.23 13.19
N LYS EA 87 69.83 -9.78 13.05
CA LYS EA 87 68.75 -9.40 13.96
C LYS EA 87 69.13 -9.70 15.40
N VAL EA 88 69.69 -10.88 15.64
CA VAL EA 88 70.07 -11.26 17.01
C VAL EA 88 71.13 -10.31 17.55
N THR EA 89 72.12 -9.98 16.72
CA THR EA 89 73.20 -9.10 17.16
C THR EA 89 72.68 -7.69 17.44
N LYS EA 90 71.78 -7.19 16.60
CA LYS EA 90 71.17 -5.89 16.85
C LYS EA 90 70.40 -5.90 18.16
N SER EA 91 69.61 -6.96 18.40
CA SER EA 91 68.84 -7.03 19.63
C SER EA 91 69.77 -7.08 20.85
N MET EA 92 70.87 -7.83 20.74
CA MET EA 92 71.77 -7.94 21.88
C MET EA 92 72.55 -6.64 22.09
N ALA EA 93 72.81 -5.89 21.03
CA ALA EA 93 73.42 -4.56 21.20
C ALA EA 93 72.46 -3.62 21.91
N GLY EA 94 71.19 -3.62 21.50
CA GLY EA 94 70.20 -2.81 22.19
C GLY EA 94 70.07 -3.20 23.65
N VAL EA 95 70.08 -4.50 23.93
CA VAL EA 95 70.00 -4.98 25.30
C VAL EA 95 71.22 -4.52 26.09
N VAL EA 96 72.40 -4.57 25.47
CA VAL EA 96 73.62 -4.15 26.15
C VAL EA 96 73.52 -2.66 26.49
N LYS EA 97 73.04 -1.85 25.55
CA LYS EA 97 72.91 -0.42 25.81
C LYS EA 97 71.95 -0.15 26.97
N SER EA 98 70.78 -0.78 26.92
CA SER EA 98 69.78 -0.56 27.96
C SER EA 98 70.30 -1.02 29.32
N MET EA 99 70.90 -2.21 29.37
CA MET EA 99 71.44 -2.73 30.62
C MET EA 99 72.59 -1.86 31.12
N ASP EA 100 73.38 -1.29 30.22
CA ASP EA 100 74.45 -0.39 30.63
C ASP EA 100 73.86 0.84 31.32
N ALA EA 101 72.89 1.48 30.68
CA ALA EA 101 72.23 2.64 31.29
C ALA EA 101 71.67 2.27 32.65
N THR EA 102 70.95 1.15 32.74
CA THR EA 102 70.31 0.77 33.98
C THR EA 102 71.33 0.48 35.08
N LEU EA 103 72.26 -0.44 34.81
CA LEU EA 103 73.28 -0.78 35.79
C LEU EA 103 74.15 0.41 36.17
N LYS EA 104 74.20 1.44 35.32
CA LYS EA 104 74.83 2.69 35.73
C LYS EA 104 73.95 3.43 36.72
N THR EA 105 72.65 3.51 36.43
CA THR EA 105 71.73 4.15 37.36
C THR EA 105 71.51 3.30 38.60
N MET EA 106 71.13 2.04 38.42
CA MET EA 106 70.86 1.12 39.51
C MET EA 106 72.02 0.13 39.58
N ASN EA 107 73.07 0.52 40.32
CA ASN EA 107 74.24 -0.32 40.45
C ASN EA 107 74.14 -1.18 41.71
N LEU EA 108 75.17 -1.98 41.96
CA LEU EA 108 75.13 -2.93 43.07
C LEU EA 108 75.14 -2.21 44.41
N GLU EA 109 75.91 -1.12 44.53
CA GLU EA 109 75.90 -0.35 45.76
C GLU EA 109 74.51 0.16 46.07
N LYS EA 110 73.90 0.86 45.11
CA LYS EA 110 72.58 1.43 45.33
C LYS EA 110 71.55 0.34 45.59
N ILE EA 111 71.65 -0.78 44.87
CA ILE EA 111 70.69 -1.86 45.05
C ILE EA 111 70.80 -2.46 46.44
N SER EA 112 72.03 -2.71 46.89
CA SER EA 112 72.24 -3.26 48.22
C SER EA 112 71.73 -2.31 49.29
N ALA EA 113 72.02 -1.01 49.15
CA ALA EA 113 71.53 -0.04 50.12
C ALA EA 113 70.01 0.03 50.12
N LEU EA 114 69.41 0.03 48.92
CA LEU EA 114 67.96 0.06 48.81
C LEU EA 114 67.33 -1.15 49.48
N MET EA 115 67.97 -2.31 49.36
CA MET EA 115 67.41 -3.53 49.94
C MET EA 115 67.58 -3.56 51.45
N ASP EA 116 68.73 -3.10 51.95
CA ASP EA 116 68.86 -2.93 53.39
C ASP EA 116 67.79 -1.98 53.92
N LYS EA 117 67.51 -0.90 53.18
CA LYS EA 117 66.48 0.04 53.59
C LYS EA 117 65.10 -0.61 53.57
N PHE EA 118 64.80 -1.39 52.54
CA PHE EA 118 63.54 -2.11 52.47
C PHE EA 118 63.38 -3.02 53.69
N GLU EA 119 64.41 -3.81 53.99
CA GLU EA 119 64.35 -4.72 55.12
C GLU EA 119 64.13 -3.97 56.43
N HIS EA 120 64.88 -2.88 56.64
CA HIS EA 120 64.75 -2.15 57.89
C HIS EA 120 63.40 -1.46 58.00
N GLN EA 121 62.90 -0.91 56.89
CA GLN EA 121 61.59 -0.26 56.91
C GLN EA 121 60.51 -1.26 57.26
N PHE EA 122 60.56 -2.45 56.68
CA PHE EA 122 59.52 -3.43 56.96
C PHE EA 122 59.70 -4.10 58.31
N GLU EA 123 60.90 -4.11 58.86
CA GLU EA 123 61.07 -4.50 60.26
C GLU EA 123 60.42 -3.48 61.19
N THR EA 124 60.68 -2.19 60.92
CA THR EA 124 59.99 -1.13 61.66
C THR EA 124 58.49 -1.28 61.54
N LEU EA 125 58.02 -1.67 60.35
CA LEU EA 125 56.59 -1.89 60.15
C LEU EA 125 56.09 -3.11 60.94
N ASP EA 126 56.97 -4.10 61.11
CA ASP EA 126 56.67 -5.30 61.92
C ASP EA 126 56.45 -4.86 63.38
N VAL EA 127 57.30 -3.94 63.87
CA VAL EA 127 57.20 -3.42 65.23
C VAL EA 127 55.93 -2.60 65.38
N GLN EA 128 55.67 -1.73 64.40
CA GLN EA 128 54.44 -0.92 64.43
C GLN EA 128 53.21 -1.81 64.45
N THR EA 129 53.20 -2.87 63.64
CA THR EA 129 52.05 -3.77 63.59
C THR EA 129 51.84 -4.45 64.93
N GLN EA 130 52.93 -4.93 65.54
CA GLN EA 130 52.81 -5.59 66.84
C GLN EA 130 52.24 -4.65 67.88
N GLN EA 131 52.79 -3.43 67.97
CA GLN EA 131 52.32 -2.48 68.97
C GLN EA 131 50.87 -2.07 68.70
N MET EA 132 50.57 -1.77 67.43
CA MET EA 132 49.22 -1.41 67.03
C MET EA 132 48.24 -2.51 67.39
N GLU EA 133 48.66 -3.77 67.25
CA GLU EA 133 47.76 -4.87 67.55
C GLU EA 133 47.57 -5.04 69.04
N ASP EA 134 48.65 -4.90 69.81
CA ASP EA 134 48.52 -4.88 71.26
C ASP EA 134 47.49 -3.85 71.70
N THR EA 135 47.58 -2.64 71.14
CA THR EA 135 46.64 -1.58 71.54
C THR EA 135 45.23 -1.88 71.06
N MET EA 136 45.08 -2.32 69.81
CA MET EA 136 43.76 -2.67 69.31
C MET EA 136 43.09 -3.69 70.20
N SER EA 137 43.87 -4.68 70.68
CA SER EA 137 43.30 -5.70 71.56
C SER EA 137 42.96 -5.11 72.93
N SER EA 138 43.85 -4.27 73.46
CA SER EA 138 43.59 -3.67 74.77
C SER EA 138 42.36 -2.77 74.74
N THR EA 139 42.03 -2.21 73.58
CA THR EA 139 40.86 -1.34 73.48
C THR EA 139 39.58 -2.12 73.74
N THR EA 140 39.47 -3.31 73.15
CA THR EA 140 38.24 -4.12 73.23
C THR EA 140 38.58 -5.39 74.01
N THR EA 141 38.47 -5.31 75.33
CA THR EA 141 38.68 -6.43 76.21
C THR EA 141 37.44 -6.82 77.01
N LEU EA 142 36.46 -5.93 77.16
CA LEU EA 142 35.23 -6.23 77.86
C LEU EA 142 34.18 -6.86 76.97
N THR EA 143 34.32 -6.73 75.65
CA THR EA 143 33.45 -7.45 74.72
C THR EA 143 33.95 -8.86 74.44
N THR EA 144 35.26 -9.11 74.63
CA THR EA 144 35.88 -10.41 74.39
C THR EA 144 36.61 -10.84 75.65
N PRO EA 145 35.91 -11.36 76.64
CA PRO EA 145 36.59 -11.86 77.84
C PRO EA 145 37.33 -13.16 77.54
N GLN EA 146 38.55 -13.26 78.05
CA GLN EA 146 39.35 -14.46 77.83
C GLN EA 146 38.65 -15.69 78.40
N ASN EA 147 38.01 -15.55 79.56
CA ASN EA 147 37.34 -16.69 80.18
C ASN EA 147 36.23 -17.24 79.28
N GLN EA 148 35.44 -16.35 78.68
CA GLN EA 148 34.35 -16.81 77.82
C GLN EA 148 34.88 -17.52 76.59
N VAL EA 149 35.96 -17.02 76.00
CA VAL EA 149 36.54 -17.65 74.82
C VAL EA 149 37.09 -19.03 75.20
N ASP EA 150 37.79 -19.12 76.32
CA ASP EA 150 38.28 -20.41 76.78
C ASP EA 150 37.14 -21.40 76.97
N MET EA 151 36.06 -20.95 77.61
CA MET EA 151 34.93 -21.84 77.86
C MET EA 151 34.29 -22.29 76.55
N LEU EA 152 34.13 -21.37 75.60
CA LEU EA 152 33.54 -21.74 74.32
C LEU EA 152 34.40 -22.78 73.62
N LEU EA 153 35.73 -22.59 73.63
CA LEU EA 153 36.60 -23.54 72.98
C LEU EA 153 36.52 -24.91 73.67
N GLN EA 154 36.49 -24.92 75.01
CA GLN EA 154 36.39 -26.18 75.72
C GLN EA 154 35.08 -26.90 75.39
N GLU EA 155 33.98 -26.16 75.35
CA GLU EA 155 32.70 -26.80 75.04
C GLU EA 155 32.68 -27.33 73.61
N MET EA 156 33.19 -26.55 72.66
CA MET EA 156 33.19 -27.00 71.27
C MET EA 156 34.08 -28.23 71.10
N ALA EA 157 35.23 -28.26 71.78
CA ALA EA 157 36.10 -29.43 71.74
C ALA EA 157 35.39 -30.64 72.32
N ASP EA 158 34.89 -30.52 73.54
CA ASP EA 158 34.22 -31.64 74.20
C ASP EA 158 33.07 -32.16 73.36
N GLU EA 159 32.33 -31.25 72.71
CA GLU EA 159 31.25 -31.69 71.82
C GLU EA 159 31.82 -32.45 70.62
N ALA EA 160 32.87 -31.92 70.01
CA ALA EA 160 33.52 -32.61 68.91
C ALA EA 160 34.29 -33.84 69.37
N GLY EA 161 34.44 -34.04 70.69
CA GLY EA 161 35.17 -35.16 71.23
C GLY EA 161 36.67 -35.06 71.10
N LEU EA 162 37.19 -34.12 70.33
CA LEU EA 162 38.62 -34.00 70.09
C LEU EA 162 39.29 -33.29 71.27
N ASP EA 163 40.56 -32.95 71.11
CA ASP EA 163 41.30 -32.20 72.11
C ASP EA 163 42.11 -31.13 71.40
N LEU EA 164 42.54 -30.13 72.17
CA LEU EA 164 43.24 -28.97 71.64
C LEU EA 164 44.67 -28.96 72.15
N ASN EA 165 45.62 -28.91 71.21
CA ASN EA 165 47.04 -28.86 71.57
C ASN EA 165 47.72 -27.71 70.85
N GLU EA 187 39.61 -17.52 90.93
CA GLU EA 187 40.43 -18.72 91.01
C GLU EA 187 41.83 -18.37 91.51
N LEU EA 188 42.78 -18.23 90.56
CA LEU EA 188 44.13 -17.84 90.94
C LEU EA 188 44.16 -16.44 91.54
N SER EA 189 43.27 -15.56 91.07
CA SER EA 189 43.26 -14.19 91.55
C SER EA 189 43.06 -14.13 93.06
N GLN EA 190 42.24 -15.04 93.60
CA GLN EA 190 42.00 -15.04 95.04
C GLN EA 190 43.26 -15.43 95.81
N ARG EA 191 43.98 -16.45 95.32
CA ARG EA 191 45.23 -16.82 95.97
C ARG EA 191 46.24 -15.69 95.89
N LEU EA 192 46.29 -14.99 94.75
CA LEU EA 192 47.21 -13.87 94.60
C LEU EA 192 46.83 -12.73 95.53
N ALA EA 193 45.54 -12.50 95.73
CA ALA EA 193 45.11 -11.45 96.66
C ALA EA 193 45.46 -11.82 98.10
N ARG EA 194 45.22 -13.08 98.48
CA ARG EA 194 45.61 -13.52 99.81
C ARG EA 194 47.11 -13.37 100.02
N LEU EA 195 47.90 -13.67 98.98
CA LEU EA 195 49.34 -13.47 99.06
C LEU EA 195 49.68 -12.00 99.18
N ARG EA 196 48.93 -11.14 98.49
CA ARG EA 196 49.18 -9.70 98.55
C ARG EA 196 48.90 -9.16 99.95
N ASP EA 197 47.87 -9.69 100.61
CA ASP EA 197 47.61 -9.28 101.99
C ASP EA 197 48.78 -9.60 102.89
N GLN EA 198 49.50 -10.69 102.61
CA GLN EA 198 50.68 -11.06 103.38
C GLN EA 198 50.35 -11.23 104.86
N PHE FA 6 34.95 27.73 94.05
CA PHE FA 6 34.48 26.37 94.26
C PHE FA 6 33.02 26.23 93.84
N LYS FA 7 32.75 25.19 93.04
CA LYS FA 7 31.40 24.86 92.53
C LYS FA 7 31.00 23.49 93.08
N ALA FA 8 29.79 23.37 93.63
CA ALA FA 8 29.36 22.11 94.22
C ALA FA 8 28.94 21.10 93.17
N GLU FA 9 28.03 21.49 92.28
CA GLU FA 9 27.54 20.56 91.26
C GLU FA 9 28.67 20.06 90.37
N ARG FA 10 29.66 20.92 90.10
CA ARG FA 10 30.84 20.48 89.36
C ARG FA 10 31.53 19.34 90.10
N LEU FA 11 31.71 19.49 91.42
CA LEU FA 11 32.35 18.44 92.21
C LEU FA 11 31.52 17.16 92.18
N ARG FA 12 30.19 17.29 92.29
CA ARG FA 12 29.31 16.12 92.24
C ARG FA 12 29.48 15.37 90.93
N VAL FA 13 29.40 16.09 89.81
CA VAL FA 13 29.50 15.46 88.50
C VAL FA 13 30.87 14.81 88.33
N ASN FA 14 31.93 15.50 88.74
CA ASN FA 14 33.26 14.94 88.61
C ASN FA 14 33.42 13.69 89.47
N LEU FA 15 32.80 13.67 90.65
CA LEU FA 15 32.87 12.47 91.49
C LEU FA 15 32.19 11.29 90.83
N ARG FA 16 30.99 11.51 90.27
CA ARG FA 16 30.31 10.44 89.56
C ARG FA 16 31.14 9.94 88.38
N LEU FA 17 31.74 10.87 87.63
CA LEU FA 17 32.58 10.49 86.50
C LEU FA 17 33.79 9.68 86.96
N VAL FA 18 34.41 10.10 88.06
CA VAL FA 18 35.56 9.39 88.59
C VAL FA 18 35.15 7.97 88.98
N ILE FA 19 33.99 7.82 89.60
CA ILE FA 19 33.51 6.50 89.99
C ILE FA 19 33.37 5.61 88.76
N ASN FA 20 32.68 6.10 87.73
CA ASN FA 20 32.49 5.30 86.53
C ASN FA 20 33.83 4.94 85.89
N ARG FA 21 34.74 5.92 85.78
CA ARG FA 21 36.03 5.68 85.18
C ARG FA 21 36.82 4.63 85.95
N LEU FA 22 36.77 4.69 87.28
CA LEU FA 22 37.48 3.71 88.09
C LEU FA 22 36.90 2.32 87.89
N LYS FA 23 35.57 2.21 87.77
CA LYS FA 23 34.97 0.92 87.50
C LYS FA 23 35.50 0.34 86.18
N LEU FA 24 35.41 1.13 85.10
CA LEU FA 24 35.89 0.66 83.81
C LEU FA 24 37.36 0.26 83.90
N LEU FA 25 38.18 1.08 84.55
CA LEU FA 25 39.61 0.84 84.58
C LEU FA 25 39.93 -0.44 85.35
N GLU FA 26 39.30 -0.65 86.49
CA GLU FA 26 39.59 -1.85 87.26
C GLU FA 26 39.13 -3.10 86.52
N LYS FA 27 37.98 -3.03 85.84
CA LYS FA 27 37.55 -4.15 85.02
C LYS FA 27 38.62 -4.51 83.98
N LYS FA 28 38.97 -3.55 83.13
CA LYS FA 28 39.87 -3.87 82.03
C LYS FA 28 41.27 -4.20 82.56
N LYS FA 29 41.64 -3.68 83.71
CA LYS FA 29 42.95 -4.01 84.29
C LYS FA 29 42.96 -5.43 84.81
N THR FA 30 41.85 -5.89 85.40
CA THR FA 30 41.75 -7.29 85.78
C THR FA 30 41.91 -8.20 84.55
N GLU FA 31 41.23 -7.85 83.46
CA GLU FA 31 41.35 -8.65 82.24
C GLU FA 31 42.79 -8.68 81.74
N LEU FA 32 43.40 -7.51 81.58
CA LEU FA 32 44.78 -7.44 81.14
C LEU FA 32 45.71 -8.19 82.09
N ALA FA 33 45.40 -8.20 83.38
CA ALA FA 33 46.22 -8.92 84.34
C ALA FA 33 46.13 -10.42 84.10
N GLN FA 34 44.93 -10.93 83.82
CA GLN FA 34 44.81 -12.33 83.45
C GLN FA 34 45.71 -12.64 82.25
N LYS FA 35 45.60 -11.82 81.20
CA LYS FA 35 46.36 -12.12 79.98
C LYS FA 35 47.86 -12.05 80.24
N ALA FA 36 48.32 -11.05 80.99
CA ALA FA 36 49.75 -10.93 81.24
C ALA FA 36 50.25 -11.99 82.20
N ARG FA 37 49.39 -12.51 83.08
CA ARG FA 37 49.75 -13.67 83.89
C ARG FA 37 49.97 -14.88 83.01
N LYS FA 38 49.10 -15.09 82.02
CA LYS FA 38 49.35 -16.14 81.04
C LYS FA 38 50.70 -15.93 80.35
N GLU FA 39 51.02 -14.68 80.00
CA GLU FA 39 52.29 -14.39 79.37
C GLU FA 39 53.46 -14.75 80.29
N ILE FA 40 53.33 -14.46 81.58
CA ILE FA 40 54.40 -14.80 82.53
C ILE FA 40 54.54 -16.31 82.64
N ALA FA 41 53.42 -17.03 82.60
CA ALA FA 41 53.49 -18.49 82.61
C ALA FA 41 54.27 -18.98 81.39
N ASP FA 42 53.98 -18.43 80.22
CA ASP FA 42 54.73 -18.79 79.03
C ASP FA 42 56.21 -18.47 79.19
N TYR FA 43 56.53 -17.32 79.78
CA TYR FA 43 57.93 -16.97 80.02
C TYR FA 43 58.61 -17.99 80.92
N LEU FA 44 57.91 -18.44 81.96
CA LEU FA 44 58.49 -19.43 82.86
C LEU FA 44 58.63 -20.79 82.20
N ALA FA 45 57.78 -21.10 81.22
CA ALA FA 45 57.92 -22.34 80.49
C ALA FA 45 59.34 -22.48 79.94
N ALA FA 46 59.89 -21.40 79.41
CA ALA FA 46 61.28 -21.38 78.97
C ALA FA 46 62.20 -21.20 80.17
N GLY FA 47 63.51 -21.17 79.91
CA GLY FA 47 64.47 -20.97 80.97
C GLY FA 47 64.60 -19.54 81.46
N LYS FA 48 63.93 -18.60 80.80
CA LYS FA 48 63.97 -17.20 81.20
C LYS FA 48 63.28 -17.03 82.55
N ASP FA 49 64.05 -16.69 83.58
CA ASP FA 49 63.54 -16.53 84.93
C ASP FA 49 63.68 -15.09 85.43
N GLU FA 50 64.85 -14.49 85.28
CA GLU FA 50 65.06 -13.13 85.78
C GLU FA 50 64.19 -12.11 85.07
N ARG FA 51 63.64 -12.47 83.91
CA ARG FA 51 62.73 -11.61 83.16
C ARG FA 51 61.28 -11.75 83.64
N ALA FA 52 60.88 -12.97 83.98
CA ALA FA 52 59.55 -13.19 84.54
C ALA FA 52 59.38 -12.42 85.84
N ARG FA 53 60.46 -12.18 86.56
CA ARG FA 53 60.37 -11.39 87.78
C ARG FA 53 59.99 -9.94 87.46
N ILE FA 54 60.54 -9.39 86.38
CA ILE FA 54 60.17 -8.04 85.97
C ILE FA 54 58.71 -8.02 85.53
N ARG FA 55 58.30 -9.02 84.75
CA ARG FA 55 56.91 -9.06 84.30
C ARG FA 55 55.96 -9.15 85.49
N VAL FA 56 56.28 -9.96 86.49
CA VAL FA 56 55.39 -10.09 87.64
C VAL FA 56 55.46 -8.86 88.51
N GLU FA 57 56.58 -8.12 88.48
CA GLU FA 57 56.59 -6.80 89.10
C GLU FA 57 55.55 -5.89 88.45
N HIS FA 58 55.54 -5.86 87.12
CA HIS FA 58 54.46 -5.17 86.41
C HIS FA 58 53.10 -5.60 86.93
N ILE FA 59 52.89 -6.92 87.05
CA ILE FA 59 51.58 -7.44 87.41
C ILE FA 59 51.18 -6.97 88.80
N ILE FA 60 52.07 -7.10 89.77
CA ILE FA 60 51.70 -6.78 91.14
C ILE FA 60 51.57 -5.28 91.32
N ARG FA 61 52.32 -4.48 90.55
CA ARG FA 61 52.08 -3.05 90.51
C ARG FA 61 50.66 -2.77 90.05
N GLU FA 62 50.24 -3.42 88.96
CA GLU FA 62 48.89 -3.21 88.45
C GLU FA 62 47.84 -3.66 89.46
N ASP FA 63 48.13 -4.71 90.23
CA ASP FA 63 47.16 -5.20 91.20
C ASP FA 63 47.05 -4.24 92.38
N TYR FA 64 48.18 -3.77 92.90
CA TYR FA 64 48.15 -2.67 93.87
C TYR FA 64 47.31 -1.52 93.35
N LEU FA 65 47.49 -1.18 92.07
CA LEU FA 65 46.77 -0.06 91.49
C LEU FA 65 45.27 -0.32 91.47
N VAL FA 66 44.87 -1.54 91.13
CA VAL FA 66 43.44 -1.86 91.10
C VAL FA 66 42.84 -1.78 92.49
N GLU FA 67 43.57 -2.28 93.50
CA GLU FA 67 43.07 -2.18 94.87
C GLU FA 67 42.95 -0.72 95.31
N ALA FA 68 43.95 0.09 94.96
CA ALA FA 68 43.89 1.51 95.30
C ALA FA 68 42.72 2.19 94.61
N MET FA 69 42.43 1.80 93.37
CA MET FA 69 41.29 2.38 92.66
C MET FA 69 39.98 1.95 93.31
N GLU FA 70 39.91 0.71 93.82
CA GLU FA 70 38.73 0.30 94.57
C GLU FA 70 38.54 1.17 95.79
N ILE FA 71 39.62 1.39 96.55
CA ILE FA 71 39.52 2.23 97.75
C ILE FA 71 39.09 3.64 97.38
N LEU FA 72 39.64 4.18 96.28
CA LEU FA 72 39.30 5.54 95.88
C LEU FA 72 37.86 5.64 95.43
N GLU FA 73 37.37 4.63 94.71
CA GLU FA 73 35.96 4.59 94.35
C GLU FA 73 35.09 4.58 95.60
N LEU FA 74 35.48 3.78 96.59
CA LEU FA 74 34.77 3.77 97.87
C LEU FA 74 34.70 5.16 98.47
N TYR FA 75 35.85 5.86 98.52
CA TYR FA 75 35.88 7.17 99.16
C TYR FA 75 35.07 8.20 98.37
N CYS FA 76 35.16 8.17 97.04
CA CYS FA 76 34.36 9.07 96.23
C CYS FA 76 32.89 8.86 96.47
N ASP FA 77 32.45 7.60 96.51
CA ASP FA 77 31.05 7.32 96.79
C ASP FA 77 30.67 7.77 98.19
N LEU FA 78 31.59 7.67 99.14
CA LEU FA 78 31.31 8.15 100.48
C LEU FA 78 31.05 9.65 100.48
N LEU FA 79 31.93 10.41 99.83
CA LEU FA 79 31.71 11.84 99.70
C LEU FA 79 30.39 12.14 98.99
N LEU FA 80 30.08 11.37 97.96
CA LEU FA 80 28.85 11.59 97.20
C LEU FA 80 27.61 11.26 98.01
N ALA FA 81 27.72 10.36 98.99
CA ALA FA 81 26.60 10.04 99.87
C ALA FA 81 26.40 11.09 100.95
N ARG FA 82 27.46 11.81 101.32
CA ARG FA 82 27.42 12.83 102.35
C ARG FA 82 27.75 14.20 101.73
N PHE FA 83 27.16 14.46 100.55
CA PHE FA 83 27.46 15.70 99.84
C PHE FA 83 26.81 16.90 100.52
N GLY FA 84 25.58 16.74 100.99
CA GLY FA 84 24.95 17.82 101.73
C GLY FA 84 25.75 18.23 102.94
N LEU FA 85 26.35 17.27 103.63
CA LEU FA 85 27.22 17.60 104.77
C LEU FA 85 28.44 18.38 104.33
N ILE FA 86 28.82 18.26 103.05
CA ILE FA 86 29.88 19.10 102.51
C ILE FA 86 29.36 20.51 102.28
N GLN FA 87 28.18 20.63 101.67
CA GLN FA 87 27.66 21.95 101.32
C GLN FA 87 27.30 22.75 102.58
N SER FA 88 26.79 22.09 103.61
CA SER FA 88 26.30 22.81 104.78
C SER FA 88 27.45 23.40 105.58
N MET FA 89 28.34 22.56 106.09
CA MET FA 89 29.46 23.04 106.88
C MET FA 89 30.45 23.80 106.00
N LYS FA 90 31.37 24.50 106.67
CA LYS FA 90 32.47 25.17 106.00
C LYS FA 90 33.80 24.46 106.22
N GLU FA 91 33.96 23.78 107.36
CA GLU FA 91 35.12 22.95 107.63
C GLU FA 91 34.67 21.49 107.66
N LEU FA 92 35.48 20.61 107.07
CA LEU FA 92 35.11 19.21 106.98
C LEU FA 92 35.09 18.58 108.36
N ASP FA 93 34.14 17.67 108.57
CA ASP FA 93 34.04 16.94 109.82
C ASP FA 93 34.98 15.75 109.81
N SER FA 94 34.96 14.96 110.89
CA SER FA 94 35.84 13.81 110.99
C SER FA 94 35.44 12.72 110.00
N GLY FA 95 34.14 12.52 109.80
CA GLY FA 95 33.67 11.48 108.89
C GLY FA 95 34.15 11.64 107.47
N LEU FA 96 34.55 12.85 107.08
CA LEU FA 96 35.00 13.13 105.72
C LEU FA 96 36.48 13.51 105.65
N ALA FA 97 37.19 13.48 106.77
CA ALA FA 97 38.61 13.84 106.75
C ALA FA 97 39.40 12.87 105.88
N GLU FA 98 39.20 11.57 106.09
CA GLU FA 98 39.97 10.57 105.35
C GLU FA 98 39.71 10.68 103.86
N SER FA 99 38.44 10.74 103.47
CA SER FA 99 38.11 10.80 102.05
C SER FA 99 38.77 11.99 101.38
N VAL FA 100 38.58 13.18 101.95
CA VAL FA 100 39.14 14.40 101.37
C VAL FA 100 40.66 14.30 101.31
N SER FA 101 41.28 13.89 102.41
CA SER FA 101 42.73 13.82 102.46
C SER FA 101 43.28 12.89 101.38
N THR FA 102 42.72 11.68 101.28
CA THR FA 102 43.22 10.73 100.30
C THR FA 102 42.94 11.19 98.87
N LEU FA 103 41.77 11.77 98.63
CA LEU FA 103 41.44 12.21 97.28
C LEU FA 103 42.28 13.40 96.86
N ILE FA 104 42.80 14.17 97.82
CA ILE FA 104 43.72 15.25 97.46
C ILE FA 104 45.14 14.71 97.31
N TRP FA 105 45.52 13.70 98.08
CA TRP FA 105 46.88 13.19 98.03
C TRP FA 105 47.11 12.31 96.81
N ALA FA 106 46.11 11.51 96.43
CA ALA FA 106 46.26 10.55 95.34
C ALA FA 106 46.00 11.16 93.97
N ALA FA 107 45.38 12.33 93.92
CA ALA FA 107 45.07 12.94 92.61
C ALA FA 107 46.30 13.07 91.74
N PRO FA 108 47.41 13.68 92.17
CA PRO FA 108 48.58 13.75 91.30
C PRO FA 108 49.16 12.38 90.97
N ARG FA 109 48.93 11.39 91.82
CA ARG FA 109 49.42 10.04 91.54
C ARG FA 109 48.68 9.44 90.35
N LEU FA 110 47.36 9.43 90.41
CA LEU FA 110 46.52 8.85 89.37
C LEU FA 110 45.97 9.89 88.41
N GLN FA 111 46.65 11.03 88.29
CA GLN FA 111 46.15 12.09 87.40
C GLN FA 111 46.14 11.64 85.94
N SER FA 112 47.08 10.78 85.56
CA SER FA 112 47.14 10.33 84.16
C SER FA 112 46.03 9.34 83.86
N GLU FA 113 45.79 8.38 84.75
CA GLU FA 113 44.74 7.41 84.52
C GLU FA 113 43.36 8.08 84.55
N VAL FA 114 43.04 8.75 85.64
CA VAL FA 114 41.77 9.41 85.83
C VAL FA 114 42.01 10.91 85.81
N ALA FA 115 41.46 11.59 84.79
CA ALA FA 115 41.66 13.03 84.67
C ALA FA 115 40.75 13.79 85.62
N GLU FA 116 39.48 13.39 85.70
CA GLU FA 116 38.51 14.09 86.55
C GLU FA 116 38.95 14.14 88.00
N LEU FA 117 39.82 13.23 88.42
CA LEU FA 117 40.30 13.22 89.80
C LEU FA 117 41.02 14.52 90.13
N LYS FA 118 41.72 15.11 89.17
CA LYS FA 118 42.39 16.39 89.41
C LYS FA 118 41.36 17.50 89.67
N ILE FA 119 40.25 17.47 88.93
CA ILE FA 119 39.20 18.45 89.16
C ILE FA 119 38.58 18.26 90.54
N VAL FA 120 38.40 17.00 90.94
CA VAL FA 120 37.89 16.73 92.29
C VAL FA 120 38.84 17.30 93.33
N ALA FA 121 40.14 17.06 93.15
CA ALA FA 121 41.14 17.61 94.06
C ALA FA 121 41.07 19.13 94.10
N ASP FA 122 40.86 19.77 92.94
CA ASP FA 122 40.72 21.21 92.88
C ASP FA 122 39.54 21.67 93.74
N GLN FA 123 38.36 21.12 93.47
CA GLN FA 123 37.18 21.54 94.22
C GLN FA 123 37.34 21.28 95.71
N LEU FA 124 38.11 20.26 96.09
CA LEU FA 124 38.33 19.98 97.51
C LEU FA 124 39.44 20.83 98.12
N CYS FA 125 40.30 21.42 97.30
CA CYS FA 125 41.31 22.35 97.80
C CYS FA 125 40.84 23.80 97.74
N ALA FA 126 39.97 24.13 96.78
CA ALA FA 126 39.42 25.48 96.67
C ALA FA 126 38.30 25.74 97.66
N LYS FA 127 37.78 24.70 98.32
CA LYS FA 127 36.71 24.88 99.29
C LYS FA 127 37.22 25.12 100.70
N TYR FA 128 38.45 24.74 101.01
CA TYR FA 128 38.99 24.82 102.35
C TYR FA 128 40.17 25.78 102.38
N SER FA 129 40.33 26.44 103.52
CA SER FA 129 41.45 27.35 103.77
C SER FA 129 42.30 26.96 104.96
N LYS FA 130 41.75 26.24 105.93
CA LYS FA 130 42.50 25.79 107.09
C LYS FA 130 43.50 24.73 106.64
N GLU FA 131 44.77 25.11 106.54
CA GLU FA 131 45.83 24.22 106.08
C GLU FA 131 45.53 23.70 104.67
N TYR FA 132 44.92 24.53 103.84
CA TYR FA 132 44.53 24.18 102.48
C TYR FA 132 45.25 25.08 101.49
N GLY FA 133 44.96 24.88 100.21
CA GLY FA 133 45.75 25.47 99.16
C GLY FA 133 46.90 24.54 98.78
N LYS FA 134 47.24 24.55 97.49
CA LYS FA 134 48.22 23.60 96.97
C LYS FA 134 49.36 23.35 97.95
N LEU FA 135 50.03 24.41 98.38
CA LEU FA 135 51.13 24.26 99.34
C LEU FA 135 50.64 23.68 100.65
N CYS FA 136 49.69 24.36 101.31
CA CYS FA 136 49.16 23.86 102.57
C CYS FA 136 48.37 22.56 102.40
N ARG FA 137 47.83 22.32 101.20
CA ARG FA 137 47.14 21.06 100.93
C ARG FA 137 48.14 19.91 100.93
N THR FA 138 49.36 20.16 100.43
CA THR FA 138 50.40 19.15 100.51
C THR FA 138 51.00 19.07 101.91
N ASN FA 139 50.98 20.18 102.65
CA ASN FA 139 51.52 20.18 104.01
C ASN FA 139 50.60 19.42 104.96
N GLN FA 140 49.28 19.56 104.80
CA GLN FA 140 48.30 18.91 105.66
C GLN FA 140 47.84 17.56 105.10
N ILE FA 141 48.71 16.88 104.34
CA ILE FA 141 48.36 15.59 103.76
C ILE FA 141 48.85 14.43 104.63
N GLY FA 142 49.16 14.69 105.90
CA GLY FA 142 49.66 13.67 106.78
C GLY FA 142 48.57 12.95 107.55
N THR FA 143 47.39 12.82 106.93
CA THR FA 143 46.28 12.12 107.55
C THR FA 143 45.56 11.20 106.57
N VAL FA 144 46.23 10.77 105.51
CA VAL FA 144 45.61 9.94 104.49
C VAL FA 144 45.69 8.47 104.91
N ASN FA 145 44.88 7.65 104.27
CA ASN FA 145 44.87 6.21 104.54
C ASN FA 145 46.24 5.61 104.21
N ASP FA 146 46.88 5.03 105.22
CA ASP FA 146 48.21 4.47 105.02
C ASP FA 146 48.17 3.31 104.03
N ARG FA 147 47.10 2.51 104.06
CA ARG FA 147 46.99 1.39 103.14
C ARG FA 147 47.03 1.87 101.69
N LEU FA 148 46.23 2.88 101.37
CA LEU FA 148 46.24 3.42 100.02
C LEU FA 148 47.60 3.99 99.66
N MET FA 149 48.27 4.63 100.62
CA MET FA 149 49.63 5.10 100.40
C MET FA 149 50.54 3.96 100.00
N HIS FA 150 50.36 2.79 100.64
CA HIS FA 150 51.19 1.64 100.31
C HIS FA 150 50.85 1.08 98.94
N LYS FA 151 49.56 1.03 98.59
CA LYS FA 151 49.16 0.51 97.28
C LYS FA 151 49.73 1.37 96.17
N LEU FA 152 49.74 2.69 96.36
CA LEU FA 152 50.27 3.61 95.37
C LEU FA 152 51.71 4.00 95.65
N SER FA 153 52.40 3.27 96.53
CA SER FA 153 53.79 3.55 96.82
C SER FA 153 54.66 3.11 95.66
N VAL FA 154 55.48 4.02 95.15
CA VAL FA 154 56.34 3.76 94.01
C VAL FA 154 57.67 3.23 94.56
N GLU FA 155 57.74 1.91 94.73
CA GLU FA 155 58.92 1.29 95.32
C GLU FA 155 59.06 -0.12 94.77
N ALA FA 156 60.29 -0.60 94.72
CA ALA FA 156 60.55 -1.96 94.29
C ALA FA 156 59.90 -2.94 95.26
N PRO FA 157 58.91 -3.72 94.85
CA PRO FA 157 58.23 -4.64 95.78
C PRO FA 157 59.22 -5.60 96.40
N PRO FA 158 58.87 -6.21 97.53
CA PRO FA 158 59.78 -7.16 98.18
C PRO FA 158 60.03 -8.37 97.31
N LYS FA 159 61.28 -8.85 97.31
CA LYS FA 159 61.66 -9.95 96.44
C LYS FA 159 60.90 -11.22 96.80
N ILE FA 160 60.73 -11.48 98.11
CA ILE FA 160 60.03 -12.70 98.53
C ILE FA 160 58.61 -12.71 98.00
N LEU FA 161 57.98 -11.53 97.98
CA LEU FA 161 56.59 -11.39 97.47
C LEU FA 161 56.59 -11.77 95.98
N VAL FA 162 57.60 -11.33 95.23
CA VAL FA 162 57.71 -11.64 93.78
C VAL FA 162 57.86 -13.16 93.62
N GLU FA 163 58.67 -13.79 94.48
CA GLU FA 163 58.89 -15.26 94.42
C GLU FA 163 57.56 -15.97 94.68
N ARG FA 164 56.79 -15.48 95.66
CA ARG FA 164 55.47 -16.09 96.00
C ARG FA 164 54.54 -15.94 94.79
N TYR FA 165 54.57 -14.78 94.14
CA TYR FA 165 53.71 -14.53 92.95
C TYR FA 165 54.10 -15.50 91.83
N LEU FA 166 55.41 -15.73 91.65
CA LEU FA 166 55.87 -16.65 90.62
C LEU FA 166 55.52 -18.08 90.97
N ILE FA 167 55.70 -18.46 92.23
CA ILE FA 167 55.36 -19.81 92.67
C ILE FA 167 53.90 -20.11 92.38
N GLU FA 168 53.01 -19.17 92.75
CA GLU FA 168 51.58 -19.41 92.54
C GLU FA 168 51.25 -19.50 91.06
N ILE FA 169 51.80 -18.60 90.24
CA ILE FA 169 51.49 -18.62 88.82
C ILE FA 169 51.98 -19.91 88.19
N ALA FA 170 53.18 -20.35 88.54
CA ALA FA 170 53.71 -21.61 88.02
C ALA FA 170 52.82 -22.78 88.45
N LYS FA 171 52.52 -22.87 89.75
CA LYS FA 171 51.69 -23.95 90.24
C LYS FA 171 50.34 -23.99 89.55
N ASN FA 172 49.82 -22.82 89.15
CA ASN FA 172 48.52 -22.80 88.50
C ASN FA 172 48.62 -23.19 87.03
N TYR FA 173 49.66 -22.74 86.34
CA TYR FA 173 49.80 -22.97 84.91
C TYR FA 173 50.59 -24.24 84.58
N ASN FA 174 50.80 -25.11 85.56
CA ASN FA 174 51.43 -26.41 85.32
C ASN FA 174 52.83 -26.23 84.72
N VAL FA 175 53.60 -25.31 85.29
CA VAL FA 175 54.97 -25.06 84.84
C VAL FA 175 55.91 -25.24 86.04
N PRO FA 176 57.05 -25.90 85.88
CA PRO FA 176 58.01 -25.98 86.98
C PRO FA 176 58.72 -24.66 87.20
N TYR FA 177 59.11 -24.41 88.45
CA TYR FA 177 59.84 -23.20 88.79
C TYR FA 177 60.57 -23.43 90.11
N GLU FA 178 61.86 -23.10 90.13
CA GLU FA 178 62.70 -23.26 91.32
C GLU FA 178 62.96 -21.89 91.94
N PRO FA 179 62.27 -21.53 93.02
CA PRO FA 179 62.46 -20.19 93.58
C PRO FA 179 63.90 -19.95 94.03
N ASP FA 180 64.28 -18.69 94.04
CA ASP FA 180 65.59 -18.29 94.54
C ASP FA 180 65.63 -18.52 96.04
N SER FA 181 66.39 -19.52 96.47
CA SER FA 181 66.38 -19.87 97.89
C SER FA 181 66.88 -18.71 98.75
N VAL FA 182 67.83 -17.92 98.22
CA VAL FA 182 68.41 -16.80 98.99
C VAL FA 182 67.31 -15.91 99.54
N VAL FA 183 66.28 -15.64 98.72
CA VAL FA 183 65.18 -14.77 99.10
C VAL FA 183 64.00 -15.61 99.57
N MET FA 184 63.86 -16.80 99.00
CA MET FA 184 62.73 -17.67 99.36
C MET FA 184 62.81 -18.15 100.81
N ALA FA 185 63.99 -18.17 101.40
CA ALA FA 185 64.17 -18.64 102.77
C ALA FA 185 64.40 -17.52 103.77
N GLU FA 186 64.99 -16.40 103.35
CA GLU FA 186 65.25 -15.29 104.26
C GLU FA 186 63.98 -14.49 104.47
N ASN GA 3 -9.38 -26.49 62.92
CA ASN GA 3 -8.06 -26.72 63.50
C ASN GA 3 -8.05 -27.99 64.34
N MET GA 4 -8.99 -28.09 65.26
CA MET GA 4 -9.06 -29.25 66.14
C MET GA 4 -9.37 -30.53 65.37
N GLU GA 5 -10.09 -30.41 64.26
CA GLU GA 5 -10.39 -31.60 63.46
C GLU GA 5 -9.11 -32.24 62.93
N LYS GA 6 -8.13 -31.42 62.55
CA LYS GA 6 -6.84 -31.95 62.10
C LYS GA 6 -6.15 -32.73 63.21
N HIS GA 7 -6.15 -32.18 64.43
CA HIS GA 7 -5.53 -32.87 65.55
C HIS GA 7 -6.25 -34.17 65.85
N LEU GA 8 -7.59 -34.18 65.76
CA LEU GA 8 -8.33 -35.42 65.94
C LEU GA 8 -7.95 -36.44 64.90
N PHE GA 9 -7.83 -36.02 63.63
CA PHE GA 9 -7.43 -36.92 62.58
C PHE GA 9 -6.06 -37.52 62.87
N ASN GA 10 -5.11 -36.69 63.28
CA ASN GA 10 -3.77 -37.19 63.58
C ASN GA 10 -3.80 -38.17 64.75
N LEU GA 11 -4.62 -37.89 65.76
CA LEU GA 11 -4.71 -38.79 66.90
C LEU GA 11 -5.25 -40.15 66.48
N LYS GA 12 -6.34 -40.16 65.72
CA LYS GA 12 -6.91 -41.43 65.27
C LYS GA 12 -5.94 -42.18 64.37
N PHE GA 13 -5.21 -41.45 63.52
CA PHE GA 13 -4.21 -42.08 62.68
C PHE GA 13 -3.11 -42.74 63.52
N ALA GA 14 -2.65 -42.05 64.56
CA ALA GA 14 -1.62 -42.61 65.44
C ALA GA 14 -2.14 -43.86 66.15
N ALA GA 15 -3.40 -43.83 66.59
CA ALA GA 15 -3.98 -45.00 67.25
C ALA GA 15 -4.02 -46.19 66.29
N LYS GA 16 -4.48 -45.96 65.07
CA LYS GA 16 -4.52 -47.04 64.09
C LYS GA 16 -3.13 -47.57 63.79
N GLU GA 17 -2.15 -46.66 63.71
CA GLU GA 17 -0.77 -47.09 63.48
C GLU GA 17 -0.27 -47.98 64.61
N LEU GA 18 -0.57 -47.59 65.85
CA LEU GA 18 -0.15 -48.41 66.99
C LEU GA 18 -0.80 -49.79 66.94
N SER GA 19 -2.09 -49.85 66.58
CA SER GA 19 -2.76 -51.14 66.48
C SER GA 19 -2.11 -52.01 65.41
N ARG GA 20 -1.87 -51.43 64.23
CA ARG GA 20 -1.20 -52.17 63.16
C ARG GA 20 0.16 -52.68 63.62
N SER GA 21 0.92 -51.84 64.32
CA SER GA 21 2.24 -52.25 64.78
C SER GA 21 2.14 -53.39 65.79
N ALA GA 22 1.15 -53.35 66.67
CA ALA GA 22 0.96 -54.44 67.61
C ALA GA 22 0.66 -55.75 66.88
N LYS GA 23 -0.23 -55.69 65.88
CA LYS GA 23 -0.52 -56.88 65.09
C LYS GA 23 0.74 -57.42 64.44
N LYS GA 24 1.51 -56.54 63.80
CA LYS GA 24 2.73 -56.95 63.12
C LYS GA 24 3.71 -57.57 64.09
N CYS GA 25 3.84 -57.00 65.29
CA CYS GA 25 4.79 -57.54 66.26
C CYS GA 25 4.36 -58.90 66.76
N ASP GA 26 3.05 -59.11 66.95
CA ASP GA 26 2.56 -60.43 67.31
C ASP GA 26 2.90 -61.44 66.22
N LYS GA 27 2.69 -61.07 64.95
CA LYS GA 27 3.05 -61.95 63.85
C LYS GA 27 4.54 -62.28 63.87
N GLU GA 28 5.39 -61.27 64.09
CA GLU GA 28 6.83 -61.50 64.13
C GLU GA 28 7.21 -62.43 65.27
N GLU GA 29 6.53 -62.31 66.42
CA GLU GA 29 6.77 -63.24 67.51
C GLU GA 29 6.44 -64.66 67.09
N LYS GA 30 5.29 -64.84 66.43
CA LYS GA 30 4.90 -66.16 65.97
C LYS GA 30 5.95 -66.75 65.04
N ALA GA 31 6.58 -65.90 64.22
CA ALA GA 31 7.62 -66.39 63.31
C ALA GA 31 8.89 -66.74 64.06
N GLU GA 32 9.31 -65.87 64.98
CA GLU GA 32 10.54 -66.12 65.72
C GLU GA 32 10.41 -67.37 66.58
N LYS GA 33 9.20 -67.75 66.98
CA LYS GA 33 9.04 -69.01 67.69
C LYS GA 33 9.39 -70.20 66.80
N ALA GA 34 8.94 -70.17 65.54
CA ALA GA 34 9.36 -71.20 64.59
C ALA GA 34 10.88 -71.22 64.46
N LYS GA 35 11.50 -70.05 64.36
CA LYS GA 35 12.94 -70.01 64.16
C LYS GA 35 13.69 -70.57 65.37
N ILE GA 36 13.22 -70.24 66.58
CA ILE GA 36 13.87 -70.77 67.79
C ILE GA 36 13.69 -72.27 67.88
N GLU GA 37 12.53 -72.78 67.47
CA GLU GA 37 12.34 -74.23 67.44
C GLU GA 37 13.34 -74.88 66.50
N LYS GA 38 13.49 -74.33 65.30
CA LYS GA 38 14.46 -74.86 64.36
C LYS GA 38 15.87 -74.84 64.97
N ALA GA 39 16.25 -73.71 65.55
CA ALA GA 39 17.62 -73.58 66.06
C ALA GA 39 17.87 -74.52 67.24
N ILE GA 40 16.87 -74.75 68.09
CA ILE GA 40 17.04 -75.69 69.18
C ILE GA 40 17.08 -77.12 68.66
N GLN GA 41 16.48 -77.37 67.49
CA GLN GA 41 16.65 -78.66 66.85
C GLN GA 41 18.07 -78.84 66.33
N LYS GA 42 18.60 -77.83 65.64
CA LYS GA 42 19.97 -77.89 65.13
C LYS GA 42 21.02 -77.91 66.22
N GLY GA 43 20.65 -77.58 67.46
CA GLY GA 43 21.59 -77.56 68.56
C GLY GA 43 22.22 -76.21 68.84
N ASN GA 44 21.95 -75.20 68.02
CA ASN GA 44 22.51 -73.87 68.23
C ASN GA 44 21.92 -73.26 69.50
N MET GA 45 22.74 -73.12 70.54
CA MET GA 45 22.29 -72.49 71.77
C MET GA 45 22.27 -70.97 71.63
N GLU GA 46 23.28 -70.40 70.96
CA GLU GA 46 23.37 -68.95 70.85
C GLU GA 46 22.28 -68.39 69.94
N VAL GA 47 22.03 -69.05 68.81
CA VAL GA 47 20.97 -68.59 67.93
C VAL GA 47 19.61 -68.78 68.60
N ALA GA 48 19.46 -69.83 69.39
CA ALA GA 48 18.23 -70.00 70.15
C ALA GA 48 18.06 -68.87 71.15
N ARG GA 49 19.13 -68.47 71.81
CA ARG GA 49 19.06 -67.33 72.73
C ARG GA 49 18.65 -66.06 71.98
N ILE GA 50 19.25 -65.83 70.81
CA ILE GA 50 18.93 -64.64 70.04
C ILE GA 50 17.45 -64.63 69.67
N HIS GA 51 16.96 -65.74 69.13
CA HIS GA 51 15.58 -65.80 68.68
C HIS GA 51 14.61 -65.74 69.85
N ALA GA 52 15.00 -66.27 71.02
CA ALA GA 52 14.16 -66.16 72.20
C ALA GA 52 14.07 -64.70 72.65
N GLU GA 53 15.21 -64.00 72.67
CA GLU GA 53 15.19 -62.57 72.99
C GLU GA 53 14.28 -61.83 72.03
N ASN GA 54 14.40 -62.11 70.73
CA ASN GA 54 13.55 -61.44 69.75
C ASN GA 54 12.08 -61.73 70.00
N ALA GA 55 11.74 -62.98 70.29
CA ALA GA 55 10.34 -63.36 70.49
C ALA GA 55 9.76 -62.69 71.74
N ILE GA 56 10.49 -62.74 72.85
CA ILE GA 56 10.02 -62.11 74.08
C ILE GA 56 9.87 -60.60 73.87
N ARG GA 57 10.84 -59.98 73.20
CA ARG GA 57 10.77 -58.54 72.94
C ARG GA 57 9.55 -58.21 72.10
N GLN GA 58 9.30 -58.99 71.06
CA GLN GA 58 8.17 -58.71 70.19
C GLN GA 58 6.86 -58.90 70.95
N LYS GA 59 6.76 -59.92 71.79
CA LYS GA 59 5.56 -60.12 72.59
C LYS GA 59 5.31 -58.92 73.50
N ASN GA 60 6.34 -58.53 74.26
CA ASN GA 60 6.17 -57.43 75.20
C ASN GA 60 5.84 -56.13 74.49
N GLN GA 61 6.53 -55.83 73.38
CA GLN GA 61 6.28 -54.59 72.68
C GLN GA 61 4.94 -54.61 71.97
N ALA GA 62 4.43 -55.79 71.58
CA ALA GA 62 3.10 -55.87 71.03
C ALA GA 62 2.05 -55.57 72.10
N VAL GA 63 2.23 -56.13 73.30
CA VAL GA 63 1.32 -55.81 74.39
C VAL GA 63 1.35 -54.31 74.69
N ASN GA 64 2.56 -53.74 74.71
CA ASN GA 64 2.68 -52.30 75.00
C ASN GA 64 2.00 -51.48 73.92
N PHE GA 65 2.22 -51.82 72.64
CA PHE GA 65 1.57 -51.10 71.56
C PHE GA 65 0.05 -51.22 71.65
N LEU GA 66 -0.45 -52.38 72.07
CA LEU GA 66 -1.89 -52.55 72.18
C LEU GA 66 -2.47 -51.67 73.27
N ARG GA 67 -1.84 -51.67 74.45
CA ARG GA 67 -2.30 -50.80 75.53
C ARG GA 67 -2.21 -49.33 75.12
N MET GA 68 -1.11 -48.96 74.46
CA MET GA 68 -0.93 -47.58 74.01
C MET GA 68 -2.00 -47.18 73.02
N SER GA 69 -2.32 -48.05 72.07
CA SER GA 69 -3.37 -47.77 71.11
C SER GA 69 -4.72 -47.66 71.79
N ALA GA 70 -4.98 -48.46 72.82
CA ALA GA 70 -6.22 -48.32 73.58
C ALA GA 70 -6.31 -46.94 74.22
N ARG GA 71 -5.21 -46.50 74.84
CA ARG GA 71 -5.20 -45.18 75.47
C ARG GA 71 -5.47 -44.08 74.43
N VAL GA 72 -4.76 -44.14 73.31
CA VAL GA 72 -4.94 -43.11 72.28
C VAL GA 72 -6.35 -43.19 71.71
N ASP GA 73 -6.94 -44.38 71.63
CA ASP GA 73 -8.31 -44.51 71.15
C ASP GA 73 -9.27 -43.83 72.11
N ALA GA 74 -9.09 -44.03 73.40
CA ALA GA 74 -9.93 -43.34 74.38
C ALA GA 74 -9.81 -41.83 74.23
N VAL GA 75 -8.57 -41.34 74.14
CA VAL GA 75 -8.37 -39.89 74.02
C VAL GA 75 -9.01 -39.37 72.74
N ALA GA 76 -8.87 -40.10 71.64
CA ALA GA 76 -9.41 -39.64 70.36
C ALA GA 76 -10.94 -39.66 70.37
N ALA GA 77 -11.53 -40.67 71.01
CA ALA GA 77 -12.99 -40.68 71.15
C ALA GA 77 -13.45 -39.47 71.95
N ARG GA 78 -12.74 -39.16 73.03
CA ARG GA 78 -13.10 -38.00 73.83
C ARG GA 78 -12.98 -36.71 73.00
N VAL GA 79 -11.92 -36.59 72.21
CA VAL GA 79 -11.72 -35.38 71.42
C VAL GA 79 -12.77 -35.28 70.33
N GLN GA 80 -13.17 -36.41 69.75
CA GLN GA 80 -14.20 -36.40 68.72
C GLN GA 80 -15.54 -35.98 69.31
N THR GA 81 -15.86 -36.50 70.50
CA THR GA 81 -17.05 -36.04 71.22
C THR GA 81 -16.98 -34.53 71.43
N ALA GA 82 -15.82 -34.04 71.86
CA ALA GA 82 -15.68 -32.61 72.11
C ALA GA 82 -15.90 -31.80 70.84
N VAL GA 83 -15.37 -32.29 69.71
CA VAL GA 83 -15.51 -31.57 68.44
C VAL GA 83 -16.98 -31.51 68.03
N THR GA 84 -17.65 -32.65 68.08
CA THR GA 84 -19.06 -32.68 67.70
C THR GA 84 -19.89 -31.79 68.61
N MET GA 85 -19.63 -31.84 69.92
CA MET GA 85 -20.38 -30.99 70.85
C MET GA 85 -20.05 -29.53 70.64
N GLY GA 86 -18.82 -29.20 70.22
CA GLY GA 86 -18.50 -27.82 69.92
C GLY GA 86 -19.27 -27.32 68.71
N LYS GA 87 -19.37 -28.14 67.67
CA LYS GA 87 -20.20 -27.79 66.54
C LYS GA 87 -21.65 -27.57 66.98
N VAL GA 88 -22.17 -28.48 67.81
CA VAL GA 88 -23.54 -28.35 68.27
C VAL GA 88 -23.73 -27.08 69.07
N THR GA 89 -22.79 -26.77 69.96
CA THR GA 89 -22.89 -25.58 70.79
C THR GA 89 -22.82 -24.31 69.94
N LYS GA 90 -21.93 -24.29 68.95
CA LYS GA 90 -21.86 -23.15 68.04
C LYS GA 90 -23.18 -22.96 67.30
N SER GA 91 -23.74 -24.06 66.79
CA SER GA 91 -25.00 -23.96 66.07
C SER GA 91 -26.12 -23.46 66.97
N MET GA 92 -26.15 -23.93 68.22
CA MET GA 92 -27.21 -23.50 69.12
C MET GA 92 -27.00 -22.05 69.56
N ALA GA 93 -25.76 -21.58 69.65
CA ALA GA 93 -25.52 -20.17 69.91
C ALA GA 93 -26.00 -19.31 68.76
N GLY GA 94 -25.69 -19.72 67.52
CA GLY GA 94 -26.21 -18.99 66.37
C GLY GA 94 -27.73 -18.98 66.35
N VAL GA 95 -28.35 -20.11 66.65
CA VAL GA 95 -29.80 -20.19 66.69
C VAL GA 95 -30.35 -19.26 67.78
N VAL GA 96 -29.68 -19.21 68.93
CA VAL GA 96 -30.14 -18.34 70.00
C VAL GA 96 -30.07 -16.88 69.57
N LYS GA 97 -28.97 -16.50 68.90
CA LYS GA 97 -28.85 -15.13 68.43
C LYS GA 97 -29.95 -14.78 67.43
N SER GA 98 -30.16 -15.64 66.44
CA SER GA 98 -31.17 -15.38 65.42
C SER GA 98 -32.56 -15.31 66.04
N MET GA 99 -32.88 -16.26 66.91
CA MET GA 99 -34.19 -16.26 67.55
C MET GA 99 -34.36 -15.05 68.47
N ASP GA 100 -33.28 -14.59 69.10
CA ASP GA 100 -33.37 -13.38 69.91
C ASP GA 100 -33.73 -12.19 69.05
N ALA GA 101 -33.00 -12.00 67.96
CA ALA GA 101 -33.31 -10.90 67.04
C ALA GA 101 -34.77 -10.98 66.58
N THR GA 102 -35.20 -12.17 66.16
CA THR GA 102 -36.55 -12.32 65.62
C THR GA 102 -37.60 -12.05 66.68
N LEU GA 103 -37.53 -12.76 67.81
CA LEU GA 103 -38.51 -12.57 68.88
C LEU GA 103 -38.48 -11.15 69.43
N LYS GA 104 -37.37 -10.42 69.24
CA LYS GA 104 -37.39 -9.01 69.55
C LYS GA 104 -38.19 -8.24 68.52
N THR GA 105 -37.99 -8.54 67.24
CA THR GA 105 -38.76 -7.90 66.18
C THR GA 105 -40.20 -8.39 66.19
N MET GA 106 -40.40 -9.70 66.12
CA MET GA 106 -41.72 -10.32 66.07
C MET GA 106 -41.98 -10.94 67.44
N ASN GA 107 -42.50 -10.15 68.36
CA ASN GA 107 -42.78 -10.61 69.71
C ASN GA 107 -44.23 -11.08 69.81
N LEU GA 108 -44.62 -11.52 71.01
CA LEU GA 108 -45.94 -12.10 71.19
C LEU GA 108 -47.04 -11.06 71.04
N GLU GA 109 -46.80 -9.84 71.52
CA GLU GA 109 -47.77 -8.76 71.33
C GLU GA 109 -48.03 -8.51 69.85
N LYS GA 110 -46.96 -8.28 69.09
CA LYS GA 110 -47.09 -7.99 67.67
C LYS GA 110 -47.71 -9.18 66.94
N ILE GA 111 -47.32 -10.40 67.30
CA ILE GA 111 -47.85 -11.58 66.63
C ILE GA 111 -49.35 -11.71 66.89
N SER GA 112 -49.76 -11.54 68.14
CA SER GA 112 -51.18 -11.62 68.48
C SER GA 112 -51.98 -10.55 67.74
N ALA GA 113 -51.47 -9.32 67.72
CA ALA GA 113 -52.17 -8.26 67.01
C ALA GA 113 -52.25 -8.54 65.52
N LEU GA 114 -51.16 -9.02 64.94
CA LEU GA 114 -51.13 -9.35 63.52
C LEU GA 114 -52.14 -10.44 63.20
N MET GA 115 -52.30 -11.41 64.11
CA MET GA 115 -53.23 -12.50 63.85
C MET GA 115 -54.67 -12.07 64.02
N ASP GA 116 -54.95 -11.23 65.02
CA ASP GA 116 -56.28 -10.64 65.11
C ASP GA 116 -56.60 -9.85 63.86
N LYS GA 117 -55.61 -9.12 63.32
CA LYS GA 117 -55.82 -8.38 62.09
C LYS GA 117 -56.08 -9.30 60.91
N PHE GA 118 -55.31 -10.38 60.81
CA PHE GA 118 -55.54 -11.36 59.75
C PHE GA 118 -56.97 -11.90 59.81
N GLU GA 119 -57.39 -12.32 61.00
CA GLU GA 119 -58.74 -12.86 61.17
C GLU GA 119 -59.80 -11.84 60.78
N HIS GA 120 -59.65 -10.60 61.24
CA HIS GA 120 -60.66 -9.59 60.94
C HIS GA 120 -60.67 -9.24 59.46
N GLN GA 121 -59.50 -9.15 58.84
CA GLN GA 121 -59.43 -8.84 57.43
C GLN GA 121 -60.10 -9.92 56.59
N PHE GA 122 -59.87 -11.19 56.95
CA PHE GA 122 -60.48 -12.26 56.17
C PHE GA 122 -61.95 -12.46 56.50
N GLU GA 123 -62.39 -12.04 57.68
CA GLU GA 123 -63.83 -11.97 57.93
C GLU GA 123 -64.48 -10.90 57.06
N THR GA 124 -63.87 -9.72 57.00
CA THR GA 124 -64.33 -8.69 56.08
C THR GA 124 -64.36 -9.21 54.65
N LEU GA 125 -63.35 -10.02 54.29
CA LEU GA 125 -63.33 -10.60 52.95
C LEU GA 125 -64.44 -11.63 52.77
N ASP GA 126 -64.81 -12.30 53.86
CA ASP GA 126 -65.94 -13.26 53.85
C ASP GA 126 -67.23 -12.49 53.53
N VAL GA 127 -67.39 -11.30 54.14
CA VAL GA 127 -68.56 -10.46 53.92
C VAL GA 127 -68.57 -9.94 52.49
N GLN GA 128 -67.42 -9.46 52.02
CA GLN GA 128 -67.30 -8.99 50.64
C GLN GA 128 -67.65 -10.09 49.66
N THR GA 129 -67.16 -11.31 49.91
CA THR GA 129 -67.44 -12.42 49.01
C THR GA 129 -68.93 -12.73 48.98
N GLN GA 130 -69.57 -12.76 50.14
CA GLN GA 130 -71.01 -13.04 50.19
C GLN GA 130 -71.78 -12.00 49.40
N GLN GA 131 -71.50 -10.72 49.65
CA GLN GA 131 -72.23 -9.65 48.95
C GLN GA 131 -71.95 -9.68 47.45
N MET GA 132 -70.69 -9.82 47.09
CA MET GA 132 -70.30 -9.91 45.69
C MET GA 132 -71.00 -11.07 45.01
N GLU GA 133 -71.18 -12.18 45.72
CA GLU GA 133 -71.83 -13.34 45.11
C GLU GA 133 -73.33 -13.11 44.96
N ASP GA 134 -73.95 -12.51 45.97
CA ASP GA 134 -75.35 -12.12 45.86
C ASP GA 134 -75.55 -11.27 44.61
N THR GA 135 -74.68 -10.28 44.40
CA THR GA 135 -74.84 -9.40 43.24
C THR GA 135 -74.56 -10.14 41.94
N MET GA 136 -73.49 -10.92 41.89
CA MET GA 136 -73.18 -11.70 40.69
C MET GA 136 -74.38 -12.57 40.30
N SER GA 137 -75.05 -13.17 41.27
CA SER GA 137 -76.20 -13.99 40.98
C SER GA 137 -77.39 -13.15 40.52
N SER GA 138 -77.61 -12.00 41.18
CA SER GA 138 -78.71 -11.14 40.77
C SER GA 138 -78.53 -10.60 39.37
N THR GA 139 -77.28 -10.48 38.91
CA THR GA 139 -77.04 -9.96 37.57
C THR GA 139 -77.58 -10.91 36.51
N THR GA 140 -77.35 -12.21 36.67
CA THR GA 140 -77.72 -13.22 35.70
C THR GA 140 -78.80 -14.11 36.32
N THR GA 141 -80.06 -13.68 36.19
CA THR GA 141 -81.20 -14.44 36.67
C THR GA 141 -82.15 -14.86 35.56
N LEU GA 142 -82.11 -14.20 34.40
CA LEU GA 142 -82.95 -14.57 33.28
C LEU GA 142 -82.34 -15.66 32.41
N THR GA 143 -81.03 -15.88 32.51
CA THR GA 143 -80.39 -17.01 31.85
C THR GA 143 -80.47 -18.28 32.67
N THR GA 144 -80.63 -18.17 33.99
CA THR GA 144 -80.72 -19.29 34.90
C THR GA 144 -81.99 -19.18 35.73
N PRO GA 145 -83.13 -19.55 35.16
CA PRO GA 145 -84.37 -19.52 35.95
C PRO GA 145 -84.39 -20.65 36.98
N GLN GA 146 -84.82 -20.31 38.19
CA GLN GA 146 -84.89 -21.31 39.26
C GLN GA 146 -85.81 -22.46 38.87
N ASN GA 147 -86.93 -22.15 38.21
CA ASN GA 147 -87.88 -23.19 37.84
C ASN GA 147 -87.25 -24.21 36.90
N GLN GA 148 -86.48 -23.74 35.91
CA GLN GA 148 -85.86 -24.64 34.96
C GLN GA 148 -84.84 -25.54 35.65
N VAL GA 149 -84.05 -24.98 36.57
CA VAL GA 149 -83.07 -25.78 37.30
C VAL GA 149 -83.76 -26.83 38.15
N ASP GA 150 -84.81 -26.44 38.85
CA ASP GA 150 -85.57 -27.40 39.65
C ASP GA 150 -86.11 -28.52 38.78
N MET GA 151 -86.68 -28.17 37.62
CA MET GA 151 -87.23 -29.19 36.74
C MET GA 151 -86.14 -30.13 36.22
N LEU GA 152 -84.99 -29.57 35.84
CA LEU GA 152 -83.90 -30.42 35.36
C LEU GA 152 -83.46 -31.37 36.45
N LEU GA 153 -83.32 -30.89 37.67
CA LEU GA 153 -82.90 -31.77 38.77
C LEU GA 153 -83.94 -32.85 39.02
N GLN GA 154 -85.23 -32.51 38.98
CA GLN GA 154 -86.26 -33.50 39.19
C GLN GA 154 -86.23 -34.57 38.10
N GLU GA 155 -86.06 -34.15 36.85
CA GLU GA 155 -86.03 -35.11 35.75
C GLU GA 155 -84.81 -36.02 35.86
N MET GA 156 -83.64 -35.44 36.17
CA MET GA 156 -82.44 -36.25 36.28
C MET GA 156 -82.54 -37.24 37.44
N ALA GA 157 -83.13 -36.80 38.57
CA ALA GA 157 -83.35 -37.71 39.69
C ALA GA 157 -84.28 -38.85 39.29
N ASP GA 158 -85.47 -38.50 38.77
CA ASP GA 158 -86.44 -39.52 38.40
C ASP GA 158 -85.85 -40.50 37.40
N GLU GA 159 -85.03 -40.01 36.46
CA GLU GA 159 -84.37 -40.91 35.53
C GLU GA 159 -83.39 -41.82 36.25
N ALA GA 160 -82.58 -41.26 37.15
CA ALA GA 160 -81.68 -42.07 37.95
C ALA GA 160 -82.40 -42.90 38.99
N GLY GA 161 -83.71 -42.69 39.18
CA GLY GA 161 -84.48 -43.41 40.16
C GLY GA 161 -84.23 -43.02 41.59
N LEU GA 162 -83.20 -42.22 41.87
CA LEU GA 162 -82.84 -41.85 43.23
C LEU GA 162 -83.73 -40.71 43.70
N ASP GA 163 -83.41 -40.15 44.87
CA ASP GA 163 -84.10 -38.99 45.40
C ASP GA 163 -83.07 -38.01 45.93
N LEU GA 164 -83.51 -36.76 46.11
CA LEU GA 164 -82.64 -35.67 46.50
C LEU GA 164 -83.03 -35.19 47.90
N ASN GA 165 -82.06 -35.18 48.81
CA ASN GA 165 -82.27 -34.72 50.17
C ASN GA 165 -81.23 -33.68 50.55
N GLU GA 187 -98.27 -20.42 40.24
CA GLU GA 187 -98.62 -21.32 41.33
C GLU GA 187 -98.91 -20.54 42.61
N LEU GA 188 -97.91 -20.45 43.49
CA LEU GA 188 -98.07 -19.67 44.71
C LEU GA 188 -98.26 -18.19 44.40
N SER GA 189 -97.62 -17.71 43.33
CA SER GA 189 -97.71 -16.29 42.99
C SER GA 189 -99.16 -15.86 42.78
N GLN GA 190 -99.98 -16.75 42.20
CA GLN GA 190 -101.38 -16.39 41.98
C GLN GA 190 -102.14 -16.26 43.29
N ARG GA 191 -101.91 -17.17 44.24
CA ARG GA 191 -102.54 -17.05 45.54
C ARG GA 191 -102.08 -15.78 46.25
N LEU GA 192 -100.79 -15.45 46.13
CA LEU GA 192 -100.29 -14.24 46.75
C LEU GA 192 -100.89 -12.99 46.11
N ALA GA 193 -101.11 -13.02 44.80
CA ALA GA 193 -101.75 -11.88 44.13
C ALA GA 193 -103.20 -11.74 44.55
N ARG GA 194 -103.93 -12.86 44.63
CA ARG GA 194 -105.30 -12.81 45.12
C ARG GA 194 -105.36 -12.27 46.54
N LEU GA 195 -104.38 -12.65 47.37
CA LEU GA 195 -104.31 -12.12 48.72
C LEU GA 195 -103.99 -10.63 48.71
N ARG GA 196 -103.14 -10.19 47.77
CA ARG GA 196 -102.81 -8.78 47.66
C ARG GA 196 -104.02 -7.96 47.26
N ASP GA 197 -104.87 -8.49 46.39
CA ASP GA 197 -106.09 -7.79 46.04
C ASP GA 197 -106.97 -7.56 47.26
N GLN GA 198 -106.95 -8.48 48.21
CA GLN GA 198 -107.71 -8.34 49.45
C GLN GA 198 -109.19 -8.16 49.17
N PHE HA 6 -89.25 21.54 24.87
CA PHE HA 6 -89.86 20.21 24.74
C PHE HA 6 -89.59 19.63 23.36
N LYS HA 7 -89.12 18.38 23.35
CA LYS HA 7 -88.82 17.62 22.10
C LYS HA 7 -89.74 16.40 22.05
N ALA HA 8 -90.39 16.16 20.91
CA ALA HA 8 -91.34 15.07 20.80
C ALA HA 8 -90.63 13.73 20.63
N GLU HA 9 -89.73 13.63 19.65
CA GLU HA 9 -89.04 12.36 19.40
C GLU HA 9 -88.25 11.91 20.62
N ARG HA 10 -87.68 12.86 21.36
CA ARG HA 10 -87.02 12.51 22.62
C ARG HA 10 -87.99 11.82 23.57
N LEU HA 11 -89.20 12.37 23.71
CA LEU HA 11 -90.20 11.76 24.57
C LEU HA 11 -90.58 10.37 24.08
N ARG HA 12 -90.74 10.22 22.76
CA ARG HA 12 -91.07 8.92 22.19
C ARG HA 12 -90.01 7.88 22.53
N VAL HA 13 -88.74 8.22 22.28
CA VAL HA 13 -87.65 7.30 22.52
C VAL HA 13 -87.56 6.95 24.00
N ASN HA 14 -87.70 7.97 24.86
CA ASN HA 14 -87.64 7.70 26.30
C ASN HA 14 -88.80 6.83 26.76
N LEU HA 15 -89.98 6.99 26.16
CA LEU HA 15 -91.10 6.13 26.52
C LEU HA 15 -90.83 4.69 26.14
N ARG HA 16 -90.32 4.46 24.92
CA ARG HA 16 -89.98 3.10 24.52
C ARG HA 16 -88.92 2.49 25.44
N LEU HA 17 -87.91 3.29 25.80
CA LEU HA 17 -86.88 2.80 26.71
C LEU HA 17 -87.45 2.47 28.07
N VAL HA 18 -88.35 3.31 28.58
CA VAL HA 18 -88.98 3.05 29.87
C VAL HA 18 -89.76 1.75 29.82
N ILE HA 19 -90.48 1.52 28.72
CA ILE HA 19 -91.25 0.28 28.57
C ILE HA 19 -90.32 -0.92 28.66
N ASN HA 20 -89.24 -0.91 27.86
CA ASN HA 20 -88.32 -2.04 27.87
C ASN HA 20 -87.71 -2.25 29.25
N ARG HA 21 -87.29 -1.16 29.90
CA ARG HA 21 -86.68 -1.25 31.21
C ARG HA 21 -87.66 -1.82 32.22
N LEU HA 22 -88.92 -1.41 32.17
CA LEU HA 22 -89.91 -1.93 33.09
C LEU HA 22 -90.14 -3.42 32.87
N LYS HA 23 -90.15 -3.85 31.61
CA LYS HA 23 -90.28 -5.28 31.32
C LYS HA 23 -89.14 -6.06 31.97
N LEU HA 24 -87.90 -5.65 31.70
CA LEU HA 24 -86.75 -6.34 32.29
C LEU HA 24 -86.83 -6.36 33.81
N LEU HA 25 -87.18 -5.21 34.40
CA LEU HA 25 -87.18 -5.10 35.85
C LEU HA 25 -88.25 -6.01 36.46
N GLU HA 26 -89.45 -6.02 35.91
CA GLU HA 26 -90.50 -6.86 36.48
C GLU HA 26 -90.15 -8.34 36.34
N LYS HA 27 -89.57 -8.73 35.20
CA LYS HA 27 -89.10 -10.11 35.05
C LYS HA 27 -88.14 -10.48 36.18
N LYS HA 28 -87.03 -9.75 36.27
CA LYS HA 28 -86.01 -10.14 37.24
C LYS HA 28 -86.50 -9.99 38.67
N LYS HA 29 -87.45 -9.08 38.91
CA LYS HA 29 -87.99 -8.93 40.26
C LYS HA 29 -88.89 -10.11 40.61
N THR HA 30 -89.65 -10.63 39.64
CA THR HA 30 -90.40 -11.85 39.88
C THR HA 30 -89.47 -12.99 40.25
N GLU HA 31 -88.37 -13.14 39.51
CA GLU HA 31 -87.41 -14.20 39.81
C GLU HA 31 -86.83 -14.04 41.23
N LEU HA 32 -86.33 -12.85 41.53
CA LEU HA 32 -85.78 -12.59 42.86
C LEU HA 32 -86.83 -12.81 43.94
N ALA HA 33 -88.10 -12.52 43.63
CA ALA HA 33 -89.15 -12.74 44.61
C ALA HA 33 -89.35 -14.22 44.89
N GLN HA 34 -89.30 -15.05 43.85
CA GLN HA 34 -89.32 -16.49 44.06
C GLN HA 34 -88.21 -16.92 45.00
N LYS HA 35 -86.98 -16.47 44.71
CA LYS HA 35 -85.84 -16.90 45.52
C LYS HA 35 -85.97 -16.43 46.96
N ALA HA 36 -86.39 -15.19 47.16
CA ALA HA 36 -86.50 -14.66 48.51
C ALA HA 36 -87.67 -15.27 49.26
N ARG HA 37 -88.71 -15.71 48.54
CA ARG HA 37 -89.77 -16.47 49.18
C ARG HA 37 -89.25 -17.81 49.69
N LYS HA 38 -88.42 -18.47 48.89
CA LYS HA 38 -87.75 -19.67 49.38
C LYS HA 38 -86.93 -19.35 50.64
N GLU HA 39 -86.24 -18.21 50.64
CA GLU HA 39 -85.47 -17.83 51.81
C GLU HA 39 -86.37 -17.64 53.03
N ILE HA 40 -87.54 -17.03 52.84
CA ILE HA 40 -88.46 -16.84 53.96
C ILE HA 40 -88.98 -18.18 54.46
N ALA HA 41 -89.22 -19.12 53.55
CA ALA HA 41 -89.62 -20.46 53.97
C ALA HA 41 -88.53 -21.09 54.84
N ASP HA 42 -87.27 -20.96 54.42
CA ASP HA 42 -86.17 -21.46 55.24
C ASP HA 42 -86.15 -20.78 56.60
N TYR HA 43 -86.37 -19.47 56.64
CA TYR HA 43 -86.41 -18.76 57.90
C TYR HA 43 -87.50 -19.30 58.81
N LEU HA 44 -88.67 -19.59 58.24
CA LEU HA 44 -89.76 -20.11 59.04
C LEU HA 44 -89.50 -21.54 59.51
N ALA HA 45 -88.70 -22.30 58.75
CA ALA HA 45 -88.33 -23.63 59.19
C ALA HA 45 -87.75 -23.59 60.60
N ALA HA 46 -86.90 -22.59 60.87
CA ALA HA 46 -86.38 -22.38 62.21
C ALA HA 46 -87.42 -21.67 63.06
N GLY HA 47 -87.07 -21.41 64.33
CA GLY HA 47 -87.96 -20.70 65.22
C GLY HA 47 -88.04 -19.22 65.00
N LYS HA 48 -87.19 -18.67 64.12
CA LYS HA 48 -87.20 -17.24 63.83
C LYS HA 48 -88.48 -16.87 63.12
N ASP HA 49 -89.33 -16.09 63.79
CA ASP HA 49 -90.62 -15.67 63.25
C ASP HA 49 -90.70 -14.16 63.04
N GLU HA 50 -90.30 -13.36 64.04
CA GLU HA 50 -90.40 -11.92 63.92
C GLU HA 50 -89.50 -11.37 62.82
N ARG HA 51 -88.52 -12.15 62.37
CA ARG HA 51 -87.63 -11.77 61.27
C ARG HA 51 -88.23 -12.10 59.91
N ALA HA 52 -88.92 -13.24 59.82
CA ALA HA 52 -89.60 -13.59 58.58
C ALA HA 52 -90.65 -12.55 58.22
N ARG HA 53 -91.21 -11.87 59.22
CA ARG HA 53 -92.17 -10.80 58.95
C ARG HA 53 -91.49 -9.64 58.22
N ILE HA 54 -90.26 -9.30 58.64
CA ILE HA 54 -89.53 -8.25 57.94
C ILE HA 54 -89.19 -8.68 56.52
N ARG HA 55 -88.75 -9.93 56.36
CA ARG HA 55 -88.43 -10.42 55.03
C ARG HA 55 -89.66 -10.39 54.12
N VAL HA 56 -90.82 -10.79 54.63
CA VAL HA 56 -92.02 -10.79 53.80
C VAL HA 56 -92.51 -9.37 53.57
N GLU HA 57 -92.20 -8.43 54.47
CA GLU HA 57 -92.44 -7.03 54.17
C GLU HA 57 -91.65 -6.61 52.95
N HIS HA 58 -90.36 -6.96 52.92
CA HIS HA 58 -89.56 -6.77 51.71
C HIS HA 58 -90.27 -7.33 50.50
N ILE HA 59 -90.75 -8.57 50.61
CA ILE HA 59 -91.34 -9.26 49.46
C ILE HA 59 -92.57 -8.52 48.96
N ILE HA 60 -93.47 -8.17 49.86
CA ILE HA 60 -94.73 -7.57 49.43
C ILE HA 60 -94.50 -6.14 48.94
N ARG HA 61 -93.50 -5.45 49.47
CA ARG HA 61 -93.08 -4.18 48.89
C ARG HA 61 -92.66 -4.38 47.45
N GLU HA 62 -91.81 -5.39 47.19
CA GLU HA 62 -91.37 -5.65 45.83
C GLU HA 62 -92.53 -6.02 44.93
N ASP HA 63 -93.53 -6.73 45.46
CA ASP HA 63 -94.66 -7.13 44.64
C ASP HA 63 -95.54 -5.93 44.29
N TYR HA 64 -95.84 -5.08 45.29
CA TYR HA 64 -96.47 -3.80 44.99
C TYR HA 64 -95.71 -3.06 43.91
N LEU HA 65 -94.38 -3.06 44.00
CA LEU HA 65 -93.56 -2.34 43.02
C LEU HA 65 -93.72 -2.93 41.62
N VAL HA 66 -93.76 -4.27 41.53
CA VAL HA 66 -93.91 -4.90 40.22
C VAL HA 66 -95.27 -4.57 39.63
N GLU HA 67 -96.33 -4.59 40.45
CA GLU HA 67 -97.64 -4.22 39.95
C GLU HA 67 -97.67 -2.77 39.48
N ALA HA 68 -97.05 -1.88 40.25
CA ALA HA 68 -96.99 -0.47 39.86
C ALA HA 68 -96.22 -0.31 38.55
N MET HA 69 -95.15 -1.08 38.36
CA MET HA 69 -94.41 -1.01 37.12
C MET HA 69 -95.24 -1.53 35.95
N GLU HA 70 -96.05 -2.56 36.18
CA GLU HA 70 -96.97 -3.00 35.13
C GLU HA 70 -97.93 -1.89 34.74
N ILE HA 71 -98.52 -1.22 35.73
CA ILE HA 71 -99.45 -0.12 35.45
C ILE HA 71 -98.73 0.99 34.69
N LEU HA 72 -97.50 1.31 35.08
CA LEU HA 72 -96.77 2.39 34.44
C LEU HA 72 -96.40 2.02 33.00
N GLU HA 73 -96.02 0.77 32.77
CA GLU HA 73 -95.79 0.30 31.41
C GLU HA 73 -97.05 0.44 30.57
N LEU HA 74 -98.19 0.07 31.14
CA LEU HA 74 -99.46 0.25 30.45
C LEU HA 74 -99.67 1.70 30.06
N TYR HA 75 -99.45 2.63 31.00
CA TYR HA 75 -99.70 4.04 30.71
C TYR HA 75 -98.72 4.59 29.70
N CYS HA 76 -97.44 4.20 29.78
CA CYS HA 76 -96.48 4.64 28.79
C CYS HA 76 -96.86 4.16 27.41
N ASP HA 77 -97.27 2.90 27.29
CA ASP HA 77 -97.71 2.39 26.00
C ASP HA 77 -98.95 3.12 25.52
N LEU HA 78 -99.84 3.51 26.44
CA LEU HA 78 -101.02 4.27 26.05
C LEU HA 78 -100.63 5.61 25.44
N LEU HA 79 -99.73 6.33 26.11
CA LEU HA 79 -99.23 7.58 25.56
C LEU HA 79 -98.57 7.36 24.20
N LEU HA 80 -97.80 6.27 24.08
CA LEU HA 80 -97.10 5.99 22.83
C LEU HA 80 -98.04 5.61 21.71
N ALA HA 81 -99.22 5.08 22.04
CA ALA HA 81 -100.22 4.77 21.02
C ALA HA 81 -101.00 6.01 20.58
N ARG HA 82 -101.08 7.03 21.43
CA ARG HA 82 -101.80 8.26 21.15
C ARG HA 82 -100.81 9.44 21.14
N PHE HA 83 -99.65 9.22 20.51
CA PHE HA 83 -98.60 10.23 20.49
C PHE HA 83 -98.97 11.40 19.58
N GLY HA 84 -99.55 11.10 18.42
CA GLY HA 84 -100.01 12.16 17.55
C GLY HA 84 -101.00 13.08 18.23
N LEU HA 85 -101.89 12.51 19.05
CA LEU HA 85 -102.83 13.33 19.80
C LEU HA 85 -102.11 14.21 20.82
N ILE HA 86 -100.90 13.83 21.21
CA ILE HA 86 -100.06 14.71 22.03
C ILE HA 86 -99.50 15.84 21.19
N GLN HA 87 -98.97 15.51 20.01
CA GLN HA 87 -98.31 16.52 19.19
C GLN HA 87 -99.32 17.54 18.65
N SER HA 88 -100.52 17.09 18.31
CA SER HA 88 -101.49 17.98 17.67
C SER HA 88 -102.01 19.03 18.64
N MET HA 89 -102.67 18.59 19.70
CA MET HA 89 -103.22 19.52 20.68
C MET HA 89 -102.11 20.20 21.46
N LYS HA 90 -102.49 21.25 22.18
CA LYS HA 90 -101.59 21.94 23.10
C LYS HA 90 -101.90 21.65 24.55
N GLU HA 91 -103.17 21.38 24.87
CA GLU HA 91 -103.58 20.94 26.19
C GLU HA 91 -104.03 19.49 26.12
N LEU HA 92 -103.65 18.70 27.11
CA LEU HA 92 -103.97 17.28 27.08
C LEU HA 92 -105.47 17.08 27.22
N ASP HA 93 -105.98 16.07 26.52
CA ASP HA 93 -107.39 15.72 26.60
C ASP HA 93 -107.64 14.82 27.81
N SER HA 94 -108.89 14.39 27.96
CA SER HA 94 -109.24 13.55 29.10
C SER HA 94 -108.62 12.16 28.98
N GLY HA 95 -108.57 11.61 27.76
CA GLY HA 95 -108.02 10.29 27.55
C GLY HA 95 -106.57 10.15 27.97
N LEU HA 96 -105.84 11.25 28.08
CA LEU HA 96 -104.43 11.24 28.44
C LEU HA 96 -104.16 11.90 29.78
N ALA HA 97 -105.19 12.36 30.48
CA ALA HA 97 -104.98 13.02 31.77
C ALA HA 97 -104.36 12.05 32.78
N GLU HA 98 -104.92 10.85 32.89
CA GLU HA 98 -104.44 9.90 33.89
C GLU HA 98 -103.00 9.50 33.61
N SER HA 99 -102.68 9.16 32.35
CA SER HA 99 -101.33 8.74 32.02
C SER HA 99 -100.32 9.81 32.37
N VAL HA 100 -100.55 11.05 31.91
CA VAL HA 100 -99.62 12.14 32.16
C VAL HA 100 -99.49 12.39 33.66
N SER HA 101 -100.62 12.45 34.36
CA SER HA 101 -100.59 12.74 35.78
C SER HA 101 -99.77 11.70 36.53
N THR HA 102 -100.03 10.42 36.28
CA THR HA 102 -99.33 9.36 36.99
C THR HA 102 -97.85 9.32 36.60
N LEU HA 103 -97.54 9.53 35.32
CA LEU HA 103 -96.15 9.48 34.91
C LEU HA 103 -95.36 10.68 35.43
N ILE HA 104 -96.03 11.77 35.76
CA ILE HA 104 -95.34 12.89 36.39
C ILE HA 104 -95.22 12.68 37.89
N TRP HA 105 -96.22 12.03 38.50
CA TRP HA 105 -96.21 11.86 39.95
C TRP HA 105 -95.28 10.74 40.39
N ALA HA 106 -95.19 9.67 39.61
CA ALA HA 106 -94.40 8.51 39.98
C ALA HA 106 -92.94 8.62 39.58
N ALA HA 107 -92.60 9.56 38.70
CA ALA HA 107 -91.22 9.70 38.25
C ALA HA 107 -90.26 9.84 39.40
N PRO HA 108 -90.43 10.79 40.33
CA PRO HA 108 -89.49 10.88 41.46
C PRO HA 108 -89.51 9.65 42.34
N ARG HA 109 -90.63 8.91 42.37
CA ARG HA 109 -90.67 7.69 43.17
C ARG HA 109 -89.75 6.61 42.60
N LEU HA 110 -89.90 6.32 41.30
CA LEU HA 110 -89.11 5.29 40.63
C LEU HA 110 -87.96 5.88 39.85
N GLN HA 111 -87.47 7.05 40.24
CA GLN HA 111 -86.37 7.68 39.50
C GLN HA 111 -85.10 6.85 39.60
N SER HA 112 -84.89 6.15 40.71
CA SER HA 112 -83.68 5.36 40.88
C SER HA 112 -83.73 4.09 40.03
N GLU HA 113 -84.86 3.39 40.03
CA GLU HA 113 -84.99 2.18 39.25
C GLU HA 113 -84.92 2.49 37.75
N VAL HA 114 -85.81 3.36 37.28
CA VAL HA 114 -85.89 3.73 35.88
C VAL HA 114 -85.44 5.18 35.75
N ALA HA 115 -84.33 5.40 35.08
CA ALA HA 115 -83.80 6.75 34.91
C ALA HA 115 -84.57 7.52 33.84
N GLU HA 116 -84.84 6.88 32.70
CA GLU HA 116 -85.53 7.54 31.60
C GLU HA 116 -86.88 8.10 32.02
N LEU HA 117 -87.47 7.56 33.09
CA LEU HA 117 -88.76 8.06 33.54
C LEU HA 117 -88.68 9.53 33.94
N LYS HA 118 -87.55 9.97 34.47
CA LYS HA 118 -87.39 11.38 34.81
C LYS HA 118 -87.39 12.25 33.56
N ILE HA 119 -86.78 11.76 32.47
CA ILE HA 119 -86.80 12.50 31.22
C ILE HA 119 -88.22 12.57 30.66
N VAL HA 120 -88.96 11.47 30.80
CA VAL HA 120 -90.36 11.47 30.36
C VAL HA 120 -91.14 12.51 31.15
N ALA HA 121 -90.94 12.54 32.47
CA ALA HA 121 -91.60 13.54 33.31
C ALA HA 121 -91.22 14.95 32.88
N ASP HA 122 -89.95 15.17 32.52
CA ASP HA 122 -89.51 16.47 32.03
C ASP HA 122 -90.29 16.86 30.78
N GLN HA 123 -90.27 16.01 29.77
CA GLN HA 123 -90.95 16.33 28.52
C GLN HA 123 -92.44 16.55 28.75
N LEU HA 124 -93.03 15.88 29.73
CA LEU HA 124 -94.45 16.07 30.01
C LEU HA 124 -94.73 17.29 30.89
N CYS HA 125 -93.72 17.81 31.58
CA CYS HA 125 -93.87 19.05 32.34
C CYS HA 125 -93.46 20.27 31.53
N ALA HA 126 -92.51 20.11 30.61
CA ALA HA 126 -92.08 21.21 29.77
C ALA HA 126 -93.03 21.47 28.60
N LYS HA 127 -93.99 20.58 28.35
CA LYS HA 127 -94.94 20.76 27.26
C LYS HA 127 -96.19 21.50 27.70
N TYR HA 128 -96.50 21.52 28.99
CA TYR HA 128 -97.73 22.10 29.50
C TYR HA 128 -97.42 23.27 30.42
N SER HA 129 -98.32 24.25 30.42
CA SER HA 129 -98.23 25.41 31.29
C SER HA 129 -99.42 25.59 32.21
N LYS HA 130 -100.59 25.05 31.84
CA LYS HA 130 -101.77 25.15 32.68
C LYS HA 130 -101.57 24.26 33.90
N GLU HA 131 -101.28 24.88 35.04
CA GLU HA 131 -101.00 24.16 36.29
C GLU HA 131 -99.81 23.21 36.12
N TYR HA 132 -98.84 23.61 35.32
CA TYR HA 132 -97.66 22.80 35.03
C TYR HA 132 -96.40 23.53 35.52
N GLY HA 133 -95.26 22.93 35.27
CA GLY HA 133 -94.03 23.36 35.91
C GLY HA 133 -93.84 22.66 37.23
N LYS HA 134 -92.57 22.38 37.58
CA LYS HA 134 -92.27 21.57 38.75
C LYS HA 134 -93.20 21.87 39.91
N LEU HA 135 -93.29 23.15 40.31
CA LEU HA 135 -94.16 23.52 41.41
C LEU HA 135 -95.61 23.24 41.08
N CYS HA 136 -96.13 23.84 40.00
CA CYS HA 136 -97.51 23.61 39.61
C CYS HA 136 -97.74 22.17 39.15
N ARG HA 137 -96.71 21.48 38.68
CA ARG HA 137 -96.84 20.08 38.32
C ARG HA 137 -97.08 19.22 39.56
N THR HA 138 -96.45 19.60 40.68
CA THR HA 138 -96.74 18.92 41.94
C THR HA 138 -98.06 19.38 42.54
N ASN HA 139 -98.47 20.62 42.24
CA ASN HA 139 -99.74 21.12 42.77
C ASN HA 139 -100.92 20.47 42.07
N GLN HA 140 -100.81 20.25 40.76
CA GLN HA 140 -101.88 19.66 39.96
C GLN HA 140 -101.75 18.15 39.85
N ILE HA 141 -101.14 17.49 40.84
CA ILE HA 141 -100.96 16.05 40.82
C ILE HA 141 -102.08 15.33 41.57
N GLY HA 142 -103.20 16.01 41.81
CA GLY HA 142 -104.30 15.41 42.55
C GLY HA 142 -105.30 14.70 41.65
N THR HA 143 -104.83 14.13 40.54
CA THR HA 143 -105.69 13.40 39.64
C THR HA 143 -105.05 12.11 39.16
N VAL HA 144 -104.10 11.56 39.91
CA VAL HA 144 -103.39 10.36 39.51
C VAL HA 144 -104.19 9.13 39.93
N ASN HA 145 -103.86 7.99 39.34
CA ASN HA 145 -104.50 6.73 39.68
C ASN HA 145 -104.26 6.40 41.15
N ASP HA 146 -105.35 6.30 41.92
CA ASP HA 146 -105.22 6.01 43.34
C ASP HA 146 -104.59 4.65 43.58
N ARG HA 147 -104.91 3.66 42.73
CA ARG HA 147 -104.33 2.33 42.91
C ARG HA 147 -102.81 2.38 42.82
N LEU HA 148 -102.28 3.05 41.80
CA LEU HA 148 -100.84 3.17 41.68
C LEU HA 148 -100.24 3.91 42.87
N MET HA 149 -100.95 4.93 43.36
CA MET HA 149 -100.50 5.63 44.56
C MET HA 149 -100.38 4.66 45.73
N HIS HA 150 -101.32 3.71 45.84
CA HIS HA 150 -101.26 2.73 46.91
C HIS HA 150 -100.12 1.75 46.71
N LYS HA 151 -99.89 1.31 45.47
CA LYS HA 151 -98.81 0.37 45.21
C LYS HA 151 -97.47 0.98 45.55
N LEU HA 152 -97.29 2.27 45.25
CA LEU HA 152 -96.04 2.97 45.54
C LEU HA 152 -96.11 3.75 46.85
N SER HA 153 -97.10 3.47 47.68
CA SER HA 153 -97.22 4.13 48.98
C SER HA 153 -96.16 3.59 49.92
N VAL HA 154 -95.37 4.49 50.50
CA VAL HA 154 -94.28 4.12 51.40
C VAL HA 154 -94.87 4.09 52.81
N GLU HA 155 -95.39 2.94 53.20
CA GLU HA 155 -96.03 2.79 54.50
C GLU HA 155 -95.89 1.35 54.96
N ALA HA 156 -95.89 1.17 56.27
CA ALA HA 156 -95.83 -0.15 56.85
C ALA HA 156 -97.08 -0.94 56.46
N PRO HA 157 -96.96 -2.02 55.68
CA PRO HA 157 -98.14 -2.76 55.26
C PRO HA 157 -98.94 -3.26 56.44
N PRO HA 158 -100.22 -3.59 56.24
CA PRO HA 158 -101.03 -4.08 57.37
C PRO HA 158 -100.51 -5.40 57.90
N LYS HA 159 -100.56 -5.55 59.22
CA LYS HA 159 -100.00 -6.74 59.85
C LYS HA 159 -100.75 -7.99 59.42
N ILE HA 160 -102.07 -7.91 59.32
CA ILE HA 160 -102.86 -9.08 58.93
C ILE HA 160 -102.45 -9.57 57.56
N LEU HA 161 -102.16 -8.62 56.67
CA LEU HA 161 -101.72 -8.95 55.28
C LEU HA 161 -100.40 -9.73 55.36
N VAL HA 162 -99.49 -9.29 56.25
CA VAL HA 162 -98.17 -9.96 56.43
C VAL HA 162 -98.42 -11.39 56.94
N GLU HA 163 -99.36 -11.55 57.87
CA GLU HA 163 -99.69 -12.88 58.44
C GLU HA 163 -100.23 -13.78 57.32
N ARG HA 164 -101.09 -13.23 56.46
CA ARG HA 164 -101.67 -14.00 55.33
C ARG HA 164 -100.54 -14.43 54.39
N TYR HA 165 -99.59 -13.52 54.13
CA TYR HA 165 -98.44 -13.81 53.25
C TYR HA 165 -97.61 -14.95 53.85
N LEU HA 166 -97.41 -14.91 55.17
CA LEU HA 166 -96.63 -15.95 55.84
C LEU HA 166 -97.38 -17.27 55.86
N ILE HA 167 -98.69 -17.23 56.11
CA ILE HA 167 -99.50 -18.44 56.11
C ILE HA 167 -99.40 -19.13 54.76
N GLU HA 168 -99.56 -18.37 53.68
CA GLU HA 168 -99.52 -18.96 52.35
C GLU HA 168 -98.15 -19.55 52.05
N ILE HA 169 -97.08 -18.81 52.35
CA ILE HA 169 -95.74 -19.30 52.06
C ILE HA 169 -95.46 -20.57 52.84
N ALA HA 170 -95.84 -20.59 54.12
CA ALA HA 170 -95.65 -21.79 54.93
C ALA HA 170 -96.43 -22.97 54.37
N LYS HA 171 -97.72 -22.76 54.09
CA LYS HA 171 -98.55 -23.83 53.54
C LYS HA 171 -97.99 -24.36 52.23
N ASN HA 172 -97.32 -23.51 51.45
CA ASN HA 172 -96.78 -23.97 50.18
C ASN HA 172 -95.47 -24.72 50.37
N TYR HA 173 -94.61 -24.26 51.27
CA TYR HA 173 -93.29 -24.85 51.46
C TYR HA 173 -93.27 -25.93 52.53
N ASN HA 174 -94.43 -26.43 52.95
CA ASN HA 174 -94.51 -27.56 53.88
C ASN HA 174 -93.80 -27.24 55.18
N VAL HA 175 -94.04 -26.04 55.72
CA VAL HA 175 -93.45 -25.62 56.98
C VAL HA 175 -94.58 -25.23 57.94
N PRO HA 176 -94.52 -25.63 59.20
CA PRO HA 176 -95.55 -25.18 60.15
C PRO HA 176 -95.34 -23.72 60.53
N TYR HA 177 -96.45 -23.05 60.84
CA TYR HA 177 -96.41 -21.65 61.26
C TYR HA 177 -97.67 -21.33 62.04
N GLU HA 178 -97.52 -20.71 63.21
CA GLU HA 178 -98.64 -20.34 64.06
C GLU HA 178 -98.84 -18.83 63.98
N PRO HA 179 -99.83 -18.35 63.23
CA PRO HA 179 -99.99 -16.89 63.09
C PRO HA 179 -100.26 -16.22 64.43
N ASP HA 180 -99.90 -14.94 64.50
CA ASP HA 180 -100.17 -14.14 65.67
C ASP HA 180 -101.68 -13.92 65.77
N SER HA 181 -102.31 -14.56 66.74
CA SER HA 181 -103.77 -14.49 66.82
C SER HA 181 -104.24 -13.04 67.03
N VAL HA 182 -103.45 -12.23 67.76
CA VAL HA 182 -103.85 -10.86 68.05
C VAL HA 182 -104.21 -10.11 66.77
N VAL HA 183 -103.43 -10.33 65.72
CA VAL HA 183 -103.63 -9.66 64.44
C VAL HA 183 -104.38 -10.58 63.50
N MET HA 184 -104.18 -11.89 63.64
CA MET HA 184 -104.84 -12.85 62.75
C MET HA 184 -106.35 -12.88 62.95
N ALA HA 185 -106.84 -12.46 64.11
CA ALA HA 185 -108.27 -12.46 64.38
C ALA HA 185 -108.91 -11.09 64.34
N GLU HA 186 -108.17 -10.03 64.65
CA GLU HA 186 -108.71 -8.68 64.63
C GLU HA 186 -108.79 -8.17 63.19
N ASN IA 3 51.10 -56.96 -12.58
CA ASN IA 3 51.37 -56.87 -14.02
C ASN IA 3 51.79 -58.22 -14.57
N MET IA 4 52.80 -58.84 -13.95
CA MET IA 4 53.29 -60.12 -14.42
C MET IA 4 52.24 -61.21 -14.31
N GLU IA 5 51.33 -61.10 -13.34
CA GLU IA 5 50.28 -62.09 -13.19
C GLU IA 5 49.39 -62.14 -14.43
N LYS IA 6 49.13 -60.98 -15.04
CA LYS IA 6 48.34 -60.93 -16.25
C LYS IA 6 49.06 -61.67 -17.39
N HIS IA 7 50.36 -61.44 -17.52
CA HIS IA 7 51.13 -62.12 -18.56
C HIS IA 7 51.14 -63.63 -18.33
N LEU IA 8 51.27 -64.06 -17.07
CA LEU IA 8 51.20 -65.47 -16.76
C LEU IA 8 49.84 -66.05 -17.16
N PHE IA 9 48.77 -65.34 -16.84
CA PHE IA 9 47.43 -65.80 -17.22
C PHE IA 9 47.32 -65.95 -18.73
N ASN IA 10 47.81 -64.96 -19.48
CA ASN IA 10 47.74 -65.04 -20.93
C ASN IA 10 48.56 -66.21 -21.46
N LEU IA 11 49.72 -66.47 -20.86
CA LEU IA 11 50.56 -67.58 -21.29
C LEU IA 11 49.85 -68.91 -21.08
N LYS IA 12 49.28 -69.10 -19.88
CA LYS IA 12 48.59 -70.35 -19.60
C LYS IA 12 47.37 -70.51 -20.50
N PHE IA 13 46.66 -69.41 -20.77
CA PHE IA 13 45.53 -69.47 -21.68
C PHE IA 13 45.97 -69.89 -23.07
N ALA IA 14 47.08 -69.34 -23.57
CA ALA IA 14 47.57 -69.72 -24.88
C ALA IA 14 47.97 -71.19 -24.92
N ALA IA 15 48.60 -71.68 -23.84
CA ALA IA 15 48.96 -73.10 -23.80
C ALA IA 15 47.72 -73.98 -23.86
N LYS IA 16 46.70 -73.64 -23.08
CA LYS IA 16 45.46 -74.43 -23.10
C LYS IA 16 44.82 -74.38 -24.47
N GLU IA 17 44.84 -73.21 -25.12
CA GLU IA 17 44.29 -73.08 -26.46
C GLU IA 17 45.02 -73.98 -27.44
N LEU IA 18 46.36 -74.03 -27.35
CA LEU IA 18 47.13 -74.89 -28.24
C LEU IA 18 46.79 -76.35 -28.01
N SER IA 19 46.62 -76.75 -26.75
CA SER IA 19 46.26 -78.14 -26.46
C SER IA 19 44.89 -78.47 -27.03
N ARG IA 20 43.91 -77.59 -26.82
CA ARG IA 20 42.58 -77.80 -27.40
C ARG IA 20 42.66 -77.92 -28.91
N SER IA 21 43.45 -77.07 -29.56
CA SER IA 21 43.56 -77.11 -31.01
C SER IA 21 44.19 -78.41 -31.48
N ALA IA 22 45.19 -78.90 -30.75
CA ALA IA 22 45.79 -80.18 -31.11
C ALA IA 22 44.76 -81.30 -31.01
N LYS IA 23 43.98 -81.32 -29.93
CA LYS IA 23 42.93 -82.34 -29.80
C LYS IA 23 41.95 -82.26 -30.96
N LYS IA 24 41.50 -81.05 -31.28
CA LYS IA 24 40.54 -80.86 -32.38
C LYS IA 24 41.12 -81.33 -33.70
N CYS IA 25 42.39 -81.04 -33.94
CA CYS IA 25 43.02 -81.43 -35.21
C CYS IA 25 43.15 -82.94 -35.30
N ASP IA 26 43.48 -83.60 -34.19
CA ASP IA 26 43.50 -85.07 -34.17
C ASP IA 26 42.12 -85.62 -34.52
N LYS IA 27 41.07 -85.06 -33.92
CA LYS IA 27 39.72 -85.50 -34.24
C LYS IA 27 39.41 -85.31 -35.73
N GLU IA 28 39.79 -84.16 -36.28
CA GLU IA 28 39.53 -83.90 -37.70
C GLU IA 28 40.28 -84.88 -38.58
N GLU IA 29 41.50 -85.26 -38.19
CA GLU IA 29 42.23 -86.28 -38.94
C GLU IA 29 41.46 -87.59 -38.92
N LYS IA 30 40.97 -87.99 -37.74
CA LYS IA 30 40.21 -89.22 -37.64
C LYS IA 30 39.00 -89.20 -38.56
N ALA IA 31 38.37 -88.03 -38.71
CA ALA IA 31 37.21 -87.93 -39.59
C ALA IA 31 37.61 -87.99 -41.07
N GLU IA 32 38.67 -87.25 -41.42
CA GLU IA 32 39.12 -87.25 -42.81
C GLU IA 32 39.58 -88.63 -43.26
N LYS IA 33 40.02 -89.47 -42.32
CA LYS IA 33 40.37 -90.85 -42.69
C LYS IA 33 39.12 -91.62 -43.13
N ALA IA 34 38.01 -91.45 -42.41
CA ALA IA 34 36.75 -92.03 -42.86
C ALA IA 34 36.38 -91.53 -44.25
N LYS IA 35 36.53 -90.23 -44.47
CA LYS IA 35 36.14 -89.66 -45.76
C LYS IA 35 37.00 -90.20 -46.89
N ILE IA 36 38.31 -90.33 -46.67
CA ILE IA 36 39.18 -90.86 -47.70
C ILE IA 36 38.87 -92.33 -47.97
N GLU IA 37 38.52 -93.09 -46.94
CA GLU IA 37 38.09 -94.47 -47.16
C GLU IA 37 36.86 -94.51 -48.05
N LYS IA 38 35.87 -93.68 -47.73
CA LYS IA 38 34.68 -93.63 -48.57
C LYS IA 38 35.03 -93.29 -50.01
N ALA IA 39 35.85 -92.26 -50.20
CA ALA IA 39 36.17 -91.80 -51.56
C ALA IA 39 36.97 -92.84 -52.33
N ILE IA 40 37.85 -93.58 -51.67
CA ILE IA 40 38.57 -94.64 -52.35
C ILE IA 40 37.67 -95.81 -52.65
N GLN IA 41 36.58 -95.98 -51.90
CA GLN IA 41 35.58 -96.96 -52.27
C GLN IA 41 34.82 -96.52 -53.51
N LYS IA 42 34.38 -95.27 -53.56
CA LYS IA 42 33.66 -94.76 -54.72
C LYS IA 42 34.53 -94.68 -55.96
N GLY IA 43 35.85 -94.78 -55.83
CA GLY IA 43 36.75 -94.70 -56.96
C GLY IA 43 37.31 -93.32 -57.24
N ASN IA 44 36.87 -92.30 -56.50
CA ASN IA 44 37.37 -90.94 -56.71
C ASN IA 44 38.84 -90.86 -56.29
N MET IA 45 39.72 -90.71 -57.27
CA MET IA 45 41.15 -90.55 -56.97
C MET IA 45 41.46 -89.14 -56.49
N GLU IA 46 40.84 -88.13 -57.11
CA GLU IA 46 41.15 -86.74 -56.77
C GLU IA 46 40.62 -86.39 -55.38
N VAL IA 47 39.40 -86.82 -55.06
CA VAL IA 47 38.85 -86.55 -53.73
C VAL IA 47 39.65 -87.32 -52.68
N ALA IA 48 40.11 -88.52 -53.02
CA ALA IA 48 40.97 -89.26 -52.11
C ALA IA 48 42.27 -88.51 -51.86
N ARG IA 49 42.86 -87.94 -52.92
CA ARG IA 49 44.05 -87.12 -52.75
C ARG IA 49 43.78 -85.94 -51.84
N ILE IA 50 42.65 -85.25 -52.05
CA ILE IA 50 42.32 -84.08 -51.24
C ILE IA 50 42.19 -84.48 -49.77
N HIS IA 51 41.45 -85.54 -49.50
CA HIS IA 51 41.22 -85.95 -48.11
C HIS IA 51 42.50 -86.49 -47.48
N ALA IA 52 43.38 -87.12 -48.26
CA ALA IA 52 44.66 -87.56 -47.74
C ALA IA 52 45.53 -86.36 -47.37
N GLU IA 53 45.56 -85.34 -48.23
CA GLU IA 53 46.28 -84.12 -47.89
C GLU IA 53 45.74 -83.52 -46.60
N ASN IA 54 44.42 -83.44 -46.49
CA ASN IA 54 43.82 -82.89 -45.27
C ASN IA 54 44.20 -83.70 -44.04
N ALA IA 55 44.15 -85.02 -44.15
CA ALA IA 55 44.46 -85.88 -43.00
C ALA IA 55 45.91 -85.74 -42.58
N ILE IA 56 46.83 -85.79 -43.54
CA ILE IA 56 48.24 -85.65 -43.20
C ILE IA 56 48.51 -84.28 -42.61
N ARG IA 57 47.92 -83.23 -43.17
CA ARG IA 57 48.10 -81.90 -42.64
C ARG IA 57 47.60 -81.80 -41.22
N GLN IA 58 46.42 -82.35 -40.95
CA GLN IA 58 45.86 -82.29 -39.61
C GLN IA 58 46.72 -83.05 -38.62
N LYS IA 59 47.23 -84.22 -39.02
CA LYS IA 59 48.12 -84.98 -38.15
C LYS IA 59 49.36 -84.18 -37.81
N ASN IA 60 50.04 -83.64 -38.83
CA ASN IA 60 51.27 -82.91 -38.59
C ASN IA 60 51.03 -81.67 -37.75
N GLN IA 61 49.96 -80.92 -38.05
CA GLN IA 61 49.70 -79.70 -37.30
C GLN IA 61 49.24 -80.01 -35.89
N ALA IA 62 48.60 -81.16 -35.66
CA ALA IA 62 48.27 -81.56 -34.30
C ALA IA 62 49.52 -81.87 -33.50
N VAL IA 63 50.47 -82.60 -34.11
CA VAL IA 63 51.73 -82.86 -33.43
C VAL IA 63 52.45 -81.55 -33.12
N ASN IA 64 52.44 -80.62 -34.08
CA ASN IA 64 53.11 -79.34 -33.87
C ASN IA 64 52.44 -78.55 -32.74
N PHE IA 65 51.10 -78.51 -32.75
CA PHE IA 65 50.39 -77.82 -31.68
C PHE IA 65 50.68 -78.45 -30.32
N LEU IA 66 50.81 -79.78 -30.28
CA LEU IA 66 51.09 -80.44 -29.01
C LEU IA 66 52.47 -80.07 -28.49
N ARG IA 67 53.48 -80.14 -29.36
CA ARG IA 67 54.82 -79.73 -28.95
C ARG IA 67 54.85 -78.27 -28.52
N MET IA 68 54.17 -77.42 -29.28
CA MET IA 68 54.12 -75.99 -28.97
C MET IA 68 53.47 -75.75 -27.61
N SER IA 69 52.37 -76.44 -27.34
CA SER IA 69 51.70 -76.31 -26.05
C SER IA 69 52.59 -76.82 -24.92
N ALA IA 70 53.37 -77.87 -25.16
CA ALA IA 70 54.31 -78.32 -24.15
C ALA IA 70 55.34 -77.24 -23.84
N ARG IA 71 55.88 -76.61 -24.87
CA ARG IA 71 56.86 -75.54 -24.67
C ARG IA 71 56.25 -74.39 -23.86
N VAL IA 72 55.05 -73.95 -24.26
CA VAL IA 72 54.41 -72.84 -23.57
C VAL IA 72 54.06 -73.24 -22.14
N ASP IA 73 53.73 -74.52 -21.92
CA ASP IA 73 53.46 -74.98 -20.56
C ASP IA 73 54.71 -74.89 -19.70
N ALA IA 74 55.85 -75.31 -20.24
CA ALA IA 74 57.10 -75.19 -19.49
C ALA IA 74 57.37 -73.73 -19.15
N VAL IA 75 57.24 -72.84 -20.14
CA VAL IA 75 57.52 -71.43 -19.90
C VAL IA 75 56.56 -70.86 -18.86
N ALA IA 76 55.28 -71.24 -18.93
CA ALA IA 76 54.30 -70.71 -17.99
C ALA IA 76 54.54 -71.24 -16.57
N ALA IA 77 54.94 -72.50 -16.46
CA ALA IA 77 55.30 -73.03 -15.15
C ALA IA 77 56.48 -72.26 -14.57
N ARG IA 78 57.49 -71.99 -15.39
CA ARG IA 78 58.63 -71.22 -14.93
C ARG IA 78 58.20 -69.83 -14.48
N VAL IA 79 57.33 -69.17 -15.24
CA VAL IA 79 56.91 -67.82 -14.90
C VAL IA 79 56.06 -67.83 -13.63
N GLN IA 80 55.24 -68.87 -13.45
CA GLN IA 80 54.44 -68.97 -12.23
C GLN IA 80 55.32 -69.17 -11.02
N THR IA 81 56.34 -70.02 -11.15
CA THR IA 81 57.34 -70.15 -10.09
C THR IA 81 57.97 -68.80 -9.79
N ALA IA 82 58.34 -68.05 -10.82
CA ALA IA 82 58.98 -66.75 -10.62
C ALA IA 82 58.04 -65.79 -9.89
N VAL IA 83 56.75 -65.81 -10.24
CA VAL IA 83 55.79 -64.91 -9.60
C VAL IA 83 55.65 -65.25 -8.13
N THR IA 84 55.46 -66.53 -7.83
CA THR IA 84 55.31 -66.95 -6.44
C THR IA 84 56.56 -66.61 -5.63
N MET IA 85 57.74 -66.86 -6.20
CA MET IA 85 58.98 -66.56 -5.50
C MET IA 85 59.17 -65.06 -5.35
N GLY IA 86 58.67 -64.26 -6.29
CA GLY IA 86 58.74 -62.82 -6.13
C GLY IA 86 57.87 -62.33 -4.99
N LYS IA 87 56.66 -62.89 -4.89
CA LYS IA 87 55.82 -62.57 -3.73
C LYS IA 87 56.52 -62.96 -2.44
N VAL IA 88 57.12 -64.15 -2.40
CA VAL IA 88 57.81 -64.61 -1.20
C VAL IA 88 58.96 -63.67 -0.85
N THR IA 89 59.74 -63.28 -1.86
CA THR IA 89 60.89 -62.41 -1.63
C THR IA 89 60.46 -61.04 -1.15
N LYS IA 90 59.38 -60.50 -1.73
CA LYS IA 90 58.85 -59.23 -1.26
C LYS IA 90 58.40 -59.32 0.19
N SER IA 91 57.69 -60.40 0.53
CA SER IA 91 57.23 -60.56 1.91
C SER IA 91 58.40 -60.68 2.87
N MET IA 92 59.45 -61.40 2.46
CA MET IA 92 60.60 -61.56 3.35
C MET IA 92 61.40 -60.28 3.47
N ALA IA 93 61.42 -59.46 2.42
CA ALA IA 93 62.04 -58.14 2.53
C ALA IA 93 61.28 -57.25 3.49
N GLY IA 94 59.95 -57.24 3.38
CA GLY IA 94 59.15 -56.49 4.34
C GLY IA 94 59.37 -56.97 5.77
N VAL IA 95 59.42 -58.29 5.95
CA VAL IA 95 59.68 -58.84 7.28
C VAL IA 95 61.04 -58.43 7.78
N VAL IA 96 62.04 -58.43 6.90
CA VAL IA 96 63.39 -58.02 7.31
C VAL IA 96 63.38 -56.57 7.75
N LYS IA 97 62.70 -55.71 7.01
CA LYS IA 97 62.63 -54.30 7.38
C LYS IA 97 61.97 -54.12 8.74
N SER IA 98 60.81 -54.75 8.93
CA SER IA 98 60.08 -54.60 10.18
C SER IA 98 60.90 -55.15 11.36
N MET IA 99 61.49 -56.33 11.18
CA MET IA 99 62.31 -56.91 12.24
C MET IA 99 63.55 -56.07 12.51
N ASP IA 100 64.11 -55.43 11.50
CA ASP IA 100 65.24 -54.55 11.72
C ASP IA 100 64.83 -53.37 12.59
N ALA IA 101 63.74 -52.69 12.22
CA ALA IA 101 63.24 -51.59 13.05
C ALA IA 101 63.01 -52.05 14.48
N THR IA 102 62.34 -53.19 14.65
CA THR IA 102 61.99 -53.65 15.99
C THR IA 102 63.24 -54.00 16.80
N LEU IA 103 64.09 -54.88 16.27
CA LEU IA 103 65.30 -55.27 16.97
C LEU IA 103 66.23 -54.09 17.20
N LYS IA 104 66.09 -53.02 16.43
CA LYS IA 104 66.80 -51.79 16.77
C LYS IA 104 66.18 -51.12 17.98
N THR IA 105 64.84 -51.04 18.00
CA THR IA 105 64.16 -50.46 19.15
C THR IA 105 64.23 -51.39 20.36
N MET IA 106 63.82 -52.64 20.19
CA MET IA 106 63.81 -53.64 21.26
C MET IA 106 64.95 -54.61 21.00
N ASN IA 107 66.14 -54.26 21.49
CA ASN IA 107 67.32 -55.09 21.30
C ASN IA 107 67.50 -56.03 22.49
N LEU IA 108 68.57 -56.82 22.44
CA LEU IA 108 68.77 -57.83 23.47
C LEU IA 108 69.10 -57.20 24.81
N GLU IA 109 69.88 -56.12 24.82
CA GLU IA 109 70.16 -55.43 26.06
C GLU IA 109 68.87 -54.95 26.72
N LYS IA 110 68.06 -54.20 25.97
CA LYS IA 110 66.82 -53.67 26.52
C LYS IA 110 65.89 -54.78 26.94
N ILE IA 111 65.81 -55.85 26.15
CA ILE IA 111 64.92 -56.95 26.48
C ILE IA 111 65.35 -57.63 27.78
N SER IA 112 66.65 -57.90 27.90
CA SER IA 112 67.16 -58.53 29.12
C SER IA 112 66.91 -57.65 30.33
N ALA IA 113 67.16 -56.34 30.21
CA ALA IA 113 66.92 -55.44 31.33
C ALA IA 113 65.43 -55.39 31.69
N LEU IA 114 64.58 -55.33 30.66
CA LEU IA 114 63.14 -55.31 30.89
C LEU IA 114 62.68 -56.57 31.60
N MET IA 115 63.27 -57.70 31.26
CA MET IA 115 62.85 -58.95 31.88
C MET IA 115 63.37 -59.08 33.31
N ASP IA 116 64.60 -58.63 33.56
CA ASP IA 116 65.07 -58.55 34.93
C ASP IA 116 64.15 -57.66 35.76
N LYS IA 117 63.71 -56.54 35.17
CA LYS IA 117 62.81 -55.64 35.87
C LYS IA 117 61.46 -56.30 36.13
N PHE IA 118 60.92 -57.02 35.14
CA PHE IA 118 59.67 -57.75 35.33
C PHE IA 118 59.79 -58.72 36.50
N GLU IA 119 60.86 -59.53 36.49
CA GLU IA 119 61.07 -60.51 37.55
C GLU IA 119 61.16 -59.84 38.91
N HIS IA 120 61.94 -58.76 39.02
CA HIS IA 120 62.12 -58.10 40.30
C HIS IA 120 60.82 -57.45 40.77
N GLN IA 121 60.08 -56.82 39.85
CA GLN IA 121 58.81 -56.20 40.21
C GLN IA 121 57.83 -57.23 40.73
N PHE IA 122 57.76 -58.39 40.08
CA PHE IA 122 56.80 -59.39 40.53
C PHE IA 122 57.28 -60.14 41.76
N GLU IA 123 58.59 -60.18 42.02
CA GLU IA 123 59.07 -60.65 43.31
C GLU IA 123 58.66 -59.68 44.42
N THR IA 124 58.85 -58.38 44.19
CA THR IA 124 58.35 -57.39 45.13
C THR IA 124 56.86 -57.55 45.35
N LEU IA 125 56.12 -57.86 44.29
CA LEU IA 125 54.69 -58.09 44.41
C LEU IA 125 54.40 -59.36 45.20
N ASP IA 126 55.29 -60.34 45.10
CA ASP IA 126 55.17 -61.60 45.89
C ASP IA 126 55.29 -61.24 47.38
N VAL IA 127 56.23 -60.34 47.72
CA VAL IA 127 56.45 -59.91 49.10
C VAL IA 127 55.26 -59.12 49.59
N GLN IA 128 54.77 -58.19 48.76
CA GLN IA 128 53.59 -57.41 49.11
C GLN IA 128 52.39 -58.32 49.36
N THR IA 129 52.20 -59.32 48.51
CA THR IA 129 51.07 -60.22 48.67
C THR IA 129 51.18 -60.99 49.97
N GLN IA 130 52.37 -61.50 50.29
CA GLN IA 130 52.56 -62.24 51.54
C GLN IA 130 52.24 -61.37 52.74
N GLN IA 131 52.79 -60.16 52.78
CA GLN IA 131 52.57 -59.27 53.91
C GLN IA 131 51.10 -58.86 54.01
N MET IA 132 50.52 -58.48 52.88
CA MET IA 132 49.12 -58.12 52.82
C MET IA 132 48.24 -59.26 53.33
N GLU IA 133 48.61 -60.50 53.00
CA GLU IA 133 47.80 -61.64 53.43
C GLU IA 133 47.97 -61.89 54.93
N ASP IA 134 49.20 -61.78 55.43
CA ASP IA 134 49.41 -61.85 56.87
C ASP IA 134 48.51 -60.86 57.59
N THR IA 135 48.47 -59.62 57.10
CA THR IA 135 47.66 -58.61 57.77
C THR IA 135 46.16 -58.89 57.62
N MET IA 136 45.73 -59.24 56.41
CA MET IA 136 44.33 -59.59 56.20
C MET IA 136 43.88 -60.68 57.17
N SER IA 137 44.74 -61.67 57.39
CA SER IA 137 44.39 -62.75 58.31
C SER IA 137 44.39 -62.25 59.76
N SER IA 138 45.37 -61.44 60.12
CA SER IA 138 45.43 -60.92 61.49
C SER IA 138 44.23 -60.04 61.80
N THR IA 139 43.63 -59.42 60.78
CA THR IA 139 42.48 -58.55 61.02
C THR IA 139 41.28 -59.36 61.51
N THR IA 140 41.03 -60.51 60.90
CA THR IA 140 39.87 -61.35 61.20
C THR IA 140 40.36 -62.65 61.80
N THR IA 141 40.56 -62.65 63.12
CA THR IA 141 40.97 -63.83 63.86
C THR IA 141 39.95 -64.28 64.89
N LEU IA 142 39.04 -63.41 65.30
CA LEU IA 142 38.00 -63.77 66.26
C LEU IA 142 36.77 -64.36 65.60
N THR IA 143 36.60 -64.15 64.30
CA THR IA 143 35.54 -64.82 63.54
C THR IA 143 35.96 -66.20 63.06
N THR IA 144 37.27 -66.44 62.94
CA THR IA 144 37.81 -67.72 62.48
C THR IA 144 38.82 -68.22 63.50
N PRO IA 145 38.37 -68.81 64.60
CA PRO IA 145 39.31 -69.37 65.56
C PRO IA 145 39.94 -70.64 65.03
N GLN IA 146 41.25 -70.76 65.23
CA GLN IA 146 41.98 -71.93 64.76
C GLN IA 146 41.43 -73.20 65.39
N ASN IA 147 41.06 -73.14 66.67
CA ASN IA 147 40.56 -74.33 67.36
C ASN IA 147 39.28 -74.84 66.71
N GLN IA 148 38.36 -73.92 66.37
CA GLN IA 148 37.10 -74.33 65.76
C GLN IA 148 37.33 -74.97 64.40
N VAL IA 149 38.25 -74.41 63.60
CA VAL IA 149 38.54 -74.97 62.29
C VAL IA 149 39.15 -76.36 62.43
N ASP IA 150 40.10 -76.52 63.36
CA ASP IA 150 40.68 -77.82 63.60
C ASP IA 150 39.62 -78.84 64.00
N MET IA 151 38.71 -78.44 64.91
CA MET IA 151 37.67 -79.36 65.34
C MET IA 151 36.75 -79.73 64.19
N LEU IA 152 36.36 -78.75 63.37
CA LEU IA 152 35.49 -79.05 62.24
C LEU IA 152 36.17 -80.03 61.29
N LEU IA 153 37.46 -79.83 61.01
CA LEU IA 153 38.16 -80.74 60.12
C LEU IA 153 38.24 -82.13 60.72
N GLN IA 154 38.51 -82.22 62.02
CA GLN IA 154 38.58 -83.53 62.66
C GLN IA 154 37.24 -84.24 62.59
N GLU IA 155 36.14 -83.52 62.86
CA GLU IA 155 34.83 -84.15 62.81
C GLU IA 155 34.48 -84.59 61.40
N MET IA 156 34.76 -83.76 60.40
CA MET IA 156 34.44 -84.12 59.03
C MET IA 156 35.27 -85.32 58.57
N ALA IA 157 36.54 -85.38 58.97
CA ALA IA 157 37.37 -86.54 58.65
C ALA IA 157 36.81 -87.79 59.30
N ASP IA 158 36.61 -87.75 60.62
CA ASP IA 158 36.11 -88.93 61.34
C ASP IA 158 34.78 -89.40 60.76
N GLU IA 159 33.93 -88.46 60.36
CA GLU IA 159 32.67 -88.85 59.71
C GLU IA 159 32.94 -89.53 58.37
N ALA IA 160 33.83 -88.94 57.57
CA ALA IA 160 34.20 -89.57 56.30
C ALA IA 160 35.06 -90.82 56.50
N GLY IA 161 35.50 -91.09 57.72
CA GLY IA 161 36.33 -92.23 58.01
C GLY IA 161 37.77 -92.11 57.55
N LEU IA 162 38.09 -91.11 56.73
CA LEU IA 162 39.43 -90.96 56.18
C LEU IA 162 40.35 -90.32 57.22
N ASP IA 163 41.55 -89.96 56.80
CA ASP IA 163 42.51 -89.26 57.64
C ASP IA 163 43.14 -88.13 56.83
N LEU IA 164 43.73 -87.18 57.54
CA LEU IA 164 44.29 -85.98 56.94
C LEU IA 164 45.80 -85.99 57.09
N ASN IA 165 46.52 -85.87 55.99
CA ASN IA 165 47.98 -85.82 55.99
C ASN IA 165 48.48 -84.62 55.21
N GLU IA 187 45.25 -75.79 77.23
CA GLU IA 187 46.07 -76.99 77.05
C GLU IA 187 47.55 -76.65 77.22
N LEU IA 188 48.25 -76.45 76.10
CA LEU IA 188 49.65 -76.06 76.18
C LEU IA 188 49.82 -74.70 76.84
N SER IA 189 48.85 -73.80 76.64
CA SER IA 189 48.96 -72.46 77.19
C SER IA 189 49.10 -72.50 78.71
N GLN IA 190 48.44 -73.45 79.36
CA GLN IA 190 48.53 -73.54 80.82
C GLN IA 190 49.94 -73.96 81.25
N ARG IA 191 50.52 -74.94 80.55
CA ARG IA 191 51.89 -75.34 80.86
C ARG IA 191 52.86 -74.19 80.62
N LEU IA 192 52.65 -73.43 79.55
CA LEU IA 192 53.51 -72.29 79.26
C LEU IA 192 53.37 -71.21 80.33
N ALA IA 193 52.14 -71.00 80.84
CA ALA IA 193 51.95 -70.02 81.90
C ALA IA 193 52.61 -70.48 83.20
N ARG IA 194 52.47 -71.75 83.54
CA ARG IA 194 53.16 -72.28 84.72
C ARG IA 194 54.66 -72.13 84.58
N LEU IA 195 55.18 -72.35 83.38
CA LEU IA 195 56.61 -72.14 83.12
C LEU IA 195 56.98 -70.66 83.26
N ARG IA 196 56.09 -69.78 82.81
CA ARG IA 196 56.34 -68.35 82.91
C ARG IA 196 56.40 -67.90 84.37
N ASP IA 197 55.54 -68.48 85.21
CA ASP IA 197 55.60 -68.16 86.64
C ASP IA 197 56.96 -68.52 87.22
N GLN IA 198 57.60 -69.57 86.71
CA GLN IA 198 58.92 -69.98 87.16
C GLN IA 198 58.94 -70.23 88.66
N PHE JA 6 41.54 -30.88 84.16
CA PHE JA 6 41.13 -32.26 84.39
C PHE JA 6 39.61 -32.40 84.31
N LYS JA 7 39.17 -33.38 83.53
CA LYS JA 7 37.73 -33.69 83.33
C LYS JA 7 37.46 -35.10 83.85
N ALA JA 8 36.42 -35.27 84.67
CA ALA JA 8 36.13 -36.57 85.27
C ALA JA 8 35.48 -37.53 84.28
N GLU JA 9 34.38 -37.08 83.64
CA GLU JA 9 33.67 -37.96 82.72
C GLU JA 9 34.57 -38.38 81.56
N ARG JA 10 35.46 -37.50 81.12
CA ARG JA 10 36.45 -37.88 80.11
C ARG JA 10 37.29 -39.05 80.59
N LEU JA 11 37.77 -38.98 81.83
CA LEU JA 11 38.57 -40.07 82.39
C LEU JA 11 37.75 -41.35 82.48
N ARG JA 12 36.49 -41.25 82.90
CA ARG JA 12 35.62 -42.43 82.98
C ARG JA 12 35.48 -43.09 81.63
N VAL JA 13 35.14 -42.31 80.60
CA VAL JA 13 34.93 -42.85 79.26
C VAL JA 13 36.22 -43.47 78.73
N ASN JA 14 37.35 -42.79 78.94
CA ASN JA 14 38.62 -43.33 78.47
C ASN JA 14 38.98 -44.62 79.19
N LEU JA 15 38.64 -44.73 80.47
CA LEU JA 15 38.90 -45.97 81.20
C LEU JA 15 38.07 -47.12 80.64
N ARG JA 16 36.79 -46.88 80.38
CA ARG JA 16 35.96 -47.92 79.78
C ARG JA 16 36.49 -48.33 78.42
N LEU JA 17 36.91 -47.35 77.61
CA LEU JA 17 37.45 -47.65 76.29
C LEU JA 17 38.74 -48.47 76.41
N VAL JA 18 39.60 -48.10 77.37
CA VAL JA 18 40.84 -48.84 77.57
C VAL JA 18 40.53 -50.28 77.95
N ILE JA 19 39.53 -50.49 78.81
CA ILE JA 19 39.16 -51.84 79.22
C ILE JA 19 38.74 -52.65 78.00
N ASN JA 20 37.83 -52.11 77.19
CA ASN JA 20 37.37 -52.83 76.01
C ASN JA 20 38.52 -53.13 75.06
N ARG JA 21 39.37 -52.14 74.82
CA ARG JA 21 40.50 -52.33 73.90
C ARG JA 21 41.44 -53.41 74.41
N LEU JA 22 41.70 -53.43 75.72
CA LEU JA 22 42.57 -54.45 76.28
C LEU JA 22 41.97 -55.84 76.13
N LYS JA 23 40.65 -55.95 76.32
CA LYS JA 23 39.99 -57.23 76.10
C LYS JA 23 40.20 -57.72 74.68
N LEU JA 24 39.87 -56.87 73.70
CA LEU JA 24 40.04 -57.25 72.31
C LEU JA 24 41.48 -57.64 72.02
N LEU JA 25 42.43 -56.85 72.51
CA LEU JA 25 43.84 -57.08 72.20
C LEU JA 25 44.32 -58.39 72.79
N GLU JA 26 43.97 -58.68 74.05
CA GLU JA 26 44.43 -59.93 74.64
C GLU JA 26 43.81 -61.13 73.94
N LYS JA 27 42.53 -61.04 73.56
CA LYS JA 27 41.92 -62.11 72.79
C LYS JA 27 42.72 -62.39 71.51
N LYS JA 28 42.85 -61.38 70.66
CA LYS JA 28 43.49 -61.60 69.37
C LYS JA 28 44.97 -61.96 69.53
N LYS JA 29 45.61 -61.50 70.61
CA LYS JA 29 47.00 -61.86 70.84
C LYS JA 29 47.14 -63.31 71.26
N THR JA 30 46.19 -63.81 72.06
CA THR JA 30 46.17 -65.24 72.35
C THR JA 30 46.04 -66.06 71.08
N GLU JA 31 45.13 -65.65 70.19
CA GLU JA 31 44.96 -66.38 68.93
C GLU JA 31 46.25 -66.37 68.11
N LEU JA 32 46.81 -65.17 67.89
CA LEU JA 32 48.06 -65.05 67.14
C LEU JA 32 49.18 -65.85 67.79
N ALA JA 33 49.16 -65.94 69.13
CA ALA JA 33 50.19 -66.71 69.82
C ALA JA 33 50.05 -68.20 69.52
N GLN JA 34 48.81 -68.71 69.49
CA GLN JA 34 48.60 -70.08 69.07
C GLN JA 34 49.19 -70.31 67.68
N LYS JA 35 48.86 -69.43 66.73
CA LYS JA 35 49.31 -69.63 65.36
C LYS JA 35 50.84 -69.57 65.27
N ALA JA 36 51.46 -68.61 65.96
CA ALA JA 36 52.91 -68.48 65.88
C ALA JA 36 53.61 -69.59 66.63
N ARG JA 37 52.97 -70.18 67.64
CA ARG JA 37 53.52 -71.38 68.27
C ARG JA 37 53.52 -72.54 67.28
N LYS JA 38 52.45 -72.69 66.52
CA LYS JA 38 52.46 -73.68 65.45
C LYS JA 38 53.61 -73.41 64.47
N GLU JA 39 53.83 -72.14 64.15
CA GLU JA 39 54.94 -71.79 63.26
C GLU JA 39 56.29 -72.19 63.86
N ILE JA 40 56.46 -71.98 65.16
CA ILE JA 40 57.72 -72.36 65.81
C ILE JA 40 57.88 -73.88 65.79
N ALA JA 41 56.78 -74.61 65.97
CA ALA JA 41 56.84 -76.06 65.86
C ALA JA 41 57.32 -76.47 64.47
N ASP JA 42 56.77 -75.84 63.43
CA ASP JA 42 57.22 -76.13 62.08
C ASP JA 42 58.70 -75.80 61.92
N TYR JA 43 59.15 -74.69 62.50
CA TYR JA 43 60.56 -74.33 62.42
C TYR JA 43 61.43 -75.41 63.07
N LEU JA 44 60.99 -75.92 64.21
CA LEU JA 44 61.76 -76.95 64.90
C LEU JA 44 61.75 -78.27 64.14
N ALA JA 45 60.69 -78.53 63.37
CA ALA JA 45 60.66 -79.73 62.53
C ALA JA 45 61.91 -79.81 61.67
N ALA JA 46 62.32 -78.69 61.10
CA ALA JA 46 63.57 -78.63 60.35
C ALA JA 46 64.75 -78.51 61.31
N GLY JA 47 65.96 -78.45 60.76
CA GLY JA 47 67.15 -78.30 61.58
C GLY JA 47 67.38 -76.92 62.12
N LYS JA 48 66.58 -75.94 61.69
CA LYS JA 48 66.72 -74.57 62.15
C LYS JA 48 66.35 -74.49 63.64
N ASP JA 49 67.35 -74.20 64.48
CA ASP JA 49 67.16 -74.12 65.93
C ASP JA 49 67.41 -72.72 66.47
N GLU JA 50 68.53 -72.09 66.09
CA GLU JA 50 68.85 -70.77 66.61
C GLU JA 50 67.83 -69.72 66.18
N ARG JA 51 67.02 -70.01 65.17
CA ARG JA 51 65.97 -69.12 64.70
C ARG JA 51 64.68 -69.31 65.50
N ALA JA 52 64.36 -70.56 65.84
CA ALA JA 52 63.20 -70.82 66.67
C ALA JA 52 63.33 -70.13 68.02
N ARG JA 53 64.56 -69.93 68.49
CA ARG JA 53 64.75 -69.21 69.74
C ARG JA 53 64.31 -67.75 69.61
N ILE JA 54 64.60 -67.13 68.47
CA ILE JA 54 64.14 -65.77 68.24
C ILE JA 54 62.62 -65.73 68.16
N ARG JA 55 62.04 -66.68 67.43
CA ARG JA 55 60.58 -66.72 67.32
C ARG JA 55 59.93 -66.89 68.68
N VAL JA 56 60.48 -67.76 69.52
CA VAL JA 56 59.87 -67.98 70.84
C VAL JA 56 60.14 -66.79 71.75
N GLU JA 57 61.23 -66.04 71.50
CA GLU JA 57 61.39 -64.76 72.18
C GLU JA 57 60.22 -63.84 71.85
N HIS JA 58 59.90 -63.71 70.57
CA HIS JA 58 58.70 -62.99 70.16
C HIS JA 58 57.48 -63.47 70.97
N ILE JA 59 57.30 -64.79 71.04
CA ILE JA 59 56.11 -65.37 71.66
C ILE JA 59 56.04 -64.99 73.14
N ILE JA 60 57.14 -65.15 73.86
CA ILE JA 60 57.10 -64.93 75.29
C ILE JA 60 57.02 -63.44 75.60
N ARG JA 61 57.58 -62.60 74.73
CA ARG JA 61 57.33 -61.16 74.84
C ARG JA 61 55.83 -60.87 74.73
N GLU JA 62 55.18 -61.45 73.72
CA GLU JA 62 53.75 -61.24 73.56
C GLU JA 62 52.96 -61.76 74.75
N ASP JA 63 53.41 -62.85 75.36
CA ASP JA 63 52.70 -63.41 76.51
C ASP JA 63 52.86 -62.53 77.74
N TYR JA 64 54.08 -62.08 78.01
CA TYR JA 64 54.29 -61.05 79.02
C TYR JA 64 53.35 -59.87 78.78
N LEU JA 65 53.23 -59.46 77.53
CA LEU JA 65 52.40 -58.31 77.19
C LEU JA 65 50.93 -58.58 77.51
N VAL JA 66 50.45 -59.79 77.19
CA VAL JA 66 49.07 -60.12 77.47
C VAL JA 66 48.81 -60.13 78.97
N GLU JA 67 49.74 -60.69 79.75
CA GLU JA 67 49.57 -60.67 81.20
C GLU JA 67 49.57 -59.26 81.74
N ALA JA 68 50.46 -58.41 81.23
CA ALA JA 68 50.47 -57.01 81.66
C ALA JA 68 49.18 -56.30 81.31
N MET JA 69 48.61 -56.61 80.13
CA MET JA 69 47.34 -56.02 79.76
C MET JA 69 46.21 -56.50 80.67
N GLU JA 70 46.26 -57.76 81.09
CA GLU JA 70 45.28 -58.24 82.07
C GLU JA 70 45.38 -57.45 83.36
N ILE JA 71 46.61 -57.26 83.85
CA ILE JA 71 46.80 -56.50 85.10
C ILE JA 71 46.30 -55.07 84.92
N LEU JA 72 46.57 -54.46 83.77
CA LEU JA 72 46.16 -53.08 83.55
C LEU JA 72 44.64 -52.97 83.44
N GLU JA 73 44.00 -53.93 82.79
CA GLU JA 73 42.54 -53.98 82.77
C GLU JA 73 41.99 -54.07 84.18
N LEU JA 74 42.59 -54.93 85.00
CA LEU JA 74 42.20 -55.03 86.40
C LEU JA 74 42.28 -53.68 87.09
N TYR JA 75 43.40 -52.97 86.93
CA TYR JA 75 43.59 -51.70 87.62
C TYR JA 75 42.63 -50.63 87.10
N CYS JA 76 42.40 -50.59 85.79
CA CYS JA 76 41.44 -49.64 85.24
C CYS JA 76 40.06 -49.89 85.79
N ASP JA 77 39.64 -51.16 85.85
CA ASP JA 77 38.35 -51.46 86.44
C ASP JA 77 38.30 -51.11 87.91
N LEU JA 78 39.42 -51.26 88.62
CA LEU JA 78 39.45 -50.87 90.03
C LEU JA 78 39.20 -49.37 90.17
N LEU JA 79 39.90 -48.56 89.38
CA LEU JA 79 39.66 -47.13 89.40
C LEU JA 79 38.22 -46.81 89.04
N LEU JA 80 37.67 -47.51 88.04
CA LEU JA 80 36.31 -47.25 87.61
C LEU JA 80 35.29 -47.65 88.66
N ALA JA 81 35.62 -48.60 89.54
CA ALA JA 81 34.73 -49.00 90.62
C ALA JA 81 34.79 -48.02 91.79
N ARG JA 82 35.91 -47.31 91.95
CA ARG JA 82 36.11 -46.35 93.02
C ARG JA 82 36.28 -44.95 92.44
N PHE JA 83 35.45 -44.62 91.44
CA PHE JA 83 35.57 -43.33 90.76
C PHE JA 83 35.10 -42.19 91.64
N GLY JA 84 34.00 -42.40 92.38
CA GLY JA 84 33.57 -41.37 93.30
C GLY JA 84 34.63 -41.02 94.32
N LEU JA 85 35.38 -42.02 94.79
CA LEU JA 85 36.47 -41.75 95.71
C LEU JA 85 37.57 -40.93 95.05
N ILE JA 86 37.64 -40.96 93.72
CA ILE JA 86 38.55 -40.08 93.00
C ILE JA 86 37.99 -38.66 92.99
N GLN JA 87 36.70 -38.52 92.68
CA GLN JA 87 36.12 -37.19 92.55
C GLN JA 87 36.07 -36.47 93.89
N SER JA 88 35.81 -37.20 94.97
CA SER JA 88 35.60 -36.56 96.27
C SER JA 88 36.90 -36.00 96.82
N MET JA 89 37.89 -36.86 97.06
CA MET JA 89 39.16 -36.42 97.60
C MET JA 89 39.92 -35.60 96.56
N LYS JA 90 40.96 -34.93 97.03
CA LYS JA 90 41.89 -34.21 96.17
C LYS JA 90 43.23 -34.91 96.04
N GLU JA 91 43.65 -35.65 97.06
CA GLU JA 91 44.84 -36.49 97.01
C GLU JA 91 44.41 -37.95 97.04
N LEU JA 92 45.06 -38.77 96.23
CA LEU JA 92 44.67 -40.18 96.14
C LEU JA 92 44.97 -40.90 97.44
N ASP JA 93 44.09 -41.82 97.81
CA ASP JA 93 44.28 -42.63 99.01
C ASP JA 93 45.20 -43.81 98.70
N SER JA 94 45.41 -44.66 99.70
CA SER JA 94 46.30 -45.81 99.53
C SER JA 94 45.68 -46.84 98.60
N GLY JA 95 44.37 -47.04 98.68
CA GLY JA 95 43.71 -48.02 97.85
C GLY JA 95 43.83 -47.78 96.36
N LEU JA 96 44.14 -46.53 95.96
CA LEU JA 96 44.26 -46.17 94.56
C LEU JA 96 45.67 -45.77 94.17
N ALA JA 97 46.63 -45.85 95.10
CA ALA JA 97 48.01 -45.48 94.77
C ALA JA 97 48.58 -46.38 93.69
N GLU JA 98 48.43 -47.70 93.85
CA GLU JA 98 49.01 -48.63 92.90
C GLU JA 98 48.41 -48.45 91.51
N SER JA 99 47.08 -48.38 91.43
CA SER JA 99 46.43 -48.23 90.13
C SER JA 99 46.92 -46.99 89.41
N VAL JA 100 46.88 -45.85 90.08
CA VAL JA 100 47.28 -44.59 89.45
C VAL JA 100 48.75 -44.65 89.04
N SER JA 101 49.61 -45.13 89.95
CA SER JA 101 51.04 -45.19 89.66
C SER JA 101 51.31 -46.03 88.43
N THR JA 102 50.74 -47.24 88.37
CA THR JA 102 50.99 -48.13 87.25
C THR JA 102 50.40 -47.59 85.97
N LEU JA 103 49.20 -47.01 86.04
CA LEU JA 103 48.57 -46.49 84.83
C LEU JA 103 49.29 -45.25 84.30
N ILE JA 104 50.03 -44.55 85.15
CA ILE JA 104 50.84 -43.44 84.67
C ILE JA 104 52.18 -43.95 84.14
N TRP JA 105 52.73 -45.00 84.75
CA TRP JA 105 54.04 -45.49 84.35
C TRP JA 105 53.98 -46.29 83.06
N ALA JA 106 52.92 -47.08 82.87
CA ALA JA 106 52.81 -47.96 81.72
C ALA JA 106 52.24 -47.28 80.49
N ALA JA 107 51.63 -46.10 80.66
CA ALA JA 107 51.03 -45.42 79.50
C ALA JA 107 52.01 -45.22 78.37
N PRO JA 108 53.19 -44.62 78.58
CA PRO JA 108 54.14 -44.49 77.46
C PRO JA 108 54.62 -45.83 76.92
N ARG JA 109 54.60 -46.88 77.74
CA ARG JA 109 55.01 -48.19 77.27
C ARG JA 109 54.01 -48.74 76.25
N LEU JA 110 52.73 -48.76 76.61
CA LEU JA 110 51.68 -49.29 75.76
C LEU JA 110 50.92 -48.19 75.02
N GLN JA 111 51.55 -47.04 74.81
CA GLN JA 111 50.88 -45.94 74.13
C GLN JA 111 50.53 -46.30 72.69
N SER JA 112 51.35 -47.12 72.05
CA SER JA 112 51.09 -47.48 70.65
C SER JA 112 49.92 -48.46 70.55
N GLU JA 113 49.90 -49.48 71.41
CA GLU JA 113 48.82 -50.46 71.37
C GLU JA 113 47.49 -49.80 71.75
N VAL JA 114 47.44 -49.20 72.94
CA VAL JA 114 46.23 -48.57 73.46
C VAL JA 114 46.47 -47.06 73.47
N ALA JA 115 45.71 -46.34 72.65
CA ALA JA 115 45.87 -44.89 72.58
C ALA JA 115 45.21 -44.20 73.77
N GLU JA 116 43.98 -44.62 74.11
CA GLU JA 116 43.25 -43.99 75.19
C GLU JA 116 44.00 -44.02 76.51
N LEU JA 117 44.95 -44.95 76.65
CA LEU JA 117 45.74 -45.02 77.89
C LEU JA 117 46.52 -43.75 78.13
N LYS JA 118 46.97 -43.09 77.06
CA LYS JA 118 47.68 -41.82 77.23
C LYS JA 118 46.75 -40.75 77.78
N ILE JA 119 45.49 -40.73 77.32
CA ILE JA 119 44.53 -39.77 77.85
C ILE JA 119 44.25 -40.07 79.32
N VAL JA 120 44.16 -41.35 79.68
CA VAL JA 120 43.97 -41.71 81.08
C VAL JA 120 45.15 -41.19 81.91
N ALA JA 121 46.36 -41.40 81.41
CA ALA JA 121 47.55 -40.90 82.11
C ALA JA 121 47.49 -39.39 82.25
N ASP JA 122 47.02 -38.69 81.22
CA ASP JA 122 46.87 -37.24 81.29
C ASP JA 122 45.93 -36.85 82.42
N GLN JA 123 44.71 -37.40 82.40
CA GLN JA 123 43.74 -37.04 83.43
C GLN JA 123 44.24 -37.39 84.82
N LEU JA 124 45.07 -38.42 84.94
CA LEU JA 124 45.61 -38.78 86.25
C LEU JA 124 46.84 -37.96 86.64
N CYS JA 125 47.49 -37.31 85.68
CA CYS JA 125 48.58 -36.40 85.99
C CYS JA 125 48.11 -34.96 86.14
N ALA JA 126 47.06 -34.57 85.43
CA ALA JA 126 46.50 -33.23 85.53
C ALA JA 126 45.63 -33.05 86.77
N LYS JA 127 45.28 -34.13 87.47
CA LYS JA 127 44.46 -34.03 88.66
C LYS JA 127 45.28 -33.86 89.94
N TYR JA 128 46.55 -34.25 89.92
CA TYR JA 128 47.38 -34.24 91.10
C TYR JA 128 48.55 -33.27 90.93
N SER JA 129 48.97 -32.68 92.04
CA SER JA 129 50.11 -31.77 92.07
C SER JA 129 51.21 -32.22 93.01
N LYS JA 130 50.90 -33.01 94.02
CA LYS JA 130 51.90 -33.52 94.96
C LYS JA 130 52.76 -34.55 94.23
N GLU JA 131 53.98 -34.13 93.85
CA GLU JA 131 54.90 -34.99 93.10
C GLU JA 131 54.28 -35.42 91.77
N TYR JA 132 53.50 -34.54 91.16
CA TYR JA 132 52.80 -34.82 89.92
C TYR JA 132 53.28 -33.85 88.84
N GLY JA 133 52.69 -33.98 87.65
CA GLY JA 133 53.23 -33.31 86.49
C GLY JA 133 54.25 -34.19 85.79
N LYS JA 134 54.29 -34.10 84.46
CA LYS JA 134 55.12 -35.01 83.67
C LYS JA 134 56.45 -35.31 84.34
N LEU JA 135 57.21 -34.27 84.68
CA LEU JA 135 58.51 -34.46 85.34
C LEU JA 135 58.33 -35.13 86.70
N CYS JA 136 57.55 -34.51 87.59
CA CYS JA 136 57.33 -35.09 88.91
C CYS JA 136 56.53 -36.37 88.83
N ARG JA 137 55.71 -36.56 87.78
CA ARG JA 137 54.99 -37.81 87.62
C ARG JA 137 55.95 -38.94 87.30
N THR JA 138 57.02 -38.65 86.55
CA THR JA 138 58.05 -39.65 86.32
C THR JA 138 58.96 -39.80 87.55
N ASN JA 139 59.11 -38.74 88.34
CA ASN JA 139 59.95 -38.83 89.53
C ASN JA 139 59.28 -39.64 90.63
N GLN JA 140 57.96 -39.51 90.77
CA GLN JA 140 57.20 -40.23 91.79
C GLN JA 140 56.63 -41.54 91.27
N ILE JA 141 57.28 -42.17 90.30
CA ILE JA 141 56.82 -43.42 89.73
C ILE JA 141 57.48 -44.62 90.39
N GLY JA 142 58.09 -44.44 91.56
CA GLY JA 142 58.77 -45.52 92.24
C GLY JA 142 57.88 -46.29 93.19
N THR JA 143 56.60 -46.40 92.86
CA THR JA 143 55.65 -47.15 93.68
C THR JA 143 54.73 -48.02 92.83
N VAL JA 144 55.13 -48.37 91.62
CA VAL JA 144 54.30 -49.15 90.71
C VAL JA 144 54.47 -50.63 91.02
N ASN JA 145 53.53 -51.43 90.53
CA ASN JA 145 53.57 -52.88 90.70
C ASN JA 145 54.82 -53.43 90.03
N ASP JA 146 55.69 -54.06 90.83
CA ASP JA 146 56.93 -54.60 90.29
C ASP JA 146 56.66 -55.70 89.26
N ARG JA 147 55.63 -56.51 89.49
CA ARG JA 147 55.31 -57.58 88.54
C ARG JA 147 55.01 -57.01 87.16
N LEU JA 148 54.16 -55.98 87.10
CA LEU JA 148 53.85 -55.36 85.81
C LEU JA 148 55.11 -54.75 85.19
N MET JA 149 55.98 -54.17 86.01
CA MET JA 149 57.24 -53.67 85.50
C MET JA 149 58.04 -54.78 84.84
N HIS JA 150 58.01 -55.98 85.42
CA HIS JA 150 58.74 -57.11 84.84
C HIS JA 150 58.08 -57.57 83.56
N LYS JA 151 56.75 -57.62 83.52
CA LYS JA 151 56.07 -58.06 82.32
C LYS JA 151 56.35 -57.13 81.14
N LEU JA 152 56.42 -55.82 81.40
CA LEU JA 152 56.70 -54.83 80.39
C LEU JA 152 58.18 -54.44 80.35
N SER JA 153 59.04 -55.23 81.00
CA SER JA 153 60.47 -54.95 80.98
C SER JA 153 61.04 -55.30 79.62
N VAL JA 154 61.72 -54.35 79.00
CA VAL JA 154 62.29 -54.54 77.67
C VAL JA 154 63.71 -55.07 77.87
N GLU JA 155 63.82 -56.40 77.94
CA GLU JA 155 65.10 -57.04 78.19
C GLU JA 155 65.10 -58.41 77.54
N ALA JA 156 66.29 -58.88 77.18
CA ALA JA 156 66.44 -60.20 76.62
C ALA JA 156 66.03 -61.24 77.66
N PRO JA 157 64.97 -62.02 77.43
CA PRO JA 157 64.53 -62.99 78.43
C PRO JA 157 65.63 -63.98 78.75
N PRO JA 158 65.55 -64.66 79.89
CA PRO JA 158 66.59 -65.64 80.24
C PRO JA 158 66.62 -66.79 79.27
N LYS JA 159 67.85 -67.25 78.95
CA LYS JA 159 68.00 -68.30 77.95
C LYS JA 159 67.35 -69.60 78.39
N ILE JA 160 67.48 -69.94 79.67
CA ILE JA 160 66.90 -71.19 80.18
C ILE JA 160 65.39 -71.18 80.00
N LEU JA 161 64.78 -70.01 80.19
CA LEU JA 161 63.31 -69.85 80.02
C LEU JA 161 62.96 -70.14 78.56
N VAL JA 162 63.78 -69.65 77.63
CA VAL JA 162 63.55 -69.87 76.17
C VAL JA 162 63.65 -71.37 75.88
N GLU JA 163 64.63 -72.04 76.49
CA GLU JA 163 64.84 -73.50 76.29
C GLU JA 163 63.60 -74.24 76.81
N ARG JA 164 63.07 -73.83 77.97
CA ARG JA 164 61.88 -74.47 78.56
C ARG JA 164 60.69 -74.27 77.62
N TYR JA 165 60.56 -73.07 77.05
CA TYR JA 165 59.46 -72.75 76.10
C TYR JA 165 59.58 -73.65 74.87
N LEU JA 166 60.80 -73.85 74.37
CA LEU JA 166 61.01 -74.69 73.20
C LEU JA 166 60.76 -76.16 73.53
N ILE JA 167 61.22 -76.60 74.70
CA ILE JA 167 60.99 -77.99 75.12
C ILE JA 167 59.49 -78.28 75.16
N GLU JA 168 58.72 -77.39 75.78
CA GLU JA 168 57.29 -77.62 75.89
C GLU JA 168 56.61 -77.63 74.52
N ILE JA 169 56.96 -76.66 73.66
CA ILE JA 169 56.33 -76.61 72.35
C ILE JA 169 56.65 -77.86 71.54
N ALA JA 170 57.92 -78.29 71.58
CA ALA JA 170 58.30 -79.51 70.88
C ALA JA 170 57.54 -80.72 71.42
N LYS JA 171 57.55 -80.89 72.74
CA LYS JA 171 56.85 -82.01 73.35
C LYS JA 171 55.37 -82.02 72.99
N ASN JA 172 54.77 -80.85 72.79
CA ASN JA 172 53.36 -80.80 72.45
C ASN JA 172 53.11 -81.10 70.98
N TYR JA 173 53.97 -80.58 70.10
CA TYR JA 173 53.76 -80.72 68.67
C TYR JA 173 54.46 -81.96 68.08
N ASN JA 174 54.89 -82.89 68.93
CA ASN JA 174 55.45 -84.16 68.46
C ASN JA 174 56.67 -83.93 67.58
N VAL JA 175 57.55 -83.05 68.01
CA VAL JA 175 58.79 -82.74 67.27
C VAL JA 175 59.96 -82.99 68.21
N PRO JA 176 61.05 -83.62 67.75
CA PRO JA 176 62.23 -83.76 68.60
C PRO JA 176 62.98 -82.45 68.73
N TYR JA 177 63.65 -82.28 69.87
CA TYR JA 177 64.43 -81.07 70.11
C TYR JA 177 65.45 -81.37 71.20
N GLU JA 178 66.72 -81.03 70.94
CA GLU JA 178 67.80 -81.25 71.89
C GLU JA 178 68.20 -79.92 72.52
N PRO JA 179 67.80 -79.64 73.75
CA PRO JA 179 68.10 -78.32 74.34
C PRO JA 179 69.60 -78.10 74.46
N ASP JA 180 69.98 -76.83 74.46
CA ASP JA 180 71.37 -76.45 74.66
C ASP JA 180 71.76 -76.77 76.10
N SER JA 181 72.59 -77.79 76.28
CA SER JA 181 72.90 -78.22 77.63
C SER JA 181 73.60 -77.11 78.42
N VAL JA 182 74.40 -76.28 77.74
CA VAL JA 182 75.15 -75.21 78.43
C VAL JA 182 74.21 -74.36 79.27
N VAL JA 183 73.02 -74.06 78.73
CA VAL JA 183 72.04 -73.22 79.41
C VAL JA 183 71.00 -74.10 80.08
N MET JA 184 70.73 -75.26 79.49
CA MET JA 184 69.71 -76.16 80.05
C MET JA 184 70.12 -76.74 81.41
N ALA JA 185 71.41 -76.78 81.71
CA ALA JA 185 71.89 -77.32 82.96
C ALA JA 185 72.35 -76.26 83.95
N GLU JA 186 72.83 -75.12 83.49
CA GLU JA 186 73.30 -74.06 84.36
C GLU JA 186 72.11 -73.29 84.93
N ASN KA 3 62.88 -6.12 -18.92
CA ASN KA 3 62.99 -5.98 -20.36
C ASN KA 3 63.34 -7.31 -21.02
N MET KA 4 64.41 -7.94 -20.52
CA MET KA 4 64.86 -9.20 -21.10
C MET KA 4 63.82 -10.31 -20.89
N GLU KA 5 63.03 -10.22 -19.83
CA GLU KA 5 62.01 -11.23 -19.59
C GLU KA 5 60.98 -11.24 -20.72
N LYS KA 6 60.65 -10.07 -21.25
CA LYS KA 6 59.73 -9.99 -22.37
C LYS KA 6 60.30 -10.69 -23.60
N HIS KA 7 61.59 -10.45 -23.88
CA HIS KA 7 62.22 -11.09 -25.02
C HIS KA 7 62.27 -12.60 -24.84
N LEU KA 8 62.54 -13.06 -23.62
CA LEU KA 8 62.50 -14.50 -23.34
C LEU KA 8 61.12 -15.07 -23.60
N PHE KA 9 60.08 -14.37 -23.13
CA PHE KA 9 58.72 -14.81 -23.37
C PHE KA 9 58.43 -14.93 -24.86
N ASN KA 10 58.82 -13.91 -25.63
CA ASN KA 10 58.59 -13.95 -27.07
C ASN KA 10 59.34 -15.10 -27.72
N LEU KA 11 60.57 -15.36 -27.27
CA LEU KA 11 61.35 -16.46 -27.83
C LEU KA 11 60.68 -17.81 -27.58
N LYS KA 12 60.24 -18.04 -26.33
CA LYS KA 12 59.59 -19.30 -26.01
C LYS KA 12 58.28 -19.43 -26.77
N PHE KA 13 57.55 -18.33 -26.92
CA PHE KA 13 56.31 -18.37 -27.69
C PHE KA 13 56.57 -18.74 -29.14
N ALA KA 14 57.63 -18.17 -29.74
CA ALA KA 14 57.96 -18.51 -31.12
C ALA KA 14 58.36 -19.97 -31.24
N ALA KA 15 59.11 -20.49 -30.27
CA ALA KA 15 59.48 -21.91 -30.31
C ALA KA 15 58.24 -22.80 -30.27
N LYS KA 16 57.31 -22.49 -29.34
CA LYS KA 16 56.09 -23.28 -29.25
C LYS KA 16 55.28 -23.18 -30.54
N GLU KA 17 55.24 -22.00 -31.14
CA GLU KA 17 54.52 -21.83 -32.41
C GLU KA 17 55.14 -22.70 -33.49
N LEU KA 18 56.47 -22.74 -33.57
CA LEU KA 18 57.14 -23.57 -34.56
C LEU KA 18 56.82 -25.04 -34.34
N SER KA 19 56.81 -25.48 -33.08
CA SER KA 19 56.49 -26.88 -32.79
C SER KA 19 55.07 -27.20 -33.23
N ARG KA 20 54.11 -26.33 -32.87
CA ARG KA 20 52.73 -26.53 -33.29
C ARG KA 20 52.63 -26.60 -34.81
N SER KA 21 53.34 -25.72 -35.51
CA SER KA 21 53.27 -25.71 -36.96
C SER KA 21 53.86 -27.00 -37.55
N ALA KA 22 54.93 -27.51 -36.95
CA ALA KA 22 55.49 -28.78 -37.41
C ALA KA 22 54.48 -29.91 -37.24
N LYS KA 23 53.82 -29.96 -36.08
CA LYS KA 23 52.80 -30.99 -35.87
C LYS KA 23 51.69 -30.87 -36.90
N LYS KA 24 51.20 -29.66 -37.12
CA LYS KA 24 50.13 -29.44 -38.08
C LYS KA 24 50.55 -29.86 -39.49
N CYS KA 25 51.79 -29.56 -39.86
CA CYS KA 25 52.26 -29.91 -41.21
C CYS KA 25 52.39 -31.43 -41.37
N ASP KA 26 52.84 -32.11 -40.32
CA ASP KA 26 52.86 -33.58 -40.36
C ASP KA 26 51.45 -34.12 -40.56
N LYS KA 27 50.48 -33.59 -39.83
CA LYS KA 27 49.09 -34.02 -40.00
C LYS KA 27 48.62 -33.80 -41.43
N GLU KA 28 48.93 -32.62 -41.98
CA GLU KA 28 48.50 -32.31 -43.34
C GLU KA 28 49.15 -33.27 -44.35
N GLU KA 29 50.41 -33.65 -44.11
CA GLU KA 29 51.04 -34.64 -44.97
C GLU KA 29 50.29 -35.96 -44.91
N LYS KA 30 49.94 -36.39 -43.69
CA LYS KA 30 49.20 -37.65 -43.54
C LYS KA 30 47.88 -37.60 -44.30
N ALA KA 31 47.24 -36.42 -44.35
CA ALA KA 31 45.99 -36.29 -45.10
C ALA KA 31 46.22 -36.31 -46.60
N GLU KA 32 47.22 -35.56 -47.06
CA GLU KA 32 47.51 -35.52 -48.49
C GLU KA 32 47.92 -36.88 -49.03
N LYS KA 33 48.47 -37.74 -48.17
CA LYS KA 33 48.76 -39.10 -48.63
C LYS KA 33 47.47 -39.86 -48.94
N ALA KA 34 46.46 -39.73 -48.10
CA ALA KA 34 45.15 -40.29 -48.42
C ALA KA 34 44.63 -39.76 -49.73
N LYS KA 35 44.75 -38.44 -49.93
CA LYS KA 35 44.20 -37.84 -51.15
C LYS KA 35 44.93 -38.34 -52.39
N ILE KA 36 46.26 -38.47 -52.31
CA ILE KA 36 47.01 -38.97 -53.47
C ILE KA 36 46.66 -40.43 -53.74
N GLU KA 37 46.44 -41.22 -52.70
CA GLU KA 37 45.99 -42.59 -52.91
C GLU KA 37 44.67 -42.62 -53.65
N LYS KA 38 43.71 -41.80 -53.21
CA LYS KA 38 42.43 -41.74 -53.89
C LYS KA 38 42.62 -41.34 -55.36
N ALA KA 39 43.42 -40.31 -55.61
CA ALA KA 39 43.56 -39.81 -56.97
C ALA KA 39 44.27 -40.82 -57.87
N ILE KA 40 45.22 -41.57 -57.33
CA ILE KA 40 45.87 -42.60 -58.13
C ILE KA 40 44.92 -43.77 -58.36
N GLN KA 41 43.95 -43.96 -57.48
CA GLN KA 41 42.90 -44.94 -57.77
C GLN KA 41 42.00 -44.47 -58.90
N LYS KA 42 41.57 -43.21 -58.85
CA LYS KA 42 40.72 -42.67 -59.91
C LYS KA 42 41.43 -42.55 -61.24
N GLY KA 43 42.76 -42.65 -61.26
CA GLY KA 43 43.52 -42.52 -62.49
C GLY KA 43 44.04 -41.13 -62.78
N ASN KA 44 43.69 -40.14 -61.98
CA ASN KA 44 44.16 -38.78 -62.20
C ASN KA 44 45.66 -38.71 -61.95
N MET KA 45 46.44 -38.51 -63.02
CA MET KA 45 47.88 -38.36 -62.88
C MET KA 45 48.24 -36.96 -62.40
N GLU KA 46 47.56 -35.94 -62.91
CA GLU KA 46 47.91 -34.57 -62.56
C GLU KA 46 47.53 -34.25 -61.12
N VAL KA 47 46.36 -34.70 -60.66
CA VAL KA 47 45.98 -34.47 -59.28
C VAL KA 47 46.88 -35.28 -58.35
N ALA KA 48 47.30 -36.46 -58.78
CA ALA KA 48 48.26 -37.22 -58.00
C ALA KA 48 49.59 -36.47 -57.88
N ARG KA 49 50.04 -35.86 -58.97
CA ARG KA 49 51.24 -35.05 -58.92
C ARG KA 49 51.08 -33.89 -57.94
N ILE KA 50 49.95 -33.21 -58.00
CA ILE KA 50 49.70 -32.07 -57.12
C ILE KA 50 49.75 -32.51 -55.66
N HIS KA 51 49.04 -33.59 -55.35
CA HIS KA 51 48.98 -34.04 -53.96
C HIS KA 51 50.32 -34.60 -53.49
N ALA KA 52 51.10 -35.19 -54.40
CA ALA KA 52 52.44 -35.64 -54.03
C ALA KA 52 53.34 -34.45 -53.72
N GLU KA 53 53.28 -33.41 -54.55
CA GLU KA 53 54.03 -32.18 -54.26
C GLU KA 53 53.64 -31.63 -52.90
N ASN KA 54 52.34 -31.56 -52.63
CA ASN KA 54 51.89 -31.05 -51.34
C ASN KA 54 52.41 -31.90 -50.20
N ALA KA 55 52.35 -33.22 -50.33
CA ALA KA 55 52.78 -34.10 -49.25
C ALA KA 55 54.27 -33.97 -49.00
N ILE KA 56 55.08 -33.99 -50.05
CA ILE KA 56 56.52 -33.86 -49.90
C ILE KA 56 56.86 -32.50 -49.28
N ARG KA 57 56.20 -31.44 -49.74
CA ARG KA 57 56.45 -30.11 -49.20
C ARG KA 57 56.11 -30.06 -47.72
N GLN KA 58 54.97 -30.63 -47.33
CA GLN KA 58 54.56 -30.62 -45.93
C GLN KA 58 55.54 -31.41 -45.08
N LYS KA 59 56.00 -32.56 -45.57
CA LYS KA 59 56.98 -33.35 -44.84
C LYS KA 59 58.26 -32.55 -44.61
N ASN KA 60 58.81 -31.97 -45.69
CA ASN KA 60 60.06 -31.25 -45.57
C ASN KA 60 59.91 -30.03 -44.67
N GLN KA 61 58.82 -29.28 -44.82
CA GLN KA 61 58.64 -28.08 -44.01
C GLN KA 61 58.35 -28.44 -42.56
N ALA KA 62 57.76 -29.60 -42.30
CA ALA KA 62 57.58 -30.04 -40.92
C ALA KA 62 58.92 -30.37 -40.29
N VAL KA 63 59.79 -31.08 -41.02
CA VAL KA 63 61.13 -31.36 -40.50
C VAL KA 63 61.86 -30.05 -40.23
N ASN KA 64 61.75 -29.09 -41.16
CA ASN KA 64 62.43 -27.81 -40.99
C ASN KA 64 61.90 -27.07 -39.77
N PHE KA 65 60.57 -27.03 -39.61
CA PHE KA 65 59.98 -26.38 -38.45
C PHE KA 65 60.44 -27.05 -37.16
N LEU KA 66 60.57 -28.38 -37.17
CA LEU KA 66 60.99 -29.08 -35.97
C LEU KA 66 62.42 -28.71 -35.60
N ARG KA 67 63.33 -28.74 -36.57
CA ARG KA 67 64.71 -28.35 -36.32
C ARG KA 67 64.78 -26.91 -35.84
N MET KA 68 64.01 -26.02 -36.49
CA MET KA 68 64.00 -24.62 -36.13
C MET KA 68 63.51 -24.41 -34.70
N SER KA 69 62.44 -25.12 -34.33
CA SER KA 69 61.94 -25.04 -32.97
C SER KA 69 62.95 -25.56 -31.96
N ALA KA 70 63.70 -26.62 -32.33
CA ALA KA 70 64.75 -27.10 -31.44
C ALA KA 70 65.80 -26.02 -31.22
N ARG KA 71 66.23 -25.34 -32.30
CA ARG KA 71 67.22 -24.29 -32.16
C ARG KA 71 66.71 -23.16 -31.27
N VAL KA 72 65.47 -22.71 -31.51
CA VAL KA 72 64.91 -21.64 -30.71
C VAL KA 72 64.73 -22.07 -29.27
N ASP KA 73 64.43 -23.36 -29.04
CA ASP KA 73 64.33 -23.87 -27.68
C ASP KA 73 65.66 -23.81 -26.97
N ALA KA 74 66.74 -24.19 -27.64
CA ALA KA 74 68.06 -24.09 -27.05
C ALA KA 74 68.37 -22.65 -26.69
N VAL KA 75 68.12 -21.73 -27.63
CA VAL KA 75 68.42 -20.31 -27.38
C VAL KA 75 67.59 -19.78 -26.22
N ALA KA 76 66.32 -20.17 -26.15
CA ALA KA 76 65.45 -19.68 -25.08
C ALA KA 76 65.85 -20.25 -23.73
N ALA KA 77 66.27 -21.51 -23.70
CA ALA KA 77 66.78 -22.07 -22.45
C ALA KA 77 68.01 -21.33 -21.99
N ARG KA 78 68.92 -21.02 -22.92
CA ARG KA 78 70.10 -20.26 -22.58
C ARG KA 78 69.74 -18.88 -22.03
N VAL KA 79 68.78 -18.21 -22.67
CA VAL KA 79 68.39 -16.88 -22.24
C VAL KA 79 67.70 -16.92 -20.89
N GLN KA 80 66.91 -17.96 -20.64
CA GLN KA 80 66.25 -18.10 -19.34
C GLN KA 80 67.28 -18.34 -18.23
N THR KA 81 68.27 -19.19 -18.51
CA THR KA 81 69.38 -19.34 -17.58
C THR KA 81 70.05 -18.00 -17.31
N ALA KA 82 70.30 -17.23 -18.36
CA ALA KA 82 70.94 -15.93 -18.18
C ALA KA 82 70.10 -15.00 -17.33
N VAL KA 83 68.78 -15.00 -17.53
CA VAL KA 83 67.90 -14.13 -16.76
C VAL KA 83 67.93 -14.52 -15.28
N THR KA 84 67.78 -15.81 -15.01
CA THR KA 84 67.79 -16.26 -13.62
C THR KA 84 69.13 -15.94 -12.96
N MET KA 85 70.23 -16.18 -13.66
CA MET KA 85 71.54 -15.89 -13.10
C MET KA 85 71.75 -14.39 -12.92
N GLY KA 86 71.15 -13.57 -13.78
CA GLY KA 86 71.23 -12.13 -13.58
C GLY KA 86 70.49 -11.68 -12.34
N LYS KA 87 69.30 -12.25 -12.11
CA LYS KA 87 68.61 -11.99 -10.86
C LYS KA 87 69.45 -12.41 -9.66
N VAL KA 88 70.05 -13.59 -9.74
CA VAL KA 88 70.88 -14.08 -8.63
C VAL KA 88 72.06 -13.16 -8.40
N THR KA 89 72.72 -12.73 -9.47
CA THR KA 89 73.89 -11.86 -9.35
C THR KA 89 73.51 -10.50 -8.77
N LYS KA 90 72.38 -9.95 -9.21
CA LYS KA 90 71.90 -8.69 -8.65
C LYS KA 90 71.62 -8.84 -7.16
N SER KA 91 70.95 -9.93 -6.77
CA SER KA 91 70.66 -10.13 -5.35
C SER KA 91 71.94 -10.28 -4.54
N MET KA 92 72.93 -10.98 -5.09
CA MET KA 92 74.17 -11.16 -4.34
C MET KA 92 74.99 -9.88 -4.28
N ALA KA 93 74.89 -9.03 -5.30
CA ALA KA 93 75.52 -7.72 -5.23
C ALA KA 93 74.86 -6.86 -4.15
N GLY KA 94 73.53 -6.85 -4.11
CA GLY KA 94 72.85 -6.13 -3.03
C GLY KA 94 73.24 -6.65 -1.66
N VAL KA 95 73.31 -7.98 -1.53
CA VAL KA 95 73.71 -8.58 -0.25
C VAL KA 95 75.12 -8.16 0.10
N VAL KA 96 76.02 -8.14 -0.89
CA VAL KA 96 77.40 -7.73 -0.63
C VAL KA 96 77.45 -6.30 -0.14
N LYS KA 97 76.68 -5.41 -0.78
CA LYS KA 97 76.66 -4.02 -0.35
C LYS KA 97 76.16 -3.88 1.08
N SER KA 98 75.02 -4.53 1.38
CA SER KA 98 74.45 -4.43 2.72
C SER KA 98 75.39 -5.00 3.77
N MET KA 99 75.97 -6.18 3.49
CA MET KA 99 76.91 -6.78 4.43
C MET KA 99 78.17 -5.94 4.58
N ASP KA 100 78.60 -5.27 3.52
CA ASP KA 100 79.75 -4.39 3.64
C ASP KA 100 79.45 -3.24 4.59
N ALA KA 101 78.31 -2.57 4.37
CA ALA KA 101 77.93 -1.49 5.28
C ALA KA 101 77.86 -1.99 6.72
N THR KA 102 77.20 -3.14 6.93
CA THR KA 102 77.02 -3.64 8.29
C THR KA 102 78.35 -4.01 8.93
N LEU KA 103 79.13 -4.87 8.28
CA LEU KA 103 80.42 -5.28 8.82
C LEU KA 103 81.37 -4.10 8.99
N LYS KA 104 81.14 -3.00 8.28
CA LYS KA 104 81.88 -1.78 8.55
C LYS KA 104 81.40 -1.15 9.85
N THR KA 105 80.09 -1.08 10.03
CA THR KA 105 79.53 -0.54 11.27
C THR KA 105 79.76 -1.51 12.43
N MET KA 106 79.32 -2.76 12.28
CA MET KA 106 79.43 -3.78 13.31
C MET KA 106 80.54 -4.75 12.89
N ASN KA 107 81.78 -4.41 13.24
CA ASN KA 107 82.93 -5.21 12.89
C ASN KA 107 83.24 -6.20 14.02
N LEU KA 108 84.30 -6.98 13.83
CA LEU KA 108 84.63 -8.03 14.79
C LEU KA 108 85.11 -7.44 16.11
N GLU KA 109 85.88 -6.35 16.06
CA GLU KA 109 86.30 -5.69 17.28
C GLU KA 109 85.10 -5.23 18.10
N LYS KA 110 84.21 -4.47 17.47
CA LYS KA 110 83.04 -3.96 18.18
C LYS KA 110 82.16 -5.09 18.67
N ILE KA 111 82.00 -6.14 17.86
CA ILE KA 111 81.14 -7.26 18.26
C ILE KA 111 81.72 -7.97 19.47
N SER KA 112 83.03 -8.24 19.44
CA SER KA 112 83.68 -8.89 20.57
C SER KA 112 83.57 -8.06 21.83
N ALA KA 113 83.81 -6.75 21.72
CA ALA KA 113 83.69 -5.88 22.89
C ALA KA 113 82.26 -5.85 23.41
N LEU KA 114 81.29 -5.76 22.50
CA LEU KA 114 79.89 -5.75 22.88
C LEU KA 114 79.51 -7.03 23.61
N MET KA 115 80.07 -8.16 23.18
CA MET KA 115 79.73 -9.43 23.80
C MET KA 115 80.40 -9.59 25.15
N ASP KA 116 81.65 -9.15 25.27
CA ASP KA 116 82.28 -9.11 26.58
C ASP KA 116 81.47 -8.24 27.54
N LYS KA 117 80.96 -7.12 27.03
CA LYS KA 117 80.13 -6.24 27.86
C LYS KA 117 78.83 -6.92 28.26
N PHE KA 118 78.19 -7.61 27.32
CA PHE KA 118 76.97 -8.36 27.64
C PHE KA 118 77.23 -9.37 28.74
N GLU KA 119 78.29 -10.17 28.59
CA GLU KA 119 78.62 -11.18 29.58
C GLU KA 119 78.86 -10.54 30.95
N HIS KA 120 79.65 -9.47 30.99
CA HIS KA 120 79.98 -8.85 32.27
C HIS KA 120 78.74 -8.21 32.90
N GLN KA 121 77.90 -7.57 32.10
CA GLN KA 121 76.68 -6.96 32.62
C GLN KA 121 75.77 -8.01 33.22
N PHE KA 122 75.62 -9.15 32.54
CA PHE KA 122 74.71 -10.17 33.07
C PHE KA 122 75.34 -10.95 34.22
N GLU KA 123 76.67 -10.98 34.31
CA GLU KA 123 77.30 -11.49 35.53
C GLU KA 123 77.02 -10.57 36.71
N THR KA 124 77.18 -9.26 36.49
CA THR KA 124 76.80 -8.30 37.52
C THR KA 124 75.33 -8.47 37.91
N LEU KA 125 74.48 -8.76 36.93
CA LEU KA 125 73.08 -9.00 37.21
C LEU KA 125 72.87 -10.29 37.99
N ASP KA 126 73.76 -11.27 37.76
CA ASP KA 126 73.73 -12.55 38.51
C ASP KA 126 74.03 -12.24 39.99
N VAL KA 127 74.99 -11.35 40.24
CA VAL KA 127 75.37 -10.96 41.60
C VAL KA 127 74.24 -10.18 42.25
N GLN KA 128 73.66 -9.23 41.51
CA GLN KA 128 72.54 -8.47 42.02
C GLN KA 128 71.38 -9.39 42.39
N THR KA 129 71.08 -10.36 41.52
CA THR KA 129 69.98 -11.28 41.79
C THR KA 129 70.23 -12.08 43.05
N GLN KA 130 71.46 -12.60 43.22
CA GLN KA 130 71.79 -13.38 44.40
C GLN KA 130 71.62 -12.54 45.66
N GLN KA 131 72.17 -11.34 45.66
CA GLN KA 131 72.07 -10.49 46.85
C GLN KA 131 70.64 -10.09 47.13
N MET KA 132 69.92 -9.67 46.08
CA MET KA 132 68.51 -9.32 46.21
C MET KA 132 67.71 -10.48 46.76
N GLU KA 133 68.04 -11.70 46.37
CA GLU KA 133 67.29 -12.85 46.85
C GLU KA 133 67.62 -13.15 48.31
N ASP KA 134 68.90 -13.05 48.67
CA ASP KA 134 69.28 -13.17 50.07
C ASP KA 134 68.48 -12.21 50.92
N THR KA 135 68.38 -10.95 50.48
CA THR KA 135 67.65 -9.96 51.28
C THR KA 135 66.14 -10.25 51.29
N MET KA 136 65.57 -10.57 50.12
CA MET KA 136 64.15 -10.91 50.08
C MET KA 136 63.83 -12.03 51.05
N SER KA 137 64.70 -13.03 51.14
CA SER KA 137 64.47 -14.13 52.05
C SER KA 137 64.63 -13.69 53.50
N SER KA 138 65.65 -12.88 53.79
CA SER KA 138 65.87 -12.40 55.15
C SER KA 138 64.70 -11.54 55.62
N THR KA 139 64.00 -10.89 54.70
CA THR KA 139 62.88 -10.04 55.10
C THR KA 139 61.75 -10.87 55.70
N THR KA 140 61.43 -12.00 55.08
CA THR KA 140 60.31 -12.84 55.49
C THR KA 140 60.87 -14.17 55.99
N THR KA 141 61.23 -14.20 57.27
CA THR KA 141 61.72 -15.41 57.92
C THR KA 141 60.83 -15.90 59.06
N LEU KA 142 59.97 -15.04 59.60
CA LEU KA 142 59.05 -15.43 60.66
C LEU KA 142 57.74 -16.01 60.13
N THR KA 143 57.43 -15.76 58.86
CA THR KA 143 56.29 -16.41 58.21
C THR KA 143 56.65 -17.77 57.65
N THR KA 144 57.94 -18.00 57.36
CA THR KA 144 58.42 -19.26 56.80
C THR KA 144 59.55 -19.79 57.68
N PRO KA 145 59.22 -20.41 58.81
CA PRO KA 145 60.27 -21.01 59.64
C PRO KA 145 60.84 -22.26 58.99
N GLN KA 146 62.17 -22.37 59.03
CA GLN KA 146 62.83 -23.53 58.45
C GLN KA 146 62.36 -24.83 59.10
N ASN KA 147 62.16 -24.80 60.42
CA ASN KA 147 61.72 -26.01 61.12
C ASN KA 147 60.37 -26.50 60.61
N GLN KA 148 59.43 -25.59 60.40
CA GLN KA 148 58.12 -25.98 59.93
C GLN KA 148 58.19 -26.57 58.53
N VAL KA 149 59.00 -25.98 57.65
CA VAL KA 149 59.14 -26.51 56.30
C VAL KA 149 59.76 -27.90 56.33
N ASP KA 150 60.81 -28.08 57.13
CA ASP KA 150 61.42 -29.39 57.27
C ASP KA 150 60.41 -30.42 57.75
N MET KA 151 59.62 -30.05 58.76
CA MET KA 151 58.63 -30.99 59.29
C MET KA 151 57.58 -31.33 58.26
N LEU KA 152 57.10 -30.33 57.51
CA LEU KA 152 56.11 -30.60 56.48
C LEU KA 152 56.67 -31.54 55.43
N LEU KA 153 57.92 -31.32 55.00
CA LEU KA 153 58.51 -32.20 54.00
C LEU KA 153 58.66 -33.61 54.56
N GLN KA 154 59.09 -33.75 55.81
CA GLN KA 154 59.22 -35.08 56.39
C GLN KA 154 57.88 -35.80 56.46
N GLU KA 155 56.83 -35.09 56.88
CA GLU KA 155 55.52 -35.71 56.96
C GLU KA 155 55.01 -36.11 55.59
N MET KA 156 55.17 -35.24 54.59
CA MET KA 156 54.69 -35.57 53.25
C MET KA 156 55.46 -36.75 52.67
N ALA KA 157 56.78 -36.81 52.92
CA ALA KA 157 57.56 -37.95 52.47
C ALA KA 157 57.09 -39.23 53.14
N ASP KA 158 57.04 -39.23 54.47
CA ASP KA 158 56.63 -40.43 55.20
C ASP KA 158 55.25 -40.89 54.76
N GLU KA 159 54.34 -39.96 54.49
CA GLU KA 159 53.02 -40.33 53.98
C GLU KA 159 53.14 -40.96 52.61
N ALA KA 160 53.93 -40.35 51.72
CA ALA KA 160 54.15 -40.93 50.40
C ALA KA 160 55.02 -42.18 50.46
N GLY KA 161 55.61 -42.48 51.62
CA GLY KA 161 56.46 -43.64 51.76
C GLY KA 161 57.84 -43.50 51.14
N LEU KA 162 58.06 -42.46 50.33
CA LEU KA 162 59.33 -42.29 49.64
C LEU KA 162 60.36 -41.68 50.58
N ASP KA 163 61.51 -41.30 50.03
CA ASP KA 163 62.55 -40.62 50.78
C ASP KA 163 63.09 -39.47 49.93
N LEU KA 164 63.76 -38.54 50.60
CA LEU KA 164 64.24 -37.32 49.98
C LEU KA 164 65.76 -37.32 49.96
N ASN KA 165 66.34 -37.16 48.77
CA ASN KA 165 67.78 -37.11 48.62
C ASN KA 165 68.19 -35.88 47.82
N GLU KA 187 67.54 -27.76 70.33
CA GLU KA 187 68.33 -28.94 70.01
C GLU KA 187 69.81 -28.60 70.02
N LEU KA 188 70.39 -28.36 68.84
CA LEU KA 188 71.79 -27.97 68.76
C LEU KA 188 72.03 -26.63 69.44
N SER KA 189 71.04 -25.73 69.39
CA SER KA 189 71.21 -24.41 69.97
C SER KA 189 71.52 -24.50 71.46
N GLN KA 190 70.95 -25.46 72.15
CA GLN KA 190 71.21 -25.60 73.58
C GLN KA 190 72.65 -26.03 73.83
N ARG KA 191 73.16 -26.99 73.04
CA ARG KA 191 74.55 -27.38 73.18
C ARG KA 191 75.48 -26.23 72.87
N LEU KA 192 75.14 -25.43 71.85
CA LEU KA 192 75.98 -24.29 71.51
C LEU KA 192 75.95 -23.24 72.61
N ALA KA 193 74.80 -23.06 73.26
CA ALA KA 193 74.72 -22.11 74.37
C ALA KA 193 75.54 -22.59 75.56
N ARG KA 194 75.44 -23.89 75.88
CA ARG KA 194 76.25 -24.44 76.96
C ARG KA 194 77.74 -24.28 76.65
N LEU KA 195 78.12 -24.45 75.38
CA LEU KA 195 79.50 -24.24 74.98
C LEU KA 195 79.88 -22.76 75.11
N ARG KA 196 78.94 -21.87 74.80
CA ARG KA 196 79.20 -20.44 74.91
C ARG KA 196 79.43 -20.03 76.37
N ASP KA 197 78.68 -20.64 77.29
CA ASP KA 197 78.90 -20.37 78.71
C ASP KA 197 80.33 -20.74 79.11
N GLN KA 198 80.89 -21.78 78.51
CA GLN KA 198 82.26 -22.19 78.78
C GLN KA 198 82.46 -22.50 80.26
N PHE LA 6 64.61 16.89 79.06
CA PHE LA 6 64.23 15.51 79.29
C PHE LA 6 62.72 15.36 79.39
N LYS LA 7 62.18 14.40 78.63
CA LYS LA 7 60.72 14.09 78.58
C LYS LA 7 60.53 12.66 79.10
N ALA LA 8 59.58 12.46 80.02
CA ALA LA 8 59.38 11.14 80.61
C ALA LA 8 58.60 10.22 79.67
N GLU LA 9 57.44 10.67 79.19
CA GLU LA 9 56.64 9.83 78.32
C GLU LA 9 57.39 9.44 77.05
N ARG LA 10 58.23 10.34 76.54
CA ARG LA 10 59.08 10.00 75.41
C ARG LA 10 59.98 8.81 75.75
N LEU LA 11 60.60 8.85 76.93
CA LEU LA 11 61.46 7.75 77.36
C LEU LA 11 60.66 6.46 77.49
N ARG LA 12 59.46 6.54 78.07
CA ARG LA 12 58.60 5.36 78.21
C ARG LA 12 58.31 4.73 76.86
N VAL LA 13 57.85 5.55 75.91
CA VAL LA 13 57.49 5.05 74.58
C VAL LA 13 58.71 4.45 73.90
N ASN LA 14 59.85 5.13 73.98
CA ASN LA 14 61.05 4.61 73.35
C ASN LA 14 61.50 3.30 73.99
N LEU LA 15 61.31 3.15 75.30
CA LEU LA 15 61.66 1.89 75.95
C LEU LA 15 60.77 0.75 75.45
N ARG LA 16 59.46 1.00 75.35
CA ARG LA 16 58.58 -0.03 74.83
C ARG LA 16 58.94 -0.40 73.39
N LEU LA 17 59.26 0.62 72.58
CA LEU LA 17 59.66 0.35 71.19
C LEU LA 17 60.94 -0.45 71.13
N VAL LA 18 61.91 -0.12 71.99
CA VAL LA 18 63.17 -0.86 72.03
C VAL LA 18 62.91 -2.31 72.40
N ILE LA 19 62.02 -2.54 73.36
CA ILE LA 19 61.69 -3.91 73.77
C ILE LA 19 61.14 -4.69 72.58
N ASN LA 20 60.14 -4.13 71.90
CA ASN LA 20 59.54 -4.81 70.76
C ASN LA 20 60.58 -5.09 69.67
N ARG LA 21 61.40 -4.08 69.36
CA ARG LA 21 62.41 -4.22 68.33
C ARG LA 21 63.40 -5.32 68.69
N LEU LA 22 63.81 -5.38 69.95
CA LEU LA 22 64.74 -6.42 70.37
C LEU LA 22 64.13 -7.81 70.25
N LYS LA 23 62.84 -7.93 70.59
CA LYS LA 23 62.16 -9.21 70.40
C LYS LA 23 62.21 -9.64 68.95
N LEU LA 24 61.76 -8.77 68.05
CA LEU LA 24 61.77 -9.10 66.63
C LEU LA 24 63.18 -9.48 66.16
N LEU LA 25 64.17 -8.69 66.57
CA LEU LA 25 65.53 -8.90 66.09
C LEU LA 25 66.08 -10.24 66.58
N GLU LA 26 65.88 -10.56 67.86
CA GLU LA 26 66.41 -11.83 68.36
C GLU LA 26 65.71 -13.01 67.70
N LYS LA 27 64.40 -12.91 67.47
CA LYS LA 27 63.70 -13.96 66.74
C LYS LA 27 64.35 -14.20 65.38
N LYS LA 28 64.39 -13.16 64.54
CA LYS LA 28 64.87 -13.35 63.17
C LYS LA 28 66.36 -13.70 63.16
N LYS LA 29 67.11 -13.27 64.17
CA LYS LA 29 68.53 -13.62 64.22
C LYS LA 29 68.71 -15.09 64.58
N THR LA 30 67.86 -15.63 65.46
CA THR LA 30 67.88 -17.06 65.71
C THR LA 30 67.61 -17.85 64.44
N GLU LA 31 66.61 -17.40 63.67
CA GLU LA 31 66.28 -18.10 62.43
C GLU LA 31 67.46 -18.05 61.46
N LEU LA 32 68.00 -16.84 61.21
CA LEU LA 32 69.15 -16.70 60.33
C LEU LA 32 70.33 -17.51 60.83
N ALA LA 33 70.48 -17.65 62.15
CA ALA LA 33 71.58 -18.43 62.68
C ALA LA 33 71.40 -19.91 62.36
N GLN LA 34 70.18 -20.42 62.47
CA GLN LA 34 69.92 -21.78 62.01
C GLN LA 34 70.35 -21.97 60.56
N LYS LA 35 69.90 -21.06 59.69
CA LYS LA 35 70.19 -21.21 58.27
C LYS LA 35 71.70 -21.14 58.00
N ALA LA 36 72.39 -20.20 58.65
CA ALA LA 36 73.81 -20.06 58.41
C ALA LA 36 74.61 -21.20 59.03
N ARG LA 37 74.09 -21.81 60.09
CA ARG LA 37 74.70 -23.03 60.62
C ARG LA 37 74.60 -24.16 59.61
N LYS LA 38 73.44 -24.29 58.96
CA LYS LA 38 73.34 -25.24 57.86
C LYS LA 38 74.36 -24.94 56.77
N GLU LA 39 74.55 -23.65 56.46
CA GLU LA 39 75.54 -23.28 55.46
C GLU LA 39 76.94 -23.70 55.89
N ILE LA 40 77.27 -23.52 57.17
CA ILE LA 40 78.59 -23.92 57.65
C ILE LA 40 78.76 -25.43 57.56
N ALA LA 41 77.69 -26.18 57.85
CA ALA LA 41 77.74 -27.62 57.69
C ALA LA 41 78.05 -27.99 56.25
N ASP LA 42 77.37 -27.33 55.30
CA ASP LA 42 77.67 -27.57 53.89
C ASP LA 42 79.13 -27.24 53.57
N TYR LA 43 79.64 -26.13 54.12
CA TYR LA 43 81.03 -25.77 53.90
C TYR LA 43 81.97 -26.85 54.40
N LEU LA 44 81.66 -27.42 55.58
CA LEU LA 44 82.51 -28.46 56.13
C LEU LA 44 82.41 -29.75 55.34
N ALA LA 45 81.27 -30.00 54.69
CA ALA LA 45 81.15 -31.17 53.84
C ALA LA 45 82.28 -31.21 52.83
N ALA LA 46 82.63 -30.07 52.24
CA ALA LA 46 83.79 -29.98 51.36
C ALA LA 46 85.06 -29.89 52.19
N GLY LA 47 86.20 -29.81 51.50
CA GLY LA 47 87.48 -29.68 52.17
C GLY LA 47 87.77 -28.30 52.74
N LYS LA 48 86.93 -27.32 52.44
CA LYS LA 48 87.12 -25.96 52.92
C LYS LA 48 86.93 -25.93 54.43
N ASP LA 49 88.01 -25.67 55.16
CA ASP LA 49 87.99 -25.64 56.62
C ASP LA 49 88.30 -24.25 57.18
N GLU LA 50 89.36 -23.60 56.69
CA GLU LA 50 89.75 -22.30 57.21
C GLU LA 50 88.69 -21.24 56.93
N ARG LA 51 87.76 -21.50 56.01
CA ARG LA 51 86.65 -20.60 55.70
C ARG LA 51 85.46 -20.82 56.64
N ALA LA 52 85.19 -22.08 56.97
CA ALA LA 52 84.14 -22.38 57.93
C ALA LA 52 84.42 -21.74 59.27
N ARG LA 53 85.70 -21.54 59.61
CA ARG LA 53 86.04 -20.85 60.85
C ARG LA 53 85.58 -19.40 60.81
N ILE LA 54 85.74 -18.73 59.67
CA ILE LA 54 85.24 -17.37 59.54
C ILE LA 54 83.72 -17.33 59.63
N ARG LA 55 83.06 -18.28 58.95
CA ARG LA 55 81.61 -18.31 58.99
C ARG LA 55 81.12 -18.53 60.43
N VAL LA 56 81.76 -19.43 61.17
CA VAL LA 56 81.32 -19.68 62.53
C VAL LA 56 81.69 -18.52 63.45
N GLU LA 57 82.73 -17.76 63.10
CA GLU LA 57 82.97 -16.50 63.81
C GLU LA 57 81.78 -15.57 63.65
N HIS LA 58 81.30 -15.41 62.40
CA HIS LA 58 80.05 -14.69 62.17
C HIS LA 58 78.95 -15.20 63.09
N ILE LA 59 78.79 -16.52 63.14
CA ILE LA 59 77.68 -17.12 63.88
C ILE LA 59 77.77 -16.78 65.36
N ILE LA 60 78.95 -16.97 65.95
CA ILE LA 60 79.08 -16.79 67.38
C ILE LA 60 79.02 -15.31 67.74
N ARG LA 61 79.48 -14.44 66.84
CA ARG LA 61 79.24 -13.01 67.02
C ARG LA 61 77.74 -12.72 67.10
N GLU LA 62 76.98 -13.27 66.16
CA GLU LA 62 75.54 -13.06 66.16
C GLU LA 62 74.89 -13.62 67.42
N ASP LA 63 75.41 -14.73 67.94
CA ASP LA 63 74.85 -15.33 69.14
C ASP LA 63 75.14 -14.49 70.37
N TYR LA 64 76.39 -14.04 70.52
CA TYR LA 64 76.71 -13.04 71.54
C TYR LA 64 75.75 -11.86 71.44
N LEU LA 65 75.48 -11.41 70.22
CA LEU LA 65 74.61 -10.25 70.02
C LEU LA 65 73.20 -10.55 70.50
N VAL LA 66 72.68 -11.74 70.20
CA VAL LA 66 71.34 -12.09 70.62
C VAL LA 66 71.25 -12.15 72.15
N GLU LA 67 72.27 -12.72 72.79
CA GLU LA 67 72.27 -12.76 74.25
C GLU LA 67 72.33 -11.35 74.83
N ALA LA 68 73.15 -10.48 74.24
CA ALA LA 68 73.22 -9.10 74.72
C ALA LA 68 71.89 -8.40 74.53
N MET LA 69 71.20 -8.67 73.44
CA MET LA 69 69.89 -8.08 73.23
C MET LA 69 68.88 -8.58 74.24
N GLU LA 70 68.97 -9.86 74.61
CA GLU LA 70 68.11 -10.38 75.68
C GLU LA 70 68.36 -9.62 76.98
N ILE LA 71 69.64 -9.44 77.33
CA ILE LA 71 69.97 -8.72 78.57
C ILE LA 71 69.45 -7.29 78.50
N LEU LA 72 69.59 -6.65 77.34
CA LEU LA 72 69.15 -5.26 77.22
C LEU LA 72 67.63 -5.15 77.29
N GLU LA 73 66.92 -6.10 76.69
CA GLU LA 73 65.46 -6.15 76.83
C GLU LA 73 65.08 -6.29 78.29
N LEU LA 74 65.78 -7.17 79.02
CA LEU LA 74 65.55 -7.32 80.45
C LEU LA 74 65.70 -5.98 81.16
N TYR LA 75 66.80 -5.27 80.89
CA TYR LA 75 67.06 -4.02 81.59
C TYR LA 75 66.05 -2.94 81.23
N CYS LA 76 65.67 -2.85 79.96
CA CYS LA 76 64.66 -1.90 79.55
C CYS LA 76 63.35 -2.17 80.25
N ASP LA 77 62.94 -3.44 80.32
CA ASP LA 77 61.72 -3.77 81.04
C ASP LA 77 61.84 -3.46 82.52
N LEU LA 78 63.04 -3.63 83.09
CA LEU LA 78 63.23 -3.28 84.49
C LEU LA 78 63.00 -1.79 84.71
N LEU LA 79 63.61 -0.95 83.87
CA LEU LA 79 63.37 0.48 83.97
C LEU LA 79 61.89 0.81 83.79
N LEU LA 80 61.23 0.13 82.84
CA LEU LA 80 59.83 0.39 82.57
C LEU LA 80 58.93 -0.05 83.72
N ALA LA 81 59.37 -1.02 84.52
CA ALA LA 81 58.61 -1.45 85.69
C ALA LA 81 58.81 -0.51 86.87
N ARG LA 82 59.93 0.19 86.93
CA ARG LA 82 60.25 1.13 87.99
C ARG LA 82 60.35 2.55 87.44
N PHE LA 83 59.41 2.91 86.56
CA PHE LA 83 59.45 4.20 85.91
C PHE LA 83 59.09 5.33 86.88
N GLY LA 84 58.09 5.09 87.73
CA GLY LA 84 57.76 6.08 88.73
C GLY LA 84 58.93 6.41 89.63
N LEU LA 85 59.73 5.40 89.98
CA LEU LA 85 60.92 5.64 90.77
C LEU LA 85 61.93 6.48 90.02
N ILE LA 86 61.86 6.49 88.69
CA ILE LA 86 62.67 7.41 87.90
C ILE LA 86 62.12 8.82 87.99
N GLN LA 87 60.80 8.97 87.84
CA GLN LA 87 60.20 10.30 87.82
C GLN LA 87 60.30 10.98 89.17
N SER LA 88 60.17 10.20 90.26
CA SER LA 88 60.12 10.80 91.60
C SER LA 88 61.48 11.36 92.00
N MET LA 89 62.47 10.48 92.10
CA MET LA 89 63.80 10.92 92.50
C MET LA 89 64.43 11.77 91.41
N LYS LA 90 65.53 12.44 91.79
CA LYS LA 90 66.35 13.19 90.84
C LYS LA 90 67.67 12.50 90.53
N GLU LA 91 68.20 11.73 91.48
CA GLU LA 91 69.37 10.90 91.26
C GLU LA 91 68.95 9.44 91.30
N LEU LA 92 69.51 8.64 90.39
CA LEU LA 92 69.12 7.24 90.30
C LEU LA 92 69.57 6.48 91.54
N ASP LA 93 68.73 5.54 91.98
CA ASP LA 93 69.06 4.70 93.11
C ASP LA 93 69.94 3.53 92.66
N SER LA 94 70.27 2.65 93.61
CA SER LA 94 71.13 1.51 93.29
C SER LA 94 70.40 0.51 92.41
N GLY LA 95 69.11 0.29 92.65
CA GLY LA 95 68.35 -0.67 91.86
C GLY LA 95 68.32 -0.37 90.37
N LEU LA 96 68.57 0.88 89.99
CA LEU LA 96 68.53 1.29 88.59
C LEU LA 96 69.89 1.72 88.05
N ALA LA 97 70.95 1.60 88.85
CA ALA LA 97 72.28 2.00 88.38
C ALA LA 97 72.72 1.14 87.21
N GLU LA 98 72.58 -0.19 87.36
CA GLU LA 98 73.06 -1.10 86.31
C GLU LA 98 72.30 -0.87 85.01
N SER LA 99 70.97 -0.80 85.08
CA SER LA 99 70.17 -0.62 83.87
C SER LA 99 70.57 0.65 83.14
N VAL LA 100 70.61 1.78 83.85
CA VAL LA 100 70.94 3.05 83.22
C VAL LA 100 72.35 3.01 82.64
N SER LA 101 73.31 2.50 83.42
CA SER LA 101 74.69 2.46 82.96
C SER LA 101 74.82 1.65 81.69
N THR LA 102 74.25 0.45 81.66
CA THR LA 102 74.38 -0.40 80.49
C THR LA 102 73.63 0.18 79.30
N LEU LA 103 72.45 0.75 79.52
CA LEU LA 103 71.69 1.31 78.42
C LEU LA 103 72.34 2.56 77.84
N ILE LA 104 73.16 3.24 78.63
CA ILE LA 104 73.92 4.36 78.09
C ILE LA 104 75.19 3.89 77.40
N TRP LA 105 75.80 2.81 77.91
CA TRP LA 105 77.06 2.35 77.34
C TRP LA 105 76.85 1.57 76.05
N ALA LA 106 75.78 0.80 75.96
CA ALA LA 106 75.54 -0.05 74.80
C ALA LA 106 74.83 0.67 73.66
N ALA LA 107 74.24 1.83 73.94
CA ALA LA 107 73.51 2.55 72.88
C ALA LA 107 74.36 2.79 71.65
N PRO LA 108 75.55 3.38 71.73
CA PRO LA 108 76.35 3.55 70.52
C PRO LA 108 76.77 2.24 69.89
N ARG LA 109 76.86 1.16 70.68
CA ARG LA 109 77.21 -0.14 70.11
C ARG LA 109 76.10 -0.65 69.20
N LEU LA 110 74.87 -0.69 69.71
CA LEU LA 110 73.72 -1.20 68.97
C LEU LA 110 72.88 -0.09 68.36
N GLN LA 111 73.49 1.08 68.11
CA GLN LA 111 72.73 2.19 67.55
C GLN LA 111 72.22 1.88 66.15
N SER LA 112 72.96 1.08 65.39
CA SER LA 112 72.54 0.77 64.03
C SER LA 112 71.37 -0.21 64.03
N GLU LA 113 71.45 -1.26 64.85
CA GLU LA 113 70.38 -2.24 64.91
C GLU LA 113 69.11 -1.61 65.46
N VAL LA 114 69.18 -1.04 66.66
CA VAL LA 114 68.04 -0.43 67.34
C VAL LA 114 68.29 1.07 67.37
N ALA LA 115 67.44 1.82 66.67
CA ALA LA 115 67.59 3.28 66.62
C ALA LA 115 67.06 3.93 67.90
N GLU LA 116 65.89 3.49 68.37
CA GLU LA 116 65.27 4.08 69.55
C GLU LA 116 66.19 4.02 70.76
N LEU LA 117 67.15 3.09 70.77
CA LEU LA 117 68.06 2.97 71.90
C LEU LA 117 68.86 4.24 72.09
N LYS LA 118 69.19 4.94 71.00
CA LYS LA 118 69.91 6.20 71.12
C LYS LA 118 69.05 7.25 71.81
N ILE LA 119 67.75 7.28 71.51
CA ILE LA 119 66.85 8.21 72.18
C ILE LA 119 66.74 7.87 73.65
N VAL LA 120 66.70 6.58 73.97
CA VAL LA 120 66.67 6.18 75.39
C VAL LA 120 67.93 6.67 76.09
N ALA LA 121 69.09 6.49 75.45
CA ALA LA 121 70.34 6.98 76.02
C ALA LA 121 70.30 8.49 76.21
N ASP LA 122 69.72 9.20 75.26
CA ASP LA 122 69.57 10.65 75.40
C ASP LA 122 68.77 11.00 76.64
N GLN LA 123 67.56 10.45 76.75
CA GLN LA 123 66.71 10.76 77.88
C GLN LA 123 67.37 10.38 79.20
N LEU LA 124 68.22 9.34 79.20
CA LEU LA 124 68.90 8.95 80.42
C LEU LA 124 70.17 9.76 80.69
N CYS LA 125 70.69 10.45 79.69
CA CYS LA 125 71.82 11.35 79.89
C CYS LA 125 71.37 12.78 80.14
N ALA LA 126 70.24 13.18 79.57
CA ALA LA 126 69.69 14.52 79.78
C ALA LA 126 68.97 14.66 81.11
N LYS LA 127 68.71 13.56 81.82
CA LYS LA 127 68.03 13.62 83.10
C LYS LA 127 68.99 13.75 84.27
N TYR LA 128 70.25 13.37 84.09
CA TYR LA 128 71.22 13.34 85.17
C TYR LA 128 72.36 14.32 84.89
N SER LA 129 72.90 14.87 85.97
CA SER LA 129 74.03 15.79 85.89
C SER LA 129 75.24 15.31 86.69
N LYS LA 130 75.04 14.50 87.71
CA LYS LA 130 76.15 13.96 88.50
C LYS LA 130 76.93 12.97 87.64
N GLU LA 131 78.09 13.40 87.15
CA GLU LA 131 78.91 12.56 86.27
C GLU LA 131 78.15 12.17 85.00
N TYR LA 132 77.29 13.07 84.51
CA TYR LA 132 76.46 12.82 83.34
C TYR LA 132 76.81 13.83 82.26
N GLY LA 133 76.10 13.74 81.15
CA GLY LA 133 76.49 14.44 79.93
C GLY LA 133 77.42 13.59 79.11
N LYS LA 134 77.31 13.72 77.79
CA LYS LA 134 78.05 12.84 76.87
C LYS LA 134 79.44 12.52 77.38
N LEU LA 135 80.24 13.57 77.66
CA LEU LA 135 81.59 13.35 78.16
C LEU LA 135 81.57 12.65 79.51
N CYS LA 136 80.91 13.24 80.50
CA CYS LA 136 80.85 12.60 81.82
C CYS LA 136 80.03 11.32 81.80
N ARG LA 137 79.11 11.18 80.85
CA ARG LA 137 78.37 9.93 80.71
C ARG LA 137 79.29 8.80 80.26
N THR LA 138 80.26 9.12 79.40
CA THR LA 138 81.27 8.14 79.03
C THR LA 138 82.31 7.95 80.13
N ASN LA 139 82.55 8.98 80.93
CA ASN LA 139 83.51 8.87 82.02
C ASN LA 139 82.98 8.01 83.16
N GLN LA 140 81.69 8.14 83.46
CA GLN LA 140 81.05 7.38 84.54
C GLN LA 140 80.42 6.08 84.04
N ILE LA 141 80.97 5.49 82.98
CA ILE LA 141 80.43 4.25 82.42
C ILE LA 141 81.18 3.03 82.96
N GLY LA 142 81.91 3.18 84.06
CA GLY LA 142 82.68 2.09 84.63
C GLY LA 142 81.90 1.28 85.65
N THR LA 143 80.59 1.18 85.46
CA THR LA 143 79.74 0.39 86.36
C THR LA 143 78.72 -0.45 85.60
N VAL LA 144 78.99 -0.76 84.34
CA VAL LA 144 78.05 -1.51 83.52
C VAL LA 144 78.26 -3.01 83.75
N ASN LA 145 77.27 -3.80 83.35
CA ASN LA 145 77.34 -5.24 83.46
C ASN LA 145 78.51 -5.77 82.64
N ASP LA 146 79.46 -6.43 83.31
CA ASP LA 146 80.64 -6.94 82.61
C ASP LA 146 80.25 -8.00 81.59
N ARG LA 147 79.25 -8.83 81.92
CA ARG LA 147 78.83 -9.86 80.98
C ARG LA 147 78.37 -9.25 79.66
N LEU LA 148 77.51 -8.24 79.73
CA LEU LA 148 77.06 -7.57 78.50
C LEU LA 148 78.23 -6.95 77.76
N MET LA 149 79.19 -6.38 78.50
CA MET LA 149 80.38 -5.85 77.86
C MET LA 149 81.10 -6.94 77.07
N HIS LA 150 81.14 -8.15 77.62
CA HIS LA 150 81.80 -9.26 76.92
C HIS LA 150 81.00 -9.69 75.70
N LYS LA 151 79.67 -9.75 75.82
CA LYS LA 151 78.84 -10.15 74.69
C LYS LA 151 79.01 -9.19 73.53
N LEU LA 152 79.10 -7.89 73.82
CA LEU LA 152 79.26 -6.86 72.80
C LEU LA 152 80.72 -6.46 72.61
N SER LA 153 81.65 -7.26 73.12
CA SER LA 153 83.06 -6.97 72.96
C SER LA 153 83.47 -7.29 71.52
N VAL LA 154 84.09 -6.31 70.87
CA VAL LA 154 84.49 -6.45 69.47
C VAL LA 154 85.93 -6.99 69.49
N GLU LA 155 86.05 -8.31 69.50
CA GLU LA 155 87.35 -8.96 69.58
C GLU LA 155 87.27 -10.31 68.89
N ALA LA 156 88.42 -10.75 68.38
CA ALA LA 156 88.50 -12.07 67.76
C ALA LA 156 88.22 -13.14 68.81
N PRO LA 157 87.13 -13.90 68.68
CA PRO LA 157 86.82 -14.92 69.69
C PRO LA 157 87.94 -15.91 69.85
N PRO LA 158 88.00 -16.63 70.97
CA PRO LA 158 89.08 -17.60 71.17
C PRO LA 158 89.00 -18.74 70.16
N LYS LA 159 90.17 -19.18 69.69
CA LYS LA 159 90.20 -20.19 68.65
C LYS LA 159 89.62 -21.50 69.12
N ILE LA 160 89.90 -21.88 70.38
CA ILE LA 160 89.38 -23.15 70.90
C ILE LA 160 87.86 -23.15 70.88
N LEU LA 161 87.27 -21.98 71.19
CA LEU LA 161 85.80 -21.83 71.20
C LEU LA 161 85.27 -22.08 69.78
N VAL LA 162 85.99 -21.54 68.77
CA VAL LA 162 85.58 -21.72 67.34
C VAL LA 162 85.66 -23.21 67.00
N GLU LA 163 86.71 -23.89 67.47
CA GLU LA 163 86.88 -25.35 67.20
C GLU LA 163 85.71 -26.12 67.83
N ARG LA 164 85.33 -25.74 69.06
CA ARG LA 164 84.21 -26.41 69.77
C ARG LA 164 82.91 -26.18 68.97
N TYR LA 165 82.72 -24.95 68.46
CA TYR LA 165 81.52 -24.62 67.66
C TYR LA 165 81.49 -25.49 66.40
N LEU LA 166 82.65 -25.65 65.75
CA LEU LA 166 82.73 -26.46 64.54
C LEU LA 166 82.51 -27.93 64.85
N ILE LA 167 83.10 -28.42 65.94
CA ILE LA 167 82.93 -29.81 66.34
C ILE LA 167 81.45 -30.12 66.55
N GLU LA 168 80.75 -29.24 67.27
CA GLU LA 168 79.34 -29.49 67.54
C GLU LA 168 78.52 -29.46 66.26
N ILE LA 169 78.76 -28.47 65.40
CA ILE LA 169 77.98 -28.36 64.17
C ILE LA 169 78.22 -29.59 63.29
N ALA LA 170 79.47 -30.03 63.18
CA ALA LA 170 79.77 -31.22 62.39
C ALA LA 170 79.08 -32.45 62.98
N LYS LA 171 79.24 -32.67 64.29
CA LYS LA 171 78.62 -33.81 64.93
C LYS LA 171 77.11 -33.81 64.74
N ASN LA 172 76.49 -32.63 64.65
CA ASN LA 172 75.05 -32.58 64.49
C ASN LA 172 74.63 -32.82 63.05
N TYR LA 173 75.38 -32.29 62.09
CA TYR LA 173 75.01 -32.39 60.69
C TYR LA 173 75.64 -33.60 59.98
N ASN LA 174 76.16 -34.55 60.74
CA ASN LA 174 76.67 -35.81 60.18
C ASN LA 174 77.78 -35.54 59.17
N VAL LA 175 78.70 -34.66 59.52
CA VAL LA 175 79.84 -34.34 58.67
C VAL LA 175 81.12 -34.60 59.44
N PRO LA 176 82.14 -35.22 58.84
CA PRO LA 176 83.42 -35.38 59.55
C PRO LA 176 84.17 -34.06 59.62
N TYR LA 177 84.96 -33.92 60.68
CA TYR LA 177 85.78 -32.73 60.87
C TYR LA 177 86.92 -33.06 61.83
N GLU LA 178 88.14 -32.69 61.43
CA GLU LA 178 89.33 -32.94 62.25
C GLU LA 178 89.79 -31.64 62.86
N PRO LA 179 89.53 -31.39 64.15
CA PRO LA 179 89.91 -30.10 64.74
C PRO LA 179 91.41 -29.87 64.68
N ASP LA 180 91.79 -28.60 64.69
CA ASP LA 180 93.19 -28.21 64.74
C ASP LA 180 93.74 -28.58 66.11
N SER LA 181 94.59 -29.60 66.17
CA SER LA 181 95.06 -30.08 67.45
C SER LA 181 95.84 -28.98 68.19
N VAL LA 182 96.56 -28.12 67.45
CA VAL LA 182 97.37 -27.07 68.08
C VAL LA 182 96.54 -26.26 69.04
N VAL LA 183 95.29 -25.94 68.66
CA VAL LA 183 94.40 -25.13 69.48
C VAL LA 183 93.44 -26.04 70.24
N MET LA 184 93.10 -27.19 69.64
CA MET LA 184 92.17 -28.10 70.29
C MET LA 184 92.73 -28.71 71.56
N ALA LA 185 94.05 -28.76 71.71
CA ALA LA 185 94.67 -29.35 72.89
C ALA LA 185 95.23 -28.32 73.85
N GLU LA 186 95.66 -27.15 73.37
CA GLU LA 186 96.23 -26.12 74.23
C GLU LA 186 95.10 -25.38 74.94
N ASN MA 3 61.69 -0.46 26.29
CA ASN MA 3 62.70 -0.57 25.25
C ASN MA 3 63.28 -1.97 25.22
N MET MA 4 63.74 -2.45 26.38
CA MET MA 4 64.35 -3.78 26.44
C MET MA 4 63.34 -4.88 26.13
N GLU MA 5 62.06 -4.64 26.40
CA GLU MA 5 61.04 -5.64 26.09
C GLU MA 5 60.98 -5.91 24.58
N LYS MA 6 61.15 -4.86 23.78
CA LYS MA 6 61.18 -5.03 22.33
C LYS MA 6 62.35 -5.91 21.90
N HIS MA 7 63.53 -5.65 22.48
CA HIS MA 7 64.69 -6.46 22.14
C HIS MA 7 64.49 -7.91 22.56
N LEU MA 8 63.88 -8.13 23.72
CA LEU MA 8 63.57 -9.50 24.15
C LEU MA 8 62.63 -10.17 23.16
N PHE MA 9 61.60 -9.45 22.72
CA PHE MA 9 60.67 -10.00 21.74
C PHE MA 9 61.39 -10.39 20.47
N ASN MA 10 62.27 -9.51 19.97
CA ASN MA 10 63.00 -9.81 18.74
C ASN MA 10 63.90 -11.02 18.93
N LEU MA 11 64.53 -11.14 20.11
CA LEU MA 11 65.41 -12.28 20.37
C LEU MA 11 64.62 -13.59 20.35
N LYS MA 12 63.48 -13.62 21.05
CA LYS MA 12 62.68 -14.83 21.08
C LYS MA 12 62.14 -15.16 19.69
N PHE MA 13 61.76 -14.14 18.92
CA PHE MA 13 61.32 -14.38 17.56
C PHE MA 13 62.42 -14.99 16.71
N ALA MA 14 63.64 -14.48 16.84
CA ALA MA 14 64.76 -15.04 16.09
C ALA MA 14 65.03 -16.48 16.49
N ALA MA 15 64.93 -16.79 17.79
CA ALA MA 15 65.13 -18.17 18.22
C ALA MA 15 64.08 -19.09 17.61
N LYS MA 16 62.82 -18.67 17.66
CA LYS MA 16 61.76 -19.49 17.08
C LYS MA 16 61.96 -19.67 15.58
N GLU MA 17 62.41 -18.61 14.90
CA GLU MA 17 62.69 -18.71 13.47
C GLU MA 17 63.79 -19.72 13.19
N LEU MA 18 64.85 -19.70 14.00
CA LEU MA 18 65.93 -20.67 13.82
C LEU MA 18 65.44 -22.09 14.04
N SER MA 19 64.59 -22.30 15.04
CA SER MA 19 64.05 -23.64 15.28
C SER MA 19 63.20 -24.10 14.10
N ARG MA 20 62.32 -23.23 13.61
CA ARG MA 20 61.51 -23.57 12.45
C ARG MA 20 62.40 -23.91 11.25
N SER MA 21 63.46 -23.14 11.03
CA SER MA 21 64.34 -23.39 9.91
C SER MA 21 65.05 -24.73 10.05
N ALA MA 22 65.46 -25.07 11.27
CA ALA MA 22 66.08 -26.38 11.50
C ALA MA 22 65.12 -27.51 11.17
N LYS MA 23 63.87 -27.39 11.63
CA LYS MA 23 62.86 -28.40 11.31
C LYS MA 23 62.69 -28.53 9.80
N LYS MA 24 62.55 -27.40 9.12
CA LYS MA 24 62.35 -27.41 7.67
C LYS MA 24 63.55 -28.06 6.96
N CYS MA 25 64.76 -27.76 7.42
CA CYS MA 25 65.95 -28.33 6.78
C CYS MA 25 66.03 -29.83 7.00
N ASP MA 26 65.65 -30.30 8.19
CA ASP MA 26 65.58 -31.74 8.41
C ASP MA 26 64.59 -32.39 7.45
N LYS MA 27 63.42 -31.78 7.29
CA LYS MA 27 62.44 -32.30 6.35
C LYS MA 27 63.00 -32.36 4.93
N GLU MA 28 63.69 -31.29 4.51
CA GLU MA 28 64.26 -31.25 3.18
C GLU MA 28 65.31 -32.33 3.00
N GLU MA 29 66.09 -32.60 4.04
CA GLU MA 29 67.06 -33.70 3.98
C GLU MA 29 66.33 -35.03 3.77
N LYS MA 30 65.26 -35.25 4.52
CA LYS MA 30 64.50 -36.49 4.36
C LYS MA 30 63.98 -36.64 2.94
N ALA MA 31 63.61 -35.52 2.30
CA ALA MA 31 63.13 -35.59 0.92
C ALA MA 31 64.28 -35.87 -0.06
N GLU MA 32 65.39 -35.17 0.11
CA GLU MA 32 66.53 -35.36 -0.77
C GLU MA 32 67.07 -36.77 -0.69
N LYS MA 33 66.89 -37.44 0.44
CA LYS MA 33 67.29 -38.85 0.53
C LYS MA 33 66.46 -39.71 -0.41
N ALA MA 34 65.15 -39.48 -0.46
CA ALA MA 34 64.30 -40.16 -1.43
C ALA MA 34 64.79 -39.89 -2.84
N LYS MA 35 65.12 -38.63 -3.14
CA LYS MA 35 65.52 -38.28 -4.49
C LYS MA 35 66.83 -38.96 -4.87
N ILE MA 36 67.78 -39.02 -3.95
CA ILE MA 36 69.06 -39.66 -4.24
C ILE MA 36 68.86 -41.16 -4.43
N GLU MA 37 67.95 -41.76 -3.66
CA GLU MA 37 67.64 -43.18 -3.87
C GLU MA 37 67.10 -43.40 -5.28
N LYS MA 38 66.15 -42.57 -5.69
CA LYS MA 38 65.61 -42.68 -7.04
C LYS MA 38 66.72 -42.54 -8.08
N ALA MA 39 67.57 -41.53 -7.93
CA ALA MA 39 68.60 -41.28 -8.93
C ALA MA 39 69.63 -42.40 -8.98
N ILE MA 40 69.96 -43.00 -7.84
CA ILE MA 40 70.88 -44.12 -7.86
C ILE MA 40 70.22 -45.36 -8.45
N GLN MA 41 68.90 -45.44 -8.39
CA GLN MA 41 68.20 -46.49 -9.10
C GLN MA 41 68.27 -46.28 -10.60
N LYS MA 42 68.00 -45.06 -11.06
CA LYS MA 42 68.07 -44.76 -12.49
C LYS MA 42 69.48 -44.84 -13.05
N GLY MA 43 70.50 -44.87 -12.19
CA GLY MA 43 71.87 -44.93 -12.64
C GLY MA 43 72.57 -43.59 -12.77
N ASN MA 44 71.87 -42.49 -12.55
CA ASN MA 44 72.47 -41.17 -12.64
C ASN MA 44 73.47 -40.98 -11.51
N MET MA 45 74.76 -40.94 -11.84
CA MET MA 45 75.78 -40.70 -10.84
C MET MA 45 75.86 -39.22 -10.47
N GLU MA 46 75.75 -38.34 -11.47
CA GLU MA 46 75.90 -36.91 -11.22
C GLU MA 46 74.71 -36.36 -10.42
N VAL MA 47 73.49 -36.78 -10.77
CA VAL MA 47 72.33 -36.33 -10.01
C VAL MA 47 72.37 -36.91 -8.60
N ALA MA 48 72.87 -38.13 -8.46
CA ALA MA 48 73.06 -38.69 -7.12
C ALA MA 48 74.05 -37.87 -6.31
N ARG MA 49 75.14 -37.44 -6.94
CA ARG MA 49 76.09 -36.57 -6.27
C ARG MA 49 75.43 -35.27 -5.84
N ILE MA 50 74.65 -34.66 -6.72
CA ILE MA 50 73.99 -33.41 -6.42
C ILE MA 50 73.06 -33.58 -5.21
N HIS MA 51 72.23 -34.61 -5.25
CA HIS MA 51 71.26 -34.81 -4.18
C HIS MA 51 71.94 -35.21 -2.88
N ALA MA 52 73.07 -35.92 -2.95
CA ALA MA 52 73.84 -36.22 -1.74
C ALA MA 52 74.42 -34.95 -1.14
N GLU MA 53 74.99 -34.08 -1.96
CA GLU MA 53 75.46 -32.80 -1.48
C GLU MA 53 74.34 -32.03 -0.81
N ASN MA 54 73.17 -31.97 -1.44
CA ASN MA 54 72.04 -31.26 -0.85
C ASN MA 54 71.64 -31.87 0.48
N ALA MA 55 71.59 -33.20 0.57
CA ALA MA 55 71.16 -33.85 1.79
C ALA MA 55 72.15 -33.60 2.92
N ILE MA 56 73.45 -33.77 2.66
CA ILE MA 56 74.46 -33.54 3.68
C ILE MA 56 74.42 -32.08 4.12
N ARG MA 57 74.30 -31.15 3.17
CA ARG MA 57 74.24 -29.75 3.52
C ARG MA 57 73.04 -29.45 4.40
N GLN MA 58 71.88 -29.99 4.05
CA GLN MA 58 70.67 -29.74 4.84
C GLN MA 58 70.82 -30.32 6.24
N LYS MA 59 71.39 -31.52 6.35
CA LYS MA 59 71.62 -32.11 7.67
C LYS MA 59 72.51 -31.22 8.52
N ASN MA 60 73.66 -30.83 7.97
CA ASN MA 60 74.60 -30.03 8.75
C ASN MA 60 74.01 -28.68 9.12
N GLN MA 61 73.33 -28.03 8.18
CA GLN MA 61 72.77 -26.71 8.47
C GLN MA 61 71.59 -26.82 9.43
N ALA MA 62 70.88 -27.94 9.43
CA ALA MA 62 69.83 -28.14 10.42
C ALA MA 62 70.43 -28.29 11.82
N VAL MA 63 71.50 -29.07 11.94
CA VAL MA 63 72.17 -29.18 13.24
C VAL MA 63 72.67 -27.82 13.69
N ASN MA 64 73.25 -27.04 12.77
CA ASN MA 64 73.76 -25.72 13.13
C ASN MA 64 72.63 -24.80 13.57
N PHE MA 65 71.51 -24.80 12.83
CA PHE MA 65 70.37 -23.98 13.22
C PHE MA 65 69.84 -24.39 14.57
N LEU MA 66 69.85 -25.69 14.88
CA LEU MA 66 69.35 -26.15 16.17
C LEU MA 66 70.24 -25.64 17.30
N ARG MA 67 71.55 -25.81 17.16
CA ARG MA 67 72.48 -25.30 18.17
C ARG MA 67 72.34 -23.80 18.33
N MET MA 68 72.24 -23.08 17.19
CA MET MA 68 72.10 -21.64 17.22
C MET MA 68 70.83 -21.21 17.94
N SER MA 69 69.73 -21.89 17.67
CA SER MA 69 68.47 -21.60 18.35
C SER MA 69 68.57 -21.88 19.83
N ALA MA 70 69.28 -22.94 20.22
CA ALA MA 70 69.49 -23.21 21.64
C ALA MA 70 70.24 -22.06 22.30
N ARG MA 71 71.30 -21.56 21.65
CA ARG MA 71 72.06 -20.45 22.21
C ARG MA 71 71.18 -19.21 22.36
N VAL MA 72 70.43 -18.87 21.31
CA VAL MA 72 69.57 -17.70 21.37
C VAL MA 72 68.48 -17.89 22.41
N ASP MA 73 68.00 -19.12 22.60
CA ASP MA 73 67.01 -19.38 23.64
C ASP MA 73 67.58 -19.13 25.02
N ALA MA 74 68.81 -19.58 25.26
CA ALA MA 74 69.45 -19.31 26.54
C ALA MA 74 69.58 -17.80 26.77
N VAL MA 75 70.06 -17.08 25.75
CA VAL MA 75 70.24 -15.64 25.89
C VAL MA 75 68.90 -14.95 26.15
N ALA MA 76 67.85 -15.38 25.45
CA ALA MA 76 66.55 -14.75 25.59
C ALA MA 76 65.94 -15.05 26.96
N ALA MA 77 66.13 -16.27 27.48
CA ALA MA 77 65.68 -16.57 28.82
C ALA MA 77 66.40 -15.70 29.84
N ARG MA 78 67.71 -15.52 29.66
CA ARG MA 78 68.46 -14.64 30.56
C ARG MA 78 67.93 -13.22 30.50
N VAL MA 79 67.65 -12.72 29.30
CA VAL MA 79 67.19 -11.34 29.14
C VAL MA 79 65.79 -11.18 29.73
N GLN MA 80 64.95 -12.20 29.58
CA GLN MA 80 63.61 -12.14 30.15
C GLN MA 80 63.67 -12.13 31.67
N THR MA 81 64.54 -12.96 32.25
CA THR MA 81 64.79 -12.89 33.68
C THR MA 81 65.22 -11.50 34.09
N ALA MA 82 66.14 -10.91 33.33
CA ALA MA 82 66.63 -9.57 33.66
C ALA MA 82 65.50 -8.55 33.60
N VAL MA 83 64.63 -8.65 32.61
CA VAL MA 83 63.53 -7.70 32.47
C VAL MA 83 62.58 -7.82 33.66
N THR MA 84 62.19 -9.05 33.99
CA THR MA 84 61.27 -9.24 35.12
C THR MA 84 61.90 -8.74 36.42
N MET MA 85 63.18 -9.05 36.62
CA MET MA 85 63.84 -8.60 37.84
C MET MA 85 64.00 -7.09 37.86
N GLY MA 86 64.15 -6.46 36.69
CA GLY MA 86 64.20 -5.01 36.65
C GLY MA 86 62.88 -4.38 37.03
N LYS MA 87 61.78 -4.95 36.54
CA LYS MA 87 60.46 -4.50 36.98
C LYS MA 87 60.31 -4.66 38.49
N VAL MA 88 60.73 -5.82 39.02
CA VAL MA 88 60.62 -6.06 40.46
C VAL MA 88 61.45 -5.05 41.24
N THR MA 89 62.67 -4.79 40.78
CA THR MA 89 63.56 -3.86 41.48
C THR MA 89 63.00 -2.44 41.44
N LYS MA 90 62.46 -2.03 40.29
CA LYS MA 90 61.83 -0.72 40.21
C LYS MA 90 60.65 -0.61 41.16
N SER MA 91 59.81 -1.64 41.21
CA SER MA 91 58.67 -1.61 42.11
C SER MA 91 59.11 -1.54 43.56
N MET MA 92 60.17 -2.28 43.91
CA MET MA 92 60.63 -2.27 45.30
C MET MA 92 61.31 -0.96 45.65
N ALA MA 93 61.95 -0.30 44.67
CA ALA MA 93 62.49 1.03 44.91
C ALA MA 93 61.37 2.03 45.16
N GLY MA 94 60.32 1.99 44.34
CA GLY MA 94 59.17 2.84 44.59
C GLY MA 94 58.55 2.60 45.94
N VAL MA 95 58.42 1.32 46.32
CA VAL MA 95 57.86 0.97 47.62
C VAL MA 95 58.75 1.52 48.73
N VAL MA 96 60.07 1.41 48.56
CA VAL MA 96 60.99 1.92 49.58
C VAL MA 96 60.82 3.42 49.72
N LYS MA 97 60.72 4.14 48.61
CA LYS MA 97 60.54 5.60 48.68
C LYS MA 97 59.24 5.95 49.41
N SER MA 98 58.14 5.31 49.02
CA SER MA 98 56.85 5.63 49.63
C SER MA 98 56.86 5.29 51.12
N MET MA 99 57.38 4.11 51.48
CA MET MA 99 57.45 3.73 52.88
C MET MA 99 58.38 4.65 53.66
N ASP MA 100 59.45 5.14 53.03
CA ASP MA 100 60.33 6.09 53.71
C ASP MA 100 59.57 7.36 54.04
N ALA MA 101 58.90 7.94 53.04
CA ALA MA 101 58.10 9.13 53.28
C ALA MA 101 57.09 8.89 54.40
N THR MA 102 56.36 7.78 54.33
CA THR MA 102 55.31 7.51 55.31
C THR MA 102 55.90 7.33 56.71
N LEU MA 103 56.84 6.41 56.87
CA LEU MA 103 57.46 6.16 58.17
C LEU MA 103 58.17 7.40 58.71
N LYS MA 104 58.54 8.34 57.84
CA LYS MA 104 59.02 9.62 58.32
C LYS MA 104 57.87 10.45 58.89
N THR MA 105 56.75 10.49 58.16
CA THR MA 105 55.58 11.22 58.65
C THR MA 105 54.93 10.49 59.82
N MET MA 106 54.61 9.20 59.63
CA MET MA 106 53.95 8.38 60.65
C MET MA 106 55.00 7.42 61.21
N ASN MA 107 55.74 7.87 62.21
CA ASN MA 107 56.78 7.07 62.82
C ASN MA 107 56.22 6.34 64.03
N LEU MA 108 57.09 5.57 64.69
CA LEU MA 108 56.65 4.73 65.80
C LEU MA 108 56.23 5.57 67.00
N GLU MA 109 56.93 6.67 67.26
CA GLU MA 109 56.53 7.56 68.35
C GLU MA 109 55.12 8.09 68.12
N LYS MA 110 54.89 8.68 66.94
CA LYS MA 110 53.59 9.26 66.63
C LYS MA 110 52.51 8.18 66.62
N ILE MA 111 52.82 7.00 66.10
CA ILE MA 111 51.83 5.93 66.03
C ILE MA 111 51.45 5.48 67.43
N SER MA 112 52.45 5.27 68.29
CA SER MA 112 52.17 4.86 69.67
C SER MA 112 51.34 5.91 70.40
N ALA MA 113 51.70 7.18 70.24
CA ALA MA 113 50.93 8.23 70.90
C ALA MA 113 49.51 8.29 70.37
N LEU MA 114 49.35 8.17 69.05
CA LEU MA 114 48.03 8.18 68.45
C LEU MA 114 47.18 7.03 68.96
N MET MA 115 47.80 5.86 69.18
CA MET MA 115 47.03 4.71 69.64
C MET MA 115 46.68 4.83 71.12
N ASP MA 116 47.59 5.34 71.93
CA ASP MA 116 47.23 5.64 73.31
C ASP MA 116 46.07 6.63 73.34
N LYS MA 117 46.09 7.62 72.46
CA LYS MA 117 45.00 8.59 72.41
C LYS MA 117 43.70 7.93 71.98
N PHE MA 118 43.75 7.06 70.97
CA PHE MA 118 42.57 6.32 70.55
C PHE MA 118 41.97 5.53 71.72
N GLU MA 119 42.82 4.78 72.42
CA GLU MA 119 42.36 3.98 73.54
C GLU MA 119 41.72 4.85 74.62
N HIS MA 120 42.38 5.96 74.97
CA HIS MA 120 41.86 6.81 76.03
C HIS MA 120 40.56 7.49 75.62
N GLN MA 121 40.48 7.93 74.36
CA GLN MA 121 39.26 8.56 73.87
C GLN MA 121 38.10 7.60 73.90
N PHE MA 122 38.32 6.34 73.50
CA PHE MA 122 37.22 5.40 73.48
C PHE MA 122 36.91 4.85 74.88
N GLU MA 123 37.86 4.91 75.81
CA GLU MA 123 37.53 4.65 77.20
C GLU MA 123 36.63 5.75 77.75
N THR MA 124 36.99 7.01 77.48
CA THR MA 124 36.11 8.13 77.84
C THR MA 124 34.74 7.95 77.21
N LEU MA 125 34.69 7.45 75.98
CA LEU MA 125 33.41 7.19 75.33
C LEU MA 125 32.65 6.06 76.01
N ASP MA 126 33.40 5.10 76.56
CA ASP MA 126 32.80 3.98 77.32
C ASP MA 126 32.12 4.55 78.57
N VAL MA 127 32.76 5.52 79.23
CA VAL MA 127 32.21 6.16 80.42
C VAL MA 127 30.99 6.99 80.06
N GLN MA 128 31.09 7.76 78.97
CA GLN MA 128 29.96 8.54 78.50
C GLN MA 128 28.78 7.65 78.17
N THR MA 129 29.03 6.52 77.51
CA THR MA 129 27.94 5.61 77.16
C THR MA 129 27.27 5.06 78.40
N GLN MA 130 28.06 4.65 79.39
CA GLN MA 130 27.49 4.11 80.62
C GLN MA 130 26.62 5.14 81.32
N GLN MA 131 27.14 6.37 81.48
CA GLN MA 131 26.37 7.41 82.15
C GLN MA 131 25.12 7.77 81.37
N MET MA 132 25.28 7.96 80.06
CA MET MA 132 24.15 8.26 79.20
C MET MA 132 23.09 7.19 79.29
N GLU MA 133 23.49 5.92 79.42
CA GLU MA 133 22.52 4.84 79.49
C GLU MA 133 21.83 4.82 80.84
N ASP MA 134 22.58 5.05 81.91
CA ASP MA 134 21.97 5.19 83.23
C ASP MA 134 20.88 6.26 83.19
N THR MA 135 21.18 7.41 82.58
CA THR MA 135 20.19 8.49 82.54
C THR MA 135 19.01 8.13 81.63
N MET MA 136 19.29 7.58 80.45
CA MET MA 136 18.22 7.17 79.56
C MET MA 136 17.26 6.22 80.26
N SER MA 137 17.79 5.30 81.06
CA SER MA 137 16.94 4.36 81.79
C SER MA 137 16.18 5.07 82.89
N SER MA 138 16.84 5.97 83.63
CA SER MA 138 16.17 6.68 84.70
C SER MA 138 15.04 7.57 84.17
N THR MA 139 15.15 8.00 82.92
CA THR MA 139 14.10 8.86 82.35
C THR MA 139 12.79 8.10 82.23
N THR MA 140 12.85 6.86 81.75
CA THR MA 140 11.66 6.04 81.47
C THR MA 140 11.67 4.86 82.43
N THR MA 141 11.12 5.07 83.62
CA THR MA 141 10.98 4.02 84.62
C THR MA 141 9.55 3.71 84.98
N LEU MA 142 8.61 4.60 84.69
CA LEU MA 142 7.19 4.35 84.97
C LEU MA 142 6.50 3.63 83.83
N THR MA 143 7.08 3.63 82.63
CA THR MA 143 6.58 2.83 81.53
C THR MA 143 7.10 1.40 81.57
N THR MA 144 8.25 1.19 82.21
CA THR MA 144 8.88 -0.12 82.32
C THR MA 144 9.14 -0.43 83.78
N PRO MA 145 8.12 -0.86 84.53
CA PRO MA 145 8.35 -1.24 85.92
C PRO MA 145 9.10 -2.55 86.01
N GLN MA 146 10.08 -2.60 86.92
CA GLN MA 146 10.88 -3.80 87.10
C GLN MA 146 10.00 -4.98 87.49
N ASN MA 147 9.00 -4.74 88.34
CA ASN MA 147 8.13 -5.82 88.80
C ASN MA 147 7.39 -6.47 87.64
N GLN MA 148 6.86 -5.64 86.72
CA GLN MA 148 6.13 -6.19 85.59
C GLN MA 148 7.03 -7.01 84.68
N VAL MA 149 8.26 -6.55 84.45
CA VAL MA 149 9.19 -7.29 83.61
C VAL MA 149 9.54 -8.62 84.27
N ASP MA 150 9.81 -8.60 85.58
CA ASP MA 150 10.09 -9.84 86.29
C ASP MA 150 8.93 -10.82 86.17
N MET MA 151 7.70 -10.32 86.36
CA MET MA 151 6.54 -11.19 86.28
C MET MA 151 6.37 -11.76 84.88
N LEU MA 152 6.56 -10.94 83.85
CA LEU MA 152 6.45 -11.44 82.49
C LEU MA 152 7.47 -12.53 82.22
N LEU MA 153 8.71 -12.32 82.67
CA LEU MA 153 9.73 -13.34 82.45
C LEU MA 153 9.39 -14.62 83.19
N GLN MA 154 8.90 -14.50 84.43
CA GLN MA 154 8.53 -15.70 85.17
C GLN MA 154 7.41 -16.45 84.49
N GLU MA 155 6.40 -15.74 84.01
CA GLU MA 155 5.28 -16.40 83.33
C GLU MA 155 5.75 -17.07 82.04
N MET MA 156 6.57 -16.38 81.25
CA MET MA 156 7.04 -16.96 80.01
C MET MA 156 7.90 -18.19 80.26
N ALA MA 157 8.74 -18.14 81.29
CA ALA MA 157 9.54 -19.31 81.65
C ALA MA 157 8.65 -20.47 82.07
N ASP MA 158 7.77 -20.24 83.03
CA ASP MA 158 6.89 -21.30 83.51
C ASP MA 158 6.08 -21.90 82.37
N GLU MA 159 5.63 -21.06 81.43
CA GLU MA 159 4.92 -21.59 80.28
C GLU MA 159 5.83 -22.45 79.42
N ALA MA 160 7.05 -21.98 79.16
CA ALA MA 160 8.02 -22.76 78.42
C ALA MA 160 8.55 -23.94 79.23
N GLY MA 161 8.24 -24.01 80.52
CA GLY MA 161 8.71 -25.07 81.37
C GLY MA 161 10.18 -24.97 81.76
N LEU MA 162 10.94 -24.10 81.13
CA LEU MA 162 12.37 -23.99 81.39
C LEU MA 162 12.61 -23.17 82.65
N ASP MA 163 13.87 -22.83 82.92
CA ASP MA 163 14.24 -21.98 84.03
C ASP MA 163 15.27 -20.98 83.55
N LEU MA 164 15.44 -19.91 84.33
CA LEU MA 164 16.30 -18.80 83.96
C LEU MA 164 17.47 -18.73 84.92
N ASN MA 165 18.68 -18.76 84.38
CA ASN MA 165 19.90 -18.67 85.18
C ASN MA 165 20.81 -17.56 84.64
N GLU MA 187 6.56 -5.62 99.71
CA GLU MA 187 7.28 -6.80 100.18
C GLU MA 187 8.43 -6.40 101.09
N LEU MA 188 9.65 -6.34 100.53
CA LEU MA 188 10.80 -5.90 101.31
C LEU MA 188 10.65 -4.45 101.74
N SER MA 189 10.01 -3.63 100.92
CA SER MA 189 9.87 -2.21 101.24
C SER MA 189 9.15 -2.01 102.57
N GLN MA 190 8.18 -2.88 102.89
CA GLN MA 190 7.46 -2.74 104.15
C GLN MA 190 8.38 -3.06 105.33
N ARG MA 191 9.19 -4.10 105.23
CA ARG MA 191 10.13 -4.40 106.29
C ARG MA 191 11.14 -3.27 106.46
N LEU MA 192 11.59 -2.69 105.34
CA LEU MA 192 12.53 -1.58 105.42
C LEU MA 192 11.89 -0.35 106.06
N ALA MA 193 10.61 -0.12 105.77
CA ALA MA 193 9.92 1.01 106.40
C ALA MA 193 9.75 0.78 107.90
N ARG MA 194 9.36 -0.43 108.29
CA ARG MA 194 9.26 -0.76 109.71
C ARG MA 194 10.60 -0.58 110.40
N LEU MA 195 11.69 -0.96 109.73
CA LEU MA 195 13.02 -0.74 110.28
C LEU MA 195 13.35 0.74 110.37
N ARG MA 196 12.89 1.52 109.39
CA ARG MA 196 13.13 2.96 109.40
C ARG MA 196 12.40 3.63 110.56
N ASP MA 197 11.20 3.16 110.88
CA ASP MA 197 10.49 3.70 112.04
C ASP MA 197 11.28 3.47 113.32
N GLN MA 198 12.02 2.37 113.40
CA GLN MA 198 12.86 2.09 114.56
C GLN MA 198 12.05 2.05 115.84
N PHE NA 6 2.20 39.66 96.90
CA PHE NA 6 1.65 38.33 97.06
C PHE NA 6 0.42 38.13 96.18
N LYS NA 7 0.42 37.03 95.44
CA LYS NA 7 -0.69 36.64 94.52
C LYS NA 7 -1.28 35.32 95.03
N ALA NA 8 -2.61 35.24 95.14
CA ALA NA 8 -3.25 34.03 95.66
C ALA NA 8 -3.31 32.93 94.62
N GLU NA 9 -3.85 33.23 93.44
CA GLU NA 9 -3.98 32.20 92.41
C GLU NA 9 -2.62 31.64 92.02
N ARG NA 10 -1.58 32.47 92.02
CA ARG NA 10 -0.23 31.97 91.78
C ARG NA 10 0.15 30.91 92.80
N LEU NA 11 -0.14 31.19 94.08
CA LEU NA 11 0.16 30.23 95.13
C LEU NA 11 -0.64 28.94 94.94
N ARG NA 12 -1.91 29.07 94.58
CA ARG NA 12 -2.75 27.89 94.35
C ARG NA 12 -2.16 27.02 93.23
N VAL NA 13 -1.84 27.63 92.10
CA VAL NA 13 -1.31 26.88 90.97
C VAL NA 13 0.02 26.24 91.32
N ASN NA 14 0.89 26.97 92.02
CA ASN NA 14 2.17 26.41 92.41
C ASN NA 14 2.00 25.26 93.39
N LEU NA 15 1.01 25.33 94.26
CA LEU NA 15 0.76 24.23 95.19
C LEU NA 15 0.32 22.98 94.44
N ARG NA 16 -0.61 23.14 93.49
CA ARG NA 16 -1.03 21.99 92.69
C ARG NA 16 0.14 21.39 91.92
N LEU NA 17 0.98 22.26 91.34
CA LEU NA 17 2.14 21.77 90.60
C LEU NA 17 3.11 21.04 91.52
N VAL NA 18 3.33 21.56 92.73
CA VAL NA 18 4.21 20.90 93.68
C VAL NA 18 3.66 19.53 94.03
N ILE NA 19 2.35 19.43 94.23
CA ILE NA 19 1.74 18.14 94.55
C ILE NA 19 2.01 17.14 93.43
N ASN NA 20 1.72 17.52 92.20
CA ASN NA 20 1.94 16.62 91.07
C ASN NA 20 3.40 16.20 90.96
N ARG NA 21 4.31 17.18 91.09
CA ARG NA 21 5.73 16.89 90.99
C ARG NA 21 6.18 15.94 92.08
N LEU NA 22 5.68 16.12 93.30
CA LEU NA 22 6.05 15.22 94.39
C LEU NA 22 5.54 13.81 94.12
N LYS NA 23 4.33 13.69 93.59
CA LYS NA 23 3.82 12.36 93.22
C LYS NA 23 4.76 11.68 92.24
N LEU NA 24 5.06 12.36 91.13
CA LEU NA 24 5.95 11.78 90.12
C LEU NA 24 7.30 11.39 90.74
N LEU NA 25 7.86 12.28 91.55
CA LEU NA 25 9.18 12.06 92.10
C LEU NA 25 9.20 10.86 93.04
N GLU NA 26 8.20 10.75 93.92
CA GLU NA 26 8.18 9.63 94.85
C GLU NA 26 7.98 8.31 94.11
N LYS NA 27 7.13 8.30 93.08
CA LYS NA 27 6.98 7.11 92.26
C LYS NA 27 8.33 6.66 91.70
N LYS NA 28 8.97 7.55 90.92
CA LYS NA 28 10.19 7.14 90.25
C LYS NA 28 11.32 6.86 91.23
N LYS NA 29 11.28 7.50 92.40
CA LYS NA 29 12.31 7.23 93.41
C LYS NA 29 12.11 5.86 94.04
N THR NA 30 10.85 5.45 94.24
CA THR NA 30 10.59 4.09 94.69
C THR NA 30 11.14 3.08 93.69
N GLU NA 31 10.88 3.32 92.40
CA GLU NA 31 11.40 2.41 91.38
C GLU NA 31 12.91 2.34 91.40
N LEU NA 32 13.57 3.50 91.36
CA LEU NA 32 15.03 3.54 91.41
C LEU NA 32 15.56 2.90 92.68
N ALA NA 33 14.81 3.01 93.78
CA ALA NA 33 15.25 2.38 95.03
C ALA NA 33 15.21 0.86 94.92
N GLN NA 34 14.17 0.32 94.29
CA GLN NA 34 14.15 -1.12 94.02
C GLN NA 34 15.39 -1.53 93.23
N LYS NA 35 15.67 -0.82 92.15
CA LYS NA 35 16.80 -1.20 91.30
C LYS NA 35 18.12 -1.11 92.05
N ALA NA 36 18.31 -0.04 92.82
CA ALA NA 36 19.58 0.13 93.54
C ALA NA 36 19.69 -0.84 94.70
N ARG NA 37 18.56 -1.28 95.26
CA ARG NA 37 18.61 -2.35 96.25
C ARG NA 37 19.09 -3.65 95.62
N LYS NA 38 18.60 -3.95 94.42
CA LYS NA 38 19.15 -5.08 93.68
C LYS NA 38 20.66 -4.92 93.47
N GLU NA 39 21.09 -3.72 93.14
CA GLU NA 39 22.52 -3.47 92.97
C GLU NA 39 23.30 -3.74 94.26
N ILE NA 40 22.74 -3.32 95.40
CA ILE NA 40 23.41 -3.56 96.67
C ILE NA 40 23.47 -5.06 96.97
N ALA NA 41 22.41 -5.79 96.62
CA ALA NA 41 22.44 -7.24 96.78
C ALA NA 41 23.58 -7.84 95.96
N ASP NA 42 23.72 -7.39 94.70
CA ASP NA 42 24.83 -7.86 93.88
C ASP NA 42 26.16 -7.52 94.52
N TYR NA 43 26.29 -6.31 95.07
CA TYR NA 43 27.53 -5.93 95.74
C TYR NA 43 27.84 -6.86 96.90
N LEU NA 44 26.82 -7.22 97.67
CA LEU NA 44 27.03 -8.10 98.82
C LEU NA 44 27.36 -9.52 98.38
N ALA NA 45 26.88 -9.93 97.19
CA ALA NA 45 27.24 -11.24 96.67
C ALA NA 45 28.76 -11.42 96.66
N ALA NA 46 29.48 -10.38 96.25
CA ALA NA 46 30.93 -10.38 96.31
C ALA NA 46 31.39 -10.09 97.74
N GLY NA 47 32.71 -10.07 97.94
CA GLY NA 47 33.26 -9.76 99.25
C GLY NA 47 33.24 -8.30 99.61
N LYS NA 48 32.86 -7.43 98.68
CA LYS NA 48 32.81 -5.99 98.95
C LYS NA 48 31.69 -5.70 99.95
N ASP NA 49 32.07 -5.26 101.14
CA ASP NA 49 31.14 -4.97 102.22
C ASP NA 49 31.12 -3.50 102.61
N GLU NA 50 32.29 -2.90 102.81
CA GLU NA 50 32.36 -1.50 103.23
C GLU NA 50 31.81 -0.56 102.17
N ARG NA 51 31.67 -1.03 100.93
CA ARG NA 51 31.09 -0.25 99.83
C ARG NA 51 29.57 -0.36 99.81
N ALA NA 52 29.05 -1.55 100.09
CA ALA NA 52 27.60 -1.72 100.18
C ALA NA 52 27.01 -0.84 101.26
N ARG NA 53 27.79 -0.53 102.30
CA ARG NA 53 27.30 0.38 103.33
C ARG NA 53 27.09 1.79 102.76
N ILE NA 54 27.99 2.24 101.90
CA ILE NA 54 27.81 3.54 101.26
C ILE NA 54 26.59 3.51 100.34
N ARG NA 55 26.45 2.43 99.57
CA ARG NA 55 25.30 2.34 98.68
C ARG NA 55 23.98 2.35 99.47
N VAL NA 56 23.94 1.64 100.58
CA VAL NA 56 22.71 1.60 101.36
C VAL NA 56 22.50 2.92 102.09
N GLU NA 57 23.58 3.66 102.38
CA GLU NA 57 23.41 5.03 102.85
C GLU NA 57 22.67 5.87 101.81
N HIS NA 58 23.12 5.78 100.55
CA HIS NA 58 22.37 6.39 99.46
C HIS NA 58 20.89 5.99 99.52
N ILE NA 59 20.64 4.69 99.67
CA ILE NA 59 19.26 4.18 99.60
C ILE NA 59 18.42 4.78 100.72
N ILE NA 60 18.93 4.76 101.95
CA ILE NA 60 18.12 5.20 103.08
C ILE NA 60 17.97 6.71 103.06
N ARG NA 61 18.96 7.43 102.53
CA ARG NA 61 18.77 8.86 102.28
C ARG NA 61 17.60 9.08 101.33
N GLU NA 62 17.57 8.33 100.23
CA GLU NA 62 16.48 8.47 99.26
C GLU NA 62 15.14 8.12 99.90
N ASP NA 63 15.13 7.14 100.80
CA ASP NA 63 13.87 6.74 101.43
C ASP NA 63 13.38 7.80 102.41
N TYR NA 64 14.28 8.33 103.23
CA TYR NA 64 13.94 9.51 104.04
C TYR NA 64 13.37 10.61 103.15
N LEU NA 65 13.98 10.82 101.99
CA LEU NA 65 13.52 11.87 101.09
C LEU NA 65 12.11 11.60 100.59
N VAL NA 66 11.82 10.35 100.24
CA VAL NA 66 10.49 10.02 99.75
C VAL NA 66 9.46 10.22 100.85
N GLU NA 67 9.78 9.83 102.07
CA GLU NA 67 8.84 10.04 103.18
C GLU NA 67 8.62 11.54 103.42
N ALA NA 68 9.69 12.33 103.36
CA ALA NA 68 9.56 13.77 103.53
C ALA NA 68 8.70 14.37 102.42
N MET NA 69 8.85 13.87 101.19
CA MET NA 69 8.03 14.36 100.09
C MET NA 69 6.57 13.99 100.29
N GLU NA 70 6.30 12.80 100.85
CA GLU NA 70 4.93 12.44 101.18
C GLU NA 70 4.35 13.42 102.19
N ILE NA 71 5.10 13.72 103.24
CA ILE NA 71 4.63 14.67 104.25
C ILE NA 71 4.38 16.04 103.63
N LEU NA 72 5.28 16.47 102.74
CA LEU NA 72 5.14 17.79 102.13
C LEU NA 72 3.94 17.84 101.21
N GLU NA 73 3.70 16.76 100.45
CA GLU NA 73 2.49 16.67 99.63
C GLU NA 73 1.25 16.77 100.51
N LEU NA 74 1.26 16.07 101.65
CA LEU NA 74 0.16 16.17 102.59
C LEU NA 74 -0.08 17.61 103.01
N TYR NA 75 0.98 18.32 103.39
CA TYR NA 75 0.83 19.69 103.87
C TYR NA 75 0.37 20.63 102.77
N CYS NA 76 0.91 20.47 101.56
CA CYS NA 76 0.47 21.30 100.44
C CYS NA 76 -1.01 21.09 100.18
N ASP NA 77 -1.46 19.83 100.17
CA ASP NA 77 -2.88 19.58 99.98
C ASP NA 77 -3.71 20.15 101.12
N LEU NA 78 -3.17 20.14 102.34
CA LEU NA 78 -3.89 20.74 103.46
C LEU NA 78 -4.09 22.23 103.23
N LEU NA 79 -3.02 22.94 102.85
CA LEU NA 79 -3.15 24.35 102.52
C LEU NA 79 -4.14 24.57 101.39
N LEU NA 80 -4.10 23.71 100.38
CA LEU NA 80 -4.98 23.84 99.23
C LEU NA 80 -6.44 23.57 99.59
N ALA NA 81 -6.69 22.77 100.63
CA ALA NA 81 -8.05 22.53 101.08
C ALA NA 81 -8.58 23.67 101.94
N ARG NA 82 -7.70 24.43 102.58
CA ARG NA 82 -8.06 25.55 103.43
C ARG NA 82 -7.53 26.86 102.85
N PHE NA 83 -7.66 27.00 101.53
CA PHE NA 83 -7.10 28.17 100.84
C PHE NA 83 -7.92 29.42 101.15
N GLY NA 84 -9.25 29.29 101.18
CA GLY NA 84 -10.06 30.43 101.55
C GLY NA 84 -9.71 30.97 102.93
N LEU NA 85 -9.40 30.07 103.86
CA LEU NA 85 -8.97 30.51 105.19
C LEU NA 85 -7.65 31.25 105.13
N ILE NA 86 -6.87 31.03 104.08
CA ILE NA 86 -5.67 31.82 103.86
C ILE NA 86 -6.04 33.20 103.34
N GLN NA 87 -6.94 33.26 102.36
CA GLN NA 87 -7.28 34.53 101.74
C GLN NA 87 -8.02 35.45 102.70
N SER NA 88 -8.87 34.88 103.56
CA SER NA 88 -9.72 35.69 104.42
C SER NA 88 -8.89 36.38 105.51
N MET NA 89 -8.26 35.58 106.37
CA MET NA 89 -7.47 36.16 107.44
C MET NA 89 -6.22 36.83 106.90
N LYS NA 90 -5.57 37.60 107.76
CA LYS NA 90 -4.28 38.22 107.46
C LYS NA 90 -3.13 37.55 108.19
N GLU NA 91 -3.38 36.98 109.36
CA GLU NA 91 -2.40 36.18 110.09
C GLU NA 91 -2.87 34.73 110.09
N LEU NA 92 -1.93 33.81 109.91
CA LEU NA 92 -2.28 32.40 109.83
C LEU NA 92 -2.78 31.90 111.17
N ASP NA 93 -3.77 31.01 111.12
CA ASP NA 93 -4.31 30.40 112.32
C ASP NA 93 -3.44 29.21 112.74
N SER NA 94 -3.86 28.54 113.81
CA SER NA 94 -3.09 27.40 114.32
C SER NA 94 -3.16 26.22 113.36
N GLY NA 95 -4.31 26.00 112.73
CA GLY NA 95 -4.47 24.87 111.83
C GLY NA 95 -3.53 24.90 110.63
N LEU NA 96 -2.99 26.08 110.30
CA LEU NA 96 -2.10 26.23 109.16
C LEU NA 96 -0.68 26.61 109.57
N ALA NA 97 -0.39 26.70 110.86
CA ALA NA 97 0.96 27.06 111.29
C ALA NA 97 1.98 26.03 110.85
N GLU NA 98 1.68 24.75 111.09
CA GLU NA 98 2.64 23.70 110.76
C GLU NA 98 2.91 23.65 109.25
N SER NA 99 1.85 23.66 108.45
CA SER NA 99 2.02 23.59 107.00
C SER NA 99 2.91 24.72 106.50
N VAL NA 100 2.57 25.96 106.86
CA VAL NA 100 3.32 27.12 106.39
C VAL NA 100 4.76 27.04 106.86
N SER NA 101 4.95 26.73 108.15
CA SER NA 101 6.30 26.67 108.71
C SER NA 101 7.16 25.66 107.97
N THR NA 102 6.64 24.45 107.79
CA THR NA 102 7.42 23.40 107.13
C THR NA 102 7.65 23.73 105.66
N LEU NA 103 6.66 24.27 104.98
CA LEU NA 103 6.82 24.59 103.56
C LEU NA 103 7.79 25.74 103.35
N ILE NA 104 7.97 26.59 104.35
CA ILE NA 104 8.98 27.64 104.24
C ILE NA 104 10.35 27.11 104.63
N TRP NA 105 10.41 26.18 105.57
CA TRP NA 105 11.70 25.68 106.04
C TRP NA 105 12.32 24.68 105.06
N ALA NA 106 11.49 23.85 104.43
CA ALA NA 106 11.97 22.79 103.56
C ALA NA 106 12.21 23.27 102.12
N ALA NA 107 11.68 24.42 101.76
CA ALA NA 107 11.84 24.91 100.38
C ALA NA 107 13.30 24.97 99.96
N PRO NA 108 14.21 25.62 100.70
CA PRO NA 108 15.61 25.61 100.28
C PRO NA 108 16.23 24.23 100.29
N ARG NA 109 15.71 23.32 101.11
CA ARG NA 109 16.24 21.96 101.13
C ARG NA 109 15.93 21.24 99.82
N LEU NA 110 14.67 21.23 99.42
CA LEU NA 110 14.22 20.53 98.21
C LEU NA 110 14.06 21.48 97.04
N GLN NA 111 14.77 22.62 97.04
CA GLN NA 111 14.62 23.57 95.96
C GLN NA 111 15.11 22.99 94.63
N SER NA 112 16.10 22.10 94.67
CA SER NA 112 16.62 21.54 93.43
C SER NA 112 15.66 20.51 92.85
N GLU NA 113 15.11 19.64 93.68
CA GLU NA 113 14.17 18.64 93.21
C GLU NA 113 12.90 19.28 92.70
N VAL NA 114 12.24 20.06 93.56
CA VAL NA 114 10.98 20.73 93.23
C VAL NA 114 11.26 22.22 93.15
N ALA NA 115 11.11 22.80 91.95
CA ALA NA 115 11.36 24.22 91.77
C ALA NA 115 10.20 25.06 92.28
N GLU NA 116 8.97 24.66 91.95
CA GLU NA 116 7.79 25.41 92.35
C GLU NA 116 7.71 25.62 93.86
N LEU NA 117 8.36 24.75 94.63
CA LEU NA 117 8.34 24.88 96.09
C LEU NA 117 8.93 26.20 96.53
N LYS NA 118 9.93 26.72 95.81
CA LYS NA 118 10.50 28.02 96.14
C LYS NA 118 9.49 29.12 95.93
N ILE NA 119 8.68 29.03 94.87
CA ILE NA 119 7.64 30.02 94.64
C ILE NA 119 6.59 29.94 95.73
N VAL NA 120 6.25 28.73 96.16
CA VAL NA 120 5.30 28.59 97.27
C VAL NA 120 5.86 29.26 98.52
N ALA NA 121 7.13 29.02 98.82
CA ALA NA 121 7.77 29.66 99.96
C ALA NA 121 7.73 31.18 99.82
N ASP NA 122 7.94 31.69 98.61
CA ASP NA 122 7.86 33.12 98.39
C ASP NA 122 6.47 33.65 98.74
N GLN NA 123 5.44 33.07 98.13
CA GLN NA 123 4.08 33.54 98.39
C GLN NA 123 3.71 33.43 99.87
N LEU NA 124 4.29 32.46 100.58
CA LEU NA 124 4.00 32.32 102.00
C LEU NA 124 4.86 33.22 102.87
N CYS NA 125 5.97 33.74 102.35
CA CYS NA 125 6.77 34.72 103.07
C CYS NA 125 6.36 36.16 102.73
N ALA NA 126 5.89 36.39 101.51
CA ALA NA 126 5.44 37.71 101.10
C ALA NA 126 4.06 38.06 101.61
N LYS NA 127 3.32 37.08 102.14
CA LYS NA 127 1.98 37.34 102.67
C LYS NA 127 1.98 37.72 104.14
N TYR NA 128 3.03 37.38 104.87
CA TYR NA 128 3.09 37.59 106.31
C TYR NA 128 4.21 38.56 106.67
N SER NA 129 3.99 39.33 107.72
CA SER NA 129 4.97 40.26 108.24
C SER NA 129 5.35 40.00 109.69
N LYS NA 130 4.48 39.36 110.47
CA LYS NA 130 4.78 39.03 111.86
C LYS NA 130 5.84 37.95 111.88
N GLU NA 131 7.09 38.33 112.19
CA GLU NA 131 8.21 37.41 112.19
C GLU NA 131 8.41 36.75 110.82
N TYR NA 132 8.13 37.50 109.76
CA TYR NA 132 8.22 37.02 108.39
C TYR NA 132 9.27 37.82 107.63
N GLY NA 133 9.42 37.51 106.36
CA GLY NA 133 10.54 38.00 105.59
C GLY NA 133 11.72 37.06 105.71
N LYS NA 134 12.50 36.95 104.62
CA LYS NA 134 13.57 35.95 104.56
C LYS NA 134 14.29 35.80 105.89
N LEU NA 135 14.80 36.92 106.43
CA LEU NA 135 15.50 36.86 107.71
C LEU NA 135 14.58 36.40 108.83
N CYS NA 136 13.47 37.13 109.05
CA CYS NA 136 12.54 36.74 110.10
C CYS NA 136 11.83 35.44 109.78
N ARG NA 137 11.72 35.08 108.49
CA ARG NA 137 11.14 33.79 108.13
C ARG NA 137 12.04 32.65 108.57
N THR NA 138 13.37 32.85 108.50
CA THR NA 138 14.30 31.88 109.03
C THR NA 138 14.38 31.94 110.54
N ASN NA 139 14.12 33.11 111.13
CA ASN NA 139 14.17 33.24 112.58
C ASN NA 139 12.96 32.57 113.23
N GLN NA 140 11.79 32.68 112.61
CA GLN NA 140 10.56 32.10 113.14
C GLN NA 140 10.29 30.70 112.58
N ILE NA 141 11.34 29.96 112.24
CA ILE NA 141 11.19 28.62 111.68
C ILE NA 141 11.33 27.55 112.77
N GLY NA 142 11.18 27.93 114.04
CA GLY NA 142 11.33 27.00 115.14
C GLY NA 142 10.02 26.35 115.54
N THR NA 143 9.13 26.15 114.57
CA THR NA 143 7.85 25.50 114.84
C THR NA 143 7.49 24.48 113.75
N VAL NA 144 8.48 23.96 113.03
CA VAL NA 144 8.22 23.03 111.94
C VAL NA 144 8.11 21.62 112.49
N ASN NA 145 7.55 20.73 111.70
CA ASN NA 145 7.42 19.33 112.08
C ASN NA 145 8.80 18.71 112.29
N ASP NA 146 9.04 18.24 113.51
CA ASP NA 146 10.35 17.67 113.83
C ASP NA 146 10.62 16.42 113.00
N ARG NA 147 9.59 15.62 112.73
CA ARG NA 147 9.79 14.41 111.94
C ARG NA 147 10.32 14.75 110.55
N LEU NA 148 9.70 15.72 109.88
CA LEU NA 148 10.18 16.13 108.57
C LEU NA 148 11.61 16.68 108.65
N MET NA 149 11.92 17.41 109.72
CA MET NA 149 13.28 17.88 109.93
C MET NA 149 14.24 16.70 109.98
N HIS NA 150 13.83 15.60 110.62
CA HIS NA 150 14.70 14.43 110.71
C HIS NA 150 14.83 13.74 109.35
N LYS NA 151 13.73 13.65 108.59
CA LYS NA 151 13.80 13.01 107.29
C LYS NA 151 14.73 13.76 106.36
N LEU NA 152 14.71 15.09 106.41
CA LEU NA 152 15.58 15.92 105.59
C LEU NA 152 16.84 16.35 106.31
N SER NA 153 17.16 15.71 107.43
CA SER NA 153 18.38 16.03 108.16
C SER NA 153 19.58 15.49 107.41
N VAL NA 154 20.55 16.36 107.14
CA VAL NA 154 21.74 15.99 106.38
C VAL NA 154 22.78 15.55 107.40
N GLU NA 155 22.76 14.25 107.71
CA GLU NA 155 23.66 13.69 108.71
C GLU NA 155 23.93 12.24 108.38
N ALA NA 156 25.10 11.76 108.80
CA ALA NA 156 25.46 10.37 108.62
C ALA NA 156 24.50 9.49 109.39
N PRO NA 157 23.68 8.65 108.73
CA PRO NA 157 22.72 7.83 109.45
C PRO NA 157 23.40 6.94 110.47
N PRO NA 158 22.67 6.43 111.46
CA PRO NA 158 23.29 5.56 112.47
C PRO NA 158 23.79 4.27 111.85
N LYS NA 159 24.95 3.81 112.32
CA LYS NA 159 25.58 2.63 111.73
C LYS NA 159 24.72 1.38 111.93
N ILE NA 160 24.10 1.25 113.11
CA ILE NA 160 23.27 0.07 113.38
C ILE NA 160 22.11 0.00 112.40
N LEU NA 161 21.57 1.17 112.06
CA LEU NA 161 20.44 1.25 111.09
C LEU NA 161 20.93 0.73 109.73
N VAL NA 162 22.14 1.11 109.34
CA VAL NA 162 22.75 0.66 108.05
C VAL NA 162 22.91 -0.86 108.08
N GLU NA 163 23.36 -1.40 109.22
CA GLU NA 163 23.55 -2.86 109.38
C GLU NA 163 22.19 -3.56 109.23
N ARG NA 164 21.15 -2.99 109.84
CA ARG NA 164 19.78 -3.58 109.76
C ARG NA 164 19.31 -3.56 108.30
N TYR NA 165 19.59 -2.46 107.59
CA TYR NA 165 19.20 -2.33 106.16
C TYR NA 165 19.93 -3.41 105.34
N LEU NA 166 21.21 -3.63 105.64
CA LEU NA 166 21.98 -4.63 104.91
C LEU NA 166 21.50 -6.04 105.25
N ILE NA 167 21.22 -6.29 106.53
CA ILE NA 167 20.73 -7.60 106.95
C ILE NA 167 19.43 -7.93 106.20
N GLU NA 168 18.51 -6.99 106.15
CA GLU NA 168 17.23 -7.24 105.49
C GLU NA 168 17.43 -7.49 104.00
N ILE NA 169 18.24 -6.64 103.34
CA ILE NA 169 18.44 -6.81 101.91
C ILE NA 169 19.08 -8.16 101.60
N ALA NA 170 20.08 -8.54 102.40
CA ALA NA 170 20.72 -9.84 102.21
C ALA NA 170 19.72 -10.97 102.40
N LYS NA 171 18.99 -10.94 103.53
CA LYS NA 171 18.01 -11.98 103.80
C LYS NA 171 16.98 -12.09 102.69
N ASN NA 172 16.66 -10.98 102.03
CA ASN NA 172 15.65 -11.03 100.97
C ASN NA 172 16.24 -11.56 99.66
N TYR NA 173 17.46 -11.15 99.34
CA TYR NA 173 18.09 -11.52 98.06
C TYR NA 173 18.91 -12.80 98.15
N ASN NA 174 18.75 -13.58 99.21
CA ASN NA 174 19.40 -14.89 99.32
C ASN NA 174 20.92 -14.76 99.24
N VAL NA 175 21.47 -13.78 99.94
CA VAL NA 175 22.92 -13.56 99.97
C VAL NA 175 23.38 -13.62 101.42
N PRO NA 176 24.49 -14.28 101.73
CA PRO NA 176 25.01 -14.25 103.11
C PRO NA 176 25.65 -12.90 103.43
N TYR NA 177 25.58 -12.54 104.70
CA TYR NA 177 26.17 -11.29 105.17
C TYR NA 177 26.41 -11.40 106.67
N GLU NA 178 27.63 -11.05 107.10
CA GLU NA 178 28.00 -11.09 108.52
C GLU NA 178 28.06 -9.67 109.05
N PRO NA 179 27.05 -9.21 109.80
CA PRO NA 179 27.07 -7.82 110.28
C PRO NA 179 28.27 -7.53 111.16
N ASP NA 180 28.66 -6.26 111.19
CA ASP NA 180 29.73 -5.81 112.06
C ASP NA 180 29.24 -5.90 113.50
N SER NA 181 29.78 -6.85 114.26
CA SER NA 181 29.28 -7.07 115.61
C SER NA 181 29.49 -5.83 116.48
N VAL NA 182 30.58 -5.07 116.23
CA VAL NA 182 30.88 -3.89 117.06
C VAL NA 182 29.69 -2.96 117.11
N VAL NA 183 29.02 -2.78 115.97
CA VAL NA 183 27.87 -1.89 115.88
C VAL NA 183 26.57 -2.69 115.98
N MET NA 184 26.61 -3.93 115.51
CA MET NA 184 25.41 -4.76 115.54
C MET NA 184 24.97 -5.11 116.96
N ALA NA 185 25.89 -5.06 117.92
CA ALA NA 185 25.57 -5.40 119.30
C ALA NA 185 25.46 -4.19 120.22
N GLU NA 186 26.19 -3.12 119.93
CA GLU NA 186 26.16 -1.93 120.76
C GLU NA 186 24.90 -1.11 120.45
N ASN OA 3 34.52 -4.02 -54.55
CA ASN OA 3 33.68 -3.64 -55.67
C ASN OA 3 33.47 -4.81 -56.62
N MET OA 4 34.57 -5.43 -57.05
CA MET OA 4 34.48 -6.55 -57.98
C MET OA 4 33.77 -7.75 -57.37
N GLU OA 5 33.85 -7.90 -56.04
CA GLU OA 5 33.17 -9.01 -55.40
C GLU OA 5 31.66 -8.91 -55.58
N LYS OA 6 31.12 -7.68 -55.56
CA LYS OA 6 29.69 -7.50 -55.80
C LYS OA 6 29.32 -7.93 -57.22
N HIS OA 7 30.13 -7.55 -58.20
CA HIS OA 7 29.86 -7.94 -59.58
C HIS OA 7 29.94 -9.46 -59.74
N LEU OA 8 30.90 -10.10 -59.08
CA LEU OA 8 30.99 -11.55 -59.10
C LEU OA 8 29.73 -12.17 -58.52
N PHE OA 9 29.27 -11.64 -57.38
CA PHE OA 9 28.05 -12.15 -56.76
C PHE OA 9 26.87 -12.03 -57.72
N ASN OA 10 26.72 -10.88 -58.36
CA ASN OA 10 25.62 -10.70 -59.30
C ASN OA 10 25.72 -11.66 -60.47
N LEU OA 11 26.94 -11.90 -60.97
CA LEU OA 11 27.12 -12.82 -62.08
C LEU OA 11 26.70 -14.23 -61.69
N LYS OA 12 27.17 -14.70 -60.53
CA LYS OA 12 26.80 -16.04 -60.09
C LYS OA 12 25.30 -16.15 -59.84
N PHE OA 13 24.70 -15.10 -59.30
CA PHE OA 13 23.25 -15.10 -59.09
C PHE OA 13 22.52 -15.21 -60.41
N ALA OA 14 22.97 -14.46 -61.43
CA ALA OA 14 22.33 -14.54 -62.75
C ALA OA 14 22.47 -15.93 -63.35
N ALA OA 15 23.64 -16.55 -63.18
CA ALA OA 15 23.83 -17.90 -63.70
C ALA OA 15 22.87 -18.87 -63.04
N LYS OA 16 22.76 -18.80 -61.71
CA LYS OA 16 21.85 -19.68 -60.99
C LYS OA 16 20.41 -19.44 -61.42
N GLU OA 17 20.04 -18.18 -61.63
CA GLU OA 17 18.70 -17.85 -62.10
C GLU OA 17 18.43 -18.48 -63.47
N LEU OA 18 19.41 -18.40 -64.37
CA LEU OA 18 19.23 -19.00 -65.69
C LEU OA 18 19.06 -20.51 -65.58
N SER OA 19 19.84 -21.15 -64.72
CA SER OA 19 19.70 -22.60 -64.53
C SER OA 19 18.32 -22.95 -64.01
N ARG OA 20 17.86 -22.23 -62.98
CA ARG OA 20 16.52 -22.46 -62.45
C ARG OA 20 15.47 -22.30 -63.53
N SER OA 21 15.61 -21.25 -64.36
CA SER OA 21 14.63 -21.01 -65.40
C SER OA 21 14.63 -22.13 -66.43
N ALA OA 22 15.81 -22.65 -66.77
CA ALA OA 22 15.88 -23.77 -67.70
C ALA OA 22 15.16 -24.98 -67.12
N LYS OA 23 15.41 -25.28 -65.84
CA LYS OA 23 14.72 -26.41 -65.21
C LYS OA 23 13.20 -26.21 -65.26
N LYS OA 24 12.74 -25.01 -64.90
CA LYS OA 24 11.31 -24.72 -64.90
C LYS OA 24 10.71 -24.87 -66.29
N CYS OA 25 11.44 -24.42 -67.31
CA CYS OA 25 10.91 -24.51 -68.68
C CYS OA 25 10.85 -25.95 -69.15
N ASP OA 26 11.83 -26.77 -68.76
CA ASP OA 26 11.74 -28.19 -69.07
C ASP OA 26 10.51 -28.82 -68.43
N LYS OA 27 10.26 -28.49 -67.16
CA LYS OA 27 9.07 -28.99 -66.48
C LYS OA 27 7.80 -28.56 -67.20
N GLU OA 28 7.74 -27.29 -67.61
CA GLU OA 28 6.55 -26.80 -68.31
C GLU OA 28 6.36 -27.52 -69.64
N GLU OA 29 7.45 -27.83 -70.33
CA GLU OA 29 7.34 -28.62 -71.55
C GLU OA 29 6.74 -29.99 -71.26
N LYS OA 30 7.24 -30.64 -70.20
CA LYS OA 30 6.70 -31.94 -69.84
C LYS OA 30 5.20 -31.87 -69.56
N ALA OA 31 4.75 -30.76 -68.98
CA ALA OA 31 3.32 -30.60 -68.71
C ALA OA 31 2.53 -30.35 -70.00
N GLU OA 32 3.03 -29.46 -70.85
CA GLU OA 32 2.34 -29.15 -72.09
C GLU OA 32 2.24 -30.37 -72.99
N LYS OA 33 3.17 -31.33 -72.87
CA LYS OA 33 3.03 -32.57 -73.62
C LYS OA 33 1.81 -33.36 -73.18
N ALA OA 34 1.58 -33.44 -71.87
CA ALA OA 34 0.35 -34.05 -71.37
C ALA OA 34 -0.87 -33.34 -71.93
N LYS OA 35 -0.84 -32.00 -71.93
CA LYS OA 35 -2.00 -31.25 -72.38
C LYS OA 35 -2.28 -31.47 -73.87
N ILE OA 36 -1.22 -31.52 -74.68
CA ILE OA 36 -1.40 -31.76 -76.11
C ILE OA 36 -1.91 -33.17 -76.35
N GLU OA 37 -1.46 -34.14 -75.57
CA GLU OA 37 -2.00 -35.49 -75.69
C GLU OA 37 -3.50 -35.49 -75.40
N LYS OA 38 -3.90 -34.84 -74.31
CA LYS OA 38 -5.32 -34.75 -73.99
C LYS OA 38 -6.10 -34.11 -75.14
N ALA OA 39 -5.60 -32.98 -75.65
CA ALA OA 39 -6.33 -32.26 -76.68
C ALA OA 39 -6.42 -33.04 -77.99
N ILE OA 40 -5.38 -33.80 -78.32
CA ILE OA 40 -5.44 -34.63 -79.52
C ILE OA 40 -6.38 -35.81 -79.30
N GLN OA 41 -6.57 -36.23 -78.05
CA GLN OA 41 -7.60 -37.22 -77.77
C GLN OA 41 -8.99 -36.64 -77.96
N LYS OA 42 -9.24 -35.44 -77.42
CA LYS OA 42 -10.54 -34.80 -77.57
C LYS OA 42 -10.85 -34.41 -79.00
N GLY OA 43 -9.84 -34.39 -79.88
CA GLY OA 43 -10.05 -34.00 -81.26
C GLY OA 43 -9.77 -32.56 -81.58
N ASN OA 44 -9.46 -31.74 -80.57
CA ASN OA 44 -9.18 -30.32 -80.79
C ASN OA 44 -7.87 -30.18 -81.55
N MET OA 45 -7.95 -29.75 -82.81
CA MET OA 45 -6.75 -29.52 -83.60
C MET OA 45 -6.09 -28.19 -83.23
N GLU OA 46 -6.89 -27.16 -83.00
CA GLU OA 46 -6.34 -25.83 -82.70
C GLU OA 46 -5.68 -25.80 -81.33
N VAL OA 47 -6.31 -26.40 -80.33
CA VAL OA 47 -5.70 -26.45 -79.00
C VAL OA 47 -4.46 -27.31 -79.02
N ALA OA 48 -4.46 -28.38 -79.83
CA ALA OA 48 -3.27 -29.19 -79.99
C ALA OA 48 -2.15 -28.37 -80.62
N ARG OA 49 -2.47 -27.54 -81.62
CA ARG OA 49 -1.47 -26.66 -82.21
C ARG OA 49 -0.91 -25.71 -81.16
N ILE OA 50 -1.79 -25.10 -80.36
CA ILE OA 50 -1.35 -24.16 -79.34
C ILE OA 50 -0.40 -24.83 -78.36
N HIS OA 51 -0.79 -26.00 -77.85
CA HIS OA 51 0.03 -26.67 -76.86
C HIS OA 51 1.32 -27.20 -77.46
N ALA OA 52 1.32 -27.57 -78.74
CA ALA OA 52 2.55 -27.96 -79.41
C ALA OA 52 3.50 -26.78 -79.55
N GLU OA 53 2.97 -25.63 -79.93
CA GLU OA 53 3.79 -24.42 -79.98
C GLU OA 53 4.40 -24.14 -78.62
N ASN OA 54 3.57 -24.21 -77.57
CA ASN OA 54 4.08 -23.96 -76.22
C ASN OA 54 5.17 -24.93 -75.85
N ALA OA 55 4.98 -26.22 -76.15
CA ALA OA 55 5.96 -27.24 -75.78
C ALA OA 55 7.27 -27.03 -76.51
N ILE OA 56 7.21 -26.82 -77.83
CA ILE OA 56 8.42 -26.59 -78.60
C ILE OA 56 9.14 -25.34 -78.12
N ARG OA 57 8.39 -24.28 -77.86
CA ARG OA 57 8.99 -23.04 -77.36
C ARG OA 57 9.68 -23.27 -76.03
N GLN OA 58 9.03 -23.98 -75.11
CA GLN OA 58 9.62 -24.22 -73.82
C GLN OA 58 10.88 -25.07 -73.94
N LYS OA 59 10.85 -26.09 -74.81
CA LYS OA 59 12.04 -26.90 -75.02
C LYS OA 59 13.20 -26.05 -75.52
N ASN OA 60 12.96 -25.28 -76.58
CA ASN OA 60 14.03 -24.48 -77.17
C ASN OA 60 14.56 -23.44 -76.17
N GLN OA 61 13.66 -22.77 -75.46
CA GLN OA 61 14.10 -21.74 -74.53
C GLN OA 61 14.79 -22.35 -73.31
N ALA OA 62 14.44 -23.58 -72.94
CA ALA OA 62 15.17 -24.27 -71.88
C ALA OA 62 16.59 -24.60 -72.32
N VAL OA 63 16.75 -25.09 -73.55
CA VAL OA 63 18.08 -25.35 -74.06
C VAL OA 63 18.89 -24.05 -74.10
N ASN OA 64 18.26 -22.97 -74.55
CA ASN OA 64 18.95 -21.69 -74.63
C ASN OA 64 19.36 -21.20 -73.25
N PHE OA 65 18.45 -21.29 -72.28
CA PHE OA 65 18.78 -20.89 -70.91
C PHE OA 65 19.92 -21.73 -70.36
N LEU OA 66 19.94 -23.02 -70.69
CA LEU OA 66 21.01 -23.88 -70.17
C LEU OA 66 22.36 -23.48 -70.75
N ARG OA 67 22.42 -23.28 -72.07
CA ARG OA 67 23.67 -22.82 -72.68
C ARG OA 67 24.09 -21.47 -72.13
N MET OA 68 23.13 -20.56 -71.96
CA MET OA 68 23.42 -19.23 -71.43
C MET OA 68 23.98 -19.32 -70.02
N SER OA 69 23.37 -20.16 -69.17
CA SER OA 69 23.86 -20.34 -67.83
C SER OA 69 25.25 -20.95 -67.82
N ALA OA 70 25.54 -21.86 -68.75
CA ALA OA 70 26.88 -22.40 -68.84
C ALA OA 70 27.90 -21.30 -69.16
N ARG OA 71 27.55 -20.43 -70.11
CA ARG OA 71 28.46 -19.33 -70.46
C ARG OA 71 28.69 -18.41 -69.26
N VAL OA 72 27.61 -18.03 -68.58
CA VAL OA 72 27.75 -17.14 -67.43
C VAL OA 72 28.52 -17.84 -66.31
N ASP OA 73 28.37 -19.16 -66.18
CA ASP OA 73 29.14 -19.90 -65.18
C ASP OA 73 30.62 -19.84 -65.49
N ALA OA 74 30.98 -20.04 -66.76
CA ALA OA 74 32.39 -19.92 -67.13
C ALA OA 74 32.92 -18.54 -66.80
N VAL OA 75 32.18 -17.50 -67.18
CA VAL OA 75 32.63 -16.14 -66.94
C VAL OA 75 32.77 -15.88 -65.45
N ALA OA 76 31.83 -16.36 -64.65
CA ALA OA 76 31.87 -16.12 -63.21
C ALA OA 76 33.01 -16.88 -62.56
N ALA OA 77 33.29 -18.09 -63.02
CA ALA OA 77 34.45 -18.82 -62.51
C ALA OA 77 35.73 -18.06 -62.82
N ARG OA 78 35.84 -17.53 -64.04
CA ARG OA 78 37.02 -16.75 -64.41
C ARG OA 78 37.15 -15.51 -63.52
N VAL OA 79 36.04 -14.83 -63.27
CA VAL OA 79 36.08 -13.61 -62.46
C VAL OA 79 36.42 -13.94 -61.01
N GLN OA 80 35.92 -15.06 -60.50
CA GLN OA 80 36.25 -15.47 -59.15
C GLN OA 80 37.72 -15.81 -59.01
N THR OA 81 38.27 -16.52 -60.00
CA THR OA 81 39.70 -16.75 -60.05
C THR OA 81 40.46 -15.43 -60.02
N ALA OA 82 40.01 -14.46 -60.83
CA ALA OA 82 40.68 -13.17 -60.89
C ALA OA 82 40.63 -12.46 -59.54
N VAL OA 83 39.49 -12.54 -58.86
CA VAL OA 83 39.35 -11.88 -57.55
C VAL OA 83 40.31 -12.50 -56.54
N THR OA 84 40.31 -13.83 -56.46
CA THR OA 84 41.18 -14.50 -55.51
C THR OA 84 42.65 -14.21 -55.82
N MET OA 85 43.02 -14.23 -57.09
CA MET OA 85 44.40 -13.93 -57.46
C MET OA 85 44.75 -12.47 -57.19
N GLY OA 86 43.78 -11.57 -57.30
CA GLY OA 86 44.04 -10.18 -56.95
C GLY OA 86 44.29 -10.02 -55.47
N LYS OA 87 43.51 -10.69 -54.64
CA LYS OA 87 43.79 -10.70 -53.21
C LYS OA 87 45.17 -11.24 -52.93
N VAL OA 88 45.53 -12.35 -53.58
CA VAL OA 88 46.85 -12.96 -53.37
C VAL OA 88 47.95 -11.99 -53.79
N THR OA 89 47.79 -11.34 -54.94
CA THR OA 89 48.79 -10.42 -55.44
C THR OA 89 48.95 -9.22 -54.52
N LYS OA 90 47.83 -8.68 -54.02
CA LYS OA 90 47.89 -7.58 -53.08
C LYS OA 90 48.62 -7.99 -51.81
N SER OA 91 48.31 -9.18 -51.29
CA SER OA 91 48.97 -9.65 -50.07
C SER OA 91 50.47 -9.83 -50.30
N MET OA 92 50.85 -10.35 -51.47
CA MET OA 92 52.27 -10.56 -51.74
C MET OA 92 52.99 -9.24 -51.99
N ALA OA 93 52.30 -8.24 -52.53
CA ALA OA 93 52.90 -6.91 -52.65
C ALA OA 93 53.13 -6.30 -51.27
N GLY OA 94 52.14 -6.40 -50.38
CA GLY OA 94 52.34 -5.93 -49.02
C GLY OA 94 53.49 -6.64 -48.33
N VAL OA 95 53.57 -7.96 -48.52
CA VAL OA 95 54.66 -8.73 -47.93
C VAL OA 95 56.00 -8.28 -48.49
N VAL OA 96 56.04 -8.01 -49.80
CA VAL OA 96 57.28 -7.56 -50.41
C VAL OA 96 57.71 -6.22 -49.82
N LYS OA 97 56.75 -5.30 -49.64
CA LYS OA 97 57.08 -4.00 -49.07
C LYS OA 97 57.62 -4.15 -47.66
N SER OA 98 56.92 -4.93 -46.82
CA SER OA 98 57.33 -5.09 -45.44
C SER OA 98 58.71 -5.76 -45.36
N MET OA 99 58.92 -6.82 -46.13
CA MET OA 99 60.20 -7.50 -46.14
C MET OA 99 61.30 -6.60 -46.67
N ASP OA 100 60.99 -5.73 -47.63
CA ASP OA 100 62.00 -4.80 -48.13
C ASP OA 100 62.43 -3.85 -47.01
N ALA OA 101 61.46 -3.24 -46.33
CA ALA OA 101 61.79 -2.37 -45.21
C ALA OA 101 62.63 -3.10 -44.18
N THR OA 102 62.21 -4.31 -43.80
CA THR OA 102 62.92 -5.05 -42.76
C THR OA 102 64.33 -5.41 -43.19
N LEU OA 103 64.47 -6.10 -44.34
CA LEU OA 103 65.78 -6.48 -44.83
C LEU OA 103 66.67 -5.29 -45.10
N LYS OA 104 66.10 -4.10 -45.29
CA LYS OA 104 66.90 -2.89 -45.34
C LYS OA 104 67.40 -2.53 -43.95
N THR OA 105 66.52 -2.59 -42.96
CA THR OA 105 66.91 -2.31 -41.59
C THR OA 105 67.78 -3.44 -41.03
N MET OA 106 67.29 -4.67 -41.10
CA MET OA 106 67.98 -5.85 -40.58
C MET OA 106 68.51 -6.64 -41.77
N ASN OA 107 69.70 -6.26 -42.23
CA ASN OA 107 70.32 -6.92 -43.37
C ASN OA 107 71.24 -8.04 -42.90
N LEU OA 108 71.88 -8.70 -43.86
CA LEU OA 108 72.70 -9.87 -43.53
C LEU OA 108 73.94 -9.47 -42.75
N GLU OA 109 74.55 -8.33 -43.08
CA GLU OA 109 75.70 -7.86 -42.33
C GLU OA 109 75.33 -7.63 -40.86
N LYS OA 110 74.27 -6.86 -40.63
CA LYS OA 110 73.86 -6.56 -39.26
C LYS OA 110 73.45 -7.82 -38.53
N ILE OA 111 72.75 -8.72 -39.21
CA ILE OA 111 72.30 -9.95 -38.58
C ILE OA 111 73.48 -10.81 -38.17
N SER OA 112 74.45 -10.97 -39.07
CA SER OA 112 75.63 -11.76 -38.76
C SER OA 112 76.41 -11.16 -37.59
N ALA OA 113 76.57 -9.83 -37.59
CA ALA OA 113 77.28 -9.18 -36.50
C ALA OA 113 76.53 -9.36 -35.18
N LEU OA 114 75.20 -9.18 -35.23
CA LEU OA 114 74.38 -9.35 -34.04
C LEU OA 114 74.49 -10.76 -33.49
N MET OA 115 74.59 -11.75 -34.37
CA MET OA 115 74.66 -13.13 -33.91
C MET OA 115 76.04 -13.47 -33.36
N ASP OA 116 77.09 -12.95 -33.99
CA ASP OA 116 78.42 -13.09 -33.40
C ASP OA 116 78.45 -12.45 -32.01
N LYS OA 117 77.79 -11.30 -31.86
CA LYS OA 117 77.74 -10.64 -30.56
C LYS OA 117 76.95 -11.47 -29.56
N PHE OA 118 75.83 -12.05 -29.97
CA PHE OA 118 75.06 -12.93 -29.09
C PHE OA 118 75.92 -14.08 -28.60
N GLU OA 119 76.59 -14.76 -29.54
CA GLU OA 119 77.43 -15.90 -29.18
C GLU OA 119 78.53 -15.48 -28.21
N HIS OA 120 79.21 -14.37 -28.49
CA HIS OA 120 80.31 -13.95 -27.63
C HIS OA 120 79.80 -13.53 -26.25
N GLN OA 121 78.67 -12.83 -26.21
CA GLN OA 121 78.10 -12.41 -24.92
C GLN OA 121 77.73 -13.61 -24.08
N PHE OA 122 77.14 -14.63 -24.69
CA PHE OA 122 76.73 -15.79 -23.90
C PHE OA 122 77.91 -16.71 -23.59
N GLU OA 123 78.99 -16.66 -24.36
CA GLU OA 123 80.22 -17.30 -23.95
C GLU OA 123 80.80 -16.62 -22.72
N THR OA 124 80.86 -15.28 -22.74
CA THR OA 124 81.27 -14.54 -21.56
C THR OA 124 80.39 -14.89 -20.37
N LEU OA 125 79.09 -15.07 -20.62
CA LEU OA 125 78.18 -15.46 -19.54
C LEU OA 125 78.47 -16.88 -19.06
N ASP OA 126 78.94 -17.73 -19.97
CA ASP OA 126 79.35 -19.12 -19.62
C ASP OA 126 80.54 -19.04 -18.65
N VAL OA 127 81.49 -18.13 -18.91
CA VAL OA 127 82.66 -17.95 -18.08
C VAL OA 127 82.26 -17.38 -16.72
N GLN OA 128 81.39 -16.37 -16.75
CA GLN OA 128 80.89 -15.80 -15.50
C GLN OA 128 80.18 -16.85 -14.66
N THR OA 129 79.36 -17.68 -15.28
CA THR OA 129 78.64 -18.71 -14.54
C THR OA 129 79.61 -19.69 -13.91
N GLN OA 130 80.62 -20.14 -14.66
CA GLN OA 130 81.60 -21.07 -14.12
C GLN OA 130 82.32 -20.48 -12.91
N GLN OA 131 82.80 -19.25 -13.05
CA GLN OA 131 83.54 -18.62 -11.95
C GLN OA 131 82.63 -18.38 -10.75
N MET OA 132 81.43 -17.85 -11.01
CA MET OA 132 80.45 -17.63 -9.96
C MET OA 132 80.14 -18.93 -9.22
N GLU OA 133 80.08 -20.04 -9.95
CA GLU OA 133 79.76 -21.31 -9.32
C GLU OA 133 80.93 -21.83 -8.50
N ASP OA 134 82.15 -21.69 -9.02
CA ASP OA 134 83.33 -22.01 -8.24
C ASP OA 134 83.31 -21.27 -6.90
N THR OA 135 83.01 -19.97 -6.94
CA THR OA 135 83.01 -19.18 -5.71
C THR OA 135 81.85 -19.59 -4.80
N MET OA 136 80.65 -19.75 -5.36
CA MET OA 136 79.52 -20.18 -4.55
C MET OA 136 79.83 -21.48 -3.82
N SER OA 137 80.52 -22.40 -4.49
CA SER OA 137 80.87 -23.66 -3.85
C SER OA 137 81.94 -23.46 -2.79
N SER OA 138 82.94 -22.62 -3.09
CA SER OA 138 84.00 -22.37 -2.11
C SER OA 138 83.47 -21.68 -0.86
N THR OA 139 82.37 -20.95 -0.98
CA THR OA 139 81.80 -20.27 0.17
C THR OA 139 81.29 -21.28 1.20
N THR OA 140 80.59 -22.31 0.74
CA THR OA 140 79.95 -23.29 1.61
C THR OA 140 80.64 -24.64 1.39
N THR OA 141 81.73 -24.85 2.12
CA THR OA 141 82.46 -26.11 2.08
C THR OA 141 82.48 -26.84 3.41
N LEU OA 142 82.21 -26.16 4.51
CA LEU OA 142 82.18 -26.80 5.83
C LEU OA 142 80.81 -27.38 6.15
N THR OA 143 79.76 -26.95 5.45
CA THR OA 143 78.45 -27.56 5.58
C THR OA 143 78.29 -28.78 4.69
N THR OA 144 79.08 -28.86 3.61
CA THR OA 144 79.03 -29.96 2.65
C THR OA 144 80.43 -30.54 2.51
N PRO OA 145 80.87 -31.37 3.44
CA PRO OA 145 82.18 -32.02 3.29
C PRO OA 145 82.15 -33.09 2.22
N GLN OA 146 83.18 -33.10 1.39
CA GLN OA 146 83.26 -34.10 0.32
C GLN OA 146 83.24 -35.50 0.88
N ASN OA 147 83.94 -35.73 2.00
CA ASN OA 147 84.00 -37.06 2.59
C ASN OA 147 82.61 -37.56 2.98
N GLN OA 148 81.81 -36.70 3.59
CA GLN OA 148 80.47 -37.11 4.01
C GLN OA 148 79.60 -37.45 2.80
N VAL OA 149 79.69 -36.67 1.73
CA VAL OA 149 78.90 -36.93 0.54
C VAL OA 149 79.33 -38.26 -0.08
N ASP OA 150 80.64 -38.50 -0.17
CA ASP OA 150 81.13 -39.77 -0.71
C ASP OA 150 80.61 -40.93 0.13
N MET OA 151 80.68 -40.80 1.45
CA MET OA 151 80.22 -41.89 2.31
C MET OA 151 78.72 -42.12 2.14
N LEU OA 152 77.93 -41.06 2.07
CA LEU OA 152 76.50 -41.23 1.88
C LEU OA 152 76.21 -41.94 0.57
N LEU OA 153 76.90 -41.55 -0.51
CA LEU OA 153 76.68 -42.21 -1.79
C LEU OA 153 77.07 -43.67 -1.73
N GLN OA 154 78.19 -43.98 -1.08
CA GLN OA 154 78.62 -45.37 -0.97
C GLN OA 154 77.59 -46.19 -0.18
N GLU OA 155 77.08 -45.65 0.91
CA GLU OA 155 76.10 -46.38 1.71
C GLU OA 155 74.81 -46.58 0.93
N MET OA 156 74.34 -45.55 0.24
CA MET OA 156 73.10 -45.69 -0.51
C MET OA 156 73.26 -46.69 -1.65
N ALA OA 157 74.41 -46.68 -2.32
CA ALA OA 157 74.67 -47.67 -3.36
C ALA OA 157 74.68 -49.08 -2.78
N ASP OA 158 75.49 -49.31 -1.75
CA ASP OA 158 75.59 -50.64 -1.16
C ASP OA 158 74.22 -51.12 -0.68
N GLU OA 159 73.40 -50.23 -0.13
CA GLU OA 159 72.06 -50.61 0.26
C GLU OA 159 71.23 -50.99 -0.96
N ALA OA 160 71.29 -50.19 -2.02
CA ALA OA 160 70.59 -50.51 -3.25
C ALA OA 160 71.23 -51.68 -3.99
N GLY OA 161 72.41 -52.13 -3.55
CA GLY OA 161 73.11 -53.23 -4.20
C GLY OA 161 73.76 -52.88 -5.51
N LEU OA 162 73.47 -51.71 -6.08
CA LEU OA 162 74.00 -51.33 -7.38
C LEU OA 162 75.42 -50.80 -7.22
N ASP OA 163 75.97 -50.25 -8.30
CA ASP OA 163 77.28 -49.63 -8.29
C ASP OA 163 77.20 -48.31 -9.06
N LEU OA 164 78.19 -47.45 -8.82
CA LEU OA 164 78.22 -46.11 -9.38
C LEU OA 164 79.37 -46.00 -10.36
N ASN OA 165 79.06 -45.60 -11.59
CA ASN OA 165 80.07 -45.41 -12.62
C ASN OA 165 79.93 -44.04 -13.25
N GLU OA 187 94.27 -39.87 5.45
CA GLU OA 187 94.62 -40.92 4.50
C GLU OA 187 95.77 -40.48 3.62
N LEU OA 188 95.47 -39.99 2.41
CA LEU OA 188 96.51 -39.49 1.53
C LEU OA 188 97.19 -38.27 2.12
N SER OA 189 96.45 -37.45 2.87
CA SER OA 189 97.02 -36.23 3.43
C SER OA 189 98.21 -36.54 4.33
N GLN OA 190 98.16 -37.66 5.05
CA GLN OA 190 99.28 -38.01 5.93
C GLN OA 190 100.52 -38.37 5.11
N ARG OA 191 100.36 -39.13 4.03
CA ARG OA 191 101.49 -39.44 3.17
C ARG OA 191 102.05 -38.18 2.55
N LEU OA 192 101.18 -37.25 2.15
CA LEU OA 192 101.66 -36.00 1.56
C LEU OA 192 102.39 -35.16 2.60
N ALA OA 193 101.94 -35.17 3.85
CA ALA OA 193 102.64 -34.44 4.90
C ALA OA 193 104.01 -35.05 5.18
N ARG OA 194 104.07 -36.39 5.26
CA ARG OA 194 105.36 -37.05 5.44
C ARG OA 194 106.30 -36.72 4.29
N LEU OA 195 105.77 -36.65 3.07
CA LEU OA 195 106.59 -36.26 1.92
C LEU OA 195 107.03 -34.80 2.04
N ARG OA 196 106.16 -33.95 2.56
CA ARG OA 196 106.50 -32.54 2.74
C ARG OA 196 107.62 -32.37 3.75
N ASP OA 197 107.62 -33.18 4.82
CA ASP OA 197 108.71 -33.13 5.78
C ASP OA 197 110.04 -33.46 5.11
N GLN OA 198 110.03 -34.33 4.11
CA GLN OA 198 111.24 -34.67 3.37
C GLN OA 198 112.32 -35.21 4.30
N PHE PA 6 99.85 2.32 21.80
CA PHE PA 6 99.63 0.89 21.96
C PHE PA 6 98.53 0.62 22.98
N LYS PA 7 97.58 -0.24 22.58
CA LYS PA 7 96.43 -0.66 23.43
C LYS PA 7 96.53 -2.16 23.68
N ALA PA 8 96.39 -2.59 24.94
CA ALA PA 8 96.54 -3.99 25.28
C ALA PA 8 95.31 -4.80 24.90
N GLU PA 9 94.12 -4.37 25.36
CA GLU PA 9 92.91 -5.12 25.07
C GLU PA 9 92.65 -5.23 23.58
N ARG PA 10 93.01 -4.19 22.82
CA ARG PA 10 92.93 -4.28 21.36
C ARG PA 10 93.77 -5.42 20.83
N LEU PA 11 95.01 -5.54 21.33
CA LEU PA 11 95.88 -6.63 20.91
C LEU PA 11 95.29 -7.98 21.29
N ARG PA 12 94.74 -8.09 22.50
CA ARG PA 12 94.12 -9.33 22.94
C ARG PA 12 92.99 -9.75 22.01
N VAL PA 13 92.08 -8.81 21.73
CA VAL PA 13 90.93 -9.11 20.88
C VAL PA 13 91.39 -9.49 19.48
N ASN PA 14 92.36 -8.75 18.94
CA ASN PA 14 92.85 -9.06 17.60
C ASN PA 14 93.53 -10.43 17.56
N LEU PA 15 94.22 -10.81 18.63
CA LEU PA 15 94.84 -12.13 18.69
C LEU PA 15 93.79 -13.22 18.67
N ARG PA 16 92.73 -13.07 19.47
CA ARG PA 16 91.65 -14.05 19.47
C ARG PA 16 91.01 -14.15 18.09
N LEU PA 17 90.77 -12.99 17.46
CA LEU PA 17 90.18 -12.99 16.13
C LEU PA 17 91.09 -13.67 15.11
N VAL PA 18 92.40 -13.42 15.20
CA VAL PA 18 93.34 -14.06 14.29
C VAL PA 18 93.31 -15.57 14.48
N ILE PA 19 93.24 -16.02 15.73
CA ILE PA 19 93.17 -17.46 15.99
C ILE PA 19 91.95 -18.06 15.31
N ASN PA 20 90.78 -17.47 15.55
CA ASN PA 20 89.56 -18.01 14.96
C ASN PA 20 89.64 -18.01 13.43
N ARG PA 21 90.12 -16.90 12.85
CA ARG PA 21 90.22 -16.80 11.40
C ARG PA 21 91.15 -17.86 10.85
N LEU PA 22 92.27 -18.11 11.52
CA LEU PA 22 93.22 -19.12 11.06
C LEU PA 22 92.59 -20.50 11.12
N LYS PA 23 91.81 -20.78 12.17
CA LYS PA 23 91.12 -22.07 12.24
C LYS PA 23 90.19 -22.25 11.04
N LEU PA 24 89.32 -21.26 10.81
CA LEU PA 24 88.40 -21.35 9.67
C LEU PA 24 89.15 -21.54 8.37
N LEU PA 25 90.22 -20.75 8.17
CA LEU PA 25 90.94 -20.78 6.91
C LEU PA 25 91.60 -22.13 6.69
N GLU PA 26 92.26 -22.69 7.71
CA GLU PA 26 92.92 -23.97 7.52
C GLU PA 26 91.90 -25.08 7.27
N LYS PA 27 90.76 -25.04 7.96
CA LYS PA 27 89.70 -26.01 7.66
C LYS PA 27 89.31 -25.95 6.19
N LYS PA 28 88.86 -24.79 5.72
CA LYS PA 28 88.35 -24.71 4.37
C LYS PA 28 89.45 -24.94 3.33
N LYS PA 29 90.70 -24.62 3.68
CA LYS PA 29 91.80 -24.87 2.76
C LYS PA 29 92.09 -26.37 2.65
N THR PA 30 91.99 -27.10 3.75
CA THR PA 30 92.09 -28.55 3.68
C THR PA 30 91.03 -29.13 2.76
N GLU PA 31 89.79 -28.65 2.91
CA GLU PA 31 88.70 -29.15 2.04
C GLU PA 31 88.99 -28.84 0.57
N LEU PA 32 89.30 -27.58 0.28
CA LEU PA 32 89.62 -27.20 -1.10
C LEU PA 32 90.82 -27.99 -1.62
N ALA PA 33 91.76 -28.34 -0.77
CA ALA PA 33 92.92 -29.11 -1.19
C ALA PA 33 92.50 -30.52 -1.59
N GLN PA 34 91.60 -31.14 -0.82
CA GLN PA 34 91.04 -32.42 -1.24
C GLN PA 34 90.43 -32.32 -2.63
N LYS PA 35 89.58 -31.33 -2.83
CA LYS PA 35 88.89 -31.21 -4.12
C LYS PA 35 89.86 -30.98 -5.26
N ALA PA 36 90.86 -30.11 -5.06
CA ALA PA 36 91.80 -29.82 -6.12
C ALA PA 36 92.76 -30.99 -6.36
N ARG PA 37 93.01 -31.80 -5.34
CA ARG PA 37 93.75 -33.04 -5.56
C ARG PA 37 92.96 -33.99 -6.45
N LYS PA 38 91.66 -34.10 -6.22
CA LYS PA 38 90.82 -34.86 -7.14
C LYS PA 38 90.93 -34.30 -8.56
N GLU PA 39 90.93 -32.97 -8.67
CA GLU PA 39 91.07 -32.35 -10.00
C GLU PA 39 92.40 -32.73 -10.65
N ILE PA 40 93.49 -32.75 -9.87
CA ILE PA 40 94.78 -33.12 -10.42
C ILE PA 40 94.78 -34.58 -10.85
N ALA PA 41 94.10 -35.44 -10.09
CA ALA PA 41 93.96 -36.84 -10.51
C ALA PA 41 93.26 -36.93 -11.85
N ASP PA 42 92.18 -36.18 -12.01
CA ASP PA 42 91.48 -36.15 -13.30
C ASP PA 42 92.41 -35.66 -14.41
N TYR PA 43 93.21 -34.63 -14.12
CA TYR PA 43 94.15 -34.12 -15.11
C TYR PA 43 95.14 -35.20 -15.52
N LEU PA 44 95.63 -35.97 -14.55
CA LEU PA 44 96.59 -37.03 -14.87
C LEU PA 44 95.93 -38.18 -15.62
N ALA PA 45 94.63 -38.39 -15.42
CA ALA PA 45 93.93 -39.41 -16.19
C ALA PA 45 94.15 -39.20 -17.69
N ALA PA 46 94.10 -37.95 -18.14
CA ALA PA 46 94.42 -37.62 -19.52
C ALA PA 46 95.93 -37.58 -19.71
N GLY PA 47 96.37 -37.29 -20.93
CA GLY PA 47 97.79 -37.17 -21.21
C GLY PA 47 98.44 -35.90 -20.74
N LYS PA 48 97.65 -34.95 -20.25
CA LYS PA 48 98.18 -33.68 -19.76
C LYS PA 48 99.00 -33.92 -18.51
N ASP PA 49 100.31 -33.70 -18.60
CA ASP PA 49 101.24 -33.92 -17.50
C ASP PA 49 101.90 -32.63 -17.04
N GLU PA 50 102.43 -31.83 -17.96
CA GLU PA 50 103.12 -30.60 -17.58
C GLU PA 50 102.19 -29.60 -16.93
N ARG PA 51 100.88 -29.77 -17.07
CA ARG PA 51 99.88 -28.91 -16.43
C ARG PA 51 99.55 -29.38 -15.01
N ALA PA 52 99.49 -30.70 -14.82
CA ALA PA 52 99.28 -31.22 -13.48
C ALA PA 52 100.39 -30.80 -12.54
N ARG PA 53 101.59 -30.57 -13.07
CA ARG PA 53 102.68 -30.07 -12.23
C ARG PA 53 102.39 -28.68 -11.71
N ILE PA 54 101.80 -27.82 -12.55
CA ILE PA 54 101.41 -26.49 -12.10
C ILE PA 54 100.31 -26.59 -11.05
N ARG PA 55 99.32 -27.45 -11.31
CA ARG PA 55 98.24 -27.61 -10.34
C ARG PA 55 98.76 -28.09 -9.00
N VAL PA 56 99.68 -29.06 -9.01
CA VAL PA 56 100.22 -29.57 -7.75
C VAL PA 56 101.14 -28.55 -7.10
N GLU PA 57 101.76 -27.66 -7.89
CA GLU PA 57 102.45 -26.53 -7.29
C GLU PA 57 101.48 -25.68 -6.49
N HIS PA 58 100.33 -25.36 -7.08
CA HIS PA 58 99.26 -24.69 -6.34
C HIS PA 58 98.98 -25.43 -5.04
N ILE PA 59 98.82 -26.76 -5.13
CA ILE PA 59 98.41 -27.55 -3.97
C ILE PA 59 99.45 -27.46 -2.86
N ILE PA 60 100.72 -27.66 -3.21
CA ILE PA 60 101.75 -27.71 -2.17
C ILE PA 60 102.01 -26.33 -1.62
N ARG PA 61 101.83 -25.27 -2.42
CA ARG PA 61 101.83 -23.92 -1.88
C ARG PA 61 100.75 -23.77 -0.82
N GLU PA 62 99.53 -24.21 -1.13
CA GLU PA 62 98.45 -24.11 -0.17
C GLU PA 62 98.73 -24.93 1.09
N ASP PA 63 99.40 -26.06 0.94
CA ASP PA 63 99.70 -26.90 2.10
C ASP PA 63 100.76 -26.26 2.99
N TYR PA 64 101.83 -25.74 2.38
CA TYR PA 64 102.78 -24.91 3.11
C TYR PA 64 102.05 -23.81 3.86
N LEU PA 65 101.08 -23.17 3.20
CA LEU PA 65 100.35 -22.07 3.81
C LEU PA 65 99.56 -22.55 5.02
N VAL PA 66 98.91 -23.71 4.91
CA VAL PA 66 98.14 -24.24 6.03
C VAL PA 66 99.05 -24.55 7.20
N GLU PA 67 100.20 -25.15 6.94
CA GLU PA 67 101.15 -25.43 8.02
C GLU PA 67 101.63 -24.14 8.68
N ALA PA 68 101.93 -23.13 7.87
CA ALA PA 68 102.36 -21.84 8.42
C ALA PA 68 101.25 -21.21 9.26
N MET PA 69 100.00 -21.35 8.83
CA MET PA 69 98.89 -20.83 9.62
C MET PA 69 98.74 -21.58 10.93
N GLU PA 70 98.99 -22.89 10.93
CA GLU PA 70 98.99 -23.64 12.18
C GLU PA 70 100.06 -23.10 13.13
N ILE PA 71 101.27 -22.89 12.61
CA ILE PA 71 102.35 -22.36 13.46
C ILE PA 71 101.98 -20.99 13.99
N LEU PA 72 101.38 -20.14 13.15
CA LEU PA 72 101.02 -18.79 13.57
C LEU PA 72 99.92 -18.82 14.62
N GLU PA 73 98.94 -19.70 14.45
CA GLU PA 73 97.92 -19.88 15.48
C GLU PA 73 98.55 -20.30 16.80
N LEU PA 74 99.50 -21.23 16.73
CA LEU PA 74 100.24 -21.64 17.93
C LEU PA 74 100.88 -20.43 18.61
N TYR PA 75 101.58 -19.61 17.83
CA TYR PA 75 102.30 -18.48 18.41
C TYR PA 75 101.35 -17.43 18.97
N CYS PA 76 100.25 -17.16 18.27
CA CYS PA 76 99.25 -16.22 18.79
C CYS PA 76 98.69 -16.71 20.11
N ASP PA 77 98.36 -18.00 20.18
CA ASP PA 77 97.86 -18.54 21.44
C ASP PA 77 98.92 -18.47 22.54
N LEU PA 78 100.19 -18.64 22.17
CA LEU PA 78 101.27 -18.52 23.15
C LEU PA 78 101.30 -17.11 23.73
N LEU PA 79 101.27 -16.11 22.86
CA LEU PA 79 101.22 -14.73 23.34
C LEU PA 79 99.98 -14.50 24.21
N LEU PA 80 98.85 -15.05 23.80
CA LEU PA 80 97.61 -14.86 24.54
C LEU PA 80 97.63 -15.55 25.90
N ALA PA 81 98.43 -16.61 26.05
CA ALA PA 81 98.58 -17.28 27.33
C ALA PA 81 99.54 -16.55 28.26
N ARG PA 82 100.46 -15.77 27.70
CA ARG PA 82 101.44 -15.01 28.46
C ARG PA 82 101.24 -13.52 28.24
N PHE PA 83 99.98 -13.09 28.24
CA PHE PA 83 99.65 -11.70 27.96
C PHE PA 83 100.05 -10.78 29.11
N GLY PA 84 99.81 -11.23 30.35
CA GLY PA 84 100.25 -10.45 31.49
C GLY PA 84 101.75 -10.19 31.46
N LEU PA 85 102.53 -11.19 31.04
CA LEU PA 85 103.97 -10.99 30.92
C LEU PA 85 104.30 -9.96 29.85
N ILE PA 86 103.38 -9.73 28.91
CA ILE PA 86 103.54 -8.64 27.96
C ILE PA 86 103.25 -7.30 28.63
N GLN PA 87 102.15 -7.24 29.39
CA GLN PA 87 101.75 -5.97 29.99
C GLN PA 87 102.74 -5.53 31.06
N SER PA 88 103.29 -6.47 31.82
CA SER PA 88 104.13 -6.13 32.97
C SER PA 88 105.46 -5.54 32.50
N MET PA 89 106.25 -6.34 31.77
CA MET PA 89 107.54 -5.87 31.31
C MET PA 89 107.38 -4.80 30.24
N LYS PA 90 108.49 -4.12 29.94
CA LYS PA 90 108.55 -3.16 28.84
C LYS PA 90 109.32 -3.69 27.65
N GLU PA 91 110.30 -4.57 27.88
CA GLU PA 91 111.02 -5.26 26.82
C GLU PA 91 110.65 -6.73 26.86
N LEU PA 92 110.45 -7.33 25.68
CA LEU PA 92 110.02 -8.71 25.62
C LEU PA 92 111.12 -9.63 26.12
N ASP PA 93 110.71 -10.70 26.81
CA ASP PA 93 111.66 -11.69 27.30
C ASP PA 93 111.98 -12.69 26.20
N SER PA 94 112.80 -13.70 26.54
CA SER PA 94 113.19 -14.69 25.55
C SER PA 94 112.03 -15.59 25.17
N GLY PA 95 111.17 -15.93 26.13
CA GLY PA 95 110.05 -16.80 25.86
C GLY PA 95 109.07 -16.26 24.83
N LEU PA 96 109.08 -14.95 24.60
CA LEU PA 96 108.18 -14.31 23.66
C LEU PA 96 108.89 -13.70 22.46
N ALA PA 97 110.21 -13.87 22.36
CA ALA PA 97 110.96 -13.30 21.24
C ALA PA 97 110.50 -13.93 19.92
N GLU PA 98 110.42 -15.25 19.87
CA GLU PA 98 110.06 -15.93 18.63
C GLU PA 98 108.66 -15.54 18.18
N SER PA 99 107.69 -15.59 19.09
CA SER PA 99 106.31 -15.28 18.73
C SER PA 99 106.22 -13.87 18.15
N VAL PA 100 106.76 -12.88 18.85
CA VAL PA 100 106.67 -11.50 18.40
C VAL PA 100 107.37 -11.34 17.06
N SER PA 101 108.58 -11.89 16.95
CA SER PA 101 109.35 -11.75 15.71
C SER PA 101 108.58 -12.31 14.53
N THR PA 102 108.07 -13.54 14.67
CA THR PA 102 107.37 -14.17 13.55
C THR PA 102 106.07 -13.46 13.24
N LEU PA 103 105.33 -13.03 14.27
CA LEU PA 103 104.07 -12.35 14.02
C LEU PA 103 104.27 -10.98 13.40
N ILE PA 104 105.44 -10.37 13.59
CA ILE PA 104 105.73 -9.12 12.90
C ILE PA 104 106.23 -9.38 11.49
N TRP PA 105 106.97 -10.47 11.28
CA TRP PA 105 107.55 -10.73 9.97
C TRP PA 105 106.52 -11.28 8.99
N ALA PA 106 105.60 -12.12 9.47
CA ALA PA 106 104.63 -12.78 8.61
C ALA PA 106 103.39 -11.94 8.34
N ALA PA 107 103.18 -10.88 9.13
CA ALA PA 107 101.98 -10.06 8.93
C ALA PA 107 101.85 -9.56 7.51
N PRO PA 108 102.85 -8.89 6.92
CA PRO PA 108 102.70 -8.46 5.53
C PRO PA 108 102.55 -9.61 4.55
N ARG PA 109 103.06 -10.79 4.90
CA ARG PA 109 102.90 -11.95 4.02
C ARG PA 109 101.45 -12.38 3.95
N LEU PA 110 100.82 -12.61 5.11
CA LEU PA 110 99.44 -13.06 5.20
C LEU PA 110 98.47 -11.94 5.48
N GLN PA 111 98.83 -10.70 5.11
CA GLN PA 111 97.95 -9.57 5.38
C GLN PA 111 96.65 -9.68 4.60
N SER PA 112 96.69 -10.28 3.41
CA SER PA 112 95.48 -10.39 2.61
C SER PA 112 94.53 -11.44 3.17
N GLU PA 113 95.07 -12.60 3.55
CA GLU PA 113 94.23 -13.66 4.12
C GLU PA 113 93.64 -13.23 5.45
N VAL PA 114 94.49 -12.87 6.40
CA VAL PA 114 94.09 -12.47 7.74
C VAL PA 114 94.37 -10.98 7.87
N ALA PA 115 93.31 -10.19 8.03
CA ALA PA 115 93.47 -8.74 8.16
C ALA PA 115 93.92 -8.36 9.56
N GLU PA 116 93.30 -8.97 10.59
CA GLU PA 116 93.61 -8.62 11.97
C GLU PA 116 95.09 -8.82 12.29
N LEU PA 117 95.78 -9.66 11.51
CA LEU PA 117 97.19 -9.90 11.75
C LEU PA 117 98.00 -8.61 11.61
N LYS PA 118 97.59 -7.72 10.70
CA LYS PA 118 98.28 -6.45 10.56
C LYS PA 118 98.11 -5.60 11.81
N ILE PA 119 96.92 -5.62 12.42
CA ILE PA 119 96.71 -4.89 13.66
C ILE PA 119 97.56 -5.47 14.78
N VAL PA 120 97.67 -6.80 14.82
CA VAL PA 120 98.53 -7.44 15.81
C VAL PA 120 99.98 -6.97 15.62
N ALA PA 121 100.44 -6.96 14.37
CA ALA PA 121 101.78 -6.48 14.09
C ALA PA 121 101.96 -5.04 14.52
N ASP PA 122 100.93 -4.21 14.32
CA ASP PA 122 100.99 -2.82 14.76
C ASP PA 122 101.18 -2.74 16.27
N GLN PA 123 100.29 -3.40 17.04
CA GLN PA 123 100.39 -3.35 18.49
C GLN PA 123 101.72 -3.89 18.97
N LEU PA 124 102.32 -4.84 18.25
CA LEU PA 124 103.61 -5.39 18.67
C LEU PA 124 104.79 -4.55 18.20
N CYS PA 125 104.58 -3.65 17.23
CA CYS PA 125 105.62 -2.71 16.83
C CYS PA 125 105.51 -1.38 17.56
N ALA PA 126 104.29 -0.99 17.93
CA ALA PA 126 104.08 0.26 18.67
C ALA PA 126 104.39 0.12 20.14
N LYS PA 127 104.58 -1.11 20.65
CA LYS PA 127 104.89 -1.31 22.05
C LYS PA 127 106.38 -1.31 22.34
N TYR PA 128 107.21 -1.55 21.33
CA TYR PA 128 108.65 -1.69 21.52
C TYR PA 128 109.38 -0.60 20.75
N SER PA 129 110.52 -0.18 21.32
CA SER PA 129 111.39 0.81 20.69
C SER PA 129 112.80 0.30 20.43
N LYS PA 130 113.26 -0.69 21.18
CA LYS PA 130 114.59 -1.26 20.97
C LYS PA 130 114.58 -2.04 19.65
N GLU PA 131 115.18 -1.45 18.62
CA GLU PA 131 115.19 -2.05 17.29
C GLU PA 131 113.79 -2.29 16.76
N TYR PA 132 112.87 -1.40 17.10
CA TYR PA 132 111.46 -1.50 16.71
C TYR PA 132 111.09 -0.30 15.85
N GLY PA 133 109.82 -0.25 15.46
CA GLY PA 133 109.38 0.67 14.43
C GLY PA 133 109.52 0.04 13.06
N LYS PA 134 108.59 0.38 12.16
CA LYS PA 134 108.52 -0.27 10.85
C LYS PA 134 109.91 -0.55 10.29
N LEU PA 135 110.75 0.48 10.18
CA LEU PA 135 112.10 0.29 9.65
C LEU PA 135 112.91 -0.64 10.53
N CYS PA 136 113.07 -0.27 11.81
CA CYS PA 136 113.83 -1.11 12.73
C CYS PA 136 113.14 -2.44 13.01
N ARG PA 137 111.81 -2.49 12.85
CA ARG PA 137 111.09 -3.75 13.01
C ARG PA 137 111.45 -4.71 11.88
N THR PA 138 111.66 -4.18 10.67
CA THR PA 138 112.14 -5.01 9.57
C THR PA 138 113.63 -5.29 9.69
N ASN PA 139 114.38 -4.39 10.33
CA ASN PA 139 115.82 -4.62 10.50
C ASN PA 139 116.09 -5.70 11.55
N GLN PA 140 115.30 -5.73 12.63
CA GLN PA 140 115.47 -6.70 13.69
C GLN PA 140 114.61 -7.94 13.50
N ILE PA 141 114.32 -8.30 12.26
CA ILE PA 141 113.49 -9.46 11.96
C ILE PA 141 114.34 -10.70 11.67
N GLY PA 142 115.62 -10.67 12.06
CA GLY PA 142 116.51 -11.78 11.79
C GLY PA 142 116.54 -12.81 12.91
N THR PA 143 115.39 -12.98 13.60
CA THR PA 143 115.29 -13.96 14.66
C THR PA 143 113.98 -14.74 14.59
N VAL PA 144 113.36 -14.82 13.42
CA VAL PA 144 112.07 -15.49 13.27
C VAL PA 144 112.31 -16.98 13.05
N ASN PA 145 111.25 -17.76 13.25
CA ASN PA 145 111.31 -19.20 13.03
C ASN PA 145 111.65 -19.49 11.57
N ASP PA 146 112.77 -20.17 11.35
CA ASP PA 146 113.20 -20.47 9.99
C ASP PA 146 112.20 -21.38 9.28
N ARG PA 147 111.59 -22.32 10.01
CA ARG PA 147 110.62 -23.22 9.40
C ARG PA 147 109.45 -22.42 8.81
N LEU PA 148 108.89 -21.50 9.58
CA LEU PA 148 107.80 -20.68 9.08
C LEU PA 148 108.25 -19.85 7.89
N MET PA 149 109.48 -19.34 7.93
CA MET PA 149 110.02 -18.62 6.78
C MET PA 149 110.01 -19.50 5.53
N HIS PA 150 110.32 -20.79 5.71
CA HIS PA 150 110.32 -21.70 4.57
C HIS PA 150 108.91 -21.99 4.09
N LYS PA 151 107.97 -22.17 5.02
CA LYS PA 151 106.59 -22.44 4.62
C LYS PA 151 106.01 -21.28 3.83
N LEU PA 152 106.34 -20.05 4.22
CA LEU PA 152 105.86 -18.85 3.53
C LEU PA 152 106.87 -18.31 2.53
N SER PA 153 107.87 -19.11 2.18
CA SER PA 153 108.87 -18.70 1.19
C SER PA 153 108.25 -18.74 -0.19
N VAL PA 154 108.34 -17.62 -0.90
CA VAL PA 154 107.75 -17.49 -2.24
C VAL PA 154 108.84 -17.91 -3.23
N GLU PA 155 108.87 -19.20 -3.53
CA GLU PA 155 109.88 -19.75 -4.42
C GLU PA 155 109.32 -20.97 -5.12
N ALA PA 156 109.85 -21.24 -6.32
CA ALA PA 156 109.45 -22.41 -7.07
C ALA PA 156 109.84 -23.67 -6.30
N PRO PA 157 108.89 -24.48 -5.84
CA PRO PA 157 109.26 -25.67 -5.05
C PRO PA 157 110.16 -26.59 -5.83
N PRO PA 158 110.89 -27.48 -5.16
CA PRO PA 158 111.79 -28.38 -5.87
C PRO PA 158 111.02 -29.34 -6.77
N LYS PA 159 111.60 -29.60 -7.94
CA LYS PA 159 110.91 -30.41 -8.94
C LYS PA 159 110.70 -31.83 -8.44
N ILE PA 160 111.70 -32.40 -7.75
CA ILE PA 160 111.57 -33.76 -7.25
C ILE PA 160 110.40 -33.88 -6.29
N LEU PA 161 110.21 -32.83 -5.49
CA LEU PA 161 109.09 -32.79 -4.51
C LEU PA 161 107.76 -32.84 -5.28
N VAL PA 162 107.69 -32.09 -6.39
CA VAL PA 162 106.46 -32.05 -7.23
C VAL PA 162 106.22 -33.46 -7.81
N GLU PA 163 107.28 -34.13 -8.25
CA GLU PA 163 107.18 -35.50 -8.81
C GLU PA 163 106.65 -36.44 -7.73
N ARG PA 164 107.16 -36.32 -6.50
CA ARG PA 164 106.72 -37.18 -5.38
C ARG PA 164 105.24 -36.92 -5.10
N TYR PA 165 104.82 -35.65 -5.15
CA TYR PA 165 103.41 -35.27 -4.92
C TYR PA 165 102.53 -35.91 -6.01
N LEU PA 166 103.00 -35.88 -7.26
CA LEU PA 166 102.24 -36.46 -8.35
C LEU PA 166 102.20 -37.98 -8.24
N ILE PA 167 103.33 -38.59 -7.89
CA ILE PA 167 103.38 -40.05 -7.73
C ILE PA 167 102.36 -40.49 -6.69
N GLU PA 168 102.33 -39.81 -5.54
CA GLU PA 168 101.42 -40.20 -4.48
C GLU PA 168 99.97 -40.02 -4.91
N ILE PA 169 99.65 -38.88 -5.53
CA ILE PA 169 98.27 -38.64 -5.94
C ILE PA 169 97.82 -39.68 -6.96
N ALA PA 170 98.69 -39.98 -7.93
CA ALA PA 170 98.36 -41.00 -8.92
C ALA PA 170 98.14 -42.35 -8.26
N LYS PA 171 99.09 -42.78 -7.42
CA LYS PA 171 98.98 -44.06 -6.74
C LYS PA 171 97.70 -44.15 -5.91
N ASN PA 172 97.23 -43.02 -5.38
CA ASN PA 172 96.02 -43.05 -4.57
C ASN PA 172 94.77 -43.09 -5.43
N TYR PA 173 94.75 -42.34 -6.53
CA TYR PA 173 93.56 -42.23 -7.37
C TYR PA 173 93.52 -43.25 -8.50
N ASN PA 174 94.37 -44.28 -8.44
CA ASN PA 174 94.34 -45.37 -9.41
C ASN PA 174 94.55 -44.86 -10.83
N VAL PA 175 95.53 -43.99 -11.00
CA VAL PA 175 95.87 -43.43 -12.32
C VAL PA 175 97.33 -43.73 -12.60
N PRO PA 176 97.70 -44.15 -13.81
CA PRO PA 176 99.11 -44.33 -14.12
C PRO PA 176 99.81 -42.99 -14.31
N TYR PA 177 101.10 -42.97 -14.00
CA TYR PA 177 101.91 -41.77 -14.17
C TYR PA 177 103.38 -42.17 -14.24
N GLU PA 178 104.08 -41.66 -15.25
CA GLU PA 178 105.50 -41.94 -15.44
C GLU PA 178 106.32 -40.72 -15.04
N PRO PA 179 106.95 -40.72 -13.87
CA PRO PA 179 107.68 -39.52 -13.44
C PRO PA 179 108.81 -39.17 -14.39
N ASP PA 180 109.16 -37.90 -14.41
CA ASP PA 180 110.29 -37.42 -15.19
C ASP PA 180 111.57 -37.96 -14.59
N SER PA 181 112.21 -38.92 -15.27
CA SER PA 181 113.37 -39.56 -14.69
C SER PA 181 114.49 -38.56 -14.44
N VAL PA 182 114.61 -37.52 -15.30
CA VAL PA 182 115.69 -36.54 -15.16
C VAL PA 182 115.71 -35.97 -13.76
N VAL PA 183 114.53 -35.68 -13.20
CA VAL PA 183 114.42 -35.10 -11.87
C VAL PA 183 114.12 -36.18 -10.86
N MET PA 184 113.42 -37.24 -11.28
CA MET PA 184 113.06 -38.32 -10.37
C MET PA 184 114.28 -39.10 -9.88
N ALA PA 185 115.39 -39.06 -10.62
CA ALA PA 185 116.59 -39.79 -10.23
C ALA PA 185 117.69 -38.89 -9.69
N GLU PA 186 117.76 -37.64 -10.12
CA GLU PA 186 118.80 -36.73 -9.66
C GLU PA 186 118.43 -36.20 -8.28
N ASN QA 3 -28.42 39.14 50.80
CA ASN QA 3 -27.65 39.05 52.03
C ASN QA 3 -28.18 37.92 52.91
N MET QA 4 -29.49 37.94 53.17
CA MET QA 4 -30.08 36.92 54.03
C MET QA 4 -29.99 35.53 53.42
N GLU QA 5 -29.97 35.45 52.09
CA GLU QA 5 -29.86 34.15 51.42
C GLU QA 5 -28.54 33.48 51.78
N LYS QA 6 -27.47 34.26 51.90
CA LYS QA 6 -26.18 33.71 52.30
C LYS QA 6 -26.25 33.14 53.71
N HIS QA 7 -26.89 33.86 54.63
CA HIS QA 7 -27.02 33.37 56.00
C HIS QA 7 -27.86 32.10 56.04
N LEU QA 8 -28.93 32.04 55.24
CA LEU QA 8 -29.73 30.82 55.15
C LEU QA 8 -28.88 29.65 54.65
N PHE QA 9 -28.08 29.89 53.62
CA PHE QA 9 -27.20 28.85 53.09
C PHE QA 9 -26.26 28.34 54.17
N ASN QA 10 -25.64 29.27 54.91
CA ASN QA 10 -24.72 28.86 55.97
C ASN QA 10 -25.43 28.07 57.05
N LEU QA 11 -26.66 28.47 57.39
CA LEU QA 11 -27.42 27.75 58.41
C LEU QA 11 -27.71 26.32 57.97
N LYS QA 12 -28.20 26.16 56.74
CA LYS QA 12 -28.51 24.82 56.25
C LYS QA 12 -27.24 23.97 56.15
N PHE QA 13 -26.13 24.59 55.75
CA PHE QA 13 -24.86 23.86 55.70
C PHE QA 13 -24.45 23.39 57.08
N ALA QA 14 -24.59 24.24 58.10
CA ALA QA 14 -24.25 23.84 59.45
C ALA QA 14 -25.15 22.71 59.94
N ALA QA 15 -26.44 22.77 59.61
CA ALA QA 15 -27.34 21.69 60.00
C ALA QA 15 -26.92 20.37 59.37
N LYS QA 16 -26.62 20.40 58.07
CA LYS QA 16 -26.18 19.17 57.40
C LYS QA 16 -24.88 18.66 57.99
N GLU QA 17 -23.96 19.57 58.34
CA GLU QA 17 -22.72 19.16 58.96
C GLU QA 17 -22.97 18.47 60.30
N LEU QA 18 -23.88 19.03 61.10
CA LEU QA 18 -24.20 18.41 62.38
C LEU QA 18 -24.79 17.02 62.19
N SER QA 19 -25.67 16.86 61.19
CA SER QA 19 -26.25 15.55 60.93
C SER QA 19 -25.17 14.55 60.53
N ARG QA 20 -24.29 14.95 59.60
CA ARG QA 20 -23.19 14.08 59.21
C ARG QA 20 -22.34 13.69 60.40
N SER QA 21 -22.04 14.65 61.27
CA SER QA 21 -21.21 14.36 62.44
C SER QA 21 -21.91 13.38 63.38
N ALA QA 22 -23.23 13.53 63.55
CA ALA QA 22 -23.96 12.58 64.39
C ALA QA 22 -23.88 11.17 63.81
N LYS QA 23 -24.08 11.05 62.49
CA LYS QA 23 -23.95 9.74 61.85
C LYS QA 23 -22.57 9.15 62.07
N LYS QA 24 -21.53 9.95 61.84
CA LYS QA 24 -20.16 9.48 62.01
C LYS QA 24 -19.90 9.04 63.45
N CYS QA 25 -20.42 9.79 64.42
CA CYS QA 25 -20.19 9.44 65.82
C CYS QA 25 -20.91 8.15 66.19
N ASP QA 26 -22.11 7.94 65.65
CA ASP QA 26 -22.80 6.66 65.86
C ASP QA 26 -21.96 5.51 65.31
N LYS QA 27 -21.43 5.69 64.10
CA LYS QA 27 -20.57 4.66 63.51
C LYS QA 27 -19.35 4.38 64.40
N GLU QA 28 -18.72 5.45 64.90
CA GLU QA 28 -17.55 5.27 65.75
C GLU QA 28 -17.91 4.54 67.04
N GLU QA 29 -19.09 4.80 67.59
CA GLU QA 29 -19.55 4.06 68.76
C GLU QA 29 -19.67 2.58 68.43
N LYS QA 30 -20.28 2.27 67.29
CA LYS QA 30 -20.43 0.88 66.88
C LYS QA 30 -19.07 0.20 66.78
N ALA QA 31 -18.05 0.92 66.33
CA ALA QA 31 -16.71 0.34 66.22
C ALA QA 31 -16.07 0.15 67.59
N GLU QA 32 -16.18 1.16 68.45
CA GLU QA 32 -15.59 1.06 69.77
C GLU QA 32 -16.23 -0.04 70.59
N LYS QA 33 -17.48 -0.40 70.31
CA LYS QA 33 -18.08 -1.54 70.98
C LYS QA 33 -17.36 -2.84 70.61
N ALA QA 34 -17.04 -3.01 69.34
CA ALA QA 34 -16.23 -4.15 68.93
C ALA QA 34 -14.89 -4.16 69.66
N LYS QA 35 -14.26 -2.99 69.74
CA LYS QA 35 -12.94 -2.94 70.38
C LYS QA 35 -13.02 -3.28 71.85
N ILE QA 36 -14.04 -2.79 72.55
CA ILE QA 36 -14.18 -3.09 73.97
C ILE QA 36 -14.49 -4.58 74.17
N GLU QA 37 -15.26 -5.18 73.27
CA GLU QA 37 -15.48 -6.63 73.35
C GLU QA 37 -14.16 -7.38 73.22
N LYS QA 38 -13.35 -7.00 72.23
CA LYS QA 38 -12.06 -7.65 72.08
C LYS QA 38 -11.21 -7.49 73.33
N ALA QA 39 -11.15 -6.27 73.87
CA ALA QA 39 -10.28 -6.01 75.02
C ALA QA 39 -10.77 -6.76 76.26
N ILE QA 40 -12.08 -6.90 76.44
CA ILE QA 40 -12.59 -7.65 77.57
C ILE QA 40 -12.35 -9.14 77.37
N GLN QA 41 -12.22 -9.59 76.11
CA GLN QA 41 -11.80 -10.96 75.87
C GLN QA 41 -10.35 -11.15 76.26
N LYS QA 42 -9.47 -10.24 75.83
CA LYS QA 42 -8.06 -10.35 76.16
C LYS QA 42 -7.78 -10.17 77.64
N GLY QA 43 -8.74 -9.67 78.42
CA GLY QA 43 -8.56 -9.45 79.84
C GLY QA 43 -8.11 -8.05 80.22
N ASN QA 44 -7.83 -7.18 79.25
CA ASN QA 44 -7.40 -5.82 79.54
C ASN QA 44 -8.55 -5.04 80.16
N MET QA 45 -8.43 -4.73 81.46
CA MET QA 45 -9.44 -3.92 82.13
C MET QA 45 -9.30 -2.45 81.79
N GLU QA 46 -8.06 -1.96 81.71
CA GLU QA 46 -7.85 -0.53 81.46
C GLU QA 46 -8.21 -0.16 80.03
N VAL QA 47 -7.85 -0.99 79.06
CA VAL QA 47 -8.21 -0.71 77.67
C VAL QA 47 -9.73 -0.82 77.51
N ALA QA 48 -10.35 -1.76 78.23
CA ALA QA 48 -11.80 -1.85 78.20
C ALA QA 48 -12.44 -0.58 78.77
N ARG QA 49 -11.88 -0.06 79.85
CA ARG QA 49 -12.36 1.21 80.39
C ARG QA 49 -12.24 2.33 79.37
N ILE QA 50 -11.08 2.41 78.70
CA ILE QA 50 -10.86 3.47 77.72
C ILE QA 50 -11.89 3.37 76.60
N HIS QA 51 -12.06 2.16 76.05
CA HIS QA 51 -12.98 2.01 74.94
C HIS QA 51 -14.42 2.20 75.35
N ALA QA 52 -14.77 1.86 76.60
CA ALA QA 52 -16.10 2.14 77.10
C ALA QA 52 -16.35 3.63 77.22
N GLU QA 53 -15.37 4.36 77.75
CA GLU QA 53 -15.47 5.82 77.80
C GLU QA 53 -15.67 6.38 76.39
N ASN QA 54 -14.88 5.92 75.44
CA ASN QA 54 -15.01 6.40 74.07
C ASN QA 54 -16.39 6.10 73.51
N ALA QA 55 -16.90 4.89 73.74
CA ALA QA 55 -18.21 4.51 73.19
C ALA QA 55 -19.32 5.35 73.79
N ILE QA 56 -19.32 5.49 75.13
CA ILE QA 56 -20.36 6.29 75.78
C ILE QA 56 -20.29 7.73 75.31
N ARG QA 57 -19.07 8.28 75.21
CA ARG QA 57 -18.92 9.65 74.75
C ARG QA 57 -19.46 9.82 73.34
N GLN QA 58 -19.13 8.88 72.45
CA GLN QA 58 -19.59 8.98 71.07
C GLN QA 58 -21.11 8.88 71.01
N LYS QA 59 -21.71 7.98 71.79
CA LYS QA 59 -23.15 7.88 71.83
C LYS QA 59 -23.80 9.19 72.26
N ASN QA 60 -23.34 9.73 73.39
CA ASN QA 60 -23.93 10.95 73.91
C ASN QA 60 -23.74 12.12 72.96
N GLN QA 61 -22.54 12.26 72.39
CA GLN QA 61 -22.30 13.37 71.49
C GLN QA 61 -23.04 13.21 70.17
N ALA QA 62 -23.30 11.96 69.76
CA ALA QA 62 -24.13 11.75 68.57
C ALA QA 62 -25.56 12.18 68.83
N VAL QA 63 -26.11 11.81 70.00
CA VAL QA 63 -27.45 12.27 70.36
C VAL QA 63 -27.50 13.79 70.40
N ASN QA 64 -26.47 14.40 71.00
CA ASN QA 64 -26.44 15.86 71.10
C ASN QA 64 -26.37 16.50 69.71
N PHE QA 65 -25.52 15.97 68.83
CA PHE QA 65 -25.43 16.49 67.48
C PHE QA 65 -26.74 16.34 66.74
N LEU QA 66 -27.46 15.25 66.97
CA LEU QA 66 -28.73 15.04 66.30
C LEU QA 66 -29.76 16.07 66.75
N ARG QA 67 -29.88 16.26 68.07
CA ARG QA 67 -30.80 17.27 68.58
C ARG QA 67 -30.42 18.66 68.07
N MET QA 68 -29.12 18.97 68.08
CA MET QA 68 -28.64 20.27 67.62
C MET QA 68 -28.98 20.48 66.16
N SER QA 69 -28.77 19.46 65.33
CA SER QA 69 -29.10 19.56 63.92
C SER QA 69 -30.61 19.73 63.72
N ALA QA 70 -31.42 19.08 64.54
CA ALA QA 70 -32.86 19.30 64.47
C ALA QA 70 -33.21 20.75 64.75
N ARG QA 71 -32.61 21.32 65.79
CA ARG QA 71 -32.88 22.73 66.12
C ARG QA 71 -32.47 23.64 64.96
N VAL QA 72 -31.27 23.44 64.44
CA VAL QA 72 -30.79 24.29 63.34
C VAL QA 72 -31.66 24.08 62.10
N ASP QA 73 -32.18 22.87 61.89
CA ASP QA 73 -33.06 22.62 60.77
C ASP QA 73 -34.36 23.42 60.92
N ALA QA 74 -34.93 23.42 62.12
CA ALA QA 74 -36.13 24.21 62.37
C ALA QA 74 -35.85 25.69 62.08
N VAL QA 75 -34.74 26.21 62.61
CA VAL QA 75 -34.42 27.62 62.42
C VAL QA 75 -34.23 27.93 60.95
N ALA QA 76 -33.55 27.04 60.21
CA ALA QA 76 -33.28 27.29 58.81
C ALA QA 76 -34.55 27.21 57.98
N ALA QA 77 -35.46 26.30 58.32
CA ALA QA 77 -36.76 26.26 57.64
C ALA QA 77 -37.51 27.56 57.87
N ARG QA 78 -37.50 28.05 59.11
CA ARG QA 78 -38.16 29.31 59.40
C ARG QA 78 -37.55 30.45 58.60
N VAL QA 79 -36.21 30.50 58.51
CA VAL QA 79 -35.55 31.58 57.79
C VAL QA 79 -35.82 31.48 56.30
N GLN QA 80 -35.90 30.25 55.77
CA GLN QA 80 -36.20 30.08 54.35
C GLN QA 80 -37.62 30.53 54.04
N THR QA 81 -38.56 30.18 54.92
CA THR QA 81 -39.91 30.72 54.80
C THR QA 81 -39.90 32.24 54.79
N ALA QA 82 -39.13 32.84 55.71
CA ALA QA 82 -39.08 34.29 55.78
C ALA QA 82 -38.51 34.88 54.50
N VAL QA 83 -37.48 34.25 53.93
CA VAL QA 83 -36.87 34.77 52.71
C VAL QA 83 -37.86 34.72 51.57
N THR QA 84 -38.52 33.56 51.39
CA THR QA 84 -39.49 33.43 50.30
C THR QA 84 -40.63 34.43 50.47
N MET QA 85 -41.13 34.59 51.70
CA MET QA 85 -42.20 35.53 51.93
C MET QA 85 -41.74 36.97 51.74
N GLY QA 86 -40.48 37.26 52.01
CA GLY QA 86 -39.96 38.60 51.74
C GLY QA 86 -39.91 38.89 50.25
N LYS QA 87 -39.47 37.90 49.46
CA LYS QA 87 -39.52 38.06 48.02
C LYS QA 87 -40.96 38.30 47.55
N VAL QA 88 -41.90 37.51 48.08
CA VAL QA 88 -43.30 37.65 47.69
C VAL QA 88 -43.82 39.04 48.05
N THR QA 89 -43.49 39.50 49.26
CA THR QA 89 -43.97 40.80 49.72
C THR QA 89 -43.37 41.92 48.88
N LYS QA 90 -42.10 41.82 48.54
CA LYS QA 90 -41.47 42.82 47.68
C LYS QA 90 -42.14 42.85 46.31
N SER QA 91 -42.40 41.67 45.74
CA SER QA 91 -43.05 41.61 44.44
C SER QA 91 -44.45 42.21 44.50
N MET QA 92 -45.19 41.94 45.57
CA MET QA 92 -46.54 42.46 45.68
C MET QA 92 -46.54 43.96 45.94
N ALA QA 93 -45.51 44.48 46.63
CA ALA QA 93 -45.39 45.92 46.77
C ALA QA 93 -45.10 46.59 45.42
N GLY QA 94 -44.20 46.01 44.64
CA GLY QA 94 -43.95 46.52 43.30
C GLY QA 94 -45.21 46.49 42.45
N VAL QA 95 -45.96 45.39 42.52
CA VAL QA 95 -47.20 45.29 41.78
C VAL QA 95 -48.19 46.34 42.23
N VAL QA 96 -48.27 46.58 43.53
CA VAL QA 96 -49.18 47.59 44.05
C VAL QA 96 -48.80 48.96 43.51
N LYS QA 97 -47.51 49.28 43.51
CA LYS QA 97 -47.06 50.58 43.00
C LYS QA 97 -47.42 50.73 41.52
N SER QA 98 -47.10 49.72 40.72
CA SER QA 98 -47.36 49.80 39.28
C SER QA 98 -48.86 49.91 39.02
N MET QA 99 -49.67 49.09 39.69
CA MET QA 99 -51.11 49.15 39.50
C MET QA 99 -51.68 50.47 39.99
N ASP QA 100 -51.10 51.06 41.04
CA ASP QA 100 -51.55 52.37 41.48
C ASP QA 100 -51.31 53.41 40.40
N ALA QA 101 -50.09 53.46 39.87
CA ALA QA 101 -49.79 54.39 38.79
C ALA QA 101 -50.75 54.19 37.63
N THR QA 102 -50.95 52.94 37.21
CA THR QA 102 -51.79 52.66 36.04
C THR QA 102 -53.24 53.07 36.31
N LEU QA 103 -53.84 52.53 37.37
CA LEU QA 103 -55.22 52.85 37.69
C LEU QA 103 -55.42 54.33 37.96
N LYS QA 104 -54.36 55.06 38.29
CA LYS QA 104 -54.46 56.52 38.34
C LYS QA 104 -54.52 57.09 36.93
N THR QA 105 -53.67 56.60 36.04
CA THR QA 105 -53.70 57.06 34.66
C THR QA 105 -54.93 56.53 33.93
N MET QA 106 -55.13 55.21 33.96
CA MET QA 106 -56.25 54.55 33.29
C MET QA 106 -57.25 54.13 34.36
N ASN QA 107 -58.14 55.04 34.71
CA ASN QA 107 -59.14 54.77 35.73
C ASN QA 107 -60.43 54.28 35.09
N LEU QA 108 -61.43 54.01 35.93
CA LEU QA 108 -62.68 53.42 35.43
C LEU QA 108 -63.44 54.40 34.56
N GLU QA 109 -63.44 55.69 34.91
CA GLU QA 109 -64.09 56.68 34.07
C GLU QA 109 -63.48 56.69 32.67
N LYS QA 110 -62.16 56.85 32.60
CA LYS QA 110 -61.48 56.91 31.31
C LYS QA 110 -61.66 55.62 30.54
N ILE QA 111 -61.60 54.47 31.22
CA ILE QA 111 -61.73 53.19 30.55
C ILE QA 111 -63.14 53.05 29.97
N SER QA 112 -64.16 53.39 30.76
CA SER QA 112 -65.53 53.31 30.25
C SER QA 112 -65.74 54.23 29.06
N ALA QA 113 -65.23 55.46 29.14
CA ALA QA 113 -65.37 56.39 28.01
C ALA QA 113 -64.64 55.87 26.80
N LEU QA 114 -63.43 55.36 26.99
CA LEU QA 114 -62.65 54.81 25.88
C LEU QA 114 -63.37 53.65 25.22
N MET QA 115 -64.06 52.82 26.01
CA MET QA 115 -64.76 51.68 25.45
C MET QA 115 -66.03 52.09 24.73
N ASP QA 116 -66.76 53.05 25.29
CA ASP QA 116 -67.89 53.61 24.55
C ASP QA 116 -67.43 54.19 23.22
N LYS QA 117 -66.27 54.86 23.22
CA LYS QA 117 -65.73 55.40 21.99
C LYS QA 117 -65.34 54.30 21.00
N PHE QA 118 -64.72 53.25 21.49
CA PHE QA 118 -64.38 52.11 20.63
C PHE QA 118 -65.63 51.54 19.98
N GLU QA 119 -66.67 51.29 20.79
CA GLU QA 119 -67.91 50.74 20.27
C GLU QA 119 -68.52 51.65 19.21
N HIS QA 120 -68.59 52.95 19.50
CA HIS QA 120 -69.21 53.87 18.56
C HIS QA 120 -68.39 54.00 17.28
N GLN QA 121 -67.06 54.03 17.40
CA GLN QA 121 -66.21 54.13 16.23
C GLN QA 121 -66.38 52.91 15.33
N PHE QA 122 -66.45 51.71 15.93
CA PHE QA 122 -66.59 50.52 15.11
C PHE QA 122 -68.01 50.32 14.60
N GLU QA 123 -69.00 50.90 15.27
CA GLU QA 123 -70.34 50.97 14.68
C GLU QA 123 -70.35 51.86 13.45
N THR QA 124 -69.73 53.04 13.57
CA THR QA 124 -69.55 53.91 12.41
C THR QA 124 -68.82 53.17 11.29
N LEU QA 125 -67.83 52.36 11.65
CA LEU QA 125 -67.11 51.57 10.66
C LEU QA 125 -68.00 50.50 10.04
N ASP QA 126 -68.95 49.99 10.84
CA ASP QA 126 -69.95 49.01 10.35
C ASP QA 126 -70.80 49.68 9.27
N VAL QA 127 -71.20 50.94 9.50
CA VAL QA 127 -72.01 51.70 8.55
C VAL QA 127 -71.21 51.99 7.29
N GLN QA 128 -69.95 52.43 7.48
CA GLN QA 128 -69.08 52.69 6.35
C GLN QA 128 -68.89 51.43 5.50
N THR QA 129 -68.69 50.29 6.15
CA THR QA 129 -68.49 49.05 5.41
C THR QA 129 -69.73 48.69 4.61
N GLN QA 130 -70.91 48.81 5.22
CA GLN QA 130 -72.15 48.51 4.52
C GLN QA 130 -72.31 49.39 3.29
N GLN QA 131 -72.14 50.69 3.46
CA GLN QA 131 -72.31 51.61 2.34
C GLN QA 131 -71.25 51.37 1.26
N MET QA 132 -70.01 51.23 1.68
CA MET QA 132 -68.92 50.93 0.76
C MET QA 132 -69.20 49.66 -0.03
N GLU QA 133 -69.80 48.66 0.61
CA GLU QA 133 -70.07 47.41 -0.07
C GLU QA 133 -71.24 47.57 -1.05
N ASP QA 134 -72.28 48.29 -0.65
CA ASP QA 134 -73.35 48.61 -1.58
C ASP QA 134 -72.78 49.26 -2.83
N THR QA 135 -71.89 50.22 -2.67
CA THR QA 135 -71.34 50.92 -3.83
C THR QA 135 -70.44 50.00 -4.65
N MET QA 136 -69.56 49.25 -3.98
CA MET QA 136 -68.70 48.30 -4.68
C MET QA 136 -69.52 47.36 -5.54
N SER QA 137 -70.65 46.89 -5.02
CA SER QA 137 -71.50 45.99 -5.79
C SER QA 137 -72.19 46.72 -6.93
N SER QA 138 -72.67 47.94 -6.68
CA SER QA 138 -73.33 48.70 -7.74
C SER QA 138 -72.37 49.03 -8.87
N THR QA 139 -71.07 49.12 -8.58
CA THR QA 139 -70.10 49.43 -9.63
C THR QA 139 -70.03 48.31 -10.66
N THR QA 140 -70.00 47.06 -10.21
CA THR QA 140 -69.84 45.90 -11.08
C THR QA 140 -71.12 45.08 -11.02
N THR QA 141 -72.08 45.45 -11.88
CA THR QA 141 -73.33 44.74 -12.01
C THR QA 141 -73.54 44.12 -13.38
N LEU QA 142 -72.84 44.58 -14.40
CA LEU QA 142 -72.95 44.03 -15.73
C LEU QA 142 -72.03 42.85 -15.97
N THR QA 143 -71.01 42.69 -15.13
CA THR QA 143 -70.17 41.49 -15.16
C THR QA 143 -70.76 40.36 -14.35
N THR QA 144 -71.61 40.67 -13.37
CA THR QA 144 -72.24 39.68 -12.49
C THR QA 144 -73.75 39.89 -12.53
N PRO QA 145 -74.42 39.40 -13.57
CA PRO QA 145 -75.88 39.50 -13.60
C PRO QA 145 -76.52 38.55 -12.61
N GLN QA 146 -77.53 39.05 -11.90
CA GLN QA 146 -78.23 38.22 -10.92
C GLN QA 146 -78.85 37.00 -11.57
N ASN QA 147 -79.40 37.16 -12.78
CA ASN QA 147 -80.05 36.06 -13.46
C ASN QA 147 -79.06 34.92 -13.73
N GLN QA 148 -77.86 35.26 -14.19
CA GLN QA 148 -76.86 34.24 -14.50
C GLN QA 148 -76.45 33.49 -13.24
N VAL QA 149 -76.26 34.22 -12.13
CA VAL QA 149 -75.88 33.57 -10.89
C VAL QA 149 -76.99 32.63 -10.41
N ASP QA 150 -78.23 33.10 -10.47
CA ASP QA 150 -79.35 32.24 -10.09
C ASP QA 150 -79.39 30.98 -10.94
N MET QA 151 -79.20 31.13 -12.25
CA MET QA 151 -79.24 29.98 -13.14
C MET QA 151 -78.10 29.01 -12.82
N LEU QA 152 -76.90 29.54 -12.60
CA LEU QA 152 -75.78 28.66 -12.26
C LEU QA 152 -76.05 27.89 -10.99
N LEU QA 153 -76.59 28.57 -9.96
CA LEU QA 153 -76.89 27.88 -8.71
C LEU QA 153 -77.95 26.81 -8.92
N GLN QA 154 -78.99 27.11 -9.71
CA GLN QA 154 -80.02 26.12 -9.97
C GLN QA 154 -79.46 24.91 -10.69
N GLU QA 155 -78.61 25.13 -11.70
CA GLU QA 155 -78.03 24.01 -12.43
C GLU QA 155 -77.13 23.18 -11.54
N MET QA 156 -76.29 23.83 -10.73
CA MET QA 156 -75.39 23.09 -9.85
C MET QA 156 -76.17 22.29 -8.82
N ALA QA 157 -77.25 22.87 -8.28
CA ALA QA 157 -78.10 22.14 -7.35
C ALA QA 157 -78.73 20.92 -8.02
N ASP QA 158 -79.41 21.15 -9.14
CA ASP QA 158 -80.08 20.05 -9.84
C ASP QA 158 -79.09 18.94 -10.20
N GLU QA 159 -77.87 19.32 -10.59
CA GLU QA 159 -76.85 18.31 -10.87
C GLU QA 159 -76.49 17.55 -9.60
N ALA QA 160 -76.28 18.27 -8.50
CA ALA QA 160 -75.99 17.62 -7.22
C ALA QA 160 -77.23 16.93 -6.64
N GLY QA 161 -78.40 17.13 -7.23
CA GLY QA 161 -79.62 16.53 -6.75
C GLY QA 161 -80.19 17.16 -5.49
N LEU QA 162 -79.42 18.01 -4.81
CA LEU QA 162 -79.85 18.60 -3.55
C LEU QA 162 -80.79 19.77 -3.82
N ASP QA 163 -81.12 20.51 -2.76
CA ASP QA 163 -81.93 21.71 -2.88
C ASP QA 163 -81.31 22.80 -2.01
N LEU QA 164 -81.70 24.04 -2.29
CA LEU QA 164 -81.13 25.21 -1.65
C LEU QA 164 -82.19 25.88 -0.77
N ASN QA 165 -81.87 26.06 0.51
CA ASN QA 165 -82.78 26.71 1.44
C ASN QA 165 -82.05 27.83 2.18
N GLU QA 187 -89.89 38.82 -17.59
CA GLU QA 187 -90.83 38.08 -16.76
C GLU QA 187 -91.71 39.04 -15.97
N LEU QA 188 -91.37 39.29 -14.70
CA LEU QA 188 -92.12 40.24 -13.90
C LEU QA 188 -92.02 41.65 -14.48
N SER QA 189 -90.87 41.98 -15.08
CA SER QA 189 -90.69 43.32 -15.61
C SER QA 189 -91.76 43.68 -16.65
N GLN QA 190 -92.18 42.69 -17.44
CA GLN QA 190 -93.20 42.95 -18.45
C GLN QA 190 -94.54 43.26 -17.80
N ARG QA 191 -94.92 42.51 -16.77
CA ARG QA 191 -96.16 42.81 -16.06
C ARG QA 191 -96.09 44.18 -15.41
N LEU QA 192 -94.93 44.53 -14.84
CA LEU QA 192 -94.79 45.85 -14.23
C LEU QA 192 -94.87 46.95 -15.26
N ALA QA 193 -94.33 46.72 -16.46
CA ALA QA 193 -94.43 47.72 -17.52
C ALA QA 193 -95.87 47.88 -18.00
N ARG QA 194 -96.58 46.76 -18.17
CA ARG QA 194 -98.00 46.84 -18.54
C ARG QA 194 -98.79 47.59 -17.48
N LEU QA 195 -98.46 47.37 -16.20
CA LEU QA 195 -99.10 48.11 -15.13
C LEU QA 195 -98.75 49.59 -15.18
N ARG QA 196 -97.50 49.89 -15.54
CA ARG QA 196 -97.07 51.28 -15.65
C ARG QA 196 -97.82 52.01 -16.76
N ASP QA 197 -98.08 51.31 -17.87
CA ASP QA 197 -98.87 51.91 -18.94
C ASP QA 197 -100.27 52.30 -18.45
N GLN QA 198 -100.81 51.54 -17.51
CA GLN QA 198 -102.12 51.83 -16.94
C GLN QA 198 -103.19 51.93 -18.01
N PHE RA 6 -71.53 78.24 -31.30
CA PHE RA 6 -72.03 76.89 -31.55
C PHE RA 6 -71.09 76.12 -32.46
N LYS RA 7 -70.77 74.89 -32.03
CA LYS RA 7 -69.87 73.97 -32.78
C LYS RA 7 -70.68 72.73 -33.15
N ALA RA 8 -70.61 72.30 -34.42
CA ALA RA 8 -71.39 71.16 -34.88
C ALA RA 8 -70.78 69.83 -34.42
N GLU RA 9 -69.50 69.62 -34.73
CA GLU RA 9 -68.87 68.36 -34.36
C GLU RA 9 -68.90 68.12 -32.87
N ARG RA 10 -68.78 69.19 -32.07
CA ARG RA 10 -68.93 69.05 -30.63
C ARG RA 10 -70.30 68.48 -30.28
N LEU RA 11 -71.36 69.01 -30.91
CA LEU RA 11 -72.70 68.51 -30.67
C LEU RA 11 -72.82 67.04 -31.08
N ARG RA 12 -72.25 66.69 -32.24
CA ARG RA 12 -72.28 65.31 -32.70
C ARG RA 12 -71.64 64.37 -31.68
N VAL RA 13 -70.42 64.71 -31.24
CA VAL RA 13 -69.70 63.87 -30.30
C VAL RA 13 -70.46 63.76 -28.99
N ASN RA 14 -71.00 64.88 -28.50
CA ASN RA 14 -71.75 64.84 -27.25
C ASN RA 14 -73.01 64.01 -27.38
N LEU RA 15 -73.66 64.03 -28.55
CA LEU RA 15 -74.83 63.21 -28.76
C LEU RA 15 -74.48 61.73 -28.71
N ARG RA 16 -73.40 61.34 -29.39
CA ARG RA 16 -72.97 59.94 -29.34
C ARG RA 16 -72.63 59.53 -27.91
N LEU RA 17 -71.94 60.39 -27.18
CA LEU RA 17 -71.60 60.08 -25.79
C LEU RA 17 -72.85 59.95 -24.94
N VAL RA 18 -73.83 60.83 -25.13
CA VAL RA 18 -75.08 60.74 -24.38
C VAL RA 18 -75.78 59.42 -24.67
N ILE RA 19 -75.78 59.01 -25.93
CA ILE RA 19 -76.41 57.74 -26.29
C ILE RA 19 -75.75 56.59 -25.55
N ASN RA 20 -74.42 56.51 -25.61
CA ASN RA 20 -73.71 55.43 -24.93
C ASN RA 20 -73.98 55.45 -23.43
N ARG RA 21 -73.91 56.64 -22.83
CA ARG RA 21 -74.13 56.76 -21.39
C ARG RA 21 -75.54 56.32 -21.01
N LEU RA 22 -76.54 56.68 -21.82
CA LEU RA 22 -77.90 56.27 -21.53
C LEU RA 22 -78.05 54.76 -21.62
N LYS RA 23 -77.40 54.14 -22.61
CA LYS RA 23 -77.42 52.69 -22.71
C LYS RA 23 -76.88 52.05 -21.42
N LEU RA 24 -75.67 52.46 -21.03
CA LEU RA 24 -75.07 51.89 -19.82
C LEU RA 24 -75.98 52.10 -18.62
N LEU RA 25 -76.52 53.31 -18.47
CA LEU RA 25 -77.32 53.65 -17.31
C LEU RA 25 -78.59 52.81 -17.25
N GLU RA 26 -79.29 52.67 -18.38
CA GLU RA 26 -80.52 51.89 -18.36
C GLU RA 26 -80.24 50.42 -18.07
N LYS RA 27 -79.15 49.88 -18.63
CA LYS RA 27 -78.76 48.52 -18.29
C LYS RA 27 -78.59 48.34 -16.79
N LYS RA 28 -77.68 49.12 -16.20
CA LYS RA 28 -77.38 48.91 -14.79
C LYS RA 28 -78.58 49.26 -13.91
N LYS RA 29 -79.45 50.17 -14.36
CA LYS RA 29 -80.62 50.50 -13.58
C LYS RA 29 -81.63 49.36 -13.61
N THR RA 30 -81.77 48.68 -14.75
CA THR RA 30 -82.59 47.48 -14.79
C THR RA 30 -82.08 46.43 -13.81
N GLU RA 31 -80.76 46.22 -13.79
CA GLU RA 31 -80.20 45.25 -12.87
C GLU RA 31 -80.48 45.64 -11.41
N LEU RA 32 -80.15 46.88 -11.05
CA LEU RA 32 -80.41 47.35 -9.70
C LEU RA 32 -81.90 47.27 -9.35
N ALA RA 33 -82.77 47.45 -10.34
CA ALA RA 33 -84.21 47.36 -10.09
C ALA RA 33 -84.60 45.92 -9.76
N GLN RA 34 -84.04 44.95 -10.46
CA GLN RA 34 -84.25 43.56 -10.10
C GLN RA 34 -83.86 43.32 -8.64
N LYS RA 35 -82.65 43.75 -8.27
CA LYS RA 35 -82.16 43.48 -6.92
C LYS RA 35 -83.04 44.16 -5.87
N ALA RA 36 -83.43 45.41 -6.11
CA ALA RA 36 -84.23 46.14 -5.14
C ALA RA 36 -85.66 45.61 -5.08
N ARG RA 37 -86.15 45.03 -6.18
CA ARG RA 37 -87.43 44.34 -6.14
C ARG RA 37 -87.34 43.11 -5.24
N LYS RA 38 -86.25 42.37 -5.34
CA LYS RA 38 -86.04 41.27 -4.39
C LYS RA 38 -86.03 41.80 -2.96
N GLU RA 39 -85.38 42.94 -2.74
CA GLU RA 39 -85.37 43.53 -1.40
C GLU RA 39 -86.78 43.87 -0.93
N ILE RA 40 -87.62 44.41 -1.82
CA ILE RA 40 -88.99 44.74 -1.43
C ILE RA 40 -89.76 43.47 -1.11
N ALA RA 41 -89.51 42.39 -1.86
CA ALA RA 41 -90.15 41.13 -1.53
C ALA RA 41 -89.76 40.67 -0.13
N ASP RA 42 -88.47 40.77 0.20
CA ASP RA 42 -88.03 40.44 1.55
C ASP RA 42 -88.72 41.31 2.59
N TYR RA 43 -88.86 42.61 2.29
CA TYR RA 43 -89.54 43.51 3.22
C TYR RA 43 -90.98 43.07 3.44
N LEU RA 44 -91.66 42.66 2.37
CA LEU RA 44 -93.05 42.22 2.50
C LEU RA 44 -93.15 40.90 3.23
N ALA RA 45 -92.12 40.06 3.16
CA ALA RA 45 -92.12 38.82 3.92
C ALA RA 45 -92.41 39.10 5.40
N ALA RA 46 -91.80 40.14 5.94
CA ALA RA 46 -92.09 40.57 7.30
C ALA RA 46 -93.39 41.38 7.32
N GLY RA 47 -93.77 41.83 8.51
CA GLY RA 47 -94.97 42.64 8.65
C GLY RA 47 -94.83 44.07 8.21
N LYS RA 48 -93.61 44.50 7.88
CA LYS RA 48 -93.37 45.87 7.44
C LYS RA 48 -94.03 46.09 6.09
N ASP RA 49 -95.06 46.94 6.06
CA ASP RA 49 -95.82 47.23 4.85
C ASP RA 49 -95.69 48.69 4.41
N GLU RA 50 -95.86 49.62 5.33
CA GLU RA 50 -95.80 51.04 4.98
C GLU RA 50 -94.42 51.45 4.49
N ARG RA 51 -93.39 50.64 4.76
CA ARG RA 51 -92.03 50.87 4.31
C ARG RA 51 -91.80 50.32 2.90
N ALA RA 52 -92.37 49.16 2.61
CA ALA RA 52 -92.28 48.61 1.26
C ALA RA 52 -92.91 49.55 0.25
N ARG RA 53 -93.89 50.35 0.66
CA ARG RA 53 -94.47 51.33 -0.25
C ARG RA 53 -93.45 52.40 -0.62
N ILE RA 54 -92.63 52.83 0.33
CA ILE RA 54 -91.58 53.79 0.02
C ILE RA 54 -90.55 53.15 -0.91
N ARG RA 55 -90.16 51.91 -0.62
CA ARG RA 55 -89.19 51.25 -1.47
C ARG RA 55 -89.71 51.10 -2.90
N VAL RA 56 -90.98 50.74 -3.05
CA VAL RA 56 -91.52 50.57 -4.39
C VAL RA 56 -91.73 51.93 -5.06
N GLU RA 57 -91.91 52.99 -4.28
CA GLU RA 57 -91.88 54.33 -4.86
C GLU RA 57 -90.51 54.58 -5.49
N HIS RA 58 -89.44 54.28 -4.75
CA HIS RA 58 -88.10 54.32 -5.34
C HIS RA 58 -88.06 53.54 -6.65
N ILE RA 59 -88.59 52.32 -6.64
CA ILE RA 59 -88.49 51.45 -7.81
C ILE RA 59 -89.20 52.06 -9.01
N ILE RA 60 -90.43 52.52 -8.81
CA ILE RA 60 -91.21 53.00 -9.95
C ILE RA 60 -90.66 54.35 -10.43
N ARG RA 61 -90.09 55.15 -9.53
CA ARG RA 61 -89.35 56.32 -9.97
C ARG RA 61 -88.21 55.93 -10.89
N GLU RA 62 -87.42 54.93 -10.49
CA GLU RA 62 -86.32 54.47 -11.32
C GLU RA 62 -86.81 53.93 -12.66
N ASP RA 63 -87.97 53.28 -12.67
CA ASP RA 63 -88.50 52.72 -13.91
C ASP RA 63 -88.97 53.82 -14.85
N TYR RA 64 -89.72 54.80 -14.33
CA TYR RA 64 -90.01 56.01 -15.09
C TYR RA 64 -88.74 56.60 -15.67
N LEU RA 65 -87.68 56.65 -14.87
CA LEU RA 65 -86.42 57.24 -15.32
C LEU RA 65 -85.82 56.44 -16.47
N VAL RA 66 -85.87 55.10 -16.38
CA VAL RA 66 -85.32 54.27 -17.44
C VAL RA 66 -86.11 54.48 -18.73
N GLU RA 67 -87.43 54.54 -18.63
CA GLU RA 67 -88.24 54.78 -19.82
C GLU RA 67 -87.93 56.14 -20.44
N ALA RA 68 -87.77 57.17 -19.59
CA ALA RA 68 -87.43 58.49 -20.08
C ALA RA 68 -86.07 58.49 -20.76
N MET RA 69 -85.13 57.73 -20.21
CA MET RA 69 -83.81 57.63 -20.83
C MET RA 69 -83.88 56.92 -22.18
N GLU RA 70 -84.76 55.92 -22.29
CA GLU RA 70 -84.98 55.28 -23.59
C GLU RA 70 -85.49 56.30 -24.60
N ILE RA 71 -86.50 57.09 -24.20
CA ILE RA 71 -87.04 58.10 -25.11
C ILE RA 71 -85.97 59.10 -25.50
N LEU RA 72 -85.14 59.51 -24.54
CA LEU RA 72 -84.11 60.51 -24.83
C LEU RA 72 -83.04 59.95 -25.75
N GLU RA 73 -82.66 58.69 -25.55
CA GLU RA 73 -81.75 58.03 -26.47
C GLU RA 73 -82.33 58.00 -27.88
N LEU RA 74 -83.62 57.68 -27.99
CA LEU RA 74 -84.31 57.71 -29.28
C LEU RA 74 -84.17 59.08 -29.92
N TYR RA 75 -84.45 60.14 -29.16
CA TYR RA 75 -84.43 61.49 -29.73
C TYR RA 75 -83.01 61.91 -30.12
N CYS RA 76 -82.03 61.58 -29.29
CA CYS RA 76 -80.65 61.89 -29.63
C CYS RA 76 -80.24 61.20 -30.92
N ASP RA 77 -80.59 59.92 -31.05
CA ASP RA 77 -80.27 59.22 -32.28
C ASP RA 77 -81.00 59.82 -33.47
N LEU RA 78 -82.23 60.32 -33.25
CA LEU RA 78 -82.96 60.96 -34.34
C LEU RA 78 -82.21 62.20 -34.81
N LEU RA 79 -81.79 63.05 -33.87
CA LEU RA 79 -81.00 64.23 -34.24
C LEU RA 79 -79.72 63.81 -34.95
N LEU RA 80 -79.07 62.76 -34.46
CA LEU RA 80 -77.82 62.31 -35.06
C LEU RA 80 -78.01 61.74 -36.46
N ALA RA 81 -79.21 61.23 -36.76
CA ALA RA 81 -79.50 60.74 -38.09
C ALA RA 81 -79.84 61.85 -39.07
N ARG RA 82 -80.32 62.99 -38.56
CA ARG RA 82 -80.69 64.15 -39.36
C ARG RA 82 -79.79 65.33 -39.00
N PHE RA 83 -78.49 65.07 -38.84
CA PHE RA 83 -77.56 66.10 -38.43
C PHE RA 83 -77.29 67.10 -39.55
N GLY RA 84 -77.16 66.61 -40.78
CA GLY RA 84 -77.00 67.51 -41.90
C GLY RA 84 -78.15 68.49 -42.01
N LEU RA 85 -79.38 68.02 -41.74
CA LEU RA 85 -80.53 68.91 -41.77
C LEU RA 85 -80.43 69.96 -40.67
N ILE RA 86 -79.66 69.69 -39.62
CA ILE RA 86 -79.36 70.70 -38.62
C ILE RA 86 -78.37 71.72 -39.16
N GLN RA 87 -77.30 71.22 -39.78
CA GLN RA 87 -76.24 72.13 -40.25
C GLN RA 87 -76.72 73.02 -41.39
N SER RA 88 -77.57 72.49 -42.27
CA SER RA 88 -77.98 73.23 -43.45
C SER RA 88 -78.89 74.40 -43.09
N MET RA 89 -80.05 74.10 -42.52
CA MET RA 89 -81.00 75.14 -42.16
C MET RA 89 -80.45 75.97 -41.01
N LYS RA 90 -81.10 77.12 -40.77
CA LYS RA 90 -80.82 77.96 -39.62
C LYS RA 90 -81.89 77.88 -38.56
N GLU RA 91 -83.14 77.62 -38.95
CA GLU RA 91 -84.23 77.37 -38.03
C GLU RA 91 -84.64 75.91 -38.13
N LEU RA 92 -84.93 75.29 -36.99
CA LEU RA 92 -85.26 73.88 -36.98
C LEU RA 92 -86.60 73.64 -37.66
N ASP RA 93 -86.69 72.52 -38.39
CA ASP RA 93 -87.93 72.15 -39.04
C ASP RA 93 -88.85 71.43 -38.05
N SER RA 94 -90.00 70.98 -38.55
CA SER RA 94 -90.97 70.32 -37.69
C SER RA 94 -90.46 68.95 -37.25
N GLY RA 95 -89.77 68.23 -38.15
CA GLY RA 95 -89.28 66.90 -37.82
C GLY RA 95 -88.31 66.87 -36.65
N LEU RA 96 -87.69 68.00 -36.33
CA LEU RA 96 -86.72 68.09 -35.25
C LEU RA 96 -87.19 68.97 -34.10
N ALA RA 97 -88.42 69.49 -34.15
CA ALA RA 97 -88.90 70.34 -33.07
C ALA RA 97 -89.00 69.56 -31.77
N GLU RA 98 -89.60 68.37 -31.81
CA GLU RA 98 -89.78 67.59 -30.59
C GLU RA 98 -88.46 67.21 -29.96
N SER RA 99 -87.53 66.69 -30.78
CA SER RA 99 -86.23 66.27 -30.25
C SER RA 99 -85.53 67.42 -29.55
N VAL RA 100 -85.41 68.56 -30.24
CA VAL RA 100 -84.70 69.70 -29.68
C VAL RA 100 -85.39 70.18 -28.41
N SER RA 101 -86.72 70.32 -28.46
CA SER RA 101 -87.47 70.82 -27.32
C SER RA 101 -87.24 69.92 -26.10
N THR RA 102 -87.40 68.61 -26.27
CA THR RA 102 -87.26 67.70 -25.14
C THR RA 102 -85.82 67.65 -24.63
N LEU RA 103 -84.85 67.67 -25.54
CA LEU RA 103 -83.46 67.62 -25.12
C LEU RA 103 -83.02 68.89 -24.42
N ILE RA 104 -83.70 70.01 -24.68
CA ILE RA 104 -83.41 71.22 -23.94
C ILE RA 104 -84.15 71.25 -22.62
N TRP RA 105 -85.36 70.67 -22.57
CA TRP RA 105 -86.15 70.72 -21.35
C TRP RA 105 -85.67 69.71 -20.31
N ALA RA 106 -85.23 68.54 -20.76
CA ALA RA 106 -84.85 67.47 -19.84
C ALA RA 106 -83.41 67.58 -19.39
N ALA RA 107 -82.58 68.38 -20.07
CA ALA RA 107 -81.17 68.49 -19.69
C ALA RA 107 -81.00 68.84 -18.23
N PRO RA 108 -81.60 69.92 -17.69
CA PRO RA 108 -81.43 70.20 -16.27
C PRO RA 108 -82.01 69.11 -15.37
N ARG RA 109 -82.98 68.35 -15.85
CA ARG RA 109 -83.54 67.27 -15.05
C ARG RA 109 -82.51 66.15 -14.87
N LEU RA 110 -81.94 65.66 -15.97
CA LEU RA 110 -80.99 64.57 -15.94
C LEU RA 110 -79.54 65.07 -16.03
N GLN RA 111 -79.29 66.30 -15.61
CA GLN RA 111 -77.93 66.84 -15.70
C GLN RA 111 -76.97 66.09 -14.80
N SER RA 112 -77.45 65.57 -13.66
CA SER RA 112 -76.58 64.86 -12.75
C SER RA 112 -76.22 63.48 -13.29
N GLU RA 113 -77.20 62.75 -13.81
CA GLU RA 113 -76.95 61.42 -14.36
C GLU RA 113 -76.06 61.50 -15.59
N VAL RA 114 -76.49 62.27 -16.59
CA VAL RA 114 -75.77 62.42 -17.85
C VAL RA 114 -75.25 63.85 -17.91
N ALA RA 115 -73.92 64.00 -17.88
CA ALA RA 115 -73.32 65.33 -17.93
C ALA RA 115 -73.33 65.90 -19.34
N GLU RA 116 -72.97 65.08 -20.33
CA GLU RA 116 -72.90 65.54 -21.71
C GLU RA 116 -74.23 66.12 -22.19
N LEU RA 117 -75.33 65.73 -21.56
CA LEU RA 117 -76.63 66.25 -21.96
C LEU RA 117 -76.71 67.76 -21.82
N LYS RA 118 -76.02 68.31 -20.81
CA LYS RA 118 -75.99 69.76 -20.65
C LYS RA 118 -75.26 70.43 -21.81
N ILE RA 119 -74.19 69.81 -22.28
CA ILE RA 119 -73.47 70.35 -23.44
C ILE RA 119 -74.35 70.28 -24.68
N VAL RA 120 -75.11 69.19 -24.83
CA VAL RA 120 -76.03 69.08 -25.95
C VAL RA 120 -77.07 70.21 -25.88
N ALA RA 121 -77.62 70.45 -24.69
CA ALA RA 121 -78.57 71.54 -24.52
C ALA RA 121 -77.93 72.88 -24.86
N ASP RA 122 -76.67 73.08 -24.49
CA ASP RA 122 -75.97 74.30 -24.84
C ASP RA 122 -75.91 74.49 -26.35
N GLN RA 123 -75.38 73.48 -27.05
CA GLN RA 123 -75.24 73.59 -28.49
C GLN RA 123 -76.60 73.79 -29.16
N LEU RA 124 -77.67 73.26 -28.58
CA LEU RA 124 -78.99 73.44 -29.17
C LEU RA 124 -79.64 74.77 -28.76
N CYS RA 125 -79.15 75.42 -27.72
CA CYS RA 125 -79.62 76.75 -27.36
C CYS RA 125 -78.77 77.85 -27.97
N ALA RA 126 -77.48 77.58 -28.18
CA ALA RA 126 -76.59 78.56 -28.79
C ALA RA 126 -76.73 78.61 -30.31
N LYS RA 127 -77.45 77.65 -30.92
CA LYS RA 127 -77.63 77.64 -32.36
C LYS RA 127 -78.88 78.40 -32.80
N TYR RA 128 -79.83 78.60 -31.91
CA TYR RA 128 -81.11 79.20 -32.25
C TYR RA 128 -81.30 80.52 -31.50
N SER RA 129 -81.99 81.45 -32.14
CA SER RA 129 -82.32 82.73 -31.55
C SER RA 129 -83.81 83.01 -31.47
N LYS RA 130 -84.62 82.40 -32.33
CA LYS RA 130 -86.06 82.57 -32.30
C LYS RA 130 -86.61 81.88 -31.06
N GLU RA 131 -86.96 82.68 -30.05
CA GLU RA 131 -87.45 82.15 -28.77
C GLU RA 131 -86.42 81.24 -28.12
N TYR RA 132 -85.14 81.55 -28.29
CA TYR RA 132 -84.04 80.75 -27.77
C TYR RA 132 -83.22 81.59 -26.78
N GLY RA 133 -82.18 80.98 -26.26
CA GLY RA 133 -81.47 81.54 -25.13
C GLY RA 133 -82.08 81.06 -23.83
N LYS RA 134 -81.22 80.88 -22.82
CA LYS RA 134 -81.66 80.26 -21.56
C LYS RA 134 -83.07 80.71 -21.17
N LEU RA 135 -83.28 82.02 -21.08
CA LEU RA 135 -84.59 82.54 -20.70
C LEU RA 135 -85.64 82.15 -21.74
N CYS RA 136 -85.44 82.56 -22.99
CA CYS RA 136 -86.39 82.22 -24.04
C CYS RA 136 -86.42 80.74 -24.34
N ARG RA 137 -85.33 80.02 -24.06
CA ARG RA 137 -85.33 78.57 -24.22
C ARG RA 137 -86.25 77.91 -23.22
N THR RA 138 -86.32 78.46 -21.99
CA THR RA 138 -87.29 77.98 -21.02
C THR RA 138 -88.70 78.48 -21.33
N ASN RA 139 -88.81 79.65 -21.97
CA ASN RA 139 -90.13 80.18 -22.30
C ASN RA 139 -90.76 79.39 -23.45
N GLN RA 140 -89.96 78.99 -24.43
CA GLN RA 140 -90.46 78.24 -25.58
C GLN RA 140 -90.36 76.74 -25.40
N ILE RA 141 -90.45 76.26 -24.15
CA ILE RA 141 -90.36 74.84 -23.86
C ILE RA 141 -91.75 74.19 -23.75
N GLY RA 142 -92.78 74.87 -24.27
CA GLY RA 142 -94.13 74.35 -24.19
C GLY RA 142 -94.51 73.48 -25.37
N THR RA 143 -93.53 72.78 -25.94
CA THR RA 143 -93.80 71.88 -27.06
C THR RA 143 -93.07 70.55 -26.91
N VAL RA 144 -92.73 70.15 -25.69
CA VAL RA 144 -91.98 68.93 -25.45
C VAL RA 144 -92.95 67.76 -25.37
N ASN RA 145 -92.41 66.55 -25.51
CA ASN RA 145 -93.20 65.34 -25.40
C ASN RA 145 -93.83 65.24 -24.02
N ASP RA 146 -95.16 65.22 -23.96
CA ASP RA 146 -95.85 65.16 -22.68
C ASP RA 146 -95.53 63.86 -21.94
N ARG RA 147 -95.39 62.75 -22.67
CA ARG RA 147 -95.08 61.48 -22.02
C ARG RA 147 -93.76 61.57 -21.26
N LEU RA 148 -92.72 62.10 -21.90
CA LEU RA 148 -91.44 62.25 -21.22
C LEU RA 148 -91.56 63.18 -20.04
N MET RA 149 -92.36 64.24 -20.17
CA MET RA 149 -92.62 65.11 -19.02
C MET RA 149 -93.20 64.34 -17.87
N HIS RA 150 -94.10 63.38 -18.15
CA HIS RA 150 -94.70 62.59 -17.10
C HIS RA 150 -93.69 61.62 -16.49
N LYS RA 151 -92.85 61.02 -17.32
CA LYS RA 151 -91.85 60.07 -16.81
C LYS RA 151 -90.88 60.77 -15.87
N LEU RA 152 -90.50 62.00 -16.20
CA LEU RA 152 -89.57 62.78 -15.39
C LEU RA 152 -90.31 63.75 -14.46
N SER RA 153 -91.61 63.57 -14.27
CA SER RA 153 -92.38 64.42 -13.38
C SER RA 153 -92.05 64.06 -11.94
N VAL RA 154 -91.66 65.07 -11.16
CA VAL RA 154 -91.26 64.87 -9.77
C VAL RA 154 -92.52 65.03 -8.92
N GLU RA 155 -93.25 63.93 -8.72
CA GLU RA 155 -94.50 63.96 -7.99
C GLU RA 155 -94.72 62.61 -7.32
N ALA RA 156 -95.45 62.63 -6.21
CA ALA RA 156 -95.79 61.41 -5.52
C ALA RA 156 -96.66 60.54 -6.42
N PRO RA 157 -96.19 59.36 -6.84
CA PRO RA 157 -96.99 58.52 -7.73
C PRO RA 157 -98.33 58.19 -7.13
N PRO RA 158 -99.31 57.79 -7.94
CA PRO RA 158 -100.62 57.44 -7.39
C PRO RA 158 -100.55 56.23 -6.48
N LYS RA 159 -101.33 56.28 -5.40
CA LYS RA 159 -101.27 55.22 -4.40
C LYS RA 159 -101.74 53.89 -4.98
N ILE RA 160 -102.79 53.91 -5.81
CA ILE RA 160 -103.29 52.67 -6.39
C ILE RA 160 -102.22 52.00 -7.23
N LEU RA 161 -101.43 52.82 -7.93
CA LEU RA 161 -100.32 52.29 -8.78
C LEU RA 161 -99.31 51.58 -7.87
N VAL RA 162 -99.02 52.17 -6.71
CA VAL RA 162 -98.05 51.58 -5.74
C VAL RA 162 -98.63 50.24 -5.26
N GLU RA 163 -99.93 50.19 -4.98
CA GLU RA 163 -100.58 48.95 -4.51
C GLU RA 163 -100.47 47.87 -5.59
N ARG RA 164 -100.69 48.26 -6.86
CA ARG RA 164 -100.60 47.31 -8.00
C ARG RA 164 -99.15 46.79 -8.09
N TYR RA 165 -98.17 47.68 -7.90
CA TYR RA 165 -96.75 47.29 -7.96
C TYR RA 165 -96.45 46.28 -6.84
N LEU RA 166 -97.00 46.53 -5.65
CA LEU RA 166 -96.78 45.63 -4.51
C LEU RA 166 -97.49 44.30 -4.73
N ILE RA 167 -98.71 44.35 -5.25
CA ILE RA 167 -99.46 43.11 -5.52
C ILE RA 167 -98.68 42.23 -6.47
N GLU RA 168 -98.16 42.82 -7.55
CA GLU RA 168 -97.44 42.02 -8.55
C GLU RA 168 -96.16 41.45 -7.95
N ILE RA 169 -95.40 42.26 -7.22
CA ILE RA 169 -94.14 41.78 -6.65
C ILE RA 169 -94.41 40.65 -5.67
N ALA RA 170 -95.44 40.80 -4.82
CA ALA RA 170 -95.79 39.75 -3.88
C ALA RA 170 -96.19 38.47 -4.61
N LYS RA 171 -97.11 38.60 -5.57
CA LYS RA 171 -97.56 37.44 -6.32
C LYS RA 171 -96.41 36.73 -7.01
N ASN RA 172 -95.37 37.47 -7.41
CA ASN RA 172 -94.24 36.84 -8.09
C ASN RA 172 -93.30 36.17 -7.11
N TYR RA 173 -93.04 36.80 -5.96
CA TYR RA 173 -92.08 36.28 -4.99
C TYR RA 173 -92.71 35.38 -3.94
N ASN RA 174 -93.95 34.92 -4.17
CA ASN RA 174 -94.58 33.94 -3.28
C ASN RA 174 -94.69 34.47 -1.87
N VAL RA 175 -95.12 35.73 -1.73
CA VAL RA 175 -95.29 36.36 -0.43
C VAL RA 175 -96.73 36.84 -0.33
N PRO RA 176 -97.41 36.64 0.81
CA PRO RA 176 -98.76 37.20 0.95
C PRO RA 176 -98.71 38.70 1.17
N TYR RA 177 -99.77 39.37 0.72
CA TYR RA 177 -99.89 40.82 0.89
C TYR RA 177 -101.34 41.21 0.78
N GLU RA 178 -101.83 42.00 1.74
CA GLU RA 178 -103.21 42.46 1.77
C GLU RA 178 -103.25 43.93 1.37
N PRO RA 179 -103.64 44.27 0.14
CA PRO RA 179 -103.62 45.68 -0.28
C PRO RA 179 -104.54 46.53 0.58
N ASP RA 180 -104.20 47.82 0.66
CA ASP RA 180 -105.04 48.79 1.36
C ASP RA 180 -106.32 48.97 0.56
N SER RA 181 -107.43 48.46 1.11
CA SER RA 181 -108.68 48.50 0.37
C SER RA 181 -109.10 49.93 0.07
N VAL RA 182 -108.80 50.87 0.99
CA VAL RA 182 -109.22 52.27 0.81
C VAL RA 182 -108.77 52.79 -0.54
N VAL RA 183 -107.55 52.45 -0.94
CA VAL RA 183 -106.99 52.90 -2.20
C VAL RA 183 -107.15 51.83 -3.27
N MET RA 184 -107.12 50.56 -2.85
CA MET RA 184 -107.24 49.46 -3.80
C MET RA 184 -108.61 49.41 -4.46
N ALA RA 185 -109.64 49.99 -3.84
CA ALA RA 185 -110.98 49.97 -4.40
C ALA RA 185 -111.41 51.30 -5.00
N GLU RA 186 -110.90 52.41 -4.48
CA GLU RA 186 -111.28 53.74 -4.99
C GLU RA 186 -110.52 54.02 -6.28
N ASN SA 3 -39.64 56.68 -31.98
CA ASN SA 3 -40.69 57.08 -31.06
C ASN SA 3 -41.90 56.16 -31.19
N MET SA 4 -42.38 55.99 -32.42
CA MET SA 4 -43.55 55.15 -32.64
C MET SA 4 -43.28 53.69 -32.30
N GLU SA 5 -42.03 53.25 -32.42
CA GLU SA 5 -41.70 51.87 -32.07
C GLU SA 5 -41.97 51.60 -30.60
N LYS SA 6 -41.70 52.58 -29.74
CA LYS SA 6 -41.98 52.43 -28.32
C LYS SA 6 -43.47 52.26 -28.08
N HIS SA 7 -44.29 53.07 -28.76
CA HIS SA 7 -45.74 52.96 -28.60
C HIS SA 7 -46.23 51.62 -29.10
N LEU SA 8 -45.68 51.13 -30.21
CA LEU SA 8 -46.03 49.80 -30.70
C LEU SA 8 -45.68 48.72 -29.67
N PHE SA 9 -44.49 48.83 -29.07
CA PHE SA 9 -44.10 47.88 -28.05
C PHE SA 9 -45.07 47.89 -26.87
N ASN SA 10 -45.44 49.09 -26.42
CA ASN SA 10 -46.38 49.18 -25.30
C ASN SA 10 -47.74 48.59 -25.67
N LEU SA 11 -48.19 48.81 -26.91
CA LEU SA 11 -49.47 48.28 -27.34
C LEU SA 11 -49.45 46.75 -27.34
N LYS SA 12 -48.40 46.16 -27.91
CA LYS SA 12 -48.31 44.70 -27.95
C LYS SA 12 -48.19 44.13 -26.54
N PHE SA 13 -47.46 44.82 -25.66
CA PHE SA 13 -47.37 44.38 -24.28
C PHE SA 13 -48.72 44.40 -23.60
N ALA SA 14 -49.51 45.45 -23.82
CA ALA SA 14 -50.84 45.52 -23.23
C ALA SA 14 -51.73 44.41 -23.76
N ALA SA 15 -51.64 44.12 -25.06
CA ALA SA 15 -52.44 43.03 -25.62
C ALA SA 15 -52.08 41.70 -24.98
N LYS SA 16 -50.79 41.43 -24.84
CA LYS SA 16 -50.36 40.18 -24.22
C LYS SA 16 -50.81 40.11 -22.76
N GLU SA 17 -50.75 41.24 -22.06
CA GLU SA 17 -51.23 41.29 -20.68
C GLU SA 17 -52.71 40.96 -20.59
N LEU SA 18 -53.50 41.53 -21.51
CA LEU SA 18 -54.94 41.23 -21.52
C LEU SA 18 -55.19 39.75 -21.77
N SER SA 19 -54.44 39.15 -22.71
CA SER SA 19 -54.61 37.73 -22.98
C SER SA 19 -54.27 36.89 -21.75
N ARG SA 20 -53.15 37.20 -21.11
CA ARG SA 20 -52.76 36.48 -19.89
C ARG SA 20 -53.85 36.62 -18.83
N SER SA 21 -54.40 37.82 -18.67
CA SER SA 21 -55.43 38.04 -17.66
C SER SA 21 -56.69 37.24 -17.98
N ALA SA 22 -57.05 37.16 -19.26
CA ALA SA 22 -58.20 36.35 -19.64
C ALA SA 22 -57.98 34.89 -19.29
N LYS SA 23 -56.79 34.36 -19.61
CA LYS SA 23 -56.48 32.98 -19.26
C LYS SA 23 -56.58 32.76 -17.75
N LYS SA 24 -55.99 33.67 -16.98
CA LYS SA 24 -56.01 33.55 -15.53
C LYS SA 24 -57.44 33.58 -15.00
N CYS SA 25 -58.29 34.45 -15.56
CA CYS SA 25 -59.66 34.55 -15.09
C CYS SA 25 -60.46 33.29 -15.42
N ASP SA 26 -60.21 32.71 -16.59
CA ASP SA 26 -60.85 31.43 -16.92
C ASP SA 26 -60.44 30.37 -15.91
N LYS SA 27 -59.15 30.30 -15.59
CA LYS SA 27 -58.69 29.35 -14.57
C LYS SA 27 -59.38 29.57 -13.23
N GLU SA 28 -59.48 30.83 -12.82
CA GLU SA 28 -60.13 31.14 -11.54
C GLU SA 28 -61.59 30.74 -11.56
N GLU SA 29 -62.28 30.90 -12.70
CA GLU SA 29 -63.65 30.44 -12.81
C GLU SA 29 -63.72 28.93 -12.62
N LYS SA 30 -62.81 28.20 -13.27
CA LYS SA 30 -62.80 26.74 -13.13
C LYS SA 30 -62.62 26.34 -11.67
N ALA SA 31 -61.82 27.12 -10.92
CA ALA SA 31 -61.62 26.80 -9.50
C ALA SA 31 -62.86 27.13 -8.68
N GLU SA 32 -63.45 28.30 -8.91
CA GLU SA 32 -64.63 28.69 -8.17
C GLU SA 32 -65.80 27.75 -8.40
N LYS SA 33 -65.83 27.08 -9.57
CA LYS SA 33 -66.86 26.08 -9.79
C LYS SA 33 -66.70 24.90 -8.84
N ALA SA 34 -65.46 24.44 -8.63
CA ALA SA 34 -65.20 23.42 -7.63
C ALA SA 34 -65.66 23.88 -6.25
N LYS SA 35 -65.34 25.14 -5.91
CA LYS SA 35 -65.69 25.63 -4.58
C LYS SA 35 -67.20 25.70 -4.39
N ILE SA 36 -67.93 26.14 -5.41
CA ILE SA 36 -69.39 26.21 -5.30
C ILE SA 36 -69.99 24.82 -5.21
N GLU SA 37 -69.41 23.85 -5.92
CA GLU SA 37 -69.88 22.47 -5.77
C GLU SA 37 -69.70 21.99 -4.35
N LYS SA 38 -68.52 22.23 -3.77
CA LYS SA 38 -68.29 21.85 -2.38
C LYS SA 38 -69.31 22.51 -1.46
N ALA SA 39 -69.51 23.82 -1.62
CA ALA SA 39 -70.40 24.54 -0.71
C ALA SA 39 -71.84 24.09 -0.86
N ILE SA 40 -72.28 23.75 -2.07
CA ILE SA 40 -73.63 23.25 -2.24
C ILE SA 40 -73.76 21.84 -1.67
N GLN SA 41 -72.64 21.11 -1.60
CA GLN SA 41 -72.68 19.84 -0.89
C GLN SA 41 -72.82 20.04 0.61
N LYS SA 42 -72.04 20.95 1.18
CA LYS SA 42 -72.12 21.23 2.61
C LYS SA 42 -73.45 21.87 3.01
N GLY SA 43 -74.23 22.36 2.06
CA GLY SA 43 -75.50 23.00 2.36
C GLY SA 43 -75.45 24.51 2.49
N ASN SA 44 -74.26 25.11 2.43
CA ASN SA 44 -74.14 26.56 2.56
C ASN SA 44 -74.75 27.22 1.34
N MET SA 45 -75.88 27.91 1.54
CA MET SA 45 -76.50 28.64 0.45
C MET SA 45 -75.79 29.97 0.20
N GLU SA 46 -75.38 30.66 1.26
CA GLU SA 46 -74.76 31.97 1.09
C GLU SA 46 -73.37 31.85 0.46
N VAL SA 47 -72.58 30.88 0.91
CA VAL SA 47 -71.26 30.69 0.31
C VAL SA 47 -71.41 30.22 -1.13
N ALA SA 48 -72.43 29.42 -1.42
CA ALA SA 48 -72.70 29.04 -2.80
C ALA SA 48 -73.03 30.25 -3.65
N ARG SA 49 -73.84 31.17 -3.11
CA ARG SA 49 -74.14 32.40 -3.82
C ARG SA 49 -72.87 33.21 -4.08
N ILE SA 50 -72.01 33.33 -3.07
CA ILE SA 50 -70.77 34.08 -3.21
C ILE SA 50 -69.91 33.48 -4.33
N HIS SA 51 -69.72 32.17 -4.28
CA HIS SA 51 -68.85 31.52 -5.24
C HIS SA 51 -69.47 31.53 -6.64
N ALA SA 52 -70.80 31.48 -6.74
CA ALA SA 52 -71.45 31.62 -8.04
C ALA SA 52 -71.24 33.01 -8.61
N GLU SA 53 -71.39 34.04 -7.78
CA GLU SA 53 -71.11 35.40 -8.22
C GLU SA 53 -69.67 35.50 -8.73
N ASN SA 54 -68.72 34.95 -7.96
CA ASN SA 54 -67.32 35.01 -8.37
C ASN SA 54 -67.12 34.30 -9.71
N ALA SA 55 -67.73 33.12 -9.87
CA ALA SA 55 -67.53 32.36 -11.09
C ALA SA 55 -68.10 33.08 -12.30
N ILE SA 56 -69.33 33.58 -12.18
CA ILE SA 56 -69.95 34.30 -13.28
C ILE SA 56 -69.15 35.55 -13.62
N ARG SA 57 -68.70 36.28 -12.60
CA ARG SA 57 -67.90 37.47 -12.83
C ARG SA 57 -66.61 37.13 -13.55
N GLN SA 58 -65.93 36.07 -13.13
CA GLN SA 58 -64.68 35.69 -13.76
C GLN SA 58 -64.91 35.27 -15.21
N LYS SA 59 -65.98 34.53 -15.48
CA LYS SA 59 -66.31 34.14 -16.84
C LYS SA 59 -66.51 35.37 -17.72
N ASN SA 60 -67.38 36.29 -17.27
CA ASN SA 60 -67.69 37.45 -18.08
C ASN SA 60 -66.46 38.33 -18.29
N GLN SA 61 -65.67 38.54 -17.23
CA GLN SA 61 -64.50 39.40 -17.38
C GLN SA 61 -63.41 38.72 -18.20
N ALA SA 62 -63.36 37.39 -18.21
CA ALA SA 62 -62.43 36.70 -19.10
C ALA SA 62 -62.84 36.89 -20.55
N VAL SA 63 -64.14 36.76 -20.85
CA VAL SA 63 -64.61 37.01 -22.21
C VAL SA 63 -64.30 38.44 -22.62
N ASN SA 64 -64.52 39.40 -21.70
CA ASN SA 64 -64.26 40.79 -22.01
C ASN SA 64 -62.77 41.03 -22.27
N PHE SA 65 -61.91 40.46 -21.42
CA PHE SA 65 -60.47 40.59 -21.62
C PHE SA 65 -60.05 39.99 -22.94
N LEU SA 66 -60.66 38.87 -23.34
CA LEU SA 66 -60.29 38.24 -24.59
C LEU SA 66 -60.67 39.13 -25.78
N ARG SA 67 -61.89 39.65 -25.79
CA ARG SA 67 -62.31 40.55 -26.85
C ARG SA 67 -61.42 41.79 -26.88
N MET SA 68 -61.11 42.35 -25.70
CA MET SA 68 -60.28 43.53 -25.61
C MET SA 68 -58.88 43.27 -26.17
N SER SA 69 -58.31 42.12 -25.81
CA SER SA 69 -57.00 41.75 -26.34
C SER SA 69 -57.03 41.56 -27.84
N ALA SA 70 -58.13 41.01 -28.38
CA ALA SA 70 -58.26 40.90 -29.82
C ALA SA 70 -58.25 42.28 -30.48
N ARG SA 71 -58.98 43.23 -29.91
CA ARG SA 71 -59.02 44.58 -30.46
C ARG SA 71 -57.62 45.21 -30.44
N VAL SA 72 -56.94 45.11 -29.29
CA VAL SA 72 -55.61 45.69 -29.17
C VAL SA 72 -54.64 45.00 -30.10
N ASP SA 73 -54.82 43.69 -30.33
CA ASP SA 73 -53.97 42.98 -31.26
C ASP SA 73 -54.16 43.49 -32.68
N ALA SA 74 -55.40 43.72 -33.08
CA ALA SA 74 -55.66 44.30 -34.40
C ALA SA 74 -54.99 45.66 -34.53
N VAL SA 75 -55.16 46.52 -33.52
CA VAL SA 75 -54.58 47.86 -33.57
C VAL SA 75 -53.06 47.78 -33.63
N ALA SA 76 -52.46 46.87 -32.86
CA ALA SA 76 -51.02 46.76 -32.83
C ALA SA 76 -50.47 46.21 -34.14
N ALA SA 77 -51.18 45.26 -34.76
CA ALA SA 77 -50.77 44.79 -36.07
C ALA SA 77 -50.82 45.91 -37.09
N ARG SA 78 -51.87 46.72 -37.03
CA ARG SA 78 -51.96 47.87 -37.94
C ARG SA 78 -50.81 48.84 -37.73
N VAL SA 79 -50.49 49.11 -36.46
CA VAL SA 79 -49.42 50.07 -36.17
C VAL SA 79 -48.07 49.51 -36.59
N GLN SA 80 -47.87 48.20 -36.42
CA GLN SA 80 -46.62 47.58 -36.84
C GLN SA 80 -46.47 47.64 -38.36
N THR SA 81 -47.55 47.37 -39.08
CA THR SA 81 -47.55 47.56 -40.53
C THR SA 81 -47.18 48.99 -40.88
N ALA SA 82 -47.77 49.96 -40.18
CA ALA SA 82 -47.48 51.36 -40.46
C ALA SA 82 -46.01 51.68 -40.21
N VAL SA 83 -45.44 51.14 -39.13
CA VAL SA 83 -44.04 51.41 -38.82
C VAL SA 83 -43.13 50.83 -39.90
N THR SA 84 -43.36 49.58 -40.28
CA THR SA 84 -42.54 48.96 -41.31
C THR SA 84 -42.66 49.72 -42.63
N MET SA 85 -43.88 50.10 -43.00
CA MET SA 85 -44.07 50.84 -44.24
C MET SA 85 -43.45 52.22 -44.16
N GLY SA 86 -43.42 52.83 -42.97
CA GLY SA 86 -42.74 54.11 -42.84
C GLY SA 86 -41.24 53.99 -43.03
N LYS SA 87 -40.65 52.93 -42.47
CA LYS SA 87 -39.24 52.67 -42.74
C LYS SA 87 -39.00 52.48 -44.23
N VAL SA 88 -39.86 51.69 -44.88
CA VAL SA 88 -39.71 51.44 -46.31
C VAL SA 88 -39.81 52.73 -47.10
N THR SA 89 -40.80 53.57 -46.76
CA THR SA 89 -41.00 54.83 -47.48
C THR SA 89 -39.82 55.77 -47.27
N LYS SA 90 -39.29 55.84 -46.05
CA LYS SA 90 -38.11 56.65 -45.80
C LYS SA 90 -36.93 56.17 -46.62
N SER SA 91 -36.72 54.86 -46.65
CA SER SA 91 -35.60 54.31 -47.42
C SER SA 91 -35.77 54.61 -48.90
N MET SA 92 -37.00 54.51 -49.42
CA MET SA 92 -37.20 54.76 -50.84
C MET SA 92 -37.10 56.24 -51.16
N ALA SA 93 -37.44 57.12 -50.21
CA ALA SA 93 -37.21 58.54 -50.42
C ALA SA 93 -35.71 58.84 -50.47
N GLY SA 94 -34.94 58.27 -49.54
CA GLY SA 94 -33.50 58.44 -49.60
C GLY SA 94 -32.92 57.92 -50.90
N VAL SA 95 -33.39 56.76 -51.35
CA VAL SA 95 -32.92 56.20 -52.62
C VAL SA 95 -33.28 57.12 -53.77
N VAL SA 96 -34.48 57.69 -53.74
CA VAL SA 96 -34.89 58.60 -54.81
C VAL SA 96 -33.98 59.82 -54.83
N LYS SA 97 -33.66 60.37 -53.66
CA LYS SA 97 -32.78 61.53 -53.61
C LYS SA 97 -31.40 61.20 -54.17
N SER SA 98 -30.82 60.09 -53.71
CA SER SA 98 -29.48 59.72 -54.16
C SER SA 98 -29.46 59.45 -55.66
N MET SA 99 -30.46 58.70 -56.16
CA MET SA 99 -30.52 58.42 -57.58
C MET SA 99 -30.77 59.69 -58.39
N ASP SA 100 -31.52 60.64 -57.85
CA ASP SA 100 -31.71 61.91 -58.55
C ASP SA 100 -30.38 62.64 -58.70
N ALA SA 101 -29.65 62.77 -57.59
CA ALA SA 101 -28.34 63.42 -57.67
C ALA SA 101 -27.45 62.71 -58.69
N THR SA 102 -27.39 61.38 -58.62
CA THR SA 102 -26.50 60.63 -59.50
C THR SA 102 -26.91 60.80 -60.97
N LEU SA 103 -28.16 60.47 -61.29
CA LEU SA 103 -28.64 60.57 -62.66
C LEU SA 103 -28.57 62.01 -63.17
N LYS SA 104 -28.52 63.00 -62.29
CA LYS SA 104 -28.24 64.35 -62.72
C LYS SA 104 -26.77 64.49 -63.09
N THR SA 105 -25.88 63.95 -62.26
CA THR SA 105 -24.45 64.00 -62.57
C THR SA 105 -24.12 63.05 -63.72
N MET SA 106 -24.50 61.79 -63.58
CA MET SA 106 -24.22 60.75 -64.59
C MET SA 106 -25.52 60.45 -65.31
N ASN SA 107 -25.80 61.23 -66.36
CA ASN SA 107 -27.02 61.06 -67.13
C ASN SA 107 -26.76 60.16 -68.33
N LEU SA 108 -27.79 59.94 -69.14
CA LEU SA 108 -27.69 59.00 -70.25
C LEU SA 108 -26.76 59.52 -71.33
N GLU SA 109 -26.78 60.83 -71.59
CA GLU SA 109 -25.85 61.41 -72.56
C GLU SA 109 -24.41 61.16 -72.14
N LYS SA 110 -24.08 61.55 -70.91
CA LYS SA 110 -22.71 61.38 -70.43
C LYS SA 110 -22.31 59.91 -70.38
N ILE SA 111 -23.24 59.04 -69.97
CA ILE SA 111 -22.93 57.62 -69.88
C ILE SA 111 -22.65 57.04 -71.26
N SER SA 112 -23.50 57.38 -72.23
CA SER SA 112 -23.29 56.90 -73.60
C SER SA 112 -21.97 57.39 -74.16
N ALA SA 113 -21.66 58.67 -73.95
CA ALA SA 113 -20.39 59.20 -74.45
C ALA SA 113 -19.21 58.53 -73.77
N LEU SA 114 -19.30 58.32 -72.45
CA LEU SA 114 -18.24 57.67 -71.71
C LEU SA 114 -18.02 56.25 -72.22
N MET SA 115 -19.10 55.56 -72.58
CA MET SA 115 -18.97 54.19 -73.04
C MET SA 115 -18.42 54.12 -74.45
N ASP SA 116 -18.84 55.03 -75.32
CA ASP SA 116 -18.20 55.13 -76.63
C ASP SA 116 -16.71 55.39 -76.48
N LYS SA 117 -16.34 56.26 -75.52
CA LYS SA 117 -14.94 56.54 -75.29
C LYS SA 117 -14.20 55.31 -74.77
N PHE SA 118 -14.81 54.57 -73.85
CA PHE SA 118 -14.21 53.33 -73.36
C PHE SA 118 -13.95 52.37 -74.51
N GLU SA 119 -14.97 52.15 -75.34
CA GLU SA 119 -14.83 51.24 -76.47
C GLU SA 119 -13.71 51.68 -77.40
N HIS SA 120 -13.68 52.97 -77.75
CA HIS SA 120 -12.67 53.45 -78.68
C HIS SA 120 -11.27 53.38 -78.08
N GLN SA 121 -11.14 53.71 -76.80
CA GLN SA 121 -9.84 53.65 -76.14
C GLN SA 121 -9.31 52.22 -76.12
N PHE SA 122 -10.19 51.25 -75.83
CA PHE SA 122 -9.72 49.88 -75.77
C PHE SA 122 -9.54 49.26 -77.16
N GLU SA 123 -10.21 49.79 -78.17
CA GLU SA 123 -9.88 49.42 -79.54
C GLU SA 123 -8.49 49.93 -79.91
N THR SA 124 -8.21 51.19 -79.59
CA THR SA 124 -6.86 51.72 -79.78
C THR SA 124 -5.84 50.87 -79.03
N LEU SA 125 -6.20 50.40 -77.83
CA LEU SA 125 -5.32 49.54 -77.07
C LEU SA 125 -5.15 48.17 -77.73
N ASP SA 126 -6.20 47.72 -78.43
CA ASP SA 126 -6.15 46.46 -79.21
C ASP SA 126 -5.11 46.62 -80.33
N VAL SA 127 -5.09 47.79 -80.99
CA VAL SA 127 -4.15 48.08 -82.07
C VAL SA 127 -2.74 48.17 -81.52
N GLN SA 128 -2.59 48.89 -80.40
CA GLN SA 128 -1.29 49.00 -79.75
C GLN SA 128 -0.75 47.62 -79.37
N THR SA 129 -1.61 46.76 -78.82
CA THR SA 129 -1.18 45.42 -78.41
C THR SA 129 -0.71 44.62 -79.63
N GLN SA 130 -1.48 44.68 -80.72
CA GLN SA 130 -1.11 43.94 -81.92
C GLN SA 130 0.25 44.39 -82.44
N GLN SA 131 0.44 45.71 -82.56
CA GLN SA 131 1.70 46.24 -83.08
C GLN SA 131 2.85 45.91 -82.15
N MET SA 132 2.64 46.14 -80.85
CA MET SA 132 3.64 45.82 -79.85
C MET SA 132 4.04 44.36 -79.91
N GLU SA 133 3.07 43.48 -80.17
CA GLU SA 133 3.38 42.06 -80.21
C GLU SA 133 4.13 41.70 -81.48
N ASP SA 134 3.74 42.29 -82.61
CA ASP SA 134 4.50 42.12 -83.84
C ASP SA 134 5.97 42.48 -83.60
N THR SA 135 6.21 43.63 -82.96
CA THR SA 135 7.58 44.06 -82.73
C THR SA 135 8.30 43.16 -81.74
N MET SA 136 7.64 42.81 -80.63
CA MET SA 136 8.23 41.90 -79.66
C MET SA 136 8.68 40.61 -80.33
N SER SA 137 7.86 40.09 -81.24
CA SER SA 137 8.22 38.86 -81.93
C SER SA 137 9.37 39.10 -82.91
N SER SA 138 9.33 40.21 -83.63
CA SER SA 138 10.41 40.50 -84.58
C SER SA 138 11.75 40.69 -83.87
N THR SA 139 11.73 41.12 -82.61
CA THR SA 139 12.97 41.31 -81.88
C THR SA 139 13.70 39.99 -81.67
N THR SA 140 12.97 38.95 -81.29
CA THR SA 140 13.54 37.65 -80.95
C THR SA 140 13.07 36.64 -81.98
N THR SA 141 13.80 36.55 -83.10
CA THR SA 141 13.52 35.60 -84.15
C THR SA 141 14.64 34.60 -84.37
N LEU SA 142 15.86 34.89 -83.92
CA LEU SA 142 16.98 33.98 -84.06
C LEU SA 142 17.07 32.99 -82.92
N THR SA 143 16.42 33.27 -81.79
CA THR SA 143 16.31 32.31 -80.70
C THR SA 143 15.16 31.34 -80.90
N THR SA 144 14.15 31.74 -81.68
CA THR SA 144 12.96 30.93 -81.94
C THR SA 144 12.77 30.80 -83.44
N PRO SA 145 13.53 29.93 -84.10
CA PRO SA 145 13.33 29.73 -85.54
C PRO SA 145 12.03 28.97 -85.81
N GLN SA 146 11.29 29.43 -86.81
CA GLN SA 146 10.03 28.80 -87.16
C GLN SA 146 10.24 27.34 -87.55
N ASN SA 147 11.33 27.05 -88.27
CA ASN SA 147 11.60 25.68 -88.70
C ASN SA 147 11.77 24.75 -87.51
N GLN SA 148 12.50 25.18 -86.50
CA GLN SA 148 12.72 24.33 -85.33
C GLN SA 148 11.42 24.07 -84.59
N VAL SA 149 10.57 25.09 -84.46
CA VAL SA 149 9.29 24.90 -83.78
C VAL SA 149 8.41 23.93 -84.56
N ASP SA 150 8.35 24.10 -85.89
CA ASP SA 150 7.58 23.18 -86.71
C ASP SA 150 8.09 21.74 -86.54
N MET SA 151 9.41 21.56 -86.56
CA MET SA 151 9.96 20.22 -86.43
C MET SA 151 9.64 19.64 -85.06
N LEU SA 152 9.76 20.43 -84.00
CA LEU SA 152 9.44 19.93 -82.67
C LEU SA 152 7.99 19.50 -82.59
N LEU SA 153 7.08 20.30 -83.15
CA LEU SA 153 5.67 19.95 -83.12
C LEU SA 153 5.42 18.67 -83.91
N GLN SA 154 6.05 18.53 -85.08
CA GLN SA 154 5.87 17.32 -85.87
C GLN SA 154 6.37 16.10 -85.13
N GLU SA 155 7.54 16.20 -84.48
CA GLU SA 155 8.07 15.06 -83.74
C GLU SA 155 7.18 14.70 -82.57
N MET SA 156 6.71 15.70 -81.82
CA MET SA 156 5.86 15.43 -80.67
C MET SA 156 4.54 14.80 -81.11
N ALA SA 157 3.98 15.28 -82.22
CA ALA SA 157 2.75 14.68 -82.73
C ALA SA 157 2.99 13.23 -83.14
N ASP SA 158 3.99 12.99 -83.99
CA ASP SA 158 4.27 11.64 -84.45
C ASP SA 158 4.52 10.70 -83.28
N GLU SA 159 5.20 11.19 -82.24
CA GLU SA 159 5.41 10.36 -81.06
C GLU SA 159 4.08 10.07 -80.37
N ALA SA 160 3.24 11.10 -80.19
CA ALA SA 160 1.92 10.90 -79.62
C ALA SA 160 0.99 10.15 -80.57
N GLY SA 161 1.39 9.95 -81.81
CA GLY SA 161 0.55 9.28 -82.80
C GLY SA 161 -0.60 10.10 -83.33
N LEU SA 162 -0.90 11.24 -82.72
CA LEU SA 162 -2.04 12.05 -83.12
C LEU SA 162 -1.67 12.89 -84.34
N ASP SA 163 -2.55 13.82 -84.71
CA ASP SA 163 -2.30 14.75 -85.79
C ASP SA 163 -2.75 16.14 -85.35
N LEU SA 164 -2.26 17.15 -86.06
CA LEU SA 164 -2.48 18.54 -85.71
C LEU SA 164 -3.34 19.20 -86.78
N ASN SA 165 -4.46 19.78 -86.37
CA ASN SA 165 -5.36 20.48 -87.28
C ASN SA 165 -5.66 21.88 -86.77
N GLU SA 187 14.43 25.18 -99.35
CA GLU SA 187 13.29 24.52 -99.97
C GLU SA 187 12.61 25.46 -100.96
N LEU SA 188 11.53 26.12 -100.53
CA LEU SA 188 10.86 27.09 -101.39
C LEU SA 188 11.76 28.27 -101.70
N SER SA 189 12.63 28.65 -100.76
CA SER SA 189 13.49 29.81 -100.97
C SER SA 189 14.37 29.63 -102.19
N GLN SA 190 14.81 28.40 -102.46
CA GLN SA 190 15.66 28.16 -103.63
C GLN SA 190 14.88 28.36 -104.93
N ARG SA 191 13.64 27.87 -104.97
CA ARG SA 191 12.81 28.09 -106.15
C ARG SA 191 12.54 29.58 -106.35
N LEU SA 192 12.29 30.30 -105.25
CA LEU SA 192 12.05 31.73 -105.34
C LEU SA 192 13.30 32.47 -105.83
N ALA SA 193 14.48 32.03 -105.39
CA ALA SA 193 15.71 32.66 -105.85
C ALA SA 193 15.94 32.38 -107.33
N ARG SA 194 15.71 31.15 -107.78
CA ARG SA 194 15.82 30.84 -109.19
C ARG SA 194 14.84 31.67 -110.01
N LEU SA 195 13.64 31.89 -109.49
CA LEU SA 195 12.67 32.75 -110.15
C LEU SA 195 13.15 34.19 -110.17
N ARG SA 196 13.80 34.63 -109.10
CA ARG SA 196 14.31 36.00 -109.03
C ARG SA 196 15.41 36.21 -110.05
N ASP SA 197 16.26 35.21 -110.28
CA ASP SA 197 17.27 35.32 -111.31
C ASP SA 197 16.65 35.53 -112.68
N GLN SA 198 15.48 34.96 -112.92
CA GLN SA 198 14.77 35.15 -114.17
C GLN SA 198 15.61 34.72 -115.36
N PHE TA 6 40.37 62.10 -92.84
CA PHE TA 6 40.19 60.66 -93.03
C PHE TA 6 41.04 59.87 -92.05
N LYS TA 7 40.40 58.91 -91.39
CA LYS TA 7 41.04 58.01 -90.39
C LYS TA 7 40.95 56.57 -90.92
N ALA TA 8 42.07 55.84 -90.90
CA ALA TA 8 42.08 54.48 -91.44
C ALA TA 8 41.45 53.48 -90.47
N GLU TA 9 41.91 53.46 -89.22
CA GLU TA 9 41.38 52.49 -88.26
C GLU TA 9 39.89 52.68 -88.06
N ARG TA 10 39.41 53.93 -88.11
CA ARG TA 10 37.97 54.17 -88.04
C ARG TA 10 37.26 53.46 -89.19
N LEU TA 11 37.80 53.57 -90.40
CA LEU TA 11 37.19 52.89 -91.54
C LEU TA 11 37.21 51.38 -91.36
N ARG TA 12 38.33 50.84 -90.86
CA ARG TA 12 38.42 49.40 -90.62
C ARG TA 12 37.34 48.94 -89.65
N VAL TA 13 37.23 49.62 -88.51
CA VAL TA 13 36.26 49.23 -87.49
C VAL TA 13 34.85 49.34 -88.04
N ASN TA 14 34.55 50.42 -88.76
CA ASN TA 14 33.22 50.58 -89.32
C ASN TA 14 32.91 49.52 -90.36
N LEU TA 15 33.92 49.09 -91.13
CA LEU TA 15 33.69 48.01 -92.09
C LEU TA 15 33.36 46.71 -91.39
N ARG TA 16 34.11 46.37 -90.34
CA ARG TA 16 33.80 45.16 -89.59
C ARG TA 16 32.40 45.22 -88.98
N LEU TA 17 32.03 46.39 -88.43
CA LEU TA 17 30.70 46.55 -87.86
C LEU TA 17 29.62 46.41 -88.93
N VAL TA 18 29.85 46.98 -90.11
CA VAL TA 18 28.89 46.86 -91.20
C VAL TA 18 28.72 45.39 -91.59
N ILE TA 19 29.82 44.65 -91.65
CA ILE TA 19 29.74 43.24 -91.99
C ILE TA 19 28.87 42.50 -90.99
N ASN TA 20 29.16 42.67 -89.70
CA ASN TA 20 28.37 41.99 -88.67
C ASN TA 20 26.89 42.37 -88.75
N ARG TA 21 26.62 43.67 -88.90
CA ARG TA 21 25.25 44.14 -88.98
C ARG TA 21 24.52 43.54 -90.17
N LEU TA 22 25.20 43.47 -91.32
CA LEU TA 22 24.58 42.88 -92.50
C LEU TA 22 24.27 41.41 -92.28
N LYS TA 23 25.18 40.68 -91.63
CA LYS TA 23 24.91 39.29 -91.32
C LYS TA 23 23.64 39.15 -90.48
N LEU TA 24 23.58 39.88 -89.36
CA LEU TA 24 22.40 39.81 -88.51
C LEU TA 24 21.13 40.17 -89.28
N LEU TA 25 21.20 41.23 -90.09
CA LEU TA 25 20.02 41.70 -90.79
C LEU TA 25 19.54 40.68 -91.80
N GLU TA 26 20.44 40.09 -92.59
CA GLU TA 26 20.01 39.12 -93.58
C GLU TA 26 19.44 37.88 -92.91
N LYS TA 27 20.03 37.44 -91.81
CA LYS TA 27 19.46 36.32 -91.06
C LYS TA 27 18.02 36.60 -90.68
N LYS TA 28 17.80 37.68 -89.91
CA LYS TA 28 16.47 37.95 -89.40
C LYS TA 28 15.50 38.28 -90.52
N LYS TA 29 15.99 38.83 -91.64
CA LYS TA 29 15.11 39.11 -92.76
C LYS TA 29 14.68 37.83 -93.46
N THR TA 30 15.57 36.85 -93.57
CA THR TA 30 15.18 35.55 -94.08
C THR TA 30 14.08 34.94 -93.22
N GLU TA 31 14.24 35.02 -91.89
CA GLU TA 31 13.22 34.46 -90.99
C GLU TA 31 11.89 35.17 -91.18
N LEU TA 32 11.90 36.51 -91.12
CA LEU TA 32 10.68 37.28 -91.33
C LEU TA 32 10.06 37.00 -92.69
N ALA TA 33 10.89 36.73 -93.70
CA ALA TA 33 10.37 36.41 -95.02
C ALA TA 33 9.63 35.09 -95.02
N GLN TA 34 10.17 34.09 -94.33
CA GLN TA 34 9.44 32.83 -94.16
C GLN TA 34 8.07 33.09 -93.54
N LYS TA 35 8.05 33.84 -92.45
CA LYS TA 35 6.78 34.06 -91.75
C LYS TA 35 5.78 34.82 -92.62
N ALA TA 36 6.25 35.85 -93.33
CA ALA TA 36 5.35 36.64 -94.16
C ALA TA 36 4.91 35.87 -95.40
N ARG TA 37 5.73 34.92 -95.87
CA ARG TA 37 5.29 34.02 -96.93
C ARG TA 37 4.14 33.15 -96.45
N LYS TA 38 4.27 32.63 -95.22
CA LYS TA 38 3.13 31.91 -94.64
C LYS TA 38 1.89 32.80 -94.58
N GLU TA 39 2.08 34.07 -94.21
CA GLU TA 39 0.96 35.00 -94.17
C GLU TA 39 0.33 35.16 -95.55
N ILE TA 40 1.15 35.25 -96.60
CA ILE TA 40 0.62 35.40 -97.95
C ILE TA 40 -0.14 34.14 -98.36
N ALA TA 41 0.36 32.97 -97.95
CA ALA TA 41 -0.37 31.74 -98.20
C ALA TA 41 -1.75 31.78 -97.56
N ASP TA 42 -1.80 32.22 -96.30
CA ASP TA 42 -3.09 32.37 -95.64
C ASP TA 42 -3.99 33.34 -96.38
N TYR TA 43 -3.42 34.45 -96.86
CA TYR TA 43 -4.22 35.42 -97.62
C TYR TA 43 -4.80 34.78 -98.87
N LEU TA 44 -4.00 33.96 -99.56
CA LEU TA 44 -4.47 33.31 -100.78
C LEU TA 44 -5.51 32.25 -100.47
N ALA TA 45 -5.47 31.65 -99.28
CA ALA TA 45 -6.49 30.69 -98.90
C ALA TA 45 -7.88 31.30 -99.05
N ALA TA 46 -8.04 32.56 -98.65
CA ALA TA 46 -9.28 33.28 -98.87
C ALA TA 46 -9.35 33.78 -100.31
N GLY TA 47 -10.45 34.46 -100.64
CA GLY TA 47 -10.59 35.02 -101.98
C GLY TA 47 -9.79 36.27 -102.24
N LYS TA 48 -9.15 36.83 -101.21
CA LYS TA 48 -8.36 38.05 -101.36
C LYS TA 48 -7.13 37.74 -102.22
N ASP TA 49 -7.09 38.32 -103.42
CA ASP TA 49 -6.01 38.11 -104.37
C ASP TA 49 -5.21 39.39 -104.65
N GLU TA 50 -5.90 40.49 -104.92
CA GLU TA 50 -5.19 41.74 -105.25
C GLU TA 50 -4.38 42.26 -104.07
N ARG TA 51 -4.66 41.78 -102.85
CA ARG TA 51 -3.92 42.14 -101.66
C ARG TA 51 -2.67 41.29 -101.47
N ALA TA 52 -2.78 39.99 -101.78
CA ALA TA 52 -1.62 39.12 -101.73
C ALA TA 52 -0.53 39.60 -102.68
N ARG TA 53 -0.91 40.27 -103.77
CA ARG TA 53 0.09 40.83 -104.68
C ARG TA 53 0.89 41.92 -103.99
N ILE TA 54 0.24 42.76 -103.19
CA ILE TA 54 0.96 43.78 -102.45
C ILE TA 54 1.88 43.14 -101.42
N ARG TA 55 1.36 42.14 -100.71
CA ARG TA 55 2.19 41.46 -99.71
C ARG TA 55 3.42 40.83 -100.36
N VAL TA 56 3.25 40.18 -101.51
CA VAL TA 56 4.38 39.55 -102.16
C VAL TA 56 5.32 40.60 -102.76
N GLU TA 57 4.80 41.78 -103.11
CA GLU TA 57 5.69 42.88 -103.46
C GLU TA 57 6.59 43.21 -102.28
N HIS TA 58 6.02 43.35 -101.09
CA HIS TA 58 6.82 43.49 -99.88
C HIS TA 58 7.89 42.42 -99.82
N ILE TA 59 7.49 41.16 -100.04
CA ILE TA 59 8.42 40.04 -99.86
C ILE TA 59 9.57 40.13 -100.84
N ILE TA 60 9.28 40.37 -102.11
CA ILE TA 60 10.34 40.37 -103.11
C ILE TA 60 11.22 41.60 -102.97
N ARG TA 61 10.66 42.71 -102.50
CA ARG TA 61 11.50 43.85 -102.12
C ARG TA 61 12.49 43.44 -101.04
N GLU TA 62 12.00 42.77 -100.00
CA GLU TA 62 12.88 42.34 -98.93
C GLU TA 62 13.93 41.36 -99.43
N ASP TA 63 13.58 40.51 -100.40
CA ASP TA 63 14.54 39.54 -100.92
C ASP TA 63 15.62 40.22 -101.75
N TYR TA 64 15.22 41.14 -102.64
CA TYR TA 64 16.19 42.00 -103.32
C TYR TA 64 17.11 42.65 -102.29
N LEU TA 65 16.55 43.13 -101.19
CA LEU TA 65 17.35 43.81 -100.18
C LEU TA 65 18.36 42.86 -99.55
N VAL TA 66 17.94 41.62 -99.26
CA VAL TA 66 18.85 40.66 -98.66
C VAL TA 66 19.99 40.33 -99.63
N GLU TA 67 19.67 40.16 -100.91
CA GLU TA 67 20.72 39.88 -101.89
C GLU TA 67 21.68 41.07 -101.99
N ALA TA 68 21.15 42.29 -101.99
CA ALA TA 68 22.01 43.47 -102.04
C ALA TA 68 22.90 43.55 -100.81
N MET TA 69 22.37 43.18 -99.64
CA MET TA 69 23.17 43.18 -98.43
C MET TA 69 24.26 42.13 -98.49
N GLU TA 70 23.98 40.97 -99.11
CA GLU TA 70 25.02 39.97 -99.32
C GLU TA 70 26.14 40.54 -100.18
N ILE TA 71 25.77 41.19 -101.29
CA ILE TA 71 26.77 41.78 -102.18
C ILE TA 71 27.59 42.84 -101.43
N LEU TA 72 26.92 43.65 -100.62
CA LEU TA 72 27.63 44.71 -99.91
C LEU TA 72 28.55 44.14 -98.85
N GLU TA 73 28.13 43.09 -98.16
CA GLU TA 73 29.01 42.39 -97.23
C GLU TA 73 30.24 41.86 -97.96
N LEU TA 74 30.03 41.27 -99.13
CA LEU TA 74 31.15 40.81 -99.95
C LEU TA 74 32.12 41.94 -100.23
N TYR TA 75 31.61 43.10 -100.67
CA TYR TA 75 32.48 44.20 -101.03
C TYR TA 75 33.20 44.78 -99.82
N CYS TA 76 32.51 44.90 -98.69
CA CYS TA 76 33.16 45.37 -97.48
C CYS TA 76 34.29 44.45 -97.08
N ASP TA 77 34.05 43.14 -97.12
CA ASP TA 77 35.11 42.20 -96.79
C ASP TA 77 36.25 42.29 -97.79
N LEU TA 78 35.94 42.56 -99.06
CA LEU TA 78 37.00 42.73 -100.05
C LEU TA 78 37.89 43.92 -99.69
N LEU TA 79 37.27 45.06 -99.37
CA LEU TA 79 38.05 46.21 -98.94
C LEU TA 79 38.86 45.89 -97.70
N LEU TA 80 38.27 45.16 -96.76
CA LEU TA 80 38.95 44.82 -95.51
C LEU TA 80 40.11 43.86 -95.74
N ALA TA 81 40.06 43.06 -96.80
CA ALA TA 81 41.16 42.17 -97.12
C ALA TA 81 42.29 42.89 -97.84
N ARG TA 82 42.00 44.00 -98.50
CA ARG TA 82 42.98 44.79 -99.24
C ARG TA 82 43.08 46.18 -98.62
N PHE TA 83 43.11 46.23 -97.29
CA PHE TA 83 43.13 47.51 -96.59
C PHE TA 83 44.49 48.18 -96.71
N GLY TA 84 45.57 47.41 -96.62
CA GLY TA 84 46.88 47.99 -96.81
C GLY TA 84 47.02 48.63 -98.17
N LEU TA 85 46.43 48.03 -99.20
CA LEU TA 85 46.45 48.64 -100.53
C LEU TA 85 45.67 49.94 -100.56
N ILE TA 86 44.76 50.13 -99.62
CA ILE TA 86 44.09 51.42 -99.46
C ILE TA 86 45.04 52.42 -98.82
N GLN TA 87 45.70 52.00 -97.74
CA GLN TA 87 46.56 52.92 -97.00
C GLN TA 87 47.77 53.35 -97.81
N SER TA 88 48.32 52.44 -98.61
CA SER TA 88 49.57 52.72 -99.32
C SER TA 88 49.34 53.74 -100.43
N MET TA 89 48.51 53.39 -101.41
CA MET TA 89 48.25 54.28 -102.53
C MET TA 89 47.45 55.50 -102.06
N LYS TA 90 47.39 56.50 -102.94
CA LYS TA 90 46.55 57.66 -102.73
C LYS TA 90 45.32 57.68 -103.62
N GLU TA 91 45.41 57.08 -104.81
CA GLU TA 91 44.26 56.87 -105.68
C GLU TA 91 43.94 55.39 -105.75
N LEU TA 92 42.65 55.07 -105.72
CA LEU TA 92 42.24 53.67 -105.70
C LEU TA 92 42.59 52.99 -107.02
N ASP TA 93 42.99 51.72 -106.92
CA ASP TA 93 43.31 50.95 -108.10
C ASP TA 93 42.02 50.36 -108.70
N SER TA 94 42.18 49.57 -109.76
CA SER TA 94 41.02 48.99 -110.42
C SER TA 94 40.37 47.92 -109.55
N GLY TA 95 41.17 47.14 -108.83
CA GLY TA 95 40.62 46.09 -107.99
C GLY TA 95 39.68 46.58 -106.92
N LEU TA 96 39.76 47.85 -106.56
CA LEU TA 96 38.93 48.43 -105.51
C LEU TA 96 37.95 49.47 -106.02
N ALA TA 97 37.90 49.71 -107.34
CA ALA TA 97 37.00 50.70 -107.88
C ALA TA 97 35.55 50.32 -107.63
N GLU TA 98 35.19 49.06 -107.92
CA GLU TA 98 33.81 48.64 -107.77
C GLU TA 98 33.36 48.72 -106.32
N SER TA 99 34.17 48.18 -105.40
CA SER TA 99 33.79 48.19 -103.99
C SER TA 99 33.55 49.62 -103.50
N VAL TA 100 34.50 50.51 -103.74
CA VAL TA 100 34.37 51.89 -103.27
C VAL TA 100 33.15 52.55 -103.90
N SER TA 101 32.99 52.39 -105.21
CA SER TA 101 31.89 53.04 -105.92
C SER TA 101 30.55 52.58 -105.34
N THR TA 102 30.36 51.27 -105.19
CA THR TA 102 29.09 50.75 -104.70
C THR TA 102 28.87 51.14 -103.24
N LEU TA 103 29.91 51.10 -102.42
CA LEU TA 103 29.75 51.44 -101.01
C LEU TA 103 29.46 52.92 -100.82
N ILE TA 104 29.86 53.76 -101.78
CA ILE TA 104 29.51 55.17 -101.70
C ILE TA 104 28.11 55.41 -102.26
N TRP TA 105 27.71 54.64 -103.27
CA TRP TA 105 26.42 54.86 -103.90
C TRP TA 105 25.28 54.30 -103.07
N ALA TA 106 25.49 53.15 -102.42
CA ALA TA 106 24.43 52.48 -101.67
C ALA TA 106 24.28 53.00 -100.25
N ALA TA 107 25.27 53.73 -99.75
CA ALA TA 107 25.19 54.22 -98.37
C ALA TA 107 23.92 55.00 -98.10
N PRO TA 108 23.56 56.03 -98.88
CA PRO TA 108 22.29 56.73 -98.61
C PRO TA 108 21.08 55.85 -98.79
N ARG TA 109 21.18 54.79 -99.61
CA ARG TA 109 20.05 53.89 -99.78
C ARG TA 109 19.79 53.10 -98.51
N LEU TA 110 20.82 52.44 -97.97
CA LEU TA 110 20.69 51.62 -96.78
C LEU TA 110 21.16 52.34 -95.53
N GLN TA 111 21.11 53.67 -95.53
CA GLN TA 111 21.57 54.43 -94.36
C GLN TA 111 20.71 54.16 -93.14
N SER TA 112 19.42 53.89 -93.35
CA SER TA 112 18.53 53.65 -92.22
C SER TA 112 18.77 52.27 -91.60
N GLU TA 113 18.91 51.25 -92.45
CA GLU TA 113 19.15 49.91 -91.95
C GLU TA 113 20.51 49.83 -91.25
N VAL TA 114 21.58 50.17 -91.97
CA VAL TA 114 22.94 50.11 -91.47
C VAL TA 114 23.44 51.53 -91.33
N ALA TA 115 23.70 51.96 -90.08
CA ALA TA 115 24.16 53.31 -89.82
C ALA TA 115 25.64 53.45 -90.15
N GLU TA 116 26.46 52.49 -89.72
CA GLU TA 116 27.90 52.55 -89.93
C GLU TA 116 28.26 52.69 -91.41
N LEU TA 117 27.36 52.28 -92.30
CA LEU TA 117 27.64 52.39 -93.73
C LEU TA 117 27.84 53.85 -94.14
N LYS TA 118 27.15 54.78 -93.50
CA LYS TA 118 27.35 56.19 -93.80
C LYS TA 118 28.74 56.64 -93.40
N ILE TA 119 29.25 56.14 -92.27
CA ILE TA 119 30.61 56.47 -91.86
C ILE TA 119 31.62 55.89 -92.83
N VAL TA 120 31.36 54.68 -93.32
CA VAL TA 120 32.24 54.08 -94.32
C VAL TA 120 32.26 54.95 -95.57
N ALA TA 121 31.08 55.39 -96.01
CA ALA TA 121 31.00 56.28 -97.17
C ALA TA 121 31.77 57.56 -96.93
N ASP TA 122 31.69 58.10 -95.71
CA ASP TA 122 32.45 59.29 -95.38
C ASP TA 122 33.95 59.06 -95.54
N GLN TA 123 34.47 58.03 -94.88
CA GLN TA 123 35.90 57.76 -94.96
C GLN TA 123 36.33 57.49 -96.39
N LEU TA 124 35.45 56.95 -97.22
CA LEU TA 124 35.82 56.70 -98.61
C LEU TA 124 35.64 57.91 -99.50
N CYS TA 125 34.89 58.91 -99.06
CA CYS TA 125 34.78 60.17 -99.79
C CYS TA 125 35.80 61.20 -99.32
N ALA TA 126 36.16 61.16 -98.04
CA ALA TA 126 37.15 62.07 -97.48
C ALA TA 126 38.57 61.68 -97.82
N LYS TA 127 38.79 60.48 -98.34
CA LYS TA 127 40.13 60.02 -98.70
C LYS TA 127 40.50 60.37 -100.13
N TYR TA 128 39.53 60.61 -100.99
CA TYR TA 128 39.78 60.82 -102.42
C TYR TA 128 39.34 62.22 -102.81
N SER TA 129 40.06 62.79 -103.79
CA SER TA 129 39.73 64.10 -104.34
C SER TA 129 39.46 64.08 -105.83
N LYS TA 130 39.99 63.09 -106.56
CA LYS TA 130 39.74 62.97 -108.00
C LYS TA 130 38.29 62.57 -108.21
N GLU TA 131 37.46 63.53 -108.61
CA GLU TA 131 36.03 63.29 -108.80
C GLU TA 131 35.37 62.82 -107.51
N TYR TA 132 35.84 63.32 -106.38
CA TYR TA 132 35.35 62.93 -105.06
C TYR TA 132 34.75 64.16 -104.36
N GLY TA 133 34.30 63.94 -103.13
CA GLY TA 133 33.49 64.92 -102.45
C GLY TA 133 32.02 64.70 -102.77
N LYS TA 134 31.17 64.98 -101.78
CA LYS TA 134 29.75 64.67 -101.90
C LYS TA 134 29.22 64.91 -103.31
N LEU TA 135 29.40 66.14 -103.82
CA LEU TA 135 28.94 66.46 -105.16
C LEU TA 135 29.65 65.59 -106.21
N CYS TA 136 30.98 65.68 -106.27
CA CYS TA 136 31.73 64.88 -107.23
C CYS TA 136 31.64 63.39 -106.93
N ARG TA 137 31.40 63.02 -105.68
CA ARG TA 137 31.21 61.61 -105.34
C ARG TA 137 29.92 61.08 -105.96
N THR TA 138 28.88 61.92 -106.01
CA THR TA 138 27.66 61.54 -106.70
C THR TA 138 27.82 61.66 -108.21
N ASN TA 139 28.69 62.55 -108.68
CA ASN TA 139 28.90 62.69 -110.12
C ASN TA 139 29.68 61.51 -110.69
N GLN TA 140 30.66 61.01 -109.93
CA GLN TA 140 31.50 59.89 -110.37
C GLN TA 140 30.96 58.54 -109.88
N ILE TA 141 29.65 58.43 -109.70
CA ILE TA 141 29.04 57.20 -109.24
C ILE TA 141 28.53 56.34 -110.41
N GLY TA 142 29.01 56.63 -111.63
CA GLY TA 142 28.55 55.89 -112.80
C GLY TA 142 29.40 54.68 -113.10
N THR TA 143 29.95 54.04 -112.06
CA THR TA 143 30.75 52.84 -112.24
C THR TA 143 30.42 51.78 -111.20
N VAL TA 144 29.22 51.81 -110.63
CA VAL TA 144 28.83 50.88 -109.58
C VAL TA 144 28.29 49.61 -110.22
N ASN TA 145 28.24 48.54 -109.43
CA ASN TA 145 27.69 47.27 -109.89
C ASN TA 145 26.23 47.44 -110.30
N ASP TA 146 25.94 47.16 -111.56
CA ASP TA 146 24.57 47.33 -112.06
C ASP TA 146 23.61 46.38 -111.35
N ARG TA 147 24.07 45.16 -111.04
CA ARG TA 147 23.20 44.21 -110.35
C ARG TA 147 22.73 44.77 -109.01
N LEU TA 148 23.67 45.29 -108.22
CA LEU TA 148 23.29 45.87 -106.93
C LEU TA 148 22.35 47.06 -107.13
N MET TA 149 22.59 47.86 -108.18
CA MET TA 149 21.67 48.95 -108.49
C MET TA 149 20.26 48.41 -108.73
N HIS TA 150 20.15 47.27 -109.39
CA HIS TA 150 18.84 46.68 -109.66
C HIS TA 150 18.21 46.15 -108.38
N LYS TA 151 19.01 45.51 -107.52
CA LYS TA 151 18.48 44.98 -106.27
C LYS TA 151 17.92 46.09 -105.39
N LEU TA 152 18.61 47.23 -105.35
CA LEU TA 152 18.18 48.38 -104.56
C LEU TA 152 17.40 49.39 -105.39
N SER TA 153 16.95 49.00 -106.58
CA SER TA 153 16.15 49.90 -107.41
C SER TA 153 14.76 50.03 -106.83
N VAL TA 154 14.33 51.27 -106.60
CA VAL TA 154 13.03 51.54 -105.99
C VAL TA 154 12.04 51.69 -107.15
N GLU TA 155 11.45 50.56 -107.55
CA GLU TA 155 10.53 50.54 -108.68
C GLU TA 155 9.53 49.42 -108.49
N ALA TA 156 8.35 49.59 -109.06
CA ALA TA 156 7.32 48.58 -109.01
C ALA TA 156 7.81 47.33 -109.75
N PRO TA 157 8.00 46.20 -109.07
CA PRO TA 157 8.51 45.01 -109.74
C PRO TA 157 7.61 44.58 -110.88
N PRO TA 158 8.11 43.79 -111.82
CA PRO TA 158 7.28 43.36 -112.94
C PRO TA 158 6.12 42.49 -112.47
N LYS TA 159 4.96 42.68 -113.10
CA LYS TA 159 3.76 41.97 -112.67
C LYS TA 159 3.91 40.46 -112.86
N ILE TA 160 4.52 40.05 -113.97
CA ILE TA 160 4.67 38.62 -114.24
C ILE TA 160 5.51 37.97 -113.15
N LEU TA 161 6.52 38.70 -112.67
CA LEU TA 161 7.40 38.19 -111.58
C LEU TA 161 6.55 37.98 -110.33
N VAL TA 162 5.64 38.91 -110.05
CA VAL TA 162 4.74 38.82 -108.85
C VAL TA 162 3.85 37.58 -109.02
N GLU TA 163 3.34 37.35 -110.23
CA GLU TA 163 2.46 36.18 -110.50
C GLU TA 163 3.27 34.89 -110.27
N ARG TA 164 4.53 34.86 -110.72
CA ARG TA 164 5.39 33.67 -110.55
C ARG TA 164 5.62 33.44 -109.05
N TYR TA 165 5.83 34.53 -108.29
CA TYR TA 165 6.04 34.43 -106.83
C TYR TA 165 4.79 33.86 -106.16
N LEU TA 166 3.61 34.31 -106.61
CA LEU TA 166 2.37 33.82 -106.04
C LEU TA 166 2.11 32.37 -106.44
N ILE TA 167 2.40 32.02 -107.69
CA ILE TA 167 2.22 30.65 -108.14
C ILE TA 167 3.06 29.70 -107.29
N GLU TA 168 4.33 30.06 -107.07
CA GLU TA 168 5.21 29.18 -106.30
C GLU TA 168 4.73 29.06 -104.86
N ILE TA 169 4.37 30.18 -104.24
CA ILE TA 169 3.94 30.13 -102.84
C ILE TA 169 2.67 29.29 -102.71
N ALA TA 170 1.72 29.47 -103.63
CA ALA TA 170 0.50 28.67 -103.60
C ALA TA 170 0.82 27.19 -103.77
N LYS TA 171 1.61 26.86 -104.79
CA LYS TA 171 1.96 25.46 -105.05
C LYS TA 171 2.66 24.85 -103.85
N ASN TA 172 3.40 25.63 -103.07
CA ASN TA 172 4.09 25.08 -101.92
C ASN TA 172 3.17 24.91 -100.73
N TYR TA 173 2.27 25.87 -100.50
CA TYR TA 173 1.40 25.85 -99.33
C TYR TA 173 0.07 25.16 -99.59
N ASN TA 174 -0.05 24.42 -100.69
CA ASN TA 174 -1.24 23.62 -100.96
C ASN TA 174 -2.49 24.49 -101.02
N VAL TA 175 -2.39 25.62 -101.71
CA VAL TA 175 -3.52 26.53 -101.88
C VAL TA 175 -3.76 26.73 -103.38
N PRO TA 176 -5.01 26.71 -103.84
CA PRO TA 176 -5.26 27.02 -105.26
C PRO TA 176 -5.09 28.50 -105.54
N TYR TA 177 -4.69 28.80 -106.78
CA TYR TA 177 -4.52 30.18 -107.22
C TYR TA 177 -4.58 30.22 -108.74
N GLU TA 178 -5.40 31.14 -109.27
CA GLU TA 178 -5.55 31.30 -110.71
C GLU TA 178 -4.84 32.57 -111.16
N PRO TA 179 -3.65 32.46 -111.76
CA PRO TA 179 -2.91 33.68 -112.12
C PRO TA 179 -3.69 34.53 -113.11
N ASP TA 180 -3.38 35.83 -113.09
CA ASP TA 180 -3.96 36.77 -114.04
C ASP TA 180 -3.40 36.46 -115.42
N SER TA 181 -4.24 35.91 -116.30
CA SER TA 181 -3.76 35.49 -117.60
C SER TA 181 -3.20 36.67 -118.39
N VAL TA 182 -3.79 37.86 -118.22
CA VAL TA 182 -3.35 39.05 -118.98
C VAL TA 182 -1.86 39.25 -118.83
N VAL TA 183 -1.34 39.06 -117.62
CA VAL TA 183 0.07 39.26 -117.34
C VAL TA 183 0.80 37.91 -117.37
N MET TA 184 0.09 36.85 -116.99
CA MET TA 184 0.71 35.53 -116.95
C MET TA 184 1.09 35.02 -118.34
N ALA TA 185 0.45 35.53 -119.39
CA ALA TA 185 0.74 35.09 -120.75
C ALA TA 185 1.55 36.09 -121.56
N GLU TA 186 1.42 37.38 -121.27
CA GLU TA 186 2.15 38.41 -122.01
C GLU TA 186 3.59 38.46 -121.51
N ASN UA 3 -59.23 -2.70 25.82
CA ASN UA 3 -59.10 -2.63 27.27
C ASN UA 3 -60.00 -3.66 27.94
N MET UA 4 -61.28 -3.63 27.59
CA MET UA 4 -62.24 -4.55 28.20
C MET UA 4 -61.93 -6.00 27.86
N GLU UA 5 -61.33 -6.24 26.70
CA GLU UA 5 -60.97 -7.61 26.32
C GLU UA 5 -59.98 -8.21 27.31
N LYS UA 6 -59.05 -7.39 27.80
CA LYS UA 6 -58.10 -7.87 28.81
C LYS UA 6 -58.81 -8.27 30.09
N HIS UA 7 -59.77 -7.44 30.52
CA HIS UA 7 -60.52 -7.76 31.74
C HIS UA 7 -61.34 -9.04 31.54
N LEU UA 8 -61.93 -9.22 30.36
CA LEU UA 8 -62.65 -10.45 30.07
C LEU UA 8 -61.71 -11.65 30.15
N PHE UA 9 -60.52 -11.53 29.56
CA PHE UA 9 -59.55 -12.62 29.62
C PHE UA 9 -59.20 -12.96 31.06
N ASN UA 10 -58.96 -11.95 31.89
CA ASN UA 10 -58.62 -12.20 33.27
C ASN UA 10 -59.77 -12.86 34.01
N LEU UA 11 -61.00 -12.45 33.72
CA LEU UA 11 -62.17 -13.05 34.36
C LEU UA 11 -62.29 -14.53 34.01
N LYS UA 12 -62.17 -14.85 32.73
CA LYS UA 12 -62.28 -16.24 32.31
C LYS UA 12 -61.14 -17.07 32.89
N PHE UA 13 -59.94 -16.49 32.96
CA PHE UA 13 -58.82 -17.19 33.56
C PHE UA 13 -59.09 -17.48 35.03
N ALA UA 14 -59.63 -16.51 35.76
CA ALA UA 14 -59.95 -16.74 37.17
C ALA UA 14 -61.01 -17.81 37.33
N ALA UA 15 -62.01 -17.82 36.45
CA ALA UA 15 -63.04 -18.86 36.53
C ALA UA 15 -62.43 -20.25 36.31
N LYS UA 16 -61.58 -20.38 35.30
CA LYS UA 16 -60.93 -21.66 35.04
C LYS UA 16 -60.06 -22.08 36.21
N GLU UA 17 -59.35 -21.11 36.82
CA GLU UA 17 -58.53 -21.42 37.98
C GLU UA 17 -59.38 -21.94 39.13
N LEU UA 18 -60.54 -21.30 39.37
CA LEU UA 18 -61.43 -21.77 40.43
C LEU UA 18 -61.92 -23.18 40.15
N SER UA 19 -62.26 -23.48 38.90
CA SER UA 19 -62.71 -24.83 38.57
C SER UA 19 -61.61 -25.85 38.80
N ARG UA 20 -60.39 -25.55 38.34
CA ARG UA 20 -59.26 -26.44 38.59
C ARG UA 20 -59.05 -26.66 40.07
N SER UA 21 -59.15 -25.59 40.87
CA SER UA 21 -58.94 -25.72 42.30
C SER UA 21 -60.01 -26.59 42.94
N ALA UA 22 -61.26 -26.45 42.49
CA ALA UA 22 -62.32 -27.30 43.01
C ALA UA 22 -62.04 -28.77 42.69
N LYS UA 23 -61.63 -29.06 41.46
CA LYS UA 23 -61.28 -30.43 41.10
C LYS UA 23 -60.17 -30.97 41.99
N LYS UA 24 -59.12 -30.17 42.16
CA LYS UA 24 -57.98 -30.60 42.97
C LYS UA 24 -58.42 -30.85 44.42
N CYS UA 25 -59.28 -30.00 44.96
CA CYS UA 25 -59.72 -30.17 46.34
C CYS UA 25 -60.57 -31.42 46.50
N ASP UA 26 -61.42 -31.71 45.50
CA ASP UA 26 -62.16 -32.98 45.54
C ASP UA 26 -61.22 -34.16 45.56
N LYS UA 27 -60.20 -34.13 44.71
CA LYS UA 27 -59.21 -35.20 44.69
C LYS UA 27 -58.53 -35.34 46.06
N GLU UA 28 -58.15 -34.22 46.67
CA GLU UA 28 -57.49 -34.27 47.97
C GLU UA 28 -58.42 -34.84 49.03
N GLU UA 29 -59.70 -34.52 48.95
CA GLU UA 29 -60.66 -35.13 49.88
C GLU UA 29 -60.69 -36.65 49.70
N LYS UA 30 -60.73 -37.10 48.45
CA LYS UA 30 -60.74 -38.54 48.20
C LYS UA 30 -59.51 -39.20 48.79
N ALA UA 31 -58.36 -38.52 48.76
CA ALA UA 31 -57.14 -39.08 49.34
C ALA UA 31 -57.18 -39.09 50.86
N GLU UA 32 -57.63 -37.98 51.45
CA GLU UA 32 -57.70 -37.90 52.90
C GLU UA 32 -58.67 -38.91 53.47
N LYS UA 33 -59.68 -39.32 52.70
CA LYS UA 33 -60.57 -40.39 53.17
C LYS UA 33 -59.81 -41.71 53.31
N ALA UA 34 -58.95 -42.03 52.34
CA ALA UA 34 -58.08 -43.20 52.48
C ALA UA 34 -57.23 -43.09 53.73
N LYS UA 35 -56.65 -41.90 53.95
CA LYS UA 35 -55.75 -41.74 55.10
C LYS UA 35 -56.49 -41.90 56.42
N ILE UA 36 -57.71 -41.36 56.51
CA ILE UA 36 -58.48 -41.49 57.75
C ILE UA 36 -58.89 -42.94 57.96
N GLU UA 37 -59.21 -43.67 56.88
CA GLU UA 37 -59.50 -45.09 57.03
C GLU UA 37 -58.29 -45.83 57.60
N LYS UA 38 -57.11 -45.56 57.04
CA LYS UA 38 -55.90 -46.19 57.55
C LYS UA 38 -55.71 -45.86 59.04
N ALA UA 39 -55.84 -44.59 59.40
CA ALA UA 39 -55.57 -44.18 60.77
C ALA UA 39 -56.59 -44.77 61.73
N ILE UA 40 -57.85 -44.91 61.32
CA ILE UA 40 -58.84 -45.53 62.19
C ILE UA 40 -58.59 -47.03 62.29
N GLN UA 41 -57.93 -47.62 61.29
CA GLN UA 41 -57.50 -49.01 61.43
C GLN UA 41 -56.38 -49.13 62.45
N LYS UA 42 -55.37 -48.26 62.35
CA LYS UA 42 -54.26 -48.29 63.29
C LYS UA 42 -54.67 -47.92 64.71
N GLY UA 43 -55.86 -47.35 64.91
CA GLY UA 43 -56.32 -46.95 66.22
C GLY UA 43 -56.04 -45.51 66.59
N ASN UA 44 -55.33 -44.77 65.75
CA ASN UA 44 -55.02 -43.37 66.04
C ASN UA 44 -56.30 -42.55 65.99
N MET UA 45 -56.75 -42.07 67.15
CA MET UA 45 -57.93 -41.21 67.20
C MET UA 45 -57.59 -39.79 66.78
N GLU UA 46 -56.43 -39.28 67.21
CA GLU UA 46 -56.07 -37.90 66.92
C GLU UA 46 -55.75 -37.70 65.44
N VAL UA 47 -55.01 -38.65 64.85
CA VAL UA 47 -54.73 -38.55 63.42
C VAL UA 47 -56.00 -38.71 62.61
N ALA UA 48 -56.91 -39.56 63.07
CA ALA UA 48 -58.21 -39.69 62.42
C ALA UA 48 -58.98 -38.37 62.48
N ARG UA 49 -58.94 -37.70 63.62
CA ARG UA 49 -59.57 -36.39 63.73
C ARG UA 49 -58.95 -35.40 62.75
N ILE UA 50 -57.63 -35.39 62.67
CA ILE UA 50 -56.94 -34.45 61.78
C ILE UA 50 -57.36 -34.70 60.34
N HIS UA 51 -57.32 -35.97 59.92
CA HIS UA 51 -57.64 -36.29 58.53
C HIS UA 51 -59.12 -36.07 58.23
N ALA UA 52 -60.00 -36.26 59.22
CA ALA UA 52 -61.41 -35.94 59.03
C ALA UA 52 -61.61 -34.45 58.85
N GLU UA 53 -60.95 -33.65 59.67
CA GLU UA 53 -61.01 -32.20 59.49
C GLU UA 53 -60.54 -31.81 58.10
N ASN UA 54 -59.42 -32.38 57.66
CA ASN UA 54 -58.90 -32.07 56.33
C ASN UA 54 -59.91 -32.46 55.25
N ALA UA 55 -60.51 -33.64 55.37
CA ALA UA 55 -61.43 -34.11 54.35
C ALA UA 55 -62.67 -33.23 54.28
N ILE UA 56 -63.27 -32.93 55.44
CA ILE UA 56 -64.45 -32.08 55.46
C ILE UA 56 -64.12 -30.70 54.91
N ARG UA 57 -62.97 -30.15 55.30
CA ARG UA 57 -62.57 -28.83 54.80
C ARG UA 57 -62.42 -28.85 53.29
N GLN UA 58 -61.76 -29.89 52.76
CA GLN UA 58 -61.56 -29.96 51.32
C GLN UA 58 -62.89 -30.11 50.59
N LYS UA 59 -63.80 -30.91 51.12
CA LYS UA 59 -65.12 -31.04 50.51
C LYS UA 59 -65.84 -29.70 50.46
N ASN UA 60 -65.91 -29.01 51.59
CA ASN UA 60 -66.63 -27.75 51.65
C ASN UA 60 -65.98 -26.71 50.75
N GLN UA 61 -64.66 -26.62 50.77
CA GLN UA 61 -63.99 -25.61 49.95
C GLN UA 61 -64.07 -25.96 48.47
N ALA UA 62 -64.16 -27.24 48.12
CA ALA UA 62 -64.38 -27.61 46.73
C ALA UA 62 -65.77 -27.18 46.27
N VAL UA 63 -66.79 -27.41 47.11
CA VAL UA 63 -68.13 -26.95 46.76
C VAL UA 63 -68.14 -25.43 46.60
N ASN UA 64 -67.46 -24.73 47.51
CA ASN UA 64 -67.42 -23.27 47.44
C ASN UA 64 -66.71 -22.80 46.18
N PHE UA 65 -65.58 -23.42 45.84
CA PHE UA 65 -64.87 -23.07 44.62
C PHE UA 65 -65.72 -23.33 43.40
N LEU UA 66 -66.50 -24.41 43.41
CA LEU UA 66 -67.34 -24.72 42.26
C LEU UA 66 -68.44 -23.67 42.08
N ARG UA 67 -69.12 -23.32 43.17
CA ARG UA 67 -70.13 -22.27 43.09
C ARG UA 67 -69.52 -20.94 42.65
N MET UA 68 -68.35 -20.62 43.20
CA MET UA 68 -67.67 -19.37 42.85
C MET UA 68 -67.29 -19.34 41.38
N SER UA 69 -66.78 -20.46 40.86
CA SER UA 69 -66.45 -20.54 39.45
C SER UA 69 -67.69 -20.42 38.57
N ALA UA 70 -68.82 -20.98 39.03
CA ALA UA 70 -70.06 -20.80 38.27
C ALA UA 70 -70.44 -19.33 38.19
N ARG UA 71 -70.35 -18.62 39.33
CA ARG UA 71 -70.68 -17.20 39.33
C ARG UA 71 -69.78 -16.43 38.38
N VAL UA 72 -68.46 -16.67 38.48
CA VAL UA 72 -67.53 -15.95 37.62
C VAL UA 72 -67.75 -16.32 36.16
N ASP UA 73 -68.16 -17.56 35.89
CA ASP UA 73 -68.46 -17.96 34.52
C ASP UA 73 -69.65 -17.18 33.98
N ALA UA 74 -70.70 -17.04 34.79
CA ALA UA 74 -71.85 -16.25 34.36
C ALA UA 74 -71.42 -14.81 34.06
N VAL UA 75 -70.64 -14.21 34.97
CA VAL UA 75 -70.22 -12.83 34.78
C VAL UA 75 -69.37 -12.70 33.53
N ALA UA 76 -68.48 -13.66 33.29
CA ALA UA 76 -67.60 -13.58 32.14
C ALA UA 76 -68.36 -13.78 30.83
N ALA UA 77 -69.36 -14.66 30.84
CA ALA UA 77 -70.21 -14.81 29.66
C ALA UA 77 -70.95 -13.51 29.37
N ARG UA 78 -71.47 -12.87 30.41
CA ARG UA 78 -72.15 -11.59 30.23
C ARG UA 78 -71.19 -10.55 29.66
N VAL UA 79 -69.96 -10.50 30.17
CA VAL UA 79 -69.01 -9.49 29.71
C VAL UA 79 -68.58 -9.78 28.27
N GLN UA 80 -68.46 -11.06 27.92
CA GLN UA 80 -68.10 -11.42 26.55
C GLN UA 80 -69.21 -11.03 25.58
N THR UA 81 -70.46 -11.29 25.97
CA THR UA 81 -71.60 -10.80 25.19
C THR UA 81 -71.53 -9.29 25.01
N ALA UA 82 -71.24 -8.57 26.10
CA ALA UA 82 -71.16 -7.11 26.02
C ALA UA 82 -70.04 -6.67 25.07
N VAL UA 83 -68.90 -7.35 25.11
CA VAL UA 83 -67.78 -6.98 24.24
C VAL UA 83 -68.16 -7.19 22.77
N THR UA 84 -68.71 -8.36 22.46
CA THR UA 84 -69.10 -8.64 21.08
C THR UA 84 -70.15 -7.65 20.60
N MET UA 85 -71.15 -7.36 21.45
CA MET UA 85 -72.18 -6.41 21.06
C MET UA 85 -71.63 -5.01 20.92
N GLY UA 86 -70.60 -4.66 21.70
CA GLY UA 86 -69.97 -3.36 21.53
C GLY UA 86 -69.24 -3.25 20.21
N LYS UA 87 -68.54 -4.31 19.82
CA LYS UA 87 -67.93 -4.33 18.49
C LYS UA 87 -68.99 -4.19 17.41
N VAL UA 88 -70.10 -4.93 17.55
CA VAL UA 88 -71.17 -4.86 16.56
C VAL UA 88 -71.76 -3.45 16.49
N THR UA 89 -71.98 -2.84 17.65
CA THR UA 89 -72.57 -1.50 17.68
C THR UA 89 -71.62 -0.47 17.07
N LYS UA 90 -70.32 -0.59 17.36
CA LYS UA 90 -69.34 0.30 16.75
C LYS UA 90 -69.33 0.15 15.24
N SER UA 91 -69.35 -1.09 14.76
CA SER UA 91 -69.35 -1.32 13.32
C SER UA 91 -70.60 -0.75 12.67
N MET UA 92 -71.75 -0.90 13.33
CA MET UA 92 -72.98 -0.40 12.75
C MET UA 92 -73.04 1.13 12.81
N ALA UA 93 -72.42 1.74 13.82
CA ALA UA 93 -72.31 3.20 13.83
C ALA UA 93 -71.43 3.69 12.69
N GLY UA 94 -70.29 3.04 12.47
CA GLY UA 94 -69.45 3.39 11.34
C GLY UA 94 -70.19 3.23 10.01
N VAL UA 95 -70.94 2.14 9.88
CA VAL UA 95 -71.71 1.91 8.66
C VAL UA 95 -72.77 2.99 8.50
N VAL UA 96 -73.41 3.40 9.58
CA VAL UA 96 -74.43 4.44 9.51
C VAL UA 96 -73.78 5.75 9.05
N LYS UA 97 -72.61 6.09 9.59
CA LYS UA 97 -71.95 7.32 9.18
C LYS UA 97 -71.59 7.28 7.69
N SER UA 98 -70.98 6.19 7.25
CA SER UA 98 -70.58 6.08 5.84
C SER UA 98 -71.79 6.14 4.92
N MET UA 99 -72.84 5.39 5.26
CA MET UA 99 -74.05 5.39 4.44
C MET UA 99 -74.73 6.75 4.45
N ASP UA 100 -74.65 7.47 5.56
CA ASP UA 100 -75.20 8.82 5.61
C ASP UA 100 -74.47 9.73 4.64
N ALA UA 101 -73.14 9.74 4.71
CA ALA UA 101 -72.35 10.53 3.77
C ALA UA 101 -72.70 10.17 2.33
N THR UA 102 -72.72 8.87 2.03
CA THR UA 102 -72.97 8.43 0.65
C THR UA 102 -74.36 8.84 0.18
N LEU UA 103 -75.40 8.43 0.91
CA LEU UA 103 -76.77 8.76 0.54
C LEU UA 103 -77.01 10.26 0.52
N LYS UA 104 -76.18 11.05 1.20
CA LYS UA 104 -76.23 12.50 1.03
C LYS UA 104 -75.65 12.89 -0.31
N THR UA 105 -74.50 12.30 -0.66
CA THR UA 105 -73.89 12.59 -1.96
C THR UA 105 -74.69 11.95 -3.09
N MET UA 106 -74.93 10.65 -2.99
CA MET UA 106 -75.65 9.89 -4.01
C MET UA 106 -77.04 9.58 -3.46
N ASN UA 107 -77.96 10.51 -3.66
CA ASN UA 107 -79.32 10.35 -3.17
C ASN UA 107 -80.20 9.76 -4.26
N LEU UA 108 -81.48 9.58 -3.95
CA LEU UA 108 -82.39 8.91 -4.87
C LEU UA 108 -82.65 9.75 -6.11
N GLU UA 109 -82.76 11.07 -5.95
CA GLU UA 109 -82.92 11.94 -7.10
C GLU UA 109 -81.75 11.80 -8.06
N LYS UA 110 -80.53 11.97 -7.55
CA LYS UA 110 -79.34 11.89 -8.39
C LYS UA 110 -79.21 10.49 -9.00
N ILE UA 111 -79.51 9.45 -8.24
CA ILE UA 111 -79.38 8.09 -8.74
C ILE UA 111 -80.37 7.85 -9.87
N SER UA 112 -81.62 8.27 -9.68
CA SER UA 112 -82.62 8.11 -10.73
C SER UA 112 -82.25 8.86 -11.98
N ALA UA 113 -81.78 10.11 -11.83
CA ALA UA 113 -81.36 10.88 -12.99
C ALA UA 113 -80.18 10.24 -13.69
N LEU UA 114 -79.21 9.76 -12.92
CA LEU UA 114 -78.03 9.11 -13.49
C LEU UA 114 -78.44 7.86 -14.26
N MET UA 115 -79.43 7.13 -13.77
CA MET UA 115 -79.84 5.91 -14.44
C MET UA 115 -80.65 6.20 -15.70
N ASP UA 116 -81.52 7.21 -15.65
CA ASP UA 116 -82.16 7.65 -16.88
C ASP UA 116 -81.13 8.07 -17.91
N LYS UA 117 -80.07 8.75 -17.47
CA LYS UA 117 -79.02 9.16 -18.38
C LYS UA 117 -78.28 7.96 -18.95
N PHE UA 118 -77.97 6.97 -18.11
CA PHE UA 118 -77.34 5.75 -18.58
C PHE UA 118 -78.19 5.08 -19.65
N GLU UA 119 -79.47 4.91 -19.38
CA GLU UA 119 -80.38 4.28 -20.33
C GLU UA 119 -80.41 5.04 -21.64
N HIS UA 120 -80.55 6.36 -21.58
CA HIS UA 120 -80.65 7.15 -22.80
C HIS UA 120 -79.34 7.13 -23.59
N GLN UA 121 -78.21 7.21 -22.88
CA GLN UA 121 -76.91 7.17 -23.55
C GLN UA 121 -76.71 5.85 -24.27
N PHE UA 122 -77.09 4.74 -23.64
CA PHE UA 122 -76.89 3.45 -24.28
C PHE UA 122 -77.95 3.16 -25.35
N GLU UA 123 -79.11 3.80 -25.27
CA GLU UA 123 -80.03 3.77 -26.40
C GLU UA 123 -79.45 4.51 -27.60
N THR UA 124 -78.91 5.70 -27.36
CA THR UA 124 -78.21 6.43 -28.41
C THR UA 124 -77.08 5.58 -28.98
N LEU UA 125 -76.39 4.83 -28.12
CA LEU UA 125 -75.33 3.94 -28.59
C LEU UA 125 -75.89 2.78 -29.40
N ASP UA 126 -77.11 2.35 -29.06
CA ASP UA 126 -77.82 1.30 -29.83
C ASP UA 126 -78.07 1.81 -31.25
N VAL UA 127 -78.48 3.08 -31.37
CA VAL UA 127 -78.75 3.70 -32.67
C VAL UA 127 -77.46 3.86 -33.45
N GLN UA 128 -76.41 4.34 -32.78
CA GLN UA 128 -75.11 4.48 -33.43
C GLN UA 128 -74.61 3.13 -33.94
N THR UA 129 -74.76 2.08 -33.12
CA THR UA 129 -74.31 0.75 -33.54
C THR UA 129 -75.07 0.28 -34.77
N GLN UA 130 -76.39 0.45 -34.78
CA GLN UA 130 -77.19 0.04 -35.92
C GLN UA 130 -76.75 0.76 -37.19
N GLN UA 131 -76.62 2.08 -37.11
CA GLN UA 131 -76.23 2.86 -38.29
C GLN UA 131 -74.82 2.50 -38.75
N MET UA 132 -73.89 2.43 -37.79
CA MET UA 132 -72.53 2.04 -38.09
C MET UA 132 -72.47 0.68 -38.76
N GLU UA 133 -73.34 -0.24 -38.34
CA GLU UA 133 -73.33 -1.57 -38.93
C GLU UA 133 -73.91 -1.55 -40.33
N ASP UA 134 -74.99 -0.81 -40.52
CA ASP UA 134 -75.53 -0.63 -41.86
C ASP UA 134 -74.44 -0.14 -42.81
N THR UA 135 -73.67 0.87 -42.37
CA THR UA 135 -72.64 1.42 -43.24
C THR UA 135 -71.50 0.43 -43.45
N MET UA 136 -71.04 -0.22 -42.37
CA MET UA 136 -69.99 -1.23 -42.50
C MET UA 136 -70.38 -2.28 -43.52
N SER UA 137 -71.64 -2.71 -43.50
CA SER UA 137 -72.09 -3.72 -44.46
C SER UA 137 -72.16 -3.14 -45.87
N SER UA 138 -72.66 -1.90 -46.00
CA SER UA 138 -72.74 -1.30 -47.33
C SER UA 138 -71.37 -1.09 -47.94
N THR UA 139 -70.34 -0.94 -47.11
CA THR UA 139 -68.98 -0.74 -47.64
C THR UA 139 -68.50 -1.97 -48.39
N THR UA 140 -68.73 -3.16 -47.82
CA THR UA 140 -68.24 -4.41 -48.39
C THR UA 140 -69.44 -5.24 -48.82
N THR UA 141 -69.89 -5.00 -50.05
CA THR UA 141 -70.99 -5.75 -50.64
C THR UA 141 -70.58 -6.54 -51.88
N LEU UA 142 -69.48 -6.18 -52.52
CA LEU UA 142 -69.00 -6.90 -53.70
C LEU UA 142 -68.12 -8.09 -53.34
N THR UA 143 -67.59 -8.13 -52.12
CA THR UA 143 -66.87 -9.30 -51.63
C THR UA 143 -67.80 -10.34 -51.04
N THR UA 144 -68.99 -9.93 -50.59
CA THR UA 144 -69.98 -10.81 -49.98
C THR UA 144 -71.30 -10.64 -50.72
N PRO UA 145 -71.46 -11.26 -51.88
CA PRO UA 145 -72.74 -11.19 -52.59
C PRO UA 145 -73.79 -12.03 -51.88
N GLN UA 146 -75.00 -11.46 -51.75
CA GLN UA 146 -76.09 -12.18 -51.10
C GLN UA 146 -76.39 -13.49 -51.81
N ASN UA 147 -76.34 -13.48 -53.15
CA ASN UA 147 -76.67 -14.68 -53.91
C ASN UA 147 -75.70 -15.81 -53.58
N GLN UA 148 -74.41 -15.51 -53.49
CA GLN UA 148 -73.43 -16.55 -53.19
C GLN UA 148 -73.64 -17.12 -51.80
N VAL UA 149 -73.94 -16.26 -50.82
CA VAL UA 149 -74.18 -16.75 -49.47
C VAL UA 149 -75.42 -17.64 -49.43
N ASP UA 150 -76.50 -17.21 -50.10
CA ASP UA 150 -77.69 -18.03 -50.17
C ASP UA 150 -77.40 -19.39 -50.78
N MET UA 151 -76.64 -19.40 -51.88
CA MET UA 151 -76.32 -20.65 -52.55
C MET UA 151 -75.47 -21.55 -51.64
N LEU UA 152 -74.48 -20.97 -50.96
CA LEU UA 152 -73.67 -21.78 -50.07
C LEU UA 152 -74.51 -22.40 -48.96
N LEU UA 153 -75.42 -21.61 -48.38
CA LEU UA 153 -76.27 -22.15 -47.33
C LEU UA 153 -77.16 -23.26 -47.86
N GLN UA 154 -77.73 -23.07 -49.06
CA GLN UA 154 -78.57 -24.10 -49.63
C GLN UA 154 -77.80 -25.39 -49.87
N GLU UA 155 -76.58 -25.27 -50.41
CA GLU UA 155 -75.78 -26.46 -50.67
C GLU UA 155 -75.40 -27.16 -49.37
N MET UA 156 -74.99 -26.39 -48.36
CA MET UA 156 -74.61 -27.01 -47.09
C MET UA 156 -75.80 -27.69 -46.44
N ALA UA 157 -76.99 -27.07 -46.51
CA ALA UA 157 -78.18 -27.70 -45.98
C ALA UA 157 -78.49 -29.00 -46.71
N ASP UA 158 -78.59 -28.93 -48.04
CA ASP UA 158 -78.92 -30.11 -48.82
C ASP UA 158 -77.92 -31.24 -48.58
N GLU UA 159 -76.64 -30.89 -48.41
CA GLU UA 159 -75.64 -31.90 -48.08
C GLU UA 159 -75.91 -32.49 -46.71
N ALA UA 160 -76.18 -31.64 -45.71
CA ALA UA 160 -76.53 -32.13 -44.39
C ALA UA 160 -77.91 -32.76 -44.34
N GLY UA 161 -78.70 -32.66 -45.42
CA GLY UA 161 -80.02 -33.21 -45.47
C GLY UA 161 -81.06 -32.45 -44.68
N LEU UA 162 -80.66 -31.51 -43.84
CA LEU UA 162 -81.59 -30.78 -42.98
C LEU UA 162 -82.26 -29.66 -43.78
N ASP UA 163 -83.00 -28.81 -43.09
CA ASP UA 163 -83.63 -27.65 -43.68
C ASP UA 163 -83.42 -26.45 -42.77
N LEU UA 164 -83.60 -25.26 -43.33
CA LEU UA 164 -83.33 -24.01 -42.65
C LEU UA 164 -84.63 -23.26 -42.44
N ASN UA 165 -84.93 -22.92 -41.18
CA ASN UA 165 -86.13 -22.17 -40.84
C ASN UA 165 -85.77 -20.96 -39.99
N GLU UA 187 -83.50 -12.63 -62.31
CA GLU UA 187 -84.74 -13.29 -61.91
C GLU UA 187 -85.85 -12.25 -61.74
N LEU UA 188 -86.09 -11.85 -60.49
CA LEU UA 188 -87.08 -10.82 -60.23
C LEU UA 188 -86.69 -9.50 -60.86
N SER UA 189 -85.39 -9.21 -60.92
CA SER UA 189 -84.93 -7.94 -61.46
C SER UA 189 -85.40 -7.75 -62.90
N GLN UA 190 -85.47 -8.83 -63.68
CA GLN UA 190 -85.92 -8.71 -65.05
C GLN UA 190 -87.39 -8.34 -65.13
N ARG UA 191 -88.22 -8.98 -64.29
CA ARG UA 191 -89.63 -8.62 -64.25
C ARG UA 191 -89.81 -7.17 -63.81
N LEU UA 192 -89.02 -6.73 -62.84
CA LEU UA 192 -89.11 -5.35 -62.38
C LEU UA 192 -88.69 -4.37 -63.47
N ALA UA 193 -87.67 -4.74 -64.26
CA ALA UA 193 -87.25 -3.88 -65.36
C ALA UA 193 -88.32 -3.81 -66.44
N ARG UA 194 -88.92 -4.95 -66.79
CA ARG UA 194 -90.00 -4.95 -67.75
C ARG UA 194 -91.16 -4.10 -67.26
N LEU UA 195 -91.45 -4.15 -65.95
CA LEU UA 195 -92.48 -3.30 -65.38
C LEU UA 195 -92.08 -1.83 -65.44
N ARG UA 196 -90.79 -1.55 -65.25
CA ARG UA 196 -90.31 -0.17 -65.31
C ARG UA 196 -90.46 0.39 -66.71
N ASP UA 197 -90.21 -0.44 -67.73
CA ASP UA 197 -90.43 0.01 -69.10
C ASP UA 197 -91.87 0.43 -69.34
N GLN UA 198 -92.81 -0.22 -68.67
CA GLN UA 198 -94.22 0.12 -68.77
C GLN UA 198 -94.70 0.05 -70.23
N PHE VA 6 -59.46 25.14 -70.91
CA PHE VA 6 -59.86 23.77 -71.21
C PHE VA 6 -58.63 22.91 -71.50
N LYS VA 7 -58.58 21.76 -70.82
CA LYS VA 7 -57.48 20.76 -70.96
C LYS VA 7 -58.08 19.46 -71.51
N ALA VA 8 -57.47 18.88 -72.55
CA ALA VA 8 -58.02 17.69 -73.17
C ALA VA 8 -57.72 16.44 -72.35
N GLU VA 9 -56.45 16.21 -72.01
CA GLU VA 9 -56.09 15.01 -71.26
C GLU VA 9 -56.79 14.96 -69.91
N ARG VA 10 -57.01 16.13 -69.29
CA ARG VA 10 -57.80 16.17 -68.07
C ARG VA 10 -59.20 15.62 -68.30
N LEU VA 11 -59.83 16.04 -69.38
CA LEU VA 11 -61.16 15.55 -69.72
C LEU VA 11 -61.14 14.05 -69.96
N ARG VA 12 -60.13 13.56 -70.69
CA ARG VA 12 -60.01 12.13 -70.94
C ARG VA 12 -59.92 11.34 -69.65
N VAL VA 13 -59.02 11.76 -68.75
CA VAL VA 13 -58.83 11.05 -67.50
C VAL VA 13 -60.10 11.09 -66.65
N ASN VA 14 -60.75 12.25 -66.60
CA ASN VA 14 -61.98 12.35 -65.82
C ASN VA 14 -63.09 11.49 -66.41
N LEU VA 15 -63.14 11.35 -67.73
CA LEU VA 15 -64.13 10.49 -68.35
C LEU VA 15 -63.89 9.04 -67.97
N ARG VA 16 -62.64 8.58 -68.04
CA ARG VA 16 -62.34 7.21 -67.65
C ARG VA 16 -62.69 6.98 -66.18
N LEU VA 17 -62.37 7.94 -65.31
CA LEU VA 17 -62.69 7.82 -63.90
C LEU VA 17 -64.20 7.76 -63.68
N VAL VA 18 -64.95 8.59 -64.41
CA VAL VA 18 -66.40 8.57 -64.29
C VAL VA 18 -66.95 7.22 -64.71
N ILE VA 19 -66.41 6.65 -65.78
CA ILE VA 19 -66.85 5.33 -66.23
C ILE VA 19 -66.64 4.30 -65.13
N ASN VA 20 -65.43 4.25 -64.58
CA ASN VA 20 -65.14 3.26 -63.53
C ASN VA 20 -66.05 3.47 -62.32
N ARG VA 21 -66.22 4.72 -61.91
CA ARG VA 21 -67.05 5.02 -60.75
C ARG VA 21 -68.50 4.59 -60.98
N LEU VA 22 -69.01 4.84 -62.19
CA LEU VA 22 -70.38 4.44 -62.50
C LEU VA 22 -70.52 2.92 -62.47
N LYS VA 23 -69.53 2.20 -62.97
CA LYS VA 23 -69.56 0.74 -62.90
C LYS VA 23 -69.67 0.29 -61.45
N LEU VA 24 -68.75 0.76 -60.60
CA LEU VA 24 -68.78 0.37 -59.19
C LEU VA 24 -70.12 0.71 -58.55
N LEU VA 25 -70.62 1.92 -58.83
CA LEU VA 25 -71.85 2.37 -58.19
C LEU VA 25 -73.04 1.53 -58.61
N GLU VA 26 -73.17 1.23 -59.90
CA GLU VA 26 -74.31 0.44 -60.35
C GLU VA 26 -74.23 -0.98 -59.80
N LYS VA 27 -73.04 -1.56 -59.73
CA LYS VA 27 -72.89 -2.88 -59.10
C LYS VA 27 -73.42 -2.85 -57.68
N LYS VA 28 -72.84 -1.99 -56.83
CA LYS VA 28 -73.20 -2.01 -55.42
C LYS VA 28 -74.66 -1.58 -55.22
N LYS VA 29 -75.20 -0.76 -56.11
CA LYS VA 29 -76.59 -0.35 -56.00
C LYS VA 29 -77.52 -1.51 -56.34
N THR VA 30 -77.16 -2.32 -57.32
CA THR VA 30 -77.93 -3.54 -57.59
C THR VA 30 -77.94 -4.44 -56.36
N GLU VA 31 -76.78 -4.63 -55.73
CA GLU VA 31 -76.73 -5.46 -54.53
C GLU VA 31 -77.61 -4.91 -53.42
N LEU VA 32 -77.44 -3.62 -53.11
CA LEU VA 32 -78.26 -2.99 -52.08
C LEU VA 32 -79.74 -3.06 -52.43
N ALA VA 33 -80.08 -3.01 -53.72
CA ALA VA 33 -81.46 -3.11 -54.13
C ALA VA 33 -82.03 -4.50 -53.83
N GLN VA 34 -81.23 -5.54 -54.10
CA GLN VA 34 -81.65 -6.88 -53.71
C GLN VA 34 -81.97 -6.92 -52.21
N LYS VA 35 -81.04 -6.43 -51.40
CA LYS VA 35 -81.22 -6.52 -49.94
C LYS VA 35 -82.44 -5.72 -49.49
N ALA VA 36 -82.63 -4.52 -50.03
CA ALA VA 36 -83.76 -3.71 -49.61
C ALA VA 36 -85.07 -4.25 -50.15
N ARG VA 37 -85.04 -4.97 -51.27
CA ARG VA 37 -86.24 -5.68 -51.72
C ARG VA 37 -86.62 -6.78 -50.74
N LYS VA 38 -85.62 -7.51 -50.24
CA LYS VA 38 -85.89 -8.47 -49.18
C LYS VA 38 -86.51 -7.77 -47.97
N GLU VA 39 -85.98 -6.59 -47.62
CA GLU VA 39 -86.54 -5.84 -46.50
C GLU VA 39 -88.00 -5.48 -46.76
N ILE VA 40 -88.33 -5.07 -47.98
CA ILE VA 40 -89.72 -4.72 -48.29
C ILE VA 40 -90.60 -5.95 -48.20
N ALA VA 41 -90.09 -7.11 -48.63
CA ALA VA 41 -90.85 -8.35 -48.48
C ALA VA 41 -91.15 -8.61 -47.00
N ASP VA 42 -90.14 -8.44 -46.14
CA ASP VA 42 -90.36 -8.61 -44.71
C ASP VA 42 -91.41 -7.62 -44.21
N TYR VA 43 -91.35 -6.38 -44.69
CA TYR VA 43 -92.34 -5.38 -44.27
C TYR VA 43 -93.74 -5.82 -44.67
N LEU VA 44 -93.89 -6.37 -45.88
CA LEU VA 44 -95.21 -6.81 -46.33
C LEU VA 44 -95.68 -8.03 -45.57
N ALA VA 45 -94.75 -8.85 -45.08
CA ALA VA 45 -95.15 -9.99 -44.25
C ALA VA 45 -96.04 -9.54 -43.11
N ALA VA 46 -95.71 -8.42 -42.47
CA ALA VA 46 -96.55 -7.83 -41.45
C ALA VA 46 -97.69 -7.06 -42.10
N GLY VA 47 -98.55 -6.47 -41.28
CA GLY VA 47 -99.66 -5.67 -41.79
C GLY VA 47 -99.27 -4.31 -42.28
N LYS VA 48 -98.02 -3.89 -42.09
CA LYS VA 48 -97.56 -2.59 -42.53
C LYS VA 48 -97.54 -2.55 -44.06
N ASP VA 49 -98.41 -1.73 -44.64
CA ASP VA 49 -98.53 -1.60 -46.09
C ASP VA 49 -98.17 -0.22 -46.59
N GLU VA 50 -98.70 0.83 -45.97
CA GLU VA 50 -98.42 2.19 -46.42
C GLU VA 50 -96.96 2.56 -46.27
N ARG VA 51 -96.20 1.80 -45.48
CA ARG VA 51 -94.77 2.01 -45.30
C ARG VA 51 -93.95 1.30 -46.38
N ALA VA 52 -94.38 0.10 -46.76
CA ALA VA 52 -93.72 -0.61 -47.85
C ALA VA 52 -93.78 0.18 -49.14
N ARG VA 53 -94.82 1.01 -49.31
CA ARG VA 53 -94.89 1.86 -50.48
C ARG VA 53 -93.78 2.89 -50.49
N ILE VA 54 -93.45 3.46 -49.33
CA ILE VA 54 -92.33 4.39 -49.25
C ILE VA 54 -91.02 3.67 -49.53
N ARG VA 55 -90.86 2.48 -48.95
CA ARG VA 55 -89.63 1.72 -49.18
C ARG VA 55 -89.46 1.40 -50.67
N VAL VA 56 -90.55 0.99 -51.34
CA VAL VA 56 -90.44 0.65 -52.75
C VAL VA 56 -90.27 1.91 -53.59
N GLU VA 57 -90.75 3.06 -53.11
CA GLU VA 57 -90.39 4.32 -53.77
C GLU VA 57 -88.89 4.51 -53.75
N HIS VA 58 -88.28 4.32 -52.58
CA HIS VA 58 -86.80 4.32 -52.49
C HIS VA 58 -86.22 3.38 -53.55
N ILE VA 59 -86.74 2.17 -53.63
CA ILE VA 59 -86.16 1.15 -54.52
C ILE VA 59 -86.24 1.60 -55.97
N ILE VA 60 -87.41 2.06 -56.41
CA ILE VA 60 -87.57 2.38 -57.82
C ILE VA 60 -86.82 3.67 -58.15
N ARG VA 61 -86.67 4.58 -57.20
CA ARG VA 61 -85.77 5.71 -57.40
C ARG VA 61 -84.36 5.22 -57.67
N GLU VA 62 -83.88 4.30 -56.83
CA GLU VA 62 -82.53 3.76 -57.02
C GLU VA 62 -82.39 3.05 -58.36
N ASP VA 63 -83.45 2.38 -58.81
CA ASP VA 63 -83.39 1.67 -60.09
C ASP VA 63 -83.35 2.63 -61.25
N TYR VA 64 -84.21 3.65 -61.24
CA TYR VA 64 -84.09 4.74 -62.20
C TYR VA 64 -82.67 5.28 -62.21
N LEU VA 65 -82.08 5.46 -61.03
CA LEU VA 65 -80.73 6.00 -60.94
C LEU VA 65 -79.72 5.08 -61.59
N VAL VA 66 -79.85 3.78 -61.37
CA VAL VA 66 -78.91 2.83 -61.96
C VAL VA 66 -79.03 2.86 -63.48
N GLU VA 67 -80.26 2.91 -64.00
CA GLU VA 67 -80.44 2.98 -65.45
C GLU VA 67 -79.83 4.27 -66.00
N ALA VA 68 -80.04 5.38 -65.32
CA ALA VA 68 -79.46 6.65 -65.76
C ALA VA 68 -77.94 6.58 -65.74
N MET VA 69 -77.36 5.91 -64.74
CA MET VA 69 -75.91 5.77 -64.69
C MET VA 69 -75.41 4.89 -65.83
N GLU VA 70 -76.17 3.87 -66.21
CA GLU VA 70 -75.81 3.08 -67.38
C GLU VA 70 -75.78 3.95 -68.63
N ILE VA 71 -76.83 4.76 -68.82
CA ILE VA 71 -76.87 5.63 -69.99
C ILE VA 71 -75.70 6.61 -69.98
N LEU VA 72 -75.37 7.14 -68.80
CA LEU VA 72 -74.29 8.13 -68.71
C LEU VA 72 -72.94 7.47 -68.98
N GLU VA 73 -72.74 6.25 -68.49
CA GLU VA 73 -71.54 5.50 -68.81
C GLU VA 73 -71.43 5.29 -70.32
N LEU VA 74 -72.55 4.93 -70.95
CA LEU VA 74 -72.57 4.78 -72.41
C LEU VA 74 -72.11 6.07 -73.08
N TYR VA 75 -72.67 7.21 -72.67
CA TYR VA 75 -72.34 8.47 -73.32
C TYR VA 75 -70.89 8.87 -73.08
N CYS VA 76 -70.39 8.67 -71.86
CA CYS VA 76 -68.99 8.97 -71.58
C CYS VA 76 -68.08 8.13 -72.44
N ASP VA 77 -68.37 6.83 -72.58
CA ASP VA 77 -67.56 5.99 -73.44
C ASP VA 77 -67.67 6.43 -74.89
N LEU VA 78 -68.84 6.92 -75.31
CA LEU VA 78 -68.99 7.42 -76.67
C LEU VA 78 -68.06 8.61 -76.90
N LEU VA 79 -68.07 9.57 -75.98
CA LEU VA 79 -67.16 10.70 -76.09
C LEU VA 79 -65.71 10.23 -76.10
N LEU VA 80 -65.39 9.25 -75.26
CA LEU VA 80 -64.02 8.75 -75.16
C LEU VA 80 -63.59 8.01 -76.42
N ALA VA 81 -64.54 7.44 -77.17
CA ALA VA 81 -64.22 6.79 -78.43
C ALA VA 81 -64.04 7.78 -79.57
N ARG VA 82 -64.66 8.95 -79.46
CA ARG VA 82 -64.58 9.99 -80.48
C ARG VA 82 -63.90 11.24 -79.91
N PHE VA 83 -62.82 11.01 -79.15
CA PHE VA 83 -62.13 12.12 -78.48
C PHE VA 83 -61.35 12.97 -79.48
N GLY VA 84 -60.70 12.33 -80.46
CA GLY VA 84 -60.03 13.09 -81.48
C GLY VA 84 -60.97 14.02 -82.22
N LEU VA 85 -62.20 13.57 -82.48
CA LEU VA 85 -63.18 14.43 -83.11
C LEU VA 85 -63.55 15.61 -82.22
N ILE VA 86 -63.33 15.48 -80.91
CA ILE VA 86 -63.49 16.62 -80.01
C ILE VA 86 -62.32 17.57 -80.17
N GLN VA 87 -61.10 17.04 -80.18
CA GLN VA 87 -59.91 17.89 -80.22
C GLN VA 87 -59.80 18.62 -81.55
N SER VA 88 -60.18 17.97 -82.65
CA SER VA 88 -59.98 18.55 -83.98
C SER VA 88 -60.91 19.74 -84.20
N MET VA 89 -62.22 19.49 -84.18
CA MET VA 89 -63.18 20.55 -84.40
C MET VA 89 -63.18 21.53 -83.24
N LYS VA 90 -63.82 22.68 -83.46
CA LYS VA 90 -64.05 23.66 -82.42
C LYS VA 90 -65.50 23.71 -81.95
N GLU VA 91 -66.44 23.37 -82.82
CA GLU VA 91 -67.84 23.22 -82.46
C GLU VA 91 -68.22 21.74 -82.57
N LEU VA 92 -69.00 21.27 -81.61
CA LEU VA 92 -69.36 19.86 -81.59
C LEU VA 92 -70.26 19.51 -82.76
N ASP VA 93 -70.06 18.32 -83.31
CA ASP VA 93 -70.89 17.83 -84.40
C ASP VA 93 -72.18 17.23 -83.85
N SER VA 94 -73.00 16.70 -84.76
CA SER VA 94 -74.28 16.12 -84.35
C SER VA 94 -74.08 14.83 -83.58
N GLY VA 95 -73.09 14.02 -83.97
CA GLY VA 95 -72.84 12.76 -83.30
C GLY VA 95 -72.50 12.90 -81.83
N LEU VA 96 -72.06 14.07 -81.40
CA LEU VA 96 -71.66 14.31 -80.02
C LEU VA 96 -72.57 15.30 -79.31
N ALA VA 97 -73.61 15.80 -79.97
CA ALA VA 97 -74.51 16.76 -79.33
C ALA VA 97 -75.20 16.15 -78.12
N GLU VA 98 -75.76 14.95 -78.29
CA GLU VA 98 -76.51 14.33 -77.20
C GLU VA 98 -75.61 14.05 -76.00
N SER VA 99 -74.44 13.45 -76.25
CA SER VA 99 -73.54 13.12 -75.15
C SER VA 99 -73.17 14.37 -74.35
N VAL VA 100 -72.71 15.41 -75.04
CA VAL VA 100 -72.29 16.63 -74.37
C VAL VA 100 -73.46 17.25 -73.61
N SER VA 101 -74.62 17.35 -74.27
CA SER VA 101 -75.77 17.97 -73.65
C SER VA 101 -76.16 17.25 -72.36
N THR VA 102 -76.27 15.92 -72.43
CA THR VA 102 -76.69 15.16 -71.25
C THR VA 102 -75.63 15.20 -70.16
N LEU VA 103 -74.34 15.12 -70.53
CA LEU VA 103 -73.29 15.15 -69.52
C LEU VA 103 -73.17 16.51 -68.86
N ILE VA 104 -73.61 17.58 -69.53
CA ILE VA 104 -73.63 18.88 -68.89
C ILE VA 104 -74.90 19.05 -68.05
N TRP VA 105 -76.02 18.46 -68.48
CA TRP VA 105 -77.27 18.65 -67.76
C TRP VA 105 -77.35 17.78 -66.51
N ALA VA 106 -76.81 16.57 -66.57
CA ALA VA 106 -76.91 15.63 -65.46
C ALA VA 106 -75.81 15.82 -64.41
N ALA VA 107 -74.75 16.54 -64.74
CA ALA VA 107 -73.66 16.73 -63.79
C ALA VA 107 -74.13 17.27 -62.46
N PRO VA 108 -74.86 18.39 -62.38
CA PRO VA 108 -75.35 18.85 -61.07
C PRO VA 108 -76.30 17.87 -60.41
N ARG VA 109 -77.00 17.04 -61.19
CA ARG VA 109 -77.89 16.04 -60.60
C ARG VA 109 -77.10 14.99 -59.84
N LEU VA 110 -76.12 14.37 -60.49
CA LEU VA 110 -75.31 13.31 -59.91
C LEU VA 110 -73.96 13.82 -59.41
N GLN VA 111 -73.87 15.10 -59.08
CA GLN VA 111 -72.60 15.65 -58.60
C GLN VA 111 -72.18 15.02 -57.29
N SER VA 112 -73.14 14.65 -56.44
CA SER VA 112 -72.79 14.07 -55.14
C SER VA 112 -72.28 12.64 -55.30
N GLU VA 113 -72.96 11.84 -56.12
CA GLU VA 113 -72.53 10.46 -56.32
C GLU VA 113 -71.19 10.41 -57.03
N VAL VA 114 -71.09 11.03 -58.20
CA VAL VA 114 -69.88 11.03 -59.00
C VAL VA 114 -69.33 12.46 -59.00
N ALA VA 115 -68.15 12.63 -58.41
CA ALA VA 115 -67.54 13.96 -58.33
C ALA VA 115 -66.90 14.35 -59.65
N GLU VA 116 -66.16 13.42 -60.27
CA GLU VA 116 -65.46 13.72 -61.51
C GLU VA 116 -66.41 14.21 -62.60
N LEU VA 117 -67.70 13.88 -62.50
CA LEU VA 117 -68.66 14.31 -63.51
C LEU VA 117 -68.73 15.83 -63.58
N LYS VA 118 -68.56 16.51 -62.45
CA LYS VA 118 -68.55 17.97 -62.47
C LYS VA 118 -67.35 18.50 -63.25
N ILE VA 119 -66.20 17.86 -63.11
CA ILE VA 119 -65.02 18.26 -63.88
C ILE VA 119 -65.25 18.02 -65.37
N VAL VA 120 -65.91 16.90 -65.71
CA VAL VA 120 -66.23 16.65 -67.11
C VAL VA 120 -67.14 17.75 -67.64
N ALA VA 121 -68.16 18.12 -66.86
CA ALA VA 121 -69.05 19.20 -67.26
C ALA VA 121 -68.27 20.50 -67.44
N ASP VA 122 -67.30 20.77 -66.57
CA ASP VA 122 -66.48 21.96 -66.70
C ASP VA 122 -65.73 21.94 -68.04
N GLN VA 123 -64.98 20.88 -68.30
CA GLN VA 123 -64.22 20.81 -69.54
C GLN VA 123 -65.12 20.91 -70.77
N LEU VA 124 -66.36 20.43 -70.67
CA LEU VA 124 -67.27 20.51 -71.79
C LEU VA 124 -67.98 21.86 -71.89
N CYS VA 125 -67.98 22.65 -70.82
CA CYS VA 125 -68.51 24.01 -70.87
C CYS VA 125 -67.44 25.03 -71.16
N ALA VA 126 -66.21 24.77 -70.74
CA ALA VA 126 -65.09 25.68 -71.00
C ALA VA 126 -64.54 25.54 -72.41
N LYS VA 127 -64.94 24.51 -73.15
CA LYS VA 127 -64.47 24.31 -74.52
C LYS VA 127 -65.34 24.99 -75.55
N TYR VA 128 -66.60 25.28 -75.22
CA TYR VA 128 -67.56 25.81 -76.17
C TYR VA 128 -68.01 27.19 -75.74
N SER VA 129 -68.32 28.03 -76.73
CA SER VA 129 -68.82 29.38 -76.50
C SER VA 129 -70.17 29.63 -77.14
N LYS VA 130 -70.54 28.89 -78.19
CA LYS VA 130 -71.84 29.04 -78.83
C LYS VA 130 -72.91 28.50 -77.89
N GLU VA 131 -73.64 29.42 -77.25
CA GLU VA 131 -74.66 29.04 -76.27
C GLU VA 131 -74.07 28.23 -75.13
N TYR VA 132 -72.84 28.54 -74.74
CA TYR VA 132 -72.13 27.83 -73.69
C TYR VA 132 -71.80 28.80 -72.55
N GLY VA 133 -71.13 28.29 -71.55
CA GLY VA 133 -70.98 29.00 -70.29
C GLY VA 133 -72.12 28.67 -69.36
N LYS VA 134 -71.82 28.63 -68.06
CA LYS VA 134 -72.79 28.17 -67.07
C LYS VA 134 -74.21 28.63 -67.40
N LEU VA 135 -74.40 29.95 -67.57
CA LEU VA 135 -75.71 30.47 -67.89
C LEU VA 135 -76.20 29.94 -69.23
N CYS VA 136 -75.44 30.21 -70.30
CA CYS VA 136 -75.83 29.72 -71.62
C CYS VA 136 -75.78 28.20 -71.72
N ARG VA 137 -74.96 27.55 -70.89
CA ARG VA 137 -74.94 26.09 -70.87
C ARG VA 137 -76.25 25.55 -70.31
N THR VA 138 -76.83 26.24 -69.33
CA THR VA 138 -78.15 25.86 -68.84
C THR VA 138 -79.25 26.30 -69.80
N ASN VA 139 -79.03 27.38 -70.56
CA ASN VA 139 -80.04 27.84 -71.51
C ASN VA 139 -80.12 26.90 -72.72
N GLN VA 140 -78.98 26.39 -73.18
CA GLN VA 140 -78.93 25.50 -74.33
C GLN VA 140 -78.99 24.02 -73.94
N ILE VA 141 -79.64 23.71 -72.82
CA ILE VA 141 -79.74 22.34 -72.36
C ILE VA 141 -81.05 21.68 -72.81
N GLY VA 142 -81.72 22.27 -73.80
CA GLY VA 142 -82.99 21.74 -74.28
C GLY VA 142 -82.84 20.73 -75.39
N THR VA 143 -81.74 19.97 -75.39
CA THR VA 143 -81.50 18.94 -76.38
C THR VA 143 -80.98 17.66 -75.77
N VAL VA 144 -81.23 17.42 -74.48
CA VAL VA 144 -80.71 16.25 -73.79
C VAL VA 144 -81.67 15.08 -74.01
N ASN VA 145 -81.16 13.87 -73.76
CA ASN VA 145 -81.97 12.66 -73.87
C ASN VA 145 -83.15 12.73 -72.91
N ASP VA 146 -84.37 12.69 -73.46
CA ASP VA 146 -85.56 12.77 -72.62
C ASP VA 146 -85.66 11.59 -71.67
N ARG VA 147 -85.25 10.40 -72.12
CA ARG VA 147 -85.30 9.23 -71.26
C ARG VA 147 -84.47 9.43 -70.01
N LEU VA 148 -83.22 9.89 -70.17
CA LEU VA 148 -82.38 10.15 -69.01
C LEU VA 148 -82.99 11.23 -68.12
N MET VA 149 -83.60 12.24 -68.72
CA MET VA 149 -84.30 13.24 -67.93
C MET VA 149 -85.38 12.60 -67.07
N HIS VA 150 -86.08 11.61 -67.62
CA HIS VA 150 -87.13 10.94 -66.86
C HIS VA 150 -86.53 10.08 -65.75
N LYS VA 151 -85.42 9.38 -66.04
CA LYS VA 151 -84.81 8.54 -65.03
C LYS VA 151 -84.33 9.37 -63.84
N LEU VA 152 -83.79 10.56 -64.11
CA LEU VA 152 -83.31 11.45 -63.07
C LEU VA 152 -84.34 12.51 -62.69
N SER VA 153 -85.59 12.31 -63.09
CA SER VA 153 -86.65 13.25 -62.74
C SER VA 153 -87.00 13.09 -61.27
N VAL VA 154 -86.97 14.19 -60.52
CA VAL VA 154 -87.24 14.16 -59.09
C VAL VA 154 -88.75 14.42 -58.94
N GLU VA 155 -89.52 13.33 -58.94
CA GLU VA 155 -90.97 13.43 -58.86
C GLU VA 155 -91.51 12.18 -58.21
N ALA VA 156 -92.66 12.32 -57.56
CA ALA VA 156 -93.32 11.18 -56.94
C ALA VA 156 -93.74 10.19 -58.03
N PRO VA 157 -93.17 8.97 -58.05
CA PRO VA 157 -93.52 8.02 -59.11
C PRO VA 157 -95.00 7.73 -59.13
N PRO VA 158 -95.53 7.22 -60.23
CA PRO VA 158 -96.96 6.93 -60.31
C PRO VA 158 -97.35 5.84 -59.33
N LYS VA 159 -98.52 6.01 -58.72
CA LYS VA 159 -98.97 5.08 -57.69
C LYS VA 159 -99.16 3.67 -58.25
N ILE VA 160 -99.74 3.57 -59.45
CA ILE VA 160 -99.97 2.26 -60.05
C ILE VA 160 -98.67 1.51 -60.23
N LEU VA 161 -97.61 2.25 -60.60
CA LEU VA 161 -96.27 1.64 -60.79
C LEU VA 161 -95.80 1.07 -59.45
N VAL VA 162 -96.04 1.81 -58.36
CA VAL VA 162 -95.63 1.36 -56.99
C VAL VA 162 -96.40 0.08 -56.65
N GLU VA 163 -97.70 0.04 -57.00
CA GLU VA 163 -98.54 -1.15 -56.72
C GLU VA 163 -98.00 -2.35 -57.50
N ARG VA 164 -97.62 -2.13 -58.77
CA ARG VA 164 -97.05 -3.21 -59.62
C ARG VA 164 -95.74 -3.71 -58.99
N TYR VA 165 -94.92 -2.78 -58.50
CA TYR VA 165 -93.63 -3.15 -57.86
C TYR VA 165 -93.90 -4.00 -56.61
N LEU VA 166 -94.93 -3.61 -55.83
CA LEU VA 166 -95.27 -4.37 -54.62
C LEU VA 166 -95.85 -5.72 -54.98
N ILE VA 167 -96.72 -5.77 -55.99
CA ILE VA 167 -97.32 -7.04 -56.42
C ILE VA 167 -96.21 -8.02 -56.81
N GLU VA 168 -95.26 -7.56 -57.62
CA GLU VA 168 -94.19 -8.46 -58.06
C GLU VA 168 -93.35 -8.93 -56.90
N ILE VA 169 -92.96 -8.02 -56.01
CA ILE VA 169 -92.11 -8.40 -54.88
C ILE VA 169 -92.84 -9.41 -53.99
N ALA VA 170 -94.12 -9.17 -53.72
CA ALA VA 170 -94.89 -10.11 -52.92
C ALA VA 170 -94.98 -11.47 -53.60
N LYS VA 171 -95.36 -11.47 -54.88
CA LYS VA 171 -95.47 -12.73 -55.61
C LYS VA 171 -94.16 -13.50 -55.62
N ASN VA 172 -93.02 -12.79 -55.59
CA ASN VA 172 -91.74 -13.48 -55.62
C ASN VA 172 -91.36 -14.01 -54.23
N TYR VA 173 -91.63 -13.23 -53.18
CA TYR VA 173 -91.22 -13.60 -51.83
C TYR VA 173 -92.28 -14.39 -51.08
N ASN VA 174 -93.30 -14.91 -51.77
CA ASN VA 174 -94.30 -15.77 -51.16
C ASN VA 174 -95.02 -15.07 -50.01
N VAL VA 175 -95.41 -13.82 -50.23
CA VAL VA 175 -96.13 -13.04 -49.24
C VAL VA 175 -97.44 -12.57 -49.84
N PRO VA 176 -98.56 -12.64 -49.13
CA PRO VA 176 -99.81 -12.09 -49.66
C PRO VA 176 -99.81 -10.57 -49.63
N TYR VA 177 -100.53 -9.98 -50.59
CA TYR VA 177 -100.65 -8.53 -50.66
C TYR VA 177 -101.89 -8.18 -51.46
N GLU VA 178 -102.72 -7.29 -50.92
CA GLU VA 178 -103.95 -6.85 -51.57
C GLU VA 178 -103.75 -5.44 -52.11
N PRO VA 179 -103.54 -5.27 -53.41
CA PRO VA 179 -103.27 -3.92 -53.94
C PRO VA 179 -104.44 -2.99 -53.70
N ASP VA 180 -104.13 -1.70 -53.64
CA ASP VA 180 -105.14 -0.66 -53.50
C ASP VA 180 -105.94 -0.60 -54.80
N SER VA 181 -107.19 -1.07 -54.76
CA SER VA 181 -107.97 -1.15 -55.97
C SER VA 181 -108.17 0.23 -56.61
N VAL VA 182 -108.27 1.29 -55.77
CA VAL VA 182 -108.51 2.64 -56.28
C VAL VA 182 -107.49 3.00 -57.34
N VAL VA 183 -106.22 2.63 -57.10
CA VAL VA 183 -105.14 2.95 -58.02
C VAL VA 183 -104.85 1.74 -58.91
N MET VA 184 -105.07 0.54 -58.38
CA MET VA 184 -104.79 -0.67 -59.13
C MET VA 184 -105.72 -0.83 -60.34
N ALA VA 185 -106.89 -0.20 -60.32
CA ALA VA 185 -107.84 -0.32 -61.41
C ALA VA 185 -107.91 0.92 -62.29
N GLU VA 186 -107.64 2.10 -61.74
CA GLU VA 186 -107.70 3.34 -62.51
C GLU VA 186 -106.43 3.48 -63.36
N ASN WA 3 11.89 -35.04 60.09
CA ASN WA 3 13.33 -35.29 60.16
C ASN WA 3 13.61 -36.63 60.82
N MET WA 4 13.04 -36.85 62.01
CA MET WA 4 13.27 -38.09 62.74
C MET WA 4 12.71 -39.29 62.00
N GLU WA 5 11.65 -39.09 61.21
CA GLU WA 5 11.08 -40.20 60.45
C GLU WA 5 12.09 -40.75 59.46
N LYS WA 6 12.90 -39.88 58.86
CA LYS WA 6 13.94 -40.35 57.94
C LYS WA 6 14.97 -41.20 58.67
N HIS WA 7 15.39 -40.77 59.86
CA HIS WA 7 16.35 -41.54 60.64
C HIS WA 7 15.76 -42.89 61.03
N LEU WA 8 14.48 -42.91 61.41
CA LEU WA 8 13.83 -44.18 61.72
C LEU WA 8 13.83 -45.10 60.50
N PHE WA 9 13.51 -44.55 59.33
CA PHE WA 9 13.52 -45.35 58.11
C PHE WA 9 14.90 -45.94 57.86
N ASN WA 10 15.95 -45.12 58.00
CA ASN WA 10 17.30 -45.61 57.77
C ASN WA 10 17.66 -46.69 58.79
N LEU WA 11 17.24 -46.54 60.04
CA LEU WA 11 17.53 -47.54 61.06
C LEU WA 11 16.88 -48.87 60.72
N LYS WA 12 15.59 -48.83 60.36
CA LYS WA 12 14.89 -50.07 60.03
C LYS WA 12 15.49 -50.71 58.78
N PHE WA 13 15.89 -49.89 57.80
CA PHE WA 13 16.55 -50.42 56.61
C PHE WA 13 17.85 -51.12 56.96
N ALA WA 14 18.64 -50.51 57.86
CA ALA WA 14 19.90 -51.14 58.26
C ALA WA 14 19.65 -52.45 58.99
N ALA WA 15 18.62 -52.49 59.84
CA ALA WA 15 18.30 -53.73 60.53
C ALA WA 15 17.93 -54.83 59.54
N LYS WA 16 17.07 -54.50 58.57
CA LYS WA 16 16.69 -55.49 57.57
C LYS WA 16 17.89 -55.94 56.76
N GLU WA 17 18.79 -55.02 56.44
CA GLU WA 17 20.01 -55.38 55.71
C GLU WA 17 20.85 -56.35 56.52
N LEU WA 18 21.00 -56.10 57.82
CA LEU WA 18 21.77 -57.01 58.66
C LEU WA 18 21.13 -58.39 58.70
N SER WA 19 19.80 -58.45 58.79
CA SER WA 19 19.13 -59.74 58.81
C SER WA 19 19.36 -60.50 57.50
N ARG WA 20 19.20 -59.80 56.37
CA ARG WA 20 19.45 -60.42 55.07
C ARG WA 20 20.88 -60.94 55.00
N SER WA 21 21.85 -60.15 55.48
CA SER WA 21 23.24 -60.56 55.41
C SER WA 21 23.49 -61.79 56.28
N ALA WA 22 22.84 -61.86 57.45
CA ALA WA 22 22.98 -63.04 58.29
C ALA WA 22 22.44 -64.28 57.58
N LYS WA 23 21.27 -64.15 56.96
CA LYS WA 23 20.71 -65.28 56.20
C LYS WA 23 21.66 -65.72 55.10
N LYS WA 24 22.18 -64.75 54.34
CA LYS WA 24 23.09 -65.08 53.24
C LYS WA 24 24.34 -65.77 53.75
N CYS WA 25 24.88 -65.31 54.88
CA CYS WA 25 26.09 -65.90 55.42
C CYS WA 25 25.84 -67.33 55.91
N ASP WA 26 24.68 -67.57 56.51
CA ASP WA 26 24.32 -68.94 56.87
C ASP WA 26 24.27 -69.83 55.64
N LYS WA 27 23.65 -69.35 54.57
CA LYS WA 27 23.61 -70.12 53.33
C LYS WA 27 25.01 -70.41 52.81
N GLU WA 28 25.88 -69.41 52.84
CA GLU WA 28 27.24 -69.60 52.35
C GLU WA 28 27.99 -70.61 53.20
N GLU WA 29 27.74 -70.62 54.51
CA GLU WA 29 28.34 -71.65 55.36
C GLU WA 29 27.86 -73.03 54.95
N LYS WA 30 26.56 -73.17 54.71
CA LYS WA 30 26.03 -74.46 54.29
C LYS WA 30 26.69 -74.93 53.00
N ALA WA 31 27.01 -73.99 52.10
CA ALA WA 31 27.67 -74.37 50.85
C ALA WA 31 29.13 -74.75 51.09
N GLU WA 32 29.84 -73.95 51.88
CA GLU WA 32 31.24 -74.24 52.14
C GLU WA 32 31.41 -75.58 52.86
N LYS WA 33 30.40 -76.02 53.60
CA LYS WA 33 30.48 -77.35 54.21
C LYS WA 33 30.49 -78.44 53.14
N ALA WA 34 29.65 -78.30 52.12
CA ALA WA 34 29.71 -79.22 50.99
C ALA WA 34 31.09 -79.21 50.35
N LYS WA 35 31.65 -78.01 50.16
CA LYS WA 35 32.95 -77.92 49.49
C LYS WA 35 34.05 -78.57 50.31
N ILE WA 36 34.03 -78.37 51.63
CA ILE WA 36 35.05 -78.98 52.48
C ILE WA 36 34.89 -80.50 52.49
N GLU WA 37 33.66 -80.99 52.46
CA GLU WA 37 33.46 -82.44 52.36
C GLU WA 37 34.08 -82.97 51.07
N LYS WA 38 33.80 -82.30 49.95
CA LYS WA 38 34.40 -82.72 48.68
C LYS WA 38 35.92 -82.72 48.78
N ALA WA 39 36.50 -81.64 49.30
CA ALA WA 39 37.96 -81.52 49.33
C ALA WA 39 38.58 -82.56 50.26
N ILE WA 40 37.92 -82.90 51.36
CA ILE WA 40 38.46 -83.93 52.24
C ILE WA 40 38.30 -85.30 51.60
N GLN WA 41 37.34 -85.46 50.69
CA GLN WA 41 37.28 -86.69 49.91
C GLN WA 41 38.44 -86.77 48.92
N LYS WA 42 38.70 -85.69 48.19
CA LYS WA 42 39.81 -85.68 47.24
C LYS WA 42 41.17 -85.77 47.91
N GLY WA 43 41.25 -85.56 49.22
CA GLY WA 43 42.51 -85.62 49.93
C GLY WA 43 43.20 -84.29 50.11
N ASN WA 44 42.68 -83.22 49.53
CA ASN WA 44 43.29 -81.89 49.67
C ASN WA 44 43.18 -81.42 51.11
N MET WA 45 44.30 -81.36 51.81
CA MET WA 45 44.31 -80.86 53.18
C MET WA 45 44.25 -79.33 53.20
N GLU WA 46 44.98 -78.68 52.30
CA GLU WA 46 45.03 -77.22 52.31
C GLU WA 46 43.71 -76.60 51.87
N VAL WA 47 43.08 -77.17 50.83
CA VAL WA 47 41.78 -76.66 50.40
C VAL WA 47 40.74 -76.94 51.48
N ALA WA 48 40.85 -78.07 52.17
CA ALA WA 48 39.95 -78.34 53.28
C ALA WA 48 40.14 -77.30 54.39
N ARG WA 49 41.38 -76.94 54.68
CA ARG WA 49 41.63 -75.88 55.66
C ARG WA 49 41.00 -74.57 55.23
N ILE WA 50 41.17 -74.22 53.96
CA ILE WA 50 40.61 -72.96 53.46
C ILE WA 50 39.10 -72.95 53.62
N HIS WA 51 38.45 -74.03 53.17
CA HIS WA 51 37.00 -74.07 53.22
C HIS WA 51 36.49 -74.15 54.65
N ALA WA 52 37.23 -74.79 55.55
CA ALA WA 52 36.86 -74.79 56.96
C ALA WA 52 36.95 -73.40 57.55
N GLU WA 53 38.02 -72.67 57.25
CA GLU WA 53 38.13 -71.28 57.68
C GLU WA 53 36.94 -70.47 57.18
N ASN WA 54 36.61 -70.63 55.89
CA ASN WA 54 35.49 -69.89 55.33
C ASN WA 54 34.19 -70.24 56.04
N ALA WA 55 33.96 -71.52 56.30
CA ALA WA 55 32.71 -71.95 56.93
C ALA WA 55 32.59 -71.41 58.35
N ILE WA 56 33.67 -71.54 59.13
CA ILE WA 56 33.64 -71.04 60.50
C ILE WA 56 33.44 -69.53 60.51
N ARG WA 57 34.14 -68.82 59.62
CA ARG WA 57 33.99 -67.38 59.54
C ARG WA 57 32.56 -67.00 59.20
N GLN WA 58 31.96 -67.67 58.23
CA GLN WA 58 30.59 -67.36 57.83
C GLN WA 58 29.63 -67.63 58.97
N LYS WA 59 29.82 -68.74 59.68
CA LYS WA 59 28.96 -69.05 60.83
C LYS WA 59 29.05 -67.94 61.88
N ASN WA 60 30.27 -67.59 62.28
CA ASN WA 60 30.44 -66.59 63.33
C ASN WA 60 29.90 -65.23 62.89
N GLN WA 61 30.17 -64.83 61.65
CA GLN WA 61 29.71 -63.53 61.20
C GLN WA 61 28.20 -63.52 61.00
N ALA WA 62 27.60 -64.67 60.69
CA ALA WA 62 26.14 -64.73 60.62
C ALA WA 62 25.53 -64.55 62.01
N VAL WA 63 26.10 -65.21 63.01
CA VAL WA 63 25.61 -65.03 64.37
C VAL WA 63 25.76 -63.57 64.79
N ASN WA 64 26.91 -62.96 64.45
CA ASN WA 64 27.14 -61.57 64.80
C ASN WA 64 26.14 -60.65 64.11
N PHE WA 65 25.90 -60.87 62.82
CA PHE WA 65 24.92 -60.07 62.09
C PHE WA 65 23.53 -60.24 62.69
N LEU WA 66 23.20 -61.44 63.13
CA LEU WA 66 21.87 -61.66 63.70
C LEU WA 66 21.72 -60.89 65.01
N ARG WA 67 22.70 -60.99 65.90
CA ARG WA 67 22.65 -60.23 67.14
C ARG WA 67 22.60 -58.73 66.87
N MET WA 68 23.41 -58.28 65.92
CA MET WA 68 23.46 -56.86 65.57
C MET WA 68 22.10 -56.38 65.06
N SER WA 69 21.48 -57.18 64.19
CA SER WA 69 20.16 -56.84 63.67
C SER WA 69 19.12 -56.81 64.77
N ALA WA 70 19.23 -57.72 65.75
CA ALA WA 70 18.32 -57.68 66.89
C ALA WA 70 18.46 -56.38 67.66
N ARG WA 71 19.71 -55.95 67.91
CA ARG WA 71 19.94 -54.71 68.62
C ARG WA 71 19.35 -53.52 67.85
N VAL WA 72 19.63 -53.46 66.55
CA VAL WA 72 19.11 -52.35 65.75
C VAL WA 72 17.60 -52.40 65.68
N ASP WA 73 17.01 -53.60 65.69
CA ASP WA 73 15.57 -53.72 65.71
C ASP WA 73 14.98 -53.16 67.00
N ALA WA 74 15.60 -53.47 68.12
CA ALA WA 74 15.15 -52.89 69.39
C ALA WA 74 15.22 -51.38 69.36
N VAL WA 75 16.35 -50.84 68.88
CA VAL WA 75 16.52 -49.40 68.84
C VAL WA 75 15.49 -48.76 67.92
N ALA WA 76 15.23 -49.38 66.77
CA ALA WA 76 14.29 -48.83 65.81
C ALA WA 76 12.87 -48.88 66.33
N ALA WA 77 12.51 -49.96 67.04
CA ALA WA 77 11.19 -50.02 67.67
C ALA WA 77 11.03 -48.91 68.69
N ARG WA 78 12.08 -48.68 69.49
CA ARG WA 78 12.03 -47.60 70.47
C ARG WA 78 11.86 -46.25 69.78
N VAL WA 79 12.60 -46.02 68.69
CA VAL WA 79 12.51 -44.74 68.00
C VAL WA 79 11.16 -44.56 67.33
N GLN WA 80 10.58 -45.64 66.82
CA GLN WA 80 9.26 -45.57 66.21
C GLN WA 80 8.20 -45.24 67.26
N THR WA 81 8.30 -45.88 68.43
CA THR WA 81 7.44 -45.51 69.56
C THR WA 81 7.58 -44.04 69.88
N ALA WA 82 8.82 -43.55 69.93
CA ALA WA 82 9.05 -42.15 70.25
C ALA WA 82 8.42 -41.23 69.20
N VAL WA 83 8.54 -41.60 67.93
CA VAL WA 83 7.97 -40.77 66.86
C VAL WA 83 6.45 -40.70 66.99
N THR WA 84 5.82 -41.87 67.15
CA THR WA 84 4.36 -41.90 67.27
C THR WA 84 3.91 -41.11 68.49
N MET WA 85 4.60 -41.28 69.62
CA MET WA 85 4.22 -40.55 70.82
C MET WA 85 4.48 -39.05 70.67
N GLY WA 86 5.48 -38.66 69.88
CA GLY WA 86 5.68 -37.25 69.63
C GLY WA 86 4.57 -36.65 68.80
N LYS WA 87 4.11 -37.39 67.79
CA LYS WA 87 2.93 -36.94 67.04
C LYS WA 87 1.73 -36.81 67.96
N VAL WA 88 1.52 -37.80 68.82
CA VAL WA 88 0.38 -37.76 69.75
C VAL WA 88 0.49 -36.56 70.68
N THR WA 89 1.68 -36.31 71.22
CA THR WA 89 1.88 -35.20 72.15
C THR WA 89 1.67 -33.87 71.45
N LYS WA 90 2.16 -33.73 70.22
CA LYS WA 90 1.93 -32.50 69.47
C LYS WA 90 0.45 -32.29 69.22
N SER WA 91 -0.27 -33.35 68.84
CA SER WA 91 -1.70 -33.21 68.59
C SER WA 91 -2.44 -32.83 69.88
N MET WA 92 -2.04 -33.40 71.01
CA MET WA 92 -2.73 -33.08 72.26
C MET WA 92 -2.38 -31.68 72.74
N ALA WA 93 -1.17 -31.20 72.44
CA ALA WA 93 -0.84 -29.81 72.74
C ALA WA 93 -1.69 -28.86 71.90
N GLY WA 94 -1.81 -29.14 70.60
CA GLY WA 94 -2.70 -28.33 69.77
C GLY WA 94 -4.13 -28.34 70.27
N VAL WA 95 -4.61 -29.52 70.66
CA VAL WA 95 -5.98 -29.63 71.19
C VAL WA 95 -6.11 -28.83 72.46
N VAL WA 96 -5.09 -28.87 73.33
CA VAL WA 96 -5.14 -28.11 74.57
C VAL WA 96 -5.21 -26.62 74.28
N LYS WA 97 -4.42 -26.15 73.32
CA LYS WA 97 -4.44 -24.73 72.97
C LYS WA 97 -5.82 -24.33 72.45
N SER WA 98 -6.35 -25.09 71.50
CA SER WA 98 -7.65 -24.76 70.92
C SER WA 98 -8.75 -24.79 71.98
N MET WA 99 -8.77 -25.83 72.82
CA MET WA 99 -9.77 -25.91 73.86
C MET WA 99 -9.60 -24.80 74.89
N ASP WA 100 -8.37 -24.37 75.15
CA ASP WA 100 -8.16 -23.26 76.06
C ASP WA 100 -8.79 -21.99 75.49
N ALA WA 101 -8.47 -21.67 74.24
CA ALA WA 101 -9.08 -20.51 73.59
C ALA WA 101 -10.60 -20.59 73.65
N THR WA 102 -11.16 -21.75 73.29
CA THR WA 102 -12.61 -21.88 73.23
C THR WA 102 -13.23 -21.73 74.61
N LEU WA 103 -12.80 -22.55 75.58
CA LEU WA 103 -13.33 -22.48 76.92
C LEU WA 103 -13.12 -21.11 77.56
N LYS WA 104 -12.14 -20.34 77.08
CA LYS WA 104 -12.03 -18.96 77.51
C LYS WA 104 -13.15 -18.12 76.89
N THR WA 105 -13.38 -18.31 75.59
CA THR WA 105 -14.46 -17.58 74.94
C THR WA 105 -15.82 -18.10 75.39
N MET WA 106 -16.04 -19.40 75.26
CA MET WA 106 -17.30 -20.06 75.61
C MET WA 106 -17.09 -20.81 76.91
N ASN WA 107 -17.26 -20.11 78.03
CA ASN WA 107 -17.06 -20.71 79.34
C ASN WA 107 -18.40 -21.22 79.88
N LEU WA 108 -18.35 -21.78 81.10
CA LEU WA 108 -19.54 -22.41 81.65
C LEU WA 108 -20.62 -21.38 81.99
N GLU WA 109 -20.22 -20.20 82.48
CA GLU WA 109 -21.18 -19.15 82.73
C GLU WA 109 -21.93 -18.76 81.46
N LYS WA 110 -21.17 -18.43 80.41
CA LYS WA 110 -21.79 -18.03 79.16
C LYS WA 110 -22.63 -19.15 78.56
N ILE WA 111 -22.14 -20.38 78.66
CA ILE WA 111 -22.89 -21.51 78.09
C ILE WA 111 -24.21 -21.71 78.83
N SER WA 112 -24.17 -21.66 80.16
CA SER WA 112 -25.38 -21.82 80.95
C SER WA 112 -26.38 -20.70 80.64
N ALA WA 113 -25.89 -19.46 80.56
CA ALA WA 113 -26.79 -18.35 80.24
C ALA WA 113 -27.38 -18.50 78.85
N LEU WA 114 -26.55 -18.89 77.88
CA LEU WA 114 -27.01 -19.10 76.52
C LEU WA 114 -28.08 -20.17 76.46
N MET WA 115 -27.93 -21.22 77.27
CA MET WA 115 -28.89 -22.31 77.24
C MET WA 115 -30.19 -21.93 77.93
N ASP WA 116 -30.11 -21.20 79.04
CA ASP WA 116 -31.31 -20.65 79.64
C ASP WA 116 -32.04 -19.76 78.64
N LYS WA 117 -31.29 -18.97 77.88
CA LYS WA 117 -31.90 -18.10 76.87
C LYS WA 117 -32.55 -18.92 75.76
N PHE WA 118 -31.88 -19.97 75.30
CA PHE WA 118 -32.46 -20.86 74.30
C PHE WA 118 -33.79 -21.43 74.79
N GLU WA 119 -33.78 -21.97 76.01
CA GLU WA 119 -34.99 -22.56 76.57
C GLU WA 119 -36.12 -21.53 76.66
N HIS WA 120 -35.81 -20.34 77.16
CA HIS WA 120 -36.85 -19.33 77.33
C HIS WA 120 -37.36 -18.84 75.98
N GLN WA 121 -36.47 -18.67 75.01
CA GLN WA 121 -36.89 -18.22 73.68
C GLN WA 121 -37.80 -19.25 73.04
N PHE WA 122 -37.48 -20.53 73.17
CA PHE WA 122 -38.33 -21.54 72.55
C PHE WA 122 -39.60 -21.80 73.33
N GLU WA 123 -39.61 -21.51 74.63
CA GLU WA 123 -40.88 -21.49 75.36
C GLU WA 123 -41.78 -20.37 74.87
N THR WA 124 -41.21 -19.17 74.72
CA THR WA 124 -41.95 -18.07 74.12
C THR WA 124 -42.47 -18.46 72.73
N LEU WA 125 -41.65 -19.20 71.98
CA LEU WA 125 -42.09 -19.66 70.67
C LEU WA 125 -43.21 -20.69 70.78
N ASP WA 126 -43.19 -21.47 71.86
CA ASP WA 126 -44.26 -22.46 72.14
C ASP WA 126 -45.58 -21.69 72.36
N VAL WA 127 -45.52 -20.57 73.08
CA VAL WA 127 -46.69 -19.74 73.37
C VAL WA 127 -47.17 -19.09 72.08
N GLN WA 128 -46.24 -18.54 71.29
CA GLN WA 128 -46.60 -17.95 70.02
C GLN WA 128 -47.27 -18.96 69.10
N THR WA 129 -46.74 -20.18 69.05
CA THR WA 129 -47.32 -21.21 68.20
C THR WA 129 -48.73 -21.55 68.65
N GLN WA 130 -48.94 -21.71 69.95
CA GLN WA 130 -50.28 -22.02 70.46
C GLN WA 130 -51.26 -20.93 70.09
N GLN WA 131 -50.91 -19.67 70.34
CA GLN WA 131 -51.82 -18.57 70.04
C GLN WA 131 -52.07 -18.45 68.55
N MET WA 132 -51.00 -18.52 67.76
CA MET WA 132 -51.11 -18.48 66.31
C MET WA 132 -52.03 -19.58 65.80
N GLU WA 133 -51.95 -20.76 66.42
CA GLU WA 133 -52.79 -21.87 65.96
C GLU WA 133 -54.24 -21.66 66.36
N ASP WA 134 -54.47 -21.18 67.58
CA ASP WA 134 -55.82 -20.81 67.97
C ASP WA 134 -56.43 -19.86 66.95
N THR WA 135 -55.68 -18.83 66.56
CA THR WA 135 -56.22 -17.86 65.61
C THR WA 135 -56.41 -18.46 64.23
N MET WA 136 -55.42 -19.21 63.75
CA MET WA 136 -55.55 -19.87 62.45
C MET WA 136 -56.81 -20.71 62.40
N SER WA 137 -57.11 -21.42 63.50
CA SER WA 137 -58.31 -22.25 63.52
C SER WA 137 -59.57 -21.39 63.57
N SER WA 138 -59.55 -20.32 64.37
CA SER WA 138 -60.71 -19.45 64.47
C SER WA 138 -61.02 -18.78 63.14
N THR WA 139 -60.00 -18.59 62.29
CA THR WA 139 -60.22 -17.94 61.00
C THR WA 139 -61.10 -18.80 60.10
N THR WA 140 -60.84 -20.10 60.06
CA THR WA 140 -61.54 -21.03 59.17
C THR WA 140 -62.34 -22.00 60.04
N THR WA 141 -63.56 -21.59 60.38
CA THR WA 141 -64.48 -22.42 61.15
C THR WA 141 -65.75 -22.75 60.40
N LEU WA 142 -66.10 -22.00 59.36
CA LEU WA 142 -67.29 -22.28 58.57
C LEU WA 142 -67.02 -23.27 57.44
N THR WA 143 -65.75 -23.47 57.07
CA THR WA 143 -65.39 -24.51 56.12
C THR WA 143 -65.20 -25.86 56.80
N THR WA 144 -64.89 -25.87 58.09
CA THR WA 144 -64.66 -27.08 58.86
C THR WA 144 -65.58 -27.06 60.08
N PRO WA 145 -66.85 -27.41 59.92
CA PRO WA 145 -67.75 -27.49 61.07
C PRO WA 145 -67.43 -28.71 61.92
N GLN WA 146 -67.41 -28.49 63.24
CA GLN WA 146 -67.12 -29.59 64.17
C GLN WA 146 -68.13 -30.72 64.01
N ASN WA 147 -69.40 -30.38 63.80
CA ASN WA 147 -70.43 -31.41 63.67
C ASN WA 147 -70.16 -32.31 62.48
N GLN WA 148 -69.78 -31.74 61.35
CA GLN WA 148 -69.51 -32.54 60.16
C GLN WA 148 -68.33 -33.46 60.37
N VAL WA 149 -67.28 -32.97 61.03
CA VAL WA 149 -66.11 -33.81 61.28
C VAL WA 149 -66.48 -34.96 62.22
N ASP WA 150 -67.23 -34.65 63.28
CA ASP WA 150 -67.68 -35.70 64.18
C ASP WA 150 -68.49 -36.75 63.44
N MET WA 151 -69.41 -36.32 62.58
CA MET WA 151 -70.24 -37.26 61.85
C MET WA 151 -69.40 -38.11 60.91
N LEU WA 152 -68.45 -37.50 60.21
CA LEU WA 152 -67.60 -38.27 59.31
C LEU WA 152 -66.81 -39.32 60.09
N LEU WA 153 -66.26 -38.94 61.24
CA LEU WA 153 -65.51 -39.91 62.03
C LEU WA 153 -66.40 -41.03 62.51
N GLN WA 154 -67.62 -40.72 62.95
CA GLN WA 154 -68.53 -41.75 63.40
C GLN WA 154 -68.88 -42.71 62.27
N GLU WA 155 -69.16 -42.17 61.08
CA GLU WA 155 -69.50 -43.03 59.96
C GLU WA 155 -68.32 -43.91 59.55
N MET WA 156 -67.11 -43.34 59.50
CA MET WA 156 -65.95 -44.13 59.12
C MET WA 156 -65.66 -45.21 60.15
N ALA WA 157 -65.83 -44.90 61.43
CA ALA WA 157 -65.65 -45.92 62.47
C ALA WA 157 -66.67 -47.03 62.31
N ASP WA 158 -67.96 -46.67 62.27
CA ASP WA 158 -69.01 -47.68 62.15
C ASP WA 158 -68.81 -48.54 60.92
N GLU WA 159 -68.36 -47.95 59.81
CA GLU WA 159 -68.06 -48.74 58.62
C GLU WA 159 -66.91 -49.69 58.88
N ALA WA 160 -65.83 -49.19 59.50
CA ALA WA 160 -64.71 -50.05 59.86
C ALA WA 160 -65.05 -50.99 61.00
N GLY WA 161 -66.20 -50.83 61.64
CA GLY WA 161 -66.60 -51.67 62.75
C GLY WA 161 -65.87 -51.39 64.05
N LEU WA 162 -64.80 -50.60 64.03
CA LEU WA 162 -64.00 -50.36 65.22
C LEU WA 162 -64.67 -49.29 66.07
N ASP WA 163 -63.96 -48.83 67.10
CA ASP WA 163 -64.42 -47.74 67.96
C ASP WA 163 -63.27 -46.78 68.19
N LEU WA 164 -63.60 -45.58 68.63
CA LEU WA 164 -62.65 -44.50 68.80
C LEU WA 164 -62.53 -44.17 70.29
N ASN WA 165 -61.31 -44.22 70.81
CA ASN WA 165 -61.05 -43.88 72.20
C ASN WA 165 -59.93 -42.86 72.30
N GLU WA 187 -79.37 -29.13 69.73
CA GLU WA 187 -79.33 -30.14 70.79
C GLU WA 187 -79.15 -29.48 72.15
N LEU WA 188 -77.91 -29.45 72.65
CA LEU WA 188 -77.63 -28.79 73.91
C LEU WA 188 -77.90 -27.30 73.83
N SER WA 189 -77.67 -26.70 72.66
CA SER WA 189 -77.85 -25.26 72.52
C SER WA 189 -79.29 -24.85 72.84
N GLN WA 190 -80.26 -25.70 72.50
CA GLN WA 190 -81.65 -25.37 72.79
C GLN WA 190 -81.91 -25.38 74.30
N ARG WA 191 -81.38 -26.36 75.01
CA ARG WA 191 -81.53 -26.37 76.46
C ARG WA 191 -80.85 -25.17 77.09
N LEU WA 192 -79.67 -24.80 76.57
CA LEU WA 192 -78.98 -23.64 77.10
C LEU WA 192 -79.75 -22.36 76.83
N ALA WA 193 -80.40 -22.26 75.67
CA ALA WA 193 -81.22 -21.09 75.37
C ALA WA 193 -82.44 -21.02 76.28
N ARG WA 194 -83.11 -22.16 76.48
CA ARG WA 194 -84.23 -22.19 77.41
C ARG WA 194 -83.80 -21.79 78.81
N LEU WA 195 -82.60 -22.22 79.22
CA LEU WA 195 -82.06 -21.80 80.52
C LEU WA 195 -81.76 -20.31 80.54
N ARG WA 196 -81.29 -19.78 79.41
CA ARG WA 196 -80.99 -18.36 79.32
C ARG WA 196 -82.26 -17.52 79.45
N ASP WA 197 -83.36 -18.00 78.87
CA ASP WA 197 -84.63 -17.30 79.02
C ASP WA 197 -85.03 -17.20 80.49
N GLN WA 198 -84.69 -18.21 81.29
CA GLN WA 198 -84.97 -18.20 82.72
C GLN WA 198 -86.47 -18.03 82.98
N PHE XA 6 -75.80 14.06 56.27
CA PHE XA 6 -76.43 12.74 56.23
C PHE XA 6 -76.66 12.29 54.80
N LYS XA 7 -76.24 11.06 54.51
CA LYS XA 7 -76.38 10.42 53.17
C LYS XA 7 -77.27 9.19 53.32
N ALA XA 8 -78.28 9.04 52.45
CA ALA XA 8 -79.21 7.93 52.57
C ALA XA 8 -78.62 6.63 52.04
N GLU XA 9 -78.11 6.65 50.80
CA GLU XA 9 -77.56 5.42 50.22
C GLU XA 9 -76.39 4.89 51.05
N ARG XA 10 -75.60 5.78 51.64
CA ARG XA 10 -74.55 5.33 52.55
C ARG XA 10 -75.14 4.53 53.71
N LEU XA 11 -76.23 5.04 54.30
CA LEU XA 11 -76.88 4.33 55.40
C LEU XA 11 -77.42 2.98 54.93
N ARG XA 12 -78.02 2.95 53.74
CA ARG XA 12 -78.54 1.70 53.19
C ARG XA 12 -77.43 0.66 53.06
N VAL XA 13 -76.33 1.06 52.42
CA VAL XA 13 -75.22 0.13 52.19
C VAL XA 13 -74.63 -0.34 53.51
N ASN XA 14 -74.46 0.58 54.46
CA ASN XA 14 -73.91 0.20 55.76
C ASN XA 14 -74.85 -0.75 56.50
N LEU XA 15 -76.16 -0.57 56.36
CA LEU XA 15 -77.11 -1.47 56.99
C LEU XA 15 -76.99 -2.87 56.41
N ARG XA 16 -76.92 -2.98 55.08
CA ARG XA 16 -76.76 -4.29 54.46
C ARG XA 16 -75.45 -4.94 54.91
N LEU XA 17 -74.38 -4.16 54.97
CA LEU XA 17 -73.10 -4.70 55.41
C LEU XA 17 -73.18 -5.17 56.86
N VAL XA 18 -73.84 -4.40 57.72
CA VAL XA 18 -74.00 -4.80 59.11
C VAL XA 18 -74.76 -6.11 59.21
N ILE XA 19 -75.81 -6.25 58.40
CA ILE XA 19 -76.59 -7.48 58.42
C ILE XA 19 -75.70 -8.67 58.07
N ASN XA 20 -74.97 -8.56 56.96
CA ASN XA 20 -74.10 -9.66 56.54
C ASN XA 20 -73.06 -9.98 57.61
N ARG XA 21 -72.43 -8.94 58.16
CA ARG XA 21 -71.40 -9.14 59.19
C ARG XA 21 -71.98 -9.84 60.41
N LEU XA 22 -73.19 -9.44 60.82
CA LEU XA 22 -73.81 -10.07 61.98
C LEU XA 22 -74.11 -11.54 61.70
N LYS XA 23 -74.56 -11.85 60.49
CA LYS XA 23 -74.78 -13.26 60.13
C LYS XA 23 -73.50 -14.06 60.28
N LEU XA 24 -72.43 -13.59 59.64
CA LEU XA 24 -71.16 -14.31 59.73
C LEU XA 24 -70.71 -14.46 61.18
N LEU XA 25 -70.82 -13.39 61.96
CA LEU XA 25 -70.33 -13.41 63.33
C LEU XA 25 -71.12 -14.39 64.18
N GLU XA 26 -72.45 -14.39 64.07
CA GLU XA 26 -73.23 -15.30 64.88
C GLU XA 26 -72.98 -16.75 64.49
N LYS XA 27 -72.82 -17.02 63.19
CA LYS XA 27 -72.45 -18.37 62.76
C LYS XA 27 -71.16 -18.82 63.45
N LYS XA 28 -70.07 -18.08 63.24
CA LYS XA 28 -68.79 -18.52 63.75
C LYS XA 28 -68.76 -18.52 65.28
N LYS XA 29 -69.56 -17.65 65.91
CA LYS XA 29 -69.62 -17.65 67.37
C LYS XA 29 -70.34 -18.87 67.89
N THR XA 30 -71.39 -19.31 67.20
CA THR XA 30 -72.03 -20.58 67.57
C THR XA 30 -71.03 -21.72 67.48
N GLU XA 31 -70.25 -21.77 66.40
CA GLU XA 31 -69.26 -22.84 66.26
C GLU XA 31 -68.24 -22.79 67.39
N LEU XA 32 -67.64 -21.62 67.62
CA LEU XA 32 -66.67 -21.47 68.70
C LEU XA 32 -67.30 -21.80 70.05
N ALA XA 33 -68.59 -21.53 70.23
CA ALA XA 33 -69.25 -21.86 71.48
C ALA XA 33 -69.35 -23.37 71.66
N GLN XA 34 -69.67 -24.10 70.59
CA GLN XA 34 -69.63 -25.55 70.67
C GLN XA 34 -68.26 -26.03 71.14
N LYS XA 35 -67.20 -25.54 70.47
CA LYS XA 35 -65.86 -26.01 70.80
C LYS XA 35 -65.48 -25.67 72.24
N ALA XA 36 -65.79 -24.45 72.69
CA ALA XA 36 -65.43 -24.06 74.04
C ALA XA 36 -66.29 -24.77 75.08
N ARG XA 37 -67.52 -25.16 74.72
CA ARG XA 37 -68.31 -26.01 75.61
C ARG XA 37 -67.65 -27.37 75.78
N LYS XA 38 -67.14 -27.94 74.69
CA LYS XA 38 -66.35 -29.16 74.81
C LYS XA 38 -65.16 -28.94 75.74
N GLU XA 39 -64.49 -27.79 75.61
CA GLU XA 39 -63.37 -27.49 76.48
C GLU XA 39 -63.79 -27.44 77.95
N ILE XA 40 -64.95 -26.84 78.22
CA ILE XA 40 -65.43 -26.78 79.60
C ILE XA 40 -65.76 -28.17 80.12
N ALA XA 41 -66.30 -29.03 79.26
CA ALA XA 41 -66.54 -30.42 79.66
C ALA XA 41 -65.23 -31.09 80.05
N ASP XA 42 -64.19 -30.90 79.24
CA ASP XA 42 -62.88 -31.44 79.58
C ASP XA 42 -62.39 -30.89 80.91
N TYR XA 43 -62.58 -29.59 81.14
CA TYR XA 43 -62.17 -28.99 82.41
C TYR XA 43 -62.89 -29.64 83.57
N LEU XA 44 -64.19 -29.91 83.42
CA LEU XA 44 -64.95 -30.53 84.50
C LEU XA 44 -64.55 -31.98 84.70
N ALA XA 45 -64.07 -32.65 83.65
CA ALA XA 45 -63.57 -34.01 83.82
C ALA XA 45 -62.54 -34.09 84.93
N ALA XA 46 -61.65 -33.11 85.00
CA ALA XA 46 -60.70 -33.00 86.08
C ALA XA 46 -61.38 -32.39 87.31
N GLY XA 47 -60.62 -32.24 88.39
CA GLY XA 47 -61.14 -31.63 89.60
C GLY XA 47 -61.29 -30.13 89.56
N LYS XA 48 -60.78 -29.50 88.50
CA LYS XA 48 -60.87 -28.05 88.37
C LYS XA 48 -62.33 -27.64 88.17
N ASP XA 49 -62.88 -26.94 89.16
CA ASP XA 49 -64.27 -26.50 89.14
C ASP XA 49 -64.42 -24.99 89.11
N GLU XA 50 -63.70 -24.28 89.98
CA GLU XA 50 -63.82 -22.83 90.05
C GLU XA 50 -63.33 -22.16 88.76
N ARG XA 51 -62.58 -22.88 87.92
CA ARG XA 51 -62.12 -22.38 86.64
C ARG XA 51 -63.15 -22.59 85.54
N ALA XA 52 -63.83 -23.74 85.56
CA ALA XA 52 -64.90 -23.98 84.61
C ALA XA 52 -66.01 -22.94 84.74
N ARG XA 53 -66.18 -22.37 85.93
CA ARG XA 53 -67.17 -21.31 86.09
C ARG XA 53 -66.76 -20.07 85.30
N ILE XA 54 -65.47 -19.74 85.30
CA ILE XA 54 -65.01 -18.61 84.50
C ILE XA 54 -65.19 -18.91 83.02
N ARG XA 55 -64.83 -20.13 82.60
CA ARG XA 55 -64.99 -20.49 81.19
C ARG XA 55 -66.46 -20.39 80.76
N VAL XA 56 -67.37 -20.87 81.60
CA VAL XA 56 -68.78 -20.83 81.23
C VAL XA 56 -69.32 -19.41 81.32
N GLU XA 57 -68.70 -18.55 82.14
CA GLU XA 57 -69.02 -17.13 82.09
C GLU XA 57 -68.69 -16.58 80.70
N HIS XA 58 -67.49 -16.89 80.21
CA HIS XA 58 -67.15 -16.57 78.82
C HIS XA 58 -68.25 -17.04 77.88
N ILE XA 59 -68.67 -18.30 78.03
CA ILE XA 59 -69.62 -18.90 77.08
C ILE XA 59 -70.94 -18.15 77.10
N ILE XA 60 -71.47 -17.89 78.29
CA ILE XA 60 -72.80 -17.28 78.37
C ILE XA 60 -72.74 -15.82 77.97
N ARG XA 61 -71.60 -15.16 78.20
CA ARG XA 61 -71.41 -13.83 77.62
C ARG XA 61 -71.50 -13.88 76.11
N GLU XA 62 -70.80 -14.84 75.49
CA GLU XA 62 -70.85 -14.97 74.04
C GLU XA 62 -72.26 -15.28 73.55
N ASP XA 63 -73.02 -16.06 74.33
CA ASP XA 63 -74.37 -16.41 73.91
C ASP XA 63 -75.31 -15.20 74.00
N TYR XA 64 -75.23 -14.46 75.11
CA TYR XA 64 -75.92 -13.17 75.17
C TYR XA 64 -75.57 -12.32 73.97
N LEU XA 65 -74.30 -12.30 73.59
CA LEU XA 65 -73.85 -11.48 72.48
C LEU XA 65 -74.49 -11.94 71.17
N VAL XA 66 -74.55 -13.26 70.96
CA VAL XA 66 -75.15 -13.77 69.73
C VAL XA 66 -76.63 -13.42 69.67
N GLU XA 67 -77.34 -13.54 70.79
CA GLU XA 67 -78.75 -13.17 70.81
C GLU XA 67 -78.93 -11.68 70.52
N ALA XA 68 -78.07 -10.84 71.11
CA ALA XA 68 -78.14 -9.41 70.86
C ALA XA 68 -77.86 -9.11 69.39
N MET XA 69 -76.93 -9.82 68.78
CA MET XA 69 -76.65 -9.63 67.36
C MET XA 69 -77.83 -10.06 66.50
N GLU XA 70 -78.54 -11.12 66.90
CA GLU XA 70 -79.75 -11.49 66.20
C GLU XA 70 -80.78 -10.37 66.26
N ILE XA 71 -80.99 -9.81 67.45
CA ILE XA 71 -81.95 -8.71 67.60
C ILE XA 71 -81.53 -7.52 66.75
N LEU XA 72 -80.23 -7.22 66.73
CA LEU XA 72 -79.75 -6.06 65.97
C LEU XA 72 -79.91 -6.28 64.48
N GLU XA 73 -79.64 -7.51 64.00
CA GLU XA 73 -79.88 -7.84 62.62
C GLU XA 73 -81.36 -7.66 62.28
N LEU XA 74 -82.25 -8.11 63.16
CA LEU XA 74 -83.67 -7.90 62.98
C LEU XA 74 -83.98 -6.41 62.81
N TYR XA 75 -83.45 -5.58 63.71
CA TYR XA 75 -83.78 -4.15 63.66
C TYR XA 75 -83.20 -3.49 62.41
N CYS XA 76 -81.97 -3.85 62.03
CA CYS XA 76 -81.39 -3.30 60.81
C CYS XA 76 -82.24 -3.66 59.60
N ASP XA 77 -82.67 -4.91 59.51
CA ASP XA 77 -83.53 -5.31 58.41
C ASP XA 77 -84.86 -4.58 58.46
N LEU XA 78 -85.37 -4.29 59.66
CA LEU XA 78 -86.61 -3.52 59.76
C LEU XA 78 -86.42 -2.13 59.18
N LEU XA 79 -85.35 -1.45 59.58
CA LEU XA 79 -85.07 -0.14 59.00
C LEU XA 79 -84.91 -0.23 57.49
N LEU XA 80 -84.23 -1.28 57.01
CA LEU XA 80 -84.00 -1.43 55.58
C LEU XA 80 -85.28 -1.72 54.82
N ALA XA 81 -86.28 -2.30 55.48
CA ALA XA 81 -87.57 -2.54 54.84
C ALA XA 81 -88.45 -1.30 54.80
N ARG XA 82 -88.22 -0.37 55.73
CA ARG XA 82 -88.97 0.88 55.82
C ARG XA 82 -88.05 2.06 55.58
N PHE XA 83 -87.17 1.94 54.59
CA PHE XA 83 -86.18 2.98 54.31
C PHE XA 83 -86.83 4.20 53.68
N GLY XA 84 -87.78 4.00 52.77
CA GLY XA 84 -88.49 5.13 52.21
C GLY XA 84 -89.19 5.96 53.27
N LEU XA 85 -89.75 5.29 54.29
CA LEU XA 85 -90.37 6.02 55.39
C LEU XA 85 -89.33 6.82 56.17
N ILE XA 86 -88.06 6.44 56.09
CA ILE XA 86 -87.00 7.25 56.66
C ILE XA 86 -86.74 8.47 55.79
N GLN XA 87 -86.65 8.26 54.47
CA GLN XA 87 -86.31 9.36 53.58
C GLN XA 87 -87.42 10.39 53.51
N SER XA 88 -88.67 9.95 53.56
CA SER XA 88 -89.80 10.87 53.37
C SER XA 88 -89.94 11.81 54.56
N MET XA 89 -90.21 11.26 55.74
CA MET XA 89 -90.39 12.08 56.93
C MET XA 89 -89.07 12.72 57.33
N LYS XA 90 -89.16 13.69 58.24
CA LYS XA 90 -88.00 14.32 58.86
C LYS XA 90 -87.81 13.89 60.30
N GLU XA 91 -88.88 13.57 61.01
CA GLU XA 91 -88.82 12.99 62.33
C GLU XA 91 -89.29 11.54 62.28
N LEU XA 92 -88.59 10.68 63.01
CA LEU XA 92 -88.92 9.25 62.96
C LEU XA 92 -90.28 9.00 63.58
N ASP XA 93 -91.01 8.06 63.00
CA ASP XA 93 -92.32 7.66 63.52
C ASP XA 93 -92.14 6.66 64.66
N SER XA 94 -93.27 6.17 65.18
CA SER XA 94 -93.21 5.22 66.29
C SER XA 94 -92.69 3.87 65.83
N GLY XA 95 -93.06 3.44 64.62
CA GLY XA 95 -92.62 2.16 64.12
C GLY XA 95 -91.12 2.01 64.00
N LEU XA 96 -90.39 3.12 63.95
CA LEU XA 96 -88.93 3.11 63.82
C LEU XA 96 -88.21 3.65 65.04
N ALA XA 97 -88.94 4.02 66.09
CA ALA XA 97 -88.30 4.56 67.29
C ALA XA 97 -87.38 3.53 67.93
N GLU XA 98 -87.88 2.30 68.11
CA GLU XA 98 -87.10 1.28 68.78
C GLU XA 98 -85.83 0.94 67.99
N SER XA 99 -85.97 0.72 66.69
CA SER XA 99 -84.82 0.37 65.87
C SER XA 99 -83.74 1.44 65.95
N VAL XA 100 -84.11 2.70 65.71
CA VAL XA 100 -83.14 3.78 65.73
C VAL XA 100 -82.50 3.90 67.11
N SER XA 101 -83.32 3.87 68.16
CA SER XA 101 -82.80 4.03 69.51
C SER XA 101 -81.78 2.94 69.84
N THR XA 102 -82.12 1.68 69.57
CA THR XA 102 -81.23 0.58 69.89
C THR XA 102 -79.98 0.63 69.03
N LEU XA 103 -80.12 0.94 67.75
CA LEU XA 103 -78.95 0.98 66.88
C LEU XA 103 -78.03 2.13 67.21
N ILE XA 104 -78.54 3.19 67.85
CA ILE XA 104 -77.65 4.25 68.31
C ILE XA 104 -77.04 3.90 69.65
N TRP XA 105 -77.78 3.18 70.50
CA TRP XA 105 -77.28 2.88 71.84
C TRP XA 105 -76.26 1.75 71.82
N ALA XA 106 -76.45 0.75 70.97
CA ALA XA 106 -75.59 -0.42 70.94
C ALA XA 106 -74.35 -0.23 70.07
N ALA XA 107 -74.34 0.79 69.22
CA ALA XA 107 -73.18 0.99 68.34
C ALA XA 107 -71.88 1.07 69.11
N PRO XA 108 -71.71 1.92 70.12
CA PRO XA 108 -70.45 1.93 70.86
C PRO XA 108 -70.17 0.62 71.58
N ARG XA 109 -71.21 -0.14 71.92
CA ARG XA 109 -71.01 -1.43 72.57
C ARG XA 109 -70.34 -2.42 71.62
N LEU XA 110 -70.93 -2.60 70.43
CA LEU XA 110 -70.43 -3.54 69.44
C LEU XA 110 -69.60 -2.86 68.36
N GLN XA 111 -69.00 -1.71 68.67
CA GLN XA 111 -68.21 -1.00 67.67
C GLN XA 111 -67.00 -1.81 67.24
N SER XA 112 -66.42 -2.59 68.15
CA SER XA 112 -65.23 -3.36 67.82
C SER XA 112 -65.58 -4.56 66.93
N GLU XA 113 -66.64 -5.28 67.25
CA GLU XA 113 -67.05 -6.42 66.44
C GLU XA 113 -67.49 -5.97 65.05
N VAL XA 114 -68.48 -5.09 65.00
CA VAL XA 114 -69.04 -4.59 63.75
C VAL XA 114 -68.64 -3.13 63.62
N ALA XA 115 -67.83 -2.82 62.61
CA ALA XA 115 -67.38 -1.44 62.41
C ALA XA 115 -68.46 -0.60 61.75
N GLU XA 116 -69.11 -1.15 60.71
CA GLU XA 116 -70.12 -0.40 59.98
C GLU XA 116 -71.24 0.09 60.88
N LEU XA 117 -71.44 -0.56 62.03
CA LEU XA 117 -72.49 -0.14 62.95
C LEU XA 117 -72.27 1.29 63.42
N LYS XA 118 -71.02 1.71 63.58
CA LYS XA 118 -70.74 3.09 63.97
C LYS XA 118 -71.17 4.06 62.88
N ILE XA 119 -70.96 3.69 61.62
CA ILE XA 119 -71.41 4.54 60.52
C ILE XA 119 -72.93 4.62 60.49
N VAL XA 120 -73.59 3.50 60.77
CA VAL XA 120 -75.06 3.51 60.84
C VAL XA 120 -75.51 4.46 61.95
N ALA XA 121 -74.87 4.37 63.11
CA ALA XA 121 -75.19 5.28 64.21
C ALA XA 121 -74.98 6.73 63.81
N ASP XA 122 -73.91 6.99 63.07
CA ASP XA 122 -73.66 8.36 62.59
C ASP XA 122 -74.80 8.84 61.72
N GLN XA 123 -75.13 8.08 60.67
CA GLN XA 123 -76.20 8.50 59.78
C GLN XA 123 -77.53 8.66 60.51
N LEU XA 124 -77.74 7.90 61.58
CA LEU XA 124 -78.98 8.03 62.34
C LEU XA 124 -78.94 9.14 63.38
N CYS XA 125 -77.74 9.63 63.72
CA CYS XA 125 -77.62 10.79 64.60
C CYS XA 125 -77.50 12.08 63.82
N ALA XA 126 -76.92 12.03 62.62
CA ALA XA 126 -76.80 13.21 61.78
C ALA XA 126 -78.09 13.56 61.04
N LYS XA 127 -79.07 12.67 61.05
CA LYS XA 127 -80.33 12.93 60.38
C LYS XA 127 -81.36 13.60 61.28
N TYR XA 128 -81.21 13.49 62.59
CA TYR XA 128 -82.19 13.98 63.55
C TYR XA 128 -81.57 15.07 64.41
N SER XA 129 -82.41 16.03 64.81
CA SER XA 129 -82.02 17.11 65.69
C SER XA 129 -82.82 17.18 66.97
N LYS XA 130 -84.05 16.65 66.99
CA LYS XA 130 -84.87 16.62 68.19
C LYS XA 130 -84.27 15.64 69.17
N GLU XA 131 -83.60 16.16 70.20
CA GLU XA 131 -82.93 15.34 71.19
C GLU XA 131 -81.88 14.44 70.55
N TYR XA 132 -81.22 14.94 69.51
CA TYR XA 132 -80.22 14.20 68.76
C TYR XA 132 -78.87 14.91 68.85
N GLY XA 133 -77.88 14.34 68.18
CA GLY XA 133 -76.51 14.75 68.39
C GLY XA 133 -75.88 13.93 69.50
N LYS XA 134 -74.58 13.66 69.36
CA LYS XA 134 -73.89 12.75 70.28
C LYS XA 134 -74.38 12.93 71.72
N LEU XA 135 -74.31 14.15 72.24
CA LEU XA 135 -74.75 14.41 73.60
C LEU XA 135 -76.23 14.12 73.76
N CYS XA 136 -77.08 14.80 72.98
CA CYS XA 136 -78.51 14.57 73.06
C CYS XA 136 -78.90 13.18 72.58
N ARG XA 137 -78.09 12.56 71.72
CA ARG XA 137 -78.35 11.19 71.30
C ARG XA 137 -78.16 10.23 72.46
N THR XA 138 -77.19 10.51 73.33
CA THR XA 138 -77.02 9.72 74.54
C THR XA 138 -78.06 10.09 75.59
N ASN XA 139 -78.54 11.33 75.58
CA ASN XA 139 -79.54 11.76 76.56
C ASN XA 139 -80.90 11.15 76.24
N GLN XA 140 -81.25 11.05 74.95
CA GLN XA 140 -82.53 10.51 74.52
C GLN XA 140 -82.46 9.01 74.21
N ILE XA 141 -81.57 8.29 74.88
CA ILE XA 141 -81.40 6.85 74.66
C ILE XA 141 -82.21 6.04 75.69
N GLY XA 142 -83.17 6.66 76.35
CA GLY XA 142 -83.95 5.98 77.36
C GLY XA 142 -85.21 5.34 76.80
N THR XA 143 -85.15 4.88 75.55
CA THR XA 143 -86.28 4.22 74.92
C THR XA 143 -85.85 2.98 74.12
N VAL XA 144 -84.71 2.39 74.46
CA VAL XA 144 -84.19 1.24 73.73
C VAL XA 144 -84.80 -0.03 74.29
N ASN XA 145 -84.70 -1.10 73.51
CA ASN XA 145 -85.20 -2.40 73.93
C ASN XA 145 -84.47 -2.87 75.19
N ASP XA 146 -85.23 -3.07 76.27
CA ASP XA 146 -84.62 -3.47 77.53
C ASP XA 146 -83.96 -4.83 77.42
N ARG XA 147 -84.55 -5.75 76.64
CA ARG XA 147 -83.97 -7.07 76.48
C ARG XA 147 -82.57 -6.98 75.89
N LEU XA 148 -82.41 -6.21 74.81
CA LEU XA 148 -81.09 -6.03 74.21
C LEU XA 148 -80.13 -5.39 75.19
N MET XA 149 -80.62 -4.44 75.99
CA MET XA 149 -79.78 -3.85 77.03
C MET XA 149 -79.27 -4.92 77.99
N HIS XA 150 -80.13 -5.90 78.31
CA HIS XA 150 -79.72 -6.96 79.22
C HIS XA 150 -78.72 -7.90 78.55
N LYS XA 151 -78.93 -8.21 77.27
CA LYS XA 151 -78.01 -9.10 76.57
C LYS XA 151 -76.62 -8.49 76.48
N LEU XA 152 -76.54 -7.18 76.26
CA LEU XA 152 -75.28 -6.48 76.17
C LEU XA 152 -74.88 -5.81 77.49
N SER XA 153 -75.54 -6.20 78.59
CA SER XA 153 -75.19 -5.66 79.89
C SER XA 153 -73.88 -6.26 80.37
N VAL XA 154 -72.94 -5.39 80.73
CA VAL XA 154 -71.61 -5.82 81.15
C VAL XA 154 -71.68 -5.98 82.68
N GLU XA 155 -72.04 -7.19 83.10
CA GLU XA 155 -72.20 -7.47 84.53
C GLU XA 155 -71.93 -8.94 84.78
N ALA XA 156 -71.48 -9.24 85.99
CA ALA XA 156 -71.24 -10.61 86.39
C ALA XA 156 -72.55 -11.39 86.37
N PRO XA 157 -72.71 -12.39 85.51
CA PRO XA 157 -73.98 -13.11 85.44
C PRO XA 157 -74.33 -13.74 86.78
N PRO XA 158 -75.60 -14.08 87.00
CA PRO XA 158 -75.98 -14.69 88.27
C PRO XA 158 -75.32 -16.04 88.47
N LYS XA 159 -74.91 -16.31 89.70
CA LYS XA 159 -74.18 -17.54 90.00
C LYS XA 159 -75.04 -18.77 89.73
N ILE XA 160 -76.32 -18.72 90.10
CA ILE XA 160 -77.21 -19.86 89.90
C ILE XA 160 -77.29 -20.21 88.42
N LEU XA 161 -77.31 -19.17 87.58
CA LEU XA 161 -77.38 -19.37 86.10
C LEU XA 161 -76.12 -20.11 85.65
N VAL XA 162 -74.96 -19.74 86.21
CA VAL XA 162 -73.66 -20.40 85.87
C VAL XA 162 -73.73 -21.87 86.30
N GLU XA 163 -74.30 -22.14 87.48
CA GLU XA 163 -74.42 -23.52 87.99
C GLU XA 163 -75.32 -24.33 87.04
N ARG XA 164 -76.42 -23.73 86.59
CA ARG XA 164 -77.36 -24.40 85.66
C ARG XA 164 -76.63 -24.71 84.35
N TYR XA 165 -75.81 -23.76 83.87
CA TYR XA 165 -75.03 -23.94 82.62
C TYR XA 165 -74.06 -25.11 82.79
N LEU XA 166 -73.41 -25.19 83.96
CA LEU XA 166 -72.46 -26.26 84.23
C LEU XA 166 -73.18 -27.60 84.38
N ILE XA 167 -74.32 -27.60 85.07
CA ILE XA 167 -75.08 -28.83 85.23
C ILE XA 167 -75.47 -29.40 83.87
N GLU XA 168 -75.97 -28.55 82.98
CA GLU XA 168 -76.39 -29.01 81.66
C GLU XA 168 -75.21 -29.54 80.86
N ILE XA 169 -74.10 -28.80 80.85
CA ILE XA 169 -72.94 -29.24 80.07
C ILE XA 169 -72.42 -30.56 80.60
N ALA XA 170 -72.34 -30.71 81.92
CA ALA XA 170 -71.90 -31.98 82.50
C ALA XA 170 -72.84 -33.11 82.12
N LYS XA 171 -74.14 -32.91 82.33
CA LYS XA 171 -75.12 -33.93 81.99
C LYS XA 171 -75.04 -34.34 80.53
N ASN XA 172 -74.67 -33.40 79.65
CA ASN XA 172 -74.60 -33.74 78.23
C ASN XA 172 -73.31 -34.48 77.89
N TYR XA 173 -72.19 -34.07 78.49
CA TYR XA 173 -70.89 -34.64 78.15
C TYR XA 173 -70.52 -35.81 79.05
N ASN XA 174 -71.46 -36.37 79.79
CA ASN XA 174 -71.24 -37.58 80.58
C ASN XA 174 -70.11 -37.37 81.59
N VAL XA 175 -70.15 -36.23 82.28
CA VAL XA 175 -69.15 -35.91 83.31
C VAL XA 175 -69.89 -35.64 84.62
N PRO XA 176 -69.42 -36.16 85.75
CA PRO XA 176 -70.05 -35.81 87.03
C PRO XA 176 -69.71 -34.39 87.45
N TYR XA 177 -70.64 -33.78 88.18
CA TYR XA 177 -70.44 -32.43 88.69
C TYR XA 177 -71.37 -32.21 89.87
N GLU XA 178 -70.81 -31.70 90.97
CA GLU XA 178 -71.58 -31.43 92.19
C GLU XA 178 -71.78 -29.92 92.32
N PRO XA 179 -72.96 -29.40 92.01
CA PRO XA 179 -73.16 -27.94 92.07
C PRO XA 179 -72.93 -27.40 93.47
N ASP XA 180 -72.57 -26.13 93.53
CA ASP XA 180 -72.42 -25.43 94.81
C ASP XA 180 -73.79 -25.26 95.43
N SER XA 181 -74.07 -26.00 96.50
CA SER XA 181 -75.40 -25.98 97.07
C SER XA 181 -75.76 -24.57 97.57
N VAL XA 182 -74.77 -23.82 98.05
CA VAL XA 182 -75.04 -22.47 98.60
C VAL XA 182 -75.79 -21.63 97.59
N VAL XA 183 -75.42 -21.74 96.31
CA VAL XA 183 -76.05 -20.95 95.25
C VAL XA 183 -77.09 -21.81 94.54
N MET XA 184 -76.85 -23.11 94.48
CA MET XA 184 -77.78 -24.01 93.79
C MET XA 184 -79.14 -24.09 94.48
N ALA XA 185 -79.20 -23.79 95.78
CA ALA XA 185 -80.45 -23.86 96.52
C ALA XA 185 -81.06 -22.50 96.82
N GLU XA 186 -80.24 -21.46 96.96
CA GLU XA 186 -80.75 -20.13 97.26
C GLU XA 186 -81.31 -19.49 95.99
N ASN YA 3 49.82 5.49 45.30
CA ASN YA 3 51.12 5.29 44.68
C ASN YA 3 51.64 3.89 44.97
N MET YA 4 51.67 3.52 46.26
CA MET YA 4 52.19 2.22 46.64
C MET YA 4 51.33 1.08 46.10
N GLU YA 5 50.03 1.33 45.90
CA GLU YA 5 49.16 0.30 45.35
C GLU YA 5 49.61 -0.10 43.95
N LYS YA 6 50.07 0.87 43.15
CA LYS YA 6 50.58 0.56 41.83
C LYS YA 6 51.81 -0.33 41.90
N HIS YA 7 52.73 -0.02 42.82
CA HIS YA 7 53.92 -0.84 42.98
C HIS YA 7 53.56 -2.26 43.43
N LEU YA 8 52.58 -2.38 44.34
CA LEU YA 8 52.11 -3.69 44.75
C LEU YA 8 51.54 -4.46 43.56
N PHE YA 9 50.74 -3.79 42.74
CA PHE YA 9 50.19 -4.45 41.56
C PHE YA 9 51.29 -4.94 40.64
N ASN YA 10 52.31 -4.11 40.40
CA ASN YA 10 53.41 -4.51 39.53
C ASN YA 10 54.17 -5.70 40.13
N LEU YA 11 54.35 -5.70 41.45
CA LEU YA 11 55.05 -6.81 42.09
C LEU YA 11 54.30 -8.11 41.93
N LYS YA 12 52.99 -8.09 42.19
CA LYS YA 12 52.19 -9.30 42.05
C LYS YA 12 52.15 -9.76 40.60
N PHE YA 13 52.08 -8.82 39.67
CA PHE YA 13 52.12 -9.18 38.25
C PHE YA 13 53.43 -9.87 37.90
N ALA YA 14 54.56 -9.34 38.40
CA ALA YA 14 55.85 -9.96 38.12
C ALA YA 14 55.92 -11.36 38.72
N ALA YA 15 55.39 -11.53 39.92
CA ALA YA 15 55.39 -12.86 40.53
C ALA YA 15 54.59 -13.85 39.69
N LYS YA 16 53.39 -13.44 39.25
CA LYS YA 16 52.59 -14.32 38.42
C LYS YA 16 53.29 -14.63 37.11
N GLU YA 17 53.97 -13.64 36.53
CA GLU YA 17 54.71 -13.87 35.29
C GLU YA 17 55.82 -14.90 35.51
N LEU YA 18 56.54 -14.79 36.63
CA LEU YA 18 57.59 -15.76 36.92
C LEU YA 18 57.01 -17.16 37.08
N SER YA 19 55.87 -17.28 37.75
CA SER YA 19 55.24 -18.60 37.90
C SER YA 19 54.85 -19.18 36.55
N ARG YA 20 54.21 -18.36 35.71
CA ARG YA 20 53.84 -18.81 34.37
C ARG YA 20 55.07 -19.26 33.60
N SER YA 21 56.16 -18.50 33.68
CA SER YA 21 57.37 -18.85 32.95
C SER YA 21 57.96 -20.16 33.46
N ALA YA 22 57.92 -20.39 34.77
CA ALA YA 22 58.40 -21.66 35.31
C ALA YA 22 57.56 -22.82 34.78
N LYS YA 23 56.24 -22.67 34.76
CA LYS YA 23 55.38 -23.72 34.22
C LYS YA 23 55.73 -23.99 32.75
N LYS YA 24 55.86 -22.93 31.96
CA LYS YA 24 56.17 -23.08 30.55
C LYS YA 24 57.51 -23.78 30.35
N CYS YA 25 58.51 -23.43 31.17
CA CYS YA 25 59.83 -24.04 31.03
C CYS YA 25 59.79 -25.52 31.40
N ASP YA 26 59.02 -25.87 32.43
CA ASP YA 26 58.85 -27.30 32.74
C ASP YA 26 58.22 -28.05 31.56
N LYS YA 27 57.20 -27.45 30.96
CA LYS YA 27 56.58 -28.07 29.78
C LYS YA 27 57.60 -28.25 28.66
N GLU YA 28 58.41 -27.22 28.41
CA GLU YA 28 59.40 -27.31 27.34
C GLU YA 28 60.44 -28.39 27.64
N GLU YA 29 60.80 -28.56 28.91
CA GLU YA 29 61.70 -29.65 29.27
C GLU YA 29 61.06 -30.99 28.95
N LYS YA 30 59.78 -31.15 29.31
CA LYS YA 30 59.10 -32.41 29.01
C LYS YA 30 59.10 -32.69 27.52
N ALA YA 31 59.00 -31.65 26.69
CA ALA YA 31 59.01 -31.85 25.24
C ALA YA 31 60.42 -32.21 24.74
N GLU YA 32 61.43 -31.47 25.23
CA GLU YA 32 62.79 -31.74 24.80
C GLU YA 32 63.25 -33.14 25.20
N LYS YA 33 62.67 -33.71 26.25
CA LYS YA 33 62.99 -35.09 26.60
C LYS YA 33 62.50 -36.05 25.51
N ALA YA 34 61.29 -35.83 25.00
CA ALA YA 34 60.82 -36.60 23.86
C ALA YA 34 61.76 -36.46 22.68
N LYS YA 35 62.19 -35.23 22.40
CA LYS YA 35 63.04 -35.00 21.24
C LYS YA 35 64.39 -35.71 21.40
N ILE YA 36 64.97 -35.66 22.60
CA ILE YA 36 66.26 -36.33 22.81
C ILE YA 36 66.10 -37.85 22.71
N GLU YA 37 64.97 -38.38 23.18
CA GLU YA 37 64.71 -39.81 23.00
C GLU YA 37 64.68 -40.16 21.51
N LYS YA 38 63.94 -39.38 20.73
CA LYS YA 38 63.90 -39.62 19.29
C LYS YA 38 65.30 -39.58 18.69
N ALA YA 39 66.07 -38.54 19.02
CA ALA YA 39 67.39 -38.38 18.42
C ALA YA 39 68.34 -39.50 18.83
N ILE YA 40 68.25 -39.98 20.06
CA ILE YA 40 69.10 -41.09 20.47
C ILE YA 40 68.65 -42.38 19.81
N GLN YA 41 67.37 -42.47 19.41
CA GLN YA 41 66.94 -43.60 18.60
C GLN YA 41 67.53 -43.52 17.20
N LYS YA 42 67.46 -42.35 16.56
CA LYS YA 42 68.02 -42.18 15.23
C LYS YA 42 69.54 -42.31 15.19
N GLY YA 43 70.20 -42.25 16.34
CA GLY YA 43 71.64 -42.34 16.40
C GLY YA 43 72.37 -41.02 16.41
N ASN YA 44 71.66 -39.90 16.27
CA ASN YA 44 72.30 -38.58 16.26
C ASN YA 44 72.85 -38.28 17.66
N MET YA 45 74.17 -38.27 17.78
CA MET YA 45 74.80 -37.92 19.06
C MET YA 45 74.79 -36.42 19.28
N GLU YA 46 75.05 -35.63 18.23
CA GLU YA 46 75.12 -34.18 18.40
C GLU YA 46 73.76 -33.58 18.68
N VAL YA 47 72.71 -34.04 17.97
CA VAL YA 47 71.37 -33.52 18.24
C VAL YA 47 70.92 -33.96 19.63
N ALA YA 48 71.32 -35.17 20.05
CA ALA YA 48 71.01 -35.60 21.41
C ALA YA 48 71.69 -34.70 22.43
N ARG YA 49 72.94 -34.32 22.18
CA ARG YA 49 73.63 -33.38 23.06
C ARG YA 49 72.88 -32.05 23.12
N ILE YA 50 72.47 -31.54 21.96
CA ILE YA 50 71.77 -30.25 21.91
C ILE YA 50 70.49 -30.33 22.74
N HIS YA 51 69.69 -31.37 22.50
CA HIS YA 51 68.42 -31.47 23.19
C HIS YA 51 68.61 -31.74 24.68
N ALA YA 52 69.68 -32.44 25.06
CA ALA YA 52 69.97 -32.63 26.48
C ALA YA 52 70.33 -31.31 27.13
N GLU YA 53 71.17 -30.51 26.47
CA GLU YA 53 71.48 -29.18 26.98
C GLU YA 53 70.22 -28.36 27.15
N ASN YA 54 69.34 -28.38 26.15
CA ASN YA 54 68.10 -27.63 26.24
C ASN YA 54 67.26 -28.11 27.42
N ALA YA 55 67.14 -29.43 27.60
CA ALA YA 55 66.30 -29.96 28.66
C ALA YA 55 66.85 -29.60 30.03
N ILE YA 56 68.15 -29.78 30.24
CA ILE YA 56 68.76 -29.45 31.52
C ILE YA 56 68.61 -27.96 31.80
N ARG YA 57 68.84 -27.12 30.78
CA ARG YA 57 68.70 -25.69 30.95
C ARG YA 57 67.28 -25.32 31.33
N GLN YA 58 66.29 -25.90 30.66
CA GLN YA 58 64.90 -25.60 30.97
C GLN YA 58 64.55 -26.04 32.38
N LYS YA 59 65.01 -27.22 32.79
CA LYS YA 59 64.76 -27.68 34.15
C LYS YA 59 65.33 -26.71 35.17
N ASN YA 60 66.61 -26.35 35.02
CA ASN YA 60 67.25 -25.48 36.00
C ASN YA 60 66.60 -24.10 36.02
N GLN YA 61 66.29 -23.55 34.84
CA GLN YA 61 65.70 -22.22 34.81
C GLN YA 61 64.25 -22.24 35.31
N ALA YA 62 63.56 -23.37 35.16
CA ALA YA 62 62.23 -23.49 35.76
C ALA YA 62 62.31 -23.50 37.27
N VAL YA 63 63.26 -24.25 37.82
CA VAL YA 63 63.45 -24.24 39.28
C VAL YA 63 63.79 -22.83 39.76
N ASN YA 64 64.67 -22.15 39.02
CA ASN YA 64 65.06 -20.79 39.40
C ASN YA 64 63.87 -19.85 39.35
N PHE YA 65 63.08 -19.92 38.27
CA PHE YA 65 61.89 -19.08 38.17
C PHE YA 65 60.91 -19.37 39.30
N LEU YA 66 60.78 -20.63 39.70
CA LEU YA 66 59.86 -20.96 40.77
C LEU YA 66 60.32 -20.36 42.10
N ARG YA 67 61.61 -20.53 42.42
CA ARG YA 67 62.13 -19.92 43.64
C ARG YA 67 61.99 -18.40 43.61
N MET YA 68 62.29 -17.80 42.45
CA MET YA 68 62.20 -16.35 42.30
C MET YA 68 60.77 -15.88 42.51
N SER YA 69 59.80 -16.59 41.92
CA SER YA 69 58.41 -16.24 42.10
C SER YA 69 57.98 -16.39 43.55
N ALA YA 70 58.50 -17.40 44.26
CA ALA YA 70 58.20 -17.52 45.67
C ALA YA 70 58.70 -16.32 46.45
N ARG YA 71 59.93 -15.88 46.16
CA ARG YA 71 60.48 -14.71 46.84
C ARG YA 71 59.63 -13.48 46.57
N VAL YA 72 59.29 -13.24 45.30
CA VAL YA 72 58.50 -12.07 44.96
C VAL YA 72 57.11 -12.17 45.57
N ASP YA 73 56.57 -13.39 45.69
CA ASP YA 73 55.27 -13.56 46.34
C ASP YA 73 55.35 -13.17 47.81
N ALA YA 74 56.40 -13.59 48.50
CA ALA YA 74 56.58 -13.19 49.89
C ALA YA 74 56.65 -11.67 50.01
N VAL YA 75 57.46 -11.04 49.15
CA VAL YA 75 57.62 -9.59 49.22
C VAL YA 75 56.29 -8.90 48.94
N ALA YA 76 55.53 -9.40 47.96
CA ALA YA 76 54.28 -8.77 47.60
C ALA YA 76 53.23 -8.94 48.69
N ALA YA 77 53.21 -10.11 49.34
CA ALA YA 77 52.32 -10.29 50.48
C ALA YA 77 52.67 -9.31 51.60
N ARG YA 78 53.96 -9.14 51.86
CA ARG YA 78 54.37 -8.18 52.88
C ARG YA 78 53.94 -6.77 52.52
N VAL YA 79 54.10 -6.39 51.25
CA VAL YA 79 53.75 -5.03 50.83
C VAL YA 79 52.24 -4.84 50.88
N GLN YA 80 51.47 -5.87 50.55
CA GLN YA 80 50.02 -5.77 50.62
C GLN YA 80 49.55 -5.62 52.06
N THR YA 81 50.16 -6.38 52.97
CA THR YA 81 49.90 -6.18 54.39
C THR YA 81 50.21 -4.75 54.80
N ALA YA 82 51.34 -4.22 54.34
CA ALA YA 82 51.72 -2.86 54.69
C ALA YA 82 50.71 -1.85 54.17
N VAL YA 83 50.22 -2.06 52.94
CA VAL YA 83 49.26 -1.13 52.35
C VAL YA 83 47.96 -1.14 53.15
N THR YA 84 47.45 -2.34 53.43
CA THR YA 84 46.21 -2.44 54.19
C THR YA 84 46.35 -1.82 55.58
N MET YA 85 47.48 -2.09 56.24
CA MET YA 85 47.70 -1.52 57.56
C MET YA 85 47.88 -0.01 57.50
N GLY YA 86 48.43 0.50 56.40
CA GLY YA 86 48.53 1.94 56.25
C GLY YA 86 47.17 2.59 56.10
N LYS YA 87 46.29 1.97 55.31
CA LYS YA 87 44.91 2.45 55.23
C LYS YA 87 44.26 2.43 56.61
N VAL YA 88 44.44 1.34 57.35
CA VAL YA 88 43.84 1.23 58.67
C VAL YA 88 44.37 2.31 59.60
N THR YA 89 45.69 2.53 59.57
CA THR YA 89 46.30 3.53 60.43
C THR YA 89 45.82 4.94 60.07
N LYS YA 90 45.72 5.24 58.79
CA LYS YA 90 45.19 6.53 58.37
C LYS YA 90 43.76 6.72 58.85
N SER YA 91 42.92 5.69 58.70
CA SER YA 91 41.54 5.79 59.15
C SER YA 91 41.47 6.00 60.65
N MET YA 92 42.32 5.31 61.41
CA MET YA 92 42.28 5.45 62.86
C MET YA 92 42.83 6.79 63.30
N ALA YA 93 43.78 7.35 62.55
CA ALA YA 93 44.23 8.72 62.84
C ALA YA 93 43.11 9.73 62.59
N GLY YA 94 42.42 9.59 61.47
CA GLY YA 94 41.27 10.46 61.23
C GLY YA 94 40.21 10.33 62.30
N VAL YA 95 39.93 9.10 62.73
CA VAL YA 95 38.96 8.87 63.79
C VAL YA 95 39.43 9.52 65.08
N VAL YA 96 40.72 9.42 65.38
CA VAL YA 96 41.25 10.02 66.60
C VAL YA 96 41.09 11.53 66.55
N LYS YA 97 41.38 12.14 65.41
CA LYS YA 97 41.22 13.59 65.27
C LYS YA 97 39.76 14.01 65.48
N SER YA 98 38.85 13.33 64.79
CA SER YA 98 37.44 13.67 64.90
C SER YA 98 36.93 13.49 66.33
N MET YA 99 37.27 12.36 66.95
CA MET YA 99 36.84 12.11 68.31
C MET YA 99 37.46 13.09 69.28
N ASP YA 100 38.70 13.53 69.02
CA ASP YA 100 39.31 14.55 69.87
C ASP YA 100 38.52 15.85 69.80
N ALA YA 101 38.25 16.31 68.58
CA ALA YA 101 37.44 17.52 68.43
C ALA YA 101 36.11 17.38 69.15
N THR YA 102 35.42 16.26 68.93
CA THR YA 102 34.09 16.08 69.52
C THR YA 102 34.16 16.04 71.05
N LEU YA 103 34.97 15.13 71.60
CA LEU YA 103 35.10 15.02 73.04
C LEU YA 103 35.61 16.30 73.68
N LYS YA 104 36.27 17.17 72.90
CA LYS YA 104 36.60 18.50 73.40
C LYS YA 104 35.34 19.36 73.46
N THR YA 105 34.54 19.32 72.40
CA THR YA 105 33.29 20.07 72.39
C THR YA 105 32.27 19.45 73.33
N MET YA 106 31.99 18.16 73.16
CA MET YA 106 31.01 17.43 73.96
C MET YA 106 31.78 16.53 74.92
N ASN YA 107 32.14 17.09 76.08
CA ASN YA 107 32.88 16.35 77.07
C ASN YA 107 31.93 15.73 78.08
N LEU YA 108 32.51 15.03 79.08
CA LEU YA 108 31.69 14.30 80.03
C LEU YA 108 30.90 15.24 80.93
N GLU YA 109 31.50 16.36 81.32
CA GLU YA 109 30.77 17.35 82.12
C GLU YA 109 29.53 17.84 81.37
N LYS YA 110 29.74 18.32 80.14
CA LYS YA 110 28.64 18.86 79.36
C LYS YA 110 27.61 17.78 79.07
N ILE YA 111 28.05 16.56 78.78
CA ILE YA 111 27.12 15.48 78.48
C ILE YA 111 26.27 15.15 79.70
N SER YA 112 26.91 15.03 80.87
CA SER YA 112 26.16 14.75 82.09
C SER YA 112 25.16 15.85 82.40
N ALA YA 113 25.57 17.11 82.26
CA ALA YA 113 24.66 18.21 82.52
C ALA YA 113 23.50 18.20 81.53
N LEU YA 114 23.80 17.96 80.26
CA LEU YA 114 22.77 17.90 79.23
C LEU YA 114 21.77 16.80 79.53
N MET YA 115 22.24 15.67 80.05
CA MET YA 115 21.35 14.55 80.33
C MET YA 115 20.50 14.80 81.57
N ASP YA 116 21.10 15.40 82.59
CA ASP YA 116 20.30 15.83 83.74
C ASP YA 116 19.22 16.80 83.29
N LYS YA 117 19.56 17.71 82.37
CA LYS YA 117 18.59 18.66 81.85
C LYS YA 117 17.49 17.95 81.07
N PHE YA 118 17.87 16.99 80.23
CA PHE YA 118 16.87 16.20 79.50
C PHE YA 118 15.90 15.52 80.46
N GLU YA 119 16.44 14.84 81.47
CA GLU YA 119 15.61 14.15 82.43
C GLU YA 119 14.66 15.11 83.14
N HIS YA 120 15.18 16.26 83.60
CA HIS YA 120 14.34 17.19 84.33
C HIS YA 120 13.29 17.82 83.44
N GLN YA 121 13.66 18.15 82.20
CA GLN YA 121 12.69 18.72 81.26
C GLN YA 121 11.56 17.75 80.99
N PHE YA 122 11.89 16.47 80.80
CA PHE YA 122 10.83 15.51 80.50
C PHE YA 122 10.05 15.10 81.73
N GLU YA 123 10.63 15.24 82.92
CA GLU YA 123 9.82 15.12 84.13
C GLU YA 123 8.82 16.27 84.25
N THR YA 124 9.28 17.49 84.00
CA THR YA 124 8.37 18.63 83.94
C THR YA 124 7.28 18.38 82.90
N LEU YA 125 7.65 17.77 81.77
CA LEU YA 125 6.66 17.45 80.75
C LEU YA 125 5.70 16.37 81.22
N ASP YA 126 6.19 15.47 82.09
CA ASP YA 126 5.34 14.41 82.69
C ASP YA 126 4.28 15.10 83.57
N VAL YA 127 4.67 16.13 84.32
CA VAL YA 127 3.77 16.88 85.19
C VAL YA 127 2.76 17.65 84.35
N GLN YA 128 3.26 18.32 83.31
CA GLN YA 128 2.38 19.05 82.41
C GLN YA 128 1.35 18.12 81.77
N THR YA 129 1.77 16.94 81.34
CA THR YA 129 0.86 16.00 80.72
C THR YA 129 -0.21 15.56 81.71
N GLN YA 130 0.19 15.24 82.94
CA GLN YA 130 -0.78 14.82 83.95
C GLN YA 130 -1.81 15.91 84.20
N GLN YA 131 -1.36 17.14 84.42
CA GLN YA 131 -2.28 18.23 84.70
C GLN YA 131 -3.18 18.51 83.50
N MET YA 132 -2.58 18.58 82.31
CA MET YA 132 -3.33 18.79 81.09
C MET YA 132 -4.40 17.71 80.91
N GLU YA 133 -4.08 16.48 81.28
CA GLU YA 133 -5.04 15.39 81.12
C GLU YA 133 -6.16 15.50 82.14
N ASP YA 134 -5.81 15.83 83.39
CA ASP YA 134 -6.83 16.09 84.39
C ASP YA 134 -7.82 17.14 83.88
N THR YA 135 -7.31 18.23 83.31
CA THR YA 135 -8.19 19.29 82.83
C THR YA 135 -8.99 18.84 81.62
N MET YA 136 -8.35 18.19 80.66
CA MET YA 136 -9.05 17.68 79.49
C MET YA 136 -10.23 16.80 79.91
N SER YA 137 -10.01 15.96 80.92
CA SER YA 137 -11.09 15.09 81.39
C SER YA 137 -12.17 15.89 82.10
N SER YA 138 -11.77 16.86 82.93
CA SER YA 138 -12.75 17.67 83.64
C SER YA 138 -13.61 18.49 82.68
N THR YA 139 -13.07 18.81 81.50
CA THR YA 139 -13.85 19.58 80.54
C THR YA 139 -15.04 18.81 80.03
N THR YA 140 -14.85 17.53 79.72
CA THR YA 140 -15.90 16.69 79.14
C THR YA 140 -16.24 15.60 80.14
N THR YA 141 -17.16 15.91 81.05
CA THR YA 141 -17.66 14.96 82.04
C THR YA 141 -19.14 14.67 81.90
N LEU YA 142 -19.90 15.53 81.23
CA LEU YA 142 -21.33 15.29 81.02
C LEU YA 142 -21.61 14.46 79.79
N THR YA 143 -20.65 14.36 78.87
CA THR YA 143 -20.77 13.44 77.74
C THR YA 143 -20.33 12.03 78.08
N THR YA 144 -19.47 11.89 79.09
CA THR YA 144 -18.94 10.60 79.53
C THR YA 144 -19.20 10.43 81.02
N PRO YA 145 -20.43 10.07 81.40
CA PRO YA 145 -20.70 9.82 82.82
C PRO YA 145 -20.07 8.52 83.28
N GLN YA 146 -19.45 8.58 84.46
CA GLN YA 146 -18.80 7.39 85.01
C GLN YA 146 -19.79 6.25 85.19
N ASN YA 147 -21.01 6.57 85.63
CA ASN YA 147 -22.00 5.53 85.85
C ASN YA 147 -22.32 4.77 84.57
N GLN YA 148 -22.48 5.50 83.45
CA GLN YA 148 -22.79 4.85 82.18
C GLN YA 148 -21.66 3.95 81.73
N VAL YA 149 -20.41 4.40 81.90
CA VAL YA 149 -19.26 3.58 81.49
C VAL YA 149 -19.20 2.33 82.35
N ASP YA 150 -19.38 2.46 83.66
CA ASP YA 150 -19.40 1.30 84.54
C ASP YA 150 -20.47 0.31 84.12
N MET YA 151 -21.67 0.82 83.83
CA MET YA 151 -22.77 -0.07 83.44
C MET YA 151 -22.45 -0.77 82.12
N LEU YA 152 -21.90 -0.04 81.15
CA LEU YA 152 -21.56 -0.67 79.88
C LEU YA 152 -20.53 -1.77 80.07
N LEU YA 153 -19.52 -1.51 80.90
CA LEU YA 153 -18.50 -2.53 81.15
C LEU YA 153 -19.11 -3.74 81.83
N GLN YA 154 -19.99 -3.52 82.81
CA GLN YA 154 -20.63 -4.64 83.49
C GLN YA 154 -21.46 -5.47 82.53
N GLU YA 155 -22.23 -4.80 81.66
CA GLU YA 155 -23.05 -5.55 80.72
C GLU YA 155 -22.20 -6.32 79.73
N MET YA 156 -21.14 -5.71 79.21
CA MET YA 156 -20.29 -6.40 78.26
C MET YA 156 -19.59 -7.59 78.90
N ALA YA 157 -19.15 -7.43 80.15
CA ALA YA 157 -18.55 -8.55 80.87
C ALA YA 157 -19.56 -9.68 81.06
N ASP YA 158 -20.72 -9.37 81.64
CA ASP YA 158 -21.73 -10.39 81.88
C ASP YA 158 -22.11 -11.10 80.59
N GLU YA 159 -22.20 -10.36 79.48
CA GLU YA 159 -22.49 -11.00 78.20
C GLU YA 159 -21.35 -11.93 77.79
N ALA YA 160 -20.10 -11.46 77.92
CA ALA YA 160 -18.96 -12.31 77.63
C ALA YA 160 -18.76 -13.40 78.68
N GLY YA 161 -19.50 -13.35 79.79
CA GLY YA 161 -19.37 -14.33 80.85
C GLY YA 161 -18.14 -14.19 81.70
N LEU YA 162 -17.17 -13.36 81.30
CA LEU YA 162 -15.92 -13.22 82.02
C LEU YA 162 -16.12 -12.28 83.21
N ASP YA 163 -15.01 -11.92 83.86
CA ASP YA 163 -15.02 -10.96 84.95
C ASP YA 163 -13.86 -10.00 84.76
N LEU YA 164 -13.95 -8.86 85.45
CA LEU YA 164 -12.98 -7.77 85.30
C LEU YA 164 -12.21 -7.60 86.60
N ASN YA 165 -10.89 -7.68 86.50
CA ASN YA 165 -10.02 -7.50 87.67
C ASN YA 165 -8.95 -6.45 87.37
N GLU YA 187 -27.20 6.73 95.49
CA GLU YA 187 -26.72 5.60 96.28
C GLU YA 187 -25.94 6.10 97.50
N LEU YA 188 -24.60 6.12 97.37
CA LEU YA 188 -23.78 6.64 98.47
C LEU YA 188 -24.03 8.12 98.69
N SER YA 189 -24.34 8.86 97.62
CA SER YA 189 -24.54 10.30 97.75
C SER YA 189 -25.66 10.61 98.73
N GLN YA 190 -26.70 9.77 98.76
CA GLN YA 190 -27.80 10.02 99.69
C GLN YA 190 -27.37 9.83 101.14
N ARG YA 191 -26.59 8.78 101.41
CA ARG YA 191 -26.07 8.59 102.76
C ARG YA 191 -25.15 9.74 103.16
N LEU YA 192 -24.33 10.22 102.22
CA LEU YA 192 -23.45 11.34 102.52
C LEU YA 192 -24.24 12.60 102.78
N ALA YA 193 -25.35 12.81 102.05
CA ALA YA 193 -26.18 13.98 102.30
C ALA YA 193 -26.87 13.89 103.66
N ARG YA 194 -27.39 12.71 104.00
CA ARG YA 194 -27.98 12.53 105.32
C ARG YA 194 -26.95 12.79 106.41
N LEU YA 195 -25.71 12.35 106.19
CA LEU YA 195 -24.64 12.63 107.15
C LEU YA 195 -24.33 14.12 107.21
N ARG YA 196 -24.40 14.80 106.07
CA ARG YA 196 -24.14 16.23 106.03
C ARG YA 196 -25.21 17.00 106.81
N ASP YA 197 -26.46 16.55 106.74
CA ASP YA 197 -27.52 17.18 107.52
C ASP YA 197 -27.21 17.09 109.01
N GLN YA 198 -26.57 16.01 109.44
CA GLN YA 198 -26.19 15.84 110.84
C GLN YA 198 -27.39 15.92 111.75
N PHE ZA 6 -29.24 51.53 87.26
CA PHE ZA 6 -29.84 50.21 87.35
C PHE ZA 6 -30.71 49.92 86.12
N LYS ZA 7 -30.47 48.75 85.52
CA LYS ZA 7 -31.22 48.27 84.32
C LYS ZA 7 -31.97 47.00 84.70
N ALA ZA 8 -33.26 46.92 84.37
CA ALA ZA 8 -34.07 45.77 84.75
C ALA ZA 8 -33.80 44.56 83.86
N GLU ZA 9 -33.89 44.74 82.54
CA GLU ZA 9 -33.69 43.62 81.62
C GLU ZA 9 -32.30 43.03 81.77
N ARG ZA 10 -31.30 43.88 82.05
CA ARG ZA 10 -29.96 43.37 82.34
C ARG ZA 10 -29.98 42.41 83.52
N LEU ZA 11 -30.67 42.80 84.59
CA LEU ZA 11 -30.78 41.95 85.77
C LEU ZA 11 -31.49 40.65 85.43
N ARG ZA 12 -32.57 40.73 84.65
CA ARG ZA 12 -33.30 39.52 84.24
C ARG ZA 12 -32.39 38.56 83.49
N VAL ZA 13 -31.69 39.06 82.49
CA VAL ZA 13 -30.82 38.23 81.66
C VAL ZA 13 -29.71 37.62 82.53
N ASN ZA 14 -29.12 38.42 83.40
CA ASN ZA 14 -28.05 37.91 84.25
C ASN ZA 14 -28.56 36.85 85.21
N LEU ZA 15 -29.80 37.00 85.69
CA LEU ZA 15 -30.38 35.99 86.57
C LEU ZA 15 -30.57 34.67 85.83
N ARG ZA 16 -31.11 34.73 84.60
CA ARG ZA 16 -31.26 33.51 83.81
C ARG ZA 16 -29.91 32.85 83.55
N LEU ZA 17 -28.90 33.66 83.22
CA LEU ZA 17 -27.57 33.12 82.97
C LEU ZA 17 -26.99 32.48 84.23
N VAL ZA 18 -27.19 33.11 85.39
CA VAL ZA 18 -26.70 32.56 86.64
C VAL ZA 18 -27.37 31.22 86.92
N ILE ZA 19 -28.68 31.13 86.65
CA ILE ZA 19 -29.39 29.87 86.85
C ILE ZA 19 -28.78 28.77 86.00
N ASN ZA 20 -28.61 29.04 84.70
CA ASN ZA 20 -28.05 28.02 83.81
C ASN ZA 20 -26.64 27.63 84.25
N ARG ZA 21 -25.81 28.62 84.59
CA ARG ZA 21 -24.45 28.33 85.00
C ARG ZA 21 -24.43 27.48 86.27
N LEU ZA 22 -25.31 27.77 87.22
CA LEU ZA 22 -25.36 26.99 88.45
C LEU ZA 22 -25.78 25.56 88.16
N LYS ZA 23 -26.73 25.37 87.24
CA LYS ZA 23 -27.12 24.01 86.85
C LYS ZA 23 -25.92 23.24 86.31
N LEU ZA 24 -25.24 23.82 85.32
CA LEU ZA 24 -24.08 23.15 84.75
C LEU ZA 24 -23.03 22.85 85.80
N LEU ZA 25 -22.76 23.81 86.68
CA LEU ZA 25 -21.70 23.65 87.67
C LEU ZA 25 -22.05 22.54 88.66
N GLU ZA 26 -23.29 22.51 89.15
CA GLU ZA 26 -23.64 21.48 90.12
C GLU ZA 26 -23.61 20.09 89.47
N LYS ZA 27 -24.07 19.98 88.22
CA LYS ZA 27 -23.95 18.72 87.51
C LYS ZA 27 -22.50 18.23 87.48
N LYS ZA 28 -21.61 19.04 86.91
CA LYS ZA 28 -20.24 18.58 86.73
C LYS ZA 28 -19.53 18.40 88.07
N LYS ZA 29 -19.94 19.15 89.09
CA LYS ZA 29 -19.34 18.99 90.40
C LYS ZA 29 -19.77 17.69 91.04
N THR ZA 30 -21.04 17.29 90.85
CA THR ZA 30 -21.47 15.96 91.30
C THR ZA 30 -20.63 14.87 90.64
N GLU ZA 31 -20.42 14.99 89.32
CA GLU ZA 31 -19.62 13.99 88.62
C GLU ZA 31 -18.19 13.94 89.17
N LEU ZA 32 -17.54 15.09 89.25
CA LEU ZA 32 -16.19 15.15 89.81
C LEU ZA 32 -16.14 14.63 91.23
N ALA ZA 33 -17.21 14.83 91.99
CA ALA ZA 33 -17.25 14.33 93.36
C ALA ZA 33 -17.28 12.82 93.39
N GLN ZA 34 -18.07 12.20 92.49
CA GLN ZA 34 -18.02 10.75 92.36
C GLN ZA 34 -16.59 10.28 92.10
N LYS ZA 35 -15.94 10.88 91.10
CA LYS ZA 35 -14.60 10.43 90.73
C LYS ZA 35 -13.61 10.61 91.88
N ALA ZA 36 -13.67 11.75 92.57
CA ALA ZA 36 -12.72 11.99 93.65
C ALA ZA 36 -13.04 11.14 94.86
N ARG ZA 37 -14.30 10.75 95.05
CA ARG ZA 37 -14.63 9.77 96.08
C ARG ZA 37 -13.98 8.42 95.77
N LYS ZA 38 -14.04 8.00 94.50
CA LYS ZA 38 -13.30 6.81 94.12
C LYS ZA 38 -11.81 6.96 94.43
N GLU ZA 39 -11.26 8.13 94.16
CA GLU ZA 39 -9.85 8.38 94.47
C GLU ZA 39 -9.58 8.24 95.96
N ILE ZA 40 -10.48 8.75 96.79
CA ILE ZA 40 -10.28 8.64 98.24
C ILE ZA 40 -10.37 7.18 98.67
N ALA ZA 41 -11.26 6.41 98.05
CA ALA ZA 41 -11.31 4.98 98.34
C ALA ZA 41 -9.98 4.32 98.02
N ASP ZA 42 -9.42 4.64 96.85
CA ASP ZA 42 -8.11 4.10 96.50
C ASP ZA 42 -7.05 4.52 97.53
N TYR ZA 43 -7.10 5.77 97.98
CA TYR ZA 43 -6.16 6.23 98.99
C TYR ZA 43 -6.28 5.41 100.27
N LEU ZA 44 -7.52 5.12 100.67
CA LEU ZA 44 -7.73 4.35 101.89
C LEU ZA 44 -7.31 2.90 101.72
N ALA ZA 45 -7.36 2.38 100.49
CA ALA ZA 45 -6.87 1.02 100.24
C ALA ZA 45 -5.45 0.86 100.77
N ALA ZA 46 -4.60 1.87 100.54
CA ALA ZA 46 -3.27 1.88 101.10
C ALA ZA 46 -3.32 2.30 102.56
N GLY ZA 47 -2.14 2.35 103.19
CA GLY ZA 47 -2.06 2.79 104.57
C GLY ZA 47 -2.18 4.28 104.78
N LYS ZA 48 -2.20 5.05 103.70
CA LYS ZA 48 -2.30 6.51 103.80
C LYS ZA 48 -3.68 6.88 104.33
N ASP ZA 49 -3.72 7.43 105.54
CA ASP ZA 49 -4.96 7.82 106.20
C ASP ZA 49 -5.08 9.31 106.42
N GLU ZA 50 -4.03 9.94 106.96
CA GLU ZA 50 -4.08 11.38 107.25
C GLU ZA 50 -4.21 12.21 105.98
N ARG ZA 51 -3.93 11.62 104.82
CA ARG ZA 51 -4.08 12.29 103.53
C ARG ZA 51 -5.50 12.17 102.99
N ALA ZA 52 -6.12 11.00 103.18
CA ALA ZA 52 -7.51 10.83 102.78
C ALA ZA 52 -8.41 11.80 103.51
N ARG ZA 53 -8.03 12.22 104.73
CA ARG ZA 53 -8.81 13.22 105.44
C ARG ZA 53 -8.78 14.56 104.71
N ILE ZA 54 -7.63 14.94 104.16
CA ILE ZA 54 -7.55 16.17 103.40
C ILE ZA 54 -8.38 16.05 102.12
N ARG ZA 55 -8.28 14.91 101.44
CA ARG ZA 55 -9.06 14.71 100.23
C ARG ZA 55 -10.56 14.80 100.51
N VAL ZA 56 -11.01 14.18 101.60
CA VAL ZA 56 -12.43 14.21 101.92
C VAL ZA 56 -12.83 15.60 102.41
N GLU ZA 57 -11.91 16.37 102.98
CA GLU ZA 57 -12.19 17.78 103.23
C GLU ZA 57 -12.51 18.49 101.93
N HIS ZA 58 -11.66 18.30 100.92
CA HIS ZA 58 -11.98 18.79 99.58
C HIS ZA 58 -13.39 18.40 99.17
N ILE ZA 59 -13.72 17.12 99.34
CA ILE ZA 59 -15.00 16.59 98.85
C ILE ZA 59 -16.16 17.28 99.55
N ILE ZA 60 -16.10 17.38 100.89
CA ILE ZA 60 -17.23 17.92 101.62
C ILE ZA 60 -17.34 19.42 101.41
N ARG ZA 61 -16.21 20.10 101.19
CA ARG ZA 61 -16.26 21.49 100.77
C ARG ZA 61 -17.04 21.61 99.45
N GLU ZA 62 -16.70 20.76 98.47
CA GLU ZA 62 -17.39 20.80 97.20
C GLU ZA 62 -18.88 20.50 97.36
N ASP ZA 63 -19.22 19.61 98.29
CA ASP ZA 63 -20.63 19.26 98.49
C ASP ZA 63 -21.40 20.40 99.12
N TYR ZA 64 -20.83 21.01 100.16
CA TYR ZA 64 -21.38 22.26 100.70
C TYR ZA 64 -21.60 23.26 99.57
N LEU ZA 65 -20.62 23.37 98.67
CA LEU ZA 65 -20.71 24.34 97.59
C LEU ZA 65 -21.87 24.01 96.65
N VAL ZA 66 -22.05 22.73 96.34
CA VAL ZA 66 -23.15 22.33 95.46
C VAL ZA 66 -24.49 22.64 96.11
N GLU ZA 67 -24.62 22.35 97.41
CA GLU ZA 67 -25.87 22.68 98.10
C GLU ZA 67 -26.12 24.18 98.10
N ALA ZA 68 -25.07 24.97 98.35
CA ALA ZA 68 -25.23 26.41 98.32
C ALA ZA 68 -25.64 26.91 96.94
N MET ZA 69 -25.08 26.29 95.89
CA MET ZA 69 -25.47 26.67 94.54
C MET ZA 69 -26.92 26.31 94.25
N GLU ZA 70 -27.39 25.18 94.79
CA GLU ZA 70 -28.80 24.84 94.66
C GLU ZA 70 -29.67 25.92 95.32
N ILE ZA 71 -29.31 26.31 96.54
CA ILE ZA 71 -30.08 27.34 97.24
C ILE ZA 71 -30.06 28.65 96.44
N LEU ZA 72 -28.91 29.00 95.88
CA LEU ZA 72 -28.81 30.26 95.14
C LEU ZA 72 -29.61 30.21 93.85
N GLU ZA 73 -29.60 29.07 93.18
CA GLU ZA 73 -30.46 28.90 92.00
C GLU ZA 73 -31.92 29.06 92.38
N LEU ZA 74 -32.33 28.47 93.51
CA LEU ZA 74 -33.68 28.64 94.01
C LEU ZA 74 -34.01 30.13 94.19
N TYR ZA 75 -33.12 30.87 94.84
CA TYR ZA 75 -33.40 32.27 95.12
C TYR ZA 75 -33.43 33.11 93.85
N CYS ZA 76 -32.51 32.84 92.91
CA CYS ZA 76 -32.53 33.56 91.64
C CYS ZA 76 -33.82 33.31 90.91
N ASP ZA 77 -34.28 32.06 90.87
CA ASP ZA 77 -35.55 31.76 90.23
C ASP ZA 77 -36.71 32.44 90.95
N LEU ZA 78 -36.62 32.55 92.28
CA LEU ZA 78 -37.66 33.25 93.02
C LEU ZA 78 -37.73 34.71 92.59
N LEU ZA 79 -36.59 35.38 92.54
CA LEU ZA 79 -36.57 36.76 92.08
C LEU ZA 79 -37.10 36.86 90.65
N LEU ZA 80 -36.73 35.91 89.79
CA LEU ZA 80 -37.17 35.92 88.41
C LEU ZA 80 -38.67 35.68 88.27
N ALA ZA 81 -39.28 34.98 89.23
CA ALA ZA 81 -40.71 34.77 89.21
C ALA ZA 81 -41.48 35.98 89.72
N ARG ZA 82 -40.86 36.81 90.56
CA ARG ZA 82 -41.46 38.00 91.13
C ARG ZA 82 -40.71 39.24 90.65
N PHE ZA 83 -40.39 39.27 89.35
CA PHE ZA 83 -39.61 40.38 88.80
C PHE ZA 83 -40.45 41.64 88.69
N GLY ZA 84 -41.70 41.50 88.29
CA GLY ZA 84 -42.58 42.67 88.24
C GLY ZA 84 -42.71 43.33 89.60
N LEU ZA 85 -42.75 42.53 90.67
CA LEU ZA 85 -42.80 43.10 92.01
C LEU ZA 85 -41.51 43.84 92.34
N ILE ZA 86 -40.42 43.53 91.65
CA ILE ZA 86 -39.20 44.30 91.78
C ILE ZA 86 -39.34 45.62 91.04
N GLN ZA 87 -39.84 45.58 89.81
CA GLN ZA 87 -39.92 46.79 89.00
C GLN ZA 87 -40.93 47.78 89.57
N SER ZA 88 -42.03 47.29 90.13
CA SER ZA 88 -43.10 48.17 90.57
C SER ZA 88 -42.69 48.96 91.80
N MET ZA 89 -42.40 48.26 92.90
CA MET ZA 89 -42.01 48.93 94.13
C MET ZA 89 -40.64 49.57 93.98
N LYS ZA 90 -40.30 50.42 94.94
CA LYS ZA 90 -38.97 51.01 95.05
C LYS ZA 90 -38.16 50.43 96.18
N GLU ZA 91 -38.81 49.97 97.24
CA GLU ZA 91 -38.16 49.24 98.33
C GLU ZA 91 -38.64 47.80 98.31
N LEU ZA 92 -37.70 46.88 98.54
CA LEU ZA 92 -38.04 45.46 98.47
C LEU ZA 92 -38.99 45.08 99.60
N ASP ZA 93 -39.92 44.19 99.30
CA ASP ZA 93 -40.86 43.69 100.29
C ASP ZA 93 -40.21 42.56 101.09
N SER ZA 94 -40.99 41.97 102.00
CA SER ZA 94 -40.47 40.90 102.84
C SER ZA 94 -40.23 39.63 102.03
N GLY ZA 95 -41.11 39.34 101.07
CA GLY ZA 95 -40.96 38.14 100.27
C GLY ZA 95 -39.68 38.07 99.48
N LEU ZA 96 -39.03 39.20 99.24
CA LEU ZA 96 -37.79 39.26 98.47
C LEU ZA 96 -36.59 39.68 99.30
N ALA ZA 97 -36.76 39.90 100.61
CA ALA ZA 97 -35.64 40.31 101.43
C ALA ZA 97 -34.55 39.25 101.47
N GLU ZA 98 -34.94 37.99 101.71
CA GLU ZA 98 -33.96 36.92 101.81
C GLU ZA 98 -33.19 36.74 100.51
N SER ZA 99 -33.91 36.67 99.40
CA SER ZA 99 -33.25 36.46 98.11
C SER ZA 99 -32.22 37.55 97.84
N VAL ZA 100 -32.64 38.81 97.95
CA VAL ZA 100 -31.74 39.92 97.66
C VAL ZA 100 -30.55 39.90 98.61
N SER ZA 101 -30.82 39.72 99.90
CA SER ZA 101 -29.74 39.73 100.89
C SER ZA 101 -28.70 38.66 100.58
N THR ZA 102 -29.16 37.43 100.35
CA THR ZA 102 -28.23 36.33 100.09
C THR ZA 102 -27.50 36.52 98.77
N LEU ZA 103 -28.20 36.99 97.74
CA LEU ZA 103 -27.55 37.17 96.45
C LEU ZA 103 -26.54 38.31 96.47
N ILE ZA 104 -26.70 39.25 97.39
CA ILE ZA 104 -25.69 40.29 97.54
C ILE ZA 104 -24.54 39.82 98.42
N TRP ZA 105 -24.82 38.97 99.42
CA TRP ZA 105 -23.78 38.53 100.33
C TRP ZA 105 -22.90 37.45 99.72
N ALA ZA 106 -23.47 36.56 98.92
CA ALA ZA 106 -22.75 35.43 98.37
C ALA ZA 106 -22.02 35.77 97.07
N ALA ZA 107 -22.37 36.89 96.44
CA ALA ZA 107 -21.73 37.24 95.17
C ALA ZA 107 -20.22 37.26 95.27
N PRO ZA 108 -19.60 38.00 96.20
CA PRO ZA 108 -18.14 37.96 96.30
C PRO ZA 108 -17.59 36.60 96.64
N ARG ZA 109 -18.38 35.75 97.32
CA ARG ZA 109 -17.93 34.41 97.64
C ARG ZA 109 -17.79 33.57 96.38
N LEU ZA 110 -18.85 33.50 95.57
CA LEU ZA 110 -18.86 32.70 94.35
C LEU ZA 110 -18.59 33.54 93.10
N GLN ZA 111 -17.90 34.67 93.25
CA GLN ZA 111 -17.63 35.52 92.10
C GLN ZA 111 -16.75 34.82 91.08
N SER ZA 112 -15.85 33.95 91.54
CA SER ZA 112 -14.95 33.27 90.60
C SER ZA 112 -15.67 32.19 89.82
N GLU ZA 113 -16.49 31.39 90.50
CA GLU ZA 113 -17.24 30.33 89.82
C GLU ZA 113 -18.25 30.93 88.85
N VAL ZA 114 -19.15 31.78 89.34
CA VAL ZA 114 -20.20 32.40 88.55
C VAL ZA 114 -19.88 33.88 88.45
N ALA ZA 115 -19.59 34.34 87.22
CA ALA ZA 115 -19.25 35.74 87.02
C ALA ZA 115 -20.51 36.62 87.02
N GLU ZA 116 -21.55 36.17 86.32
CA GLU ZA 116 -22.78 36.96 86.22
C GLU ZA 116 -23.36 37.30 87.58
N LEU ZA 117 -23.04 36.51 88.60
CA LEU ZA 117 -23.55 36.78 89.95
C LEU ZA 117 -23.12 38.15 90.45
N LYS ZA 118 -21.91 38.59 90.07
CA LYS ZA 118 -21.47 39.92 90.46
C LYS ZA 118 -22.33 41.00 89.81
N ILE ZA 119 -22.72 40.80 88.56
CA ILE ZA 119 -23.59 41.75 87.89
C ILE ZA 119 -24.96 41.78 88.56
N VAL ZA 120 -25.45 40.60 88.95
CA VAL ZA 120 -26.73 40.55 89.68
C VAL ZA 120 -26.62 41.34 90.97
N ALA ZA 121 -25.51 41.14 91.71
CA ALA ZA 121 -25.30 41.90 92.93
C ALA ZA 121 -25.25 43.39 92.67
N ASP ZA 122 -24.63 43.79 91.56
CA ASP ZA 122 -24.60 45.20 91.19
C ASP ZA 122 -26.00 45.74 91.00
N GLN ZA 123 -26.79 45.10 90.13
CA GLN ZA 123 -28.14 45.59 89.86
C GLN ZA 123 -28.98 45.61 91.12
N LEU ZA 124 -28.71 44.71 92.07
CA LEU ZA 124 -29.47 44.70 93.31
C LEU ZA 124 -28.95 45.69 94.35
N CYS ZA 125 -27.71 46.18 94.19
CA CYS ZA 125 -27.19 47.22 95.04
C CYS ZA 125 -27.41 48.61 94.47
N ALA ZA 126 -27.44 48.72 93.14
CA ALA ZA 126 -27.67 49.99 92.48
C ALA ZA 126 -29.14 50.38 92.45
N LYS ZA 127 -30.04 49.46 92.78
CA LYS ZA 127 -31.47 49.75 92.79
C LYS ZA 127 -31.97 50.27 94.13
N TYR ZA 128 -31.24 50.01 95.22
CA TYR ZA 128 -31.68 50.34 96.56
C TYR ZA 128 -30.72 51.35 97.18
N SER ZA 129 -31.28 52.21 98.03
CA SER ZA 129 -30.51 53.20 98.77
C SER ZA 129 -30.65 53.08 100.28
N LYS ZA 130 -31.75 52.51 100.76
CA LYS ZA 130 -31.95 52.31 102.20
C LYS ZA 130 -30.99 51.24 102.68
N GLU ZA 131 -29.92 51.67 103.36
CA GLU ZA 131 -28.88 50.74 103.83
C GLU ZA 131 -28.25 49.98 102.67
N TYR ZA 132 -28.13 50.62 101.53
CA TYR ZA 132 -27.58 50.00 100.31
C TYR ZA 132 -26.32 50.75 99.89
N GLY ZA 133 -25.75 50.32 98.78
CA GLY ZA 133 -24.42 50.75 98.39
C GLY ZA 133 -23.37 49.83 99.00
N LYS ZA 134 -22.28 49.62 98.26
CA LYS ZA 134 -21.28 48.64 98.66
C LYS ZA 134 -21.05 48.62 100.16
N LEU ZA 135 -20.73 49.78 100.75
CA LEU ZA 135 -20.51 49.86 102.19
C LEU ZA 135 -21.78 49.49 102.95
N CYS ZA 136 -22.87 50.22 102.72
CA CYS ZA 136 -24.12 49.93 103.41
C CYS ZA 136 -24.71 48.59 102.99
N ARG ZA 137 -24.38 48.11 101.78
CA ARG ZA 137 -24.83 46.79 101.36
C ARG ZA 137 -24.16 45.71 102.19
N THR ZA 138 -22.89 45.92 102.55
CA THR ZA 138 -22.22 45.00 103.46
C THR ZA 138 -22.66 45.20 104.90
N ASN ZA 139 -23.06 46.43 105.26
CA ASN ZA 139 -23.52 46.69 106.62
C ASN ZA 139 -24.89 46.07 106.87
N GLN ZA 140 -25.78 46.11 105.87
CA GLN ZA 140 -27.12 45.57 106.00
C GLN ZA 140 -27.23 44.13 105.51
N ILE ZA 141 -26.14 43.37 105.61
CA ILE ZA 141 -26.12 41.98 105.17
C ILE ZA 141 -26.40 41.02 106.33
N GLY ZA 142 -26.94 41.52 107.43
CA GLY ZA 142 -27.22 40.69 108.60
C GLY ZA 142 -28.59 40.07 108.57
N THR ZA 143 -29.11 39.78 107.38
CA THR ZA 143 -30.42 39.14 107.25
C THR ZA 143 -30.41 38.03 106.20
N VAL ZA 144 -29.25 37.45 105.91
CA VAL ZA 144 -29.13 36.42 104.90
C VAL ZA 144 -29.46 35.06 105.51
N ASN ZA 145 -29.74 34.09 104.64
CA ASN ZA 145 -30.02 32.73 105.08
C ASN ZA 145 -28.81 32.16 105.82
N ASP ZA 146 -29.01 31.80 107.08
CA ASP ZA 146 -27.91 31.27 107.88
C ASP ZA 146 -27.39 29.95 107.31
N ARG ZA 147 -28.29 29.12 106.78
CA ARG ZA 147 -27.87 27.85 106.20
C ARG ZA 147 -26.88 28.06 105.06
N LEU ZA 148 -27.21 28.97 104.15
CA LEU ZA 148 -26.30 29.25 103.04
C LEU ZA 148 -24.98 29.82 103.56
N MET ZA 149 -25.04 30.65 104.60
CA MET ZA 149 -23.82 31.13 105.21
C MET ZA 149 -22.96 29.98 105.70
N HIS ZA 150 -23.59 28.95 106.26
CA HIS ZA 150 -22.83 27.79 106.74
C HIS ZA 150 -22.26 26.99 105.58
N LYS ZA 151 -23.04 26.82 104.52
CA LYS ZA 151 -22.55 26.05 103.36
C LYS ZA 151 -21.33 26.72 102.75
N LEU ZA 152 -21.34 28.05 102.67
CA LEU ZA 152 -20.23 28.82 102.11
C LEU ZA 152 -19.27 29.32 103.20
N SER ZA 153 -19.37 28.78 104.41
CA SER ZA 153 -18.47 29.18 105.48
C SER ZA 153 -17.10 28.58 105.24
N VAL ZA 154 -16.08 29.43 105.24
CA VAL ZA 154 -14.71 29.00 104.96
C VAL ZA 154 -14.09 28.65 106.33
N GLU ZA 155 -14.24 27.40 106.73
CA GLU ZA 155 -13.76 26.95 108.02
C GLU ZA 155 -13.42 25.46 107.94
N ALA ZA 156 -12.48 25.05 108.78
CA ALA ZA 156 -12.11 23.64 108.85
C ALA ZA 156 -13.31 22.82 109.33
N PRO ZA 157 -13.86 21.93 108.50
CA PRO ZA 157 -15.04 21.17 108.92
C PRO ZA 157 -14.76 20.38 110.18
N PRO ZA 158 -15.80 19.96 110.91
CA PRO ZA 158 -15.57 19.20 112.14
C PRO ZA 158 -14.93 17.85 111.84
N LYS ZA 159 -14.02 17.45 112.73
CA LYS ZA 159 -13.26 16.22 112.50
C LYS ZA 159 -14.17 15.01 112.50
N ILE ZA 160 -15.14 14.97 113.41
CA ILE ZA 160 -16.04 13.82 113.49
C ILE ZA 160 -16.79 13.64 112.17
N LEU ZA 161 -17.17 14.77 111.56
CA LEU ZA 161 -17.90 14.75 110.26
C LEU ZA 161 -16.98 14.11 109.21
N VAL ZA 162 -15.69 14.46 109.23
CA VAL ZA 162 -14.70 13.90 108.26
C VAL ZA 162 -14.60 12.40 108.49
N GLU ZA 163 -14.58 11.96 109.76
CA GLU ZA 163 -14.48 10.51 110.10
C GLU ZA 163 -15.73 9.79 109.56
N ARG ZA 164 -16.91 10.41 109.73
CA ARG ZA 164 -18.18 9.81 109.23
C ARG ZA 164 -18.11 9.69 107.70
N TYR ZA 165 -17.59 10.72 107.03
CA TYR ZA 165 -17.45 10.71 105.56
C TYR ZA 165 -16.52 9.58 105.13
N LEU ZA 166 -15.42 9.39 105.87
CA LEU ZA 166 -14.48 8.32 105.54
C LEU ZA 166 -15.07 6.96 105.83
N ILE ZA 167 -15.79 6.82 106.95
CA ILE ZA 167 -16.42 5.56 107.29
C ILE ZA 167 -17.38 5.15 106.18
N GLU ZA 168 -18.22 6.08 105.72
CA GLU ZA 168 -19.20 5.75 104.70
C GLU ZA 168 -18.51 5.37 103.40
N ILE ZA 169 -17.51 6.14 102.98
CA ILE ZA 169 -16.83 5.85 101.71
C ILE ZA 169 -16.15 4.49 101.78
N ALA ZA 170 -15.49 4.19 102.90
CA ALA ZA 170 -14.86 2.89 103.06
C ALA ZA 170 -15.89 1.77 103.00
N LYS ZA 171 -16.96 1.89 103.79
CA LYS ZA 171 -18.00 0.87 103.81
C LYS ZA 171 -18.60 0.65 102.43
N ASN ZA 172 -18.65 1.69 101.60
CA ASN ZA 172 -19.22 1.54 100.28
C ASN ZA 172 -18.23 0.90 99.30
N TYR ZA 173 -16.97 1.28 99.37
CA TYR ZA 173 -15.96 0.80 98.43
C TYR ZA 173 -15.25 -0.46 98.91
N ASN ZA 174 -15.77 -1.14 99.92
CA ASN ZA 174 -15.24 -2.42 100.36
C ASN ZA 174 -13.77 -2.30 100.79
N VAL ZA 175 -13.48 -1.25 101.56
CA VAL ZA 175 -12.13 -1.02 102.06
C VAL ZA 175 -12.18 -0.93 103.58
N PRO ZA 176 -11.26 -1.56 104.31
CA PRO ZA 176 -11.25 -1.39 105.76
C PRO ZA 176 -10.73 -0.01 106.16
N TYR ZA 177 -11.22 0.47 107.30
CA TYR ZA 177 -10.79 1.76 107.83
C TYR ZA 177 -11.07 1.79 109.32
N GLU ZA 178 -10.08 2.19 110.12
CA GLU ZA 178 -10.21 2.29 111.56
C GLU ZA 178 -10.30 3.75 111.96
N PRO ZA 179 -11.49 4.26 112.28
CA PRO ZA 179 -11.61 5.70 112.60
C PRO ZA 179 -10.78 6.08 113.80
N ASP ZA 180 -10.38 7.35 113.85
CA ASP ZA 180 -9.68 7.89 115.00
C ASP ZA 180 -10.62 7.93 116.18
N SER ZA 181 -10.40 7.06 117.16
CA SER ZA 181 -11.33 6.97 118.28
C SER ZA 181 -11.41 8.29 119.05
N VAL ZA 182 -10.29 9.02 119.12
CA VAL ZA 182 -10.26 10.27 119.88
C VAL ZA 182 -11.37 11.20 119.43
N VAL ZA 183 -11.61 11.26 118.13
CA VAL ZA 183 -12.63 12.14 117.57
C VAL ZA 183 -13.90 11.34 117.29
N MET ZA 184 -13.74 10.06 116.98
CA MET ZA 184 -14.90 9.22 116.67
C MET ZA 184 -15.80 9.00 117.88
N ALA ZA 185 -15.27 9.14 119.09
CA ALA ZA 185 -16.05 8.94 120.31
C ALA ZA 185 -16.43 10.23 121.01
N GLU ZA 186 -15.62 11.28 120.89
CA GLU ZA 186 -15.91 12.54 121.56
C GLU ZA 186 -16.97 13.30 120.76
N ASN AB 3 32.32 13.10 58.42
CA ASN AB 3 33.75 12.85 58.32
C ASN AB 3 34.11 11.49 58.89
N MET AB 4 33.69 11.25 60.14
CA MET AB 4 34.00 9.99 60.80
C MET AB 4 33.36 8.80 60.09
N GLU AB 5 32.22 9.02 59.44
CA GLU AB 5 31.56 7.93 58.71
C GLU AB 5 32.45 7.41 57.60
N LYS AB 6 33.18 8.30 56.93
CA LYS AB 6 34.11 7.87 55.89
C LYS AB 6 35.22 7.00 56.46
N HIS AB 7 35.77 7.39 57.61
CA HIS AB 7 36.81 6.61 58.24
C HIS AB 7 36.29 5.24 58.67
N LEU AB 8 35.05 5.20 59.18
CA LEU AB 8 34.44 3.92 59.53
C LEU AB 8 34.30 3.04 58.29
N PHE AB 9 33.84 3.63 57.19
CA PHE AB 9 33.71 2.86 55.96
C PHE AB 9 35.06 2.29 55.52
N ASN AB 10 36.10 3.10 55.56
CA ASN AB 10 37.42 2.62 55.18
C ASN AB 10 37.90 1.51 56.10
N LEU AB 11 37.62 1.64 57.40
CA LEU AB 11 38.04 0.60 58.35
C LEU AB 11 37.35 -0.72 58.05
N LYS AB 12 36.03 -0.68 57.84
CA LYS AB 12 35.31 -1.91 57.56
C LYS AB 12 35.75 -2.50 56.22
N PHE AB 13 36.03 -1.66 55.24
CA PHE AB 13 36.54 -2.15 53.97
C PHE AB 13 37.88 -2.86 54.14
N ALA AB 14 38.78 -2.27 54.94
CA ALA AB 14 40.07 -2.90 55.19
C ALA AB 14 39.91 -4.24 55.90
N ALA AB 15 38.98 -4.31 56.86
CA ALA AB 15 38.74 -5.58 57.54
C ALA AB 15 38.26 -6.64 56.57
N LYS AB 16 37.30 -6.29 55.73
CA LYS AB 16 36.80 -7.25 54.74
C LYS AB 16 37.90 -7.67 53.78
N GLU AB 17 38.76 -6.73 53.38
CA GLU AB 17 39.88 -7.07 52.51
C GLU AB 17 40.81 -8.06 53.18
N LEU AB 18 41.11 -7.85 54.46
CA LEU AB 18 41.97 -8.77 55.18
C LEU AB 18 41.35 -10.16 55.26
N SER AB 19 40.04 -10.22 55.50
CA SER AB 19 39.37 -11.53 55.57
C SER AB 19 39.45 -12.23 54.22
N ARG AB 20 39.15 -11.51 53.13
CA ARG AB 20 39.26 -12.09 51.80
C ARG AB 20 40.66 -12.60 51.54
N SER AB 21 41.68 -11.82 51.93
CA SER AB 21 43.05 -12.24 51.69
C SER AB 21 43.40 -13.49 52.47
N ALA AB 22 42.91 -13.59 53.72
CA ALA AB 22 43.14 -14.79 54.50
C ALA AB 22 42.52 -16.00 53.82
N LYS AB 23 41.29 -15.87 53.34
CA LYS AB 23 40.64 -16.97 52.63
C LYS AB 23 41.46 -17.38 51.40
N LYS AB 24 41.88 -16.39 50.61
CA LYS AB 24 42.66 -16.67 49.41
C LYS AB 24 43.96 -17.37 49.75
N CYS AB 25 44.62 -16.94 50.83
CA CYS AB 25 45.90 -17.55 51.19
C CYS AB 25 45.70 -18.99 51.66
N ASP AB 26 44.62 -19.25 52.39
CA ASP AB 26 44.31 -20.64 52.76
C ASP AB 26 44.12 -21.50 51.51
N LYS AB 27 43.37 -20.98 50.54
CA LYS AB 27 43.18 -21.71 49.29
C LYS AB 27 44.52 -21.99 48.60
N GLU AB 28 45.39 -20.98 48.55
CA GLU AB 28 46.69 -21.15 47.90
C GLU AB 28 47.52 -22.19 48.63
N GLU AB 29 47.43 -22.24 49.96
CA GLU AB 29 48.12 -23.28 50.71
C GLU AB 29 47.60 -24.65 50.31
N LYS AB 30 46.28 -24.79 50.22
CA LYS AB 30 45.70 -26.08 49.83
C LYS AB 30 46.21 -26.51 48.45
N ALA AB 31 46.42 -25.54 47.55
CA ALA AB 31 46.93 -25.87 46.22
C ALA AB 31 48.41 -26.26 46.27
N GLU AB 32 49.21 -25.49 47.00
CA GLU AB 32 50.63 -25.78 47.09
C GLU AB 32 50.88 -27.13 47.75
N LYS AB 33 49.96 -27.59 48.60
CA LYS AB 33 50.11 -28.94 49.15
C LYS AB 33 50.00 -29.99 48.05
N ALA AB 34 49.04 -29.84 47.13
CA ALA AB 34 48.97 -30.72 45.97
C ALA AB 34 50.27 -30.68 45.19
N LYS AB 35 50.80 -29.48 44.96
CA LYS AB 35 52.01 -29.36 44.15
C LYS AB 35 53.20 -30.03 44.81
N ILE AB 36 53.33 -29.87 46.13
CA ILE AB 36 54.45 -30.50 46.84
C ILE AB 36 54.29 -32.02 46.82
N GLU AB 37 53.06 -32.51 46.92
CA GLU AB 37 52.86 -33.96 46.80
C GLU AB 37 53.32 -34.46 45.43
N LYS AB 38 52.92 -33.75 44.37
CA LYS AB 38 53.36 -34.14 43.04
C LYS AB 38 54.89 -34.13 42.95
N ALA AB 39 55.52 -33.07 43.43
CA ALA AB 39 56.97 -32.94 43.30
C ALA AB 39 57.71 -34.00 44.10
N ILE AB 40 57.18 -34.37 45.28
CA ILE AB 40 57.81 -35.43 46.05
C ILE AB 40 57.58 -36.78 45.40
N GLN AB 41 56.52 -36.92 44.60
CA GLN AB 41 56.37 -38.12 43.79
C GLN AB 41 57.41 -38.17 42.68
N LYS AB 42 57.58 -37.06 41.96
CA LYS AB 42 58.56 -37.01 40.88
C LYS AB 42 60.00 -37.13 41.38
N GLY AB 43 60.23 -36.96 42.68
CA GLY AB 43 61.57 -37.04 43.24
C GLY AB 43 62.28 -35.71 43.37
N ASN AB 44 61.68 -34.61 42.89
CA ASN AB 44 62.31 -33.30 43.00
C ASN AB 44 62.36 -32.86 44.45
N MET AB 45 63.57 -32.83 45.02
CA MET AB 45 63.73 -32.36 46.39
C MET AB 45 63.67 -30.84 46.46
N GLU AB 46 64.28 -30.15 45.49
CA GLU AB 46 64.34 -28.70 45.54
C GLU AB 46 62.98 -28.08 45.29
N VAL AB 47 62.23 -28.61 44.31
CA VAL AB 47 60.89 -28.09 44.06
C VAL AB 47 59.98 -28.41 45.24
N ALA AB 48 60.18 -29.55 45.88
CA ALA AB 48 59.42 -29.86 47.08
C ALA AB 48 59.73 -28.86 48.19
N ARG AB 49 61.00 -28.50 48.35
CA ARG AB 49 61.37 -27.48 49.32
C ARG AB 49 60.68 -26.15 49.00
N ILE AB 50 60.70 -25.76 47.73
CA ILE AB 50 60.10 -24.49 47.33
C ILE AB 50 58.61 -24.50 47.66
N HIS AB 51 57.90 -25.56 47.28
CA HIS AB 51 56.46 -25.61 47.49
C HIS AB 51 56.12 -25.74 48.97
N ALA AB 52 56.98 -26.39 49.76
CA ALA AB 52 56.78 -26.44 51.19
C ALA AB 52 56.93 -25.06 51.82
N GLU AB 53 57.96 -24.32 51.41
CA GLU AB 53 58.12 -22.94 51.87
C GLU AB 53 56.88 -22.13 51.53
N ASN AB 54 56.40 -22.24 50.28
CA ASN AB 54 55.21 -21.49 49.89
C ASN AB 54 54.01 -21.87 50.73
N ALA AB 55 53.81 -23.17 50.98
CA ALA AB 55 52.65 -23.61 51.74
C ALA AB 55 52.70 -23.12 53.18
N ILE AB 56 53.85 -23.27 53.83
CA ILE AB 56 53.99 -22.81 55.20
C ILE AB 56 53.79 -21.30 55.28
N ARG AB 57 54.38 -20.56 54.33
CA ARG AB 57 54.22 -19.12 54.31
C ARG AB 57 52.76 -18.73 54.15
N GLN AB 58 52.05 -19.39 53.24
CA GLN AB 58 50.65 -19.06 53.02
C GLN AB 58 49.82 -19.37 54.26
N LYS AB 59 50.10 -20.50 54.91
CA LYS AB 59 49.38 -20.84 56.14
C LYS AB 59 49.59 -19.77 57.21
N ASN AB 60 50.85 -19.42 57.46
CA ASN AB 60 51.14 -18.45 58.52
C ASN AB 60 50.55 -17.09 58.18
N GLN AB 61 50.68 -16.65 56.94
CA GLN AB 61 50.16 -15.33 56.57
C GLN AB 61 48.64 -15.32 56.55
N ALA AB 62 48.00 -16.46 56.28
CA ALA AB 62 46.55 -16.54 56.39
C ALA AB 62 46.11 -16.41 57.84
N VAL AB 63 46.80 -17.09 58.75
CA VAL AB 63 46.48 -16.94 60.17
C VAL AB 63 46.67 -15.49 60.60
N ASN AB 64 47.76 -14.87 60.15
CA ASN AB 64 48.03 -13.49 60.52
C ASN AB 64 46.95 -12.55 59.97
N PHE AB 65 46.57 -12.74 58.71
CA PHE AB 65 45.51 -11.92 58.12
C PHE AB 65 44.21 -12.11 58.88
N LEU AB 66 43.92 -13.33 59.32
CA LEU AB 66 42.67 -13.57 60.05
C LEU AB 66 42.67 -12.85 61.38
N ARG AB 67 43.76 -12.97 62.14
CA ARG AB 67 43.85 -12.24 63.41
C ARG AB 67 43.77 -10.74 63.19
N MET AB 68 44.47 -10.25 62.16
CA MET AB 68 44.45 -8.82 61.85
C MET AB 68 43.05 -8.34 61.51
N SER AB 69 42.33 -9.11 60.70
CA SER AB 69 40.97 -8.76 60.36
C SER AB 69 40.06 -8.78 61.58
N ALA AB 70 40.29 -9.71 62.50
CA ALA AB 70 39.52 -9.71 63.74
C ALA AB 70 39.76 -8.42 64.52
N ARG AB 71 41.01 -8.00 64.64
CA ARG AB 71 41.33 -6.77 65.36
C ARG AB 71 40.66 -5.58 64.70
N VAL AB 72 40.77 -5.47 63.37
CA VAL AB 72 40.17 -4.34 62.67
C VAL AB 72 38.66 -4.40 62.78
N ASP AB 73 38.08 -5.60 62.83
CA ASP AB 73 36.64 -5.72 63.01
C ASP AB 73 36.21 -5.19 64.36
N ALA AB 74 36.96 -5.54 65.41
CA ALA AB 74 36.65 -5.01 66.74
C ALA AB 74 36.72 -3.49 66.73
N VAL AB 75 37.79 -2.93 66.16
CA VAL AB 75 37.96 -1.48 66.14
C VAL AB 75 36.81 -0.83 65.36
N ALA AB 76 36.44 -1.43 64.23
CA ALA AB 76 35.38 -0.83 63.40
C ALA AB 76 34.03 -0.92 64.09
N ALA AB 77 33.75 -2.01 64.80
CA ALA AB 77 32.53 -2.10 65.57
C ALA AB 77 32.49 -1.02 66.64
N ARG AB 78 33.61 -0.82 67.33
CA ARG AB 78 33.68 0.24 68.33
C ARG AB 78 33.43 1.61 67.71
N VAL AB 79 34.04 1.87 66.54
CA VAL AB 79 33.87 3.17 65.91
C VAL AB 79 32.44 3.36 65.41
N GLN AB 80 31.81 2.29 64.93
CA GLN AB 80 30.43 2.38 64.50
C GLN AB 80 29.50 2.67 65.67
N THR AB 81 29.74 2.00 66.80
CA THR AB 81 29.02 2.34 68.02
C THR AB 81 29.19 3.80 68.37
N ALA AB 82 30.43 4.29 68.30
CA ALA AB 82 30.70 5.69 68.63
C ALA AB 82 29.96 6.63 67.69
N VAL AB 83 29.91 6.30 66.40
CA VAL AB 83 29.23 7.16 65.43
C VAL AB 83 27.73 7.22 65.74
N THR AB 84 27.12 6.04 65.93
CA THR AB 84 25.69 6.01 66.22
C THR AB 84 25.38 6.76 67.51
N MET AB 85 26.20 6.55 68.55
CA MET AB 85 25.97 7.25 69.81
C MET AB 85 26.20 8.75 69.66
N GLY AB 86 27.10 9.16 68.78
CA GLY AB 86 27.28 10.58 68.55
C GLY AB 86 26.07 11.20 67.88
N LYS AB 87 25.50 10.50 66.89
CA LYS AB 87 24.24 10.96 66.31
C LYS AB 87 23.16 11.07 67.37
N VAL AB 88 23.05 10.05 68.23
CA VAL AB 88 22.03 10.06 69.27
C VAL AB 88 22.24 11.22 70.23
N THR AB 89 23.49 11.45 70.62
CA THR AB 89 23.79 12.54 71.56
C THR AB 89 23.50 13.90 70.93
N LYS AB 90 23.84 14.07 69.66
CA LYS AB 90 23.52 15.31 68.97
C LYS AB 90 22.02 15.53 68.90
N SER AB 91 21.27 14.49 68.58
CA SER AB 91 19.82 14.62 68.52
C SER AB 91 19.24 14.97 69.87
N MET AB 92 19.76 14.36 70.94
CA MET AB 92 19.23 14.64 72.26
C MET AB 92 19.64 16.02 72.75
N ALA AB 93 20.80 16.52 72.32
CA ALA AB 93 21.16 17.90 72.62
C ALA AB 93 20.22 18.88 71.92
N GLY AB 94 19.94 18.63 70.64
CA GLY AB 94 18.97 19.46 69.94
C GLY AB 94 17.60 19.43 70.60
N VAL AB 95 17.16 18.24 71.01
CA VAL AB 95 15.88 18.11 71.69
C VAL AB 95 15.89 18.88 73.00
N VAL AB 96 17.01 18.81 73.73
CA VAL AB 96 17.10 19.54 75.00
C VAL AB 96 16.99 21.03 74.76
N LYS AB 97 17.68 21.53 73.73
CA LYS AB 97 17.61 22.96 73.42
C LYS AB 97 16.19 23.38 73.08
N SER AB 98 15.54 22.63 72.19
CA SER AB 98 14.18 22.97 71.77
C SER AB 98 13.22 22.92 72.95
N MET AB 99 13.30 21.85 73.75
CA MET AB 99 12.42 21.73 74.90
C MET AB 99 12.71 22.81 75.93
N ASP AB 100 13.96 23.24 76.07
CA ASP AB 100 14.27 24.33 76.98
C ASP AB 100 13.58 25.61 76.52
N ALA AB 101 13.75 25.96 75.25
CA ALA AB 101 13.08 27.14 74.72
C ALA AB 101 11.57 27.06 74.95
N THR AB 102 10.97 25.91 74.61
CA THR AB 102 9.52 25.77 74.73
C THR AB 102 9.06 25.87 76.18
N LEU AB 103 9.61 25.03 77.05
CA LEU AB 103 9.24 25.06 78.46
C LEU AB 103 9.53 26.40 79.12
N LYS AB 104 10.43 27.19 78.54
CA LYS AB 104 10.60 28.56 79.00
C LYS AB 104 9.42 29.42 78.55
N THR AB 105 9.03 29.28 77.27
CA THR AB 105 7.88 30.01 76.77
C THR AB 105 6.58 29.47 77.35
N MET AB 106 6.35 28.17 77.22
CA MET AB 106 5.14 27.51 77.70
C MET AB 106 5.52 26.71 78.94
N ASN AB 107 5.47 27.38 80.10
CA ASN AB 107 5.82 26.74 81.36
C ASN AB 107 4.56 26.20 82.03
N LEU AB 108 4.74 25.62 83.21
CA LEU AB 108 3.63 24.96 83.90
C LEU AB 108 2.61 25.98 84.38
N GLU AB 109 3.06 27.14 84.84
CA GLU AB 109 2.12 28.19 85.26
C GLU AB 109 1.23 28.60 84.09
N LYS AB 110 1.86 28.96 82.96
CA LYS AB 110 1.10 29.41 81.81
C LYS AB 110 0.20 28.31 81.28
N ILE AB 111 0.69 27.06 81.28
CA ILE AB 111 -0.11 25.95 80.77
C ILE AB 111 -1.34 25.74 81.65
N SER AB 112 -1.14 25.73 82.98
CA SER AB 112 -2.25 25.55 83.89
C SER AB 112 -3.28 26.67 83.73
N ALA AB 113 -2.81 27.91 83.63
CA ALA AB 113 -3.73 29.03 83.46
C ALA AB 113 -4.48 28.92 82.14
N LEU AB 114 -3.77 28.56 81.07
CA LEU AB 114 -4.40 28.40 79.77
C LEU AB 114 -5.46 27.32 79.80
N MET AB 115 -5.22 26.25 80.55
CA MET AB 115 -6.18 25.16 80.61
C MET AB 115 -7.38 25.51 81.45
N ASP AB 116 -7.17 26.21 82.56
CA ASP AB 116 -8.30 26.73 83.32
C ASP AB 116 -9.14 27.65 82.45
N LYS AB 117 -8.48 28.47 81.62
CA LYS AB 117 -9.21 29.36 80.72
C LYS AB 117 -9.99 28.57 79.67
N PHE AB 118 -9.37 27.54 79.11
CA PHE AB 118 -10.07 26.68 78.15
C PHE AB 118 -11.32 26.09 78.78
N GLU AB 119 -11.18 25.51 79.97
CA GLU AB 119 -12.31 24.90 80.65
C GLU AB 119 -13.42 25.92 80.90
N HIS AB 120 -13.05 27.10 81.41
CA HIS AB 120 -14.07 28.10 81.72
C HIS AB 120 -14.74 28.62 80.46
N GLN AB 121 -13.96 28.84 79.40
CA GLN AB 121 -14.53 29.31 78.14
C GLN AB 121 -15.53 28.31 77.58
N PHE AB 122 -15.19 27.02 77.63
CA PHE AB 122 -16.10 26.03 77.08
C PHE AB 122 -17.26 25.73 78.00
N GLU AB 123 -17.13 25.99 79.30
CA GLU AB 123 -18.30 25.97 80.18
C GLU AB 123 -19.25 27.12 79.83
N THR AB 124 -18.71 28.31 79.65
CA THR AB 124 -19.51 29.43 79.16
C THR AB 124 -20.19 29.08 77.85
N LEU AB 125 -19.48 28.37 76.97
CA LEU AB 125 -20.06 27.94 75.71
C LEU AB 125 -21.15 26.90 75.92
N ASP AB 126 -21.01 26.10 76.97
CA ASP AB 126 -22.04 25.10 77.35
C ASP AB 126 -23.32 25.86 77.74
N VAL AB 127 -23.17 26.95 78.49
CA VAL AB 127 -24.31 27.77 78.92
C VAL AB 127 -24.95 28.45 77.73
N GLN AB 128 -24.11 29.02 76.85
CA GLN AB 128 -24.62 29.66 75.65
C GLN AB 128 -25.39 28.67 74.79
N THR AB 129 -24.86 27.45 74.64
CA THR AB 129 -25.54 26.45 73.83
C THR AB 129 -26.89 26.09 74.43
N GLN AB 130 -26.94 25.89 75.74
CA GLN AB 130 -28.20 25.56 76.39
C GLN AB 130 -29.24 26.65 76.18
N GLN AB 131 -28.85 27.91 76.42
CA GLN AB 131 -29.79 29.01 76.27
C GLN AB 131 -30.21 29.17 74.81
N MET AB 132 -29.25 29.13 73.90
CA MET AB 132 -29.54 29.21 72.48
C MET AB 132 -30.50 28.13 72.05
N GLU AB 133 -30.36 26.93 72.61
CA GLU AB 133 -31.23 25.83 72.23
C GLU AB 133 -32.62 26.02 72.80
N ASP AB 134 -32.72 26.47 74.05
CA ASP AB 134 -34.02 26.81 74.61
C ASP AB 134 -34.75 27.81 73.71
N THR AB 135 -34.04 28.84 73.26
CA THR AB 135 -34.68 29.84 72.41
C THR AB 135 -35.03 29.28 71.04
N MET AB 136 -34.10 28.54 70.42
CA MET AB 136 -34.39 27.92 69.13
C MET AB 136 -35.65 27.07 69.20
N SER AB 137 -35.82 26.33 70.30
CA SER AB 137 -37.01 25.49 70.45
C SER AB 137 -38.25 26.35 70.67
N SER AB 138 -38.13 27.40 71.49
CA SER AB 138 -39.28 28.26 71.74
C SER AB 138 -39.73 28.97 70.48
N THR AB 139 -38.83 29.20 69.53
CA THR AB 139 -39.20 29.87 68.30
C THR AB 139 -40.18 29.04 67.49
N THR AB 140 -39.92 27.74 67.37
CA THR AB 140 -40.72 26.84 66.55
C THR AB 140 -41.42 25.84 67.46
N THR AB 141 -42.58 26.23 67.96
CA THR AB 141 -43.40 25.38 68.81
C THR AB 141 -44.76 25.05 68.20
N LEU AB 142 -45.23 25.85 67.23
CA LEU AB 142 -46.50 25.58 66.58
C LEU AB 142 -46.36 24.63 65.40
N THR AB 143 -45.15 24.45 64.88
CA THR AB 143 -44.90 23.44 63.87
C THR AB 143 -44.63 22.07 64.47
N THR AB 144 -44.18 22.02 65.72
CA THR AB 144 -43.86 20.79 66.42
C THR AB 144 -44.63 20.76 67.74
N PRO AB 145 -45.92 20.42 67.71
CA PRO AB 145 -46.66 20.30 68.96
C PRO AB 145 -46.24 19.06 69.74
N GLN AB 146 -46.07 19.23 71.06
CA GLN AB 146 -45.68 18.11 71.90
C GLN AB 146 -46.69 16.98 71.83
N ASN AB 147 -47.98 17.32 71.78
CA ASN AB 147 -49.02 16.29 71.75
C ASN AB 147 -48.89 15.43 70.51
N GLN AB 148 -48.64 16.04 69.35
CA GLN AB 148 -48.53 15.27 68.11
C GLN AB 148 -47.32 14.34 68.16
N VAL AB 149 -46.20 14.82 68.70
CA VAL AB 149 -45.01 13.98 68.79
C VAL AB 149 -45.27 12.81 69.73
N ASP AB 150 -45.88 13.07 70.88
CA ASP AB 150 -46.22 11.99 71.79
C ASP AB 150 -47.11 10.97 71.13
N MET AB 151 -48.14 11.42 70.40
CA MET AB 151 -49.04 10.50 69.74
C MET AB 151 -48.32 9.68 68.68
N LEU AB 152 -47.46 10.32 67.89
CA LEU AB 152 -46.72 9.58 66.88
C LEU AB 152 -45.84 8.52 67.52
N LEU AB 153 -45.16 8.86 68.62
CA LEU AB 153 -44.32 7.87 69.28
C LEU AB 153 -45.15 6.72 69.82
N GLN AB 154 -46.30 7.02 70.41
CA GLN AB 154 -47.16 5.97 70.94
C GLN AB 154 -47.64 5.04 69.84
N GLU AB 155 -48.05 5.62 68.70
CA GLU AB 155 -48.52 4.78 67.59
C GLU AB 155 -47.40 3.92 67.04
N MET AB 156 -46.21 4.51 66.86
CA MET AB 156 -45.09 3.73 66.32
C MET AB 156 -44.69 2.62 67.27
N ALA AB 157 -44.70 2.89 68.58
CA ALA AB 157 -44.41 1.85 69.56
C ALA AB 157 -45.44 0.73 69.49
N ASP AB 158 -46.73 1.10 69.60
CA ASP AB 158 -47.78 0.09 69.58
C ASP AB 158 -47.73 -0.75 68.31
N GLU AB 159 -47.40 -0.12 67.18
CA GLU AB 159 -47.25 -0.87 65.94
C GLU AB 159 -46.07 -1.82 66.03
N ALA AB 160 -44.93 -1.34 66.54
CA ALA AB 160 -43.77 -2.21 66.74
C ALA AB 160 -43.97 -3.18 67.88
N GLY AB 161 -45.05 -3.05 68.66
CA GLY AB 161 -45.31 -3.91 69.78
C GLY AB 161 -44.43 -3.68 70.99
N LEU AB 162 -43.37 -2.88 70.87
CA LEU AB 162 -42.44 -2.67 71.96
C LEU AB 162 -43.01 -1.62 72.92
N ASP AB 163 -42.18 -1.19 73.87
CA ASP AB 163 -42.54 -0.14 74.80
C ASP AB 163 -41.37 0.82 74.93
N LEU AB 164 -41.65 2.01 75.44
CA LEU AB 164 -40.68 3.09 75.53
C LEU AB 164 -40.39 3.39 77.00
N ASN AB 165 -39.11 3.31 77.37
CA ASN AB 165 -38.69 3.61 78.74
C ASN AB 165 -37.57 4.64 78.74
N GLU AB 187 -57.18 18.36 78.88
CA GLU AB 187 -57.02 17.32 79.89
C GLU AB 187 -56.68 17.93 81.24
N LEU AB 188 -55.39 17.95 81.59
CA LEU AB 188 -54.97 18.58 82.83
C LEU AB 188 -55.25 20.07 82.83
N SER AB 189 -55.15 20.70 81.66
CA SER AB 189 -55.36 22.15 81.57
C SER AB 189 -56.74 22.54 82.07
N GLN AB 190 -57.75 21.70 81.83
CA GLN AB 190 -59.10 22.02 82.30
C GLN AB 190 -59.17 21.97 83.82
N ARG AB 191 -58.56 20.96 84.44
CA ARG AB 191 -58.55 20.90 85.89
C ARG AB 191 -57.80 22.10 86.47
N LEU AB 192 -56.69 22.49 85.83
CA LEU AB 192 -55.93 23.64 86.31
C LEU AB 192 -56.74 24.92 86.17
N ALA AB 193 -57.52 25.05 85.09
CA ALA AB 193 -58.37 26.22 84.94
C ALA AB 193 -59.47 26.26 85.98
N ARG AB 194 -60.11 25.11 86.22
CA ARG AB 194 -61.12 25.05 87.28
C ARG AB 194 -60.52 25.41 88.63
N LEU AB 195 -59.29 24.97 88.88
CA LEU AB 195 -58.61 25.35 90.12
C LEU AB 195 -58.30 26.84 90.14
N ARG AB 196 -57.96 27.41 88.99
CA ARG AB 196 -57.67 28.84 88.91
C ARG AB 196 -58.91 29.66 89.20
N ASP AB 197 -60.08 29.20 88.75
CA ASP AB 197 -61.33 29.89 89.07
C ASP AB 197 -61.55 29.94 90.58
N GLN AB 198 -61.12 28.90 91.29
CA GLN AB 198 -61.23 28.87 92.75
C GLN AB 198 -62.69 29.03 93.19
N PHE BB 6 -55.21 62.17 66.40
CA PHE BB 6 -55.82 60.86 66.40
C PHE BB 6 -56.22 60.45 64.98
N LYS BB 7 -55.83 59.23 64.61
CA LYS BB 7 -56.13 58.64 63.27
C LYS BB 7 -57.00 57.39 63.49
N ALA BB 8 -58.09 57.27 62.74
CA ALA BB 8 -59.01 56.15 62.93
C ALA BB 8 -58.48 54.87 62.29
N GLU BB 9 -58.11 54.93 61.01
CA GLU BB 9 -57.63 53.73 60.33
C GLU BB 9 -56.39 53.17 61.00
N ARG BB 10 -55.53 54.04 61.53
CA ARG BB 10 -54.38 53.57 62.29
C ARG BB 10 -54.83 52.74 63.47
N LEU BB 11 -55.84 53.22 64.21
CA LEU BB 11 -56.36 52.48 65.35
C LEU BB 11 -56.94 51.14 64.91
N ARG BB 12 -57.68 51.14 63.80
CA ARG BB 12 -58.26 49.90 63.28
C ARG BB 12 -57.17 48.87 62.98
N VAL BB 13 -56.15 49.29 62.23
CA VAL BB 13 -55.08 48.38 61.85
C VAL BB 13 -54.34 47.87 63.08
N ASN BB 14 -54.07 48.76 64.04
CA ASN BB 14 -53.36 48.34 65.24
C ASN BB 14 -54.22 47.37 66.06
N LEU BB 15 -55.53 47.56 66.06
CA LEU BB 15 -56.40 46.61 66.78
C LEU BB 15 -56.35 45.24 66.14
N ARG BB 16 -56.44 45.18 64.81
CA ARG BB 16 -56.34 43.89 64.14
C ARG BB 16 -55.00 43.22 64.41
N LEU BB 17 -53.92 44.01 64.37
CA LEU BB 17 -52.59 43.46 64.65
C LEU BB 17 -52.50 42.95 66.07
N VAL BB 18 -53.07 43.69 67.03
CA VAL BB 18 -53.05 43.25 68.42
C VAL BB 18 -53.81 41.94 68.57
N ILE BB 19 -54.94 41.80 67.88
CA ILE BB 19 -55.71 40.57 67.94
C ILE BB 19 -54.87 39.40 67.46
N ASN BB 20 -54.27 39.54 66.28
CA ASN BB 20 -53.45 38.47 65.73
C ASN BB 20 -52.29 38.11 66.65
N ARG BB 21 -51.61 39.14 67.17
CA ARG BB 21 -50.47 38.91 68.05
C ARG BB 21 -50.91 38.18 69.32
N LEU BB 22 -52.06 38.56 69.88
CA LEU BB 22 -52.53 37.88 71.07
C LEU BB 22 -52.86 36.42 70.79
N LYS BB 23 -53.45 36.14 69.63
CA LYS BB 23 -53.71 34.76 69.26
C LYS BB 23 -52.41 33.95 69.24
N LEU BB 24 -51.43 34.44 68.48
CA LEU BB 24 -50.15 33.72 68.40
C LEU BB 24 -49.54 33.53 69.78
N LEU BB 25 -49.57 34.59 70.61
CA LEU BB 25 -48.92 34.52 71.91
C LEU BB 25 -49.60 33.51 72.82
N GLU BB 26 -50.93 33.51 72.86
CA GLU BB 26 -51.62 32.56 73.73
C GLU BB 26 -51.41 31.14 73.26
N LYS BB 27 -51.41 30.91 71.95
CA LYS BB 27 -51.08 29.57 71.44
C LYS BB 27 -49.73 29.11 71.96
N LYS BB 28 -48.67 29.87 71.65
CA LYS BB 28 -47.34 29.41 71.99
C LYS BB 28 -47.14 29.36 73.50
N LYS BB 29 -47.85 30.20 74.24
CA LYS BB 29 -47.74 30.17 75.70
C LYS BB 29 -48.40 28.93 76.27
N THR BB 30 -49.52 28.49 75.69
CA THR BB 30 -50.11 27.21 76.09
C THR BB 30 -49.13 26.07 75.85
N GLU BB 31 -48.48 26.07 74.69
CA GLU BB 31 -47.51 25.02 74.40
C GLU BB 31 -46.36 25.03 75.41
N LEU BB 32 -45.74 26.19 75.60
CA LEU BB 32 -44.66 26.31 76.57
C LEU BB 32 -45.11 25.93 77.96
N ALA BB 33 -46.38 26.19 78.30
CA ALA BB 33 -46.89 25.82 79.61
C ALA BB 33 -46.97 24.32 79.76
N GLN BB 34 -47.41 23.62 78.71
CA GLN BB 34 -47.37 22.16 78.73
C GLN BB 34 -45.94 21.67 79.02
N LYS BB 35 -44.97 22.20 78.26
CA LYS BB 35 -43.60 21.72 78.42
C LYS BB 35 -43.06 22.01 79.81
N ALA BB 36 -43.32 23.21 80.33
CA ALA BB 36 -42.80 23.56 81.64
C ALA BB 36 -43.54 22.82 82.75
N ARG BB 37 -44.78 22.43 82.53
CA ARG BB 37 -45.47 21.55 83.47
C ARG BB 37 -44.79 20.20 83.52
N LYS BB 38 -44.42 19.67 82.36
CA LYS BB 38 -43.62 18.44 82.35
C LYS BB 38 -42.33 18.63 83.14
N GLU BB 39 -41.68 19.79 82.97
CA GLU BB 39 -40.46 20.07 83.72
C GLU BB 39 -40.72 20.07 85.23
N ILE BB 40 -41.84 20.66 85.66
CA ILE BB 40 -42.16 20.67 87.08
C ILE BB 40 -42.41 19.26 87.58
N ALA BB 41 -43.06 18.42 86.76
CA ALA BB 41 -43.24 17.04 87.14
C ALA BB 41 -41.90 16.35 87.36
N ASP BB 42 -40.96 16.57 86.44
CA ASP BB 42 -39.62 16.02 86.61
C ASP BB 42 -38.98 16.53 87.90
N TYR BB 43 -39.14 17.83 88.18
CA TYR BB 43 -38.58 18.38 89.42
C TYR BB 43 -39.17 17.70 90.64
N LEU BB 44 -40.47 17.43 90.63
CA LEU BB 44 -41.11 16.77 91.76
C LEU BB 44 -40.68 15.32 91.88
N ALA BB 45 -40.32 14.69 90.75
CA ALA BB 45 -39.82 13.32 90.82
C ALA BB 45 -38.66 13.21 91.80
N ALA BB 46 -37.76 14.20 91.80
CA ALA BB 46 -36.70 14.28 92.77
C ALA BB 46 -37.23 14.85 94.08
N GLY BB 47 -36.34 14.96 95.08
CA GLY BB 47 -36.74 15.52 96.36
C GLY BB 47 -36.88 17.02 96.37
N LYS BB 48 -36.50 17.70 95.29
CA LYS BB 48 -36.60 19.15 95.21
C LYS BB 48 -38.08 19.56 95.20
N ASP BB 49 -38.52 20.22 96.27
CA ASP BB 49 -39.90 20.66 96.42
C ASP BB 49 -40.04 22.16 96.46
N GLU BB 50 -39.23 22.85 97.26
CA GLU BB 50 -39.34 24.31 97.38
C GLU BB 50 -39.01 25.01 96.07
N ARG BB 51 -38.36 24.32 95.13
CA ARG BB 51 -38.05 24.86 93.82
C ARG BB 51 -39.20 24.68 92.84
N ALA BB 52 -39.87 23.53 92.91
CA ALA BB 52 -41.05 23.31 92.08
C ALA BB 52 -42.13 24.34 92.36
N ARG BB 53 -42.17 24.87 93.59
CA ARG BB 53 -43.12 25.92 93.90
C ARG BB 53 -42.82 27.19 93.10
N ILE BB 54 -41.54 27.53 92.95
CA ILE BB 54 -41.18 28.69 92.14
C ILE BB 54 -41.52 28.44 90.68
N ARG BB 55 -41.22 27.23 90.19
CA ARG BB 55 -41.54 26.92 88.80
C ARG BB 55 -43.04 27.01 88.55
N VAL BB 56 -43.85 26.50 89.47
CA VAL BB 56 -45.29 26.56 89.28
C VAL BB 56 -45.82 27.97 89.46
N GLU BB 57 -45.12 28.80 90.24
CA GLU BB 57 -45.44 30.22 90.25
C GLU BB 57 -45.27 30.82 88.86
N HIS BB 58 -44.14 30.53 88.22
CA HIS BB 58 -43.96 30.89 86.82
C HIS BB 58 -45.16 30.45 86.00
N ILE BB 59 -45.56 29.18 86.15
CA ILE BB 59 -46.60 28.61 85.31
C ILE BB 59 -47.93 29.35 85.50
N ILE BB 60 -48.31 29.57 86.76
CA ILE BB 60 -49.62 30.17 87.00
C ILE BB 60 -49.61 31.64 86.64
N ARG BB 61 -48.46 32.30 86.77
CA ARG BB 61 -48.33 33.65 86.22
C ARG BB 61 -48.60 33.64 84.72
N GLU BB 62 -47.98 32.71 83.99
CA GLU BB 62 -48.19 32.63 82.56
C GLU BB 62 -49.65 32.32 82.23
N ASP BB 63 -50.31 31.52 83.05
CA ASP BB 63 -51.71 31.18 82.79
C ASP BB 63 -52.63 32.37 83.02
N TYR BB 64 -52.43 33.08 84.13
CA TYR BB 64 -53.10 34.36 84.32
C TYR BB 64 -52.89 35.26 83.11
N LEU BB 65 -51.66 35.29 82.59
CA LEU BB 65 -51.35 36.15 81.46
C LEU BB 65 -52.13 35.72 80.22
N VAL BB 66 -52.23 34.41 79.98
CA VAL BB 66 -52.96 33.93 78.81
C VAL BB 66 -54.44 34.29 78.93
N GLU BB 67 -55.01 34.12 80.13
CA GLU BB 67 -56.42 34.49 80.32
C GLU BB 67 -56.62 35.99 80.10
N ALA BB 68 -55.71 36.81 80.61
CA ALA BB 68 -55.80 38.25 80.41
C ALA BB 68 -55.70 38.60 78.93
N MET BB 69 -54.84 37.90 78.20
CA MET BB 69 -54.73 38.14 76.77
C MET BB 69 -56.00 37.73 76.04
N GLU BB 70 -56.66 36.66 76.48
CA GLU BB 70 -57.95 36.30 75.91
C GLU BB 70 -58.97 37.42 76.13
N ILE BB 71 -59.03 37.94 77.35
CA ILE BB 71 -59.96 39.03 77.64
C ILE BB 71 -59.65 40.25 76.79
N LEU BB 72 -58.37 40.56 76.64
CA LEU BB 72 -57.98 41.74 75.86
C LEU BB 72 -58.30 41.56 74.39
N GLU BB 73 -58.09 40.35 73.85
CA GLU BB 73 -58.50 40.07 72.48
C GLU BB 73 -60.00 40.25 72.32
N LEU BB 74 -60.78 39.77 73.29
CA LEU BB 74 -62.22 39.98 73.28
C LEU BB 74 -62.55 41.47 73.20
N TYR BB 75 -61.92 42.27 74.05
CA TYR BB 75 -62.24 43.70 74.09
C TYR BB 75 -61.81 44.41 72.81
N CYS BB 76 -60.64 44.06 72.28
CA CYS BB 76 -60.21 44.66 71.02
C CYS BB 76 -61.18 44.33 69.90
N ASP BB 77 -61.62 43.08 69.83
CA ASP BB 77 -62.60 42.71 68.81
C ASP BB 77 -63.93 43.45 69.03
N LEU BB 78 -64.29 43.68 70.29
CA LEU BB 78 -65.51 44.44 70.57
C LEU BB 78 -65.40 45.84 70.01
N LEU BB 79 -64.29 46.52 70.29
CA LEU BB 79 -64.07 47.85 69.74
C LEU BB 79 -64.10 47.81 68.21
N LEU BB 80 -63.47 46.78 67.64
CA LEU BB 80 -63.40 46.67 66.18
C LEU BB 80 -64.77 46.40 65.56
N ALA BB 81 -65.69 45.79 66.31
CA ALA BB 81 -67.04 45.57 65.82
C ALA BB 81 -67.91 46.80 65.92
N ARG BB 82 -67.58 47.71 66.84
CA ARG BB 82 -68.32 48.95 67.07
C ARG BB 82 -67.43 50.15 66.76
N PHE BB 83 -66.68 50.06 65.66
CA PHE BB 83 -65.73 51.11 65.30
C PHE BB 83 -66.45 52.35 64.80
N GLY BB 84 -67.50 52.18 64.00
CA GLY BB 84 -68.27 53.31 63.56
C GLY BB 84 -68.84 54.11 64.73
N LEU BB 85 -69.27 53.40 65.77
CA LEU BB 85 -69.76 54.10 66.96
C LEU BB 85 -68.65 54.88 67.64
N ILE BB 86 -67.40 54.51 67.41
CA ILE BB 86 -66.27 55.30 67.87
C ILE BB 86 -66.11 56.55 67.01
N GLN BB 87 -66.18 56.38 65.70
CA GLN BB 87 -65.94 57.51 64.79
C GLN BB 87 -67.06 58.54 64.89
N SER BB 88 -68.30 58.10 65.07
CA SER BB 88 -69.44 59.01 65.05
C SER BB 88 -69.45 59.91 66.28
N MET BB 89 -69.57 59.33 67.46
CA MET BB 89 -69.60 60.11 68.68
C MET BB 89 -68.25 60.74 68.96
N LYS BB 90 -68.24 61.68 69.90
CA LYS BB 90 -67.02 62.29 70.39
C LYS BB 90 -66.65 61.82 71.79
N GLU BB 91 -67.65 61.46 72.60
CA GLU BB 91 -67.42 60.86 73.91
C GLU BB 91 -67.90 59.41 73.85
N LEU BB 92 -67.12 58.51 74.47
CA LEU BB 92 -67.45 57.10 74.41
C LEU BB 92 -68.74 56.82 75.18
N ASP BB 93 -69.52 55.88 74.66
CA ASP BB 93 -70.75 55.48 75.32
C ASP BB 93 -70.45 54.43 76.38
N SER BB 94 -71.51 53.93 77.03
CA SER BB 94 -71.33 52.95 78.09
C SER BB 94 -70.85 51.61 77.53
N GLY BB 95 -71.36 51.22 76.36
CA GLY BB 95 -70.98 49.94 75.76
C GLY BB 95 -69.51 49.81 75.48
N LEU BB 96 -68.78 50.93 75.37
CA LEU BB 96 -67.36 50.92 75.07
C LEU BB 96 -66.50 51.44 76.21
N ALA BB 97 -67.10 51.77 77.36
CA ALA BB 97 -66.32 52.27 78.49
C ALA BB 97 -65.33 51.23 78.98
N GLU BB 98 -65.81 50.00 79.18
CA GLU BB 98 -64.95 48.95 79.73
C GLU BB 98 -63.79 48.65 78.79
N SER BB 99 -64.08 48.47 77.50
CA SER BB 99 -63.03 48.14 76.54
C SER BB 99 -61.95 49.22 76.54
N VAL BB 100 -62.35 50.48 76.39
CA VAL BB 100 -61.38 51.57 76.33
C VAL BB 100 -60.58 51.65 77.62
N SER BB 101 -61.28 51.58 78.76
CA SER BB 101 -60.61 51.69 80.05
C SER BB 101 -59.56 50.61 80.21
N THR BB 102 -59.93 49.36 79.95
CA THR BB 102 -59.00 48.25 80.13
C THR BB 102 -57.86 48.32 79.13
N LEU BB 103 -58.14 48.68 77.88
CA LEU BB 103 -57.09 48.75 76.88
C LEU BB 103 -56.13 49.90 77.15
N ILE BB 104 -56.56 50.93 77.87
CA ILE BB 104 -55.64 51.99 78.25
C ILE BB 104 -54.87 51.60 79.51
N TRP BB 105 -55.50 50.85 80.42
CA TRP BB 105 -54.85 50.51 81.68
C TRP BB 105 -53.84 49.39 81.51
N ALA BB 106 -54.13 48.41 80.65
CA ALA BB 106 -53.27 47.24 80.49
C ALA BB 106 -52.15 47.47 79.49
N ALA BB 107 -52.23 48.51 78.67
CA ALA BB 107 -51.18 48.75 77.67
C ALA BB 107 -49.80 48.81 78.28
N PRO BB 108 -49.52 49.63 79.30
CA PRO BB 108 -48.18 49.62 79.89
C PRO BB 108 -47.82 48.28 80.53
N ARG BB 109 -48.81 47.51 80.96
CA ARG BB 109 -48.53 46.21 81.54
C ARG BB 109 -47.98 45.24 80.49
N LEU BB 110 -48.70 45.10 79.38
CA LEU BB 110 -48.32 44.19 78.30
C LEU BB 110 -47.62 44.91 77.15
N GLN BB 111 -46.99 46.05 77.43
CA GLN BB 111 -46.32 46.79 76.36
C GLN BB 111 -45.16 46.00 75.78
N SER BB 112 -44.49 45.20 76.59
CA SER BB 112 -43.34 44.44 76.09
C SER BB 112 -43.79 43.29 75.20
N GLU BB 113 -44.81 42.55 75.64
CA GLU BB 113 -45.31 41.42 74.84
C GLU BB 113 -45.90 41.91 73.53
N VAL BB 114 -46.90 42.80 73.61
CA VAL BB 114 -47.60 43.33 72.46
C VAL BB 114 -47.22 44.80 72.33
N ALA BB 115 -46.53 45.15 71.24
CA ALA BB 115 -46.10 46.53 71.04
C ALA BB 115 -47.26 47.38 70.53
N GLU BB 116 -48.01 46.87 69.56
CA GLU BB 116 -49.12 47.63 68.97
C GLU BB 116 -50.12 48.08 70.01
N LEU BB 117 -50.19 47.40 71.16
CA LEU BB 117 -51.13 47.80 72.20
C LEU BB 117 -50.85 49.20 72.70
N LYS BB 118 -49.59 49.62 72.72
CA LYS BB 118 -49.27 50.98 73.12
C LYS BB 118 -49.83 52.00 72.12
N ILE BB 119 -49.75 51.67 70.82
CA ILE BB 119 -50.33 52.56 69.81
C ILE BB 119 -51.85 52.62 69.97
N VAL BB 120 -52.48 51.49 70.28
CA VAL BB 120 -53.92 51.49 70.52
C VAL BB 120 -54.24 52.40 71.70
N ALA BB 121 -53.47 52.28 72.78
CA ALA BB 121 -53.67 53.15 73.94
C ALA BB 121 -53.50 54.61 73.56
N ASP BB 122 -52.52 54.91 72.70
CA ASP BB 122 -52.33 56.28 72.24
C ASP BB 122 -53.57 56.79 71.53
N GLN BB 123 -54.02 56.06 70.51
CA GLN BB 123 -55.18 56.51 69.76
C GLN BB 123 -56.41 56.64 70.64
N LEU BB 124 -56.51 55.84 71.71
CA LEU BB 124 -57.65 55.94 72.60
C LEU BB 124 -57.48 57.02 73.66
N CYS BB 125 -56.26 57.50 73.88
CA CYS BB 125 -56.04 58.63 74.78
C CYS BB 125 -56.02 59.95 74.03
N ALA BB 126 -55.58 59.95 72.77
CA ALA BB 126 -55.55 61.15 71.95
C ALA BB 126 -56.91 61.52 71.39
N LYS BB 127 -57.90 60.62 71.48
CA LYS BB 127 -59.23 60.90 70.97
C LYS BB 127 -60.14 61.53 72.01
N TYR BB 128 -59.84 61.37 73.30
CA TYR BB 128 -60.70 61.84 74.36
C TYR BB 128 -59.99 62.91 75.18
N SER BB 129 -60.79 63.84 75.70
CA SER BB 129 -60.29 64.90 76.57
C SER BB 129 -60.94 64.92 77.95
N LYS BB 130 -62.16 64.39 78.07
CA LYS BB 130 -62.84 64.33 79.37
C LYS BB 130 -62.13 63.31 80.25
N GLU BB 131 -61.34 63.80 81.20
CA GLU BB 131 -60.55 62.94 82.08
C GLU BB 131 -59.58 62.08 81.30
N TYR BB 132 -59.05 62.61 80.20
CA TYR BB 132 -58.15 61.89 79.31
C TYR BB 132 -56.80 62.61 79.27
N GLY BB 133 -55.89 62.08 78.47
CA GLY BB 133 -54.50 62.48 78.54
C GLY BB 133 -53.75 61.63 79.55
N LYS BB 134 -52.47 61.37 79.25
CA LYS BB 134 -51.68 60.43 80.05
C LYS BB 134 -52.00 60.56 81.54
N LEU BB 135 -51.86 61.77 82.08
CA LEU BB 135 -52.15 61.98 83.50
C LEU BB 135 -53.60 61.69 83.82
N CYS BB 136 -54.53 62.38 83.17
CA CYS BB 136 -55.95 62.14 83.40
C CYS BB 136 -56.39 60.77 82.93
N ARG BB 137 -55.68 60.18 81.96
CA ARG BB 137 -55.99 58.83 81.53
C ARG BB 137 -55.67 57.82 82.63
N THR BB 138 -54.59 58.08 83.39
CA THR BB 138 -54.29 57.26 84.55
C THR BB 138 -55.20 57.59 85.72
N ASN BB 139 -55.68 58.83 85.81
CA ASN BB 139 -56.56 59.21 86.90
C ASN BB 139 -57.95 58.62 86.72
N GLN BB 140 -58.45 58.56 85.48
CA GLN BB 140 -59.77 58.02 85.19
C GLN BB 140 -59.73 56.54 84.83
N ILE BB 141 -58.76 55.79 85.36
CA ILE BB 141 -58.63 54.37 85.08
C ILE BB 141 -59.30 53.52 86.16
N GLY BB 142 -60.18 54.12 86.95
CA GLY BB 142 -60.85 53.40 88.03
C GLY BB 142 -62.16 52.76 87.60
N THR BB 143 -62.24 52.36 86.33
CA THR BB 143 -63.43 51.69 85.82
C THR BB 143 -63.10 50.49 84.94
N VAL BB 144 -61.92 49.90 85.13
CA VAL BB 144 -61.49 48.78 84.31
C VAL BB 144 -62.03 47.48 84.89
N ASN BB 145 -62.02 46.43 84.08
CA ASN BB 145 -62.47 45.12 84.51
C ASN BB 145 -61.60 44.63 85.66
N ASP BB 146 -62.22 44.38 86.81
CA ASP BB 146 -61.48 43.94 87.98
C ASP BB 146 -60.83 42.58 87.74
N ARG BB 147 -61.52 41.69 87.02
CA ARG BB 147 -60.95 40.38 86.75
C ARG BB 147 -59.63 40.50 86.00
N LEU BB 148 -59.59 41.30 84.94
CA LEU BB 148 -58.36 41.49 84.20
C LEU BB 148 -57.29 42.12 85.08
N MET BB 149 -57.67 43.04 85.96
CA MET BB 149 -56.73 43.61 86.90
C MET BB 149 -56.11 42.51 87.76
N HIS BB 150 -56.92 41.52 88.16
CA HIS BB 150 -56.41 40.43 88.97
C HIS BB 150 -55.49 39.51 88.16
N LYS BB 151 -55.86 39.24 86.91
CA LYS BB 151 -55.02 38.38 86.08
C LYS BB 151 -53.65 39.00 85.85
N LEU BB 152 -53.60 40.31 85.66
CA LEU BB 152 -52.35 41.03 85.46
C LEU BB 152 -51.82 41.64 86.74
N SER BB 153 -52.33 41.23 87.89
CA SER BB 153 -51.84 41.73 89.16
C SER BB 153 -50.49 41.12 89.47
N VAL BB 154 -49.51 41.98 89.74
CA VAL BB 154 -48.14 41.54 90.00
C VAL BB 154 -48.03 41.32 91.51
N GLU BB 155 -48.34 40.11 91.95
CA GLU BB 155 -48.33 39.79 93.36
C GLU BB 155 -48.02 38.30 93.54
N ALA BB 156 -47.43 37.97 94.68
CA ALA BB 156 -47.15 36.59 95.00
C ALA BB 156 -48.45 35.81 95.11
N PRO BB 157 -48.71 34.84 94.23
CA PRO BB 157 -49.98 34.11 94.29
C PRO BB 157 -50.17 33.44 95.64
N PRO BB 158 -51.40 33.09 96.00
CA PRO BB 158 -51.64 32.44 97.29
C PRO BB 158 -50.95 31.07 97.36
N LYS BB 159 -50.41 30.78 98.54
CA LYS BB 159 -49.64 29.54 98.70
C LYS BB 159 -50.53 28.31 98.50
N ILE BB 160 -51.76 28.35 99.02
CA ILE BB 160 -52.66 27.21 98.88
C ILE BB 160 -52.92 26.91 97.42
N LEU BB 161 -53.04 27.96 96.61
CA LEU BB 161 -53.27 27.82 95.15
C LEU BB 161 -52.07 27.10 94.54
N VAL BB 162 -50.85 27.45 94.97
CA VAL BB 162 -49.61 26.82 94.46
C VAL BB 162 -49.62 25.33 94.84
N GLU BB 163 -50.05 25.03 96.06
CA GLU BB 163 -50.12 23.62 96.55
C GLU BB 163 -51.11 22.84 95.69
N ARG BB 164 -52.26 23.45 95.38
CA ARG BB 164 -53.30 22.80 94.54
C ARG BB 164 -52.72 22.54 93.15
N TYR BB 165 -51.97 23.51 92.61
CA TYR BB 165 -51.35 23.37 91.27
C TYR BB 165 -50.35 22.20 91.30
N LEU BB 166 -49.58 22.09 92.38
CA LEU BB 166 -48.60 21.02 92.50
C LEU BB 166 -49.29 19.68 92.68
N ILE BB 167 -50.34 19.63 93.50
CA ILE BB 167 -51.09 18.40 93.72
C ILE BB 167 -51.62 17.87 92.39
N GLU BB 168 -52.23 18.75 91.59
CA GLU BB 168 -52.81 18.32 90.32
C GLU BB 168 -51.72 17.82 89.37
N ILE BB 169 -50.62 18.58 89.26
CA ILE BB 169 -49.56 18.18 88.34
C ILE BB 169 -48.97 16.83 88.75
N ALA BB 170 -48.74 16.63 90.05
CA ALA BB 170 -48.23 15.36 90.54
C ALA BB 170 -49.22 14.23 90.24
N LYS BB 171 -50.49 14.42 90.60
CA LYS BB 171 -51.49 13.40 90.35
C LYS BB 171 -51.59 13.04 88.87
N ASN BB 172 -51.32 14.01 87.99
CA ASN BB 172 -51.41 13.72 86.56
C ASN BB 172 -50.17 13.00 86.05
N TYR BB 173 -48.99 13.39 86.52
CA TYR BB 173 -47.74 12.84 86.02
C TYR BB 173 -47.26 11.63 86.83
N ASN BB 174 -48.12 11.05 87.65
CA ASN BB 174 -47.79 9.81 88.38
C ASN BB 174 -46.56 10.00 89.26
N VAL BB 175 -46.52 11.11 89.99
CA VAL BB 175 -45.41 11.41 90.90
C VAL BB 175 -45.99 11.64 92.29
N PRO BB 176 -45.39 11.09 93.34
CA PRO BB 176 -45.87 11.39 94.70
C PRO BB 176 -45.49 12.80 95.12
N TYR BB 177 -46.32 13.38 95.98
CA TYR BB 177 -46.07 14.72 96.50
C TYR BB 177 -46.86 14.90 97.79
N GLU BB 178 -46.18 15.37 98.84
CA GLU BB 178 -46.79 15.60 100.14
C GLU BB 178 -46.98 17.10 100.35
N PRO BB 179 -48.19 17.63 100.19
CA PRO BB 179 -48.38 19.08 100.31
C PRO BB 179 -48.01 19.59 101.70
N ASP BB 180 -47.63 20.85 101.76
CA ASP BB 180 -47.33 21.51 103.02
C ASP BB 180 -48.63 21.65 103.80
N SER BB 181 -48.77 20.88 104.88
CA SER BB 181 -50.03 20.88 105.60
C SER BB 181 -50.34 22.27 106.18
N VAL BB 182 -49.29 23.02 106.58
CA VAL BB 182 -49.49 24.33 107.18
C VAL BB 182 -50.36 25.20 106.29
N VAL BB 183 -50.14 25.15 104.98
CA VAL BB 183 -50.89 25.96 104.02
C VAL BB 183 -52.01 25.12 103.41
N MET BB 184 -51.78 23.81 103.29
CA MET BB 184 -52.78 22.94 102.67
C MET BB 184 -54.05 22.83 103.52
N ALA BB 185 -53.97 23.09 104.82
CA ALA BB 185 -55.11 22.99 105.70
C ALA BB 185 -55.68 24.33 106.12
N GLU BB 186 -54.86 25.38 106.19
CA GLU BB 186 -55.33 26.70 106.59
C GLU BB 186 -56.03 27.38 105.42
N ASN CB 3 -49.26 51.95 12.33
CA ASN CB 3 -49.46 52.12 13.76
C ASN CB 3 -50.51 51.14 14.28
N MET CB 4 -51.68 51.14 13.63
CA MET CB 4 -52.76 50.26 14.06
C MET CB 4 -52.40 48.79 13.89
N GLU CB 5 -51.54 48.47 12.92
CA GLU CB 5 -51.14 47.08 12.72
C GLU CB 5 -50.41 46.55 13.95
N LYS CB 6 -49.61 47.40 14.59
CA LYS CB 6 -48.92 46.99 15.81
C LYS CB 6 -49.91 46.67 16.92
N HIS CB 7 -50.93 47.51 17.08
CA HIS CB 7 -51.95 47.27 18.09
C HIS CB 7 -52.71 45.99 17.80
N LEU CB 8 -53.02 45.74 16.52
CA LEU CB 8 -53.67 44.48 16.16
C LEU CB 8 -52.80 43.28 16.51
N PHE CB 9 -51.50 43.37 16.22
CA PHE CB 9 -50.58 42.30 16.56
C PHE CB 9 -50.58 42.04 18.06
N ASN CB 10 -50.52 43.11 18.85
CA ASN CB 10 -50.51 42.95 20.31
C ASN CB 10 -51.81 42.32 20.79
N LEU CB 11 -52.94 42.72 20.19
CA LEU CB 11 -54.22 42.16 20.59
C LEU CB 11 -54.29 40.66 20.31
N LYS CB 12 -53.88 40.25 19.11
CA LYS CB 12 -53.90 38.84 18.76
C LYS CB 12 -52.94 38.05 19.64
N PHE CB 13 -51.79 38.63 19.95
CA PHE CB 13 -50.83 37.97 20.84
C PHE CB 13 -51.44 37.78 22.22
N ALA CB 14 -52.14 38.79 22.74
CA ALA CB 14 -52.77 38.65 24.05
C ALA CB 14 -53.85 37.59 24.03
N ALA CB 15 -54.63 37.52 22.94
CA ALA CB 15 -55.65 36.48 22.84
C ALA CB 15 -55.03 35.09 22.86
N LYS CB 16 -53.96 34.91 22.08
CA LYS CB 16 -53.30 33.61 22.06
C LYS CB 16 -52.71 33.27 23.42
N GLU CB 17 -52.16 34.27 24.11
CA GLU CB 17 -51.63 34.04 25.45
C GLU CB 17 -52.73 33.59 26.40
N LEU CB 18 -53.91 34.24 26.33
CA LEU CB 18 -55.02 33.83 27.19
C LEU CB 18 -55.45 32.41 26.89
N SER CB 19 -55.50 32.03 25.61
CA SER CB 19 -55.87 30.67 25.26
C SER CB 19 -54.87 29.66 25.81
N ARG CB 20 -53.58 29.94 25.64
CA ARG CB 20 -52.55 29.07 26.18
C ARG CB 20 -52.69 28.94 27.68
N SER CB 21 -52.95 30.05 28.38
CA SER CB 21 -53.07 30.01 29.82
C SER CB 21 -54.28 29.19 30.24
N ALA CB 22 -55.38 29.29 29.51
CA ALA CB 22 -56.56 28.47 29.81
C ALA CB 22 -56.24 26.99 29.67
N LYS CB 23 -55.56 26.63 28.58
CA LYS CB 23 -55.16 25.24 28.40
C LYS CB 23 -54.28 24.76 29.55
N LYS CB 24 -53.29 25.56 29.91
CA LYS CB 24 -52.38 25.20 30.99
C LYS CB 24 -53.13 25.03 32.31
N CYS CB 25 -54.09 25.91 32.58
CA CYS CB 25 -54.83 25.83 33.83
C CYS CB 25 -55.72 24.59 33.86
N ASP CB 26 -56.32 24.23 32.72
CA ASP CB 26 -57.07 22.97 32.66
C ASP CB 26 -56.17 21.79 32.97
N LYS CB 27 -54.97 21.77 32.38
CA LYS CB 27 -54.02 20.70 32.67
C LYS CB 27 -53.68 20.65 34.15
N GLU CB 28 -53.43 21.81 34.76
CA GLU CB 28 -53.08 21.84 36.17
C GLU CB 28 -54.24 21.34 37.04
N GLU CB 29 -55.48 21.64 36.64
CA GLU CB 29 -56.63 21.10 37.34
C GLU CB 29 -56.63 19.57 37.27
N LYS CB 30 -56.40 19.04 36.07
CA LYS CB 30 -56.36 17.60 35.91
C LYS CB 30 -55.30 16.97 36.81
N ALA CB 31 -54.17 17.65 37.01
CA ALA CB 31 -53.13 17.13 37.88
C ALA CB 31 -53.53 17.21 39.35
N GLU CB 32 -54.07 18.35 39.76
CA GLU CB 32 -54.48 18.54 41.14
C GLU CB 32 -55.58 17.55 41.53
N LYS CB 33 -56.38 17.09 40.57
CA LYS CB 33 -57.36 16.06 40.88
C LYS CB 33 -56.68 14.75 41.29
N ALA CB 34 -55.62 14.36 40.57
CA ALA CB 34 -54.83 13.22 40.97
C ALA CB 34 -54.28 13.41 42.38
N LYS CB 35 -53.76 14.60 42.65
CA LYS CB 35 -53.15 14.84 43.96
C LYS CB 35 -54.17 14.75 45.08
N ILE CB 36 -55.37 15.31 44.86
CA ILE CB 36 -56.41 15.24 45.89
C ILE CB 36 -56.88 13.81 46.09
N GLU CB 37 -56.95 13.02 45.01
CA GLU CB 37 -57.27 11.61 45.18
C GLU CB 37 -56.24 10.91 46.04
N LYS CB 38 -54.95 11.14 45.76
CA LYS CB 38 -53.91 10.55 46.59
C LYS CB 38 -54.07 10.97 48.05
N ALA CB 39 -54.26 12.27 48.29
CA ALA CB 39 -54.32 12.76 49.66
C ALA CB 39 -55.54 12.22 50.40
N ILE CB 40 -56.68 12.06 49.71
CA ILE CB 40 -57.84 11.49 50.36
C ILE CB 40 -57.64 10.01 50.61
N GLN CB 41 -56.78 9.35 49.83
CA GLN CB 41 -56.41 7.98 50.15
C GLN CB 41 -55.55 7.92 51.41
N LYS CB 42 -54.54 8.79 51.49
CA LYS CB 42 -53.67 8.82 52.67
C LYS CB 42 -54.40 9.27 53.93
N GLY CB 43 -55.58 9.85 53.80
CA GLY CB 43 -56.34 10.33 54.95
C GLY CB 43 -56.13 11.79 55.29
N ASN CB 44 -55.23 12.48 54.59
CA ASN CB 44 -54.98 13.89 54.86
C ASN CB 44 -56.20 14.72 54.46
N MET CB 45 -56.91 15.26 55.45
CA MET CB 45 -58.05 16.11 55.17
C MET CB 45 -57.61 17.51 54.76
N GLU CB 46 -56.58 18.05 55.42
CA GLU CB 46 -56.14 19.41 55.13
C GLU CB 46 -55.48 19.51 53.76
N VAL CB 47 -54.64 18.54 53.40
CA VAL CB 47 -54.03 18.56 52.08
C VAL CB 47 -55.08 18.33 51.01
N ALA CB 48 -56.09 17.51 51.31
CA ALA CB 48 -57.20 17.35 50.37
C ALA CB 48 -57.94 18.66 50.17
N ARG CB 49 -58.17 19.40 51.26
CA ARG CB 49 -58.79 20.72 51.13
C ARG CB 49 -57.94 21.64 50.26
N ILE CB 50 -56.63 21.66 50.49
CA ILE CB 50 -55.75 22.53 49.73
C ILE CB 50 -55.83 22.18 48.25
N HIS CB 51 -55.71 20.89 47.93
CA HIS CB 51 -55.71 20.49 46.52
C HIS CB 51 -57.07 20.69 45.88
N ALA CB 52 -58.15 20.57 46.65
CA ALA CB 52 -59.48 20.85 46.12
C ALA CB 52 -59.62 22.34 45.80
N GLU CB 53 -59.16 23.20 46.70
CA GLU CB 53 -59.15 24.63 46.43
C GLU CB 53 -58.37 24.93 45.16
N ASN CB 54 -57.18 24.34 45.03
CA ASN CB 54 -56.37 24.56 43.84
C ASN CB 54 -57.09 24.10 42.58
N ALA CB 55 -57.72 22.93 42.63
CA ALA CB 55 -58.40 22.39 41.44
C ALA CB 55 -59.58 23.26 41.04
N ILE CB 56 -60.42 23.64 42.02
CA ILE CB 56 -61.57 24.49 41.71
C ILE CB 56 -61.10 25.83 41.16
N ARG CB 57 -60.07 26.41 41.78
CA ARG CB 57 -59.55 27.69 41.30
C ARG CB 57 -59.04 27.58 39.87
N GLN CB 58 -58.30 26.51 39.57
CA GLN CB 58 -57.77 26.34 38.22
C GLN CB 58 -58.89 26.15 37.22
N LYS CB 59 -59.92 25.39 37.57
CA LYS CB 59 -61.07 25.21 36.69
C LYS CB 59 -61.73 26.54 36.39
N ASN CB 60 -62.05 27.30 37.44
CA ASN CB 60 -62.76 28.56 37.24
C ASN CB 60 -61.90 29.55 36.45
N GLN CB 61 -60.62 29.64 36.77
CA GLN CB 61 -59.76 30.60 36.07
C GLN CB 61 -59.50 30.16 34.63
N ALA CB 62 -59.53 28.85 34.36
CA ALA CB 62 -59.42 28.40 32.98
C ALA CB 62 -60.66 28.79 32.19
N VAL CB 63 -61.85 28.61 32.77
CA VAL CB 63 -63.06 29.05 32.09
C VAL CB 63 -63.02 30.56 31.84
N ASN CB 64 -62.57 31.32 32.84
CA ASN CB 64 -62.49 32.77 32.69
C ASN CB 64 -61.51 33.16 31.60
N PHE CB 65 -60.33 32.52 31.58
CA PHE CB 65 -59.35 32.80 30.54
C PHE CB 65 -59.91 32.46 29.16
N LEU CB 66 -60.68 31.38 29.07
CA LEU CB 66 -61.24 30.99 27.77
C LEU CB 66 -62.24 32.04 27.28
N ARG CB 67 -63.16 32.46 28.16
CA ARG CB 67 -64.11 33.50 27.78
C ARG CB 67 -63.39 34.79 27.41
N MET CB 68 -62.38 35.16 28.19
CA MET CB 68 -61.62 36.37 27.95
C MET CB 68 -60.93 36.31 26.60
N SER CB 69 -60.31 35.17 26.28
CA SER CB 69 -59.66 34.99 24.99
C SER CB 69 -60.67 35.06 23.86
N ALA CB 70 -61.87 34.53 24.06
CA ALA CB 70 -62.91 34.66 23.03
C ALA CB 70 -63.25 36.11 22.78
N ARG CB 71 -63.41 36.90 23.85
CA ARG CB 71 -63.71 38.31 23.70
C ARG CB 71 -62.60 39.03 22.94
N VAL CB 72 -61.34 38.80 23.35
CA VAL CB 72 -60.23 39.45 22.68
C VAL CB 72 -60.11 39.00 21.24
N ASP CB 73 -60.47 37.74 20.96
CA ASP CB 73 -60.45 37.26 19.58
C ASP CB 73 -61.48 37.99 18.74
N ALA CB 74 -62.67 38.19 19.27
CA ALA CB 74 -63.68 38.95 18.55
C ALA CB 74 -63.19 40.37 18.27
N VAL CB 75 -62.63 41.02 19.29
CA VAL CB 75 -62.16 42.39 19.12
C VAL CB 75 -61.04 42.45 18.08
N ALA CB 76 -60.13 41.47 18.12
CA ALA CB 76 -59.00 41.47 17.19
C ALA CB 76 -59.45 41.20 15.77
N ALA CB 77 -60.43 40.31 15.59
CA ALA CB 77 -60.99 40.09 14.26
C ALA CB 77 -61.62 41.36 13.73
N ARG CB 78 -62.36 42.07 14.59
CA ARG CB 78 -62.96 43.34 14.17
C ARG CB 78 -61.89 44.35 13.77
N VAL CB 79 -60.81 44.43 14.56
CA VAL CB 79 -59.76 45.41 14.27
C VAL CB 79 -59.02 45.03 12.99
N GLN CB 80 -58.83 43.73 12.74
CA GLN CB 80 -58.17 43.29 11.53
C GLN CB 80 -59.03 43.61 10.31
N THR CB 81 -60.34 43.38 10.41
CA THR CB 81 -61.25 43.81 9.36
C THR CB 81 -61.12 45.31 9.11
N ALA CB 82 -61.08 46.09 10.19
CA ALA CB 82 -60.97 47.55 10.04
C ALA CB 82 -59.67 47.93 9.35
N VAL CB 83 -58.56 47.26 9.69
CA VAL CB 83 -57.28 47.58 9.08
C VAL CB 83 -57.31 47.27 7.59
N THR CB 84 -57.78 46.08 7.23
CA THR CB 84 -57.84 45.71 5.82
C THR CB 84 -58.74 46.66 5.05
N MET CB 85 -59.90 47.00 5.62
CA MET CB 85 -60.80 47.93 4.94
C MET CB 85 -60.22 49.32 4.85
N GLY CB 86 -59.40 49.72 5.82
CA GLY CB 86 -58.73 51.01 5.73
C GLY CB 86 -57.71 51.04 4.61
N LYS CB 87 -56.95 49.95 4.46
CA LYS CB 87 -56.06 49.85 3.31
C LYS CB 87 -56.84 49.92 2.00
N VAL CB 88 -57.96 49.20 1.93
CA VAL CB 88 -58.77 49.20 0.71
C VAL CB 88 -59.30 50.59 0.43
N THR CB 89 -59.78 51.29 1.46
CA THR CB 89 -60.33 52.62 1.27
C THR CB 89 -59.26 53.61 0.84
N LYS CB 90 -58.07 53.51 1.43
CA LYS CB 90 -56.96 54.36 1.01
C LYS CB 90 -56.61 54.11 -0.45
N SER CB 91 -56.53 52.85 -0.84
CA SER CB 91 -56.20 52.53 -2.23
C SER CB 91 -57.26 53.05 -3.19
N MET CB 92 -58.53 52.94 -2.80
CA MET CB 92 -59.60 53.42 -3.68
C MET CB 92 -59.65 54.93 -3.73
N ALA CB 93 -59.26 55.61 -2.65
CA ALA CB 93 -59.14 57.06 -2.70
C ALA CB 93 -58.01 57.48 -3.63
N GLY CB 94 -56.87 56.83 -3.54
CA GLY CB 94 -55.78 57.11 -4.47
C GLY CB 94 -56.20 56.87 -5.92
N VAL CB 95 -56.91 55.76 -6.15
CA VAL CB 95 -57.38 55.46 -7.49
C VAL CB 95 -58.36 56.53 -7.97
N VAL CB 96 -59.23 57.00 -7.08
CA VAL CB 96 -60.18 58.04 -7.45
C VAL CB 96 -59.44 59.31 -7.84
N LYS CB 97 -58.42 59.68 -7.06
CA LYS CB 97 -57.65 60.88 -7.38
C LYS CB 97 -56.97 60.75 -8.74
N SER CB 98 -56.29 59.63 -8.96
CA SER CB 98 -55.58 59.45 -10.22
C SER CB 98 -56.54 59.43 -11.40
N MET CB 99 -57.65 58.71 -11.28
CA MET CB 99 -58.63 58.66 -12.35
C MET CB 99 -59.27 60.02 -12.58
N ASP CB 100 -59.45 60.81 -11.52
CA ASP CB 100 -59.99 62.16 -11.69
C ASP CB 100 -59.03 63.00 -12.52
N ALA CB 101 -57.75 63.02 -12.13
CA ALA CB 101 -56.77 63.75 -12.92
C ALA CB 101 -56.77 63.30 -14.38
N THR CB 102 -56.75 61.98 -14.60
CA THR CB 102 -56.67 61.47 -15.96
C THR CB 102 -57.92 61.84 -16.76
N LEU CB 103 -59.10 61.47 -16.27
CA LEU CB 103 -60.34 61.77 -16.96
C LEU CB 103 -60.55 63.27 -17.14
N LYS CB 104 -59.89 64.10 -16.33
CA LYS CB 104 -59.89 65.53 -16.60
C LYS CB 104 -59.00 65.84 -17.79
N THR CB 105 -57.80 65.24 -17.83
CA THR CB 105 -56.90 65.45 -18.96
C THR CB 105 -57.43 64.73 -20.20
N MET CB 106 -57.71 63.43 -20.09
CA MET CB 106 -58.17 62.61 -21.21
C MET CB 106 -59.66 62.34 -20.97
N ASN CB 107 -60.51 63.25 -21.44
CA ASN CB 107 -61.94 63.13 -21.26
C ASN CB 107 -62.55 62.46 -22.49
N LEU CB 108 -63.88 62.30 -22.47
CA LEU CB 108 -64.55 61.57 -23.54
C LEU CB 108 -64.50 62.33 -24.84
N GLU CB 109 -64.63 63.66 -24.79
CA GLU CB 109 -64.51 64.46 -26.01
C GLU CB 109 -63.15 64.26 -26.66
N LYS CB 110 -62.08 64.46 -25.89
CA LYS CB 110 -60.73 64.33 -26.43
C LYS CB 110 -60.48 62.90 -26.91
N ILE CB 111 -60.97 61.91 -26.17
CA ILE CB 111 -60.74 60.52 -26.55
C ILE CB 111 -61.45 60.21 -27.86
N SER CB 112 -62.70 60.63 -27.99
CA SER CB 112 -63.44 60.40 -29.23
C SER CB 112 -62.77 61.09 -30.40
N ALA CB 113 -62.33 62.33 -30.22
CA ALA CB 113 -61.65 63.03 -31.30
C ALA CB 113 -60.35 62.35 -31.67
N LEU CB 114 -59.58 61.92 -30.66
CA LEU CB 114 -58.33 61.24 -30.90
C LEU CB 114 -58.55 59.95 -31.67
N MET CB 115 -59.64 59.24 -31.37
CA MET CB 115 -59.90 57.98 -32.05
C MET CB 115 -60.39 58.19 -33.47
N ASP CB 116 -61.23 59.20 -33.69
CA ASP CB 116 -61.58 59.56 -35.06
C ASP CB 116 -60.33 59.92 -35.85
N LYS CB 117 -59.39 60.64 -35.22
CA LYS CB 117 -58.15 60.98 -35.89
C LYS CB 117 -57.31 59.74 -36.19
N PHE CB 118 -57.23 58.82 -35.24
CA PHE CB 118 -56.51 57.56 -35.48
C PHE CB 118 -57.10 56.83 -36.68
N GLU CB 119 -58.42 56.68 -36.69
CA GLU CB 119 -59.08 55.98 -37.79
C GLU CB 119 -58.80 56.66 -39.13
N HIS CB 120 -58.93 57.98 -39.18
CA HIS CB 120 -58.74 58.69 -40.43
C HIS CB 120 -57.28 58.63 -40.89
N GLN CB 121 -56.34 58.75 -39.95
CA GLN CB 121 -54.93 58.68 -40.29
C GLN CB 121 -54.59 57.31 -40.87
N PHE CB 122 -55.12 56.24 -40.27
CA PHE CB 122 -54.78 54.92 -40.77
C PHE CB 122 -55.57 54.57 -42.03
N GLU CB 123 -56.71 55.20 -42.27
CA GLU CB 123 -57.35 55.09 -43.58
C GLU CB 123 -56.50 55.76 -44.65
N THR CB 124 -56.01 56.96 -44.37
CA THR CB 124 -55.08 57.62 -45.27
C THR CB 124 -53.86 56.74 -45.51
N LEU CB 125 -53.39 56.05 -44.46
CA LEU CB 125 -52.27 55.14 -44.61
C LEU CB 125 -52.64 53.92 -45.46
N ASP CB 126 -53.91 53.52 -45.40
CA ASP CB 126 -54.43 52.41 -46.24
C ASP CB 126 -54.35 52.84 -47.71
N VAL CB 127 -54.69 54.10 -48.00
CA VAL CB 127 -54.66 54.64 -49.36
C VAL CB 127 -53.22 54.75 -49.83
N GLN CB 128 -52.35 55.27 -48.97
CA GLN CB 128 -50.93 55.37 -49.30
C GLN CB 128 -50.35 54.00 -49.60
N THR CB 129 -50.69 52.99 -48.79
CA THR CB 129 -50.17 51.65 -49.00
C THR CB 129 -50.63 51.10 -50.34
N GLN CB 130 -51.91 51.27 -50.66
CA GLN CB 130 -52.43 50.78 -51.93
C GLN CB 130 -51.70 51.42 -53.10
N GLN CB 131 -51.57 52.75 -53.08
CA GLN CB 131 -50.92 53.45 -54.19
C GLN CB 131 -49.45 53.06 -54.28
N MET CB 132 -48.77 53.05 -53.14
CA MET CB 132 -47.37 52.65 -53.08
C MET CB 132 -47.19 51.26 -53.64
N GLU CB 133 -48.13 50.35 -53.38
CA GLU CB 133 -48.00 48.99 -53.86
C GLU CB 133 -48.26 48.91 -55.35
N ASP CB 134 -49.25 49.64 -55.84
CA ASP CB 134 -49.46 49.74 -57.28
C ASP CB 134 -48.17 50.18 -57.97
N THR CB 135 -47.52 51.21 -57.43
CA THR CB 135 -46.30 51.71 -58.07
C THR CB 135 -45.15 50.71 -57.94
N MET CB 136 -44.97 50.12 -56.75
CA MET CB 136 -43.93 49.12 -56.57
C MET CB 136 -44.08 48.00 -57.59
N SER CB 137 -45.32 47.57 -57.84
CA SER CB 137 -45.55 46.51 -58.81
C SER CB 137 -45.28 46.99 -60.22
N SER CB 138 -45.72 48.21 -60.55
CA SER CB 138 -45.49 48.74 -61.90
C SER CB 138 -44.01 48.91 -62.18
N THR CB 139 -43.19 49.11 -61.14
CA THR CB 139 -41.76 49.28 -61.36
C THR CB 139 -41.13 48.00 -61.90
N THR CB 140 -41.49 46.86 -61.34
CA THR CB 140 -40.90 45.56 -61.68
C THR CB 140 -41.98 44.71 -62.34
N THR CB 141 -42.14 44.87 -63.64
CA THR CB 141 -43.08 44.09 -64.43
C THR CB 141 -42.41 43.23 -65.49
N LEU CB 142 -41.18 43.54 -65.88
CA LEU CB 142 -40.45 42.75 -66.87
C LEU CB 142 -39.69 41.59 -66.24
N THR CB 143 -39.46 41.63 -64.94
CA THR CB 143 -38.88 40.49 -64.22
C THR CB 143 -39.94 39.49 -63.79
N THR CB 144 -41.20 39.93 -63.66
CA THR CB 144 -42.32 39.08 -63.24
C THR CB 144 -43.43 39.21 -64.28
N PRO CB 145 -43.32 38.51 -65.41
CA PRO CB 145 -44.40 38.53 -66.39
C PRO CB 145 -45.60 37.73 -65.89
N GLN CB 146 -46.78 38.31 -66.09
CA GLN CB 146 -48.01 37.63 -65.66
C GLN CB 146 -48.17 36.28 -66.35
N ASN CB 147 -47.81 36.20 -67.64
CA ASN CB 147 -47.96 34.96 -68.37
C ASN CB 147 -47.11 33.85 -67.76
N GLN CB 148 -45.87 34.16 -67.39
CA GLN CB 148 -44.99 33.15 -66.81
C GLN CB 148 -45.53 32.66 -65.46
N VAL CB 149 -46.05 33.58 -64.65
CA VAL CB 149 -46.59 33.18 -63.35
C VAL CB 149 -47.82 32.29 -63.55
N ASP CB 150 -48.71 32.68 -64.48
CA ASP CB 150 -49.87 31.85 -64.77
C ASP CB 150 -49.45 30.46 -65.21
N MET CB 151 -48.45 30.38 -66.11
CA MET CB 151 -48.01 29.08 -66.60
C MET CB 151 -47.41 28.25 -65.47
N LEU CB 152 -46.60 28.86 -64.61
CA LEU CB 152 -46.02 28.12 -63.50
C LEU CB 152 -47.11 27.57 -62.60
N LEU CB 153 -48.12 28.39 -62.29
CA LEU CB 153 -49.19 27.92 -61.42
C LEU CB 153 -49.96 26.78 -62.09
N GLN CB 154 -50.22 26.89 -63.39
CA GLN CB 154 -50.94 25.82 -64.08
C GLN CB 154 -50.13 24.53 -64.06
N GLU CB 155 -48.82 24.61 -64.30
CA GLU CB 155 -47.99 23.41 -64.30
C GLU CB 155 -47.94 22.79 -62.91
N MET CB 156 -47.76 23.61 -61.88
CA MET CB 156 -47.70 23.09 -60.52
C MET CB 156 -49.01 22.44 -60.11
N ALA CB 157 -50.14 23.05 -60.50
CA ALA CB 157 -51.44 22.46 -60.22
C ALA CB 157 -51.58 21.12 -60.92
N ASP CB 158 -51.37 21.10 -62.24
CA ASP CB 158 -51.53 19.88 -63.00
C ASP CB 158 -50.62 18.77 -62.46
N GLU CB 159 -49.41 19.13 -62.04
CA GLU CB 159 -48.54 18.13 -61.42
C GLU CB 159 -49.11 17.63 -60.11
N ALA CB 160 -49.60 18.55 -59.26
CA ALA CB 160 -50.26 18.15 -58.02
C ALA CB 160 -51.62 17.51 -58.26
N GLY CB 161 -52.12 17.55 -59.50
CA GLY CB 161 -53.42 16.99 -59.81
C GLY CB 161 -54.60 17.80 -59.34
N LEU CB 162 -54.39 18.79 -58.49
CA LEU CB 162 -55.48 19.57 -57.91
C LEU CB 162 -55.94 20.62 -58.90
N ASP CB 163 -56.80 21.53 -58.45
CA ASP CB 163 -57.26 22.64 -59.25
C ASP CB 163 -57.25 23.90 -58.39
N LEU CB 164 -57.28 25.05 -59.06
CA LEU CB 164 -57.16 26.34 -58.41
C LEU CB 164 -58.48 27.10 -58.55
N ASN CB 165 -59.04 27.52 -57.42
CA ASN CB 165 -60.28 28.29 -57.41
C ASN CB 165 -60.11 29.56 -56.58
N GLU CB 187 -52.63 36.45 -78.24
CA GLU CB 187 -53.94 35.83 -78.10
C GLU CB 187 -55.06 36.87 -78.24
N LEU CB 188 -55.57 37.36 -77.11
CA LEU CB 188 -56.59 38.40 -77.15
C LEU CB 188 -56.04 39.68 -77.76
N SER CB 189 -54.75 39.96 -77.53
CA SER CB 189 -54.16 41.20 -78.03
C SER CB 189 -54.29 41.30 -79.54
N GLN CB 190 -54.19 40.17 -80.25
CA GLN CB 190 -54.30 40.20 -81.70
C GLN CB 190 -55.72 40.55 -82.13
N ARG CB 191 -56.73 39.98 -81.47
CA ARG CB 191 -58.11 40.34 -81.79
C ARG CB 191 -58.36 41.81 -81.48
N LEU CB 192 -57.81 42.31 -80.38
CA LEU CB 192 -57.99 43.72 -80.04
C LEU CB 192 -57.31 44.63 -81.07
N ALA CB 193 -56.15 44.21 -81.57
CA ALA CB 193 -55.47 45.00 -82.59
C ALA CB 193 -56.26 45.00 -83.90
N ARG CB 194 -56.77 43.84 -84.30
CA ARG CB 194 -57.61 43.78 -85.49
C ARG CB 194 -58.84 44.66 -85.34
N LEU CB 195 -59.42 44.68 -84.13
CA LEU CB 195 -60.55 45.57 -83.86
C LEU CB 195 -60.12 47.03 -83.92
N ARG CB 196 -58.92 47.33 -83.45
CA ARG CB 196 -58.41 48.70 -83.49
C ARG CB 196 -58.22 49.17 -84.92
N ASP CB 197 -57.76 48.28 -85.81
CA ASP CB 197 -57.64 48.65 -87.21
C ASP CB 197 -58.99 49.04 -87.80
N GLN CB 198 -60.07 48.43 -87.32
CA GLN CB 198 -61.42 48.76 -87.77
C GLN CB 198 -61.54 48.61 -89.28
N PHE DB 6 -26.78 73.66 -83.35
CA PHE DB 6 -27.11 72.27 -83.64
C PHE DB 6 -25.87 71.39 -83.58
N LYS DB 7 -25.99 70.27 -82.84
CA LYS DB 7 -24.90 69.28 -82.68
C LYS DB 7 -25.38 67.95 -83.27
N ALA DB 8 -24.55 67.31 -84.10
CA ALA DB 8 -24.95 66.07 -84.75
C ALA DB 8 -24.87 64.87 -83.81
N GLU DB 9 -23.72 64.67 -83.17
CA GLU DB 9 -23.55 63.53 -82.29
C GLU DB 9 -24.55 63.56 -81.14
N ARG DB 10 -24.88 64.76 -80.65
CA ARG DB 10 -25.93 64.87 -79.65
C ARG DB 10 -27.25 64.31 -80.17
N LEU DB 11 -27.61 64.67 -81.40
CA LEU DB 11 -28.85 64.14 -81.99
C LEU DB 11 -28.79 62.63 -82.14
N ARG DB 12 -27.63 62.11 -82.58
CA ARG DB 12 -27.47 60.66 -82.71
C ARG DB 12 -27.70 59.96 -81.38
N VAL DB 13 -27.02 60.43 -80.33
CA VAL DB 13 -27.14 59.80 -79.02
C VAL DB 13 -28.56 59.89 -78.50
N ASN DB 14 -29.20 61.05 -78.67
CA ASN DB 14 -30.57 61.20 -78.21
C ASN DB 14 -31.52 60.29 -78.98
N LEU DB 15 -31.27 60.08 -80.28
CA LEU DB 15 -32.11 59.17 -81.04
C LEU DB 15 -31.98 57.75 -80.53
N ARG DB 16 -30.75 57.29 -80.29
CA ARG DB 16 -30.56 55.95 -79.75
C ARG DB 16 -31.24 55.81 -78.39
N LEU DB 17 -31.12 56.83 -77.54
CA LEU DB 17 -31.77 56.79 -76.23
C LEU DB 17 -33.28 56.74 -76.37
N VAL DB 18 -33.83 57.52 -77.29
CA VAL DB 18 -35.28 57.51 -77.51
C VAL DB 18 -35.73 56.13 -77.95
N ILE DB 19 -34.96 55.50 -78.85
CA ILE DB 19 -35.30 54.16 -79.30
C ILE DB 19 -35.37 53.19 -78.12
N ASN DB 20 -34.31 53.18 -77.31
CA ASN DB 20 -34.29 52.26 -76.16
C ASN DB 20 -35.46 52.55 -75.21
N ARG DB 21 -35.70 53.82 -74.92
CA ARG DB 21 -36.77 54.19 -74.01
C ARG DB 21 -38.12 53.74 -74.55
N LEU DB 22 -38.34 53.91 -75.85
CA LEU DB 22 -39.60 53.50 -76.44
C LEU DB 22 -39.77 51.99 -76.36
N LYS DB 23 -38.69 51.23 -76.58
CA LYS DB 23 -38.77 49.78 -76.42
C LYS DB 23 -39.21 49.41 -75.00
N LEU DB 24 -38.51 49.94 -74.00
CA LEU DB 24 -38.87 49.64 -72.61
C LEU DB 24 -40.31 50.01 -72.32
N LEU DB 25 -40.73 51.20 -72.78
CA LEU DB 25 -42.06 51.69 -72.46
C LEU DB 25 -43.12 50.82 -73.10
N GLU DB 26 -42.96 50.45 -74.36
CA GLU DB 26 -43.98 49.62 -75.01
C GLU DB 26 -44.05 48.25 -74.37
N LYS DB 27 -42.90 47.67 -74.00
CA LYS DB 27 -42.92 46.40 -73.28
C LYS DB 27 -43.78 46.51 -72.01
N LYS DB 28 -43.39 47.43 -71.12
CA LYS DB 28 -44.07 47.49 -69.83
C LYS DB 28 -45.53 47.93 -69.99
N LYS DB 29 -45.83 48.70 -71.04
CA LYS DB 29 -47.21 49.10 -71.26
C LYS DB 29 -48.05 47.92 -71.74
N THR DB 30 -47.48 47.05 -72.57
CA THR DB 30 -48.18 45.82 -72.93
C THR DB 30 -48.49 44.99 -71.69
N GLU DB 31 -47.51 44.86 -70.80
CA GLU DB 31 -47.74 44.08 -69.58
C GLU DB 31 -48.86 44.72 -68.73
N LEU DB 32 -48.75 46.02 -68.46
CA LEU DB 32 -49.77 46.71 -67.69
C LEU DB 32 -51.13 46.62 -68.37
N ALA DB 33 -51.15 46.58 -69.70
CA ALA DB 33 -52.42 46.46 -70.42
C ALA DB 33 -53.05 45.09 -70.18
N GLN DB 34 -52.24 44.03 -70.19
CA GLN DB 34 -52.75 42.72 -69.82
C GLN DB 34 -53.40 42.76 -68.43
N LYS DB 35 -52.67 43.31 -67.46
CA LYS DB 35 -53.18 43.32 -66.09
C LYS DB 35 -54.47 44.14 -65.97
N ALA DB 36 -54.51 45.30 -66.62
CA ALA DB 36 -55.70 46.14 -66.52
C ALA DB 36 -56.86 45.56 -67.31
N ARG DB 37 -56.58 44.77 -68.35
CA ARG DB 37 -57.65 44.04 -69.02
C ARG DB 37 -58.25 43.00 -68.09
N LYS DB 38 -57.41 42.30 -67.33
CA LYS DB 38 -57.94 41.40 -66.31
C LYS DB 38 -58.80 42.17 -65.32
N GLU DB 39 -58.36 43.37 -64.94
CA GLU DB 39 -59.15 44.20 -64.02
C GLU DB 39 -60.52 44.54 -64.62
N ILE DB 40 -60.54 44.87 -65.91
CA ILE DB 40 -61.82 45.20 -66.55
C ILE DB 40 -62.71 43.97 -66.59
N ALA DB 41 -62.13 42.79 -66.82
CA ALA DB 41 -62.91 41.56 -66.78
C ALA DB 41 -63.55 41.39 -65.40
N ASP DB 42 -62.76 41.61 -64.34
CA ASP DB 42 -63.31 41.54 -63.00
C ASP DB 42 -64.45 42.55 -62.81
N TYR DB 43 -64.26 43.77 -63.33
CA TYR DB 43 -65.30 44.78 -63.22
C TYR DB 43 -66.58 44.32 -63.91
N LEU DB 44 -66.45 43.69 -65.07
CA LEU DB 44 -67.63 43.23 -65.79
C LEU DB 44 -68.28 42.05 -65.09
N ALA DB 45 -67.51 41.27 -64.34
CA ALA DB 45 -68.09 40.17 -63.56
C ALA DB 45 -69.23 40.69 -62.68
N ALA DB 46 -69.03 41.85 -62.06
CA ALA DB 46 -70.08 42.50 -61.30
C ALA DB 46 -71.03 43.23 -62.25
N GLY DB 47 -72.05 43.87 -61.68
CA GLY DB 47 -72.99 44.63 -62.48
C GLY DB 47 -72.49 45.97 -62.96
N LYS DB 48 -71.31 46.40 -62.50
CA LYS DB 48 -70.74 47.67 -62.90
C LYS DB 48 -70.37 47.61 -64.38
N ASP DB 49 -71.07 48.39 -65.20
CA ASP DB 49 -70.86 48.43 -66.64
C ASP DB 49 -70.37 49.78 -67.13
N GLU DB 50 -71.02 50.86 -66.71
CA GLU DB 50 -70.63 52.20 -67.18
C GLU DB 50 -69.23 52.58 -66.70
N ARG DB 51 -68.68 51.88 -65.71
CA ARG DB 51 -67.33 52.10 -65.23
C ARG DB 51 -66.30 51.32 -66.04
N ALA DB 52 -66.65 50.09 -66.44
CA ALA DB 52 -65.77 49.32 -67.29
C ALA DB 52 -65.52 50.02 -68.61
N ARG DB 53 -66.47 50.84 -69.06
CA ARG DB 53 -66.26 51.62 -70.28
C ARG DB 53 -65.16 52.64 -70.09
N ILE DB 54 -65.10 53.29 -68.93
CA ILE DB 54 -64.02 54.22 -68.64
C ILE DB 54 -62.68 53.49 -68.57
N ARG DB 55 -62.68 52.34 -67.89
CA ARG DB 55 -61.44 51.57 -67.80
C ARG DB 55 -60.94 51.15 -69.18
N VAL DB 56 -61.85 50.71 -70.04
CA VAL DB 56 -61.42 50.28 -71.38
C VAL DB 56 -61.05 51.48 -72.23
N GLU DB 57 -61.60 52.66 -71.95
CA GLU DB 57 -61.10 53.87 -72.57
C GLU DB 57 -59.63 54.07 -72.22
N HIS DB 58 -59.30 53.96 -70.93
CA HIS DB 58 -57.90 53.96 -70.52
C HIS DB 58 -57.09 52.97 -71.35
N ILE DB 59 -57.60 51.74 -71.47
CA ILE DB 59 -56.85 50.67 -72.13
C ILE DB 59 -56.58 51.03 -73.59
N ILE DB 60 -57.61 51.47 -74.31
CA ILE DB 60 -57.44 51.70 -75.74
C ILE DB 60 -56.61 52.96 -75.98
N ARG DB 61 -56.69 53.93 -75.07
CA ARG DB 61 -55.75 55.04 -75.12
C ARG DB 61 -54.31 54.54 -75.02
N GLU DB 62 -54.05 53.67 -74.04
CA GLU DB 62 -52.71 53.13 -73.88
C GLU DB 62 -52.28 52.34 -75.11
N ASP DB 63 -53.21 51.64 -75.76
CA ASP DB 63 -52.86 50.84 -76.92
C ASP DB 63 -52.53 51.74 -78.12
N TYR DB 64 -53.36 52.76 -78.36
CA TYR DB 64 -53.01 53.79 -79.34
C TYR DB 64 -51.62 54.33 -79.05
N LEU DB 65 -51.31 54.57 -77.77
CA LEU DB 65 -50.03 55.14 -77.41
C LEU DB 65 -48.89 54.18 -77.75
N VAL DB 66 -49.09 52.89 -77.49
CA VAL DB 66 -48.05 51.90 -77.79
C VAL DB 66 -47.82 51.83 -79.30
N GLU DB 67 -48.89 51.84 -80.09
CA GLU DB 67 -48.73 51.83 -81.54
C GLU DB 67 -48.00 53.09 -82.02
N ALA DB 68 -48.34 54.24 -81.46
CA ALA DB 68 -47.66 55.48 -81.84
C ALA DB 68 -46.18 55.41 -81.47
N MET DB 69 -45.87 54.82 -80.32
CA MET DB 69 -44.47 54.67 -79.93
C MET DB 69 -43.73 53.73 -80.87
N GLU DB 70 -44.40 52.68 -81.35
CA GLU DB 70 -43.78 51.81 -82.35
C GLU DB 70 -43.46 52.61 -83.61
N ILE DB 71 -44.42 53.41 -84.08
CA ILE DB 71 -44.18 54.21 -85.28
C ILE DB 71 -43.04 55.18 -85.06
N LEU DB 72 -42.98 55.79 -83.88
CA LEU DB 72 -41.93 56.77 -83.60
C LEU DB 72 -40.57 56.11 -83.51
N GLU DB 73 -40.50 54.92 -82.90
CA GLU DB 73 -39.26 54.15 -82.90
C GLU DB 73 -38.82 53.84 -84.32
N LEU DB 74 -39.77 53.44 -85.18
CA LEU DB 74 -39.45 53.21 -86.59
C LEU DB 74 -38.83 54.46 -87.22
N TYR DB 75 -39.46 55.62 -87.01
CA TYR DB 75 -38.97 56.84 -87.65
C TYR DB 75 -37.61 57.26 -87.10
N CYS DB 76 -37.40 57.13 -85.78
CA CYS DB 76 -36.10 57.45 -85.21
C CYS DB 76 -35.02 56.56 -85.79
N ASP DB 77 -35.30 55.26 -85.90
CA ASP DB 77 -34.33 54.37 -86.51
C ASP DB 77 -34.09 54.71 -87.97
N LEU DB 78 -35.13 55.17 -88.67
CA LEU DB 78 -34.95 55.59 -90.06
C LEU DB 78 -33.98 56.76 -90.14
N LEU DB 79 -34.19 57.78 -89.31
CA LEU DB 79 -33.26 58.90 -89.28
C LEU DB 79 -31.86 58.44 -88.92
N LEU DB 80 -31.75 57.51 -87.97
CA LEU DB 80 -30.45 57.02 -87.53
C LEU DB 80 -29.74 56.20 -88.61
N ALA DB 81 -30.51 55.59 -89.51
CA ALA DB 81 -29.92 54.85 -90.63
C ALA DB 81 -29.47 55.77 -91.76
N ARG DB 82 -30.07 56.95 -91.87
CA ARG DB 82 -29.75 57.94 -92.90
C ARG DB 82 -29.20 59.20 -92.26
N PHE DB 83 -28.33 59.03 -91.27
CA PHE DB 83 -27.79 60.17 -90.52
C PHE DB 83 -26.80 60.96 -91.36
N GLY DB 84 -25.96 60.26 -92.12
CA GLY DB 84 -25.05 60.97 -93.00
C GLY DB 84 -25.78 61.84 -93.99
N LEU DB 85 -26.92 61.37 -94.50
CA LEU DB 85 -27.72 62.20 -95.40
C LEU DB 85 -28.28 63.42 -94.69
N ILE DB 86 -28.36 63.38 -93.37
CA ILE DB 86 -28.71 64.57 -92.59
C ILE DB 86 -27.52 65.51 -92.53
N GLN DB 87 -26.34 64.98 -92.23
CA GLN DB 87 -25.17 65.83 -92.05
C GLN DB 87 -24.74 66.48 -93.37
N SER DB 88 -24.87 65.76 -94.48
CA SER DB 88 -24.36 66.26 -95.75
C SER DB 88 -25.20 67.42 -96.25
N MET DB 89 -26.48 67.18 -96.52
CA MET DB 89 -27.35 68.23 -97.03
C MET DB 89 -27.61 69.28 -95.95
N LYS DB 90 -28.16 70.40 -96.38
CA LYS DB 90 -28.62 71.46 -95.49
C LYS DB 90 -30.14 71.52 -95.37
N GLU DB 91 -30.85 71.13 -96.42
CA GLU DB 91 -32.30 71.00 -96.38
C GLU DB 91 -32.66 69.52 -96.49
N LEU DB 92 -33.65 69.10 -95.70
CA LEU DB 92 -34.02 67.70 -95.67
C LEU DB 92 -34.62 67.28 -97.00
N ASP DB 93 -34.33 66.05 -97.42
CA ASP DB 93 -34.89 65.50 -98.64
C ASP DB 93 -36.27 64.92 -98.37
N SER DB 94 -36.87 64.34 -99.40
CA SER DB 94 -38.21 63.79 -99.27
C SER DB 94 -38.22 62.55 -98.39
N GLY DB 95 -37.17 61.72 -98.49
CA GLY DB 95 -37.11 60.49 -97.71
C GLY DB 95 -37.11 60.72 -96.21
N LEU DB 96 -36.75 61.92 -95.76
CA LEU DB 96 -36.69 62.24 -94.34
C LEU DB 96 -37.73 63.29 -93.93
N ALA DB 97 -38.59 63.73 -94.85
CA ALA DB 97 -39.59 64.74 -94.49
C ALA DB 97 -40.54 64.19 -93.44
N GLU DB 98 -41.07 62.99 -93.65
CA GLU DB 98 -42.05 62.43 -92.73
C GLU DB 98 -41.46 62.23 -91.34
N SER DB 99 -40.27 61.62 -91.28
CA SER DB 99 -39.66 61.36 -89.98
C SER DB 99 -39.46 62.66 -89.20
N VAL DB 100 -38.84 63.66 -89.83
CA VAL DB 100 -38.58 64.92 -89.14
C VAL DB 100 -39.88 65.58 -88.72
N SER DB 101 -40.85 65.64 -89.63
CA SER DB 101 -42.11 66.30 -89.33
C SER DB 101 -42.80 65.65 -88.13
N THR DB 102 -42.90 64.32 -88.14
CA THR DB 102 -43.59 63.63 -87.04
C THR DB 102 -42.80 63.75 -85.75
N LEU DB 103 -41.48 63.65 -85.80
CA LEU DB 103 -40.69 63.74 -84.58
C LEU DB 103 -40.70 65.14 -83.99
N ILE DB 104 -40.97 66.16 -84.82
CA ILE DB 104 -41.12 67.49 -84.27
C ILE DB 104 -42.54 67.72 -83.76
N TRP DB 105 -43.54 67.10 -84.41
CA TRP DB 105 -44.92 67.33 -84.01
C TRP DB 105 -45.29 66.55 -82.76
N ALA DB 106 -44.76 65.33 -82.60
CA ALA DB 106 -45.13 64.46 -81.50
C ALA DB 106 -44.31 64.72 -80.25
N ALA DB 107 -43.19 65.43 -80.37
CA ALA DB 107 -42.34 65.67 -79.20
C ALA DB 107 -43.11 66.29 -78.04
N PRO DB 108 -43.83 67.41 -78.21
CA PRO DB 108 -44.59 67.95 -77.08
C PRO DB 108 -45.68 67.02 -76.59
N ARG DB 109 -46.18 66.13 -77.46
CA ARG DB 109 -47.20 65.18 -77.03
C ARG DB 109 -46.62 64.17 -76.05
N LEU DB 110 -45.52 63.51 -76.43
CA LEU DB 110 -44.89 62.50 -75.61
C LEU DB 110 -43.69 63.04 -74.84
N GLN DB 111 -43.66 64.34 -74.57
CA GLN DB 111 -42.53 64.92 -73.86
C GLN DB 111 -42.42 64.38 -72.44
N SER DB 112 -43.55 64.05 -71.81
CA SER DB 112 -43.53 63.56 -70.44
C SER DB 112 -43.01 62.12 -70.38
N GLU DB 113 -43.49 61.27 -71.29
CA GLU DB 113 -43.06 59.88 -71.31
C GLU DB 113 -41.57 59.79 -71.68
N VAL DB 114 -41.20 60.33 -72.83
CA VAL DB 114 -39.84 60.29 -73.34
C VAL DB 114 -39.29 61.71 -73.29
N ALA DB 115 -38.28 61.93 -72.45
CA ALA DB 115 -37.69 63.26 -72.31
C ALA DB 115 -36.76 63.56 -73.48
N GLU DB 116 -35.91 62.61 -73.85
CA GLU DB 116 -34.93 62.82 -74.92
C GLU DB 116 -35.60 63.24 -76.23
N LEU DB 117 -36.88 62.91 -76.40
CA LEU DB 117 -37.58 63.29 -77.62
C LEU DB 117 -37.61 64.80 -77.80
N LYS DB 118 -37.69 65.55 -76.71
CA LYS DB 118 -37.66 67.00 -76.80
C LYS DB 118 -36.31 67.48 -77.32
N ILE DB 119 -35.23 66.85 -76.88
CA ILE DB 119 -33.90 67.21 -77.38
C ILE DB 119 -33.78 66.88 -78.87
N VAL DB 120 -34.36 65.74 -79.27
CA VAL DB 120 -34.36 65.40 -80.70
C VAL DB 120 -35.10 66.46 -81.49
N ALA DB 121 -36.27 66.88 -80.99
CA ALA DB 121 -37.03 67.94 -81.65
C ALA DB 121 -36.21 69.22 -81.73
N ASP DB 122 -35.47 69.54 -80.67
CA ASP DB 122 -34.62 70.72 -80.69
C ASP DB 122 -33.59 70.63 -81.80
N GLN DB 123 -32.81 69.55 -81.83
CA GLN DB 123 -31.78 69.41 -82.85
C GLN DB 123 -32.37 69.42 -84.25
N LEU DB 124 -33.61 68.95 -84.42
CA LEU DB 124 -34.24 68.96 -85.73
C LEU DB 124 -34.89 70.30 -86.07
N CYS DB 125 -35.13 71.16 -85.07
CA CYS DB 125 -35.61 72.51 -85.32
C CYS DB 125 -34.49 73.51 -85.43
N ALA DB 126 -33.39 73.28 -84.71
CA ALA DB 126 -32.24 74.16 -84.77
C ALA DB 126 -31.38 73.95 -86.00
N LYS DB 127 -31.60 72.87 -86.75
CA LYS DB 127 -30.83 72.59 -87.94
C LYS DB 127 -31.44 73.20 -89.20
N TYR DB 128 -32.73 73.50 -89.18
CA TYR DB 128 -33.45 73.97 -90.36
C TYR DB 128 -33.97 75.38 -90.13
N SER DB 129 -34.02 76.15 -91.21
CA SER DB 129 -34.55 77.51 -91.20
C SER DB 129 -35.71 77.72 -92.14
N LYS DB 130 -35.83 76.92 -93.19
CA LYS DB 130 -36.95 77.03 -94.13
C LYS DB 130 -38.21 76.55 -93.43
N GLU DB 131 -39.07 77.49 -93.03
CA GLU DB 131 -40.29 77.19 -92.31
C GLU DB 131 -39.99 76.44 -91.01
N TYR DB 132 -38.88 76.78 -90.37
CA TYR DB 132 -38.43 76.15 -89.14
C TYR DB 132 -38.37 77.18 -88.01
N GLY DB 133 -37.94 76.73 -86.84
CA GLY DB 133 -38.08 77.52 -85.64
C GLY DB 133 -39.42 77.24 -84.98
N LYS DB 134 -39.43 77.29 -83.64
CA LYS DB 134 -40.60 76.89 -82.87
C LYS DB 134 -41.90 77.32 -83.56
N LEU DB 135 -42.02 78.62 -83.84
CA LEU DB 135 -43.22 79.13 -84.49
C LEU DB 135 -43.39 78.51 -85.88
N CYS DB 136 -42.40 78.71 -86.75
CA CYS DB 136 -42.49 78.15 -88.09
C CYS DB 136 -42.44 76.62 -88.08
N ARG DB 137 -41.84 76.03 -87.06
CA ARG DB 137 -41.84 74.58 -86.94
C ARG DB 137 -43.25 74.06 -86.66
N THR DB 138 -44.03 74.81 -85.89
CA THR DB 138 -45.44 74.46 -85.70
C THR DB 138 -46.28 74.84 -86.91
N ASN DB 139 -45.87 75.86 -87.65
CA ASN DB 139 -46.62 76.27 -88.84
C ASN DB 139 -46.44 75.26 -89.98
N GLN DB 140 -45.23 74.72 -90.14
CA GLN DB 140 -44.93 73.76 -91.19
C GLN DB 140 -45.10 72.32 -90.73
N ILE DB 141 -45.99 72.07 -89.78
CA ILE DB 141 -46.22 70.72 -89.26
C ILE DB 141 -47.41 70.05 -89.97
N GLY DB 142 -47.81 70.56 -91.12
CA GLY DB 142 -48.94 70.01 -91.85
C GLY DB 142 -48.54 68.93 -92.83
N THR DB 143 -47.49 68.17 -92.52
CA THR DB 143 -47.04 67.09 -93.38
C THR DB 143 -46.69 65.83 -92.57
N VAL DB 144 -47.23 65.68 -91.38
CA VAL DB 144 -46.91 64.55 -90.52
C VAL DB 144 -47.80 63.37 -90.88
N ASN DB 145 -47.38 62.19 -90.44
CA ASN DB 145 -48.16 60.98 -90.66
C ASN DB 145 -49.53 61.09 -90.01
N ASP DB 146 -50.59 61.01 -90.81
CA ASP DB 146 -51.94 61.16 -90.29
C ASP DB 146 -52.27 60.03 -89.31
N ARG DB 147 -51.77 58.82 -89.59
CA ARG DB 147 -52.05 57.70 -88.69
C ARG DB 147 -51.52 57.99 -87.29
N LEU DB 148 -50.27 58.43 -87.19
CA LEU DB 148 -49.71 58.76 -85.88
C LEU DB 148 -50.49 59.89 -85.22
N MET DB 149 -50.94 60.87 -86.01
CA MET DB 149 -51.78 61.92 -85.47
C MET DB 149 -53.05 61.34 -84.84
N HIS DB 150 -53.61 60.30 -85.48
CA HIS DB 150 -54.81 59.67 -84.94
C HIS DB 150 -54.50 58.89 -83.68
N LYS DB 151 -53.37 58.18 -83.65
CA LYS DB 151 -53.01 57.40 -82.47
C LYS DB 151 -52.81 58.30 -81.26
N LEU DB 152 -52.21 59.47 -81.47
CA LEU DB 152 -51.96 60.43 -80.40
C LEU DB 152 -53.05 61.51 -80.34
N SER DB 153 -54.17 61.29 -81.01
CA SER DB 153 -55.27 62.24 -80.97
C SER DB 153 -55.96 62.17 -79.61
N VAL DB 154 -56.08 63.31 -78.95
CA VAL DB 154 -56.67 63.38 -77.62
C VAL DB 154 -58.17 63.64 -77.83
N GLU DB 155 -58.93 62.55 -77.95
CA GLU DB 155 -60.36 62.65 -78.21
C GLU DB 155 -61.05 61.44 -77.62
N ALA DB 156 -62.32 61.62 -77.27
CA ALA DB 156 -63.13 60.52 -76.76
C ALA DB 156 -63.29 59.47 -77.84
N PRO DB 157 -62.75 58.25 -77.65
CA PRO DB 157 -62.85 57.24 -78.71
C PRO DB 157 -64.30 56.95 -79.05
N PRO DB 158 -64.55 56.36 -80.22
CA PRO DB 158 -65.95 56.06 -80.60
C PRO DB 158 -66.57 55.04 -79.67
N LYS DB 159 -67.84 55.24 -79.36
CA LYS DB 159 -68.53 54.38 -78.40
C LYS DB 159 -68.61 52.94 -78.92
N ILE DB 160 -68.88 52.76 -80.21
CA ILE DB 160 -69.00 51.42 -80.77
C ILE DB 160 -67.69 50.66 -80.59
N LEU DB 161 -66.57 51.38 -80.75
CA LEU DB 161 -65.23 50.76 -80.59
C LEU DB 161 -65.08 50.27 -79.15
N VAL DB 162 -65.55 51.07 -78.18
CA VAL DB 162 -65.49 50.71 -76.74
C VAL DB 162 -66.33 49.45 -76.51
N GLU DB 163 -67.51 49.39 -77.13
CA GLU DB 163 -68.41 48.22 -76.99
C GLU DB 163 -67.71 46.98 -77.56
N ARG DB 164 -67.05 47.13 -78.70
CA ARG DB 164 -66.32 45.99 -79.34
C ARG DB 164 -65.20 45.52 -78.40
N TYR DB 165 -64.50 46.48 -77.79
CA TYR DB 165 -63.39 46.16 -76.84
C TYR DB 165 -63.96 45.39 -75.65
N LEU DB 166 -65.13 45.82 -75.14
CA LEU DB 166 -65.74 45.15 -74.01
C LEU DB 166 -66.26 43.76 -74.40
N ILE DB 167 -66.87 43.65 -75.59
CA ILE DB 167 -67.36 42.37 -76.06
C ILE DB 167 -66.21 41.37 -76.13
N GLU DB 168 -65.09 41.77 -76.72
CA GLU DB 168 -63.97 40.86 -76.85
C GLU DB 168 -63.41 40.45 -75.49
N ILE DB 169 -63.23 41.42 -74.60
CA ILE DB 169 -62.67 41.10 -73.28
C ILE DB 169 -63.59 40.15 -72.52
N ALA DB 170 -64.90 40.42 -72.57
CA ALA DB 170 -65.86 39.53 -71.91
C ALA DB 170 -65.80 38.13 -72.51
N LYS DB 171 -65.87 38.03 -73.84
CA LYS DB 171 -65.82 36.74 -74.51
C LYS DB 171 -64.56 35.98 -74.16
N ASN DB 172 -63.45 36.68 -73.92
CA ASN DB 172 -62.21 35.99 -73.60
C ASN DB 172 -62.16 35.56 -72.14
N TYR DB 173 -62.65 36.39 -71.23
CA TYR DB 173 -62.57 36.11 -69.80
C TYR DB 173 -63.79 35.37 -69.27
N ASN DB 174 -64.62 34.82 -70.14
CA ASN DB 174 -65.75 33.98 -69.73
C ASN DB 174 -66.70 34.75 -68.82
N VAL DB 175 -67.02 35.98 -69.20
CA VAL DB 175 -67.94 36.82 -68.44
C VAL DB 175 -69.07 37.25 -69.37
N PRO DB 176 -70.33 37.22 -68.93
CA PRO DB 176 -71.41 37.74 -69.77
C PRO DB 176 -71.39 39.26 -69.84
N TYR DB 177 -71.87 39.78 -70.96
CA TYR DB 177 -71.95 41.23 -71.14
C TYR DB 177 -72.96 41.53 -72.23
N GLU DB 178 -73.89 42.45 -71.95
CA GLU DB 178 -74.93 42.84 -72.90
C GLU DB 178 -74.59 44.22 -73.46
N PRO DB 179 -74.09 44.31 -74.69
CA PRO DB 179 -73.69 45.61 -75.22
C PRO DB 179 -74.87 46.56 -75.31
N ASP DB 180 -74.56 47.86 -75.26
CA ASP DB 180 -75.57 48.90 -75.42
C ASP DB 180 -76.05 48.87 -76.87
N SER DB 181 -77.28 48.41 -77.09
CA SER DB 181 -77.76 48.26 -78.46
C SER DB 181 -77.79 49.60 -79.19
N VAL DB 182 -78.07 50.69 -78.46
CA VAL DB 182 -78.17 52.01 -79.10
C VAL DB 182 -76.92 52.31 -79.91
N VAL DB 183 -75.75 51.96 -79.38
CA VAL DB 183 -74.48 52.22 -80.03
C VAL DB 183 -74.00 50.96 -80.75
N MET DB 184 -74.36 49.79 -80.21
CA MET DB 184 -73.93 48.53 -80.82
C MET DB 184 -74.56 48.30 -82.19
N ALA DB 185 -75.69 48.92 -82.47
CA ALA DB 185 -76.36 48.75 -83.75
C ALA DB 185 -76.22 49.93 -84.69
N GLU DB 186 -76.06 51.14 -84.17
CA GLU DB 186 -75.92 52.32 -85.01
C GLU DB 186 -74.50 52.41 -85.54
N ASN EB 3 51.87 -5.87 -39.30
CA ASN EB 3 51.48 -5.59 -40.67
C ASN EB 3 51.57 -6.86 -41.52
N MET EB 4 52.75 -7.50 -41.49
CA MET EB 4 52.95 -8.69 -42.30
C MET EB 4 52.05 -9.84 -41.86
N GLU EB 5 51.66 -9.87 -40.58
CA GLU EB 5 50.77 -10.92 -40.10
C GLU EB 5 49.43 -10.85 -40.81
N LYS EB 6 48.94 -9.64 -41.08
CA LYS EB 6 47.69 -9.48 -41.80
C LYS EB 6 47.81 -10.04 -43.22
N HIS EB 7 48.92 -9.76 -43.89
CA HIS EB 7 49.13 -10.28 -45.24
C HIS EB 7 49.21 -11.80 -45.22
N LEU EB 8 49.88 -12.36 -44.21
CA LEU EB 8 49.93 -13.82 -44.09
C LEU EB 8 48.53 -14.40 -43.91
N PHE EB 9 47.73 -13.77 -43.06
CA PHE EB 9 46.36 -14.22 -42.84
C PHE EB 9 45.58 -14.21 -44.15
N ASN EB 10 45.69 -13.11 -44.92
CA ASN EB 10 44.98 -13.03 -46.19
C ASN EB 10 45.45 -14.09 -47.16
N LEU EB 11 46.76 -14.37 -47.18
CA LEU EB 11 47.28 -15.39 -48.08
C LEU EB 11 46.72 -16.77 -47.73
N LYS EB 12 46.75 -17.12 -46.45
CA LYS EB 12 46.24 -18.42 -46.04
C LYS EB 12 44.74 -18.52 -46.31
N PHE EB 13 44.01 -17.43 -46.10
CA PHE EB 13 42.58 -17.42 -46.40
C PHE EB 13 42.34 -17.65 -47.89
N ALA EB 14 43.13 -17.01 -48.75
CA ALA EB 14 42.96 -17.21 -50.18
C ALA EB 14 43.28 -18.65 -50.58
N ALA EB 15 44.31 -19.24 -49.97
CA ALA EB 15 44.63 -20.63 -50.26
C ALA EB 15 43.47 -21.55 -49.87
N LYS EB 16 42.92 -21.35 -48.67
CA LYS EB 16 41.80 -22.17 -48.25
C LYS EB 16 40.60 -21.98 -49.16
N GLU EB 17 40.36 -20.74 -49.60
CA GLU EB 17 39.26 -20.48 -50.52
C GLU EB 17 39.46 -21.23 -51.83
N LEU EB 18 40.69 -21.22 -52.35
CA LEU EB 18 40.97 -21.95 -53.59
C LEU EB 18 40.73 -23.45 -53.42
N SER EB 19 41.15 -24.00 -52.28
CA SER EB 19 40.93 -25.42 -52.02
C SER EB 19 39.43 -25.74 -51.97
N ARG EB 20 38.67 -24.93 -51.24
CA ARG EB 20 37.23 -25.11 -51.17
C ARG EB 20 36.61 -25.06 -52.56
N SER EB 21 37.05 -24.10 -53.38
CA SER EB 21 36.49 -23.96 -54.72
C SER EB 21 36.82 -25.17 -55.57
N ALA EB 22 38.04 -25.71 -55.44
CA ALA EB 22 38.38 -26.92 -56.19
C ALA EB 22 37.49 -28.09 -55.78
N LYS EB 23 37.26 -28.26 -54.48
CA LYS EB 23 36.37 -29.32 -54.02
C LYS EB 23 34.98 -29.14 -54.60
N LYS EB 24 34.45 -27.91 -54.53
CA LYS EB 24 33.11 -27.65 -55.04
C LYS EB 24 33.03 -27.93 -56.54
N CYS EB 25 34.06 -27.56 -57.29
CA CYS EB 25 34.04 -27.78 -58.73
C CYS EB 25 34.10 -29.26 -59.07
N ASP EB 26 34.87 -30.04 -58.30
CA ASP EB 26 34.87 -31.48 -58.48
C ASP EB 26 33.47 -32.05 -58.24
N LYS EB 27 32.82 -31.61 -57.17
CA LYS EB 27 31.45 -32.06 -56.90
C LYS EB 27 30.51 -31.71 -58.05
N GLU EB 28 30.63 -30.48 -58.57
CA GLU EB 28 29.76 -30.07 -59.68
C GLU EB 28 30.02 -30.91 -60.92
N GLU EB 29 31.28 -31.27 -61.17
CA GLU EB 29 31.57 -32.18 -62.28
C GLU EB 29 30.87 -33.52 -62.09
N LYS EB 30 30.95 -34.06 -60.86
CA LYS EB 30 30.30 -35.33 -60.59
C LYS EB 30 28.80 -35.24 -60.86
N ALA EB 31 28.20 -34.09 -60.57
CA ALA EB 31 26.77 -33.92 -60.82
C ALA EB 31 26.47 -33.79 -62.31
N GLU EB 32 27.25 -32.99 -63.01
CA GLU EB 32 27.03 -32.80 -64.44
C GLU EB 32 27.22 -34.10 -65.21
N LYS EB 33 28.02 -35.03 -64.69
CA LYS EB 33 28.13 -36.34 -65.33
C LYS EB 33 26.81 -37.09 -65.26
N ALA EB 34 26.14 -37.05 -64.11
CA ALA EB 34 24.80 -37.63 -64.01
C ALA EB 34 23.87 -36.98 -65.02
N LYS EB 35 23.92 -35.65 -65.12
CA LYS EB 35 23.00 -34.95 -66.02
C LYS EB 35 23.26 -35.32 -67.47
N ILE EB 36 24.51 -35.43 -67.87
CA ILE EB 36 24.84 -35.80 -69.25
C ILE EB 36 24.40 -37.23 -69.53
N GLU EB 37 24.54 -38.13 -68.54
CA GLU EB 37 24.04 -39.48 -68.72
C GLU EB 37 22.53 -39.47 -68.97
N LYS EB 38 21.79 -38.72 -68.14
CA LYS EB 38 20.35 -38.62 -68.34
C LYS EB 38 20.04 -38.10 -69.74
N ALA EB 39 20.70 -37.02 -70.14
CA ALA EB 39 20.39 -36.40 -71.42
C ALA EB 39 20.73 -37.30 -72.60
N ILE EB 40 21.81 -38.08 -72.49
CA ILE EB 40 22.13 -39.03 -73.56
C ILE EB 40 21.15 -40.18 -73.57
N GLN EB 41 20.53 -40.48 -72.42
CA GLN EB 41 19.44 -41.46 -72.42
C GLN EB 41 18.21 -40.90 -73.13
N LYS EB 42 17.83 -39.67 -72.82
CA LYS EB 42 16.68 -39.05 -73.47
C LYS EB 42 16.89 -38.79 -74.94
N GLY EB 43 18.13 -38.85 -75.43
CA GLY EB 43 18.42 -38.60 -76.82
C GLY EB 43 18.83 -37.18 -77.15
N ASN EB 44 18.79 -36.27 -76.18
CA ASN EB 44 19.16 -34.88 -76.42
C ASN EB 44 20.66 -34.80 -76.69
N MET EB 45 21.02 -34.49 -77.95
CA MET EB 45 22.43 -34.32 -78.29
C MET EB 45 22.95 -32.96 -77.83
N GLU EB 46 22.14 -31.91 -77.99
CA GLU EB 46 22.59 -30.57 -77.64
C GLU EB 46 22.75 -30.39 -76.14
N VAL EB 47 21.79 -30.91 -75.36
CA VAL EB 47 21.91 -30.83 -73.91
C VAL EB 47 23.07 -31.68 -73.43
N ALA EB 48 23.31 -32.82 -74.08
CA ALA EB 48 24.48 -33.63 -73.75
C ALA EB 48 25.76 -32.86 -74.02
N ARG EB 49 25.82 -32.14 -75.15
CA ARG EB 49 26.98 -31.30 -75.43
C ARG EB 49 27.17 -30.25 -74.36
N ILE EB 50 26.08 -29.59 -73.96
CA ILE EB 50 26.18 -28.54 -72.94
C ILE EB 50 26.72 -29.11 -71.64
N HIS EB 51 26.14 -30.23 -71.19
CA HIS EB 51 26.56 -30.80 -69.92
C HIS EB 51 27.96 -31.37 -69.99
N ALA EB 52 28.38 -31.86 -71.16
CA ALA EB 52 29.77 -32.30 -71.32
C ALA EB 52 30.73 -31.13 -71.22
N GLU EB 53 30.40 -30.02 -71.88
CA GLU EB 53 31.21 -28.82 -71.75
C GLU EB 53 31.32 -28.40 -70.29
N ASN EB 54 30.19 -28.38 -69.60
CA ASN EB 54 30.21 -28.00 -68.19
C ASN EB 54 31.09 -28.94 -67.37
N ALA EB 55 30.98 -30.24 -67.60
CA ALA EB 55 31.74 -31.21 -66.83
C ALA EB 55 33.23 -31.06 -67.08
N ILE EB 56 33.63 -30.97 -68.35
CA ILE EB 56 35.04 -30.82 -68.68
C ILE EB 56 35.58 -29.51 -68.10
N ARG EB 57 34.81 -28.43 -68.21
CA ARG EB 57 35.24 -27.15 -67.65
C ARG EB 57 35.43 -27.25 -66.15
N GLN EB 58 34.48 -27.88 -65.46
CA GLN EB 58 34.59 -27.99 -64.00
C GLN EB 58 35.79 -28.84 -63.61
N LYS EB 59 36.03 -29.93 -64.34
CA LYS EB 59 37.20 -30.76 -64.06
C LYS EB 59 38.49 -29.95 -64.21
N ASN EB 60 38.65 -29.27 -65.35
CA ASN EB 60 39.87 -28.53 -65.61
C ASN EB 60 40.05 -27.40 -64.60
N GLN EB 61 38.98 -26.66 -64.29
CA GLN EB 61 39.11 -25.56 -63.36
C GLN EB 61 39.32 -26.05 -61.94
N ALA EB 62 38.83 -27.24 -61.60
CA ALA EB 62 39.14 -27.81 -60.30
C ALA EB 62 40.61 -28.17 -60.19
N VAL EB 63 41.16 -28.78 -61.24
CA VAL EB 63 42.59 -29.07 -61.24
C VAL EB 63 43.40 -27.78 -61.12
N ASN EB 64 42.99 -26.74 -61.86
CA ASN EB 64 43.70 -25.47 -61.81
C ASN EB 64 43.62 -24.85 -60.41
N PHE EB 65 42.43 -24.86 -59.81
CA PHE EB 65 42.28 -24.34 -58.45
C PHE EB 65 43.14 -25.11 -57.47
N LEU EB 66 43.24 -26.43 -57.65
CA LEU EB 66 44.05 -27.22 -56.73
C LEU EB 66 45.52 -26.86 -56.85
N ARG EB 67 46.04 -26.78 -58.08
CA ARG EB 67 47.43 -26.38 -58.27
C ARG EB 67 47.68 -24.98 -57.72
N MET EB 68 46.74 -24.06 -57.97
CA MET EB 68 46.87 -22.69 -57.51
C MET EB 68 46.89 -22.63 -55.98
N SER EB 69 46.02 -23.39 -55.33
CA SER EB 69 46.01 -23.45 -53.88
C SER EB 69 47.30 -24.04 -53.34
N ALA EB 70 47.86 -25.04 -54.02
CA ALA EB 70 49.15 -25.57 -53.61
C ALA EB 70 50.23 -24.49 -53.66
N ARG EB 71 50.26 -23.72 -54.74
CA ARG EB 71 51.25 -22.65 -54.86
C ARG EB 71 51.08 -21.62 -53.74
N VAL EB 72 49.84 -21.19 -53.50
CA VAL EB 72 49.60 -20.20 -52.47
C VAL EB 72 49.93 -20.77 -51.10
N ASP EB 73 49.72 -22.07 -50.91
CA ASP EB 73 50.07 -22.71 -49.64
C ASP EB 73 51.57 -22.68 -49.42
N ALA EB 74 52.34 -22.99 -50.47
CA ALA EB 74 53.79 -22.90 -50.35
C ALA EB 74 54.22 -21.48 -49.98
N VAL EB 75 53.67 -20.49 -50.69
CA VAL EB 75 54.05 -19.11 -50.43
C VAL EB 75 53.68 -18.71 -49.01
N ALA EB 76 52.51 -19.13 -48.54
CA ALA EB 76 52.06 -18.75 -47.21
C ALA EB 76 52.89 -19.43 -46.13
N ALA EB 77 53.28 -20.68 -46.35
CA ALA EB 77 54.18 -21.34 -45.42
C ALA EB 77 55.50 -20.61 -45.34
N ARG EB 78 56.04 -20.20 -46.50
CA ARG EB 78 57.28 -19.45 -46.51
C ARG EB 78 57.13 -18.13 -45.74
N VAL EB 79 56.02 -17.43 -45.95
CA VAL EB 79 55.82 -16.15 -45.30
C VAL EB 79 55.63 -16.34 -43.79
N GLN EB 80 54.97 -17.41 -43.39
CA GLN EB 80 54.79 -17.68 -41.96
C GLN EB 80 56.12 -17.99 -41.30
N THR EB 81 56.97 -18.79 -41.97
CA THR EB 81 58.32 -19.01 -41.50
C THR EB 81 59.05 -17.69 -41.35
N ALA EB 82 58.93 -16.80 -42.34
CA ALA EB 82 59.61 -15.52 -42.29
C ALA EB 82 59.12 -14.68 -41.11
N VAL EB 83 57.81 -14.71 -40.84
CA VAL EB 83 57.25 -13.93 -39.74
C VAL EB 83 57.79 -14.45 -38.41
N THR EB 84 57.73 -15.76 -38.22
CA THR EB 84 58.21 -16.33 -36.97
C THR EB 84 59.70 -16.05 -36.77
N MET EB 85 60.49 -16.19 -37.83
CA MET EB 85 61.91 -15.92 -37.72
C MET EB 85 62.19 -14.44 -37.50
N GLY EB 86 61.33 -13.56 -38.02
CA GLY EB 86 61.49 -12.14 -37.72
C GLY EB 86 61.23 -11.84 -36.27
N LYS EB 87 60.18 -12.44 -35.70
CA LYS EB 87 59.96 -12.31 -34.26
C LYS EB 87 61.16 -12.81 -33.47
N VAL EB 88 61.69 -13.97 -33.86
CA VAL EB 88 62.84 -14.55 -33.15
C VAL EB 88 64.04 -13.61 -33.26
N THR EB 89 64.30 -13.08 -34.45
CA THR EB 89 65.44 -12.20 -34.65
C THR EB 89 65.29 -10.91 -33.86
N LYS EB 90 64.08 -10.35 -33.82
CA LYS EB 90 63.85 -9.16 -33.02
C LYS EB 90 64.09 -9.44 -31.54
N SER EB 91 63.60 -10.58 -31.05
CA SER EB 91 63.79 -10.92 -29.65
C SER EB 91 65.27 -11.11 -29.34
N MET EB 92 66.01 -11.74 -30.25
CA MET EB 92 67.43 -11.96 -29.99
C MET EB 92 68.22 -10.67 -30.10
N ALA EB 93 67.79 -9.73 -30.94
CA ALA EB 93 68.42 -8.41 -30.95
C ALA EB 93 68.18 -7.67 -29.65
N GLY EB 94 66.95 -7.69 -29.15
CA GLY EB 94 66.68 -7.09 -27.85
C GLY EB 94 67.51 -7.73 -26.75
N VAL EB 95 67.61 -9.07 -26.77
CA VAL EB 95 68.42 -9.76 -25.77
C VAL EB 95 69.88 -9.35 -25.89
N VAL EB 96 70.38 -9.21 -27.11
CA VAL EB 96 71.77 -8.81 -27.30
C VAL EB 96 71.99 -7.42 -26.73
N LYS EB 97 71.05 -6.50 -26.98
CA LYS EB 97 71.20 -5.14 -26.44
C LYS EB 97 71.21 -5.16 -24.93
N SER EB 98 70.25 -5.85 -24.31
CA SER EB 98 70.16 -5.88 -22.86
C SER EB 98 71.41 -6.53 -22.26
N MET EB 99 71.85 -7.66 -22.82
CA MET EB 99 73.04 -8.33 -22.32
C MET EB 99 74.28 -7.48 -22.52
N ASP EB 100 74.34 -6.70 -23.61
CA ASP EB 100 75.47 -5.80 -23.80
C ASP EB 100 75.52 -4.76 -22.71
N ALA EB 101 74.39 -4.09 -22.46
CA ALA EB 101 74.34 -3.12 -21.37
C ALA EB 101 74.77 -3.75 -20.05
N THR EB 102 74.20 -4.92 -19.74
CA THR EB 102 74.50 -5.55 -18.45
C THR EB 102 75.97 -5.93 -18.34
N LEU EB 103 76.47 -6.72 -19.29
CA LEU EB 103 77.86 -7.15 -19.27
C LEU EB 103 78.82 -5.97 -19.33
N LYS EB 104 78.37 -4.82 -19.81
CA LYS EB 104 79.17 -3.61 -19.69
C LYS EB 104 79.18 -3.11 -18.25
N THR EB 105 77.99 -3.09 -17.63
CA THR EB 105 77.92 -2.67 -16.23
C THR EB 105 78.50 -3.74 -15.31
N MET EB 106 78.04 -4.97 -15.42
CA MET EB 106 78.49 -6.09 -14.60
C MET EB 106 79.37 -6.98 -15.46
N ASN EB 107 80.66 -6.65 -15.52
CA ASN EB 107 81.62 -7.40 -16.31
C ASN EB 107 82.29 -8.47 -15.45
N LEU EB 108 83.20 -9.21 -16.07
CA LEU EB 108 83.83 -10.32 -15.38
C LEU EB 108 84.75 -9.85 -14.26
N GLU EB 109 85.45 -8.74 -14.47
CA GLU EB 109 86.29 -8.19 -13.40
C GLU EB 109 85.44 -7.84 -12.19
N LYS EB 110 84.39 -7.04 -12.40
CA LYS EB 110 83.54 -6.63 -11.29
C LYS EB 110 82.86 -7.82 -10.63
N ILE EB 111 82.42 -8.79 -11.43
CA ILE EB 111 81.75 -9.96 -10.87
C ILE EB 111 82.71 -10.76 -10.01
N SER EB 112 83.93 -11.00 -10.51
CA SER EB 112 84.91 -11.75 -9.73
C SER EB 112 85.25 -11.03 -8.44
N ALA EB 113 85.45 -9.70 -8.51
CA ALA EB 113 85.75 -8.95 -7.30
C ALA EB 113 84.59 -9.00 -6.32
N LEU EB 114 83.36 -8.85 -6.82
CA LEU EB 114 82.18 -8.91 -5.97
C LEU EB 114 82.06 -10.27 -5.29
N MET EB 115 82.42 -11.33 -5.99
CA MET EB 115 82.30 -12.66 -5.41
C MET EB 115 83.40 -12.94 -4.40
N ASP EB 116 84.61 -12.47 -4.67
CA ASP EB 116 85.65 -12.54 -3.65
C ASP EB 116 85.22 -11.77 -2.40
N LYS EB 117 84.58 -10.62 -2.59
CA LYS EB 117 84.11 -9.85 -1.46
C LYS EB 117 83.01 -10.58 -0.70
N PHE EB 118 82.08 -11.21 -1.43
CA PHE EB 118 81.04 -12.00 -0.79
C PHE EB 118 81.65 -13.10 0.07
N GLU EB 119 82.57 -13.86 -0.51
CA GLU EB 119 83.23 -14.95 0.21
C GLU EB 119 83.93 -14.43 1.47
N HIS EB 120 84.69 -13.35 1.34
CA HIS EB 120 85.44 -12.84 2.48
C HIS EB 120 84.51 -12.29 3.55
N GLN EB 121 83.44 -11.60 3.14
CA GLN EB 121 82.48 -11.07 4.11
C GLN EB 121 81.82 -12.19 4.88
N PHE EB 122 81.43 -13.27 4.20
CA PHE EB 122 80.76 -14.35 4.90
C PHE EB 122 81.74 -15.23 5.68
N GLU EB 123 83.02 -15.23 5.32
CA GLU EB 123 84.01 -15.83 6.19
C GLU EB 123 84.16 -15.03 7.48
N THR EB 124 84.25 -13.71 7.35
CA THR EB 124 84.26 -12.85 8.52
C THR EB 124 83.02 -13.10 9.37
N LEU EB 125 81.87 -13.31 8.71
CA LEU EB 125 80.65 -13.61 9.44
C LEU EB 125 80.71 -14.97 10.12
N ASP EB 126 81.45 -15.90 9.51
CA ASP EB 126 81.68 -17.24 10.11
C ASP EB 126 82.46 -17.06 11.41
N VAL EB 127 83.47 -16.17 11.40
CA VAL EB 127 84.29 -15.90 12.58
C VAL EB 127 83.46 -15.22 13.65
N GLN EB 128 82.67 -14.22 13.24
CA GLN EB 128 81.79 -13.54 14.17
C GLN EB 128 80.82 -14.50 14.81
N THR EB 129 80.23 -15.40 14.03
CA THR EB 129 79.29 -16.37 14.57
C THR EB 129 79.95 -17.28 15.59
N GLN EB 130 81.15 -17.78 15.27
CA GLN EB 130 81.86 -18.64 16.19
C GLN EB 130 82.13 -17.94 17.51
N GLN EB 131 82.67 -16.72 17.45
CA GLN EB 131 83.00 -15.98 18.66
C GLN EB 131 81.73 -15.65 19.45
N MET EB 132 80.71 -15.16 18.75
CA MET EB 132 79.44 -14.85 19.38
C MET EB 132 78.86 -16.07 20.07
N GLU EB 133 79.03 -17.25 19.48
CA GLU EB 133 78.48 -18.45 20.08
C GLU EB 133 79.29 -18.88 21.29
N ASP EB 134 80.62 -18.78 21.20
CA ASP EB 134 81.45 -19.02 22.37
C ASP EB 134 80.99 -18.16 23.54
N THR EB 135 80.76 -16.87 23.28
CA THR EB 135 80.35 -15.97 24.37
C THR EB 135 78.95 -16.29 24.86
N MET EB 136 78.00 -16.52 23.94
CA MET EB 136 76.65 -16.89 24.34
C MET EB 136 76.67 -18.10 25.26
N SER EB 137 77.51 -19.08 24.95
CA SER EB 137 77.60 -20.28 25.79
C SER EB 137 78.25 -19.95 27.12
N SER EB 138 79.31 -19.15 27.11
CA SER EB 138 79.98 -18.80 28.36
C SER EB 138 79.07 -18.00 29.28
N THR EB 139 78.09 -17.28 28.72
CA THR EB 139 77.18 -16.51 29.56
C THR EB 139 76.32 -17.41 30.43
N THR EB 140 75.80 -18.49 29.86
CA THR EB 140 74.87 -19.40 30.54
C THR EB 140 75.57 -20.75 30.69
N THR EB 141 76.33 -20.89 31.77
CA THR EB 141 77.01 -22.13 32.10
C THR EB 141 76.55 -22.74 33.41
N LEU EB 142 75.94 -21.96 34.30
CA LEU EB 142 75.44 -22.47 35.56
C LEU EB 142 74.02 -23.03 35.46
N THR EB 143 73.30 -22.67 34.40
CA THR EB 143 72.00 -23.28 34.13
C THR EB 143 72.13 -24.58 33.35
N THR EB 144 73.23 -24.76 32.62
CA THR EB 144 73.50 -25.95 31.81
C THR EB 144 74.84 -26.52 32.20
N PRO EB 145 74.92 -27.26 33.31
CA PRO EB 145 76.19 -27.90 33.68
C PRO EB 145 76.49 -29.07 32.75
N GLN EB 146 77.75 -29.16 32.34
CA GLN EB 146 78.17 -30.24 31.45
C GLN EB 146 77.93 -31.60 32.10
N ASN EB 147 78.18 -31.71 33.40
CA ASN EB 147 78.01 -32.98 34.10
C ASN EB 147 76.57 -33.45 34.03
N GLN EB 148 75.62 -32.55 34.25
CA GLN EB 148 74.21 -32.93 34.21
C GLN EB 148 73.79 -33.39 32.82
N VAL EB 149 74.26 -32.70 31.79
CA VAL EB 149 73.92 -33.09 30.42
C VAL EB 149 74.51 -34.47 30.11
N ASP EB 150 75.77 -34.69 30.49
CA ASP EB 150 76.38 -36.00 30.29
C ASP EB 150 75.58 -37.09 30.99
N MET EB 151 75.19 -36.84 32.23
CA MET EB 151 74.43 -37.84 32.98
C MET EB 151 73.08 -38.11 32.33
N LEU EB 152 72.39 -37.06 31.89
CA LEU EB 152 71.10 -37.26 31.23
C LEU EB 152 71.26 -38.09 29.98
N LEU EB 153 72.29 -37.80 29.18
CA LEU EB 153 72.51 -38.57 27.96
C LEU EB 153 72.82 -40.03 28.29
N GLN EB 154 73.64 -40.27 29.31
CA GLN EB 154 73.96 -41.63 29.68
C GLN EB 154 72.72 -42.39 30.14
N GLU EB 155 71.88 -41.74 30.95
CA GLU EB 155 70.67 -42.41 31.42
C GLU EB 155 69.72 -42.70 30.27
N MET EB 156 69.53 -41.74 29.36
CA MET EB 156 68.62 -41.94 28.25
C MET EB 156 69.14 -43.06 27.33
N ALA EB 157 70.45 -43.11 27.10
CA ALA EB 157 71.03 -44.18 26.30
C ALA EB 157 70.80 -45.53 26.98
N ASP EB 158 71.21 -45.65 28.24
CA ASP EB 158 71.06 -46.92 28.94
C ASP EB 158 69.61 -47.37 28.97
N GLU EB 159 68.67 -46.43 29.12
CA GLU EB 159 67.26 -46.79 29.06
C GLU EB 159 66.89 -47.29 27.68
N ALA EB 160 67.33 -46.58 26.63
CA ALA EB 160 67.08 -47.04 25.26
C ALA EB 160 67.92 -48.26 24.91
N GLY EB 161 68.86 -48.67 25.76
CA GLY EB 161 69.71 -49.80 25.49
C GLY EB 161 70.78 -49.57 24.46
N LEU EB 162 70.73 -48.47 23.72
CA LEU EB 162 71.68 -48.21 22.65
C LEU EB 162 72.97 -47.66 23.23
N ASP EB 163 73.87 -47.20 22.36
CA ASP EB 163 75.11 -46.57 22.77
C ASP EB 163 75.33 -45.33 21.91
N LEU EB 164 76.20 -44.45 22.38
CA LEU EB 164 76.45 -43.17 21.75
C LEU EB 164 77.88 -43.13 21.22
N ASN EB 165 78.01 -42.85 19.93
CA ASN EB 165 79.32 -42.75 19.29
C ASN EB 165 79.44 -41.45 18.52
N GLU EB 187 86.61 -35.42 40.56
CA GLU EB 187 87.23 -36.55 39.88
C GLU EB 187 88.63 -36.18 39.41
N LEU EB 188 88.77 -35.83 38.13
CA LEU EB 188 90.07 -35.39 37.62
C LEU EB 188 90.54 -34.11 38.30
N SER EB 189 89.60 -33.25 38.67
CA SER EB 189 89.97 -31.97 39.28
C SER EB 189 90.77 -32.18 40.55
N GLN EB 190 90.45 -33.22 41.31
CA GLN EB 190 91.20 -33.49 42.54
C GLN EB 190 92.64 -33.91 42.24
N ARG EB 191 92.83 -34.77 41.25
CA ARG EB 191 94.18 -35.15 40.85
C ARG EB 191 94.96 -33.94 40.36
N LEU EB 192 94.29 -33.07 39.59
CA LEU EB 192 94.97 -31.87 39.10
C LEU EB 192 95.33 -30.93 40.24
N ALA EB 193 94.47 -30.84 41.25
CA ALA EB 193 94.79 -29.99 42.40
C ALA EB 193 95.97 -30.57 43.19
N ARG EB 194 95.97 -31.89 43.41
CA ARG EB 194 97.10 -32.52 44.08
C ARG EB 194 98.39 -32.29 43.31
N LEU EB 195 98.31 -32.34 41.97
CA LEU EB 195 99.48 -32.06 41.14
C LEU EB 195 99.89 -30.60 41.27
N ARG EB 196 98.91 -29.70 41.39
CA ARG EB 196 99.21 -28.27 41.53
C ARG EB 196 99.92 -28.01 42.85
N ASP EB 197 99.54 -28.71 43.92
CA ASP EB 197 100.23 -28.56 45.19
C ASP EB 197 101.70 -28.94 45.06
N GLN EB 198 102.01 -29.90 44.19
CA GLN EB 198 103.39 -30.30 43.94
C GLN EB 198 104.08 -30.74 45.24
N PHE FB 6 87.27 8.16 53.88
CA PHE FB 6 86.97 6.76 54.10
C PHE FB 6 85.59 6.58 54.69
N LYS FB 7 84.81 5.67 54.08
CA LYS FB 7 83.43 5.33 54.51
C LYS FB 7 83.40 3.86 54.93
N ALA FB 8 82.83 3.55 56.10
CA ALA FB 8 82.82 2.19 56.59
C ALA FB 8 81.77 1.34 55.89
N GLU FB 9 80.52 1.80 55.88
CA GLU FB 9 79.45 1.01 55.26
C GLU FB 9 79.73 0.76 53.78
N ARG FB 10 80.35 1.73 53.10
CA ARG FB 10 80.76 1.50 51.72
C ARG FB 10 81.71 0.32 51.62
N LEU FB 11 82.69 0.26 52.51
CA LEU FB 11 83.63 -0.85 52.52
C LEU FB 11 82.92 -2.17 52.80
N ARG FB 12 81.99 -2.17 53.75
CA ARG FB 12 81.22 -3.36 54.07
C ARG FB 12 80.47 -3.88 52.85
N VAL FB 13 79.73 -2.99 52.20
CA VAL FB 13 78.93 -3.37 51.03
C VAL FB 13 79.84 -3.87 49.91
N ASN FB 14 80.96 -3.19 49.67
CA ASN FB 14 81.86 -3.62 48.62
C ASN FB 14 82.48 -4.97 48.94
N LEU FB 15 82.75 -5.25 50.22
CA LEU FB 15 83.28 -6.55 50.59
C LEU FB 15 82.27 -7.66 50.31
N ARG FB 16 81.01 -7.43 50.70
CA ARG FB 16 79.98 -8.43 50.42
C ARG FB 16 79.84 -8.65 48.91
N LEU FB 17 79.86 -7.57 48.14
CA LEU FB 17 79.76 -7.70 46.68
C LEU FB 17 80.94 -8.46 46.11
N VAL FB 18 82.15 -8.18 46.61
CA VAL FB 18 83.33 -8.90 46.15
C VAL FB 18 83.20 -10.38 46.45
N ILE FB 19 82.70 -10.72 47.63
CA ILE FB 19 82.52 -12.13 47.99
C ILE FB 19 81.58 -12.81 47.00
N ASN FB 20 80.42 -12.20 46.76
CA ASN FB 20 79.46 -12.80 45.83
C ASN FB 20 80.05 -12.95 44.44
N ARG FB 21 80.72 -11.90 43.96
CA ARG FB 21 81.32 -11.93 42.62
C ARG FB 21 82.36 -13.03 42.53
N LEU FB 22 83.18 -13.19 43.56
CA LEU FB 22 84.20 -14.24 43.55
C LEU FB 22 83.55 -15.62 43.51
N LYS FB 23 82.47 -15.81 44.26
CA LYS FB 23 81.76 -17.08 44.21
C LYS FB 23 81.29 -17.38 42.78
N LEU FB 24 80.57 -16.44 42.17
CA LEU FB 24 80.09 -16.65 40.81
C LEU FB 24 81.25 -16.94 39.86
N LEU FB 25 82.33 -16.17 39.97
CA LEU FB 25 83.44 -16.31 39.04
C LEU FB 25 84.11 -17.66 39.18
N GLU FB 26 84.35 -18.12 40.42
CA GLU FB 26 85.01 -19.41 40.58
C GLU FB 26 84.12 -20.54 40.10
N LYS FB 27 82.81 -20.45 40.34
CA LYS FB 27 81.89 -21.45 39.79
C LYS FB 27 82.04 -21.55 38.28
N LYS FB 28 81.80 -20.43 37.59
CA LYS FB 28 81.78 -20.48 36.13
C LYS FB 28 83.16 -20.80 35.57
N LYS FB 29 84.23 -20.44 36.29
CA LYS FB 29 85.57 -20.77 35.83
C LYS FB 29 85.85 -22.26 35.96
N THR FB 30 85.35 -22.88 37.03
CA THR FB 30 85.44 -24.34 37.13
C THR FB 30 84.73 -25.00 35.95
N GLU FB 31 83.53 -24.53 35.62
CA GLU FB 31 82.80 -25.11 34.50
C GLU FB 31 83.58 -24.94 33.19
N LEU FB 32 84.00 -23.71 32.89
CA LEU FB 32 84.78 -23.47 31.70
C LEU FB 32 86.07 -24.28 31.68
N ALA FB 33 86.66 -24.54 32.85
CA ALA FB 33 87.86 -25.36 32.90
C ALA FB 33 87.57 -26.79 32.52
N GLN FB 34 86.45 -27.34 32.98
CA GLN FB 34 86.04 -28.67 32.52
C GLN FB 34 85.95 -28.70 31.01
N LYS FB 35 85.24 -27.73 30.43
CA LYS FB 35 85.02 -27.75 28.98
C LYS FB 35 86.34 -27.62 28.22
N ALA FB 36 87.22 -26.73 28.68
CA ALA FB 36 88.49 -26.52 27.98
C ALA FB 36 89.43 -27.70 28.19
N ARG FB 37 89.29 -28.42 29.31
CA ARG FB 37 90.04 -29.67 29.47
C ARG FB 37 89.59 -30.70 28.44
N LYS FB 38 88.28 -30.79 28.23
CA LYS FB 38 87.79 -31.65 27.15
C LYS FB 38 88.39 -31.23 25.81
N GLU FB 39 88.46 -29.91 25.57
CA GLU FB 39 89.06 -29.43 24.34
C GLU FB 39 90.52 -29.85 24.22
N ILE FB 40 91.27 -29.79 25.32
CA ILE FB 40 92.68 -30.20 25.28
C ILE FB 40 92.78 -31.69 25.00
N ALA FB 41 91.87 -32.48 25.56
CA ALA FB 41 91.85 -33.91 25.26
C ALA FB 41 91.64 -34.13 23.77
N ASP FB 42 90.69 -33.40 23.18
CA ASP FB 42 90.49 -33.50 21.74
C ASP FB 42 91.75 -33.11 20.97
N TYR FB 43 92.42 -32.05 21.42
CA TYR FB 43 93.66 -31.63 20.76
C TYR FB 43 94.71 -32.74 20.82
N LEU FB 44 94.82 -33.41 21.97
CA LEU FB 44 95.79 -34.49 22.10
C LEU FB 44 95.42 -35.70 21.27
N ALA FB 45 94.12 -35.91 21.03
CA ALA FB 45 93.70 -37.00 20.16
C ALA FB 45 94.42 -36.93 18.82
N ALA FB 46 94.56 -35.74 18.27
CA ALA FB 46 95.34 -35.54 17.06
C ALA FB 46 96.83 -35.49 17.40
N GLY FB 47 97.66 -35.32 16.38
CA GLY FB 47 99.09 -35.22 16.59
C GLY FB 47 99.57 -33.90 17.13
N LYS FB 48 98.68 -32.91 17.24
CA LYS FB 48 99.04 -31.60 17.75
C LYS FB 48 99.39 -31.71 19.23
N ASP FB 49 100.66 -31.49 19.57
CA ASP FB 49 101.13 -31.59 20.94
C ASP FB 49 101.63 -30.26 21.49
N GLU FB 50 102.46 -29.55 20.73
CA GLU FB 50 103.02 -28.28 21.20
C GLU FB 50 101.93 -27.23 21.41
N ARG FB 51 100.75 -27.43 20.84
CA ARG FB 51 99.62 -26.53 21.01
C ARG FB 51 98.82 -26.86 22.27
N ALA FB 52 98.66 -28.15 22.56
CA ALA FB 52 97.99 -28.55 23.78
C ALA FB 52 98.73 -28.03 25.01
N ARG FB 53 100.04 -27.84 24.90
CA ARG FB 53 100.79 -27.26 26.01
C ARG FB 53 100.36 -25.81 26.27
N ILE FB 54 100.12 -25.05 25.21
CA ILE FB 54 99.64 -23.69 25.38
C ILE FB 54 98.23 -23.70 25.98
N ARG FB 55 97.38 -24.59 25.48
CA ARG FB 55 96.02 -24.67 26.03
C ARG FB 55 96.05 -25.02 27.52
N VAL FB 56 96.90 -25.96 27.90
CA VAL FB 56 96.95 -26.36 29.31
C VAL FB 56 97.62 -25.27 30.14
N GLU FB 57 98.48 -24.46 29.54
CA GLU FB 57 98.97 -23.27 30.23
C GLU FB 57 97.80 -22.35 30.57
N HIS FB 58 96.93 -22.09 29.59
CA HIS FB 58 95.69 -21.38 29.86
C HIS FB 58 94.96 -22.00 31.05
N ILE FB 59 94.80 -23.32 31.03
CA ILE FB 59 94.01 -24.00 32.05
C ILE FB 59 94.62 -23.80 33.43
N ILE FB 60 95.92 -24.02 33.56
CA ILE FB 60 96.53 -23.97 34.88
C ILE FB 60 96.62 -22.53 35.37
N ARG FB 61 96.75 -21.57 34.45
CA ARG FB 61 96.60 -20.16 34.84
C ARG FB 61 95.22 -19.93 35.45
N GLU FB 62 94.17 -20.41 34.77
CA GLU FB 62 92.83 -20.22 35.30
C GLU FB 62 92.65 -20.92 36.64
N ASP FB 63 93.31 -22.06 36.84
CA ASP FB 63 93.17 -22.78 38.11
C ASP FB 63 93.87 -22.04 39.24
N TYR FB 64 95.11 -21.57 38.99
CA TYR FB 64 95.76 -20.67 39.93
C TYR FB 64 94.85 -19.51 40.26
N LEU FB 65 94.18 -18.94 39.26
CA LEU FB 65 93.30 -17.80 39.48
C LEU FB 65 92.13 -18.17 40.38
N VAL FB 66 91.54 -19.34 40.16
CA VAL FB 66 90.42 -19.76 40.99
C VAL FB 66 90.86 -19.96 42.43
N GLU FB 67 92.03 -20.57 42.64
CA GLU FB 67 92.54 -20.74 44.00
C GLU FB 67 92.80 -19.38 44.66
N ALA FB 68 93.38 -18.45 43.91
CA ALA FB 68 93.63 -17.12 44.45
C ALA FB 68 92.31 -16.43 44.81
N MET FB 69 91.28 -16.62 43.99
CA MET FB 69 89.98 -16.03 44.30
C MET FB 69 89.37 -16.66 45.54
N GLU FB 70 89.59 -17.96 45.75
CA GLU FB 70 89.14 -18.58 46.98
C GLU FB 70 89.82 -17.95 48.19
N ILE FB 71 91.15 -17.77 48.10
CA ILE FB 71 91.88 -17.17 49.20
C ILE FB 71 91.39 -15.74 49.46
N LEU FB 72 91.12 -14.99 48.38
CA LEU FB 72 90.68 -13.62 48.54
C LEU FB 72 89.29 -13.54 49.14
N GLU FB 73 88.40 -14.46 48.73
CA GLU FB 73 87.09 -14.54 49.36
C GLU FB 73 87.23 -14.83 50.85
N LEU FB 74 88.12 -15.75 51.20
CA LEU FB 74 88.39 -16.04 52.60
C LEU FB 74 88.80 -14.77 53.35
N TYR FB 75 89.74 -14.02 52.78
CA TYR FB 75 90.24 -12.83 53.48
C TYR FB 75 89.17 -11.73 53.58
N CYS FB 76 88.38 -11.55 52.52
CA CYS FB 76 87.30 -10.58 52.58
C CYS FB 76 86.30 -10.94 53.67
N ASP FB 77 85.93 -12.22 53.74
CA ASP FB 77 85.02 -12.64 54.80
C ASP FB 77 85.65 -12.47 56.17
N LEU FB 78 86.97 -12.66 56.28
CA LEU FB 78 87.64 -12.44 57.55
C LEU FB 78 87.51 -10.98 57.98
N LEU FB 79 87.80 -10.05 57.06
CA LEU FB 79 87.63 -8.65 57.36
C LEU FB 79 86.18 -8.34 57.74
N LEU FB 80 85.24 -8.94 57.02
CA LEU FB 80 83.83 -8.70 57.27
C LEU FB 80 83.36 -9.25 58.61
N ALA FB 81 84.05 -10.29 59.12
CA ALA FB 81 83.73 -10.83 60.42
C ALA FB 81 84.32 -10.00 61.56
N ARG FB 82 85.41 -9.27 61.28
CA ARG FB 82 86.08 -8.44 62.26
C ARG FB 82 86.00 -6.97 61.84
N PHE FB 83 84.82 -6.56 61.38
CA PHE FB 83 84.65 -5.20 60.87
C PHE FB 83 84.64 -4.18 62.01
N GLY FB 84 84.00 -4.52 63.12
CA GLY FB 84 84.04 -3.63 64.27
C GLY FB 84 85.45 -3.36 64.74
N LEU FB 85 86.31 -4.38 64.70
CA LEU FB 85 87.71 -4.19 65.05
C LEU FB 85 88.41 -3.26 64.07
N ILE FB 86 87.88 -3.12 62.86
CA ILE FB 86 88.38 -2.12 61.92
C ILE FB 86 87.91 -0.74 62.34
N GLN FB 87 86.62 -0.61 62.66
CA GLN FB 87 86.07 0.70 62.97
C GLN FB 87 86.63 1.26 64.27
N SER FB 88 86.87 0.40 65.25
CA SER FB 88 87.28 0.86 66.57
C SER FB 88 88.70 1.41 66.55
N MET FB 89 89.67 0.55 66.21
CA MET FB 89 91.06 0.98 66.17
C MET FB 89 91.29 1.96 65.02
N LYS FB 90 92.45 2.60 65.06
CA LYS FB 90 92.90 3.45 63.97
C LYS FB 90 94.04 2.83 63.16
N GLU FB 91 94.85 1.98 63.78
CA GLU FB 91 95.87 1.20 63.11
C GLU FB 91 95.46 -0.27 63.15
N LEU FB 92 95.68 -0.97 62.04
CA LEU FB 92 95.26 -2.36 61.96
C LEU FB 92 96.10 -3.22 62.89
N ASP FB 93 95.46 -4.21 63.49
CA ASP FB 93 96.15 -5.14 64.37
C ASP FB 93 96.81 -6.25 63.54
N SER FB 94 97.44 -7.21 64.23
CA SER FB 94 98.12 -8.29 63.53
C SER FB 94 97.13 -9.23 62.86
N GLY FB 95 95.99 -9.48 63.50
CA GLY FB 95 95.01 -10.39 62.93
C GLY FB 95 94.45 -9.95 61.59
N LEU FB 96 94.58 -8.67 61.25
CA LEU FB 96 94.06 -8.13 60.00
C LEU FB 96 95.17 -7.64 59.08
N ALA FB 97 96.44 -7.79 59.45
CA ALA FB 97 97.52 -7.33 58.60
C ALA FB 97 97.53 -8.07 57.28
N GLU FB 98 97.44 -9.41 57.32
CA GLU FB 98 97.52 -10.20 56.10
C GLU FB 98 96.36 -9.88 55.16
N SER FB 99 95.13 -9.85 55.69
CA SER FB 99 93.98 -9.58 54.85
C SER FB 99 94.11 -8.23 54.14
N VAL FB 100 94.40 -7.18 54.90
CA VAL FB 100 94.51 -5.85 54.32
C VAL FB 100 95.63 -5.80 53.29
N SER FB 101 96.79 -6.35 53.65
CA SER FB 101 97.94 -6.32 52.75
C SER FB 101 97.62 -7.00 51.43
N THR FB 102 97.06 -8.21 51.49
CA THR FB 102 96.77 -8.95 50.27
C THR FB 102 95.66 -8.29 49.47
N LEU FB 103 94.63 -7.77 50.14
CA LEU FB 103 93.54 -7.12 49.41
C LEU FB 103 93.98 -5.82 48.77
N ILE FB 104 95.03 -5.18 49.29
CA ILE FB 104 95.56 -4.00 48.63
C ILE FB 104 96.51 -4.38 47.51
N TRP FB 105 97.25 -5.48 47.66
CA TRP FB 105 98.24 -5.87 46.67
C TRP FB 105 97.59 -6.52 45.45
N ALA FB 106 96.54 -7.31 45.66
CA ALA FB 106 95.91 -8.06 44.58
C ALA FB 106 94.86 -7.25 43.83
N ALA FB 107 94.40 -6.14 44.39
CA ALA FB 107 93.37 -5.35 43.73
C ALA FB 107 93.75 -4.97 42.31
N PRO FB 108 94.91 -4.37 42.04
CA PRO FB 108 95.25 -4.07 40.64
C PRO FB 108 95.42 -5.30 39.78
N ARG FB 109 95.75 -6.44 40.39
CA ARG FB 109 95.87 -7.68 39.63
C ARG FB 109 94.51 -8.13 39.10
N LEU FB 110 93.53 -8.25 39.99
CA LEU FB 110 92.20 -8.71 39.64
C LEU FB 110 91.21 -7.57 39.47
N GLN FB 111 91.71 -6.37 39.13
CA GLN FB 111 90.82 -5.23 38.98
C GLN FB 111 89.85 -5.43 37.82
N SER FB 112 90.28 -6.13 36.76
CA SER FB 112 89.42 -6.33 35.61
C SER FB 112 88.31 -7.34 35.91
N GLU FB 113 88.65 -8.45 36.57
CA GLU FB 113 87.65 -9.45 36.90
C GLU FB 113 86.65 -8.91 37.90
N VAL FB 114 87.14 -8.45 39.05
CA VAL FB 114 86.31 -7.93 40.13
C VAL FB 114 86.57 -6.43 40.22
N ALA FB 115 85.53 -5.63 39.93
CA ALA FB 115 85.68 -4.18 39.97
C ALA FB 115 85.62 -3.67 41.40
N GLU FB 116 84.68 -4.17 42.20
CA GLU FB 116 84.51 -3.71 43.57
C GLU FB 116 85.78 -3.86 44.39
N LEU FB 117 86.68 -4.77 43.98
CA LEU FB 117 87.92 -4.97 44.71
C LEU FB 117 88.76 -3.69 44.73
N LYS FB 118 88.70 -2.89 43.67
CA LYS FB 118 89.42 -1.63 43.65
C LYS FB 118 88.87 -0.66 44.69
N ILE FB 119 87.54 -0.64 44.84
CA ILE FB 119 86.93 0.21 45.87
C ILE FB 119 87.33 -0.27 47.26
N VAL FB 120 87.39 -1.59 47.45
CA VAL FB 120 87.85 -2.11 48.74
C VAL FB 120 89.28 -1.67 49.01
N ALA FB 121 90.14 -1.76 48.00
CA ALA FB 121 91.52 -1.30 48.15
C ALA FB 121 91.56 0.19 48.49
N ASP FB 122 90.69 0.98 47.86
CA ASP FB 122 90.62 2.40 48.18
C ASP FB 122 90.29 2.62 49.65
N GLN FB 123 89.18 2.03 50.11
CA GLN FB 123 88.78 2.23 51.50
C GLN FB 123 89.86 1.74 52.47
N LEU FB 124 90.63 0.73 52.07
CA LEU FB 124 91.69 0.24 52.95
C LEU FB 124 92.98 1.04 52.85
N CYS FB 125 93.13 1.84 51.79
CA CYS FB 125 94.27 2.75 51.68
C CYS FB 125 93.95 4.13 52.20
N ALA FB 126 92.69 4.56 52.10
CA ALA FB 126 92.26 5.86 52.60
C ALA FB 126 92.06 5.86 54.10
N LYS FB 127 92.03 4.70 54.75
CA LYS FB 127 91.83 4.63 56.19
C LYS FB 127 93.14 4.67 56.96
N TYR FB 128 94.27 4.34 56.34
CA TYR FB 128 95.54 4.23 57.02
C TYR FB 128 96.52 5.25 56.45
N SER FB 129 97.41 5.73 57.32
CA SER FB 129 98.45 6.67 56.95
C SER FB 129 99.86 6.16 57.24
N LYS FB 130 100.02 5.23 58.18
CA LYS FB 130 101.32 4.66 58.49
C LYS FB 130 101.74 3.76 57.34
N GLU FB 131 102.67 4.26 56.51
CA GLU FB 131 103.13 3.53 55.33
C GLU FB 131 101.98 3.24 54.37
N TYR FB 132 101.01 4.16 54.29
CA TYR FB 132 99.83 4.00 53.46
C TYR FB 132 99.79 5.11 52.41
N GLY FB 133 98.75 5.11 51.61
CA GLY FB 133 98.71 5.92 50.41
C GLY FB 133 99.29 5.17 49.24
N LYS FB 134 98.73 5.42 48.05
CA LYS FB 134 99.10 4.64 46.87
C LYS FB 134 100.59 4.31 46.83
N LEU FB 135 101.43 5.35 46.92
CA LEU FB 135 102.88 5.12 46.91
C LEU FB 135 103.32 4.29 48.11
N CYS FB 136 103.04 4.77 49.32
CA CYS FB 136 103.42 4.03 50.52
C CYS FB 136 102.64 2.72 50.65
N ARG FB 137 101.45 2.64 50.06
CA ARG FB 137 100.70 1.39 50.08
C ARG FB 137 101.39 0.35 49.24
N THR FB 138 102.02 0.76 48.13
CA THR FB 138 102.83 -0.16 47.34
C THR FB 138 104.17 -0.43 48.00
N ASN FB 139 104.69 0.54 48.76
CA ASN FB 139 105.97 0.35 49.43
C ASN FB 139 105.84 -0.62 50.60
N GLN FB 140 104.74 -0.56 51.34
CA GLN FB 140 104.50 -1.42 52.49
C GLN FB 140 103.73 -2.69 52.13
N ILE FB 141 103.86 -3.17 50.89
CA ILE FB 141 103.17 -4.36 50.44
C ILE FB 141 104.04 -5.61 50.57
N GLY FB 142 105.10 -5.53 51.37
CA GLY FB 142 106.01 -6.66 51.54
C GLY FB 142 105.62 -7.57 52.68
N THR FB 143 104.31 -7.69 52.94
CA THR FB 143 103.83 -8.57 54.00
C THR FB 143 102.60 -9.36 53.55
N VAL FB 144 102.42 -9.56 52.26
CA VAL FB 144 101.25 -10.25 51.74
C VAL FB 144 101.51 -11.75 51.75
N ASN FB 145 100.43 -12.52 51.64
CA ASN FB 145 100.53 -13.98 51.59
C ASN FB 145 101.33 -14.39 50.36
N ASP FB 146 102.45 -15.09 50.61
CA ASP FB 146 103.31 -15.51 49.51
C ASP FB 146 102.59 -16.49 48.58
N ARG FB 147 101.75 -17.36 49.14
CA ARG FB 147 101.03 -18.32 48.32
C ARG FB 147 100.15 -17.60 47.30
N LEU FB 148 99.38 -16.61 47.76
CA LEU FB 148 98.54 -15.85 46.82
C LEU FB 148 99.39 -15.13 45.80
N MET FB 149 100.54 -14.61 46.21
CA MET FB 149 101.46 -14.01 45.25
C MET FB 149 101.85 -15.00 44.16
N HIS FB 150 102.06 -16.26 44.56
CA HIS FB 150 102.43 -17.27 43.57
C HIS FB 150 101.26 -17.61 42.66
N LYS FB 151 100.05 -17.70 43.22
CA LYS FB 151 98.89 -18.03 42.41
C LYS FB 151 98.64 -16.95 41.36
N LEU FB 152 98.84 -15.69 41.71
CA LEU FB 152 98.65 -14.57 40.80
C LEU FB 152 99.97 -14.12 40.17
N SER FB 153 101.01 -14.94 40.26
CA SER FB 153 102.29 -14.61 39.64
C SER FB 153 102.18 -14.79 38.14
N VAL FB 154 102.53 -13.74 37.40
CA VAL FB 154 102.44 -13.74 35.94
C VAL FB 154 103.79 -14.25 35.42
N GLU FB 155 103.89 -15.56 35.26
CA GLU FB 155 105.13 -16.17 34.83
C GLU FB 155 104.82 -17.47 34.09
N ALA FB 156 105.71 -17.84 33.19
CA ALA FB 156 105.56 -19.09 32.45
C ALA FB 156 105.64 -20.26 33.42
N PRO FB 157 104.58 -21.03 33.61
CA PRO FB 157 104.61 -22.14 34.56
C PRO FB 157 105.72 -23.12 34.24
N PRO FB 158 106.15 -23.94 35.20
CA PRO FB 158 107.22 -24.89 34.92
C PRO FB 158 106.78 -25.93 33.90
N LYS FB 159 107.72 -26.30 33.03
CA LYS FB 159 107.39 -27.21 31.93
C LYS FB 159 106.98 -28.58 32.47
N ILE FB 160 107.67 -29.06 33.49
CA ILE FB 160 107.35 -30.38 34.04
C ILE FB 160 105.92 -30.41 34.56
N LEU FB 161 105.49 -29.30 35.15
CA LEU FB 161 104.10 -29.17 35.68
C LEU FB 161 103.13 -29.31 34.51
N VAL FB 162 103.45 -28.67 33.38
CA VAL FB 162 102.59 -28.72 32.16
C VAL FB 162 102.52 -30.17 31.67
N GLU FB 163 103.65 -30.87 31.69
CA GLU FB 163 103.71 -32.30 31.24
C GLU FB 163 102.83 -33.15 32.15
N ARG FB 164 102.89 -32.89 33.47
CA ARG FB 164 102.07 -33.65 34.46
C ARG FB 164 100.59 -33.37 34.18
N TYR FB 165 100.25 -32.12 33.88
CA TYR FB 165 98.85 -31.73 33.57
C TYR FB 165 98.38 -32.48 32.32
N LEU FB 166 99.25 -32.57 31.31
CA LEU FB 166 98.90 -33.26 30.07
C LEU FB 166 98.79 -34.76 30.30
N ILE FB 167 99.71 -35.33 31.07
CA ILE FB 167 99.67 -36.75 31.37
C ILE FB 167 98.35 -37.10 32.04
N GLU FB 168 97.94 -36.32 33.04
CA GLU FB 168 96.71 -36.62 33.76
C GLU FB 168 95.50 -36.50 32.84
N ILE FB 169 95.44 -35.43 32.05
CA ILE FB 169 94.29 -35.22 31.17
C ILE FB 169 94.20 -36.37 30.16
N ALA FB 170 95.33 -36.75 29.58
CA ALA FB 170 95.34 -37.86 28.64
C ALA FB 170 94.87 -39.15 29.30
N LYS FB 171 95.47 -39.48 30.45
CA LYS FB 171 95.10 -40.70 31.16
C LYS FB 171 93.62 -40.72 31.50
N ASN FB 172 93.01 -39.55 31.73
CA ASN FB 172 91.61 -39.51 32.08
C ASN FB 172 90.72 -39.64 30.85
N TYR FB 173 91.09 -39.00 29.74
CA TYR FB 173 90.27 -38.98 28.55
C TYR FB 173 90.61 -40.11 27.58
N ASN FB 174 91.35 -41.12 28.01
CA ASN FB 174 91.62 -42.30 27.20
C ASN FB 174 92.32 -41.92 25.89
N VAL FB 175 93.31 -41.05 25.99
CA VAL FB 175 94.09 -40.63 24.83
C VAL FB 175 95.56 -40.93 25.10
N PRO FB 176 96.31 -41.47 24.13
CA PRO FB 176 97.74 -41.66 24.33
C PRO FB 176 98.49 -40.34 24.27
N TYR FB 177 99.60 -40.28 25.00
CA TYR FB 177 100.45 -39.09 25.02
C TYR FB 177 101.84 -39.48 25.48
N GLU FB 178 102.85 -39.06 24.74
CA GLU FB 178 104.25 -39.35 25.06
C GLU FB 178 104.91 -38.09 25.60
N PRO FB 179 105.10 -37.96 26.92
CA PRO FB 179 105.67 -36.73 27.46
C PRO FB 179 107.06 -36.46 26.92
N ASP FB 180 107.44 -35.18 26.91
CA ASP FB 180 108.78 -34.78 26.51
C ASP FB 180 109.75 -35.25 27.58
N SER FB 181 110.56 -36.25 27.25
CA SER FB 181 111.45 -36.83 28.24
C SER FB 181 112.44 -35.80 28.77
N VAL FB 182 112.87 -34.86 27.91
CA VAL FB 182 113.86 -33.85 28.33
C VAL FB 182 113.41 -33.15 29.58
N VAL FB 183 112.12 -32.83 29.67
CA VAL FB 183 111.57 -32.12 30.82
C VAL FB 183 110.91 -33.11 31.78
N MET FB 184 110.39 -34.20 31.23
CA MET FB 184 109.72 -35.20 32.06
C MET FB 184 110.67 -35.91 33.01
N ALA FB 185 111.96 -35.94 32.69
CA ALA FB 185 112.94 -36.61 33.53
C ALA FB 185 113.82 -35.66 34.33
N GLU FB 186 114.06 -34.45 33.84
CA GLU FB 186 114.90 -33.49 34.55
C GLU FB 186 114.09 -32.84 35.67
N ASN GB 3 11.57 21.74 64.04
CA ASN GB 3 12.95 21.49 64.46
C ASN GB 3 13.06 20.19 65.24
N MET GB 4 12.23 20.06 66.28
CA MET GB 4 12.27 18.87 67.12
C MET GB 4 11.87 17.61 66.34
N GLU GB 5 11.03 17.76 65.32
CA GLU GB 5 10.63 16.60 64.53
C GLU GB 5 11.83 15.98 63.83
N LYS GB 6 12.77 16.81 63.37
CA LYS GB 6 13.99 16.30 62.75
C LYS GB 6 14.82 15.50 63.75
N HIS GB 7 14.95 16.01 64.97
CA HIS GB 7 15.69 15.29 66.01
C HIS GB 7 15.02 13.97 66.35
N LEU GB 8 13.68 13.96 66.41
CA LEU GB 8 12.97 12.71 66.64
C LEU GB 8 13.23 11.72 65.52
N PHE GB 9 13.19 12.20 64.27
CA PHE GB 9 13.47 11.32 63.14
C PHE GB 9 14.87 10.72 63.25
N ASN GB 10 15.86 11.54 63.57
CA ASN GB 10 17.22 11.04 63.70
C ASN GB 10 17.33 10.02 64.83
N LEU GB 11 16.63 10.27 65.95
CA LEU GB 11 16.67 9.33 67.06
C LEU GB 11 16.09 7.98 66.67
N LYS GB 12 14.92 7.99 66.03
CA LYS GB 12 14.30 6.73 65.62
C LYS GB 12 15.17 6.01 64.58
N PHE GB 13 15.79 6.77 63.68
CA PHE GB 13 16.70 6.17 62.71
C PHE GB 13 17.87 5.49 63.39
N ALA GB 14 18.45 6.16 64.40
CA ALA GB 14 19.57 5.57 65.13
C ALA GB 14 19.14 4.30 65.86
N ALA GB 15 17.95 4.31 66.45
CA ALA GB 15 17.45 3.11 67.13
C ALA GB 15 17.31 1.96 66.15
N LYS GB 16 16.70 2.22 64.99
CA LYS GB 16 16.55 1.17 63.99
C LYS GB 16 17.90 0.67 63.51
N GLU GB 17 18.87 1.57 63.34
CA GLU GB 17 20.20 1.16 62.94
C GLU GB 17 20.83 0.25 63.98
N LEU GB 18 20.68 0.58 65.26
CA LEU GB 18 21.22 -0.27 66.31
C LEU GB 18 20.58 -1.64 66.30
N SER GB 19 19.26 -1.70 66.08
CA SER GB 19 18.58 -2.99 66.03
C SER GB 19 19.10 -3.83 64.86
N ARG GB 20 19.21 -3.20 63.68
CA ARG GB 20 19.75 -3.90 62.52
C ARG GB 20 21.14 -4.43 62.80
N SER GB 21 21.98 -3.61 63.44
CA SER GB 21 23.34 -4.03 63.73
C SER GB 21 23.37 -5.20 64.70
N ALA GB 22 22.48 -5.18 65.69
CA ALA GB 22 22.41 -6.32 66.62
C ALA GB 22 22.03 -7.59 65.89
N LYS GB 23 21.03 -7.51 65.00
CA LYS GB 23 20.64 -8.68 64.21
C LYS GB 23 21.82 -9.19 63.38
N LYS GB 24 22.51 -8.28 62.71
CA LYS GB 24 23.65 -8.67 61.87
C LYS GB 24 24.74 -9.32 62.70
N CYS GB 25 25.00 -8.79 63.89
CA CYS GB 25 26.05 -9.35 64.72
C CYS GB 25 25.68 -10.73 65.24
N ASP GB 26 24.40 -10.94 65.57
CA ASP GB 26 23.96 -12.28 65.94
C ASP GB 26 24.18 -13.26 64.78
N LYS GB 27 23.83 -12.85 63.56
CA LYS GB 27 24.06 -13.69 62.39
C LYS GB 27 25.54 -14.01 62.23
N GLU GB 28 26.40 -13.01 62.39
CA GLU GB 28 27.83 -13.23 62.25
C GLU GB 28 28.35 -14.19 63.31
N GLU GB 29 27.80 -14.11 64.53
CA GLU GB 29 28.17 -15.08 65.56
C GLU GB 29 27.79 -16.49 65.13
N LYS GB 30 26.58 -16.65 64.61
CA LYS GB 30 26.13 -17.96 64.16
C LYS GB 30 27.07 -18.51 63.08
N ALA GB 31 27.60 -17.64 62.23
CA ALA GB 31 28.53 -18.08 61.19
C ALA GB 31 29.90 -18.45 61.78
N GLU GB 32 30.41 -17.61 62.67
CA GLU GB 32 31.71 -17.88 63.27
C GLU GB 32 31.69 -19.15 64.09
N LYS GB 33 30.52 -19.55 64.61
CA LYS GB 33 30.45 -20.84 65.29
C LYS GB 33 30.70 -22.00 64.33
N ALA GB 34 30.11 -21.93 63.13
CA ALA GB 34 30.41 -22.92 62.10
C ALA GB 34 31.91 -22.94 61.80
N LYS GB 35 32.51 -21.75 61.67
CA LYS GB 35 33.93 -21.70 61.31
C LYS GB 35 34.80 -22.29 62.40
N ILE GB 36 34.48 -22.02 63.67
CA ILE GB 36 35.27 -22.57 64.76
C ILE GB 36 35.10 -24.08 64.84
N GLU GB 37 33.89 -24.58 64.56
CA GLU GB 37 33.70 -26.04 64.50
C GLU GB 37 34.60 -26.65 63.42
N LYS GB 38 34.60 -26.05 62.23
CA LYS GB 38 35.46 -26.55 61.17
C LYS GB 38 36.92 -26.55 61.60
N ALA GB 39 37.38 -25.43 62.19
CA ALA GB 39 38.78 -25.31 62.54
C ALA GB 39 39.17 -26.28 63.65
N ILE GB 40 38.28 -26.55 64.59
CA ILE GB 40 38.58 -27.53 65.63
C ILE GB 40 38.55 -28.93 65.06
N GLN GB 41 37.83 -29.15 63.96
CA GLN GB 41 37.92 -30.43 63.27
C GLN GB 41 39.28 -30.57 62.59
N LYS GB 42 39.72 -29.54 61.88
CA LYS GB 42 41.02 -29.58 61.21
C LYS GB 42 42.19 -29.63 62.17
N GLY GB 43 41.97 -29.34 63.45
CA GLY GB 43 43.03 -29.36 64.44
C GLY GB 43 43.68 -28.01 64.68
N ASN GB 44 43.31 -26.98 63.94
CA ASN GB 44 43.91 -25.65 64.12
C ASN GB 44 43.46 -25.08 65.46
N MET GB 45 44.40 -24.98 66.40
CA MET GB 45 44.09 -24.38 67.69
C MET GB 45 44.06 -22.87 67.61
N GLU GB 46 44.98 -22.26 66.85
CA GLU GB 46 45.05 -20.81 66.78
C GLU GB 46 43.86 -20.23 66.02
N VAL GB 47 43.49 -20.85 64.90
CA VAL GB 47 42.33 -20.38 64.16
C VAL GB 47 41.06 -20.58 64.98
N ALA GB 48 41.00 -21.67 65.75
CA ALA GB 48 39.86 -21.87 66.64
C ALA GB 48 39.81 -20.77 67.68
N ARG GB 49 40.96 -20.38 68.24
CA ARG GB 49 40.99 -19.27 69.18
C ARG GB 49 40.49 -17.99 68.53
N ILE GB 50 40.95 -17.71 67.32
CA ILE GB 50 40.55 -16.49 66.62
C ILE GB 50 39.03 -16.47 66.42
N HIS GB 51 38.49 -17.58 65.91
CA HIS GB 51 37.06 -17.62 65.62
C HIS GB 51 36.23 -17.61 66.89
N ALA GB 52 36.75 -18.18 67.99
CA ALA GB 52 36.06 -18.10 69.27
C ALA GB 52 36.02 -16.66 69.78
N GLU GB 53 37.14 -15.96 69.68
CA GLU GB 53 37.18 -14.55 70.04
C GLU GB 53 36.14 -13.78 69.22
N ASN GB 54 36.12 -14.01 67.92
CA ASN GB 54 35.16 -13.32 67.05
C ASN GB 54 33.73 -13.61 67.47
N ALA GB 55 33.43 -14.89 67.76
CA ALA GB 55 32.06 -15.27 68.10
C ALA GB 55 31.64 -14.64 69.42
N ILE GB 56 32.49 -14.72 70.44
CA ILE GB 56 32.16 -14.12 71.74
C ILE GB 56 31.99 -12.63 71.60
N ARG GB 57 32.88 -11.98 70.84
CA ARG GB 57 32.77 -10.54 70.64
C ARG GB 57 31.47 -10.18 69.96
N GLN GB 58 31.10 -10.93 68.91
CA GLN GB 58 29.86 -10.63 68.20
C GLN GB 58 28.65 -10.83 69.10
N LYS GB 59 28.65 -11.90 69.90
CA LYS GB 59 27.56 -12.12 70.84
C LYS GB 59 27.41 -10.95 71.81
N ASN GB 60 28.52 -10.58 72.46
CA ASN GB 60 28.46 -9.51 73.45
C ASN GB 60 28.04 -8.19 72.82
N GLN GB 61 28.61 -7.86 71.65
CA GLN GB 61 28.27 -6.60 71.02
C GLN GB 61 26.86 -6.60 70.47
N ALA GB 62 26.33 -7.76 70.11
CA ALA GB 62 24.92 -7.84 69.72
C ALA GB 62 24.01 -7.58 70.91
N VAL GB 63 24.32 -8.17 72.06
CA VAL GB 63 23.54 -7.89 73.26
C VAL GB 63 23.61 -6.40 73.60
N ASN GB 64 24.81 -5.82 73.50
CA ASN GB 64 24.96 -4.41 73.81
C ASN GB 64 24.17 -3.54 72.85
N PHE GB 65 24.23 -3.85 71.55
CA PHE GB 65 23.46 -3.10 70.57
C PHE GB 65 21.97 -3.22 70.84
N LEU GB 66 21.52 -4.40 71.27
CA LEU GB 66 20.10 -4.59 71.53
C LEU GB 66 19.65 -3.73 72.72
N ARG GB 67 20.41 -3.77 73.81
CA ARG GB 67 20.09 -2.93 74.96
C ARG GB 67 20.12 -1.45 74.59
N MET GB 68 21.13 -1.05 73.82
CA MET GB 68 21.27 0.34 73.41
C MET GB 68 20.08 0.77 72.55
N SER GB 69 19.67 -0.08 71.62
CA SER GB 69 18.50 0.23 70.80
C SER GB 69 17.24 0.31 71.64
N ALA GB 70 17.11 -0.52 72.66
CA ALA GB 70 15.96 -0.41 73.55
C ALA GB 70 15.94 0.95 74.25
N ARG GB 71 17.11 1.38 74.76
CA ARG GB 71 17.18 2.68 75.42
C ARG GB 71 16.80 3.80 74.46
N VAL GB 72 17.37 3.79 73.26
CA VAL GB 72 17.07 4.83 72.30
C VAL GB 72 15.61 4.78 71.87
N ASP GB 73 15.02 3.58 71.83
CA ASP GB 73 13.60 3.46 71.52
C ASP GB 73 12.75 4.11 72.60
N ALA GB 74 13.09 3.87 73.86
CA ALA GB 74 12.36 4.52 74.95
C ALA GB 74 12.46 6.04 74.83
N VAL GB 75 13.67 6.54 74.61
CA VAL GB 75 13.87 7.98 74.51
C VAL GB 75 13.09 8.55 73.33
N ALA GB 76 13.10 7.85 72.20
CA ALA GB 76 12.41 8.35 71.02
C ALA GB 76 10.90 8.32 71.19
N ALA GB 77 10.37 7.30 71.87
CA ALA GB 77 8.95 7.27 72.18
C ALA GB 77 8.58 8.45 73.07
N ARG GB 78 9.41 8.72 74.07
CA ARG GB 78 9.15 9.87 74.94
C ARG GB 78 9.16 11.17 74.15
N VAL GB 79 10.13 11.33 73.24
CA VAL GB 79 10.23 12.56 72.47
C VAL GB 79 9.06 12.69 71.51
N GLN GB 80 8.61 11.58 70.94
CA GLN GB 80 7.46 11.62 70.04
C GLN GB 80 6.19 12.00 70.80
N THR GB 81 6.02 11.44 71.99
CA THR GB 81 4.92 11.88 72.86
C THR GB 81 5.00 13.38 73.12
N ALA GB 82 6.21 13.87 73.42
CA ALA GB 82 6.37 15.30 73.70
C ALA GB 82 6.02 16.14 72.48
N VAL GB 83 6.41 15.69 71.29
CA VAL GB 83 6.12 16.45 70.08
C VAL GB 83 4.62 16.52 69.84
N THR GB 84 3.95 15.36 69.92
CA THR GB 84 2.51 15.34 69.70
C THR GB 84 1.79 16.21 70.74
N MET GB 85 2.20 16.11 72.00
CA MET GB 85 1.57 16.92 73.04
C MET GB 85 1.87 18.40 72.86
N GLY GB 86 3.03 18.74 72.30
CA GLY GB 86 3.31 20.13 72.01
C GLY GB 86 2.42 20.67 70.91
N LYS GB 87 2.20 19.88 69.86
CA LYS GB 87 1.23 20.27 68.83
C LYS GB 87 -0.15 20.47 69.45
N VAL GB 88 -0.56 19.53 70.31
CA VAL GB 88 -1.89 19.63 70.93
C VAL GB 88 -1.98 20.89 71.79
N THR GB 89 -0.94 21.17 72.56
CA THR GB 89 -0.94 22.33 73.45
C THR GB 89 -0.97 23.62 72.63
N LYS GB 90 -0.21 23.68 71.55
CA LYS GB 90 -0.24 24.85 70.69
C LYS GB 90 -1.63 25.05 70.09
N SER GB 91 -2.26 23.97 69.62
CA SER GB 91 -3.59 24.09 69.05
C SER GB 91 -4.60 24.55 70.10
N MET GB 92 -4.48 24.05 71.32
CA MET GB 92 -5.42 24.45 72.35
C MET GB 92 -5.18 25.87 72.82
N ALA GB 93 -3.93 26.34 72.77
CA ALA GB 93 -3.66 27.75 73.05
C ALA GB 93 -4.28 28.64 71.98
N GLY GB 94 -4.11 28.28 70.71
CA GLY GB 94 -4.76 29.03 69.65
C GLY GB 94 -6.27 29.05 69.80
N VAL GB 95 -6.85 27.89 70.14
CA VAL GB 95 -8.29 27.82 70.35
C VAL GB 95 -8.71 28.71 71.51
N VAL GB 96 -7.91 28.72 72.59
CA VAL GB 96 -8.24 29.56 73.73
C VAL GB 96 -8.22 31.02 73.33
N LYS GB 97 -7.22 31.43 72.56
CA LYS GB 97 -7.14 32.83 72.12
C LYS GB 97 -8.35 33.20 71.27
N SER GB 98 -8.68 32.36 70.28
CA SER GB 98 -9.79 32.66 69.40
C SER GB 98 -11.11 32.70 70.17
N MET GB 99 -11.33 31.71 71.05
CA MET GB 99 -12.55 31.69 71.84
C MET GB 99 -12.61 32.87 72.79
N ASP GB 100 -11.47 33.32 73.32
CA ASP GB 100 -11.47 34.50 74.18
C ASP GB 100 -11.92 35.72 73.40
N ALA GB 101 -11.32 35.95 72.23
CA ALA GB 101 -11.75 37.07 71.40
C ALA GB 101 -13.24 36.99 71.10
N THR GB 102 -13.72 35.82 70.70
CA THR GB 102 -15.12 35.67 70.31
C THR GB 102 -16.04 35.92 71.50
N LEU GB 103 -15.85 35.17 72.59
CA LEU GB 103 -16.68 35.31 73.77
C LEU GB 103 -16.60 36.72 74.36
N LYS GB 104 -15.52 37.46 74.06
CA LYS GB 104 -15.50 38.87 74.41
C LYS GB 104 -16.43 39.66 73.51
N THR GB 105 -16.37 39.40 72.21
CA THR GB 105 -17.26 40.08 71.27
C THR GB 105 -18.70 39.58 71.43
N MET GB 106 -18.89 38.27 71.34
CA MET GB 106 -20.21 37.64 71.43
C MET GB 106 -20.30 36.97 72.79
N ASN GB 107 -20.72 37.74 73.80
CA ASN GB 107 -20.84 37.23 75.15
C ASN GB 107 -22.27 36.74 75.39
N LEU GB 108 -22.52 36.27 76.62
CA LEU GB 108 -23.81 35.68 76.94
C LEU GB 108 -24.91 36.73 76.95
N GLU GB 109 -24.62 37.93 77.43
CA GLU GB 109 -25.61 39.01 77.40
C GLU GB 109 -26.03 39.30 75.96
N LYS GB 110 -25.05 39.56 75.09
CA LYS GB 110 -25.36 39.89 73.71
C LYS GB 110 -26.05 38.73 73.01
N ILE GB 111 -25.63 37.50 73.29
CA ILE GB 111 -26.24 36.34 72.64
C ILE GB 111 -27.69 36.19 73.07
N SER GB 112 -27.95 36.32 74.38
CA SER GB 112 -29.32 36.22 74.87
C SER GB 112 -30.20 37.31 74.26
N ALA GB 113 -29.70 38.54 74.22
CA ALA GB 113 -30.48 39.63 73.64
C ALA GB 113 -30.73 39.39 72.16
N LEU GB 114 -29.71 38.93 71.43
CA LEU GB 114 -29.85 38.65 70.01
C LEU GB 114 -30.89 37.56 69.78
N MET GB 115 -30.95 36.57 70.66
CA MET GB 115 -31.89 35.48 70.48
C MET GB 115 -33.31 35.90 70.84
N ASP GB 116 -33.47 36.70 71.88
CA ASP GB 116 -34.78 37.29 72.15
C ASP GB 116 -35.24 38.11 70.95
N LYS GB 117 -34.32 38.86 70.34
CA LYS GB 117 -34.67 39.64 69.16
C LYS GB 117 -35.07 38.76 67.99
N PHE GB 118 -34.32 37.68 67.77
CA PHE GB 118 -34.66 36.73 66.72
C PHE GB 118 -36.08 36.19 66.92
N GLU GB 119 -36.36 35.73 68.14
CA GLU GB 119 -37.67 35.18 68.44
C GLU GB 119 -38.77 36.20 68.21
N HIS GB 120 -38.58 37.43 68.69
CA HIS GB 120 -39.62 38.44 68.55
C HIS GB 120 -39.80 38.85 67.09
N GLN GB 121 -38.71 38.96 66.34
CA GLN GB 121 -38.80 39.32 64.93
C GLN GB 121 -39.56 38.26 64.16
N PHE GB 122 -39.30 36.98 64.44
CA PHE GB 122 -39.98 35.94 63.70
C PHE GB 122 -41.40 35.71 64.19
N GLU GB 123 -41.72 36.09 65.43
CA GLU GB 123 -43.11 36.15 65.85
C GLU GB 123 -43.85 37.24 65.10
N THR GB 124 -43.26 38.43 65.00
CA THR GB 124 -43.83 39.49 64.17
C THR GB 124 -44.01 39.01 62.74
N LEU GB 125 -43.05 38.23 62.23
CA LEU GB 125 -43.18 37.68 60.90
C LEU GB 125 -44.31 36.65 60.80
N ASP GB 126 -44.56 35.94 61.92
CA ASP GB 126 -45.68 34.98 62.01
C ASP GB 126 -47.00 35.75 61.86
N VAL GB 127 -47.09 36.92 62.51
CA VAL GB 127 -48.28 37.77 62.46
C VAL GB 127 -48.46 38.33 61.05
N GLN GB 128 -47.36 38.82 60.47
CA GLN GB 128 -47.40 39.34 59.12
C GLN GB 128 -47.86 38.26 58.15
N THR GB 129 -47.34 37.04 58.29
CA THR GB 129 -47.72 35.96 57.39
C THR GB 129 -49.21 35.65 57.52
N GLN GB 130 -49.71 35.58 58.75
CA GLN GB 130 -51.13 35.29 58.96
C GLN GB 130 -52.00 36.35 58.30
N GLN GB 131 -51.69 37.63 58.54
CA GLN GB 131 -52.49 38.71 57.98
C GLN GB 131 -52.40 38.73 56.46
N MET GB 132 -51.17 38.61 55.95
CA MET GB 132 -50.95 38.56 54.51
C MET GB 132 -51.73 37.42 53.87
N GLU GB 133 -51.82 36.28 54.56
CA GLU GB 133 -52.54 35.15 54.00
C GLU GB 133 -54.05 35.37 54.04
N ASP GB 134 -54.54 35.94 55.13
CA ASP GB 134 -55.95 36.33 55.18
C ASP GB 134 -56.30 37.21 53.99
N THR GB 135 -55.46 38.22 53.72
CA THR GB 135 -55.75 39.13 52.62
C THR GB 135 -55.62 38.43 51.27
N MET GB 136 -54.55 37.65 51.07
CA MET GB 136 -54.39 36.91 49.83
C MET GB 136 -55.62 36.06 49.55
N SER GB 137 -56.17 35.42 50.58
CA SER GB 137 -57.36 34.60 50.39
C SER GB 137 -58.58 35.46 50.09
N SER GB 138 -58.73 36.57 50.81
CA SER GB 138 -59.88 37.46 50.57
C SER GB 138 -59.86 38.04 49.17
N THR GB 139 -58.67 38.18 48.57
CA THR GB 139 -58.59 38.74 47.23
C THR GB 139 -59.25 37.82 46.20
N THR GB 140 -59.00 36.52 46.30
CA THR GB 140 -59.48 35.53 45.34
C THR GB 140 -60.47 34.62 46.06
N THR GB 141 -61.74 35.04 46.09
CA THR GB 141 -62.82 34.28 46.67
C THR GB 141 -63.89 33.88 45.68
N LEU GB 142 -63.98 34.56 44.54
CA LEU GB 142 -64.95 34.24 43.51
C LEU GB 142 -64.45 33.18 42.54
N THR GB 143 -63.13 32.96 42.48
CA THR GB 143 -62.58 31.85 41.71
C THR GB 143 -62.56 30.56 42.49
N THR GB 144 -62.57 30.63 43.82
CA THR GB 144 -62.53 29.47 44.71
C THR GB 144 -63.71 29.56 45.67
N PRO GB 145 -64.92 29.21 45.23
CA PRO GB 145 -66.05 29.20 46.17
C PRO GB 145 -65.95 28.04 47.15
N GLN GB 146 -66.23 28.34 48.41
CA GLN GB 146 -66.18 27.31 49.45
C GLN GB 146 -67.14 26.17 49.13
N ASN GB 147 -68.33 26.49 48.62
CA ASN GB 147 -69.32 25.46 48.32
C ASN GB 147 -68.79 24.48 47.28
N GLN GB 148 -68.15 24.98 46.24
CA GLN GB 148 -67.63 24.10 45.19
C GLN GB 148 -66.54 23.19 45.72
N VAL GB 149 -65.66 23.73 46.57
CA VAL GB 149 -64.59 22.91 47.14
C VAL GB 149 -65.18 21.83 48.04
N ASP GB 150 -66.15 22.20 48.88
CA ASP GB 150 -66.81 21.20 49.72
C ASP GB 150 -67.44 20.11 48.89
N MET GB 151 -68.14 20.49 47.81
CA MET GB 151 -68.79 19.49 46.97
C MET GB 151 -67.76 18.59 46.30
N LEU GB 152 -66.67 19.15 45.80
CA LEU GB 152 -65.65 18.33 45.18
C LEU GB 152 -65.07 17.33 46.17
N LEU GB 153 -64.80 17.78 47.40
CA LEU GB 153 -64.26 16.88 48.39
C LEU GB 153 -65.26 15.77 48.73
N GLN GB 154 -66.53 16.12 48.85
CA GLN GB 154 -67.54 15.12 49.15
C GLN GB 154 -67.63 14.09 48.04
N GLU GB 155 -67.62 14.55 46.78
CA GLU GB 155 -67.70 13.61 45.66
C GLU GB 155 -66.48 12.71 45.60
N MET GB 156 -65.28 13.28 45.78
CA MET GB 156 -64.07 12.48 45.74
C MET GB 156 -64.04 11.46 46.87
N ALA GB 157 -64.49 11.84 48.06
CA ALA GB 157 -64.58 10.91 49.17
C ALA GB 157 -65.55 9.78 48.86
N ASP GB 158 -66.79 10.13 48.49
CA ASP GB 158 -67.80 9.13 48.20
C ASP GB 158 -67.33 8.17 47.10
N GLU GB 159 -66.63 8.70 46.10
CA GLU GB 159 -66.08 7.84 45.06
C GLU GB 159 -65.02 6.90 45.64
N ALA GB 160 -64.12 7.45 46.46
CA ALA GB 160 -63.12 6.61 47.12
C ALA GB 160 -63.71 5.75 48.21
N GLY GB 161 -64.99 5.95 48.55
CA GLY GB 161 -65.64 5.19 49.60
C GLY GB 161 -65.23 5.54 51.01
N LEU GB 162 -64.17 6.32 51.18
CA LEU GB 162 -63.66 6.65 52.50
C LEU GB 162 -64.49 7.77 53.11
N ASP GB 163 -64.04 8.31 54.24
CA ASP GB 163 -64.67 9.44 54.90
C ASP GB 163 -63.59 10.41 55.33
N LEU GB 164 -64.01 11.65 55.61
CA LEU GB 164 -63.09 12.73 55.92
C LEU GB 164 -63.31 13.16 57.37
N ASN GB 165 -62.25 13.15 58.16
CA ASN GB 165 -62.31 13.57 59.56
C ASN GB 165 -61.23 14.60 59.84
N GLU GB 187 -79.37 28.11 52.00
CA GLU GB 187 -79.59 27.17 53.10
C GLU GB 187 -79.71 27.91 54.42
N LEU GB 188 -78.62 27.97 55.19
CA LEU GB 188 -78.64 28.71 56.44
C LEU GB 188 -78.86 30.20 56.20
N SER GB 189 -78.36 30.72 55.08
CA SER GB 189 -78.48 32.15 54.80
C SER GB 189 -79.95 32.57 54.76
N GLN GB 190 -80.84 31.70 54.27
CA GLN GB 190 -82.24 32.05 54.21
C GLN GB 190 -82.85 32.14 55.61
N ARG GB 191 -82.50 31.20 56.49
CA ARG GB 191 -82.99 31.28 57.86
C ARG GB 191 -82.45 32.52 58.55
N LEU GB 192 -81.19 32.87 58.30
CA LEU GB 192 -80.62 34.07 58.90
C LEU GB 192 -81.29 35.32 58.37
N ALA GB 193 -81.66 35.34 57.09
CA ALA GB 193 -82.36 36.49 56.54
C ALA GB 193 -83.76 36.61 57.13
N ARG GB 194 -84.48 35.49 57.25
CA ARG GB 194 -85.79 35.52 57.90
C ARG GB 194 -85.67 36.02 59.33
N LEU GB 195 -84.61 35.61 60.03
CA LEU GB 195 -84.38 36.11 61.39
C LEU GB 195 -84.07 37.60 61.38
N ARG GB 196 -83.34 38.06 60.37
CA ARG GB 196 -83.01 39.47 60.26
C ARG GB 196 -84.26 40.31 60.04
N ASP GB 197 -85.21 39.80 59.24
CA ASP GB 197 -86.47 40.50 59.06
C ASP GB 197 -87.20 40.69 60.38
N GLN GB 198 -87.06 39.74 61.30
CA GLN GB 198 -87.67 39.84 62.62
C GLN GB 198 -89.18 40.02 62.52
N PHE HB 6 -72.21 70.56 37.03
CA PHE HB 6 -72.83 69.24 36.93
C PHE HB 6 -72.72 68.71 35.51
N LYS HB 7 -72.25 67.45 35.40
CA LYS HB 7 -72.09 66.74 34.11
C LYS HB 7 -73.01 65.52 34.13
N ALA HB 8 -73.79 65.32 33.05
CA ALA HB 8 -74.74 64.21 33.02
C ALA HB 8 -74.05 62.88 32.72
N GLU HB 9 -73.27 62.83 31.64
CA GLU HB 9 -72.61 61.57 31.28
C GLU HB 9 -71.69 61.09 32.38
N ARG HB 10 -71.04 62.01 33.09
CA ARG HB 10 -70.24 61.63 34.25
C ARG HB 10 -71.09 60.91 35.28
N LEU HB 11 -72.27 61.44 35.58
CA LEU HB 11 -73.16 60.80 36.53
C LEU HB 11 -73.60 59.42 36.03
N ARG HB 12 -73.91 59.32 34.75
CA ARG HB 12 -74.31 58.03 34.17
C ARG HB 12 -73.21 56.99 34.36
N VAL HB 13 -71.98 57.34 33.97
CA VAL HB 13 -70.86 56.41 34.06
C VAL HB 13 -70.61 56.03 35.51
N ASN HB 14 -70.65 57.00 36.42
CA ASN HB 14 -70.41 56.70 37.82
C ASN HB 14 -71.51 55.80 38.39
N LEU HB 15 -72.76 55.97 37.93
CA LEU HB 15 -73.83 55.10 38.39
C LEU HB 15 -73.60 53.67 37.93
N ARG HB 16 -73.23 53.49 36.66
CA ARG HB 16 -72.93 52.14 36.18
C ARG HB 16 -71.78 51.51 36.96
N LEU HB 17 -70.74 52.30 37.22
CA LEU HB 17 -69.60 51.80 37.98
C LEU HB 17 -70.02 51.41 39.39
N VAL HB 18 -70.86 52.23 40.03
CA VAL HB 18 -71.33 51.93 41.38
C VAL HB 18 -72.12 50.63 41.37
N ILE HB 19 -72.95 50.43 40.35
CA ILE HB 19 -73.73 49.20 40.26
C ILE HB 19 -72.80 48.00 40.19
N ASN HB 20 -71.83 48.04 39.28
CA ASN HB 20 -70.90 46.91 39.15
C ASN HB 20 -70.15 46.67 40.45
N ARG HB 21 -69.64 47.74 41.07
CA ARG HB 21 -68.89 47.60 42.30
C ARG HB 21 -69.74 46.99 43.40
N LEU HB 22 -71.00 47.40 43.51
CA LEU HB 22 -71.89 46.85 44.52
C LEU HB 22 -72.13 45.36 44.27
N LYS HB 23 -72.29 44.97 43.01
CA LYS HB 23 -72.44 43.55 42.69
C LYS HB 23 -71.24 42.76 43.19
N LEU HB 24 -70.04 43.19 42.79
CA LEU HB 24 -68.83 42.48 43.21
C LEU HB 24 -68.73 42.42 44.73
N LEU HB 25 -69.01 43.53 45.40
CA LEU HB 25 -68.85 43.61 46.84
C LEU HB 25 -69.83 42.67 47.54
N GLU HB 26 -71.09 42.67 47.13
CA GLU HB 26 -72.07 41.81 47.79
C GLU HB 26 -71.74 40.34 47.56
N LYS HB 27 -71.29 39.98 46.35
CA LYS HB 27 -70.84 38.62 46.11
C LYS HB 27 -69.76 38.21 47.10
N LYS HB 28 -68.64 38.94 47.10
CA LYS HB 28 -67.51 38.54 47.92
C LYS HB 28 -67.84 38.64 49.41
N LYS HB 29 -68.75 39.54 49.78
CA LYS HB 29 -69.15 39.63 51.18
C LYS HB 29 -69.99 38.44 51.60
N THR HB 30 -70.86 37.95 50.71
CA THR HB 30 -71.58 36.72 51.00
C THR HB 30 -70.60 35.56 51.22
N GLU HB 31 -69.59 35.45 50.36
CA GLU HB 31 -68.61 34.39 50.52
C GLU HB 31 -67.87 34.50 51.85
N LEU HB 32 -67.33 35.68 52.13
CA LEU HB 32 -66.64 35.90 53.40
C LEU HB 32 -67.56 35.65 54.59
N ALA HB 33 -68.86 35.93 54.44
CA ALA HB 33 -69.79 35.68 55.53
C ALA HB 33 -69.95 34.19 55.78
N GLN HB 34 -70.02 33.40 54.71
CA GLN HB 34 -70.02 31.94 54.87
C GLN HB 34 -68.80 31.50 55.67
N LYS HB 35 -67.61 31.96 55.25
CA LYS HB 35 -66.38 31.51 55.91
C LYS HB 35 -66.35 31.94 57.37
N ALA HB 36 -66.74 33.17 57.66
CA ALA HB 36 -66.70 33.66 59.03
C ALA HB 36 -67.78 33.01 59.89
N ARG HB 37 -68.89 32.60 59.28
CA ARG HB 37 -69.87 31.81 60.01
C ARG HB 37 -69.29 30.46 60.42
N LYS HB 38 -68.56 29.82 59.50
CA LYS HB 38 -67.84 28.61 59.88
C LYS HB 38 -66.89 28.89 61.04
N GLU HB 39 -66.20 30.03 61.00
CA GLU HB 39 -65.30 30.40 62.09
C GLU HB 39 -66.06 30.53 63.41
N ILE HB 40 -67.24 31.14 63.38
CA ILE HB 40 -68.03 31.30 64.60
C ILE HB 40 -68.48 29.93 65.11
N ALA HB 41 -68.81 29.02 64.20
CA ALA HB 41 -69.15 27.67 64.62
C ALA HB 41 -67.98 27.02 65.34
N ASP HB 42 -66.78 27.16 64.79
CA ASP HB 42 -65.59 26.64 65.45
C ASP HB 42 -65.42 27.28 66.83
N TYR HB 43 -65.63 28.59 66.92
CA TYR HB 43 -65.52 29.27 68.21
C TYR HB 43 -66.50 28.69 69.22
N LEU HB 44 -67.74 28.41 68.79
CA LEU HB 44 -68.73 27.86 69.69
C LEU HB 44 -68.41 26.42 70.07
N ALA HB 45 -67.70 25.69 69.20
CA ALA HB 45 -67.28 24.34 69.57
C ALA HB 45 -66.53 24.34 70.89
N ALA HB 46 -65.67 25.33 71.10
CA ALA HB 46 -64.99 25.51 72.37
C ALA HB 46 -65.93 26.19 73.37
N GLY HB 47 -65.44 26.41 74.59
CA GLY HB 47 -66.23 27.08 75.60
C GLY HB 47 -66.34 28.58 75.43
N LYS HB 48 -65.60 29.15 74.48
CA LYS HB 48 -65.63 30.59 74.24
C LYS HB 48 -66.99 30.98 73.69
N ASP HB 49 -67.76 31.74 74.47
CA ASP HB 49 -69.10 32.16 74.10
C ASP HB 49 -69.21 33.68 73.95
N GLU HB 50 -68.71 34.44 74.92
CA GLU HB 50 -68.81 35.89 74.86
C GLU HB 50 -68.04 36.49 73.69
N ARG HB 51 -67.13 35.71 73.10
CA ARG HB 51 -66.36 36.13 71.93
C ARG HB 51 -67.12 35.85 70.62
N ALA HB 52 -67.80 34.71 70.58
CA ALA HB 52 -68.63 34.40 69.41
C ALA HB 52 -69.72 35.44 69.21
N ARG HB 53 -70.16 36.08 70.30
CA ARG HB 53 -71.14 37.15 70.16
C ARG HB 53 -70.55 38.34 69.41
N ILE HB 54 -69.29 38.67 69.68
CA ILE HB 54 -68.64 39.76 68.95
C ILE HB 54 -68.47 39.36 67.48
N ARG HB 55 -68.05 38.12 67.24
CA ARG HB 55 -67.89 37.68 65.85
C ARG HB 55 -69.21 37.74 65.09
N VAL HB 56 -70.29 37.31 65.73
CA VAL HB 56 -71.59 37.32 65.04
C VAL HB 56 -72.10 38.75 64.91
N GLU HB 57 -71.70 39.66 65.80
CA GLU HB 57 -71.96 41.07 65.58
C GLU HB 57 -71.32 41.53 64.28
N HIS HB 58 -70.04 41.19 64.10
CA HIS HB 58 -69.39 41.43 62.81
C HIS HB 58 -70.24 40.90 61.67
N ILE HB 59 -70.70 39.65 61.79
CA ILE HB 59 -71.41 39.00 60.70
C ILE HB 59 -72.69 39.74 60.36
N ILE HB 60 -73.49 40.07 61.38
CA ILE HB 60 -74.78 40.67 61.11
C ILE HB 60 -74.62 42.11 60.63
N ARG HB 61 -73.56 42.79 61.08
CA ARG HB 61 -73.22 44.08 60.50
C ARG HB 61 -72.96 43.93 59.01
N GLU HB 62 -72.15 42.94 58.63
CA GLU HB 62 -71.85 42.72 57.22
C GLU HB 62 -73.11 42.37 56.44
N ASP HB 63 -74.05 41.64 57.06
CA ASP HB 63 -75.27 41.26 56.36
C ASP HB 63 -76.19 42.47 56.15
N TYR HB 64 -76.37 43.28 57.20
CA TYR HB 64 -77.04 44.57 57.03
C TYR HB 64 -76.40 45.35 55.88
N LEU HB 65 -75.07 45.35 55.82
CA LEU HB 65 -74.37 46.10 54.79
C LEU HB 65 -74.69 45.55 53.39
N VAL HB 66 -74.73 44.23 53.26
CA VAL HB 66 -75.03 43.63 51.96
C VAL HB 66 -76.46 43.98 51.54
N GLU HB 67 -77.40 43.92 52.47
CA GLU HB 67 -78.77 44.30 52.13
C GLU HB 67 -78.86 45.76 51.72
N ALA HB 68 -78.15 46.64 52.44
CA ALA HB 68 -78.14 48.05 52.09
C ALA HB 68 -77.52 48.26 50.71
N MET HB 69 -76.49 47.50 50.38
CA MET HB 69 -75.89 47.61 49.06
C MET HB 69 -76.84 47.13 47.98
N GLU HB 70 -77.63 46.10 48.26
CA GLU HB 70 -78.66 45.67 47.32
C GLU HB 70 -79.66 46.80 47.08
N ILE HB 71 -80.13 47.43 48.16
CA ILE HB 71 -81.09 48.53 48.01
C ILE HB 71 -80.47 49.67 47.20
N LEU HB 72 -79.20 49.98 47.47
CA LEU HB 72 -78.55 51.08 46.77
C LEU HB 72 -78.34 50.77 45.30
N GLU HB 73 -77.99 49.52 44.98
CA GLU HB 73 -77.91 49.09 43.59
C GLU HB 73 -79.27 49.26 42.91
N LEU HB 74 -80.33 48.86 43.59
CA LEU HB 74 -81.68 49.06 43.06
C LEU HB 74 -81.93 50.53 42.74
N TYR HB 75 -81.61 51.42 43.67
CA TYR HB 75 -81.89 52.83 43.47
C TYR HB 75 -81.04 53.43 42.36
N CYS HB 76 -79.76 53.04 42.29
CA CYS HB 76 -78.90 53.52 41.22
C CYS HB 76 -79.45 53.07 39.86
N ASP HB 77 -79.87 51.82 39.75
CA ASP HB 77 -80.46 51.35 38.51
C ASP HB 77 -81.75 52.08 38.20
N LEU HB 78 -82.52 52.44 39.23
CA LEU HB 78 -83.73 53.21 39.00
C LEU HB 78 -83.41 54.56 38.39
N LEU HB 79 -82.45 55.27 38.98
CA LEU HB 79 -82.02 56.54 38.41
C LEU HB 79 -81.52 56.36 36.97
N LEU HB 80 -80.76 55.29 36.74
CA LEU HB 80 -80.20 55.04 35.42
C LEU HB 80 -81.28 54.70 34.39
N ALA HB 81 -82.41 54.16 34.83
CA ALA HB 81 -83.52 53.88 33.93
C ALA HB 81 -84.35 55.11 33.62
N ARG HB 82 -84.33 56.10 34.51
CA ARG HB 82 -85.06 57.35 34.35
C ARG HB 82 -84.10 58.52 34.26
N PHE HB 83 -83.01 58.34 33.50
CA PHE HB 83 -81.99 59.36 33.39
C PHE HB 83 -82.46 60.54 32.56
N GLY HB 84 -83.17 60.28 31.47
CA GLY HB 84 -83.72 61.37 30.70
C GLY HB 84 -84.63 62.26 31.52
N LEU HB 85 -85.42 61.65 32.41
CA LEU HB 85 -86.27 62.45 33.29
C LEU HB 85 -85.43 63.31 34.25
N ILE HB 86 -84.18 62.92 34.48
CA ILE HB 86 -83.26 63.77 35.23
C ILE HB 86 -82.81 64.94 34.37
N GLN HB 87 -82.41 64.64 33.13
CA GLN HB 87 -81.86 65.68 32.27
C GLN HB 87 -82.91 66.72 31.88
N SER HB 88 -84.15 66.27 31.68
CA SER HB 88 -85.18 67.17 31.17
C SER HB 88 -85.59 68.18 32.23
N MET HB 89 -86.12 67.71 33.35
CA MET HB 89 -86.56 68.60 34.40
C MET HB 89 -85.36 69.27 35.07
N LYS HB 90 -85.66 70.29 35.86
CA LYS HB 90 -84.67 70.96 36.69
C LYS HB 90 -84.81 70.62 38.17
N GLU HB 91 -86.03 70.33 38.62
CA GLU HB 91 -86.28 69.85 39.96
C GLU HB 91 -86.74 68.40 39.90
N LEU HB 92 -86.26 67.58 40.81
CA LEU HB 92 -86.57 66.16 40.78
C LEU HB 92 -88.05 65.94 41.08
N ASP HB 93 -88.64 64.95 40.41
CA ASP HB 93 -90.02 64.60 40.64
C ASP HB 93 -90.12 63.66 41.84
N SER HB 94 -91.36 63.22 42.12
CA SER HB 94 -91.57 62.34 43.27
C SER HB 94 -90.97 60.96 43.02
N GLY HB 95 -91.05 60.46 41.79
CA GLY HB 95 -90.52 59.13 41.48
C GLY HB 95 -89.03 58.98 41.73
N LEU HB 96 -88.30 60.10 41.78
CA LEU HB 96 -86.86 60.07 41.98
C LEU HB 96 -86.43 60.70 43.30
N ALA HB 97 -87.39 61.13 44.14
CA ALA HB 97 -87.03 61.75 45.41
C ALA HB 97 -86.30 60.75 46.31
N GLU HB 98 -86.83 59.55 46.45
CA GLU HB 98 -86.24 58.56 47.34
C GLU HB 98 -84.84 58.19 46.89
N SER HB 99 -84.67 57.89 45.61
CA SER HB 99 -83.37 57.48 45.10
C SER HB 99 -82.31 58.55 45.36
N VAL HB 100 -82.62 59.79 44.97
CA VAL HB 100 -81.66 60.89 45.15
C VAL HB 100 -81.35 61.09 46.62
N SER HB 101 -82.39 61.13 47.46
CA SER HB 101 -82.21 61.37 48.88
C SER HB 101 -81.30 60.31 49.49
N THR HB 102 -81.60 59.03 49.23
CA THR HB 102 -80.81 57.96 49.83
C THR HB 102 -79.38 57.94 49.27
N LEU HB 103 -79.22 58.19 47.98
CA LEU HB 103 -77.89 58.17 47.39
C LEU HB 103 -77.05 59.34 47.87
N ILE HB 104 -77.67 60.42 48.30
CA ILE HB 104 -76.92 61.52 48.88
C ILE HB 104 -76.63 61.27 50.36
N TRP HB 105 -77.55 60.60 51.06
CA TRP HB 105 -77.38 60.38 52.49
C TRP HB 105 -76.39 59.26 52.78
N ALA HB 106 -76.40 58.20 51.97
CA ALA HB 106 -75.56 57.04 52.21
C ALA HB 106 -74.16 57.17 51.64
N ALA HB 107 -73.94 58.14 50.76
CA ALA HB 107 -72.61 58.29 50.16
C ALA HB 107 -71.52 58.41 51.20
N PRO HB 108 -71.58 59.33 52.18
CA PRO HB 108 -70.53 59.38 53.18
C PRO HB 108 -70.43 58.13 54.03
N ARG HB 109 -71.53 57.38 54.16
CA ARG HB 109 -71.50 56.14 54.92
C ARG HB 109 -70.65 55.10 54.20
N LEU HB 110 -70.95 54.83 52.93
CA LEU HB 110 -70.24 53.83 52.15
C LEU HB 110 -69.18 54.44 51.25
N GLN HB 111 -68.65 55.61 51.61
CA GLN HB 111 -67.64 56.26 50.78
C GLN HB 111 -66.36 55.44 50.70
N SER HB 112 -66.04 54.70 51.77
CA SER HB 112 -64.81 53.92 51.77
C SER HB 112 -64.95 52.68 50.89
N GLU HB 113 -66.07 51.97 51.00
CA GLU HB 113 -66.29 50.79 50.20
C GLU HB 113 -66.40 51.14 48.71
N VAL HB 114 -67.33 52.02 48.38
CA VAL HB 114 -67.58 52.44 47.01
C VAL HB 114 -67.16 53.89 46.88
N ALA HB 115 -66.12 54.14 46.07
CA ALA HB 115 -65.62 55.50 45.90
C ALA HB 115 -66.51 56.30 44.95
N GLU HB 116 -66.90 55.68 43.83
CA GLU HB 116 -67.71 56.38 42.84
C GLU HB 116 -69.01 56.92 43.43
N LEU HB 117 -69.47 56.35 44.53
CA LEU HB 117 -70.70 56.82 45.16
C LEU HB 117 -70.58 58.28 45.58
N LYS HB 118 -69.39 58.71 46.00
CA LYS HB 118 -69.19 60.11 46.36
C LYS HB 118 -69.35 61.01 45.15
N ILE HB 119 -68.86 60.57 43.99
CA ILE HB 119 -69.03 61.35 42.76
C ILE HB 119 -70.51 61.42 42.38
N VAL HB 120 -71.23 60.32 42.55
CA VAL HB 120 -72.66 60.33 42.29
C VAL HB 120 -73.35 61.34 43.20
N ALA HB 121 -72.99 61.33 44.48
CA ALA HB 121 -73.56 62.30 45.42
C ALA HB 121 -73.23 63.72 44.99
N ASP HB 122 -72.02 63.95 44.49
CA ASP HB 122 -71.65 65.27 44.01
C ASP HB 122 -72.56 65.70 42.87
N GLN HB 123 -72.64 64.88 41.83
CA GLN HB 123 -73.48 65.24 40.68
C GLN HB 123 -74.93 65.44 41.08
N LEU HB 124 -75.40 64.74 42.11
CA LEU HB 124 -76.77 64.92 42.55
C LEU HB 124 -76.95 66.10 43.50
N CYS HB 125 -75.87 66.60 44.08
CA CYS HB 125 -75.94 67.81 44.89
C CYS HB 125 -75.63 69.06 44.08
N ALA HB 126 -74.79 68.94 43.06
CA ALA HB 126 -74.46 70.06 42.20
C ALA HB 126 -75.53 70.36 41.16
N LYS HB 127 -76.50 69.47 41.00
CA LYS HB 127 -77.58 69.68 40.04
C LYS HB 127 -78.78 70.40 40.63
N TYR HB 128 -78.93 70.37 41.95
CA TYR HB 128 -80.10 70.93 42.62
C TYR HB 128 -79.69 72.08 43.53
N SER HB 129 -80.59 73.04 43.66
CA SER HB 129 -80.40 74.19 44.54
C SER HB 129 -81.48 74.33 45.60
N LYS HB 130 -82.68 73.81 45.36
CA LYS HB 130 -83.76 73.86 46.33
C LYS HB 130 -83.41 72.93 47.49
N GLU HB 131 -82.99 73.52 48.62
CA GLU HB 131 -82.57 72.76 49.79
C GLU HB 131 -81.41 71.82 49.46
N TYR HB 132 -80.53 72.25 48.56
CA TYR HB 132 -79.39 71.47 48.12
C TYR HB 132 -78.09 72.19 48.48
N GLY HB 133 -76.98 71.59 48.09
CA GLY HB 133 -75.69 72.01 48.59
C GLY HB 133 -75.34 71.27 49.87
N LYS HB 134 -74.05 70.99 50.05
CA LYS HB 134 -73.61 70.14 51.16
C LYS HB 134 -74.41 70.40 52.42
N LEU HB 135 -74.45 71.66 52.88
CA LEU HB 135 -75.19 72.01 54.08
C LEU HB 135 -76.68 71.72 53.91
N CYS HB 136 -77.30 72.34 52.90
CA CYS HB 136 -78.72 72.12 52.67
C CYS HB 136 -79.01 70.70 52.20
N ARG HB 137 -78.02 70.03 51.58
CA ARG HB 137 -78.20 68.64 51.21
C ARG HB 137 -78.29 67.75 52.43
N THR HB 138 -77.54 68.09 53.49
CA THR HB 138 -77.68 67.37 54.75
C THR HB 138 -78.92 67.80 55.51
N ASN HB 139 -79.37 69.05 55.32
CA ASN HB 139 -80.56 69.53 55.99
C ASN HB 139 -81.83 68.90 55.40
N GLN HB 140 -81.86 68.72 54.08
CA GLN HB 140 -83.02 68.15 53.40
C GLN HB 140 -82.90 66.64 53.22
N ILE HB 141 -82.19 65.96 54.12
CA ILE HB 141 -81.99 64.52 54.03
C ILE HB 141 -83.02 63.76 54.88
N GLY HB 142 -84.11 64.42 55.27
CA GLY HB 142 -85.12 63.80 56.11
C GLY HB 142 -86.22 63.12 55.32
N THR HB 143 -85.87 62.59 54.14
CA THR HB 143 -86.84 61.88 53.31
C THR HB 143 -86.25 60.60 52.72
N VAL HB 144 -85.22 60.04 53.34
CA VAL HB 144 -84.56 58.86 52.83
C VAL HB 144 -85.31 57.62 53.31
N ASN HB 145 -85.03 56.49 52.64
CA ASN HB 145 -85.63 55.22 53.01
C ASN HB 145 -85.22 54.85 54.43
N ASP HB 146 -86.21 54.70 55.31
CA ASP HB 146 -85.92 54.38 56.70
C ASP HB 146 -85.26 53.01 56.83
N ARG HB 147 -85.68 52.05 56.00
CA ARG HB 147 -85.09 50.72 56.05
C ARG HB 147 -83.59 50.78 55.80
N LEU HB 148 -83.18 51.49 54.75
CA LEU HB 148 -81.76 51.62 54.46
C LEU HB 148 -81.03 52.33 55.59
N MET HB 149 -81.68 53.33 56.20
CA MET HB 149 -81.10 53.98 57.37
C MET HB 149 -80.84 52.97 58.48
N HIS HB 150 -81.76 52.03 58.66
CA HIS HB 150 -81.58 51.01 59.69
C HIS HB 150 -80.46 50.05 59.33
N LYS HB 151 -80.38 49.65 58.06
CA LYS HB 151 -79.34 48.71 57.64
C LYS HB 151 -77.96 49.33 57.84
N LEU HB 152 -77.81 50.62 57.57
CA LEU HB 152 -76.55 51.33 57.73
C LEU HB 152 -76.47 52.06 59.06
N SER HB 153 -77.36 51.74 60.00
CA SER HB 153 -77.33 52.37 61.32
C SER HB 153 -76.17 51.80 62.12
N VAL HB 154 -75.32 52.69 62.63
CA VAL HB 154 -74.13 52.29 63.38
C VAL HB 154 -74.56 52.23 64.85
N GLU HB 155 -75.02 51.05 65.26
CA GLU HB 155 -75.51 50.86 66.62
C GLU HB 155 -75.31 49.41 67.03
N ALA HB 156 -75.16 49.18 68.32
CA ALA HB 156 -75.03 47.84 68.85
C ALA HB 156 -76.32 47.06 68.57
N PRO HB 157 -76.29 46.01 67.76
CA PRO HB 157 -77.52 45.28 67.44
C PRO HB 157 -78.17 44.74 68.69
N PRO HB 158 -79.46 44.41 68.64
CA PRO HB 158 -80.14 43.88 69.83
C PRO HB 158 -79.56 42.55 70.25
N LYS HB 159 -79.45 42.34 71.57
CA LYS HB 159 -78.82 41.15 72.09
C LYS HB 159 -79.61 39.90 71.71
N ILE HB 160 -80.94 39.98 71.77
CA ILE HB 160 -81.77 38.82 71.43
C ILE HB 160 -81.52 38.38 70.00
N LEU HB 161 -81.33 39.36 69.11
CA LEU HB 161 -81.06 39.07 67.68
C LEU HB 161 -79.74 38.29 67.59
N VAL HB 162 -78.73 38.71 68.37
CA VAL HB 162 -77.40 38.04 68.38
C VAL HB 162 -77.58 36.60 68.87
N GLU HB 163 -78.41 36.40 69.90
CA GLU HB 163 -78.67 35.05 70.47
C GLU HB 163 -79.33 34.19 69.38
N ARG HB 164 -80.29 34.75 68.64
CA ARG HB 164 -81.00 34.01 67.56
C ARG HB 164 -79.98 33.63 66.48
N TYR HB 165 -79.07 34.55 66.15
CA TYR HB 165 -78.02 34.29 65.12
C TYR HB 165 -77.12 33.14 65.60
N LEU HB 166 -76.77 33.14 66.89
CA LEU HB 166 -75.92 32.09 67.43
C LEU HB 166 -76.67 30.76 67.48
N ILE HB 167 -77.94 30.79 67.89
CA ILE HB 167 -78.75 29.57 67.94
C ILE HB 167 -78.79 28.92 66.57
N GLU HB 168 -79.08 29.72 65.54
CA GLU HB 168 -79.19 29.17 64.19
C GLU HB 168 -77.86 28.59 63.72
N ILE HB 169 -76.77 29.34 63.93
CA ILE HB 169 -75.46 28.86 63.47
C ILE HB 169 -75.09 27.56 64.18
N ALA HB 170 -75.32 27.49 65.48
CA ALA HB 170 -75.04 26.27 66.23
C ALA HB 170 -75.89 25.11 65.71
N LYS HB 171 -77.20 25.32 65.60
CA LYS HB 171 -78.09 24.28 65.12
C LYS HB 171 -77.68 23.79 63.74
N ASN HB 172 -77.10 24.66 62.91
CA ASN HB 172 -76.71 24.23 61.58
C ASN HB 172 -75.38 23.49 61.59
N TYR HB 173 -74.43 23.93 62.40
CA TYR HB 173 -73.09 23.35 62.40
C TYR HB 173 -72.95 22.23 63.43
N ASN HB 174 -74.05 21.71 63.97
CA ASN HB 174 -74.02 20.56 64.87
C ASN HB 174 -73.16 20.84 66.10
N VAL HB 175 -73.34 22.01 66.69
CA VAL HB 175 -72.62 22.40 67.89
C VAL HB 175 -73.63 22.75 68.98
N PRO HB 176 -73.44 22.31 70.22
CA PRO HB 176 -74.34 22.74 71.29
C PRO HB 176 -74.10 24.18 71.69
N TYR HB 177 -75.16 24.84 72.15
CA TYR HB 177 -75.07 26.21 72.61
C TYR HB 177 -76.24 26.51 73.52
N GLU HB 178 -75.95 27.09 74.70
CA GLU HB 178 -76.97 27.43 75.68
C GLU HB 178 -77.18 28.94 75.67
N PRO HB 179 -78.25 29.44 75.06
CA PRO HB 179 -78.44 30.89 74.98
C PRO HB 179 -78.54 31.52 76.35
N ASP HB 180 -78.18 32.80 76.43
CA ASP HB 180 -78.32 33.58 77.66
C ASP HB 180 -79.80 33.78 77.92
N SER HB 181 -80.33 33.10 78.95
CA SER HB 181 -81.75 33.16 79.19
C SER HB 181 -82.20 34.59 79.50
N VAL HB 182 -81.34 35.39 80.16
CA VAL HB 182 -81.70 36.76 80.54
C VAL HB 182 -82.20 37.53 79.33
N VAL HB 183 -81.54 37.35 78.19
CA VAL HB 183 -81.90 38.06 76.97
C VAL HB 183 -82.76 37.17 76.09
N MET HB 184 -82.53 35.85 76.16
CA MET HB 184 -83.28 34.92 75.34
C MET HB 184 -84.76 34.88 75.70
N ALA HB 185 -85.12 35.26 76.92
CA ALA HB 185 -86.51 35.23 77.36
C ALA HB 185 -87.15 36.60 77.43
N GLU HB 186 -86.38 37.66 77.68
CA GLU HB 186 -86.93 39.00 77.78
C GLU HB 186 -87.16 39.56 76.38
N ASN IB 3 44.68 -49.88 31.99
CA ASN IB 3 45.81 -50.03 31.08
C ASN IB 3 46.38 -51.44 31.15
N MET IB 4 46.70 -51.88 32.37
CA MET IB 4 47.28 -53.20 32.55
C MET IB 4 46.33 -54.30 32.14
N GLU IB 5 45.02 -54.07 32.26
CA GLU IB 5 44.05 -55.07 31.87
C GLU IB 5 44.15 -55.38 30.38
N LYS IB 6 44.42 -54.35 29.56
CA LYS IB 6 44.61 -54.58 28.13
C LYS IB 6 45.82 -55.46 27.86
N HIS IB 7 46.93 -55.19 28.57
CA HIS IB 7 48.12 -56.01 28.39
C HIS IB 7 47.86 -57.45 28.83
N LEU IB 8 47.13 -57.64 29.93
CA LEU IB 8 46.77 -58.98 30.35
C LEU IB 8 45.94 -59.69 29.28
N PHE IB 9 44.96 -58.98 28.70
CA PHE IB 9 44.15 -59.56 27.65
C PHE IB 9 45.01 -59.99 26.47
N ASN IB 10 45.95 -59.12 26.05
CA ASN IB 10 46.81 -59.46 24.94
C ASN IB 10 47.69 -60.67 25.27
N LEU IB 11 48.18 -60.76 26.50
CA LEU IB 11 49.01 -61.89 26.90
C LEU IB 11 48.22 -63.19 26.83
N LYS IB 12 47.01 -63.20 27.39
CA LYS IB 12 46.20 -64.41 27.36
C LYS IB 12 45.83 -64.78 25.94
N PHE IB 13 45.55 -63.79 25.10
CA PHE IB 13 45.26 -64.06 23.70
C PHE IB 13 46.46 -64.71 23.00
N ALA IB 14 47.66 -64.19 23.27
CA ALA IB 14 48.85 -64.78 22.66
C ALA IB 14 49.06 -66.21 23.13
N ALA IB 15 48.82 -66.47 24.41
CA ALA IB 15 48.96 -67.83 24.93
C ALA IB 15 47.98 -68.78 24.22
N LYS IB 16 46.72 -68.36 24.10
CA LYS IB 16 45.74 -69.19 23.42
C LYS IB 16 46.12 -69.42 21.97
N GLU IB 17 46.65 -68.38 21.31
CA GLU IB 17 47.08 -68.52 19.93
C GLU IB 17 48.20 -69.55 19.82
N LEU IB 18 49.16 -69.50 20.74
CA LEU IB 18 50.25 -70.47 20.72
C LEU IB 18 49.72 -71.89 20.92
N SER IB 19 48.77 -72.06 21.83
CA SER IB 19 48.19 -73.39 22.04
C SER IB 19 47.50 -73.89 20.78
N ARG IB 20 46.68 -73.04 20.17
CA ARG IB 20 46.01 -73.41 18.92
C ARG IB 20 47.03 -73.80 17.86
N SER IB 21 48.11 -73.03 17.74
CA SER IB 21 49.12 -73.32 16.73
C SER IB 21 49.80 -74.65 17.00
N ALA IB 22 50.07 -74.96 18.27
CA ALA IB 22 50.65 -76.25 18.61
C ALA IB 22 49.72 -77.39 18.20
N LYS IB 23 48.43 -77.26 18.51
CA LYS IB 23 47.46 -78.28 18.10
C LYS IB 23 47.46 -78.45 16.59
N LYS IB 24 47.41 -77.35 15.86
CA LYS IB 24 47.39 -77.40 14.41
C LYS IB 24 48.64 -78.07 13.86
N CYS IB 25 49.80 -77.76 14.45
CA CYS IB 25 51.05 -78.35 13.97
C CYS IB 25 51.10 -79.85 14.24
N ASP IB 26 50.59 -80.28 15.39
CA ASP IB 26 50.48 -81.71 15.65
C ASP IB 26 49.61 -82.39 14.60
N LYS IB 27 48.47 -81.78 14.29
CA LYS IB 27 47.60 -82.33 13.26
C LYS IB 27 48.33 -82.43 11.91
N GLU IB 28 49.06 -81.37 11.55
CA GLU IB 28 49.78 -81.38 10.28
C GLU IB 28 50.85 -82.47 10.26
N GLU IB 29 51.50 -82.71 11.40
CA GLU IB 29 52.46 -83.81 11.48
C GLU IB 29 51.76 -85.14 11.23
N LYS IB 30 50.60 -85.34 11.85
CA LYS IB 30 49.85 -86.57 11.65
C LYS IB 30 49.52 -86.77 10.17
N ALA IB 31 49.22 -85.68 9.47
CA ALA IB 31 48.91 -85.79 8.04
C ALA IB 31 50.15 -86.10 7.21
N GLU IB 32 51.25 -85.39 7.49
CA GLU IB 32 52.48 -85.61 6.75
C GLU IB 32 53.00 -87.02 6.94
N LYS IB 33 52.69 -87.66 8.07
CA LYS IB 33 53.07 -89.06 8.24
C LYS IB 33 52.35 -89.96 7.24
N ALA IB 34 51.05 -89.71 7.03
CA ALA IB 34 50.32 -90.43 5.98
C ALA IB 34 50.97 -90.20 4.63
N LYS IB 35 51.32 -88.95 4.34
CA LYS IB 35 51.90 -88.64 3.03
C LYS IB 35 53.23 -89.34 2.82
N ILE IB 36 54.08 -89.36 3.85
CA ILE IB 36 55.38 -90.02 3.73
C ILE IB 36 55.19 -91.53 3.57
N GLU IB 37 54.20 -92.11 4.25
CA GLU IB 37 53.91 -93.53 4.04
C GLU IB 37 53.53 -93.79 2.59
N LYS IB 38 52.63 -92.96 2.05
CA LYS IB 38 52.26 -93.12 0.64
C LYS IB 38 53.49 -93.03 -0.26
N ALA IB 39 54.31 -92.00 -0.04
CA ALA IB 39 55.45 -91.78 -0.93
C ALA IB 39 56.48 -92.91 -0.83
N ILE IB 40 56.66 -93.47 0.36
CA ILE IB 40 57.59 -94.60 0.49
C ILE IB 40 56.99 -95.84 -0.12
N GLN IB 41 55.66 -95.93 -0.21
CA GLN IB 41 55.06 -97.01 -0.98
C GLN IB 41 55.31 -96.84 -2.47
N LYS IB 42 55.09 -95.63 -3.00
CA LYS IB 42 55.33 -95.37 -4.41
C LYS IB 42 56.79 -95.48 -4.81
N GLY IB 43 57.71 -95.49 -3.83
CA GLY IB 43 59.12 -95.56 -4.11
C GLY IB 43 59.83 -94.23 -4.20
N ASN IB 44 59.11 -93.11 -4.10
CA ASN IB 44 59.74 -91.79 -4.17
C ASN IB 44 60.59 -91.57 -2.93
N MET IB 45 61.91 -91.55 -3.11
CA MET IB 45 62.81 -91.27 -2.00
C MET IB 45 62.86 -89.79 -1.68
N GLU IB 46 62.86 -88.93 -2.70
CA GLU IB 46 62.98 -87.49 -2.48
C GLU IB 46 61.71 -86.92 -1.85
N VAL IB 47 60.55 -87.35 -2.32
CA VAL IB 47 59.31 -86.88 -1.71
C VAL IB 47 59.18 -87.41 -0.30
N ALA IB 48 59.66 -88.63 -0.05
CA ALA IB 48 59.67 -89.15 1.31
C ALA IB 48 60.58 -88.30 2.21
N ARG IB 49 61.73 -87.90 1.69
CA ARG IB 49 62.60 -87.00 2.44
C ARG IB 49 61.91 -85.69 2.76
N ILE IB 50 61.24 -85.11 1.76
CA ILE IB 50 60.55 -83.84 1.96
C ILE IB 50 59.50 -83.98 3.05
N HIS IB 51 58.66 -85.01 2.94
CA HIS IB 51 57.57 -85.17 3.90
C HIS IB 51 58.10 -85.53 5.29
N ALA IB 52 59.23 -86.24 5.36
CA ALA IB 52 59.85 -86.52 6.66
C ALA IB 52 60.36 -85.23 7.30
N GLU IB 53 61.01 -84.38 6.51
CA GLU IB 53 61.45 -83.08 7.01
C GLU IB 53 60.25 -82.29 7.53
N ASN IB 54 59.17 -82.25 6.76
CA ASN IB 54 57.98 -81.53 7.18
C ASN IB 54 57.43 -82.09 8.49
N ALA IB 55 57.36 -83.41 8.60
CA ALA IB 55 56.78 -84.03 9.80
C ALA IB 55 57.64 -83.75 11.02
N ILE IB 56 58.95 -83.92 10.91
CA ILE IB 56 59.85 -83.66 12.03
C ILE IB 56 59.76 -82.19 12.43
N ARG IB 57 59.76 -81.29 11.44
CA ARG IB 57 59.67 -79.87 11.73
C ARG IB 57 58.37 -79.54 12.46
N GLN IB 58 57.25 -80.10 12.00
CA GLN IB 58 55.97 -79.83 12.64
C GLN IB 58 55.95 -80.37 14.06
N LYS IB 59 56.49 -81.55 14.28
CA LYS IB 59 56.57 -82.11 15.62
C LYS IB 59 57.36 -81.19 16.55
N ASN IB 60 58.57 -80.82 16.13
CA ASN IB 60 59.42 -80.00 16.98
C ASN IB 60 58.79 -78.63 17.24
N GLN IB 61 58.22 -78.01 16.20
CA GLN IB 61 57.64 -76.69 16.39
C GLN IB 61 56.36 -76.76 17.21
N ALA IB 62 55.64 -77.88 17.16
CA ALA IB 62 54.48 -78.05 18.03
C ALA IB 62 54.91 -78.16 19.48
N VAL IB 63 55.96 -78.93 19.75
CA VAL IB 63 56.48 -79.01 21.12
C VAL IB 63 56.93 -77.63 21.59
N ASN IB 64 57.62 -76.89 20.72
CA ASN IB 64 58.09 -75.56 21.08
C ASN IB 64 56.92 -74.61 21.37
N PHE IB 65 55.89 -74.64 20.51
CA PHE IB 65 54.72 -73.81 20.73
C PHE IB 65 54.04 -74.17 22.03
N LEU IB 66 54.00 -75.47 22.38
CA LEU IB 66 53.35 -75.88 23.61
C LEU IB 66 54.11 -75.35 24.83
N ARG IB 67 55.42 -75.52 24.84
CA ARG IB 67 56.22 -74.98 25.94
C ARG IB 67 56.08 -73.47 26.03
N MET IB 68 56.11 -72.80 24.88
CA MET IB 68 55.98 -71.34 24.85
C MET IB 68 54.64 -70.90 25.40
N SER IB 69 53.56 -71.58 25.01
CA SER IB 69 52.25 -71.26 25.54
C SER IB 69 52.17 -71.51 27.03
N ALA IB 70 52.83 -72.55 27.53
CA ALA IB 70 52.87 -72.77 28.96
C ALA IB 70 53.54 -71.60 29.68
N ARG IB 71 54.67 -71.13 29.15
CA ARG IB 71 55.37 -70.00 29.75
C ARG IB 71 54.48 -68.76 29.76
N VAL IB 72 53.85 -68.46 28.62
CA VAL IB 72 53.00 -67.27 28.54
C VAL IB 72 51.80 -67.43 29.46
N ASP IB 73 51.30 -68.66 29.63
CA ASP IB 73 50.19 -68.89 30.54
C ASP IB 73 50.60 -68.59 31.98
N ALA IB 74 51.79 -69.04 32.38
CA ALA IB 74 52.28 -68.73 33.71
C ALA IB 74 52.39 -67.22 33.90
N VAL IB 75 52.98 -66.52 32.93
CA VAL IB 75 53.15 -65.08 33.05
C VAL IB 75 51.79 -64.39 33.12
N ALA IB 76 50.83 -64.83 32.32
CA ALA IB 76 49.52 -64.19 32.30
C ALA IB 76 48.76 -64.45 33.59
N ALA IB 77 48.89 -65.65 34.16
CA ALA IB 77 48.28 -65.91 35.45
C ALA IB 77 48.87 -65.00 36.52
N ARG IB 78 50.20 -64.83 36.49
CA ARG IB 78 50.84 -63.93 37.44
C ARG IB 78 50.34 -62.51 37.28
N VAL IB 79 50.20 -62.04 36.04
CA VAL IB 79 49.77 -60.68 35.80
C VAL IB 79 48.31 -60.50 36.20
N GLN IB 80 47.48 -61.53 35.99
CA GLN IB 80 46.08 -61.45 36.40
C GLN IB 80 45.97 -61.39 37.91
N THR IB 81 46.76 -62.20 38.61
CA THR IB 81 46.84 -62.09 40.06
C THR IB 81 47.24 -60.68 40.48
N ALA IB 82 48.24 -60.11 39.81
CA ALA IB 82 48.69 -58.76 40.16
C ALA IB 82 47.59 -57.75 39.93
N VAL IB 83 46.82 -57.88 38.85
CA VAL IB 83 45.75 -56.93 38.56
C VAL IB 83 44.68 -57.01 39.63
N THR IB 84 44.24 -58.23 39.95
CA THR IB 84 43.21 -58.39 40.96
C THR IB 84 43.67 -57.85 42.31
N MET IB 85 44.92 -58.15 42.67
CA MET IB 85 45.44 -57.66 43.95
C MET IB 85 45.61 -56.14 43.94
N GLY IB 86 45.89 -55.56 42.78
CA GLY IB 86 45.96 -54.10 42.69
C GLY IB 86 44.60 -53.47 42.91
N LYS IB 87 43.56 -54.06 42.30
CA LYS IB 87 42.21 -53.59 42.57
C LYS IB 87 41.88 -53.70 44.06
N VAL IB 88 42.23 -54.83 44.67
CA VAL IB 88 41.94 -55.03 46.09
C VAL IB 88 42.69 -54.00 46.94
N THR IB 89 43.96 -53.76 46.61
CA THR IB 89 44.76 -52.81 47.38
C THR IB 89 44.22 -51.40 47.23
N LYS IB 90 43.81 -51.02 46.02
CA LYS IB 90 43.21 -49.71 45.82
C LYS IB 90 41.92 -49.56 46.63
N SER IB 91 41.08 -50.60 46.61
CA SER IB 91 39.83 -50.54 47.37
C SER IB 91 40.11 -50.43 48.86
N MET IB 92 41.11 -51.15 49.36
CA MET IB 92 41.41 -51.10 50.78
C MET IB 92 42.05 -49.78 51.17
N ALA IB 93 42.81 -49.15 50.25
CA ALA IB 93 43.31 -47.81 50.52
C ALA IB 93 42.18 -46.81 50.60
N GLY IB 94 41.23 -46.87 49.66
CA GLY IB 94 40.06 -46.01 49.74
C GLY IB 94 39.29 -46.21 51.03
N VAL IB 95 39.11 -47.48 51.43
CA VAL IB 95 38.41 -47.77 52.67
C VAL IB 95 39.17 -47.20 53.86
N VAL IB 96 40.50 -47.32 53.85
CA VAL IB 96 41.29 -46.78 54.94
C VAL IB 96 41.12 -45.27 55.03
N LYS IB 97 41.14 -44.59 53.89
CA LYS IB 97 40.96 -43.14 53.89
C LYS IB 97 39.60 -42.76 54.44
N SER IB 98 38.54 -43.40 53.95
CA SER IB 98 37.20 -43.07 54.40
C SER IB 98 37.03 -43.36 55.89
N MET IB 99 37.51 -44.52 56.34
CA MET IB 99 37.40 -44.86 57.76
C MET IB 99 38.24 -43.92 58.62
N ASP IB 100 39.38 -43.45 58.11
CA ASP IB 100 40.17 -42.49 58.84
C ASP IB 100 39.39 -41.20 59.04
N ALA IB 101 38.84 -40.65 57.95
CA ALA IB 101 38.02 -39.45 58.07
C ALA IB 101 36.89 -39.65 59.07
N THR IB 102 36.18 -40.77 58.94
CA THR IB 102 35.02 -41.01 59.81
C THR IB 102 35.44 -41.14 61.27
N LEU IB 103 36.35 -42.06 61.56
CA LEU IB 103 36.81 -42.26 62.93
C LEU IB 103 37.46 -41.01 63.51
N LYS IB 104 37.93 -40.10 62.66
CA LYS IB 104 38.35 -38.80 63.16
C LYS IB 104 37.15 -37.95 63.56
N THR IB 105 36.12 -37.94 62.70
CA THR IB 105 34.91 -37.20 63.03
C THR IB 105 34.12 -37.90 64.15
N MET IB 106 33.81 -39.18 63.96
CA MET IB 106 33.05 -39.97 64.91
C MET IB 106 34.01 -40.92 65.62
N ASN IB 107 34.64 -40.42 66.69
CA ASN IB 107 35.60 -41.21 67.44
C ASN IB 107 34.90 -41.91 68.61
N LEU IB 108 35.68 -42.65 69.39
CA LEU IB 108 35.11 -43.46 70.46
C LEU IB 108 34.55 -42.58 71.58
N GLU IB 109 35.23 -41.48 71.88
CA GLU IB 109 34.70 -40.56 72.89
C GLU IB 109 33.34 -40.03 72.48
N LYS IB 110 33.25 -39.48 71.27
CA LYS IB 110 31.99 -38.91 70.80
C LYS IB 110 30.91 -39.97 70.69
N ILE IB 111 31.28 -41.17 70.24
CA ILE IB 111 30.30 -42.24 70.08
C ILE IB 111 29.76 -42.65 71.45
N SER IB 112 30.65 -42.83 72.43
CA SER IB 112 30.21 -43.21 73.77
C SER IB 112 29.31 -42.14 74.36
N ALA IB 113 29.68 -40.87 74.22
CA ALA IB 113 28.86 -39.79 74.75
C ALA IB 113 27.50 -39.76 74.05
N LEU IB 114 27.50 -39.92 72.74
CA LEU IB 114 26.26 -39.93 71.97
C LEU IB 114 25.35 -41.06 72.42
N MET IB 115 25.92 -42.21 72.75
CA MET IB 115 25.11 -43.34 73.15
C MET IB 115 24.59 -43.19 74.57
N ASP IB 116 25.40 -42.64 75.46
CA ASP IB 116 24.89 -42.30 76.78
C ASP IB 116 23.74 -41.32 76.66
N LYS IB 117 23.86 -40.35 75.76
CA LYS IB 117 22.79 -39.38 75.53
C LYS IB 117 21.55 -40.05 74.98
N PHE IB 118 21.71 -40.96 74.02
CA PHE IB 118 20.57 -41.71 73.49
C PHE IB 118 19.85 -42.45 74.60
N GLU IB 119 20.60 -43.19 75.42
CA GLU IB 119 20.01 -43.96 76.51
C GLU IB 119 19.26 -43.04 77.47
N HIS IB 120 19.88 -41.93 77.86
CA HIS IB 120 19.24 -41.05 78.83
C HIS IB 120 18.00 -40.39 78.24
N GLN IB 121 18.07 -39.98 76.97
CA GLN IB 121 16.92 -39.36 76.32
C GLN IB 121 15.75 -40.33 76.25
N PHE IB 122 16.02 -41.59 75.91
CA PHE IB 122 14.92 -42.54 75.81
C PHE IB 122 14.45 -43.03 77.16
N GLU IB 123 15.28 -42.96 78.19
CA GLU IB 123 14.79 -43.17 79.56
C GLU IB 123 13.84 -42.04 79.96
N THR IB 124 14.23 -40.79 79.69
CA THR IB 124 13.33 -39.67 79.91
C THR IB 124 12.03 -39.87 79.14
N LEU IB 125 12.13 -40.41 77.93
CA LEU IB 125 10.93 -40.68 77.14
C LEU IB 125 10.10 -41.79 77.76
N ASP IB 126 10.78 -42.73 78.42
CA ASP IB 126 10.09 -43.84 79.15
C ASP IB 126 9.25 -43.21 80.28
N VAL IB 127 9.83 -42.23 80.98
CA VAL IB 127 9.15 -41.55 82.09
C VAL IB 127 7.98 -40.73 81.56
N GLN IB 128 8.21 -39.99 80.47
CA GLN IB 128 7.14 -39.23 79.84
C GLN IB 128 6.00 -40.13 79.41
N THR IB 129 6.32 -41.27 78.82
CA THR IB 129 5.28 -42.19 78.37
C THR IB 129 4.47 -42.70 79.54
N GLN IB 130 5.14 -43.10 80.63
CA GLN IB 130 4.42 -43.59 81.80
C GLN IB 130 3.48 -42.53 82.36
N GLN IB 131 3.98 -41.31 82.53
CA GLN IB 131 3.15 -40.25 83.09
C GLN IB 131 1.99 -39.90 82.16
N MET IB 132 2.31 -39.76 80.87
CA MET IB 132 1.29 -39.48 79.86
C MET IB 132 0.21 -40.56 79.87
N GLU IB 133 0.60 -41.81 80.08
CA GLU IB 133 -0.37 -42.89 80.08
C GLU IB 133 -1.23 -42.87 81.33
N ASP IB 134 -0.60 -42.61 82.49
CA ASP IB 134 -1.35 -42.42 83.71
C ASP IB 134 -2.44 -41.35 83.51
N THR IB 135 -2.05 -40.22 82.91
CA THR IB 135 -3.03 -39.15 82.72
C THR IB 135 -4.09 -39.53 81.69
N MET IB 136 -3.69 -40.11 80.57
CA MET IB 136 -4.64 -40.56 79.57
C MET IB 136 -5.69 -41.48 80.19
N SER IB 137 -5.25 -42.37 81.08
CA SER IB 137 -6.19 -43.29 81.72
C SER IB 137 -7.07 -42.54 82.71
N SER IB 138 -6.49 -41.63 83.49
CA SER IB 138 -7.29 -40.88 84.45
C SER IB 138 -8.34 -40.01 83.77
N THR IB 139 -8.09 -39.61 82.53
CA THR IB 139 -9.06 -38.78 81.82
C THR IB 139 -10.35 -39.55 81.56
N THR IB 140 -10.24 -40.79 81.13
CA THR IB 140 -11.38 -41.62 80.74
C THR IB 140 -11.50 -42.77 81.73
N THR IB 141 -12.18 -42.52 82.84
CA THR IB 141 -12.44 -43.53 83.85
C THR IB 141 -13.91 -43.84 84.05
N LEU IB 142 -14.81 -42.95 83.62
CA LEU IB 142 -16.23 -43.19 83.74
C LEU IB 142 -16.80 -43.95 82.56
N THR IB 143 -16.09 -43.99 81.43
CA THR IB 143 -16.47 -44.82 80.30
C THR IB 143 -15.95 -46.24 80.45
N THR IB 144 -14.89 -46.44 81.23
CA THR IB 144 -14.28 -47.75 81.44
C THR IB 144 -14.19 -48.01 82.94
N PRO IB 145 -15.29 -48.41 83.57
CA PRO IB 145 -15.23 -48.76 85.00
C PRO IB 145 -14.50 -50.07 85.21
N GLN IB 146 -13.63 -50.08 86.23
CA GLN IB 146 -12.86 -51.29 86.54
C GLN IB 146 -13.79 -52.45 86.87
N ASN IB 147 -14.88 -52.18 87.58
CA ASN IB 147 -15.80 -53.24 87.97
C ASN IB 147 -16.40 -53.92 86.74
N GLN IB 148 -16.81 -53.13 85.75
CA GLN IB 148 -17.42 -53.71 84.55
C GLN IB 148 -16.42 -54.56 83.79
N VAL IB 149 -15.17 -54.11 83.69
CA VAL IB 149 -14.16 -54.87 82.99
C VAL IB 149 -13.88 -56.18 83.72
N ASP IB 150 -13.76 -56.13 85.05
CA ASP IB 150 -13.58 -57.34 85.83
C ASP IB 150 -14.72 -58.32 85.61
N MET IB 151 -15.96 -57.81 85.64
CA MET IB 151 -17.11 -58.69 85.45
C MET IB 151 -17.12 -59.30 84.06
N LEU IB 152 -16.81 -58.51 83.03
CA LEU IB 152 -16.77 -59.05 81.68
C LEU IB 152 -15.71 -60.15 81.57
N LEU IB 153 -14.55 -59.93 82.15
CA LEU IB 153 -13.50 -60.95 82.09
C LEU IB 153 -13.94 -62.21 82.82
N GLN IB 154 -14.56 -62.06 83.99
CA GLN IB 154 -15.02 -63.22 84.73
C GLN IB 154 -16.06 -64.00 83.93
N GLU IB 155 -17.01 -63.30 83.31
CA GLU IB 155 -18.04 -63.99 82.54
C GLU IB 155 -17.44 -64.69 81.33
N MET IB 156 -16.52 -64.03 80.62
CA MET IB 156 -15.91 -64.65 79.44
C MET IB 156 -15.09 -65.87 79.85
N ALA IB 157 -14.37 -65.79 80.97
CA ALA IB 157 -13.63 -66.95 81.45
C ALA IB 157 -14.57 -68.09 81.79
N ASP IB 158 -15.56 -67.83 82.64
CA ASP IB 158 -16.48 -68.88 83.05
C ASP IB 158 -17.17 -69.51 81.85
N GLU IB 159 -17.50 -68.71 80.83
CA GLU IB 159 -18.08 -69.27 79.62
C GLU IB 159 -17.06 -70.16 78.90
N ALA IB 160 -15.82 -69.68 78.77
CA ALA IB 160 -14.78 -70.50 78.17
C ALA IB 160 -14.35 -71.65 79.07
N GLY IB 161 -14.81 -71.68 80.32
CA GLY IB 161 -14.44 -72.72 81.26
C GLY IB 161 -13.05 -72.61 81.82
N LEU IB 162 -12.19 -71.75 81.25
CA LEU IB 162 -10.81 -71.64 81.67
C LEU IB 162 -10.72 -70.78 82.92
N ASP IB 163 -9.49 -70.44 83.32
CA ASP IB 163 -9.25 -69.55 84.45
C ASP IB 163 -8.16 -68.56 84.06
N LEU IB 164 -8.09 -67.47 84.81
CA LEU IB 164 -7.19 -66.37 84.52
C LEU IB 164 -6.13 -66.27 85.61
N ASN IB 165 -4.87 -66.32 85.21
CA ASN IB 165 -3.75 -66.20 86.14
C ASN IB 165 -2.78 -65.13 85.68
N GLU IB 187 -18.62 -52.70 98.61
CA GLU IB 187 -17.98 -53.87 99.20
C GLU IB 187 -16.93 -53.43 100.23
N LEU IB 188 -15.66 -53.40 99.81
CA LEU IB 188 -14.60 -52.94 100.70
C LEU IB 188 -14.79 -51.48 101.07
N SER IB 189 -15.34 -50.68 100.15
CA SER IB 189 -15.50 -49.25 100.41
C SER IB 189 -16.37 -49.01 101.64
N GLN IB 190 -17.37 -49.86 101.87
CA GLN IB 190 -18.23 -49.69 103.03
C GLN IB 190 -17.47 -49.95 104.32
N ARG IB 191 -16.65 -51.01 104.35
CA ARG IB 191 -15.84 -51.28 105.52
C ARG IB 191 -14.85 -50.14 105.77
N LEU IB 192 -14.27 -49.60 104.69
CA LEU IB 192 -13.33 -48.49 104.85
C LEU IB 192 -14.05 -47.24 105.37
N ALA IB 193 -15.29 -47.01 104.94
CA ALA IB 193 -16.03 -45.87 105.44
C ALA IB 193 -16.39 -46.05 106.91
N ARG IB 194 -16.82 -47.25 107.30
CA ARG IB 194 -17.09 -47.52 108.71
C ARG IB 194 -15.83 -47.33 109.54
N LEU IB 195 -14.68 -47.73 109.01
CA LEU IB 195 -13.42 -47.50 109.71
C LEU IB 195 -13.10 -46.01 109.79
N ARG IB 196 -13.43 -45.27 108.74
CA ARG IB 196 -13.19 -43.83 108.73
C ARG IB 196 -14.04 -43.13 109.79
N ASP IB 197 -15.27 -43.59 109.97
CA ASP IB 197 -16.12 -43.01 111.02
C ASP IB 197 -15.48 -43.20 112.39
N GLN IB 198 -14.75 -44.29 112.59
CA GLN IB 198 -14.06 -44.55 113.85
C GLN IB 198 -15.02 -44.53 115.03
N PHE JB 6 -22.42 -7.51 93.93
CA PHE JB 6 -22.98 -8.84 94.07
C PHE JB 6 -24.10 -9.06 93.06
N LYS JB 7 -24.02 -10.19 92.35
CA LYS JB 7 -25.02 -10.61 91.32
C LYS JB 7 -25.68 -11.91 91.79
N ALA JB 8 -27.01 -11.98 91.75
CA ALA JB 8 -27.71 -13.16 92.24
C ALA JB 8 -27.65 -14.31 91.23
N GLU JB 9 -28.04 -14.05 89.98
CA GLU JB 9 -28.06 -15.11 88.98
C GLU JB 9 -26.67 -15.69 88.76
N ARG JB 10 -25.63 -14.85 88.86
CA ARG JB 10 -24.27 -15.36 88.79
C ARG JB 10 -24.02 -16.39 89.89
N LEU JB 11 -24.44 -16.07 91.11
CA LEU JB 11 -24.28 -17.00 92.22
C LEU JB 11 -25.05 -18.29 91.98
N ARG JB 12 -26.28 -18.17 91.47
CA ARG JB 12 -27.08 -19.35 91.17
C ARG JB 12 -26.38 -20.26 90.17
N VAL JB 13 -25.92 -19.68 89.06
CA VAL JB 13 -25.27 -20.46 88.02
C VAL JB 13 -23.99 -21.10 88.55
N ASN JB 14 -23.20 -20.34 89.32
CA ASN JB 14 -21.98 -20.90 89.86
C ASN JB 14 -22.26 -22.02 90.86
N LEU JB 15 -23.35 -21.92 91.61
CA LEU JB 15 -23.71 -22.99 92.54
C LEU JB 15 -24.07 -24.27 91.77
N ARG JB 16 -24.88 -24.13 90.72
CA ARG JB 16 -25.21 -25.30 89.91
C ARG JB 16 -23.96 -25.92 89.30
N LEU JB 17 -23.06 -25.09 88.80
CA LEU JB 17 -21.81 -25.58 88.21
C LEU JB 17 -20.97 -26.30 89.26
N VAL JB 18 -20.89 -25.74 90.47
CA VAL JB 18 -20.13 -26.37 91.54
C VAL JB 18 -20.72 -27.73 91.87
N ILE JB 19 -22.05 -27.82 91.91
CA ILE JB 19 -22.70 -29.10 92.19
C ILE JB 19 -22.30 -30.14 91.16
N ASN JB 20 -22.44 -29.78 89.87
CA ASN JB 20 -22.10 -30.73 88.81
C ASN JB 20 -20.63 -31.14 88.89
N ARG JB 21 -19.74 -30.16 89.09
CA ARG JB 21 -18.31 -30.45 89.16
C ARG JB 21 -18.01 -31.38 90.32
N LEU JB 22 -18.64 -31.16 91.48
CA LEU JB 22 -18.41 -32.03 92.63
C LEU JB 22 -18.89 -33.45 92.35
N LYS JB 23 -20.03 -33.58 91.68
CA LYS JB 23 -20.50 -34.92 91.30
C LYS JB 23 -19.46 -35.63 90.45
N LEU JB 24 -19.02 -34.99 89.36
CA LEU JB 24 -18.03 -35.60 88.49
C LEU JB 24 -16.77 -35.97 89.26
N LEU JB 25 -16.29 -35.05 90.11
CA LEU JB 25 -15.04 -35.26 90.82
C LEU JB 25 -15.16 -36.43 91.79
N GLU JB 26 -16.24 -36.50 92.55
CA GLU JB 26 -16.37 -37.61 93.50
C GLU JB 26 -16.49 -38.94 92.78
N LYS JB 27 -17.22 -38.98 91.66
CA LYS JB 27 -17.27 -40.20 90.86
C LYS JB 27 -15.87 -40.66 90.47
N LYS JB 28 -15.14 -39.81 89.76
CA LYS JB 28 -13.85 -40.24 89.24
C LYS JB 28 -12.85 -40.48 90.36
N LYS JB 29 -13.01 -39.81 91.50
CA LYS JB 29 -12.12 -40.04 92.63
C LYS JB 29 -12.40 -41.39 93.27
N THR JB 30 -13.66 -41.80 93.34
CA THR JB 30 -13.98 -43.15 93.79
C THR JB 30 -13.33 -44.19 92.89
N GLU JB 31 -13.42 -43.99 91.58
CA GLU JB 31 -12.81 -44.93 90.65
C GLU JB 31 -11.30 -45.00 90.85
N LEU JB 32 -10.64 -43.84 90.85
CA LEU JB 32 -9.19 -43.80 91.07
C LEU JB 32 -8.82 -44.41 92.41
N ALA JB 33 -9.69 -44.27 93.42
CA ALA JB 33 -9.41 -44.85 94.72
C ALA JB 33 -9.44 -46.36 94.65
N GLN JB 34 -10.41 -46.92 93.93
CA GLN JB 34 -10.39 -48.38 93.70
C GLN JB 34 -9.07 -48.81 93.09
N LYS JB 35 -8.67 -48.13 92.00
CA LYS JB 35 -7.45 -48.55 91.31
C LYS JB 35 -6.21 -48.43 92.20
N ALA JB 36 -6.11 -47.34 92.96
CA ALA JB 36 -4.94 -47.15 93.81
C ALA JB 36 -4.97 -48.08 95.02
N ARG JB 37 -6.16 -48.50 95.45
CA ARG JB 37 -6.23 -49.55 96.47
C ARG JB 37 -5.68 -50.85 95.93
N LYS JB 38 -6.03 -51.20 94.69
CA LYS JB 38 -5.41 -52.36 94.06
C LYS JB 38 -3.89 -52.21 94.03
N GLU JB 39 -3.41 -51.00 93.72
CA GLU JB 39 -1.97 -50.77 93.70
C GLU JB 39 -1.35 -51.00 95.09
N ILE JB 40 -2.03 -50.55 96.14
CA ILE JB 40 -1.51 -50.75 97.49
C ILE JB 40 -1.50 -52.23 97.83
N ALA JB 41 -2.51 -52.97 97.39
CA ALA JB 41 -2.50 -54.42 97.58
C ALA JB 41 -1.28 -55.05 96.92
N ASP JB 42 -1.00 -54.64 95.69
CA ASP JB 42 0.19 -55.13 95.01
C ASP JB 42 1.45 -54.78 95.79
N TYR JB 43 1.52 -53.55 96.31
CA TYR JB 43 2.67 -53.14 97.10
C TYR JB 43 2.85 -54.04 98.33
N LEU JB 44 1.73 -54.37 98.98
CA LEU JB 44 1.80 -55.23 100.18
C LEU JB 44 2.17 -56.65 99.81
N ALA JB 45 1.84 -57.10 98.59
CA ALA JB 45 2.26 -58.42 98.16
C ALA JB 45 3.76 -58.60 98.33
N ALA JB 46 4.53 -57.58 97.98
CA ALA JB 46 5.96 -57.59 98.21
C ALA JB 46 6.25 -57.24 99.67
N GLY JB 47 7.54 -57.22 100.02
CA GLY JB 47 7.94 -56.88 101.38
C GLY JB 47 7.88 -55.40 101.69
N LYS JB 48 7.62 -54.56 100.70
CA LYS JB 48 7.54 -53.11 100.91
C LYS JB 48 6.32 -52.79 101.77
N ASP JB 49 6.56 -52.32 102.99
CA ASP JB 49 5.50 -52.00 103.93
C ASP JB 49 5.45 -50.51 104.27
N GLU JB 50 6.60 -49.90 104.60
CA GLU JB 50 6.62 -48.50 104.97
C GLU JB 50 6.19 -47.59 103.82
N ARG JB 51 6.20 -48.09 102.60
CA ARG JB 51 5.76 -47.35 101.42
C ARG JB 51 4.25 -47.45 101.22
N ALA JB 52 3.69 -48.65 101.47
CA ALA JB 52 2.24 -48.80 101.40
C ALA JB 52 1.53 -47.89 102.38
N ARG JB 53 2.19 -47.54 103.49
CA ARG JB 53 1.59 -46.60 104.43
C ARG JB 53 1.45 -45.22 103.80
N ILE JB 54 2.46 -44.79 103.03
CA ILE JB 54 2.35 -43.52 102.33
C ILE JB 54 1.24 -43.57 101.28
N ARG JB 55 1.19 -44.67 100.53
CA ARG JB 55 0.15 -44.80 99.51
C ARG JB 55 -1.24 -44.75 100.15
N VAL JB 56 -1.42 -45.43 101.28
CA VAL JB 56 -2.74 -45.44 101.90
C VAL JB 56 -3.02 -44.10 102.57
N GLU JB 57 -1.99 -43.35 102.95
CA GLU JB 57 -2.20 -41.96 103.36
C GLU JB 57 -2.80 -41.17 102.21
N HIS JB 58 -2.22 -41.29 101.02
CA HIS JB 58 -2.83 -40.72 99.83
C HIS JB 58 -4.30 -41.11 99.73
N ILE JB 59 -4.59 -42.40 99.88
CA ILE JB 59 -5.95 -42.91 99.68
C ILE JB 59 -6.91 -42.28 100.67
N ILE JB 60 -6.55 -42.27 101.95
CA ILE JB 60 -7.48 -41.78 102.96
C ILE JB 60 -7.62 -40.27 102.88
N ARG JB 61 -6.57 -39.57 102.46
CA ARG JB 61 -6.72 -38.16 102.13
C ARG JB 61 -7.77 -37.96 101.04
N GLU JB 62 -7.67 -38.74 99.97
CA GLU JB 62 -8.64 -38.63 98.89
C GLU JB 62 -10.06 -38.97 99.37
N ASP JB 63 -10.18 -39.92 100.29
CA ASP JB 63 -11.50 -40.30 100.79
C ASP JB 63 -12.11 -39.20 101.66
N TYR JB 64 -11.30 -38.65 102.58
CA TYR JB 64 -11.72 -37.45 103.30
C TYR JB 64 -12.19 -36.38 102.32
N LEU JB 65 -11.44 -36.20 101.23
CA LEU JB 65 -11.78 -35.18 100.26
C LEU JB 65 -13.12 -35.45 99.60
N VAL JB 66 -13.38 -36.72 99.25
CA VAL JB 66 -14.65 -37.07 98.63
C VAL JB 66 -15.80 -36.82 99.59
N GLU JB 67 -15.62 -37.19 100.86
CA GLU JB 67 -16.68 -36.93 101.84
C GLU JB 67 -16.93 -35.43 102.00
N ALA JB 68 -15.85 -34.65 102.04
CA ALA JB 68 -16.00 -33.20 102.15
C ALA JB 68 -16.72 -32.64 100.93
N MET JB 69 -16.42 -33.17 99.75
CA MET JB 69 -17.10 -32.72 98.54
C MET JB 69 -18.59 -33.08 98.58
N GLU JB 70 -18.92 -34.25 99.14
CA GLU JB 70 -20.32 -34.59 99.32
C GLU JB 70 -21.02 -33.57 100.23
N ILE JB 71 -20.39 -33.24 101.35
CA ILE JB 71 -20.97 -32.26 102.28
C ILE JB 71 -21.14 -30.92 101.58
N LEU JB 72 -20.14 -30.51 100.79
CA LEU JB 72 -20.21 -29.21 100.13
C LEU JB 72 -21.29 -29.20 99.07
N GLU JB 73 -21.44 -30.29 98.32
CA GLU JB 73 -22.54 -30.41 97.38
C GLU JB 73 -23.88 -30.28 98.10
N LEU JB 74 -24.02 -30.95 99.25
CA LEU JB 74 -25.21 -30.81 100.06
C LEU JB 74 -25.49 -29.36 100.39
N TYR JB 75 -24.47 -28.65 100.87
CA TYR JB 75 -24.67 -27.26 101.30
C TYR JB 75 -25.00 -26.34 100.12
N CYS JB 76 -24.32 -26.55 98.99
CA CYS JB 76 -24.63 -25.76 97.81
C CYS JB 76 -26.07 -25.97 97.37
N ASP JB 77 -26.52 -27.23 97.35
CA ASP JB 77 -27.91 -27.49 97.00
C ASP JB 77 -28.86 -26.88 98.02
N LEU JB 78 -28.47 -26.85 99.30
CA LEU JB 78 -29.31 -26.21 100.31
C LEU JB 78 -29.48 -24.73 100.01
N LEU JB 79 -28.36 -24.05 99.73
CA LEU JB 79 -28.45 -22.64 99.35
C LEU JB 79 -29.31 -22.46 98.10
N LEU JB 80 -29.15 -23.35 97.13
CA LEU JB 80 -29.89 -23.25 95.88
C LEU JB 80 -31.38 -23.51 96.08
N ALA JB 81 -31.76 -24.27 97.10
CA ALA JB 81 -33.16 -24.50 97.41
C ALA JB 81 -33.78 -23.33 98.16
N ARG JB 82 -32.98 -22.56 98.88
CA ARG JB 82 -33.44 -21.41 99.65
C ARG JB 82 -32.82 -20.12 99.09
N PHE JB 83 -32.80 -20.01 97.76
CA PHE JB 83 -32.17 -18.86 97.11
C PHE JB 83 -33.01 -17.61 97.28
N GLY JB 84 -34.33 -17.73 97.16
CA GLY JB 84 -35.18 -16.59 97.40
C GLY JB 84 -34.98 -16.01 98.79
N LEU JB 85 -34.79 -16.87 99.79
CA LEU JB 85 -34.53 -16.39 101.14
C LEU JB 85 -33.19 -15.65 101.21
N ILE JB 86 -32.29 -15.92 100.26
CA ILE JB 86 -31.07 -15.13 100.16
C ILE JB 86 -31.37 -13.77 99.55
N GLN JB 87 -32.15 -13.74 98.47
CA GLN JB 87 -32.41 -12.48 97.77
C GLN JB 87 -33.26 -11.54 98.63
N SER JB 88 -34.21 -12.09 99.39
CA SER JB 88 -35.15 -11.24 100.13
C SER JB 88 -34.46 -10.53 101.28
N MET JB 89 -33.92 -11.29 102.23
CA MET JB 89 -33.26 -10.69 103.38
C MET JB 89 -31.95 -10.03 102.96
N LYS JB 90 -31.40 -9.22 103.87
CA LYS JB 90 -30.09 -8.63 103.71
C LYS JB 90 -29.03 -9.28 104.57
N GLU JB 91 -29.41 -9.80 105.73
CA GLU JB 91 -28.54 -10.58 106.60
C GLU JB 91 -29.01 -12.03 106.59
N LEU JB 92 -28.05 -12.96 106.53
CA LEU JB 92 -28.40 -14.37 106.46
C LEU JB 92 -29.06 -14.83 107.74
N ASP JB 93 -30.04 -15.72 107.61
CA ASP JB 93 -30.72 -16.29 108.76
C ASP JB 93 -29.91 -17.46 109.31
N SER JB 94 -30.45 -18.11 110.35
CA SER JB 94 -29.75 -19.22 110.97
C SER JB 94 -29.71 -20.44 110.05
N GLY JB 95 -30.78 -20.68 109.30
CA GLY JB 95 -30.84 -21.83 108.42
C GLY JB 95 -29.77 -21.84 107.34
N LEU JB 96 -29.19 -20.68 107.04
CA LEU JB 96 -28.16 -20.57 106.01
C LEU JB 96 -26.81 -20.17 106.56
N ALA JB 97 -26.67 -20.04 107.88
CA ALA JB 97 -25.38 -19.66 108.46
C ALA JB 97 -24.32 -20.71 108.16
N GLU JB 98 -24.64 -21.98 108.41
CA GLU JB 98 -23.66 -23.05 108.22
C GLU JB 98 -23.22 -23.14 106.76
N SER JB 99 -24.17 -23.15 105.84
CA SER JB 99 -23.83 -23.27 104.43
C SER JB 99 -22.90 -22.15 103.99
N VAL JB 100 -23.27 -20.90 104.29
CA VAL JB 100 -22.46 -19.77 103.87
C VAL JB 100 -21.08 -19.83 104.51
N SER JB 101 -21.04 -20.10 105.81
CA SER JB 101 -19.77 -20.13 106.53
C SER JB 101 -18.84 -21.17 105.92
N THR JB 102 -19.34 -22.39 105.72
CA THR JB 102 -18.49 -23.46 105.19
C THR JB 102 -18.08 -23.17 103.74
N LEU JB 103 -19.00 -22.66 102.93
CA LEU JB 103 -18.67 -22.39 101.54
C LEU JB 103 -17.69 -21.24 101.41
N ILE JB 104 -17.61 -20.35 102.40
CA ILE JB 104 -16.60 -19.31 102.37
C ILE JB 104 -15.27 -19.83 102.93
N TRP JB 105 -15.33 -20.74 103.90
CA TRP JB 105 -14.11 -21.22 104.53
C TRP JB 105 -13.39 -22.25 103.66
N ALA JB 106 -14.14 -23.10 102.97
CA ALA JB 106 -13.56 -24.18 102.18
C ALA JB 106 -13.16 -23.75 100.78
N ALA JB 107 -13.63 -22.61 100.32
CA ALA JB 107 -13.31 -22.17 98.96
C ALA JB 107 -11.81 -22.12 98.71
N PRO JB 108 -10.99 -21.44 99.52
CA PRO JB 108 -9.55 -21.46 99.27
C PRO JB 108 -8.94 -22.85 99.40
N ARG JB 109 -9.56 -23.73 100.18
CA ARG JB 109 -9.05 -25.09 100.30
C ARG JB 109 -9.20 -25.86 98.99
N LEU JB 110 -10.41 -25.88 98.44
CA LEU JB 110 -10.72 -26.60 97.22
C LEU JB 110 -10.73 -25.69 96.00
N GLN JB 111 -10.03 -24.56 96.05
CA GLN JB 111 -10.04 -23.63 94.93
C GLN JB 111 -9.41 -24.25 93.69
N SER JB 112 -8.43 -25.14 93.87
CA SER JB 112 -7.76 -25.75 92.72
C SER JB 112 -8.66 -26.79 92.06
N GLU JB 113 -9.31 -27.64 92.85
CA GLU JB 113 -10.19 -28.66 92.29
C GLU JB 113 -11.40 -28.02 91.62
N VAL JB 114 -12.15 -27.21 92.37
CA VAL JB 114 -13.36 -26.57 91.88
C VAL JB 114 -13.06 -25.07 91.80
N ALA JB 115 -13.07 -24.53 90.58
CA ALA JB 115 -12.79 -23.11 90.38
C ALA JB 115 -14.00 -22.26 90.73
N GLU JB 116 -15.18 -22.67 90.26
CA GLU JB 116 -16.40 -21.89 90.49
C GLU JB 116 -16.66 -21.65 91.98
N LEU JB 117 -16.10 -22.49 92.85
CA LEU JB 117 -16.29 -22.32 94.28
C LEU JB 117 -15.75 -20.98 94.75
N LYS JB 118 -14.67 -20.50 94.14
CA LYS JB 118 -14.14 -19.19 94.51
C LYS JB 118 -15.12 -18.08 94.14
N ILE JB 119 -15.79 -18.21 92.99
CA ILE JB 119 -16.80 -17.22 92.61
C ILE JB 119 -17.97 -17.27 93.57
N VAL JB 120 -18.36 -18.47 94.00
CA VAL JB 120 -19.42 -18.58 94.99
C VAL JB 120 -19.02 -17.86 96.28
N ALA JB 121 -17.79 -18.10 96.72
CA ALA JB 121 -17.29 -17.42 97.92
C ALA JB 121 -17.30 -15.92 97.73
N ASP JB 122 -16.95 -15.43 96.54
CA ASP JB 122 -16.99 -14.01 96.26
C ASP JB 122 -18.41 -13.46 96.44
N GLN JB 123 -19.37 -14.07 95.73
CA GLN JB 123 -20.75 -13.59 95.82
C GLN JB 123 -21.28 -13.65 97.24
N LEU JB 124 -20.80 -14.61 98.05
CA LEU JB 124 -21.25 -14.70 99.42
C LEU JB 124 -20.50 -13.77 100.37
N CYS JB 125 -19.34 -13.26 99.96
CA CYS JB 125 -18.62 -12.26 100.74
C CYS JB 125 -18.97 -10.84 100.31
N ALA JB 126 -19.30 -10.65 99.04
CA ALA JB 126 -19.68 -9.33 98.53
C ALA JB 126 -21.12 -8.97 98.87
N LYS JB 127 -21.92 -9.93 99.35
CA LYS JB 127 -23.30 -9.66 99.69
C LYS JB 127 -23.48 -9.23 101.15
N TYR JB 128 -22.53 -9.54 102.01
CA TYR JB 128 -22.64 -9.30 103.44
C TYR JB 128 -21.56 -8.32 103.89
N SER JB 129 -21.91 -7.52 104.89
CA SER JB 129 -20.98 -6.57 105.50
C SER JB 129 -20.77 -6.78 106.99
N LYS JB 130 -21.73 -7.40 107.68
CA LYS JB 130 -21.59 -7.69 109.11
C LYS JB 130 -20.55 -8.78 109.28
N GLU JB 131 -19.35 -8.39 109.72
CA GLU JB 131 -18.23 -9.31 109.88
C GLU JB 131 -17.88 -10.00 108.56
N TYR JB 132 -18.03 -9.28 107.46
CA TYR JB 132 -17.78 -9.81 106.12
C TYR JB 132 -16.65 -9.03 105.46
N GLY JB 133 -16.35 -9.38 104.22
CA GLY JB 133 -15.15 -8.92 103.58
C GLY JB 133 -13.99 -9.86 103.86
N LYS JB 134 -13.10 -10.00 102.88
CA LYS JB 134 -12.03 -11.00 102.97
C LYS JB 134 -11.47 -11.11 104.38
N LEU JB 135 -11.02 -9.98 104.94
CA LEU JB 135 -10.47 -9.99 106.29
C LEU JB 135 -11.52 -10.42 107.31
N CYS JB 136 -12.64 -9.68 107.38
CA CYS JB 136 -13.70 -10.04 108.32
C CYS JB 136 -14.37 -11.35 107.96
N ARG JB 137 -14.34 -11.74 106.69
CA ARG JB 137 -14.87 -13.05 106.30
C ARG JB 137 -14.02 -14.17 106.88
N THR JB 138 -12.70 -13.97 106.95
CA THR JB 138 -11.85 -14.94 107.61
C THR JB 138 -11.94 -14.83 109.13
N ASN JB 139 -12.25 -13.63 109.65
CA ASN JB 139 -12.38 -13.47 111.09
C ASN JB 139 -13.66 -14.12 111.62
N GLN JB 140 -14.75 -14.02 110.85
CA GLN JB 140 -16.04 -14.59 111.25
C GLN JB 140 -16.24 -16.00 110.71
N ILE JB 141 -15.17 -16.75 110.50
CA ILE JB 141 -15.25 -18.11 109.99
C ILE JB 141 -15.26 -19.15 111.12
N GLY JB 142 -15.54 -18.71 112.35
CA GLY JB 142 -15.53 -19.62 113.48
C GLY JB 142 -16.87 -20.26 113.75
N THR JB 143 -17.66 -20.49 112.69
CA THR JB 143 -18.96 -21.13 112.82
C THR JB 143 -19.19 -22.17 111.73
N VAL JB 144 -18.13 -22.72 111.15
CA VAL JB 144 -18.26 -23.68 110.06
C VAL JB 144 -18.43 -25.07 110.65
N ASN JB 145 -18.91 -25.99 109.81
CA ASN JB 145 -19.08 -27.38 110.22
C ASN JB 145 -17.74 -27.98 110.61
N ASP JB 146 -17.64 -28.42 111.86
CA ASP JB 146 -16.39 -28.99 112.35
C ASP JB 146 -16.02 -30.26 111.59
N ARG JB 147 -17.02 -31.07 111.24
CA ARG JB 147 -16.75 -32.30 110.50
C ARG JB 147 -16.05 -31.99 109.19
N LEU JB 148 -16.58 -31.05 108.42
CA LEU JB 148 -15.94 -30.68 107.16
C LEU JB 148 -14.55 -30.13 107.38
N MET JB 149 -14.36 -29.37 108.47
CA MET JB 149 -13.03 -28.91 108.82
C MET JB 149 -12.07 -30.08 109.01
N HIS JB 150 -12.56 -31.15 109.63
CA HIS JB 150 -11.73 -32.33 109.86
C HIS JB 150 -11.43 -33.05 108.55
N LYS JB 151 -12.44 -33.16 107.67
CA LYS JB 151 -12.23 -33.84 106.40
C LYS JB 151 -11.18 -33.12 105.56
N LEU JB 152 -11.20 -31.79 105.58
CA LEU JB 152 -10.25 -30.99 104.83
C LEU JB 152 -9.08 -30.53 105.68
N SER JB 153 -8.89 -31.15 106.86
CA SER JB 153 -7.76 -30.80 107.71
C SER JB 153 -6.48 -31.37 107.12
N VAL JB 154 -5.49 -30.50 106.94
CA VAL JB 154 -4.22 -30.90 106.33
C VAL JB 154 -3.30 -31.32 107.49
N GLU JB 155 -3.37 -32.60 107.83
CA GLU JB 155 -2.59 -33.13 108.94
C GLU JB 155 -2.29 -34.60 108.69
N ALA JB 156 -1.18 -35.05 109.26
CA ALA JB 156 -0.81 -36.46 109.16
C ALA JB 156 -1.86 -37.32 109.85
N PRO JB 157 -2.59 -38.16 109.11
CA PRO JB 157 -3.64 -38.97 109.76
C PRO JB 157 -3.08 -39.83 110.86
N PRO JB 158 -3.93 -40.30 111.78
CA PRO JB 158 -3.43 -41.15 112.87
C PRO JB 158 -2.87 -42.45 112.35
N LYS JB 159 -1.77 -42.90 112.97
CA LYS JB 159 -1.09 -44.10 112.50
C LYS JB 159 -1.98 -45.33 112.63
N ILE JB 160 -2.72 -45.43 113.74
CA ILE JB 160 -3.58 -46.60 113.95
C ILE JB 160 -4.61 -46.70 112.83
N LEU JB 161 -5.12 -45.54 112.40
CA LEU JB 161 -6.12 -45.49 111.30
C LEU JB 161 -5.49 -46.05 110.03
N VAL JB 162 -4.22 -45.68 109.77
CA VAL JB 162 -3.48 -46.17 108.57
C VAL JB 162 -3.33 -47.69 108.67
N GLU JB 163 -3.03 -48.20 109.87
CA GLU JB 163 -2.86 -49.66 110.09
C GLU JB 163 -4.19 -50.36 109.80
N ARG JB 164 -5.29 -49.78 110.28
CA ARG JB 164 -6.65 -50.36 110.06
C ARG JB 164 -6.94 -50.38 108.55
N TYR JB 165 -6.57 -49.30 107.85
CA TYR JB 165 -6.79 -49.22 106.38
C TYR JB 165 -5.98 -50.32 105.69
N LEU JB 166 -4.74 -50.54 106.13
CA LEU JB 166 -3.90 -51.57 105.53
C LEU JB 166 -4.42 -52.96 105.86
N ILE JB 167 -4.86 -53.17 107.10
CA ILE JB 167 -5.40 -54.46 107.50
C ILE JB 167 -6.59 -54.82 106.62
N GLU JB 168 -7.51 -53.87 106.43
CA GLU JB 168 -8.69 -54.15 105.63
C GLU JB 168 -8.33 -54.43 104.19
N ILE JB 169 -7.45 -53.62 103.60
CA ILE JB 169 -7.08 -53.83 102.20
C ILE JB 169 -6.41 -55.18 102.02
N ALA JB 170 -5.51 -55.54 102.93
CA ALA JB 170 -4.86 -56.84 102.86
C ALA JB 170 -5.88 -57.97 102.97
N LYS JB 171 -6.73 -57.91 104.00
CA LYS JB 171 -7.75 -58.94 104.19
C LYS JB 171 -8.65 -59.08 102.97
N ASN JB 172 -8.88 -57.99 102.25
CA ASN JB 172 -9.75 -58.08 101.08
C ASN JB 172 -9.03 -58.64 99.86
N TYR JB 173 -7.76 -58.25 99.66
CA TYR JB 173 -7.01 -58.66 98.49
C TYR JB 173 -6.21 -59.93 98.71
N ASN JB 174 -6.49 -60.68 99.77
CA ASN JB 174 -5.86 -61.98 99.99
C ASN JB 174 -4.34 -61.85 100.08
N VAL JB 175 -3.87 -60.86 100.82
CA VAL JB 175 -2.44 -60.64 101.01
C VAL JB 175 -2.14 -60.66 102.51
N PRO JB 176 -1.08 -61.31 102.96
CA PRO JB 176 -0.73 -61.23 104.38
C PRO JB 176 -0.13 -59.88 104.73
N TYR JB 177 -0.34 -59.48 105.98
CA TYR JB 177 0.20 -58.22 106.48
C TYR JB 177 0.26 -58.28 107.99
N GLU JB 178 1.42 -57.92 108.56
CA GLU JB 178 1.63 -57.91 110.01
C GLU JB 178 1.64 -56.48 110.50
N PRO JB 179 0.56 -55.99 111.12
CA PRO JB 179 0.51 -54.59 111.54
C PRO JB 179 1.60 -54.27 112.55
N ASP JB 180 2.00 -53.00 112.59
CA ASP JB 180 2.96 -52.53 113.57
C ASP JB 180 2.30 -52.57 114.94
N SER JB 181 2.74 -53.49 115.78
CA SER JB 181 2.10 -53.67 117.08
C SER JB 181 2.21 -52.40 117.93
N VAL JB 182 3.32 -51.66 117.79
CA VAL JB 182 3.53 -50.46 118.61
C VAL JB 182 2.34 -49.52 118.48
N VAL JB 183 1.81 -49.38 117.27
CA VAL JB 183 0.69 -48.48 117.01
C VAL JB 183 -0.61 -49.28 116.99
N MET JB 184 -0.54 -50.54 116.56
CA MET JB 184 -1.73 -51.37 116.48
C MET JB 184 -2.33 -51.67 117.85
N ALA JB 185 -1.54 -51.60 118.92
CA ALA JB 185 -2.02 -51.89 120.26
C ALA JB 185 -2.22 -50.66 121.12
N GLU JB 186 -1.46 -49.58 120.89
CA GLU JB 186 -1.58 -48.36 121.68
C GLU JB 186 -2.80 -47.57 121.19
N ASN KB 3 -47.51 -9.46 44.61
CA ASN KB 3 -46.89 -9.53 45.93
C ASN KB 3 -47.51 -10.63 46.78
N MET KB 4 -48.84 -10.61 46.88
CA MET KB 4 -49.54 -11.60 47.70
C MET KB 4 -49.38 -12.99 47.14
N GLU KB 5 -49.21 -13.12 45.82
CA GLU KB 5 -49.02 -14.44 45.22
C GLU KB 5 -47.76 -15.10 45.76
N LYS KB 6 -46.70 -14.31 45.97
CA LYS KB 6 -45.47 -14.86 46.54
C LYS KB 6 -45.71 -15.39 47.95
N HIS KB 7 -46.44 -14.63 48.76
CA HIS KB 7 -46.74 -15.08 50.12
C HIS KB 7 -47.59 -16.35 50.10
N LEU KB 8 -48.55 -16.43 49.18
CA LEU KB 8 -49.34 -17.65 49.04
C LEU KB 8 -48.45 -18.83 48.68
N PHE KB 9 -47.53 -18.62 47.73
CA PHE KB 9 -46.61 -19.69 47.35
C PHE KB 9 -45.79 -20.16 48.54
N ASN KB 10 -45.26 -19.22 49.33
CA ASN KB 10 -44.47 -19.59 50.50
C ASN KB 10 -45.31 -20.34 51.52
N LEU KB 11 -46.57 -19.93 51.70
CA LEU KB 11 -47.44 -20.62 52.64
C LEU KB 11 -47.68 -22.06 52.22
N LYS KB 12 -48.03 -22.26 50.94
CA LYS KB 12 -48.27 -23.61 50.46
C LYS KB 12 -47.01 -24.46 50.53
N PHE KB 13 -45.86 -23.86 50.25
CA PHE KB 13 -44.60 -24.59 50.37
C PHE KB 13 -44.36 -25.03 51.80
N ALA KB 14 -44.62 -24.13 52.77
CA ALA KB 14 -44.44 -24.49 54.17
C ALA KB 14 -45.38 -25.61 54.58
N ALA KB 15 -46.62 -25.56 54.10
CA ALA KB 15 -47.57 -26.62 54.42
C ALA KB 15 -47.08 -27.97 53.88
N LYS KB 16 -46.64 -27.99 52.62
CA LYS KB 16 -46.13 -29.22 52.05
C LYS KB 16 -44.91 -29.72 52.80
N GLU KB 17 -44.04 -28.80 53.23
CA GLU KB 17 -42.86 -29.19 54.00
C GLU KB 17 -43.27 -29.83 55.32
N LEU KB 18 -44.27 -29.26 55.99
CA LEU KB 18 -44.74 -29.83 57.25
C LEU KB 18 -45.32 -31.23 57.03
N SER KB 19 -46.07 -31.41 55.94
CA SER KB 19 -46.62 -32.74 55.65
C SER KB 19 -45.51 -33.75 55.41
N ARG KB 20 -44.52 -33.37 54.60
CA ARG KB 20 -43.39 -34.26 54.34
C ARG KB 20 -42.68 -34.61 55.64
N SER KB 21 -42.49 -33.62 56.51
CA SER KB 21 -41.80 -33.88 57.78
C SER KB 21 -42.60 -34.82 58.66
N ALA KB 22 -43.93 -34.67 58.67
CA ALA KB 22 -44.76 -35.59 59.44
C ALA KB 22 -44.62 -37.02 58.92
N LYS KB 23 -44.65 -37.19 57.60
CA LYS KB 23 -44.47 -38.52 57.02
C LYS KB 23 -43.12 -39.11 57.42
N LYS KB 24 -42.06 -38.30 57.29
CA LYS KB 24 -40.72 -38.77 57.63
C LYS KB 24 -40.63 -39.16 59.09
N CYS KB 25 -41.25 -38.38 59.98
CA CYS KB 25 -41.20 -38.69 61.40
C CYS KB 25 -41.96 -39.97 61.73
N ASP KB 26 -43.09 -40.19 61.06
CA ASP KB 26 -43.80 -41.46 61.23
C ASP KB 26 -42.91 -42.64 60.81
N LYS KB 27 -42.24 -42.49 59.67
CA LYS KB 27 -41.33 -43.54 59.22
C LYS KB 27 -40.22 -43.80 60.25
N GLU KB 28 -39.65 -42.72 60.79
CA GLU KB 28 -38.58 -42.87 61.77
C GLU KB 28 -39.09 -43.55 63.04
N GLU KB 29 -40.33 -43.27 63.44
CA GLU KB 29 -40.91 -43.99 64.57
C GLU KB 29 -41.02 -45.47 64.27
N LYS KB 30 -41.49 -45.81 63.07
CA LYS KB 30 -41.59 -47.22 62.70
C LYS KB 30 -40.23 -47.91 62.77
N ALA KB 31 -39.17 -47.18 62.42
CA ALA KB 31 -37.83 -47.78 62.49
C ALA KB 31 -37.36 -47.92 63.93
N GLU KB 32 -37.55 -46.89 64.74
CA GLU KB 32 -37.12 -46.94 66.13
C GLU KB 32 -37.86 -48.02 66.90
N LYS KB 33 -39.07 -48.39 66.47
CA LYS KB 33 -39.75 -49.50 67.12
C LYS KB 33 -39.00 -50.82 66.87
N ALA KB 34 -38.53 -51.03 65.65
CA ALA KB 34 -37.68 -52.19 65.37
C ALA KB 34 -36.44 -52.16 66.25
N LYS KB 35 -35.82 -50.99 66.38
CA LYS KB 35 -34.58 -50.92 67.15
C LYS KB 35 -34.83 -51.22 68.63
N ILE KB 36 -35.93 -50.71 69.18
CA ILE KB 36 -36.24 -50.97 70.58
C ILE KB 36 -36.56 -52.45 70.79
N GLU KB 37 -37.23 -53.08 69.83
CA GLU KB 37 -37.46 -54.52 69.93
C GLU KB 37 -36.14 -55.28 69.97
N LYS KB 38 -35.22 -54.93 69.07
CA LYS KB 38 -33.91 -55.58 69.09
C LYS KB 38 -33.23 -55.38 70.44
N ALA KB 39 -33.21 -54.15 70.94
CA ALA KB 39 -32.49 -53.86 72.17
C ALA KB 39 -33.12 -54.56 73.37
N ILE KB 40 -34.45 -54.69 73.40
CA ILE KB 40 -35.09 -55.41 74.49
C ILE KB 40 -34.83 -56.91 74.36
N GLN KB 41 -34.56 -57.39 73.14
CA GLN KB 41 -34.12 -58.78 72.99
C GLN KB 41 -32.71 -58.96 73.55
N LYS KB 42 -31.80 -58.06 73.21
CA LYS KB 42 -30.43 -58.15 73.70
C LYS KB 42 -30.33 -57.92 75.20
N GLY KB 43 -31.37 -57.40 75.83
CA GLY KB 43 -31.35 -57.13 77.26
C GLY KB 43 -30.94 -55.73 77.65
N ASN KB 44 -30.55 -54.89 76.69
CA ASN KB 44 -30.15 -53.52 76.98
C ASN KB 44 -31.37 -52.73 77.44
N MET KB 45 -31.39 -52.37 78.73
CA MET KB 45 -32.48 -51.55 79.26
C MET KB 45 -32.28 -50.08 78.89
N GLU KB 46 -31.05 -49.58 78.95
CA GLU KB 46 -30.80 -48.17 78.68
C GLU KB 46 -30.99 -47.84 77.20
N VAL KB 47 -30.51 -48.71 76.31
CA VAL KB 47 -30.73 -48.47 74.88
C VAL KB 47 -32.21 -48.59 74.54
N ALA KB 48 -32.92 -49.51 75.22
CA ALA KB 48 -34.36 -49.60 75.03
C ALA KB 48 -35.04 -48.32 75.48
N ARG KB 49 -34.62 -47.74 76.60
CA ARG KB 49 -35.16 -46.47 77.04
C ARG KB 49 -34.90 -45.37 76.00
N ILE KB 50 -33.68 -45.32 75.47
CA ILE KB 50 -33.33 -44.30 74.49
C ILE KB 50 -34.23 -44.43 73.26
N HIS KB 51 -34.35 -45.65 72.73
CA HIS KB 51 -35.12 -45.85 71.52
C HIS KB 51 -36.62 -45.63 71.76
N ALA KB 52 -37.10 -45.94 72.98
CA ALA KB 52 -38.48 -45.64 73.31
C ALA KB 52 -38.73 -44.14 73.35
N GLU KB 53 -37.81 -43.39 73.97
CA GLU KB 53 -37.92 -41.94 73.95
C GLU KB 53 -37.96 -41.43 72.53
N ASN KB 54 -37.06 -41.92 71.68
CA ASN KB 54 -37.03 -41.47 70.29
C ASN KB 54 -38.33 -41.79 69.58
N ALA KB 55 -38.88 -42.99 69.80
CA ALA KB 55 -40.10 -43.39 69.11
C ALA KB 55 -41.28 -42.54 69.55
N ILE KB 56 -41.44 -42.35 70.86
CA ILE KB 56 -42.53 -41.53 71.37
C ILE KB 56 -42.41 -40.10 70.87
N ARG KB 57 -41.18 -39.56 70.90
CA ARG KB 57 -40.97 -38.21 70.42
C ARG KB 57 -41.34 -38.08 68.94
N GLN KB 58 -40.91 -39.05 68.13
CA GLN KB 58 -41.22 -38.99 66.71
C GLN KB 58 -42.72 -39.09 66.47
N LYS KB 59 -43.40 -39.97 67.20
CA LYS KB 59 -44.85 -40.07 67.07
C LYS KB 59 -45.53 -38.74 67.39
N ASN KB 60 -45.20 -38.16 68.54
CA ASN KB 60 -45.85 -36.93 68.96
C ASN KB 60 -45.54 -35.79 68.00
N GLN KB 61 -44.28 -35.67 67.57
CA GLN KB 61 -43.92 -34.58 66.67
C GLN KB 61 -44.51 -34.79 65.27
N ALA KB 62 -44.73 -36.04 64.87
CA ALA KB 62 -45.42 -36.29 63.61
C ALA KB 62 -46.87 -35.85 63.69
N VAL KB 63 -47.55 -36.18 64.79
CA VAL KB 63 -48.92 -35.72 64.97
C VAL KB 63 -48.97 -34.20 64.97
N ASN KB 64 -48.02 -33.57 65.66
CA ASN KB 64 -47.99 -32.11 65.72
C ASN KB 64 -47.76 -31.51 64.33
N PHE KB 65 -46.81 -32.07 63.58
CA PHE KB 65 -46.56 -31.59 62.22
C PHE KB 65 -47.78 -31.75 61.35
N LEU KB 66 -48.52 -32.85 61.52
CA LEU KB 66 -49.71 -33.07 60.71
C LEU KB 66 -50.78 -32.04 61.01
N ARG KB 67 -51.05 -31.80 62.30
CA ARG KB 67 -52.02 -30.78 62.66
C ARG KB 67 -51.58 -29.40 62.16
N MET KB 68 -50.29 -29.10 62.31
CA MET KB 68 -49.76 -27.81 61.87
C MET KB 68 -49.92 -27.63 60.37
N SER KB 69 -49.62 -28.69 59.60
CA SER KB 69 -49.79 -28.64 58.16
C SER KB 69 -51.25 -28.46 57.79
N ALA KB 70 -52.17 -29.09 58.53
CA ALA KB 70 -53.58 -28.88 58.27
C ALA KB 70 -53.97 -27.41 58.47
N ARG KB 71 -53.48 -26.81 59.56
CA ARG KB 71 -53.78 -25.40 59.81
C ARG KB 71 -53.24 -24.51 58.69
N VAL KB 72 -51.98 -24.74 58.30
CA VAL KB 72 -51.39 -23.93 57.25
C VAL KB 72 -52.10 -24.17 55.93
N ASP KB 73 -52.59 -25.39 55.69
CA ASP KB 73 -53.34 -25.67 54.48
C ASP KB 73 -54.64 -24.87 54.46
N ALA KB 74 -55.35 -24.83 55.58
CA ALA KB 74 -56.56 -24.02 55.66
C ALA KB 74 -56.25 -22.56 55.37
N VAL KB 75 -55.21 -22.03 56.00
CA VAL KB 75 -54.87 -20.63 55.81
C VAL KB 75 -54.49 -20.36 54.36
N ALA KB 76 -53.74 -21.28 53.73
CA ALA KB 76 -53.31 -21.07 52.36
C ALA KB 76 -54.48 -21.17 51.39
N ALA KB 77 -55.42 -22.07 51.65
CA ALA KB 77 -56.62 -22.12 50.83
C ALA KB 77 -57.41 -20.83 50.93
N ARG KB 78 -57.53 -20.29 52.15
CA ARG KB 78 -58.22 -19.02 52.32
C ARG KB 78 -57.51 -17.90 51.56
N VAL KB 79 -56.18 -17.87 51.63
CA VAL KB 79 -55.43 -16.81 50.96
C VAL KB 79 -55.52 -16.95 49.45
N GLN KB 80 -55.54 -18.19 48.95
CA GLN KB 80 -55.68 -18.41 47.52
C GLN KB 80 -57.04 -17.97 47.03
N THR KB 81 -58.09 -18.28 47.79
CA THR KB 81 -59.42 -17.76 47.50
C THR KB 81 -59.40 -16.25 47.45
N ALA KB 82 -58.74 -15.61 48.43
CA ALA KB 82 -58.68 -14.16 48.47
C ALA KB 82 -57.96 -13.60 47.25
N VAL KB 83 -56.89 -14.26 46.82
CA VAL KB 83 -56.13 -13.78 45.66
C VAL KB 83 -56.99 -13.87 44.40
N THR KB 84 -57.62 -15.02 44.19
CA THR KB 84 -58.46 -15.18 43.01
C THR KB 84 -59.60 -14.19 43.01
N MET KB 85 -60.24 -13.99 44.17
CA MET KB 85 -61.34 -13.03 44.25
C MET KB 85 -60.86 -11.60 44.06
N GLY KB 86 -59.63 -11.30 44.47
CA GLY KB 86 -59.08 -9.98 44.22
C GLY KB 86 -58.85 -9.74 42.75
N LYS KB 87 -58.32 -10.74 42.04
CA LYS KB 87 -58.21 -10.63 40.59
C LYS KB 87 -59.58 -10.42 39.96
N VAL KB 88 -60.57 -11.18 40.40
CA VAL KB 88 -61.92 -11.06 39.84
C VAL KB 88 -62.48 -9.66 40.10
N THR KB 89 -62.30 -9.15 41.32
CA THR KB 89 -62.82 -7.84 41.68
C THR KB 89 -62.12 -6.75 40.88
N LYS KB 90 -60.81 -6.85 40.70
CA LYS KB 90 -60.09 -5.88 39.88
C LYS KB 90 -60.60 -5.90 38.45
N SER KB 91 -60.80 -7.10 37.88
CA SER KB 91 -61.29 -7.20 36.51
C SER KB 91 -62.68 -6.60 36.39
N MET KB 92 -63.53 -6.83 37.39
CA MET KB 92 -64.90 -6.30 37.31
C MET KB 92 -64.91 -4.79 37.53
N ALA KB 93 -63.97 -4.26 38.31
CA ALA KB 93 -63.85 -2.81 38.44
C ALA KB 93 -63.41 -2.19 37.11
N GLY KB 94 -62.42 -2.80 36.45
CA GLY KB 94 -62.02 -2.32 35.14
C GLY KB 94 -63.17 -2.38 34.14
N VAL KB 95 -63.92 -3.47 34.17
CA VAL KB 95 -65.07 -3.61 33.27
C VAL KB 95 -66.11 -2.54 33.58
N VAL KB 96 -66.33 -2.24 34.86
CA VAL KB 96 -67.30 -1.23 35.23
C VAL KB 96 -66.85 0.14 34.71
N LYS KB 97 -65.56 0.45 34.84
CA LYS KB 97 -65.06 1.72 34.34
C LYS KB 97 -65.23 1.83 32.83
N SER KB 98 -64.83 0.80 32.10
CA SER KB 98 -64.93 0.83 30.64
C SER KB 98 -66.38 0.94 30.20
N MET KB 99 -67.27 0.14 30.80
CA MET KB 99 -68.68 0.19 30.44
C MET KB 99 -69.29 1.52 30.82
N ASP KB 100 -68.84 2.14 31.91
CA ASP KB 100 -69.33 3.47 32.26
C ASP KB 100 -68.97 4.48 31.19
N ALA KB 101 -67.70 4.51 30.80
CA ALA KB 101 -67.27 5.40 29.73
C ALA KB 101 -68.09 5.18 28.47
N THR KB 102 -68.23 3.91 28.07
CA THR KB 102 -68.93 3.60 26.83
C THR KB 102 -70.41 4.00 26.91
N LEU KB 103 -71.13 3.50 27.90
CA LEU KB 103 -72.54 3.84 28.06
C LEU KB 103 -72.76 5.32 28.25
N LYS KB 104 -71.75 6.06 28.69
CA LYS KB 104 -71.84 7.52 28.67
C LYS KB 104 -71.74 8.05 27.25
N THR KB 105 -70.79 7.53 26.48
CA THR KB 105 -70.66 7.94 25.09
C THR KB 105 -71.80 7.39 24.24
N MET KB 106 -72.00 6.07 24.29
CA MET KB 106 -73.03 5.40 23.51
C MET KB 106 -74.16 5.01 24.48
N ASN KB 107 -75.08 5.93 24.69
CA ASN KB 107 -76.20 5.70 25.60
C ASN KB 107 -77.40 5.18 24.82
N LEU KB 108 -78.50 4.95 25.54
CA LEU KB 108 -79.67 4.35 24.93
C LEU KB 108 -80.33 5.29 23.93
N GLU KB 109 -80.36 6.59 24.24
CA GLU KB 109 -80.90 7.55 23.31
C GLU KB 109 -80.14 7.53 21.99
N LYS KB 110 -78.81 7.68 22.07
CA LYS KB 110 -77.99 7.69 20.87
C LYS KB 110 -78.08 6.38 20.12
N ILE KB 111 -78.12 5.26 20.85
CA ILE KB 111 -78.18 3.96 20.20
C ILE KB 111 -79.50 3.80 19.45
N SER KB 112 -80.60 4.17 20.10
CA SER KB 112 -81.91 4.07 19.46
C SER KB 112 -81.97 4.95 18.21
N ALA KB 113 -81.47 6.18 18.32
CA ALA KB 113 -81.47 7.08 17.16
C ALA KB 113 -80.60 6.52 16.04
N LEU KB 114 -79.43 6.00 16.40
CA LEU KB 114 -78.53 5.42 15.40
C LEU KB 114 -79.18 4.25 14.70
N MET KB 115 -79.96 3.45 15.44
CA MET KB 115 -80.59 2.29 14.82
C MET KB 115 -81.77 2.67 13.96
N ASP KB 116 -82.56 3.66 14.39
CA ASP KB 116 -83.59 4.20 13.50
C ASP KB 116 -82.97 4.73 12.22
N LYS KB 117 -81.82 5.39 12.33
CA LYS KB 117 -81.13 5.91 11.16
C LYS KB 117 -80.65 4.78 10.26
N PHE KB 118 -80.07 3.72 10.86
CA PHE KB 118 -79.66 2.56 10.08
C PHE KB 118 -80.83 1.98 9.30
N GLU KB 119 -81.94 1.75 9.99
CA GLU KB 119 -83.12 1.18 9.34
C GLU KB 119 -83.60 2.07 8.20
N HIS KB 120 -83.69 3.37 8.43
CA HIS KB 120 -84.19 4.27 7.40
C HIS KB 120 -83.23 4.35 6.21
N GLN KB 121 -81.93 4.39 6.50
CA GLN KB 121 -80.95 4.44 5.42
C GLN KB 121 -81.02 3.19 4.56
N PHE KB 122 -81.16 2.03 5.17
CA PHE KB 122 -81.21 0.81 4.38
C PHE KB 122 -82.56 0.59 3.72
N GLU KB 123 -83.62 1.19 4.25
CA GLU KB 123 -84.88 1.24 3.51
C GLU KB 123 -84.74 2.10 2.25
N THR KB 124 -84.14 3.28 2.41
CA THR KB 124 -83.83 4.11 1.25
C THR KB 124 -82.97 3.34 0.25
N LEU KB 125 -82.03 2.53 0.75
CA LEU KB 125 -81.21 1.72 -0.13
C LEU KB 125 -82.02 0.63 -0.81
N ASP KB 126 -83.06 0.15 -0.12
CA ASP KB 126 -84.00 -0.85 -0.69
C ASP KB 126 -84.71 -0.22 -1.89
N VAL KB 127 -85.13 1.05 -1.74
CA VAL KB 127 -85.82 1.78 -2.80
C VAL KB 127 -84.87 2.04 -3.96
N GLN KB 128 -83.65 2.48 -3.64
CA GLN KB 128 -82.65 2.70 -4.68
C GLN KB 128 -82.38 1.43 -5.45
N THR KB 129 -82.25 0.30 -4.75
CA THR KB 129 -81.98 -0.97 -5.41
C THR KB 129 -83.11 -1.35 -6.35
N GLN KB 130 -84.36 -1.21 -5.89
CA GLN KB 130 -85.50 -1.53 -6.72
C GLN KB 130 -85.52 -0.69 -7.98
N GLN KB 131 -85.36 0.62 -7.83
CA GLN KB 131 -85.40 1.50 -9.00
C GLN KB 131 -84.23 1.23 -9.93
N MET KB 132 -83.03 1.09 -9.37
CA MET KB 132 -81.85 0.77 -10.15
C MET KB 132 -82.05 -0.53 -10.93
N GLU KB 133 -82.72 -1.50 -10.32
CA GLU KB 133 -82.92 -2.78 -11.00
C GLU KB 133 -83.95 -2.65 -12.11
N ASP KB 134 -85.03 -1.91 -11.85
CA ASP KB 134 -85.99 -1.62 -12.90
C ASP KB 134 -85.28 -1.01 -14.11
N THR KB 135 -84.40 -0.03 -13.88
CA THR KB 135 -83.72 0.61 -14.99
C THR KB 135 -82.73 -0.33 -15.66
N MET KB 136 -81.94 -1.06 -14.87
CA MET KB 136 -81.00 -2.02 -15.45
C MET KB 136 -81.72 -3.00 -16.36
N SER KB 137 -82.92 -3.44 -15.96
CA SER KB 137 -83.68 -4.37 -16.80
C SER KB 137 -84.22 -3.67 -18.03
N SER KB 138 -84.71 -2.45 -17.88
CA SER KB 138 -85.25 -1.72 -19.03
C SER KB 138 -84.16 -1.43 -20.05
N THR KB 139 -82.91 -1.34 -19.61
CA THR KB 139 -81.82 -1.05 -20.55
C THR KB 139 -81.63 -2.20 -21.53
N THR KB 140 -81.66 -3.43 -21.04
CA THR KB 140 -81.40 -4.63 -21.84
C THR KB 140 -82.69 -5.44 -21.92
N THR KB 141 -83.54 -5.10 -22.89
CA THR KB 141 -84.78 -5.81 -23.15
C THR KB 141 -84.83 -6.47 -24.50
N LEU KB 142 -84.00 -6.04 -25.46
CA LEU KB 142 -83.96 -6.64 -26.79
C LEU KB 142 -83.02 -7.83 -26.87
N THR KB 143 -82.11 -7.96 -25.91
CA THR KB 143 -81.28 -9.16 -25.81
C THR KB 143 -81.96 -10.27 -25.04
N THR KB 144 -82.92 -9.93 -24.16
CA THR KB 144 -83.65 -10.89 -23.34
C THR KB 144 -85.14 -10.69 -23.56
N PRO KB 145 -85.69 -11.20 -24.66
CA PRO KB 145 -87.14 -11.09 -24.87
C PRO KB 145 -87.90 -12.02 -23.93
N GLN KB 146 -88.98 -11.50 -23.35
CA GLN KB 146 -89.78 -12.29 -22.43
C GLN KB 146 -90.33 -13.53 -23.12
N ASN KB 147 -90.74 -13.41 -24.39
CA ASN KB 147 -91.31 -14.54 -25.09
C ASN KB 147 -90.30 -15.67 -25.23
N GLN KB 148 -89.05 -15.35 -25.55
CA GLN KB 148 -88.04 -16.38 -25.71
C GLN KB 148 -87.76 -17.09 -24.39
N VAL KB 149 -87.71 -16.34 -23.29
CA VAL KB 149 -87.47 -16.94 -21.98
C VAL KB 149 -88.63 -17.86 -21.61
N ASP KB 150 -89.86 -17.40 -21.82
CA ASP KB 150 -91.02 -18.24 -21.55
C ASP KB 150 -90.96 -19.53 -22.37
N MET KB 151 -90.63 -19.42 -23.65
CA MET KB 151 -90.57 -20.61 -24.50
C MET KB 151 -89.49 -21.55 -24.03
N LEU KB 152 -88.32 -21.03 -23.67
CA LEU KB 152 -87.24 -21.89 -23.18
C LEU KB 152 -87.66 -22.62 -21.92
N LEU KB 153 -88.32 -21.91 -21.00
CA LEU KB 153 -88.75 -22.56 -19.77
C LEU KB 153 -89.79 -23.64 -20.07
N GLN KB 154 -90.72 -23.36 -20.98
CA GLN KB 154 -91.73 -24.35 -21.32
C GLN KB 154 -91.09 -25.59 -21.93
N GLU KB 155 -90.13 -25.39 -22.84
CA GLU KB 155 -89.47 -26.54 -23.47
C GLU KB 155 -88.68 -27.35 -22.45
N MET KB 156 -87.94 -26.67 -21.57
CA MET KB 156 -87.15 -27.39 -20.58
C MET KB 156 -88.05 -28.16 -19.61
N ALA KB 157 -89.18 -27.56 -19.22
CA ALA KB 157 -90.14 -28.26 -18.37
C ALA KB 157 -90.69 -29.49 -19.08
N ASP KB 158 -91.24 -29.30 -20.28
CA ASP KB 158 -91.82 -30.42 -21.01
C ASP KB 158 -90.81 -31.53 -21.23
N GLU KB 159 -89.55 -31.17 -21.49
CA GLU KB 159 -88.51 -32.19 -21.60
C GLU KB 159 -88.30 -32.92 -20.28
N ALA KB 160 -88.21 -32.16 -19.19
CA ALA KB 160 -88.08 -32.77 -17.87
C ALA KB 160 -89.38 -33.43 -17.42
N GLY KB 161 -90.48 -33.26 -18.15
CA GLY KB 161 -91.75 -33.83 -17.79
C GLY KB 161 -92.45 -33.17 -16.62
N LEU KB 162 -91.77 -32.30 -15.88
CA LEU KB 162 -92.34 -31.68 -14.70
C LEU KB 162 -93.23 -30.51 -15.11
N ASP KB 163 -93.68 -29.74 -14.12
CA ASP KB 163 -94.47 -28.54 -14.37
C ASP KB 163 -93.94 -27.43 -13.47
N LEU KB 164 -94.30 -26.20 -13.83
CA LEU KB 164 -93.79 -25.01 -13.16
C LEU KB 164 -94.94 -24.31 -12.45
N ASN KB 165 -94.79 -24.10 -11.15
CA ASN KB 165 -95.79 -23.41 -10.34
C ASN KB 165 -95.16 -22.27 -9.55
N GLU KB 187 -100.59 -11.90 -30.43
CA GLU KB 187 -101.63 -12.61 -29.69
C GLU KB 187 -102.60 -11.63 -29.05
N LEU KB 188 -102.39 -11.34 -27.76
CA LEU KB 188 -103.23 -10.36 -27.08
C LEU KB 188 -103.06 -8.97 -27.68
N SER KB 189 -101.85 -8.66 -28.16
CA SER KB 189 -101.60 -7.33 -28.70
C SER KB 189 -102.53 -7.02 -29.87
N GLN KB 190 -102.86 -8.03 -30.67
CA GLN KB 190 -103.77 -7.79 -31.80
C GLN KB 190 -105.17 -7.46 -31.33
N ARG KB 191 -105.66 -8.18 -30.32
CA ARG KB 191 -106.98 -7.86 -29.77
C ARG KB 191 -106.98 -6.46 -29.16
N LEU KB 192 -105.90 -6.10 -28.47
CA LEU KB 192 -105.82 -4.76 -27.88
C LEU KB 192 -105.78 -3.70 -28.96
N ALA KB 193 -105.10 -3.96 -30.08
CA ALA KB 193 -105.07 -3.00 -31.17
C ALA KB 193 -106.45 -2.85 -31.81
N ARG KB 194 -107.13 -3.98 -32.04
CA ARG KB 194 -108.49 -3.91 -32.56
C ARG KB 194 -109.40 -3.13 -31.62
N LEU KB 195 -109.22 -3.31 -30.32
CA LEU KB 195 -109.99 -2.53 -29.34
C LEU KB 195 -109.63 -1.05 -29.40
N ARG KB 196 -108.35 -0.76 -29.63
CA ARG KB 196 -107.89 0.62 -29.74
C ARG KB 196 -108.51 1.31 -30.95
N ASP KB 197 -108.64 0.58 -32.06
CA ASP KB 197 -109.31 1.15 -33.23
C ASP KB 197 -110.74 1.55 -32.91
N GLN KB 198 -111.40 0.82 -32.03
CA GLN KB 198 -112.76 1.13 -31.61
C GLN KB 198 -113.70 1.20 -32.80
N PHE LB 6 -80.61 27.05 -43.16
CA PHE LB 6 -81.10 25.70 -43.41
C PHE LB 6 -80.05 24.90 -44.19
N LYS LB 7 -79.79 23.68 -43.69
CA LYS LB 7 -78.81 22.74 -44.28
C LYS LB 7 -79.58 21.49 -44.72
N ALA LB 8 -79.36 21.02 -45.95
CA ALA LB 8 -80.11 19.86 -46.46
C ALA LB 8 -79.55 18.55 -45.90
N GLU LB 9 -78.24 18.33 -46.04
CA GLU LB 9 -77.66 17.08 -45.57
C GLU LB 9 -77.87 16.89 -44.08
N ARG LB 10 -77.83 17.98 -43.31
CA ARG LB 10 -78.16 17.90 -41.89
C ARG LB 10 -79.55 17.34 -41.69
N LEU LB 11 -80.53 17.85 -42.45
CA LEU LB 11 -81.90 17.34 -42.35
C LEU LB 11 -81.98 15.87 -42.73
N ARG LB 12 -81.27 15.49 -43.79
CA ARG LB 12 -81.26 14.08 -44.21
C ARG LB 12 -80.74 13.18 -43.09
N VAL LB 13 -79.58 13.53 -42.54
CA VAL LB 13 -78.98 12.72 -41.49
C VAL LB 13 -79.88 12.65 -40.27
N ASN LB 14 -80.47 13.79 -39.88
CA ASN LB 14 -81.36 13.79 -38.72
C ASN LB 14 -82.60 12.95 -38.98
N LEU LB 15 -83.10 12.95 -40.21
CA LEU LB 15 -84.26 12.11 -40.52
C LEU LB 15 -83.92 10.64 -40.39
N ARG LB 16 -82.77 10.22 -40.93
CA ARG LB 16 -82.35 8.83 -40.79
C ARG LB 16 -82.19 8.46 -39.31
N LEU LB 17 -81.59 9.35 -38.54
CA LEU LB 17 -81.41 9.09 -37.11
C LEU LB 17 -82.75 8.97 -36.40
N VAL LB 18 -83.70 9.84 -36.74
CA VAL LB 18 -85.02 9.79 -36.13
C VAL LB 18 -85.69 8.47 -36.46
N ILE LB 19 -85.54 8.00 -37.71
CA ILE LB 19 -86.13 6.73 -38.10
C ILE LB 19 -85.57 5.60 -37.23
N ASN LB 20 -84.25 5.52 -37.15
CA ASN LB 20 -83.63 4.47 -36.35
C ASN LB 20 -84.06 4.53 -34.90
N ARG LB 21 -84.06 5.74 -34.33
CA ARG LB 21 -84.45 5.91 -32.93
C ARG LB 21 -85.88 5.47 -32.70
N LEU LB 22 -86.78 5.81 -33.63
CA LEU LB 22 -88.17 5.41 -33.49
C LEU LB 22 -88.32 3.90 -33.55
N LYS LB 23 -87.56 3.25 -34.44
CA LYS LB 23 -87.58 1.80 -34.49
C LYS LB 23 -87.19 1.19 -33.13
N LEU LB 24 -86.03 1.62 -32.62
CA LEU LB 24 -85.58 1.09 -31.33
C LEU LB 24 -86.62 1.35 -30.24
N LEU LB 25 -87.17 2.56 -30.20
CA LEU LB 25 -88.10 2.93 -29.14
C LEU LB 25 -89.36 2.10 -29.21
N GLU LB 26 -89.93 1.92 -30.41
CA GLU LB 26 -91.17 1.14 -30.50
C GLU LB 26 -90.92 -0.31 -30.14
N LYS LB 27 -89.78 -0.87 -30.55
CA LYS LB 27 -89.43 -2.23 -30.14
C LYS LB 27 -89.45 -2.36 -28.61
N LYS LB 28 -88.61 -1.55 -27.95
CA LYS LB 28 -88.47 -1.71 -26.51
C LYS LB 28 -89.75 -1.34 -25.78
N LYS LB 29 -90.56 -0.45 -26.36
CA LYS LB 29 -91.83 -0.09 -25.73
C LYS LB 29 -92.83 -1.24 -25.84
N THR LB 30 -92.83 -1.95 -26.96
CA THR LB 30 -93.65 -3.15 -27.06
C THR LB 30 -93.26 -4.16 -25.99
N GLU LB 31 -91.96 -4.37 -25.82
CA GLU LB 31 -91.51 -5.33 -24.80
C GLU LB 31 -91.95 -4.89 -23.40
N LEU LB 32 -91.67 -3.63 -23.04
CA LEU LB 32 -92.08 -3.12 -21.75
C LEU LB 32 -93.59 -3.19 -21.58
N ALA LB 33 -94.35 -3.03 -22.66
CA ALA LB 33 -95.80 -3.12 -22.57
C ALA LB 33 -96.23 -4.54 -22.24
N GLN LB 34 -95.59 -5.54 -22.86
CA GLN LB 34 -95.86 -6.92 -22.46
C GLN LB 34 -95.64 -7.10 -20.97
N LYS LB 35 -94.48 -6.67 -20.48
CA LYS LB 35 -94.15 -6.89 -19.07
C LYS LB 35 -95.14 -6.17 -18.15
N ALA LB 36 -95.50 -4.93 -18.48
CA ALA LB 36 -96.40 -4.19 -17.62
C ALA LB 36 -97.82 -4.71 -17.72
N ARG LB 37 -98.19 -5.31 -18.85
CA ARG LB 37 -99.47 -6.01 -18.93
C ARG LB 37 -99.50 -7.20 -17.98
N LYS LB 38 -98.40 -7.96 -17.94
CA LYS LB 38 -98.30 -9.01 -16.94
C LYS LB 38 -98.46 -8.44 -15.53
N GLU LB 39 -97.84 -7.29 -15.27
CA GLU LB 39 -97.97 -6.66 -13.97
C GLU LB 39 -99.43 -6.31 -13.67
N ILE LB 40 -100.15 -5.80 -14.66
CA ILE LB 40 -101.56 -5.45 -14.45
C ILE LB 40 -102.38 -6.71 -14.17
N ALA LB 41 -102.04 -7.81 -14.86
CA ALA LB 41 -102.71 -9.07 -14.57
C ALA LB 41 -102.50 -9.48 -13.12
N ASP LB 42 -101.26 -9.37 -12.64
CA ASP LB 42 -100.97 -9.66 -11.24
C ASP LB 42 -101.77 -8.75 -10.33
N TYR LB 43 -101.87 -7.47 -10.67
CA TYR LB 43 -102.65 -6.54 -9.86
C TYR LB 43 -104.11 -6.96 -9.79
N LEU LB 44 -104.66 -7.41 -10.91
CA LEU LB 44 -106.06 -7.84 -10.93
C LEU LB 44 -106.26 -9.14 -10.18
N ALA LB 45 -105.22 -9.98 -10.11
CA ALA LB 45 -105.32 -11.19 -9.31
C ALA LB 45 -105.77 -10.88 -7.89
N ALA LB 46 -105.23 -9.80 -7.30
CA ALA LB 46 -105.67 -9.33 -6.01
C ALA LB 46 -106.95 -8.53 -6.16
N GLY LB 47 -107.48 -8.04 -5.03
CA GLY LB 47 -108.67 -7.23 -5.05
C GLY LB 47 -108.47 -5.81 -5.52
N LYS LB 48 -107.23 -5.39 -5.73
CA LYS LB 48 -106.93 -4.03 -6.18
C LYS LB 48 -107.43 -3.86 -7.61
N ASP LB 49 -108.44 -3.01 -7.78
CA ASP LB 49 -109.06 -2.75 -9.07
C ASP LB 49 -108.87 -1.32 -9.55
N GLU LB 50 -109.15 -0.35 -8.68
CA GLU LB 50 -109.03 1.05 -9.07
C GLU LB 50 -107.60 1.45 -9.40
N ARG LB 51 -106.63 0.64 -8.99
CA ARG LB 51 -105.21 0.87 -9.30
C ARG LB 51 -104.83 0.27 -10.64
N ALA LB 52 -105.37 -0.91 -10.96
CA ALA LB 52 -105.13 -1.49 -12.27
C ALA LB 52 -105.63 -0.59 -13.39
N ARG LB 53 -106.65 0.23 -13.11
CA ARG LB 53 -107.11 1.17 -14.11
C ARG LB 53 -106.05 2.23 -14.41
N ILE LB 54 -105.35 2.69 -13.37
CA ILE LB 54 -104.26 3.65 -13.60
C ILE LB 54 -103.13 2.98 -14.38
N ARG LB 55 -102.79 1.75 -13.99
CA ARG LB 55 -101.72 1.04 -14.71
C ARG LB 55 -102.08 0.86 -16.19
N VAL LB 56 -103.32 0.49 -16.47
CA VAL LB 56 -103.71 0.28 -17.86
C VAL LB 56 -103.83 1.61 -18.60
N GLU LB 57 -104.10 2.70 -17.88
CA GLU LB 57 -103.99 4.02 -18.49
C GLU LB 57 -102.56 4.25 -18.97
N HIS LB 58 -101.58 3.98 -18.10
CA HIS LB 58 -100.18 3.99 -18.53
C HIS LB 58 -99.99 3.18 -19.80
N ILE LB 59 -100.54 1.96 -19.81
CA ILE LB 59 -100.29 1.05 -20.93
C ILE LB 59 -100.86 1.62 -22.23
N ILE LB 60 -102.10 2.09 -22.19
CA ILE LB 60 -102.74 2.54 -23.42
C ILE LB 60 -102.14 3.86 -23.88
N ARG LB 61 -101.66 4.69 -22.95
CA ARG LB 61 -100.88 5.85 -23.33
C ARG LB 61 -99.64 5.42 -24.11
N GLU LB 62 -98.91 4.43 -23.59
CA GLU LB 62 -97.72 3.95 -24.27
C GLU LB 62 -98.05 3.37 -25.64
N ASP LB 63 -99.22 2.72 -25.76
CA ASP LB 63 -99.59 2.13 -27.04
C ASP LB 63 -99.95 3.20 -28.07
N TYR LB 64 -100.75 4.19 -27.65
CA TYR LB 64 -100.95 5.37 -28.49
C TYR LB 64 -99.61 5.94 -28.94
N LEU LB 65 -98.65 6.02 -28.02
CA LEU LB 65 -97.35 6.60 -28.34
C LEU LB 65 -96.63 5.75 -29.39
N VAL LB 66 -96.69 4.43 -29.25
CA VAL LB 66 -96.02 3.56 -30.22
C VAL LB 66 -96.65 3.72 -31.60
N GLU LB 67 -97.99 3.79 -31.65
CA GLU LB 67 -98.65 3.99 -32.95
C GLU LB 67 -98.26 5.34 -33.56
N ALA LB 68 -98.21 6.38 -32.72
CA ALA LB 68 -97.80 7.69 -33.23
C ALA LB 68 -96.37 7.66 -33.74
N MET LB 69 -95.49 6.93 -33.06
CA MET LB 69 -94.12 6.81 -33.52
C MET LB 69 -94.04 6.05 -34.83
N GLU LB 70 -94.90 5.05 -35.03
CA GLU LB 70 -94.96 4.38 -36.32
C GLU LB 70 -95.36 5.36 -37.42
N ILE LB 71 -96.40 6.16 -37.16
CA ILE LB 71 -96.84 7.14 -38.16
C ILE LB 71 -95.72 8.14 -38.46
N LEU LB 72 -95.01 8.57 -37.42
CA LEU LB 72 -93.94 9.56 -37.62
C LEU LB 72 -92.77 8.96 -38.39
N GLU LB 73 -92.43 7.70 -38.11
CA GLU LB 73 -91.42 7.02 -38.90
C GLU LB 73 -91.84 6.94 -40.36
N LEU LB 74 -93.10 6.61 -40.60
CA LEU LB 74 -93.63 6.62 -41.96
C LEU LB 74 -93.41 7.96 -42.63
N TYR LB 75 -93.78 9.04 -41.95
CA TYR LB 75 -93.69 10.36 -42.56
C TYR LB 75 -92.24 10.78 -42.79
N CYS LB 76 -91.35 10.48 -41.84
CA CYS LB 76 -89.94 10.78 -42.03
C CYS LB 76 -89.39 10.05 -43.23
N ASP LB 77 -89.73 8.77 -43.37
CA ASP LB 77 -89.27 8.02 -44.53
C ASP LB 77 -89.86 8.59 -45.81
N LEU LB 78 -91.10 9.08 -45.76
CA LEU LB 78 -91.69 9.71 -46.93
C LEU LB 78 -90.90 10.93 -47.36
N LEU LB 79 -90.59 11.80 -46.41
CA LEU LB 79 -89.75 12.96 -46.71
C LEU LB 79 -88.40 12.52 -47.26
N LEU LB 80 -87.82 11.48 -46.67
CA LEU LB 80 -86.51 11.02 -47.10
C LEU LB 80 -86.54 10.40 -48.49
N ALA LB 81 -87.69 9.88 -48.92
CA ALA LB 81 -87.83 9.35 -50.27
C ALA LB 81 -88.05 10.44 -51.31
N ARG LB 82 -88.58 11.58 -50.89
CA ARG LB 82 -88.84 12.72 -51.76
C ARG LB 82 -87.99 13.91 -51.35
N PHE LB 83 -86.72 13.66 -51.03
CA PHE LB 83 -85.84 14.70 -50.54
C PHE LB 83 -85.44 15.67 -51.65
N GLY LB 84 -85.17 15.13 -52.85
CA GLY LB 84 -84.87 16.00 -53.96
C GLY LB 84 -86.00 16.97 -54.24
N LEU LB 85 -87.25 16.52 -54.10
CA LEU LB 85 -88.39 17.41 -54.29
C LEU LB 85 -88.42 18.49 -53.22
N ILE LB 86 -87.77 18.25 -52.08
CA ILE LB 86 -87.60 19.29 -51.07
C ILE LB 86 -86.54 20.29 -51.53
N GLN LB 87 -85.40 19.78 -52.02
CA GLN LB 87 -84.29 20.67 -52.39
C GLN LB 87 -84.64 21.51 -53.60
N SER LB 88 -85.38 20.96 -54.55
CA SER LB 88 -85.64 21.67 -55.81
C SER LB 88 -86.59 22.84 -55.59
N MET LB 89 -87.80 22.56 -55.14
CA MET LB 89 -88.78 23.62 -54.93
C MET LB 89 -88.36 24.49 -53.73
N LYS LB 90 -89.03 25.64 -53.62
CA LYS LB 90 -88.88 26.52 -52.47
C LYS LB 90 -90.08 26.48 -51.54
N GLU LB 91 -91.26 26.21 -52.06
CA GLU LB 91 -92.46 25.98 -51.27
C GLU LB 91 -92.87 24.52 -51.38
N LEU LB 92 -93.28 23.93 -50.25
CA LEU LB 92 -93.61 22.52 -50.24
C LEU LB 92 -94.87 22.27 -51.07
N ASP LB 93 -94.88 21.14 -51.75
CA ASP LB 93 -96.03 20.74 -52.53
C ASP LB 93 -97.07 20.06 -51.64
N SER LB 94 -98.16 19.59 -52.25
CA SER LB 94 -99.23 18.95 -51.49
C SER LB 94 -98.77 17.59 -50.95
N GLY LB 95 -98.00 16.85 -51.74
CA GLY LB 95 -97.54 15.54 -51.31
C GLY LB 95 -96.71 15.53 -50.04
N LEU LB 96 -96.13 16.68 -49.68
CA LEU LB 96 -95.29 16.80 -48.51
C LEU LB 96 -95.89 17.71 -47.44
N ALA LB 97 -97.09 18.23 -47.65
CA ALA LB 97 -97.71 19.11 -46.67
C ALA LB 97 -97.95 18.38 -45.35
N GLU LB 98 -98.55 17.19 -45.42
CA GLU LB 98 -98.88 16.45 -44.22
C GLU LB 98 -97.63 16.09 -43.43
N SER LB 99 -96.62 15.54 -44.10
CA SER LB 99 -95.40 15.14 -43.42
C SER LB 99 -94.76 16.31 -42.69
N VAL LB 100 -94.56 17.43 -43.39
CA VAL LB 100 -93.92 18.59 -42.78
C VAL LB 100 -94.75 19.11 -41.62
N SER LB 101 -96.06 19.25 -41.84
CA SER LB 101 -96.94 19.78 -40.80
C SER LB 101 -96.87 18.93 -39.53
N THR LB 102 -97.01 17.61 -39.68
CA THR LB 102 -97.00 16.73 -38.51
C THR LB 102 -95.63 16.71 -37.85
N LEU LB 103 -94.56 16.69 -38.64
CA LEU LB 103 -93.23 16.65 -38.06
C LEU LB 103 -92.87 17.95 -37.36
N ILE LB 104 -93.51 19.06 -37.72
CA ILE LB 104 -93.29 20.30 -37.00
C ILE LB 104 -94.19 20.36 -35.76
N TRP LB 105 -95.39 19.78 -35.84
CA TRP LB 105 -96.33 19.88 -34.72
C TRP LB 105 -95.97 18.90 -33.60
N ALA LB 106 -95.49 17.71 -33.96
CA ALA LB 106 -95.22 16.67 -32.97
C ALA LB 106 -93.83 16.79 -32.35
N ALA LB 107 -92.94 17.57 -32.96
CA ALA LB 107 -91.58 17.69 -32.42
C ALA LB 107 -91.57 18.10 -30.97
N PRO LB 108 -92.23 19.19 -30.54
CA PRO LB 108 -92.22 19.51 -29.11
C PRO LB 108 -92.90 18.45 -28.26
N ARG LB 109 -93.82 17.68 -28.82
CA ARG LB 109 -94.47 16.63 -28.06
C ARG LB 109 -93.48 15.51 -27.72
N LEU LB 110 -92.79 14.99 -28.73
CA LEU LB 110 -91.83 13.90 -28.56
C LEU LB 110 -90.40 14.39 -28.50
N GLN LB 111 -90.18 15.64 -28.10
CA GLN LB 111 -88.82 16.17 -28.04
C GLN LB 111 -87.98 15.43 -27.00
N SER LB 112 -88.59 14.96 -25.92
CA SER LB 112 -87.82 14.28 -24.89
C SER LB 112 -87.42 12.88 -25.34
N GLU LB 113 -88.34 12.14 -25.95
CA GLU LB 113 -88.04 10.79 -26.42
C GLU LB 113 -87.00 10.84 -27.54
N VAL LB 114 -87.31 11.56 -28.61
CA VAL LB 114 -86.45 11.67 -29.78
C VAL LB 114 -85.92 13.11 -29.82
N ALA LB 115 -84.60 13.26 -29.66
CA ALA LB 115 -84.00 14.58 -29.67
C ALA LB 115 -83.85 15.10 -31.09
N GLU LB 116 -83.37 14.25 -32.00
CA GLU LB 116 -83.14 14.67 -33.38
C GLU LB 116 -84.40 15.23 -34.03
N LEU LB 117 -85.58 14.87 -33.52
CA LEU LB 117 -86.81 15.37 -34.09
C LEU LB 117 -86.89 16.89 -33.99
N LYS LB 118 -86.33 17.47 -32.94
CA LYS LB 118 -86.31 18.92 -32.82
C LYS LB 118 -85.46 19.56 -33.90
N ILE LB 119 -84.33 18.93 -34.24
CA ILE LB 119 -83.49 19.42 -35.31
C ILE LB 119 -84.21 19.31 -36.65
N VAL LB 120 -84.95 18.22 -36.85
CA VAL LB 120 -85.75 18.08 -38.07
C VAL LB 120 -86.77 19.21 -38.15
N ALA LB 121 -87.46 19.48 -37.04
CA ALA LB 121 -88.42 20.58 -37.01
C ALA LB 121 -87.75 21.91 -37.33
N ASP LB 122 -86.53 22.11 -36.82
CA ASP LB 122 -85.79 23.33 -37.11
C ASP LB 122 -85.55 23.46 -38.62
N GLN LB 123 -84.94 22.44 -39.22
CA GLN LB 123 -84.65 22.50 -40.65
C GLN LB 123 -85.91 22.68 -41.48
N LEU LB 124 -87.05 22.17 -41.00
CA LEU LB 124 -88.30 22.34 -41.73
C LEU LB 124 -88.98 23.67 -41.46
N CYS LB 125 -88.61 24.36 -40.38
CA CYS LB 125 -89.11 25.69 -40.11
C CYS LB 125 -88.20 26.77 -40.67
N ALA LB 126 -86.89 26.51 -40.71
CA ALA LB 126 -85.93 27.45 -41.26
C ALA LB 126 -85.89 27.46 -42.78
N LYS LB 127 -86.54 26.49 -43.43
CA LYS LB 127 -86.55 26.44 -44.89
C LYS LB 127 -87.73 27.18 -45.50
N TYR LB 128 -88.79 27.41 -44.72
CA TYR LB 128 -90.02 28.00 -45.23
C TYR LB 128 -90.28 29.33 -44.55
N SER LB 129 -90.90 30.25 -45.29
CA SER LB 129 -91.28 31.55 -44.78
C SER LB 129 -92.77 31.83 -44.88
N LYS LB 130 -93.47 31.18 -45.82
CA LYS LB 130 -94.91 31.36 -45.97
C LYS LB 130 -95.60 30.72 -44.77
N GLU LB 131 -96.06 31.54 -43.83
CA GLU LB 131 -96.70 31.06 -42.60
C GLU LB 131 -95.76 30.17 -41.80
N TYR LB 132 -94.47 30.47 -41.84
CA TYR LB 132 -93.44 29.69 -41.17
C TYR LB 132 -92.74 30.55 -40.12
N GLY LB 133 -91.75 29.97 -39.47
CA GLY LB 133 -91.18 30.56 -38.28
C GLY LB 133 -91.94 30.12 -37.04
N LYS LB 134 -91.22 29.97 -35.93
CA LYS LB 134 -91.79 29.40 -34.71
C LYS LB 134 -93.23 29.85 -34.50
N LEU LB 135 -93.45 31.17 -34.47
CA LEU LB 135 -94.80 31.70 -34.27
C LEU LB 135 -95.72 31.28 -35.41
N CYS LB 136 -95.36 31.65 -36.64
CA CYS LB 136 -96.19 31.28 -37.79
C CYS LB 136 -96.19 29.79 -38.04
N ARG LB 137 -95.15 29.08 -37.61
CA ARG LB 137 -95.13 27.63 -37.73
C ARG LB 137 -96.17 27.00 -36.81
N THR LB 138 -96.38 27.59 -35.63
CA THR LB 138 -97.45 27.14 -34.75
C THR LB 138 -98.82 27.63 -35.24
N ASN LB 139 -98.85 28.78 -35.92
CA ASN LB 139 -100.12 29.29 -36.42
C ASN LB 139 -100.62 28.48 -37.61
N GLN LB 140 -99.71 28.04 -38.48
CA GLN LB 140 -100.07 27.26 -39.66
C GLN LB 140 -100.01 25.76 -39.41
N ILE LB 141 -100.24 25.33 -38.18
CA ILE LB 141 -100.19 23.91 -37.82
C ILE LB 141 -101.58 23.28 -37.86
N GLY LB 142 -102.54 23.92 -38.52
CA GLY LB 142 -103.89 23.42 -38.57
C GLY LB 142 -104.15 22.51 -39.76
N THR LB 143 -103.12 21.79 -40.20
CA THR LB 143 -103.25 20.85 -41.31
C THR LB 143 -102.56 19.53 -41.04
N VAL LB 144 -102.35 19.18 -39.77
CA VAL LB 144 -101.64 17.95 -39.41
C VAL LB 144 -102.63 16.79 -39.40
N ASN LB 145 -102.08 15.57 -39.44
CA ASN LB 145 -102.89 14.37 -39.38
C ASN LB 145 -103.67 14.31 -38.07
N ASP LB 146 -104.99 14.29 -38.18
CA ASP LB 146 -105.83 14.28 -36.98
C ASP LB 146 -105.61 13.01 -36.17
N ARG LB 147 -105.39 11.88 -36.84
CA ARG LB 147 -105.16 10.63 -36.13
C ARG LB 147 -103.94 10.74 -35.22
N LEU LB 148 -102.83 11.24 -35.75
CA LEU LB 148 -101.63 11.41 -34.93
C LEU LB 148 -101.88 12.38 -33.80
N MET LB 149 -102.66 13.44 -34.05
CA MET LB 149 -103.04 14.35 -32.99
C MET LB 149 -103.76 13.61 -31.87
N HIS LB 150 -104.62 12.65 -32.24
CA HIS LB 150 -105.34 11.89 -31.23
C HIS LB 150 -104.41 10.95 -30.48
N LYS LB 151 -103.49 10.30 -31.19
CA LYS LB 151 -102.55 9.38 -30.53
C LYS LB 151 -101.70 10.11 -29.51
N LEU LB 152 -101.27 11.33 -29.83
CA LEU LB 152 -100.45 12.15 -28.94
C LEU LB 152 -101.28 13.13 -28.13
N SER LB 153 -102.60 12.96 -28.10
CA SER LB 153 -103.46 13.83 -27.32
C SER LB 153 -103.29 13.52 -25.84
N VAL LB 154 -103.00 14.55 -25.05
CA VAL LB 154 -102.76 14.39 -23.63
C VAL LB 154 -104.12 14.59 -22.94
N GLU LB 155 -104.85 13.50 -22.78
CA GLU LB 155 -106.18 13.55 -22.21
C GLU LB 155 -106.49 12.22 -21.52
N ALA LB 156 -107.34 12.29 -20.51
CA ALA LB 156 -107.77 11.08 -19.82
C ALA LB 156 -108.53 10.18 -20.78
N PRO LB 157 -108.02 8.99 -21.10
CA PRO LB 157 -108.71 8.13 -22.06
C PRO LB 157 -110.12 7.81 -21.60
N PRO LB 158 -111.00 7.39 -22.51
CA PRO LB 158 -112.38 7.07 -22.12
C PRO LB 158 -112.41 5.89 -21.16
N LYS LB 159 -113.31 5.97 -20.18
CA LYS LB 159 -113.37 4.94 -19.14
C LYS LB 159 -113.78 3.59 -19.73
N ILE LB 160 -114.72 3.59 -20.68
CA ILE LB 160 -115.16 2.33 -21.28
C ILE LB 160 -114.00 1.63 -21.97
N LEU LB 161 -113.13 2.43 -22.60
CA LEU LB 161 -111.94 1.87 -23.29
C LEU LB 161 -111.04 1.19 -22.26
N VAL LB 162 -110.88 1.82 -21.08
CA VAL LB 162 -110.04 1.25 -19.99
C VAL LB 162 -110.66 -0.07 -19.53
N GLU LB 163 -111.99 -0.11 -19.41
CA GLU LB 163 -112.71 -1.33 -18.97
C GLU LB 163 -112.47 -2.44 -20.01
N ARG LB 164 -112.54 -2.09 -21.30
CA ARG LB 164 -112.32 -3.08 -22.38
C ARG LB 164 -110.89 -3.62 -22.29
N TYR LB 165 -109.93 -2.72 -22.03
CA TYR LB 165 -108.50 -3.11 -21.91
C TYR LB 165 -108.34 -4.08 -20.72
N LEU LB 166 -109.02 -3.79 -19.61
CA LEU LB 166 -108.94 -4.65 -18.44
C LEU LB 166 -109.63 -5.99 -18.69
N ILE LB 167 -110.79 -5.97 -19.35
CA ILE LB 167 -111.50 -7.20 -19.66
C ILE LB 167 -110.61 -8.11 -20.49
N GLU LB 168 -109.98 -7.57 -21.53
CA GLU LB 168 -109.15 -8.38 -22.41
C GLU LB 168 -107.95 -8.95 -21.65
N ILE LB 169 -107.27 -8.10 -20.86
CA ILE LB 169 -106.09 -8.57 -20.13
C ILE LB 169 -106.48 -9.68 -19.15
N ALA LB 170 -107.60 -9.49 -18.43
CA ALA LB 170 -108.06 -10.51 -17.50
C ALA LB 170 -108.38 -11.81 -18.24
N LYS LB 171 -109.18 -11.71 -19.30
CA LYS LB 171 -109.55 -12.89 -20.07
C LYS LB 171 -108.32 -13.63 -20.60
N ASN LB 172 -107.25 -12.90 -20.89
CA ASN LB 172 -106.06 -13.56 -21.42
C ASN LB 172 -105.23 -14.19 -20.31
N TYR LB 173 -105.11 -13.53 -19.16
CA TYR LB 173 -104.26 -14.01 -18.08
C TYR LB 173 -105.02 -14.89 -17.08
N ASN LB 174 -106.21 -15.35 -17.42
CA ASN LB 174 -106.95 -16.30 -16.59
C ASN LB 174 -107.22 -15.72 -15.21
N VAL LB 175 -107.65 -14.47 -15.17
CA VAL LB 175 -107.98 -13.79 -13.91
C VAL LB 175 -109.42 -13.30 -14.00
N PRO LB 176 -110.23 -13.47 -12.94
CA PRO LB 176 -111.58 -12.90 -12.97
C PRO LB 176 -111.55 -11.39 -12.79
N TYR LB 177 -112.55 -10.73 -13.39
CA TYR LB 177 -112.67 -9.28 -13.28
C TYR LB 177 -114.12 -8.89 -13.57
N GLU LB 178 -114.69 -8.07 -12.70
CA GLU LB 178 -116.07 -7.61 -12.84
C GLU LB 178 -116.06 -6.15 -13.28
N PRO LB 179 -116.30 -5.86 -14.56
CA PRO LB 179 -116.23 -4.46 -15.02
C PRO LB 179 -117.22 -3.57 -14.30
N ASP LB 180 -116.89 -2.30 -14.23
CA ASP LB 180 -117.80 -1.30 -13.67
C ASP LB 180 -118.99 -1.15 -14.59
N SER LB 181 -120.16 -1.63 -14.17
CA SER LB 181 -121.31 -1.62 -15.05
C SER LB 181 -121.70 -0.19 -15.44
N VAL LB 182 -121.49 0.77 -14.53
CA VAL LB 182 -121.89 2.17 -14.80
C VAL LB 182 -121.27 2.64 -16.10
N VAL LB 183 -120.02 2.28 -16.35
CA VAL LB 183 -119.30 2.70 -17.55
C VAL LB 183 -119.35 1.59 -18.59
N MET LB 184 -119.39 0.34 -18.13
CA MET LB 184 -119.40 -0.79 -19.06
C MET LB 184 -120.68 -0.86 -19.87
N ALA LB 185 -121.77 -0.27 -19.40
CA ALA LB 185 -123.04 -0.30 -20.11
C ALA LB 185 -123.39 1.02 -20.78
N GLU LB 186 -122.95 2.15 -20.25
CA GLU LB 186 -123.25 3.45 -20.84
C GLU LB 186 -122.35 3.69 -22.05
N ASN MB 3 -60.11 4.86 -19.14
CA ASN MB 3 -60.92 5.20 -17.97
C ASN MB 3 -62.13 4.27 -17.88
N MET MB 4 -62.89 4.17 -18.96
CA MET MB 4 -64.08 3.33 -18.97
C MET MB 4 -63.74 1.86 -18.79
N GLU MB 5 -62.55 1.44 -19.22
CA GLU MB 5 -62.15 0.04 -19.05
C GLU MB 5 -62.06 -0.31 -17.58
N LYS MB 6 -61.60 0.61 -16.74
CA LYS MB 6 -61.56 0.37 -15.30
C LYS MB 6 -62.96 0.18 -14.73
N HIS MB 7 -63.90 1.01 -15.16
CA HIS MB 7 -65.27 0.87 -14.68
C HIS MB 7 -65.87 -0.45 -15.13
N LEU MB 8 -65.59 -0.86 -16.37
CA LEU MB 8 -66.05 -2.16 -16.84
C LEU MB 8 -65.47 -3.28 -15.99
N PHE MB 9 -64.18 -3.20 -15.69
CA PHE MB 9 -63.56 -4.22 -14.84
C PHE MB 9 -64.24 -4.28 -13.48
N ASN MB 10 -64.49 -3.13 -12.86
CA ASN MB 10 -65.15 -3.11 -11.56
C ASN MB 10 -66.55 -3.70 -11.65
N LEU MB 11 -67.27 -3.40 -12.73
CA LEU MB 11 -68.63 -3.93 -12.89
C LEU MB 11 -68.61 -5.44 -12.98
N LYS MB 12 -67.72 -5.99 -13.82
CA LYS MB 12 -67.64 -7.43 -13.96
C LYS MB 12 -67.20 -8.10 -12.66
N PHE MB 13 -66.28 -7.45 -11.93
CA PHE MB 13 -65.87 -7.97 -10.64
C PHE MB 13 -67.04 -8.02 -9.66
N ALA MB 14 -67.86 -6.96 -9.64
CA ALA MB 14 -69.01 -6.94 -8.75
C ALA MB 14 -70.00 -8.03 -9.13
N ALA MB 15 -70.22 -8.25 -10.43
CA ALA MB 15 -71.13 -9.31 -10.86
C ALA MB 15 -70.63 -10.66 -10.39
N LYS MB 16 -69.33 -10.94 -10.58
CA LYS MB 16 -68.78 -12.22 -10.15
C LYS MB 16 -68.89 -12.36 -8.64
N GLU MB 17 -68.67 -11.28 -7.90
CA GLU MB 17 -68.80 -11.33 -6.45
C GLU MB 17 -70.22 -11.68 -6.05
N LEU MB 18 -71.22 -11.07 -6.72
CA LEU MB 18 -72.60 -11.38 -6.41
C LEU MB 18 -72.92 -12.84 -6.69
N SER MB 19 -72.40 -13.37 -7.80
CA SER MB 19 -72.63 -14.78 -8.13
C SER MB 19 -72.02 -15.69 -7.06
N ARG MB 20 -70.78 -15.41 -6.68
CA ARG MB 20 -70.13 -16.19 -5.63
C ARG MB 20 -70.93 -16.14 -4.34
N SER MB 21 -71.44 -14.95 -3.98
CA SER MB 21 -72.20 -14.82 -2.75
C SER MB 21 -73.50 -15.61 -2.82
N ALA MB 22 -74.15 -15.62 -3.98
CA ALA MB 22 -75.36 -16.41 -4.14
C ALA MB 22 -75.07 -17.89 -3.94
N LYS MB 23 -73.99 -18.37 -4.56
CA LYS MB 23 -73.60 -19.77 -4.38
C LYS MB 23 -73.36 -20.09 -2.90
N LYS MB 24 -72.59 -19.22 -2.23
CA LYS MB 24 -72.28 -19.43 -0.82
C LYS MB 24 -73.55 -19.45 0.02
N CYS MB 25 -74.50 -18.57 -0.28
CA CYS MB 25 -75.72 -18.50 0.51
C CYS MB 25 -76.58 -19.75 0.29
N ASP MB 26 -76.62 -20.26 -0.95
CA ASP MB 26 -77.31 -21.52 -1.19
C ASP MB 26 -76.68 -22.65 -0.37
N LYS MB 27 -75.35 -22.71 -0.36
CA LYS MB 27 -74.68 -23.71 0.45
C LYS MB 27 -75.04 -23.59 1.93
N GLU MB 28 -75.04 -22.35 2.44
CA GLU MB 28 -75.37 -22.13 3.84
C GLU MB 28 -76.80 -22.55 4.14
N GLU MB 29 -77.72 -22.32 3.20
CA GLU MB 29 -79.09 -22.81 3.38
C GLU MB 29 -79.12 -24.32 3.49
N LYS MB 30 -78.38 -24.99 2.59
CA LYS MB 30 -78.34 -26.45 2.65
C LYS MB 30 -77.82 -26.94 4.00
N ALA MB 31 -76.88 -26.21 4.59
CA ALA MB 31 -76.36 -26.60 5.90
C ALA MB 31 -77.37 -26.34 7.01
N GLU MB 32 -77.99 -25.17 6.99
CA GLU MB 32 -78.97 -24.84 8.01
C GLU MB 32 -80.17 -25.78 7.98
N LYS MB 33 -80.47 -26.38 6.82
CA LYS MB 33 -81.53 -27.37 6.78
C LYS MB 33 -81.14 -28.60 7.60
N ALA MB 34 -79.89 -29.06 7.48
CA ALA MB 34 -79.41 -30.14 8.33
C ALA MB 34 -79.55 -29.77 9.80
N LYS MB 35 -79.15 -28.53 10.15
CA LYS MB 35 -79.18 -28.13 11.54
C LYS MB 35 -80.61 -28.09 12.09
N ILE MB 36 -81.55 -27.59 11.28
CA ILE MB 36 -82.94 -27.55 11.73
C ILE MB 36 -83.51 -28.95 11.88
N GLU MB 37 -83.12 -29.87 10.99
CA GLU MB 37 -83.54 -31.26 11.16
C GLU MB 37 -83.03 -31.83 12.47
N LYS MB 38 -81.75 -31.61 12.77
CA LYS MB 38 -81.21 -32.07 14.04
C LYS MB 38 -81.98 -31.48 15.21
N ALA MB 39 -82.21 -30.17 15.18
CA ALA MB 39 -82.86 -29.51 16.32
C ALA MB 39 -84.30 -29.97 16.49
N ILE MB 40 -85.01 -30.24 15.38
CA ILE MB 40 -86.37 -30.75 15.51
C ILE MB 40 -86.36 -32.19 15.99
N GLN MB 41 -85.27 -32.91 15.76
CA GLN MB 41 -85.13 -34.23 16.38
C GLN MB 41 -84.93 -34.12 17.88
N LYS MB 42 -84.03 -33.22 18.31
CA LYS MB 42 -83.79 -33.04 19.73
C LYS MB 42 -84.98 -32.44 20.47
N GLY MB 43 -85.96 -31.90 19.76
CA GLY MB 43 -87.12 -31.30 20.37
C GLY MB 43 -87.03 -29.81 20.60
N ASN MB 44 -85.89 -29.19 20.30
CA ASN MB 44 -85.74 -27.75 20.48
C ASN MB 44 -86.62 -27.01 19.48
N MET MB 45 -87.67 -26.36 19.98
CA MET MB 45 -88.54 -25.57 19.12
C MET MB 45 -87.89 -24.22 18.78
N GLU MB 46 -87.25 -23.59 19.77
CA GLU MB 46 -86.68 -22.27 19.54
C GLU MB 46 -85.47 -22.32 18.61
N VAL MB 47 -84.60 -23.32 18.80
CA VAL MB 47 -83.46 -23.45 17.90
C VAL MB 47 -83.94 -23.83 16.50
N ALA MB 48 -85.00 -24.62 16.41
CA ALA MB 48 -85.57 -24.92 15.10
C ALA MB 48 -86.09 -23.67 14.44
N ARG MB 49 -86.76 -22.79 15.21
CA ARG MB 49 -87.21 -21.52 14.67
C ARG MB 49 -86.03 -20.69 14.17
N ILE MB 50 -84.96 -20.62 14.96
CA ILE MB 50 -83.79 -19.84 14.57
C ILE MB 50 -83.21 -20.36 13.26
N HIS MB 51 -83.02 -21.67 13.18
CA HIS MB 51 -82.40 -22.25 12.00
C HIS MB 51 -83.32 -22.16 10.79
N ALA MB 52 -84.64 -22.22 11.00
CA ALA MB 52 -85.57 -22.01 9.89
C ALA MB 52 -85.50 -20.58 9.38
N GLU MB 53 -85.45 -19.61 10.28
CA GLU MB 53 -85.28 -18.23 9.87
C GLU MB 53 -84.00 -18.07 9.06
N ASN MB 54 -82.90 -18.65 9.55
CA ASN MB 54 -81.63 -18.56 8.83
C ASN MB 54 -81.74 -19.18 7.44
N ALA MB 55 -82.36 -20.35 7.35
CA ALA MB 55 -82.46 -21.04 6.07
C ALA MB 55 -83.29 -20.25 5.07
N ILE MB 56 -84.46 -19.77 5.51
CA ILE MB 56 -85.33 -18.99 4.62
C ILE MB 56 -84.61 -17.72 4.19
N ARG MB 57 -83.94 -17.04 5.12
CA ARG MB 57 -83.21 -15.83 4.79
C ARG MB 57 -82.12 -16.11 3.76
N GLN MB 58 -81.37 -17.19 3.96
CA GLN MB 58 -80.30 -17.51 3.02
C GLN MB 58 -80.86 -17.84 1.64
N LYS MB 59 -81.97 -18.58 1.59
CA LYS MB 59 -82.59 -18.88 0.31
C LYS MB 59 -83.00 -17.61 -0.41
N ASN MB 60 -83.73 -16.74 0.28
CA ASN MB 60 -84.22 -15.52 -0.36
C ASN MB 60 -83.07 -14.62 -0.79
N GLN MB 61 -82.05 -14.46 0.06
CA GLN MB 61 -80.95 -13.58 -0.29
C GLN MB 61 -80.09 -14.20 -1.39
N ALA MB 62 -80.04 -15.52 -1.50
CA ALA MB 62 -79.35 -16.15 -2.61
C ALA MB 62 -80.08 -15.88 -3.92
N VAL MB 63 -81.40 -16.00 -3.91
CA VAL MB 63 -82.18 -15.67 -5.11
C VAL MB 63 -81.96 -14.21 -5.49
N ASN MB 64 -81.98 -13.33 -4.48
CA ASN MB 64 -81.79 -11.90 -4.76
C ASN MB 64 -80.40 -11.64 -5.33
N PHE MB 65 -79.37 -12.24 -4.75
CA PHE MB 65 -78.01 -12.08 -5.27
C PHE MB 65 -77.91 -12.60 -6.69
N LEU MB 66 -78.60 -13.70 -7.00
CA LEU MB 66 -78.54 -14.24 -8.35
C LEU MB 66 -79.17 -13.29 -9.35
N ARG MB 67 -80.37 -12.79 -9.04
CA ARG MB 67 -81.01 -11.82 -9.93
C ARG MB 67 -80.16 -10.57 -10.08
N MET MB 68 -79.58 -10.09 -8.98
CA MET MB 68 -78.75 -8.90 -9.01
C MET MB 68 -77.52 -9.12 -9.88
N SER MB 69 -76.88 -10.28 -9.75
CA SER MB 69 -75.73 -10.59 -10.58
C SER MB 69 -76.11 -10.69 -12.04
N ALA MB 70 -77.31 -11.21 -12.34
CA ALA MB 70 -77.76 -11.24 -13.73
C ALA MB 70 -77.89 -9.83 -14.28
N ARG MB 71 -78.49 -8.92 -13.49
CA ARG MB 71 -78.63 -7.54 -13.94
C ARG MB 71 -77.27 -6.90 -14.19
N VAL MB 72 -76.35 -7.06 -13.24
CA VAL MB 72 -75.03 -6.46 -13.40
C VAL MB 72 -74.30 -7.10 -14.58
N ASP MB 73 -74.53 -8.38 -14.83
CA ASP MB 73 -73.92 -9.03 -15.99
C ASP MB 73 -74.42 -8.42 -17.28
N ALA MB 74 -75.74 -8.19 -17.37
CA ALA MB 74 -76.28 -7.54 -18.56
C ALA MB 74 -75.66 -6.16 -18.75
N VAL MB 75 -75.59 -5.37 -17.68
CA VAL MB 75 -75.04 -4.03 -17.79
C VAL MB 75 -73.58 -4.08 -18.19
N ALA MB 76 -72.81 -5.03 -17.64
CA ALA MB 76 -71.40 -5.12 -17.96
C ALA MB 76 -71.17 -5.57 -19.38
N ALA MB 77 -72.00 -6.49 -19.88
CA ALA MB 77 -71.91 -6.89 -21.28
C ALA MB 77 -72.19 -5.69 -22.19
N ARG MB 78 -73.21 -4.91 -21.85
CA ARG MB 78 -73.50 -3.71 -22.63
C ARG MB 78 -72.33 -2.75 -22.62
N VAL MB 79 -71.72 -2.54 -21.45
CA VAL MB 79 -70.61 -1.59 -21.36
C VAL MB 79 -69.39 -2.11 -22.11
N GLN MB 80 -69.16 -3.42 -22.09
CA GLN MB 80 -68.04 -4.00 -22.82
C GLN MB 80 -68.25 -3.85 -24.32
N THR MB 81 -69.48 -4.09 -24.79
CA THR MB 81 -69.81 -3.80 -26.18
C THR MB 81 -69.52 -2.35 -26.51
N ALA MB 82 -69.94 -1.44 -25.64
CA ALA MB 82 -69.72 -0.01 -25.89
C ALA MB 82 -68.23 0.30 -25.96
N VAL MB 83 -67.42 -0.29 -25.09
CA VAL MB 83 -65.98 -0.03 -25.09
C VAL MB 83 -65.35 -0.51 -26.39
N THR MB 84 -65.66 -1.76 -26.78
CA THR MB 84 -65.10 -2.30 -28.01
C THR MB 84 -65.52 -1.46 -29.21
N MET MB 85 -66.80 -1.07 -29.27
CA MET MB 85 -67.27 -0.26 -30.38
C MET MB 85 -66.65 1.13 -30.37
N GLY MB 86 -66.34 1.66 -29.18
CA GLY MB 86 -65.65 2.93 -29.12
C GLY MB 86 -64.24 2.84 -29.66
N LYS MB 87 -63.53 1.76 -29.32
CA LYS MB 87 -62.22 1.54 -29.92
C LYS MB 87 -62.33 1.44 -31.44
N VAL MB 88 -63.34 0.68 -31.92
CA VAL MB 88 -63.51 0.52 -33.36
C VAL MB 88 -63.80 1.86 -34.02
N THR MB 89 -64.67 2.66 -33.41
CA THR MB 89 -65.03 3.96 -33.97
C THR MB 89 -63.84 4.90 -33.99
N LYS MB 90 -63.04 4.90 -32.93
CA LYS MB 90 -61.83 5.72 -32.90
C LYS MB 90 -60.87 5.29 -34.01
N SER MB 91 -60.67 3.99 -34.17
CA SER MB 91 -59.77 3.51 -35.21
C SER MB 91 -60.26 3.89 -36.59
N MET MB 92 -61.58 3.81 -36.82
CA MET MB 92 -62.11 4.14 -38.13
C MET MB 92 -62.08 5.64 -38.37
N ALA MB 93 -62.20 6.45 -37.32
CA ALA MB 93 -62.01 7.89 -37.48
C ALA MB 93 -60.57 8.22 -37.85
N GLY MB 94 -59.60 7.59 -37.18
CA GLY MB 94 -58.21 7.78 -37.56
C GLY MB 94 -57.95 7.35 -38.98
N VAL MB 95 -58.52 6.22 -39.39
CA VAL MB 95 -58.36 5.74 -40.75
C VAL MB 95 -58.97 6.72 -41.73
N VAL MB 96 -60.13 7.29 -41.39
CA VAL MB 96 -60.77 8.26 -42.27
C VAL MB 96 -59.89 9.48 -42.43
N LYS MB 97 -59.31 9.97 -41.34
CA LYS MB 97 -58.44 11.13 -41.41
C LYS MB 97 -57.22 10.85 -42.30
N SER MB 98 -56.55 9.72 -42.06
CA SER MB 98 -55.36 9.39 -42.83
C SER MB 98 -55.70 9.22 -44.30
N MET MB 99 -56.77 8.49 -44.60
CA MET MB 99 -57.17 8.30 -45.99
C MET MB 99 -57.59 9.61 -46.65
N ASP MB 100 -58.19 10.51 -45.88
CA ASP MB 100 -58.55 11.82 -46.43
C ASP MB 100 -57.28 12.58 -46.84
N ALA MB 101 -56.31 12.66 -45.93
CA ALA MB 101 -55.05 13.31 -46.26
C ALA MB 101 -54.42 12.68 -47.51
N THR MB 102 -54.35 11.36 -47.53
CA THR MB 102 -53.70 10.68 -48.64
C THR MB 102 -54.44 10.91 -49.96
N LEU MB 103 -55.73 10.59 -50.01
CA LEU MB 103 -56.51 10.79 -51.22
C LEU MB 103 -56.56 12.24 -51.65
N LYS MB 104 -56.30 13.18 -50.73
CA LYS MB 104 -56.12 14.56 -51.13
C LYS MB 104 -54.78 14.75 -51.83
N THR MB 105 -53.72 14.17 -51.26
CA THR MB 105 -52.41 14.24 -51.89
C THR MB 105 -52.35 13.37 -53.13
N MET MB 106 -52.69 12.10 -53.00
CA MET MB 106 -52.65 11.14 -54.10
C MET MB 106 -54.09 10.86 -54.52
N ASN MB 107 -54.60 11.70 -55.43
CA ASN MB 107 -55.96 11.56 -55.91
C ASN MB 107 -55.98 10.73 -57.18
N LEU MB 108 -57.19 10.55 -57.74
CA LEU MB 108 -57.34 9.69 -58.90
C LEU MB 108 -56.68 10.29 -60.14
N GLU MB 109 -56.76 11.61 -60.30
CA GLU MB 109 -56.08 12.25 -61.42
C GLU MB 109 -54.58 11.99 -61.37
N LYS MB 110 -53.98 12.31 -60.22
CA LYS MB 110 -52.53 12.14 -60.08
C LYS MB 110 -52.14 10.68 -60.21
N ILE MB 111 -52.94 9.77 -59.66
CA ILE MB 111 -52.63 8.35 -59.74
C ILE MB 111 -52.68 7.86 -61.18
N SER MB 112 -53.73 8.24 -61.91
CA SER MB 112 -53.84 7.85 -63.30
C SER MB 112 -52.69 8.39 -64.13
N ALA MB 113 -52.33 9.66 -63.91
CA ALA MB 113 -51.21 10.24 -64.65
C ALA MB 113 -49.91 9.53 -64.31
N LEU MB 114 -49.70 9.26 -63.02
CA LEU MB 114 -48.49 8.56 -62.59
C LEU MB 114 -48.40 7.19 -63.22
N MET MB 115 -49.54 6.51 -63.37
CA MET MB 115 -49.50 5.17 -63.93
C MET MB 115 -49.30 5.19 -65.44
N ASP MB 116 -49.91 6.15 -66.13
CA ASP MB 116 -49.60 6.33 -67.53
C ASP MB 116 -48.11 6.61 -67.72
N LYS MB 117 -47.54 7.42 -66.83
CA LYS MB 117 -46.10 7.70 -66.89
C LYS MB 117 -45.28 6.45 -66.64
N PHE MB 118 -45.65 5.65 -65.66
CA PHE MB 118 -44.96 4.39 -65.40
C PHE MB 118 -44.97 3.50 -66.63
N GLU MB 119 -46.16 3.32 -67.23
CA GLU MB 119 -46.28 2.48 -68.41
C GLU MB 119 -45.41 3.00 -69.54
N HIS MB 120 -45.45 4.31 -69.80
CA HIS MB 120 -44.69 4.85 -70.92
C HIS MB 120 -43.19 4.77 -70.66
N GLN MB 121 -42.77 5.03 -69.42
CA GLN MB 121 -41.36 4.93 -69.08
C GLN MB 121 -40.84 3.51 -69.27
N PHE MB 122 -41.62 2.52 -68.85
CA PHE MB 122 -41.16 1.15 -68.99
C PHE MB 122 -41.31 0.63 -70.42
N GLU MB 123 -42.19 1.20 -71.21
CA GLU MB 123 -42.18 0.92 -72.65
C GLU MB 123 -40.92 1.47 -73.29
N THR MB 124 -40.57 2.71 -72.97
CA THR MB 124 -39.30 3.27 -73.42
C THR MB 124 -38.13 2.39 -72.98
N LEU MB 125 -38.21 1.84 -71.77
CA LEU MB 125 -37.17 0.94 -71.30
C LEU MB 125 -37.17 -0.38 -72.07
N ASP MB 126 -38.35 -0.79 -72.53
CA ASP MB 126 -38.49 -2.01 -73.37
C ASP MB 126 -37.74 -1.77 -74.69
N VAL MB 127 -37.87 -0.56 -75.26
CA VAL MB 127 -37.21 -0.19 -76.50
C VAL MB 127 -35.70 -0.11 -76.29
N GLN MB 128 -35.29 0.53 -75.19
CA GLN MB 128 -33.87 0.61 -74.86
C GLN MB 128 -33.27 -0.77 -74.69
N THR MB 129 -33.98 -1.67 -74.02
CA THR MB 129 -33.47 -3.02 -73.82
C THR MB 129 -33.31 -3.75 -75.15
N GLN MB 130 -34.30 -3.64 -76.02
CA GLN MB 130 -34.21 -4.29 -77.32
C GLN MB 130 -33.01 -3.79 -78.11
N GLN MB 131 -32.86 -2.46 -78.19
CA GLN MB 131 -31.75 -1.90 -78.96
C GLN MB 131 -30.41 -2.26 -78.33
N MET MB 132 -30.31 -2.12 -77.01
CA MET MB 132 -29.11 -2.48 -76.29
C MET MB 132 -28.75 -3.93 -76.54
N GLU MB 133 -29.74 -4.81 -76.62
CA GLU MB 133 -29.46 -6.22 -76.82
C GLU MB 133 -29.02 -6.48 -78.25
N ASP MB 134 -29.67 -5.84 -79.22
CA ASP MB 134 -29.21 -5.92 -80.60
C ASP MB 134 -27.73 -5.54 -80.68
N THR MB 135 -27.34 -4.45 -80.04
CA THR MB 135 -25.95 -4.02 -80.11
C THR MB 135 -25.03 -4.97 -79.37
N MET MB 136 -25.42 -5.39 -78.16
CA MET MB 136 -24.60 -6.36 -77.42
C MET MB 136 -24.33 -7.59 -78.26
N SER MB 137 -25.34 -8.07 -78.98
CA SER MB 137 -25.16 -9.25 -79.81
C SER MB 137 -24.26 -8.94 -81.01
N SER MB 138 -24.46 -7.77 -81.63
CA SER MB 138 -23.63 -7.41 -82.78
C SER MB 138 -22.17 -7.25 -82.40
N THR MB 139 -21.90 -6.91 -81.13
CA THR MB 139 -20.52 -6.74 -80.70
C THR MB 139 -19.76 -8.07 -80.75
N THR MB 140 -20.38 -9.14 -80.28
CA THR MB 140 -19.75 -10.45 -80.16
C THR MB 140 -20.46 -11.40 -81.13
N THR MB 141 -20.00 -11.40 -82.37
CA THR MB 141 -20.52 -12.30 -83.39
C THR MB 141 -19.48 -13.27 -83.94
N LEU MB 142 -18.19 -12.98 -83.76
CA LEU MB 142 -17.14 -13.88 -84.21
C LEU MB 142 -16.78 -14.94 -83.18
N THR MB 143 -17.16 -14.73 -81.92
CA THR MB 143 -17.00 -15.76 -80.90
C THR MB 143 -18.18 -16.72 -80.89
N THR MB 144 -19.34 -16.30 -81.38
CA THR MB 144 -20.56 -17.11 -81.40
C THR MB 144 -21.09 -17.13 -82.83
N PRO MB 145 -20.51 -17.96 -83.71
CA PRO MB 145 -21.04 -18.08 -85.06
C PRO MB 145 -22.36 -18.83 -85.07
N GLN MB 146 -23.32 -18.31 -85.85
CA GLN MB 146 -24.63 -18.94 -85.94
C GLN MB 146 -24.50 -20.38 -86.45
N ASN MB 147 -23.62 -20.60 -87.43
CA ASN MB 147 -23.46 -21.94 -87.99
C ASN MB 147 -23.03 -22.94 -86.94
N GLN MB 148 -22.07 -22.56 -86.09
CA GLN MB 148 -21.59 -23.48 -85.06
C GLN MB 148 -22.68 -23.81 -84.06
N VAL MB 149 -23.48 -22.80 -83.67
CA VAL MB 149 -24.56 -23.05 -82.72
C VAL MB 149 -25.61 -23.98 -83.34
N ASP MB 150 -25.97 -23.73 -84.61
CA ASP MB 150 -26.90 -24.61 -85.29
C ASP MB 150 -26.38 -26.04 -85.33
N MET MB 151 -25.11 -26.21 -85.67
CA MET MB 151 -24.54 -27.54 -85.75
C MET MB 151 -24.54 -28.22 -84.38
N LEU MB 152 -24.17 -27.48 -83.33
CA LEU MB 152 -24.18 -28.08 -82.00
C LEU MB 152 -25.58 -28.53 -81.62
N LEU MB 153 -26.58 -27.70 -81.90
CA LEU MB 153 -27.95 -28.08 -81.56
C LEU MB 153 -28.38 -29.31 -82.35
N GLN MB 154 -28.03 -29.37 -83.64
CA GLN MB 154 -28.39 -30.53 -84.44
C GLN MB 154 -27.74 -31.79 -83.91
N GLU MB 155 -26.46 -31.71 -83.55
CA GLU MB 155 -25.78 -32.89 -83.03
C GLU MB 155 -26.37 -33.33 -81.70
N MET MB 156 -26.63 -32.38 -80.81
CA MET MB 156 -27.20 -32.74 -79.51
C MET MB 156 -28.59 -33.35 -79.66
N ALA MB 157 -29.40 -32.81 -80.58
CA ALA MB 157 -30.71 -33.39 -80.85
C ALA MB 157 -30.57 -34.81 -81.38
N ASP MB 158 -29.80 -34.99 -82.45
CA ASP MB 158 -29.63 -36.31 -83.05
C ASP MB 158 -29.12 -37.32 -82.03
N GLU MB 159 -28.22 -36.88 -81.15
CA GLU MB 159 -27.74 -37.77 -80.10
C GLU MB 159 -28.87 -38.12 -79.13
N ALA MB 160 -29.64 -37.12 -78.72
CA ALA MB 160 -30.80 -37.38 -77.87
C ALA MB 160 -31.93 -38.06 -78.62
N GLY MB 161 -31.84 -38.19 -79.93
CA GLY MB 161 -32.87 -38.81 -80.73
C GLY MB 161 -34.11 -37.97 -80.93
N LEU MB 162 -34.26 -36.88 -80.20
CA LEU MB 162 -35.46 -36.06 -80.28
C LEU MB 162 -35.38 -35.13 -81.49
N ASP MB 163 -36.33 -34.20 -81.58
CA ASP MB 163 -36.34 -33.20 -82.64
C ASP MB 163 -36.66 -31.85 -82.01
N LEU MB 164 -36.35 -30.79 -82.75
CA LEU MB 164 -36.48 -29.43 -82.28
C LEU MB 164 -37.56 -28.71 -83.08
N ASN MB 165 -38.56 -28.17 -82.38
CA ASN MB 165 -39.64 -27.43 -83.03
C ASN MB 165 -39.81 -26.07 -82.36
N GLU MB 187 -23.17 -21.75 -99.01
CA GLU MB 187 -24.43 -22.38 -99.40
C GLU MB 187 -25.30 -21.39 -100.15
N LEU MB 188 -26.26 -20.78 -99.44
CA LEU MB 188 -27.11 -19.77 -100.06
C LEU MB 188 -26.31 -18.55 -100.49
N SER MB 189 -25.24 -18.22 -99.75
CA SER MB 189 -24.45 -17.04 -100.07
C SER MB 189 -23.88 -17.14 -101.49
N GLN MB 190 -23.51 -18.34 -101.92
CA GLN MB 190 -22.96 -18.49 -103.27
C GLN MB 190 -24.02 -18.22 -104.33
N ARG MB 191 -25.24 -18.73 -104.13
CA ARG MB 191 -26.32 -18.44 -105.07
C ARG MB 191 -26.63 -16.96 -105.09
N LEU MB 192 -26.60 -16.30 -103.92
CA LEU MB 192 -26.86 -14.87 -103.88
C LEU MB 192 -25.76 -14.09 -104.58
N ALA MB 193 -24.52 -14.54 -104.46
CA ALA MB 193 -23.42 -13.87 -105.16
C ALA MB 193 -23.54 -14.05 -106.67
N ARG MB 194 -23.86 -15.26 -107.11
CA ARG MB 194 -24.09 -15.48 -108.55
C ARG MB 194 -25.21 -14.61 -109.05
N LEU MB 195 -26.27 -14.45 -108.25
CA LEU MB 195 -27.37 -13.56 -108.62
C LEU MB 195 -26.90 -12.11 -108.66
N ARG MB 196 -26.02 -11.73 -107.74
CA ARG MB 196 -25.50 -10.36 -107.71
C ARG MB 196 -24.68 -10.06 -108.94
N ASP MB 197 -23.90 -11.05 -109.41
CA ASP MB 197 -23.15 -10.86 -110.65
C ASP MB 197 -24.07 -10.57 -111.82
N GLN MB 198 -25.28 -11.14 -111.82
CA GLN MB 198 -26.26 -10.88 -112.86
C GLN MB 198 -25.71 -11.23 -114.23
N PHE NB 6 3.65 15.03 -96.36
CA PHE NB 6 3.43 13.61 -96.60
C PHE NB 6 4.48 12.76 -95.89
N LYS NB 7 4.00 11.75 -95.15
CA LYS NB 7 4.86 10.80 -94.40
C LYS NB 7 4.64 9.40 -94.97
N ALA NB 8 5.73 8.68 -95.26
CA ALA NB 8 5.61 7.36 -95.87
C ALA NB 8 5.22 6.30 -94.86
N GLU NB 9 5.97 6.20 -93.75
CA GLU NB 9 5.66 5.17 -92.75
C GLU NB 9 4.26 5.33 -92.20
N ARG NB 10 3.79 6.58 -92.06
CA ARG NB 10 2.41 6.79 -91.64
C ARG NB 10 1.44 6.14 -92.63
N LEU NB 11 1.68 6.33 -93.93
CA LEU NB 11 0.84 5.72 -94.95
C LEU NB 11 0.89 4.21 -94.87
N ARG NB 12 2.09 3.65 -94.68
CA ARG NB 12 2.24 2.20 -94.56
C ARG NB 12 1.41 1.66 -93.40
N VAL NB 13 1.57 2.27 -92.22
CA VAL NB 13 0.86 1.81 -91.03
C VAL NB 13 -0.65 1.93 -91.22
N ASN NB 14 -1.10 3.05 -91.80
CA ASN NB 14 -2.53 3.23 -92.02
C ASN NB 14 -3.06 2.23 -93.02
N LEU NB 15 -2.26 1.86 -94.02
CA LEU NB 15 -2.70 0.84 -94.98
C LEU NB 15 -2.87 -0.51 -94.30
N ARG NB 16 -1.90 -0.90 -93.48
CA ARG NB 16 -2.03 -2.16 -92.75
C ARG NB 16 -3.26 -2.15 -91.84
N LEU NB 17 -3.48 -1.03 -91.15
CA LEU NB 17 -4.64 -0.92 -90.28
C LEU NB 17 -5.94 -1.01 -91.07
N VAL NB 18 -5.99 -0.36 -92.24
CA VAL NB 18 -7.18 -0.42 -93.08
C VAL NB 18 -7.43 -1.86 -93.51
N ILE NB 19 -6.38 -2.59 -93.87
CA ILE NB 19 -6.53 -3.98 -94.27
C ILE NB 19 -7.16 -4.79 -93.14
N ASN NB 20 -6.59 -4.69 -91.95
CA ASN NB 20 -7.10 -5.44 -90.82
C ASN NB 20 -8.56 -5.08 -90.52
N ARG NB 21 -8.86 -3.77 -90.53
CA ARG NB 21 -10.21 -3.32 -90.25
C ARG NB 21 -11.19 -3.85 -91.28
N LEU NB 22 -10.80 -3.86 -92.56
CA LEU NB 22 -11.68 -4.36 -93.60
C LEU NB 22 -11.93 -5.86 -93.42
N LYS NB 23 -10.89 -6.61 -93.03
CA LYS NB 23 -11.09 -8.02 -92.76
C LYS NB 23 -12.14 -8.22 -91.66
N LEU NB 24 -11.94 -7.56 -90.52
CA LEU NB 24 -12.89 -7.71 -89.42
C LEU NB 24 -14.29 -7.32 -89.85
N LEU NB 25 -14.41 -6.20 -90.59
CA LEU NB 25 -15.73 -5.70 -90.96
C LEU NB 25 -16.43 -6.67 -91.90
N GLU NB 26 -15.72 -7.20 -92.90
CA GLU NB 26 -16.38 -8.11 -93.84
C GLU NB 26 -16.79 -9.40 -93.14
N LYS NB 27 -15.95 -9.89 -92.23
CA LYS NB 27 -16.35 -11.07 -91.44
C LYS NB 27 -17.66 -10.82 -90.71
N LYS NB 28 -17.69 -9.80 -89.86
CA LYS NB 28 -18.87 -9.58 -89.04
C LYS NB 28 -20.08 -9.20 -89.88
N LYS NB 29 -19.85 -8.57 -91.04
CA LYS NB 29 -20.97 -8.23 -91.91
C LYS NB 29 -21.55 -9.46 -92.57
N THR NB 30 -20.71 -10.43 -92.94
CA THR NB 30 -21.21 -11.70 -93.43
C THR NB 30 -22.08 -12.37 -92.37
N GLU NB 31 -21.61 -12.38 -91.12
CA GLU NB 31 -22.39 -13.00 -90.05
C GLU NB 31 -23.74 -12.30 -89.88
N LEU NB 32 -23.71 -10.96 -89.75
CA LEU NB 32 -24.95 -10.20 -89.62
C LEU NB 32 -25.86 -10.40 -90.82
N ALA NB 33 -25.28 -10.60 -92.00
CA ALA NB 33 -26.10 -10.84 -93.19
C ALA NB 33 -26.82 -12.18 -93.10
N GLN NB 34 -26.13 -13.21 -92.61
CA GLN NB 34 -26.81 -14.48 -92.36
C GLN NB 34 -28.01 -14.28 -91.43
N LYS NB 35 -27.77 -13.60 -90.30
CA LYS NB 35 -28.84 -13.43 -89.32
C LYS NB 35 -30.01 -12.64 -89.90
N ALA NB 36 -29.72 -11.56 -90.63
CA ALA NB 36 -30.79 -10.73 -91.17
C ALA NB 36 -31.50 -11.44 -92.32
N ARG NB 37 -30.82 -12.33 -93.03
CA ARG NB 37 -31.49 -13.16 -94.02
C ARG NB 37 -32.49 -14.09 -93.34
N LYS NB 38 -32.10 -14.69 -92.20
CA LYS NB 38 -33.06 -15.45 -91.42
C LYS NB 38 -34.25 -14.58 -91.03
N GLU NB 39 -33.98 -13.33 -90.63
CA GLU NB 39 -35.07 -12.42 -90.27
C GLU NB 39 -36.00 -12.18 -91.46
N ILE NB 40 -35.44 -12.02 -92.66
CA ILE NB 40 -36.27 -11.80 -93.84
C ILE NB 40 -37.10 -13.04 -94.13
N ALA NB 41 -36.52 -14.22 -93.93
CA ALA NB 41 -37.30 -15.44 -94.09
C ALA NB 41 -38.49 -15.46 -93.15
N ASP NB 42 -38.26 -15.10 -91.88
CA ASP NB 42 -39.35 -15.01 -90.93
C ASP NB 42 -40.40 -14.00 -91.39
N TYR NB 43 -39.95 -12.86 -91.91
CA TYR NB 43 -40.89 -11.86 -92.41
C TYR NB 43 -41.74 -12.42 -93.53
N LEU NB 44 -41.13 -13.19 -94.44
CA LEU NB 44 -41.88 -13.77 -95.54
C LEU NB 44 -42.83 -14.86 -95.07
N ALA NB 45 -42.49 -15.53 -93.97
CA ALA NB 45 -43.41 -16.52 -93.42
C ALA NB 45 -44.80 -15.92 -93.21
N ALA NB 46 -44.86 -14.69 -92.71
CA ALA NB 46 -46.11 -13.98 -92.59
C ALA NB 46 -46.51 -13.38 -93.94
N GLY NB 47 -47.65 -12.70 -93.97
CA GLY NB 47 -48.10 -12.07 -95.19
C GLY NB 47 -47.39 -10.78 -95.55
N LYS NB 48 -46.53 -10.29 -94.66
CA LYS NB 48 -45.79 -9.05 -94.92
C LYS NB 48 -44.79 -9.28 -96.06
N ASP NB 49 -45.03 -8.63 -97.19
CA ASP NB 49 -44.18 -8.77 -98.37
C ASP NB 49 -43.48 -7.48 -98.75
N GLU NB 50 -44.20 -6.36 -98.79
CA GLU NB 50 -43.60 -5.09 -99.19
C GLU NB 50 -42.54 -4.62 -98.19
N ARG NB 51 -42.53 -5.19 -96.99
CA ARG NB 51 -41.53 -4.88 -95.97
C ARG NB 51 -40.26 -5.74 -96.14
N ALA NB 52 -40.45 -7.02 -96.49
CA ALA NB 52 -39.31 -7.87 -96.77
C ALA NB 52 -38.47 -7.32 -97.91
N ARG NB 53 -39.08 -6.59 -98.83
CA ARG NB 53 -38.32 -5.97 -99.91
C ARG NB 53 -37.38 -4.90 -99.37
N ILE NB 54 -37.83 -4.13 -98.38
CA ILE NB 54 -36.95 -3.14 -97.76
C ILE NB 54 -35.83 -3.84 -97.00
N ARG NB 55 -36.16 -4.89 -96.27
CA ARG NB 55 -35.14 -5.61 -95.53
C ARG NB 55 -34.09 -6.19 -96.48
N VAL NB 56 -34.51 -6.76 -97.61
CA VAL NB 56 -33.56 -7.35 -98.54
C VAL NB 56 -32.79 -6.25 -99.27
N GLU NB 57 -33.37 -5.06 -99.41
CA GLU NB 57 -32.59 -3.92 -99.88
C GLU NB 57 -31.44 -3.64 -98.93
N HIS NB 58 -31.73 -3.59 -97.63
CA HIS NB 58 -30.66 -3.52 -96.63
C HIS NB 58 -29.60 -4.59 -96.89
N ILE NB 59 -30.05 -5.83 -97.08
CA ILE NB 59 -29.12 -6.95 -97.20
C ILE NB 59 -28.21 -6.77 -98.41
N ILE NB 60 -28.79 -6.46 -99.57
CA ILE NB 60 -27.99 -6.40 -100.78
C ILE NB 60 -27.10 -5.17 -100.77
N ARG NB 61 -27.53 -4.09 -100.12
CA ARG NB 61 -26.63 -2.97 -99.88
C ARG NB 61 -25.42 -3.43 -99.08
N GLU NB 62 -25.65 -4.17 -97.98
CA GLU NB 62 -24.54 -4.65 -97.18
C GLU NB 62 -23.64 -5.59 -97.97
N ASP NB 63 -24.21 -6.38 -98.89
CA ASP NB 63 -23.40 -7.31 -99.68
C ASP NB 63 -22.55 -6.56 -100.69
N TYR NB 64 -23.14 -5.59 -101.39
CA TYR NB 64 -22.35 -4.68 -102.22
C TYR NB 64 -21.21 -4.09 -101.41
N LEU NB 65 -21.51 -3.68 -100.17
CA LEU NB 65 -20.48 -3.06 -99.34
C LEU NB 65 -19.36 -4.03 -99.01
N VAL NB 66 -19.70 -5.28 -98.72
CA VAL NB 66 -18.68 -6.28 -98.40
C VAL NB 66 -17.80 -6.53 -99.62
N GLU NB 67 -18.40 -6.63 -100.81
CA GLU NB 67 -17.61 -6.82 -102.01
C GLU NB 67 -16.69 -5.63 -102.27
N ALA NB 68 -17.20 -4.41 -102.06
CA ALA NB 68 -16.39 -3.23 -102.24
C ALA NB 68 -15.23 -3.21 -101.23
N MET NB 69 -15.48 -3.65 -100.01
CA MET NB 69 -14.42 -3.73 -99.01
C MET NB 69 -13.37 -4.76 -99.39
N GLU NB 70 -13.80 -5.87 -99.99
CA GLU NB 70 -12.83 -6.84 -100.50
C GLU NB 70 -11.94 -6.21 -101.56
N ILE NB 71 -12.56 -5.50 -102.51
CA ILE NB 71 -11.79 -4.84 -103.57
C ILE NB 71 -10.81 -3.82 -102.97
N LEU NB 72 -11.27 -3.07 -101.98
CA LEU NB 72 -10.43 -2.05 -101.37
C LEU NB 72 -9.27 -2.66 -100.60
N GLU NB 73 -9.53 -3.77 -99.90
CA GLU NB 73 -8.45 -4.51 -99.25
C GLU NB 73 -7.43 -4.98 -100.26
N LEU NB 74 -7.91 -5.50 -101.40
CA LEU NB 74 -7.01 -5.89 -102.48
C LEU NB 74 -6.13 -4.72 -102.90
N TYR NB 75 -6.73 -3.56 -103.14
CA TYR NB 75 -5.96 -2.42 -103.63
C TYR NB 75 -4.97 -1.91 -102.58
N CYS NB 76 -5.39 -1.87 -101.32
CA CYS NB 76 -4.47 -1.46 -100.26
C CYS NB 76 -3.28 -2.39 -100.18
N ASP NB 77 -3.53 -3.70 -100.25
CA ASP NB 77 -2.42 -4.65 -100.24
C ASP NB 77 -1.55 -4.48 -101.47
N LEU NB 78 -2.14 -4.13 -102.61
CA LEU NB 78 -1.33 -3.88 -103.80
C LEU NB 78 -0.39 -2.72 -103.59
N LEU NB 79 -0.91 -1.61 -103.07
CA LEU NB 79 -0.05 -0.47 -102.76
C LEU NB 79 1.02 -0.87 -101.75
N LEU NB 80 0.66 -1.66 -100.74
CA LEU NB 80 1.61 -2.06 -99.71
C LEU NB 80 2.68 -2.99 -100.26
N ALA NB 81 2.39 -3.73 -101.33
CA ALA NB 81 3.39 -4.59 -101.96
C ALA NB 81 4.33 -3.82 -102.86
N ARG NB 82 3.88 -2.67 -103.38
CA ARG NB 82 4.67 -1.82 -104.26
C ARG NB 82 4.91 -0.47 -103.60
N PHE NB 83 5.25 -0.49 -102.31
CA PHE NB 83 5.43 0.74 -101.55
C PHE NB 83 6.73 1.44 -101.94
N GLY NB 84 7.79 0.67 -102.15
CA GLY NB 84 9.03 1.27 -102.61
C GLY NB 84 8.86 2.01 -103.92
N LEU NB 85 8.04 1.46 -104.82
CA LEU NB 85 7.76 2.15 -106.07
C LEU NB 85 7.01 3.44 -105.84
N ILE NB 86 6.32 3.56 -104.71
CA ILE NB 86 5.72 4.82 -104.32
C ILE NB 86 6.78 5.80 -103.84
N GLN NB 87 7.69 5.33 -102.98
CA GLN NB 87 8.69 6.22 -102.40
C GLN NB 87 9.68 6.70 -103.44
N SER NB 88 10.04 5.85 -104.40
CA SER NB 88 11.08 6.20 -105.37
C SER NB 88 10.60 7.27 -106.33
N MET NB 89 9.58 6.97 -107.11
CA MET NB 89 9.06 7.93 -108.07
C MET NB 89 8.39 9.10 -107.36
N LYS NB 90 8.13 10.15 -108.13
CA LYS NB 90 7.37 11.30 -107.66
C LYS NB 90 5.96 11.35 -108.24
N GLU NB 91 5.78 10.82 -109.45
CA GLU NB 91 4.46 10.67 -110.05
C GLU NB 91 4.13 9.18 -110.13
N LEU NB 92 2.88 8.84 -109.83
CA LEU NB 92 2.47 7.45 -109.81
C LEU NB 92 2.52 6.85 -111.21
N ASP NB 93 2.92 5.59 -111.29
CA ASP NB 93 2.95 4.88 -112.56
C ASP NB 93 1.56 4.32 -112.88
N SER NB 94 1.47 3.60 -113.99
CA SER NB 94 0.19 3.05 -114.41
C SER NB 94 -0.25 1.92 -113.48
N GLY NB 95 0.70 1.10 -113.01
CA GLY NB 95 0.36 -0.01 -112.14
C GLY NB 95 -0.31 0.40 -110.84
N LEU NB 96 -0.15 1.66 -110.43
CA LEU NB 96 -0.71 2.15 -109.18
C LEU NB 96 -1.78 3.22 -109.40
N ALA NB 97 -2.12 3.52 -110.65
CA ALA NB 97 -3.13 4.55 -110.91
C ALA NB 97 -4.49 4.13 -110.35
N GLU NB 98 -4.90 2.90 -110.63
CA GLU NB 98 -6.22 2.43 -110.20
C GLU NB 98 -6.32 2.43 -108.67
N SER NB 99 -5.31 1.85 -108.00
CA SER NB 99 -5.35 1.77 -106.55
C SER NB 99 -5.49 3.15 -105.92
N VAL NB 100 -4.61 4.07 -106.32
CA VAL NB 100 -4.62 5.42 -105.74
C VAL NB 100 -5.96 6.10 -106.04
N SER NB 101 -6.41 6.02 -107.28
CA SER NB 101 -7.65 6.69 -107.67
C SER NB 101 -8.81 6.19 -106.83
N THR NB 102 -8.97 4.86 -106.73
CA THR NB 102 -10.09 4.31 -105.99
C THR NB 102 -9.97 4.59 -104.50
N LEU NB 103 -8.77 4.52 -103.94
CA LEU NB 103 -8.60 4.77 -102.52
C LEU NB 103 -8.82 6.23 -102.17
N ILE NB 104 -8.66 7.13 -103.14
CA ILE NB 104 -8.98 8.53 -102.89
C ILE NB 104 -10.47 8.79 -103.09
N TRP NB 105 -11.09 8.08 -104.04
CA TRP NB 105 -12.50 8.32 -104.34
C TRP NB 105 -13.42 7.69 -103.30
N ALA NB 106 -13.07 6.52 -102.80
CA ALA NB 106 -13.92 5.79 -101.87
C ALA NB 106 -13.74 6.21 -100.42
N ALA NB 107 -12.66 6.92 -100.11
CA ALA NB 107 -12.41 7.32 -98.72
C ALA NB 107 -13.59 8.06 -98.12
N PRO NB 108 -14.11 9.14 -98.73
CA PRO NB 108 -15.28 9.80 -98.14
C PRO NB 108 -16.51 8.92 -98.09
N ARG NB 109 -16.61 7.93 -98.97
CA ARG NB 109 -17.75 7.01 -98.94
C ARG NB 109 -17.71 6.15 -97.68
N LEU NB 110 -16.59 5.47 -97.45
CA LEU NB 110 -16.42 4.57 -96.31
C LEU NB 110 -15.68 5.22 -95.16
N GLN NB 111 -15.72 6.56 -95.07
CA GLN NB 111 -15.01 7.24 -93.99
C GLN NB 111 -15.58 6.88 -92.62
N SER NB 112 -16.88 6.62 -92.54
CA SER NB 112 -17.48 6.29 -91.26
C SER NB 112 -17.11 4.88 -90.80
N GLU NB 113 -17.17 3.91 -91.72
CA GLU NB 113 -16.81 2.54 -91.37
C GLU NB 113 -15.33 2.44 -91.01
N VAL NB 114 -14.47 2.83 -91.94
CA VAL NB 114 -13.02 2.76 -91.76
C VAL NB 114 -12.50 4.18 -91.65
N ALA NB 115 -11.96 4.53 -90.48
CA ALA NB 115 -11.45 5.87 -90.25
C ALA NB 115 -10.07 6.05 -90.90
N GLU NB 116 -9.19 5.06 -90.73
CA GLU NB 116 -7.84 5.17 -91.27
C GLU NB 116 -7.82 5.40 -92.77
N LEU NB 117 -8.91 5.04 -93.46
CA LEU NB 117 -8.97 5.24 -94.90
C LEU NB 117 -8.86 6.72 -95.26
N LYS NB 118 -9.38 7.60 -94.41
CA LYS NB 118 -9.25 9.03 -94.67
C LYS NB 118 -7.80 9.48 -94.57
N ILE NB 119 -7.06 8.91 -93.62
CA ILE NB 119 -5.64 9.23 -93.51
C ILE NB 119 -4.88 8.72 -94.73
N VAL NB 120 -5.25 7.54 -95.21
CA VAL NB 120 -4.62 7.01 -96.43
C VAL NB 120 -4.89 7.96 -97.59
N ALA NB 121 -6.14 8.41 -97.72
CA ALA NB 121 -6.48 9.37 -98.78
C ALA NB 121 -5.67 10.65 -98.63
N ASP NB 122 -5.47 11.11 -97.41
CA ASP NB 122 -4.66 12.30 -97.17
C ASP NB 122 -3.24 12.09 -97.70
N GLN NB 123 -2.58 11.03 -97.23
CA GLN NB 123 -1.21 10.78 -97.65
C GLN NB 123 -1.10 10.61 -99.16
N LEU NB 124 -2.16 10.10 -99.81
CA LEU NB 124 -2.13 9.94 -101.25
C LEU NB 124 -2.50 11.20 -102.01
N CYS NB 125 -3.13 12.17 -101.34
CA CYS NB 125 -3.40 13.47 -101.94
C CYS NB 125 -2.31 14.48 -101.65
N ALA NB 126 -1.65 14.36 -100.49
CA ALA NB 126 -0.56 15.25 -100.12
C ALA NB 126 0.75 14.90 -100.81
N LYS NB 127 0.84 13.73 -101.45
CA LYS NB 127 2.06 13.32 -102.12
C LYS NB 127 2.10 13.76 -103.58
N TYR NB 128 0.94 14.03 -104.18
CA TYR NB 128 0.85 14.35 -105.60
C TYR NB 128 0.34 15.76 -105.80
N SER NB 129 0.81 16.39 -106.87
CA SER NB 129 0.38 17.73 -107.25
C SER NB 129 -0.23 17.79 -108.64
N LYS NB 130 0.11 16.87 -109.53
CA LYS NB 130 -0.46 16.84 -110.88
C LYS NB 130 -1.92 16.42 -110.78
N GLU NB 131 -2.82 17.39 -110.91
CA GLU NB 131 -4.26 17.16 -110.78
C GLU NB 131 -4.60 16.59 -109.40
N TYR NB 132 -3.88 17.02 -108.39
CA TYR NB 132 -4.06 16.55 -107.01
C TYR NB 132 -4.47 17.72 -106.12
N GLY NB 133 -4.63 17.43 -104.84
CA GLY NB 133 -5.26 18.36 -103.93
C GLY NB 133 -6.77 18.14 -103.91
N LYS NB 134 -7.36 18.35 -102.74
CA LYS NB 134 -8.77 18.03 -102.54
C LYS NB 134 -9.62 18.35 -103.78
N LEU NB 135 -9.55 19.60 -104.23
CA LEU NB 135 -10.31 20.01 -105.41
C LEU NB 135 -9.86 19.22 -106.65
N CYS NB 136 -8.58 19.32 -107.00
CA CYS NB 136 -8.08 18.60 -108.16
C CYS NB 136 -8.10 17.08 -107.95
N ARG NB 137 -8.04 16.63 -106.70
CA ARG NB 137 -8.16 15.20 -106.42
C ARG NB 137 -9.56 14.70 -106.74
N THR NB 138 -10.57 15.53 -106.51
CA THR NB 138 -11.92 15.18 -106.92
C THR NB 138 -12.12 15.38 -108.42
N ASN NB 139 -11.38 16.31 -109.02
CA ASN NB 139 -11.50 16.55 -110.46
C ASN NB 139 -10.87 15.42 -111.26
N GLN NB 140 -9.74 14.89 -110.79
CA GLN NB 140 -9.03 13.81 -111.47
C GLN NB 140 -9.45 12.43 -110.96
N ILE NB 141 -10.68 12.28 -110.50
CA ILE NB 141 -11.17 11.01 -109.99
C ILE NB 141 -11.94 10.23 -111.05
N GLY NB 142 -11.77 10.59 -112.32
CA GLY NB 142 -12.47 9.93 -113.40
C GLY NB 142 -11.72 8.73 -113.97
N THR NB 143 -10.94 8.05 -113.13
CA THR NB 143 -10.21 6.87 -113.56
C THR NB 143 -10.30 5.74 -112.54
N VAL NB 144 -11.33 5.73 -111.70
CA VAL NB 144 -11.47 4.72 -110.67
C VAL NB 144 -12.15 3.49 -111.24
N ASN NB 145 -12.02 2.38 -110.53
CA ASN NB 145 -12.66 1.13 -110.93
C ASN NB 145 -14.17 1.30 -110.97
N ASP NB 146 -14.75 1.10 -112.15
CA ASP NB 146 -16.19 1.27 -112.31
C ASP NB 146 -16.97 0.27 -111.46
N ARG NB 147 -16.45 -0.95 -111.34
CA ARG NB 147 -17.14 -1.95 -110.53
C ARG NB 147 -17.28 -1.49 -109.09
N LEU NB 148 -16.20 -1.00 -108.50
CA LEU NB 148 -16.26 -0.50 -107.13
C LEU NB 148 -17.21 0.69 -107.03
N MET NB 149 -17.22 1.54 -108.05
CA MET NB 149 -18.19 2.64 -108.07
C MET NB 149 -19.61 2.11 -108.01
N HIS NB 150 -19.88 1.00 -108.71
CA HIS NB 150 -21.22 0.43 -108.69
C HIS NB 150 -21.53 -0.19 -107.34
N LYS NB 151 -20.56 -0.88 -106.73
CA LYS NB 151 -20.80 -1.50 -105.43
C LYS NB 151 -21.13 -0.45 -104.38
N LEU NB 152 -20.45 0.69 -104.43
CA LEU NB 152 -20.67 1.79 -103.49
C LEU NB 152 -21.62 2.85 -104.05
N SER NB 153 -22.34 2.53 -105.12
CA SER NB 153 -23.30 3.46 -105.69
C SER NB 153 -24.52 3.53 -104.80
N VAL NB 154 -24.89 4.75 -104.40
CA VAL NB 154 -26.02 4.97 -103.50
C VAL NB 154 -27.24 5.17 -104.39
N GLU NB 155 -27.91 4.07 -104.70
CA GLU NB 155 -29.07 4.11 -105.59
C GLU NB 155 -30.00 2.96 -105.24
N ALA NB 156 -31.28 3.16 -105.51
CA ALA NB 156 -32.27 2.12 -105.29
C ALA NB 156 -31.97 0.93 -106.20
N PRO NB 157 -31.62 -0.23 -105.65
CA PRO NB 157 -31.29 -1.38 -106.51
C PRO NB 157 -32.42 -1.74 -107.42
N PRO NB 158 -32.16 -2.47 -108.51
CA PRO NB 158 -33.24 -2.83 -109.43
C PRO NB 158 -34.25 -3.75 -108.77
N LYS NB 159 -35.53 -3.54 -109.09
CA LYS NB 159 -36.59 -4.29 -108.45
C LYS NB 159 -36.50 -5.77 -108.76
N ILE NB 160 -36.17 -6.11 -110.01
CA ILE NB 160 -36.08 -7.52 -110.39
C ILE NB 160 -35.02 -8.23 -109.56
N LEU NB 161 -33.92 -7.52 -109.29
CA LEU NB 161 -32.80 -8.08 -108.46
C LEU NB 161 -33.34 -8.39 -107.07
N VAL NB 162 -34.17 -7.47 -106.53
CA VAL NB 162 -34.77 -7.65 -105.16
C VAL NB 162 -35.67 -8.89 -105.19
N GLU NB 163 -36.45 -9.05 -106.27
CA GLU NB 163 -37.37 -10.22 -106.41
C GLU NB 163 -36.54 -11.51 -106.44
N ARG NB 164 -35.42 -11.49 -107.17
CA ARG NB 164 -34.54 -12.68 -107.28
C ARG NB 164 -33.97 -13.00 -105.89
N TYR NB 165 -33.58 -11.96 -105.14
CA TYR NB 165 -33.04 -12.14 -103.77
C TYR NB 165 -34.11 -12.77 -102.87
N LEU NB 166 -35.36 -12.31 -103.01
CA LEU NB 166 -36.45 -12.85 -102.20
C LEU NB 166 -36.77 -14.27 -102.61
N ILE NB 167 -36.80 -14.54 -103.93
CA ILE NB 167 -37.07 -15.88 -104.41
C ILE NB 167 -36.06 -16.86 -103.83
N GLU NB 168 -34.77 -16.52 -103.90
CA GLU NB 168 -33.74 -17.42 -103.40
C GLU NB 168 -33.87 -17.64 -101.90
N ILE NB 169 -34.07 -16.56 -101.14
CA ILE NB 169 -34.17 -16.70 -99.69
C ILE NB 169 -35.38 -17.57 -99.32
N ALA NB 170 -36.52 -17.34 -99.98
CA ALA NB 170 -37.70 -18.16 -99.73
C ALA NB 170 -37.43 -19.62 -100.05
N LYS NB 171 -36.91 -19.88 -101.26
CA LYS NB 171 -36.61 -21.25 -101.67
C LYS NB 171 -35.67 -21.94 -100.71
N ASN NB 172 -34.76 -21.18 -100.08
CA ASN NB 172 -33.82 -21.81 -99.15
C ASN NB 172 -34.45 -22.05 -97.79
N TYR NB 173 -35.27 -21.13 -97.31
CA TYR NB 173 -35.85 -21.23 -95.97
C TYR NB 173 -37.21 -21.92 -95.96
N ASN NB 174 -37.57 -22.59 -97.04
CA ASN NB 174 -38.80 -23.39 -97.08
C ASN NB 174 -40.03 -22.53 -96.79
N VAL NB 175 -40.09 -21.36 -97.43
CA VAL NB 175 -41.22 -20.45 -97.27
C VAL NB 175 -41.79 -20.17 -98.65
N PRO NB 176 -43.12 -20.16 -98.82
CA PRO NB 176 -43.69 -19.78 -100.11
C PRO NB 176 -43.59 -18.28 -100.34
N TYR NB 177 -43.48 -17.91 -101.61
CA TYR NB 177 -43.42 -16.49 -101.99
C TYR NB 177 -43.82 -16.35 -103.44
N GLU NB 178 -44.74 -15.43 -103.71
CA GLU NB 178 -45.23 -15.17 -105.07
C GLU NB 178 -44.63 -13.87 -105.58
N PRO NB 179 -43.61 -13.92 -106.45
CA PRO NB 179 -42.98 -12.68 -106.90
C PRO NB 179 -43.96 -11.77 -107.62
N ASP NB 180 -43.65 -10.48 -107.59
CA ASP NB 180 -44.43 -9.49 -108.32
C ASP NB 180 -44.21 -9.71 -109.81
N SER NB 181 -45.23 -10.20 -110.50
CA SER NB 181 -45.06 -10.54 -111.90
C SER NB 181 -44.70 -9.30 -112.73
N VAL NB 182 -45.23 -8.13 -112.35
CA VAL NB 182 -44.98 -6.90 -113.12
C VAL NB 182 -43.49 -6.68 -113.30
N VAL NB 183 -42.70 -6.95 -112.26
CA VAL NB 183 -41.27 -6.75 -112.30
C VAL NB 183 -40.57 -8.08 -112.58
N MET NB 184 -41.17 -9.17 -112.11
CA MET NB 184 -40.56 -10.49 -112.31
C MET NB 184 -40.52 -10.91 -113.78
N ALA NB 185 -41.38 -10.34 -114.61
CA ALA NB 185 -41.42 -10.68 -116.03
C ALA NB 185 -40.82 -9.63 -116.94
N GLU NB 186 -40.87 -8.36 -116.54
CA GLU NB 186 -40.32 -7.28 -117.38
C GLU NB 186 -38.80 -7.24 -117.21
N ASN OB 3 -48.38 55.40 -10.57
CA ASN OB 3 -49.06 55.70 -9.31
C ASN OB 3 -50.24 54.76 -9.10
N MET OB 4 -51.12 54.69 -10.10
CA MET OB 4 -52.30 53.84 -9.99
C MET OB 4 -51.94 52.37 -9.90
N GLU OB 5 -50.81 51.97 -10.48
CA GLU OB 5 -50.39 50.57 -10.40
C GLU OB 5 -50.14 50.16 -8.96
N LYS OB 6 -49.58 51.07 -8.15
CA LYS OB 6 -49.36 50.79 -6.74
C LYS OB 6 -50.69 50.57 -6.02
N HIS OB 7 -51.68 51.41 -6.30
CA HIS OB 7 -52.98 51.25 -5.68
C HIS OB 7 -53.64 49.95 -6.10
N LEU OB 8 -53.49 49.57 -7.37
CA LEU OB 8 -54.01 48.28 -7.83
C LEU OB 8 -53.34 47.14 -7.08
N PHE OB 9 -52.01 47.21 -6.92
CA PHE OB 9 -51.30 46.18 -6.19
C PHE OB 9 -51.82 46.07 -4.77
N ASN OB 10 -52.00 47.20 -4.09
CA ASN OB 10 -52.50 47.17 -2.72
C ASN OB 10 -53.91 46.59 -2.66
N LEU OB 11 -54.75 46.92 -3.64
CA LEU OB 11 -56.11 46.38 -3.66
C LEU OB 11 -56.09 44.87 -3.80
N LYS OB 12 -55.32 44.36 -4.75
CA LYS OB 12 -55.25 42.92 -4.95
C LYS OB 12 -54.66 42.21 -3.73
N PHE OB 13 -53.67 42.84 -3.10
CA PHE OB 13 -53.10 42.28 -1.87
C PHE OB 13 -54.15 42.20 -0.77
N ALA OB 14 -54.96 43.25 -0.62
CA ALA OB 14 -56.00 43.24 0.40
C ALA OB 14 -57.04 42.16 0.10
N ALA OB 15 -57.40 41.98 -1.16
CA ALA OB 15 -58.35 40.94 -1.52
C ALA OB 15 -57.80 39.56 -1.16
N LYS OB 16 -56.54 39.30 -1.51
CA LYS OB 16 -55.93 38.01 -1.18
C LYS OB 16 -55.87 37.82 0.33
N GLU OB 17 -55.56 38.88 1.07
CA GLU OB 17 -55.53 38.79 2.52
C GLU OB 17 -56.90 38.42 3.07
N LEU OB 18 -57.96 39.04 2.55
CA LEU OB 18 -59.30 38.72 3.00
C LEU OB 18 -59.64 37.26 2.71
N SER OB 19 -59.26 36.77 1.53
CA SER OB 19 -59.53 35.37 1.20
C SER OB 19 -58.80 34.43 2.15
N ARG OB 20 -57.51 34.70 2.40
CA ARG OB 20 -56.75 33.90 3.34
C ARG OB 20 -57.40 33.90 4.72
N SER OB 21 -57.86 35.07 5.16
CA SER OB 21 -58.48 35.16 6.48
C SER OB 21 -59.77 34.37 6.54
N ALA OB 22 -60.56 34.40 5.45
CA ALA OB 22 -61.78 33.60 5.42
C ALA OB 22 -61.46 32.11 5.53
N LYS OB 23 -60.46 31.66 4.78
CA LYS OB 23 -60.05 30.26 4.87
C LYS OB 23 -59.63 29.90 6.29
N LYS OB 24 -58.80 30.75 6.89
CA LYS OB 24 -58.33 30.50 8.26
C LYS OB 24 -59.49 30.44 9.24
N CYS OB 25 -60.46 31.33 9.09
CA CYS OB 25 -61.59 31.37 10.00
C CYS OB 25 -62.47 30.13 9.85
N ASP OB 26 -62.65 29.65 8.61
CA ASP OB 26 -63.36 28.40 8.41
C ASP OB 26 -62.65 27.25 9.12
N LYS OB 27 -61.32 27.18 8.97
CA LYS OB 27 -60.55 26.16 9.67
C LYS OB 27 -60.74 26.24 11.17
N GLU OB 28 -60.69 27.46 11.72
CA GLU OB 28 -60.85 27.64 13.16
C GLU OB 28 -62.24 27.21 13.61
N GLU OB 29 -63.26 27.46 12.79
CA GLU OB 29 -64.60 26.96 13.11
C GLU OB 29 -64.61 25.44 13.17
N LYS OB 30 -63.99 24.81 12.19
CA LYS OB 30 -63.93 23.34 12.18
C LYS OB 30 -63.27 22.81 13.44
N ALA OB 31 -62.26 23.53 13.95
CA ALA OB 31 -61.59 23.10 15.17
C ALA OB 31 -62.47 23.32 16.41
N GLU OB 32 -63.09 24.49 16.49
CA GLU OB 32 -63.95 24.79 17.64
C GLU OB 32 -65.13 23.84 17.71
N LYS OB 33 -65.56 23.28 16.57
CA LYS OB 33 -66.62 22.28 16.63
C LYS OB 33 -66.14 21.02 17.36
N ALA OB 34 -64.92 20.58 17.08
CA ALA OB 34 -64.34 19.47 17.83
C ALA OB 34 -64.30 19.80 19.32
N LYS OB 35 -63.87 21.03 19.65
CA LYS OB 35 -63.74 21.39 21.06
C LYS OB 35 -65.10 21.40 21.76
N ILE OB 36 -66.12 21.92 21.10
CA ILE OB 36 -67.45 21.95 21.70
C ILE OB 36 -68.00 20.54 21.86
N GLU OB 37 -67.71 19.65 20.91
CA GLU OB 37 -68.11 18.25 21.07
C GLU OB 37 -67.46 17.65 22.31
N LYS OB 38 -66.15 17.86 22.47
CA LYS OB 38 -65.46 17.36 23.65
C LYS OB 38 -66.10 17.91 24.92
N ALA OB 39 -66.33 19.22 24.96
CA ALA OB 39 -66.84 19.84 26.18
C ALA OB 39 -68.25 19.37 26.50
N ILE OB 40 -69.09 19.13 25.49
CA ILE OB 40 -70.42 18.62 25.75
C ILE OB 40 -70.35 17.16 26.18
N GLN OB 41 -69.29 16.45 25.80
CA GLN OB 41 -69.08 15.11 26.35
C GLN OB 41 -68.71 15.18 27.83
N LYS OB 42 -67.77 16.06 28.18
CA LYS OB 42 -67.36 16.21 29.57
C LYS OB 42 -68.46 16.77 30.46
N GLY OB 43 -69.51 17.33 29.88
CA GLY OB 43 -70.60 17.91 30.65
C GLY OB 43 -70.49 19.39 30.90
N ASN OB 44 -69.39 20.03 30.50
CA ASN OB 44 -69.22 21.46 30.70
C ASN OB 44 -70.20 22.22 29.84
N MET OB 45 -71.19 22.85 30.48
CA MET OB 45 -72.15 23.67 29.74
C MET OB 45 -71.56 25.03 29.38
N GLU OB 46 -70.80 25.63 30.31
CA GLU OB 46 -70.27 26.97 30.05
C GLU OB 46 -69.17 26.94 28.99
N VAL OB 47 -68.28 25.95 29.04
CA VAL OB 47 -67.26 25.84 28.02
C VAL OB 47 -67.90 25.51 26.67
N ALA OB 48 -68.95 24.71 26.67
CA ALA OB 48 -69.68 24.44 25.44
C ALA OB 48 -70.28 25.73 24.88
N ARG OB 49 -70.84 26.57 25.74
CA ARG OB 49 -71.35 27.86 25.30
C ARG OB 49 -70.24 28.71 24.69
N ILE OB 50 -69.09 28.76 25.35
CA ILE OB 50 -67.97 29.56 24.85
C ILE OB 50 -67.55 29.08 23.47
N HIS OB 51 -67.36 27.77 23.33
CA HIS OB 51 -66.89 27.24 22.06
C HIS OB 51 -67.95 27.36 20.97
N ALA OB 52 -69.22 27.29 21.34
CA ALA OB 52 -70.28 27.53 20.36
C ALA OB 52 -70.28 28.97 19.88
N GLU OB 53 -70.12 29.92 20.80
CA GLU OB 53 -69.99 31.31 20.42
C GLU OB 53 -68.82 31.50 19.47
N ASN OB 54 -67.67 30.90 19.81
CA ASN OB 54 -66.49 31.03 18.95
C ASN OB 54 -66.76 30.45 17.56
N ALA OB 55 -67.40 29.28 17.51
CA ALA OB 55 -67.63 28.62 16.22
C ALA OB 55 -68.59 29.45 15.36
N ILE OB 56 -69.69 29.91 15.95
CA ILE OB 56 -70.65 30.71 15.19
C ILE OB 56 -69.99 32.00 14.72
N ARG OB 57 -69.22 32.65 15.58
CA ARG OB 57 -68.54 33.87 15.21
C ARG OB 57 -67.58 33.63 14.05
N GLN OB 58 -66.80 32.55 14.13
CA GLN OB 58 -65.84 32.26 13.06
C GLN OB 58 -66.56 31.97 11.75
N LYS OB 59 -67.66 31.22 11.81
CA LYS OB 59 -68.44 30.96 10.60
C LYS OB 59 -68.93 32.26 9.96
N ASN OB 60 -69.57 33.11 10.77
CA ASN OB 60 -70.14 34.34 10.22
C ASN OB 60 -69.05 35.26 9.69
N GLN OB 61 -67.94 35.39 10.43
CA GLN OB 61 -66.87 36.28 9.98
C GLN OB 61 -66.15 35.71 8.77
N ALA OB 62 -66.11 34.39 8.61
CA ALA OB 62 -65.56 33.80 7.40
C ALA OB 62 -66.44 34.11 6.21
N VAL OB 63 -67.75 33.98 6.36
CA VAL OB 63 -68.65 34.34 5.26
C VAL OB 63 -68.49 35.82 4.91
N ASN OB 64 -68.39 36.67 5.94
CA ASN OB 64 -68.23 38.10 5.69
C ASN OB 64 -66.93 38.39 4.97
N PHE OB 65 -65.83 37.77 5.41
CA PHE OB 65 -64.55 37.96 4.75
C PHE OB 65 -64.61 37.48 3.29
N LEU OB 66 -65.32 36.39 3.04
CA LEU OB 66 -65.42 35.89 1.67
C LEU OB 66 -66.16 36.87 0.78
N ARG OB 67 -67.32 37.35 1.25
CA ARG OB 67 -68.06 38.35 0.47
C ARG OB 67 -67.23 39.61 0.25
N MET OB 68 -66.54 40.05 1.30
CA MET OB 68 -65.70 41.25 1.22
C MET OB 68 -64.59 41.06 0.19
N SER OB 69 -63.94 39.90 0.21
CA SER OB 69 -62.89 39.62 -0.75
C SER OB 69 -63.44 39.56 -2.16
N ALA OB 70 -64.66 39.05 -2.34
CA ALA OB 70 -65.27 39.06 -3.66
C ALA OB 70 -65.47 40.50 -4.14
N ARG OB 71 -65.97 41.37 -3.27
CA ARG OB 71 -66.17 42.77 -3.65
C ARG OB 71 -64.85 43.41 -4.04
N VAL OB 72 -63.82 43.23 -3.22
CA VAL OB 72 -62.52 43.84 -3.50
C VAL OB 72 -61.93 43.24 -4.78
N ASP OB 73 -62.20 41.96 -5.04
CA ASP OB 73 -61.72 41.35 -6.29
C ASP OB 73 -62.38 42.01 -7.49
N ALA OB 74 -63.69 42.23 -7.43
CA ALA OB 74 -64.37 42.92 -8.52
C ALA OB 74 -63.76 44.30 -8.74
N VAL OB 75 -63.59 45.06 -7.65
CA VAL OB 75 -63.05 46.41 -7.77
C VAL OB 75 -61.64 46.37 -8.36
N ALA OB 76 -60.82 45.42 -7.92
CA ALA OB 76 -59.45 45.35 -8.40
C ALA OB 76 -59.39 44.93 -9.87
N ALA OB 77 -60.28 44.03 -10.28
CA ALA OB 77 -60.35 43.67 -11.69
C ALA OB 77 -60.72 44.89 -12.53
N ARG OB 78 -61.70 45.67 -12.05
CA ARG OB 78 -62.08 46.88 -12.76
C ARG OB 78 -60.91 47.85 -12.86
N VAL OB 79 -60.17 48.03 -11.76
CA VAL OB 79 -59.06 48.97 -11.76
C VAL OB 79 -57.93 48.48 -12.66
N GLN OB 80 -57.71 47.17 -12.71
CA GLN OB 80 -56.69 46.62 -13.58
C GLN OB 80 -57.06 46.82 -15.05
N THR OB 81 -58.33 46.59 -15.38
CA THR OB 81 -58.83 46.92 -16.71
C THR OB 81 -58.58 48.38 -17.03
N ALA OB 82 -58.89 49.26 -16.09
CA ALA OB 82 -58.70 50.70 -16.32
C ALA OB 82 -57.23 51.02 -16.55
N VAL OB 83 -56.33 50.40 -15.79
CA VAL OB 83 -54.90 50.67 -15.95
C VAL OB 83 -54.43 50.23 -17.33
N THR OB 84 -54.79 49.00 -17.72
CA THR OB 84 -54.36 48.50 -19.03
C THR OB 84 -54.93 49.37 -20.15
N MET OB 85 -56.20 49.75 -20.04
CA MET OB 85 -56.79 50.60 -21.07
C MET OB 85 -56.18 51.99 -21.08
N GLY OB 86 -55.73 52.48 -19.93
CA GLY OB 86 -55.04 53.76 -19.91
C GLY OB 86 -53.70 53.69 -20.61
N LYS OB 87 -52.96 52.61 -20.38
CA LYS OB 87 -51.73 52.40 -21.13
C LYS OB 87 -52.01 52.35 -22.63
N VAL OB 88 -53.06 51.61 -23.02
CA VAL OB 88 -53.40 51.49 -24.43
C VAL OB 88 -53.77 52.85 -25.02
N THR OB 89 -54.55 53.63 -24.28
CA THR OB 89 -54.99 54.94 -24.76
C THR OB 89 -53.81 55.89 -24.89
N LYS OB 90 -52.89 55.86 -23.93
CA LYS OB 90 -51.69 56.67 -24.02
C LYS OB 90 -50.86 56.29 -25.23
N SER OB 91 -50.67 54.99 -25.46
CA SER OB 91 -49.90 54.55 -26.61
C SER OB 91 -50.56 54.97 -27.91
N MET OB 92 -51.89 54.89 -27.98
CA MET OB 92 -52.57 55.27 -29.21
C MET OB 92 -52.56 56.77 -29.42
N ALA OB 93 -52.56 57.55 -28.33
CA ALA OB 93 -52.40 58.99 -28.46
C ALA OB 93 -51.01 59.34 -29.00
N GLY OB 94 -49.97 58.70 -28.45
CA GLY OB 94 -48.64 58.90 -28.98
C GLY OB 94 -48.54 58.53 -30.45
N VAL OB 95 -49.15 57.39 -30.82
CA VAL OB 95 -49.14 56.97 -32.21
C VAL OB 95 -49.87 57.98 -33.08
N VAL OB 96 -50.98 58.52 -32.59
CA VAL OB 96 -51.72 59.51 -33.36
C VAL OB 96 -50.87 60.75 -33.59
N LYS OB 97 -50.16 61.20 -32.54
CA LYS OB 97 -49.31 62.37 -32.69
C LYS OB 97 -48.21 62.12 -33.71
N SER OB 98 -47.51 60.99 -33.58
CA SER OB 98 -46.41 60.69 -34.50
C SER OB 98 -46.92 60.56 -35.94
N MET OB 99 -48.03 59.84 -36.13
CA MET OB 99 -48.58 59.69 -37.47
C MET OB 99 -49.08 61.01 -38.02
N ASP OB 100 -49.58 61.90 -37.17
CA ASP OB 100 -49.99 63.22 -37.64
C ASP OB 100 -48.80 63.99 -38.16
N ALA OB 101 -47.72 64.04 -37.37
CA ALA OB 101 -46.51 64.72 -37.82
C ALA OB 101 -46.03 64.13 -39.15
N THR OB 102 -45.97 62.80 -39.23
CA THR OB 102 -45.43 62.16 -40.43
C THR OB 102 -46.32 62.43 -41.64
N LEU OB 103 -47.61 62.12 -41.55
CA LEU OB 103 -48.53 62.34 -42.65
C LEU OB 103 -48.63 63.81 -43.03
N LYS OB 104 -48.27 64.71 -42.12
CA LYS OB 104 -48.14 66.11 -42.49
C LYS OB 104 -46.88 66.32 -43.33
N THR OB 105 -45.77 65.73 -42.91
CA THR OB 105 -44.53 65.83 -43.68
C THR OB 105 -44.62 65.00 -44.95
N MET OB 106 -44.94 63.72 -44.83
CA MET OB 106 -45.03 62.79 -45.95
C MET OB 106 -46.51 62.52 -46.22
N ASN OB 107 -47.12 63.39 -47.03
CA ASN OB 107 -48.53 63.27 -47.34
C ASN OB 107 -48.70 62.47 -48.63
N LEU OB 108 -49.96 62.31 -49.06
CA LEU OB 108 -50.25 61.49 -50.22
C LEU OB 108 -49.73 62.12 -51.50
N GLU OB 109 -49.84 63.45 -51.62
CA GLU OB 109 -49.29 64.12 -52.78
C GLU OB 109 -47.79 63.88 -52.92
N LYS OB 110 -47.05 64.16 -51.84
CA LYS OB 110 -45.61 63.98 -51.88
C LYS OB 110 -45.23 62.53 -52.10
N ILE OB 111 -45.97 61.60 -51.48
CA ILE OB 111 -45.65 60.18 -51.63
C ILE OB 111 -45.88 59.75 -53.08
N SER OB 112 -47.01 60.15 -53.67
CA SER OB 112 -47.28 59.79 -55.05
C SER OB 112 -46.23 60.36 -55.99
N ALA OB 113 -45.85 61.62 -55.78
CA ALA OB 113 -44.83 62.24 -56.63
C ALA OB 113 -43.50 61.52 -56.45
N LEU OB 114 -43.13 61.21 -55.21
CA LEU OB 114 -41.89 60.51 -54.94
C LEU OB 114 -41.86 59.15 -55.62
N MET OB 115 -43.00 58.47 -55.66
CA MET OB 115 -43.05 57.15 -56.26
C MET OB 115 -43.02 57.22 -57.78
N ASP OB 116 -43.71 58.20 -58.36
CA ASP OB 116 -43.55 58.43 -59.80
C ASP OB 116 -42.10 58.72 -60.14
N LYS OB 117 -41.42 59.49 -59.30
CA LYS OB 117 -40.02 59.79 -59.52
C LYS OB 117 -39.16 58.54 -59.41
N PHE OB 118 -39.42 57.70 -58.40
CA PHE OB 118 -38.70 56.43 -58.27
C PHE OB 118 -38.85 55.59 -59.53
N GLU OB 119 -40.10 55.42 -59.98
CA GLU OB 119 -40.36 54.62 -61.16
C GLU OB 119 -39.63 55.17 -62.38
N HIS OB 120 -39.70 56.49 -62.59
CA HIS OB 120 -39.07 57.08 -63.76
C HIS OB 120 -37.55 56.98 -63.68
N GLN OB 121 -36.99 57.21 -62.50
CA GLN OB 121 -35.54 57.10 -62.33
C GLN OB 121 -35.06 55.70 -62.62
N PHE OB 122 -35.78 54.69 -62.14
CA PHE OB 122 -35.34 53.32 -62.39
C PHE OB 122 -35.65 52.85 -63.79
N GLU OB 123 -36.63 53.44 -64.47
CA GLU OB 123 -36.78 53.21 -65.90
C GLU OB 123 -35.60 53.78 -66.67
N THR OB 124 -35.20 55.02 -66.35
CA THR OB 124 -34.00 55.59 -66.93
C THR OB 124 -32.80 54.70 -66.66
N LEU OB 125 -32.74 54.12 -65.45
CA LEU OB 125 -31.65 53.20 -65.13
C LEU OB 125 -31.73 51.92 -65.94
N ASP OB 126 -32.96 51.51 -66.28
CA ASP OB 126 -33.19 50.32 -67.14
C ASP OB 126 -32.59 50.61 -68.53
N VAL OB 127 -32.80 51.84 -69.03
CA VAL OB 127 -32.28 52.25 -70.34
C VAL OB 127 -30.76 52.32 -70.30
N GLN OB 128 -30.22 52.93 -69.24
CA GLN OB 128 -28.78 53.01 -69.07
C GLN OB 128 -28.17 51.62 -69.02
N THR OB 129 -28.79 50.69 -68.29
CA THR OB 129 -28.25 49.34 -68.19
C THR OB 129 -28.25 48.67 -69.55
N GLN OB 130 -29.34 48.79 -70.31
CA GLN OB 130 -29.40 48.17 -71.63
C GLN OB 130 -28.30 48.71 -72.54
N GLN OB 131 -28.16 50.04 -72.59
CA GLN OB 131 -27.15 50.63 -73.46
C GLN OB 131 -25.74 50.26 -73.01
N MET OB 132 -25.49 50.36 -71.71
CA MET OB 132 -24.21 49.98 -71.14
C MET OB 132 -23.87 48.53 -71.47
N GLU OB 133 -24.89 47.66 -71.47
CA GLU OB 133 -24.63 46.26 -71.74
C GLU OB 133 -24.35 46.04 -73.23
N ASP OB 134 -25.10 46.72 -74.09
CA ASP OB 134 -24.80 46.68 -75.51
C ASP OB 134 -23.34 47.06 -75.76
N THR OB 135 -22.89 48.13 -75.13
CA THR OB 135 -21.52 48.58 -75.35
C THR OB 135 -20.51 47.61 -74.75
N MET OB 136 -20.76 47.15 -73.52
CA MET OB 136 -19.87 46.16 -72.90
C MET OB 136 -19.69 44.95 -73.80
N SER OB 137 -20.78 44.49 -74.42
CA SER OB 137 -20.69 43.35 -75.32
C SER OB 137 -19.94 43.69 -76.59
N SER OB 138 -20.20 44.87 -77.16
CA SER OB 138 -19.52 45.27 -78.38
C SER OB 138 -18.03 45.43 -78.16
N THR OB 139 -17.61 45.73 -76.93
CA THR OB 139 -16.18 45.89 -76.65
C THR OB 139 -15.44 44.57 -76.83
N THR OB 140 -16.01 43.48 -76.32
CA THR OB 140 -15.36 42.18 -76.32
C THR OB 140 -16.17 41.25 -77.22
N THR OB 141 -15.86 41.29 -78.51
CA THR OB 141 -16.49 40.42 -79.49
C THR OB 141 -15.53 39.47 -80.18
N LEU OB 142 -14.23 39.76 -80.15
CA LEU OB 142 -13.23 38.89 -80.76
C LEU OB 142 -12.76 37.79 -79.80
N THR OB 143 -12.99 37.96 -78.50
CA THR OB 143 -12.72 36.91 -77.54
C THR OB 143 -13.88 35.93 -77.41
N THR OB 144 -15.10 36.37 -77.76
CA THR OB 144 -16.30 35.57 -77.67
C THR OB 144 -16.99 35.57 -79.03
N PRO OB 145 -16.52 34.77 -79.99
CA PRO OB 145 -17.21 34.70 -81.27
C PRO OB 145 -18.52 33.94 -81.16
N GLN OB 146 -19.56 34.48 -81.80
CA GLN OB 146 -20.87 33.84 -81.76
C GLN OB 146 -20.81 32.43 -82.32
N ASN OB 147 -20.04 32.24 -83.39
CA ASN OB 147 -19.95 30.93 -84.03
C ASN OB 147 -19.40 29.89 -83.06
N GLN OB 148 -18.35 30.24 -82.31
CA GLN OB 148 -17.75 29.29 -81.38
C GLN OB 148 -18.72 28.93 -80.27
N VAL OB 149 -19.46 29.91 -79.76
CA VAL OB 149 -20.43 29.64 -78.71
C VAL OB 149 -21.54 28.72 -79.22
N ASP OB 150 -22.04 29.01 -80.43
CA ASP OB 150 -23.05 28.15 -81.03
C ASP OB 150 -22.54 26.73 -81.17
N MET OB 151 -21.31 26.57 -81.66
CA MET OB 151 -20.75 25.24 -81.85
C MET OB 151 -20.59 24.52 -80.51
N LEU OB 152 -20.11 25.22 -79.49
CA LEU OB 152 -19.96 24.59 -78.18
C LEU OB 152 -21.30 24.13 -77.66
N LEU OB 153 -22.34 24.96 -77.80
CA LEU OB 153 -23.66 24.56 -77.32
C LEU OB 153 -24.17 23.36 -78.09
N GLN OB 154 -23.98 23.34 -79.41
CA GLN OB 154 -24.43 22.20 -80.20
C GLN OB 154 -23.72 20.92 -79.78
N GLU OB 155 -22.41 21.00 -79.57
CA GLU OB 155 -21.65 19.81 -79.17
C GLU OB 155 -22.10 19.32 -77.80
N MET OB 156 -22.26 20.25 -76.84
CA MET OB 156 -22.68 19.84 -75.51
C MET OB 156 -24.06 19.23 -75.52
N ALA OB 157 -24.98 19.80 -76.32
CA ALA OB 157 -26.31 19.22 -76.45
C ALA OB 157 -26.24 17.81 -77.04
N ASP OB 158 -25.59 17.68 -78.20
CA ASP OB 158 -25.50 16.38 -78.85
C ASP OB 158 -24.86 15.35 -77.93
N GLU OB 159 -23.87 15.74 -77.15
CA GLU OB 159 -23.27 14.83 -76.18
C GLU OB 159 -24.28 14.44 -75.11
N ALA OB 160 -25.01 15.43 -74.58
CA ALA OB 160 -26.05 15.15 -73.60
C ALA OB 160 -27.27 14.47 -74.24
N GLY OB 161 -27.32 14.38 -75.56
CA GLY OB 161 -28.44 13.79 -76.25
C GLY OB 161 -29.70 14.63 -76.29
N LEU OB 162 -29.77 15.70 -75.51
CA LEU OB 162 -30.96 16.52 -75.42
C LEU OB 162 -31.02 17.48 -76.60
N ASP OB 163 -31.97 18.40 -76.56
CA ASP OB 163 -32.10 19.45 -77.57
C ASP OB 163 -32.36 20.77 -76.88
N LEU OB 164 -32.14 21.85 -77.61
CA LEU OB 164 -32.21 23.20 -77.07
C LEU OB 164 -33.38 23.94 -77.73
N ASN OB 165 -34.29 24.44 -76.91
CA ASN OB 165 -35.44 25.21 -77.39
C ASN OB 165 -35.53 26.55 -76.67
N GLU OB 187 -20.93 31.45 -94.99
CA GLU OB 187 -22.23 30.83 -95.25
C GLU OB 187 -23.19 31.85 -95.86
N LEU OB 188 -24.05 32.42 -95.02
CA LEU OB 188 -24.98 33.45 -95.51
C LEU OB 188 -24.22 34.68 -95.99
N SER OB 189 -23.08 34.99 -95.37
CA SER OB 189 -22.33 36.18 -95.75
C SER OB 189 -21.93 36.14 -97.21
N GLN OB 190 -21.62 34.94 -97.74
CA GLN OB 190 -21.23 34.84 -99.13
C GLN OB 190 -22.40 35.15 -100.06
N ARG OB 191 -23.59 34.62 -99.74
CA ARG OB 191 -24.77 34.93 -100.53
C ARG OB 191 -25.08 36.42 -100.48
N LEU OB 192 -24.92 37.03 -99.30
CA LEU OB 192 -25.17 38.46 -99.18
C LEU OB 192 -24.16 39.27 -99.98
N ALA OB 193 -22.91 38.82 -100.02
CA ALA OB 193 -21.90 39.52 -100.81
C ALA OB 193 -22.20 39.39 -102.30
N ARG OB 194 -22.57 38.19 -102.75
CA ARG OB 194 -22.96 38.02 -104.14
C ARG OB 194 -24.14 38.89 -104.50
N LEU OB 195 -25.10 39.04 -103.58
CA LEU OB 195 -26.23 39.93 -103.79
C LEU OB 195 -25.78 41.38 -103.83
N ARG OB 196 -24.79 41.73 -103.01
CA ARG OB 196 -24.26 43.10 -102.99
C ARG OB 196 -23.59 43.43 -104.31
N ASP OB 197 -22.88 42.47 -104.90
CA ASP OB 197 -22.27 42.70 -106.21
C ASP OB 197 -23.34 43.03 -107.26
N GLN OB 198 -24.52 42.45 -107.12
CA GLN OB 198 -25.62 42.73 -108.04
C GLN OB 198 -25.23 42.44 -109.48
N PHE PB 6 5.98 68.24 -94.31
CA PHE PB 6 5.74 66.83 -94.56
C PHE PB 6 6.86 65.97 -94.00
N LYS PB 7 6.48 64.94 -93.25
CA LYS PB 7 7.41 63.97 -92.63
C LYS PB 7 7.14 62.58 -93.22
N ALA PB 8 8.18 61.87 -93.65
CA ALA PB 8 8.00 60.57 -94.30
C ALA PB 8 7.72 59.48 -93.27
N GLU PB 9 8.58 59.35 -92.25
CA GLU PB 9 8.40 58.29 -91.27
C GLU PB 9 7.07 58.43 -90.55
N ARG PB 10 6.62 59.66 -90.32
CA ARG PB 10 5.29 59.86 -89.74
C ARG PB 10 4.22 59.24 -90.63
N LEU PB 11 4.31 59.47 -91.94
CA LEU PB 11 3.35 58.89 -92.87
C LEU PB 11 3.43 57.37 -92.84
N ARG PB 12 4.64 56.81 -92.81
CA ARG PB 12 4.80 55.36 -92.75
C ARG PB 12 4.11 54.78 -91.52
N VAL PB 13 4.40 55.35 -90.35
CA VAL PB 13 3.83 54.86 -89.10
C VAL PB 13 2.32 54.98 -89.13
N ASN PB 14 1.80 56.12 -89.60
CA ASN PB 14 0.35 56.29 -89.66
C ASN PB 14 -0.29 55.32 -90.61
N LEU PB 15 0.38 54.98 -91.72
CA LEU PB 15 -0.16 54.00 -92.64
C LEU PB 15 -0.25 52.62 -91.99
N ARG PB 16 0.82 52.21 -91.30
CA ARG PB 16 0.77 50.93 -90.61
C ARG PB 16 -0.34 50.91 -89.56
N LEU PB 17 -0.48 52.00 -88.81
CA LEU PB 17 -1.54 52.09 -87.81
C LEU PB 17 -2.93 52.01 -88.45
N VAL PB 18 -3.10 52.70 -89.58
CA VAL PB 18 -4.38 52.65 -90.28
C VAL PB 18 -4.69 51.23 -90.73
N ILE PB 19 -3.68 50.53 -91.22
CA ILE PB 19 -3.89 49.14 -91.65
C ILE PB 19 -4.37 48.29 -90.49
N ASN PB 20 -3.66 48.37 -89.36
CA ASN PB 20 -4.05 47.57 -88.19
C ASN PB 20 -5.47 47.92 -87.74
N ARG PB 21 -5.76 49.22 -87.66
CA ARG PB 21 -7.07 49.66 -87.21
C ARG PB 21 -8.17 49.16 -88.14
N LEU PB 22 -7.92 49.20 -89.45
CA LEU PB 22 -8.92 48.71 -90.39
C LEU PB 22 -9.14 47.21 -90.23
N LYS PB 23 -8.07 46.46 -89.99
CA LYS PB 23 -8.23 45.03 -89.74
C LYS PB 23 -9.14 44.79 -88.54
N LEU PB 24 -8.82 45.42 -87.41
CA LEU PB 24 -9.63 45.25 -86.20
C LEU PB 24 -11.08 45.63 -86.47
N LEU PB 25 -11.28 46.77 -87.14
CA LEU PB 25 -12.63 47.27 -87.36
C LEU PB 25 -13.44 46.34 -88.24
N GLU PB 26 -12.86 45.85 -89.33
CA GLU PB 26 -13.61 44.96 -90.20
C GLU PB 26 -13.93 43.65 -89.50
N LYS PB 27 -13.00 43.12 -88.71
CA LYS PB 27 -13.29 41.93 -87.92
C LYS PB 27 -14.52 42.15 -87.04
N LYS PB 28 -14.45 43.15 -86.16
CA LYS PB 28 -15.53 43.32 -85.19
C LYS PB 28 -16.82 43.74 -85.88
N LYS PB 29 -16.73 44.39 -87.04
CA LYS PB 29 -17.94 44.76 -87.77
C LYS PB 29 -18.60 43.55 -88.40
N THR PB 30 -17.79 42.60 -88.89
CA THR PB 30 -18.36 41.33 -89.35
C THR PB 30 -19.11 40.62 -88.22
N GLU PB 31 -18.49 40.58 -87.04
CA GLU PB 31 -19.15 39.93 -85.91
C GLU PB 31 -20.46 40.62 -85.55
N LEU PB 32 -20.42 41.94 -85.39
CA LEU PB 32 -21.63 42.70 -85.09
C LEU PB 32 -22.68 42.53 -86.17
N ALA PB 33 -22.25 42.37 -87.44
CA ALA PB 33 -23.19 42.17 -88.52
C ALA PB 33 -23.90 40.83 -88.39
N GLN PB 34 -23.15 39.79 -88.02
CA GLN PB 34 -23.79 38.50 -87.73
C GLN PB 34 -24.87 38.67 -86.67
N LYS PB 35 -24.52 39.32 -85.55
CA LYS PB 35 -25.46 39.45 -84.44
C LYS PB 35 -26.70 40.26 -84.86
N ALA PB 36 -26.49 41.36 -85.58
CA ALA PB 36 -27.61 42.20 -85.98
C ALA PB 36 -28.45 41.52 -87.05
N ARG PB 37 -27.86 40.66 -87.86
CA ARG PB 37 -28.63 39.84 -88.79
C ARG PB 37 -29.55 38.90 -88.03
N LYS PB 38 -29.04 38.27 -86.97
CA LYS PB 38 -29.90 37.48 -86.11
C LYS PB 38 -31.04 38.33 -85.55
N GLU PB 39 -30.72 39.57 -85.15
CA GLU PB 39 -31.76 40.47 -84.63
C GLU PB 39 -32.82 40.74 -85.70
N ILE PB 40 -32.40 40.95 -86.95
CA ILE PB 40 -33.37 41.19 -88.02
C ILE PB 40 -34.23 39.96 -88.25
N ALA PB 41 -33.63 38.77 -88.16
CA ALA PB 41 -34.41 37.55 -88.27
C ALA PB 41 -35.48 37.50 -87.18
N ASP PB 42 -35.10 37.82 -85.95
CA ASP PB 42 -36.09 37.88 -84.87
C ASP PB 42 -37.18 38.90 -85.17
N TYR PB 43 -36.80 40.06 -85.71
CA TYR PB 43 -37.79 41.07 -86.06
C TYR PB 43 -38.77 40.54 -87.09
N LEU PB 44 -38.26 39.80 -88.09
CA LEU PB 44 -39.13 39.26 -89.13
C LEU PB 44 -40.02 38.15 -88.58
N ALA PB 45 -39.56 37.43 -87.54
CA ALA PB 45 -40.41 36.43 -86.92
C ALA PB 45 -41.76 37.01 -86.53
N ALA PB 46 -41.76 38.23 -85.99
CA ALA PB 46 -43.00 38.94 -85.70
C ALA PB 46 -43.55 39.56 -86.98
N GLY PB 47 -44.68 40.25 -86.86
CA GLY PB 47 -45.27 40.92 -88.00
C GLY PB 47 -44.61 42.21 -88.40
N LYS PB 48 -43.65 42.68 -87.61
CA LYS PB 48 -42.95 43.93 -87.90
C LYS PB 48 -42.09 43.74 -89.15
N ASP PB 49 -42.45 44.43 -90.23
CA ASP PB 49 -41.76 44.32 -91.51
C ASP PB 49 -41.09 45.63 -91.92
N GLU PB 50 -41.82 46.75 -91.84
CA GLU PB 50 -41.27 48.03 -92.27
C GLU PB 50 -40.09 48.47 -91.39
N ARG PB 51 -39.94 47.86 -90.22
CA ARG PB 51 -38.83 48.14 -89.31
C ARG PB 51 -37.60 47.30 -89.64
N ALA PB 52 -37.83 46.04 -90.02
CA ALA PB 52 -36.72 45.20 -90.45
C ALA PB 52 -36.02 45.78 -91.67
N ARG PB 53 -36.74 46.54 -92.49
CA ARG PB 53 -36.11 47.19 -93.63
C ARG PB 53 -35.11 48.25 -93.16
N ILE PB 54 -35.45 48.99 -92.11
CA ILE PB 54 -34.50 49.97 -91.57
C ILE PB 54 -33.30 49.25 -90.97
N ARG PB 55 -33.55 48.17 -90.23
CA ARG PB 55 -32.43 47.43 -89.64
C ARG PB 55 -31.50 46.88 -90.73
N VAL PB 56 -32.06 46.35 -91.81
CA VAL PB 56 -31.22 45.80 -92.85
C VAL PB 56 -30.55 46.92 -93.64
N GLU PB 57 -31.13 48.11 -93.67
CA GLU PB 57 -30.41 49.27 -94.20
C GLU PB 57 -29.16 49.51 -93.38
N HIS PB 58 -29.29 49.53 -92.06
CA HIS PB 58 -28.13 49.58 -91.18
C HIS PB 58 -27.10 48.52 -91.59
N ILE PB 59 -27.57 47.28 -91.77
CA ILE PB 59 -26.65 46.17 -92.04
C ILE PB 59 -25.89 46.38 -93.33
N ILE PB 60 -26.61 46.74 -94.40
CA ILE PB 60 -25.95 46.84 -95.70
C ILE PB 60 -25.06 48.08 -95.75
N ARG PB 61 -25.41 49.13 -95.02
CA ARG PB 61 -24.50 50.24 -94.85
C ARG PB 61 -23.20 49.77 -94.21
N GLU PB 62 -23.30 48.99 -93.13
CA GLU PB 62 -22.10 48.48 -92.47
C GLU PB 62 -21.30 47.58 -93.39
N ASP PB 63 -21.97 46.81 -94.26
CA ASP PB 63 -21.26 45.92 -95.16
C ASP PB 63 -20.52 46.70 -96.24
N TYR PB 64 -21.20 47.68 -96.85
CA TYR PB 64 -20.51 48.62 -97.73
C TYR PB 64 -19.28 49.20 -97.03
N LEU PB 65 -19.43 49.56 -95.76
CA LEU PB 65 -18.33 50.16 -95.03
C LEU PB 65 -17.18 49.18 -94.87
N VAL PB 66 -17.48 47.92 -94.58
CA VAL PB 66 -16.42 46.93 -94.42
C VAL PB 66 -15.69 46.72 -95.74
N GLU PB 67 -16.43 46.65 -96.85
CA GLU PB 67 -15.78 46.49 -98.14
C GLU PB 67 -14.90 47.70 -98.45
N ALA PB 68 -15.38 48.91 -98.15
CA ALA PB 68 -14.59 50.10 -98.39
C ALA PB 68 -13.33 50.09 -97.53
N MET PB 69 -13.43 49.60 -96.29
CA MET PB 69 -12.26 49.52 -95.44
C MET PB 69 -11.27 48.49 -95.97
N GLU PB 70 -11.76 47.40 -96.55
CA GLU PB 70 -10.86 46.45 -97.20
C GLU PB 70 -10.10 47.12 -98.34
N ILE PB 71 -10.82 47.86 -99.18
CA ILE PB 71 -10.18 48.54 -100.30
C ILE PB 71 -9.14 49.55 -99.78
N LEU PB 72 -9.48 50.27 -98.71
CA LEU PB 72 -8.57 51.27 -98.19
C LEU PB 72 -7.34 50.64 -97.57
N GLU PB 73 -7.51 49.51 -96.88
CA GLU PB 73 -6.37 48.76 -96.37
C GLU PB 73 -5.47 48.33 -97.52
N LEU PB 74 -6.07 47.83 -98.61
CA LEU PB 74 -5.31 47.48 -99.80
C LEU PB 74 -4.47 48.66 -100.29
N TYR PB 75 -5.10 49.83 -100.41
CA TYR PB 75 -4.39 50.99 -100.95
C TYR PB 75 -3.30 51.47 -100.01
N CYS PB 76 -3.56 51.47 -98.71
CA CYS PB 76 -2.53 51.85 -97.75
C CYS PB 76 -1.33 50.92 -97.84
N ASP PB 77 -1.59 49.61 -97.93
CA ASP PB 77 -0.49 48.67 -98.07
C ASP PB 77 0.24 48.88 -99.39
N LEU PB 78 -0.48 49.27 -100.44
CA LEU PB 78 0.18 49.55 -101.71
C LEU PB 78 1.15 50.71 -101.57
N LEU PB 79 0.68 51.80 -100.96
CA LEU PB 79 1.57 52.94 -100.71
C LEU PB 79 2.76 52.51 -99.85
N LEU PB 80 2.51 51.69 -98.84
CA LEU PB 80 3.57 51.26 -97.94
C LEU PB 80 4.58 50.35 -98.63
N ALA PB 81 4.17 49.64 -99.68
CA ALA PB 81 5.08 48.81 -100.45
C ALA PB 81 5.91 49.62 -101.44
N ARG PB 82 5.40 50.78 -101.86
CA ARG PB 82 6.09 51.66 -102.79
C ARG PB 82 6.42 52.99 -102.13
N PHE PB 83 6.89 52.93 -100.88
CA PHE PB 83 7.16 54.13 -100.11
C PHE PB 83 8.40 54.84 -100.63
N GLY PB 84 9.44 54.09 -100.99
CA GLY PB 84 10.61 54.71 -101.56
C GLY PB 84 10.29 55.49 -102.82
N LEU PB 85 9.37 54.96 -103.64
CA LEU PB 85 8.95 55.69 -104.84
C LEU PB 85 8.22 56.96 -104.48
N ILE PB 86 7.68 57.05 -103.26
CA ILE PB 86 7.12 58.30 -102.77
C ILE PB 86 8.23 59.27 -102.39
N GLN PB 87 9.23 58.77 -101.65
CA GLN PB 87 10.29 59.64 -101.16
C GLN PB 87 11.16 60.17 -102.29
N SER PB 88 11.40 59.35 -103.32
CA SER PB 88 12.33 59.73 -104.39
C SER PB 88 11.74 60.83 -105.25
N MET PB 89 10.62 60.56 -105.91
CA MET PB 89 10.01 61.54 -106.78
C MET PB 89 9.42 62.68 -105.97
N LYS PB 90 9.07 63.76 -106.67
CA LYS PB 90 8.37 64.89 -106.07
C LYS PB 90 6.91 64.95 -106.48
N GLU PB 91 6.58 64.45 -107.68
CA GLU PB 91 5.21 64.31 -108.13
C GLU PB 91 4.87 62.83 -108.22
N LEU PB 92 3.66 62.48 -107.79
CA LEU PB 92 3.26 61.08 -107.76
C LEU PB 92 3.14 60.53 -109.17
N ASP PB 93 3.53 59.27 -109.34
CA ASP PB 93 3.42 58.60 -110.63
C ASP PB 93 2.01 58.04 -110.80
N SER PB 94 1.79 57.36 -111.92
CA SER PB 94 0.46 56.82 -112.20
C SER PB 94 0.13 55.66 -111.26
N GLY PB 95 1.13 54.83 -110.93
CA GLY PB 95 0.89 53.69 -110.06
C GLY PB 95 0.38 54.05 -108.68
N LEU PB 96 0.59 55.30 -108.26
CA LEU PB 96 0.17 55.75 -106.93
C LEU PB 96 -0.91 56.82 -106.99
N ALA PB 97 -1.40 57.17 -108.18
CA ALA PB 97 -2.44 58.19 -108.29
C ALA PB 97 -3.72 57.75 -107.58
N GLU PB 98 -4.16 56.53 -107.86
CA GLU PB 98 -5.41 56.04 -107.29
C GLU PB 98 -5.34 55.99 -105.77
N SER PB 99 -4.26 55.40 -105.24
CA SER PB 99 -4.14 55.27 -103.79
C SER PB 99 -4.19 56.63 -103.12
N VAL PB 100 -3.37 57.56 -103.58
CA VAL PB 100 -3.31 58.89 -102.97
C VAL PB 100 -4.67 59.58 -103.08
N SER PB 101 -5.27 59.54 -104.27
CA SER PB 101 -6.54 60.21 -104.48
C SER PB 101 -7.61 59.68 -103.54
N THR PB 102 -7.74 58.36 -103.46
CA THR PB 102 -8.77 57.77 -102.61
C THR PB 102 -8.48 58.01 -101.13
N LEU PB 103 -7.22 57.92 -100.72
CA LEU PB 103 -6.90 58.13 -99.32
C LEU PB 103 -7.08 59.58 -98.91
N ILE PB 104 -7.01 60.52 -99.86
CA ILE PB 104 -7.32 61.90 -99.53
C ILE PB 104 -8.82 62.16 -99.56
N TRP PB 105 -9.55 61.47 -100.43
CA TRP PB 105 -10.98 61.73 -100.57
C TRP PB 105 -11.77 61.06 -99.45
N ALA PB 106 -11.36 59.87 -99.02
CA ALA PB 106 -12.11 59.11 -98.03
C ALA PB 106 -11.75 59.48 -96.60
N ALA PB 107 -10.65 60.19 -96.40
CA ALA PB 107 -10.25 60.55 -95.03
C ALA PB 107 -11.34 61.27 -94.28
N PRO PB 108 -11.94 62.36 -94.79
CA PRO PB 108 -13.02 63.00 -94.04
C PRO PB 108 -14.24 62.10 -93.87
N ARG PB 109 -14.44 61.14 -94.77
CA ARG PB 109 -15.57 60.23 -94.64
C ARG PB 109 -15.38 59.32 -93.43
N LEU PB 110 -14.23 58.64 -93.34
CA LEU PB 110 -13.95 57.71 -92.26
C LEU PB 110 -13.07 58.33 -91.18
N GLN PB 111 -13.10 59.65 -91.04
CA GLN PB 111 -12.27 60.31 -90.04
C GLN PB 111 -12.68 59.91 -88.62
N SER PB 112 -13.96 59.63 -88.40
CA SER PB 112 -14.41 59.26 -87.07
C SER PB 112 -13.99 57.85 -86.71
N GLU PB 113 -14.15 56.91 -87.64
CA GLU PB 113 -13.76 55.52 -87.37
C GLU PB 113 -12.25 55.41 -87.20
N VAL PB 114 -11.49 55.85 -88.20
CA VAL PB 114 -10.04 55.77 -88.20
C VAL PB 114 -9.50 57.20 -88.10
N ALA PB 115 -8.83 57.50 -86.99
CA ALA PB 115 -8.30 58.84 -86.78
C ALA PB 115 -7.01 59.05 -87.57
N GLU PB 116 -6.11 58.06 -87.54
CA GLU PB 116 -4.84 58.18 -88.23
C GLU PB 116 -4.99 58.46 -89.71
N LEU PB 117 -6.15 58.12 -90.28
CA LEU PB 117 -6.38 58.37 -91.71
C LEU PB 117 -6.31 59.85 -92.02
N LYS PB 118 -6.74 60.70 -91.10
CA LYS PB 118 -6.63 62.14 -91.32
C LYS PB 118 -5.18 62.59 -91.37
N ILE PB 119 -4.32 62.01 -90.53
CA ILE PB 119 -2.90 62.33 -90.58
C ILE PB 119 -2.30 61.85 -91.90
N VAL PB 120 -2.72 60.68 -92.37
CA VAL PB 120 -2.24 60.20 -93.66
C VAL PB 120 -2.64 61.18 -94.76
N ALA PB 121 -3.90 61.64 -94.73
CA ALA PB 121 -4.36 62.62 -95.71
C ALA PB 121 -3.54 63.90 -95.62
N ASP PB 122 -3.19 64.33 -94.41
CA ASP PB 122 -2.36 65.51 -94.24
C ASP PB 122 -1.01 65.32 -94.92
N GLN PB 123 -0.30 64.25 -94.58
CA GLN PB 123 1.02 64.02 -95.16
C GLN PB 123 0.94 63.90 -96.68
N LEU PB 124 -0.19 63.40 -97.21
CA LEU PB 124 -0.32 63.29 -98.66
C LEU PB 124 -0.78 64.57 -99.32
N CYS PB 125 -1.32 65.52 -98.56
CA CYS PB 125 -1.66 66.83 -99.09
C CYS PB 125 -0.55 67.84 -98.89
N ALA PB 126 0.24 67.68 -97.82
CA ALA PB 126 1.37 68.56 -97.55
C ALA PB 126 2.59 68.24 -98.39
N LYS PB 127 2.60 67.10 -99.07
CA LYS PB 127 3.73 66.71 -99.90
C LYS PB 127 3.61 67.19 -101.33
N TYR PB 128 2.39 67.48 -101.79
CA TYR PB 128 2.14 67.84 -103.18
C TYR PB 128 1.60 69.26 -103.27
N SER PB 129 1.94 69.92 -104.37
CA SER PB 129 1.48 71.27 -104.66
C SER PB 129 0.71 71.37 -105.96
N LYS PB 130 0.94 70.48 -106.91
CA LYS PB 130 0.22 70.49 -108.18
C LYS PB 130 -1.22 70.06 -107.93
N GLU PB 131 -2.13 71.03 -107.92
CA GLU PB 131 -3.54 70.78 -107.64
C GLU PB 131 -3.73 70.17 -106.26
N TYR PB 132 -2.89 70.58 -105.31
CA TYR PB 132 -2.91 70.07 -103.94
C TYR PB 132 -3.21 71.20 -102.97
N GLY PB 133 -3.22 70.88 -101.69
CA GLY PB 133 -3.75 71.77 -100.69
C GLY PB 133 -5.23 71.55 -100.50
N LYS PB 134 -5.70 71.72 -99.26
CA LYS PB 134 -7.08 71.38 -98.91
C LYS PB 134 -8.05 71.74 -100.03
N LEU PB 135 -8.04 73.01 -100.46
CA LEU PB 135 -8.93 73.44 -101.52
C LEU PB 135 -8.64 72.69 -102.82
N CYS PB 136 -7.40 72.81 -103.32
CA CYS PB 136 -7.03 72.12 -104.55
C CYS PB 136 -7.03 70.61 -104.38
N ARG PB 137 -6.83 70.12 -103.16
CA ARG PB 137 -6.91 68.68 -102.92
C ARG PB 137 -8.34 68.19 -103.10
N THR PB 138 -9.32 69.00 -102.71
CA THR PB 138 -10.71 68.66 -102.99
C THR PB 138 -11.08 68.91 -104.44
N ASN PB 139 -10.41 69.87 -105.09
CA ASN PB 139 -10.71 70.14 -106.50
C ASN PB 139 -10.16 69.03 -107.41
N GLN PB 140 -8.99 68.49 -107.09
CA GLN PB 140 -8.38 67.44 -107.88
C GLN PB 140 -8.72 66.04 -107.37
N ILE PB 141 -9.89 65.88 -106.76
CA ILE PB 141 -10.32 64.59 -106.24
C ILE PB 141 -11.20 63.84 -107.24
N GLY PB 142 -11.17 64.24 -108.51
CA GLY PB 142 -12.00 63.61 -109.52
C GLY PB 142 -11.32 62.44 -110.21
N THR PB 143 -10.45 61.73 -109.49
CA THR PB 143 -9.77 60.57 -110.04
C THR PB 143 -9.74 59.40 -109.04
N VAL PB 144 -10.66 59.36 -108.09
CA VAL PB 144 -10.68 58.33 -107.08
C VAL PB 144 -11.42 57.11 -107.61
N ASN PB 145 -11.22 55.97 -106.94
CA ASN PB 145 -11.90 54.74 -107.32
C ASN PB 145 -13.40 54.91 -107.18
N ASP PB 146 -14.11 54.74 -108.29
CA ASP PB 146 -15.57 54.92 -108.27
C ASP PB 146 -16.24 53.89 -107.38
N ARG PB 147 -15.71 52.66 -107.35
CA ARG PB 147 -16.30 51.63 -106.50
C ARG PB 147 -16.27 52.05 -105.04
N LEU PB 148 -15.12 52.52 -104.56
CA LEU PB 148 -15.04 52.97 -103.18
C LEU PB 148 -15.97 54.15 -102.94
N MET PB 149 -16.10 55.05 -103.91
CA MET PB 149 -17.06 56.13 -103.80
C MET PB 149 -18.46 55.60 -103.59
N HIS PB 150 -18.81 54.51 -104.28
CA HIS PB 150 -20.14 53.93 -104.13
C HIS PB 150 -20.29 53.26 -102.76
N LYS PB 151 -19.26 52.57 -102.30
CA LYS PB 151 -19.34 51.91 -101.00
C LYS PB 151 -19.54 52.92 -99.88
N LEU PB 152 -18.88 54.07 -99.97
CA LEU PB 152 -19.00 55.13 -98.99
C LEU PB 152 -20.00 56.20 -99.39
N SER PB 153 -20.85 55.91 -100.39
CA SER PB 153 -21.87 56.86 -100.81
C SER PB 153 -22.98 56.90 -99.78
N VAL PB 154 -23.28 58.11 -99.30
CA VAL PB 154 -24.31 58.30 -98.28
C VAL PB 154 -25.63 58.52 -99.01
N GLU PB 155 -26.33 57.42 -99.28
CA GLU PB 155 -27.59 57.48 -100.02
C GLU PB 155 -28.47 56.32 -99.60
N ALA PB 156 -29.77 56.53 -99.72
CA ALA PB 156 -30.72 55.47 -99.42
C ALA PB 156 -30.53 54.31 -100.39
N PRO PB 157 -30.13 53.14 -99.92
CA PRO PB 157 -29.89 52.02 -100.85
C PRO PB 157 -31.12 51.68 -101.64
N PRO PB 158 -30.98 50.99 -102.76
CA PRO PB 158 -32.16 50.65 -103.56
C PRO PB 158 -33.09 49.70 -102.82
N LYS PB 159 -34.39 49.92 -102.99
CA LYS PB 159 -35.38 49.15 -102.24
C LYS PB 159 -35.32 47.68 -102.62
N ILE PB 160 -35.14 47.38 -103.91
CA ILE PB 160 -35.09 45.97 -104.34
C ILE PB 160 -33.95 45.25 -103.66
N LEU PB 161 -32.82 45.96 -103.49
CA LEU PB 161 -31.62 45.37 -102.83
C LEU PB 161 -31.99 45.02 -101.38
N VAL PB 162 -32.75 45.92 -100.72
CA VAL PB 162 -33.19 45.69 -99.31
C VAL PB 162 -34.09 44.45 -99.27
N GLU PB 163 -34.99 44.31 -100.26
CA GLU PB 163 -35.92 43.16 -100.33
C GLU PB 163 -35.09 41.87 -100.49
N ARG PB 164 -34.07 41.92 -101.35
CA ARG PB 164 -33.20 40.73 -101.59
C ARG PB 164 -32.48 40.37 -100.29
N TYR PB 165 -32.00 41.39 -99.55
CA TYR PB 165 -31.30 41.16 -98.27
C TYR PB 165 -32.27 40.51 -97.27
N LEU PB 166 -33.52 40.97 -97.25
CA LEU PB 166 -34.50 40.40 -96.33
C LEU PB 166 -34.88 38.99 -96.75
N ILE PB 167 -35.05 38.76 -98.05
CA ILE PB 167 -35.38 37.43 -98.54
C ILE PB 167 -34.31 36.44 -98.12
N GLU PB 168 -33.04 36.79 -98.32
CA GLU PB 168 -31.95 35.88 -97.98
C GLU PB 168 -31.91 35.61 -96.48
N ILE PB 169 -32.03 36.67 -95.67
CA ILE PB 169 -31.96 36.47 -94.22
C ILE PB 169 -33.10 35.59 -93.74
N ALA PB 170 -34.32 35.84 -94.26
CA ALA PB 170 -35.46 35.01 -93.89
C ALA PB 170 -35.24 33.56 -94.30
N LYS PB 171 -34.85 33.34 -95.56
CA LYS PB 171 -34.61 31.99 -96.05
C LYS PB 171 -33.56 31.27 -95.22
N ASN PB 172 -32.59 32.00 -94.68
CA ASN PB 172 -31.55 31.36 -93.89
C ASN PB 172 -32.01 31.07 -92.47
N TYR PB 173 -32.76 31.98 -91.86
CA TYR PB 173 -33.19 31.83 -90.47
C TYR PB 173 -34.53 31.14 -90.32
N ASN PB 174 -35.03 30.50 -91.38
CA ASN PB 174 -36.25 29.70 -91.31
C ASN PB 174 -37.43 30.54 -90.85
N VAL PB 175 -37.57 31.73 -91.44
CA VAL PB 175 -38.67 32.63 -91.12
C VAL PB 175 -39.40 32.96 -92.42
N PRO PB 176 -40.74 32.96 -92.42
CA PRO PB 176 -41.46 33.38 -93.64
C PRO PB 176 -41.38 34.88 -93.83
N TYR PB 177 -41.43 35.30 -95.09
CA TYR PB 177 -41.41 36.72 -95.42
C TYR PB 177 -41.98 36.90 -96.82
N GLU PB 178 -42.92 37.83 -96.95
CA GLU PB 178 -43.56 38.13 -98.24
C GLU PB 178 -43.03 39.45 -98.78
N PRO PB 179 -42.12 39.43 -99.76
CA PRO PB 179 -41.54 40.68 -100.23
C PRO PB 179 -42.59 41.61 -100.81
N ASP PB 180 -42.30 42.91 -100.78
CA ASP PB 180 -43.16 43.91 -101.38
C ASP PB 180 -43.11 43.74 -102.89
N SER PB 181 -44.20 43.26 -103.48
CA SER PB 181 -44.18 42.97 -104.90
C SER PB 181 -43.93 44.24 -105.72
N VAL PB 182 -44.41 45.39 -105.24
CA VAL PB 182 -44.26 46.65 -105.99
C VAL PB 182 -42.80 46.88 -106.34
N VAL PB 183 -41.90 46.58 -105.41
CA VAL PB 183 -40.46 46.79 -105.62
C VAL PB 183 -39.81 45.47 -106.01
N MET PB 184 -40.35 44.36 -105.52
CA MET PB 184 -39.77 43.05 -105.82
C MET PB 184 -39.90 42.69 -107.29
N ALA PB 185 -40.85 43.27 -108.01
CA ALA PB 185 -41.05 42.97 -109.42
C ALA PB 185 -40.56 44.06 -110.35
N GLU PB 186 -40.56 45.32 -109.93
CA GLU PB 186 -40.12 46.42 -110.77
C GLU PB 186 -38.60 46.46 -110.79
#